data_8JOV
#
_entry.id   8JOV
#
loop_
_entity.id
_entity.type
_entity.pdbx_description
1 polymer 'Portal protein'
2 polymer 'Putative tail fiber protein'
3 polymer 'Virion associated protein'
4 polymer 'Virion-associated phage protein'
5 polymer 'gp81 of phage GP4'
#
loop_
_entity_poly.entity_id
_entity_poly.type
_entity_poly.pdbx_seq_one_letter_code
_entity_poly.pdbx_strand_id
1 'polypeptide(L)'
;MFDLRDDQNTRVIADHPEARMPTEEPGKDDAPPSHPLDSEEMKELHRRLRSYLHQELDRQAENRFQMAVDEDYYDSIQWT
EADAQVLKERGQAPLVFNVIAQSVNWIIGSEKRGRTDFNILPRKKADAKPAEAKTKLLKYLSDVNRLPFHRSRSFEDTVK
VGLGWIEDSYDDSTDGEPIYSRYESWRNVIFDSASTELDGTDMRYIFRPKWLDVDVACALVPDRADEIKKAAVAAERYGN
YSEEDGDEAMDWAEFDRDTYSQSRTVSTHKRQRVRLIECWYRKPMRATKFLSGDLRGETLDESNPAHVEARDSGLYSLGE
RITMRVRVAIFTSRDLLFEGASPFRHNRFSLTPIWGFRRGRDNLPYGVIRWMRDIQDDINKRASKALYILSSNKVVMDEG
AVEDIEEFREEVARPDAVLVKKPGKQIELNVDRELAAAHMDMMSRDIQMLQQVGGVTDELMGRSTNAVSGVAIQARQEQG
TVATNKLFDNLRFAVQMQGEIQLSLIEQFVTEEKTFRITNERGKADFITVNDGLPENDIVRTKADFIIGESDWRATYRQA
ASEQLSQMIMKMPPQVGLVMLDLWADSTDLPNRDEIVKRIRQINGMRDPDATEPTPEELQQQQAAAEQAQAQKAMFMAEL
SEKQGKADKAQADAVAAQANADLRAAQAEQVRRQTVNTNVTSIAAAMEAATAIVTMPTIAKVGDAVLVEAGYENNGIAPA
GGLHTPAPQQAVNPAAQGLPPQQPQPQQPQEPAVSPSPEQLNGAAPSNTGEPVTPDQTLQQ
;
0,3,6,U,Y,c,g,k,o,r,u,x
2 'polypeptide(L)'
;MAAVQFANNAASRLVGPLAPSGTSLTVTPGDGALFPTLGAGDWFMATLIRSDGAREIVKVTSRTVDAMSITRAQEGSSAL
SFNPNDRIEARLTAGELGDFRDGIASAQSAASAAQGTADGKISKAGDTMTGNLNMEGAAPIITFRETDQAAPAGRWRLVA
DGGNWSLRRSTAGEFASENSTMWFGPDDSVHFLNDILIGRGNLGSVYDALASKATSAALASGLSAKPDADGVSVTGFVNG
NFYEPYFRKSSDNTVRRLVANTSANGIALSWSGSFLSRTIDNTATATIWDTANAPGAGTTNLDKTFYCGDGTRIGRSWVP
GSGFLSITVDGTNYGISISASDERLKREIAPSEASALSKLGRIELFSFRYKEGNAFLDPSQHHDIGFIAQQLASVDPTFV
AGGGETMLSPNLQPIVATLVKAVQELRSQVDALKAQVGA
;
1,4,7,M,N,O,P,Q,R,V,Z,d,h,l,p,s,v,y
3 'polypeptide(L)'
;MAFPASVVLSRAATLLQDEDHERWTVDELLEWLTDGTREIVVRKPSAYMKTTTAALVAGSKQALPEDAIQLIDVPRNLKT
DGSPGRAVTATDRRLLDTENPDWHSMKPAGQIRHYTYDSNVPTVFYTYPPAAAGVQVELVCAWRHPALTTQNDVVQMGAE
FVSALVSWCLYRASSKDSEFANGAVAAAHYSAFSDALGAQATGTPTTQAAAAAAAAGAAQ
;
2,5,T,X,b,f,j,n,q,t,w,z
4 'polypeptide(L)'
;MTTLKLTAYSGEVPRTLPRLLPDTASQRALNVRLDNGGLTPTRQPRFEANISVDNAKTIYKHNGAWLAWQNVVHAAPGPV
AQDRLYYMGDGKPKMIVDGTTYDLAVPMPTAAPALTVTGTGTGNVTSIAYVYTFVTAFGEESEPSALSNVAGWQSGQTRT
LTGIQAPPAGRNITKQRFYRSQTGSGGTDLFFIEERAASAANFVDTHATNDFGEMLPSLEYNAPPDGLKGLISLPNGMMA
AFTGKDLYFCEPFIPHAWPEKYILTMDYQIVALGAYGTTIVVMTEGLPYIVSGTAPENMQQQRVELNLPCINARGVIDLG
YSVAYPSHDGLVMAGSNGMQVITEQLMTRNDWMKTGPGNIVGGQFNGRYFASYEYIEPSGAAFSGTLIFDTTGAAPFIIR
SNHKADAFFHELQTGALYFLVGKEIFEWDALGQVNETLSWRSKQFVLPMPTNFGAILIEGSTAASEEEQAAYDAERQRIE
VENATNFALPSIGGEMNGAEVNLFAVNGDMMQRLPAEGFVSVSIYADGKLVKTVSKMNRMARLPSGFLARIWEIEVNSNI
NISDIVLATTGQELRNV
;
A,B,C,D,E,F
5 'polypeptide(L)'
;MKPLDVFMPIIHRFAPGCPEPTAFAAIREAAIKFCERTRLWRCDDEFNVGADECAEVAVPYGAALYEMELVQFNGRNMRP
VSTQWLDEQVPDWRTTTQSGQAQYVTQQSEDTLTFVPAEAGSVRVYGLLKPTLDADSLPDLLADTYRKTIADGALSELLI
IPGKAWMSADLAVFFGTRFDRELDRLSTKTIKGQQRAPVRTRAQFF
;
G,H,I,J,K,L,S,W,a,e,i,m
#
# COMPACT_ATOMS: atom_id res chain seq x y z
N LEU A 37 83.47 41.14 81.79
CA LEU A 37 83.71 39.74 81.46
C LEU A 37 82.99 39.34 80.18
N ASP A 38 82.06 40.19 79.75
CA ASP A 38 81.22 39.86 78.60
C ASP A 38 82.02 39.86 77.30
N SER A 39 83.03 40.73 77.19
CA SER A 39 83.68 40.95 75.90
C SER A 39 84.56 39.78 75.50
N GLU A 40 85.33 39.22 76.45
CA GLU A 40 86.42 38.33 76.08
C GLU A 40 85.92 37.02 75.48
N GLU A 41 84.94 36.38 76.12
CA GLU A 41 84.46 35.07 75.68
C GLU A 41 82.94 34.95 75.62
N MET A 42 82.20 35.75 76.38
CA MET A 42 80.75 35.60 76.38
C MET A 42 80.13 35.98 75.05
N LYS A 43 80.80 36.83 74.26
CA LYS A 43 80.32 37.07 72.90
C LYS A 43 80.39 35.82 72.05
N GLU A 44 81.50 35.08 72.14
CA GLU A 44 81.60 33.81 71.43
C GLU A 44 80.57 32.81 71.95
N LEU A 45 80.36 32.77 73.26
CA LEU A 45 79.36 31.87 73.82
C LEU A 45 77.96 32.22 73.33
N HIS A 46 77.65 33.52 73.27
CA HIS A 46 76.35 33.95 72.79
C HIS A 46 76.17 33.60 71.32
N ARG A 47 77.21 33.76 70.51
CA ARG A 47 77.12 33.37 69.11
C ARG A 47 76.88 31.88 68.98
N ARG A 48 77.58 31.07 69.77
CA ARG A 48 77.39 29.63 69.75
C ARG A 48 75.97 29.26 70.15
N LEU A 49 75.45 29.90 71.20
CA LEU A 49 74.10 29.61 71.65
C LEU A 49 73.06 30.01 70.60
N ARG A 50 73.27 31.15 69.95
CA ARG A 50 72.35 31.58 68.89
C ARG A 50 72.38 30.60 67.72
N SER A 51 73.57 30.12 67.36
CA SER A 51 73.65 29.12 66.30
C SER A 51 72.91 27.84 66.68
N TYR A 52 73.08 27.39 67.94
CA TYR A 52 72.38 26.20 68.39
C TYR A 52 70.87 26.41 68.37
N LEU A 53 70.42 27.59 68.80
CA LEU A 53 68.99 27.89 68.78
C LEU A 53 68.43 27.89 67.37
N HIS A 54 69.17 28.48 66.43
CA HIS A 54 68.74 28.45 65.03
C HIS A 54 68.67 27.02 64.50
N GLN A 55 69.67 26.20 64.83
CA GLN A 55 69.66 24.81 64.37
C GLN A 55 68.48 24.04 64.93
N GLU A 56 68.17 24.24 66.22
CA GLU A 56 67.06 23.50 66.80
C GLU A 56 65.72 24.05 66.35
N LEU A 57 65.69 25.32 65.94
CA LEU A 57 64.45 25.87 65.40
C LEU A 57 64.17 25.32 64.00
N ASP A 58 65.20 25.30 63.15
CA ASP A 58 64.96 24.85 61.78
C ASP A 58 64.85 23.33 61.70
N ARG A 59 65.47 22.62 62.63
CA ARG A 59 65.31 21.17 62.68
C ARG A 59 63.88 20.78 63.07
N GLN A 60 63.29 21.51 64.01
CA GLN A 60 61.97 21.20 64.53
C GLN A 60 60.87 22.01 63.86
N ALA A 61 61.17 22.70 62.76
CA ALA A 61 60.17 23.56 62.13
C ALA A 61 58.97 22.75 61.66
N GLU A 62 59.22 21.58 61.05
CA GLU A 62 58.12 20.76 60.58
C GLU A 62 57.21 20.32 61.73
N ASN A 63 57.80 19.78 62.80
CA ASN A 63 56.97 19.32 63.91
C ASN A 63 56.34 20.48 64.67
N ARG A 64 57.06 21.60 64.80
CA ARG A 64 56.46 22.75 65.46
C ARG A 64 55.23 23.24 64.70
N PHE A 65 55.34 23.30 63.37
CA PHE A 65 54.19 23.64 62.54
C PHE A 65 53.07 22.63 62.72
N GLN A 66 53.40 21.34 62.74
CA GLN A 66 52.36 20.31 62.87
C GLN A 66 51.63 20.44 64.20
N MET A 67 52.36 20.61 65.30
CA MET A 67 51.72 20.73 66.60
C MET A 67 50.87 22.00 66.69
N ALA A 68 51.36 23.09 66.12
CA ALA A 68 50.56 24.32 66.13
C ALA A 68 49.26 24.12 65.36
N VAL A 69 49.33 23.49 64.19
CA VAL A 69 48.12 23.30 63.39
C VAL A 69 47.19 22.29 64.06
N ASP A 70 47.74 21.32 64.78
CA ASP A 70 46.90 20.41 65.54
C ASP A 70 46.13 21.13 66.63
N GLU A 71 46.82 21.98 67.39
CA GLU A 71 46.12 22.82 68.36
C GLU A 71 45.09 23.70 67.67
N ASP A 72 45.36 24.10 66.43
CA ASP A 72 44.40 24.88 65.66
C ASP A 72 43.14 24.06 65.35
N TYR A 73 43.31 22.79 64.97
CA TYR A 73 42.15 21.91 64.80
C TYR A 73 41.41 21.66 66.11
N TYR A 74 42.09 21.73 67.25
CA TYR A 74 41.39 21.44 68.49
C TYR A 74 40.23 22.40 68.71
N ASP A 75 40.44 23.69 68.48
CA ASP A 75 39.38 24.68 68.69
C ASP A 75 38.59 24.97 67.42
N SER A 76 38.10 23.91 66.78
CA SER A 76 37.09 24.00 65.71
C SER A 76 37.49 24.96 64.60
N ILE A 77 38.77 24.96 64.24
CA ILE A 77 39.22 25.71 63.07
C ILE A 77 39.98 24.75 62.18
N GLN A 78 39.31 24.21 61.17
CA GLN A 78 39.79 23.05 60.43
C GLN A 78 39.78 23.24 58.93
N TRP A 79 39.53 24.45 58.45
CA TRP A 79 39.44 24.71 57.01
C TRP A 79 40.70 25.44 56.56
N THR A 80 41.43 24.83 55.62
CA THR A 80 42.54 25.53 55.01
C THR A 80 42.03 26.70 54.18
N GLU A 81 42.85 27.74 54.06
CA GLU A 81 42.39 28.99 53.45
C GLU A 81 41.93 28.78 52.01
N ALA A 82 42.68 28.01 51.24
CA ALA A 82 42.34 27.82 49.83
C ALA A 82 40.99 27.13 49.69
N ASP A 83 40.77 26.03 50.43
CA ASP A 83 39.51 25.32 50.31
C ASP A 83 38.36 26.12 50.92
N ALA A 84 38.67 26.94 51.93
CA ALA A 84 37.66 27.84 52.45
C ALA A 84 37.21 28.85 51.40
N GLN A 85 38.15 29.38 50.62
CA GLN A 85 37.79 30.24 49.50
C GLN A 85 36.98 29.48 48.47
N VAL A 86 37.35 28.23 48.19
CA VAL A 86 36.61 27.41 47.25
C VAL A 86 35.15 27.27 47.71
N LEU A 87 34.95 26.98 48.99
CA LEU A 87 33.60 26.89 49.53
C LEU A 87 32.87 28.22 49.44
N LYS A 88 33.57 29.32 49.69
CA LYS A 88 32.95 30.63 49.61
C LYS A 88 32.45 30.92 48.20
N GLU A 89 33.23 30.55 47.18
CA GLU A 89 32.77 30.75 45.80
C GLU A 89 31.54 29.90 45.49
N ARG A 90 31.39 28.76 46.17
CA ARG A 90 30.17 27.98 46.04
C ARG A 90 28.95 28.68 46.63
N GLY A 91 29.15 29.70 47.45
CA GLY A 91 28.08 30.25 48.25
C GLY A 91 27.75 29.45 49.50
N GLN A 92 28.58 28.47 49.84
CA GLN A 92 28.35 27.59 50.98
C GLN A 92 29.20 28.04 52.15
N ALA A 93 28.58 28.26 53.29
CA ALA A 93 29.32 28.64 54.48
C ALA A 93 30.11 27.44 55.00
N PRO A 94 31.40 27.62 55.27
CA PRO A 94 32.20 26.52 55.81
C PRO A 94 31.66 26.05 57.16
N LEU A 95 31.75 24.75 57.38
CA LEU A 95 31.27 24.14 58.62
C LEU A 95 32.36 23.27 59.21
N VAL A 96 32.43 23.24 60.54
CA VAL A 96 33.35 22.38 61.26
C VAL A 96 32.54 21.49 62.19
N PHE A 97 32.84 20.19 62.17
CA PHE A 97 32.12 19.26 63.03
C PHE A 97 32.88 19.03 64.33
N ASN A 98 34.21 18.99 64.25
CA ASN A 98 35.10 18.98 65.42
C ASN A 98 34.79 17.79 66.34
N VAL A 99 35.01 16.59 65.81
CA VAL A 99 34.96 15.39 66.66
C VAL A 99 36.20 15.30 67.55
N ILE A 100 37.27 16.02 67.21
CA ILE A 100 38.50 15.97 67.99
C ILE A 100 38.25 16.49 69.40
N ALA A 101 37.40 17.51 69.53
CA ALA A 101 37.18 18.14 70.82
C ALA A 101 36.62 17.16 71.82
N GLN A 102 35.66 16.32 71.41
CA GLN A 102 35.09 15.34 72.32
C GLN A 102 36.14 14.41 72.87
N SER A 103 36.97 13.83 72.00
CA SER A 103 37.97 12.86 72.44
C SER A 103 39.00 13.52 73.34
N VAL A 104 39.51 14.70 72.96
CA VAL A 104 40.54 15.35 73.77
C VAL A 104 39.97 15.75 75.12
N ASN A 105 38.75 16.28 75.14
CA ASN A 105 38.11 16.63 76.40
C ASN A 105 37.90 15.40 77.27
N TRP A 106 37.53 14.27 76.66
CA TRP A 106 37.37 13.05 77.45
C TRP A 106 38.68 12.60 78.07
N ILE A 107 39.77 12.66 77.30
CA ILE A 107 41.06 12.24 77.84
C ILE A 107 41.47 13.14 78.98
N ILE A 108 41.34 14.46 78.80
CA ILE A 108 41.78 15.37 79.87
C ILE A 108 40.85 15.29 81.08
N GLY A 109 39.57 15.00 80.86
CA GLY A 109 38.69 14.79 82.00
C GLY A 109 39.05 13.54 82.77
N SER A 110 39.39 12.46 82.06
CA SER A 110 39.84 11.25 82.73
C SER A 110 41.11 11.51 83.53
N GLU A 111 42.02 12.32 82.99
CA GLU A 111 43.21 12.68 83.75
C GLU A 111 42.87 13.52 84.97
N LYS A 112 42.03 14.54 84.80
CA LYS A 112 41.73 15.46 85.89
C LYS A 112 41.00 14.77 87.03
N ARG A 113 40.16 13.79 86.70
CA ARG A 113 39.52 13.00 87.74
C ARG A 113 40.55 12.18 88.51
N GLY A 114 41.72 11.96 87.92
CA GLY A 114 42.77 11.19 88.56
C GLY A 114 43.93 12.01 89.06
N ARG A 115 43.66 13.26 89.46
CA ARG A 115 44.70 14.12 89.99
C ARG A 115 45.26 13.52 91.28
N THR A 116 46.58 13.57 91.42
CA THR A 116 47.28 12.94 92.53
C THR A 116 48.24 13.92 93.20
N ASP A 117 48.57 13.63 94.45
CA ASP A 117 49.55 14.39 95.21
C ASP A 117 50.65 13.46 95.68
N PHE A 118 51.85 14.02 95.85
CA PHE A 118 52.98 13.22 96.30
C PHE A 118 52.78 12.75 97.74
N ASN A 119 53.11 11.49 97.99
CA ASN A 119 53.10 10.93 99.33
C ASN A 119 54.43 10.22 99.55
N ILE A 120 55.39 10.92 100.15
CA ILE A 120 56.75 10.43 100.33
C ILE A 120 56.72 9.29 101.33
N LEU A 121 57.32 8.17 100.96
CA LEU A 121 57.36 6.99 101.80
C LEU A 121 58.80 6.67 102.19
N PRO A 122 59.05 6.33 103.46
CA PRO A 122 60.42 5.99 103.90
C PRO A 122 60.79 4.57 103.51
N ARG A 123 61.99 4.40 102.95
CA ARG A 123 62.47 3.06 102.62
C ARG A 123 63.11 2.39 103.82
N LYS A 124 64.01 3.09 104.52
CA LYS A 124 64.59 2.54 105.73
C LYS A 124 63.53 2.34 106.81
N LYS A 125 62.55 3.23 106.87
CA LYS A 125 61.38 3.22 107.74
C LYS A 125 61.74 3.52 109.20
N ALA A 126 63.01 3.70 109.53
CA ALA A 126 63.40 4.29 110.80
C ALA A 126 63.30 5.81 110.76
N ASP A 127 63.02 6.38 109.59
CA ASP A 127 62.89 7.82 109.40
C ASP A 127 61.53 8.20 108.82
N ALA A 128 60.46 7.63 109.36
CA ALA A 128 59.11 7.95 108.87
C ALA A 128 58.77 9.41 109.12
N LYS A 129 59.13 9.93 110.30
CA LYS A 129 58.84 11.33 110.61
C LYS A 129 59.49 12.30 109.64
N PRO A 130 60.76 12.18 109.26
CA PRO A 130 61.27 13.05 108.18
C PRO A 130 60.49 12.89 106.88
N ALA A 131 60.09 11.68 106.53
CA ALA A 131 59.29 11.48 105.33
C ALA A 131 57.93 12.15 105.46
N GLU A 132 57.32 12.05 106.64
CA GLU A 132 56.03 12.70 106.86
C GLU A 132 56.14 14.22 106.78
N ALA A 133 57.21 14.78 107.36
CA ALA A 133 57.43 16.23 107.27
C ALA A 133 57.65 16.66 105.84
N LYS A 134 58.42 15.87 105.07
CA LYS A 134 58.63 16.21 103.66
C LYS A 134 57.33 16.12 102.88
N THR A 135 56.48 15.14 103.19
CA THR A 135 55.18 15.07 102.53
C THR A 135 54.33 16.30 102.83
N LYS A 136 54.31 16.72 104.10
CA LYS A 136 53.59 17.94 104.44
C LYS A 136 54.14 19.14 103.70
N LEU A 137 55.46 19.27 103.60
CA LEU A 137 56.05 20.45 102.97
C LEU A 137 55.80 20.45 101.47
N LEU A 138 55.88 19.28 100.83
CA LEU A 138 55.53 19.20 99.41
C LEU A 138 54.07 19.52 99.16
N LYS A 139 53.18 19.08 100.06
CA LYS A 139 51.77 19.42 99.91
C LYS A 139 51.56 20.93 100.08
N TYR A 140 52.28 21.54 101.03
CA TYR A 140 52.21 22.99 101.20
C TYR A 140 52.67 23.70 99.94
N LEU A 141 53.76 23.24 99.33
CA LEU A 141 54.24 23.84 98.10
C LEU A 141 53.24 23.67 96.97
N SER A 142 52.60 22.50 96.89
CA SER A 142 51.59 22.27 95.87
C SER A 142 50.40 23.20 96.06
N ASP A 143 49.98 23.41 97.30
CA ASP A 143 48.87 24.32 97.57
C ASP A 143 49.24 25.76 97.20
N VAL A 144 50.45 26.19 97.56
CA VAL A 144 50.84 27.58 97.30
C VAL A 144 51.02 27.82 95.80
N ASN A 145 51.69 26.90 95.11
CA ASN A 145 51.99 27.07 93.70
C ASN A 145 50.84 26.65 92.78
N ARG A 146 49.74 26.15 93.34
CA ARG A 146 48.61 25.65 92.55
C ARG A 146 49.09 24.58 91.56
N LEU A 147 49.94 23.67 92.05
CA LEU A 147 50.57 22.69 91.18
C LEU A 147 49.59 21.79 90.44
N PRO A 148 48.53 21.24 91.06
CA PRO A 148 47.65 20.34 90.29
C PRO A 148 47.05 20.97 89.04
N PHE A 149 46.72 22.25 89.10
CA PHE A 149 46.18 22.93 87.90
C PHE A 149 47.25 23.01 86.81
N HIS A 150 48.49 23.34 87.19
CA HIS A 150 49.56 23.37 86.21
C HIS A 150 49.78 22.01 85.58
N ARG A 151 49.76 20.95 86.39
CA ARG A 151 49.93 19.60 85.87
C ARG A 151 48.79 19.23 84.93
N SER A 152 47.55 19.59 85.29
CA SER A 152 46.42 19.29 84.43
C SER A 152 46.52 20.01 83.09
N ARG A 153 46.89 21.29 83.11
CA ARG A 153 47.05 22.02 81.86
C ARG A 153 48.19 21.44 81.03
N SER A 154 49.28 21.04 81.69
CA SER A 154 50.40 20.45 80.97
C SER A 154 49.98 19.16 80.29
N PHE A 155 49.25 18.30 80.99
CA PHE A 155 48.77 17.08 80.35
C PHE A 155 47.79 17.39 79.23
N GLU A 156 46.97 18.44 79.38
CA GLU A 156 46.08 18.83 78.30
C GLU A 156 46.86 19.18 77.05
N ASP A 157 47.98 19.87 77.21
CA ASP A 157 48.83 20.17 76.07
C ASP A 157 49.51 18.92 75.52
N THR A 158 49.93 18.00 76.41
CA THR A 158 50.53 16.76 75.94
C THR A 158 49.55 15.90 75.17
N VAL A 159 48.25 16.07 75.41
CA VAL A 159 47.25 15.34 74.63
C VAL A 159 47.08 15.99 73.26
N LYS A 160 46.88 17.30 73.23
CA LYS A 160 46.67 17.99 71.96
C LYS A 160 47.93 17.97 71.09
N VAL A 161 49.07 18.35 71.66
CA VAL A 161 50.32 18.41 70.92
C VAL A 161 51.30 17.42 71.54
N GLY A 162 52.50 17.39 70.98
CA GLY A 162 53.44 16.32 71.29
C GLY A 162 53.80 16.24 72.76
N LEU A 163 54.13 17.38 73.38
CA LEU A 163 54.69 17.36 74.72
C LEU A 163 54.30 18.62 75.48
N GLY A 164 54.47 18.55 76.80
CA GLY A 164 54.26 19.69 77.65
C GLY A 164 55.39 19.78 78.67
N TRP A 165 55.65 21.01 79.12
CA TRP A 165 56.78 21.29 79.98
C TRP A 165 56.30 21.82 81.33
N ILE A 166 56.86 21.29 82.40
CA ILE A 166 56.62 21.77 83.76
C ILE A 166 57.94 22.22 84.34
N GLU A 167 57.99 23.46 84.81
CA GLU A 167 59.20 24.04 85.38
C GLU A 167 59.11 24.05 86.89
N ASP A 168 60.11 23.45 87.54
CA ASP A 168 60.26 23.49 88.98
C ASP A 168 61.62 24.07 89.31
N SER A 169 61.64 25.21 89.98
CA SER A 169 62.88 25.94 90.23
C SER A 169 62.72 26.78 91.48
N TYR A 170 63.82 27.39 91.91
CA TYR A 170 63.85 28.25 93.08
C TYR A 170 64.25 29.66 92.64
N ASP A 171 63.43 30.64 92.98
CA ASP A 171 63.62 32.01 92.53
C ASP A 171 63.57 32.95 93.73
N ASP A 172 64.31 34.05 93.61
CA ASP A 172 64.39 35.06 94.67
C ASP A 172 63.67 36.33 94.22
N SER A 173 62.67 36.74 94.99
CA SER A 173 61.92 37.95 94.73
C SER A 173 61.10 38.26 95.97
N THR A 174 60.33 39.35 95.89
CA THR A 174 59.41 39.68 96.98
C THR A 174 58.26 38.67 97.06
N ASP A 175 58.09 37.83 96.05
CA ASP A 175 57.12 36.75 96.13
C ASP A 175 57.45 35.85 97.31
N GLY A 176 56.44 35.53 98.11
CA GLY A 176 56.67 34.78 99.33
C GLY A 176 57.18 33.38 99.09
N GLU A 177 56.61 32.70 98.09
CA GLU A 177 57.00 31.32 97.81
C GLU A 177 58.37 31.28 97.13
N PRO A 178 59.34 30.58 97.72
CA PRO A 178 60.68 30.55 97.11
C PRO A 178 60.80 29.52 96.00
N ILE A 179 60.12 28.38 96.12
CA ILE A 179 60.21 27.31 95.14
C ILE A 179 58.95 27.32 94.29
N TYR A 180 59.09 27.80 93.05
CA TYR A 180 57.95 27.97 92.16
C TYR A 180 57.86 26.82 91.18
N SER A 181 56.65 26.26 91.05
CA SER A 181 56.35 25.25 90.06
C SER A 181 55.30 25.82 89.10
N ARG A 182 55.69 26.06 87.86
CA ARG A 182 54.83 26.71 86.90
C ARG A 182 54.80 25.91 85.60
N TYR A 183 53.85 26.26 84.75
CA TYR A 183 53.74 25.70 83.42
C TYR A 183 54.40 26.59 82.38
N GLU A 184 55.13 25.98 81.45
CA GLU A 184 55.64 26.62 80.26
C GLU A 184 55.03 25.93 79.04
N SER A 185 54.51 26.73 78.11
CA SER A 185 53.86 26.18 76.94
C SER A 185 54.85 25.42 76.07
N TRP A 186 54.34 24.42 75.36
CA TRP A 186 55.17 23.71 74.39
C TRP A 186 55.69 24.65 73.32
N ARG A 187 54.97 25.74 73.05
CA ARG A 187 55.43 26.72 72.08
C ARG A 187 56.73 27.39 72.53
N ASN A 188 56.82 27.74 73.81
CA ASN A 188 57.88 28.61 74.30
C ASN A 188 59.12 27.86 74.79
N VAL A 189 59.23 26.56 74.50
CA VAL A 189 60.38 25.77 74.93
C VAL A 189 61.03 25.14 73.71
N ILE A 190 62.35 25.30 73.59
CA ILE A 190 63.14 24.66 72.56
C ILE A 190 64.09 23.69 73.23
N PHE A 191 63.99 22.41 72.87
CA PHE A 191 64.74 21.35 73.52
C PHE A 191 65.64 20.64 72.53
N ASP A 192 66.75 20.12 73.05
CA ASP A 192 67.65 19.32 72.22
C ASP A 192 66.94 18.07 71.73
N SER A 193 66.88 17.91 70.42
CA SER A 193 66.19 16.77 69.81
C SER A 193 67.09 15.56 69.62
N ALA A 194 68.38 15.68 69.95
CA ALA A 194 69.28 14.53 69.83
C ALA A 194 69.12 13.56 70.98
N SER A 195 68.34 13.91 72.00
CA SER A 195 68.20 13.05 73.17
C SER A 195 67.48 11.76 72.82
N THR A 196 68.03 10.65 73.29
CA THR A 196 67.40 9.35 73.17
C THR A 196 66.98 8.76 74.51
N GLU A 197 67.50 9.29 75.61
CA GLU A 197 67.16 8.78 76.93
C GLU A 197 65.73 9.14 77.29
N LEU A 198 65.05 8.23 77.98
CA LEU A 198 63.71 8.51 78.49
C LEU A 198 63.75 9.59 79.56
N ASP A 199 64.79 9.56 80.41
CA ASP A 199 64.88 10.51 81.51
C ASP A 199 65.03 11.94 81.01
N GLY A 200 65.74 12.12 79.90
CA GLY A 200 66.07 13.44 79.42
C GLY A 200 67.46 13.90 79.77
N THR A 201 68.30 13.03 80.34
CA THR A 201 69.66 13.42 80.69
C THR A 201 70.49 13.67 79.42
N ASP A 202 70.17 12.96 78.33
CA ASP A 202 70.86 13.15 77.06
C ASP A 202 70.68 14.55 76.51
N MET A 203 69.56 15.21 76.83
CA MET A 203 69.28 16.56 76.35
C MET A 203 70.41 17.50 76.73
N ARG A 204 71.14 17.99 75.73
CA ARG A 204 72.31 18.82 76.00
C ARG A 204 71.92 20.22 76.44
N TYR A 205 70.88 20.79 75.86
CA TYR A 205 70.52 22.18 76.11
C TYR A 205 69.02 22.38 75.99
N ILE A 206 68.52 23.34 76.77
CA ILE A 206 67.11 23.72 76.77
C ILE A 206 67.02 25.23 76.60
N PHE A 207 66.24 25.67 75.63
CA PHE A 207 66.03 27.09 75.36
C PHE A 207 64.58 27.45 75.68
N ARG A 208 64.40 28.56 76.39
CA ARG A 208 63.07 29.02 76.78
C ARG A 208 62.88 30.48 76.36
N PRO A 209 62.55 30.73 75.10
CA PRO A 209 62.28 32.11 74.66
C PRO A 209 61.01 32.64 75.33
N LYS A 210 61.12 33.80 75.96
CA LYS A 210 60.02 34.42 76.67
C LYS A 210 59.82 35.85 76.17
N TRP A 211 58.56 36.27 76.07
CA TRP A 211 58.22 37.62 75.66
C TRP A 211 57.85 38.42 76.91
N LEU A 212 58.59 39.50 77.17
CA LEU A 212 58.40 40.30 78.36
C LEU A 212 58.33 41.78 77.98
N ASP A 213 57.64 42.55 78.81
CA ASP A 213 57.62 43.99 78.64
C ASP A 213 58.99 44.58 79.00
N VAL A 214 59.27 45.77 78.46
CA VAL A 214 60.57 46.39 78.68
C VAL A 214 60.78 46.71 80.15
N ASP A 215 59.76 47.25 80.82
CA ASP A 215 59.89 47.58 82.23
C ASP A 215 60.14 46.34 83.08
N VAL A 216 59.39 45.27 82.81
CA VAL A 216 59.59 44.02 83.55
C VAL A 216 60.96 43.43 83.27
N ALA A 217 61.37 43.42 82.00
CA ALA A 217 62.67 42.85 81.66
C ALA A 217 63.80 43.62 82.30
N CYS A 218 63.73 44.95 82.29
CA CYS A 218 64.74 45.76 82.97
C CYS A 218 64.71 45.52 84.47
N ALA A 219 63.51 45.38 85.04
CA ALA A 219 63.41 45.10 86.47
C ALA A 219 63.90 43.70 86.79
N LEU A 220 63.84 42.79 85.82
CA LEU A 220 64.25 41.41 86.08
C LEU A 220 65.76 41.32 86.28
N VAL A 221 66.54 41.91 85.39
CA VAL A 221 68.01 41.82 85.45
C VAL A 221 68.62 43.21 85.47
N PRO A 222 69.28 43.61 86.55
CA PRO A 222 69.86 44.95 86.62
C PRO A 222 71.26 44.99 86.01
N ASP A 223 71.85 46.19 86.07
CA ASP A 223 73.23 46.44 85.69
C ASP A 223 73.45 46.31 84.18
N ARG A 224 72.42 45.92 83.45
CA ARG A 224 72.50 45.79 82.00
C ARG A 224 71.20 46.26 81.36
N ALA A 225 70.69 47.41 81.82
CA ALA A 225 69.42 47.92 81.31
C ALA A 225 69.57 48.49 79.90
N ASP A 226 70.76 48.99 79.56
CA ASP A 226 70.96 49.60 78.25
C ASP A 226 70.80 48.58 77.14
N GLU A 227 71.34 47.38 77.33
CA GLU A 227 71.20 46.33 76.32
C GLU A 227 69.74 45.93 76.14
N ILE A 228 68.99 45.85 77.24
CA ILE A 228 67.56 45.55 77.14
C ILE A 228 66.83 46.65 76.40
N LYS A 229 67.16 47.92 76.70
CA LYS A 229 66.51 49.03 76.03
C LYS A 229 66.79 49.03 74.54
N LYS A 230 68.04 48.75 74.15
CA LYS A 230 68.39 48.73 72.73
C LYS A 230 67.72 47.59 72.00
N ALA A 231 67.37 46.52 72.73
CA ALA A 231 66.72 45.37 72.12
C ALA A 231 65.22 45.41 72.33
N ASP A 245 66.40 33.35 66.86
CA ASP A 245 65.19 34.16 66.85
C ASP A 245 64.03 33.39 67.46
N GLY A 246 62.99 33.14 66.67
CA GLY A 246 61.83 32.41 67.14
C GLY A 246 61.13 31.70 65.99
N ASP A 247 60.35 30.70 66.35
CA ASP A 247 59.60 29.94 65.36
C ASP A 247 58.26 30.66 65.10
N GLU A 248 57.44 30.08 64.21
CA GLU A 248 56.25 30.81 63.76
C GLU A 248 55.19 30.90 64.84
N ALA A 249 55.18 29.96 65.79
CA ALA A 249 54.13 29.93 66.81
C ALA A 249 54.16 31.15 67.73
N MET A 250 55.23 31.27 68.53
CA MET A 250 55.28 32.35 69.51
C MET A 250 55.48 33.69 68.83
N ASP A 251 56.24 33.72 67.74
CA ASP A 251 56.38 34.95 66.97
C ASP A 251 55.04 35.39 66.40
N TRP A 252 54.24 34.43 65.92
CA TRP A 252 52.92 34.77 65.39
C TRP A 252 52.02 35.33 66.49
N ALA A 253 52.05 34.71 67.67
CA ALA A 253 51.24 35.22 68.77
C ALA A 253 51.63 36.66 69.11
N GLU A 254 52.94 36.90 69.28
CA GLU A 254 53.41 38.23 69.66
C GLU A 254 53.10 39.25 68.57
N PHE A 255 53.28 38.87 67.30
CA PHE A 255 53.07 39.82 66.22
C PHE A 255 51.58 40.09 65.98
N ASP A 256 50.73 39.09 66.24
CA ASP A 256 49.30 39.33 66.20
C ASP A 256 48.89 40.30 67.30
N ARG A 257 49.48 40.16 68.48
CA ARG A 257 49.22 41.15 69.53
C ARG A 257 49.71 42.53 69.14
N ASP A 258 50.88 42.60 68.50
CA ASP A 258 51.45 43.88 68.12
C ASP A 258 50.63 44.57 67.03
N THR A 259 50.12 43.81 66.06
CA THR A 259 49.47 44.41 64.90
C THR A 259 48.13 45.03 65.28
N TYR A 260 47.49 44.51 66.33
CA TYR A 260 46.17 44.97 66.79
C TYR A 260 45.13 44.68 65.72
N SER A 261 45.13 45.47 64.65
CA SER A 261 44.21 45.31 63.54
C SER A 261 45.00 45.36 62.23
N GLN A 262 44.30 45.10 61.13
CA GLN A 262 44.95 45.14 59.82
C GLN A 262 45.51 46.52 59.51
N SER A 263 44.71 47.56 59.72
CA SER A 263 45.15 48.94 59.54
C SER A 263 44.70 49.75 60.75
N ARG A 264 45.65 50.13 61.59
CA ARG A 264 45.34 50.83 62.82
C ARG A 264 46.30 51.99 63.02
N THR A 265 45.78 53.10 63.54
CA THR A 265 46.58 54.30 63.80
C THR A 265 47.12 54.20 65.21
N VAL A 266 48.36 53.73 65.34
CA VAL A 266 48.99 53.60 66.65
C VAL A 266 49.35 54.97 67.20
N SER A 267 49.23 55.13 68.51
CA SER A 267 49.59 56.38 69.15
C SER A 267 51.08 56.40 69.49
N THR A 268 51.51 57.52 70.09
CA THR A 268 52.91 57.62 70.51
C THR A 268 53.22 56.62 71.62
N HIS A 269 52.31 56.44 72.56
CA HIS A 269 52.52 55.51 73.65
C HIS A 269 52.21 54.09 73.19
N LYS A 270 53.25 53.27 73.08
CA LYS A 270 53.11 51.89 72.65
C LYS A 270 53.93 50.99 73.56
N ARG A 271 53.30 49.92 74.05
CA ARG A 271 54.01 48.98 74.90
C ARG A 271 55.12 48.29 74.11
N GLN A 272 56.32 48.29 74.68
CA GLN A 272 57.49 47.72 74.03
C GLN A 272 57.82 46.38 74.67
N ARG A 273 57.92 45.35 73.84
CA ARG A 273 58.15 43.99 74.30
C ARG A 273 59.45 43.47 73.72
N VAL A 274 60.25 42.81 74.57
CA VAL A 274 61.54 42.29 74.18
C VAL A 274 61.55 40.79 74.41
N ARG A 275 62.44 40.09 73.71
CA ARG A 275 62.56 38.65 73.81
C ARG A 275 63.84 38.30 74.57
N LEU A 276 63.69 37.57 75.67
CA LEU A 276 64.80 37.05 76.43
C LEU A 276 64.79 35.53 76.33
N ILE A 277 65.96 34.94 76.08
CA ILE A 277 66.08 33.50 75.90
C ILE A 277 66.95 32.96 77.02
N GLU A 278 66.41 32.02 77.80
CA GLU A 278 67.14 31.36 78.87
C GLU A 278 67.59 29.99 78.37
N CYS A 279 68.89 29.72 78.47
CA CYS A 279 69.48 28.48 77.97
C CYS A 279 70.13 27.74 79.13
N TRP A 280 69.78 26.46 79.28
CA TRP A 280 70.41 25.58 80.26
C TRP A 280 71.17 24.50 79.51
N TYR A 281 72.50 24.53 79.60
CA TYR A 281 73.33 23.62 78.83
C TYR A 281 74.24 22.82 79.76
N ARG A 282 74.58 21.62 79.30
CA ARG A 282 75.41 20.68 80.06
C ARG A 282 76.74 20.49 79.34
N LYS A 283 77.84 20.68 80.06
CA LYS A 283 79.17 20.52 79.50
C LYS A 283 80.02 19.63 80.41
N PRO A 284 80.79 18.70 79.85
CA PRO A 284 81.55 17.76 80.68
C PRO A 284 82.65 18.46 81.46
N MET A 285 82.98 17.90 82.62
CA MET A 285 84.00 18.44 83.51
C MET A 285 85.26 17.59 83.61
N ARG A 286 85.15 16.27 83.49
CA ARG A 286 86.27 15.36 83.78
C ARG A 286 86.80 15.58 85.20
N ALA A 287 85.96 15.30 86.19
CA ALA A 287 86.37 15.47 87.57
C ALA A 287 87.52 14.54 87.91
N THR A 288 88.59 15.09 88.49
CA THR A 288 89.76 14.28 88.85
C THR A 288 89.42 13.28 89.94
N LYS A 289 88.67 13.71 90.95
CA LYS A 289 88.28 12.86 92.08
C LYS A 289 89.49 12.21 92.75
N THR A 323 80.18 14.89 86.59
CA THR A 323 80.88 15.01 85.31
C THR A 323 80.18 16.03 84.42
N MET A 324 78.85 15.97 84.38
CA MET A 324 78.05 16.89 83.61
C MET A 324 77.44 17.93 84.53
N ARG A 325 77.83 19.19 84.34
CA ARG A 325 77.39 20.30 85.17
C ARG A 325 76.46 21.20 84.37
N VAL A 326 75.36 21.61 84.98
CA VAL A 326 74.37 22.44 84.31
C VAL A 326 74.73 23.91 84.52
N ARG A 327 74.67 24.70 83.44
CA ARG A 327 74.92 26.13 83.51
C ARG A 327 73.75 26.86 82.88
N VAL A 328 73.34 27.96 83.52
CA VAL A 328 72.23 28.78 83.07
C VAL A 328 72.78 29.87 82.15
N ALA A 329 72.06 30.17 81.08
CA ALA A 329 72.47 31.17 80.10
C ALA A 329 71.26 31.96 79.65
N ILE A 330 71.20 33.23 80.06
CA ILE A 330 70.13 34.13 79.63
C ILE A 330 70.73 35.15 78.68
N PHE A 331 70.24 35.15 77.43
CA PHE A 331 70.78 36.02 76.40
C PHE A 331 69.65 36.63 75.59
N THR A 332 69.81 37.90 75.23
CA THR A 332 68.89 38.56 74.31
C THR A 332 69.29 38.28 72.87
N SER A 333 68.71 39.02 71.94
CA SER A 333 69.01 38.81 70.53
C SER A 333 70.47 39.14 70.21
N ARG A 334 71.01 40.18 70.84
CA ARG A 334 72.33 40.68 70.48
C ARG A 334 73.38 40.50 71.58
N ASP A 335 72.99 40.11 72.79
CA ASP A 335 73.94 39.96 73.88
C ASP A 335 73.35 39.05 74.94
N LEU A 336 74.20 38.62 75.87
CA LEU A 336 73.77 37.80 76.99
C LEU A 336 73.75 38.65 78.26
N LEU A 337 72.65 38.55 79.01
CA LEU A 337 72.52 39.36 80.23
C LEU A 337 73.36 38.79 81.37
N PHE A 338 73.39 37.46 81.52
CA PHE A 338 74.06 36.87 82.66
C PHE A 338 74.47 35.44 82.32
N GLU A 339 75.68 35.07 82.73
CA GLU A 339 76.21 33.72 82.52
C GLU A 339 76.70 33.18 83.86
N GLY A 340 76.30 31.96 84.19
CA GLY A 340 76.71 31.36 85.44
C GLY A 340 76.30 29.91 85.53
N ALA A 341 76.87 29.22 86.53
CA ALA A 341 76.53 27.83 86.77
C ALA A 341 75.21 27.71 87.50
N SER A 342 74.63 26.52 87.47
CA SER A 342 73.35 26.30 88.14
C SER A 342 73.57 26.23 89.64
N PRO A 343 72.93 27.11 90.42
CA PRO A 343 73.09 27.04 91.88
C PRO A 343 72.44 25.81 92.49
N PHE A 344 71.45 25.23 91.83
CA PHE A 344 70.71 24.11 92.41
C PHE A 344 71.57 22.87 92.49
N ARG A 345 71.38 22.10 93.57
CA ARG A 345 72.20 20.91 93.79
C ARG A 345 71.94 19.85 92.73
N HIS A 346 70.68 19.68 92.32
CA HIS A 346 70.36 18.67 91.31
C HIS A 346 70.96 19.06 89.97
N ASN A 347 71.61 18.09 89.32
CA ASN A 347 72.32 18.34 88.07
C ASN A 347 71.43 18.00 86.87
N ARG A 348 70.31 18.69 86.78
CA ARG A 348 69.41 18.56 85.65
C ARG A 348 68.62 19.86 85.48
N PHE A 349 68.11 20.06 84.28
CA PHE A 349 67.39 21.29 83.97
C PHE A 349 66.05 21.32 84.72
N SER A 350 65.60 22.54 85.02
CA SER A 350 64.34 22.71 85.74
C SER A 350 63.16 22.17 84.94
N LEU A 351 63.16 22.41 83.63
CA LEU A 351 62.03 22.02 82.80
C LEU A 351 62.00 20.52 82.61
N THR A 352 60.86 19.89 82.92
CA THR A 352 60.65 18.47 82.72
C THR A 352 59.64 18.25 81.62
N PRO A 353 59.98 17.52 80.57
CA PRO A 353 59.01 17.30 79.48
C PRO A 353 58.10 16.12 79.76
N ILE A 354 56.80 16.38 79.84
CA ILE A 354 55.81 15.31 79.91
C ILE A 354 55.61 14.81 78.49
N TRP A 355 56.17 13.63 78.20
CA TRP A 355 56.20 13.13 76.84
C TRP A 355 54.81 12.63 76.42
N GLY A 356 54.67 12.36 75.14
CA GLY A 356 53.45 11.82 74.57
C GLY A 356 53.80 10.77 73.54
N PHE A 357 53.04 10.70 72.45
CA PHE A 357 53.45 9.81 71.37
C PHE A 357 54.70 10.38 70.69
N ARG A 358 55.72 9.54 70.56
CA ARG A 358 56.99 9.93 70.00
C ARG A 358 57.22 9.17 68.70
N ARG A 359 57.49 9.92 67.62
CA ARG A 359 57.72 9.30 66.32
C ARG A 359 58.96 8.42 66.36
N GLY A 360 58.84 7.21 65.81
CA GLY A 360 59.94 6.27 65.87
C GLY A 360 61.14 6.69 65.04
N ARG A 361 60.89 7.25 63.85
CA ARG A 361 61.97 7.53 62.92
C ARG A 361 62.86 8.67 63.42
N ASP A 362 62.26 9.78 63.84
CA ASP A 362 63.02 10.98 64.17
C ASP A 362 62.99 11.31 65.66
N ASN A 363 62.35 10.47 66.49
CA ASN A 363 62.25 10.71 67.92
C ASN A 363 61.62 12.07 68.22
N LEU A 364 60.62 12.43 67.42
CA LEU A 364 59.93 13.70 67.57
C LEU A 364 58.55 13.49 68.17
N PRO A 365 58.24 14.12 69.29
CA PRO A 365 56.92 13.91 69.91
C PRO A 365 55.80 14.44 69.03
N TYR A 366 54.67 13.74 69.08
CA TYR A 366 53.45 14.16 68.41
C TYR A 366 52.25 13.81 69.27
N GLY A 367 51.19 14.61 69.15
CA GLY A 367 50.03 14.46 70.01
C GLY A 367 49.11 13.34 69.57
N VAL A 368 48.00 13.22 70.31
CA VAL A 368 46.98 12.21 69.98
C VAL A 368 46.34 12.54 68.64
N ILE A 369 46.35 13.81 68.25
CA ILE A 369 45.44 14.34 67.24
C ILE A 369 45.62 13.70 65.88
N ARG A 370 46.87 13.55 65.42
CA ARG A 370 47.19 13.40 63.99
C ARG A 370 46.19 12.57 63.18
N TRP A 371 45.95 11.33 63.59
CA TRP A 371 45.03 10.48 62.84
C TRP A 371 43.61 11.00 62.93
N MET A 372 43.18 11.39 64.13
CA MET A 372 41.88 12.03 64.30
C MET A 372 41.77 13.25 63.38
N ARG A 373 42.89 13.96 63.22
CA ARG A 373 42.95 15.17 62.40
C ARG A 373 42.67 14.86 60.93
N ASP A 374 43.37 13.86 60.38
CA ASP A 374 43.18 13.60 58.96
C ASP A 374 41.79 13.05 58.69
N ILE A 375 41.29 12.16 59.57
CA ILE A 375 39.94 11.67 59.36
C ILE A 375 38.93 12.81 59.52
N GLN A 376 39.20 13.75 60.42
CA GLN A 376 38.29 14.88 60.64
C GLN A 376 38.24 15.79 59.41
N ASP A 377 39.38 16.05 58.79
CA ASP A 377 39.34 16.89 57.60
C ASP A 377 38.62 16.18 56.47
N ASP A 378 38.80 14.85 56.37
CA ASP A 378 38.01 14.09 55.40
C ASP A 378 36.51 14.20 55.69
N ILE A 379 36.13 14.14 56.96
CA ILE A 379 34.71 14.26 57.32
C ILE A 379 34.18 15.62 56.90
N ASN A 380 34.96 16.68 57.15
CA ASN A 380 34.53 18.01 56.76
C ASN A 380 34.34 18.11 55.25
N LYS A 381 35.27 17.53 54.48
CA LYS A 381 35.11 17.54 53.03
C LYS A 381 33.85 16.79 52.61
N ARG A 382 33.59 15.65 53.24
CA ARG A 382 32.39 14.89 52.90
C ARG A 382 31.13 15.69 53.20
N ALA A 383 31.11 16.40 54.35
CA ALA A 383 29.95 17.20 54.71
C ALA A 383 29.72 18.32 53.70
N SER A 384 30.80 19.02 53.33
CA SER A 384 30.65 20.09 52.34
C SER A 384 30.15 19.54 51.01
N LYS A 385 30.71 18.42 50.56
CA LYS A 385 30.30 17.84 49.29
C LYS A 385 28.83 17.43 49.32
N ALA A 386 28.40 16.76 50.39
CA ALA A 386 27.02 16.31 50.47
C ALA A 386 26.04 17.48 50.51
N LEU A 387 26.37 18.50 51.31
CA LEU A 387 25.49 19.66 51.38
C LEU A 387 25.40 20.36 50.03
N TYR A 388 26.52 20.47 49.33
CA TYR A 388 26.49 21.10 48.01
C TYR A 388 25.63 20.30 47.07
N ILE A 389 25.87 19.01 47.02
CA ILE A 389 25.12 18.18 46.08
C ILE A 389 23.61 18.29 46.35
N LEU A 390 23.22 18.27 47.62
CA LEU A 390 21.81 18.42 47.94
C LEU A 390 21.28 19.80 47.54
N SER A 391 22.10 20.85 47.74
CA SER A 391 21.60 22.20 47.53
C SER A 391 21.41 22.53 46.05
N SER A 392 22.41 22.24 45.22
CA SER A 392 22.44 22.70 43.83
C SER A 392 22.26 21.53 42.88
N ASN A 393 21.48 21.74 41.83
CA ASN A 393 21.25 20.70 40.85
C ASN A 393 22.35 20.67 39.79
N LYS A 394 22.65 19.48 39.30
CA LYS A 394 23.47 19.29 38.10
C LYS A 394 22.54 18.98 36.95
N VAL A 395 22.70 19.72 35.84
CA VAL A 395 21.79 19.63 34.72
C VAL A 395 22.57 19.18 33.49
N VAL A 396 22.15 18.07 32.90
CA VAL A 396 22.55 17.68 31.55
C VAL A 396 21.31 17.77 30.68
N MET A 397 21.45 18.33 29.49
CA MET A 397 20.30 18.63 28.66
C MET A 397 20.64 18.41 27.20
N ASP A 398 19.60 18.22 26.39
CA ASP A 398 19.77 18.36 24.95
C ASP A 398 20.23 19.78 24.65
N GLU A 399 21.03 19.90 23.58
CA GLU A 399 21.75 21.15 23.32
C GLU A 399 20.81 22.35 23.27
N GLY A 400 19.59 22.16 22.78
CA GLY A 400 18.66 23.26 22.66
C GLY A 400 17.50 23.19 23.64
N ALA A 401 17.79 22.75 24.86
CA ALA A 401 16.73 22.55 25.85
C ALA A 401 16.06 23.86 26.25
N VAL A 402 16.86 24.90 26.50
CA VAL A 402 16.36 26.16 27.06
C VAL A 402 16.73 27.30 26.12
N GLU A 403 15.79 28.24 25.96
CA GLU A 403 16.06 29.42 25.14
C GLU A 403 17.04 30.36 25.83
N ASP A 404 16.80 30.67 27.09
CA ASP A 404 17.63 31.60 27.86
C ASP A 404 18.45 30.79 28.86
N ILE A 405 19.74 30.66 28.60
CA ILE A 405 20.58 29.79 29.43
C ILE A 405 20.93 30.47 30.73
N GLU A 406 21.02 31.80 30.74
CA GLU A 406 21.39 32.49 31.97
C GLU A 406 20.27 32.45 33.00
N GLU A 407 19.05 32.76 32.58
CA GLU A 407 17.93 32.70 33.51
C GLU A 407 17.74 31.28 34.02
N PHE A 408 17.86 30.30 33.13
CA PHE A 408 17.83 28.90 33.56
C PHE A 408 18.90 28.63 34.61
N ARG A 409 20.14 29.00 34.32
CA ARG A 409 21.25 28.74 35.24
C ARG A 409 20.99 29.34 36.61
N GLU A 410 20.43 30.56 36.64
CA GLU A 410 20.15 31.18 37.93
C GLU A 410 18.99 30.51 38.66
N GLU A 411 17.96 30.09 37.92
CA GLU A 411 16.71 29.68 38.53
C GLU A 411 16.58 28.17 38.74
N VAL A 412 17.59 27.36 38.43
CA VAL A 412 17.45 25.92 38.65
C VAL A 412 17.28 25.62 40.12
N ALA A 413 18.11 26.23 40.97
CA ALA A 413 18.12 25.85 42.38
C ALA A 413 16.92 26.41 43.13
N ARG A 414 16.34 27.49 42.62
CA ARG A 414 15.25 28.16 43.34
C ARG A 414 14.05 27.23 43.44
N PRO A 415 13.54 26.96 44.65
CA PRO A 415 12.40 26.06 44.78
C PRO A 415 11.11 26.58 44.16
N ASP A 416 11.03 27.88 43.89
CA ASP A 416 9.83 28.49 43.37
C ASP A 416 9.91 28.84 41.89
N ALA A 417 11.06 28.63 41.25
CA ALA A 417 11.26 29.13 39.91
C ALA A 417 10.41 28.38 38.90
N VAL A 418 10.05 29.06 37.83
CA VAL A 418 9.32 28.49 36.70
C VAL A 418 10.31 28.32 35.55
N LEU A 419 10.51 27.08 35.12
CA LEU A 419 11.47 26.74 34.09
C LEU A 419 10.75 26.48 32.78
N VAL A 420 11.18 27.15 31.72
CA VAL A 420 10.57 27.02 30.41
C VAL A 420 11.52 26.26 29.50
N LYS A 421 11.05 25.16 28.94
CA LYS A 421 11.87 24.27 28.14
C LYS A 421 11.29 24.12 26.74
N LYS A 422 12.17 23.83 25.78
CA LYS A 422 11.73 23.59 24.42
C LYS A 422 10.96 22.28 24.34
N PRO A 423 10.01 22.17 23.40
CA PRO A 423 9.14 20.98 23.38
C PRO A 423 9.87 19.66 23.24
N GLY A 424 10.65 19.49 22.18
CA GLY A 424 11.24 18.21 21.86
C GLY A 424 12.62 17.93 22.43
N LYS A 425 13.15 18.81 23.27
CA LYS A 425 14.50 18.64 23.83
C LYS A 425 14.37 18.26 25.29
N GLN A 426 14.93 17.12 25.66
CA GLN A 426 14.83 16.63 27.03
C GLN A 426 15.75 17.40 27.96
N ILE A 427 15.32 17.59 29.20
CA ILE A 427 16.15 18.15 30.27
C ILE A 427 16.22 17.12 31.38
N GLU A 428 17.44 16.80 31.81
CA GLU A 428 17.65 15.90 32.92
C GLU A 428 18.17 16.69 34.11
N LEU A 429 17.25 17.29 34.86
CA LEU A 429 17.58 17.90 36.14
C LEU A 429 17.82 16.78 37.15
N ASN A 430 18.62 17.09 38.18
CA ASN A 430 18.96 16.11 39.21
C ASN A 430 19.65 14.89 38.60
N VAL A 431 20.79 15.14 37.95
CA VAL A 431 21.53 14.06 37.31
C VAL A 431 22.08 13.09 38.36
N ASP A 432 22.73 13.62 39.39
CA ASP A 432 23.31 12.81 40.45
C ASP A 432 22.93 13.39 41.81
N ARG A 433 22.25 12.59 42.61
CA ARG A 433 21.93 12.99 43.98
C ARG A 433 22.11 11.88 45.00
N GLU A 434 22.09 10.62 44.57
CA GLU A 434 22.45 9.53 45.48
C GLU A 434 23.89 9.64 45.93
N LEU A 435 24.71 10.42 45.23
CA LEU A 435 26.05 10.72 45.71
C LEU A 435 26.01 11.39 47.08
N ALA A 436 24.96 12.18 47.36
CA ALA A 436 24.82 12.75 48.69
C ALA A 436 24.67 11.67 49.75
N ALA A 437 23.83 10.67 49.48
CA ALA A 437 23.66 9.58 50.44
C ALA A 437 24.97 8.80 50.59
N ALA A 438 25.69 8.58 49.49
CA ALA A 438 26.96 7.87 49.58
C ALA A 438 27.96 8.65 50.42
N HIS A 439 28.01 9.96 50.24
CA HIS A 439 28.93 10.78 51.03
C HIS A 439 28.53 10.79 52.50
N MET A 440 27.22 10.72 52.77
CA MET A 440 26.77 10.61 54.15
C MET A 440 27.21 9.27 54.76
N ASP A 441 27.15 8.21 53.96
CA ASP A 441 27.63 6.92 54.43
C ASP A 441 29.12 6.98 54.72
N MET A 442 29.89 7.68 53.87
CA MET A 442 31.31 7.88 54.17
C MET A 442 31.51 8.67 55.45
N MET A 443 30.68 9.68 55.69
CA MET A 443 30.74 10.42 56.95
C MET A 443 30.55 9.49 58.14
N SER A 444 29.50 8.67 58.10
CA SER A 444 29.22 7.76 59.20
C SER A 444 30.35 6.76 59.38
N ARG A 445 30.87 6.24 58.28
CA ARG A 445 31.94 5.25 58.35
C ARG A 445 33.22 5.86 58.94
N ASP A 446 33.53 7.10 58.56
CA ASP A 446 34.69 7.77 59.13
C ASP A 446 34.50 8.02 60.62
N ILE A 447 33.28 8.37 61.03
CA ILE A 447 33.01 8.51 62.46
C ILE A 447 33.26 7.19 63.18
N GLN A 448 32.78 6.08 62.59
CA GLN A 448 32.99 4.78 63.19
C GLN A 448 34.47 4.46 63.32
N MET A 449 35.26 4.76 62.28
CA MET A 449 36.70 4.52 62.36
C MET A 449 37.35 5.40 63.42
N LEU A 450 36.87 6.64 63.59
CA LEU A 450 37.36 7.46 64.69
C LEU A 450 37.06 6.80 66.03
N GLN A 451 35.89 6.18 66.17
CA GLN A 451 35.60 5.46 67.40
C GLN A 451 36.59 4.33 67.61
N GLN A 452 36.89 3.58 66.54
CA GLN A 452 37.80 2.44 66.68
C GLN A 452 39.23 2.89 66.97
N VAL A 453 39.72 3.89 66.25
CA VAL A 453 41.09 4.35 66.44
C VAL A 453 41.20 5.23 67.67
N THR A 481 40.87 3.57 77.11
CA THR A 481 41.61 3.58 78.36
C THR A 481 42.95 2.88 78.20
N VAL A 482 42.91 1.58 77.88
CA VAL A 482 44.14 0.81 77.73
C VAL A 482 44.95 1.32 76.55
N ALA A 483 44.27 1.76 75.49
CA ALA A 483 44.98 2.31 74.33
C ALA A 483 45.69 3.61 74.68
N THR A 484 45.19 4.33 75.68
CA THR A 484 45.72 5.62 76.08
C THR A 484 46.75 5.50 77.21
N ASN A 485 47.05 4.27 77.64
CA ASN A 485 47.87 4.07 78.83
C ASN A 485 49.27 4.63 78.70
N LYS A 486 49.83 4.73 77.49
CA LYS A 486 51.19 5.21 77.35
C LYS A 486 51.30 6.68 77.71
N LEU A 487 50.30 7.49 77.33
CA LEU A 487 50.30 8.89 77.73
C LEU A 487 50.22 9.03 79.25
N PHE A 488 49.38 8.22 79.88
CA PHE A 488 49.27 8.28 81.34
C PHE A 488 50.57 7.86 82.01
N ASP A 489 51.25 6.87 81.44
CA ASP A 489 52.53 6.45 82.03
C ASP A 489 53.61 7.50 81.82
N ASN A 490 53.60 8.19 80.68
CA ASN A 490 54.52 9.30 80.48
C ASN A 490 54.26 10.41 81.48
N LEU A 491 52.97 10.72 81.72
CA LEU A 491 52.62 11.68 82.75
C LEU A 491 53.10 11.23 84.12
N ARG A 492 52.94 9.93 84.42
CA ARG A 492 53.41 9.40 85.69
C ARG A 492 54.90 9.56 85.84
N PHE A 493 55.65 9.25 84.78
CA PHE A 493 57.10 9.39 84.80
C PHE A 493 57.51 10.84 85.05
N ALA A 494 56.87 11.79 84.36
CA ALA A 494 57.26 13.18 84.51
C ALA A 494 56.79 13.75 85.84
N VAL A 495 55.68 13.26 86.39
CA VAL A 495 55.27 13.64 87.72
C VAL A 495 56.28 13.16 88.75
N GLN A 496 56.78 11.94 88.57
CA GLN A 496 57.91 11.50 89.40
C GLN A 496 59.10 12.43 89.23
N MET A 497 59.40 12.82 87.98
CA MET A 497 60.54 13.70 87.70
C MET A 497 60.45 14.99 88.50
N GLN A 498 59.30 15.68 88.41
CA GLN A 498 59.13 16.90 89.19
C GLN A 498 59.15 16.58 90.67
N GLY A 499 58.78 15.35 91.04
CA GLY A 499 58.93 14.94 92.42
C GLY A 499 60.36 15.02 92.91
N GLU A 500 61.29 14.37 92.18
CA GLU A 500 62.68 14.44 92.63
C GLU A 500 63.21 15.86 92.57
N ILE A 501 62.88 16.60 91.51
CA ILE A 501 63.41 17.95 91.38
C ILE A 501 62.94 18.82 92.54
N GLN A 502 61.65 18.82 92.83
CA GLN A 502 61.14 19.62 93.94
C GLN A 502 61.72 19.16 95.26
N LEU A 503 61.78 17.84 95.49
CA LEU A 503 62.27 17.35 96.78
C LEU A 503 63.71 17.77 97.00
N SER A 504 64.53 17.74 95.95
CA SER A 504 65.88 18.27 96.05
C SER A 504 65.86 19.76 96.35
N LEU A 505 64.91 20.49 95.75
CA LEU A 505 64.83 21.92 96.01
C LEU A 505 64.53 22.21 97.49
N ILE A 506 63.61 21.44 98.10
CA ILE A 506 63.44 21.53 99.54
C ILE A 506 64.73 21.17 100.28
N GLU A 507 65.35 20.05 99.90
CA GLU A 507 66.53 19.58 100.61
C GLU A 507 67.65 20.64 100.58
N GLN A 508 67.62 21.50 99.56
CA GLN A 508 68.68 22.49 99.43
C GLN A 508 68.30 23.83 100.06
N PHE A 509 67.06 24.29 99.84
CA PHE A 509 66.74 25.70 100.03
C PHE A 509 65.76 26.00 101.16
N VAL A 510 65.53 25.07 102.08
CA VAL A 510 64.63 25.32 103.22
C VAL A 510 65.45 25.26 104.50
N THR A 511 65.11 26.14 105.44
CA THR A 511 65.68 26.07 106.77
C THR A 511 64.75 25.28 107.69
N GLU A 512 65.30 24.79 108.80
CA GLU A 512 64.51 23.98 109.72
C GLU A 512 63.41 24.81 110.37
N GLU A 513 63.65 26.12 110.52
CA GLU A 513 62.61 27.00 111.05
C GLU A 513 61.42 27.07 110.10
N LYS A 514 61.69 27.09 108.79
CA LYS A 514 60.61 27.09 107.81
C LYS A 514 59.75 25.85 107.94
N THR A 515 60.38 24.68 108.08
CA THR A 515 59.62 23.45 108.27
C THR A 515 58.86 23.47 109.59
N PHE A 516 59.50 23.97 110.65
CA PHE A 516 58.85 23.99 111.95
C PHE A 516 57.63 24.90 111.96
N ARG A 517 57.67 25.98 111.18
CA ARG A 517 56.50 26.83 111.03
C ARG A 517 55.43 26.16 110.17
N ILE A 518 55.86 25.57 109.05
CA ILE A 518 54.90 24.90 108.16
C ILE A 518 54.38 23.63 108.80
N THR A 519 55.26 22.83 109.37
CA THR A 519 54.89 21.54 109.94
C THR A 519 55.18 21.54 111.43
N ASN A 520 54.32 20.86 112.19
CA ASN A 520 54.50 20.80 113.64
C ASN A 520 55.81 20.13 114.01
N GLU A 521 56.36 19.32 113.11
CA GLU A 521 57.64 18.66 113.32
C GLU A 521 58.75 19.69 113.54
N LEU A 534 77.71 5.58 100.13
CA LEU A 534 76.46 6.07 99.56
C LEU A 534 76.73 6.96 98.34
N PRO A 535 75.79 6.98 97.40
CA PRO A 535 76.00 7.76 96.18
C PRO A 535 76.20 9.25 96.46
N GLU A 536 76.95 9.90 95.57
CA GLU A 536 77.27 11.30 95.76
C GLU A 536 76.09 12.21 95.41
N ASN A 537 75.30 11.81 94.41
CA ASN A 537 74.25 12.68 93.90
C ASN A 537 73.20 12.97 94.96
N ASP A 538 72.68 14.20 94.95
CA ASP A 538 71.60 14.56 95.86
C ASP A 538 70.35 13.74 95.59
N ILE A 539 70.02 13.54 94.31
CA ILE A 539 68.80 12.81 93.96
C ILE A 539 68.89 11.38 94.46
N VAL A 540 69.98 10.69 94.13
CA VAL A 540 70.10 9.28 94.50
C VAL A 540 70.18 9.12 96.01
N ARG A 541 70.82 10.07 96.69
CA ARG A 541 70.84 10.04 98.15
C ARG A 541 69.42 10.11 98.71
N THR A 542 68.57 10.95 98.11
CA THR A 542 67.19 11.03 98.56
C THR A 542 66.41 9.76 98.23
N LYS A 543 66.67 9.18 97.05
CA LYS A 543 66.03 7.90 96.71
C LYS A 543 66.43 6.81 97.68
N ALA A 544 67.63 6.89 98.25
CA ALA A 544 68.12 5.87 99.16
C ALA A 544 67.23 5.73 100.39
N ASP A 545 66.79 6.86 100.95
CA ASP A 545 66.00 6.79 102.17
C ASP A 545 64.51 6.96 101.89
N PHE A 546 64.15 7.89 101.00
CA PHE A 546 62.76 8.25 100.74
C PHE A 546 62.39 7.90 99.32
N ILE A 547 61.24 7.25 99.14
CA ILE A 547 60.69 6.93 97.83
C ILE A 547 59.43 7.77 97.63
N ILE A 548 59.25 8.27 96.40
CA ILE A 548 58.11 9.12 96.11
C ILE A 548 56.89 8.26 95.81
N GLY A 549 55.82 8.47 96.56
CA GLY A 549 54.57 7.76 96.34
C GLY A 549 53.46 8.73 96.05
N GLU A 550 52.35 8.18 95.57
CA GLU A 550 51.23 8.98 95.10
C GLU A 550 49.92 8.54 95.76
N SER A 551 49.13 9.52 96.16
CA SER A 551 47.77 9.31 96.62
C SER A 551 46.88 10.38 96.00
N ASP A 552 45.58 10.29 96.23
CA ASP A 552 44.67 11.28 95.69
C ASP A 552 44.89 12.62 96.37
N TRP A 553 44.31 13.67 95.77
CA TRP A 553 44.60 15.02 96.21
C TRP A 553 44.17 15.25 97.67
N ARG A 554 42.91 14.94 97.99
CA ARG A 554 42.47 14.76 99.38
C ARG A 554 42.76 15.99 100.26
N ALA A 555 42.84 17.17 99.65
CA ALA A 555 43.06 18.44 100.36
C ALA A 555 44.32 18.31 101.22
N THR A 556 44.30 18.71 102.49
CA THR A 556 45.50 18.70 103.29
C THR A 556 45.96 17.27 103.59
N TYR A 557 47.18 17.16 104.09
CA TYR A 557 47.75 15.86 104.40
C TYR A 557 46.94 15.11 105.47
N ARG A 558 46.51 15.81 106.51
CA ARG A 558 46.04 15.11 107.69
C ARG A 558 44.63 14.57 107.48
N GLN A 559 43.93 15.08 106.47
CA GLN A 559 42.73 14.39 105.99
C GLN A 559 43.05 13.03 105.40
N ALA A 560 44.12 12.94 104.60
CA ALA A 560 44.56 11.64 104.11
C ALA A 560 44.99 10.74 105.26
N ALA A 561 45.63 11.33 106.27
CA ALA A 561 45.93 10.59 107.49
C ALA A 561 44.66 10.02 108.12
N SER A 562 43.62 10.84 108.20
CA SER A 562 42.35 10.39 108.75
C SER A 562 41.76 9.25 107.92
N GLU A 563 41.85 9.35 106.60
CA GLU A 563 41.32 8.29 105.75
C GLU A 563 42.07 6.98 105.97
N GLN A 564 43.40 7.05 106.04
CA GLN A 564 44.18 5.84 106.31
C GLN A 564 43.83 5.24 107.66
N LEU A 565 43.69 6.09 108.69
CA LEU A 565 43.34 5.58 110.01
C LEU A 565 41.96 4.94 110.01
N SER A 566 41.00 5.55 109.33
CA SER A 566 39.66 4.98 109.27
C SER A 566 39.66 3.63 108.55
N GLN A 567 40.42 3.53 107.44
CA GLN A 567 40.50 2.26 106.74
C GLN A 567 41.13 1.19 107.60
N MET A 568 42.22 1.52 108.31
CA MET A 568 42.87 0.51 109.14
C MET A 568 41.99 0.12 110.32
N ILE A 569 41.24 1.08 110.88
CA ILE A 569 40.27 0.74 111.91
C ILE A 569 39.23 -0.25 111.38
N MET A 570 38.71 0.01 110.18
CA MET A 570 37.83 -0.96 109.55
C MET A 570 38.51 -2.31 109.41
N LYS A 571 39.83 -2.32 109.24
CA LYS A 571 40.56 -3.57 109.22
C LYS A 571 40.69 -4.18 110.61
N MET A 572 40.94 -3.35 111.63
CA MET A 572 41.13 -3.88 112.98
C MET A 572 39.83 -4.46 113.52
N PRO A 573 39.91 -5.45 114.41
CA PRO A 573 38.72 -5.96 115.05
C PRO A 573 38.14 -4.92 116.00
N PRO A 574 36.92 -5.14 116.49
CA PRO A 574 36.35 -4.18 117.47
C PRO A 574 37.22 -4.01 118.70
N GLN A 575 37.89 -5.07 119.16
CA GLN A 575 38.81 -4.94 120.27
C GLN A 575 40.21 -4.63 119.75
N VAL A 576 40.73 -3.46 120.18
CA VAL A 576 41.92 -2.70 119.77
C VAL A 576 41.41 -1.52 118.94
N GLY A 577 40.13 -1.57 118.58
CA GLY A 577 39.57 -0.56 117.70
C GLY A 577 39.47 0.83 118.31
N LEU A 578 39.33 0.91 119.64
CA LEU A 578 39.01 2.19 120.27
C LEU A 578 40.21 3.12 120.32
N VAL A 579 41.41 2.59 120.47
CA VAL A 579 42.60 3.44 120.53
C VAL A 579 42.95 3.99 119.15
N MET A 580 42.97 3.14 118.13
CA MET A 580 43.02 3.65 116.76
C MET A 580 41.87 4.61 116.49
N LEU A 581 40.74 4.40 117.16
CA LEU A 581 39.59 5.28 117.00
C LEU A 581 39.88 6.68 117.53
N ASP A 582 40.53 6.78 118.70
CA ASP A 582 40.79 8.11 119.23
C ASP A 582 41.85 8.82 118.40
N LEU A 583 42.82 8.06 117.86
CA LEU A 583 43.73 8.68 116.88
C LEU A 583 42.97 9.20 115.67
N TRP A 584 42.05 8.41 115.11
CA TRP A 584 41.33 8.87 113.93
C TRP A 584 40.47 10.08 114.25
N ALA A 585 39.85 10.09 115.43
CA ALA A 585 39.07 11.25 115.85
C ALA A 585 39.95 12.48 115.96
N ASP A 586 41.17 12.31 116.47
CA ASP A 586 42.12 13.42 116.50
C ASP A 586 42.45 13.89 115.08
N SER A 587 42.66 12.96 114.15
CA SER A 587 43.17 13.33 112.83
C SER A 587 42.13 14.07 112.01
N THR A 588 40.89 13.62 112.03
CA THR A 588 39.86 14.21 111.16
C THR A 588 39.51 15.62 111.61
N ASP A 589 39.04 16.42 110.65
CA ASP A 589 38.70 17.82 110.91
C ASP A 589 37.23 17.91 111.31
N LEU A 590 36.99 17.67 112.59
CA LEU A 590 35.65 17.84 113.13
C LEU A 590 35.44 19.30 113.57
N PRO A 591 34.19 19.77 113.59
CA PRO A 591 33.95 21.15 114.02
C PRO A 591 34.44 21.44 115.43
N ASN A 592 34.31 20.48 116.34
CA ASN A 592 34.83 20.59 117.69
C ASN A 592 35.74 19.39 117.93
N ARG A 593 37.05 19.62 117.95
CA ARG A 593 38.03 18.55 117.91
C ARG A 593 38.67 18.26 119.27
N ASP A 594 38.98 19.29 120.05
CA ASP A 594 39.62 19.06 121.34
C ASP A 594 38.72 18.25 122.26
N GLU A 595 37.42 18.56 122.26
CA GLU A 595 36.52 17.96 123.23
C GLU A 595 36.23 16.50 122.90
N ILE A 596 36.02 16.19 121.62
CA ILE A 596 35.85 14.79 121.24
C ILE A 596 37.10 13.99 121.55
N VAL A 597 38.28 14.55 121.27
CA VAL A 597 39.51 13.85 121.60
C VAL A 597 39.58 13.57 123.10
N LYS A 598 39.22 14.57 123.91
CA LYS A 598 39.24 14.39 125.35
C LYS A 598 38.29 13.28 125.78
N ARG A 599 37.11 13.24 125.17
CA ARG A 599 36.11 12.22 125.55
C ARG A 599 36.57 10.82 125.17
N ILE A 600 37.06 10.65 123.94
CA ILE A 600 37.48 9.33 123.48
C ILE A 600 38.68 8.87 124.31
N ARG A 601 39.55 9.81 124.69
CA ARG A 601 40.66 9.47 125.58
C ARG A 601 40.17 9.06 126.95
N GLN A 602 39.15 9.76 127.47
CA GLN A 602 38.61 9.40 128.78
C GLN A 602 38.09 7.98 128.78
N ILE A 603 37.35 7.60 127.75
CA ILE A 603 36.82 6.24 127.68
C ILE A 603 37.94 5.24 127.37
N ASN A 604 38.96 5.68 126.64
CA ASN A 604 40.06 4.77 126.30
C ASN A 604 41.16 4.78 127.36
N GLY A 605 41.47 5.95 127.91
CA GLY A 605 42.56 6.08 128.85
C GLY A 605 43.92 6.33 128.24
N MET A 606 44.01 6.57 126.94
CA MET A 606 45.29 6.71 126.29
C MET A 606 45.79 8.15 126.35
N ARG A 607 47.08 8.31 126.07
CA ARG A 607 47.75 9.61 126.13
C ARG A 607 48.56 9.81 124.85
N ASP A 608 48.55 11.04 124.34
CA ASP A 608 49.28 11.42 123.14
C ASP A 608 48.94 10.52 121.95
N PRO A 614 45.90 17.60 130.44
CA PRO A 614 45.76 16.19 130.80
C PRO A 614 46.44 15.90 132.13
N THR A 615 46.98 16.94 132.76
CA THR A 615 47.66 16.77 134.05
C THR A 615 46.68 16.29 135.11
N PRO A 616 45.49 16.89 135.16
CA PRO A 616 44.48 16.43 136.11
C PRO A 616 44.02 15.02 135.81
N GLU A 617 43.81 14.71 134.52
CA GLU A 617 43.41 13.36 134.14
C GLU A 617 44.50 12.35 134.46
N GLU A 618 45.76 12.72 134.21
CA GLU A 618 46.86 11.81 134.53
C GLU A 618 46.93 11.53 136.03
N LEU A 619 46.81 12.58 136.85
CA LEU A 619 46.85 12.39 138.29
C LEU A 619 45.68 11.54 138.77
N GLN A 620 44.48 11.79 138.24
CA GLN A 620 43.31 11.01 138.64
C GLN A 620 43.49 9.54 138.26
N GLN A 621 43.96 9.27 137.04
CA GLN A 621 44.15 7.89 136.60
C GLN A 621 45.22 7.19 137.44
N GLN A 622 46.32 7.88 137.72
CA GLN A 622 47.38 7.29 138.52
C GLN A 622 46.89 6.98 139.93
N GLN A 623 46.16 7.93 140.54
CA GLN A 623 45.63 7.71 141.88
C GLN A 623 44.65 6.54 141.91
N ALA A 624 43.76 6.46 140.91
CA ALA A 624 42.80 5.37 140.86
C ALA A 624 43.50 4.03 140.72
N ALA A 625 44.48 3.95 139.81
CA ALA A 625 45.21 2.71 139.60
C ALA A 625 45.95 2.29 140.86
N ALA A 626 46.65 3.24 141.50
CA ALA A 626 47.40 2.92 142.71
C ALA A 626 46.48 2.46 143.82
N GLU A 627 45.34 3.15 144.02
CA GLU A 627 44.41 2.77 145.07
C GLU A 627 43.84 1.38 144.82
N GLN A 628 43.43 1.11 143.57
CA GLN A 628 42.85 -0.20 143.26
C GLN A 628 43.88 -1.31 143.46
N ALA A 629 45.12 -1.09 143.00
CA ALA A 629 46.16 -2.10 143.14
C ALA A 629 46.49 -2.36 144.60
N GLN A 630 46.60 -1.29 145.39
CA GLN A 630 46.89 -1.44 146.81
C GLN A 630 45.76 -2.17 147.53
N ALA A 631 44.50 -1.84 147.19
CA ALA A 631 43.38 -2.53 147.81
C ALA A 631 43.37 -4.00 147.45
N GLN A 632 43.64 -4.33 146.18
CA GLN A 632 43.68 -5.72 145.78
C GLN A 632 44.79 -6.48 146.49
N LYS A 633 45.97 -5.87 146.60
CA LYS A 633 47.09 -6.51 147.29
C LYS A 633 46.77 -6.72 148.77
N ALA A 634 46.15 -5.73 149.41
CA ALA A 634 45.78 -5.86 150.81
C ALA A 634 44.75 -6.96 151.01
N MET A 635 43.76 -7.04 150.11
CA MET A 635 42.76 -8.09 150.21
C MET A 635 43.38 -9.47 150.02
N PHE A 636 44.30 -9.60 149.06
CA PHE A 636 44.98 -10.88 148.86
C PHE A 636 45.81 -11.26 150.08
N MET A 637 46.51 -10.28 150.67
CA MET A 637 47.29 -10.56 151.87
C MET A 637 46.41 -10.98 153.03
N ALA A 638 45.26 -10.31 153.18
CA ALA A 638 44.32 -10.69 154.25
C ALA A 638 43.78 -12.09 154.03
N GLU A 639 43.45 -12.44 152.79
CA GLU A 639 42.96 -13.79 152.50
C GLU A 639 44.02 -14.84 152.79
N LEU A 640 45.27 -14.57 152.39
CA LEU A 640 46.35 -15.51 152.66
C LEU A 640 46.58 -15.67 154.16
N SER A 641 46.55 -14.55 154.90
CA SER A 641 46.69 -14.62 156.35
C SER A 641 45.56 -15.42 156.98
N GLU A 642 44.34 -15.22 156.51
CA GLU A 642 43.20 -15.97 157.03
C GLU A 642 43.35 -17.46 156.77
N LYS A 643 43.78 -17.83 155.56
CA LYS A 643 43.97 -19.25 155.25
C LYS A 643 45.07 -19.86 156.12
N GLN A 644 46.19 -19.15 156.27
CA GLN A 644 47.28 -19.67 157.09
C GLN A 644 46.86 -19.79 158.55
N GLY A 645 46.12 -18.81 159.05
CA GLY A 645 45.65 -18.87 160.44
C GLY A 645 44.65 -19.99 160.64
N LYS A 646 43.80 -20.24 159.66
CA LYS A 646 42.88 -21.38 159.74
C LYS A 646 43.64 -22.70 159.78
N ALA A 647 44.69 -22.81 158.95
CA ALA A 647 45.51 -24.02 158.97
C ALA A 647 46.18 -24.19 160.33
N ASP A 648 46.73 -23.10 160.89
CA ASP A 648 47.35 -23.18 162.20
C ASP A 648 46.34 -23.57 163.28
N LYS A 649 45.12 -23.02 163.19
CA LYS A 649 44.08 -23.36 164.14
C LYS A 649 43.71 -24.83 164.06
N ALA A 650 43.60 -25.37 162.84
CA ALA A 650 43.29 -26.79 162.68
C ALA A 650 44.40 -27.67 163.23
N GLN A 651 45.65 -27.30 162.95
CA GLN A 651 46.78 -28.09 163.45
C GLN A 651 46.84 -28.07 164.98
N ALA A 652 46.62 -26.90 165.58
CA ALA A 652 46.65 -26.81 167.04
C ALA A 652 45.45 -27.50 167.65
N ASP A 653 44.30 -27.51 166.97
CA ASP A 653 43.18 -28.31 167.42
C ASP A 653 43.51 -29.79 167.39
N ALA A 654 44.25 -30.22 166.37
CA ALA A 654 44.73 -31.60 166.34
C ALA A 654 45.63 -31.89 167.53
N VAL A 655 46.56 -30.98 167.84
CA VAL A 655 47.44 -31.17 168.98
C VAL A 655 46.65 -31.25 170.28
N ALA A 656 45.66 -30.36 170.43
CA ALA A 656 44.82 -30.37 171.63
C ALA A 656 44.01 -31.66 171.74
N ALA A 657 43.49 -32.15 170.61
CA ALA A 657 42.76 -33.40 170.63
C ALA A 657 43.65 -34.57 171.02
N GLN A 658 44.88 -34.60 170.50
CA GLN A 658 45.82 -35.66 170.89
C GLN A 658 46.15 -35.60 172.37
N ALA A 659 46.37 -34.40 172.90
CA ALA A 659 46.68 -34.27 174.32
C ALA A 659 45.48 -34.65 175.19
N ASN A 660 44.28 -34.27 174.77
CA ASN A 660 43.08 -34.68 175.50
C ASN A 660 42.89 -36.18 175.46
N ALA A 661 43.23 -36.81 174.33
CA ALA A 661 43.21 -38.26 174.24
C ALA A 661 44.18 -38.89 175.23
N ASP A 662 45.39 -38.34 175.31
CA ASP A 662 46.38 -38.84 176.27
C ASP A 662 45.87 -38.69 177.70
N LEU A 663 45.28 -37.54 178.01
CA LEU A 663 44.75 -37.31 179.35
C LEU A 663 43.62 -38.28 179.69
N ARG A 664 42.72 -38.52 178.74
CA ARG A 664 41.63 -39.46 178.97
C ARG A 664 42.15 -40.87 179.16
N ALA A 665 43.16 -41.27 178.37
CA ALA A 665 43.75 -42.59 178.54
C ALA A 665 44.42 -42.72 179.90
N ALA A 666 45.12 -41.68 180.35
CA ALA A 666 45.74 -41.71 181.67
C ALA A 666 44.70 -41.80 182.77
N GLN A 667 43.60 -41.06 182.64
CA GLN A 667 42.52 -41.13 183.63
C GLN A 667 41.91 -42.52 183.66
N ALA A 668 41.69 -43.12 182.50
CA ALA A 668 41.15 -44.49 182.45
C ALA A 668 42.10 -45.47 183.10
N GLU A 669 43.41 -45.34 182.84
CA GLU A 669 44.39 -46.23 183.45
C GLU A 669 44.40 -46.08 184.96
N GLN A 670 44.31 -44.84 185.45
CA GLN A 670 44.27 -44.61 186.89
C GLN A 670 43.01 -45.21 187.51
N VAL A 671 41.87 -45.04 186.85
CA VAL A 671 40.61 -45.56 187.38
C VAL A 671 40.59 -47.08 187.40
N ARG A 672 41.16 -47.71 186.36
CA ARG A 672 41.14 -49.17 186.28
C ARG A 672 41.92 -49.80 187.44
N ARG A 673 43.08 -49.23 187.77
CA ARG A 673 43.90 -49.75 188.85
C ARG A 673 43.27 -49.46 190.21
N VAL B 4 51.99 -38.65 -93.08
CA VAL B 4 50.73 -38.51 -93.79
C VAL B 4 50.98 -38.28 -95.26
N GLN B 5 50.95 -39.35 -96.05
CA GLN B 5 51.18 -39.23 -97.49
C GLN B 5 49.95 -38.66 -98.18
N PHE B 6 50.15 -38.14 -99.38
CA PHE B 6 49.06 -37.56 -100.15
C PHE B 6 48.82 -38.35 -101.43
N ALA B 7 47.61 -38.21 -101.97
CA ALA B 7 47.19 -38.88 -103.19
C ALA B 7 47.03 -37.86 -104.31
N ASN B 8 47.32 -38.28 -105.53
CA ASN B 8 47.25 -37.40 -106.69
C ASN B 8 46.31 -37.99 -107.72
N ASN B 9 45.18 -37.31 -107.96
CA ASN B 9 44.20 -37.71 -108.98
C ASN B 9 43.74 -39.16 -108.78
N ALA B 10 43.55 -39.55 -107.52
CA ALA B 10 43.18 -40.91 -107.15
C ALA B 10 41.69 -40.95 -106.85
N ALA B 11 40.95 -41.77 -107.60
CA ALA B 11 39.50 -41.88 -107.47
C ALA B 11 39.09 -43.30 -107.83
N SER B 12 38.56 -44.01 -106.84
CA SER B 12 38.21 -45.39 -107.09
C SER B 12 36.81 -45.78 -106.70
N ARG B 13 36.23 -46.65 -107.52
CA ARG B 13 34.91 -47.18 -107.23
C ARG B 13 34.98 -48.19 -106.10
N LEU B 14 33.99 -48.17 -105.22
CA LEU B 14 33.93 -49.11 -104.09
C LEU B 14 33.05 -50.28 -104.50
N VAL B 15 33.67 -51.37 -104.95
CA VAL B 15 32.91 -52.52 -105.44
C VAL B 15 32.20 -53.23 -104.30
N GLY B 16 32.84 -53.30 -103.13
CA GLY B 16 32.29 -54.04 -102.01
C GLY B 16 31.56 -53.16 -101.02
N PRO B 17 30.31 -53.52 -100.72
CA PRO B 17 29.54 -52.75 -99.74
C PRO B 17 30.22 -52.76 -98.38
N LEU B 18 30.15 -51.63 -97.69
CA LEU B 18 30.72 -51.50 -96.36
C LEU B 18 29.60 -51.27 -95.35
N ALA B 19 29.63 -52.03 -94.26
CA ALA B 19 28.70 -51.82 -93.17
C ALA B 19 29.03 -50.52 -92.44
N PRO B 20 28.07 -49.98 -91.68
CA PRO B 20 28.38 -48.79 -90.86
C PRO B 20 29.50 -49.03 -89.87
N SER B 21 29.77 -50.28 -89.52
CA SER B 21 30.94 -50.67 -88.73
C SER B 21 31.81 -51.56 -89.62
N GLY B 22 32.87 -50.99 -90.18
CA GLY B 22 33.69 -51.71 -91.13
C GLY B 22 35.18 -51.62 -90.88
N THR B 23 35.95 -52.52 -91.48
CA THR B 23 37.39 -52.57 -91.22
C THR B 23 38.20 -52.31 -92.48
N SER B 24 37.73 -52.78 -93.64
CA SER B 24 38.51 -52.72 -94.86
C SER B 24 37.61 -52.36 -96.04
N LEU B 25 38.25 -51.88 -97.11
CA LEU B 25 37.57 -51.48 -98.34
C LEU B 25 38.18 -52.22 -99.52
N THR B 26 37.36 -52.39 -100.56
CA THR B 26 37.77 -53.05 -101.79
C THR B 26 37.50 -52.12 -102.96
N VAL B 27 38.55 -51.51 -103.50
CA VAL B 27 38.46 -50.66 -104.68
C VAL B 27 38.46 -51.53 -105.93
N THR B 28 38.20 -50.91 -107.08
CA THR B 28 38.32 -51.61 -108.34
C THR B 28 39.76 -52.12 -108.53
N PRO B 29 39.92 -53.29 -109.14
CA PRO B 29 41.28 -53.86 -109.28
C PRO B 29 42.26 -52.97 -110.03
N GLY B 30 41.78 -52.27 -111.07
CA GLY B 30 42.68 -51.46 -111.88
C GLY B 30 43.23 -50.25 -111.15
N ASP B 31 42.38 -49.57 -110.36
CA ASP B 31 42.75 -48.27 -109.82
C ASP B 31 43.45 -48.37 -108.46
N GLY B 32 43.64 -49.59 -107.93
CA GLY B 32 44.21 -49.71 -106.59
C GLY B 32 45.65 -49.22 -106.51
N ALA B 33 46.43 -49.44 -107.58
CA ALA B 33 47.83 -49.03 -107.55
C ALA B 33 47.98 -47.52 -107.61
N LEU B 34 46.97 -46.81 -108.12
CA LEU B 34 47.07 -45.37 -108.29
C LEU B 34 47.15 -44.66 -106.93
N PHE B 35 46.48 -45.21 -105.92
CA PHE B 35 46.57 -44.65 -104.59
C PHE B 35 47.98 -44.82 -104.04
N PRO B 36 48.42 -43.96 -103.13
CA PRO B 36 49.79 -44.08 -102.61
C PRO B 36 50.03 -45.43 -101.95
N THR B 37 51.25 -45.96 -102.14
CA THR B 37 51.56 -47.31 -101.68
C THR B 37 51.57 -47.38 -100.16
N LEU B 38 51.89 -46.28 -99.49
CA LEU B 38 51.89 -46.18 -98.03
C LEU B 38 52.99 -47.02 -97.41
N GLY B 39 53.02 -47.07 -96.08
CA GLY B 39 53.99 -47.85 -95.34
C GLY B 39 53.52 -48.01 -93.91
N ALA B 40 54.37 -48.67 -93.12
CA ALA B 40 54.04 -48.86 -91.71
C ALA B 40 54.00 -47.52 -90.98
N GLY B 41 52.88 -47.25 -90.32
CA GLY B 41 52.70 -46.00 -89.62
C GLY B 41 52.37 -44.81 -90.50
N ASP B 42 52.10 -45.02 -91.78
CA ASP B 42 51.81 -43.95 -92.72
C ASP B 42 50.43 -44.13 -93.30
N TRP B 43 49.67 -43.04 -93.38
CA TRP B 43 48.29 -43.07 -93.86
C TRP B 43 48.03 -41.87 -94.77
N PHE B 44 47.03 -42.01 -95.64
CA PHE B 44 46.55 -40.91 -96.46
C PHE B 44 45.08 -40.67 -96.12
N MET B 45 44.65 -39.41 -96.22
CA MET B 45 43.27 -39.07 -95.96
C MET B 45 42.42 -39.27 -97.22
N ALA B 46 41.25 -39.87 -97.03
CA ALA B 46 40.34 -40.14 -98.13
C ALA B 46 38.95 -39.65 -97.79
N THR B 47 38.29 -39.04 -98.77
CA THR B 47 36.90 -38.61 -98.64
C THR B 47 36.02 -39.57 -99.43
N LEU B 48 35.09 -40.22 -98.75
CA LEU B 48 34.27 -41.27 -99.34
C LEU B 48 32.88 -40.70 -99.64
N ILE B 49 32.64 -40.38 -100.91
CA ILE B 49 31.42 -39.73 -101.35
C ILE B 49 30.49 -40.78 -101.92
N ARG B 50 29.49 -41.19 -101.14
CA ARG B 50 28.54 -42.18 -101.59
C ARG B 50 27.50 -41.55 -102.53
N SER B 51 26.48 -42.33 -102.86
CA SER B 51 25.38 -41.81 -103.63
C SER B 51 24.68 -40.68 -102.87
N ASP B 52 24.15 -39.72 -103.62
CA ASP B 52 23.50 -38.52 -103.07
C ASP B 52 24.56 -37.64 -102.40
N GLY B 53 24.10 -36.68 -101.58
CA GLY B 53 25.03 -35.70 -101.05
C GLY B 53 25.83 -36.20 -99.86
N ALA B 54 25.42 -37.32 -99.27
CA ALA B 54 26.07 -37.82 -98.07
C ALA B 54 27.52 -38.22 -98.37
N ARG B 55 28.43 -37.82 -97.48
CA ARG B 55 29.84 -38.18 -97.57
C ARG B 55 30.35 -38.51 -96.18
N GLU B 56 31.20 -39.53 -96.08
CA GLU B 56 31.80 -39.94 -94.81
C GLU B 56 33.31 -39.86 -94.92
N ILE B 57 33.95 -39.48 -93.82
CA ILE B 57 35.40 -39.28 -93.77
C ILE B 57 36.05 -40.53 -93.19
N VAL B 58 36.95 -41.14 -93.96
CA VAL B 58 37.61 -42.37 -93.57
C VAL B 58 39.11 -42.24 -93.79
N LYS B 59 39.88 -42.92 -92.94
CA LYS B 59 41.33 -42.94 -93.00
C LYS B 59 41.82 -44.33 -93.36
N VAL B 60 42.78 -44.39 -94.29
CA VAL B 60 43.36 -45.65 -94.72
C VAL B 60 44.69 -45.81 -93.99
N THR B 61 44.71 -46.70 -92.99
CA THR B 61 45.94 -46.93 -92.23
C THR B 61 46.99 -47.64 -93.09
N SER B 62 46.55 -48.48 -94.02
CA SER B 62 47.45 -49.20 -94.91
C SER B 62 46.63 -49.85 -96.02
N ARG B 63 47.26 -50.04 -97.18
CA ARG B 63 46.64 -50.72 -98.30
C ARG B 63 47.55 -51.84 -98.78
N THR B 64 46.97 -52.98 -99.09
CA THR B 64 47.69 -54.13 -99.60
C THR B 64 47.07 -54.56 -100.93
N VAL B 65 47.89 -54.57 -101.98
CA VAL B 65 47.44 -54.92 -103.33
C VAL B 65 46.28 -53.99 -103.68
N ASP B 66 45.05 -54.50 -103.62
CA ASP B 66 43.87 -53.75 -104.01
C ASP B 66 42.90 -53.49 -102.86
N ALA B 67 43.19 -54.01 -101.67
CA ALA B 67 42.31 -53.88 -100.52
C ALA B 67 43.03 -53.13 -99.42
N MET B 68 42.34 -52.15 -98.82
CA MET B 68 42.93 -51.31 -97.78
C MET B 68 42.10 -51.40 -96.51
N SER B 69 42.80 -51.47 -95.37
CA SER B 69 42.14 -51.36 -94.08
C SER B 69 41.64 -49.94 -93.87
N ILE B 70 40.46 -49.83 -93.27
CA ILE B 70 39.80 -48.53 -93.13
C ILE B 70 39.50 -48.27 -91.66
N THR B 71 39.52 -46.99 -91.30
CA THR B 71 39.14 -46.52 -89.98
C THR B 71 38.13 -45.39 -90.16
N ARG B 72 37.04 -45.45 -89.40
CA ARG B 72 35.90 -44.58 -89.63
C ARG B 72 35.93 -43.37 -88.68
N ALA B 73 35.19 -42.33 -89.07
CA ALA B 73 34.90 -41.18 -88.20
C ALA B 73 36.18 -40.47 -87.73
N GLN B 74 36.91 -39.87 -88.68
CA GLN B 74 38.13 -39.15 -88.32
C GLN B 74 37.83 -37.70 -87.94
N GLU B 75 37.17 -36.96 -88.82
CA GLU B 75 36.87 -35.56 -88.58
C GLU B 75 35.51 -35.34 -87.95
N GLY B 76 34.80 -36.41 -87.60
CA GLY B 76 33.50 -36.31 -86.97
C GLY B 76 32.32 -36.71 -87.84
N SER B 77 32.57 -37.20 -89.05
CA SER B 77 31.47 -37.65 -89.91
C SER B 77 30.81 -38.88 -89.32
N SER B 78 29.49 -38.92 -89.39
CA SER B 78 28.74 -40.06 -88.87
C SER B 78 29.00 -41.30 -89.71
N ALA B 79 29.08 -42.44 -89.03
CA ALA B 79 29.21 -43.71 -89.74
C ALA B 79 27.93 -44.01 -90.51
N LEU B 80 28.07 -44.36 -91.79
CA LEU B 80 26.94 -44.52 -92.67
C LEU B 80 27.03 -45.86 -93.38
N SER B 81 25.88 -46.38 -93.80
CA SER B 81 25.85 -47.56 -94.64
C SER B 81 26.12 -47.18 -96.09
N PHE B 82 26.93 -47.98 -96.77
CA PHE B 82 27.34 -47.73 -98.15
C PHE B 82 26.86 -48.85 -99.06
N ASN B 83 26.24 -48.49 -100.17
CA ASN B 83 25.78 -49.42 -101.17
C ASN B 83 26.96 -49.82 -102.07
N PRO B 84 26.84 -50.92 -102.81
CA PRO B 84 27.99 -51.40 -103.60
C PRO B 84 28.46 -50.46 -104.69
N ASN B 85 27.83 -49.29 -104.85
CA ASN B 85 28.30 -48.27 -105.79
C ASN B 85 28.67 -47.03 -104.99
N ASP B 86 29.96 -46.69 -105.00
CA ASP B 86 30.48 -45.62 -104.16
C ASP B 86 31.83 -45.18 -104.71
N ARG B 87 32.30 -44.03 -104.23
CA ARG B 87 33.51 -43.40 -104.74
C ARG B 87 34.45 -43.03 -103.61
N ILE B 88 35.70 -43.50 -103.69
CA ILE B 88 36.77 -43.07 -102.81
C ILE B 88 37.67 -42.14 -103.61
N GLU B 89 37.85 -40.91 -103.13
CA GLU B 89 38.63 -39.93 -103.88
C GLU B 89 38.97 -38.77 -102.96
N ALA B 90 39.74 -37.84 -103.52
CA ALA B 90 39.98 -36.51 -102.96
C ALA B 90 40.87 -36.54 -101.72
N ARG B 91 41.31 -35.36 -101.30
CA ARG B 91 42.07 -35.17 -100.07
C ARG B 91 41.34 -34.16 -99.21
N LEU B 92 41.28 -34.41 -97.91
CA LEU B 92 40.47 -33.61 -97.00
C LEU B 92 41.34 -32.55 -96.36
N THR B 93 40.96 -31.28 -96.53
CA THR B 93 41.78 -30.16 -96.10
C THR B 93 41.73 -29.96 -94.59
N ALA B 94 40.55 -30.15 -93.99
CA ALA B 94 40.34 -29.73 -92.60
C ALA B 94 41.39 -30.33 -91.66
N GLY B 95 41.43 -31.65 -91.55
CA GLY B 95 42.40 -32.28 -90.68
C GLY B 95 43.83 -32.01 -91.11
N GLU B 96 44.11 -32.16 -92.41
CA GLU B 96 45.47 -32.00 -92.89
C GLU B 96 45.95 -30.55 -92.75
N LEU B 97 45.13 -29.58 -93.16
CA LEU B 97 45.59 -28.20 -93.07
C LEU B 97 45.60 -27.72 -91.62
N GLY B 98 44.74 -28.30 -90.76
CA GLY B 98 44.90 -28.06 -89.34
C GLY B 98 46.24 -28.56 -88.84
N ASP B 99 46.67 -29.73 -89.31
CA ASP B 99 47.99 -30.24 -88.97
C ASP B 99 49.08 -29.29 -89.46
N PHE B 100 48.94 -28.76 -90.68
CA PHE B 100 49.95 -27.84 -91.19
C PHE B 100 50.02 -26.56 -90.35
N ARG B 101 48.87 -25.95 -90.05
CA ARG B 101 48.91 -24.71 -89.29
C ARG B 101 49.42 -24.94 -87.87
N ASP B 102 49.10 -26.09 -87.27
CA ASP B 102 49.66 -26.42 -85.96
C ASP B 102 51.17 -26.63 -86.03
N GLY B 103 51.63 -27.30 -87.09
CA GLY B 103 53.05 -27.56 -87.22
C GLY B 103 53.86 -26.30 -87.44
N ILE B 104 53.32 -25.36 -88.21
CA ILE B 104 54.01 -24.09 -88.40
C ILE B 104 54.19 -23.35 -87.08
N ALA B 105 53.12 -23.27 -86.29
CA ALA B 105 53.20 -22.61 -85.00
C ALA B 105 54.15 -23.34 -84.06
N SER B 106 54.12 -24.67 -84.08
CA SER B 106 55.03 -25.45 -83.25
C SER B 106 56.48 -25.21 -83.64
N ALA B 107 56.75 -25.14 -84.94
CA ALA B 107 58.12 -24.88 -85.41
C ALA B 107 58.59 -23.49 -84.98
N GLN B 108 57.73 -22.48 -85.14
CA GLN B 108 58.12 -21.14 -84.72
C GLN B 108 58.37 -21.08 -83.22
N SER B 109 57.50 -21.73 -82.43
CA SER B 109 57.68 -21.75 -80.99
C SER B 109 58.98 -22.46 -80.61
N ALA B 110 59.28 -23.58 -81.27
CA ALA B 110 60.51 -24.30 -80.97
C ALA B 110 61.74 -23.48 -81.33
N ALA B 111 61.70 -22.78 -82.45
CA ALA B 111 62.81 -21.91 -82.82
C ALA B 111 62.99 -20.79 -81.81
N SER B 112 61.89 -20.16 -81.37
CA SER B 112 61.99 -19.11 -80.37
C SER B 112 62.54 -19.64 -79.06
N ALA B 113 62.11 -20.84 -78.65
CA ALA B 113 62.65 -21.45 -77.45
C ALA B 113 64.13 -21.76 -77.59
N ALA B 114 64.55 -22.18 -78.79
CA ALA B 114 65.97 -22.42 -79.04
C ALA B 114 66.78 -21.14 -78.88
N GLN B 115 66.29 -20.04 -79.44
CA GLN B 115 66.99 -18.76 -79.27
C GLN B 115 67.01 -18.34 -77.81
N GLY B 116 65.90 -18.56 -77.09
CA GLY B 116 65.88 -18.22 -75.67
C GLY B 116 66.88 -19.02 -74.87
N THR B 117 67.00 -20.32 -75.16
CA THR B 117 67.98 -21.15 -74.47
C THR B 117 69.41 -20.74 -74.86
N ALA B 118 69.60 -20.32 -76.11
CA ALA B 118 70.91 -19.82 -76.53
C ALA B 118 71.28 -18.56 -75.76
N ASP B 119 70.33 -17.67 -75.54
CA ASP B 119 70.57 -16.46 -74.77
C ASP B 119 70.77 -16.79 -73.30
N ALA C 2 -13.30 53.16 -32.84
CA ALA C 2 -13.94 54.43 -33.14
C ALA C 2 -13.88 54.73 -34.64
N PHE C 3 -13.56 53.70 -35.42
CA PHE C 3 -13.48 53.87 -36.86
C PHE C 3 -14.88 54.04 -37.46
N PRO C 4 -15.04 54.87 -38.47
CA PRO C 4 -16.33 54.97 -39.16
C PRO C 4 -16.55 53.79 -40.08
N ALA C 5 -17.81 53.62 -40.50
CA ALA C 5 -18.14 52.56 -41.45
C ALA C 5 -17.56 52.83 -42.85
N SER C 6 -17.17 54.06 -43.13
CA SER C 6 -16.67 54.39 -44.47
C SER C 6 -15.44 53.58 -44.82
N VAL C 7 -14.51 53.43 -43.87
CA VAL C 7 -13.28 52.70 -44.16
C VAL C 7 -13.58 51.23 -44.46
N VAL C 8 -14.46 50.62 -43.67
CA VAL C 8 -14.76 49.20 -43.86
C VAL C 8 -15.51 48.98 -45.17
N LEU C 9 -16.40 49.92 -45.52
CA LEU C 9 -17.06 49.81 -46.82
C LEU C 9 -16.06 49.98 -47.96
N SER C 10 -15.05 50.85 -47.77
CA SER C 10 -13.99 50.96 -48.76
C SER C 10 -13.24 49.63 -48.92
N ARG C 11 -12.93 48.98 -47.80
CA ARG C 11 -12.31 47.66 -47.89
C ARG C 11 -13.19 46.72 -48.69
N ALA C 12 -14.43 46.52 -48.24
CA ALA C 12 -15.32 45.55 -48.88
C ALA C 12 -15.52 45.88 -50.36
N ALA C 13 -15.45 47.16 -50.73
CA ALA C 13 -15.54 47.53 -52.13
C ALA C 13 -14.26 47.20 -52.88
N THR C 14 -13.14 47.19 -52.17
CA THR C 14 -11.87 46.79 -52.78
C THR C 14 -11.72 45.27 -52.91
N LEU C 15 -12.22 44.50 -51.96
CA LEU C 15 -12.06 43.05 -52.00
C LEU C 15 -12.92 42.43 -53.10
N LEU C 16 -14.23 42.53 -52.96
CA LEU C 16 -15.10 42.30 -54.09
C LEU C 16 -14.74 43.29 -55.19
N GLN C 17 -14.66 42.80 -56.41
CA GLN C 17 -14.13 43.63 -57.51
C GLN C 17 -15.22 44.60 -57.99
N ASP C 18 -15.78 45.32 -57.00
CA ASP C 18 -16.84 46.30 -57.18
C ASP C 18 -16.54 47.50 -56.30
N GLU C 19 -15.80 48.48 -56.85
CA GLU C 19 -15.51 49.69 -56.10
C GLU C 19 -16.62 50.71 -56.22
N ASP C 20 -17.42 50.63 -57.28
CA ASP C 20 -18.47 51.63 -57.50
C ASP C 20 -19.70 51.36 -56.66
N HIS C 21 -19.72 50.25 -55.92
CA HIS C 21 -20.85 49.82 -55.10
C HIS C 21 -22.11 49.60 -55.91
N GLU C 22 -21.97 49.25 -57.19
CA GLU C 22 -23.12 49.07 -58.07
C GLU C 22 -23.88 47.81 -57.73
N ARG C 23 -23.23 46.65 -57.85
CA ARG C 23 -23.92 45.38 -57.61
C ARG C 23 -24.19 45.18 -56.13
N TRP C 24 -23.19 45.46 -55.28
CA TRP C 24 -23.36 45.44 -53.84
C TRP C 24 -23.59 46.87 -53.38
N THR C 25 -24.84 47.22 -53.12
CA THR C 25 -25.19 48.59 -52.78
C THR C 25 -24.60 48.97 -51.42
N VAL C 26 -24.43 50.28 -51.23
CA VAL C 26 -23.81 50.77 -50.00
C VAL C 26 -24.67 50.44 -48.79
N ASP C 27 -26.00 50.46 -48.95
CA ASP C 27 -26.88 50.04 -47.88
C ASP C 27 -26.69 48.57 -47.55
N GLU C 28 -26.47 47.74 -48.57
CA GLU C 28 -26.32 46.32 -48.34
C GLU C 28 -25.03 46.05 -47.61
N LEU C 29 -23.95 46.70 -48.01
CA LEU C 29 -22.68 46.54 -47.30
C LEU C 29 -22.75 47.10 -45.89
N LEU C 30 -23.51 48.19 -45.69
CA LEU C 30 -23.73 48.70 -44.34
C LEU C 30 -24.45 47.68 -43.48
N GLU C 31 -25.44 47.02 -44.05
CA GLU C 31 -26.17 45.99 -43.31
C GLU C 31 -25.25 44.83 -42.95
N TRP C 32 -24.37 44.44 -43.87
CA TRP C 32 -23.41 43.39 -43.53
C TRP C 32 -22.44 43.86 -42.47
N LEU C 33 -22.07 45.14 -42.49
CA LEU C 33 -21.19 45.67 -41.45
C LEU C 33 -21.86 45.57 -40.09
N THR C 34 -23.14 45.94 -39.99
CA THR C 34 -23.80 45.88 -38.69
C THR C 34 -24.00 44.44 -38.26
N ASP C 35 -24.32 43.54 -39.19
CA ASP C 35 -24.41 42.12 -38.85
C ASP C 35 -23.08 41.60 -38.33
N GLY C 36 -21.98 42.01 -38.96
CA GLY C 36 -20.67 41.60 -38.50
C GLY C 36 -20.34 42.13 -37.12
N THR C 37 -20.73 43.38 -36.84
CA THR C 37 -20.51 43.92 -35.51
C THR C 37 -21.26 43.13 -34.45
N ARG C 38 -22.54 42.85 -34.71
CA ARG C 38 -23.31 42.02 -33.78
C ARG C 38 -22.67 40.65 -33.60
N GLU C 39 -22.25 40.02 -34.69
CA GLU C 39 -21.71 38.68 -34.63
C GLU C 39 -20.39 38.66 -33.85
N ILE C 40 -19.54 39.67 -34.05
CA ILE C 40 -18.29 39.73 -33.32
C ILE C 40 -18.54 39.97 -31.84
N VAL C 41 -19.54 40.80 -31.51
CA VAL C 41 -19.87 41.00 -30.10
C VAL C 41 -20.31 39.68 -29.47
N VAL C 42 -21.09 38.89 -30.19
CA VAL C 42 -21.54 37.60 -29.65
C VAL C 42 -20.38 36.62 -29.51
N ARG C 43 -19.57 36.48 -30.57
CA ARG C 43 -18.49 35.51 -30.55
C ARG C 43 -17.47 35.85 -29.46
N LYS C 44 -17.00 37.09 -29.44
CA LYS C 44 -16.07 37.56 -28.41
C LYS C 44 -16.69 38.73 -27.68
N PRO C 45 -17.27 38.52 -26.50
CA PRO C 45 -17.93 39.64 -25.80
C PRO C 45 -17.00 40.78 -25.48
N SER C 46 -15.70 40.52 -25.37
CA SER C 46 -14.74 41.59 -25.06
C SER C 46 -14.65 42.62 -26.18
N ALA C 47 -15.20 42.32 -27.35
CA ALA C 47 -15.12 43.27 -28.47
C ALA C 47 -15.85 44.56 -28.16
N TYR C 48 -17.04 44.48 -27.56
CA TYR C 48 -17.87 45.65 -27.29
C TYR C 48 -18.58 45.45 -25.94
N MET C 49 -17.99 45.99 -24.88
CA MET C 49 -18.59 46.01 -23.56
C MET C 49 -18.73 47.46 -23.10
N LYS C 50 -19.97 47.90 -22.88
CA LYS C 50 -20.27 49.28 -22.60
C LYS C 50 -20.71 49.43 -21.15
N THR C 51 -20.05 50.33 -20.43
CA THR C 51 -20.41 50.62 -19.04
C THR C 51 -21.55 51.63 -19.06
N THR C 52 -22.76 51.15 -18.79
CA THR C 52 -23.97 51.95 -18.87
C THR C 52 -24.56 52.15 -17.49
N THR C 53 -24.76 53.41 -17.12
CA THR C 53 -25.51 53.72 -15.91
C THR C 53 -27.01 53.66 -16.21
N ALA C 54 -27.73 52.84 -15.46
CA ALA C 54 -29.14 52.58 -15.74
C ALA C 54 -29.93 52.66 -14.45
N ALA C 55 -31.06 53.38 -14.51
CA ALA C 55 -31.98 53.40 -13.38
C ALA C 55 -32.64 52.04 -13.21
N LEU C 56 -32.96 51.70 -11.97
CA LEU C 56 -33.54 50.41 -11.62
C LEU C 56 -34.96 50.60 -11.15
N VAL C 57 -35.90 49.87 -11.77
CA VAL C 57 -37.28 49.93 -11.32
C VAL C 57 -37.38 49.43 -9.89
N ALA C 58 -38.20 50.10 -9.08
CA ALA C 58 -38.35 49.69 -7.69
C ALA C 58 -38.85 48.26 -7.60
N GLY C 59 -38.18 47.48 -6.75
CA GLY C 59 -38.50 46.07 -6.62
C GLY C 59 -37.30 45.17 -6.84
N SER C 60 -37.41 43.91 -6.45
CA SER C 60 -36.29 42.99 -6.62
C SER C 60 -36.01 42.70 -8.08
N LYS C 61 -37.05 42.53 -8.88
CA LYS C 61 -36.87 42.19 -10.29
C LYS C 61 -36.41 43.40 -11.08
N GLN C 62 -35.43 43.19 -11.94
CA GLN C 62 -34.99 44.26 -12.82
C GLN C 62 -34.81 43.70 -14.20
N ALA C 63 -34.80 44.56 -15.21
CA ALA C 63 -34.61 44.19 -16.60
C ALA C 63 -33.34 44.84 -17.13
N LEU C 64 -32.49 44.03 -17.76
CA LEU C 64 -31.30 44.55 -18.42
C LEU C 64 -31.72 45.49 -19.54
N PRO C 65 -30.93 46.53 -19.81
CA PRO C 65 -31.22 47.39 -20.96
C PRO C 65 -31.39 46.57 -22.23
N GLU C 66 -32.43 46.92 -23.00
CA GLU C 66 -32.83 46.09 -24.12
C GLU C 66 -31.73 45.96 -25.17
N ASP C 67 -30.87 46.96 -25.28
CA ASP C 67 -29.76 46.92 -26.23
C ASP C 67 -28.50 46.38 -25.57
N ALA C 68 -28.63 45.21 -24.94
CA ALA C 68 -27.52 44.58 -24.25
C ALA C 68 -27.64 43.07 -24.39
N ILE C 69 -26.55 42.43 -24.83
CA ILE C 69 -26.57 40.99 -25.02
C ILE C 69 -26.62 40.28 -23.67
N GLN C 70 -25.75 40.66 -22.75
CA GLN C 70 -25.61 39.98 -21.47
C GLN C 70 -24.76 40.85 -20.56
N LEU C 71 -25.19 41.00 -19.31
CA LEU C 71 -24.44 41.78 -18.33
C LEU C 71 -23.33 40.90 -17.81
N ILE C 72 -22.13 41.46 -17.68
CA ILE C 72 -20.99 40.67 -17.24
C ILE C 72 -20.63 40.99 -15.80
N ASP C 73 -20.57 42.28 -15.47
CA ASP C 73 -20.36 42.70 -14.08
C ASP C 73 -21.23 43.91 -13.80
N VAL C 74 -21.45 44.15 -12.51
CA VAL C 74 -22.13 45.35 -12.01
C VAL C 74 -21.18 45.98 -11.00
N PRO C 75 -20.15 46.69 -11.43
CA PRO C 75 -19.07 47.06 -10.49
C PRO C 75 -19.49 48.03 -9.42
N ARG C 76 -20.10 49.16 -9.77
CA ARG C 76 -20.37 50.22 -8.82
C ARG C 76 -21.87 50.48 -8.74
N ASN C 77 -22.37 50.66 -7.53
CA ASN C 77 -23.72 51.14 -7.29
C ASN C 77 -23.64 52.66 -7.19
N LEU C 78 -24.04 53.35 -8.27
CA LEU C 78 -23.85 54.79 -8.33
C LEU C 78 -24.72 55.50 -7.31
N LYS C 79 -24.07 56.21 -6.39
CA LYS C 79 -24.76 57.07 -5.46
C LYS C 79 -25.35 58.26 -6.22
N THR C 80 -26.27 58.98 -5.56
CA THR C 80 -26.91 60.12 -6.19
C THR C 80 -25.87 61.07 -6.77
N ASP C 81 -26.25 61.74 -7.86
CA ASP C 81 -25.41 62.64 -8.66
C ASP C 81 -24.11 61.92 -9.00
N GLY C 82 -22.94 62.53 -8.78
CA GLY C 82 -21.72 62.00 -9.39
C GLY C 82 -20.98 61.00 -8.52
N SER C 83 -21.38 60.89 -7.26
CA SER C 83 -20.62 60.06 -6.33
C SER C 83 -20.67 58.59 -6.75
N PRO C 84 -19.53 57.91 -6.85
CA PRO C 84 -19.53 56.51 -7.32
C PRO C 84 -20.33 55.57 -6.44
N GLY C 85 -20.33 55.79 -5.13
CA GLY C 85 -21.13 54.96 -4.25
C GLY C 85 -20.54 53.59 -3.99
N ARG C 86 -21.39 52.72 -3.46
CA ARG C 86 -20.99 51.38 -3.03
C ARG C 86 -20.73 50.48 -4.23
N ALA C 87 -20.04 49.37 -3.98
CA ALA C 87 -19.85 48.32 -4.97
C ALA C 87 -20.85 47.20 -4.74
N VAL C 88 -21.08 46.40 -5.78
CA VAL C 88 -22.05 45.32 -5.76
C VAL C 88 -21.35 44.02 -6.15
N THR C 89 -21.65 42.95 -5.42
CA THR C 89 -21.06 41.65 -5.66
C THR C 89 -22.15 40.62 -5.91
N ALA C 90 -21.87 39.68 -6.82
CA ALA C 90 -22.86 38.69 -7.22
C ALA C 90 -23.13 37.70 -6.09
N THR C 91 -24.36 37.17 -6.07
CA THR C 91 -24.75 36.16 -5.10
C THR C 91 -25.55 35.08 -5.80
N ASP C 92 -26.12 34.18 -5.00
CA ASP C 92 -26.92 33.06 -5.50
C ASP C 92 -28.38 33.36 -5.27
N ARG C 93 -29.19 33.24 -6.32
CA ARG C 93 -30.60 33.57 -6.22
C ARG C 93 -31.36 32.51 -5.42
N ARG C 94 -31.00 31.23 -5.59
CA ARG C 94 -31.74 30.16 -4.95
C ARG C 94 -31.63 30.23 -3.43
N LEU C 95 -30.44 30.54 -2.91
CA LEU C 95 -30.30 30.69 -1.47
C LEU C 95 -31.00 31.94 -0.97
N LEU C 96 -31.00 33.00 -1.78
CA LEU C 96 -31.80 34.18 -1.45
C LEU C 96 -33.29 33.83 -1.39
N ASP C 97 -33.69 32.80 -2.14
CA ASP C 97 -35.07 32.34 -2.08
C ASP C 97 -35.32 31.52 -0.82
N THR C 98 -34.43 30.56 -0.53
CA THR C 98 -34.68 29.64 0.57
C THR C 98 -34.73 30.35 1.91
N GLU C 99 -33.71 31.15 2.22
CA GLU C 99 -33.75 31.99 3.40
C GLU C 99 -34.44 33.31 3.09
N ASN C 100 -35.29 33.74 4.01
CA ASN C 100 -36.14 34.92 3.83
C ASN C 100 -36.94 34.79 2.53
N PRO C 101 -37.90 33.86 2.47
CA PRO C 101 -38.62 33.64 1.21
C PRO C 101 -39.35 34.87 0.71
N ASP C 102 -39.74 35.76 1.60
CA ASP C 102 -40.38 37.02 1.21
C ASP C 102 -39.32 38.12 1.09
N TRP C 103 -38.26 37.82 0.34
CA TRP C 103 -37.20 38.80 0.16
C TRP C 103 -37.58 39.84 -0.88
N HIS C 104 -38.56 39.53 -1.73
CA HIS C 104 -39.07 40.54 -2.65
C HIS C 104 -39.91 41.57 -1.92
N SER C 105 -40.55 41.16 -0.82
CA SER C 105 -41.56 42.00 -0.17
C SER C 105 -40.99 42.90 0.92
N MET C 106 -39.70 42.81 1.21
CA MET C 106 -39.16 43.59 2.32
C MET C 106 -38.99 45.05 1.91
N LYS C 107 -38.53 45.86 2.88
CA LYS C 107 -38.34 47.27 2.62
C LYS C 107 -37.26 47.48 1.57
N PRO C 108 -37.51 48.33 0.56
CA PRO C 108 -36.46 48.62 -0.43
C PRO C 108 -35.31 49.39 0.21
N ALA C 109 -34.17 49.38 -0.46
CA ALA C 109 -32.97 50.04 0.02
C ALA C 109 -32.56 51.14 -0.94
N GLY C 110 -31.98 52.21 -0.38
CA GLY C 110 -31.50 53.29 -1.22
C GLY C 110 -30.38 52.86 -2.15
N GLN C 111 -29.54 51.95 -1.69
CA GLN C 111 -28.48 51.38 -2.49
C GLN C 111 -28.57 49.86 -2.43
N ILE C 112 -28.66 49.22 -3.59
CA ILE C 112 -28.65 47.76 -3.66
C ILE C 112 -27.30 47.25 -3.18
N ARG C 113 -27.28 46.02 -2.68
CA ARG C 113 -26.07 45.45 -2.11
C ARG C 113 -25.60 44.20 -2.83
N HIS C 114 -26.50 43.47 -3.49
CA HIS C 114 -26.12 42.28 -4.24
C HIS C 114 -27.01 42.14 -5.45
N TYR C 115 -26.50 41.47 -6.47
CA TYR C 115 -27.25 41.20 -7.70
C TYR C 115 -27.07 39.73 -8.07
N THR C 116 -28.13 39.13 -8.60
CA THR C 116 -28.11 37.76 -9.06
C THR C 116 -28.47 37.71 -10.53
N TYR C 117 -27.63 37.03 -11.32
CA TYR C 117 -27.82 36.95 -12.76
C TYR C 117 -27.70 35.50 -13.20
N ASP C 118 -28.62 35.07 -14.06
CA ASP C 118 -28.63 33.73 -14.62
C ASP C 118 -28.41 33.82 -16.11
N SER C 119 -27.48 33.00 -16.63
CA SER C 119 -27.18 33.03 -18.06
C SER C 119 -28.38 32.58 -18.89
N ASN C 120 -29.15 31.63 -18.38
CA ASN C 120 -30.29 31.11 -19.13
C ASN C 120 -31.34 32.17 -19.39
N VAL C 121 -31.46 33.15 -18.48
CA VAL C 121 -32.39 34.24 -18.65
C VAL C 121 -31.59 35.54 -18.79
N PRO C 122 -31.33 35.99 -20.00
CA PRO C 122 -30.42 37.13 -20.18
C PRO C 122 -31.03 38.48 -19.85
N THR C 123 -32.35 38.61 -20.03
CA THR C 123 -33.00 39.91 -19.92
C THR C 123 -33.40 40.27 -18.50
N VAL C 124 -33.22 39.37 -17.53
CA VAL C 124 -33.66 39.60 -16.16
C VAL C 124 -32.48 39.39 -15.22
N PHE C 125 -32.25 40.36 -14.33
CA PHE C 125 -31.30 40.22 -13.24
C PHE C 125 -31.93 40.78 -11.98
N TYR C 126 -31.78 40.06 -10.87
CA TYR C 126 -32.41 40.43 -9.62
C TYR C 126 -31.41 41.17 -8.72
N THR C 127 -31.92 42.13 -7.97
CA THR C 127 -31.11 42.95 -7.08
C THR C 127 -31.53 42.72 -5.64
N TYR C 128 -30.56 42.75 -4.74
CA TYR C 128 -30.78 42.54 -3.32
C TYR C 128 -30.06 43.63 -2.52
N PRO C 129 -30.78 44.44 -1.73
CA PRO C 129 -32.23 44.50 -1.54
C PRO C 129 -32.93 45.11 -2.75
N PRO C 130 -34.26 45.05 -2.79
CA PRO C 130 -34.98 45.72 -3.87
C PRO C 130 -34.63 47.19 -3.94
N ALA C 131 -34.48 47.69 -5.17
CA ALA C 131 -34.09 49.08 -5.38
C ALA C 131 -35.23 50.03 -5.01
N ALA C 132 -34.86 51.27 -4.70
CA ALA C 132 -35.81 52.28 -4.26
C ALA C 132 -35.60 53.56 -5.04
N ALA C 133 -36.70 54.15 -5.50
CA ALA C 133 -36.70 55.47 -6.15
C ALA C 133 -35.76 55.50 -7.36
N GLY C 134 -35.70 54.38 -8.08
CA GLY C 134 -34.93 54.32 -9.32
C GLY C 134 -33.45 54.59 -9.16
N VAL C 135 -32.80 53.96 -8.18
CA VAL C 135 -31.38 54.17 -7.98
C VAL C 135 -30.61 53.57 -9.15
N GLN C 136 -29.64 54.32 -9.66
CA GLN C 136 -28.89 53.88 -10.83
C GLN C 136 -27.60 53.18 -10.42
N VAL C 137 -27.18 52.22 -11.27
CA VAL C 137 -25.97 51.44 -11.03
C VAL C 137 -25.21 51.32 -12.35
N GLU C 138 -23.89 51.27 -12.25
CA GLU C 138 -23.07 50.99 -13.44
C GLU C 138 -23.29 49.55 -13.89
N LEU C 139 -23.59 49.37 -15.17
CA LEU C 139 -23.78 48.06 -15.76
C LEU C 139 -22.73 47.86 -16.84
N VAL C 140 -21.96 46.79 -16.72
CA VAL C 140 -20.97 46.40 -17.72
C VAL C 140 -21.56 45.22 -18.47
N CYS C 141 -22.02 45.46 -19.68
CA CYS C 141 -22.72 44.45 -20.46
C CYS C 141 -22.21 44.47 -21.90
N ALA C 142 -22.36 43.33 -22.58
CA ALA C 142 -21.98 43.23 -23.98
C ALA C 142 -22.98 43.98 -24.84
N TRP C 143 -22.70 45.25 -25.12
CA TRP C 143 -23.62 46.07 -25.89
C TRP C 143 -23.68 45.60 -27.34
N ARG C 144 -24.86 45.71 -27.94
CA ARG C 144 -25.05 45.41 -29.35
C ARG C 144 -25.05 46.71 -30.13
N HIS C 145 -24.22 46.75 -31.17
CA HIS C 145 -24.12 47.98 -31.95
C HIS C 145 -25.42 48.19 -32.71
N PRO C 146 -26.12 49.30 -32.49
CA PRO C 146 -27.51 49.40 -32.99
C PRO C 146 -27.66 49.24 -34.50
N ALA C 147 -27.02 50.09 -35.30
CA ALA C 147 -27.22 50.04 -36.74
C ALA C 147 -26.18 50.89 -37.43
N LEU C 148 -26.06 50.69 -38.75
CA LEU C 148 -25.20 51.50 -39.61
C LEU C 148 -26.08 52.07 -40.71
N THR C 149 -26.69 53.23 -40.44
CA THR C 149 -27.63 53.80 -41.39
C THR C 149 -26.91 54.41 -42.60
N THR C 150 -25.82 55.12 -42.37
CA THR C 150 -25.13 55.83 -43.43
C THR C 150 -23.67 55.40 -43.47
N GLN C 151 -23.00 55.75 -44.58
CA GLN C 151 -21.61 55.37 -44.77
C GLN C 151 -20.71 56.03 -43.73
N ASN C 152 -20.97 57.29 -43.41
CA ASN C 152 -20.11 58.02 -42.46
C ASN C 152 -20.42 57.66 -41.01
N ASP C 153 -21.39 56.79 -40.77
CA ASP C 153 -21.68 56.37 -39.40
C ASP C 153 -20.46 55.69 -38.78
N VAL C 154 -20.26 55.94 -37.49
CA VAL C 154 -19.09 55.47 -36.77
C VAL C 154 -19.41 54.12 -36.12
N VAL C 155 -18.41 53.24 -36.08
CA VAL C 155 -18.53 51.97 -35.40
C VAL C 155 -17.77 52.07 -34.08
N GLN C 156 -18.45 51.78 -32.97
CA GLN C 156 -17.89 52.01 -31.65
C GLN C 156 -16.92 50.93 -31.21
N MET C 157 -16.81 49.81 -31.94
CA MET C 157 -15.89 48.76 -31.55
C MET C 157 -14.44 49.18 -31.82
N GLY C 158 -13.52 48.32 -31.42
CA GLY C 158 -12.11 48.57 -31.66
C GLY C 158 -11.76 48.45 -33.13
N ALA C 159 -10.72 49.19 -33.50
CA ALA C 159 -10.28 49.20 -34.90
C ALA C 159 -9.60 47.90 -35.31
N GLU C 160 -9.25 47.05 -34.35
CA GLU C 160 -8.54 45.81 -34.70
C GLU C 160 -9.47 44.79 -35.34
N PHE C 161 -10.76 44.82 -35.00
CA PHE C 161 -11.71 43.89 -35.59
C PHE C 161 -12.14 44.30 -37.00
N VAL C 162 -11.46 45.26 -37.61
CA VAL C 162 -11.81 45.67 -38.96
C VAL C 162 -11.57 44.52 -39.94
N SER C 163 -10.52 43.73 -39.70
CA SER C 163 -10.27 42.57 -40.55
C SER C 163 -11.38 41.54 -40.44
N ALA C 164 -11.85 41.27 -39.22
CA ALA C 164 -12.95 40.34 -39.04
C ALA C 164 -14.23 40.88 -39.67
N LEU C 165 -14.50 42.17 -39.53
CA LEU C 165 -15.67 42.76 -40.17
C LEU C 165 -15.58 42.64 -41.69
N VAL C 166 -14.41 42.89 -42.25
CA VAL C 166 -14.23 42.76 -43.70
C VAL C 166 -14.47 41.33 -44.13
N SER C 167 -13.91 40.37 -43.40
CA SER C 167 -14.11 38.96 -43.75
C SER C 167 -15.58 38.57 -43.67
N TRP C 168 -16.29 39.06 -42.65
CA TRP C 168 -17.70 38.76 -42.53
C TRP C 168 -18.51 39.37 -43.67
N CYS C 169 -18.21 40.62 -44.02
CA CYS C 169 -18.92 41.26 -45.13
C CYS C 169 -18.66 40.52 -46.43
N LEU C 170 -17.41 40.08 -46.66
CA LEU C 170 -17.10 39.29 -47.84
C LEU C 170 -17.84 37.96 -47.83
N TYR C 171 -17.89 37.29 -46.69
CA TYR C 171 -18.60 36.03 -46.60
C TYR C 171 -20.08 36.19 -46.92
N ARG C 172 -20.70 37.24 -46.40
CA ARG C 172 -22.13 37.40 -46.62
C ARG C 172 -22.44 37.93 -48.03
N ALA C 173 -21.60 38.80 -48.58
CA ALA C 173 -21.87 39.34 -49.91
C ALA C 173 -21.56 38.33 -51.00
N SER C 174 -20.47 37.57 -50.83
CA SER C 174 -20.12 36.57 -51.84
C SER C 174 -21.04 35.36 -51.78
N SER C 175 -21.88 35.28 -50.76
CA SER C 175 -22.89 34.23 -50.71
C SER C 175 -24.12 34.58 -51.53
N LYS C 176 -24.13 35.73 -52.20
CA LYS C 176 -25.24 36.11 -53.05
C LYS C 176 -25.40 35.13 -54.20
N ASP C 177 -26.65 34.92 -54.62
CA ASP C 177 -26.95 33.99 -55.71
C ASP C 177 -26.95 34.74 -57.04
N SER C 178 -25.75 35.16 -57.44
CA SER C 178 -25.54 35.84 -58.71
C SER C 178 -24.25 35.35 -59.35
N GLU C 179 -24.08 35.69 -60.63
CA GLU C 179 -22.82 35.37 -61.31
C GLU C 179 -21.64 36.03 -60.63
N PHE C 180 -21.82 37.27 -60.14
CA PHE C 180 -20.70 38.05 -59.66
C PHE C 180 -20.24 37.61 -58.28
N ALA C 181 -20.97 36.71 -57.64
CA ALA C 181 -20.57 36.17 -56.35
C ALA C 181 -20.07 34.74 -56.51
N ASN C 182 -19.13 34.36 -55.64
CA ASN C 182 -18.49 33.05 -55.70
C ASN C 182 -18.71 32.33 -54.38
N GLY C 183 -18.86 31.00 -54.44
CA GLY C 183 -19.23 30.22 -53.28
C GLY C 183 -18.07 29.70 -52.46
N ALA C 184 -17.10 29.04 -53.13
CA ALA C 184 -15.90 28.59 -52.43
C ALA C 184 -15.17 29.76 -51.79
N VAL C 185 -15.20 30.92 -52.45
CA VAL C 185 -14.67 32.13 -51.86
C VAL C 185 -15.41 32.47 -50.57
N ALA C 186 -16.73 32.29 -50.57
CA ALA C 186 -17.51 32.56 -49.36
C ALA C 186 -17.14 31.63 -48.23
N ALA C 187 -16.98 30.33 -48.53
CA ALA C 187 -16.59 29.39 -47.50
C ALA C 187 -15.21 29.71 -46.94
N ALA C 188 -14.27 30.02 -47.83
CA ALA C 188 -12.92 30.37 -47.37
C ALA C 188 -12.95 31.65 -46.54
N HIS C 189 -13.82 32.60 -46.89
CA HIS C 189 -13.91 33.84 -46.13
C HIS C 189 -14.51 33.60 -44.75
N TYR C 190 -15.50 32.72 -44.66
CA TYR C 190 -16.03 32.36 -43.34
C TYR C 190 -14.96 31.71 -42.49
N SER C 191 -14.17 30.81 -43.09
CA SER C 191 -13.07 30.20 -42.36
C SER C 191 -12.06 31.25 -41.92
N ALA C 192 -11.76 32.21 -42.79
CA ALA C 192 -10.81 33.25 -42.45
C ALA C 192 -11.33 34.12 -41.30
N PHE C 193 -12.61 34.44 -41.30
CA PHE C 193 -13.21 35.19 -40.21
C PHE C 193 -13.10 34.43 -38.90
N SER C 194 -13.42 33.13 -38.93
CA SER C 194 -13.34 32.32 -37.72
C SER C 194 -11.90 32.25 -37.21
N ASP C 195 -10.93 32.10 -38.12
CA ASP C 195 -9.54 32.04 -37.70
C ASP C 195 -9.06 33.38 -37.16
N ALA C 196 -9.48 34.48 -37.77
CA ALA C 196 -9.08 35.81 -37.31
C ALA C 196 -9.61 36.07 -35.91
N LEU C 197 -10.86 35.69 -35.65
CA LEU C 197 -11.35 35.76 -34.29
C LEU C 197 -10.65 34.77 -33.36
N GLY C 198 -10.17 33.66 -33.91
CA GLY C 198 -9.53 32.65 -33.07
C GLY C 198 -8.22 33.11 -32.48
N ALA C 199 -7.41 33.82 -33.26
CA ALA C 199 -6.07 34.23 -32.85
C ALA C 199 -6.06 35.58 -32.15
N GLN C 200 -7.19 36.05 -31.66
CA GLN C 200 -7.26 37.29 -30.90
C GLN C 200 -6.71 37.01 -29.52
N ALA C 201 -5.38 37.08 -29.38
CA ALA C 201 -4.75 36.75 -28.11
C ALA C 201 -5.06 37.77 -27.02
N THR C 202 -5.57 38.94 -27.41
CA THR C 202 -5.78 40.00 -26.44
C THR C 202 -7.10 39.82 -25.69
N GLY C 203 -8.21 39.81 -26.41
CA GLY C 203 -9.52 39.79 -25.79
C GLY C 203 -9.89 38.45 -25.20
N THR C 204 -11.19 38.23 -25.08
CA THR C 204 -11.69 36.98 -24.53
C THR C 204 -11.33 35.82 -25.45
N PRO C 205 -10.74 34.75 -24.94
CA PRO C 205 -10.42 33.60 -25.81
C PRO C 205 -11.67 32.98 -26.38
N THR C 206 -11.55 32.45 -27.59
CA THR C 206 -12.67 31.84 -28.30
C THR C 206 -12.42 30.39 -28.67
N THR C 207 -11.18 30.02 -28.98
CA THR C 207 -10.88 28.65 -29.38
C THR C 207 -10.73 27.75 -28.16
N GLN C 208 -9.79 28.06 -27.27
CA GLN C 208 -9.48 27.18 -26.16
C GLN C 208 -10.59 27.21 -25.10
N ALA C 209 -10.85 28.38 -24.51
CA ALA C 209 -11.90 28.48 -23.51
C ALA C 209 -13.08 29.25 -24.07
N ALA C 210 -14.28 28.69 -23.88
CA ALA C 210 -15.51 29.29 -24.39
C ALA C 210 -16.50 29.46 -23.25
N ALA C 211 -17.06 30.65 -23.12
CA ALA C 211 -18.10 31.01 -22.16
C ALA C 211 -17.65 30.89 -20.71
N ALA C 212 -16.38 30.56 -20.47
CA ALA C 212 -15.86 30.41 -19.12
C ALA C 212 -15.24 31.68 -18.57
N ALA C 213 -15.20 32.76 -19.36
CA ALA C 213 -14.64 34.01 -18.89
C ALA C 213 -15.55 34.62 -17.83
N ALA C 214 -14.95 35.02 -16.71
CA ALA C 214 -15.70 35.59 -15.60
C ALA C 214 -16.32 36.93 -15.97
N LEU D 37 100.75 -1.08 72.26
CA LEU D 37 99.80 -2.19 72.31
C LEU D 37 98.82 -2.12 71.14
N ASP D 38 98.39 -0.91 70.81
CA ASP D 38 97.36 -0.74 69.79
C ASP D 38 97.88 -1.09 68.40
N SER D 39 99.14 -0.75 68.11
CA SER D 39 99.65 -0.90 66.75
C SER D 39 99.95 -2.36 66.41
N GLU D 40 100.51 -3.11 67.35
CA GLU D 40 101.10 -4.41 67.02
C GLU D 40 100.05 -5.40 66.52
N GLU D 41 98.98 -5.61 67.28
CA GLU D 41 97.94 -6.56 66.90
C GLU D 41 96.53 -6.01 67.06
N MET D 42 96.32 -4.97 67.87
CA MET D 42 94.99 -4.42 68.02
C MET D 42 94.48 -3.83 66.72
N LYS D 43 95.38 -3.46 65.80
CA LYS D 43 94.94 -3.07 64.46
C LYS D 43 94.27 -4.24 63.76
N GLU D 44 94.89 -5.42 63.80
CA GLU D 44 94.29 -6.59 63.18
C GLU D 44 92.97 -6.95 63.88
N LEU D 45 92.93 -6.81 65.20
CA LEU D 45 91.69 -7.05 65.93
C LEU D 45 90.60 -6.07 65.48
N HIS D 46 90.97 -4.81 65.28
CA HIS D 46 90.01 -3.81 64.82
C HIS D 46 89.48 -4.15 63.44
N ARG D 47 90.36 -4.58 62.53
CA ARG D 47 89.90 -4.98 61.20
C ARG D 47 88.96 -6.18 61.27
N ARG D 48 89.28 -7.15 62.12
CA ARG D 48 88.40 -8.30 62.30
C ARG D 48 87.03 -7.87 62.82
N LEU D 49 87.02 -6.98 63.82
CA LEU D 49 85.76 -6.51 64.39
C LEU D 49 84.95 -5.73 63.36
N ARG D 50 85.62 -4.90 62.56
CA ARG D 50 84.91 -4.13 61.54
C ARG D 50 84.31 -5.05 60.48
N SER D 51 85.06 -6.08 60.07
CA SER D 51 84.52 -7.04 59.11
C SER D 51 83.31 -7.79 59.69
N TYR D 52 83.40 -8.18 60.97
CA TYR D 52 82.27 -8.85 61.61
C TYR D 52 81.05 -7.93 61.66
N LEU D 53 81.26 -6.66 62.00
CA LEU D 53 80.15 -5.71 62.05
C LEU D 53 79.53 -5.52 60.68
N HIS D 54 80.35 -5.43 59.63
CA HIS D 54 79.82 -5.30 58.28
C HIS D 54 79.00 -6.53 57.90
N GLN D 55 79.50 -7.72 58.21
CA GLN D 55 78.76 -8.94 57.90
C GLN D 55 77.44 -9.00 58.65
N GLU D 56 77.44 -8.61 59.92
CA GLU D 56 76.21 -8.68 60.69
C GLU D 56 75.22 -7.61 60.24
N LEU D 57 75.72 -6.45 59.81
CA LEU D 57 74.84 -5.40 59.33
C LEU D 57 74.20 -5.77 58.00
N ASP D 58 75.00 -6.23 57.03
CA ASP D 58 74.44 -6.49 55.71
C ASP D 58 73.67 -7.81 55.70
N ARG D 59 73.93 -8.68 56.67
CA ARG D 59 73.17 -9.93 56.73
C ARG D 59 71.74 -9.66 57.21
N GLN D 60 71.57 -8.72 58.14
CA GLN D 60 70.26 -8.39 58.68
C GLN D 60 69.65 -7.16 58.03
N ALA D 61 70.14 -6.75 56.85
CA ALA D 61 69.63 -5.55 56.23
C ALA D 61 68.14 -5.66 55.90
N GLU D 62 67.72 -6.83 55.38
CA GLU D 62 66.32 -7.00 55.01
C GLU D 62 65.42 -6.90 56.23
N ASN D 63 65.75 -7.64 57.30
CA ASN D 63 64.92 -7.59 58.51
C ASN D 63 64.99 -6.21 59.15
N ARG D 64 66.14 -5.56 59.09
CA ARG D 64 66.24 -4.21 59.63
C ARG D 64 65.30 -3.26 58.90
N PHE D 65 65.26 -3.35 57.57
CA PHE D 65 64.33 -2.54 56.80
C PHE D 65 62.89 -2.88 57.13
N GLN D 66 62.59 -4.18 57.30
CA GLN D 66 61.22 -4.57 57.63
C GLN D 66 60.79 -4.03 58.99
N MET D 67 61.66 -4.10 59.99
CA MET D 67 61.32 -3.56 61.31
C MET D 67 61.17 -2.05 61.25
N ALA D 68 62.03 -1.37 60.48
CA ALA D 68 61.89 0.07 60.31
C ALA D 68 60.54 0.41 59.68
N VAL D 69 60.13 -0.36 58.68
CA VAL D 69 58.84 -0.14 58.03
C VAL D 69 57.70 -0.41 59.00
N ASP D 70 57.85 -1.42 59.85
CA ASP D 70 56.81 -1.71 60.84
C ASP D 70 56.64 -0.55 61.82
N GLU D 71 57.75 -0.06 62.37
CA GLU D 71 57.67 1.07 63.30
C GLU D 71 57.13 2.31 62.59
N ASP D 72 57.48 2.48 61.31
CA ASP D 72 56.96 3.59 60.53
C ASP D 72 55.46 3.46 60.35
N TYR D 73 54.97 2.23 60.14
CA TYR D 73 53.55 1.99 60.00
C TYR D 73 52.82 2.26 61.30
N TYR D 74 53.48 2.03 62.43
CA TYR D 74 52.81 2.21 63.72
C TYR D 74 52.27 3.62 63.89
N ASP D 75 53.13 4.62 63.68
CA ASP D 75 52.74 6.01 63.94
C ASP D 75 52.17 6.71 62.70
N SER D 76 51.20 6.07 62.05
CA SER D 76 50.36 6.71 61.04
C SER D 76 51.16 7.28 59.87
N ILE D 77 52.13 6.52 59.37
CA ILE D 77 52.65 6.73 58.03
C ILE D 77 52.63 5.39 57.30
N GLN D 78 51.64 5.22 56.42
CA GLN D 78 51.35 3.93 55.80
C GLN D 78 51.27 3.99 54.29
N TRP D 79 51.76 5.08 53.68
CA TRP D 79 51.63 5.30 52.25
C TRP D 79 52.99 5.25 51.58
N THR D 80 53.10 4.46 50.51
CA THR D 80 54.31 4.47 49.70
C THR D 80 54.41 5.79 48.95
N GLU D 81 55.63 6.27 48.75
CA GLU D 81 55.84 7.55 48.10
C GLU D 81 55.27 7.54 46.68
N ALA D 82 55.43 6.42 45.97
CA ALA D 82 54.85 6.31 44.64
C ALA D 82 53.33 6.37 44.67
N ASP D 83 52.72 5.64 45.61
CA ASP D 83 51.27 5.66 45.72
C ASP D 83 50.77 7.01 46.21
N ALA D 84 51.54 7.67 47.08
CA ALA D 84 51.18 9.02 47.49
C ALA D 84 51.21 9.98 46.30
N GLN D 85 52.21 9.84 45.43
CA GLN D 85 52.26 10.65 44.23
C GLN D 85 51.07 10.36 43.32
N VAL D 86 50.71 9.08 43.18
CA VAL D 86 49.56 8.71 42.36
C VAL D 86 48.29 9.36 42.90
N LEU D 87 48.09 9.31 44.22
CA LEU D 87 46.93 9.96 44.82
C LEU D 87 46.98 11.47 44.63
N LYS D 88 48.18 12.05 44.68
CA LYS D 88 48.31 13.49 44.47
C LYS D 88 47.90 13.89 43.06
N GLU D 89 48.31 13.10 42.05
CA GLU D 89 47.87 13.37 40.69
C GLU D 89 46.36 13.20 40.57
N ARG D 90 45.77 12.29 41.34
CA ARG D 90 44.33 12.12 41.37
C ARG D 90 43.60 13.30 41.98
N GLY D 91 44.32 14.23 42.61
CA GLY D 91 43.69 15.31 43.34
C GLY D 91 43.17 14.92 44.69
N GLN D 92 43.55 13.75 45.20
CA GLN D 92 43.00 13.20 46.43
C GLN D 92 44.04 13.27 47.54
N ALA D 93 43.63 13.74 48.71
CA ALA D 93 44.53 13.77 49.85
C ALA D 93 44.64 12.37 50.46
N PRO D 94 45.86 11.82 50.56
CA PRO D 94 46.03 10.49 51.16
C PRO D 94 45.58 10.49 52.61
N LEU D 95 45.04 9.35 53.04
CA LEU D 95 44.55 9.17 54.40
C LEU D 95 44.93 7.80 54.91
N VAL D 96 45.21 7.71 56.20
CA VAL D 96 45.57 6.45 56.85
C VAL D 96 44.61 6.22 57.99
N PHE D 97 44.13 4.98 58.13
CA PHE D 97 43.16 4.68 59.18
C PHE D 97 43.85 4.20 60.45
N ASN D 98 45.00 3.54 60.31
CA ASN D 98 45.89 3.20 61.42
C ASN D 98 45.17 2.35 62.48
N VAL D 99 44.79 1.14 62.06
CA VAL D 99 44.22 0.18 63.00
C VAL D 99 45.29 -0.65 63.69
N ILE D 100 46.52 -0.61 63.20
CA ILE D 100 47.62 -1.28 63.90
C ILE D 100 47.88 -0.59 65.23
N ALA D 101 47.73 0.73 65.26
CA ALA D 101 48.01 1.49 66.48
C ALA D 101 47.11 1.04 67.62
N GLN D 102 45.84 0.74 67.32
CA GLN D 102 44.91 0.33 68.36
C GLN D 102 45.37 -0.97 69.01
N SER D 103 45.67 -1.99 68.21
CA SER D 103 46.08 -3.27 68.77
C SER D 103 47.41 -3.17 69.49
N VAL D 104 48.37 -2.43 68.92
CA VAL D 104 49.67 -2.28 69.58
C VAL D 104 49.51 -1.56 70.91
N ASN D 105 48.67 -0.51 70.94
CA ASN D 105 48.42 0.20 72.18
C ASN D 105 47.75 -0.70 73.20
N TRP D 106 46.82 -1.53 72.75
CA TRP D 106 46.17 -2.45 73.68
C TRP D 106 47.18 -3.41 74.30
N ILE D 107 48.07 -3.97 73.48
CA ILE D 107 49.06 -4.91 74.01
C ILE D 107 50.01 -4.22 74.97
N ILE D 108 50.51 -3.04 74.60
CA ILE D 108 51.48 -2.36 75.46
C ILE D 108 50.81 -1.91 76.76
N GLY D 109 49.55 -1.49 76.68
CA GLY D 109 48.83 -1.12 77.90
C GLY D 109 48.57 -2.31 78.81
N SER D 110 48.23 -3.45 78.22
CA SER D 110 48.03 -4.66 79.01
C SER D 110 49.32 -5.05 79.71
N GLU D 111 50.46 -4.90 79.03
CA GLU D 111 51.74 -5.18 79.69
C GLU D 111 52.01 -4.17 80.80
N LYS D 112 51.82 -2.88 80.51
CA LYS D 112 52.19 -1.84 81.46
C LYS D 112 51.32 -1.92 82.72
N ARG D 113 50.08 -2.39 82.58
CA ARG D 113 49.26 -2.62 83.76
C ARG D 113 49.85 -3.73 84.63
N GLY D 114 50.52 -4.69 84.02
CA GLY D 114 51.10 -5.80 84.75
C GLY D 114 52.55 -5.59 85.13
N ARG D 115 52.91 -4.38 85.54
CA ARG D 115 54.27 -4.09 85.97
C ARG D 115 54.61 -4.90 87.21
N THR D 116 55.82 -5.44 87.23
CA THR D 116 56.24 -6.35 88.30
C THR D 116 57.63 -6.00 88.78
N ASP D 117 57.93 -6.44 90.00
CA ASP D 117 59.23 -6.23 90.64
C ASP D 117 59.81 -7.56 91.06
N PHE D 118 61.14 -7.63 91.10
CA PHE D 118 61.80 -8.84 91.55
C PHE D 118 61.59 -9.05 93.05
N ASN D 119 61.15 -10.26 93.40
CA ASN D 119 61.00 -10.66 94.80
C ASN D 119 61.80 -11.93 95.00
N ILE D 120 63.01 -11.80 95.55
CA ILE D 120 63.94 -12.90 95.67
C ILE D 120 63.48 -13.82 96.78
N LEU D 121 63.31 -15.10 96.46
CA LEU D 121 62.88 -16.11 97.41
C LEU D 121 63.98 -17.13 97.64
N PRO D 122 64.30 -17.43 98.89
CA PRO D 122 65.37 -18.39 99.19
C PRO D 122 64.94 -19.80 98.81
N ARG D 123 65.91 -20.67 98.56
CA ARG D 123 65.60 -22.07 98.31
C ARG D 123 65.85 -22.93 99.55
N LYS D 124 67.05 -22.83 100.12
CA LYS D 124 67.34 -23.51 101.37
C LYS D 124 66.48 -22.98 102.50
N LYS D 125 66.10 -21.71 102.42
CA LYS D 125 65.21 -20.98 103.33
C LYS D 125 65.81 -20.83 104.72
N ALA D 126 67.06 -21.24 104.94
CA ALA D 126 67.81 -20.85 106.11
C ALA D 126 68.47 -19.48 105.92
N ASP D 127 68.30 -18.88 104.74
CA ASP D 127 68.85 -17.57 104.42
C ASP D 127 67.75 -16.60 103.99
N ALA D 128 66.64 -16.58 104.72
CA ALA D 128 65.54 -15.67 104.38
C ALA D 128 65.96 -14.22 104.49
N LYS D 129 66.73 -13.89 105.54
CA LYS D 129 67.19 -12.51 105.70
C LYS D 129 68.09 -12.04 104.56
N PRO D 130 69.09 -12.80 104.11
CA PRO D 130 69.83 -12.37 102.92
C PRO D 130 68.95 -12.20 101.69
N ALA D 131 67.96 -13.08 101.51
CA ALA D 131 67.06 -12.96 100.37
C ALA D 131 66.24 -11.68 100.45
N GLU D 132 65.74 -11.34 101.64
CA GLU D 132 64.99 -10.10 101.82
C GLU D 132 65.88 -8.88 101.58
N ALA D 133 67.13 -8.94 102.07
CA ALA D 133 68.06 -7.84 101.84
C ALA D 133 68.35 -7.66 100.36
N LYS D 134 68.55 -8.76 99.64
CA LYS D 134 68.79 -8.66 98.20
C LYS D 134 67.56 -8.15 97.47
N THR D 135 66.37 -8.53 97.92
CA THR D 135 65.14 -8.01 97.33
C THR D 135 65.06 -6.50 97.53
N LYS D 136 65.38 -6.02 98.73
CA LYS D 136 65.36 -4.58 98.97
C LYS D 136 66.41 -3.86 98.14
N LEU D 137 67.60 -4.44 97.99
CA LEU D 137 68.62 -3.85 97.14
C LEU D 137 68.15 -3.77 95.69
N LEU D 138 67.53 -4.83 95.20
CA LEU D 138 67.02 -4.83 93.82
C LEU D 138 65.92 -3.79 93.66
N LYS D 139 65.05 -3.65 94.65
CA LYS D 139 64.01 -2.62 94.57
C LYS D 139 64.62 -1.22 94.57
N TYR D 140 65.65 -1.00 95.39
CA TYR D 140 66.32 0.29 95.39
C TYR D 140 66.95 0.60 94.04
N LEU D 141 67.62 -0.39 93.44
CA LEU D 141 68.22 -0.19 92.14
C LEU D 141 67.16 0.06 91.06
N SER D 142 66.05 -0.66 91.12
CA SER D 142 64.98 -0.43 90.16
C SER D 142 64.36 0.95 90.33
N ASP D 143 64.24 1.41 91.58
CA ASP D 143 63.69 2.74 91.82
C ASP D 143 64.61 3.82 91.29
N VAL D 144 65.92 3.73 91.58
CA VAL D 144 66.84 4.77 91.15
C VAL D 144 67.02 4.73 89.63
N ASN D 145 67.24 3.54 89.07
CA ASN D 145 67.38 3.37 87.63
C ASN D 145 66.05 3.42 86.90
N ARG D 146 64.93 3.49 87.63
CA ARG D 146 63.63 3.73 87.04
C ARG D 146 63.27 2.61 86.07
N LEU D 147 63.60 1.39 86.47
CA LEU D 147 63.54 0.25 85.55
C LEU D 147 62.15 -0.02 84.96
N PRO D 148 61.05 -0.01 85.71
CA PRO D 148 59.77 -0.41 85.10
C PRO D 148 59.42 0.38 83.86
N PHE D 149 59.75 1.67 83.81
CA PHE D 149 59.53 2.45 82.61
C PHE D 149 60.38 1.94 81.45
N HIS D 150 61.65 1.62 81.72
CA HIS D 150 62.51 1.09 80.67
C HIS D 150 62.03 -0.27 80.18
N ARG D 151 61.61 -1.13 81.10
CA ARG D 151 61.10 -2.43 80.72
C ARG D 151 59.81 -2.31 79.90
N SER D 152 58.93 -1.40 80.28
CA SER D 152 57.71 -1.17 79.51
C SER D 152 58.03 -0.65 78.12
N ARG D 153 58.99 0.28 78.02
CA ARG D 153 59.41 0.78 76.72
C ARG D 153 59.99 -0.32 75.84
N SER D 154 60.82 -1.19 76.43
CA SER D 154 61.41 -2.27 75.65
C SER D 154 60.33 -3.27 75.19
N PHE D 155 59.35 -3.56 76.04
CA PHE D 155 58.28 -4.43 75.58
C PHE D 155 57.45 -3.77 74.49
N GLU D 156 57.20 -2.47 74.60
CA GLU D 156 56.53 -1.75 73.53
C GLU D 156 57.30 -1.88 72.22
N ASP D 157 58.64 -1.85 72.32
CA ASP D 157 59.47 -2.11 71.16
C ASP D 157 59.25 -3.52 70.63
N THR D 158 59.28 -4.52 71.52
CA THR D 158 59.12 -5.90 71.07
C THR D 158 57.74 -6.15 70.46
N VAL D 159 56.77 -5.30 70.78
CA VAL D 159 55.47 -5.40 70.13
C VAL D 159 55.53 -4.79 68.74
N LYS D 160 56.02 -3.55 68.64
CA LYS D 160 56.10 -2.88 67.35
C LYS D 160 57.12 -3.54 66.43
N VAL D 161 58.33 -3.78 66.94
CA VAL D 161 59.39 -4.37 66.14
C VAL D 161 59.76 -5.72 66.75
N GLY D 162 60.74 -6.38 66.11
CA GLY D 162 61.02 -7.76 66.45
C GLY D 162 61.47 -7.96 67.88
N LEU D 163 62.40 -7.14 68.36
CA LEU D 163 63.02 -7.35 69.66
C LEU D 163 63.32 -6.03 70.34
N GLY D 164 63.50 -6.09 71.65
CA GLY D 164 63.91 -4.94 72.43
C GLY D 164 65.04 -5.33 73.35
N TRP D 165 65.78 -4.31 73.80
CA TRP D 165 67.02 -4.53 74.52
C TRP D 165 66.99 -3.87 75.89
N ILE D 166 67.51 -4.58 76.89
CA ILE D 166 67.80 -4.02 78.20
C ILE D 166 69.27 -4.28 78.50
N GLU D 167 70.01 -3.22 78.83
CA GLU D 167 71.42 -3.32 79.19
C GLU D 167 71.57 -3.09 80.68
N ASP D 168 72.29 -3.99 81.35
CA ASP D 168 72.60 -3.85 82.76
C ASP D 168 74.11 -3.94 82.93
N SER D 169 74.70 -2.91 83.53
CA SER D 169 76.15 -2.82 83.62
C SER D 169 76.51 -2.05 84.88
N TYR D 170 77.81 -2.02 85.18
CA TYR D 170 78.37 -1.26 86.28
C TYR D 170 79.34 -0.23 85.70
N ASP D 171 79.08 1.04 85.96
CA ASP D 171 79.89 2.12 85.42
C ASP D 171 80.38 3.02 86.55
N ASP D 172 81.60 3.53 86.39
CA ASP D 172 82.20 4.44 87.35
C ASP D 172 82.10 5.86 86.81
N SER D 173 81.36 6.72 87.52
CA SER D 173 81.17 8.10 87.11
C SER D 173 80.68 8.89 88.31
N THR D 174 80.66 10.21 88.15
CA THR D 174 80.14 11.08 89.21
C THR D 174 78.65 10.85 89.44
N ASP D 175 77.95 10.24 88.49
CA ASP D 175 76.58 9.81 88.72
C ASP D 175 76.56 8.81 89.88
N GLY D 176 75.62 9.03 90.81
CA GLY D 176 75.64 8.29 92.05
C GLY D 176 75.40 6.80 91.90
N GLU D 177 74.38 6.44 91.11
CA GLU D 177 73.94 5.05 91.11
C GLU D 177 74.93 4.22 90.29
N PRO D 178 75.52 3.18 90.87
CA PRO D 178 76.58 2.46 90.14
C PRO D 178 76.09 1.51 89.06
N ILE D 179 75.01 0.78 89.31
CA ILE D 179 74.61 -0.31 88.42
C ILE D 179 73.45 0.14 87.55
N TYR D 180 73.76 0.72 86.40
CA TYR D 180 72.77 1.38 85.57
C TYR D 180 72.14 0.38 84.60
N SER D 181 70.81 0.36 84.57
CA SER D 181 70.04 -0.39 83.60
C SER D 181 69.33 0.60 82.69
N ARG D 182 69.56 0.47 81.39
CA ARG D 182 69.11 1.49 80.44
C ARG D 182 68.41 0.81 79.26
N TYR D 183 67.46 1.53 78.68
CA TYR D 183 66.81 1.14 77.45
C TYR D 183 67.73 1.44 76.26
N GLU D 184 68.00 0.43 75.45
CA GLU D 184 68.70 0.60 74.18
C GLU D 184 67.74 0.24 73.05
N SER D 185 67.57 1.16 72.10
CA SER D 185 66.64 0.93 71.01
C SER D 185 67.12 -0.22 70.14
N TRP D 186 66.16 -0.87 69.49
CA TRP D 186 66.49 -1.97 68.58
C TRP D 186 67.39 -1.49 67.45
N ARG D 187 67.33 -0.20 67.12
CA ARG D 187 68.19 0.34 66.06
C ARG D 187 69.66 0.30 66.47
N ASN D 188 69.96 0.73 67.69
CA ASN D 188 71.33 0.99 68.11
C ASN D 188 72.08 -0.24 68.59
N VAL D 189 71.52 -1.44 68.42
CA VAL D 189 72.15 -2.67 68.84
C VAL D 189 72.24 -3.60 67.64
N ILE D 190 73.42 -4.16 67.40
CA ILE D 190 73.64 -5.16 66.37
C ILE D 190 74.03 -6.46 67.05
N PHE D 191 73.22 -7.50 66.85
CA PHE D 191 73.39 -8.76 67.53
C PHE D 191 73.74 -9.86 66.53
N ASP D 192 74.56 -10.80 66.97
CA ASP D 192 74.90 -11.95 66.12
C ASP D 192 73.66 -12.78 65.84
N SER D 193 73.44 -13.09 64.57
CA SER D 193 72.28 -13.86 64.13
C SER D 193 72.52 -15.36 64.14
N ALA D 194 73.76 -15.80 64.34
CA ALA D 194 74.07 -17.22 64.27
C ALA D 194 73.52 -17.99 65.46
N SER D 195 73.05 -17.29 66.50
CA SER D 195 72.56 -17.95 67.69
C SER D 195 71.31 -18.76 67.41
N THR D 196 71.27 -19.97 67.96
CA THR D 196 70.05 -20.75 68.03
C THR D 196 69.54 -20.90 69.45
N GLU D 197 70.37 -20.54 70.43
CA GLU D 197 70.04 -20.72 71.83
C GLU D 197 68.89 -19.83 72.26
N LEU D 198 67.95 -20.40 73.00
CA LEU D 198 66.95 -19.58 73.69
C LEU D 198 67.61 -18.72 74.74
N ASP D 199 68.57 -19.28 75.46
CA ASP D 199 69.35 -18.51 76.42
C ASP D 199 70.09 -17.36 75.74
N GLY D 200 70.69 -17.62 74.58
CA GLY D 200 71.48 -16.63 73.90
C GLY D 200 72.96 -16.69 74.17
N THR D 201 73.44 -17.79 74.77
CA THR D 201 74.87 -17.93 75.02
C THR D 201 75.65 -18.12 73.72
N ASP D 202 75.02 -18.77 72.73
CA ASP D 202 75.66 -18.99 71.44
C ASP D 202 75.93 -17.69 70.71
N MET D 203 75.30 -16.58 71.12
CA MET D 203 75.62 -15.28 70.57
C MET D 203 77.11 -15.01 70.75
N ARG D 204 77.86 -14.95 69.65
CA ARG D 204 79.28 -14.73 69.76
C ARG D 204 79.60 -13.27 70.07
N TYR D 205 78.91 -12.34 69.44
CA TYR D 205 79.23 -10.93 69.59
C TYR D 205 77.97 -10.08 69.52
N ILE D 206 78.04 -8.90 70.13
CA ILE D 206 77.01 -7.87 70.02
C ILE D 206 77.70 -6.55 69.74
N PHE D 207 77.08 -5.73 68.90
CA PHE D 207 77.62 -4.42 68.52
C PHE D 207 76.63 -3.33 68.88
N ARG D 208 77.12 -2.29 69.54
CA ARG D 208 76.28 -1.18 69.99
C ARG D 208 76.84 0.12 69.43
N PRO D 209 76.49 0.49 68.19
CA PRO D 209 76.91 1.78 67.66
C PRO D 209 76.14 2.91 68.32
N LYS D 210 76.86 3.78 69.03
CA LYS D 210 76.27 4.92 69.70
C LYS D 210 76.75 6.21 69.05
N TRP D 211 75.83 7.16 68.88
CA TRP D 211 76.14 8.46 68.30
C TRP D 211 76.34 9.45 69.43
N LEU D 212 77.55 9.98 69.55
CA LEU D 212 77.93 10.84 70.67
C LEU D 212 78.52 12.14 70.15
N ASP D 213 78.33 13.20 70.92
CA ASP D 213 78.99 14.47 70.64
C ASP D 213 80.50 14.32 70.84
N VAL D 214 81.27 15.18 70.16
CA VAL D 214 82.71 15.11 70.29
C VAL D 214 83.15 15.40 71.71
N ASP D 215 82.52 16.39 72.36
CA ASP D 215 82.88 16.74 73.72
C ASP D 215 82.65 15.58 74.68
N VAL D 216 81.46 14.98 74.62
CA VAL D 216 81.13 13.92 75.57
C VAL D 216 81.94 12.66 75.27
N ALA D 217 82.12 12.34 73.98
CA ALA D 217 82.92 11.16 73.63
C ALA D 217 84.37 11.33 74.06
N CYS D 218 84.91 12.53 73.89
CA CYS D 218 86.25 12.83 74.39
C CYS D 218 86.31 12.72 75.91
N ALA D 219 85.26 13.16 76.60
CA ALA D 219 85.24 13.08 78.05
C ALA D 219 85.16 11.65 78.54
N LEU D 220 84.37 10.80 77.86
CA LEU D 220 84.18 9.43 78.34
C LEU D 220 85.48 8.64 78.29
N VAL D 221 86.23 8.75 77.20
CA VAL D 221 87.49 8.01 77.07
C VAL D 221 88.65 8.99 77.02
N PRO D 222 89.53 8.96 78.01
CA PRO D 222 90.67 9.88 78.02
C PRO D 222 91.89 9.28 77.34
N ASP D 223 92.94 10.09 77.24
CA ASP D 223 94.27 9.68 76.78
C ASP D 223 94.28 9.34 75.30
N ARG D 224 93.12 9.36 74.65
CA ARG D 224 93.01 9.12 73.22
C ARG D 224 92.04 10.11 72.58
N ALA D 225 92.07 11.35 73.04
CA ALA D 225 91.13 12.36 72.56
C ALA D 225 91.41 12.72 71.10
N ASP D 226 92.67 12.59 70.67
CA ASP D 226 93.03 12.97 69.31
C ASP D 226 92.34 12.09 68.28
N GLU D 227 92.26 10.78 68.55
CA GLU D 227 91.56 9.88 67.64
C GLU D 227 90.09 10.22 67.55
N ILE D 228 89.46 10.59 68.67
CA ILE D 228 88.07 11.01 68.65
C ILE D 228 87.91 12.29 67.83
N LYS D 229 88.82 13.25 68.04
CA LYS D 229 88.73 14.52 67.32
C LYS D 229 88.87 14.34 65.83
N LYS D 230 89.83 13.50 65.40
CA LYS D 230 90.00 13.28 63.97
C LYS D 230 88.87 12.45 63.39
N ALA D 231 88.11 11.78 64.25
CA ALA D 231 86.96 10.99 63.81
C ALA D 231 85.72 11.86 63.68
N ASP D 245 79.93 -0.36 59.54
CA ASP D 245 79.53 1.04 59.46
C ASP D 245 78.24 1.27 60.23
N GLY D 246 77.14 1.41 59.48
CA GLY D 246 75.84 1.57 60.10
C GLY D 246 74.75 1.29 59.08
N ASP D 247 73.58 0.92 59.60
CA ASP D 247 72.44 0.66 58.74
C ASP D 247 71.64 1.94 58.54
N GLU D 248 70.57 1.83 57.75
CA GLU D 248 69.83 3.02 57.35
C GLU D 248 69.11 3.68 58.53
N ALA D 249 68.78 2.90 59.56
CA ALA D 249 67.99 3.44 60.67
C ALA D 249 68.72 4.53 61.46
N MET D 250 69.81 4.15 62.13
CA MET D 250 70.48 5.11 63.01
C MET D 250 71.15 6.22 62.21
N ASP D 251 71.77 5.85 61.08
CA ASP D 251 72.38 6.87 60.24
C ASP D 251 71.32 7.79 59.65
N TRP D 252 70.14 7.25 59.34
CA TRP D 252 69.07 8.09 58.83
C TRP D 252 68.63 9.10 59.88
N ALA D 253 68.47 8.65 61.13
CA ALA D 253 68.10 9.58 62.19
C ALA D 253 69.15 10.66 62.37
N GLU D 254 70.43 10.25 62.45
CA GLU D 254 71.50 11.22 62.67
C GLU D 254 71.63 12.19 61.51
N PHE D 255 71.49 11.70 60.28
CA PHE D 255 71.65 12.56 59.12
C PHE D 255 70.43 13.46 58.91
N ASP D 256 69.25 13.01 59.36
CA ASP D 256 68.10 13.89 59.38
C ASP D 256 68.30 15.02 60.38
N ARG D 257 68.90 14.70 61.53
CA ARG D 257 69.26 15.76 62.48
C ARG D 257 70.28 16.71 61.87
N ASP D 258 71.30 16.17 61.20
CA ASP D 258 72.37 16.99 60.65
C ASP D 258 71.89 17.86 59.49
N THR D 259 70.95 17.34 58.70
CA THR D 259 70.52 18.04 57.49
C THR D 259 69.73 19.30 57.84
N TYR D 260 69.02 19.29 58.98
CA TYR D 260 68.15 20.38 59.39
C TYR D 260 67.00 20.52 58.41
N SER D 261 67.24 21.16 57.27
CA SER D 261 66.27 21.26 56.20
C SER D 261 66.97 21.00 54.86
N GLN D 262 66.21 21.09 53.78
CA GLN D 262 66.77 20.80 52.46
C GLN D 262 67.87 21.78 52.10
N SER D 263 67.66 23.07 52.36
CA SER D 263 68.64 24.10 52.08
C SER D 263 68.68 25.08 53.24
N ARG D 264 69.77 25.08 53.99
CA ARG D 264 69.96 25.98 55.11
C ARG D 264 71.36 26.56 55.09
N THR D 265 71.51 27.76 55.66
CA THR D 265 72.82 28.41 55.77
C THR D 265 73.41 28.01 57.12
N VAL D 266 74.20 26.93 57.12
CA VAL D 266 74.80 26.45 58.36
C VAL D 266 75.91 27.39 58.78
N SER D 267 75.87 27.82 60.04
CA SER D 267 76.89 28.71 60.57
C SER D 267 78.20 27.96 60.79
N THR D 268 79.24 28.71 61.14
CA THR D 268 80.54 28.10 61.42
C THR D 268 80.45 27.17 62.61
N HIS D 269 79.73 27.57 63.65
CA HIS D 269 79.55 26.72 64.82
C HIS D 269 78.57 25.59 64.49
N LYS D 270 79.03 24.35 64.63
CA LYS D 270 78.21 23.19 64.32
C LYS D 270 78.50 22.08 65.33
N ARG D 271 77.44 21.40 65.76
CA ARG D 271 77.61 20.26 66.65
C ARG D 271 78.29 19.12 65.91
N GLN D 272 79.41 18.66 66.45
CA GLN D 272 80.19 17.58 65.86
C GLN D 272 79.88 16.30 66.61
N ARG D 273 79.35 15.32 65.89
CA ARG D 273 78.94 14.03 66.47
C ARG D 273 79.76 12.92 65.85
N VAL D 274 80.26 12.02 66.70
CA VAL D 274 81.06 10.89 66.25
C VAL D 274 80.41 9.60 66.72
N ARG D 275 80.74 8.51 66.04
CA ARG D 275 80.17 7.20 66.32
C ARG D 275 81.21 6.34 67.03
N LEU D 276 80.82 5.77 68.17
CA LEU D 276 81.64 4.79 68.88
C LEU D 276 80.87 3.48 68.95
N ILE D 277 81.56 2.38 68.72
CA ILE D 277 80.94 1.06 68.69
C ILE D 277 81.52 0.23 69.84
N GLU D 278 80.64 -0.26 70.70
CA GLU D 278 81.03 -1.16 71.78
C GLU D 278 80.76 -2.59 71.33
N CYS D 279 81.81 -3.40 71.27
CA CYS D 279 81.70 -4.78 70.82
C CYS D 279 82.02 -5.71 71.96
N TRP D 280 81.03 -6.50 72.37
CA TRP D 280 81.23 -7.56 73.36
C TRP D 280 81.28 -8.90 72.63
N TYR D 281 82.43 -9.57 72.70
CA TYR D 281 82.65 -10.79 71.97
C TYR D 281 83.05 -11.91 72.92
N ARG D 282 82.81 -13.14 72.50
CA ARG D 282 83.09 -14.34 73.28
C ARG D 282 84.13 -15.18 72.58
N LYS D 283 85.17 -15.57 73.30
CA LYS D 283 86.20 -16.44 72.78
C LYS D 283 86.46 -17.59 73.75
N PRO D 284 86.48 -18.84 73.29
CA PRO D 284 86.82 -19.95 74.18
C PRO D 284 88.24 -19.83 74.71
N MET D 285 88.45 -20.32 75.92
CA MET D 285 89.75 -20.22 76.58
C MET D 285 90.47 -21.53 76.74
N ARG D 286 89.74 -22.66 76.81
CA ARG D 286 90.34 -23.98 77.00
C ARG D 286 91.22 -24.02 78.24
N ALA D 287 90.64 -23.67 79.38
CA ALA D 287 91.36 -23.76 80.65
C ALA D 287 91.58 -25.23 81.01
N THR D 288 92.82 -25.55 81.38
CA THR D 288 93.14 -26.94 81.74
C THR D 288 92.41 -27.36 83.00
N LYS D 289 92.32 -26.47 83.99
CA LYS D 289 91.67 -26.75 85.26
C LYS D 289 92.24 -27.98 85.95
N THR D 323 85.31 -21.35 80.31
CA THR D 323 85.71 -21.68 78.94
C THR D 323 85.53 -20.46 78.04
N MET D 324 84.33 -19.89 78.05
CA MET D 324 84.00 -18.74 77.24
C MET D 324 84.07 -17.48 78.10
N ARG D 325 84.97 -16.57 77.74
CA ARG D 325 85.15 -15.32 78.46
C ARG D 325 84.67 -14.17 77.59
N VAL D 326 83.78 -13.35 78.14
CA VAL D 326 83.28 -12.18 77.43
C VAL D 326 84.27 -11.04 77.58
N ARG D 327 84.54 -10.34 76.49
CA ARG D 327 85.48 -9.23 76.46
C ARG D 327 84.82 -8.01 75.87
N VAL D 328 85.25 -6.83 76.29
CA VAL D 328 84.69 -5.57 75.84
C VAL D 328 85.69 -4.89 74.91
N ALA D 329 85.18 -4.34 73.81
CA ALA D 329 86.01 -3.66 72.81
C ALA D 329 85.26 -2.44 72.31
N ILE D 330 85.86 -1.27 72.50
CA ILE D 330 85.28 -0.02 72.02
C ILE D 330 86.17 0.52 70.90
N PHE D 331 85.60 0.63 69.70
CA PHE D 331 86.36 1.05 68.53
C PHE D 331 85.53 2.02 67.69
N THR D 332 86.17 3.06 67.19
CA THR D 332 85.55 3.97 66.24
C THR D 332 85.80 3.50 64.81
N SER D 333 85.55 4.39 63.85
CA SER D 333 85.61 4.01 62.44
C SER D 333 87.01 3.56 62.05
N ARG D 334 88.04 4.27 62.48
CA ARG D 334 89.40 4.01 62.01
C ARG D 334 90.34 3.48 63.08
N ASP D 335 89.90 3.39 64.33
CA ASP D 335 90.79 2.94 65.39
C ASP D 335 89.95 2.34 66.52
N LEU D 336 90.63 1.67 67.44
CA LEU D 336 89.99 1.08 68.61
C LEU D 336 90.47 1.81 69.86
N LEU D 337 89.53 2.11 70.76
CA LEU D 337 89.87 2.90 71.94
C LEU D 337 90.32 2.04 73.09
N PHE D 338 89.51 1.05 73.48
CA PHE D 338 89.86 0.19 74.61
C PHE D 338 89.45 -1.24 74.30
N GLU D 339 90.30 -2.18 74.70
CA GLU D 339 90.02 -3.60 74.57
C GLU D 339 90.50 -4.28 75.85
N GLY D 340 89.68 -5.17 76.40
CA GLY D 340 90.05 -5.86 77.62
C GLY D 340 88.97 -6.80 78.09
N ALA D 341 89.31 -7.60 79.09
CA ALA D 341 88.35 -8.51 79.69
C ALA D 341 87.32 -7.74 80.49
N SER D 342 86.09 -8.24 80.48
CA SER D 342 85.01 -7.57 81.19
C SER D 342 85.22 -7.69 82.69
N PRO D 343 85.12 -6.58 83.44
CA PRO D 343 85.28 -6.69 84.90
C PRO D 343 84.21 -7.53 85.56
N PHE D 344 83.01 -7.61 84.97
CA PHE D 344 81.89 -8.27 85.64
C PHE D 344 82.15 -9.77 85.78
N ARG D 345 81.75 -10.30 86.94
CA ARG D 345 81.96 -11.73 87.20
C ARG D 345 81.13 -12.60 86.26
N HIS D 346 79.89 -12.21 86.00
CA HIS D 346 79.03 -12.98 85.11
C HIS D 346 79.56 -12.97 83.70
N ASN D 347 79.62 -14.14 83.08
CA ASN D 347 80.20 -14.29 81.74
C ASN D 347 79.13 -14.22 80.65
N ARG D 348 78.35 -13.14 80.69
CA ARG D 348 77.33 -12.92 79.68
C ARG D 348 77.30 -11.44 79.30
N PHE D 349 76.75 -11.17 78.12
CA PHE D 349 76.71 -9.81 77.61
C PHE D 349 75.81 -8.92 78.46
N SER D 350 76.16 -7.64 78.52
CA SER D 350 75.36 -6.67 79.27
C SER D 350 73.97 -6.52 78.65
N LEU D 351 73.90 -6.43 77.34
CA LEU D 351 72.61 -6.26 76.67
C LEU D 351 71.81 -7.55 76.70
N THR D 352 70.56 -7.45 77.14
CA THR D 352 69.68 -8.60 77.23
C THR D 352 68.56 -8.46 76.22
N PRO D 353 68.39 -9.42 75.31
CA PRO D 353 67.36 -9.27 74.28
C PRO D 353 66.00 -9.78 74.72
N ILE D 354 64.99 -8.92 74.66
CA ILE D 354 63.62 -9.34 74.89
C ILE D 354 63.07 -9.80 73.54
N TRP D 355 62.97 -11.12 73.36
CA TRP D 355 62.65 -11.67 72.06
C TRP D 355 61.17 -11.46 71.76
N GLY D 356 60.77 -11.77 70.53
CA GLY D 356 59.38 -11.76 70.12
C GLY D 356 59.11 -12.95 69.23
N PHE D 357 58.23 -12.81 68.25
CA PHE D 357 58.06 -13.87 67.27
C PHE D 357 59.34 -14.00 66.44
N ARG D 358 59.83 -15.24 66.33
CA ARG D 358 61.07 -15.52 65.63
C ARG D 358 60.74 -16.31 64.36
N ARG D 359 61.26 -15.83 63.22
CA ARG D 359 61.00 -16.49 61.96
C ARG D 359 61.60 -17.88 61.96
N GLY D 360 60.83 -18.86 61.47
CA GLY D 360 61.28 -20.24 61.49
C GLY D 360 62.46 -20.49 60.57
N ARG D 361 62.48 -19.84 59.41
CA ARG D 361 63.50 -20.14 58.41
C ARG D 361 64.88 -19.66 58.84
N ASP D 362 64.98 -18.42 59.33
CA ASP D 362 66.28 -17.81 59.59
C ASP D 362 66.48 -17.35 61.02
N ASN D 363 65.49 -17.49 61.89
CA ASN D 363 65.58 -17.06 63.29
C ASN D 363 65.88 -15.57 63.41
N LEU D 364 65.29 -14.76 62.54
CA LEU D 364 65.31 -13.31 62.66
C LEU D 364 64.03 -12.82 63.30
N PRO D 365 64.11 -12.05 64.38
CA PRO D 365 62.89 -11.61 65.07
C PRO D 365 62.02 -10.73 64.19
N TYR D 366 60.71 -10.88 64.33
CA TYR D 366 59.73 -10.03 63.67
C TYR D 366 58.59 -9.74 64.62
N GLY D 367 58.11 -8.50 64.61
CA GLY D 367 57.08 -8.07 65.54
C GLY D 367 55.71 -8.57 65.14
N VAL D 368 54.73 -8.17 65.94
CA VAL D 368 53.34 -8.59 65.70
C VAL D 368 52.80 -7.92 64.45
N ILE D 369 53.39 -6.79 64.05
CA ILE D 369 52.79 -5.87 63.09
C ILE D 369 52.54 -6.50 61.73
N ARG D 370 53.50 -7.27 61.21
CA ARG D 370 53.58 -7.62 59.79
C ARG D 370 52.22 -7.85 59.10
N TRP D 371 51.39 -8.73 59.65
CA TRP D 371 50.12 -9.02 59.00
C TRP D 371 49.15 -7.86 59.15
N MET D 372 49.12 -7.19 60.31
CA MET D 372 48.34 -5.97 60.39
C MET D 372 48.83 -4.95 59.37
N ARG D 373 50.14 -4.93 59.10
CA ARG D 373 50.70 -3.97 58.16
C ARG D 373 50.19 -4.22 56.75
N ASP D 374 50.24 -5.47 56.29
CA ASP D 374 49.84 -5.73 54.90
C ASP D 374 48.32 -5.64 54.74
N ILE D 375 47.56 -6.19 55.69
CA ILE D 375 46.11 -6.00 55.61
C ILE D 375 45.77 -4.52 55.70
N GLN D 376 46.58 -3.73 56.42
CA GLN D 376 46.28 -2.33 56.60
C GLN D 376 46.55 -1.52 55.33
N ASP D 377 47.65 -1.81 54.63
CA ASP D 377 47.87 -1.07 53.40
C ASP D 377 46.83 -1.46 52.36
N ASP D 378 46.37 -2.73 52.40
CA ASP D 378 45.22 -3.10 51.59
C ASP D 378 43.99 -2.28 51.95
N ILE D 379 43.74 -2.10 53.25
CA ILE D 379 42.58 -1.33 53.70
C ILE D 379 42.67 0.10 53.18
N ASN D 380 43.86 0.69 53.27
CA ASN D 380 44.07 2.05 52.76
C ASN D 380 43.78 2.12 51.26
N LYS D 381 44.27 1.13 50.50
CA LYS D 381 44.00 1.12 49.07
C LYS D 381 42.50 1.03 48.80
N ARG D 382 41.79 0.16 49.52
CA ARG D 382 40.36 0.02 49.29
C ARG D 382 39.61 1.31 49.62
N ALA D 383 39.95 1.94 50.75
CA ALA D 383 39.29 3.18 51.12
C ALA D 383 39.54 4.28 50.09
N SER D 384 40.79 4.43 49.66
CA SER D 384 41.11 5.45 48.66
C SER D 384 40.37 5.17 47.35
N LYS D 385 40.32 3.91 46.93
CA LYS D 385 39.63 3.56 45.69
C LYS D 385 38.15 3.88 45.79
N ALA D 386 37.51 3.50 46.90
CA ALA D 386 36.08 3.77 47.05
C ALA D 386 35.81 5.27 47.04
N LEU D 387 36.63 6.04 47.77
CA LEU D 387 36.42 7.49 47.79
C LEU D 387 36.60 8.09 46.40
N TYR D 388 37.60 7.62 45.66
CA TYR D 388 37.80 8.14 44.31
C TYR D 388 36.65 7.80 43.39
N ILE D 389 36.15 6.57 43.49
CA ILE D 389 35.02 6.18 42.65
C ILE D 389 33.81 7.04 42.94
N LEU D 390 33.52 7.27 44.22
CA LEU D 390 32.35 8.09 44.56
C LEU D 390 32.53 9.53 44.11
N SER D 391 33.74 10.07 44.27
CA SER D 391 33.93 11.50 44.01
C SER D 391 33.84 11.83 42.52
N SER D 392 34.52 11.06 41.67
CA SER D 392 34.64 11.39 40.26
C SER D 392 33.72 10.49 39.43
N ASN D 393 33.13 11.07 38.38
CA ASN D 393 32.26 10.32 37.51
C ASN D 393 33.05 9.64 36.40
N LYS D 394 32.57 8.47 35.99
CA LYS D 394 33.09 7.76 34.82
C LYS D 394 32.07 7.88 33.71
N VAL D 395 32.53 8.17 32.50
CA VAL D 395 31.65 8.49 31.38
C VAL D 395 31.92 7.52 30.24
N VAL D 396 30.87 6.81 29.82
CA VAL D 396 30.86 6.08 28.56
C VAL D 396 29.73 6.66 27.72
N MET D 397 30.01 6.94 26.45
CA MET D 397 29.17 7.80 25.64
C MET D 397 29.33 7.50 24.17
N ASP D 398 28.36 7.95 23.38
CA ASP D 398 28.48 7.87 21.93
C ASP D 398 29.64 8.73 21.47
N GLU D 399 30.26 8.34 20.35
CA GLU D 399 31.44 9.05 19.89
C GLU D 399 31.13 10.50 19.60
N GLY D 400 29.87 10.81 19.30
CA GLY D 400 29.46 12.18 18.99
C GLY D 400 28.62 12.83 20.06
N ALA D 401 28.95 12.57 21.33
CA ALA D 401 28.08 12.96 22.41
C ALA D 401 28.14 14.47 22.68
N VAL D 402 29.33 14.99 22.95
CA VAL D 402 29.50 16.36 23.41
C VAL D 402 30.34 17.13 22.40
N GLU D 403 29.97 18.40 22.18
CA GLU D 403 30.69 19.22 21.21
C GLU D 403 32.10 19.55 21.70
N ASP D 404 32.22 19.99 22.95
CA ASP D 404 33.52 20.32 23.54
C ASP D 404 33.82 19.27 24.59
N ILE D 405 34.87 18.49 24.35
CA ILE D 405 35.16 17.36 25.24
C ILE D 405 36.00 17.83 26.43
N GLU D 406 36.72 18.93 26.28
CA GLU D 406 37.54 19.42 27.39
C GLU D 406 36.68 19.95 28.54
N GLU D 407 35.72 20.81 28.23
CA GLU D 407 34.85 21.34 29.27
C GLU D 407 33.96 20.25 29.84
N PHE D 408 33.51 19.32 28.99
CA PHE D 408 32.82 18.15 29.51
C PHE D 408 33.71 17.42 30.52
N ARG D 409 34.94 17.12 30.13
CA ARG D 409 35.86 16.41 31.00
C ARG D 409 36.02 17.11 32.35
N GLU D 410 36.10 18.44 32.33
CA GLU D 410 36.33 19.16 33.57
C GLU D 410 35.07 19.25 34.43
N GLU D 411 33.91 19.43 33.82
CA GLU D 411 32.68 19.71 34.56
C GLU D 411 31.85 18.50 34.95
N VAL D 412 32.22 17.27 34.54
CA VAL D 412 31.33 16.14 34.81
C VAL D 412 31.14 15.94 36.31
N ALA D 413 32.22 15.96 37.08
CA ALA D 413 32.11 15.66 38.50
C ALA D 413 31.52 16.83 39.27
N ARG D 414 31.46 18.01 38.65
CA ARG D 414 30.95 19.19 39.34
C ARG D 414 29.47 19.03 39.66
N PRO D 415 29.07 19.19 40.93
CA PRO D 415 27.64 19.06 41.27
C PRO D 415 26.78 20.16 40.70
N ASP D 416 27.38 21.28 40.26
CA ASP D 416 26.62 22.42 39.77
C ASP D 416 26.76 22.64 38.27
N ALA D 417 27.43 21.73 37.56
CA ALA D 417 27.75 21.97 36.17
C ALA D 417 26.52 21.87 35.28
N VAL D 418 26.51 22.67 34.23
CA VAL D 418 25.48 22.61 33.19
C VAL D 418 26.13 21.96 31.97
N LEU D 419 25.63 20.79 31.59
CA LEU D 419 26.20 20.00 30.50
C LEU D 419 25.21 19.97 29.34
N VAL D 420 25.72 20.18 28.14
CA VAL D 420 24.93 20.12 26.91
C VAL D 420 25.39 18.93 26.09
N LYS D 421 24.43 18.19 25.55
CA LYS D 421 24.70 17.01 24.74
C LYS D 421 23.92 17.08 23.44
N LYS D 422 24.42 16.40 22.42
CA LYS D 422 23.70 16.32 21.17
C LYS D 422 22.45 15.46 21.33
N PRO D 423 21.41 15.72 20.53
CA PRO D 423 20.12 15.04 20.78
C PRO D 423 20.16 13.53 20.66
N GLY D 424 20.63 13.00 19.52
CA GLY D 424 20.53 11.58 19.25
C GLY D 424 21.63 10.71 19.81
N LYS D 425 22.55 11.26 20.60
CA LYS D 425 23.70 10.51 21.12
C LYS D 425 23.52 10.38 22.63
N GLN D 426 23.54 9.14 23.13
CA GLN D 426 23.26 8.91 24.54
C GLN D 426 24.46 9.24 25.40
N ILE D 427 24.21 9.58 26.66
CA ILE D 427 25.26 9.78 27.66
C ILE D 427 25.02 8.81 28.80
N GLU D 428 26.09 8.18 29.27
CA GLU D 428 26.03 7.35 30.46
C GLU D 428 27.12 7.79 31.43
N LEU D 429 26.79 8.73 32.30
CA LEU D 429 27.61 9.05 33.46
C LEU D 429 27.50 7.89 34.45
N ASN D 430 28.42 7.87 35.42
CA ASN D 430 28.34 6.95 36.54
C ASN D 430 28.31 5.51 36.04
N VAL D 431 29.33 5.13 35.29
CA VAL D 431 29.38 3.79 34.73
C VAL D 431 29.45 2.75 35.84
N ASP D 432 30.27 3.00 36.85
CA ASP D 432 30.43 2.08 37.97
C ASP D 432 30.42 2.83 39.29
N ARG D 433 29.37 2.62 40.08
CA ARG D 433 29.32 3.08 41.47
C ARG D 433 29.09 1.97 42.49
N GLU D 434 28.49 0.85 42.11
CA GLU D 434 28.40 -0.29 43.01
C GLU D 434 29.78 -0.82 43.39
N LEU D 435 30.79 -0.54 42.58
CA LEU D 435 32.16 -0.91 42.94
C LEU D 435 32.62 -0.19 44.18
N ALA D 436 32.21 1.07 44.37
CA ALA D 436 32.58 1.78 45.59
C ALA D 436 32.00 1.10 46.82
N ALA D 437 30.72 0.73 46.77
CA ALA D 437 30.11 0.03 47.90
C ALA D 437 30.77 -1.32 48.13
N ALA D 438 31.11 -2.02 47.04
CA ALA D 438 31.78 -3.31 47.19
C ALA D 438 33.16 -3.15 47.81
N HIS D 439 33.89 -2.10 47.43
CA HIS D 439 35.19 -1.85 48.03
C HIS D 439 35.06 -1.52 49.51
N MET D 440 34.04 -0.74 49.87
CA MET D 440 33.80 -0.48 51.29
C MET D 440 33.48 -1.77 52.04
N ASP D 441 32.68 -2.65 51.43
CA ASP D 441 32.37 -3.92 52.06
C ASP D 441 33.62 -4.77 52.24
N MET D 442 34.50 -4.78 51.24
CA MET D 442 35.73 -5.56 51.37
C MET D 442 36.64 -4.96 52.43
N MET D 443 36.64 -3.63 52.57
CA MET D 443 37.39 -3.00 53.65
C MET D 443 36.84 -3.41 55.02
N SER D 444 35.52 -3.46 55.14
CA SER D 444 34.92 -3.92 56.40
C SER D 444 35.30 -5.36 56.69
N ARG D 445 35.30 -6.21 55.66
CA ARG D 445 35.72 -7.59 55.84
C ARG D 445 37.18 -7.69 56.24
N ASP D 446 38.02 -6.81 55.68
CA ASP D 446 39.43 -6.80 56.07
C ASP D 446 39.59 -6.40 57.53
N ILE D 447 38.80 -5.42 57.98
CA ILE D 447 38.80 -5.04 59.40
C ILE D 447 38.40 -6.24 60.26
N GLN D 448 37.35 -6.95 59.84
CA GLN D 448 36.91 -8.13 60.58
C GLN D 448 38.01 -9.18 60.63
N MET D 449 38.71 -9.38 59.51
CA MET D 449 39.82 -10.34 59.49
C MET D 449 40.93 -9.93 60.44
N LEU D 450 41.24 -8.63 60.49
CA LEU D 450 42.25 -8.15 61.44
C LEU D 450 41.81 -8.40 62.87
N GLN D 451 40.53 -8.19 63.17
CA GLN D 451 40.02 -8.59 64.48
C GLN D 451 40.12 -10.10 64.67
N GLN D 452 39.84 -10.87 63.60
CA GLN D 452 39.91 -12.32 63.68
C GLN D 452 41.34 -12.79 63.94
N VAL D 453 42.32 -12.16 63.30
CA VAL D 453 43.71 -12.52 63.48
C VAL D 453 44.27 -11.84 64.73
N THR D 481 44.50 -12.35 74.35
CA THR D 481 45.24 -12.75 75.55
C THR D 481 46.06 -14.01 75.27
N VAL D 482 45.36 -15.10 74.95
CA VAL D 482 46.03 -16.36 74.69
C VAL D 482 46.87 -16.27 73.42
N ALA D 483 46.38 -15.54 72.42
CA ALA D 483 47.12 -15.42 71.16
C ALA D 483 48.43 -14.67 71.34
N THR D 484 48.56 -13.91 72.42
CA THR D 484 49.73 -13.09 72.65
C THR D 484 50.64 -13.63 73.77
N ASN D 485 50.45 -14.89 74.19
CA ASN D 485 51.28 -15.41 75.28
C ASN D 485 52.74 -15.57 74.87
N LYS D 486 53.05 -15.65 73.57
CA LYS D 486 54.45 -15.75 73.17
C LYS D 486 55.24 -14.53 73.61
N LEU D 487 54.71 -13.33 73.36
CA LEU D 487 55.42 -12.12 73.72
C LEU D 487 55.55 -11.98 75.23
N PHE D 488 54.48 -12.28 75.97
CA PHE D 488 54.55 -12.18 77.43
C PHE D 488 55.51 -13.20 78.01
N ASP D 489 55.56 -14.40 77.44
CA ASP D 489 56.50 -15.41 77.89
C ASP D 489 57.93 -14.97 77.62
N ASN D 490 58.19 -14.40 76.44
CA ASN D 490 59.52 -13.87 76.16
C ASN D 490 59.87 -12.76 77.14
N LEU D 491 58.91 -11.90 77.45
CA LEU D 491 59.14 -10.84 78.43
C LEU D 491 59.49 -11.42 79.79
N ARG D 492 58.79 -12.45 80.22
CA ARG D 492 59.08 -13.09 81.51
C ARG D 492 60.49 -13.68 81.50
N PHE D 493 60.87 -14.33 80.41
CA PHE D 493 62.21 -14.90 80.28
C PHE D 493 63.28 -13.82 80.39
N ALA D 494 63.09 -12.71 79.67
CA ALA D 494 64.07 -11.63 79.70
C ALA D 494 64.08 -10.93 81.05
N VAL D 495 62.94 -10.87 81.73
CA VAL D 495 62.88 -10.30 83.07
C VAL D 495 63.69 -11.16 84.03
N GLN D 496 63.56 -12.49 83.93
CA GLN D 496 64.36 -13.36 84.78
C GLN D 496 65.84 -13.18 84.48
N MET D 497 66.21 -13.06 83.20
CA MET D 497 67.62 -12.85 82.89
C MET D 497 68.14 -11.53 83.44
N GLN D 498 67.35 -10.45 83.31
CA GLN D 498 67.79 -9.17 83.84
C GLN D 498 67.92 -9.23 85.35
N GLY D 499 67.00 -9.92 86.01
CA GLY D 499 67.12 -10.11 87.45
C GLY D 499 68.39 -10.86 87.82
N GLU D 500 68.73 -11.89 87.04
CA GLU D 500 69.95 -12.64 87.30
C GLU D 500 71.18 -11.74 87.15
N ILE D 501 71.24 -10.97 86.06
CA ILE D 501 72.40 -10.11 85.84
C ILE D 501 72.50 -9.04 86.91
N GLN D 502 71.36 -8.44 87.28
CA GLN D 502 71.38 -7.41 88.32
C GLN D 502 71.78 -7.97 89.66
N LEU D 503 71.32 -9.19 89.99
CA LEU D 503 71.70 -9.81 91.26
C LEU D 503 73.19 -10.11 91.29
N SER D 504 73.73 -10.61 90.17
CA SER D 504 75.18 -10.86 90.12
C SER D 504 75.96 -9.56 90.25
N LEU D 505 75.51 -8.50 89.58
CA LEU D 505 76.17 -7.21 89.68
C LEU D 505 76.12 -6.67 91.10
N ILE D 506 74.99 -6.87 91.78
CA ILE D 506 74.88 -6.48 93.18
C ILE D 506 75.89 -7.25 94.02
N GLU D 507 75.92 -8.57 93.87
CA GLU D 507 76.82 -9.40 94.67
C GLU D 507 78.27 -9.00 94.44
N GLN D 508 78.60 -8.59 93.21
CA GLN D 508 80.00 -8.27 92.92
C GLN D 508 80.36 -6.85 93.37
N PHE D 509 79.45 -5.89 93.23
CA PHE D 509 79.82 -4.48 93.26
C PHE D 509 79.18 -3.66 94.35
N VAL D 510 78.53 -4.25 95.34
CA VAL D 510 77.98 -3.51 96.47
C VAL D 510 78.79 -3.86 97.71
N THR D 511 79.00 -2.86 98.57
CA THR D 511 79.68 -3.09 99.83
C THR D 511 78.68 -3.36 100.94
N GLU D 512 79.14 -4.06 101.98
CA GLU D 512 78.26 -4.40 103.09
C GLU D 512 77.78 -3.16 103.82
N GLU D 513 78.63 -2.15 103.96
CA GLU D 513 78.21 -0.90 104.59
C GLU D 513 77.11 -0.23 103.76
N LYS D 514 77.20 -0.31 102.44
CA LYS D 514 76.15 0.28 101.60
C LYS D 514 74.84 -0.49 101.75
N THR D 515 74.92 -1.82 101.87
CA THR D 515 73.71 -2.60 102.10
C THR D 515 73.08 -2.25 103.45
N PHE D 516 73.90 -2.07 104.48
CA PHE D 516 73.36 -1.69 105.78
C PHE D 516 72.80 -0.27 105.76
N ARG D 517 73.34 0.58 104.89
CA ARG D 517 72.80 1.93 104.75
C ARG D 517 71.46 1.92 104.03
N ILE D 518 71.36 1.15 102.95
CA ILE D 518 70.12 1.08 102.20
C ILE D 518 69.06 0.32 102.98
N THR D 519 69.43 -0.79 103.60
CA THR D 519 68.50 -1.67 104.29
C THR D 519 68.97 -1.89 105.73
N ASN D 520 68.01 -2.12 106.61
CA ASN D 520 68.32 -2.29 108.03
C ASN D 520 69.23 -3.48 108.27
N GLU D 521 69.25 -4.43 107.33
CA GLU D 521 70.16 -5.57 107.42
C GLU D 521 71.62 -5.13 107.39
N LEU D 534 80.15 -26.95 95.25
CA LEU D 534 79.36 -25.87 94.67
C LEU D 534 79.95 -25.43 93.32
N PRO D 535 79.08 -25.10 92.37
CA PRO D 535 79.54 -24.76 91.02
C PRO D 535 80.32 -23.46 91.01
N GLU D 536 81.22 -23.35 90.02
CA GLU D 536 82.11 -22.19 89.96
C GLU D 536 81.42 -20.95 89.42
N ASN D 537 80.39 -21.13 88.60
CA ASN D 537 79.72 -19.98 87.99
C ASN D 537 79.02 -19.14 89.05
N ASP D 538 79.09 -17.82 88.87
CA ASP D 538 78.39 -16.91 89.79
C ASP D 538 76.88 -17.01 89.61
N ILE D 539 76.43 -17.17 88.37
CA ILE D 539 74.98 -17.22 88.11
C ILE D 539 74.35 -18.43 88.78
N VAL D 540 74.96 -19.61 88.59
CA VAL D 540 74.40 -20.83 89.16
C VAL D 540 74.53 -20.81 90.68
N ARG D 541 75.63 -20.25 91.20
CA ARG D 541 75.81 -20.13 92.64
C ARG D 541 74.66 -19.35 93.27
N THR D 542 74.28 -18.23 92.66
CA THR D 542 73.15 -17.45 93.18
C THR D 542 71.85 -18.21 93.02
N LYS D 543 71.69 -18.94 91.93
CA LYS D 543 70.47 -19.72 91.72
C LYS D 543 70.30 -20.79 92.78
N ALA D 544 71.42 -21.35 93.26
CA ALA D 544 71.38 -22.46 94.21
C ALA D 544 70.67 -22.06 95.50
N ASP D 545 70.96 -20.87 96.01
CA ASP D 545 70.40 -20.48 97.30
C ASP D 545 69.17 -19.60 97.14
N PHE D 546 69.15 -18.72 96.14
CA PHE D 546 68.08 -17.76 95.94
C PHE D 546 67.50 -17.90 94.54
N ILE D 547 66.18 -17.79 94.44
CA ILE D 547 65.48 -17.80 93.17
C ILE D 547 64.86 -16.43 92.96
N ILE D 548 64.56 -16.09 91.70
CA ILE D 548 63.95 -14.80 91.40
C ILE D 548 62.45 -14.97 91.17
N GLY D 549 61.66 -14.20 91.90
CA GLY D 549 60.22 -14.25 91.74
C GLY D 549 59.67 -12.87 91.44
N GLU D 550 58.55 -12.86 90.74
CA GLU D 550 57.93 -11.61 90.28
C GLU D 550 56.65 -11.36 91.08
N SER D 551 56.50 -10.13 91.55
CA SER D 551 55.29 -9.68 92.24
C SER D 551 54.93 -8.30 91.72
N ASP D 552 53.70 -7.87 92.02
CA ASP D 552 53.23 -6.57 91.56
C ASP D 552 54.12 -5.46 92.09
N TRP D 553 54.04 -4.29 91.43
CA TRP D 553 54.94 -3.19 91.74
C TRP D 553 54.82 -2.77 93.21
N ARG D 554 53.61 -2.45 93.65
CA ARG D 554 53.29 -2.22 95.06
C ARG D 554 54.20 -1.18 95.70
N ALA D 555 54.82 -0.32 94.88
CA ALA D 555 55.71 0.76 95.34
C ALA D 555 56.78 0.15 96.25
N THR D 556 56.98 0.66 97.46
CA THR D 556 58.08 0.20 98.31
C THR D 556 57.89 -1.26 98.72
N TYR D 557 59.00 -1.87 99.16
CA TYR D 557 58.99 -3.29 99.49
C TYR D 557 58.05 -3.61 100.64
N ARG D 558 58.11 -2.82 101.72
CA ARG D 558 57.36 -3.21 102.90
C ARG D 558 55.86 -2.99 102.74
N GLN D 559 55.46 -2.26 101.68
CA GLN D 559 54.05 -2.29 101.30
C GLN D 559 53.63 -3.68 100.84
N ALA D 560 54.47 -4.32 100.01
CA ALA D 560 54.20 -5.71 99.64
C ALA D 560 54.28 -6.63 100.85
N ALA D 561 55.22 -6.35 101.75
CA ALA D 561 55.28 -7.13 103.00
C ALA D 561 54.00 -6.97 103.80
N SER D 562 53.47 -5.75 103.89
CA SER D 562 52.22 -5.51 104.60
C SER D 562 51.06 -6.23 103.93
N GLU D 563 51.05 -6.25 102.59
CA GLU D 563 49.98 -6.98 101.90
C GLU D 563 50.05 -8.47 102.20
N GLN D 564 51.26 -9.04 102.17
CA GLN D 564 51.40 -10.45 102.52
C GLN D 564 50.96 -10.72 103.95
N LEU D 565 51.34 -9.83 104.88
CA LEU D 565 50.93 -9.98 106.26
C LEU D 565 49.41 -9.89 106.40
N SER D 566 48.79 -8.97 105.65
CA SER D 566 47.34 -8.83 105.72
C SER D 566 46.64 -10.09 105.23
N GLN D 567 47.10 -10.64 104.10
CA GLN D 567 46.51 -11.88 103.61
C GLN D 567 46.71 -13.02 104.60
N MET D 568 47.90 -13.10 105.21
CA MET D 568 48.15 -14.10 106.23
C MET D 568 47.21 -13.94 107.42
N ILE D 569 46.94 -12.71 107.83
CA ILE D 569 46.01 -12.46 108.93
C ILE D 569 44.60 -12.92 108.55
N MET D 570 44.17 -12.58 107.34
CA MET D 570 42.84 -13.02 106.90
C MET D 570 42.74 -14.54 106.87
N LYS D 571 43.86 -15.23 106.60
CA LYS D 571 43.85 -16.68 106.68
C LYS D 571 43.84 -17.18 108.11
N MET D 572 44.45 -16.43 109.03
CA MET D 572 44.52 -16.87 110.42
C MET D 572 43.15 -16.76 111.10
N PRO D 573 42.92 -17.56 112.15
CA PRO D 573 41.65 -17.48 112.86
C PRO D 573 41.57 -16.20 113.68
N PRO D 574 40.40 -15.89 114.24
CA PRO D 574 40.32 -14.69 115.10
C PRO D 574 41.29 -14.71 116.27
N GLN D 575 41.49 -15.87 116.89
CA GLN D 575 42.59 -16.00 117.84
C GLN D 575 43.89 -16.16 117.05
N VAL D 576 44.98 -15.62 117.61
CA VAL D 576 46.37 -15.62 117.18
C VAL D 576 46.53 -14.50 116.15
N GLY D 577 45.42 -13.95 115.69
CA GLY D 577 45.47 -12.92 114.67
C GLY D 577 45.95 -11.57 115.16
N LEU D 578 45.78 -11.28 116.45
CA LEU D 578 46.07 -9.94 116.95
C LEU D 578 47.56 -9.61 116.87
N VAL D 579 48.43 -10.59 117.15
CA VAL D 579 49.86 -10.34 117.10
C VAL D 579 50.33 -10.16 115.66
N MET D 580 49.78 -10.93 114.73
CA MET D 580 49.99 -10.67 113.32
C MET D 580 49.49 -9.28 112.92
N LEU D 581 48.39 -8.82 113.54
CA LEU D 581 47.93 -7.46 113.32
C LEU D 581 48.96 -6.44 113.80
N ASP D 582 49.58 -6.73 114.94
CA ASP D 582 50.64 -5.86 115.45
C ASP D 582 51.77 -5.74 114.44
N LEU D 583 52.23 -6.86 113.91
CA LEU D 583 53.33 -6.82 112.96
C LEU D 583 52.91 -6.17 111.64
N TRP D 584 51.66 -6.38 111.22
CA TRP D 584 51.17 -5.72 110.02
C TRP D 584 51.15 -4.21 110.19
N ALA D 585 50.67 -3.73 111.34
CA ALA D 585 50.70 -2.30 111.61
C ALA D 585 52.13 -1.78 111.67
N ASP D 586 53.05 -2.59 112.18
CA ASP D 586 54.46 -2.21 112.18
C ASP D 586 54.96 -2.02 110.75
N SER D 587 54.59 -2.92 109.84
CA SER D 587 55.05 -2.80 108.46
C SER D 587 54.28 -1.72 107.69
N THR D 588 52.98 -1.61 107.94
CA THR D 588 52.14 -0.75 107.11
C THR D 588 52.44 0.72 107.37
N ASP D 589 52.35 1.52 106.30
CA ASP D 589 52.65 2.96 106.37
C ASP D 589 51.42 3.72 106.85
N LEU D 590 51.28 3.80 108.17
CA LEU D 590 50.27 4.67 108.76
C LEU D 590 50.86 6.06 108.98
N PRO D 591 50.01 7.09 109.00
CA PRO D 591 50.52 8.44 109.31
C PRO D 591 51.21 8.51 110.67
N ASN D 592 50.68 7.82 111.66
CA ASN D 592 51.30 7.71 112.98
C ASN D 592 51.46 6.23 113.30
N ARG D 593 52.70 5.75 113.25
CA ARG D 593 52.97 4.31 113.33
C ARG D 593 53.51 3.88 114.68
N ASP D 594 54.41 4.66 115.28
CA ASP D 594 55.03 4.23 116.53
C ASP D 594 54.01 4.10 117.66
N GLU D 595 53.11 5.08 117.77
CA GLU D 595 52.15 5.09 118.87
C GLU D 595 51.17 3.93 118.75
N ILE D 596 50.60 3.74 117.56
CA ILE D 596 49.63 2.66 117.37
C ILE D 596 50.30 1.31 117.55
N VAL D 597 51.54 1.16 117.06
CA VAL D 597 52.26 -0.09 117.24
C VAL D 597 52.51 -0.35 118.71
N LYS D 598 52.89 0.67 119.47
CA LYS D 598 53.10 0.49 120.91
C LYS D 598 51.81 0.06 121.59
N ARG D 599 50.67 0.62 121.18
CA ARG D 599 49.40 0.23 121.79
C ARG D 599 49.02 -1.21 121.43
N ILE D 600 49.29 -1.63 120.19
CA ILE D 600 48.99 -3.02 119.83
C ILE D 600 49.92 -3.97 120.57
N ARG D 601 51.16 -3.53 120.83
CA ARG D 601 52.04 -4.31 121.71
C ARG D 601 51.47 -4.39 123.12
N GLN D 602 50.89 -3.29 123.60
CA GLN D 602 50.26 -3.29 124.92
C GLN D 602 49.13 -4.32 124.98
N ILE D 603 48.24 -4.28 124.00
CA ILE D 603 47.08 -5.18 124.03
C ILE D 603 47.51 -6.62 123.77
N ASN D 604 48.62 -6.81 123.06
CA ASN D 604 49.07 -8.16 122.76
C ASN D 604 50.08 -8.65 123.80
N GLY D 605 51.12 -7.86 124.07
CA GLY D 605 52.17 -8.27 124.98
C GLY D 605 53.42 -8.80 124.31
N MET D 606 53.53 -8.70 122.98
CA MET D 606 54.70 -9.19 122.29
C MET D 606 55.76 -8.09 122.17
N ARG D 607 57.00 -8.51 121.97
CA ARG D 607 58.13 -7.59 121.89
C ARG D 607 58.87 -7.84 120.59
N ASP D 608 59.28 -6.76 119.93
CA ASP D 608 59.99 -6.83 118.64
C ASP D 608 59.17 -7.56 117.59
N PRO D 614 60.87 0.80 125.80
CA PRO D 614 60.33 -0.56 125.88
C PRO D 614 60.80 -1.26 127.14
N THR D 615 61.93 -0.81 127.68
CA THR D 615 62.46 -1.41 128.90
C THR D 615 61.53 -1.20 130.08
N PRO D 616 60.97 0.01 130.20
CA PRO D 616 60.04 0.29 131.30
C PRO D 616 58.80 -0.58 131.20
N GLU D 617 58.24 -0.70 129.99
CA GLU D 617 57.09 -1.58 129.79
C GLU D 617 57.46 -3.03 130.09
N GLU D 618 58.65 -3.46 129.66
CA GLU D 618 59.10 -4.81 129.96
C GLU D 618 59.24 -5.02 131.45
N LEU D 619 59.80 -4.04 132.17
CA LEU D 619 59.93 -4.16 133.62
C LEU D 619 58.56 -4.25 134.28
N GLN D 620 57.61 -3.42 133.84
CA GLN D 620 56.27 -3.46 134.43
C GLN D 620 55.59 -4.80 134.18
N GLN D 621 55.69 -5.31 132.95
CA GLN D 621 55.08 -6.59 132.64
C GLN D 621 55.72 -7.73 133.44
N GLN D 622 57.05 -7.73 133.54
CA GLN D 622 57.72 -8.76 134.31
C GLN D 622 57.34 -8.70 135.79
N GLN D 623 57.25 -7.49 136.34
CA GLN D 623 56.86 -7.35 137.74
C GLN D 623 55.43 -7.84 137.96
N ALA D 624 54.52 -7.50 137.04
CA ALA D 624 53.14 -7.96 137.17
C ALA D 624 53.06 -9.48 137.10
N ALA D 625 53.77 -10.08 136.15
CA ALA D 625 53.74 -11.54 136.02
C ALA D 625 54.33 -12.21 137.26
N ALA D 626 55.44 -11.69 137.77
CA ALA D 626 56.06 -12.27 138.95
C ALA D 626 55.15 -12.14 140.16
N GLU D 627 54.50 -10.99 140.33
CA GLU D 627 53.58 -10.81 141.45
C GLU D 627 52.40 -11.75 141.35
N GLN D 628 51.83 -11.91 140.15
CA GLN D 628 50.71 -12.82 139.97
C GLN D 628 51.10 -14.26 140.27
N ALA D 629 52.29 -14.67 139.78
CA ALA D 629 52.75 -16.03 140.05
C ALA D 629 52.98 -16.25 141.53
N GLN D 630 53.58 -15.27 142.21
CA GLN D 630 53.83 -15.40 143.65
C GLN D 630 52.52 -15.49 144.42
N ALA D 631 51.54 -14.66 144.05
CA ALA D 631 50.25 -14.69 144.74
C ALA D 631 49.55 -16.03 144.52
N GLN D 632 49.56 -16.53 143.29
CA GLN D 632 48.93 -17.83 143.01
C GLN D 632 49.61 -18.95 143.78
N LYS D 633 50.95 -18.96 143.80
CA LYS D 633 51.67 -20.00 144.53
C LYS D 633 51.37 -19.92 146.02
N ALA D 634 51.36 -18.71 146.58
CA ALA D 634 51.07 -18.55 148.00
C ALA D 634 49.66 -19.02 148.33
N MET D 635 48.68 -18.68 147.48
CA MET D 635 47.31 -19.11 147.72
C MET D 635 47.18 -20.62 147.65
N PHE D 636 47.83 -21.24 146.66
CA PHE D 636 47.77 -22.70 146.55
C PHE D 636 48.43 -23.36 147.75
N MET D 637 49.58 -22.83 148.19
CA MET D 637 50.24 -23.39 149.36
C MET D 637 49.37 -23.24 150.61
N ALA D 638 48.71 -22.09 150.77
CA ALA D 638 47.83 -21.90 151.91
C ALA D 638 46.66 -22.86 151.88
N GLU D 639 46.07 -23.07 150.71
CA GLU D 639 44.95 -24.02 150.60
C GLU D 639 45.40 -25.43 150.92
N LEU D 640 46.56 -25.85 150.40
CA LEU D 640 47.07 -27.18 150.70
C LEU D 640 47.36 -27.35 152.18
N SER D 641 47.95 -26.32 152.81
CA SER D 641 48.22 -26.38 154.24
C SER D 641 46.93 -26.47 155.04
N GLU D 642 45.91 -25.72 154.63
CA GLU D 642 44.62 -25.78 155.32
C GLU D 642 44.00 -27.18 155.20
N LYS D 643 44.07 -27.77 154.00
CA LYS D 643 43.52 -29.11 153.82
C LYS D 643 44.26 -30.14 154.67
N GLN D 644 45.60 -30.07 154.67
CA GLN D 644 46.38 -31.00 155.48
C GLN D 644 46.10 -30.81 156.97
N GLY D 645 45.96 -29.56 157.41
CA GLY D 645 45.67 -29.30 158.81
C GLY D 645 44.28 -29.81 159.19
N LYS D 646 43.30 -29.67 158.28
CA LYS D 646 41.97 -30.22 158.53
C LYS D 646 42.03 -31.74 158.65
N ALA D 647 42.80 -32.39 157.78
CA ALA D 647 42.96 -33.84 157.87
C ALA D 647 43.59 -34.24 159.19
N ASP D 648 44.63 -33.52 159.62
CA ASP D 648 45.28 -33.81 160.89
C ASP D 648 44.31 -33.61 162.05
N LYS D 649 43.51 -32.54 161.99
CA LYS D 649 42.52 -32.29 163.03
C LYS D 649 41.49 -33.41 163.10
N ALA D 650 41.02 -33.89 161.94
CA ALA D 650 40.06 -34.98 161.94
C ALA D 650 40.67 -36.26 162.52
N GLN D 651 41.91 -36.56 162.14
CA GLN D 651 42.57 -37.77 162.67
C GLN D 651 42.77 -37.67 164.18
N ALA D 652 43.18 -36.50 164.67
CA ALA D 652 43.38 -36.35 166.11
C ALA D 652 42.05 -36.35 166.85
N ASP D 653 40.99 -35.85 166.22
CA ASP D 653 39.67 -35.95 166.81
C ASP D 653 39.23 -37.40 166.91
N ALA D 654 39.57 -38.21 165.90
CA ALA D 654 39.32 -39.64 165.98
C ALA D 654 40.07 -40.27 167.15
N VAL D 655 41.35 -39.91 167.31
CA VAL D 655 42.12 -40.43 168.43
C VAL D 655 41.50 -40.02 169.77
N ALA D 656 41.07 -38.76 169.88
CA ALA D 656 40.45 -38.28 171.11
C ALA D 656 39.14 -39.02 171.38
N ALA D 657 38.34 -39.26 170.34
CA ALA D 657 37.10 -40.01 170.52
C ALA D 657 37.37 -41.43 170.99
N GLN D 658 38.39 -42.08 170.41
CA GLN D 658 38.73 -43.43 170.83
C GLN D 658 39.19 -43.46 172.29
N ALA D 659 40.02 -42.49 172.68
CA ALA D 659 40.49 -42.44 174.07
C ALA D 659 39.33 -42.15 175.03
N ASN D 660 38.41 -41.26 174.63
CA ASN D 660 37.23 -41.00 175.46
C ASN D 660 36.37 -42.26 175.57
N ALA D 661 36.28 -43.03 174.49
CA ALA D 661 35.56 -44.30 174.55
C ALA D 661 36.22 -45.25 175.55
N ASP D 662 37.55 -45.33 175.53
CA ASP D 662 38.25 -46.17 176.48
C ASP D 662 38.02 -45.71 177.91
N LEU D 663 38.05 -44.40 178.13
CA LEU D 663 37.81 -43.85 179.47
C LEU D 663 36.39 -44.16 179.95
N ARG D 664 35.40 -44.01 179.06
CA ARG D 664 34.03 -44.31 179.43
C ARG D 664 33.86 -45.79 179.73
N ALA D 665 34.49 -46.66 178.94
CA ALA D 665 34.42 -48.09 179.20
C ALA D 665 35.05 -48.44 180.54
N ALA D 666 36.20 -47.84 180.85
CA ALA D 666 36.84 -48.10 182.14
C ALA D 666 35.98 -47.61 183.30
N GLN D 667 35.37 -46.44 183.14
CA GLN D 667 34.49 -45.93 184.19
C GLN D 667 33.29 -46.83 184.40
N ALA D 668 32.70 -47.32 183.30
CA ALA D 668 31.56 -48.22 183.42
C ALA D 668 31.96 -49.53 184.10
N GLU D 669 33.13 -50.07 183.74
CA GLU D 669 33.59 -51.31 184.36
C GLU D 669 33.84 -51.12 185.84
N GLN D 670 34.44 -49.98 186.22
CA GLN D 670 34.67 -49.72 187.64
C GLN D 670 33.35 -49.54 188.39
N VAL D 671 32.39 -48.83 187.80
CA VAL D 671 31.12 -48.60 188.46
C VAL D 671 30.34 -49.90 188.64
N ARG D 672 30.36 -50.77 187.63
CA ARG D 672 29.62 -52.02 187.71
C ARG D 672 30.16 -52.91 188.83
N ARG D 673 31.49 -52.98 188.97
CA ARG D 673 32.10 -53.79 190.00
C ARG D 673 31.95 -53.14 191.37
N VAL E 4 44.46 -19.09 -88.62
CA VAL E 4 43.39 -19.24 -89.59
C VAL E 4 42.79 -20.66 -89.52
N GLN E 5 41.63 -20.76 -88.88
CA GLN E 5 40.93 -22.04 -88.79
C GLN E 5 40.37 -22.39 -90.16
N PHE E 6 40.27 -23.68 -90.46
CA PHE E 6 39.86 -24.07 -91.79
C PHE E 6 38.56 -24.88 -91.75
N ALA E 7 37.76 -24.73 -92.81
CA ALA E 7 36.43 -25.31 -92.89
C ALA E 7 36.46 -26.57 -93.73
N ASN E 8 35.39 -27.35 -93.67
CA ASN E 8 35.29 -28.62 -94.38
C ASN E 8 33.87 -28.83 -94.87
N ASN E 9 33.71 -28.91 -96.19
CA ASN E 9 32.44 -29.28 -96.83
C ASN E 9 31.29 -28.43 -96.32
N ALA E 10 31.49 -27.12 -96.28
CA ALA E 10 30.50 -26.18 -95.76
C ALA E 10 30.02 -25.30 -96.90
N ALA E 11 28.86 -25.67 -97.48
CA ALA E 11 28.23 -24.88 -98.54
C ALA E 11 26.92 -24.35 -97.99
N SER E 12 26.71 -23.04 -98.09
CA SER E 12 25.59 -22.38 -97.45
C SER E 12 24.98 -21.37 -98.41
N ARG E 13 23.65 -21.23 -98.36
CA ARG E 13 22.98 -20.18 -99.11
C ARG E 13 22.95 -18.89 -98.31
N LEU E 14 23.20 -17.78 -98.97
CA LEU E 14 23.24 -16.47 -98.33
C LEU E 14 21.83 -15.89 -98.29
N VAL E 15 21.12 -16.13 -97.19
CA VAL E 15 19.71 -15.76 -97.12
C VAL E 15 19.53 -14.25 -97.13
N GLY E 16 20.48 -13.52 -96.56
CA GLY E 16 20.38 -12.08 -96.48
C GLY E 16 21.18 -11.39 -97.56
N PRO E 17 20.56 -10.40 -98.22
CA PRO E 17 21.30 -9.65 -99.24
C PRO E 17 22.48 -8.91 -98.63
N LEU E 18 23.62 -9.02 -99.30
CA LEU E 18 24.85 -8.38 -98.84
C LEU E 18 25.17 -7.22 -99.78
N ALA E 19 25.18 -6.01 -99.23
CA ALA E 19 25.61 -4.86 -99.98
C ALA E 19 27.12 -4.90 -100.19
N PRO E 20 27.62 -4.19 -101.21
CA PRO E 20 29.08 -4.10 -101.37
C PRO E 20 29.78 -3.63 -100.11
N SER E 21 29.19 -2.67 -99.39
CA SER E 21 29.68 -2.24 -98.09
C SER E 21 28.82 -2.93 -97.03
N GLY E 22 29.09 -4.22 -96.80
CA GLY E 22 28.30 -5.01 -95.87
C GLY E 22 29.09 -5.52 -94.68
N THR E 23 28.62 -5.20 -93.48
CA THR E 23 29.37 -5.56 -92.27
C THR E 23 29.18 -7.05 -91.93
N SER E 24 28.03 -7.62 -92.26
CA SER E 24 27.72 -8.98 -91.84
C SER E 24 26.81 -9.65 -92.87
N LEU E 25 26.72 -10.97 -92.76
CA LEU E 25 25.95 -11.80 -93.66
C LEU E 25 25.36 -12.98 -92.90
N THR E 26 24.27 -13.55 -93.43
CA THR E 26 23.51 -14.59 -92.75
C THR E 26 23.27 -15.76 -93.69
N VAL E 27 23.76 -16.94 -93.29
CA VAL E 27 23.54 -18.20 -94.00
C VAL E 27 22.23 -18.84 -93.58
N THR E 28 21.85 -19.91 -94.28
CA THR E 28 20.67 -20.69 -93.90
C THR E 28 20.83 -21.24 -92.47
N PRO E 29 19.72 -21.38 -91.74
CA PRO E 29 19.84 -21.86 -90.35
C PRO E 29 20.47 -23.23 -90.21
N GLY E 30 20.18 -24.16 -91.13
CA GLY E 30 20.72 -25.50 -91.01
C GLY E 30 22.22 -25.54 -91.21
N ASP E 31 22.73 -24.72 -92.13
CA ASP E 31 24.15 -24.75 -92.48
C ASP E 31 25.01 -23.89 -91.56
N GLY E 32 24.41 -23.20 -90.59
CA GLY E 32 25.19 -22.33 -89.73
C GLY E 32 26.20 -23.08 -88.89
N ALA E 33 25.78 -24.18 -88.26
CA ALA E 33 26.69 -24.96 -87.44
C ALA E 33 27.70 -25.72 -88.30
N LEU E 34 27.37 -25.91 -89.58
CA LEU E 34 28.30 -26.59 -90.48
C LEU E 34 29.58 -25.79 -90.66
N PHE E 35 29.45 -24.46 -90.73
CA PHE E 35 30.63 -23.61 -90.80
C PHE E 35 31.41 -23.68 -89.50
N PRO E 36 32.73 -23.44 -89.52
CA PRO E 36 33.51 -23.57 -88.29
C PRO E 36 33.08 -22.56 -87.24
N THR E 37 33.15 -22.98 -85.97
CA THR E 37 32.68 -22.16 -84.87
C THR E 37 33.53 -20.90 -84.71
N LEU E 38 34.82 -20.98 -85.02
CA LEU E 38 35.76 -19.87 -84.92
C LEU E 38 35.96 -19.45 -83.47
N GLY E 39 36.70 -18.36 -83.26
CA GLY E 39 36.96 -17.87 -81.92
C GLY E 39 37.55 -16.48 -81.99
N ALA E 40 37.95 -15.98 -80.83
CA ALA E 40 38.58 -14.67 -80.76
C ALA E 40 39.92 -14.68 -81.50
N GLY E 41 40.10 -13.73 -82.41
CA GLY E 41 41.29 -13.68 -83.22
C GLY E 41 41.40 -14.75 -84.28
N ASP E 42 40.30 -15.41 -84.62
CA ASP E 42 40.29 -16.56 -85.52
C ASP E 42 39.39 -16.27 -86.71
N TRP E 43 39.82 -16.70 -87.90
CA TRP E 43 39.09 -16.45 -89.13
C TRP E 43 39.26 -17.63 -90.08
N PHE E 44 38.32 -17.77 -91.02
CA PHE E 44 38.41 -18.77 -92.07
C PHE E 44 38.04 -18.14 -93.40
N MET E 45 38.61 -18.69 -94.49
CA MET E 45 38.33 -18.20 -95.82
C MET E 45 36.95 -18.65 -96.30
N ALA E 46 36.22 -17.72 -96.92
CA ALA E 46 34.90 -18.01 -97.46
C ALA E 46 34.76 -17.37 -98.83
N THR E 47 34.42 -18.19 -99.84
CA THR E 47 34.22 -17.67 -101.19
C THR E 47 32.74 -17.45 -101.45
N LEU E 48 32.37 -16.21 -101.71
CA LEU E 48 30.99 -15.85 -101.99
C LEU E 48 30.72 -16.05 -103.47
N ILE E 49 30.17 -17.22 -103.82
CA ILE E 49 29.90 -17.59 -105.20
C ILE E 49 28.49 -17.13 -105.54
N ARG E 50 28.40 -16.00 -106.25
CA ARG E 50 27.11 -15.49 -106.68
C ARG E 50 26.60 -16.31 -107.86
N SER E 51 25.36 -16.00 -108.27
CA SER E 51 24.86 -16.55 -109.53
C SER E 51 25.75 -16.08 -110.67
N ASP E 52 25.89 -16.95 -111.68
CA ASP E 52 26.80 -16.74 -112.80
C ASP E 52 28.25 -16.90 -112.35
N GLY E 53 29.18 -16.34 -113.11
CA GLY E 53 30.59 -16.53 -112.78
C GLY E 53 31.08 -15.61 -111.68
N ALA E 54 30.22 -14.71 -111.22
CA ALA E 54 30.60 -13.75 -110.18
C ALA E 54 31.00 -14.47 -108.90
N ARG E 55 32.11 -14.04 -108.31
CA ARG E 55 32.63 -14.61 -107.06
C ARG E 55 33.53 -13.58 -106.38
N GLU E 56 33.51 -13.57 -105.06
CA GLU E 56 34.33 -12.66 -104.26
C GLU E 56 34.78 -13.37 -102.99
N ILE E 57 36.04 -13.14 -102.60
CA ILE E 57 36.63 -13.79 -101.43
C ILE E 57 36.63 -12.81 -100.26
N VAL E 58 36.36 -13.33 -99.07
CA VAL E 58 36.19 -12.54 -97.85
C VAL E 58 36.75 -13.31 -96.66
N LYS E 59 36.95 -12.60 -95.56
CA LYS E 59 37.38 -13.18 -94.29
C LYS E 59 36.26 -13.08 -93.27
N VAL E 60 35.88 -14.21 -92.67
CA VAL E 60 34.89 -14.23 -91.61
C VAL E 60 35.64 -14.08 -90.29
N THR E 61 35.64 -12.87 -89.74
CA THR E 61 36.43 -12.61 -88.54
C THR E 61 35.79 -13.23 -87.31
N SER E 62 34.47 -13.40 -87.31
CA SER E 62 33.76 -13.97 -86.18
C SER E 62 32.37 -14.39 -86.62
N ARG E 63 31.87 -15.47 -86.04
CA ARG E 63 30.53 -15.95 -86.31
C ARG E 63 29.82 -16.24 -85.00
N THR E 64 28.54 -15.89 -84.94
CA THR E 64 27.69 -16.18 -83.79
C THR E 64 26.39 -16.79 -84.29
N VAL E 65 26.13 -18.03 -83.86
CA VAL E 65 24.92 -18.76 -84.22
C VAL E 65 24.79 -18.83 -85.74
N ASP E 66 23.88 -18.05 -86.30
CA ASP E 66 23.51 -18.16 -87.71
C ASP E 66 24.19 -17.10 -88.57
N ALA E 67 24.43 -15.91 -88.03
CA ALA E 67 24.95 -14.79 -88.80
C ALA E 67 26.44 -14.62 -88.54
N MET E 68 27.19 -14.33 -89.60
CA MET E 68 28.65 -14.23 -89.52
C MET E 68 29.08 -12.80 -89.80
N SER E 69 29.88 -12.24 -88.90
CA SER E 69 30.52 -10.96 -89.17
C SER E 69 31.59 -11.13 -90.24
N ILE E 70 31.72 -10.12 -91.09
CA ILE E 70 32.53 -10.26 -92.30
C ILE E 70 33.38 -9.00 -92.49
N THR E 71 34.52 -9.19 -93.17
CA THR E 71 35.30 -8.09 -93.74
C THR E 71 35.45 -8.36 -95.22
N ARG E 72 35.32 -7.32 -96.04
CA ARG E 72 35.06 -7.54 -97.44
C ARG E 72 36.29 -7.22 -98.29
N ALA E 73 36.40 -7.91 -99.43
CA ALA E 73 37.42 -7.64 -100.45
C ALA E 73 38.83 -7.73 -99.89
N GLN E 74 39.13 -8.81 -99.16
CA GLN E 74 40.44 -8.94 -98.53
C GLN E 74 41.55 -9.15 -99.55
N GLU E 75 41.37 -10.10 -100.47
CA GLU E 75 42.44 -10.54 -101.34
C GLU E 75 42.48 -9.84 -102.68
N GLY E 76 41.78 -8.71 -102.83
CA GLY E 76 41.79 -7.97 -104.06
C GLY E 76 40.58 -8.16 -104.94
N SER E 77 39.70 -9.10 -104.61
CA SER E 77 38.46 -9.27 -105.36
C SER E 77 37.56 -8.05 -105.19
N SER E 78 36.96 -7.63 -106.30
CA SER E 78 36.15 -6.41 -106.30
C SER E 78 34.89 -6.60 -105.46
N ALA E 79 34.48 -5.54 -104.77
CA ALA E 79 33.26 -5.56 -103.99
C ALA E 79 32.05 -5.60 -104.93
N LEU E 80 31.13 -6.52 -104.68
CA LEU E 80 29.97 -6.72 -105.55
C LEU E 80 28.74 -6.95 -104.70
N SER E 81 27.58 -6.52 -105.22
CA SER E 81 26.32 -6.80 -104.57
C SER E 81 25.99 -8.28 -104.67
N PHE E 82 25.30 -8.81 -103.65
CA PHE E 82 25.01 -10.23 -103.56
C PHE E 82 23.52 -10.44 -103.31
N ASN E 83 22.91 -11.35 -104.06
CA ASN E 83 21.49 -11.58 -103.97
C ASN E 83 21.13 -12.58 -102.87
N PRO E 84 19.88 -12.61 -102.46
CA PRO E 84 19.47 -13.49 -101.37
C PRO E 84 19.63 -14.98 -101.64
N ASN E 85 20.21 -15.39 -102.76
CA ASN E 85 20.43 -16.80 -103.05
C ASN E 85 21.83 -16.97 -103.64
N ASP E 86 22.81 -17.20 -102.77
CA ASP E 86 24.20 -17.25 -103.18
C ASP E 86 24.85 -18.48 -102.56
N ARG E 87 26.15 -18.63 -102.83
CA ARG E 87 26.93 -19.76 -102.31
C ARG E 87 28.14 -19.24 -101.58
N ILE E 88 28.30 -19.67 -100.33
CA ILE E 88 29.49 -19.38 -99.52
C ILE E 88 30.10 -20.70 -99.10
N GLU E 89 31.34 -20.94 -99.54
CA GLU E 89 31.97 -22.24 -99.39
C GLU E 89 33.42 -22.13 -99.86
N ALA E 90 34.13 -23.26 -99.71
CA ALA E 90 35.51 -23.42 -100.20
C ALA E 90 36.52 -22.57 -99.46
N ARG E 91 37.79 -22.70 -99.83
CA ARG E 91 38.89 -21.93 -99.27
C ARG E 91 39.71 -21.36 -100.41
N LEU E 92 40.16 -20.12 -100.27
CA LEU E 92 40.95 -19.46 -101.31
C LEU E 92 42.41 -19.84 -101.10
N THR E 93 43.00 -20.51 -102.08
CA THR E 93 44.35 -21.03 -101.89
C THR E 93 45.49 -20.04 -101.97
N ALA E 94 45.26 -18.86 -102.51
CA ALA E 94 46.32 -17.85 -102.52
C ALA E 94 46.74 -17.48 -101.11
N GLY E 95 45.81 -16.97 -100.31
CA GLY E 95 46.18 -16.54 -98.97
C GLY E 95 46.66 -17.67 -98.11
N GLU E 96 45.93 -18.79 -98.11
CA GLU E 96 46.25 -19.88 -97.20
C GLU E 96 47.59 -20.53 -97.56
N LEU E 97 47.79 -20.87 -98.84
CA LEU E 97 49.01 -21.56 -99.22
C LEU E 97 50.19 -20.59 -99.22
N GLY E 98 49.95 -19.32 -99.55
CA GLY E 98 51.02 -18.33 -99.45
C GLY E 98 51.47 -18.11 -98.02
N ASP E 99 50.53 -18.04 -97.08
CA ASP E 99 50.89 -17.95 -95.67
C ASP E 99 51.64 -19.20 -95.23
N PHE E 100 51.21 -20.37 -95.68
CA PHE E 100 51.92 -21.60 -95.33
C PHE E 100 53.35 -21.58 -95.84
N ARG E 101 53.55 -21.21 -97.11
CA ARG E 101 54.89 -21.15 -97.68
C ARG E 101 55.76 -20.11 -96.99
N ASP E 102 55.21 -18.93 -96.69
CA ASP E 102 55.95 -17.91 -95.97
C ASP E 102 56.31 -18.36 -94.56
N GLY E 103 55.40 -19.06 -93.88
CA GLY E 103 55.71 -19.57 -92.56
C GLY E 103 56.80 -20.62 -92.57
N ILE E 104 56.81 -21.47 -93.60
CA ILE E 104 57.88 -22.47 -93.71
C ILE E 104 59.23 -21.78 -93.86
N ALA E 105 59.31 -20.78 -94.73
CA ALA E 105 60.57 -20.05 -94.91
C ALA E 105 60.95 -19.30 -93.64
N SER E 106 59.96 -18.72 -92.95
CA SER E 106 60.24 -18.02 -91.71
C SER E 106 60.79 -18.97 -90.65
N ALA E 107 60.22 -20.18 -90.56
CA ALA E 107 60.72 -21.17 -89.61
C ALA E 107 62.14 -21.58 -89.95
N GLN E 108 62.41 -21.79 -91.25
CA GLN E 108 63.77 -22.15 -91.66
C GLN E 108 64.76 -21.05 -91.30
N SER E 109 64.39 -19.79 -91.58
CA SER E 109 65.27 -18.66 -91.27
C SER E 109 65.47 -18.51 -89.76
N ALA E 110 64.40 -18.72 -88.99
CA ALA E 110 64.52 -18.63 -87.53
C ALA E 110 65.44 -19.72 -86.98
N ALA E 111 65.33 -20.93 -87.51
CA ALA E 111 66.23 -22.00 -87.09
C ALA E 111 67.67 -21.68 -87.46
N SER E 112 67.88 -21.14 -88.66
CA SER E 112 69.24 -20.76 -89.06
C SER E 112 69.81 -19.68 -88.15
N ALA E 113 68.99 -18.68 -87.81
CA ALA E 113 69.45 -17.63 -86.92
C ALA E 113 69.74 -18.17 -85.52
N ALA E 114 68.90 -19.11 -85.05
CA ALA E 114 69.13 -19.70 -83.74
C ALA E 114 70.43 -20.47 -83.70
N GLN E 115 70.71 -21.27 -84.75
CA GLN E 115 71.96 -22.02 -84.77
C GLN E 115 73.16 -21.08 -84.92
N GLY E 116 73.00 -19.98 -85.66
CA GLY E 116 74.07 -19.02 -85.78
C GLY E 116 74.38 -18.33 -84.46
N THR E 117 73.35 -17.98 -83.70
CA THR E 117 73.56 -17.42 -82.36
C THR E 117 74.19 -18.46 -81.44
N ALA E 118 73.78 -19.72 -81.56
CA ALA E 118 74.37 -20.78 -80.75
C ALA E 118 75.86 -20.92 -81.02
N ASP E 119 76.25 -20.88 -82.29
CA ASP E 119 77.66 -20.93 -82.66
C ASP E 119 78.38 -19.66 -82.24
N ALA F 2 37.43 -10.29 -50.61
CA ALA F 2 38.66 -10.40 -51.39
C ALA F 2 38.34 -10.50 -52.88
N PHE F 3 37.08 -10.25 -53.22
CA PHE F 3 36.66 -10.29 -54.61
C PHE F 3 37.27 -9.12 -55.39
N PRO F 4 37.66 -9.34 -56.64
CA PRO F 4 38.10 -8.21 -57.48
C PRO F 4 36.92 -7.37 -57.93
N ALA F 5 37.23 -6.15 -58.37
CA ALA F 5 36.19 -5.27 -58.88
C ALA F 5 35.57 -5.77 -60.18
N SER F 6 36.28 -6.62 -60.92
CA SER F 6 35.82 -7.05 -62.25
C SER F 6 34.45 -7.71 -62.16
N VAL F 7 34.25 -8.56 -61.15
CA VAL F 7 32.98 -9.28 -61.04
C VAL F 7 31.84 -8.29 -60.80
N VAL F 8 32.03 -7.32 -59.92
CA VAL F 8 30.97 -6.36 -59.61
C VAL F 8 30.68 -5.49 -60.83
N LEU F 9 31.72 -5.11 -61.57
CA LEU F 9 31.50 -4.35 -62.79
C LEU F 9 30.72 -5.19 -63.81
N SER F 10 30.98 -6.49 -63.85
CA SER F 10 30.19 -7.37 -64.71
C SER F 10 28.73 -7.38 -64.28
N ARG F 11 28.48 -7.45 -62.97
CA ARG F 11 27.10 -7.40 -62.50
C ARG F 11 26.43 -6.10 -62.92
N ALA F 12 27.10 -4.98 -62.70
CA ALA F 12 26.51 -3.68 -63.05
C ALA F 12 26.27 -3.58 -64.55
N ALA F 13 27.17 -4.13 -65.36
CA ALA F 13 26.97 -4.11 -66.80
C ALA F 13 25.86 -5.07 -67.21
N THR F 14 25.53 -6.02 -66.35
CA THR F 14 24.41 -6.92 -66.59
C THR F 14 23.07 -6.32 -66.20
N LEU F 15 22.98 -5.60 -65.09
CA LEU F 15 21.71 -5.01 -64.67
C LEU F 15 21.29 -3.89 -65.61
N LEU F 16 22.08 -2.83 -65.67
CA LEU F 16 21.93 -1.92 -66.79
C LEU F 16 22.16 -2.69 -68.09
N GLN F 17 21.30 -2.45 -69.06
CA GLN F 17 21.31 -3.25 -70.28
C GLN F 17 22.43 -2.77 -71.20
N ASP F 18 23.65 -2.71 -70.62
CA ASP F 18 24.85 -2.21 -71.26
C ASP F 18 26.01 -3.13 -70.89
N GLU F 19 26.26 -4.15 -71.73
CA GLU F 19 27.43 -5.01 -71.52
C GLU F 19 28.71 -4.35 -71.98
N ASP F 20 28.63 -3.51 -73.01
CA ASP F 20 29.85 -3.01 -73.65
C ASP F 20 30.51 -1.88 -72.86
N HIS F 21 29.85 -1.42 -71.79
CA HIS F 21 30.32 -0.31 -70.96
C HIS F 21 30.45 0.98 -71.74
N GLU F 22 29.74 1.09 -72.87
CA GLU F 22 29.80 2.27 -73.74
C GLU F 22 29.18 3.50 -73.09
N ARG F 23 27.95 3.39 -72.58
CA ARG F 23 27.26 4.54 -72.02
C ARG F 23 27.71 4.81 -70.60
N TRP F 24 27.74 3.77 -69.77
CA TRP F 24 28.31 3.84 -68.42
C TRP F 24 29.73 3.34 -68.51
N THR F 25 30.69 4.27 -68.60
CA THR F 25 32.08 3.90 -68.80
C THR F 25 32.60 3.11 -67.61
N VAL F 26 33.61 2.27 -67.88
CA VAL F 26 34.16 1.42 -66.84
C VAL F 26 34.73 2.26 -65.70
N ASP F 27 35.27 3.44 -66.03
CA ASP F 27 35.74 4.35 -64.99
C ASP F 27 34.59 4.80 -64.10
N GLU F 28 33.44 5.10 -64.70
CA GLU F 28 32.27 5.50 -63.92
C GLU F 28 31.83 4.38 -62.99
N LEU F 29 31.83 3.13 -63.48
CA LEU F 29 31.41 2.02 -62.63
C LEU F 29 32.42 1.73 -61.54
N LEU F 30 33.71 1.91 -61.82
CA LEU F 30 34.72 1.82 -60.77
C LEU F 30 34.49 2.87 -59.70
N GLU F 31 34.18 4.10 -60.11
CA GLU F 31 33.92 5.15 -59.15
C GLU F 31 32.69 4.84 -58.30
N TRP F 32 31.64 4.28 -58.93
CA TRP F 32 30.47 3.92 -58.16
C TRP F 32 30.76 2.76 -57.22
N LEU F 33 31.63 1.83 -57.65
CA LEU F 33 32.02 0.74 -56.77
C LEU F 33 32.73 1.26 -55.54
N THR F 34 33.67 2.20 -55.72
CA THR F 34 34.39 2.71 -54.55
C THR F 34 33.47 3.54 -53.65
N ASP F 35 32.57 4.32 -54.25
CA ASP F 35 31.60 5.05 -53.45
C ASP F 35 30.73 4.10 -52.65
N GLY F 36 30.31 2.99 -53.28
CA GLY F 36 29.52 2.00 -52.56
C GLY F 36 30.28 1.35 -51.43
N THR F 37 31.57 1.09 -51.64
CA THR F 37 32.38 0.53 -50.55
C THR F 37 32.43 1.50 -49.37
N ARG F 38 32.69 2.78 -49.64
CA ARG F 38 32.67 3.78 -48.57
C ARG F 38 31.33 3.80 -47.86
N GLU F 39 30.23 3.79 -48.63
CA GLU F 39 28.92 3.91 -48.02
C GLU F 39 28.57 2.67 -47.20
N ILE F 40 28.97 1.48 -47.67
CA ILE F 40 28.69 0.27 -46.90
C ILE F 40 29.49 0.26 -45.61
N VAL F 41 30.75 0.72 -45.65
CA VAL F 41 31.52 0.83 -44.42
C VAL F 41 30.84 1.80 -43.46
N VAL F 42 30.31 2.90 -43.99
CA VAL F 42 29.66 3.90 -43.14
C VAL F 42 28.40 3.34 -42.51
N ARG F 43 27.53 2.75 -43.32
CA ARG F 43 26.26 2.23 -42.80
C ARG F 43 26.51 1.09 -41.81
N LYS F 44 27.32 0.12 -42.19
CA LYS F 44 27.67 -1.02 -41.34
C LYS F 44 29.18 -1.05 -41.15
N PRO F 45 29.69 -0.58 -40.02
CA PRO F 45 31.16 -0.58 -39.82
C PRO F 45 31.76 -1.97 -39.87
N SER F 46 31.00 -3.01 -39.59
CA SER F 46 31.55 -4.37 -39.59
C SER F 46 31.96 -4.83 -40.98
N ALA F 47 31.58 -4.10 -42.03
CA ALA F 47 31.92 -4.52 -43.38
C ALA F 47 33.42 -4.54 -43.61
N TYR F 48 34.13 -3.50 -43.13
CA TYR F 48 35.56 -3.35 -43.37
C TYR F 48 36.20 -2.74 -42.12
N MET F 49 36.72 -3.60 -41.25
CA MET F 49 37.48 -3.18 -40.09
C MET F 49 38.89 -3.77 -40.19
N LYS F 50 39.89 -2.89 -40.32
CA LYS F 50 41.26 -3.30 -40.58
C LYS F 50 42.09 -3.08 -39.33
N THR F 51 42.72 -4.16 -38.86
CA THR F 51 43.61 -4.08 -37.71
C THR F 51 44.99 -3.66 -38.18
N THR F 52 45.33 -2.40 -37.98
CA THR F 52 46.59 -1.83 -38.46
C THR F 52 47.47 -1.46 -37.28
N THR F 53 48.77 -1.74 -37.40
CA THR F 53 49.73 -1.29 -36.41
C THR F 53 50.20 0.11 -36.76
N ALA F 54 50.09 1.03 -35.83
CA ALA F 54 50.36 2.45 -36.07
C ALA F 54 51.34 2.98 -35.04
N ALA F 55 52.39 3.65 -35.52
CA ALA F 55 53.28 4.37 -34.62
C ALA F 55 52.57 5.59 -34.06
N LEU F 56 52.89 5.91 -32.81
CA LEU F 56 52.24 7.00 -32.09
C LEU F 56 53.24 8.11 -31.83
N VAL F 57 52.89 9.33 -32.23
CA VAL F 57 53.74 10.48 -31.97
C VAL F 57 53.85 10.69 -30.47
N ALA F 58 55.07 10.97 -30.00
CA ALA F 58 55.28 11.15 -28.56
C ALA F 58 54.38 12.27 -28.03
N GLY F 59 53.72 11.97 -26.92
CA GLY F 59 52.77 12.91 -26.34
C GLY F 59 51.40 12.28 -26.14
N SER F 60 50.54 12.95 -25.37
CA SER F 60 49.22 12.41 -25.09
C SER F 60 48.33 12.44 -26.33
N LYS F 61 48.40 13.53 -27.09
CA LYS F 61 47.54 13.67 -28.27
C LYS F 61 48.01 12.75 -29.38
N GLN F 62 47.06 12.07 -30.00
CA GLN F 62 47.39 11.24 -31.13
C GLN F 62 46.31 11.37 -32.18
N ALA F 63 46.60 10.95 -33.40
CA ALA F 63 45.66 10.94 -34.49
C ALA F 63 45.66 9.57 -35.17
N LEU F 64 44.47 9.00 -35.34
CA LEU F 64 44.35 7.72 -36.00
C LEU F 64 44.72 7.85 -37.48
N PRO F 65 45.08 6.74 -38.13
CA PRO F 65 45.53 6.82 -39.53
C PRO F 65 44.49 7.50 -40.40
N GLU F 66 44.99 8.34 -41.32
CA GLU F 66 44.12 9.26 -42.05
C GLU F 66 43.06 8.51 -42.86
N ASP F 67 43.36 7.28 -43.29
CA ASP F 67 42.43 6.51 -44.10
C ASP F 67 41.58 5.59 -43.22
N ALA F 68 40.97 6.19 -42.20
CA ALA F 68 40.11 5.44 -41.27
C ALA F 68 38.98 6.35 -40.81
N ILE F 69 37.74 5.85 -40.91
CA ILE F 69 36.58 6.64 -40.55
C ILE F 69 36.52 6.82 -39.03
N GLN F 70 36.74 5.75 -38.28
CA GLN F 70 36.58 5.79 -36.83
C GLN F 70 37.21 4.54 -36.23
N LEU F 71 37.94 4.71 -35.13
CA LEU F 71 38.56 3.59 -34.43
C LEU F 71 37.54 3.01 -33.47
N ILE F 72 37.43 1.69 -33.45
CA ILE F 72 36.45 1.04 -32.58
C ILE F 72 37.13 0.49 -31.34
N ASP F 73 38.21 -0.26 -31.51
CA ASP F 73 38.89 -0.88 -30.40
C ASP F 73 40.40 -0.72 -30.57
N VAL F 74 41.11 -0.76 -29.45
CA VAL F 74 42.56 -0.69 -29.44
C VAL F 74 43.05 -1.87 -28.62
N PRO F 75 43.01 -3.10 -29.16
CA PRO F 75 43.18 -4.28 -28.31
C PRO F 75 44.57 -4.42 -27.69
N ARG F 76 45.62 -4.41 -28.50
CA ARG F 76 46.96 -4.75 -28.03
C ARG F 76 47.90 -3.59 -28.24
N ASN F 77 48.68 -3.28 -27.21
CA ASN F 77 49.81 -2.37 -27.33
C ASN F 77 51.02 -3.21 -27.73
N LEU F 78 51.40 -3.12 -29.01
CA LEU F 78 52.46 -3.98 -29.51
C LEU F 78 53.79 -3.61 -28.88
N LYS F 79 54.42 -4.60 -28.27
CA LYS F 79 55.78 -4.45 -27.76
C LYS F 79 56.74 -4.32 -28.95
N THR F 80 58.01 -4.06 -28.65
CA THR F 80 59.01 -3.96 -29.69
C THR F 80 59.07 -5.26 -30.49
N ASP F 81 59.35 -5.12 -31.79
CA ASP F 81 59.38 -6.20 -32.79
C ASP F 81 58.09 -7.01 -32.68
N GLY F 82 58.14 -8.34 -32.63
CA GLY F 82 56.94 -9.12 -32.83
C GLY F 82 56.14 -9.38 -31.56
N SER F 83 56.68 -8.99 -30.41
CA SER F 83 56.02 -9.31 -29.16
C SER F 83 54.68 -8.58 -29.05
N PRO F 84 53.59 -9.31 -28.79
CA PRO F 84 52.27 -8.65 -28.72
C PRO F 84 52.18 -7.58 -27.65
N GLY F 85 52.82 -7.77 -26.51
CA GLY F 85 52.85 -6.74 -25.48
C GLY F 85 51.56 -6.61 -24.70
N ARG F 86 51.49 -5.53 -23.95
CA ARG F 86 50.38 -5.23 -23.05
C ARG F 86 49.13 -4.88 -23.85
N ALA F 87 47.97 -5.04 -23.21
CA ALA F 87 46.71 -4.61 -23.78
C ALA F 87 46.29 -3.25 -23.22
N VAL F 88 45.37 -2.60 -23.94
CA VAL F 88 44.92 -1.25 -23.61
C VAL F 88 43.41 -1.26 -23.42
N THR F 89 42.95 -0.54 -22.40
CA THR F 89 41.52 -0.42 -22.11
C THR F 89 41.11 1.04 -22.11
N ALA F 90 39.90 1.30 -22.60
CA ALA F 90 39.40 2.66 -22.73
C ALA F 90 39.08 3.26 -21.37
N THR F 91 39.22 4.59 -21.27
CA THR F 91 38.89 5.32 -20.06
C THR F 91 38.15 6.59 -20.42
N ASP F 92 37.95 7.46 -19.43
CA ASP F 92 37.25 8.71 -19.59
C ASP F 92 38.26 9.85 -19.61
N ARG F 93 38.19 10.70 -20.62
CA ARG F 93 39.15 11.79 -20.75
C ARG F 93 38.92 12.87 -19.71
N ARG F 94 37.66 13.14 -19.37
CA ARG F 94 37.36 14.23 -18.44
C ARG F 94 37.91 13.94 -17.06
N LEU F 95 37.83 12.69 -16.60
CA LEU F 95 38.40 12.34 -15.31
C LEU F 95 39.93 12.40 -15.35
N LEU F 96 40.52 11.99 -16.47
CA LEU F 96 41.96 12.14 -16.63
C LEU F 96 42.36 13.61 -16.59
N ASP F 97 41.47 14.49 -17.02
CA ASP F 97 41.72 15.91 -16.92
C ASP F 97 41.61 16.41 -15.49
N THR F 98 40.55 16.00 -14.78
CA THR F 98 40.28 16.55 -13.46
C THR F 98 41.38 16.20 -12.47
N GLU F 99 41.70 14.91 -12.35
CA GLU F 99 42.82 14.50 -11.52
C GLU F 99 44.11 14.51 -12.33
N ASN F 100 45.16 15.03 -11.71
CA ASN F 100 46.43 15.26 -12.38
C ASN F 100 46.22 16.08 -13.65
N PRO F 101 45.88 17.37 -13.52
CA PRO F 101 45.59 18.18 -14.71
C PRO F 101 46.76 18.27 -15.67
N ASP F 102 47.99 18.16 -15.17
CA ASP F 102 49.17 18.18 -16.02
C ASP F 102 49.56 16.75 -16.40
N TRP F 103 48.57 16.01 -16.90
CA TRP F 103 48.84 14.63 -17.32
C TRP F 103 49.48 14.59 -18.70
N HIS F 104 49.31 15.65 -19.48
CA HIS F 104 50.05 15.76 -20.73
C HIS F 104 51.53 15.99 -20.47
N SER F 105 51.87 16.63 -19.36
CA SER F 105 53.26 16.90 -19.01
C SER F 105 53.93 15.73 -18.32
N MET F 106 53.20 14.65 -18.05
CA MET F 106 53.78 13.50 -17.38
C MET F 106 54.82 12.83 -18.29
N LYS F 107 55.79 12.18 -17.66
CA LYS F 107 56.87 11.55 -18.40
C LYS F 107 56.30 10.49 -19.35
N PRO F 108 56.80 10.41 -20.57
CA PRO F 108 56.30 9.41 -21.51
C PRO F 108 56.58 7.99 -21.03
N ALA F 109 55.72 7.06 -21.44
CA ALA F 109 55.83 5.67 -21.06
C ALA F 109 56.17 4.83 -22.28
N GLY F 110 56.99 3.81 -22.08
CA GLY F 110 57.36 2.93 -23.18
C GLY F 110 56.15 2.21 -23.78
N GLN F 111 55.19 1.87 -22.93
CA GLN F 111 53.94 1.26 -23.36
C GLN F 111 52.77 2.05 -22.79
N ILE F 112 51.88 2.51 -23.66
CA ILE F 112 50.67 3.20 -23.20
C ILE F 112 49.80 2.23 -22.43
N ARG F 113 48.98 2.76 -21.52
CA ARG F 113 48.16 1.93 -20.64
C ARG F 113 46.67 2.12 -20.85
N HIS F 114 46.24 3.32 -21.25
CA HIS F 114 44.84 3.59 -21.52
C HIS F 114 44.72 4.54 -22.69
N TYR F 115 43.58 4.49 -23.37
CA TYR F 115 43.29 5.38 -24.47
C TYR F 115 41.88 5.94 -24.30
N THR F 116 41.69 7.20 -24.72
CA THR F 116 40.40 7.86 -24.67
C THR F 116 40.01 8.29 -26.07
N TYR F 117 38.79 7.96 -26.47
CA TYR F 117 38.28 8.28 -27.80
C TYR F 117 36.89 8.89 -27.66
N ASP F 118 36.66 9.97 -28.42
CA ASP F 118 35.38 10.65 -28.43
C ASP F 118 34.79 10.56 -29.84
N SER F 119 33.53 10.17 -29.93
CA SER F 119 32.89 10.01 -31.23
C SER F 119 32.76 11.35 -31.95
N ASN F 120 32.52 12.43 -31.19
CA ASN F 120 32.33 13.73 -31.80
C ASN F 120 33.58 14.20 -32.53
N VAL F 121 34.75 13.90 -31.99
CA VAL F 121 36.02 14.23 -32.63
C VAL F 121 36.64 12.93 -33.13
N PRO F 122 36.39 12.55 -34.38
CA PRO F 122 36.84 11.22 -34.84
C PRO F 122 38.33 11.13 -35.05
N THR F 123 38.96 12.21 -35.50
CA THR F 123 40.35 12.15 -35.94
C THR F 123 41.35 12.18 -34.80
N VAL F 124 40.92 12.39 -33.55
CA VAL F 124 41.83 12.53 -32.42
C VAL F 124 41.46 11.49 -31.37
N PHE F 125 42.45 10.75 -30.89
CA PHE F 125 42.32 9.89 -29.74
C PHE F 125 43.53 10.09 -28.83
N TYR F 126 43.29 10.15 -27.54
CA TYR F 126 44.33 10.44 -26.56
C TYR F 126 44.80 9.16 -25.88
N THR F 127 46.09 9.10 -25.59
CA THR F 127 46.70 7.94 -24.96
C THR F 127 47.22 8.30 -23.57
N TYR F 128 47.10 7.36 -22.64
CA TYR F 128 47.59 7.53 -21.28
C TYR F 128 48.41 6.33 -20.87
N PRO F 129 49.67 6.51 -20.45
CA PRO F 129 50.42 7.77 -20.41
C PRO F 129 50.84 8.22 -21.80
N PRO F 130 51.39 9.42 -21.94
CA PRO F 130 51.88 9.85 -23.26
C PRO F 130 52.88 8.86 -23.82
N ALA F 131 52.77 8.61 -25.13
CA ALA F 131 53.60 7.62 -25.79
C ALA F 131 55.05 8.08 -25.87
N ALA F 132 55.96 7.11 -26.03
CA ALA F 132 57.38 7.38 -26.04
C ALA F 132 58.02 6.71 -27.25
N ALA F 133 58.82 7.48 -27.99
CA ALA F 133 59.67 6.97 -29.06
C ALA F 133 58.86 6.20 -30.12
N GLY F 134 57.67 6.71 -30.41
CA GLY F 134 56.86 6.13 -31.48
C GLY F 134 56.48 4.69 -31.26
N VAL F 135 55.98 4.35 -30.07
CA VAL F 135 55.59 2.96 -29.79
C VAL F 135 54.39 2.60 -30.66
N GLN F 136 54.47 1.44 -31.29
CA GLN F 136 53.41 1.01 -32.20
C GLN F 136 52.33 0.24 -31.44
N VAL F 137 51.08 0.44 -31.83
CA VAL F 137 49.93 -0.16 -31.18
C VAL F 137 48.93 -0.58 -32.25
N GLU F 138 48.34 -1.77 -32.07
CA GLU F 138 47.27 -2.20 -32.97
C GLU F 138 46.06 -1.31 -32.83
N LEU F 139 45.48 -0.94 -33.96
CA LEU F 139 44.23 -0.18 -34.01
C LEU F 139 43.20 -0.95 -34.82
N VAL F 140 42.03 -1.14 -34.24
CA VAL F 140 40.91 -1.76 -34.93
C VAL F 140 39.95 -0.63 -35.30
N CYS F 141 39.94 -0.25 -36.57
CA CYS F 141 39.21 0.90 -37.05
C CYS F 141 38.48 0.57 -38.33
N ALA F 142 37.38 1.27 -38.57
CA ALA F 142 36.61 1.09 -39.80
C ALA F 142 37.35 1.71 -40.98
N TRP F 143 38.16 0.91 -41.65
CA TRP F 143 38.97 1.41 -42.76
C TRP F 143 38.09 1.75 -43.96
N ARG F 144 38.50 2.77 -44.70
CA ARG F 144 37.81 3.17 -45.92
C ARG F 144 38.60 2.67 -47.13
N HIS F 145 37.90 2.02 -48.06
CA HIS F 145 38.57 1.50 -49.24
C HIS F 145 39.13 2.66 -50.05
N PRO F 146 40.43 2.69 -50.34
CA PRO F 146 41.01 3.88 -50.98
C PRO F 146 40.40 4.24 -52.32
N ALA F 147 40.45 3.33 -53.30
CA ALA F 147 39.96 3.63 -54.64
C ALA F 147 39.92 2.36 -55.46
N LEU F 148 39.23 2.43 -56.60
CA LEU F 148 39.18 1.35 -57.58
C LEU F 148 39.62 1.96 -58.91
N THR F 149 40.92 1.93 -59.18
CA THR F 149 41.45 2.61 -60.35
C THR F 149 41.24 1.79 -61.63
N THR F 150 41.26 0.46 -61.51
CA THR F 150 41.22 -0.40 -62.68
C THR F 150 40.17 -1.49 -62.51
N GLN F 151 39.82 -2.13 -63.62
CA GLN F 151 38.87 -3.23 -63.61
C GLN F 151 39.38 -4.38 -62.76
N ASN F 152 40.66 -4.71 -62.88
CA ASN F 152 41.24 -5.85 -62.17
C ASN F 152 41.56 -5.55 -60.71
N ASP F 153 41.33 -4.32 -60.26
CA ASP F 153 41.57 -3.97 -58.86
C ASP F 153 40.72 -4.84 -57.94
N VAL F 154 41.31 -5.23 -56.81
CA VAL F 154 40.68 -6.13 -55.85
C VAL F 154 40.01 -5.31 -54.77
N VAL F 155 38.90 -5.82 -54.24
CA VAL F 155 38.17 -5.18 -53.14
C VAL F 155 38.37 -6.00 -51.88
N GLN F 156 38.91 -5.38 -50.84
CA GLN F 156 39.15 -6.05 -49.57
C GLN F 156 37.87 -6.35 -48.81
N MET F 157 36.74 -5.81 -49.24
CA MET F 157 35.47 -6.05 -48.57
C MET F 157 35.07 -7.51 -48.70
N GLY F 158 34.21 -7.96 -47.79
CA GLY F 158 33.66 -9.30 -47.86
C GLY F 158 32.83 -9.49 -49.12
N ALA F 159 32.83 -10.75 -49.60
CA ALA F 159 32.16 -11.05 -50.86
C ALA F 159 30.65 -10.95 -50.76
N GLU F 160 30.08 -11.04 -49.55
CA GLU F 160 28.63 -11.05 -49.43
C GLU F 160 28.02 -9.67 -49.70
N PHE F 161 28.77 -8.60 -49.46
CA PHE F 161 28.27 -7.26 -49.76
C PHE F 161 28.32 -6.93 -51.24
N VAL F 162 28.57 -7.93 -52.11
CA VAL F 162 28.56 -7.68 -53.55
C VAL F 162 27.17 -7.28 -54.00
N SER F 163 26.13 -7.85 -53.38
CA SER F 163 24.77 -7.46 -53.72
C SER F 163 24.50 -6.00 -53.38
N ALA F 164 24.94 -5.56 -52.20
CA ALA F 164 24.77 -4.16 -51.82
C ALA F 164 25.56 -3.24 -52.74
N LEU F 165 26.78 -3.64 -53.10
CA LEU F 165 27.57 -2.84 -54.02
C LEU F 165 26.88 -2.72 -55.37
N VAL F 166 26.33 -3.82 -55.87
CA VAL F 166 25.63 -3.81 -57.15
C VAL F 166 24.40 -2.90 -57.07
N SER F 167 23.64 -3.01 -55.98
CA SER F 167 22.46 -2.17 -55.83
C SER F 167 22.84 -0.69 -55.78
N TRP F 168 23.93 -0.37 -55.09
CA TRP F 168 24.38 1.02 -55.03
C TRP F 168 24.84 1.51 -56.40
N CYS F 169 25.57 0.67 -57.14
CA CYS F 169 26.02 1.05 -58.48
C CYS F 169 24.84 1.31 -59.40
N LEU F 170 23.82 0.44 -59.34
CA LEU F 170 22.59 0.69 -60.10
C LEU F 170 21.89 1.96 -59.66
N TYR F 171 21.82 2.20 -58.35
CA TYR F 171 21.14 3.41 -57.88
C TYR F 171 21.82 4.66 -58.41
N ARG F 172 23.15 4.68 -58.39
CA ARG F 172 23.87 5.87 -58.85
C ARG F 172 23.91 5.98 -60.38
N ALA F 173 23.99 4.86 -61.09
CA ALA F 173 24.07 4.93 -62.55
C ALA F 173 22.72 5.24 -63.17
N SER F 174 21.64 4.66 -62.62
CA SER F 174 20.32 4.91 -63.17
C SER F 174 19.81 6.30 -62.81
N SER F 175 20.49 6.99 -61.91
CA SER F 175 20.13 8.36 -61.59
C SER F 175 20.68 9.37 -62.59
N LYS F 176 21.42 8.91 -63.60
CA LYS F 176 21.92 9.79 -64.63
C LYS F 176 20.77 10.44 -65.40
N ASP F 177 21.00 11.69 -65.82
CA ASP F 177 19.99 12.43 -66.59
C ASP F 177 20.21 12.18 -68.08
N SER F 178 19.87 10.96 -68.49
CA SER F 178 19.91 10.57 -69.89
C SER F 178 18.68 9.75 -70.23
N GLU F 179 18.42 9.61 -71.52
CA GLU F 179 17.33 8.74 -71.97
C GLU F 179 17.54 7.31 -71.50
N PHE F 180 18.80 6.89 -71.37
CA PHE F 180 19.11 5.49 -71.12
C PHE F 180 19.03 5.15 -69.64
N ALA F 181 18.78 6.13 -68.79
CA ALA F 181 18.62 5.88 -67.36
C ALA F 181 17.18 6.15 -66.93
N ASN F 182 16.72 5.40 -65.93
CA ASN F 182 15.37 5.52 -65.40
C ASN F 182 15.41 5.86 -63.93
N GLY F 183 14.45 6.65 -63.47
CA GLY F 183 14.45 7.16 -62.11
C GLY F 183 13.68 6.31 -61.11
N ALA F 184 12.53 5.78 -61.53
CA ALA F 184 11.77 4.92 -60.64
C ALA F 184 12.57 3.69 -60.25
N VAL F 185 13.26 3.09 -61.21
CA VAL F 185 14.13 1.96 -60.89
C VAL F 185 15.28 2.41 -60.00
N ALA F 186 15.69 3.67 -60.12
CA ALA F 186 16.74 4.19 -59.24
C ALA F 186 16.27 4.24 -57.80
N ALA F 187 15.06 4.75 -57.57
CA ALA F 187 14.52 4.76 -56.22
C ALA F 187 14.32 3.35 -55.68
N ALA F 188 13.81 2.46 -56.54
CA ALA F 188 13.64 1.07 -56.12
C ALA F 188 14.96 0.43 -55.77
N HIS F 189 16.02 0.76 -56.51
CA HIS F 189 17.34 0.20 -56.24
C HIS F 189 17.92 0.75 -54.95
N TYR F 190 17.69 2.03 -54.67
CA TYR F 190 18.13 2.57 -53.38
C TYR F 190 17.41 1.86 -52.23
N SER F 191 16.11 1.64 -52.38
CA SER F 191 15.37 0.89 -51.36
C SER F 191 15.89 -0.52 -51.23
N ALA F 192 16.22 -1.16 -52.35
CA ALA F 192 16.74 -2.52 -52.33
C ALA F 192 18.09 -2.58 -51.62
N PHE F 193 18.95 -1.59 -51.85
CA PHE F 193 20.22 -1.52 -51.17
C PHE F 193 20.02 -1.36 -49.67
N SER F 194 19.10 -0.47 -49.27
CA SER F 194 18.83 -0.28 -47.85
C SER F 194 18.30 -1.56 -47.21
N ASP F 195 17.41 -2.26 -47.91
CA ASP F 195 16.86 -3.50 -47.35
C ASP F 195 17.92 -4.59 -47.29
N ALA F 196 18.77 -4.69 -48.30
CA ALA F 196 19.81 -5.71 -48.31
C ALA F 196 20.79 -5.49 -47.16
N LEU F 197 21.15 -4.23 -46.91
CA LEU F 197 21.92 -3.95 -45.71
C LEU F 197 21.11 -4.18 -44.43
N GLY F 198 19.78 -4.06 -44.52
CA GLY F 198 18.96 -4.22 -43.33
C GLY F 198 18.97 -5.63 -42.77
N ALA F 199 18.86 -6.63 -43.66
CA ALA F 199 18.76 -8.02 -43.24
C ALA F 199 20.12 -8.68 -43.10
N GLN F 200 21.18 -7.91 -42.93
CA GLN F 200 22.51 -8.46 -42.67
C GLN F 200 22.54 -8.92 -41.22
N ALA F 201 22.01 -10.12 -40.98
CA ALA F 201 21.88 -10.61 -39.61
C ALA F 201 23.24 -10.94 -38.99
N THR F 202 24.28 -11.05 -39.82
CA THR F 202 25.59 -11.46 -39.32
C THR F 202 26.33 -10.29 -38.68
N GLY F 203 26.60 -9.25 -39.47
CA GLY F 203 27.42 -8.13 -39.02
C GLY F 203 26.71 -7.22 -38.03
N THR F 204 27.18 -5.98 -38.00
CA THR F 204 26.60 -4.99 -37.10
C THR F 204 25.17 -4.68 -37.52
N PRO F 205 24.21 -4.74 -36.60
CA PRO F 205 22.82 -4.41 -36.96
C PRO F 205 22.71 -2.95 -37.39
N THR F 206 21.78 -2.70 -38.32
CA THR F 206 21.55 -1.37 -38.86
C THR F 206 20.12 -0.90 -38.67
N THR F 207 19.16 -1.81 -38.68
CA THR F 207 17.76 -1.40 -38.52
C THR F 207 17.41 -1.19 -37.06
N GLN F 208 17.60 -2.20 -36.22
CA GLN F 208 17.14 -2.15 -34.84
C GLN F 208 18.05 -1.26 -33.99
N ALA F 209 19.33 -1.62 -33.89
CA ALA F 209 20.27 -0.83 -33.11
C ALA F 209 21.23 -0.09 -34.04
N ALA F 210 21.39 1.20 -33.78
CA ALA F 210 22.25 2.05 -34.60
C ALA F 210 23.26 2.75 -33.71
N ALA F 211 24.54 2.66 -34.08
CA ALA F 211 25.66 3.32 -33.41
C ALA F 211 25.86 2.87 -31.97
N ALA F 212 25.09 1.89 -31.51
CA ALA F 212 25.20 1.39 -30.15
C ALA F 212 26.15 0.21 -30.02
N ALA F 213 26.70 -0.28 -31.13
CA ALA F 213 27.61 -1.41 -31.07
C ALA F 213 28.92 -0.99 -30.39
N ALA F 214 29.35 -1.80 -29.43
CA ALA F 214 30.56 -1.50 -28.67
C ALA F 214 31.80 -1.55 -29.55
N LEU G 37 93.81 -45.35 66.94
CA LEU G 37 92.70 -46.30 66.91
C LEU G 37 91.72 -45.95 65.79
N ASP G 38 91.90 -44.75 65.21
CA ASP G 38 90.97 -44.27 64.20
C ASP G 38 91.13 -45.03 62.89
N SER G 39 92.35 -45.48 62.57
CA SER G 39 92.63 -46.01 61.25
C SER G 39 92.02 -47.39 61.05
N GLU G 40 92.15 -48.28 62.04
CA GLU G 40 91.89 -49.70 61.81
C GLU G 40 90.42 -49.98 61.51
N GLU G 41 89.51 -49.41 62.30
CA GLU G 41 88.09 -49.68 62.15
C GLU G 41 87.21 -48.44 62.21
N MET G 42 87.69 -47.34 62.79
CA MET G 42 86.84 -46.17 62.92
C MET G 42 86.53 -45.53 61.56
N LYS G 43 87.41 -45.72 60.57
CA LYS G 43 87.07 -45.26 59.23
C LYS G 43 85.88 -46.03 58.67
N GLU G 44 85.87 -47.34 58.85
CA GLU G 44 84.71 -48.13 58.43
C GLU G 44 83.46 -47.73 59.19
N LEU G 45 83.59 -47.49 60.50
CA LEU G 45 82.44 -47.05 61.29
C LEU G 45 81.92 -45.71 60.80
N HIS G 46 82.82 -44.79 60.48
CA HIS G 46 82.41 -43.48 59.98
C HIS G 46 81.72 -43.60 58.62
N ARG G 47 82.22 -44.48 57.76
CA ARG G 47 81.55 -44.71 56.48
C ARG G 47 80.15 -45.25 56.69
N ARG G 48 80.01 -46.22 57.61
CA ARG G 48 78.70 -46.79 57.90
C ARG G 48 77.75 -45.72 58.44
N LEU G 49 78.25 -44.88 59.34
CA LEU G 49 77.41 -43.82 59.92
C LEU G 49 77.00 -42.82 58.85
N ARG G 50 77.92 -42.47 57.95
CA ARG G 50 77.58 -41.54 56.88
C ARG G 50 76.53 -42.12 55.95
N SER G 51 76.65 -43.42 55.63
CA SER G 51 75.63 -44.07 54.82
C SER G 51 74.28 -44.06 55.52
N TYR G 52 74.26 -44.35 56.82
CA TYR G 52 73.01 -44.32 57.57
C TYR G 52 72.40 -42.92 57.58
N LEU G 53 73.24 -41.90 57.76
CA LEU G 53 72.74 -40.53 57.76
C LEU G 53 72.18 -40.15 56.40
N HIS G 54 72.84 -40.57 55.32
CA HIS G 54 72.31 -40.31 53.98
C HIS G 54 70.97 -40.98 53.77
N GLN G 55 70.83 -42.24 54.22
CA GLN G 55 69.56 -42.93 54.08
C GLN G 55 68.47 -42.24 54.89
N GLU G 56 68.80 -41.81 56.11
CA GLU G 56 67.81 -41.10 56.92
C GLU G 56 67.39 -39.79 56.26
N LEU G 57 68.36 -39.05 55.71
CA LEU G 57 68.04 -37.77 55.10
C LEU G 57 67.18 -37.94 53.86
N ASP G 58 67.51 -38.90 53.00
CA ASP G 58 66.76 -39.04 51.76
C ASP G 58 65.42 -39.72 51.99
N ARG G 59 65.30 -40.50 53.07
CA ARG G 59 64.00 -41.09 53.38
C ARG G 59 63.05 -40.06 54.00
N GLN G 60 63.57 -39.17 54.83
CA GLN G 60 62.76 -38.19 55.54
C GLN G 60 62.49 -36.94 54.71
N ALA G 61 63.11 -36.83 53.53
CA ALA G 61 63.14 -35.56 52.81
C ALA G 61 61.74 -35.02 52.55
N GLU G 62 60.80 -35.90 52.21
CA GLU G 62 59.43 -35.45 51.93
C GLU G 62 58.80 -34.80 53.16
N ASN G 63 58.84 -35.49 54.30
CA ASN G 63 58.18 -34.98 55.49
C ASN G 63 58.96 -33.82 56.11
N ARG G 64 60.28 -33.84 56.01
CA ARG G 64 61.06 -32.69 56.47
C ARG G 64 60.71 -31.45 55.66
N PHE G 65 60.58 -31.59 54.33
CA PHE G 65 60.20 -30.48 53.49
C PHE G 65 58.78 -30.01 53.83
N GLN G 66 57.87 -30.96 54.09
CA GLN G 66 56.52 -30.58 54.48
C GLN G 66 56.51 -29.79 55.79
N MET G 67 57.28 -30.23 56.77
CA MET G 67 57.34 -29.51 58.04
C MET G 67 57.96 -28.14 57.86
N ALA G 68 58.97 -28.02 56.99
CA ALA G 68 59.56 -26.72 56.71
C ALA G 68 58.52 -25.79 56.10
N VAL G 69 57.73 -26.28 55.15
CA VAL G 69 56.70 -25.46 54.54
C VAL G 69 55.63 -25.08 55.56
N ASP G 70 55.34 -25.99 56.50
CA ASP G 70 54.38 -25.67 57.55
C ASP G 70 54.89 -24.54 58.43
N GLU G 71 56.14 -24.63 58.88
CA GLU G 71 56.71 -23.55 59.68
C GLU G 71 56.76 -22.24 58.89
N ASP G 72 56.95 -22.34 57.58
CA ASP G 72 56.98 -21.14 56.74
C ASP G 72 55.59 -20.52 56.61
N TYR G 73 54.55 -21.34 56.47
CA TYR G 73 53.19 -20.80 56.43
C TYR G 73 52.76 -20.25 57.78
N TYR G 74 53.39 -20.71 58.87
CA TYR G 74 53.02 -20.16 60.18
C TYR G 74 53.30 -18.65 60.23
N ASP G 75 54.46 -18.22 59.77
CA ASP G 75 54.82 -16.80 59.87
C ASP G 75 54.48 -16.03 58.60
N SER G 76 53.22 -16.14 58.17
CA SER G 76 52.65 -15.28 57.14
C SER G 76 53.46 -15.26 55.85
N ILE G 77 53.97 -16.43 55.45
CA ILE G 77 54.59 -16.59 54.14
C ILE G 77 53.87 -17.71 53.42
N GLN G 78 52.83 -17.39 52.65
CA GLN G 78 51.90 -18.39 52.16
C GLN G 78 51.77 -18.40 50.64
N TRP G 79 52.62 -17.69 49.92
CA TRP G 79 52.49 -17.56 48.47
C TRP G 79 53.62 -18.32 47.79
N THR G 80 53.26 -19.21 46.86
CA THR G 80 54.25 -19.85 46.01
C THR G 80 54.89 -18.82 45.09
N GLU G 81 56.17 -19.02 44.77
CA GLU G 81 56.90 -18.05 43.95
C GLU G 81 56.24 -17.88 42.59
N ALA G 82 55.82 -18.99 41.96
CA ALA G 82 55.16 -18.90 40.67
C ALA G 82 53.85 -18.13 40.77
N ASP G 83 53.03 -18.45 41.77
CA ASP G 83 51.75 -17.76 41.90
C ASP G 83 51.95 -16.32 42.35
N ALA G 84 52.99 -16.07 43.14
CA ALA G 84 53.32 -14.69 43.49
C ALA G 84 53.69 -13.89 42.25
N GLN G 85 54.45 -14.49 41.33
CA GLN G 85 54.75 -13.82 40.08
C GLN G 85 53.47 -13.59 39.27
N VAL G 86 52.57 -14.57 39.27
CA VAL G 86 51.30 -14.42 38.55
C VAL G 86 50.54 -13.22 39.10
N LEU G 87 50.46 -13.10 40.44
CA LEU G 87 49.80 -11.95 41.04
C LEU G 87 50.52 -10.66 40.70
N LYS G 88 51.85 -10.69 40.67
CA LYS G 88 52.62 -9.48 40.34
C LYS G 88 52.30 -9.00 38.93
N GLU G 89 52.20 -9.92 37.98
CA GLU G 89 51.85 -9.52 36.62
C GLU G 89 50.45 -8.94 36.54
N ARG G 90 49.56 -9.37 37.44
CA ARG G 90 48.25 -8.75 37.53
C ARG G 90 48.30 -7.30 38.01
N GLY G 91 49.41 -6.89 38.62
CA GLY G 91 49.46 -5.62 39.30
C GLY G 91 48.89 -5.65 40.70
N GLN G 92 48.62 -6.83 41.25
CA GLN G 92 48.00 -6.99 42.55
C GLN G 92 49.06 -7.40 43.57
N ALA G 93 49.08 -6.70 44.69
CA ALA G 93 50.03 -7.04 45.75
C ALA G 93 49.57 -8.31 46.47
N PRO G 94 50.44 -9.31 46.61
CA PRO G 94 50.05 -10.53 47.31
C PRO G 94 49.70 -10.24 48.77
N LEU G 95 48.73 -10.99 49.28
CA LEU G 95 48.26 -10.84 50.66
C LEU G 95 48.14 -12.21 51.30
N VAL G 96 48.44 -12.28 52.59
CA VAL G 96 48.25 -13.50 53.38
C VAL G 96 47.34 -13.16 54.55
N PHE G 97 46.28 -13.96 54.72
CA PHE G 97 45.35 -13.71 55.82
C PHE G 97 45.83 -14.39 57.09
N ASN G 98 46.48 -15.55 56.98
CA ASN G 98 47.18 -16.20 58.08
C ASN G 98 46.23 -16.52 59.23
N VAL G 99 45.27 -17.39 58.96
CA VAL G 99 44.45 -17.95 60.03
C VAL G 99 45.24 -18.98 60.83
N ILE G 100 46.37 -19.45 60.30
CA ILE G 100 47.20 -20.43 60.99
C ILE G 100 47.67 -19.88 62.33
N ALA G 101 48.09 -18.61 62.34
CA ALA G 101 48.72 -18.03 63.50
C ALA G 101 47.79 -18.03 64.69
N GLN G 102 46.51 -17.72 64.48
CA GLN G 102 45.56 -17.69 65.59
C GLN G 102 45.48 -19.04 66.28
N SER G 103 45.25 -20.11 65.51
CA SER G 103 45.09 -21.42 66.11
C SER G 103 46.38 -21.90 66.78
N VAL G 104 47.52 -21.71 66.10
CA VAL G 104 48.78 -22.20 66.68
C VAL G 104 49.10 -21.43 67.95
N ASN G 105 48.91 -20.11 67.93
CA ASN G 105 49.13 -19.32 69.14
C ASN G 105 48.19 -19.71 70.25
N TRP G 106 46.95 -20.05 69.91
CA TRP G 106 46.01 -20.49 70.93
C TRP G 106 46.48 -21.79 71.58
N ILE G 107 46.96 -22.74 70.78
CA ILE G 107 47.42 -24.01 71.34
C ILE G 107 48.64 -23.80 72.22
N ILE G 108 49.61 -23.01 71.74
CA ILE G 108 50.83 -22.81 72.52
C ILE G 108 50.53 -22.04 73.80
N GLY G 109 49.60 -21.08 73.74
CA GLY G 109 49.20 -20.39 74.95
C GLY G 109 48.48 -21.31 75.92
N SER G 110 47.65 -22.21 75.41
CA SER G 110 46.95 -23.16 76.26
C SER G 110 47.95 -24.05 76.99
N GLU G 111 49.00 -24.48 76.31
CA GLU G 111 50.00 -25.32 76.98
C GLU G 111 50.85 -24.47 77.93
N LYS G 112 51.10 -23.20 77.59
CA LYS G 112 51.90 -22.35 78.45
C LYS G 112 51.19 -22.04 79.76
N ARG G 113 49.87 -21.87 79.72
CA ARG G 113 49.12 -21.67 80.96
C ARG G 113 49.09 -22.96 81.78
N GLY G 114 49.50 -24.08 81.19
CA GLY G 114 49.50 -25.36 81.86
C GLY G 114 50.88 -25.93 82.15
N ARG G 115 51.86 -25.06 82.38
CA ARG G 115 53.19 -25.53 82.74
C ARG G 115 53.16 -26.33 84.03
N THR G 116 53.95 -27.39 84.08
CA THR G 116 53.99 -28.27 85.24
C THR G 116 55.45 -28.51 85.65
N ASP G 117 55.62 -28.81 86.94
CA ASP G 117 56.92 -29.16 87.49
C ASP G 117 56.85 -30.56 88.08
N PHE G 118 57.97 -31.28 88.04
CA PHE G 118 58.01 -32.63 88.58
C PHE G 118 57.83 -32.60 90.09
N ASN G 119 56.96 -33.47 90.58
CA ASN G 119 56.76 -33.69 92.01
C ASN G 119 56.91 -35.17 92.29
N ILE G 120 58.10 -35.58 92.70
CA ILE G 120 58.43 -36.98 92.89
C ILE G 120 57.68 -37.48 94.11
N LEU G 121 56.92 -38.57 93.95
CA LEU G 121 56.14 -39.13 95.02
C LEU G 121 56.67 -40.51 95.40
N PRO G 122 56.79 -40.81 96.70
CA PRO G 122 57.28 -42.12 97.13
C PRO G 122 56.18 -43.16 97.00
N ARG G 123 56.56 -44.36 96.55
CA ARG G 123 55.58 -45.46 96.45
C ARG G 123 55.57 -46.29 97.73
N LYS G 124 56.75 -46.66 98.23
CA LYS G 124 56.81 -47.42 99.48
C LYS G 124 56.39 -46.56 100.66
N LYS G 125 56.64 -45.26 100.58
CA LYS G 125 56.31 -44.22 101.56
C LYS G 125 57.18 -44.32 102.82
N ALA G 126 58.06 -45.32 102.91
CA ALA G 126 59.10 -45.31 103.93
C ALA G 126 60.26 -44.42 103.52
N ASP G 127 60.25 -43.90 102.29
CA ASP G 127 61.29 -43.03 101.76
C ASP G 127 60.72 -41.70 101.27
N ALA G 128 59.83 -41.10 102.05
CA ALA G 128 59.27 -39.80 101.66
C ALA G 128 60.35 -38.73 101.60
N LYS G 129 61.25 -38.71 102.58
CA LYS G 129 62.34 -37.74 102.56
C LYS G 129 63.25 -37.86 101.35
N PRO G 130 63.71 -39.05 100.94
CA PRO G 130 64.48 -39.10 99.68
C PRO G 130 63.70 -38.57 98.48
N ALA G 131 62.40 -38.89 98.38
CA ALA G 131 61.59 -38.38 97.29
C ALA G 131 61.47 -36.86 97.35
N GLU G 132 61.31 -36.32 98.55
CA GLU G 132 61.18 -34.87 98.71
C GLU G 132 62.48 -34.16 98.38
N ALA G 133 63.62 -34.74 98.78
CA ALA G 133 64.92 -34.18 98.40
C ALA G 133 65.11 -34.21 96.89
N LYS G 134 64.73 -35.33 96.26
CA LYS G 134 64.81 -35.40 94.81
C LYS G 134 63.90 -34.39 94.16
N THR G 135 62.74 -34.13 94.76
CA THR G 135 61.84 -33.10 94.25
C THR G 135 62.50 -31.74 94.26
N LYS G 136 63.12 -31.37 95.39
CA LYS G 136 63.84 -30.10 95.43
C LYS G 136 64.96 -30.06 94.40
N LEU G 137 65.70 -31.17 94.24
CA LEU G 137 66.87 -31.13 93.37
C LEU G 137 66.45 -31.04 91.90
N LEU G 138 65.39 -31.75 91.51
CA LEU G 138 64.85 -31.57 90.17
C LEU G 138 64.33 -30.16 89.95
N LYS G 139 63.71 -29.57 90.97
CA LYS G 139 63.27 -28.18 90.82
C LYS G 139 64.44 -27.24 90.67
N TYR G 140 65.53 -27.49 91.41
CA TYR G 140 66.73 -26.68 91.26
C TYR G 140 67.32 -26.81 89.87
N LEU G 141 67.35 -28.03 89.33
CA LEU G 141 67.84 -28.24 87.97
C LEU G 141 66.95 -27.53 86.95
N SER G 142 65.64 -27.57 87.16
CA SER G 142 64.72 -26.88 86.25
C SER G 142 64.93 -25.38 86.31
N ASP G 143 65.18 -24.84 87.50
CA ASP G 143 65.42 -23.41 87.65
C ASP G 143 66.72 -23.01 86.97
N VAL G 144 67.80 -23.76 87.21
CA VAL G 144 69.09 -23.38 86.65
C VAL G 144 69.09 -23.54 85.14
N ASN G 145 68.58 -24.67 84.65
CA ASN G 145 68.55 -24.95 83.22
C ASN G 145 67.36 -24.33 82.51
N ARG G 146 66.60 -23.45 83.19
CA ARG G 146 65.41 -22.79 82.65
C ARG G 146 64.58 -23.74 81.78
N LEU G 147 64.32 -24.93 82.32
CA LEU G 147 63.63 -25.96 81.56
C LEU G 147 62.23 -25.58 81.09
N PRO G 148 61.35 -24.98 81.92
CA PRO G 148 59.98 -24.75 81.45
C PRO G 148 59.90 -23.96 80.15
N PHE G 149 60.79 -22.98 79.95
CA PHE G 149 60.81 -22.28 78.67
C PHE G 149 61.21 -23.22 77.54
N HIS G 150 62.20 -24.09 77.77
CA HIS G 150 62.60 -25.06 76.76
C HIS G 150 61.44 -25.99 76.42
N ARG G 151 60.73 -26.48 77.43
CA ARG G 151 59.60 -27.38 77.19
C ARG G 151 58.48 -26.66 76.43
N SER G 152 58.22 -25.40 76.80
CA SER G 152 57.18 -24.64 76.11
C SER G 152 57.54 -24.43 74.64
N ARG G 153 58.79 -24.06 74.36
CA ARG G 153 59.21 -23.90 72.96
C ARG G 153 59.14 -25.23 72.22
N SER G 154 59.52 -26.32 72.89
CA SER G 154 59.48 -27.62 72.24
C SER G 154 58.06 -27.99 71.86
N PHE G 155 57.11 -27.81 72.77
CA PHE G 155 55.72 -28.11 72.42
C PHE G 155 55.19 -27.16 71.35
N GLU G 156 55.63 -25.90 71.38
CA GLU G 156 55.25 -24.97 70.32
C GLU G 156 55.70 -25.49 68.96
N ASP G 157 56.90 -26.06 68.90
CA ASP G 157 57.36 -26.63 67.64
C ASP G 157 56.60 -27.91 67.30
N THR G 158 56.26 -28.72 68.31
CA THR G 158 55.46 -29.92 68.03
C THR G 158 54.08 -29.56 67.52
N VAL G 159 53.60 -28.36 67.81
CA VAL G 159 52.33 -27.91 67.25
C VAL G 159 52.50 -27.52 65.79
N LYS G 160 53.50 -26.68 65.50
CA LYS G 160 53.70 -26.22 64.12
C LYS G 160 54.15 -27.34 63.20
N VAL G 161 55.12 -28.14 63.64
CA VAL G 161 55.69 -29.20 62.83
C VAL G 161 55.49 -30.53 63.55
N GLY G 162 56.01 -31.60 62.93
CA GLY G 162 55.70 -32.94 63.39
C GLY G 162 56.10 -33.21 64.82
N LEU G 163 57.33 -32.83 65.20
CA LEU G 163 57.87 -33.22 66.48
C LEU G 163 58.89 -32.21 66.98
N GLY G 164 59.19 -32.29 68.27
CA GLY G 164 60.23 -31.49 68.86
C GLY G 164 61.07 -32.35 69.78
N TRP G 165 62.31 -31.91 70.00
CA TRP G 165 63.29 -32.68 70.75
C TRP G 165 63.75 -31.90 71.97
N ILE G 166 63.70 -32.54 73.13
CA ILE G 166 64.29 -32.02 74.35
C ILE G 166 65.32 -33.05 74.83
N GLU G 167 66.52 -32.58 75.14
CA GLU G 167 67.62 -33.45 75.53
C GLU G 167 68.03 -33.16 76.96
N ASP G 168 68.27 -34.22 77.72
CA ASP G 168 68.72 -34.12 79.10
C ASP G 168 69.98 -34.98 79.24
N SER G 169 71.12 -34.32 79.42
CA SER G 169 72.40 -35.01 79.46
C SER G 169 73.28 -34.36 80.50
N TYR G 170 74.47 -34.93 80.68
CA TYR G 170 75.44 -34.45 81.64
C TYR G 170 76.71 -34.06 80.90
N ASP G 171 77.18 -32.84 81.11
CA ASP G 171 78.32 -32.30 80.36
C ASP G 171 79.34 -31.71 81.33
N ASP G 172 80.61 -31.80 80.95
CA ASP G 172 81.71 -31.29 81.76
C ASP G 172 82.30 -30.07 81.07
N SER G 173 82.31 -28.95 81.78
CA SER G 173 82.89 -27.70 81.29
C SER G 173 82.98 -26.75 82.47
N THR G 174 83.47 -25.53 82.19
CA THR G 174 83.49 -24.50 83.22
C THR G 174 82.09 -24.02 83.56
N ASP G 175 81.08 -24.41 82.78
CA ASP G 175 79.71 -24.13 83.15
C ASP G 175 79.37 -24.80 84.47
N GLY G 176 78.73 -24.05 85.37
CA GLY G 176 78.50 -24.55 86.71
C GLY G 176 77.55 -25.74 86.75
N GLU G 177 76.48 -25.68 85.98
CA GLU G 177 75.48 -26.74 86.02
C GLU G 177 75.99 -27.99 85.31
N PRO G 178 76.05 -29.12 86.01
CA PRO G 178 76.52 -30.36 85.34
C PRO G 178 75.47 -30.98 84.43
N ILE G 179 74.22 -31.04 84.86
CA ILE G 179 73.16 -31.67 84.09
C ILE G 179 72.41 -30.60 83.30
N TYR G 180 72.61 -30.60 81.99
CA TYR G 180 72.02 -29.58 81.12
C TYR G 180 70.81 -30.16 80.38
N SER G 181 69.72 -29.40 80.36
CA SER G 181 68.53 -29.73 79.61
C SER G 181 68.23 -28.59 78.66
N ARG G 182 68.40 -28.85 77.36
CA ARG G 182 68.29 -27.80 76.36
C ARG G 182 67.47 -28.32 75.19
N TYR G 183 66.83 -27.38 74.49
CA TYR G 183 66.04 -27.66 73.30
C TYR G 183 66.91 -27.82 72.06
N GLU G 184 66.53 -28.78 71.22
CA GLU G 184 67.07 -28.92 69.87
C GLU G 184 65.90 -28.85 68.89
N SER G 185 66.05 -28.05 67.84
CA SER G 185 64.98 -27.88 66.88
C SER G 185 64.75 -29.16 66.10
N TRP G 186 63.54 -29.28 65.53
CA TRP G 186 63.25 -30.41 64.67
C TRP G 186 64.19 -30.43 63.46
N ARG G 187 64.68 -29.27 63.05
CA ARG G 187 65.58 -29.19 61.91
C ARG G 187 66.89 -29.93 62.17
N ASN G 188 67.46 -29.75 63.36
CA ASN G 188 68.81 -30.19 63.65
C ASN G 188 68.90 -31.61 64.18
N VAL G 189 67.81 -32.38 64.11
CA VAL G 189 67.79 -33.75 64.61
C VAL G 189 67.31 -34.67 63.49
N ILE G 190 68.06 -35.74 63.24
CA ILE G 190 67.66 -36.80 62.33
C ILE G 190 67.52 -38.09 63.12
N PHE G 191 66.33 -38.69 63.07
CA PHE G 191 66.01 -39.84 63.89
C PHE G 191 65.67 -41.04 63.02
N ASP G 192 66.00 -42.23 63.51
CA ASP G 192 65.67 -43.46 62.80
C ASP G 192 64.16 -43.59 62.66
N SER G 193 63.70 -43.89 61.45
CA SER G 193 62.28 -43.99 61.15
C SER G 193 61.75 -45.41 61.25
N ALA G 194 62.61 -46.39 61.53
CA ALA G 194 62.15 -47.77 61.61
C ALA G 194 61.45 -48.07 62.94
N SER G 195 61.54 -47.15 63.89
CA SER G 195 60.96 -47.40 65.21
C SER G 195 59.43 -47.40 65.15
N THR G 196 58.83 -48.36 65.85
CA THR G 196 57.39 -48.42 66.01
C THR G 196 56.94 -48.22 67.45
N GLU G 197 57.86 -48.37 68.41
CA GLU G 197 57.50 -48.20 69.81
C GLU G 197 57.20 -46.73 70.11
N LEU G 198 56.23 -46.52 71.00
CA LEU G 198 55.93 -45.16 71.45
C LEU G 198 57.03 -44.62 72.34
N ASP G 199 57.68 -45.50 73.10
CA ASP G 199 58.74 -45.06 74.00
C ASP G 199 59.94 -44.53 73.24
N GLY G 200 60.22 -45.10 72.08
CA GLY G 200 61.43 -44.78 71.35
C GLY G 200 62.57 -45.75 71.57
N THR G 201 62.31 -46.90 72.21
CA THR G 201 63.36 -47.89 72.42
C THR G 201 63.83 -48.48 71.10
N ASP G 202 62.92 -48.75 70.18
CA ASP G 202 63.26 -49.33 68.89
C ASP G 202 64.06 -48.36 68.00
N MET G 203 64.13 -47.09 68.37
CA MET G 203 64.96 -46.12 67.66
C MET G 203 66.42 -46.57 67.75
N ARG G 204 66.98 -46.99 66.62
CA ARG G 204 68.32 -47.56 66.63
C ARG G 204 69.39 -46.50 66.78
N TYR G 205 69.22 -45.35 66.13
CA TYR G 205 70.26 -44.35 66.08
C TYR G 205 69.67 -42.96 65.88
N ILE G 206 70.30 -41.97 66.50
CA ILE G 206 69.90 -40.57 66.41
C ILE G 206 71.10 -39.76 65.96
N PHE G 207 70.89 -38.91 64.96
CA PHE G 207 71.95 -38.05 64.42
C PHE G 207 71.60 -36.60 64.74
N ARG G 208 72.60 -35.85 65.19
CA ARG G 208 72.40 -34.44 65.57
C ARG G 208 73.40 -33.57 64.82
N PRO G 209 73.09 -33.13 63.60
CA PRO G 209 73.98 -32.20 62.90
C PRO G 209 73.91 -30.82 63.53
N LYS G 210 75.08 -30.31 63.92
CA LYS G 210 75.18 -29.00 64.56
C LYS G 210 76.18 -28.14 63.80
N TRP G 211 75.87 -26.85 63.68
CA TRP G 211 76.76 -25.90 63.02
C TRP G 211 77.48 -25.08 64.09
N LEU G 212 78.81 -25.16 64.08
CA LEU G 212 79.62 -24.50 65.09
C LEU G 212 80.76 -23.73 64.41
N ASP G 213 81.24 -22.70 65.09
CA ASP G 213 82.42 -22.00 64.62
C ASP G 213 83.66 -22.86 64.81
N VAL G 214 84.70 -22.58 64.01
CA VAL G 214 85.91 -23.39 64.06
C VAL G 214 86.59 -23.26 65.43
N ASP G 215 86.62 -22.06 65.99
CA ASP G 215 87.24 -21.88 67.30
C ASP G 215 86.50 -22.67 68.37
N VAL G 216 85.17 -22.61 68.36
CA VAL G 216 84.38 -23.36 69.32
C VAL G 216 84.55 -24.86 69.11
N ALA G 217 84.49 -25.31 67.85
CA ALA G 217 84.59 -26.74 67.58
C ALA G 217 85.96 -27.28 67.98
N CYS G 218 87.03 -26.54 67.68
CA CYS G 218 88.36 -26.95 68.11
C CYS G 218 88.47 -26.94 69.62
N ALA G 219 87.87 -25.94 70.27
CA ALA G 219 87.88 -25.90 71.73
C ALA G 219 87.03 -27.02 72.31
N LEU G 220 86.04 -27.49 71.56
CA LEU G 220 85.15 -28.52 72.09
C LEU G 220 85.89 -29.84 72.30
N VAL G 221 86.61 -30.31 71.29
CA VAL G 221 87.31 -31.58 71.38
C VAL G 221 88.78 -31.39 71.02
N PRO G 222 89.70 -31.77 71.90
CA PRO G 222 91.13 -31.57 71.63
C PRO G 222 91.73 -32.76 70.89
N ASP G 223 93.04 -32.65 70.64
CA ASP G 223 93.87 -33.71 70.10
C ASP G 223 93.53 -34.05 68.65
N ARG G 224 92.53 -33.38 68.10
CA ARG G 224 92.13 -33.60 66.70
C ARG G 224 91.74 -32.28 66.07
N ALA G 225 92.53 -31.23 66.30
CA ALA G 225 92.21 -29.92 65.79
C ALA G 225 92.48 -29.82 64.29
N ASP G 226 93.44 -30.60 63.80
CA ASP G 226 93.80 -30.52 62.38
C ASP G 226 92.64 -30.97 61.49
N GLU G 227 91.96 -32.04 61.87
CA GLU G 227 90.81 -32.50 61.08
C GLU G 227 89.69 -31.47 61.09
N ILE G 228 89.47 -30.81 62.23
CA ILE G 228 88.47 -29.74 62.29
C ILE G 228 88.87 -28.60 61.36
N LYS G 229 90.15 -28.22 61.38
CA LYS G 229 90.62 -27.14 60.52
C LYS G 229 90.44 -27.47 59.05
N LYS G 230 90.77 -28.72 58.67
CA LYS G 230 90.64 -29.11 57.27
C LYS G 230 89.19 -29.16 56.83
N ALA G 231 88.27 -29.37 57.77
CA ALA G 231 86.85 -29.45 57.46
C ALA G 231 86.16 -28.13 57.74
N ASP G 245 75.36 -35.73 54.68
CA ASP G 245 75.50 -34.28 54.62
C ASP G 245 74.43 -33.62 55.48
N GLY G 246 73.48 -32.97 54.83
CA GLY G 246 72.40 -32.30 55.54
C GLY G 246 71.18 -32.13 54.66
N ASP G 247 70.04 -31.92 55.31
CA ASP G 247 68.81 -31.62 54.60
C ASP G 247 68.77 -30.14 54.23
N GLU G 248 67.79 -29.77 53.41
CA GLU G 248 67.73 -28.41 52.89
C GLU G 248 67.40 -27.39 53.99
N ALA G 249 66.81 -27.83 55.10
CA ALA G 249 66.44 -26.91 56.18
C ALA G 249 67.64 -26.25 56.84
N MET G 250 68.46 -27.04 57.53
CA MET G 250 69.58 -26.47 58.26
C MET G 250 70.66 -25.98 57.30
N ASP G 251 70.83 -26.69 56.18
CA ASP G 251 71.75 -26.23 55.16
C ASP G 251 71.31 -24.88 54.61
N TRP G 252 70.00 -24.70 54.39
CA TRP G 252 69.49 -23.44 53.89
C TRP G 252 69.74 -22.32 54.90
N ALA G 253 69.49 -22.59 56.18
CA ALA G 253 69.75 -21.58 57.20
C ALA G 253 71.22 -21.16 57.20
N GLU G 254 72.11 -22.15 57.23
CA GLU G 254 73.54 -21.84 57.28
C GLU G 254 74.01 -21.14 56.01
N PHE G 255 73.51 -21.55 54.85
CA PHE G 255 73.95 -20.95 53.60
C PHE G 255 73.37 -19.57 53.41
N ASP G 256 72.18 -19.32 53.94
CA ASP G 256 71.65 -17.95 53.96
C ASP G 256 72.50 -17.05 54.84
N ARG G 257 72.93 -17.57 55.98
CA ARG G 257 73.84 -16.78 56.83
C ARG G 257 75.17 -16.52 56.11
N ASP G 258 75.69 -17.53 55.40
CA ASP G 258 76.96 -17.37 54.71
C ASP G 258 76.84 -16.42 53.52
N THR G 259 75.68 -16.40 52.87
CA THR G 259 75.52 -15.64 51.65
C THR G 259 75.53 -14.14 51.91
N TYR G 260 75.02 -13.73 53.08
CA TYR G 260 74.91 -12.32 53.46
C TYR G 260 73.93 -11.61 52.51
N SER G 261 74.40 -11.31 51.31
CA SER G 261 73.58 -10.67 50.29
C SER G 261 73.77 -11.39 48.96
N GLN G 262 72.96 -11.01 47.97
CA GLN G 262 73.04 -11.65 46.66
C GLN G 262 74.42 -11.46 46.04
N SER G 263 74.91 -10.22 46.02
CA SER G 263 76.24 -9.91 45.53
C SER G 263 76.94 -9.04 46.56
N ARG G 264 77.92 -9.62 47.25
CA ARG G 264 78.59 -8.94 48.35
C ARG G 264 80.09 -9.13 48.25
N THR G 265 80.83 -8.06 48.54
CA THR G 265 82.30 -8.09 48.51
C THR G 265 82.78 -8.47 49.90
N VAL G 266 82.92 -9.78 50.14
CA VAL G 266 83.34 -10.26 51.44
C VAL G 266 84.83 -9.99 51.64
N SER G 267 85.18 -9.46 52.81
CA SER G 267 86.57 -9.15 53.11
C SER G 267 87.36 -10.44 53.36
N THR G 268 88.64 -10.27 53.65
CA THR G 268 89.50 -11.41 53.95
C THR G 268 89.04 -12.12 55.21
N HIS G 269 88.64 -11.37 56.23
CA HIS G 269 88.24 -11.97 57.49
C HIS G 269 86.83 -12.52 57.39
N LYS G 270 86.71 -13.84 57.38
CA LYS G 270 85.43 -14.52 57.25
C LYS G 270 85.30 -15.56 58.35
N ARG G 271 84.17 -15.54 59.06
CA ARG G 271 83.91 -16.55 60.06
C ARG G 271 83.70 -17.91 59.40
N GLN G 272 84.44 -18.90 59.87
CA GLN G 272 84.41 -20.24 59.31
C GLN G 272 83.58 -21.15 60.20
N ARG G 273 82.59 -21.81 59.62
CA ARG G 273 81.68 -22.68 60.34
C ARG G 273 81.79 -24.10 59.81
N VAL G 274 81.89 -25.06 60.74
CA VAL G 274 82.04 -26.47 60.40
C VAL G 274 80.84 -27.23 60.93
N ARG G 275 80.55 -28.37 60.32
CA ARG G 275 79.43 -29.21 60.69
C ARG G 275 79.94 -30.43 61.47
N LEU G 276 79.48 -30.56 62.70
CA LEU G 276 79.76 -31.73 63.53
C LEU G 276 78.47 -32.50 63.73
N ILE G 277 78.54 -33.82 63.54
CA ILE G 277 77.38 -34.69 63.68
C ILE G 277 77.60 -35.60 64.87
N GLU G 278 76.71 -35.53 65.85
CA GLU G 278 76.76 -36.38 67.02
C GLU G 278 75.76 -37.51 66.84
N CYS G 279 76.22 -38.75 66.90
CA CYS G 279 75.41 -39.92 66.64
C CYS G 279 75.38 -40.82 67.87
N TRP G 280 74.18 -41.19 68.29
CA TRP G 280 73.99 -42.17 69.36
C TRP G 280 73.31 -43.40 68.77
N TYR G 281 73.99 -44.54 68.85
CA TYR G 281 73.49 -45.76 68.23
C TYR G 281 73.44 -46.89 69.26
N ARG G 282 72.55 -47.83 69.03
CA ARG G 282 72.34 -48.96 69.92
C ARG G 282 72.73 -50.26 69.20
N LYS G 283 73.54 -51.07 69.86
CA LYS G 283 73.99 -52.34 69.30
C LYS G 283 73.72 -53.47 70.28
N PRO G 284 73.18 -54.60 69.83
CA PRO G 284 72.95 -55.72 70.74
C PRO G 284 74.25 -56.26 71.32
N MET G 285 74.17 -56.74 72.56
CA MET G 285 75.35 -57.27 73.24
C MET G 285 75.20 -58.73 73.66
N ARG G 286 74.09 -59.11 74.27
CA ARG G 286 73.85 -60.48 74.73
C ARG G 286 74.96 -60.94 75.66
N ALA G 287 75.05 -60.29 76.82
CA ALA G 287 76.00 -60.73 77.83
C ALA G 287 75.62 -62.12 78.35
N THR G 288 76.64 -62.90 78.71
CA THR G 288 76.39 -64.27 79.17
C THR G 288 75.56 -64.28 80.45
N LYS G 289 75.87 -63.39 81.39
CA LYS G 289 75.15 -63.28 82.66
C LYS G 289 75.11 -64.62 83.41
N THR G 323 71.20 -55.60 77.29
CA THR G 323 71.49 -56.21 75.99
C THR G 323 71.78 -55.14 74.95
N MET G 324 71.07 -54.02 75.06
CA MET G 324 71.26 -52.88 74.18
C MET G 324 72.11 -51.83 74.88
N ARG G 325 73.29 -51.57 74.32
CA ARG G 325 74.23 -50.61 74.89
C ARG G 325 74.34 -49.40 73.97
N VAL G 326 74.19 -48.22 74.54
CA VAL G 326 74.22 -46.98 73.76
C VAL G 326 75.66 -46.50 73.66
N ARG G 327 76.07 -46.13 72.44
CA ARG G 327 77.40 -45.60 72.19
C ARG G 327 77.29 -44.25 71.50
N VAL G 328 78.09 -43.30 71.94
CA VAL G 328 78.13 -41.95 71.38
C VAL G 328 79.14 -41.94 70.25
N ALA G 329 78.80 -41.23 69.17
CA ALA G 329 79.66 -41.14 68.00
C ALA G 329 79.59 -39.73 67.44
N ILE G 330 80.71 -39.00 67.54
CA ILE G 330 80.81 -37.65 66.98
C ILE G 330 81.77 -37.72 65.79
N PHE G 331 81.28 -37.34 64.62
CA PHE G 331 82.07 -37.42 63.39
C PHE G 331 81.82 -36.19 62.53
N THR G 332 82.89 -35.70 61.91
CA THR G 332 82.80 -34.64 60.92
C THR G 332 82.45 -35.23 59.56
N SER G 333 82.58 -34.41 58.51
CA SER G 333 82.26 -34.88 57.17
C SER G 333 83.22 -35.98 56.73
N ARG G 334 84.49 -35.88 57.07
CA ARG G 334 85.51 -36.77 56.55
C ARG G 334 86.14 -37.69 57.60
N ASP G 335 85.83 -37.50 58.87
CA ASP G 335 86.43 -38.32 59.92
C ASP G 335 85.58 -38.23 61.18
N LEU G 336 85.85 -39.11 62.13
CA LEU G 336 85.16 -39.10 63.42
C LEU G 336 86.11 -38.55 64.49
N LEU G 337 85.59 -37.63 65.29
CA LEU G 337 86.42 -36.99 66.31
C LEU G 337 86.62 -37.89 67.52
N PHE G 338 85.59 -38.61 67.94
CA PHE G 338 85.68 -39.42 69.14
C PHE G 338 84.62 -40.52 69.11
N GLU G 339 85.00 -41.72 69.52
CA GLU G 339 84.11 -42.88 69.56
C GLU G 339 84.19 -43.49 70.93
N GLY G 340 83.03 -43.74 71.54
CA GLY G 340 83.00 -44.34 72.87
C GLY G 340 81.60 -44.72 73.28
N ALA G 341 81.53 -45.45 74.39
CA ALA G 341 80.24 -45.87 74.93
C ALA G 341 79.61 -44.73 75.75
N SER G 342 78.32 -44.86 76.00
CA SER G 342 77.62 -43.85 76.78
C SER G 342 77.96 -43.99 78.26
N PRO G 343 78.53 -42.96 78.89
CA PRO G 343 78.83 -43.07 80.32
C PRO G 343 77.60 -43.19 81.20
N PHE G 344 76.45 -42.68 80.73
CA PHE G 344 75.26 -42.65 81.56
C PHE G 344 74.69 -44.05 81.76
N ARG G 345 74.19 -44.31 82.97
CA ARG G 345 73.65 -45.63 83.28
C ARG G 345 72.39 -45.92 82.48
N HIS G 346 71.53 -44.92 82.31
CA HIS G 346 70.30 -45.13 81.55
C HIS G 346 70.62 -45.48 80.10
N ASN G 347 70.00 -46.55 79.62
CA ASN G 347 70.31 -47.08 78.29
C ASN G 347 69.33 -46.54 77.24
N ARG G 348 69.31 -45.22 77.13
CA ARG G 348 68.52 -44.55 76.11
C ARG G 348 69.20 -43.23 75.75
N PHE G 349 68.91 -42.75 74.55
CA PHE G 349 69.51 -41.52 74.06
C PHE G 349 68.99 -40.33 74.87
N SER G 350 69.82 -39.30 74.98
CA SER G 350 69.44 -38.11 75.72
C SER G 350 68.25 -37.41 75.08
N LEU G 351 68.21 -37.39 73.74
CA LEU G 351 67.14 -36.71 73.05
C LEU G 351 65.85 -37.51 73.12
N THR G 352 64.80 -36.88 73.65
CA THR G 352 63.48 -37.49 73.72
C THR G 352 62.52 -36.75 72.81
N PRO G 353 61.87 -37.43 71.88
CA PRO G 353 60.98 -36.73 70.94
C PRO G 353 59.59 -36.53 71.49
N ILE G 354 59.13 -35.29 71.54
CA ILE G 354 57.74 -34.99 71.88
C ILE G 354 56.93 -35.15 70.60
N TRP G 355 56.15 -36.23 70.52
CA TRP G 355 55.45 -36.58 69.30
C TRP G 355 54.23 -35.70 69.12
N GLY G 356 53.59 -35.82 67.95
CA GLY G 356 52.33 -35.16 67.67
C GLY G 356 51.49 -36.06 66.81
N PHE G 357 50.74 -35.48 65.87
CA PHE G 357 50.04 -36.30 64.89
C PHE G 357 51.04 -37.11 64.09
N ARG G 358 50.93 -38.42 64.15
CA ARG G 358 51.86 -39.33 63.50
C ARG G 358 51.13 -40.06 62.38
N ARG G 359 51.67 -39.97 61.17
CA ARG G 359 51.03 -40.55 60.00
C ARG G 359 50.94 -42.07 60.13
N GLY G 360 49.76 -42.62 59.83
CA GLY G 360 49.56 -44.04 59.98
C GLY G 360 50.37 -44.88 59.02
N ARG G 361 50.41 -44.49 57.74
CA ARG G 361 51.01 -45.33 56.72
C ARG G 361 52.53 -45.42 56.87
N ASP G 362 53.20 -44.29 56.99
CA ASP G 362 54.65 -44.24 56.94
C ASP G 362 55.25 -43.99 58.33
N ASN G 363 54.41 -43.83 59.35
CA ASN G 363 54.87 -43.69 60.73
C ASN G 363 55.81 -42.50 60.90
N LEU G 364 55.45 -41.37 60.29
CA LEU G 364 56.24 -40.16 60.44
C LEU G 364 55.37 -39.02 60.95
N PRO G 365 55.87 -38.23 61.89
CA PRO G 365 55.02 -37.20 62.51
C PRO G 365 54.72 -36.05 61.56
N TYR G 366 53.56 -35.43 61.79
CA TYR G 366 53.19 -34.20 61.11
C TYR G 366 52.48 -33.29 62.09
N GLY G 367 52.59 -31.98 61.87
CA GLY G 367 52.05 -31.01 62.79
C GLY G 367 50.55 -30.83 62.66
N VAL G 368 50.04 -29.89 63.46
CA VAL G 368 48.62 -29.57 63.42
C VAL G 368 48.24 -28.96 62.07
N ILE G 369 49.21 -28.35 61.40
CA ILE G 369 48.96 -27.40 60.33
C ILE G 369 48.24 -27.99 59.12
N ARG G 370 48.73 -29.13 58.61
CA ARG G 370 48.50 -29.56 57.23
C ARG G 370 47.12 -29.22 56.64
N TRP G 371 46.06 -29.64 57.32
CA TRP G 371 44.72 -29.37 56.83
C TRP G 371 44.40 -27.87 56.88
N MET G 372 44.77 -27.22 57.98
CA MET G 372 44.65 -25.77 58.03
C MET G 372 45.49 -25.12 56.93
N ARG G 373 46.61 -25.75 56.58
CA ARG G 373 47.51 -25.22 55.56
C ARG G 373 46.83 -25.17 54.19
N ASP G 374 46.24 -26.29 53.77
CA ASP G 374 45.67 -26.29 52.43
C ASP G 374 44.39 -25.47 52.39
N ILE G 375 43.60 -25.50 53.47
CA ILE G 375 42.44 -24.61 53.48
C ILE G 375 42.88 -23.15 53.49
N GLN G 376 44.01 -22.84 54.12
CA GLN G 376 44.53 -21.48 54.15
C GLN G 376 44.97 -21.03 52.77
N ASP G 377 45.65 -21.88 52.03
CA ASP G 377 46.11 -21.46 50.70
C ASP G 377 44.90 -21.30 49.77
N ASP G 378 43.88 -22.15 49.96
CA ASP G 378 42.64 -21.95 49.21
C ASP G 378 41.99 -20.61 49.55
N ILE G 379 42.00 -20.23 50.84
CA ILE G 379 41.43 -18.95 51.24
C ILE G 379 42.19 -17.80 50.59
N ASN G 380 43.52 -17.90 50.57
CA ASN G 380 44.32 -16.86 49.93
C ASN G 380 44.00 -16.75 48.45
N LYS G 381 43.86 -17.88 47.76
CA LYS G 381 43.47 -17.83 46.35
C LYS G 381 42.11 -17.17 46.16
N ARG G 382 41.14 -17.51 47.02
CA ARG G 382 39.82 -16.92 46.92
C ARG G 382 39.88 -15.41 47.11
N ALA G 383 40.62 -14.95 48.11
CA ALA G 383 40.71 -13.52 48.37
C ALA G 383 41.38 -12.78 47.22
N SER G 384 42.47 -13.33 46.69
CA SER G 384 43.16 -12.69 45.57
C SER G 384 42.25 -12.62 44.35
N LYS G 385 41.55 -13.71 44.05
CA LYS G 385 40.65 -13.72 42.90
C LYS G 385 39.53 -12.70 43.07
N ALA G 386 38.95 -12.63 44.27
CA ALA G 386 37.88 -11.65 44.50
C ALA G 386 38.38 -10.22 44.34
N LEU G 387 39.54 -9.92 44.92
CA LEU G 387 40.08 -8.57 44.79
C LEU G 387 40.35 -8.22 43.34
N TYR G 388 40.88 -9.16 42.56
CA TYR G 388 41.11 -8.90 41.15
C TYR G 388 39.81 -8.60 40.45
N ILE G 389 38.81 -9.43 40.70
CA ILE G 389 37.53 -9.24 40.04
C ILE G 389 36.95 -7.86 40.37
N LEU G 390 37.12 -7.41 41.62
CA LEU G 390 36.73 -6.04 41.94
C LEU G 390 37.51 -5.02 41.14
N SER G 391 38.81 -5.23 40.99
CA SER G 391 39.65 -4.18 40.41
C SER G 391 39.43 -4.02 38.91
N SER G 392 39.56 -5.11 38.14
CA SER G 392 39.61 -5.03 36.69
C SER G 392 38.29 -5.49 36.08
N ASN G 393 37.76 -4.69 35.17
CA ASN G 393 36.54 -5.05 34.46
C ASN G 393 36.85 -6.02 33.35
N LYS G 394 35.96 -7.01 33.16
CA LYS G 394 35.98 -7.87 31.99
C LYS G 394 35.01 -7.28 30.97
N VAL G 395 35.47 -7.17 29.72
CA VAL G 395 34.73 -6.49 28.68
C VAL G 395 34.46 -7.47 27.55
N VAL G 396 33.19 -7.73 27.28
CA VAL G 396 32.77 -8.37 26.03
C VAL G 396 32.01 -7.32 25.25
N MET G 397 32.39 -7.14 23.99
CA MET G 397 31.86 -6.03 23.20
C MET G 397 31.47 -6.52 21.81
N ASP G 398 30.61 -5.75 21.16
CA ASP G 398 30.44 -5.90 19.74
C ASP G 398 31.77 -5.61 19.05
N GLU G 399 31.98 -6.28 17.91
CA GLU G 399 33.31 -6.31 17.32
C GLU G 399 33.82 -4.91 16.98
N GLY G 400 32.91 -3.99 16.69
CA GLY G 400 33.31 -2.62 16.36
C GLY G 400 32.97 -1.60 17.44
N ALA G 401 33.09 -2.00 18.70
CA ALA G 401 32.65 -1.14 19.79
C ALA G 401 33.50 0.11 19.89
N VAL G 402 34.82 -0.03 19.92
CA VAL G 402 35.73 1.07 20.23
C VAL G 402 36.64 1.32 19.03
N GLU G 403 36.91 2.59 18.76
CA GLU G 403 37.83 2.94 17.68
C GLU G 403 39.27 2.64 18.04
N ASP G 404 39.69 3.00 19.25
CA ASP G 404 41.05 2.81 19.72
C ASP G 404 41.03 1.77 20.83
N ILE G 405 41.55 0.58 20.55
CA ILE G 405 41.42 -0.53 21.50
C ILE G 405 42.47 -0.42 22.58
N GLU G 406 43.62 0.20 22.29
CA GLU G 406 44.67 0.30 23.29
C GLU G 406 44.30 1.27 24.40
N GLU G 407 43.82 2.46 24.04
CA GLU G 407 43.39 3.41 25.06
C GLU G 407 42.21 2.86 25.84
N PHE G 408 41.28 2.19 25.15
CA PHE G 408 40.19 1.53 25.84
C PHE G 408 40.71 0.53 26.85
N ARG G 409 41.59 -0.38 26.42
CA ARG G 409 42.13 -1.40 27.31
C ARG G 409 42.82 -0.79 28.52
N GLU G 410 43.55 0.32 28.31
CA GLU G 410 44.25 0.94 29.42
C GLU G 410 43.29 1.61 30.39
N GLU G 411 42.24 2.26 29.88
CA GLU G 411 41.39 3.09 30.72
C GLU G 411 40.00 2.52 30.98
N VAL G 412 39.82 1.20 30.98
CA VAL G 412 38.55 0.66 31.47
C VAL G 412 38.45 0.81 32.98
N ALA G 413 39.52 0.48 33.69
CA ALA G 413 39.44 0.38 35.14
C ALA G 413 39.45 1.76 35.80
N ARG G 414 40.04 2.75 35.15
CA ARG G 414 40.21 4.05 35.79
C ARG G 414 38.85 4.70 36.07
N PRO G 415 38.57 5.07 37.31
CA PRO G 415 37.25 5.65 37.62
C PRO G 415 36.97 6.98 36.95
N ASP G 416 38.01 7.68 36.48
CA ASP G 416 37.83 8.98 35.85
C ASP G 416 37.87 8.93 34.33
N ALA G 417 38.03 7.76 33.75
CA ALA G 417 38.24 7.67 32.31
C ALA G 417 36.98 8.02 31.54
N VAL G 418 37.18 8.59 30.36
CA VAL G 418 36.10 8.87 29.42
C VAL G 418 36.24 7.90 28.25
N LEU G 419 35.20 7.11 28.02
CA LEU G 419 35.22 6.05 27.02
C LEU G 419 34.40 6.48 25.81
N VAL G 420 35.00 6.36 24.63
CA VAL G 420 34.36 6.72 23.38
C VAL G 420 33.98 5.44 22.64
N LYS G 421 32.70 5.32 22.29
CA LYS G 421 32.18 4.10 21.70
C LYS G 421 31.38 4.42 20.43
N LYS G 422 31.32 3.43 19.53
CA LYS G 422 30.59 3.59 18.29
C LYS G 422 29.08 3.50 18.55
N PRO G 423 28.24 4.03 17.65
CA PRO G 423 26.82 4.19 17.98
C PRO G 423 26.10 2.88 18.29
N GLY G 424 26.06 1.95 17.34
CA GLY G 424 25.25 0.75 17.47
C GLY G 424 25.97 -0.49 17.92
N LYS G 425 27.26 -0.41 18.22
CA LYS G 425 28.03 -1.57 18.66
C LYS G 425 28.02 -1.57 20.19
N GLN G 426 27.26 -2.49 20.77
CA GLN G 426 27.06 -2.52 22.21
C GLN G 426 28.36 -2.89 22.91
N ILE G 427 28.62 -2.25 24.05
CA ILE G 427 29.70 -2.62 24.94
C ILE G 427 29.08 -3.15 26.22
N GLU G 428 29.49 -4.35 26.62
CA GLU G 428 29.08 -4.93 27.88
C GLU G 428 30.25 -4.90 28.84
N LEU G 429 30.30 -3.88 29.68
CA LEU G 429 31.23 -3.81 30.79
C LEU G 429 30.59 -4.48 31.99
N ASN G 430 31.41 -4.82 32.99
CA ASN G 430 30.92 -5.50 34.18
C ASN G 430 30.21 -6.79 33.76
N VAL G 431 30.97 -7.68 33.14
CA VAL G 431 30.38 -8.92 32.62
C VAL G 431 30.12 -9.90 33.74
N ASP G 432 31.16 -10.25 34.49
CA ASP G 432 31.05 -11.18 35.61
C ASP G 432 31.61 -10.51 36.85
N ARG G 433 30.72 -10.03 37.71
CA ARG G 433 31.14 -9.43 38.98
C ARG G 433 30.43 -10.01 40.18
N GLU G 434 29.31 -10.72 39.99
CA GLU G 434 28.75 -11.51 41.08
C GLU G 434 29.71 -12.61 41.53
N LEU G 435 30.67 -12.96 40.67
CA LEU G 435 31.76 -13.83 41.09
C LEU G 435 32.48 -13.28 42.31
N ALA G 436 32.53 -11.96 42.45
CA ALA G 436 33.13 -11.38 43.65
C ALA G 436 32.41 -11.84 44.91
N ALA G 437 31.09 -11.69 44.94
CA ALA G 437 30.33 -12.13 46.10
C ALA G 437 30.44 -13.64 46.28
N ALA G 438 30.44 -14.39 45.17
CA ALA G 438 30.55 -15.84 45.28
C ALA G 438 31.88 -16.25 45.92
N HIS G 439 32.97 -15.62 45.50
CA HIS G 439 34.28 -15.97 46.05
C HIS G 439 34.41 -15.50 47.50
N MET G 440 33.80 -14.36 47.84
CA MET G 440 33.80 -13.95 49.24
C MET G 440 33.04 -14.94 50.11
N ASP G 441 31.90 -15.43 49.61
CA ASP G 441 31.15 -16.45 50.35
C ASP G 441 31.96 -17.73 50.47
N MET G 442 32.68 -18.10 49.42
CA MET G 442 33.52 -19.29 49.47
C MET G 442 34.61 -19.15 50.53
N MET G 443 35.23 -17.97 50.60
CA MET G 443 36.26 -17.73 51.62
C MET G 443 35.66 -17.79 53.02
N SER G 444 34.48 -17.20 53.21
CA SER G 444 33.82 -17.28 54.51
C SER G 444 33.51 -18.71 54.89
N ARG G 445 33.04 -19.50 53.92
CA ARG G 445 32.74 -20.90 54.18
C ARG G 445 34.01 -21.68 54.55
N ASP G 446 35.12 -21.38 53.87
CA ASP G 446 36.39 -22.03 54.23
C ASP G 446 36.82 -21.65 55.64
N ILE G 447 36.60 -20.39 56.03
CA ILE G 447 36.88 -19.98 57.40
C ILE G 447 36.04 -20.79 58.37
N GLN G 448 34.75 -20.97 58.06
CA GLN G 448 33.88 -21.76 58.92
C GLN G 448 34.39 -23.20 59.04
N MET G 449 34.85 -23.78 57.93
CA MET G 449 35.38 -25.14 57.97
C MET G 449 36.66 -25.21 58.79
N LEU G 450 37.49 -24.18 58.73
CA LEU G 450 38.64 -24.13 59.64
C LEU G 450 38.19 -24.11 61.10
N GLN G 451 37.11 -23.38 61.39
CA GLN G 451 36.61 -23.39 62.76
C GLN G 451 36.19 -24.79 63.18
N GLN G 452 35.54 -25.54 62.29
CA GLN G 452 35.07 -26.88 62.64
C GLN G 452 36.24 -27.85 62.79
N VAL G 453 37.17 -27.85 61.84
CA VAL G 453 38.28 -28.79 61.88
C VAL G 453 39.32 -28.34 62.89
N THR G 481 39.93 -28.39 72.48
CA THR G 481 40.51 -28.95 73.69
C THR G 481 40.53 -30.48 73.63
N VAL G 482 39.34 -31.07 73.50
CA VAL G 482 39.25 -32.52 73.43
C VAL G 482 39.84 -33.04 72.12
N ALA G 483 39.68 -32.28 71.03
CA ALA G 483 40.23 -32.69 69.76
C ALA G 483 41.75 -32.63 69.76
N THR G 484 42.33 -31.72 70.54
CA THR G 484 43.77 -31.51 70.61
C THR G 484 44.43 -32.37 71.67
N ASN G 485 43.64 -33.18 72.40
CA ASN G 485 44.13 -33.87 73.58
C ASN G 485 45.30 -34.81 73.29
N LYS G 486 45.41 -35.32 72.07
CA LYS G 486 46.50 -36.26 71.78
C LYS G 486 47.86 -35.58 71.84
N LEU G 487 47.94 -34.33 71.38
CA LEU G 487 49.19 -33.58 71.49
C LEU G 487 49.58 -33.38 72.95
N PHE G 488 48.61 -33.03 73.80
CA PHE G 488 48.92 -32.83 75.21
C PHE G 488 49.34 -34.13 75.87
N ASP G 489 48.70 -35.25 75.50
CA ASP G 489 49.10 -36.53 76.06
C ASP G 489 50.48 -36.95 75.60
N ASN G 490 50.82 -36.67 74.34
CA ASN G 490 52.18 -36.93 73.87
C ASN G 490 53.19 -36.08 74.64
N LEU G 491 52.84 -34.81 74.88
CA LEU G 491 53.71 -33.96 75.69
C LEU G 491 53.89 -34.52 77.09
N ARG G 492 52.80 -35.00 77.70
CA ARG G 492 52.88 -35.60 79.03
C ARG G 492 53.79 -36.82 79.02
N PHE G 493 53.65 -37.66 78.01
CA PHE G 493 54.46 -38.86 77.88
C PHE G 493 55.95 -38.51 77.78
N ALA G 494 56.28 -37.53 76.95
CA ALA G 494 57.67 -37.16 76.79
C ALA G 494 58.19 -36.42 78.03
N VAL G 495 57.30 -35.75 78.76
CA VAL G 495 57.70 -35.14 80.03
C VAL G 495 58.07 -36.22 81.03
N GLN G 496 57.30 -37.30 81.08
CA GLN G 496 57.67 -38.42 81.95
C GLN G 496 59.00 -39.02 81.52
N MET G 497 59.21 -39.15 80.20
CA MET G 497 60.53 -39.59 79.72
C MET G 497 61.65 -38.70 80.23
N GLN G 498 61.52 -37.39 80.05
CA GLN G 498 62.61 -36.50 80.45
C GLN G 498 62.78 -36.50 81.96
N GLY G 499 61.70 -36.68 82.71
CA GLY G 499 61.82 -36.79 84.15
C GLY G 499 62.60 -38.01 84.57
N GLU G 500 62.30 -39.16 83.96
CA GLU G 500 63.06 -40.38 84.26
C GLU G 500 64.53 -40.21 83.92
N ILE G 501 64.82 -39.67 82.74
CA ILE G 501 66.21 -39.50 82.32
C ILE G 501 66.95 -38.56 83.26
N GLN G 502 66.31 -37.44 83.61
CA GLN G 502 66.94 -36.51 84.53
C GLN G 502 67.20 -37.17 85.87
N LEU G 503 66.21 -37.84 86.44
CA LEU G 503 66.37 -38.42 87.77
C LEU G 503 67.50 -39.45 87.77
N SER G 504 67.63 -40.23 86.69
CA SER G 504 68.79 -41.09 86.57
C SER G 504 70.08 -40.27 86.56
N LEU G 505 70.08 -39.14 85.87
CA LEU G 505 71.27 -38.30 85.83
C LEU G 505 71.64 -37.78 87.21
N ILE G 506 70.65 -37.38 88.01
CA ILE G 506 70.93 -37.02 89.40
C ILE G 506 71.53 -38.20 90.16
N GLU G 507 70.89 -39.37 90.10
CA GLU G 507 71.40 -40.49 90.89
C GLU G 507 72.80 -40.90 90.44
N GLN G 508 73.19 -40.51 89.23
CA GLN G 508 74.55 -40.79 88.79
C GLN G 508 75.53 -39.72 89.23
N PHE G 509 75.26 -38.46 88.89
CA PHE G 509 76.29 -37.43 88.85
C PHE G 509 76.22 -36.40 89.96
N VAL G 510 75.50 -36.65 91.04
CA VAL G 510 75.46 -35.73 92.18
C VAL G 510 76.06 -36.44 93.39
N THR G 511 76.86 -35.69 94.15
CA THR G 511 77.32 -36.20 95.44
C THR G 511 76.38 -35.77 96.54
N GLU G 512 76.47 -36.46 97.68
CA GLU G 512 75.59 -36.13 98.81
C GLU G 512 75.87 -34.73 99.33
N GLU G 513 77.12 -34.26 99.19
CA GLU G 513 77.43 -32.88 99.56
C GLU G 513 76.68 -31.89 98.69
N LYS G 514 76.56 -32.18 97.39
CA LYS G 514 75.80 -31.33 96.50
C LYS G 514 74.34 -31.22 96.94
N THR G 515 73.73 -32.35 97.29
CA THR G 515 72.35 -32.32 97.77
C THR G 515 72.25 -31.59 99.09
N PHE G 516 73.21 -31.79 99.99
CA PHE G 516 73.16 -31.14 101.30
C PHE G 516 73.32 -29.63 101.17
N ARG G 517 74.08 -29.17 100.17
CA ARG G 517 74.18 -27.74 99.92
C ARG G 517 72.90 -27.21 99.27
N ILE G 518 72.37 -27.94 98.29
CA ILE G 518 71.15 -27.52 97.63
C ILE G 518 69.95 -27.67 98.55
N THR G 519 69.86 -28.79 99.27
CA THR G 519 68.72 -29.11 100.10
C THR G 519 69.17 -29.27 101.54
N ASN G 520 68.31 -28.84 102.47
CA ASN G 520 68.68 -28.84 103.89
C ASN G 520 68.96 -30.25 104.38
N GLU G 521 68.35 -31.26 103.77
CA GLU G 521 68.54 -32.64 104.19
C GLU G 521 69.99 -33.08 104.01
N LEU G 534 64.96 -57.51 92.52
CA LEU G 534 64.74 -56.17 92.01
C LEU G 534 65.36 -56.05 90.62
N PRO G 535 64.66 -55.40 89.70
CA PRO G 535 65.16 -55.28 88.32
C PRO G 535 66.52 -54.59 88.26
N GLU G 536 67.30 -54.97 87.25
CA GLU G 536 68.67 -54.49 87.14
C GLU G 536 68.74 -53.04 86.66
N ASN G 537 67.80 -52.65 85.79
CA ASN G 537 67.87 -51.33 85.16
C ASN G 537 67.76 -50.22 86.20
N ASP G 538 68.49 -49.12 85.96
CA ASP G 538 68.39 -47.96 86.83
C ASP G 538 66.99 -47.36 86.79
N ILE G 539 66.43 -47.21 85.58
CA ILE G 539 65.13 -46.56 85.44
C ILE G 539 64.05 -47.36 86.16
N VAL G 540 64.04 -48.68 85.99
CA VAL G 540 63.05 -49.51 86.66
C VAL G 540 63.28 -49.49 88.17
N ARG G 541 64.54 -49.49 88.60
CA ARG G 541 64.84 -49.39 90.02
C ARG G 541 64.31 -48.08 90.60
N THR G 542 64.50 -46.97 89.89
CA THR G 542 63.98 -45.70 90.35
C THR G 542 62.46 -45.70 90.38
N LYS G 543 61.83 -46.25 89.33
CA LYS G 543 60.37 -46.22 89.26
C LYS G 543 59.75 -47.14 90.29
N ALA G 544 60.52 -48.12 90.78
CA ALA G 544 60.03 -49.03 91.80
C ALA G 544 59.70 -48.30 93.09
N ASP G 545 60.59 -47.41 93.52
CA ASP G 545 60.38 -46.72 94.79
C ASP G 545 59.74 -45.35 94.60
N PHE G 546 60.15 -44.62 93.57
CA PHE G 546 59.70 -43.25 93.35
C PHE G 546 58.91 -43.18 92.05
N ILE G 547 57.76 -42.50 92.11
CA ILE G 547 56.93 -42.25 90.94
C ILE G 547 56.95 -40.76 90.65
N ILE G 548 57.05 -40.42 89.36
CA ILE G 548 57.09 -39.01 88.97
C ILE G 548 55.68 -38.45 88.91
N GLY G 549 55.44 -37.38 89.66
CA GLY G 549 54.17 -36.71 89.64
C GLY G 549 54.34 -35.28 89.19
N GLU G 550 53.24 -34.69 88.75
CA GLU G 550 53.26 -33.37 88.13
C GLU G 550 52.30 -32.43 88.84
N SER G 551 52.79 -31.25 89.20
CA SER G 551 52.01 -30.18 89.79
C SER G 551 52.37 -28.88 89.08
N ASP G 552 51.63 -27.82 89.39
CA ASP G 552 51.87 -26.55 88.74
C ASP G 552 53.24 -25.99 89.13
N TRP G 553 53.67 -24.97 88.41
CA TRP G 553 55.03 -24.45 88.55
C TRP G 553 55.29 -23.95 89.96
N ARG G 554 54.43 -23.06 90.47
CA ARG G 554 54.39 -22.69 91.89
C ARG G 554 55.74 -22.18 92.41
N ALA G 555 56.57 -21.65 91.50
CA ALA G 555 57.89 -21.10 91.82
C ALA G 555 58.68 -22.16 92.60
N THR G 556 59.27 -21.83 93.75
CA THR G 556 60.06 -22.80 94.48
C THR G 556 59.19 -23.91 95.04
N TYR G 557 59.83 -25.02 95.41
CA TYR G 557 59.09 -26.17 95.92
C TYR G 557 58.34 -25.83 97.20
N ARG G 558 58.97 -25.10 98.10
CA ARG G 558 58.32 -24.84 99.38
C ARG G 558 57.02 -24.06 99.23
N GLN G 559 56.92 -23.22 98.21
CA GLN G 559 55.64 -22.56 97.97
C GLN G 559 54.55 -23.58 97.69
N ALA G 560 54.84 -24.59 96.86
CA ALA G 560 53.87 -25.66 96.63
C ALA G 560 53.61 -26.44 97.91
N ALA G 561 54.65 -26.66 98.72
CA ALA G 561 54.48 -27.32 100.01
C ALA G 561 53.51 -26.55 100.88
N SER G 562 53.67 -25.22 100.96
CA SER G 562 52.78 -24.40 101.75
C SER G 562 51.36 -24.41 101.19
N GLU G 563 51.23 -24.46 99.86
CA GLU G 563 49.90 -24.54 99.26
C GLU G 563 49.20 -25.83 99.66
N GLN G 564 49.90 -26.96 99.57
CA GLN G 564 49.30 -28.22 99.98
C GLN G 564 48.97 -28.20 101.47
N LEU G 565 49.87 -27.64 102.29
CA LEU G 565 49.63 -27.60 103.72
C LEU G 565 48.42 -26.74 104.06
N SER G 566 48.26 -25.60 103.37
CA SER G 566 47.09 -24.75 103.60
C SER G 566 45.80 -25.44 103.16
N GLN G 567 45.86 -26.16 102.04
CA GLN G 567 44.69 -26.94 101.62
C GLN G 567 44.32 -27.97 102.68
N MET G 568 45.31 -28.66 103.22
CA MET G 568 45.05 -29.63 104.27
C MET G 568 44.45 -28.96 105.49
N ILE G 569 44.98 -27.79 105.88
CA ILE G 569 44.42 -27.04 107.00
C ILE G 569 42.95 -26.74 106.75
N MET G 570 42.63 -26.26 105.54
CA MET G 570 41.23 -26.00 105.20
C MET G 570 40.39 -27.26 105.33
N LYS G 571 40.99 -28.42 105.03
CA LYS G 571 40.25 -29.67 105.21
C LYS G 571 40.01 -29.99 106.69
N MET G 572 41.01 -29.77 107.54
CA MET G 572 40.90 -30.16 108.93
C MET G 572 39.89 -29.30 109.68
N PRO G 573 39.31 -29.81 110.76
CA PRO G 573 38.42 -28.98 111.57
C PRO G 573 39.21 -27.90 112.29
N PRO G 574 38.54 -26.92 112.89
CA PRO G 574 39.27 -25.89 113.64
C PRO G 574 40.12 -26.44 114.76
N GLN G 575 39.68 -27.52 115.41
CA GLN G 575 40.50 -28.14 116.45
C GLN G 575 41.37 -29.23 115.84
N VAL G 576 42.70 -29.03 115.96
CA VAL G 576 43.84 -29.73 115.36
C VAL G 576 44.43 -28.78 114.32
N GLY G 577 43.67 -27.73 113.98
CA GLY G 577 44.08 -26.84 112.92
C GLY G 577 45.26 -25.95 113.28
N LEU G 578 45.48 -25.70 114.56
CA LEU G 578 46.48 -24.71 114.96
C LEU G 578 47.91 -25.21 114.74
N VAL G 579 48.15 -26.50 114.98
CA VAL G 579 49.50 -27.02 114.78
C VAL G 579 49.82 -27.12 113.28
N MET G 580 48.86 -27.55 112.47
CA MET G 580 49.03 -27.42 111.03
C MET G 580 49.25 -25.97 110.63
N LEU G 581 48.63 -25.03 111.35
CA LEU G 581 48.82 -23.62 111.06
C LEU G 581 50.24 -23.18 111.35
N ASP G 582 50.84 -23.67 112.43
CA ASP G 582 52.20 -23.26 112.75
C ASP G 582 53.19 -23.86 111.75
N LEU G 583 52.93 -25.09 111.29
CA LEU G 583 53.71 -25.60 110.15
C LEU G 583 53.53 -24.75 108.90
N TRP G 584 52.30 -24.31 108.62
CA TRP G 584 52.07 -23.50 107.43
C TRP G 584 52.82 -22.17 107.51
N ALA G 585 52.83 -21.57 108.70
CA ALA G 585 53.64 -20.37 108.90
C ALA G 585 55.12 -20.69 108.73
N ASP G 586 55.56 -21.85 109.22
CA ASP G 586 56.95 -22.24 109.08
C ASP G 586 57.31 -22.53 107.63
N SER G 587 56.30 -22.73 106.78
CA SER G 587 56.56 -23.03 105.38
C SER G 587 56.34 -21.82 104.48
N THR G 588 55.28 -21.06 104.72
CA THR G 588 54.96 -19.91 103.89
C THR G 588 56.04 -18.83 104.02
N ASP G 589 56.34 -18.17 102.91
CA ASP G 589 57.37 -17.14 102.87
C ASP G 589 56.79 -15.82 103.36
N LEU G 590 56.68 -15.70 104.67
CA LEU G 590 56.30 -14.44 105.27
C LEU G 590 57.48 -13.46 105.21
N PRO G 591 57.21 -12.15 105.13
CA PRO G 591 58.31 -11.19 105.15
C PRO G 591 59.16 -11.28 106.40
N ASN G 592 58.53 -11.52 107.55
CA ASN G 592 59.24 -11.80 108.80
C ASN G 592 58.79 -13.15 109.30
N ARG G 593 59.66 -14.16 109.19
CA ARG G 593 59.27 -15.55 109.35
C ARG G 593 59.63 -16.12 110.71
N ASP G 594 60.77 -15.74 111.28
CA ASP G 594 61.15 -16.30 112.57
C ASP G 594 60.17 -15.91 113.67
N GLU G 595 59.74 -14.65 113.68
CA GLU G 595 58.92 -14.16 114.78
C GLU G 595 57.50 -14.73 114.73
N ILE G 596 56.91 -14.80 113.53
CA ILE G 596 55.59 -15.39 113.41
C ILE G 596 55.62 -16.85 113.83
N VAL G 597 56.65 -17.60 113.38
CA VAL G 597 56.77 -19.00 113.76
C VAL G 597 56.90 -19.12 115.28
N LYS G 598 57.71 -18.25 115.89
CA LYS G 598 57.90 -18.29 117.32
C LYS G 598 56.58 -18.05 118.05
N ARG G 599 55.78 -17.10 117.58
CA ARG G 599 54.52 -16.79 118.26
C ARG G 599 53.50 -17.91 118.10
N ILE G 600 53.37 -18.46 116.89
CA ILE G 600 52.41 -19.54 116.69
C ILE G 600 52.82 -20.75 117.52
N ARG G 601 54.14 -20.97 117.65
CA ARG G 601 54.62 -22.05 118.53
C ARG G 601 54.32 -21.74 119.99
N GLN G 602 54.46 -20.48 120.40
CA GLN G 602 54.17 -20.11 121.78
C GLN G 602 52.72 -20.43 122.12
N ILE G 603 51.79 -20.04 121.24
CA ILE G 603 50.38 -20.30 121.50
C ILE G 603 50.08 -21.79 121.38
N ASN G 604 50.73 -22.48 120.44
CA ASN G 604 50.45 -23.89 120.23
C ASN G 604 51.25 -24.77 121.18
N GLY G 605 52.50 -24.38 121.48
CA GLY G 605 53.37 -25.18 122.32
C GLY G 605 54.16 -26.24 121.58
N MET G 606 54.16 -26.21 120.25
CA MET G 606 54.79 -27.29 119.48
C MET G 606 56.27 -27.03 119.26
N ARG G 607 56.99 -28.09 118.89
CA ARG G 607 58.43 -28.04 118.69
C ARG G 607 58.77 -28.71 117.37
N ASP G 608 59.66 -28.08 116.59
CA ASP G 608 60.14 -28.62 115.33
C ASP G 608 59.00 -29.02 114.39
N PRO G 614 64.99 -21.95 121.39
CA PRO G 614 63.84 -22.64 121.97
C PRO G 614 64.20 -23.31 123.28
N THR G 615 65.48 -23.23 123.65
CA THR G 615 65.94 -23.84 124.90
C THR G 615 65.29 -23.18 126.11
N PRO G 616 65.19 -21.85 126.10
CA PRO G 616 64.52 -21.15 127.19
C PRO G 616 63.04 -21.48 127.22
N GLU G 617 62.40 -21.51 126.05
CA GLU G 617 60.98 -21.86 125.99
C GLU G 617 60.74 -23.30 126.43
N GLU G 618 61.63 -24.22 126.03
CA GLU G 618 61.49 -25.61 126.45
C GLU G 618 61.61 -25.74 127.97
N LEU G 619 62.60 -25.06 128.56
CA LEU G 619 62.77 -25.11 130.01
C LEU G 619 61.57 -24.51 130.72
N GLN G 620 61.06 -23.38 130.23
CA GLN G 620 59.91 -22.75 130.85
C GLN G 620 58.68 -23.67 130.78
N GLN G 621 58.43 -24.27 129.61
CA GLN G 621 57.29 -25.16 129.48
C GLN G 621 57.42 -26.38 130.36
N GLN G 622 58.61 -26.98 130.43
CA GLN G 622 58.82 -28.14 131.28
C GLN G 622 58.62 -27.79 132.74
N GLN G 623 59.15 -26.64 133.18
CA GLN G 623 58.99 -26.23 134.57
C GLN G 623 57.52 -25.97 134.90
N ALA G 624 56.80 -25.31 134.00
CA ALA G 624 55.38 -25.03 134.24
C ALA G 624 54.59 -26.34 134.32
N ALA G 625 54.84 -27.26 133.40
CA ALA G 625 54.11 -28.53 133.41
C ALA G 625 54.42 -29.32 134.68
N ALA G 626 55.69 -29.38 135.07
CA ALA G 626 56.06 -30.12 136.27
C ALA G 626 55.44 -29.51 137.52
N GLU G 627 55.47 -28.17 137.62
CA GLU G 627 54.89 -27.51 138.78
C GLU G 627 53.39 -27.73 138.86
N GLN G 628 52.69 -27.60 137.72
CA GLN G 628 51.25 -27.80 137.71
C GLN G 628 50.90 -29.23 138.08
N ALA G 629 51.62 -30.21 137.52
CA ALA G 629 51.33 -31.61 137.82
C ALA G 629 51.60 -31.93 139.28
N GLN G 630 52.71 -31.42 139.82
CA GLN G 630 53.03 -31.66 141.23
C GLN G 630 51.98 -31.02 142.14
N ALA G 631 51.55 -29.81 141.81
CA ALA G 631 50.52 -29.15 142.62
C ALA G 631 49.21 -29.93 142.57
N GLN G 632 48.82 -30.40 141.39
CA GLN G 632 47.58 -31.18 141.28
C GLN G 632 47.68 -32.48 142.08
N LYS G 633 48.82 -33.17 142.00
CA LYS G 633 48.99 -34.40 142.74
C LYS G 633 48.95 -34.14 144.24
N ALA G 634 49.60 -33.07 144.69
CA ALA G 634 49.58 -32.73 146.12
C ALA G 634 48.18 -32.38 146.59
N MET G 635 47.42 -31.65 145.78
CA MET G 635 46.05 -31.32 146.14
C MET G 635 45.18 -32.57 146.22
N PHE G 636 45.35 -33.49 145.26
CA PHE G 636 44.60 -34.74 145.30
C PHE G 636 44.96 -35.56 146.53
N MET G 637 46.25 -35.62 146.87
CA MET G 637 46.66 -36.35 148.06
C MET G 637 46.08 -35.72 149.32
N ALA G 638 46.08 -34.39 149.40
CA ALA G 638 45.50 -33.71 150.55
C ALA G 638 44.00 -33.98 150.65
N GLU G 639 43.29 -33.97 149.53
CA GLU G 639 41.86 -34.26 149.55
C GLU G 639 41.60 -35.70 150.00
N LEU G 640 42.39 -36.65 149.50
CA LEU G 640 42.23 -38.04 149.91
C LEU G 640 42.50 -38.20 151.40
N SER G 641 43.56 -37.55 151.90
CA SER G 641 43.88 -37.61 153.32
C SER G 641 42.75 -37.01 154.15
N GLU G 642 42.18 -35.90 153.70
CA GLU G 642 41.07 -35.27 154.42
C GLU G 642 39.86 -36.19 154.47
N LYS G 643 39.54 -36.84 153.34
CA LYS G 643 38.40 -37.75 153.33
C LYS G 643 38.63 -38.95 154.24
N GLN G 644 39.83 -39.53 154.19
CA GLN G 644 40.12 -40.68 155.05
C GLN G 644 40.09 -40.29 156.52
N GLY G 645 40.63 -39.11 156.85
CA GLY G 645 40.62 -38.64 158.23
C GLY G 645 39.21 -38.36 158.71
N LYS G 646 38.35 -37.82 157.83
CA LYS G 646 36.95 -37.61 158.20
C LYS G 646 36.25 -38.94 158.47
N ALA G 647 36.53 -39.95 157.63
CA ALA G 647 35.96 -41.27 157.87
C ALA G 647 36.44 -41.85 159.20
N ASP G 648 37.74 -41.71 159.50
CA ASP G 648 38.26 -42.20 160.76
C ASP G 648 37.63 -41.46 161.94
N LYS G 649 37.44 -40.14 161.80
CA LYS G 649 36.82 -39.36 162.86
C LYS G 649 35.37 -39.81 163.09
N ALA G 650 34.63 -40.06 162.02
CA ALA G 650 33.25 -40.52 162.18
C ALA G 650 33.20 -41.90 162.84
N GLN G 651 34.10 -42.80 162.43
CA GLN G 651 34.12 -44.14 163.02
C GLN G 651 34.47 -44.07 164.51
N ALA G 652 35.46 -43.24 164.87
CA ALA G 652 35.85 -43.13 166.27
C ALA G 652 34.77 -42.41 167.08
N ASP G 653 34.05 -41.49 166.46
CA ASP G 653 32.89 -40.90 167.13
C ASP G 653 31.83 -41.94 167.39
N ALA G 654 31.64 -42.87 166.45
CA ALA G 654 30.73 -43.99 166.69
C ALA G 654 31.18 -44.83 167.87
N VAL G 655 32.49 -45.14 167.92
CA VAL G 655 33.01 -45.92 169.05
C VAL G 655 32.80 -45.18 170.37
N ALA G 656 33.07 -43.87 170.38
CA ALA G 656 32.88 -43.08 171.59
C ALA G 656 31.42 -43.05 172.00
N ALA G 657 30.50 -42.92 171.04
CA ALA G 657 29.08 -42.93 171.35
C ALA G 657 28.66 -44.27 171.93
N GLN G 658 29.15 -45.37 171.38
CA GLN G 658 28.83 -46.69 171.91
C GLN G 658 29.35 -46.84 173.34
N ALA G 659 30.58 -46.39 173.59
CA ALA G 659 31.15 -46.51 174.94
C ALA G 659 30.40 -45.63 175.93
N ASN G 660 30.01 -44.42 175.50
CA ASN G 660 29.22 -43.56 176.37
C ASN G 660 27.85 -44.18 176.65
N ALA G 661 27.27 -44.84 175.66
CA ALA G 661 26.03 -45.57 175.89
C ALA G 661 26.22 -46.67 176.94
N ASP G 662 27.32 -47.42 176.83
CA ASP G 662 27.60 -48.46 177.81
C ASP G 662 27.77 -47.86 179.21
N LEU G 663 28.49 -46.74 179.31
CA LEU G 663 28.69 -46.09 180.60
C LEU G 663 27.37 -45.60 181.19
N ARG G 664 26.51 -45.00 180.36
CA ARG G 664 25.22 -44.53 180.85
C ARG G 664 24.35 -45.70 181.31
N ALA G 665 24.38 -46.81 180.56
CA ALA G 665 23.61 -47.98 180.96
C ALA G 665 24.12 -48.54 182.29
N ALA G 666 25.45 -48.58 182.46
CA ALA G 666 26.02 -49.05 183.72
C ALA G 666 25.63 -48.14 184.89
N GLN G 667 25.66 -46.82 184.66
CA GLN G 667 25.27 -45.88 185.71
C GLN G 667 23.79 -46.06 186.06
N ALA G 668 22.94 -46.25 185.06
CA ALA G 668 21.52 -46.48 185.34
C ALA G 668 21.31 -47.77 186.12
N GLU G 669 22.03 -48.83 185.75
CA GLU G 669 21.92 -50.09 186.47
C GLU G 669 22.37 -49.95 187.92
N GLN G 670 23.46 -49.21 188.15
CA GLN G 670 23.91 -48.97 189.51
C GLN G 670 22.90 -48.16 190.31
N VAL G 671 22.32 -47.13 189.69
CA VAL G 671 21.35 -46.30 190.39
C VAL G 671 20.08 -47.07 190.72
N ARG G 672 19.64 -47.95 189.82
CA ARG G 672 18.41 -48.69 190.05
C ARG G 672 18.52 -49.59 191.27
N ARG G 673 19.65 -50.27 191.43
CA ARG G 673 19.86 -51.15 192.56
C ARG G 673 20.10 -50.36 193.85
N VAL H 4 57.39 -20.98 -104.34
CA VAL H 4 56.33 -21.68 -105.04
C VAL H 4 55.04 -20.88 -104.98
N GLN H 5 54.79 -20.08 -106.02
CA GLN H 5 53.59 -19.26 -106.06
C GLN H 5 52.35 -20.12 -106.32
N PHE H 6 51.18 -19.53 -106.11
CA PHE H 6 49.94 -20.27 -106.27
C PHE H 6 48.97 -19.53 -107.19
N ALA H 7 47.97 -20.26 -107.67
CA ALA H 7 46.99 -19.75 -108.63
C ALA H 7 45.57 -20.03 -108.15
N ASN H 8 44.63 -19.19 -108.57
CA ASN H 8 43.22 -19.37 -108.26
C ASN H 8 42.35 -19.12 -109.48
N ASN H 9 41.39 -20.02 -109.69
CA ASN H 9 40.25 -19.79 -110.59
C ASN H 9 40.71 -19.30 -111.96
N ALA H 10 41.76 -19.94 -112.50
CA ALA H 10 42.32 -19.57 -113.79
C ALA H 10 42.36 -20.81 -114.67
N ALA H 11 41.36 -20.93 -115.55
CA ALA H 11 41.30 -22.01 -116.52
C ALA H 11 41.55 -21.41 -117.89
N SER H 12 42.64 -21.82 -118.54
CA SER H 12 43.09 -21.19 -119.76
C SER H 12 43.03 -22.20 -120.90
N ARG H 13 42.29 -21.84 -121.95
CA ARG H 13 42.29 -22.63 -123.16
C ARG H 13 43.67 -22.53 -123.83
N LEU H 14 44.25 -23.67 -124.16
CA LEU H 14 45.58 -23.73 -124.75
C LEU H 14 45.43 -23.55 -126.25
N VAL H 15 45.53 -22.31 -126.72
CA VAL H 15 45.32 -22.00 -128.13
C VAL H 15 46.42 -22.63 -128.98
N GLY H 16 47.65 -22.62 -128.49
CA GLY H 16 48.77 -23.16 -129.23
C GLY H 16 48.93 -24.65 -129.02
N PRO H 17 49.08 -25.40 -130.11
CA PRO H 17 49.31 -26.83 -130.00
C PRO H 17 50.61 -27.13 -129.29
N LEU H 18 50.63 -28.22 -128.54
CA LEU H 18 51.77 -28.61 -127.73
C LEU H 18 52.36 -29.91 -128.26
N ALA H 19 53.56 -29.83 -128.81
CA ALA H 19 54.32 -31.01 -129.17
C ALA H 19 54.78 -31.72 -127.90
N PRO H 20 54.94 -33.05 -127.94
CA PRO H 20 55.24 -33.78 -126.70
C PRO H 20 56.53 -33.31 -126.04
N SER H 21 57.47 -32.80 -126.83
CA SER H 21 58.65 -32.10 -126.31
C SER H 21 58.44 -30.62 -126.57
N GLY H 22 57.71 -29.97 -125.67
CA GLY H 22 57.35 -28.57 -125.85
C GLY H 22 57.98 -27.65 -124.83
N THR H 23 58.60 -26.57 -125.30
CA THR H 23 59.28 -25.65 -124.40
C THR H 23 58.34 -24.59 -123.84
N SER H 24 57.28 -24.26 -124.58
CA SER H 24 56.41 -23.14 -124.20
C SER H 24 54.97 -23.44 -124.62
N LEU H 25 54.06 -22.67 -124.03
CA LEU H 25 52.63 -22.73 -124.35
C LEU H 25 52.13 -21.32 -124.61
N THR H 26 50.92 -21.24 -125.15
CA THR H 26 50.20 -19.98 -125.31
C THR H 26 48.80 -20.13 -124.73
N VAL H 27 48.52 -19.38 -123.67
CA VAL H 27 47.18 -19.32 -123.09
C VAL H 27 46.35 -18.30 -123.88
N THR H 28 45.04 -18.29 -123.67
CA THR H 28 44.21 -17.30 -124.32
C THR H 28 44.57 -15.89 -123.82
N PRO H 29 44.42 -14.88 -124.68
CA PRO H 29 44.80 -13.51 -124.26
C PRO H 29 44.07 -13.03 -123.03
N GLY H 30 42.79 -13.39 -122.88
CA GLY H 30 42.04 -12.98 -121.70
C GLY H 30 42.53 -13.64 -120.43
N ASP H 31 42.88 -14.92 -120.50
CA ASP H 31 43.20 -15.69 -119.30
C ASP H 31 44.66 -15.55 -118.88
N GLY H 32 45.47 -14.80 -119.62
CA GLY H 32 46.86 -14.62 -119.23
C GLY H 32 47.00 -13.90 -117.90
N ALA H 33 46.17 -12.88 -117.66
CA ALA H 33 46.27 -12.13 -116.41
C ALA H 33 45.71 -12.92 -115.24
N LEU H 34 44.81 -13.87 -115.50
CA LEU H 34 44.23 -14.67 -114.42
C LEU H 34 45.30 -15.50 -113.72
N PHE H 35 46.23 -16.08 -114.48
CA PHE H 35 47.32 -16.82 -113.87
C PHE H 35 48.25 -15.87 -113.14
N PRO H 36 48.97 -16.34 -112.12
CA PRO H 36 49.78 -15.42 -111.30
C PRO H 36 50.89 -14.75 -112.12
N THR H 37 51.44 -13.67 -111.55
CA THR H 37 52.44 -12.88 -112.24
C THR H 37 53.79 -13.60 -112.29
N LEU H 38 54.17 -14.23 -111.18
CA LEU H 38 55.45 -14.93 -111.04
C LEU H 38 56.64 -14.00 -111.13
N GLY H 39 57.84 -14.58 -111.09
CA GLY H 39 59.09 -13.85 -111.21
C GLY H 39 60.20 -14.86 -111.43
N ALA H 40 61.43 -14.35 -111.39
CA ALA H 40 62.59 -15.23 -111.55
C ALA H 40 62.72 -16.15 -110.35
N GLY H 41 62.68 -17.46 -110.60
CA GLY H 41 62.79 -18.45 -109.55
C GLY H 41 61.52 -18.77 -108.82
N ASP H 42 60.36 -18.29 -109.29
CA ASP H 42 59.08 -18.55 -108.67
C ASP H 42 58.22 -19.37 -109.63
N TRP H 43 57.64 -20.45 -109.13
CA TRP H 43 56.92 -21.40 -109.98
C TRP H 43 55.63 -21.85 -109.33
N PHE H 44 54.66 -22.21 -110.17
CA PHE H 44 53.43 -22.85 -109.76
C PHE H 44 53.15 -24.01 -110.72
N MET H 45 52.55 -25.08 -110.21
CA MET H 45 52.23 -26.22 -111.05
C MET H 45 50.79 -26.15 -111.54
N ALA H 46 50.59 -26.51 -112.81
CA ALA H 46 49.29 -26.52 -113.44
C ALA H 46 49.05 -27.86 -114.10
N THR H 47 47.78 -28.20 -114.30
CA THR H 47 47.39 -29.47 -114.91
C THR H 47 46.79 -29.20 -116.28
N LEU H 48 47.45 -29.69 -117.32
CA LEU H 48 46.94 -29.58 -118.69
C LEU H 48 45.94 -30.70 -118.94
N ILE H 49 44.65 -30.42 -118.71
CA ILE H 49 43.60 -31.41 -118.85
C ILE H 49 43.19 -31.44 -120.33
N ARG H 50 43.73 -32.41 -121.06
CA ARG H 50 43.35 -32.61 -122.45
C ARG H 50 41.93 -33.15 -122.53
N SER H 51 41.37 -33.13 -123.74
CA SER H 51 40.08 -33.76 -123.97
C SER H 51 40.16 -35.23 -123.56
N ASP H 52 39.06 -35.73 -122.99
CA ASP H 52 38.99 -37.05 -122.36
C ASP H 52 39.78 -37.02 -121.06
N GLY H 53 40.21 -38.19 -120.57
CA GLY H 53 40.81 -38.25 -119.25
C GLY H 53 42.28 -37.86 -119.24
N ALA H 54 42.83 -37.50 -120.41
CA ALA H 54 44.24 -37.19 -120.49
C ALA H 54 44.59 -35.93 -119.70
N ARG H 55 45.51 -36.07 -118.75
CA ARG H 55 46.06 -34.96 -117.98
C ARG H 55 47.57 -35.16 -117.84
N GLU H 56 48.30 -34.05 -117.82
CA GLU H 56 49.76 -34.09 -117.71
C GLU H 56 50.23 -33.03 -116.73
N ILE H 57 51.34 -33.30 -116.05
CA ILE H 57 51.90 -32.39 -115.05
C ILE H 57 52.99 -31.54 -115.70
N VAL H 58 52.98 -30.24 -115.38
CA VAL H 58 53.96 -29.31 -115.92
C VAL H 58 54.47 -28.38 -114.83
N LYS H 59 55.56 -27.69 -115.16
CA LYS H 59 56.19 -26.71 -114.27
C LYS H 59 56.28 -25.38 -114.98
N VAL H 60 55.85 -24.31 -114.30
CA VAL H 60 55.87 -22.96 -114.86
C VAL H 60 57.12 -22.24 -114.36
N THR H 61 58.14 -22.14 -115.22
CA THR H 61 59.32 -21.38 -114.86
C THR H 61 59.02 -19.88 -114.81
N SER H 62 58.37 -19.36 -115.84
CA SER H 62 58.09 -17.93 -115.94
C SER H 62 56.92 -17.70 -116.87
N ARG H 63 56.31 -16.52 -116.76
CA ARG H 63 55.20 -16.12 -117.62
C ARG H 63 55.48 -14.75 -118.21
N THR H 64 55.23 -14.61 -119.51
CA THR H 64 55.41 -13.35 -120.21
C THR H 64 54.15 -13.03 -121.01
N VAL H 65 53.39 -12.04 -120.54
CA VAL H 65 52.17 -11.58 -121.20
C VAL H 65 51.26 -12.80 -121.37
N ASP H 66 51.08 -13.26 -122.61
CA ASP H 66 50.25 -14.43 -122.90
C ASP H 66 51.05 -15.60 -123.43
N ALA H 67 52.36 -15.44 -123.62
CA ALA H 67 53.24 -16.53 -124.02
C ALA H 67 53.77 -17.19 -122.75
N MET H 68 53.75 -18.52 -122.72
CA MET H 68 53.69 -19.23 -121.45
C MET H 68 54.83 -20.25 -121.41
N SER H 69 55.80 -20.01 -120.54
CA SER H 69 56.97 -20.88 -120.45
C SER H 69 56.71 -22.10 -119.58
N ILE H 70 57.31 -23.23 -119.94
CA ILE H 70 56.97 -24.52 -119.35
C ILE H 70 58.15 -25.48 -119.33
N THR H 71 58.08 -26.46 -118.44
CA THR H 71 58.88 -27.68 -118.47
C THR H 71 57.97 -28.85 -118.17
N ARG H 72 58.33 -30.04 -118.65
CA ARG H 72 57.42 -31.18 -118.63
C ARG H 72 57.83 -32.22 -117.57
N ALA H 73 56.89 -33.13 -117.29
CA ALA H 73 57.16 -34.35 -116.52
C ALA H 73 57.69 -34.06 -115.12
N GLN H 74 56.85 -33.45 -114.27
CA GLN H 74 57.31 -33.07 -112.94
C GLN H 74 57.01 -34.15 -111.91
N GLU H 75 55.75 -34.60 -111.83
CA GLU H 75 55.42 -35.74 -110.97
C GLU H 75 55.43 -37.07 -111.71
N GLY H 76 56.11 -37.15 -112.86
CA GLY H 76 56.24 -38.39 -113.58
C GLY H 76 55.26 -38.60 -114.71
N SER H 77 54.45 -37.58 -115.04
CA SER H 77 53.50 -37.73 -116.13
C SER H 77 54.23 -37.90 -117.46
N SER H 78 53.75 -38.88 -118.24
CA SER H 78 54.38 -39.16 -119.52
C SER H 78 54.11 -38.04 -120.52
N ALA H 79 55.09 -37.78 -121.37
CA ALA H 79 54.97 -36.70 -122.34
C ALA H 79 53.89 -37.03 -123.38
N LEU H 80 52.99 -36.07 -123.61
CA LEU H 80 51.90 -36.24 -124.57
C LEU H 80 51.82 -35.01 -125.46
N SER H 81 51.42 -35.24 -126.72
CA SER H 81 51.10 -34.13 -127.60
C SER H 81 49.69 -33.64 -127.31
N PHE H 82 49.51 -32.32 -127.36
CA PHE H 82 48.26 -31.68 -126.94
C PHE H 82 47.65 -30.91 -128.10
N ASN H 83 46.35 -31.10 -128.30
CA ASN H 83 45.60 -30.42 -129.35
C ASN H 83 45.40 -28.95 -128.97
N PRO H 84 45.02 -28.10 -129.92
CA PRO H 84 44.90 -26.67 -129.60
C PRO H 84 43.66 -26.30 -128.81
N ASN H 85 43.00 -27.28 -128.19
CA ASN H 85 41.95 -27.03 -127.21
C ASN H 85 42.24 -27.86 -125.96
N ASP H 86 42.56 -27.18 -124.86
CA ASP H 86 42.99 -27.85 -123.65
C ASP H 86 42.56 -27.01 -122.45
N ARG H 87 42.70 -27.58 -121.26
CA ARG H 87 42.38 -26.90 -120.02
C ARG H 87 43.64 -26.81 -119.16
N ILE H 88 43.98 -25.59 -118.76
CA ILE H 88 45.13 -25.34 -117.90
C ILE H 88 44.62 -24.67 -116.63
N GLU H 89 44.56 -25.43 -115.55
CA GLU H 89 43.94 -24.96 -114.31
C GLU H 89 44.30 -25.92 -113.18
N ALA H 90 43.68 -25.68 -112.02
CA ALA H 90 43.77 -26.52 -110.83
C ALA H 90 45.12 -26.41 -110.14
N ARG H 91 45.22 -27.02 -108.96
CA ARG H 91 46.45 -27.04 -108.17
C ARG H 91 46.75 -28.49 -107.84
N LEU H 92 48.03 -28.84 -107.81
CA LEU H 92 48.46 -30.23 -107.81
C LEU H 92 48.74 -30.68 -106.38
N THR H 93 48.03 -31.74 -105.96
CA THR H 93 48.01 -32.14 -104.57
C THR H 93 49.36 -32.70 -104.11
N ALA H 94 49.95 -33.57 -104.91
CA ALA H 94 51.13 -34.30 -104.46
C ALA H 94 52.29 -33.37 -104.16
N GLY H 95 52.74 -32.61 -105.17
CA GLY H 95 53.98 -31.87 -105.03
C GLY H 95 53.93 -30.80 -103.95
N GLU H 96 52.91 -29.94 -103.99
CA GLU H 96 52.89 -28.80 -103.09
C GLU H 96 52.75 -29.23 -101.62
N LEU H 97 51.78 -30.10 -101.34
CA LEU H 97 51.57 -30.50 -99.94
C LEU H 97 52.66 -31.44 -99.46
N GLY H 98 53.23 -32.25 -100.35
CA GLY H 98 54.40 -33.04 -99.97
C GLY H 98 55.57 -32.16 -99.59
N ASP H 99 55.81 -31.09 -100.36
CA ASP H 99 56.85 -30.13 -100.00
C ASP H 99 56.53 -29.46 -98.68
N PHE H 100 55.26 -29.12 -98.45
CA PHE H 100 54.87 -28.50 -97.18
C PHE H 100 55.16 -29.42 -96.01
N ARG H 101 54.76 -30.69 -96.11
CA ARG H 101 55.01 -31.65 -95.06
C ARG H 101 56.50 -31.87 -94.80
N ASP H 102 57.30 -32.02 -95.86
CA ASP H 102 58.73 -32.17 -95.68
C ASP H 102 59.37 -30.93 -95.06
N GLY H 103 58.93 -29.74 -95.48
CA GLY H 103 59.49 -28.53 -94.94
C GLY H 103 59.16 -28.32 -93.47
N ILE H 104 57.93 -28.65 -93.07
CA ILE H 104 57.58 -28.51 -91.66
C ILE H 104 58.43 -29.43 -90.80
N ALA H 105 58.58 -30.69 -91.22
CA ALA H 105 59.40 -31.63 -90.47
C ALA H 105 60.85 -31.15 -90.42
N SER H 106 61.34 -30.59 -91.53
CA SER H 106 62.67 -29.98 -91.50
C SER H 106 62.72 -28.84 -90.50
N ALA H 107 61.63 -28.09 -90.35
CA ALA H 107 61.61 -26.97 -89.43
C ALA H 107 61.73 -27.44 -87.98
N GLN H 108 60.92 -28.41 -87.57
CA GLN H 108 61.06 -28.92 -86.21
C GLN H 108 62.43 -29.61 -86.01
N SER H 109 62.93 -30.31 -87.02
CA SER H 109 64.24 -30.95 -86.85
C SER H 109 65.33 -29.90 -86.64
N ALA H 110 65.32 -28.83 -87.44
CA ALA H 110 66.32 -27.79 -87.30
C ALA H 110 66.16 -27.05 -85.97
N ALA H 111 64.92 -26.85 -85.53
CA ALA H 111 64.69 -26.21 -84.24
C ALA H 111 65.22 -27.07 -83.10
N SER H 112 65.00 -28.39 -83.17
CA SER H 112 65.53 -29.29 -82.16
C SER H 112 67.06 -29.29 -82.18
N ALA H 113 67.66 -29.26 -83.36
CA ALA H 113 69.11 -29.18 -83.46
C ALA H 113 69.63 -27.88 -82.85
N ALA H 114 68.93 -26.77 -83.09
CA ALA H 114 69.31 -25.50 -82.48
C ALA H 114 69.21 -25.55 -80.97
N GLN H 115 68.16 -26.19 -80.45
CA GLN H 115 68.03 -26.36 -79.01
C GLN H 115 69.18 -27.18 -78.45
N GLY H 116 69.54 -28.26 -79.14
CA GLY H 116 70.65 -29.08 -78.69
C GLY H 116 71.97 -28.32 -78.67
N THR H 117 72.23 -27.54 -79.72
CA THR H 117 73.47 -26.74 -79.76
C THR H 117 73.46 -25.67 -78.69
N ALA H 118 72.29 -25.08 -78.41
CA ALA H 118 72.20 -24.08 -77.34
C ALA H 118 72.48 -24.71 -75.98
N ASP H 119 71.96 -25.92 -75.75
CA ASP H 119 72.21 -26.62 -74.50
C ASP H 119 73.65 -27.12 -74.42
N THR I 2 -9.49 31.46 -67.40
CA THR I 2 -10.35 32.49 -67.95
C THR I 2 -9.62 33.36 -68.96
N THR I 3 -8.48 32.87 -69.43
CA THR I 3 -7.69 33.60 -70.41
C THR I 3 -8.43 33.71 -71.73
N LEU I 4 -8.36 34.89 -72.34
CA LEU I 4 -8.80 35.10 -73.72
C LEU I 4 -7.57 35.51 -74.53
N LYS I 5 -7.36 34.84 -75.65
CA LYS I 5 -6.18 35.05 -76.48
C LYS I 5 -6.60 35.55 -77.85
N LEU I 6 -5.95 36.60 -78.32
CA LEU I 6 -6.21 37.19 -79.63
C LEU I 6 -5.00 36.95 -80.52
N THR I 7 -5.19 36.14 -81.56
CA THR I 7 -4.12 35.83 -82.49
C THR I 7 -4.76 35.46 -83.83
N ALA I 8 -4.00 35.66 -84.91
CA ALA I 8 -4.49 35.40 -86.27
C ALA I 8 -5.75 36.21 -86.56
N TYR I 9 -5.58 37.53 -86.55
CA TYR I 9 -6.72 38.44 -86.61
C TYR I 9 -7.41 38.36 -87.96
N SER I 10 -8.72 38.65 -87.96
CA SER I 10 -9.51 38.65 -89.17
C SER I 10 -10.30 39.95 -89.25
N GLY I 11 -10.99 40.16 -90.36
CA GLY I 11 -11.65 41.42 -90.60
C GLY I 11 -13.04 41.51 -90.01
N GLU I 12 -13.77 42.52 -90.46
CA GLU I 12 -15.09 42.83 -89.95
C GLU I 12 -16.17 42.09 -90.73
N VAL I 13 -17.11 41.48 -90.01
CA VAL I 13 -18.29 40.87 -90.59
C VAL I 13 -19.51 41.44 -89.87
N PRO I 14 -20.08 42.55 -90.35
CA PRO I 14 -21.21 43.18 -89.65
C PRO I 14 -22.56 42.51 -89.81
N ARG I 15 -22.67 41.42 -90.57
CA ARG I 15 -23.92 40.68 -90.61
C ARG I 15 -23.89 39.61 -89.54
N THR I 16 -23.58 40.00 -88.31
CA THR I 16 -23.46 39.08 -87.20
C THR I 16 -23.52 39.88 -85.91
N LEU I 17 -24.18 39.30 -84.91
CA LEU I 17 -24.20 39.93 -83.59
C LEU I 17 -22.77 40.09 -83.08
N PRO I 18 -22.49 41.19 -82.37
CA PRO I 18 -21.11 41.38 -81.87
C PRO I 18 -20.63 40.24 -80.99
N ARG I 19 -21.54 39.57 -80.29
CA ARG I 19 -21.14 38.45 -79.45
C ARG I 19 -20.86 37.20 -80.28
N LEU I 20 -21.61 37.02 -81.37
CA LEU I 20 -21.60 35.77 -82.14
C LEU I 20 -20.58 35.79 -83.27
N LEU I 21 -19.66 36.75 -83.25
CA LEU I 21 -18.61 36.82 -84.26
C LEU I 21 -17.65 35.64 -84.09
N PRO I 22 -16.93 35.27 -85.14
CA PRO I 22 -15.89 34.26 -84.99
C PRO I 22 -14.85 34.67 -83.95
N ASP I 23 -14.09 33.67 -83.48
CA ASP I 23 -13.19 33.87 -82.37
C ASP I 23 -12.13 34.92 -82.68
N THR I 24 -11.78 35.08 -83.95
CA THR I 24 -10.70 35.98 -84.35
C THR I 24 -11.20 37.03 -85.33
N ALA I 25 -12.51 37.22 -85.38
CA ALA I 25 -13.11 38.28 -86.17
C ALA I 25 -13.48 39.44 -85.25
N SER I 26 -13.40 40.66 -85.78
CA SER I 26 -13.51 41.81 -84.92
C SER I 26 -14.12 42.98 -85.66
N GLN I 27 -14.66 43.92 -84.89
CA GLN I 27 -15.33 45.08 -85.44
C GLN I 27 -14.34 46.19 -85.79
N ARG I 28 -14.74 47.05 -86.73
CA ARG I 28 -14.03 48.27 -87.06
C ARG I 28 -12.57 48.01 -87.41
N ALA I 29 -12.36 47.15 -88.40
CA ALA I 29 -11.02 46.90 -88.92
C ALA I 29 -10.61 48.07 -89.81
N LEU I 30 -10.19 49.15 -89.15
CA LEU I 30 -9.94 50.41 -89.83
C LEU I 30 -8.44 50.62 -90.02
N ASN I 31 -8.05 50.95 -91.25
CA ASN I 31 -6.65 51.18 -91.63
C ASN I 31 -5.75 50.02 -91.26
N VAL I 32 -6.19 48.78 -91.50
CA VAL I 32 -5.41 47.59 -91.18
C VAL I 32 -5.32 46.70 -92.42
N ARG I 33 -4.13 46.18 -92.66
CA ARG I 33 -3.90 45.18 -93.70
C ARG I 33 -3.65 43.85 -93.01
N LEU I 34 -4.56 42.89 -93.21
CA LEU I 34 -4.48 41.59 -92.54
C LEU I 34 -3.97 40.54 -93.52
N ASP I 35 -2.64 40.42 -93.58
CA ASP I 35 -1.99 39.44 -94.45
C ASP I 35 -1.17 38.41 -93.68
N ASN I 36 -0.26 38.86 -92.80
CA ASN I 36 0.61 37.91 -92.11
C ASN I 36 -0.11 37.23 -90.96
N GLY I 37 -1.22 37.80 -90.50
CA GLY I 37 -1.86 37.37 -89.29
C GLY I 37 -1.71 38.32 -88.12
N GLY I 38 -1.36 39.58 -88.39
CA GLY I 38 -1.20 40.58 -87.35
C GLY I 38 -1.70 41.91 -87.84
N LEU I 39 -1.49 42.93 -87.01
CA LEU I 39 -2.01 44.27 -87.30
C LEU I 39 -0.97 45.09 -88.05
N THR I 40 -0.79 44.76 -89.32
CA THR I 40 0.10 45.53 -90.16
C THR I 40 -0.56 46.87 -90.53
N PRO I 41 0.06 48.00 -90.19
CA PRO I 41 -0.58 49.29 -90.47
C PRO I 41 -0.52 49.67 -91.94
N THR I 42 -1.52 50.41 -92.41
CA THR I 42 -1.49 50.94 -93.76
C THR I 42 -0.57 52.15 -93.84
N ARG I 43 0.03 52.36 -95.01
CA ARG I 43 0.87 53.52 -95.20
C ARG I 43 0.03 54.76 -95.52
N GLN I 44 0.66 55.91 -95.46
CA GLN I 44 -0.01 57.18 -95.71
C GLN I 44 -0.06 57.49 -97.20
N PRO I 45 -1.14 58.10 -97.66
CA PRO I 45 -1.21 58.50 -99.07
C PRO I 45 -0.16 59.55 -99.40
N ARG I 46 0.29 59.53 -100.65
CA ARG I 46 1.24 60.52 -101.17
C ARG I 46 0.58 61.36 -102.25
N PHE I 47 0.77 62.68 -102.17
CA PHE I 47 0.20 63.61 -103.13
C PHE I 47 1.04 63.53 -104.41
N GLU I 48 0.57 62.73 -105.36
CA GLU I 48 1.33 62.55 -106.61
C GLU I 48 1.13 63.73 -107.55
N ALA I 49 -0.12 64.14 -107.76
CA ALA I 49 -0.42 65.21 -108.71
C ALA I 49 -1.74 65.84 -108.34
N ASN I 50 -2.02 66.99 -108.95
CA ASN I 50 -3.20 67.77 -108.67
C ASN I 50 -4.06 67.90 -109.92
N ILE I 51 -5.38 67.77 -109.75
CA ILE I 51 -6.30 67.86 -110.88
C ILE I 51 -6.76 69.30 -111.07
N SER I 52 -6.99 69.67 -112.34
CA SER I 52 -7.25 71.05 -112.69
C SER I 52 -8.70 71.46 -112.40
N VAL I 53 -9.66 70.76 -112.98
CA VAL I 53 -11.05 71.21 -113.01
C VAL I 53 -11.81 70.63 -111.82
N ASP I 54 -12.64 71.48 -111.22
CA ASP I 54 -13.36 71.13 -110.01
C ASP I 54 -14.46 70.10 -110.29
N ASN I 55 -14.84 69.36 -109.25
CA ASN I 55 -15.92 68.38 -109.33
C ASN I 55 -15.60 67.29 -110.36
N ALA I 56 -14.44 66.66 -110.20
CA ALA I 56 -14.07 65.55 -111.06
C ALA I 56 -14.66 64.25 -110.53
N LYS I 57 -15.42 63.56 -111.39
CA LYS I 57 -16.01 62.28 -111.04
C LYS I 57 -15.34 61.09 -111.70
N THR I 58 -14.48 61.31 -112.70
CA THR I 58 -13.74 60.24 -113.34
C THR I 58 -12.32 60.75 -113.62
N ILE I 59 -11.33 59.97 -113.18
CA ILE I 59 -9.93 60.33 -113.37
C ILE I 59 -9.24 59.22 -114.14
N TYR I 60 -8.32 59.61 -115.02
CA TYR I 60 -7.61 58.66 -115.85
C TYR I 60 -6.19 59.18 -116.07
N LYS I 61 -5.27 58.25 -116.29
CA LYS I 61 -3.89 58.60 -116.61
C LYS I 61 -3.51 57.92 -117.92
N HIS I 62 -3.19 58.73 -118.93
CA HIS I 62 -2.70 58.24 -120.21
C HIS I 62 -1.30 58.78 -120.41
N ASN I 63 -0.35 57.88 -120.68
CA ASN I 63 1.07 58.22 -120.78
C ASN I 63 1.48 58.82 -119.44
N GLY I 64 2.11 60.00 -119.39
CA GLY I 64 2.51 60.57 -118.12
C GLY I 64 1.51 61.55 -117.55
N ALA I 65 0.63 62.07 -118.41
CA ALA I 65 -0.32 63.11 -118.03
C ALA I 65 -1.53 62.52 -117.32
N TRP I 66 -2.17 63.35 -116.50
CA TRP I 66 -3.38 62.98 -115.77
C TRP I 66 -4.58 63.62 -116.47
N LEU I 67 -5.61 62.81 -116.72
CA LEU I 67 -6.81 63.27 -117.39
C LEU I 67 -8.01 63.11 -116.46
N ALA I 68 -8.88 64.13 -116.45
CA ALA I 68 -10.09 64.10 -115.65
C ALA I 68 -11.19 64.86 -116.38
N TRP I 69 -12.43 64.46 -116.11
CA TRP I 69 -13.59 65.06 -116.77
C TRP I 69 -14.73 65.19 -115.76
N GLN I 70 -15.72 65.99 -116.14
CA GLN I 70 -16.87 66.29 -115.28
C GLN I 70 -18.00 65.28 -115.40
N ASN I 71 -17.82 64.24 -116.20
CA ASN I 71 -18.84 63.22 -116.39
C ASN I 71 -18.23 61.84 -116.19
N VAL I 72 -19.09 60.86 -115.93
CA VAL I 72 -18.65 59.48 -115.79
C VAL I 72 -18.20 58.98 -117.16
N VAL I 73 -16.90 58.88 -117.36
CA VAL I 73 -16.32 58.61 -118.67
C VAL I 73 -15.57 57.29 -118.61
N HIS I 74 -15.86 56.39 -119.55
CA HIS I 74 -15.17 55.12 -119.64
C HIS I 74 -14.19 55.15 -120.81
N ALA I 75 -12.93 54.81 -120.54
CA ALA I 75 -11.89 54.85 -121.55
C ALA I 75 -11.20 53.48 -121.61
N ALA I 76 -10.92 53.04 -122.84
CA ALA I 76 -10.28 51.75 -123.06
C ALA I 76 -9.43 51.83 -124.31
N PRO I 77 -8.23 51.26 -124.30
CA PRO I 77 -7.40 51.25 -125.51
C PRO I 77 -8.02 50.40 -126.60
N GLY I 78 -7.77 50.79 -127.84
CA GLY I 78 -8.32 50.11 -129.00
C GLY I 78 -7.41 49.02 -129.54
N PRO I 79 -8.01 48.06 -130.26
CA PRO I 79 -7.19 46.97 -130.83
C PRO I 79 -6.21 47.45 -131.89
N VAL I 80 -6.40 48.64 -132.46
CA VAL I 80 -5.49 49.13 -133.48
C VAL I 80 -4.06 49.20 -132.93
N ALA I 81 -3.08 48.95 -133.80
CA ALA I 81 -1.69 48.84 -133.38
C ALA I 81 -1.20 50.14 -132.76
N GLN I 82 -1.51 51.26 -133.38
CA GLN I 82 -1.08 52.55 -132.85
C GLN I 82 -1.83 52.88 -131.56
N ASP I 83 -1.12 53.48 -130.61
CA ASP I 83 -1.70 53.77 -129.32
C ASP I 83 -2.76 54.86 -129.44
N ARG I 84 -4.00 54.51 -129.15
CA ARG I 84 -5.11 55.44 -129.19
C ARG I 84 -5.99 55.21 -127.97
N LEU I 85 -6.57 56.29 -127.45
CA LEU I 85 -7.44 56.23 -126.29
C LEU I 85 -8.85 56.63 -126.71
N TYR I 86 -9.82 55.82 -126.30
CA TYR I 86 -11.23 56.03 -126.61
C TYR I 86 -11.98 56.32 -125.32
N TYR I 87 -12.21 57.59 -125.04
CA TYR I 87 -12.96 58.00 -123.85
C TYR I 87 -14.24 58.66 -124.35
N MET I 88 -15.37 58.21 -123.82
CA MET I 88 -16.66 58.32 -124.50
C MET I 88 -17.74 58.97 -123.65
N GLY I 89 -17.52 59.14 -122.35
CA GLY I 89 -18.59 59.65 -121.50
C GLY I 89 -18.91 61.11 -121.74
N ASP I 90 -18.00 61.83 -122.40
CA ASP I 90 -18.12 63.27 -122.58
C ASP I 90 -19.07 63.57 -123.74
N GLY I 91 -20.33 63.19 -123.56
CA GLY I 91 -21.33 63.45 -124.58
C GLY I 91 -20.98 62.76 -125.88
N LYS I 92 -20.59 63.55 -126.87
CA LYS I 92 -20.20 63.00 -128.16
C LYS I 92 -18.97 62.13 -128.00
N PRO I 93 -18.96 60.91 -128.58
CA PRO I 93 -17.73 60.10 -128.56
C PRO I 93 -16.59 60.83 -129.25
N LYS I 94 -15.39 60.69 -128.69
CA LYS I 94 -14.25 61.46 -129.13
C LYS I 94 -12.97 60.65 -128.98
N MET I 95 -11.87 61.21 -129.48
CA MET I 95 -10.63 60.49 -129.72
C MET I 95 -9.44 61.24 -129.13
N ILE I 96 -8.43 60.49 -128.71
CA ILE I 96 -7.12 61.04 -128.36
C ILE I 96 -6.06 60.31 -129.18
N VAL I 97 -5.31 61.07 -129.97
CA VAL I 97 -4.15 60.58 -130.69
C VAL I 97 -3.00 61.54 -130.44
N ASP I 98 -1.90 61.01 -129.90
CA ASP I 98 -0.68 61.80 -129.66
C ASP I 98 -0.97 63.02 -128.78
N GLY I 99 -1.91 62.87 -127.85
CA GLY I 99 -2.30 63.97 -127.01
C GLY I 99 -3.19 65.00 -127.66
N THR I 100 -3.67 64.69 -128.87
CA THR I 100 -4.59 65.60 -129.55
C THR I 100 -5.98 65.00 -129.59
N THR I 101 -7.00 65.80 -129.34
CA THR I 101 -8.36 65.32 -129.24
C THR I 101 -9.06 65.40 -130.59
N TYR I 102 -9.59 64.26 -131.05
CA TYR I 102 -10.39 64.16 -132.25
C TYR I 102 -11.79 63.66 -131.87
N ASP I 103 -12.61 63.40 -132.88
CA ASP I 103 -13.95 62.85 -132.68
C ASP I 103 -13.99 61.43 -133.23
N LEU I 104 -14.62 60.52 -132.48
CA LEU I 104 -14.73 59.15 -132.93
C LEU I 104 -15.54 59.04 -134.21
N ALA I 105 -16.55 59.90 -134.37
CA ALA I 105 -17.36 59.88 -135.58
C ALA I 105 -16.58 60.47 -136.75
N VAL I 106 -16.69 59.80 -137.89
CA VAL I 106 -16.08 60.26 -139.15
C VAL I 106 -17.21 60.73 -140.06
N PRO I 107 -17.21 61.99 -140.50
CA PRO I 107 -18.34 62.50 -141.29
C PRO I 107 -18.53 61.71 -142.57
N MET I 108 -19.80 61.49 -142.92
CA MET I 108 -20.13 60.74 -144.13
C MET I 108 -19.88 61.58 -145.37
N PRO I 109 -19.75 60.90 -146.51
CA PRO I 109 -19.55 61.54 -147.81
C PRO I 109 -18.28 62.39 -147.84
N THR I 110 -17.28 62.00 -147.05
CA THR I 110 -16.02 62.73 -146.98
C THR I 110 -14.84 61.90 -147.49
N ALA I 111 -14.65 60.69 -146.95
CA ALA I 111 -13.49 59.90 -147.33
C ALA I 111 -13.81 58.94 -148.47
N ALA I 112 -15.04 58.45 -148.55
CA ALA I 112 -15.39 57.44 -149.54
C ALA I 112 -16.62 57.88 -150.32
N PRO I 113 -16.53 57.77 -151.64
CA PRO I 113 -17.64 58.04 -152.54
C PRO I 113 -17.63 57.02 -153.67
N ALA I 114 -18.81 56.51 -154.02
CA ALA I 114 -18.95 55.50 -155.05
C ALA I 114 -19.76 56.06 -156.22
N LEU I 115 -19.22 55.98 -157.43
CA LEU I 115 -19.89 56.43 -158.63
C LEU I 115 -19.92 55.27 -159.63
N THR I 116 -21.11 54.93 -160.12
CA THR I 116 -21.27 53.83 -161.05
C THR I 116 -22.28 54.21 -162.12
N VAL I 117 -22.05 53.70 -163.33
CA VAL I 117 -22.94 53.95 -164.46
C VAL I 117 -22.76 52.83 -165.47
N THR I 118 -23.84 52.53 -166.18
CA THR I 118 -23.79 51.48 -167.20
C THR I 118 -23.04 51.96 -168.44
N GLY I 119 -23.08 53.27 -168.73
CA GLY I 119 -22.40 53.81 -169.89
C GLY I 119 -20.92 54.04 -169.67
N THR I 120 -20.43 53.84 -168.45
CA THR I 120 -19.02 54.06 -168.16
C THR I 120 -18.15 53.03 -168.90
N GLY I 121 -16.89 53.40 -169.12
CA GLY I 121 -15.85 52.62 -169.80
C GLY I 121 -16.12 52.47 -171.29
N THR I 122 -17.23 53.01 -171.81
CA THR I 122 -17.52 52.97 -173.24
C THR I 122 -17.56 54.34 -173.88
N GLY I 123 -18.04 55.35 -173.17
CA GLY I 123 -18.10 56.72 -173.69
C GLY I 123 -17.40 57.65 -172.71
N ASN I 124 -16.62 58.58 -173.26
CA ASN I 124 -15.88 59.52 -172.44
C ASN I 124 -16.81 60.59 -171.87
N VAL I 125 -16.28 61.34 -170.90
CA VAL I 125 -16.99 62.45 -170.25
C VAL I 125 -18.23 61.87 -169.56
N THR I 126 -19.42 62.40 -169.82
CA THR I 126 -20.68 61.95 -169.20
C THR I 126 -20.54 62.13 -167.69
N SER I 127 -20.88 61.13 -166.87
CA SER I 127 -20.70 61.15 -165.42
C SER I 127 -21.67 62.13 -164.75
N ILE I 128 -21.88 61.97 -163.45
CA ILE I 128 -22.77 62.84 -162.69
C ILE I 128 -22.15 63.26 -161.36
N ALA I 129 -20.83 63.44 -161.31
CA ALA I 129 -20.10 63.90 -160.14
C ALA I 129 -20.20 62.90 -158.99
N TYR I 130 -21.38 62.74 -158.40
CA TYR I 130 -21.59 61.85 -157.28
C TYR I 130 -22.92 61.13 -157.44
N VAL I 131 -22.87 59.80 -157.42
CA VAL I 131 -24.09 59.00 -157.52
C VAL I 131 -24.53 58.53 -156.13
N TYR I 132 -23.63 57.89 -155.39
CA TYR I 132 -23.90 57.41 -154.05
C TYR I 132 -22.74 57.75 -153.14
N THR I 133 -23.04 58.12 -151.90
CA THR I 133 -22.02 58.48 -150.92
C THR I 133 -21.93 57.36 -149.89
N PHE I 134 -20.86 56.58 -149.95
CA PHE I 134 -20.66 55.49 -149.01
C PHE I 134 -20.11 56.02 -147.69
N VAL I 135 -20.12 55.14 -146.69
CA VAL I 135 -19.60 55.51 -145.37
C VAL I 135 -18.09 55.72 -145.44
N THR I 136 -17.62 56.68 -144.65
CA THR I 136 -16.21 57.01 -144.63
C THR I 136 -15.43 56.04 -143.74
N ALA I 137 -14.13 55.92 -144.02
CA ALA I 137 -13.23 55.06 -143.25
C ALA I 137 -12.08 55.92 -142.75
N PHE I 138 -11.89 55.94 -141.42
CA PHE I 138 -10.82 56.75 -140.85
C PHE I 138 -9.45 56.16 -141.13
N GLY I 139 -9.30 54.84 -140.94
CA GLY I 139 -8.03 54.13 -141.10
C GLY I 139 -7.02 54.82 -140.19
N GLU I 140 -5.84 55.22 -140.69
CA GLU I 140 -4.89 55.97 -139.90
C GLU I 140 -4.99 57.48 -140.08
N GLU I 141 -5.28 57.95 -141.30
CA GLU I 141 -5.47 59.36 -141.58
C GLU I 141 -6.89 59.58 -142.08
N SER I 142 -7.61 60.49 -141.45
CA SER I 142 -8.99 60.78 -141.78
C SER I 142 -9.14 62.24 -142.16
N GLU I 143 -10.08 62.50 -143.07
CA GLU I 143 -10.38 63.85 -143.56
C GLU I 143 -9.16 64.46 -144.26
N PRO I 144 -8.24 63.59 -144.68
CA PRO I 144 -7.06 64.03 -145.43
C PRO I 144 -7.06 63.40 -146.82
N SER I 145 -7.22 62.07 -146.87
CA SER I 145 -7.28 61.38 -148.14
C SER I 145 -8.72 60.96 -148.46
N ALA I 146 -8.97 60.67 -149.73
CA ALA I 146 -10.27 60.25 -150.20
C ALA I 146 -10.12 58.99 -151.04
N LEU I 147 -11.18 58.17 -151.07
CA LEU I 147 -11.20 56.94 -151.83
C LEU I 147 -12.44 56.91 -152.71
N SER I 148 -12.28 56.46 -153.95
CA SER I 148 -13.37 56.37 -154.91
C SER I 148 -13.37 54.98 -155.53
N ASN I 149 -14.58 54.41 -155.66
CA ASN I 149 -14.76 53.10 -156.24
C ASN I 149 -15.89 53.12 -157.24
N VAL I 150 -15.77 52.31 -158.28
CA VAL I 150 -16.78 52.20 -159.34
C VAL I 150 -17.49 50.87 -159.17
N ALA I 151 -18.75 50.92 -158.73
CA ALA I 151 -19.55 49.72 -158.51
C ALA I 151 -20.39 49.39 -159.75
N GLY I 152 -19.69 49.18 -160.86
CA GLY I 152 -20.35 48.82 -162.11
C GLY I 152 -20.99 47.44 -162.02
N TRP I 153 -22.20 47.33 -162.56
CA TRP I 153 -22.96 46.08 -162.57
C TRP I 153 -23.12 45.52 -161.15
N GLN I 154 -23.40 46.41 -160.20
CA GLN I 154 -23.58 46.00 -158.81
C GLN I 154 -24.75 46.75 -158.18
N ALA I 197 -12.59 45.48 -161.66
CA ALA I 197 -11.84 46.24 -160.67
C ALA I 197 -10.83 47.17 -161.34
N ALA I 198 -10.24 46.70 -162.44
CA ALA I 198 -9.25 47.47 -163.20
C ALA I 198 -9.90 47.92 -164.49
N SER I 199 -9.92 49.23 -164.71
CA SER I 199 -10.53 49.83 -165.90
C SER I 199 -10.05 51.27 -165.99
N ALA I 200 -10.65 52.02 -166.90
CA ALA I 200 -10.34 53.44 -167.03
C ALA I 200 -10.67 54.18 -165.75
N ALA I 201 -9.72 54.99 -165.28
CA ALA I 201 -9.92 55.72 -164.03
C ALA I 201 -11.02 56.77 -164.17
N ASN I 202 -11.08 57.44 -165.32
CA ASN I 202 -12.10 58.43 -165.63
C ASN I 202 -11.98 59.65 -164.72
N PHE I 203 -12.94 60.57 -164.81
CA PHE I 203 -12.91 61.78 -164.01
C PHE I 203 -13.19 61.47 -162.54
N VAL I 204 -12.68 62.33 -161.66
CA VAL I 204 -12.86 62.18 -160.23
C VAL I 204 -12.92 63.54 -159.58
N ASP I 205 -13.50 63.58 -158.37
CA ASP I 205 -13.63 64.83 -157.64
C ASP I 205 -12.26 65.36 -157.22
N THR I 206 -12.10 66.67 -157.31
CA THR I 206 -10.84 67.33 -156.98
C THR I 206 -10.88 68.11 -155.68
N HIS I 207 -11.82 67.79 -154.79
CA HIS I 207 -11.90 68.52 -153.51
C HIS I 207 -10.64 68.30 -152.67
N ALA I 208 -10.14 67.06 -152.65
CA ALA I 208 -8.94 66.74 -151.88
C ALA I 208 -8.22 65.59 -152.58
N THR I 209 -7.15 65.12 -151.94
CA THR I 209 -6.40 63.98 -152.47
C THR I 209 -7.30 62.75 -152.50
N ASN I 210 -7.25 62.03 -153.62
CA ASN I 210 -8.12 60.89 -153.85
C ASN I 210 -7.31 59.70 -154.33
N ASP I 211 -7.84 58.51 -154.07
CA ASP I 211 -7.24 57.26 -154.49
C ASP I 211 -8.27 56.42 -155.23
N PHE I 212 -7.85 55.82 -156.35
CA PHE I 212 -8.72 54.99 -157.17
C PHE I 212 -8.49 53.53 -156.81
N GLY I 213 -9.23 53.05 -155.81
CA GLY I 213 -9.16 51.67 -155.37
C GLY I 213 -10.51 51.00 -155.57
N GLU I 214 -10.49 49.78 -156.12
CA GLU I 214 -11.71 49.04 -156.45
C GLU I 214 -11.70 47.73 -155.66
N MET I 215 -12.25 47.80 -154.46
CA MET I 215 -12.43 46.63 -153.60
C MET I 215 -13.85 46.62 -153.06
N LEU I 216 -14.25 45.50 -152.48
CA LEU I 216 -15.57 45.40 -151.87
C LEU I 216 -15.76 46.51 -150.85
N PRO I 217 -16.68 47.43 -151.15
CA PRO I 217 -16.84 48.61 -150.31
C PRO I 217 -17.43 48.22 -148.96
N SER I 218 -16.80 48.70 -147.89
CA SER I 218 -17.28 48.46 -146.53
C SER I 218 -18.26 49.58 -146.19
N LEU I 219 -19.45 49.52 -146.79
CA LEU I 219 -20.48 50.52 -146.57
C LEU I 219 -21.25 50.30 -145.29
N GLU I 220 -21.01 49.18 -144.59
CA GLU I 220 -21.75 48.87 -143.38
C GLU I 220 -21.30 49.72 -142.18
N TYR I 221 -20.20 50.46 -142.32
CA TYR I 221 -19.76 51.35 -141.25
C TYR I 221 -20.79 52.44 -141.01
N ASN I 222 -20.91 52.86 -139.76
CA ASN I 222 -21.83 53.94 -139.39
C ASN I 222 -21.16 54.88 -138.41
N ALA I 223 -21.54 56.15 -138.48
CA ALA I 223 -21.03 57.14 -137.55
C ALA I 223 -21.55 56.87 -136.15
N PRO I 224 -20.67 56.90 -135.15
CA PRO I 224 -21.11 56.67 -133.76
C PRO I 224 -22.20 57.65 -133.36
N PRO I 225 -23.41 57.15 -133.07
CA PRO I 225 -24.49 58.05 -132.69
C PRO I 225 -24.24 58.70 -131.34
N ASP I 226 -24.79 59.90 -131.19
CA ASP I 226 -24.68 60.61 -129.92
C ASP I 226 -25.55 59.92 -128.86
N GLY I 227 -25.17 60.12 -127.60
CA GLY I 227 -25.82 59.44 -126.50
C GLY I 227 -25.16 58.16 -126.06
N LEU I 228 -24.20 57.64 -126.83
CA LEU I 228 -23.45 56.46 -126.42
C LEU I 228 -22.54 56.82 -125.25
N LYS I 229 -22.64 56.06 -124.16
CA LYS I 229 -22.00 56.43 -122.91
C LYS I 229 -20.87 55.49 -122.50
N GLY I 230 -21.13 54.20 -122.37
CA GLY I 230 -20.19 53.27 -121.78
C GLY I 230 -19.48 52.44 -122.83
N LEU I 231 -18.15 52.49 -122.80
CA LEU I 231 -17.32 51.78 -123.76
C LEU I 231 -16.36 50.86 -123.01
N ILE I 232 -16.35 49.58 -123.39
CA ILE I 232 -15.43 48.60 -122.83
C ILE I 232 -14.80 47.80 -123.97
N SER I 233 -13.62 47.25 -123.70
CA SER I 233 -12.94 46.41 -124.67
C SER I 233 -13.39 44.97 -124.51
N LEU I 234 -13.30 44.20 -125.57
CA LEU I 234 -13.78 42.82 -125.59
C LEU I 234 -12.70 41.88 -126.11
N PRO I 235 -12.80 40.56 -125.80
CA PRO I 235 -11.73 39.64 -126.15
C PRO I 235 -11.40 39.58 -127.64
N ASN I 236 -12.37 39.14 -128.45
CA ASN I 236 -12.07 38.82 -129.85
C ASN I 236 -11.66 40.06 -130.64
N GLY I 237 -11.89 41.25 -130.07
CA GLY I 237 -11.56 42.50 -130.72
C GLY I 237 -12.83 43.17 -131.22
N MET I 238 -13.32 44.11 -130.42
CA MET I 238 -14.54 44.86 -130.68
C MET I 238 -14.75 45.78 -129.49
N MET I 239 -15.69 46.70 -129.62
CA MET I 239 -16.06 47.58 -128.54
C MET I 239 -17.56 47.51 -128.30
N ALA I 240 -17.94 47.67 -127.04
CA ALA I 240 -19.32 47.57 -126.62
C ALA I 240 -19.80 48.94 -126.13
N ALA I 241 -20.94 49.37 -126.67
CA ALA I 241 -21.50 50.66 -126.34
C ALA I 241 -23.00 50.51 -126.19
N PHE I 242 -23.58 51.31 -125.31
CA PHE I 242 -25.02 51.30 -125.09
C PHE I 242 -25.60 52.70 -125.20
N THR I 243 -26.76 52.79 -125.84
CA THR I 243 -27.58 53.99 -125.81
C THR I 243 -28.38 53.98 -124.51
N GLY I 244 -29.44 54.79 -124.43
CA GLY I 244 -30.28 54.75 -123.25
C GLY I 244 -30.83 53.37 -122.98
N LYS I 245 -31.21 52.64 -124.03
CA LYS I 245 -31.75 51.30 -123.88
C LYS I 245 -31.18 50.28 -124.86
N ASP I 246 -30.44 50.69 -125.88
CA ASP I 246 -29.93 49.80 -126.91
C ASP I 246 -28.41 49.74 -126.84
N LEU I 247 -27.86 48.53 -126.90
CA LEU I 247 -26.41 48.35 -126.95
C LEU I 247 -25.95 48.36 -128.41
N TYR I 248 -24.79 48.95 -128.66
CA TYR I 248 -24.21 49.04 -129.99
C TYR I 248 -22.89 48.28 -130.01
N PHE I 249 -22.67 47.52 -131.08
CA PHE I 249 -21.44 46.77 -131.27
C PHE I 249 -20.66 47.36 -132.43
N CYS I 250 -19.39 47.68 -132.19
CA CYS I 250 -18.55 48.29 -133.20
C CYS I 250 -18.03 47.23 -134.19
N GLU I 251 -17.47 47.72 -135.30
CA GLU I 251 -16.81 46.84 -136.23
C GLU I 251 -15.62 46.17 -135.55
N PRO I 252 -15.43 44.87 -135.75
CA PRO I 252 -14.44 44.14 -134.93
C PRO I 252 -13.08 44.81 -134.81
N PHE I 253 -12.40 45.07 -135.92
CA PHE I 253 -11.06 45.64 -135.85
C PHE I 253 -11.00 47.09 -136.30
N ILE I 254 -12.14 47.71 -136.60
CA ILE I 254 -12.22 49.12 -136.97
C ILE I 254 -13.06 49.83 -135.91
N PRO I 255 -12.44 50.51 -134.94
CA PRO I 255 -13.22 51.03 -133.80
C PRO I 255 -14.26 52.07 -134.16
N HIS I 256 -13.98 52.95 -135.11
CA HIS I 256 -14.87 54.09 -135.33
C HIS I 256 -16.22 53.66 -135.89
N ALA I 257 -16.23 52.56 -136.64
CA ALA I 257 -17.49 52.08 -137.21
C ALA I 257 -18.38 51.49 -136.13
N TRP I 258 -19.67 51.84 -136.18
CA TRP I 258 -20.67 51.33 -135.25
C TRP I 258 -21.89 50.90 -136.05
N PRO I 259 -21.84 49.72 -136.67
CA PRO I 259 -22.93 49.32 -137.57
C PRO I 259 -24.27 49.22 -136.86
N GLU I 260 -25.33 49.57 -137.58
CA GLU I 260 -26.67 49.51 -137.02
C GLU I 260 -27.18 48.08 -136.92
N LYS I 261 -26.66 47.17 -137.74
CA LYS I 261 -27.12 45.77 -137.68
C LYS I 261 -26.55 45.07 -136.44
N TYR I 262 -25.41 45.53 -135.94
CA TYR I 262 -24.80 44.89 -134.78
C TYR I 262 -25.48 45.28 -133.47
N ILE I 263 -26.42 46.22 -133.49
CA ILE I 263 -27.01 46.70 -132.26
C ILE I 263 -27.95 45.66 -131.69
N LEU I 264 -27.98 45.57 -130.35
CA LEU I 264 -28.88 44.66 -129.64
C LEU I 264 -29.70 45.49 -128.65
N THR I 265 -31.01 45.25 -128.63
CA THR I 265 -31.93 46.01 -127.79
C THR I 265 -32.37 45.13 -126.62
N MET I 266 -32.19 45.64 -125.40
CA MET I 266 -32.57 44.94 -124.19
C MET I 266 -33.68 45.69 -123.46
N ASP I 267 -34.33 44.97 -122.55
CA ASP I 267 -35.36 45.59 -121.76
C ASP I 267 -34.71 46.41 -120.67
N TYR I 268 -35.35 47.48 -120.22
CA TYR I 268 -34.89 48.37 -119.17
C TYR I 268 -33.70 49.21 -119.65
N GLN I 269 -33.37 50.26 -118.91
CA GLN I 269 -32.20 51.07 -119.23
C GLN I 269 -30.94 50.25 -119.00
N ILE I 270 -29.82 50.73 -119.54
CA ILE I 270 -28.53 50.09 -119.36
C ILE I 270 -27.62 51.05 -118.61
N VAL I 271 -27.00 50.55 -117.54
CA VAL I 271 -26.23 51.40 -116.63
C VAL I 271 -24.75 51.36 -117.02
N ALA I 272 -24.20 50.15 -117.16
CA ALA I 272 -22.78 49.99 -117.46
C ALA I 272 -22.59 48.67 -118.19
N LEU I 273 -21.33 48.38 -118.52
CA LEU I 273 -20.98 47.12 -119.16
C LEU I 273 -19.75 46.51 -118.50
N GLY I 274 -19.79 45.19 -118.33
CA GLY I 274 -18.64 44.46 -117.84
C GLY I 274 -18.53 43.13 -118.55
N ALA I 275 -17.29 42.65 -118.67
CA ALA I 275 -17.00 41.44 -119.41
C ALA I 275 -16.14 40.49 -118.58
N TYR I 276 -16.56 39.24 -118.49
CA TYR I 276 -15.74 38.16 -117.95
C TYR I 276 -15.61 37.10 -119.04
N GLY I 277 -14.39 36.66 -119.30
CA GLY I 277 -14.18 35.75 -120.41
C GLY I 277 -14.65 36.37 -121.71
N THR I 278 -15.37 35.58 -122.51
CA THR I 278 -15.89 36.10 -123.77
C THR I 278 -17.25 36.74 -123.59
N THR I 279 -17.96 36.42 -122.51
CA THR I 279 -19.33 36.85 -122.32
C THR I 279 -19.39 38.25 -121.71
N ILE I 280 -20.34 39.05 -122.20
CA ILE I 280 -20.54 40.39 -121.66
C ILE I 280 -21.63 40.35 -120.60
N VAL I 281 -21.57 41.29 -119.66
CA VAL I 281 -22.62 41.49 -118.67
C VAL I 281 -23.36 42.76 -119.03
N VAL I 282 -24.59 42.62 -119.51
CA VAL I 282 -25.46 43.75 -119.82
C VAL I 282 -26.09 44.20 -118.51
N MET I 283 -25.70 45.37 -118.05
CA MET I 283 -26.03 45.80 -116.70
C MET I 283 -27.19 46.78 -116.75
N THR I 284 -28.36 46.32 -116.32
CA THR I 284 -29.60 47.03 -116.57
C THR I 284 -30.24 47.48 -115.27
N GLU I 285 -31.16 48.45 -115.40
CA GLU I 285 -32.00 48.85 -114.28
C GLU I 285 -32.96 47.75 -113.86
N GLY I 286 -33.14 46.72 -114.68
CA GLY I 286 -34.00 45.62 -114.34
C GLY I 286 -33.24 44.33 -114.14
N LEU I 287 -33.44 43.37 -115.04
CA LEU I 287 -32.78 42.07 -114.96
C LEU I 287 -31.45 42.12 -115.69
N PRO I 288 -30.34 41.80 -115.02
CA PRO I 288 -29.05 41.74 -115.72
C PRO I 288 -29.07 40.69 -116.82
N TYR I 289 -28.40 40.99 -117.92
CA TYR I 289 -28.36 40.12 -119.08
C TYR I 289 -26.92 39.77 -119.42
N ILE I 290 -26.70 38.54 -119.86
CA ILE I 290 -25.37 38.05 -120.22
C ILE I 290 -25.37 37.77 -121.72
N VAL I 291 -24.55 38.50 -122.47
CA VAL I 291 -24.43 38.29 -123.90
C VAL I 291 -23.21 37.43 -124.18
N SER I 292 -23.43 36.28 -124.80
CA SER I 292 -22.35 35.36 -125.18
C SER I 292 -22.15 35.45 -126.68
N GLY I 293 -20.91 35.65 -127.10
CA GLY I 293 -20.63 35.80 -128.52
C GLY I 293 -19.18 35.69 -128.92
N THR I 294 -18.93 34.98 -130.02
CA THR I 294 -17.59 34.95 -130.60
C THR I 294 -17.38 36.10 -131.57
N ALA I 295 -18.46 36.75 -132.01
CA ALA I 295 -18.40 37.80 -133.01
C ALA I 295 -19.57 38.75 -132.84
N PRO I 296 -19.47 39.99 -133.35
CA PRO I 296 -20.61 40.92 -133.21
C PRO I 296 -21.90 40.40 -133.83
N GLU I 297 -21.81 39.70 -134.95
CA GLU I 297 -23.00 39.12 -135.57
C GLU I 297 -23.56 37.99 -134.72
N ASN I 298 -22.69 37.13 -134.20
CA ASN I 298 -23.10 36.00 -133.37
C ASN I 298 -23.16 36.44 -131.91
N MET I 299 -24.29 37.03 -131.55
CA MET I 299 -24.55 37.50 -130.20
C MET I 299 -25.84 36.88 -129.70
N GLN I 300 -25.80 36.36 -128.47
CA GLN I 300 -26.99 35.78 -127.84
C GLN I 300 -27.02 36.19 -126.37
N GLN I 301 -27.88 37.15 -126.04
CA GLN I 301 -28.08 37.56 -124.67
C GLN I 301 -28.79 36.48 -123.86
N GLN I 302 -28.40 36.35 -122.58
CA GLN I 302 -28.89 35.30 -121.71
C GLN I 302 -29.24 35.87 -120.34
N ARG I 303 -30.31 35.36 -119.74
CA ARG I 303 -30.66 35.72 -118.38
C ARG I 303 -29.61 35.18 -117.40
N VAL I 304 -29.45 35.89 -116.28
CA VAL I 304 -28.46 35.54 -115.27
C VAL I 304 -29.20 35.02 -114.04
N GLU I 305 -28.46 34.32 -113.18
CA GLU I 305 -29.10 33.57 -112.09
C GLU I 305 -29.62 34.48 -110.99
N LEU I 306 -29.30 35.77 -111.03
CA LEU I 306 -29.80 36.72 -110.05
C LEU I 306 -30.48 37.89 -110.73
N ASN I 307 -31.60 38.31 -110.16
CA ASN I 307 -32.38 39.43 -110.68
C ASN I 307 -32.24 40.60 -109.72
N LEU I 308 -31.16 41.38 -109.88
CA LEU I 308 -30.88 42.54 -109.06
C LEU I 308 -30.47 43.69 -109.95
N PRO I 309 -31.04 44.88 -109.75
CA PRO I 309 -30.71 46.02 -110.62
C PRO I 309 -29.32 46.58 -110.31
N CYS I 310 -28.82 47.37 -111.24
CA CYS I 310 -27.57 48.10 -111.06
C CYS I 310 -27.92 49.56 -110.79
N ILE I 311 -27.47 50.07 -109.64
CA ILE I 311 -27.86 51.42 -109.23
C ILE I 311 -26.82 52.44 -109.65
N ASN I 312 -25.55 52.16 -109.39
CA ASN I 312 -24.46 53.11 -109.64
C ASN I 312 -23.66 52.63 -110.84
N ALA I 313 -23.43 53.54 -111.79
CA ALA I 313 -22.55 53.23 -112.91
C ALA I 313 -21.08 53.27 -112.49
N ARG I 314 -20.72 54.26 -111.66
CA ARG I 314 -19.34 54.38 -111.20
C ARG I 314 -18.94 53.26 -110.26
N GLY I 315 -19.88 52.71 -109.50
CA GLY I 315 -19.54 51.63 -108.59
C GLY I 315 -19.14 50.37 -109.32
N VAL I 316 -19.39 50.31 -110.63
CA VAL I 316 -19.01 49.14 -111.41
C VAL I 316 -17.49 49.09 -111.55
N ILE I 317 -16.90 47.97 -111.14
CA ILE I 317 -15.46 47.78 -111.20
C ILE I 317 -15.17 46.39 -111.73
N ASP I 318 -14.27 46.30 -112.71
CA ASP I 318 -13.81 45.03 -113.25
C ASP I 318 -12.71 44.50 -112.34
N LEU I 319 -13.09 43.64 -111.37
CA LEU I 319 -12.14 43.14 -110.39
C LEU I 319 -11.14 42.15 -110.98
N GLY I 320 -11.30 41.77 -112.24
CA GLY I 320 -10.45 40.79 -112.87
C GLY I 320 -11.00 39.37 -112.82
N TYR I 321 -11.47 38.92 -111.66
CA TYR I 321 -12.12 37.63 -111.56
C TYR I 321 -13.63 37.70 -111.65
N SER I 322 -14.22 38.89 -111.53
CA SER I 322 -15.65 39.08 -111.68
C SER I 322 -15.88 40.56 -111.98
N VAL I 323 -17.13 40.92 -112.24
CA VAL I 323 -17.55 42.31 -112.35
C VAL I 323 -18.53 42.58 -111.21
N ALA I 324 -18.17 43.54 -110.36
CA ALA I 324 -18.91 43.80 -109.13
C ALA I 324 -19.55 45.18 -109.19
N TYR I 325 -20.86 45.23 -108.98
CA TYR I 325 -21.60 46.48 -108.98
C TYR I 325 -22.50 46.57 -107.75
N PRO I 326 -22.60 47.73 -107.13
CA PRO I 326 -23.53 47.89 -106.01
C PRO I 326 -24.96 47.72 -106.47
N SER I 327 -25.80 47.17 -105.59
CA SER I 327 -27.22 47.04 -105.81
C SER I 327 -27.95 47.34 -104.52
N HIS I 328 -29.27 47.56 -104.64
CA HIS I 328 -30.08 47.82 -103.44
C HIS I 328 -30.03 46.65 -102.48
N ASP I 329 -30.10 45.42 -103.00
CA ASP I 329 -29.91 44.26 -102.15
C ASP I 329 -28.49 44.20 -101.59
N GLY I 330 -27.50 44.50 -102.41
CA GLY I 330 -26.13 44.52 -101.95
C GLY I 330 -25.16 44.43 -103.11
N LEU I 331 -23.89 44.63 -102.79
CA LEU I 331 -22.83 44.47 -103.79
C LEU I 331 -22.78 43.01 -104.23
N VAL I 332 -22.77 42.79 -105.55
CA VAL I 332 -22.86 41.45 -106.12
C VAL I 332 -21.79 41.31 -107.18
N MET I 333 -21.24 40.10 -107.31
CA MET I 333 -20.16 39.81 -108.25
C MET I 333 -20.66 38.83 -109.30
N ALA I 334 -20.37 39.12 -110.57
CA ALA I 334 -20.71 38.24 -111.68
C ALA I 334 -19.43 37.67 -112.27
N GLY I 335 -19.31 36.35 -112.27
CA GLY I 335 -18.11 35.69 -112.72
C GLY I 335 -18.42 34.48 -113.57
N SER I 336 -17.36 33.86 -114.09
CA SER I 336 -17.52 32.68 -114.93
C SER I 336 -18.09 31.51 -114.14
N ASN I 337 -17.65 31.34 -112.90
CA ASN I 337 -18.13 30.22 -112.08
C ASN I 337 -19.62 30.32 -111.82
N GLY I 338 -20.11 31.52 -111.53
CA GLY I 338 -21.53 31.71 -111.27
C GLY I 338 -21.80 33.10 -110.73
N MET I 339 -23.02 33.30 -110.28
CA MET I 339 -23.49 34.59 -109.76
C MET I 339 -23.77 34.46 -108.27
N GLN I 340 -23.20 35.36 -107.48
CA GLN I 340 -23.35 35.30 -106.03
C GLN I 340 -23.46 36.69 -105.44
N VAL I 341 -24.15 36.79 -104.30
CA VAL I 341 -24.29 38.05 -103.58
C VAL I 341 -23.31 37.95 -102.41
N ILE I 342 -22.15 38.61 -102.56
CA ILE I 342 -21.12 38.50 -101.53
C ILE I 342 -21.56 39.13 -100.22
N THR I 343 -22.20 40.31 -100.29
CA THR I 343 -22.59 41.02 -99.08
C THR I 343 -23.68 40.33 -98.30
N GLU I 344 -24.51 39.50 -98.94
CA GLU I 344 -25.54 38.76 -98.21
C GLU I 344 -24.90 37.87 -97.15
N GLN I 345 -23.66 37.44 -97.38
CA GLN I 345 -22.93 36.69 -96.36
C GLN I 345 -22.42 37.58 -95.24
N LEU I 346 -22.05 38.82 -95.56
CA LEU I 346 -21.25 39.65 -94.67
C LEU I 346 -21.90 40.97 -94.27
N MET I 347 -23.01 41.37 -94.90
CA MET I 347 -23.75 42.53 -94.42
C MET I 347 -25.25 42.26 -94.52
N THR I 348 -25.99 42.94 -93.65
CA THR I 348 -27.44 42.93 -93.73
C THR I 348 -27.91 43.87 -94.84
N ARG I 349 -29.20 43.77 -95.17
CA ARG I 349 -29.79 44.72 -96.09
C ARG I 349 -29.82 46.12 -95.49
N ASN I 350 -30.02 46.20 -94.18
CA ASN I 350 -30.07 47.49 -93.51
C ASN I 350 -28.75 48.22 -93.62
N ASP I 351 -27.64 47.54 -93.36
CA ASP I 351 -26.33 48.19 -93.40
C ASP I 351 -25.98 48.65 -94.80
N TRP I 352 -26.27 47.82 -95.81
CA TRP I 352 -25.98 48.22 -97.18
C TRP I 352 -26.86 49.38 -97.62
N MET I 353 -28.14 49.35 -97.25
CA MET I 353 -29.04 50.44 -97.63
C MET I 353 -28.63 51.75 -96.96
N LYS I 354 -28.25 51.69 -95.68
CA LYS I 354 -27.77 52.88 -94.99
C LYS I 354 -26.45 53.37 -95.55
N THR I 355 -25.59 52.45 -96.01
CA THR I 355 -24.36 52.86 -96.67
C THR I 355 -24.66 53.67 -97.92
N GLY I 356 -25.59 53.20 -98.74
CA GLY I 356 -26.06 53.94 -99.89
C GLY I 356 -25.40 53.48 -101.17
N PRO I 357 -26.08 52.62 -101.93
CA PRO I 357 -25.50 52.12 -103.18
C PRO I 357 -25.60 53.11 -104.33
N GLY I 358 -26.35 54.21 -104.18
CA GLY I 358 -26.51 55.14 -105.27
C GLY I 358 -25.23 55.87 -105.61
N ASN I 359 -24.43 56.20 -104.61
CA ASN I 359 -23.23 57.02 -104.80
C ASN I 359 -22.00 56.31 -104.24
N ILE I 360 -21.85 55.03 -104.55
CA ILE I 360 -20.67 54.26 -104.18
C ILE I 360 -19.61 54.47 -105.24
N VAL I 361 -18.49 55.06 -104.85
CA VAL I 361 -17.34 55.16 -105.74
C VAL I 361 -16.50 53.89 -105.61
N GLY I 362 -16.24 53.24 -106.73
CA GLY I 362 -15.61 51.94 -106.73
C GLY I 362 -14.17 52.01 -107.19
N GLY I 363 -13.40 51.03 -106.73
CA GLY I 363 -12.00 50.90 -107.11
C GLY I 363 -11.51 49.49 -106.81
N GLN I 364 -10.39 49.15 -107.44
CA GLN I 364 -9.79 47.83 -107.28
C GLN I 364 -8.34 47.94 -106.88
N PHE I 365 -7.93 47.21 -105.85
CA PHE I 365 -6.54 47.09 -105.46
C PHE I 365 -6.28 45.67 -104.97
N ASN I 366 -5.38 44.97 -105.66
CA ASN I 366 -4.99 43.61 -105.30
C ASN I 366 -6.21 42.70 -105.19
N GLY I 367 -7.11 42.82 -106.16
CA GLY I 367 -8.30 42.00 -106.18
C GLY I 367 -9.30 42.33 -105.10
N ARG I 368 -9.30 43.57 -104.61
CA ARG I 368 -10.21 44.00 -103.56
C ARG I 368 -11.00 45.21 -104.03
N TYR I 369 -12.32 45.15 -103.84
CA TYR I 369 -13.22 46.20 -104.30
C TYR I 369 -13.19 47.35 -103.31
N PHE I 370 -12.63 48.48 -103.72
CA PHE I 370 -12.55 49.67 -102.89
C PHE I 370 -13.82 50.49 -103.07
N ALA I 371 -14.65 50.54 -102.04
CA ALA I 371 -15.89 51.31 -102.06
C ALA I 371 -15.79 52.47 -101.08
N SER I 372 -16.00 53.68 -101.58
CA SER I 372 -15.99 54.89 -100.76
C SER I 372 -17.42 55.34 -100.57
N TYR I 373 -17.83 55.49 -99.31
CA TYR I 373 -19.19 55.85 -98.96
C TYR I 373 -19.20 57.13 -98.14
N GLU I 374 -20.10 58.04 -98.47
CA GLU I 374 -20.30 59.28 -97.72
C GLU I 374 -21.79 59.53 -97.61
N TYR I 375 -22.37 59.13 -96.47
CA TYR I 375 -23.81 59.23 -96.28
C TYR I 375 -24.10 59.97 -94.98
N ILE I 376 -25.28 60.56 -94.92
CA ILE I 376 -25.71 61.39 -93.80
C ILE I 376 -26.67 60.58 -92.95
N GLU I 377 -26.25 60.26 -91.73
CA GLU I 377 -27.17 59.64 -90.78
C GLU I 377 -28.23 60.65 -90.35
N PRO I 378 -29.45 60.21 -90.05
CA PRO I 378 -30.44 61.15 -89.51
C PRO I 378 -29.92 61.90 -88.30
N SER I 379 -30.54 63.06 -88.05
CA SER I 379 -30.15 64.01 -87.00
C SER I 379 -28.84 64.70 -87.36
N GLY I 380 -28.44 64.63 -88.63
CA GLY I 380 -27.36 65.45 -89.14
C GLY I 380 -25.96 64.97 -88.86
N ALA I 381 -25.74 63.67 -88.68
CA ALA I 381 -24.41 63.12 -88.47
C ALA I 381 -23.92 62.48 -89.75
N ALA I 382 -22.67 62.76 -90.12
CA ALA I 382 -22.09 62.32 -91.39
C ALA I 382 -20.99 61.31 -91.14
N PHE I 383 -21.03 60.20 -91.87
CA PHE I 383 -19.97 59.21 -91.88
C PHE I 383 -19.36 59.12 -93.28
N SER I 384 -18.06 59.28 -93.36
CA SER I 384 -17.32 59.14 -94.62
C SER I 384 -16.18 58.17 -94.41
N GLY I 385 -16.04 57.20 -95.32
CA GLY I 385 -15.00 56.21 -95.19
C GLY I 385 -14.93 55.35 -96.43
N THR I 386 -13.98 54.42 -96.41
CA THR I 386 -13.75 53.49 -97.51
C THR I 386 -13.94 52.06 -97.01
N LEU I 387 -14.79 51.31 -97.70
CA LEU I 387 -15.10 49.92 -97.36
C LEU I 387 -14.52 49.04 -98.46
N ILE I 388 -13.42 48.34 -98.16
CA ILE I 388 -12.78 47.51 -99.16
C ILE I 388 -13.17 46.05 -98.89
N PHE I 389 -13.51 45.32 -99.95
CA PHE I 389 -14.03 43.97 -99.85
C PHE I 389 -13.00 42.99 -100.40
N ASP I 390 -12.63 42.00 -99.58
CA ASP I 390 -11.75 40.91 -100.02
C ASP I 390 -12.49 39.60 -99.81
N THR I 391 -12.79 38.91 -100.91
CA THR I 391 -13.46 37.62 -100.80
C THR I 391 -12.44 36.48 -100.73
N THR I 392 -11.19 36.76 -101.06
CA THR I 392 -10.15 35.74 -101.00
C THR I 392 -9.86 35.38 -99.54
N GLY I 393 -9.85 34.10 -99.26
CA GLY I 393 -9.61 33.63 -97.90
C GLY I 393 -10.63 32.58 -97.52
N ALA I 394 -10.53 32.14 -96.26
CA ALA I 394 -11.48 31.16 -95.76
C ALA I 394 -12.90 31.73 -95.75
N ALA I 395 -13.06 32.95 -95.27
CA ALA I 395 -14.34 33.63 -95.27
C ALA I 395 -14.12 35.09 -95.62
N PRO I 396 -15.01 35.69 -96.41
CA PRO I 396 -14.89 37.11 -96.73
C PRO I 396 -15.15 37.99 -95.52
N PHE I 397 -14.51 39.15 -95.52
CA PHE I 397 -14.68 40.13 -94.45
C PHE I 397 -14.42 41.52 -94.99
N ILE I 398 -14.84 42.51 -94.22
CA ILE I 398 -14.71 43.92 -94.60
C ILE I 398 -13.53 44.50 -93.85
N ILE I 399 -12.65 45.19 -94.59
CA ILE I 399 -11.61 46.01 -93.98
C ILE I 399 -12.04 47.47 -94.18
N ARG I 400 -12.20 48.19 -93.09
CA ARG I 400 -12.65 49.57 -93.22
C ARG I 400 -11.46 50.51 -93.36
N SER I 401 -11.72 51.65 -94.01
CA SER I 401 -10.73 52.71 -94.16
C SER I 401 -11.43 54.05 -94.03
N ASN I 402 -10.64 55.09 -93.75
CA ASN I 402 -11.19 56.42 -93.48
C ASN I 402 -10.54 57.44 -94.41
N HIS I 403 -10.51 57.10 -95.71
CA HIS I 403 -10.03 58.01 -96.74
C HIS I 403 -11.13 58.11 -97.80
N LYS I 404 -11.96 59.14 -97.70
CA LYS I 404 -12.99 59.37 -98.70
C LYS I 404 -12.35 59.76 -100.03
N ALA I 405 -12.88 59.24 -101.12
CA ALA I 405 -12.36 59.48 -102.46
C ALA I 405 -13.49 59.92 -103.37
N ASP I 406 -13.30 61.03 -104.07
CA ASP I 406 -14.28 61.48 -105.04
C ASP I 406 -14.31 60.55 -106.26
N ALA I 407 -13.15 60.05 -106.67
CA ALA I 407 -13.08 59.11 -107.78
C ALA I 407 -11.85 58.23 -107.60
N PHE I 408 -11.91 57.04 -108.18
CA PHE I 408 -10.81 56.09 -108.13
C PHE I 408 -10.28 55.84 -109.54
N PHE I 409 -9.00 55.47 -109.60
CA PHE I 409 -8.39 55.05 -110.85
C PHE I 409 -7.34 54.00 -110.54
N HIS I 410 -7.52 52.79 -111.07
CA HIS I 410 -6.56 51.71 -110.91
C HIS I 410 -5.70 51.62 -112.15
N GLU I 411 -4.51 52.22 -112.09
CA GLU I 411 -3.55 52.14 -113.18
C GLU I 411 -3.14 50.68 -113.32
N LEU I 412 -3.54 50.06 -114.43
CA LEU I 412 -3.36 48.62 -114.56
C LEU I 412 -1.89 48.26 -114.70
N GLN I 413 -1.11 49.09 -115.40
CA GLN I 413 0.30 48.76 -115.62
C GLN I 413 1.07 48.69 -114.31
N THR I 414 0.87 49.64 -113.42
CA THR I 414 1.47 49.63 -112.08
C THR I 414 0.35 49.59 -111.06
N GLY I 415 0.20 48.45 -110.39
CA GLY I 415 -0.98 48.21 -109.57
C GLY I 415 -1.04 49.02 -108.30
N ALA I 416 -1.23 50.33 -108.43
CA ALA I 416 -1.43 51.23 -107.31
C ALA I 416 -2.64 52.10 -107.59
N LEU I 417 -3.59 52.14 -106.66
CA LEU I 417 -4.77 52.97 -106.82
C LEU I 417 -4.43 54.44 -106.71
N TYR I 418 -5.09 55.25 -107.54
CA TYR I 418 -5.02 56.70 -107.45
C TYR I 418 -6.43 57.23 -107.21
N PHE I 419 -6.65 57.82 -106.04
CA PHE I 419 -7.95 58.33 -105.66
C PHE I 419 -7.90 59.83 -105.47
N LEU I 420 -8.98 60.49 -105.88
CA LEU I 420 -9.07 61.95 -105.85
C LEU I 420 -9.79 62.38 -104.58
N VAL I 421 -9.10 63.14 -103.74
CA VAL I 421 -9.71 63.82 -102.59
C VAL I 421 -9.14 65.22 -102.53
N GLY I 422 -10.03 66.20 -102.42
CA GLY I 422 -9.58 67.59 -102.34
C GLY I 422 -8.82 68.07 -103.55
N LYS I 423 -9.30 67.73 -104.75
CA LYS I 423 -8.70 68.17 -106.00
C LYS I 423 -7.24 67.72 -106.14
N GLU I 424 -6.90 66.58 -105.56
CA GLU I 424 -5.53 66.08 -105.61
C GLU I 424 -5.54 64.58 -105.80
N ILE I 425 -4.52 64.07 -106.46
CA ILE I 425 -4.35 62.65 -106.71
C ILE I 425 -3.45 62.08 -105.62
N PHE I 426 -3.99 61.13 -104.85
CA PHE I 426 -3.25 60.45 -103.81
C PHE I 426 -3.15 58.97 -104.12
N GLU I 427 -1.95 58.42 -104.00
CA GLU I 427 -1.78 56.98 -104.09
C GLU I 427 -2.23 56.31 -102.80
N TRP I 428 -2.49 55.01 -102.87
CA TRP I 428 -2.98 54.25 -101.74
C TRP I 428 -1.86 53.39 -101.19
N ASP I 429 -1.55 53.57 -99.91
CA ASP I 429 -0.44 52.91 -99.19
C ASP I 429 0.80 52.73 -100.07
N ALA I 430 1.19 53.81 -100.73
CA ALA I 430 2.37 53.78 -101.58
C ALA I 430 3.65 53.68 -100.73
N LEU I 431 4.71 53.17 -101.35
CA LEU I 431 5.97 53.00 -100.66
C LEU I 431 6.57 54.34 -100.26
N GLY I 432 7.30 54.36 -99.15
CA GLY I 432 8.02 55.55 -98.74
C GLY I 432 7.26 56.52 -97.86
N GLN I 433 6.19 56.07 -97.21
CA GLN I 433 5.43 56.92 -96.29
C GLN I 433 5.32 56.25 -94.93
N VAL I 434 5.22 57.08 -93.90
CA VAL I 434 5.11 56.57 -92.54
C VAL I 434 3.79 55.83 -92.37
N ASN I 435 3.80 54.81 -91.52
CA ASN I 435 2.61 54.01 -91.29
C ASN I 435 1.50 54.84 -90.67
N GLU I 436 0.27 54.56 -91.04
CA GLU I 436 -0.90 55.26 -90.52
C GLU I 436 -1.44 54.55 -89.28
N THR I 437 -2.18 55.30 -88.48
CA THR I 437 -2.74 54.75 -87.25
C THR I 437 -3.75 53.65 -87.58
N LEU I 438 -3.68 52.56 -86.82
CA LEU I 438 -4.48 51.37 -87.08
C LEU I 438 -5.56 51.24 -86.01
N SER I 439 -6.79 50.98 -86.44
CA SER I 439 -7.91 50.77 -85.53
C SER I 439 -8.41 49.34 -85.67
N TRP I 440 -8.59 48.67 -84.55
CA TRP I 440 -9.02 47.28 -84.53
C TRP I 440 -9.70 46.99 -83.19
N ARG I 441 -11.02 46.90 -83.21
CA ARG I 441 -11.80 46.67 -81.99
C ARG I 441 -12.30 45.24 -81.99
N SER I 442 -11.91 44.50 -80.94
CA SER I 442 -12.13 43.06 -80.92
C SER I 442 -13.61 42.70 -80.76
N LYS I 443 -13.91 41.43 -81.00
CA LYS I 443 -15.25 40.91 -80.78
C LYS I 443 -15.62 41.03 -79.32
N GLN I 444 -16.90 41.31 -79.07
CA GLN I 444 -17.40 41.38 -77.70
C GLN I 444 -17.30 40.02 -77.03
N PHE I 445 -16.33 39.87 -76.12
CA PHE I 445 -16.04 38.61 -75.47
C PHE I 445 -16.93 38.47 -74.24
N VAL I 446 -17.96 37.63 -74.35
CA VAL I 446 -18.89 37.39 -73.26
C VAL I 446 -18.35 36.20 -72.47
N LEU I 447 -17.56 36.48 -71.43
CA LEU I 447 -17.03 35.42 -70.61
C LEU I 447 -18.16 34.72 -69.86
N PRO I 448 -18.14 33.39 -69.78
CA PRO I 448 -19.21 32.69 -69.03
C PRO I 448 -19.29 33.12 -67.57
N MET I 449 -18.15 33.41 -66.95
CA MET I 449 -18.09 33.87 -65.58
C MET I 449 -17.54 35.29 -65.53
N PRO I 450 -18.24 36.22 -64.88
CA PRO I 450 -17.76 37.59 -64.80
C PRO I 450 -16.44 37.67 -64.04
N THR I 451 -15.43 38.23 -64.69
CA THR I 451 -14.09 38.31 -64.13
C THR I 451 -13.46 39.64 -64.51
N ASN I 452 -12.30 39.91 -63.91
CA ASN I 452 -11.45 41.03 -64.27
C ASN I 452 -10.06 40.51 -64.60
N PHE I 453 -9.40 41.17 -65.54
CA PHE I 453 -8.15 40.67 -66.11
C PHE I 453 -6.97 41.42 -65.54
N GLY I 454 -5.93 40.69 -65.19
CA GLY I 454 -4.74 41.26 -64.56
C GLY I 454 -3.45 40.94 -65.28
N ALA I 455 -3.51 40.70 -66.59
CA ALA I 455 -2.31 40.44 -67.38
C ALA I 455 -2.55 40.92 -68.81
N ILE I 456 -1.60 41.68 -69.34
CA ILE I 456 -1.63 42.12 -70.73
C ILE I 456 -0.25 41.91 -71.32
N LEU I 457 -0.17 41.10 -72.38
CA LEU I 457 1.08 40.87 -73.08
C LEU I 457 0.92 41.34 -74.52
N ILE I 458 1.49 42.50 -74.84
CA ILE I 458 1.42 43.09 -76.16
C ILE I 458 2.74 42.78 -76.85
N GLU I 459 2.77 41.69 -77.61
CA GLU I 459 4.00 41.32 -78.29
C GLU I 459 4.12 42.06 -79.62
N GLY I 460 5.30 41.96 -80.20
CA GLY I 460 5.60 42.67 -81.43
C GLY I 460 7.01 43.21 -81.39
N SER I 461 7.36 43.94 -82.44
CA SER I 461 8.69 44.50 -82.59
C SER I 461 8.60 45.94 -83.07
N THR I 462 9.55 46.75 -82.64
CA THR I 462 9.63 48.12 -83.11
C THR I 462 10.08 48.16 -84.56
N ALA I 463 9.92 49.33 -85.18
CA ALA I 463 10.26 49.50 -86.59
C ALA I 463 11.74 49.18 -86.81
N ALA I 464 12.00 48.06 -87.51
CA ALA I 464 13.36 47.61 -87.77
C ALA I 464 13.54 47.08 -89.18
N SER I 465 12.58 47.29 -90.07
CA SER I 465 12.74 46.85 -91.46
C SER I 465 13.59 47.83 -92.26
N GLU I 466 13.75 49.05 -91.74
CA GLU I 466 14.57 50.14 -92.28
C GLU I 466 13.94 50.82 -93.50
N GLU I 467 12.87 50.25 -94.07
CA GLU I 467 12.13 51.03 -95.06
C GLU I 467 11.11 51.92 -94.37
N GLU I 468 10.49 51.43 -93.30
CA GLU I 468 9.70 52.31 -92.44
C GLU I 468 10.60 53.37 -91.83
N GLN I 469 11.84 52.99 -91.47
CA GLN I 469 12.79 53.96 -90.94
C GLN I 469 13.17 55.01 -91.99
N ALA I 470 13.37 54.58 -93.23
CA ALA I 470 13.65 55.54 -94.30
C ALA I 470 12.47 56.48 -94.53
N ALA I 471 11.26 55.94 -94.51
CA ALA I 471 10.07 56.79 -94.66
C ALA I 471 9.95 57.77 -93.51
N TYR I 472 10.24 57.32 -92.29
CA TYR I 472 10.20 58.21 -91.14
C TYR I 472 11.25 59.30 -91.24
N ASP I 473 12.44 58.95 -91.74
CA ASP I 473 13.48 59.96 -91.95
C ASP I 473 13.05 60.98 -93.00
N ALA I 474 12.43 60.53 -94.08
CA ALA I 474 11.92 61.46 -95.09
C ALA I 474 10.85 62.37 -94.50
N GLU I 475 9.97 61.81 -93.68
CA GLU I 475 8.96 62.63 -93.01
C GLU I 475 9.62 63.65 -92.08
N ARG I 476 10.68 63.23 -91.39
CA ARG I 476 11.41 64.16 -90.54
C ARG I 476 12.04 65.30 -91.35
N GLN I 477 12.59 64.97 -92.52
CA GLN I 477 13.13 66.01 -93.39
C GLN I 477 12.03 66.97 -93.85
N ARG I 478 10.86 66.44 -94.19
CA ARG I 478 9.75 67.31 -94.56
C ARG I 478 9.33 68.21 -93.41
N ILE I 479 9.29 67.65 -92.19
CA ILE I 479 8.93 68.43 -91.02
C ILE I 479 9.95 69.53 -90.77
N GLU I 480 11.24 69.21 -90.92
CA GLU I 480 12.27 70.22 -90.75
C GLU I 480 12.16 71.31 -91.80
N VAL I 481 11.86 70.93 -93.05
CA VAL I 481 11.73 71.92 -94.12
C VAL I 481 10.56 72.86 -93.85
N GLU I 482 9.40 72.30 -93.46
CA GLU I 482 8.25 73.15 -93.19
C GLU I 482 8.49 74.01 -91.95
N ASN I 483 9.20 73.46 -90.96
CA ASN I 483 9.57 74.25 -89.79
C ASN I 483 10.45 75.43 -90.17
N ALA I 484 11.41 75.19 -91.06
CA ALA I 484 12.29 76.26 -91.51
C ALA I 484 11.52 77.32 -92.29
N THR I 485 10.62 76.90 -93.17
CA THR I 485 9.91 77.87 -94.01
C THR I 485 8.90 78.67 -93.21
N ASN I 486 8.28 78.06 -92.20
CA ASN I 486 7.38 78.81 -91.33
C ASN I 486 8.15 79.64 -90.33
N PHE I 487 9.40 79.25 -90.04
CA PHE I 487 10.21 80.00 -89.09
C PHE I 487 10.65 81.34 -89.65
N ALA I 488 10.64 81.48 -90.98
CA ALA I 488 11.09 82.70 -91.63
C ALA I 488 9.96 83.65 -91.98
N LEU I 489 8.75 83.39 -91.51
CA LEU I 489 7.63 84.26 -91.82
C LEU I 489 7.81 85.63 -91.17
N PRO I 490 7.43 86.72 -91.86
CA PRO I 490 7.59 88.09 -91.38
C PRO I 490 6.83 88.35 -90.08
N ASN I 507 5.82 87.60 -86.34
CA ASN I 507 6.16 86.52 -87.27
C ASN I 507 4.98 85.60 -87.49
N GLY I 508 5.17 84.31 -87.18
CA GLY I 508 4.12 83.32 -87.30
C GLY I 508 3.93 82.59 -85.98
N ASP I 509 2.75 82.78 -85.40
CA ASP I 509 2.43 82.15 -84.13
C ASP I 509 2.10 80.67 -84.33
N MET I 510 2.42 79.87 -83.32
CA MET I 510 2.17 78.42 -83.31
C MET I 510 2.93 77.80 -84.48
N MET I 511 2.33 76.88 -85.23
CA MET I 511 3.01 76.11 -86.29
C MET I 511 4.16 75.35 -85.66
N GLN I 512 5.20 75.05 -86.45
CA GLN I 512 6.32 74.20 -86.03
C GLN I 512 5.80 72.88 -85.45
N ARG I 513 5.13 72.13 -86.33
CA ARG I 513 4.40 70.94 -85.89
C ARG I 513 5.35 69.86 -85.36
N LEU I 514 4.85 69.10 -84.40
CA LEU I 514 5.67 68.09 -83.74
C LEU I 514 5.90 66.91 -84.69
N PRO I 515 7.10 66.33 -84.69
CA PRO I 515 7.33 65.12 -85.49
C PRO I 515 6.56 63.92 -84.94
N ALA I 516 6.46 62.90 -85.79
CA ALA I 516 5.70 61.70 -85.46
C ALA I 516 6.48 60.76 -84.56
N GLU I 517 5.90 59.61 -84.23
CA GLU I 517 6.51 58.64 -83.33
C GLU I 517 5.78 57.31 -83.50
N GLY I 518 6.48 56.23 -83.16
CA GLY I 518 5.89 54.90 -83.18
C GLY I 518 5.41 54.48 -81.79
N PHE I 519 4.15 54.07 -81.69
CA PHE I 519 3.53 53.79 -80.41
C PHE I 519 2.61 52.59 -80.52
N VAL I 520 2.28 52.02 -79.37
CA VAL I 520 1.25 51.00 -79.25
C VAL I 520 0.26 51.48 -78.19
N SER I 521 -1.03 51.46 -78.51
CA SER I 521 -2.08 51.93 -77.61
C SER I 521 -3.24 50.96 -77.67
N VAL I 522 -3.36 50.10 -76.66
CA VAL I 522 -4.44 49.13 -76.56
C VAL I 522 -5.40 49.60 -75.47
N SER I 523 -6.65 49.82 -75.85
CA SER I 523 -7.69 50.26 -74.92
C SER I 523 -8.66 49.11 -74.70
N ILE I 524 -8.98 48.85 -73.44
CA ILE I 524 -9.86 47.75 -73.05
C ILE I 524 -11.17 48.33 -72.54
N TYR I 525 -12.27 47.87 -73.10
CA TYR I 525 -13.61 48.33 -72.73
C TYR I 525 -14.22 47.30 -71.80
N ALA I 526 -14.49 47.71 -70.55
CA ALA I 526 -15.00 46.78 -69.56
C ALA I 526 -16.37 46.23 -69.96
N ASP I 527 -17.38 47.10 -69.97
CA ASP I 527 -18.73 46.73 -70.36
C ASP I 527 -19.30 47.88 -71.20
N GLY I 528 -18.48 48.40 -72.10
CA GLY I 528 -18.80 49.60 -72.83
C GLY I 528 -18.13 50.85 -72.31
N LYS I 529 -17.25 50.73 -71.32
CA LYS I 529 -16.53 51.86 -70.76
C LYS I 529 -15.04 51.58 -70.85
N LEU I 530 -14.27 52.59 -71.29
CA LEU I 530 -12.82 52.47 -71.41
C LEU I 530 -12.24 52.57 -70.00
N VAL I 531 -11.55 51.52 -69.56
CA VAL I 531 -10.99 51.52 -68.22
C VAL I 531 -9.51 51.81 -68.23
N LYS I 532 -8.81 51.41 -69.29
CA LYS I 532 -7.36 51.57 -69.32
C LYS I 532 -6.87 51.66 -70.76
N THR I 533 -5.76 52.38 -70.93
CA THR I 533 -5.00 52.39 -72.16
C THR I 533 -3.57 52.01 -71.83
N VAL I 534 -3.09 50.91 -72.40
CA VAL I 534 -1.79 50.35 -72.08
C VAL I 534 -0.86 50.56 -73.26
N SER I 535 0.37 50.97 -72.98
CA SER I 535 1.37 51.23 -74.01
C SER I 535 2.62 50.38 -73.88
N LYS I 536 2.81 49.69 -72.76
CA LYS I 536 3.97 48.81 -72.62
C LYS I 536 3.86 47.63 -73.58
N MET I 537 5.00 47.27 -74.17
CA MET I 537 5.05 46.21 -75.17
C MET I 537 6.10 45.18 -74.78
N ASN I 538 5.82 43.93 -75.14
CA ASN I 538 6.68 42.77 -74.89
C ASN I 538 6.86 42.47 -73.41
N ARG I 539 6.19 43.20 -72.52
CA ARG I 539 6.23 42.94 -71.09
C ARG I 539 4.81 43.01 -70.55
N MET I 540 4.56 42.24 -69.49
CA MET I 540 3.22 42.16 -68.95
C MET I 540 2.78 43.49 -68.34
N ALA I 541 1.52 43.85 -68.57
CA ALA I 541 0.94 45.07 -68.04
C ALA I 541 -0.27 44.70 -67.19
N ARG I 542 -0.89 45.72 -66.59
CA ARG I 542 -1.98 45.50 -65.64
C ARG I 542 -3.16 46.41 -65.98
N LEU I 543 -4.36 45.87 -65.90
CA LEU I 543 -5.58 46.67 -66.00
C LEU I 543 -5.86 47.35 -64.67
N PRO I 544 -6.92 48.16 -64.58
CA PRO I 544 -7.38 48.62 -63.27
C PRO I 544 -8.16 47.53 -62.55
N SER I 545 -8.61 47.87 -61.34
CA SER I 545 -9.38 46.94 -60.52
C SER I 545 -10.62 47.64 -60.00
N GLY I 546 -11.42 46.89 -59.24
CA GLY I 546 -12.64 47.39 -58.66
C GLY I 546 -13.83 47.37 -59.59
N PHE I 547 -13.68 46.90 -60.81
CA PHE I 547 -14.77 46.78 -61.77
C PHE I 547 -14.90 45.33 -62.22
N LEU I 548 -16.13 44.83 -62.22
CA LEU I 548 -16.44 43.47 -62.62
C LEU I 548 -17.37 43.52 -63.83
N ALA I 549 -16.92 42.93 -64.94
CA ALA I 549 -17.71 42.93 -66.17
C ALA I 549 -17.59 41.57 -66.82
N ARG I 550 -18.57 41.23 -67.66
CA ARG I 550 -18.61 39.95 -68.34
C ARG I 550 -18.56 40.07 -69.86
N ILE I 551 -18.94 41.22 -70.42
CA ILE I 551 -18.86 41.46 -71.85
C ILE I 551 -17.65 42.34 -72.11
N TRP I 552 -16.51 41.72 -72.38
CA TRP I 552 -15.25 42.43 -72.59
C TRP I 552 -14.96 42.54 -74.08
N GLU I 553 -14.26 43.61 -74.46
CA GLU I 553 -13.80 43.80 -75.83
C GLU I 553 -12.50 44.58 -75.81
N ILE I 554 -11.70 44.41 -76.86
CA ILE I 554 -10.35 44.97 -76.93
C ILE I 554 -10.25 45.84 -78.18
N GLU I 555 -9.65 47.02 -78.03
CA GLU I 555 -9.34 47.88 -79.16
C GLU I 555 -7.85 48.14 -79.20
N VAL I 556 -7.26 48.04 -80.39
CA VAL I 556 -5.82 48.19 -80.58
C VAL I 556 -5.57 49.38 -81.50
N ASN I 557 -4.75 50.33 -81.05
CA ASN I 557 -4.38 51.50 -81.83
C ASN I 557 -2.86 51.62 -81.81
N SER I 558 -2.25 51.70 -82.99
CA SER I 558 -0.79 51.75 -83.07
C SER I 558 -0.35 52.24 -84.43
N ASN I 559 0.90 52.68 -84.53
CA ASN I 559 1.50 52.92 -85.84
C ASN I 559 2.41 51.77 -86.25
N ILE I 560 2.63 50.82 -85.35
CA ILE I 560 3.46 49.67 -85.65
C ILE I 560 2.63 48.39 -85.51
N ASN I 561 3.17 47.30 -86.03
CA ASN I 561 2.44 46.03 -86.00
C ASN I 561 2.52 45.38 -84.62
N ILE I 562 1.51 44.57 -84.30
CA ILE I 562 1.44 43.85 -83.05
C ILE I 562 1.27 42.37 -83.37
N SER I 563 2.05 41.52 -82.70
CA SER I 563 1.92 40.08 -82.89
C SER I 563 0.61 39.56 -82.32
N ASP I 564 0.42 39.69 -81.01
CA ASP I 564 -0.79 39.18 -80.38
C ASP I 564 -0.98 39.84 -79.02
N ILE I 565 -2.21 39.76 -78.51
CA ILE I 565 -2.55 40.21 -77.16
C ILE I 565 -3.19 39.04 -76.44
N VAL I 566 -2.75 38.78 -75.20
CA VAL I 566 -3.31 37.74 -74.35
C VAL I 566 -3.65 38.36 -73.00
N LEU I 567 -4.78 37.96 -72.43
CA LEU I 567 -5.24 38.50 -71.16
C LEU I 567 -5.41 37.36 -70.16
N ALA I 568 -5.16 37.66 -68.88
CA ALA I 568 -5.40 36.73 -67.80
C ALA I 568 -5.67 37.51 -66.53
N THR I 569 -6.38 36.88 -65.59
CA THR I 569 -6.67 37.57 -64.33
C THR I 569 -5.44 37.61 -63.43
N THR I 570 -4.49 36.71 -63.66
CA THR I 570 -3.28 36.63 -62.86
C THR I 570 -2.11 36.28 -63.77
N GLY I 571 -0.92 36.75 -63.40
CA GLY I 571 0.27 36.39 -64.15
C GLY I 571 0.52 34.89 -64.14
N GLN I 572 0.19 34.24 -63.03
CA GLN I 572 0.31 32.78 -62.98
C GLN I 572 -0.61 32.10 -63.98
N GLU I 573 -1.82 32.62 -64.17
CA GLU I 573 -2.69 32.08 -65.22
C GLU I 573 -2.12 32.40 -66.59
N LEU I 574 -1.48 33.56 -66.72
CA LEU I 574 -0.80 33.90 -67.97
C LEU I 574 0.34 32.93 -68.27
N ARG I 575 0.93 32.33 -67.23
CA ARG I 575 1.92 31.28 -67.45
C ARG I 575 1.30 30.08 -68.15
N ASN I 576 0.05 29.75 -67.80
CA ASN I 576 -0.59 28.56 -68.37
C ASN I 576 -0.71 28.68 -69.88
N VAL I 577 -1.19 29.82 -70.37
CA VAL I 577 -1.29 30.06 -71.81
C VAL I 577 -0.76 31.44 -72.14
N THR J 2 7.56 19.83 -71.99
CA THR J 2 7.80 21.06 -72.73
C THR J 2 8.71 20.83 -73.92
N THR J 3 8.72 19.59 -74.41
CA THR J 3 9.55 19.25 -75.56
C THR J 3 9.05 19.97 -76.81
N LEU J 4 9.99 20.50 -77.59
CA LEU J 4 9.74 20.90 -78.96
C LEU J 4 10.59 20.02 -79.87
N LYS J 5 9.94 19.34 -80.80
CA LYS J 5 10.60 18.39 -81.69
C LYS J 5 10.46 18.86 -83.13
N LEU J 6 11.58 18.91 -83.84
CA LEU J 6 11.63 19.38 -85.21
C LEU J 6 11.89 18.20 -86.13
N THR J 7 10.85 17.77 -86.85
CA THR J 7 10.95 16.64 -87.75
C THR J 7 10.05 16.90 -88.94
N ALA J 8 10.41 16.31 -90.09
CA ALA J 8 9.70 16.53 -91.34
C ALA J 8 9.68 18.01 -91.69
N TYR J 9 10.86 18.56 -91.92
CA TYR J 9 11.01 19.98 -92.16
C TYR J 9 10.29 20.41 -93.43
N SER J 10 9.78 21.64 -93.43
CA SER J 10 9.09 22.20 -94.59
C SER J 10 9.73 23.55 -94.91
N GLY J 11 9.26 24.16 -96.00
CA GLY J 11 9.89 25.36 -96.52
C GLY J 11 9.40 26.63 -95.83
N GLU J 12 9.71 27.75 -96.48
CA GLU J 12 9.43 29.06 -95.93
C GLU J 12 8.15 29.64 -96.51
N VAL J 13 7.31 30.20 -95.64
CA VAL J 13 6.10 30.91 -96.04
C VAL J 13 6.16 32.30 -95.40
N PRO J 14 6.66 33.31 -96.10
CA PRO J 14 6.79 34.66 -95.50
C PRO J 14 5.49 35.44 -95.38
N ARG J 15 4.38 34.97 -95.94
CA ARG J 15 3.10 35.67 -95.74
C ARG J 15 2.43 35.12 -94.49
N THR J 16 3.16 35.12 -93.38
CA THR J 16 2.67 34.59 -92.12
C THR J 16 3.54 35.13 -91.00
N LEU J 17 2.91 35.55 -89.92
CA LEU J 17 3.65 35.97 -88.74
C LEU J 17 4.51 34.82 -88.25
N PRO J 18 5.76 35.10 -87.83
CA PRO J 18 6.68 34.00 -87.49
C PRO J 18 6.13 33.04 -86.46
N ARG J 19 5.38 33.53 -85.48
CA ARG J 19 4.86 32.62 -84.45
C ARG J 19 3.71 31.77 -84.99
N LEU J 20 3.06 32.22 -86.08
CA LEU J 20 1.89 31.56 -86.62
C LEU J 20 2.21 30.65 -87.80
N LEU J 21 3.47 30.35 -88.02
CA LEU J 21 3.88 29.43 -89.06
C LEU J 21 3.41 28.03 -88.69
N PRO J 22 3.26 27.14 -89.67
CA PRO J 22 2.97 25.73 -89.36
C PRO J 22 4.05 25.14 -88.48
N ASP J 23 3.71 24.00 -87.88
CA ASP J 23 4.57 23.40 -86.86
C ASP J 23 5.94 23.02 -87.42
N THR J 24 6.02 22.76 -88.72
CA THR J 24 7.25 22.27 -89.34
C THR J 24 7.68 23.19 -90.48
N ALA J 25 7.13 24.40 -90.52
CA ALA J 25 7.53 25.41 -91.48
C ALA J 25 8.47 26.38 -90.80
N SER J 26 9.41 26.93 -91.57
CA SER J 26 10.50 27.68 -90.95
C SER J 26 11.02 28.74 -91.90
N GLN J 27 11.67 29.74 -91.31
CA GLN J 27 12.21 30.87 -92.06
C GLN J 27 13.58 30.53 -92.63
N ARG J 28 13.94 31.26 -93.70
CA ARG J 28 15.27 31.21 -94.29
C ARG J 28 15.70 29.79 -94.63
N ALA J 29 14.87 29.12 -95.44
CA ALA J 29 15.22 27.81 -95.99
C ALA J 29 16.17 27.99 -97.16
N LEU J 30 17.44 28.20 -96.82
CA LEU J 30 18.44 28.61 -97.79
C LEU J 30 19.40 27.46 -98.09
N ASN J 31 19.60 27.19 -99.38
CA ASN J 31 20.42 26.07 -99.86
C ASN J 31 20.00 24.74 -99.26
N VAL J 32 18.70 24.47 -99.19
CA VAL J 32 18.17 23.22 -98.65
C VAL J 32 17.24 22.60 -99.68
N ARG J 33 17.37 21.29 -99.87
CA ARG J 33 16.45 20.51 -100.69
C ARG J 33 15.61 19.65 -99.75
N LEU J 34 14.31 19.95 -99.70
CA LEU J 34 13.40 19.25 -98.79
C LEU J 34 12.59 18.22 -99.58
N ASP J 35 13.15 17.01 -99.66
CA ASP J 35 12.52 15.91 -100.38
C ASP J 35 12.13 14.75 -99.48
N ASN J 36 13.08 14.21 -98.71
CA ASN J 36 12.78 13.03 -97.90
C ASN J 36 12.18 13.41 -96.56
N GLY J 37 12.27 14.68 -96.18
CA GLY J 37 11.88 15.11 -94.87
C GLY J 37 13.02 15.50 -93.96
N GLY J 38 14.20 15.80 -94.52
CA GLY J 38 15.35 16.21 -93.74
C GLY J 38 16.09 17.32 -94.45
N LEU J 39 17.19 17.73 -93.85
CA LEU J 39 17.99 18.84 -94.37
C LEU J 39 19.07 18.32 -95.31
N THR J 40 18.64 17.93 -96.51
CA THR J 40 19.60 17.51 -97.51
C THR J 40 20.24 18.73 -98.16
N PRO J 41 21.55 18.89 -98.07
CA PRO J 41 22.19 20.09 -98.60
C PRO J 41 22.25 20.12 -100.12
N THR J 42 22.19 21.31 -100.70
CA THR J 42 22.39 21.46 -102.13
C THR J 42 23.86 21.29 -102.48
N ARG J 43 24.10 20.79 -103.70
CA ARG J 43 25.47 20.68 -104.17
C ARG J 43 25.96 22.02 -104.70
N GLN J 44 27.27 22.19 -104.72
CA GLN J 44 27.91 23.40 -105.21
C GLN J 44 27.95 23.41 -106.73
N PRO J 45 27.61 24.54 -107.35
CA PRO J 45 27.68 24.63 -108.82
C PRO J 45 29.11 24.40 -109.32
N ARG J 46 29.21 23.80 -110.50
CA ARG J 46 30.51 23.58 -111.14
C ARG J 46 30.56 24.35 -112.45
N PHE J 47 31.73 24.91 -112.73
CA PHE J 47 31.94 25.78 -113.89
C PHE J 47 32.08 24.91 -115.14
N GLU J 48 31.05 24.96 -116.00
CA GLU J 48 31.04 24.11 -117.18
C GLU J 48 31.72 24.79 -118.37
N ALA J 49 31.32 26.03 -118.67
CA ALA J 49 31.87 26.73 -119.82
C ALA J 49 31.77 28.23 -119.57
N ASN J 50 32.47 29.00 -120.40
CA ASN J 50 32.56 30.44 -120.25
C ASN J 50 31.96 31.13 -121.46
N ILE J 51 31.33 32.29 -121.22
CA ILE J 51 30.66 33.03 -122.28
C ILE J 51 31.62 34.03 -122.92
N SER J 52 31.34 34.38 -124.17
CA SER J 52 32.23 35.27 -124.93
C SER J 52 31.97 36.74 -124.62
N VAL J 53 30.73 37.20 -124.83
CA VAL J 53 30.43 38.62 -124.84
C VAL J 53 29.82 39.04 -123.50
N ASP J 54 30.36 40.14 -122.97
CA ASP J 54 29.99 40.61 -121.64
C ASP J 54 28.54 41.10 -121.62
N ASN J 55 27.94 41.04 -120.43
CA ASN J 55 26.58 41.51 -120.19
C ASN J 55 25.57 40.71 -121.00
N ALA J 56 25.65 39.38 -120.88
CA ALA J 56 24.69 38.52 -121.54
C ALA J 56 23.40 38.43 -120.72
N LYS J 57 22.28 38.71 -121.39
CA LYS J 57 20.97 38.64 -120.75
C LYS J 57 20.17 37.40 -121.13
N THR J 58 20.60 36.66 -122.14
CA THR J 58 19.94 35.42 -122.52
C THR J 58 20.99 34.43 -122.98
N ILE J 59 20.97 33.23 -122.43
CA ILE J 59 21.94 32.19 -122.76
C ILE J 59 21.20 30.98 -123.31
N TYR J 60 21.80 30.34 -124.30
CA TYR J 60 21.20 29.19 -124.94
C TYR J 60 22.31 28.23 -125.37
N LYS J 61 21.96 26.95 -125.46
CA LYS J 61 22.89 25.94 -125.93
C LYS J 61 22.27 25.21 -127.10
N HIS J 62 22.94 25.25 -128.25
CA HIS J 62 22.55 24.50 -129.43
C HIS J 62 23.68 23.55 -129.78
N ASN J 63 23.34 22.26 -129.91
CA ASN J 63 24.32 21.20 -130.14
C ASN J 63 25.32 21.24 -128.99
N GLY J 64 26.62 21.28 -129.23
CA GLY J 64 27.58 21.32 -128.13
C GLY J 64 27.99 22.72 -127.75
N ALA J 65 27.76 23.68 -128.63
CA ALA J 65 28.21 25.05 -128.44
C ALA J 65 27.23 25.84 -127.57
N TRP J 66 27.75 26.88 -126.94
CA TRP J 66 26.96 27.78 -126.08
C TRP J 66 26.73 29.08 -126.84
N LEU J 67 25.48 29.53 -126.86
CA LEU J 67 25.11 30.77 -127.52
C LEU J 67 24.59 31.78 -126.51
N ALA J 68 25.04 33.02 -126.63
CA ALA J 68 24.59 34.10 -125.76
C ALA J 68 24.42 35.37 -126.58
N TRP J 69 23.50 36.23 -126.13
CA TRP J 69 23.20 37.46 -126.84
C TRP J 69 22.95 38.57 -125.82
N GLN J 70 23.09 39.80 -126.29
CA GLN J 70 22.95 40.99 -125.45
C GLN J 70 21.50 41.44 -125.28
N ASN J 71 20.55 40.76 -125.93
CA ASN J 71 19.15 41.11 -125.85
C ASN J 71 18.34 39.91 -125.39
N VAL J 72 17.11 40.18 -124.93
CA VAL J 72 16.21 39.11 -124.52
C VAL J 72 15.76 38.38 -125.78
N VAL J 73 16.30 37.18 -125.99
CA VAL J 73 16.14 36.46 -127.23
C VAL J 73 15.42 35.14 -126.94
N HIS J 74 14.35 34.87 -127.68
CA HIS J 74 13.61 33.62 -127.55
C HIS J 74 13.86 32.73 -128.75
N ALA J 75 14.29 31.51 -128.51
CA ALA J 75 14.62 30.57 -129.57
C ALA J 75 13.88 29.26 -129.35
N ALA J 76 13.33 28.72 -130.44
CA ALA J 76 12.60 27.47 -130.40
C ALA J 76 12.89 26.69 -131.67
N PRO J 77 12.91 25.36 -131.59
CA PRO J 77 13.10 24.56 -132.81
C PRO J 77 11.96 24.72 -133.78
N GLY J 78 12.26 24.59 -135.07
CA GLY J 78 11.27 24.74 -136.10
C GLY J 78 10.57 23.44 -136.44
N PRO J 79 9.33 23.54 -136.94
CA PRO J 79 8.59 22.32 -137.31
C PRO J 79 9.21 21.57 -138.48
N VAL J 80 10.09 22.20 -139.26
CA VAL J 80 10.67 21.54 -140.42
C VAL J 80 11.50 20.34 -139.97
N ALA J 81 11.67 19.36 -140.87
CA ALA J 81 12.31 18.10 -140.52
C ALA J 81 13.76 18.31 -140.09
N GLN J 82 14.50 19.13 -140.83
CA GLN J 82 15.90 19.35 -140.52
C GLN J 82 16.05 20.21 -139.27
N ASP J 83 17.12 19.96 -138.53
CA ASP J 83 17.35 20.70 -137.29
C ASP J 83 17.62 22.17 -137.58
N ARG J 84 16.78 23.02 -137.02
CA ARG J 84 16.87 24.46 -137.26
C ARG J 84 16.63 25.19 -135.94
N LEU J 85 17.26 26.35 -135.80
CA LEU J 85 17.08 27.20 -134.63
C LEU J 85 16.66 28.58 -135.09
N TYR J 86 15.54 29.06 -134.55
CA TYR J 86 15.01 30.38 -134.87
C TYR J 86 15.04 31.25 -133.62
N TYR J 87 15.99 32.17 -133.57
CA TYR J 87 16.10 33.12 -132.46
C TYR J 87 15.94 34.52 -133.05
N MET J 88 15.02 35.29 -132.48
CA MET J 88 14.52 36.49 -133.14
C MET J 88 14.63 37.74 -132.26
N GLY J 89 15.05 37.60 -131.01
CA GLY J 89 15.16 38.75 -130.14
C GLY J 89 16.24 39.72 -130.57
N ASP J 90 17.16 39.28 -131.44
CA ASP J 90 18.26 40.12 -131.91
C ASP J 90 17.79 40.96 -133.09
N GLY J 91 16.84 41.85 -132.81
CA GLY J 91 16.36 42.77 -133.83
C GLY J 91 15.72 42.01 -134.99
N LYS J 92 16.41 42.00 -136.12
CA LYS J 92 15.91 41.31 -137.30
C LYS J 92 15.80 39.81 -137.02
N PRO J 93 14.69 39.17 -137.42
CA PRO J 93 14.60 37.71 -137.27
C PRO J 93 15.70 37.02 -138.05
N LYS J 94 16.37 36.08 -137.38
CA LYS J 94 17.50 35.39 -137.98
C LYS J 94 17.46 33.91 -137.61
N MET J 95 18.10 33.10 -138.44
CA MET J 95 18.01 31.65 -138.39
C MET J 95 19.40 31.03 -138.48
N ILE J 96 19.62 29.98 -137.69
CA ILE J 96 20.89 29.24 -137.69
C ILE J 96 20.66 27.92 -138.42
N VAL J 97 21.49 27.67 -139.43
CA VAL J 97 21.49 26.40 -140.15
C VAL J 97 22.92 25.86 -140.16
N ASP J 98 23.10 24.68 -139.57
CA ASP J 98 24.40 24.01 -139.51
C ASP J 98 25.45 24.91 -138.87
N GLY J 99 25.05 25.66 -137.85
CA GLY J 99 25.96 26.58 -137.18
C GLY J 99 26.22 27.87 -137.91
N THR J 100 25.52 28.11 -139.02
CA THR J 100 25.67 29.33 -139.79
C THR J 100 24.37 30.11 -139.71
N THR J 101 24.48 31.40 -139.40
CA THR J 101 23.31 32.26 -139.17
C THR J 101 22.88 32.90 -140.48
N TYR J 102 21.59 32.75 -140.81
CA TYR J 102 20.97 33.41 -141.94
C TYR J 102 19.88 34.35 -141.42
N ASP J 103 19.15 34.98 -142.33
CA ASP J 103 18.03 35.84 -141.99
C ASP J 103 16.73 35.10 -142.27
N LEU J 104 15.81 35.15 -141.31
CA LEU J 104 14.54 34.46 -141.46
C LEU J 104 13.75 35.02 -142.65
N ALA J 105 13.85 36.33 -142.87
CA ALA J 105 13.18 36.93 -144.01
C ALA J 105 13.84 36.50 -145.32
N VAL J 106 13.01 36.18 -146.30
CA VAL J 106 13.45 35.83 -147.65
C VAL J 106 13.07 36.98 -148.58
N PRO J 107 14.04 37.61 -149.25
CA PRO J 107 13.71 38.79 -150.07
C PRO J 107 12.69 38.47 -151.16
N MET J 108 11.79 39.42 -151.38
CA MET J 108 10.75 39.25 -152.39
C MET J 108 11.33 39.36 -153.79
N PRO J 109 10.60 38.81 -154.76
CA PRO J 109 10.98 38.85 -156.18
C PRO J 109 12.33 38.21 -156.42
N THR J 110 12.68 37.20 -155.62
CA THR J 110 13.95 36.49 -155.75
C THR J 110 13.75 35.03 -156.13
N ALA J 111 12.94 34.29 -155.38
CA ALA J 111 12.80 32.86 -155.65
C ALA J 111 11.61 32.57 -156.55
N ALA J 112 10.55 33.37 -156.47
CA ALA J 112 9.34 33.08 -157.22
C ALA J 112 8.91 34.31 -158.00
N PRO J 113 8.60 34.11 -159.29
CA PRO J 113 8.06 35.15 -160.15
C PRO J 113 6.99 34.55 -161.04
N ALA J 114 5.89 35.27 -161.21
CA ALA J 114 4.76 34.81 -162.01
C ALA J 114 4.57 35.72 -163.21
N LEU J 115 4.53 35.12 -164.40
CA LEU J 115 4.30 35.85 -165.65
C LEU J 115 3.12 35.22 -166.36
N THR J 116 2.13 36.04 -166.70
CA THR J 116 0.93 35.54 -167.37
C THR J 116 0.51 36.54 -168.44
N VAL J 117 -0.04 36.01 -169.53
CA VAL J 117 -0.53 36.84 -170.63
C VAL J 117 -1.58 36.04 -171.40
N THR J 118 -2.54 36.77 -171.98
CA THR J 118 -3.58 36.11 -172.76
C THR J 118 -3.07 35.63 -174.10
N GLY J 119 -2.06 36.32 -174.65
CA GLY J 119 -1.50 35.96 -175.94
C GLY J 119 -0.50 34.82 -175.86
N THR J 120 -0.15 34.36 -174.66
CA THR J 120 0.81 33.28 -174.52
C THR J 120 0.24 31.98 -175.07
N GLY J 121 1.15 31.06 -175.42
CA GLY J 121 0.88 29.72 -175.97
C GLY J 121 0.31 29.79 -177.38
N THR J 122 0.09 30.98 -177.93
CA THR J 122 -0.38 31.12 -179.30
C THR J 122 0.60 31.83 -180.22
N GLY J 123 1.35 32.79 -179.69
CA GLY J 123 2.34 33.53 -180.46
C GLY J 123 3.68 33.46 -179.76
N ASN J 124 4.74 33.23 -180.54
CA ASN J 124 6.08 33.13 -179.97
C ASN J 124 6.62 34.50 -179.59
N VAL J 125 7.69 34.48 -178.80
CA VAL J 125 8.40 35.69 -178.35
C VAL J 125 7.42 36.52 -177.51
N THR J 126 7.22 37.80 -177.82
CA THR J 126 6.32 38.69 -177.07
C THR J 126 6.85 38.76 -175.64
N SER J 127 6.00 38.60 -174.61
CA SER J 127 6.39 38.55 -173.21
C SER J 127 6.87 39.92 -172.72
N ILE J 128 6.89 40.10 -171.39
CA ILE J 128 7.32 41.36 -170.79
C ILE J 128 8.27 41.12 -169.62
N ALA J 129 9.09 40.07 -169.68
CA ALA J 129 10.09 39.75 -168.66
C ALA J 129 9.43 39.40 -167.32
N TYR J 130 8.84 40.39 -166.65
CA TYR J 130 8.22 40.19 -165.36
C TYR J 130 6.90 40.95 -165.31
N VAL J 131 5.83 40.23 -164.99
CA VAL J 131 4.51 40.85 -164.86
C VAL J 131 4.17 41.07 -163.38
N TYR J 132 4.25 40.01 -162.57
CA TYR J 132 3.98 40.08 -161.15
C TYR J 132 5.06 39.31 -160.39
N THR J 133 5.47 39.85 -159.24
CA THR J 133 6.49 39.22 -158.41
C THR J 133 5.82 38.62 -157.18
N PHE J 134 5.72 37.30 -157.15
CA PHE J 134 5.11 36.61 -156.02
C PHE J 134 6.10 36.50 -154.86
N VAL J 135 5.57 36.14 -153.70
CA VAL J 135 6.40 35.97 -152.52
C VAL J 135 7.35 34.79 -152.71
N THR J 136 8.55 34.92 -152.15
CA THR J 136 9.56 33.89 -152.28
C THR J 136 9.33 32.78 -151.25
N ALA J 137 9.83 31.59 -151.57
CA ALA J 137 9.74 30.42 -150.70
C ALA J 137 11.15 29.91 -150.43
N PHE J 138 11.52 29.84 -149.15
CA PHE J 138 12.86 29.39 -148.80
C PHE J 138 13.01 27.89 -149.01
N GLY J 139 12.02 27.11 -148.57
CA GLY J 139 12.05 25.64 -148.65
C GLY J 139 13.32 25.18 -147.94
N GLU J 140 14.16 24.34 -148.56
CA GLU J 140 15.43 23.95 -147.97
C GLU J 140 16.60 24.79 -148.46
N GLU J 141 16.60 25.20 -149.72
CA GLU J 141 17.63 26.06 -150.29
C GLU J 141 16.98 27.34 -150.79
N SER J 142 17.51 28.48 -150.35
CA SER J 142 16.95 29.78 -150.70
C SER J 142 18.04 30.64 -151.34
N GLU J 143 17.59 31.54 -152.22
CA GLU J 143 18.48 32.45 -152.95
C GLU J 143 19.46 31.68 -153.83
N PRO J 144 19.12 30.42 -154.12
CA PRO J 144 19.94 29.60 -155.01
C PRO J 144 19.12 29.20 -156.23
N SER J 145 17.93 28.65 -155.99
CA SER J 145 17.06 28.26 -157.09
C SER J 145 15.91 29.25 -157.24
N ALA J 146 15.28 29.23 -158.41
CA ALA J 146 14.15 30.09 -158.71
C ALA J 146 13.00 29.26 -159.27
N LEU J 147 11.78 29.76 -159.08
CA LEU J 147 10.58 29.09 -159.55
C LEU J 147 9.75 30.07 -160.35
N SER J 148 9.21 29.63 -161.48
CA SER J 148 8.38 30.44 -162.35
C SER J 148 7.08 29.71 -162.65
N ASN J 149 5.97 30.44 -162.60
CA ASN J 149 4.66 29.88 -162.89
C ASN J 149 3.90 30.82 -163.82
N VAL J 150 3.06 30.23 -164.67
CA VAL J 150 2.24 30.98 -165.62
C VAL J 150 0.79 30.91 -165.15
N ALA J 151 0.27 32.04 -164.66
CA ALA J 151 -1.10 32.11 -164.16
C ALA J 151 -2.06 32.58 -165.25
N GLY J 152 -2.12 31.80 -166.33
CA GLY J 152 -3.01 32.12 -167.44
C GLY J 152 -4.46 31.98 -167.02
N TRP J 153 -5.29 32.94 -167.46
CA TRP J 153 -6.72 32.97 -167.14
C TRP J 153 -6.95 32.93 -165.64
N GLN J 154 -6.14 33.66 -164.89
CA GLN J 154 -6.26 33.70 -163.44
C GLN J 154 -6.08 35.12 -162.91
N ALA J 197 -1.76 23.78 -166.70
CA ALA J 197 -0.52 23.64 -165.93
C ALA J 197 0.63 23.21 -166.84
N ALA J 198 0.32 22.39 -167.84
CA ALA J 198 1.30 21.89 -168.79
C ALA J 198 1.09 22.58 -170.12
N SER J 199 2.14 23.26 -170.60
CA SER J 199 2.09 24.01 -171.85
C SER J 199 3.52 24.33 -172.25
N ALA J 200 3.65 25.18 -173.27
CA ALA J 200 4.97 25.62 -173.71
C ALA J 200 5.68 26.37 -172.60
N ALA J 201 6.92 25.98 -172.33
CA ALA J 201 7.69 26.62 -171.26
C ALA J 201 7.97 28.08 -171.58
N ASN J 202 8.29 28.39 -172.84
CA ASN J 202 8.56 29.74 -173.30
C ASN J 202 9.81 30.32 -172.66
N PHE J 203 10.09 31.59 -172.90
CA PHE J 203 11.28 32.22 -172.36
C PHE J 203 11.16 32.41 -170.85
N VAL J 204 12.31 32.49 -170.19
CA VAL J 204 12.37 32.65 -168.75
C VAL J 204 13.60 33.47 -168.38
N ASP J 205 13.58 34.03 -167.18
CA ASP J 205 14.69 34.83 -166.69
C ASP J 205 15.92 33.97 -166.48
N THR J 206 17.08 34.50 -166.86
CA THR J 206 18.34 33.78 -166.77
C THR J 206 19.24 34.30 -165.66
N HIS J 207 18.69 35.00 -164.66
CA HIS J 207 19.51 35.52 -163.57
C HIS J 207 20.14 34.39 -162.78
N ALA J 208 19.39 33.33 -162.51
CA ALA J 208 19.88 32.18 -161.77
C ALA J 208 19.15 30.93 -162.24
N THR J 209 19.44 29.81 -161.59
CA THR J 209 18.78 28.56 -161.90
C THR J 209 17.28 28.69 -161.63
N ASN J 210 16.48 28.21 -162.58
CA ASN J 210 15.03 28.36 -162.52
C ASN J 210 14.36 27.02 -162.77
N ASP J 211 13.14 26.90 -162.25
CA ASP J 211 12.31 25.70 -162.42
C ASP J 211 10.94 26.12 -162.94
N PHE J 212 10.42 25.36 -163.90
CA PHE J 212 9.13 25.63 -164.51
C PHE J 212 8.09 24.70 -163.87
N GLY J 213 7.53 25.14 -162.74
CA GLY J 213 6.50 24.40 -162.02
C GLY J 213 5.22 25.20 -162.01
N GLU J 214 4.09 24.53 -162.28
CA GLU J 214 2.78 25.18 -162.39
C GLU J 214 1.86 24.57 -161.32
N MET J 215 1.89 25.16 -160.14
CA MET J 215 1.01 24.78 -159.04
C MET J 215 0.39 26.04 -158.44
N LEU J 216 -0.62 25.85 -157.59
CA LEU J 216 -1.25 26.97 -156.92
C LEU J 216 -0.22 27.78 -156.14
N PRO J 217 0.00 29.01 -156.59
CA PRO J 217 1.05 29.83 -156.00
C PRO J 217 0.69 30.23 -154.58
N SER J 218 1.64 30.04 -153.67
CA SER J 218 1.45 30.41 -152.26
C SER J 218 1.92 31.85 -152.10
N LEU J 219 1.11 32.79 -152.58
CA LEU J 219 1.44 34.20 -152.51
C LEU J 219 1.13 34.82 -151.16
N GLU J 220 0.47 34.08 -150.26
CA GLU J 220 0.15 34.61 -148.94
C GLU J 220 1.37 34.69 -148.03
N TYR J 221 2.50 34.11 -148.43
CA TYR J 221 3.72 34.22 -147.64
C TYR J 221 4.16 35.68 -147.57
N ASN J 222 4.69 36.07 -146.42
CA ASN J 222 5.20 37.42 -146.22
C ASN J 222 6.52 37.36 -145.45
N ALA J 223 7.40 38.30 -145.77
CA ALA J 223 8.67 38.38 -145.06
C ALA J 223 8.43 38.78 -143.60
N PRO J 224 9.12 38.14 -142.67
CA PRO J 224 8.99 38.51 -141.25
C PRO J 224 9.32 39.97 -141.03
N PRO J 225 8.34 40.77 -140.60
CA PRO J 225 8.61 42.19 -140.37
C PRO J 225 9.56 42.41 -139.21
N ASP J 226 10.32 43.50 -139.29
CA ASP J 226 11.23 43.86 -138.21
C ASP J 226 10.45 44.28 -136.97
N GLY J 227 11.04 44.02 -135.81
CA GLY J 227 10.40 44.32 -134.54
C GLY J 227 9.75 43.16 -133.85
N LEU J 228 9.59 42.03 -134.54
CA LEU J 228 9.08 40.83 -133.90
C LEU J 228 10.09 40.32 -132.88
N LYS J 229 9.64 40.04 -131.65
CA LYS J 229 10.56 39.78 -130.56
C LYS J 229 10.45 38.36 -130.01
N GLY J 230 9.27 37.93 -129.55
CA GLY J 230 9.13 36.69 -128.83
C GLY J 230 8.59 35.57 -129.69
N LEU J 231 9.34 34.48 -129.75
CA LEU J 231 8.99 33.31 -130.56
C LEU J 231 8.84 32.09 -129.66
N ILE J 232 7.70 31.40 -129.77
CA ILE J 232 7.44 30.18 -129.04
C ILE J 232 6.86 29.15 -129.98
N SER J 233 6.97 27.88 -129.58
CA SER J 233 6.42 26.78 -130.37
C SER J 233 4.98 26.53 -130.01
N LEU J 234 4.23 25.96 -130.92
CA LEU J 234 2.81 25.71 -130.74
C LEU J 234 2.46 24.26 -131.06
N PRO J 235 1.34 23.74 -130.53
CA PRO J 235 1.01 22.32 -130.74
C PRO J 235 0.87 21.92 -132.19
N ASN J 236 -0.10 22.52 -132.90
CA ASN J 236 -0.47 22.01 -134.22
C ASN J 236 0.66 22.22 -135.23
N GLY J 237 1.67 23.00 -134.88
CA GLY J 237 2.79 23.25 -135.75
C GLY J 237 2.68 24.62 -136.38
N MET J 238 3.37 25.60 -135.79
CA MET J 238 3.34 26.99 -136.22
C MET J 238 4.25 27.77 -135.28
N MET J 239 4.49 29.02 -135.62
CA MET J 239 5.29 29.93 -134.80
C MET J 239 4.44 31.13 -134.40
N ALA J 240 4.69 31.63 -133.20
CA ALA J 240 3.99 32.81 -132.69
C ALA J 240 4.99 33.90 -132.39
N ALA J 241 4.72 35.10 -132.90
CA ALA J 241 5.57 36.25 -132.65
C ALA J 241 4.68 37.48 -132.58
N PHE J 242 5.16 38.49 -131.87
CA PHE J 242 4.39 39.70 -131.62
C PHE J 242 5.20 40.94 -131.96
N THR J 243 4.53 41.91 -132.57
CA THR J 243 5.08 43.25 -132.77
C THR J 243 4.87 44.05 -131.48
N GLY J 244 5.01 45.37 -131.54
CA GLY J 244 4.80 46.18 -130.36
C GLY J 244 3.43 45.97 -129.75
N LYS J 245 2.40 45.83 -130.59
CA LYS J 245 1.05 45.64 -130.12
C LYS J 245 0.28 44.54 -130.84
N ASP J 246 0.77 44.05 -131.97
CA ASP J 246 0.07 43.02 -132.75
C ASP J 246 0.86 41.72 -132.70
N LEU J 247 0.14 40.61 -132.56
CA LEU J 247 0.76 39.29 -132.65
C LEU J 247 0.68 38.79 -134.08
N TYR J 248 1.71 38.07 -134.52
CA TYR J 248 1.77 37.55 -135.88
C TYR J 248 1.78 36.03 -135.84
N PHE J 249 1.07 35.42 -136.78
CA PHE J 249 1.03 33.97 -136.93
C PHE J 249 1.70 33.60 -138.24
N CYS J 250 2.54 32.57 -138.21
CA CYS J 250 3.25 32.14 -139.39
C CYS J 250 2.40 31.18 -140.23
N GLU J 251 2.94 30.82 -141.39
CA GLU J 251 2.41 29.68 -142.11
C GLU J 251 2.62 28.42 -141.26
N PRO J 252 1.61 27.56 -141.15
CA PRO J 252 1.70 26.45 -140.18
C PRO J 252 2.99 25.64 -140.27
N PHE J 253 3.29 25.05 -141.42
CA PHE J 253 4.47 24.22 -141.55
C PHE J 253 5.63 24.92 -142.25
N ILE J 254 5.50 26.21 -142.53
CA ILE J 254 6.55 27.01 -143.16
C ILE J 254 6.96 28.10 -142.18
N PRO J 255 8.08 27.95 -141.46
CA PRO J 255 8.42 28.94 -140.42
C PRO J 255 8.68 30.34 -140.95
N HIS J 256 9.28 30.48 -142.13
CA HIS J 256 9.72 31.80 -142.57
C HIS J 256 8.54 32.68 -142.98
N ALA J 257 7.49 32.08 -143.52
CA ALA J 257 6.34 32.86 -143.95
C ALA J 257 5.59 33.40 -142.74
N TRP J 258 5.25 34.69 -142.80
CA TRP J 258 4.49 35.36 -141.74
C TRP J 258 3.36 36.16 -142.39
N PRO J 259 2.29 35.50 -142.80
CA PRO J 259 1.23 36.19 -143.55
C PRO J 259 0.58 37.31 -142.74
N GLU J 260 0.19 38.37 -143.45
CA GLU J 260 -0.42 39.52 -142.79
C GLU J 260 -1.86 39.23 -142.37
N LYS J 261 -2.53 38.29 -143.04
CA LYS J 261 -3.92 38.01 -142.67
C LYS J 261 -4.01 37.14 -141.43
N TYR J 262 -2.91 36.47 -141.06
CA TYR J 262 -2.89 35.69 -139.83
C TYR J 262 -2.69 36.54 -138.59
N ILE J 263 -2.30 37.81 -138.74
CA ILE J 263 -1.94 38.61 -137.57
C ILE J 263 -3.18 38.87 -136.72
N LEU J 264 -2.97 38.98 -135.41
CA LEU J 264 -4.03 39.26 -134.45
C LEU J 264 -3.63 40.45 -133.61
N THR J 265 -4.53 41.40 -133.44
CA THR J 265 -4.25 42.64 -132.72
C THR J 265 -4.93 42.60 -131.35
N MET J 266 -4.15 42.88 -130.31
CA MET J 266 -4.64 42.92 -128.94
C MET J 266 -4.46 44.30 -128.35
N ASP J 267 -5.27 44.61 -127.35
CA ASP J 267 -5.10 45.85 -126.60
C ASP J 267 -3.82 45.78 -125.78
N TYR J 268 -3.24 46.96 -125.51
CA TYR J 268 -2.04 47.09 -124.68
C TYR J 268 -0.83 46.49 -125.35
N GLN J 269 0.37 46.78 -124.84
CA GLN J 269 1.57 46.18 -125.36
C GLN J 269 1.60 44.69 -125.01
N ILE J 270 2.45 43.95 -125.70
CA ILE J 270 2.61 42.51 -125.47
C ILE J 270 4.01 42.27 -124.94
N VAL J 271 4.11 41.55 -123.83
CA VAL J 271 5.39 41.36 -123.15
C VAL J 271 6.05 40.06 -123.63
N ALA J 272 5.34 38.95 -123.48
CA ALA J 272 5.89 37.66 -123.87
C ALA J 272 4.74 36.70 -124.14
N LEU J 273 5.09 35.50 -124.61
CA LEU J 273 4.11 34.50 -125.02
C LEU J 273 4.38 33.18 -124.33
N GLY J 274 3.30 32.52 -123.91
CA GLY J 274 3.39 31.19 -123.35
C GLY J 274 2.23 30.35 -123.80
N ALA J 275 2.47 29.05 -123.91
CA ALA J 275 1.50 28.11 -124.45
C ALA J 275 1.21 27.01 -123.45
N TYR J 276 -0.06 26.80 -123.13
CA TYR J 276 -0.53 25.65 -122.38
C TYR J 276 -1.62 24.97 -123.20
N GLY J 277 -1.46 23.66 -123.42
CA GLY J 277 -2.38 22.97 -124.30
C GLY J 277 -2.35 23.57 -125.69
N THR J 278 -3.52 23.60 -126.33
CA THR J 278 -3.59 24.19 -127.67
C THR J 278 -3.72 25.70 -127.60
N THR J 279 -4.00 26.24 -126.42
CA THR J 279 -4.33 27.65 -126.26
C THR J 279 -3.11 28.47 -125.85
N ILE J 280 -2.96 29.65 -126.44
CA ILE J 280 -1.83 30.52 -126.12
C ILE J 280 -2.21 31.43 -124.96
N VAL J 281 -1.22 31.80 -124.16
CA VAL J 281 -1.35 32.83 -123.14
C VAL J 281 -0.68 34.09 -123.66
N VAL J 282 -1.48 35.10 -124.00
CA VAL J 282 -0.98 36.36 -124.51
C VAL J 282 -0.80 37.30 -123.32
N MET J 283 0.44 37.41 -122.88
CA MET J 283 0.77 38.17 -121.68
C MET J 283 1.05 39.62 -122.03
N THR J 284 0.22 40.52 -121.53
CA THR J 284 0.21 41.91 -121.97
C THR J 284 0.46 42.84 -120.80
N GLU J 285 0.79 44.09 -121.13
CA GLU J 285 0.88 45.14 -120.13
C GLU J 285 -0.47 45.45 -119.50
N GLY J 286 -1.56 45.01 -120.11
CA GLY J 286 -2.88 45.22 -119.54
C GLY J 286 -3.52 43.93 -119.05
N LEU J 287 -4.61 43.52 -119.70
CA LEU J 287 -5.31 42.31 -119.32
C LEU J 287 -4.77 41.12 -120.10
N PRO J 288 -4.32 40.07 -119.42
CA PRO J 288 -3.86 38.88 -120.14
C PRO J 288 -4.97 38.29 -120.99
N TYR J 289 -4.59 37.75 -122.15
CA TYR J 289 -5.53 37.19 -123.11
C TYR J 289 -5.13 35.75 -123.43
N ILE J 290 -6.14 34.90 -123.60
CA ILE J 290 -5.93 33.50 -123.97
C ILE J 290 -6.45 33.32 -125.38
N VAL J 291 -5.55 33.01 -126.31
CA VAL J 291 -5.93 32.75 -127.69
C VAL J 291 -6.14 31.25 -127.89
N SER J 292 -7.36 30.87 -128.26
CA SER J 292 -7.73 29.48 -128.46
C SER J 292 -7.88 29.22 -129.95
N GLY J 293 -7.24 28.18 -130.45
CA GLY J 293 -7.34 27.86 -131.85
C GLY J 293 -6.67 26.58 -132.30
N THR J 294 -7.31 25.90 -133.26
CA THR J 294 -6.69 24.72 -133.86
C THR J 294 -5.79 25.10 -135.03
N ALA J 295 -6.01 26.28 -135.62
CA ALA J 295 -5.26 26.72 -136.79
C ALA J 295 -5.05 28.22 -136.74
N PRO J 296 -4.05 28.76 -137.44
CA PRO J 296 -3.85 30.22 -137.41
C PRO J 296 -5.04 31.01 -137.88
N GLU J 297 -5.80 30.47 -138.84
CA GLU J 297 -7.01 31.15 -139.29
C GLU J 297 -8.09 31.12 -138.22
N ASN J 298 -8.28 29.97 -137.57
CA ASN J 298 -9.30 29.81 -136.54
C ASN J 298 -8.69 30.15 -135.18
N MET J 299 -8.55 31.45 -134.94
CA MET J 299 -8.01 31.97 -133.69
C MET J 299 -9.04 32.85 -133.01
N GLN J 300 -9.27 32.61 -131.72
CA GLN J 300 -10.21 33.39 -130.92
C GLN J 300 -9.60 33.69 -129.56
N GLN J 301 -9.15 34.92 -129.37
CA GLN J 301 -8.63 35.35 -128.08
C GLN J 301 -9.74 35.45 -127.05
N GLN J 302 -9.39 35.18 -125.79
CA GLN J 302 -10.36 35.12 -124.70
C GLN J 302 -9.80 35.81 -123.46
N ARG J 303 -10.66 36.53 -122.74
CA ARG J 303 -10.28 37.09 -121.45
C ARG J 303 -10.06 35.98 -120.44
N VAL J 304 -9.14 36.22 -119.50
CA VAL J 304 -8.75 35.22 -118.52
C VAL J 304 -9.27 35.68 -117.16
N GLU J 305 -9.26 34.75 -116.19
CA GLU J 305 -9.96 34.97 -114.93
C GLU J 305 -9.24 35.96 -114.03
N LEU J 306 -8.01 36.35 -114.38
CA LEU J 306 -7.29 37.35 -113.59
C LEU J 306 -6.79 38.48 -114.47
N ASN J 307 -6.78 39.68 -113.91
CA ASN J 307 -6.34 40.89 -114.61
C ASN J 307 -5.06 41.38 -113.92
N LEU J 308 -3.93 40.84 -114.37
CA LEU J 308 -2.63 41.19 -113.82
C LEU J 308 -1.66 41.43 -114.96
N PRO J 309 -0.98 42.58 -115.00
CA PRO J 309 -0.04 42.85 -116.08
C PRO J 309 1.23 42.01 -115.93
N CYS J 310 1.95 41.87 -117.04
CA CYS J 310 3.24 41.19 -117.05
C CYS J 310 4.33 42.26 -117.04
N ILE J 311 5.14 42.26 -115.98
CA ILE J 311 6.14 43.31 -115.84
C ILE J 311 7.45 42.91 -116.52
N ASN J 312 7.94 41.70 -116.24
CA ASN J 312 9.22 41.25 -116.77
C ASN J 312 8.97 40.23 -117.87
N ALA J 313 9.61 40.44 -119.02
CA ALA J 313 9.55 39.44 -120.08
C ALA J 313 10.41 38.23 -119.76
N ARG J 314 11.60 38.46 -119.18
CA ARG J 314 12.47 37.36 -118.81
C ARG J 314 11.92 36.52 -117.68
N GLY J 315 11.06 37.10 -116.84
CA GLY J 315 10.50 36.31 -115.74
C GLY J 315 9.56 35.23 -116.22
N VAL J 316 9.14 35.31 -117.48
CA VAL J 316 8.30 34.26 -118.06
C VAL J 316 9.10 32.97 -118.19
N ILE J 317 8.57 31.90 -117.61
CA ILE J 317 9.14 30.57 -117.74
C ILE J 317 8.00 29.59 -117.99
N ASP J 318 8.17 28.72 -118.99
CA ASP J 318 7.22 27.66 -119.25
C ASP J 318 7.53 26.50 -118.31
N LEU J 319 6.86 26.47 -117.16
CA LEU J 319 7.14 25.45 -116.15
C LEU J 319 6.67 24.07 -116.56
N GLY J 320 6.03 23.94 -117.72
CA GLY J 320 5.51 22.67 -118.18
C GLY J 320 4.07 22.41 -117.81
N TYR J 321 3.70 22.61 -116.54
CA TYR J 321 2.31 22.51 -116.14
C TYR J 321 1.58 23.85 -116.18
N SER J 322 2.30 24.96 -116.31
CA SER J 322 1.72 26.28 -116.41
C SER J 322 2.80 27.23 -116.94
N VAL J 323 2.40 28.45 -117.26
CA VAL J 323 3.34 29.50 -117.64
C VAL J 323 3.22 30.63 -116.62
N ALA J 324 4.33 30.94 -115.97
CA ALA J 324 4.34 31.86 -114.84
C ALA J 324 5.09 33.13 -115.23
N TYR J 325 4.43 34.27 -115.04
CA TYR J 325 5.03 35.56 -115.33
C TYR J 325 4.93 36.43 -114.08
N PRO J 326 6.03 37.02 -113.62
CA PRO J 326 5.95 37.91 -112.46
C PRO J 326 5.05 39.09 -112.74
N SER J 327 4.31 39.52 -111.71
CA SER J 327 3.43 40.66 -111.81
C SER J 327 3.61 41.54 -110.58
N HIS J 328 3.07 42.75 -110.64
CA HIS J 328 3.16 43.65 -109.51
C HIS J 328 2.43 43.09 -108.30
N ASP J 329 1.25 42.50 -108.51
CA ASP J 329 0.53 41.87 -107.41
C ASP J 329 1.27 40.64 -106.91
N GLY J 330 1.80 39.82 -107.81
CA GLY J 330 2.55 38.64 -107.41
C GLY J 330 2.71 37.69 -108.56
N LEU J 331 3.50 36.64 -108.32
CA LEU J 331 3.73 35.62 -109.33
C LEU J 331 2.45 34.83 -109.57
N VAL J 332 2.10 34.64 -110.83
CA VAL J 332 0.88 33.95 -111.22
C VAL J 332 1.17 33.09 -112.45
N MET J 333 0.61 31.88 -112.47
CA MET J 333 0.79 30.96 -113.58
C MET J 333 -0.55 30.72 -114.27
N ALA J 334 -0.51 30.54 -115.59
CA ALA J 334 -1.68 30.19 -116.38
C ALA J 334 -1.63 28.71 -116.69
N GLY J 335 -2.70 27.99 -116.31
CA GLY J 335 -2.74 26.56 -116.53
C GLY J 335 -4.10 26.13 -117.04
N SER J 336 -4.21 24.83 -117.34
CA SER J 336 -5.46 24.28 -117.84
C SER J 336 -6.57 24.37 -116.79
N ASN J 337 -6.23 24.09 -115.53
CA ASN J 337 -7.22 24.16 -114.47
C ASN J 337 -7.75 25.58 -114.28
N GLY J 338 -6.86 26.56 -114.32
CA GLY J 338 -7.28 27.94 -114.17
C GLY J 338 -6.09 28.85 -113.94
N MET J 339 -6.40 30.03 -113.40
CA MET J 339 -5.43 31.07 -113.11
C MET J 339 -5.35 31.26 -111.61
N GLN J 340 -4.16 31.09 -111.03
CA GLN J 340 -3.99 31.24 -109.60
C GLN J 340 -2.71 32.00 -109.29
N VAL J 341 -2.80 32.91 -108.32
CA VAL J 341 -1.63 33.69 -107.88
C VAL J 341 -1.05 32.95 -106.67
N ILE J 342 0.07 32.27 -106.90
CA ILE J 342 0.64 31.43 -105.84
C ILE J 342 1.11 32.27 -104.67
N THR J 343 1.76 33.41 -104.95
CA THR J 343 2.33 34.23 -103.89
C THR J 343 1.28 34.82 -102.96
N GLU J 344 0.06 35.09 -103.46
CA GLU J 344 -1.00 35.58 -102.59
C GLU J 344 -1.24 34.62 -101.43
N GLN J 345 -0.99 33.33 -101.66
CA GLN J 345 -1.08 32.36 -100.57
C GLN J 345 0.13 32.45 -99.65
N LEU J 346 1.33 32.64 -100.20
CA LEU J 346 2.57 32.43 -99.46
C LEU J 346 3.48 33.65 -99.40
N MET J 347 3.11 34.77 -100.03
CA MET J 347 3.95 35.96 -99.96
C MET J 347 3.07 37.19 -99.87
N THR J 348 3.62 38.25 -99.28
CA THR J 348 2.85 39.47 -99.14
C THR J 348 3.03 40.37 -100.35
N ARG J 349 2.14 41.36 -100.45
CA ARG J 349 2.27 42.40 -101.45
C ARG J 349 3.56 43.20 -101.22
N ASN J 350 3.84 43.49 -99.95
CA ASN J 350 5.02 44.28 -99.59
C ASN J 350 6.30 43.53 -99.96
N ASP J 351 6.37 42.23 -99.64
CA ASP J 351 7.58 41.48 -99.94
C ASP J 351 7.78 41.33 -101.45
N TRP J 352 6.69 41.18 -102.20
CA TRP J 352 6.82 41.04 -103.64
C TRP J 352 7.28 42.35 -104.27
N MET J 353 6.80 43.49 -103.76
CA MET J 353 7.35 44.76 -104.19
C MET J 353 8.83 44.91 -103.82
N LYS J 354 9.18 44.55 -102.59
CA LYS J 354 10.58 44.68 -102.16
C LYS J 354 11.50 43.75 -102.94
N THR J 355 11.04 42.55 -103.28
CA THR J 355 11.83 41.66 -104.12
C THR J 355 12.09 42.29 -105.48
N GLY J 356 11.04 42.82 -106.12
CA GLY J 356 11.18 43.55 -107.36
C GLY J 356 10.84 42.68 -108.56
N PRO J 357 9.62 42.82 -109.07
CA PRO J 357 9.21 42.01 -110.23
C PRO J 357 9.74 42.51 -111.56
N GLY J 358 10.33 43.71 -111.60
CA GLY J 358 10.79 44.25 -112.86
C GLY J 358 11.96 43.49 -113.45
N ASN J 359 12.87 43.02 -112.60
CA ASN J 359 14.10 42.39 -113.04
C ASN J 359 14.27 41.01 -112.42
N ILE J 360 13.22 40.20 -112.47
CA ILE J 360 13.26 38.83 -111.97
C ILE J 360 13.81 37.94 -113.07
N VAL J 361 14.93 37.28 -112.81
CA VAL J 361 15.45 36.28 -113.71
C VAL J 361 14.78 34.94 -113.40
N GLY J 362 14.15 34.35 -114.41
CA GLY J 362 13.35 33.17 -114.20
C GLY J 362 14.00 31.93 -114.79
N GLY J 363 13.72 30.81 -114.13
CA GLY J 363 14.23 29.52 -114.58
C GLY J 363 13.40 28.39 -114.00
N GLN J 364 13.54 27.21 -114.60
CA GLN J 364 12.79 26.03 -114.20
C GLN J 364 13.73 24.88 -113.93
N PHE J 365 13.58 24.25 -112.77
CA PHE J 365 14.30 23.02 -112.43
C PHE J 365 13.35 22.09 -111.68
N ASN J 366 13.12 20.91 -112.24
CA ASN J 366 12.25 19.90 -111.64
C ASN J 366 10.88 20.48 -111.31
N GLY J 367 10.34 21.25 -112.26
CA GLY J 367 9.04 21.87 -112.08
C GLY J 367 8.99 22.90 -110.98
N ARG J 368 10.07 23.63 -110.78
CA ARG J 368 10.14 24.67 -109.76
C ARG J 368 10.64 25.96 -110.39
N TYR J 369 9.95 27.06 -110.11
CA TYR J 369 10.26 28.36 -110.69
C TYR J 369 11.44 28.98 -109.95
N PHE J 370 12.57 29.11 -110.62
CA PHE J 370 13.76 29.72 -110.05
C PHE J 370 13.75 31.21 -110.35
N ALA J 371 13.64 32.03 -109.31
CA ALA J 371 13.62 33.48 -109.44
C ALA J 371 14.87 34.06 -108.78
N SER J 372 15.65 34.80 -109.56
CA SER J 372 16.84 35.46 -109.07
C SER J 372 16.53 36.93 -108.84
N TYR J 373 16.76 37.40 -107.62
CA TYR J 373 16.43 38.76 -107.22
C TYR J 373 17.67 39.46 -106.70
N GLU J 374 17.88 40.70 -107.15
CA GLU J 374 18.95 41.55 -106.68
C GLU J 374 18.40 42.96 -106.54
N TYR J 375 18.13 43.38 -105.30
CA TYR J 375 17.50 44.66 -105.05
C TYR J 375 18.22 45.37 -103.91
N ILE J 376 18.13 46.70 -103.92
CA ILE J 376 18.81 47.55 -102.93
C ILE J 376 17.74 48.11 -102.00
N GLU J 377 17.77 47.67 -100.74
CA GLU J 377 16.86 48.23 -99.77
C GLU J 377 17.34 49.61 -99.35
N PRO J 378 16.46 50.46 -98.81
CA PRO J 378 16.87 51.85 -98.53
C PRO J 378 18.08 51.95 -97.63
N SER J 379 18.84 53.04 -97.81
CA SER J 379 20.07 53.34 -97.08
C SER J 379 21.25 52.52 -97.60
N GLY J 380 21.04 51.80 -98.70
CA GLY J 380 22.15 51.22 -99.44
C GLY J 380 22.63 49.86 -99.01
N ALA J 381 21.75 48.88 -98.86
CA ALA J 381 22.14 47.50 -98.63
C ALA J 381 21.61 46.63 -99.76
N ALA J 382 22.46 45.74 -100.27
CA ALA J 382 22.13 44.92 -101.43
C ALA J 382 21.75 43.51 -100.98
N PHE J 383 20.58 43.06 -101.39
CA PHE J 383 20.13 41.69 -101.15
C PHE J 383 20.13 40.94 -102.48
N SER J 384 20.89 39.85 -102.53
CA SER J 384 21.00 39.02 -103.72
C SER J 384 20.73 37.57 -103.34
N GLY J 385 19.96 36.88 -104.17
CA GLY J 385 19.66 35.49 -103.91
C GLY J 385 18.75 34.93 -104.97
N THR J 386 18.42 33.65 -104.81
CA THR J 386 17.52 32.94 -105.71
C THR J 386 16.32 32.43 -104.92
N LEU J 387 15.12 32.74 -105.41
CA LEU J 387 13.87 32.35 -104.78
C LEU J 387 13.25 31.23 -105.61
N ILE J 388 13.20 30.03 -105.04
CA ILE J 388 12.61 28.88 -105.73
C ILE J 388 11.18 28.69 -105.24
N PHE J 389 10.25 28.61 -106.18
CA PHE J 389 8.84 28.42 -105.87
C PHE J 389 8.43 27.01 -106.29
N ASP J 390 8.05 26.18 -105.34
CA ASP J 390 7.53 24.85 -105.60
C ASP J 390 6.09 24.79 -105.09
N THR J 391 5.16 24.46 -105.99
CA THR J 391 3.76 24.36 -105.60
C THR J 391 3.36 22.92 -105.34
N THR J 392 4.17 21.96 -105.78
CA THR J 392 3.88 20.56 -105.55
C THR J 392 4.02 20.23 -104.07
N GLY J 393 3.02 19.57 -103.52
CA GLY J 393 3.02 19.20 -102.12
C GLY J 393 1.71 19.56 -101.48
N ALA J 394 1.64 19.30 -100.17
CA ALA J 394 0.44 19.65 -99.41
C ALA J 394 0.20 21.16 -99.42
N ALA J 395 1.25 21.94 -99.16
CA ALA J 395 1.17 23.39 -99.20
C ALA J 395 2.42 23.93 -99.87
N PRO J 396 2.28 24.90 -100.76
CA PRO J 396 3.46 25.49 -101.42
C PRO J 396 4.29 26.31 -100.45
N PHE J 397 5.58 26.38 -100.72
CA PHE J 397 6.51 27.12 -99.90
C PHE J 397 7.67 27.62 -100.74
N ILE J 398 8.43 28.56 -100.19
CA ILE J 398 9.57 29.16 -100.87
C ILE J 398 10.84 28.51 -100.33
N ILE J 399 11.68 28.02 -101.22
CA ILE J 399 13.01 27.55 -100.86
C ILE J 399 14.01 28.57 -101.38
N ARG J 400 14.73 29.21 -100.47
CA ARG J 400 15.64 30.28 -100.87
C ARG J 400 17.02 29.71 -101.20
N SER J 401 17.75 30.47 -102.01
CA SER J 401 19.14 30.17 -102.33
C SER J 401 19.90 31.48 -102.51
N ASN J 402 21.23 31.40 -102.47
CA ASN J 402 22.07 32.58 -102.47
C ASN J 402 23.10 32.49 -103.61
N HIS J 403 22.61 32.14 -104.80
CA HIS J 403 23.40 32.18 -106.03
C HIS J 403 22.68 33.11 -107.01
N LYS J 404 23.18 34.33 -107.16
CA LYS J 404 22.63 35.26 -108.13
C LYS J 404 22.89 34.76 -109.54
N ALA J 405 21.92 34.97 -110.43
CA ALA J 405 22.01 34.51 -111.81
C ALA J 405 21.68 35.66 -112.75
N ASP J 406 22.62 36.01 -113.61
CA ASP J 406 22.36 37.03 -114.61
C ASP J 406 21.36 36.54 -115.65
N ALA J 407 21.44 35.26 -116.01
CA ALA J 407 20.49 34.67 -116.95
C ALA J 407 20.35 33.20 -116.62
N PHE J 408 19.23 32.62 -117.04
CA PHE J 408 18.92 31.22 -116.79
C PHE J 408 18.71 30.50 -118.11
N PHE J 409 19.03 29.21 -118.11
CA PHE J 409 18.76 28.34 -119.25
C PHE J 409 18.51 26.93 -118.75
N HIS J 410 17.35 26.38 -119.08
CA HIS J 410 16.99 25.01 -118.73
C HIS J 410 17.14 24.13 -119.96
N GLU J 411 18.25 23.39 -120.03
CA GLU J 411 18.49 22.46 -121.13
C GLU J 411 17.46 21.34 -121.00
N LEU J 412 16.48 21.34 -121.91
CA LEU J 412 15.34 20.43 -121.76
C LEU J 412 15.76 18.98 -121.97
N GLN J 413 16.67 18.72 -122.90
CA GLN J 413 17.05 17.35 -123.20
C GLN J 413 17.67 16.67 -121.99
N THR J 414 18.57 17.35 -121.29
CA THR J 414 19.12 16.87 -120.03
C THR J 414 18.81 17.91 -118.97
N GLY J 415 17.76 17.66 -118.18
CA GLY J 415 17.26 18.65 -117.24
C GLY J 415 18.29 19.10 -116.22
N ALA J 416 18.77 20.32 -116.39
CA ALA J 416 19.73 20.94 -115.49
C ALA J 416 19.81 22.42 -115.83
N LEU J 417 19.56 23.28 -114.84
CA LEU J 417 19.61 24.71 -115.06
C LEU J 417 21.05 25.18 -115.24
N TYR J 418 21.26 26.02 -116.24
CA TYR J 418 22.54 26.70 -116.44
C TYR J 418 22.31 28.19 -116.19
N PHE J 419 23.03 28.75 -115.23
CA PHE J 419 22.90 30.15 -114.87
C PHE J 419 24.24 30.86 -115.02
N LEU J 420 24.17 32.10 -115.50
CA LEU J 420 25.34 32.92 -115.77
C LEU J 420 25.58 33.82 -114.57
N VAL J 421 26.73 33.64 -113.92
CA VAL J 421 27.18 34.51 -112.84
C VAL J 421 28.65 34.81 -113.05
N GLY J 422 29.01 36.09 -112.99
CA GLY J 422 30.40 36.49 -113.13
C GLY J 422 31.00 36.12 -114.47
N LYS J 423 30.17 36.04 -115.52
CA LYS J 423 30.60 35.72 -116.87
C LYS J 423 31.09 34.28 -116.99
N GLU J 424 30.38 33.35 -116.34
CA GLU J 424 30.63 31.92 -116.51
C GLU J 424 29.31 31.16 -116.42
N ILE J 425 29.31 29.94 -116.93
CA ILE J 425 28.14 29.08 -116.91
C ILE J 425 28.31 28.06 -115.79
N PHE J 426 27.36 28.04 -114.86
CA PHE J 426 27.35 27.09 -113.75
C PHE J 426 26.05 26.31 -113.79
N GLU J 427 26.13 25.02 -113.48
CA GLU J 427 24.91 24.24 -113.33
C GLU J 427 24.36 24.39 -111.91
N TRP J 428 23.19 23.82 -111.68
CA TRP J 428 22.57 23.78 -110.37
C TRP J 428 22.71 22.38 -109.78
N ASP J 429 23.29 22.30 -108.59
CA ASP J 429 23.50 21.06 -107.84
C ASP J 429 23.89 19.89 -108.75
N ALA J 430 24.88 20.13 -109.60
CA ALA J 430 25.35 19.10 -110.52
C ALA J 430 26.04 17.98 -109.74
N LEU J 431 25.99 16.77 -110.30
CA LEU J 431 26.61 15.61 -109.66
C LEU J 431 28.12 15.78 -109.60
N GLY J 432 28.74 15.20 -108.58
CA GLY J 432 30.18 15.22 -108.46
C GLY J 432 30.76 16.43 -107.77
N GLN J 433 29.97 17.13 -106.96
CA GLN J 433 30.44 18.29 -106.22
C GLN J 433 30.14 18.13 -104.74
N VAL J 434 30.98 18.76 -103.91
CA VAL J 434 30.80 18.68 -102.47
C VAL J 434 29.54 19.44 -102.08
N ASN J 435 28.86 18.96 -101.03
CA ASN J 435 27.64 19.59 -100.57
C ASN J 435 27.91 21.01 -100.09
N GLU J 436 26.96 21.90 -100.33
CA GLU J 436 27.06 23.28 -99.90
C GLU J 436 26.42 23.46 -98.53
N THR J 437 26.85 24.51 -97.83
CA THR J 437 26.37 24.76 -96.48
C THR J 437 24.88 25.09 -96.51
N LEU J 438 24.14 24.52 -95.56
CA LEU J 438 22.69 24.61 -95.52
C LEU J 438 22.26 25.56 -94.42
N SER J 439 21.27 26.40 -94.71
CA SER J 439 20.71 27.34 -93.75
C SER J 439 19.24 27.03 -93.54
N TRP J 440 18.84 26.88 -92.28
CA TRP J 440 17.47 26.54 -91.93
C TRP J 440 17.17 27.09 -90.55
N ARG J 441 16.35 28.14 -90.49
CA ARG J 441 16.03 28.82 -89.25
C ARG J 441 14.60 28.51 -88.88
N SER J 442 14.41 27.86 -87.73
CA SER J 442 13.12 27.29 -87.37
C SER J 442 12.10 28.38 -87.06
N LYS J 443 10.84 27.96 -87.01
CA LYS J 443 9.75 28.86 -86.63
C LYS J 443 9.96 29.34 -85.20
N GLN J 444 9.58 30.60 -84.95
CA GLN J 444 9.66 31.12 -83.60
C GLN J 444 8.70 30.38 -82.68
N PHE J 445 9.25 29.54 -81.82
CA PHE J 445 8.46 28.70 -80.93
C PHE J 445 8.14 29.48 -79.66
N VAL J 446 6.88 29.90 -79.54
CA VAL J 446 6.42 30.66 -78.39
C VAL J 446 5.86 29.66 -77.38
N LEU J 447 6.69 29.22 -76.46
CA LEU J 447 6.26 28.26 -75.46
C LEU J 447 5.21 28.90 -74.54
N PRO J 448 4.21 28.14 -74.08
CA PRO J 448 3.23 28.70 -73.16
C PRO J 448 3.84 29.26 -71.89
N MET J 449 4.88 28.61 -71.36
CA MET J 449 5.56 29.10 -70.19
C MET J 449 7.05 29.27 -70.46
N PRO J 450 7.67 30.31 -69.91
CA PRO J 450 9.10 30.52 -70.16
C PRO J 450 9.94 29.41 -69.54
N THR J 451 10.73 28.74 -70.39
CA THR J 451 11.55 27.63 -69.96
C THR J 451 12.92 27.73 -70.62
N ASN J 452 13.87 26.98 -70.04
CA ASN J 452 15.19 26.80 -70.62
C ASN J 452 15.39 25.32 -70.92
N PHE J 453 16.05 25.03 -72.04
CA PHE J 453 16.13 23.67 -72.56
C PHE J 453 17.48 23.06 -72.17
N GLY J 454 17.47 21.75 -71.91
CA GLY J 454 18.66 21.07 -71.44
C GLY J 454 18.99 19.80 -72.19
N ALA J 455 18.57 19.68 -73.44
CA ALA J 455 18.89 18.51 -74.25
C ALA J 455 18.77 18.86 -75.73
N ILE J 456 19.73 18.41 -76.52
CA ILE J 456 19.68 18.49 -77.98
C ILE J 456 20.09 17.14 -78.54
N LEU J 457 19.25 16.57 -79.38
CA LEU J 457 19.54 15.31 -80.05
C LEU J 457 19.60 15.56 -81.55
N ILE J 458 20.82 15.66 -82.07
CA ILE J 458 21.06 15.92 -83.49
C ILE J 458 21.34 14.57 -84.15
N GLU J 459 20.29 13.94 -84.67
CA GLU J 459 20.46 12.67 -85.35
C GLU J 459 20.91 12.90 -86.78
N GLY J 460 21.31 11.82 -87.43
CA GLY J 460 21.81 11.90 -88.79
C GLY J 460 22.99 10.96 -88.97
N SER J 461 23.60 11.06 -90.14
CA SER J 461 24.74 10.22 -90.50
C SER J 461 25.77 11.03 -91.25
N THR J 462 27.03 10.62 -91.12
CA THR J 462 28.11 11.26 -91.85
C THR J 462 28.09 10.82 -93.31
N ALA J 463 29.12 11.25 -94.05
CA ALA J 463 29.24 10.88 -95.45
C ALA J 463 29.38 9.37 -95.59
N ALA J 464 28.33 8.72 -96.10
CA ALA J 464 28.33 7.28 -96.26
C ALA J 464 27.71 6.85 -97.59
N SER J 465 27.32 7.81 -98.44
CA SER J 465 26.82 7.46 -99.76
C SER J 465 27.95 7.05 -100.69
N GLU J 466 29.14 7.61 -100.47
CA GLU J 466 30.37 7.40 -101.25
C GLU J 466 30.33 8.14 -102.58
N GLU J 467 29.18 8.68 -102.98
CA GLU J 467 29.18 9.66 -104.06
C GLU J 467 29.58 11.03 -103.52
N GLU J 468 29.05 11.40 -102.36
CA GLU J 468 29.55 12.58 -101.67
C GLU J 468 31.02 12.42 -101.31
N GLN J 469 31.42 11.21 -100.91
CA GLN J 469 32.82 10.94 -100.62
C GLN J 469 33.68 11.06 -101.86
N ALA J 470 33.20 10.56 -103.01
CA ALA J 470 33.95 10.70 -104.25
C ALA J 470 34.07 12.17 -104.65
N ALA J 471 33.00 12.94 -104.50
CA ALA J 471 33.05 14.37 -104.78
C ALA J 471 34.04 15.08 -103.87
N TYR J 472 34.05 14.71 -102.58
CA TYR J 472 35.01 15.29 -101.65
C TYR J 472 36.43 14.93 -102.02
N ASP J 473 36.66 13.69 -102.48
CA ASP J 473 37.99 13.29 -102.93
C ASP J 473 38.42 14.10 -104.15
N ALA J 474 37.50 14.32 -105.09
CA ALA J 474 37.82 15.14 -106.25
C ALA J 474 38.15 16.57 -105.84
N GLU J 475 37.39 17.11 -104.88
CA GLU J 475 37.69 18.45 -104.36
C GLU J 475 39.06 18.47 -103.70
N ARG J 476 39.42 17.40 -102.98
CA ARG J 476 40.74 17.30 -102.38
C ARG J 476 41.82 17.27 -103.45
N GLN J 477 41.58 16.57 -104.56
CA GLN J 477 42.53 16.56 -105.66
C GLN J 477 42.71 17.96 -106.24
N ARG J 478 41.61 18.69 -106.42
CA ARG J 478 41.72 20.07 -106.91
C ARG J 478 42.48 20.94 -105.93
N ILE J 479 42.24 20.75 -104.63
CA ILE J 479 42.95 21.51 -103.60
C ILE J 479 44.45 21.23 -103.67
N GLU J 480 44.81 19.95 -103.83
CA GLU J 480 46.22 19.59 -103.93
C GLU J 480 46.85 20.15 -105.19
N VAL J 481 46.09 20.17 -106.30
CA VAL J 481 46.62 20.73 -107.54
C VAL J 481 46.88 22.23 -107.39
N GLU J 482 45.92 22.95 -106.80
CA GLU J 482 46.13 24.39 -106.61
C GLU J 482 47.25 24.65 -105.60
N ASN J 483 47.38 23.79 -104.60
CA ASN J 483 48.50 23.87 -103.67
C ASN J 483 49.82 23.71 -104.40
N ALA J 484 49.90 22.74 -105.31
CA ALA J 484 51.13 22.52 -106.07
C ALA J 484 51.45 23.72 -106.96
N THR J 485 50.43 24.27 -107.63
CA THR J 485 50.70 25.34 -108.58
C THR J 485 51.03 26.66 -107.87
N ASN J 486 50.44 26.89 -106.70
CA ASN J 486 50.77 28.11 -105.95
C ASN J 486 52.07 27.92 -105.16
N PHE J 487 52.44 26.68 -104.89
CA PHE J 487 53.66 26.41 -104.13
C PHE J 487 54.90 26.67 -104.98
N ALA J 488 54.75 26.72 -106.30
CA ALA J 488 55.86 26.93 -107.21
C ALA J 488 55.99 28.38 -107.67
N LEU J 489 55.24 29.30 -107.06
CA LEU J 489 55.31 30.70 -107.46
C LEU J 489 56.68 31.29 -107.15
N PRO J 490 57.21 32.14 -108.03
CA PRO J 490 58.52 32.78 -107.86
C PRO J 490 58.63 33.64 -106.61
N ASN J 507 58.37 34.14 -102.85
CA ASN J 507 57.44 33.18 -103.43
C ASN J 507 56.05 33.78 -103.52
N GLY J 508 55.07 33.06 -102.96
CA GLY J 508 53.70 33.54 -102.86
C GLY J 508 53.21 33.48 -101.43
N ASP J 509 52.97 34.65 -100.86
CA ASP J 509 52.50 34.74 -99.48
C ASP J 509 51.07 34.25 -99.36
N MET J 510 50.76 33.69 -98.18
CA MET J 510 49.42 33.18 -97.85
C MET J 510 49.08 32.07 -98.85
N MET J 511 47.88 32.04 -99.40
CA MET J 511 47.37 30.95 -100.26
C MET J 511 47.42 29.64 -99.45
N GLN J 512 47.58 28.51 -100.13
CA GLN J 512 47.48 27.18 -99.52
C GLN J 512 46.19 27.05 -98.72
N ARG J 513 45.08 27.15 -99.46
CA ARG J 513 43.77 27.17 -98.83
C ARG J 513 43.46 25.84 -98.15
N LEU J 514 42.74 25.93 -97.03
CA LEU J 514 42.44 24.76 -96.23
C LEU J 514 41.40 23.89 -96.94
N PRO J 515 41.53 22.58 -96.88
CA PRO J 515 40.49 21.70 -97.43
C PRO J 515 39.20 21.76 -96.63
N ALA J 516 38.14 21.25 -97.25
CA ALA J 516 36.80 21.30 -96.64
C ALA J 516 36.63 20.21 -95.59
N GLU J 517 35.43 20.13 -95.01
CA GLU J 517 35.13 19.17 -93.96
C GLU J 517 33.63 19.11 -93.78
N GLY J 518 33.15 17.98 -93.26
CA GLY J 518 31.75 17.81 -92.95
C GLY J 518 31.43 18.10 -91.51
N PHE J 519 30.47 18.99 -91.27
CA PHE J 519 30.19 19.48 -89.93
C PHE J 519 28.69 19.62 -89.73
N VAL J 520 28.29 19.68 -88.46
CA VAL J 520 26.93 20.04 -88.07
C VAL J 520 27.02 21.20 -87.09
N SER J 521 26.24 22.24 -87.33
CA SER J 521 26.27 23.45 -86.50
C SER J 521 24.84 23.93 -86.28
N VAL J 522 24.29 23.63 -85.11
CA VAL J 522 22.95 24.06 -84.74
C VAL J 522 23.08 25.19 -83.73
N SER J 523 22.55 26.36 -84.07
CA SER J 523 22.58 27.54 -83.22
C SER J 523 21.19 27.82 -82.69
N ILE J 524 21.10 28.09 -81.39
CA ILE J 524 19.83 28.32 -80.71
C ILE J 524 19.74 29.79 -80.35
N TYR J 525 18.63 30.43 -80.73
CA TYR J 525 18.39 31.83 -80.43
C TYR J 525 17.41 31.90 -79.26
N ALA J 526 17.87 32.44 -78.13
CA ALA J 526 17.05 32.46 -76.92
C ALA J 526 15.80 33.30 -77.11
N ASP J 527 15.97 34.60 -77.24
CA ASP J 527 14.88 35.54 -77.46
C ASP J 527 15.35 36.56 -78.50
N GLY J 528 16.02 36.05 -79.53
CA GLY J 528 16.73 36.89 -80.47
C GLY J 528 18.21 36.99 -80.25
N LYS J 529 18.75 36.22 -79.29
CA LYS J 529 20.17 36.20 -78.99
C LYS J 529 20.70 34.78 -79.09
N LEU J 530 21.84 34.63 -79.76
CA LEU J 530 22.46 33.32 -79.93
C LEU J 530 23.12 32.94 -78.61
N VAL J 531 22.71 31.82 -78.03
CA VAL J 531 23.26 31.40 -76.75
C VAL J 531 24.30 30.30 -76.94
N LYS J 532 24.10 29.42 -77.91
CA LYS J 532 24.99 28.28 -78.05
C LYS J 532 25.02 27.82 -79.51
N THR J 533 26.15 27.24 -79.89
CA THR J 533 26.30 26.53 -81.15
C THR J 533 26.80 25.12 -80.83
N VAL J 534 26.00 24.12 -81.16
CA VAL J 534 26.28 22.74 -80.81
C VAL J 534 26.68 21.97 -82.05
N SER J 535 27.72 21.14 -81.94
CA SER J 535 28.20 20.35 -83.06
C SER J 535 28.18 18.85 -82.79
N LYS J 536 27.95 18.43 -81.55
CA LYS J 536 27.89 17.01 -81.25
C LYS J 536 26.68 16.37 -81.92
N MET J 537 26.89 15.23 -82.55
CA MET J 537 25.89 14.59 -83.38
C MET J 537 25.59 13.19 -82.86
N ASN J 538 24.31 12.81 -82.91
CA ASN J 538 23.79 11.52 -82.49
C ASN J 538 23.93 11.29 -80.99
N ARG J 539 24.40 12.29 -80.24
CA ARG J 539 24.53 12.20 -78.79
C ARG J 539 23.99 13.48 -78.17
N MET J 540 23.33 13.34 -77.03
CA MET J 540 22.66 14.47 -76.42
C MET J 540 23.66 15.55 -76.01
N ALA J 541 23.32 16.80 -76.31
CA ALA J 541 24.15 17.94 -75.96
C ALA J 541 23.38 18.84 -75.00
N ARG J 542 24.08 19.80 -74.42
CA ARG J 542 23.53 20.65 -73.37
C ARG J 542 23.56 22.11 -73.79
N LEU J 543 22.54 22.87 -73.40
CA LEU J 543 22.44 24.29 -73.66
C LEU J 543 23.27 25.08 -72.65
N PRO J 544 23.29 26.39 -72.75
CA PRO J 544 23.74 27.21 -71.61
C PRO J 544 22.63 27.37 -70.59
N SER J 545 22.96 28.08 -69.51
CA SER J 545 22.02 28.30 -68.43
C SER J 545 22.00 29.78 -68.06
N GLY J 546 21.13 30.11 -67.10
CA GLY J 546 21.02 31.45 -66.58
C GLY J 546 20.16 32.38 -67.39
N PHE J 547 19.57 31.90 -68.48
CA PHE J 547 18.69 32.70 -69.32
C PHE J 547 17.34 32.01 -69.44
N LEU J 548 16.27 32.79 -69.28
CA LEU J 548 14.90 32.30 -69.38
C LEU J 548 14.20 33.06 -70.49
N ALA J 549 13.74 32.34 -71.51
CA ALA J 549 13.09 32.95 -72.65
C ALA J 549 11.89 32.09 -73.05
N ARG J 550 10.92 32.73 -73.71
CA ARG J 550 9.72 32.03 -74.15
C ARG J 550 9.54 32.02 -75.66
N ILE J 551 10.19 32.92 -76.39
CA ILE J 551 10.16 32.91 -77.84
C ILE J 551 11.45 32.27 -78.33
N TRP J 552 11.43 30.95 -78.48
CA TRP J 552 12.61 30.19 -78.90
C TRP J 552 12.55 29.91 -80.39
N GLU J 553 13.72 29.85 -81.02
CA GLU J 553 13.84 29.47 -82.42
C GLU J 553 15.18 28.81 -82.65
N ILE J 554 15.27 27.98 -83.69
CA ILE J 554 16.43 27.14 -83.94
C ILE J 554 16.95 27.43 -85.34
N GLU J 555 18.26 27.60 -85.48
CA GLU J 555 18.91 27.72 -86.77
C GLU J 555 19.85 26.55 -86.96
N VAL J 556 19.78 25.90 -88.12
CA VAL J 556 20.53 24.69 -88.39
C VAL J 556 21.47 24.93 -89.57
N ASN J 557 22.75 24.64 -89.37
CA ASN J 557 23.78 24.82 -90.39
C ASN J 557 24.62 23.54 -90.44
N SER J 558 24.77 22.97 -91.64
CA SER J 558 25.54 21.74 -91.79
C SER J 558 25.83 21.48 -93.26
N ASN J 559 26.95 20.81 -93.53
CA ASN J 559 27.21 20.34 -94.89
C ASN J 559 26.64 18.94 -95.12
N ILE J 560 26.16 18.30 -94.06
CA ILE J 560 25.60 16.96 -94.18
C ILE J 560 24.13 16.99 -93.78
N ASN J 561 23.42 15.92 -94.16
CA ASN J 561 22.00 15.83 -93.84
C ASN J 561 21.78 15.54 -92.37
N ILE J 562 20.69 16.07 -91.82
CA ILE J 562 20.31 15.88 -90.42
C ILE J 562 18.90 15.36 -90.37
N SER J 563 18.66 14.34 -89.54
CA SER J 563 17.35 13.72 -89.48
C SER J 563 16.35 14.61 -88.76
N ASP J 564 16.58 14.90 -87.48
CA ASP J 564 15.63 15.68 -86.71
C ASP J 564 16.33 16.33 -85.52
N ILE J 565 15.66 17.31 -84.93
CA ILE J 565 16.13 18.00 -83.74
C ILE J 565 15.01 17.98 -82.71
N VAL J 566 15.34 17.58 -81.48
CA VAL J 566 14.38 17.55 -80.38
C VAL J 566 15.05 18.18 -79.15
N LEU J 567 14.30 19.00 -78.44
CA LEU J 567 14.80 19.73 -77.28
C LEU J 567 13.95 19.43 -76.05
N ALA J 568 14.59 19.35 -74.90
CA ALA J 568 13.90 19.18 -73.63
C ALA J 568 14.71 19.85 -72.53
N THR J 569 14.04 20.20 -71.43
CA THR J 569 14.75 20.88 -70.35
C THR J 569 15.59 19.90 -69.54
N THR J 570 15.31 18.61 -69.66
CA THR J 570 16.02 17.59 -68.91
C THR J 570 16.12 16.33 -69.78
N GLY J 571 17.19 15.57 -69.57
CA GLY J 571 17.35 14.33 -70.30
C GLY J 571 16.23 13.34 -70.02
N GLN J 572 15.72 13.34 -68.80
CA GLN J 572 14.57 12.49 -68.47
C GLN J 572 13.34 12.88 -69.29
N GLU J 573 13.18 14.17 -69.60
CA GLU J 573 12.08 14.56 -70.47
C GLU J 573 12.35 14.12 -71.90
N LEU J 574 13.62 14.19 -72.33
CA LEU J 574 14.01 13.64 -73.63
C LEU J 574 13.71 12.15 -73.71
N ARG J 575 13.73 11.46 -72.57
CA ARG J 575 13.29 10.06 -72.53
C ARG J 575 11.82 9.95 -72.91
N ASN J 576 10.99 10.88 -72.42
CA ASN J 576 9.55 10.80 -72.65
C ASN J 576 9.23 10.84 -74.14
N VAL J 577 9.83 11.78 -74.86
CA VAL J 577 9.62 11.88 -76.30
C VAL J 577 10.97 12.08 -76.99
N THR K 2 5.84 -1.35 -74.50
CA THR K 2 6.61 -0.71 -75.56
C THR K 2 6.64 -1.58 -76.81
N THR K 3 5.57 -2.34 -77.01
CA THR K 3 5.51 -3.29 -78.11
C THR K 3 5.47 -2.57 -79.46
N LEU K 4 6.18 -3.12 -80.44
CA LEU K 4 6.04 -2.72 -81.84
C LEU K 4 5.59 -3.95 -82.62
N LYS K 5 4.56 -3.78 -83.44
CA LYS K 5 3.94 -4.88 -84.18
C LYS K 5 4.00 -4.59 -85.67
N LEU K 6 4.39 -5.59 -86.46
CA LEU K 6 4.51 -5.45 -87.90
C LEU K 6 3.46 -6.33 -88.57
N THR K 7 2.42 -5.68 -89.10
CA THR K 7 1.35 -6.39 -89.78
C THR K 7 0.92 -5.55 -90.97
N ALA K 8 0.36 -6.22 -91.99
CA ALA K 8 -0.06 -5.58 -93.23
C ALA K 8 1.12 -4.86 -93.88
N TYR K 9 2.10 -5.65 -94.29
CA TYR K 9 3.34 -5.09 -94.83
C TYR K 9 3.08 -4.37 -96.15
N SER K 10 3.87 -3.34 -96.40
CA SER K 10 3.78 -2.58 -97.65
C SER K 10 5.20 -2.37 -98.17
N GLY K 11 5.29 -1.74 -99.34
CA GLY K 11 6.55 -1.69 -100.05
C GLY K 11 7.44 -0.53 -99.65
N GLU K 12 8.41 -0.25 -100.52
CA GLU K 12 9.44 0.74 -100.26
C GLU K 12 9.07 2.09 -100.86
N VAL K 13 9.28 3.14 -100.07
CA VAL K 13 9.13 4.52 -100.53
C VAL K 13 10.43 5.25 -100.20
N PRO K 14 11.39 5.28 -101.11
CA PRO K 14 12.69 5.91 -100.80
C PRO K 14 12.72 7.44 -100.83
N ARG K 15 11.62 8.11 -101.17
CA ARG K 15 11.58 9.57 -101.04
C ARG K 15 11.07 9.94 -99.66
N THR K 16 11.69 9.36 -98.63
CA THR K 16 11.27 9.58 -97.26
C THR K 16 12.41 9.16 -96.35
N LEU K 17 12.61 9.92 -95.27
CA LEU K 17 13.59 9.53 -94.27
C LEU K 17 13.21 8.16 -93.71
N PRO K 18 14.21 7.32 -93.42
CA PRO K 18 13.89 5.97 -92.90
C PRO K 18 13.05 6.00 -91.64
N ARG K 19 13.19 7.04 -90.82
CA ARG K 19 12.37 7.14 -89.61
C ARG K 19 10.95 7.59 -89.92
N LEU K 20 10.78 8.41 -90.96
CA LEU K 20 9.50 9.05 -91.25
C LEU K 20 8.65 8.24 -92.24
N LEU K 21 9.02 6.99 -92.47
CA LEU K 21 8.22 6.12 -93.32
C LEU K 21 6.89 5.82 -92.61
N PRO K 22 5.87 5.44 -93.37
CA PRO K 22 4.61 4.99 -92.74
C PRO K 22 4.86 3.81 -91.82
N ASP K 23 3.85 3.55 -90.98
CA ASP K 23 4.01 2.56 -89.91
C ASP K 23 4.32 1.17 -90.46
N THR K 24 3.88 0.88 -91.69
CA THR K 24 4.02 -0.45 -92.26
C THR K 24 4.69 -0.39 -93.63
N ALA K 25 5.35 0.73 -93.91
CA ALA K 25 6.14 0.88 -95.12
C ALA K 25 7.61 0.85 -94.76
N SER K 26 8.39 0.11 -95.54
CA SER K 26 9.72 -0.23 -95.08
C SER K 26 10.68 -0.36 -96.25
N GLN K 27 11.97 -0.29 -95.92
CA GLN K 27 13.02 -0.31 -96.92
C GLN K 27 13.25 -1.71 -97.47
N ARG K 28 13.86 -1.76 -98.65
CA ARG K 28 14.38 -3.00 -99.24
C ARG K 28 13.31 -4.09 -99.28
N ALA K 29 12.20 -3.79 -99.94
CA ALA K 29 11.17 -4.80 -100.20
C ALA K 29 11.57 -5.61 -101.43
N LEU K 30 12.63 -6.40 -101.24
CA LEU K 30 13.26 -7.10 -102.35
C LEU K 30 12.70 -8.51 -102.47
N ASN K 31 12.40 -8.93 -103.70
CA ASN K 31 11.86 -10.28 -103.95
C ASN K 31 10.67 -10.59 -103.07
N VAL K 32 9.69 -9.70 -103.07
CA VAL K 32 8.48 -9.92 -102.28
C VAL K 32 7.25 -9.56 -103.10
N ARG K 33 6.18 -10.32 -102.92
CA ARG K 33 4.87 -9.99 -103.48
C ARG K 33 3.95 -9.61 -102.32
N LEU K 34 3.52 -8.36 -102.29
CA LEU K 34 2.69 -7.86 -101.20
C LEU K 34 1.24 -7.72 -101.67
N ASP K 35 0.52 -8.82 -101.56
CA ASP K 35 -0.88 -8.88 -102.00
C ASP K 35 -1.85 -9.17 -100.86
N ASN K 36 -1.61 -10.23 -100.09
CA ASN K 36 -2.56 -10.61 -99.04
C ASN K 36 -2.38 -9.77 -97.79
N GLY K 37 -1.28 -9.05 -97.69
CA GLY K 37 -0.92 -8.37 -96.46
C GLY K 37 0.19 -9.05 -95.69
N GLY K 38 0.86 -10.04 -96.28
CA GLY K 38 1.97 -10.73 -95.64
C GLY K 38 3.12 -10.82 -96.62
N LEU K 39 4.18 -11.49 -96.16
CA LEU K 39 5.41 -11.60 -96.95
C LEU K 39 5.38 -12.87 -97.79
N THR K 40 4.64 -12.80 -98.89
CA THR K 40 4.59 -13.92 -99.81
C THR K 40 5.82 -13.91 -100.72
N PRO K 41 6.61 -14.97 -100.71
CA PRO K 41 7.82 -14.99 -101.56
C PRO K 41 7.49 -15.17 -103.03
N THR K 42 8.37 -14.68 -103.89
CA THR K 42 8.22 -14.88 -105.34
C THR K 42 8.76 -16.25 -105.73
N ARG K 43 8.27 -16.76 -106.86
CA ARG K 43 8.80 -18.00 -107.40
C ARG K 43 10.06 -17.73 -108.22
N GLN K 44 10.87 -18.77 -108.35
CA GLN K 44 12.13 -18.72 -109.09
C GLN K 44 11.88 -18.78 -110.59
N PRO K 45 12.60 -18.00 -111.39
CA PRO K 45 12.39 -18.00 -112.83
C PRO K 45 12.65 -19.37 -113.44
N ARG K 46 11.92 -19.67 -114.52
CA ARG K 46 12.04 -20.92 -115.24
C ARG K 46 12.63 -20.66 -116.61
N PHE K 47 13.67 -21.42 -116.96
CA PHE K 47 14.35 -21.29 -118.25
C PHE K 47 13.46 -21.90 -119.31
N GLU K 48 12.76 -21.05 -120.06
CA GLU K 48 11.82 -21.54 -121.06
C GLU K 48 12.51 -21.88 -122.37
N ALA K 49 13.32 -20.96 -122.89
CA ALA K 49 13.98 -21.16 -124.18
C ALA K 49 15.27 -20.35 -124.21
N ASN K 50 16.10 -20.64 -125.21
CA ASN K 50 17.40 -20.01 -125.36
C ASN K 50 17.43 -19.18 -126.64
N ILE K 51 18.06 -18.01 -126.57
CA ILE K 51 18.15 -17.12 -127.73
C ILE K 51 19.41 -17.44 -128.54
N SER K 52 19.32 -17.17 -129.84
CA SER K 52 20.41 -17.53 -130.75
C SER K 52 21.54 -16.51 -130.75
N VAL K 53 21.22 -15.24 -131.04
CA VAL K 53 22.23 -14.23 -131.33
C VAL K 53 22.54 -13.43 -130.08
N ASP K 54 23.85 -13.23 -129.86
CA ASP K 54 24.32 -12.54 -128.67
C ASP K 54 23.97 -11.05 -128.73
N ASN K 55 23.93 -10.43 -127.55
CA ASN K 55 23.65 -9.00 -127.41
C ASN K 55 22.28 -8.64 -127.98
N ALA K 56 21.28 -9.45 -127.62
CA ALA K 56 19.91 -9.15 -128.03
C ALA K 56 19.23 -8.27 -127.00
N LYS K 57 18.88 -7.05 -127.43
CA LYS K 57 18.17 -6.10 -126.58
C LYS K 57 16.70 -5.96 -126.90
N THR K 58 16.16 -6.74 -127.83
CA THR K 58 14.75 -6.74 -128.14
C THR K 58 14.32 -8.17 -128.46
N ILE K 59 13.32 -8.66 -127.74
CA ILE K 59 12.85 -10.03 -127.92
C ILE K 59 11.35 -10.01 -128.17
N TYR K 60 10.88 -10.97 -128.95
CA TYR K 60 9.48 -11.08 -129.30
C TYR K 60 9.16 -12.54 -129.58
N LYS K 61 7.92 -12.93 -129.31
CA LYS K 61 7.47 -14.29 -129.56
C LYS K 61 6.28 -14.25 -130.50
N HIS K 62 6.44 -14.85 -131.67
CA HIS K 62 5.36 -14.98 -132.66
C HIS K 62 5.08 -16.45 -132.87
N ASN K 63 3.82 -16.83 -132.71
CA ASN K 63 3.38 -18.23 -132.77
C ASN K 63 4.15 -18.99 -131.70
N GLY K 64 4.80 -20.12 -132.02
CA GLY K 64 5.56 -20.81 -131.01
C GLY K 64 7.03 -20.43 -131.01
N ALA K 65 7.48 -19.77 -132.07
CA ALA K 65 8.89 -19.42 -132.25
C ALA K 65 9.25 -18.20 -131.43
N TRP K 66 10.52 -18.13 -131.05
CA TRP K 66 11.07 -17.01 -130.30
C TRP K 66 11.92 -16.17 -131.24
N LEU K 67 11.64 -14.87 -131.29
CA LEU K 67 12.33 -13.95 -132.19
C LEU K 67 13.14 -12.94 -131.38
N ALA K 68 14.36 -12.69 -131.83
CA ALA K 68 15.23 -11.70 -131.20
C ALA K 68 15.99 -10.95 -132.28
N TRP K 69 16.31 -9.69 -131.97
CA TRP K 69 17.01 -8.83 -132.91
C TRP K 69 18.03 -7.99 -132.15
N GLN K 70 19.02 -7.49 -132.89
CA GLN K 70 20.12 -6.71 -132.32
C GLN K 70 19.80 -5.23 -132.21
N ASN K 71 18.61 -4.80 -132.63
CA ASN K 71 18.23 -3.40 -132.56
C ASN K 71 16.91 -3.28 -131.81
N VAL K 72 16.61 -2.05 -131.37
CA VAL K 72 15.35 -1.77 -130.68
C VAL K 72 14.24 -1.85 -131.72
N VAL K 73 13.46 -2.93 -131.68
CA VAL K 73 12.50 -3.25 -132.72
C VAL K 73 11.11 -3.29 -132.11
N HIS K 74 10.17 -2.58 -132.72
CA HIS K 74 8.78 -2.59 -132.29
C HIS K 74 7.93 -3.34 -133.30
N ALA K 75 7.15 -4.31 -132.81
CA ALA K 75 6.33 -5.15 -133.67
C ALA K 75 4.88 -5.11 -133.20
N ALA K 76 3.96 -5.00 -134.16
CA ALA K 76 2.55 -4.94 -133.86
C ALA K 76 1.77 -5.62 -134.98
N PRO K 77 0.75 -6.41 -134.64
CA PRO K 77 -0.07 -7.04 -135.68
C PRO K 77 -0.84 -6.01 -136.49
N GLY K 78 -1.07 -6.34 -137.76
CA GLY K 78 -1.80 -5.47 -138.65
C GLY K 78 -3.29 -5.69 -138.60
N PRO K 79 -4.06 -4.60 -138.70
CA PRO K 79 -5.54 -4.74 -138.67
C PRO K 79 -6.09 -5.59 -139.79
N VAL K 80 -5.48 -5.55 -140.98
CA VAL K 80 -5.96 -6.34 -142.10
C VAL K 80 -5.90 -7.85 -141.76
N ALA K 81 -6.72 -8.64 -142.46
CA ALA K 81 -7.26 -9.88 -141.91
C ALA K 81 -6.17 -10.87 -141.50
N GLN K 82 -5.43 -11.41 -142.47
CA GLN K 82 -4.59 -12.56 -142.17
C GLN K 82 -3.37 -12.17 -141.35
N ASP K 83 -2.83 -13.15 -140.63
CA ASP K 83 -1.87 -12.88 -139.57
C ASP K 83 -0.51 -12.47 -140.12
N ARG K 84 -0.09 -11.25 -139.81
CA ARG K 84 1.22 -10.73 -140.15
C ARG K 84 1.84 -10.05 -138.94
N LEU K 85 3.17 -10.00 -138.92
CA LEU K 85 3.92 -9.30 -137.89
C LEU K 85 4.73 -8.21 -138.55
N TYR K 86 4.52 -6.97 -138.12
CA TYR K 86 5.20 -5.81 -138.68
C TYR K 86 6.25 -5.32 -137.70
N TYR K 87 7.49 -5.76 -137.88
CA TYR K 87 8.61 -5.35 -137.04
C TYR K 87 9.53 -4.51 -137.91
N MET K 88 9.85 -3.31 -137.44
CA MET K 88 10.37 -2.24 -138.29
C MET K 88 11.68 -1.66 -137.79
N GLY K 89 12.10 -2.00 -136.56
CA GLY K 89 13.32 -1.42 -136.02
C GLY K 89 14.57 -1.83 -136.79
N ASP K 90 14.53 -2.99 -137.44
CA ASP K 90 15.70 -3.52 -138.14
C ASP K 90 15.89 -2.79 -139.47
N GLY K 91 16.24 -1.51 -139.36
CA GLY K 91 16.52 -0.72 -140.55
C GLY K 91 15.29 -0.62 -141.45
N LYS K 92 15.36 -1.30 -142.57
CA LYS K 92 14.26 -1.27 -143.53
C LYS K 92 13.02 -1.91 -142.92
N PRO K 93 11.85 -1.28 -143.03
CA PRO K 93 10.61 -1.92 -142.57
C PRO K 93 10.37 -3.22 -143.31
N LYS K 94 9.89 -4.23 -142.58
CA LYS K 94 9.76 -5.58 -143.13
C LYS K 94 8.60 -6.30 -142.46
N MET K 95 8.12 -7.34 -143.13
CA MET K 95 6.93 -8.08 -142.73
C MET K 95 7.26 -9.56 -142.65
N ILE K 96 6.58 -10.25 -141.72
CA ILE K 96 6.66 -11.71 -141.63
C ILE K 96 5.30 -12.28 -142.04
N VAL K 97 5.32 -13.15 -143.05
CA VAL K 97 4.13 -13.84 -143.52
C VAL K 97 4.41 -15.33 -143.51
N ASP K 98 3.63 -16.07 -142.72
CA ASP K 98 3.79 -17.53 -142.60
C ASP K 98 5.21 -17.90 -142.22
N GLY K 99 5.82 -17.11 -141.34
CA GLY K 99 7.19 -17.38 -140.93
C GLY K 99 8.24 -17.00 -141.94
N THR K 100 7.86 -16.32 -143.03
CA THR K 100 8.80 -15.87 -144.05
C THR K 100 8.82 -14.35 -144.05
N THR K 101 10.02 -13.78 -144.03
CA THR K 101 10.20 -12.35 -143.93
C THR K 101 10.26 -11.73 -145.32
N TYR K 102 9.39 -10.73 -145.56
CA TYR K 102 9.38 -9.93 -146.77
C TYR K 102 9.75 -8.50 -146.41
N ASP K 103 9.69 -7.61 -147.40
CA ASP K 103 9.92 -6.19 -147.18
C ASP K 103 8.57 -5.48 -147.13
N LEU K 104 8.39 -4.66 -146.09
CA LEU K 104 7.11 -3.96 -145.93
C LEU K 104 6.87 -3.01 -147.09
N ALA K 105 7.93 -2.47 -147.68
CA ALA K 105 7.78 -1.62 -148.85
C ALA K 105 7.51 -2.45 -150.10
N VAL K 106 6.69 -1.92 -150.99
CA VAL K 106 6.37 -2.54 -152.27
C VAL K 106 6.97 -1.69 -153.37
N PRO K 107 7.84 -2.23 -154.23
CA PRO K 107 8.49 -1.40 -155.24
C PRO K 107 7.48 -0.76 -156.19
N MET K 108 7.78 0.47 -156.59
CA MET K 108 6.89 1.20 -157.49
C MET K 108 7.02 0.68 -158.91
N PRO K 109 6.00 0.98 -159.72
CA PRO K 109 5.98 0.60 -161.14
C PRO K 109 6.09 -0.91 -161.33
N THR K 110 5.56 -1.68 -160.37
CA THR K 110 5.61 -3.13 -160.43
C THR K 110 4.22 -3.75 -160.51
N ALA K 111 3.31 -3.38 -159.60
CA ALA K 111 2.01 -4.01 -159.57
C ALA K 111 0.95 -3.20 -160.32
N ALA K 112 1.12 -1.87 -160.36
CA ALA K 112 0.10 -1.01 -160.94
C ALA K 112 0.74 -0.08 -161.96
N PRO K 113 0.13 0.01 -163.14
CA PRO K 113 0.55 0.93 -164.19
C PRO K 113 -0.69 1.48 -164.88
N ALA K 114 -0.70 2.79 -165.13
CA ALA K 114 -1.83 3.47 -165.75
C ALA K 114 -1.42 4.02 -167.10
N LEU K 115 -2.19 3.69 -168.13
CA LEU K 115 -1.96 4.18 -169.49
C LEU K 115 -3.23 4.84 -169.98
N THR K 116 -3.12 6.10 -170.41
CA THR K 116 -4.26 6.87 -170.89
C THR K 116 -3.87 7.64 -172.14
N VAL K 117 -4.81 7.75 -173.07
CA VAL K 117 -4.61 8.50 -174.29
C VAL K 117 -5.96 8.93 -174.83
N THR K 118 -5.98 10.08 -175.50
CA THR K 118 -7.22 10.59 -176.08
C THR K 118 -7.61 9.80 -177.33
N GLY K 119 -6.63 9.27 -178.05
CA GLY K 119 -6.90 8.51 -179.27
C GLY K 119 -7.33 7.08 -178.99
N THR K 120 -7.29 6.64 -177.73
CA THR K 120 -7.67 5.28 -177.41
C THR K 120 -9.16 5.06 -177.66
N GLY K 121 -9.53 3.80 -177.88
CA GLY K 121 -10.88 3.30 -178.13
C GLY K 121 -11.42 3.74 -179.49
N THR K 122 -10.65 4.51 -180.27
CA THR K 122 -11.05 4.92 -181.61
C THR K 122 -10.16 4.36 -182.70
N GLY K 123 -8.86 4.25 -182.44
CA GLY K 123 -7.90 3.71 -183.41
C GLY K 123 -7.13 2.58 -182.78
N ASN K 124 -6.94 1.51 -183.54
CA ASN K 124 -6.23 0.34 -183.04
C ASN K 124 -4.73 0.60 -182.97
N VAL K 125 -4.04 -0.28 -182.25
CA VAL K 125 -2.57 -0.25 -182.09
C VAL K 125 -2.22 1.07 -181.39
N THR K 126 -1.32 1.88 -181.94
CA THR K 126 -0.89 3.15 -181.34
C THR K 126 -0.28 2.83 -179.97
N SER K 127 -0.64 3.55 -178.91
CA SER K 127 -0.19 3.29 -177.54
C SER K 127 1.30 3.59 -177.37
N ILE K 128 1.74 3.76 -176.13
CA ILE K 128 3.14 4.05 -175.83
C ILE K 128 3.66 3.21 -174.67
N ALA K 129 3.19 1.96 -174.56
CA ALA K 129 3.64 1.01 -173.55
C ALA K 129 3.30 1.48 -172.14
N TYR K 130 3.97 2.53 -171.67
CA TYR K 130 3.76 3.04 -170.32
C TYR K 130 3.71 4.56 -170.35
N VAL K 131 2.63 5.14 -169.83
CA VAL K 131 2.49 6.58 -169.76
C VAL K 131 2.82 7.08 -168.36
N TYR K 132 2.15 6.51 -167.36
CA TYR K 132 2.38 6.87 -165.96
C TYR K 132 2.42 5.60 -165.12
N THR K 133 3.32 5.58 -164.13
CA THR K 133 3.48 4.43 -163.25
C THR K 133 2.92 4.79 -161.87
N PHE K 134 1.76 4.22 -161.55
CA PHE K 134 1.13 4.49 -160.27
C PHE K 134 1.77 3.65 -159.17
N VAL K 135 1.43 3.98 -157.93
CA VAL K 135 1.95 3.23 -156.79
C VAL K 135 1.39 1.81 -156.78
N THR K 136 2.23 0.87 -156.34
CA THR K 136 1.83 -0.52 -156.30
C THR K 136 1.01 -0.82 -155.05
N ALA K 137 0.20 -1.88 -155.14
CA ALA K 137 -0.63 -2.34 -154.04
C ALA K 137 -0.30 -3.80 -153.76
N PHE K 138 0.11 -4.09 -152.52
CA PHE K 138 0.47 -5.45 -152.17
C PHE K 138 -0.75 -6.36 -152.07
N GLY K 139 -1.81 -5.88 -151.42
CA GLY K 139 -3.04 -6.67 -151.18
C GLY K 139 -2.61 -7.95 -150.46
N GLU K 140 -3.00 -9.13 -150.95
CA GLU K 140 -2.55 -10.39 -150.36
C GLU K 140 -1.34 -10.98 -151.07
N GLU K 141 -1.26 -10.85 -152.39
CA GLU K 141 -0.12 -11.32 -153.17
C GLU K 141 0.50 -10.13 -153.89
N SER K 142 1.81 -9.96 -153.71
CA SER K 142 2.54 -8.85 -154.29
C SER K 142 3.69 -9.37 -155.15
N GLU K 143 4.04 -8.59 -156.18
CA GLU K 143 5.09 -8.94 -157.12
C GLU K 143 4.78 -10.23 -157.87
N PRO K 144 3.49 -10.60 -157.88
CA PRO K 144 3.03 -11.77 -158.61
C PRO K 144 2.04 -11.36 -159.69
N SER K 145 1.02 -10.59 -159.29
CA SER K 145 0.03 -10.11 -160.24
C SER K 145 0.25 -8.62 -160.53
N ALA K 146 -0.35 -8.16 -161.62
CA ALA K 146 -0.26 -6.77 -162.04
C ALA K 146 -1.66 -6.23 -162.34
N LEU K 147 -1.82 -4.92 -162.18
CA LEU K 147 -3.08 -4.26 -162.43
C LEU K 147 -2.86 -3.09 -163.38
N SER K 148 -3.74 -2.93 -164.36
CA SER K 148 -3.67 -1.86 -165.33
C SER K 148 -5.02 -1.15 -165.42
N ASN K 149 -4.97 0.17 -165.46
CA ASN K 149 -6.17 1.00 -165.56
C ASN K 149 -5.96 2.08 -166.62
N VAL K 150 -7.05 2.44 -167.29
CA VAL K 150 -7.04 3.46 -168.32
C VAL K 150 -7.75 4.70 -167.77
N ALA K 151 -6.97 5.75 -167.50
CA ALA K 151 -7.52 6.99 -166.96
C ALA K 151 -7.83 7.99 -168.08
N GLY K 152 -8.72 7.56 -168.96
CA GLY K 152 -9.13 8.42 -170.08
C GLY K 152 -9.93 9.61 -169.56
N TRP K 153 -9.64 10.79 -170.15
CA TRP K 153 -10.31 12.04 -169.78
C TRP K 153 -10.18 12.32 -168.28
N GLN K 154 -8.99 12.06 -167.73
CA GLN K 154 -8.74 12.28 -166.32
C GLN K 154 -7.36 12.90 -166.10
N ALA K 197 -15.36 3.09 -167.68
CA ALA K 197 -14.67 2.01 -166.98
C ALA K 197 -14.62 0.75 -167.84
N ALA K 198 -15.67 0.53 -168.62
CA ALA K 198 -15.76 -0.63 -169.50
C ALA K 198 -15.57 -0.18 -170.94
N SER K 199 -14.56 -0.75 -171.60
CA SER K 199 -14.23 -0.41 -172.97
C SER K 199 -13.30 -1.49 -173.52
N ALA K 200 -12.74 -1.23 -174.70
CA ALA K 200 -11.78 -2.15 -175.29
C ALA K 200 -10.57 -2.30 -174.38
N ALA K 201 -10.19 -3.55 -174.11
CA ALA K 201 -9.05 -3.81 -173.23
C ALA K 201 -7.75 -3.32 -173.85
N ASN K 202 -7.59 -3.49 -175.16
CA ASN K 202 -6.42 -3.04 -175.91
C ASN K 202 -5.17 -3.80 -175.47
N PHE K 203 -4.01 -3.38 -175.98
CA PHE K 203 -2.77 -4.05 -175.64
C PHE K 203 -2.36 -3.78 -174.19
N VAL K 204 -1.56 -4.68 -173.65
CA VAL K 204 -1.11 -4.59 -172.27
C VAL K 204 0.29 -5.20 -172.16
N ASP K 205 1.00 -4.81 -171.11
CA ASP K 205 2.34 -5.32 -170.88
C ASP K 205 2.30 -6.81 -170.54
N THR K 206 3.25 -7.55 -171.08
CA THR K 206 3.33 -9.00 -170.90
C THR K 206 4.44 -9.43 -169.95
N HIS K 207 4.93 -8.52 -169.10
CA HIS K 207 6.00 -8.89 -168.18
C HIS K 207 5.54 -9.96 -167.20
N ALA K 208 4.32 -9.82 -166.67
CA ALA K 208 3.76 -10.78 -165.73
C ALA K 208 2.26 -10.82 -165.90
N THR K 209 1.61 -11.63 -165.06
CA THR K 209 0.15 -11.71 -165.07
C THR K 209 -0.46 -10.35 -164.74
N ASN K 210 -1.43 -9.94 -165.54
CA ASN K 210 -2.03 -8.62 -165.42
C ASN K 210 -3.55 -8.75 -165.35
N ASP K 211 -4.18 -7.74 -164.74
CA ASP K 211 -5.62 -7.65 -164.62
C ASP K 211 -6.09 -6.30 -165.14
N PHE K 212 -7.19 -6.32 -165.89
CA PHE K 212 -7.75 -5.11 -166.48
C PHE K 212 -8.92 -4.65 -165.62
N GLY K 213 -8.61 -3.86 -164.59
CA GLY K 213 -9.62 -3.32 -163.69
C GLY K 213 -9.60 -1.80 -163.78
N GLU K 214 -10.79 -1.21 -163.85
CA GLU K 214 -10.94 0.24 -164.03
C GLU K 214 -11.70 0.80 -162.83
N MET K 215 -10.96 1.15 -161.79
CA MET K 215 -11.49 1.77 -160.59
C MET K 215 -10.63 2.98 -160.22
N LEU K 216 -11.14 3.80 -159.31
CA LEU K 216 -10.39 4.95 -158.83
C LEU K 216 -9.03 4.51 -158.30
N PRO K 217 -7.97 4.91 -158.99
CA PRO K 217 -6.63 4.46 -158.64
C PRO K 217 -6.18 5.08 -157.32
N SER K 218 -5.67 4.23 -156.42
CA SER K 218 -5.17 4.68 -155.13
C SER K 218 -3.69 5.02 -155.30
N LEU K 219 -3.43 6.17 -155.90
CA LEU K 219 -2.06 6.61 -156.16
C LEU K 219 -1.42 7.30 -154.95
N GLU K 220 -2.20 7.56 -153.90
CA GLU K 220 -1.65 8.20 -152.70
C GLU K 220 -0.77 7.26 -151.89
N TYR K 221 -0.76 5.97 -152.21
CA TYR K 221 0.13 5.04 -151.52
C TYR K 221 1.57 5.41 -151.80
N ASN K 222 2.43 5.25 -150.78
CA ASN K 222 3.84 5.55 -150.91
C ASN K 222 4.67 4.45 -150.27
N ALA K 223 5.84 4.21 -150.86
CA ALA K 223 6.75 3.23 -150.29
C ALA K 223 7.29 3.74 -148.95
N PRO K 224 7.28 2.88 -147.92
CA PRO K 224 7.80 3.28 -146.60
C PRO K 224 9.24 3.75 -146.70
N PRO K 225 9.50 5.01 -146.39
CA PRO K 225 10.88 5.52 -146.44
C PRO K 225 11.75 4.84 -145.39
N ASP K 226 13.03 4.70 -145.73
CA ASP K 226 13.98 4.11 -144.79
C ASP K 226 14.22 5.06 -143.62
N GLY K 227 14.56 4.48 -142.47
CA GLY K 227 14.75 5.24 -141.26
C GLY K 227 13.59 5.22 -140.30
N LEU K 228 12.46 4.64 -140.69
CA LEU K 228 11.33 4.52 -139.78
C LEU K 228 11.66 3.50 -138.70
N LYS K 229 11.46 3.89 -137.44
CA LYS K 229 11.94 3.09 -136.31
C LYS K 229 10.81 2.50 -135.47
N GLY K 230 9.90 3.32 -134.95
CA GLY K 230 8.89 2.86 -134.03
C GLY K 230 7.53 2.71 -134.68
N LEU K 231 6.97 1.50 -134.57
CA LEU K 231 5.68 1.18 -135.16
C LEU K 231 4.73 0.71 -134.08
N ILE K 232 3.55 1.33 -134.00
CA ILE K 232 2.53 0.96 -133.03
C ILE K 232 1.19 0.90 -133.75
N SER K 233 0.28 0.11 -133.16
CA SER K 233 -1.06 -0.01 -133.71
C SER K 233 -1.97 1.02 -133.08
N LEU K 234 -3.04 1.39 -133.76
CA LEU K 234 -3.93 2.45 -133.32
C LEU K 234 -5.39 1.99 -133.33
N PRO K 235 -6.28 2.67 -132.59
CA PRO K 235 -7.66 2.20 -132.47
C PRO K 235 -8.41 2.05 -133.77
N ASN K 236 -8.60 3.16 -134.49
CA ASN K 236 -9.51 3.17 -135.64
C ASN K 236 -8.99 2.29 -136.77
N GLY K 237 -7.73 1.88 -136.69
CA GLY K 237 -7.11 1.05 -137.71
C GLY K 237 -6.16 1.88 -138.53
N MET K 238 -4.88 1.80 -138.18
CA MET K 238 -3.81 2.55 -138.84
C MET K 238 -2.53 2.20 -138.08
N MET K 239 -1.40 2.61 -138.64
CA MET K 239 -0.12 2.45 -137.99
C MET K 239 0.59 3.80 -137.91
N ALA K 240 1.33 3.99 -136.82
CA ALA K 240 2.07 5.22 -136.59
C ALA K 240 3.56 4.93 -136.60
N ALA K 241 4.28 5.70 -137.39
CA ALA K 241 5.72 5.56 -137.50
C ALA K 241 6.33 6.96 -137.51
N PHE K 242 7.58 7.05 -137.04
CA PHE K 242 8.28 8.31 -136.99
C PHE K 242 9.64 8.18 -137.67
N THR K 243 9.99 9.19 -138.45
CA THR K 243 11.34 9.36 -138.96
C THR K 243 12.19 10.01 -137.86
N GLY K 244 13.34 10.57 -138.22
CA GLY K 244 14.17 11.24 -137.22
C GLY K 244 13.42 12.33 -136.50
N LYS K 245 12.61 13.10 -137.23
CA LYS K 245 11.86 14.19 -136.64
C LYS K 245 10.39 14.25 -137.05
N ASP K 246 9.99 13.51 -138.08
CA ASP K 246 8.62 13.55 -138.59
C ASP K 246 7.93 12.21 -138.32
N LEU K 247 6.67 12.28 -137.90
CA LEU K 247 5.86 11.07 -137.75
C LEU K 247 5.12 10.79 -139.05
N TYR K 248 5.02 9.51 -139.40
CA TYR K 248 4.36 9.08 -140.63
C TYR K 248 3.12 8.28 -140.26
N PHE K 249 2.03 8.52 -140.99
CA PHE K 249 0.77 7.81 -140.81
C PHE K 249 0.50 6.95 -142.02
N CYS K 250 0.23 5.67 -141.80
CA CYS K 250 -0.02 4.74 -142.89
C CYS K 250 -1.47 4.84 -143.34
N GLU K 251 -1.77 4.17 -144.46
CA GLU K 251 -3.13 4.05 -144.91
C GLU K 251 -3.96 3.30 -143.87
N PRO K 252 -5.19 3.75 -143.59
CA PRO K 252 -5.95 3.17 -142.47
C PRO K 252 -5.99 1.65 -142.45
N PHE K 253 -6.47 1.01 -143.52
CA PHE K 253 -6.57 -0.44 -143.54
C PHE K 253 -5.55 -1.08 -144.48
N ILE K 254 -4.65 -0.30 -145.06
CA ILE K 254 -3.59 -0.80 -145.93
C ILE K 254 -2.25 -0.54 -145.23
N PRO K 255 -1.60 -1.58 -144.70
CA PRO K 255 -0.37 -1.32 -143.91
C PRO K 255 0.80 -0.84 -144.73
N HIS K 256 1.01 -1.38 -145.93
CA HIS K 256 2.23 -1.09 -146.67
C HIS K 256 2.26 0.37 -147.14
N ALA K 257 1.10 0.96 -147.37
CA ALA K 257 1.05 2.35 -147.82
C ALA K 257 1.39 3.31 -146.68
N TRP K 258 2.28 4.26 -146.98
CA TRP K 258 2.69 5.30 -146.03
C TRP K 258 2.65 6.64 -146.73
N PRO K 259 1.46 7.23 -146.89
CA PRO K 259 1.33 8.45 -147.69
C PRO K 259 2.14 9.60 -147.14
N GLU K 260 2.68 10.42 -148.04
CA GLU K 260 3.43 11.60 -147.63
C GLU K 260 2.52 12.72 -147.13
N LYS K 261 1.28 12.76 -147.59
CA LYS K 261 0.35 13.79 -147.11
C LYS K 261 -0.16 13.47 -145.72
N TYR K 262 -0.01 12.21 -145.29
CA TYR K 262 -0.40 11.81 -143.94
C TYR K 262 0.63 12.19 -142.88
N ILE K 263 1.84 12.61 -143.29
CA ILE K 263 2.90 12.81 -142.32
C ILE K 263 2.67 14.07 -141.51
N LEU K 264 3.10 14.04 -140.25
CA LEU K 264 3.06 15.19 -139.36
C LEU K 264 4.48 15.44 -138.85
N THR K 265 4.89 16.72 -138.85
CA THR K 265 6.22 17.10 -138.41
C THR K 265 6.15 17.72 -137.02
N MET K 266 6.99 17.24 -136.11
CA MET K 266 7.02 17.70 -134.73
C MET K 266 8.36 18.35 -134.42
N ASP K 267 8.35 19.29 -133.48
CA ASP K 267 9.59 19.84 -132.96
C ASP K 267 10.33 18.78 -132.17
N TYR K 268 11.66 18.88 -132.15
CA TYR K 268 12.53 17.96 -131.43
C TYR K 268 12.51 16.57 -132.06
N GLN K 269 13.48 15.73 -131.70
CA GLN K 269 13.48 14.35 -132.15
C GLN K 269 12.30 13.60 -131.54
N ILE K 270 11.99 12.43 -132.09
CA ILE K 270 10.93 11.57 -131.57
C ILE K 270 11.58 10.28 -131.11
N VAL K 271 11.30 9.89 -129.86
CA VAL K 271 11.96 8.74 -129.25
C VAL K 271 11.11 7.49 -129.43
N ALA K 272 9.86 7.54 -129.01
CA ALA K 272 8.96 6.39 -129.12
C ALA K 272 7.53 6.89 -129.17
N LEU K 273 6.61 5.97 -129.40
CA LEU K 273 5.19 6.28 -129.54
C LEU K 273 4.35 5.41 -128.62
N GLY K 274 3.37 6.04 -127.98
CA GLY K 274 2.41 5.31 -127.17
C GLY K 274 1.03 5.89 -127.37
N ALA K 275 0.02 5.05 -127.13
CA ALA K 275 -1.37 5.41 -127.35
C ALA K 275 -2.22 5.05 -126.14
N TYR K 276 -3.04 6.01 -125.70
CA TYR K 276 -4.11 5.74 -124.75
C TYR K 276 -5.41 6.23 -125.39
N GLY K 277 -6.45 5.40 -125.35
CA GLY K 277 -7.66 5.76 -126.04
C GLY K 277 -7.39 5.98 -127.52
N THR K 278 -7.98 7.05 -128.07
CA THR K 278 -7.79 7.35 -129.48
C THR K 278 -6.54 8.20 -129.71
N THR K 279 -6.08 8.93 -128.69
CA THR K 279 -5.01 9.90 -128.84
C THR K 279 -3.65 9.24 -128.72
N ILE K 280 -2.70 9.71 -129.51
CA ILE K 280 -1.33 9.19 -129.48
C ILE K 280 -0.50 10.06 -128.54
N VAL K 281 0.53 9.46 -127.94
CA VAL K 281 1.54 10.17 -127.17
C VAL K 281 2.81 10.25 -128.01
N VAL K 282 3.11 11.43 -128.53
CA VAL K 282 4.32 11.66 -129.31
C VAL K 282 5.43 12.01 -128.33
N MET K 283 6.29 11.04 -128.06
CA MET K 283 7.29 11.16 -127.02
C MET K 283 8.59 11.68 -127.62
N THR K 284 8.96 12.90 -127.24
CA THR K 284 10.01 13.63 -127.93
C THR K 284 11.15 13.92 -126.97
N GLU K 285 12.30 14.28 -127.55
CA GLU K 285 13.42 14.77 -126.77
C GLU K 285 13.13 16.11 -126.11
N GLY K 286 12.08 16.80 -126.55
CA GLY K 286 11.68 18.06 -125.93
C GLY K 286 10.36 17.96 -125.20
N LEU K 287 9.34 18.62 -125.75
CA LEU K 287 8.01 18.63 -125.13
C LEU K 287 7.19 17.48 -125.67
N PRO K 288 6.66 16.61 -124.81
CA PRO K 288 5.76 15.56 -125.29
C PRO K 288 4.53 16.16 -125.95
N TYR K 289 4.07 15.50 -127.02
CA TYR K 289 2.94 15.98 -127.80
C TYR K 289 1.86 14.90 -127.86
N ILE K 290 0.61 15.34 -127.79
CA ILE K 290 -0.55 14.44 -127.83
C ILE K 290 -1.29 14.67 -129.14
N VAL K 291 -1.30 13.67 -130.00
CA VAL K 291 -2.04 13.75 -131.26
C VAL K 291 -3.39 13.07 -131.09
N SER K 292 -4.46 13.84 -131.24
CA SER K 292 -5.82 13.33 -131.12
C SER K 292 -6.44 13.30 -132.52
N GLY K 293 -7.00 12.15 -132.89
CA GLY K 293 -7.56 12.01 -134.22
C GLY K 293 -8.52 10.86 -134.41
N THR K 294 -9.62 11.13 -135.12
CA THR K 294 -10.52 10.04 -135.52
C THR K 294 -10.05 9.41 -136.82
N ALA K 295 -9.13 10.06 -137.52
CA ALA K 295 -8.63 9.58 -138.81
C ALA K 295 -7.24 10.18 -139.09
N PRO K 296 -6.43 9.54 -139.92
CA PRO K 296 -5.08 10.09 -140.19
C PRO K 296 -5.10 11.49 -140.78
N GLU K 297 -6.09 11.81 -141.61
CA GLU K 297 -6.22 13.17 -142.12
C GLU K 297 -6.60 14.13 -141.01
N ASN K 298 -7.51 13.72 -140.13
CA ASN K 298 -7.96 14.56 -139.01
C ASN K 298 -7.04 14.30 -137.81
N MET K 299 -5.86 14.91 -137.87
CA MET K 299 -4.86 14.80 -136.81
C MET K 299 -4.56 16.19 -136.28
N GLN K 300 -4.60 16.33 -134.95
CA GLN K 300 -4.28 17.59 -134.30
C GLN K 300 -3.44 17.31 -133.05
N GLN K 301 -2.14 17.54 -133.16
CA GLN K 301 -1.25 17.40 -132.02
C GLN K 301 -1.52 18.47 -130.97
N GLN K 302 -1.36 18.09 -129.70
CA GLN K 302 -1.68 18.96 -128.58
C GLN K 302 -0.56 18.90 -127.54
N ARG K 303 -0.26 20.03 -126.92
CA ARG K 303 0.68 20.07 -125.81
C ARG K 303 0.12 19.31 -124.61
N VAL K 304 1.03 18.74 -123.83
CA VAL K 304 0.66 17.94 -122.66
C VAL K 304 1.04 18.72 -121.41
N GLU K 305 0.47 18.30 -120.27
CA GLU K 305 0.55 19.11 -119.06
C GLU K 305 1.93 19.04 -118.42
N LEU K 306 2.80 18.17 -118.90
CA LEU K 306 4.15 18.06 -118.36
C LEU K 306 5.18 18.19 -119.47
N ASN K 307 6.28 18.88 -119.16
CA ASN K 307 7.36 19.11 -120.11
C ASN K 307 8.57 18.31 -119.64
N LEU K 308 8.61 17.04 -120.01
CA LEU K 308 9.69 16.13 -119.64
C LEU K 308 10.15 15.37 -120.87
N PRO K 309 11.45 15.32 -121.14
CA PRO K 309 11.93 14.57 -122.30
C PRO K 309 11.86 13.08 -122.08
N CYS K 310 11.88 12.33 -123.18
CA CYS K 310 11.92 10.87 -123.14
C CYS K 310 13.36 10.45 -123.38
N ILE K 311 14.01 9.93 -122.33
CA ILE K 311 15.43 9.59 -122.44
C ILE K 311 15.61 8.23 -123.10
N ASN K 312 14.90 7.22 -122.63
CA ASN K 312 15.06 5.85 -123.12
C ASN K 312 13.86 5.49 -123.98
N ALA K 313 14.13 4.98 -125.18
CA ALA K 313 13.05 4.47 -126.03
C ALA K 313 12.53 3.14 -125.51
N ARG K 314 13.44 2.26 -125.07
CA ARG K 314 13.05 0.95 -124.57
C ARG K 314 12.29 1.04 -123.25
N GLY K 315 12.53 2.08 -122.46
CA GLY K 315 11.83 2.21 -121.19
C GLY K 315 10.35 2.45 -121.36
N VAL K 316 9.93 2.83 -122.56
CA VAL K 316 8.51 3.00 -122.84
C VAL K 316 7.80 1.66 -122.78
N ILE K 317 6.75 1.59 -121.98
CA ILE K 317 5.90 0.41 -121.89
C ILE K 317 4.45 0.87 -121.86
N ASP K 318 3.62 0.23 -122.68
CA ASP K 318 2.17 0.46 -122.66
C ASP K 318 1.59 -0.33 -121.50
N LEU K 319 1.54 0.29 -120.32
CA LEU K 319 1.08 -0.38 -119.11
C LEU K 319 -0.39 -0.76 -119.17
N GLY K 320 -1.09 -0.44 -120.25
CA GLY K 320 -2.51 -0.68 -120.37
C GLY K 320 -3.38 0.48 -119.91
N TYR K 321 -3.07 1.06 -118.76
CA TYR K 321 -3.80 2.23 -118.27
C TYR K 321 -3.08 3.54 -118.51
N SER K 322 -1.79 3.51 -118.83
CA SER K 322 -1.02 4.72 -119.10
C SER K 322 0.18 4.33 -119.96
N VAL K 323 0.85 5.33 -120.51
CA VAL K 323 2.08 5.14 -121.27
C VAL K 323 3.21 5.76 -120.46
N ALA K 324 4.06 4.92 -119.89
CA ALA K 324 5.12 5.34 -118.98
C ALA K 324 6.46 5.32 -119.70
N TYR K 325 7.15 6.45 -119.68
CA TYR K 325 8.47 6.57 -120.29
C TYR K 325 9.42 7.17 -119.26
N PRO K 326 10.59 6.58 -119.05
CA PRO K 326 11.56 7.17 -118.12
C PRO K 326 11.99 8.55 -118.59
N SER K 327 12.19 9.45 -117.65
CA SER K 327 12.67 10.79 -117.92
C SER K 327 13.76 11.14 -116.91
N HIS K 328 14.51 12.20 -117.21
CA HIS K 328 15.56 12.62 -116.29
C HIS K 328 14.99 13.04 -114.95
N ASP K 329 13.85 13.74 -114.96
CA ASP K 329 13.20 14.08 -113.69
C ASP K 329 12.67 12.83 -113.00
N GLY K 330 12.08 11.90 -113.75
CA GLY K 330 11.59 10.67 -113.17
C GLY K 330 10.61 10.00 -114.11
N LEU K 331 10.25 8.76 -113.77
CA LEU K 331 9.25 8.04 -114.54
C LEU K 331 7.91 8.74 -114.44
N VAL K 332 7.26 8.94 -115.58
CA VAL K 332 6.00 9.68 -115.66
C VAL K 332 5.06 8.91 -116.57
N MET K 333 3.78 8.85 -116.19
CA MET K 333 2.79 8.07 -116.91
C MET K 333 1.82 8.99 -117.63
N ALA K 334 1.50 8.67 -118.88
CA ALA K 334 0.56 9.43 -119.68
C ALA K 334 -0.74 8.65 -119.81
N GLY K 335 -1.83 9.21 -119.30
CA GLY K 335 -3.11 8.54 -119.34
C GLY K 335 -4.23 9.50 -119.66
N SER K 336 -5.44 8.93 -119.78
CA SER K 336 -6.60 9.73 -120.12
C SER K 336 -6.93 10.74 -119.01
N ASN K 337 -6.83 10.30 -117.75
CA ASN K 337 -7.17 11.18 -116.64
C ASN K 337 -6.24 12.39 -116.56
N GLY K 338 -4.95 12.16 -116.77
CA GLY K 338 -4.00 13.25 -116.64
C GLY K 338 -2.58 12.75 -116.84
N MET K 339 -1.63 13.62 -116.51
CA MET K 339 -0.21 13.38 -116.74
C MET K 339 0.49 13.56 -115.40
N GLN K 340 1.02 12.47 -114.84
CA GLN K 340 1.53 12.52 -113.47
C GLN K 340 2.88 11.83 -113.36
N VAL K 341 3.80 12.45 -112.62
CA VAL K 341 5.11 11.88 -112.33
C VAL K 341 4.93 11.00 -111.09
N ILE K 342 4.87 9.69 -111.30
CA ILE K 342 4.64 8.76 -110.20
C ILE K 342 5.81 8.79 -109.22
N THR K 343 7.04 8.80 -109.74
CA THR K 343 8.22 8.73 -108.88
C THR K 343 8.39 9.96 -108.01
N GLU K 344 7.93 11.13 -108.45
CA GLU K 344 8.05 12.34 -107.62
C GLU K 344 7.37 12.14 -106.27
N GLN K 345 6.31 11.32 -106.24
CA GLN K 345 5.66 11.01 -104.97
C GLN K 345 6.52 10.07 -104.12
N LEU K 346 7.19 9.11 -104.76
CA LEU K 346 7.77 7.98 -104.04
C LEU K 346 9.28 7.87 -104.14
N MET K 347 9.93 8.68 -104.98
CA MET K 347 11.38 8.58 -105.09
C MET K 347 11.97 9.95 -105.38
N THR K 348 13.23 10.13 -105.02
CA THR K 348 13.86 11.44 -105.14
C THR K 348 14.44 11.64 -106.53
N ARG K 349 14.78 12.90 -106.81
CA ARG K 349 15.48 13.23 -108.05
C ARG K 349 16.85 12.57 -108.08
N ASN K 350 17.55 12.60 -106.95
CA ASN K 350 18.88 12.01 -106.85
C ASN K 350 18.84 10.51 -107.08
N ASP K 351 17.87 9.82 -106.49
CA ASP K 351 17.79 8.37 -106.66
C ASP K 351 17.49 7.99 -108.10
N TRP K 352 16.64 8.76 -108.76
CA TRP K 352 16.34 8.46 -110.14
C TRP K 352 17.57 8.69 -111.01
N MET K 353 18.29 9.78 -110.76
CA MET K 353 19.53 9.98 -111.51
C MET K 353 20.52 8.83 -111.26
N LYS K 354 20.66 8.41 -110.01
CA LYS K 354 21.58 7.32 -109.71
C LYS K 354 21.13 6.00 -110.30
N THR K 355 19.81 5.76 -110.35
CA THR K 355 19.31 4.58 -111.02
C THR K 355 19.69 4.58 -112.49
N GLY K 356 19.47 5.70 -113.17
CA GLY K 356 19.92 5.89 -114.53
C GLY K 356 18.80 5.67 -115.52
N PRO K 357 18.18 6.76 -116.00
CA PRO K 357 17.06 6.63 -116.94
C PRO K 357 17.50 6.34 -118.37
N GLY K 358 18.80 6.45 -118.67
CA GLY K 358 19.25 6.25 -120.04
C GLY K 358 19.10 4.81 -120.50
N ASN K 359 19.33 3.86 -119.61
CA ASN K 359 19.35 2.44 -119.97
C ASN K 359 18.41 1.64 -119.07
N ILE K 360 17.18 2.12 -118.90
CA ILE K 360 16.16 1.42 -118.13
C ILE K 360 15.46 0.43 -119.07
N VAL K 361 15.53 -0.85 -118.73
CA VAL K 361 14.74 -1.85 -119.44
C VAL K 361 13.35 -1.90 -118.84
N GLY K 362 12.34 -1.71 -119.69
CA GLY K 362 10.98 -1.61 -119.23
C GLY K 362 10.17 -2.84 -119.58
N GLY K 363 9.21 -3.13 -118.71
CA GLY K 363 8.32 -4.27 -118.90
C GLY K 363 7.07 -4.12 -118.05
N GLN K 364 6.05 -4.90 -118.42
CA GLN K 364 4.76 -4.85 -117.74
C GLN K 364 4.37 -6.24 -117.27
N PHE K 365 3.98 -6.35 -116.01
CA PHE K 365 3.44 -7.58 -115.45
C PHE K 365 2.32 -7.22 -114.49
N ASN K 366 1.11 -7.69 -114.79
CA ASN K 366 -0.07 -7.42 -113.97
C ASN K 366 -0.25 -5.92 -113.73
N GLY K 367 -0.02 -5.15 -114.79
CA GLY K 367 -0.15 -3.70 -114.70
C GLY K 367 0.94 -3.04 -113.88
N ARG K 368 2.08 -3.70 -113.71
CA ARG K 368 3.19 -3.18 -112.92
C ARG K 368 4.36 -2.93 -113.85
N TYR K 369 4.97 -1.75 -113.73
CA TYR K 369 6.09 -1.36 -114.58
C TYR K 369 7.36 -1.98 -114.03
N PHE K 370 7.96 -2.89 -114.80
CA PHE K 370 9.20 -3.55 -114.43
C PHE K 370 10.37 -2.79 -115.02
N ALA K 371 11.18 -2.17 -114.16
CA ALA K 371 12.35 -1.42 -114.58
C ALA K 371 13.60 -2.16 -114.11
N SER K 372 14.46 -2.53 -115.07
CA SER K 372 15.72 -3.20 -114.77
C SER K 372 16.85 -2.18 -114.89
N TYR K 373 17.61 -2.02 -113.82
CA TYR K 373 18.68 -1.03 -113.76
C TYR K 373 19.99 -1.73 -113.45
N GLU K 374 21.04 -1.33 -114.17
CA GLU K 374 22.40 -1.83 -113.94
C GLU K 374 23.35 -0.64 -114.04
N TYR K 375 23.67 -0.05 -112.90
CA TYR K 375 24.52 1.13 -112.86
C TYR K 375 25.66 0.89 -111.88
N ILE K 376 26.77 1.61 -112.10
CA ILE K 376 27.97 1.44 -111.29
C ILE K 376 28.11 2.66 -110.38
N GLU K 377 28.10 2.41 -109.09
CA GLU K 377 28.43 3.44 -108.11
C GLU K 377 29.89 3.85 -108.27
N PRO K 378 30.23 5.11 -108.02
CA PRO K 378 31.65 5.51 -108.06
C PRO K 378 32.50 4.64 -107.15
N SER K 379 33.80 4.59 -107.46
CA SER K 379 34.79 3.77 -106.77
C SER K 379 34.59 2.30 -107.05
N GLY K 380 33.85 1.97 -108.11
CA GLY K 380 33.80 0.61 -108.62
C GLY K 380 32.75 -0.29 -108.01
N ALA K 381 31.67 0.25 -107.46
CA ALA K 381 30.59 -0.56 -106.93
C ALA K 381 29.47 -0.63 -107.96
N ALA K 382 29.02 -1.83 -108.27
CA ALA K 382 28.02 -2.06 -109.30
C ALA K 382 26.72 -2.54 -108.68
N PHE K 383 25.61 -1.89 -109.04
CA PHE K 383 24.29 -2.29 -108.60
C PHE K 383 23.46 -2.74 -109.79
N SER K 384 22.92 -3.95 -109.72
CA SER K 384 22.04 -4.50 -110.73
C SER K 384 20.78 -5.04 -110.06
N GLY K 385 19.62 -4.67 -110.59
CA GLY K 385 18.37 -5.13 -109.99
C GLY K 385 17.19 -4.71 -110.84
N THR K 386 16.01 -5.12 -110.37
CA THR K 386 14.76 -4.80 -111.03
C THR K 386 13.88 -3.99 -110.08
N LEU K 387 13.38 -2.85 -110.57
CA LEU K 387 12.54 -1.96 -109.77
C LEU K 387 11.11 -2.05 -110.33
N ILE K 388 10.21 -2.61 -109.53
CA ILE K 388 8.81 -2.73 -109.92
C ILE K 388 8.03 -1.57 -109.32
N PHE K 389 7.29 -0.85 -110.17
CA PHE K 389 6.48 0.29 -109.74
C PHE K 389 5.01 -0.11 -109.82
N ASP K 390 4.34 -0.12 -108.67
CA ASP K 390 2.90 -0.38 -108.60
C ASP K 390 2.22 0.87 -108.04
N THR K 391 1.29 1.43 -108.81
CA THR K 391 0.55 2.60 -108.34
C THR K 391 -0.81 2.21 -107.78
N THR K 392 -1.26 1.00 -108.08
CA THR K 392 -2.54 0.54 -107.56
C THR K 392 -2.45 0.34 -106.05
N GLY K 393 -3.39 0.91 -105.32
CA GLY K 393 -3.40 0.80 -103.88
C GLY K 393 -3.64 2.16 -103.26
N ALA K 394 -3.60 2.18 -101.92
CA ALA K 394 -3.76 3.43 -101.19
C ALA K 394 -2.63 4.41 -101.51
N ALA K 395 -1.39 3.92 -101.51
CA ALA K 395 -0.22 4.71 -101.84
C ALA K 395 0.73 3.86 -102.67
N PRO K 396 1.29 4.42 -103.73
CA PRO K 396 2.26 3.65 -104.53
C PRO K 396 3.56 3.44 -103.79
N PHE K 397 4.23 2.34 -104.13
CA PHE K 397 5.50 1.99 -103.52
C PHE K 397 6.34 1.19 -104.52
N ILE K 398 7.62 1.06 -104.22
CA ILE K 398 8.57 0.35 -105.08
C ILE K 398 8.78 -1.04 -104.47
N ILE K 399 8.61 -2.07 -105.30
CA ILE K 399 8.95 -3.43 -104.93
C ILE K 399 10.22 -3.80 -105.69
N ARG K 400 11.32 -3.97 -104.97
CA ARG K 400 12.59 -4.22 -105.62
C ARG K 400 12.77 -5.72 -105.91
N SER K 401 13.61 -5.99 -106.90
CA SER K 401 13.98 -7.35 -107.25
C SER K 401 15.44 -7.34 -107.72
N ASN K 402 16.05 -8.51 -107.73
CA ASN K 402 17.48 -8.64 -108.01
C ASN K 402 17.70 -9.64 -109.15
N HIS K 403 16.92 -9.46 -110.22
CA HIS K 403 17.07 -10.24 -111.45
C HIS K 403 17.36 -9.27 -112.58
N LYS K 404 18.63 -9.07 -112.89
CA LYS K 404 19.01 -8.26 -114.04
C LYS K 404 18.62 -8.96 -115.33
N ALA K 405 18.09 -8.19 -116.29
CA ALA K 405 17.64 -8.73 -117.56
C ALA K 405 18.05 -7.79 -118.68
N ASP K 406 18.50 -8.35 -119.80
CA ASP K 406 18.90 -7.54 -120.94
C ASP K 406 17.68 -6.95 -121.65
N ALA K 407 16.58 -7.70 -121.71
CA ALA K 407 15.39 -7.23 -122.39
C ALA K 407 14.16 -7.85 -121.75
N PHE K 408 13.01 -7.19 -121.93
CA PHE K 408 11.73 -7.64 -121.43
C PHE K 408 10.77 -7.89 -122.57
N PHE K 409 9.85 -8.83 -122.36
CA PHE K 409 8.75 -9.06 -123.30
C PHE K 409 7.54 -9.55 -122.51
N HIS K 410 6.41 -8.89 -122.69
CA HIS K 410 5.16 -9.28 -122.07
C HIS K 410 4.26 -9.93 -123.10
N GLU K 411 4.20 -11.26 -123.07
CA GLU K 411 3.32 -12.01 -123.97
C GLU K 411 1.88 -11.68 -123.58
N LEU K 412 1.22 -10.88 -124.41
CA LEU K 412 -0.08 -10.35 -124.03
C LEU K 412 -1.14 -11.45 -123.97
N GLN K 413 -1.06 -12.43 -124.88
CA GLN K 413 -2.08 -13.48 -124.92
C GLN K 413 -2.11 -14.28 -123.62
N THR K 414 -0.94 -14.66 -123.11
CA THR K 414 -0.82 -15.31 -121.81
C THR K 414 0.10 -14.46 -120.95
N GLY K 415 -0.49 -13.65 -120.08
CA GLY K 415 0.27 -12.66 -119.32
C GLY K 415 1.37 -13.25 -118.47
N ALA K 416 2.61 -13.06 -118.91
CA ALA K 416 3.80 -13.50 -118.19
C ALA K 416 5.01 -12.85 -118.84
N LEU K 417 5.85 -12.21 -118.03
CA LEU K 417 7.04 -11.55 -118.55
C LEU K 417 8.11 -12.58 -118.87
N TYR K 418 8.68 -12.47 -120.07
CA TYR K 418 9.84 -13.24 -120.47
C TYR K 418 11.02 -12.28 -120.57
N PHE K 419 12.01 -12.47 -119.70
CA PHE K 419 13.16 -11.59 -119.64
C PHE K 419 14.43 -12.34 -120.01
N LEU K 420 15.30 -11.66 -120.74
CA LEU K 420 16.53 -12.25 -121.27
C LEU K 420 17.68 -11.93 -120.32
N VAL K 421 18.24 -12.97 -119.70
CA VAL K 421 19.45 -12.86 -118.92
C VAL K 421 20.36 -14.03 -119.28
N GLY K 422 21.63 -13.75 -119.53
CA GLY K 422 22.55 -14.79 -119.95
C GLY K 422 22.17 -15.43 -121.25
N LYS K 423 21.63 -14.65 -122.18
CA LYS K 423 21.24 -15.13 -123.51
C LYS K 423 20.20 -16.25 -123.43
N GLU K 424 19.32 -16.19 -122.43
CA GLU K 424 18.29 -17.20 -122.25
C GLU K 424 17.00 -16.52 -121.85
N ILE K 425 15.88 -17.17 -122.17
CA ILE K 425 14.54 -16.66 -121.85
C ILE K 425 14.09 -17.29 -120.54
N PHE K 426 13.83 -16.45 -119.54
CA PHE K 426 13.32 -16.89 -118.25
C PHE K 426 11.97 -16.26 -118.00
N GLU K 427 11.02 -17.06 -117.53
CA GLU K 427 9.73 -16.51 -117.12
C GLU K 427 9.84 -15.86 -115.75
N TRP K 428 8.85 -15.07 -115.41
CA TRP K 428 8.81 -14.36 -114.13
C TRP K 428 7.80 -15.05 -113.21
N ASP K 429 8.26 -15.45 -112.03
CA ASP K 429 7.49 -16.20 -111.02
C ASP K 429 6.53 -17.21 -111.67
N ALA K 430 7.05 -17.98 -112.60
CA ALA K 430 6.25 -18.98 -113.29
C ALA K 430 5.82 -20.09 -112.33
N LEU K 431 4.68 -20.71 -112.64
CA LEU K 431 4.17 -21.79 -111.81
C LEU K 431 5.10 -23.00 -111.85
N GLY K 432 5.13 -23.75 -110.75
CA GLY K 432 5.91 -24.97 -110.70
C GLY K 432 7.36 -24.82 -110.32
N GLN K 433 7.73 -23.73 -109.67
CA GLN K 433 9.09 -23.52 -109.19
C GLN K 433 9.08 -23.22 -107.70
N VAL K 434 10.16 -23.60 -107.03
CA VAL K 434 10.27 -23.39 -105.59
C VAL K 434 10.34 -21.90 -105.29
N ASN K 435 9.80 -21.51 -104.14
CA ASN K 435 9.78 -20.10 -103.75
C ASN K 435 11.20 -19.59 -103.56
N GLU K 436 11.41 -18.32 -103.92
CA GLU K 436 12.71 -17.69 -103.81
C GLU K 436 12.82 -16.91 -102.50
N THR K 437 14.05 -16.62 -102.10
CA THR K 437 14.29 -15.97 -100.81
C THR K 437 13.74 -14.55 -100.82
N LEU K 438 13.13 -14.15 -99.71
CA LEU K 438 12.45 -12.88 -99.58
C LEU K 438 13.25 -11.96 -98.67
N SER K 439 13.44 -10.71 -99.10
CA SER K 439 14.15 -9.72 -98.32
C SER K 439 13.21 -8.58 -97.98
N TRP K 440 13.14 -8.24 -96.68
CA TRP K 440 12.25 -7.20 -96.21
C TRP K 440 12.83 -6.58 -94.94
N ARG K 441 13.28 -5.34 -95.03
CA ARG K 441 13.89 -4.63 -93.92
C ARG K 441 12.93 -3.56 -93.43
N SER K 442 12.57 -3.64 -92.15
CA SER K 442 11.51 -2.79 -91.62
C SER K 442 11.95 -1.32 -91.56
N LYS K 443 10.94 -0.46 -91.39
CA LYS K 443 11.20 0.95 -91.16
C LYS K 443 12.00 1.13 -89.88
N GLN K 444 12.91 2.11 -89.89
CA GLN K 444 13.70 2.38 -88.69
C GLN K 444 12.78 2.87 -87.58
N PHE K 445 12.53 2.00 -86.62
CA PHE K 445 11.61 2.26 -85.52
C PHE K 445 12.36 3.01 -84.43
N VAL K 446 12.22 4.33 -84.40
CA VAL K 446 12.85 5.16 -83.39
C VAL K 446 11.89 5.25 -82.21
N LEU K 447 12.11 4.39 -81.22
CA LEU K 447 11.26 4.40 -80.04
C LEU K 447 11.46 5.70 -79.27
N PRO K 448 10.40 6.24 -78.65
CA PRO K 448 10.57 7.49 -77.88
C PRO K 448 11.59 7.37 -76.77
N MET K 449 11.69 6.19 -76.15
CA MET K 449 12.62 5.95 -75.08
C MET K 449 13.42 4.68 -75.33
N PRO K 450 14.71 4.67 -75.00
CA PRO K 450 15.55 3.51 -75.33
C PRO K 450 15.15 2.30 -74.52
N THR K 451 14.88 1.19 -75.22
CA THR K 451 14.51 -0.07 -74.61
C THR K 451 15.18 -1.20 -75.36
N ASN K 452 15.07 -2.40 -74.79
CA ASN K 452 15.49 -3.64 -75.43
C ASN K 452 14.33 -4.63 -75.41
N PHE K 453 14.19 -5.41 -76.48
CA PHE K 453 13.00 -6.22 -76.70
C PHE K 453 13.29 -7.66 -76.30
N GLY K 454 12.27 -8.35 -75.80
CA GLY K 454 12.46 -9.71 -75.34
C GLY K 454 11.65 -10.76 -76.07
N ALA K 455 10.48 -10.41 -76.59
CA ALA K 455 9.57 -11.38 -77.15
C ALA K 455 9.44 -11.18 -78.66
N ILE K 456 9.53 -12.27 -79.40
CA ILE K 456 9.40 -12.26 -80.86
C ILE K 456 8.41 -13.34 -81.26
N LEU K 457 7.32 -12.94 -81.90
CA LEU K 457 6.32 -13.89 -82.37
C LEU K 457 6.28 -13.85 -83.89
N ILE K 458 6.93 -14.83 -84.51
CA ILE K 458 6.96 -14.96 -85.96
C ILE K 458 5.87 -15.96 -86.33
N GLU K 459 4.67 -15.45 -86.58
CA GLU K 459 3.57 -16.34 -86.93
C GLU K 459 3.66 -16.74 -88.40
N GLY K 460 2.65 -17.48 -88.84
CA GLY K 460 2.64 -18.00 -90.19
C GLY K 460 2.42 -19.50 -90.16
N SER K 461 2.59 -20.12 -91.31
CA SER K 461 2.42 -21.55 -91.46
C SER K 461 3.51 -22.10 -92.37
N THR K 462 3.92 -23.34 -92.08
CA THR K 462 4.84 -24.03 -92.98
C THR K 462 4.17 -24.25 -94.33
N ALA K 463 4.98 -24.15 -95.38
CA ALA K 463 4.46 -24.23 -96.75
C ALA K 463 3.74 -25.56 -96.95
N ALA K 464 2.42 -25.49 -97.13
CA ALA K 464 1.58 -26.68 -97.26
C ALA K 464 0.47 -26.53 -98.29
N SER K 465 0.63 -25.68 -99.30
CA SER K 465 -0.40 -25.55 -100.33
C SER K 465 -0.36 -26.72 -101.30
N GLU K 466 0.73 -27.50 -101.26
CA GLU K 466 0.95 -28.71 -102.05
C GLU K 466 1.26 -28.42 -103.51
N GLU K 467 1.06 -27.19 -103.96
CA GLU K 467 1.60 -26.82 -105.27
C GLU K 467 3.05 -26.35 -105.14
N GLU K 468 3.35 -25.60 -104.08
CA GLU K 468 4.73 -25.39 -103.69
C GLU K 468 5.41 -26.72 -103.38
N GLN K 469 4.66 -27.68 -102.83
CA GLN K 469 5.22 -28.98 -102.53
C GLN K 469 5.50 -29.77 -103.80
N ALA K 470 4.61 -29.67 -104.80
CA ALA K 470 4.89 -30.29 -106.09
C ALA K 470 6.11 -29.65 -106.75
N ALA K 471 6.23 -28.32 -106.66
CA ALA K 471 7.41 -27.66 -107.19
C ALA K 471 8.68 -28.09 -106.48
N TYR K 472 8.61 -28.23 -105.16
CA TYR K 472 9.77 -28.69 -104.39
C TYR K 472 10.13 -30.13 -104.76
N ASP K 473 9.12 -30.98 -105.00
CA ASP K 473 9.40 -32.34 -105.43
C ASP K 473 10.07 -32.36 -106.80
N ALA K 474 9.61 -31.50 -107.72
CA ALA K 474 10.24 -31.41 -109.03
C ALA K 474 11.68 -30.92 -108.89
N GLU K 475 11.92 -29.95 -108.01
CA GLU K 475 13.28 -29.49 -107.75
C GLU K 475 14.14 -30.61 -107.20
N ARG K 476 13.58 -31.43 -106.30
CA ARG K 476 14.31 -32.57 -105.76
C ARG K 476 14.64 -33.57 -106.87
N GLN K 477 13.71 -33.80 -107.79
CA GLN K 477 13.98 -34.69 -108.91
C GLN K 477 15.11 -34.15 -109.79
N ARG K 478 15.11 -32.84 -110.04
CA ARG K 478 16.20 -32.24 -110.81
C ARG K 478 17.52 -32.39 -110.08
N ILE K 479 17.52 -32.19 -108.76
CA ILE K 479 18.73 -32.33 -107.96
C ILE K 479 19.25 -33.77 -108.03
N GLU K 480 18.34 -34.74 -107.92
CA GLU K 480 18.74 -36.14 -108.00
C GLU K 480 19.29 -36.48 -109.38
N VAL K 481 18.68 -35.93 -110.44
CA VAL K 481 19.16 -36.20 -111.79
C VAL K 481 20.56 -35.64 -111.99
N GLU K 482 20.78 -34.38 -111.57
CA GLU K 482 22.11 -33.80 -111.72
C GLU K 482 23.13 -34.51 -110.85
N ASN K 483 22.71 -34.95 -109.66
CA ASN K 483 23.60 -35.73 -108.79
C ASN K 483 23.99 -37.04 -109.46
N ALA K 484 23.03 -37.71 -110.11
CA ALA K 484 23.32 -38.95 -110.80
C ALA K 484 24.27 -38.73 -111.97
N THR K 485 24.05 -37.66 -112.74
CA THR K 485 24.87 -37.46 -113.93
C THR K 485 26.27 -37.00 -113.56
N ASN K 486 26.42 -36.23 -112.48
CA ASN K 486 27.76 -35.86 -112.02
C ASN K 486 28.43 -37.02 -111.31
N PHE K 487 27.64 -37.94 -110.76
CA PHE K 487 28.19 -39.08 -110.03
C PHE K 487 28.87 -40.07 -110.98
N ALA K 488 28.50 -40.04 -112.25
CA ALA K 488 29.06 -40.96 -113.25
C ALA K 488 30.22 -40.36 -114.02
N LEU K 489 30.71 -39.18 -113.64
CA LEU K 489 31.81 -38.55 -114.35
C LEU K 489 33.08 -39.37 -114.20
N PRO K 490 33.91 -39.45 -115.26
CA PRO K 490 35.15 -40.23 -115.27
C PRO K 490 36.14 -39.78 -114.19
N ASN K 507 37.31 -38.92 -110.57
CA ASN K 507 35.92 -38.71 -110.94
C ASN K 507 35.61 -37.22 -111.05
N GLY K 508 34.60 -36.77 -110.32
CA GLY K 508 34.24 -35.37 -110.25
C GLY K 508 34.22 -34.89 -108.81
N ASP K 509 35.18 -34.02 -108.50
CA ASP K 509 35.30 -33.50 -107.15
C ASP K 509 34.19 -32.52 -106.82
N MET K 510 33.76 -32.53 -105.56
CA MET K 510 32.72 -31.63 -105.03
C MET K 510 31.44 -31.91 -105.81
N MET K 511 30.70 -30.90 -106.23
CA MET K 511 29.37 -31.03 -106.87
C MET K 511 28.45 -31.76 -105.89
N GLN K 512 27.46 -32.49 -106.43
CA GLN K 512 26.40 -33.12 -105.64
C GLN K 512 25.77 -32.11 -104.68
N ARG K 513 25.15 -31.10 -105.28
CA ARG K 513 24.66 -29.96 -104.52
C ARG K 513 23.55 -30.35 -103.55
N LEU K 514 23.50 -29.63 -102.44
CA LEU K 514 22.54 -29.92 -101.39
C LEU K 514 21.14 -29.49 -101.82
N PRO K 515 20.10 -30.26 -101.50
CA PRO K 515 18.73 -29.82 -101.79
C PRO K 515 18.32 -28.62 -100.94
N ALA K 516 17.25 -27.96 -101.39
CA ALA K 516 16.77 -26.75 -100.73
C ALA K 516 15.99 -27.07 -99.47
N GLU K 517 15.42 -26.05 -98.82
CA GLU K 517 14.70 -26.22 -97.58
C GLU K 517 13.87 -24.96 -97.33
N GLY K 518 12.80 -25.11 -96.55
CA GLY K 518 11.98 -23.98 -96.15
C GLY K 518 12.37 -23.46 -94.78
N PHE K 519 12.67 -22.17 -94.69
CA PHE K 519 13.20 -21.59 -93.47
C PHE K 519 12.60 -20.21 -93.24
N VAL K 520 12.66 -19.76 -91.98
CA VAL K 520 12.35 -18.38 -91.61
C VAL K 520 13.57 -17.83 -90.89
N SER K 521 14.03 -16.66 -91.32
CA SER K 521 15.23 -16.04 -90.76
C SER K 521 14.96 -14.56 -90.58
N VAL K 522 14.67 -14.15 -89.34
CA VAL K 522 14.46 -12.75 -89.00
C VAL K 522 15.69 -12.24 -88.28
N SER K 523 16.33 -11.22 -88.84
CA SER K 523 17.54 -10.63 -88.28
C SER K 523 17.18 -9.27 -87.69
N ILE K 524 17.68 -9.00 -86.49
CA ILE K 524 17.32 -7.80 -85.74
C ILE K 524 18.52 -6.88 -85.69
N TYR K 525 18.32 -5.62 -86.04
CA TYR K 525 19.38 -4.61 -86.05
C TYR K 525 19.14 -3.67 -84.89
N ALA K 526 20.01 -3.74 -83.87
CA ALA K 526 19.81 -2.92 -82.68
C ALA K 526 19.91 -1.44 -82.99
N ASP K 527 21.11 -0.98 -83.37
CA ASP K 527 21.34 0.41 -83.73
C ASP K 527 22.25 0.44 -84.95
N GLY K 528 21.98 -0.44 -85.91
CA GLY K 528 22.85 -0.63 -87.05
C GLY K 528 23.74 -1.86 -86.97
N LYS K 529 23.62 -2.66 -85.93
CA LYS K 529 24.37 -3.89 -85.79
C LYS K 529 23.41 -5.06 -85.62
N LEU K 530 23.70 -6.17 -86.30
CA LEU K 530 22.88 -7.36 -86.22
C LEU K 530 23.15 -8.05 -84.89
N VAL K 531 22.12 -8.16 -84.05
CA VAL K 531 22.31 -8.76 -82.74
C VAL K 531 21.88 -10.23 -82.75
N LYS K 532 20.84 -10.57 -83.51
CA LYS K 532 20.31 -11.92 -83.46
C LYS K 532 19.67 -12.27 -84.80
N THR K 533 19.68 -13.57 -85.10
CA THR K 533 18.92 -14.15 -86.19
C THR K 533 18.06 -15.26 -85.62
N VAL K 534 16.74 -15.06 -85.63
CA VAL K 534 15.80 -15.97 -84.99
C VAL K 534 15.09 -16.77 -86.08
N SER K 535 14.95 -18.08 -85.85
CA SER K 535 14.34 -18.98 -86.81
C SER K 535 13.10 -19.69 -86.28
N LYS K 536 12.86 -19.67 -84.96
CA LYS K 536 11.66 -20.30 -84.42
C LYS K 536 10.41 -19.59 -84.92
N MET K 537 9.37 -20.37 -85.19
CA MET K 537 8.13 -19.84 -85.74
C MET K 537 6.95 -20.27 -84.86
N ASN K 538 5.94 -19.41 -84.82
CA ASN K 538 4.68 -19.63 -84.11
C ASN K 538 4.87 -19.77 -82.59
N ARG K 539 6.10 -19.61 -82.11
CA ARG K 539 6.41 -19.69 -80.68
C ARG K 539 7.43 -18.62 -80.36
N MET K 540 7.25 -17.98 -79.20
CA MET K 540 8.02 -16.78 -78.89
C MET K 540 9.51 -17.09 -78.77
N ALA K 541 10.33 -16.19 -79.30
CA ALA K 541 11.78 -16.31 -79.25
C ALA K 541 12.35 -15.18 -78.41
N ARG K 542 13.66 -15.20 -78.22
CA ARG K 542 14.35 -14.25 -77.36
C ARG K 542 15.50 -13.59 -78.10
N LEU K 543 15.65 -12.28 -77.91
CA LEU K 543 16.79 -11.54 -78.44
C LEU K 543 18.00 -11.73 -77.53
N PRO K 544 19.14 -11.14 -77.86
CA PRO K 544 20.21 -11.01 -76.86
C PRO K 544 19.89 -9.89 -75.90
N SER K 545 20.71 -9.79 -74.86
CA SER K 545 20.53 -8.79 -73.81
C SER K 545 21.86 -8.11 -73.52
N GLY K 546 21.77 -6.97 -72.84
CA GLY K 546 22.94 -6.19 -72.51
C GLY K 546 23.26 -5.09 -73.49
N PHE K 547 22.44 -4.89 -74.51
CA PHE K 547 22.58 -3.78 -75.43
C PHE K 547 21.32 -2.92 -75.37
N LEU K 548 21.50 -1.60 -75.36
CA LEU K 548 20.40 -0.65 -75.30
C LEU K 548 20.44 0.24 -76.52
N ALA K 549 19.36 0.22 -77.30
CA ALA K 549 19.28 1.02 -78.52
C ALA K 549 17.88 1.61 -78.64
N ARG K 550 17.78 2.69 -79.39
CA ARG K 550 16.51 3.37 -79.60
C ARG K 550 16.07 3.39 -81.05
N ILE K 551 16.98 3.26 -82.01
CA ILE K 551 16.64 3.19 -83.43
C ILE K 551 16.67 1.74 -83.84
N TRP K 552 15.53 1.06 -83.73
CA TRP K 552 15.43 -0.35 -84.06
C TRP K 552 14.85 -0.54 -85.45
N GLU K 553 15.26 -1.61 -86.13
CA GLU K 553 14.69 -2.01 -87.40
C GLU K 553 14.73 -3.52 -87.51
N ILE K 554 13.83 -4.07 -88.33
CA ILE K 554 13.64 -5.51 -88.44
C ILE K 554 13.91 -5.91 -89.89
N GLU K 555 14.64 -7.01 -90.08
CA GLU K 555 14.86 -7.57 -91.40
C GLU K 555 14.33 -9.00 -91.43
N VAL K 556 13.57 -9.32 -92.47
CA VAL K 556 12.88 -10.60 -92.58
C VAL K 556 13.39 -11.33 -93.81
N ASN K 557 13.85 -12.57 -93.64
CA ASN K 557 14.32 -13.42 -94.72
C ASN K 557 13.68 -14.79 -94.56
N SER K 558 12.99 -15.25 -95.60
CA SER K 558 12.33 -16.55 -95.53
C SER K 558 11.95 -17.02 -96.93
N ASN K 559 11.89 -18.34 -97.11
CA ASN K 559 11.37 -18.89 -98.36
C ASN K 559 9.87 -19.15 -98.27
N ILE K 560 9.30 -18.97 -97.09
CA ILE K 560 7.87 -19.20 -96.90
C ILE K 560 7.21 -17.91 -96.44
N ASN K 561 5.89 -17.86 -96.60
CA ASN K 561 5.13 -16.68 -96.18
C ASN K 561 5.07 -16.58 -94.67
N ILE K 562 5.05 -15.35 -94.17
CA ILE K 562 4.99 -15.06 -92.75
C ILE K 562 3.83 -14.10 -92.50
N SER K 563 3.03 -14.39 -91.47
CA SER K 563 1.89 -13.54 -91.16
C SER K 563 2.34 -12.20 -90.58
N ASP K 564 3.01 -12.23 -89.43
CA ASP K 564 3.42 -10.99 -88.77
C ASP K 564 4.56 -11.27 -87.81
N ILE K 565 5.25 -10.21 -87.42
CA ILE K 565 6.25 -10.23 -86.36
C ILE K 565 5.93 -9.11 -85.38
N VAL K 566 5.82 -9.46 -84.10
CA VAL K 566 5.56 -8.50 -83.04
C VAL K 566 6.66 -8.63 -82.00
N LEU K 567 7.17 -7.49 -81.54
CA LEU K 567 8.26 -7.45 -80.57
C LEU K 567 7.75 -6.85 -79.26
N ALA K 568 8.16 -7.44 -78.15
CA ALA K 568 7.87 -6.92 -76.83
C ALA K 568 9.09 -7.07 -75.95
N THR K 569 9.23 -6.18 -74.97
CA THR K 569 10.37 -6.27 -74.06
C THR K 569 10.24 -7.47 -73.14
N THR K 570 9.01 -7.86 -72.81
CA THR K 570 8.77 -9.00 -71.94
C THR K 570 7.63 -9.82 -72.52
N GLY K 571 7.52 -11.07 -72.04
CA GLY K 571 6.40 -11.89 -72.46
C GLY K 571 5.07 -11.30 -72.05
N GLN K 572 5.02 -10.67 -70.88
CA GLN K 572 3.77 -10.08 -70.41
C GLN K 572 3.33 -8.91 -71.26
N GLU K 573 4.26 -8.12 -71.81
CA GLU K 573 3.88 -7.14 -72.81
C GLU K 573 3.32 -7.80 -74.07
N LEU K 574 3.85 -8.98 -74.41
CA LEU K 574 3.30 -9.71 -75.55
C LEU K 574 1.89 -10.21 -75.26
N ARG K 575 1.58 -10.48 -73.99
CA ARG K 575 0.21 -10.79 -73.60
C ARG K 575 -0.72 -9.61 -73.86
N ASN K 576 -0.25 -8.39 -73.57
CA ASN K 576 -1.08 -7.22 -73.75
C ASN K 576 -1.49 -7.04 -75.20
N VAL K 577 -0.51 -7.06 -76.11
CA VAL K 577 -0.79 -6.96 -77.55
C VAL K 577 0.02 -8.00 -78.30
N THR L 2 -13.13 -9.97 -73.22
CA THR L 2 -12.50 -10.76 -74.27
C THR L 2 -13.54 -11.34 -75.22
N THR L 3 -14.76 -10.83 -75.13
CA THR L 3 -15.85 -11.32 -75.97
C THR L 3 -15.60 -11.00 -77.43
N LEU L 4 -15.87 -11.97 -78.30
CA LEU L 4 -15.93 -11.75 -79.74
C LEU L 4 -17.34 -12.05 -80.20
N LYS L 5 -17.93 -11.13 -80.96
CA LYS L 5 -19.31 -11.22 -81.40
C LYS L 5 -19.36 -11.22 -82.92
N LEU L 6 -20.13 -12.15 -83.48
CA LEU L 6 -20.28 -12.29 -84.92
C LEU L 6 -21.67 -11.85 -85.33
N THR L 7 -21.77 -10.73 -86.02
CA THR L 7 -23.04 -10.19 -86.45
C THR L 7 -22.83 -9.45 -87.76
N ALA L 8 -23.88 -9.41 -88.58
CA ALA L 8 -23.83 -8.78 -89.91
C ALA L 8 -22.74 -9.43 -90.77
N TYR L 9 -22.93 -10.72 -91.04
CA TYR L 9 -21.91 -11.50 -91.73
C TYR L 9 -21.68 -10.98 -93.14
N SER L 10 -20.44 -11.07 -93.59
CA SER L 10 -20.06 -10.65 -94.93
C SER L 10 -19.42 -11.83 -95.65
N GLY L 11 -19.07 -11.62 -96.91
CA GLY L 11 -18.59 -12.71 -97.74
C GLY L 11 -17.09 -12.92 -97.63
N GLU L 12 -16.58 -13.68 -98.60
CA GLU L 12 -15.18 -14.08 -98.61
C GLU L 12 -14.36 -13.11 -99.44
N VAL L 13 -13.22 -12.68 -98.89
CA VAL L 13 -12.24 -11.86 -99.60
C VAL L 13 -10.90 -12.57 -99.50
N PRO L 14 -10.55 -13.45 -100.43
CA PRO L 14 -9.29 -14.22 -100.32
C PRO L 14 -8.01 -13.47 -100.70
N ARG L 15 -8.09 -12.21 -101.11
CA ARG L 15 -6.87 -11.44 -101.30
C ARG L 15 -6.53 -10.72 -100.01
N THR L 16 -6.49 -11.47 -98.91
CA THR L 16 -6.22 -10.91 -97.60
C THR L 16 -5.79 -12.05 -96.69
N LEU L 17 -4.83 -11.76 -95.81
CA LEU L 17 -4.44 -12.74 -94.81
C LEU L 17 -5.65 -13.10 -93.96
N PRO L 18 -5.76 -14.37 -93.55
CA PRO L 18 -6.93 -14.77 -92.74
C PRO L 18 -7.08 -13.95 -91.47
N ARG L 19 -5.97 -13.46 -90.92
CA ARG L 19 -6.05 -12.63 -89.71
C ARG L 19 -6.55 -11.22 -90.04
N LEU L 20 -6.12 -10.67 -91.18
CA LEU L 20 -6.31 -9.26 -91.49
C LEU L 20 -7.64 -9.01 -92.22
N LEU L 21 -8.54 -9.97 -92.20
CA LEU L 21 -9.86 -9.80 -92.81
C LEU L 21 -10.66 -8.79 -92.00
N PRO L 22 -11.65 -8.16 -92.62
CA PRO L 22 -12.56 -7.29 -91.86
C PRO L 22 -13.24 -8.04 -90.73
N ASP L 23 -13.80 -7.26 -89.80
CA ASP L 23 -14.32 -7.83 -88.57
C ASP L 23 -15.45 -8.82 -88.83
N THR L 24 -16.18 -8.65 -89.93
CA THR L 24 -17.35 -9.46 -90.22
C THR L 24 -17.23 -10.14 -91.59
N ALA L 25 -16.02 -10.13 -92.15
CA ALA L 25 -15.73 -10.82 -93.39
C ALA L 25 -14.93 -12.07 -93.09
N SER L 26 -15.30 -13.17 -93.74
CA SER L 26 -14.79 -14.46 -93.30
C SER L 26 -14.67 -15.43 -94.48
N GLN L 27 -13.95 -16.51 -94.25
CA GLN L 27 -13.61 -17.47 -95.29
C GLN L 27 -14.77 -18.43 -95.56
N ARG L 28 -14.71 -19.04 -96.75
CA ARG L 28 -15.57 -20.17 -97.12
C ARG L 28 -17.06 -19.86 -96.89
N ALA L 29 -17.52 -18.79 -97.52
CA ALA L 29 -18.94 -18.45 -97.50
C ALA L 29 -19.66 -19.32 -98.55
N LEU L 30 -19.90 -20.56 -98.14
CA LEU L 30 -20.40 -21.57 -99.07
C LEU L 30 -21.90 -21.79 -98.86
N ASN L 31 -22.66 -21.76 -99.95
CA ASN L 31 -24.11 -21.93 -99.95
C ASN L 31 -24.81 -20.98 -98.98
N VAL L 32 -24.39 -19.71 -98.95
CA VAL L 32 -24.98 -18.71 -98.07
C VAL L 32 -25.40 -17.51 -98.90
N ARG L 33 -26.60 -17.00 -98.62
CA ARG L 33 -27.09 -15.76 -99.23
C ARG L 33 -27.07 -14.69 -98.15
N LEU L 34 -26.22 -13.68 -98.32
CA LEU L 34 -26.04 -12.63 -97.32
C LEU L 34 -26.77 -11.37 -97.76
N ASP L 35 -28.04 -11.29 -97.37
CA ASP L 35 -28.87 -10.14 -97.68
C ASP L 35 -29.40 -9.43 -96.45
N ASN L 36 -29.96 -10.18 -95.49
CA ASN L 36 -30.56 -9.55 -94.32
C ASN L 36 -29.51 -9.17 -93.29
N GLY L 37 -28.30 -9.67 -93.44
CA GLY L 37 -27.30 -9.56 -92.41
C GLY L 37 -27.13 -10.80 -91.57
N GLY L 38 -27.72 -11.92 -91.99
CA GLY L 38 -27.59 -13.18 -91.29
C GLY L 38 -27.27 -14.29 -92.27
N LEU L 39 -27.19 -15.51 -91.76
CA LEU L 39 -26.79 -16.66 -92.56
C LEU L 39 -28.02 -17.35 -93.13
N THR L 40 -28.59 -16.73 -94.16
CA THR L 40 -29.73 -17.33 -94.83
C THR L 40 -29.26 -18.46 -95.76
N PRO L 41 -29.79 -19.66 -95.59
CA PRO L 41 -29.34 -20.78 -96.44
C PRO L 41 -29.89 -20.70 -97.85
N THR L 42 -29.15 -21.25 -98.80
CA THR L 42 -29.64 -21.37 -100.17
C THR L 42 -30.62 -22.53 -100.29
N ARG L 43 -31.50 -22.46 -101.28
CA ARG L 43 -32.41 -23.55 -101.54
C ARG L 43 -31.77 -24.61 -102.43
N GLN L 44 -32.52 -25.66 -102.69
CA GLN L 44 -32.01 -26.77 -103.49
C GLN L 44 -32.44 -26.62 -104.94
N PRO L 45 -31.58 -27.05 -105.88
CA PRO L 45 -31.96 -27.00 -107.29
C PRO L 45 -33.14 -27.90 -107.59
N ARG L 46 -33.93 -27.51 -108.58
CA ARG L 46 -35.06 -28.31 -109.06
C ARG L 46 -34.79 -28.80 -110.47
N PHE L 47 -34.93 -30.10 -110.67
CA PHE L 47 -34.72 -30.73 -111.98
C PHE L 47 -35.93 -30.41 -112.84
N GLU L 48 -35.81 -29.36 -113.66
CA GLU L 48 -36.94 -28.91 -114.46
C GLU L 48 -37.08 -29.74 -115.72
N ALA L 49 -35.97 -30.01 -116.41
CA ALA L 49 -36.01 -30.77 -117.65
C ALA L 49 -34.63 -31.39 -117.89
N ASN L 50 -34.58 -32.31 -118.86
CA ASN L 50 -33.38 -33.05 -119.18
C ASN L 50 -32.95 -32.76 -120.62
N ILE L 51 -31.63 -32.60 -120.81
CA ILE L 51 -31.11 -32.32 -122.13
C ILE L 51 -30.80 -33.63 -122.87
N SER L 52 -30.99 -33.59 -124.20
CA SER L 52 -30.92 -34.81 -125.00
C SER L 52 -29.48 -35.21 -125.30
N VAL L 53 -28.70 -34.31 -125.90
CA VAL L 53 -27.42 -34.67 -126.50
C VAL L 53 -26.30 -34.43 -125.48
N ASP L 54 -25.36 -35.38 -125.46
CA ASP L 54 -24.27 -35.37 -124.49
C ASP L 54 -23.27 -34.26 -124.79
N ASN L 55 -22.54 -33.85 -123.75
CA ASN L 55 -21.50 -32.83 -123.88
C ASN L 55 -22.05 -31.50 -124.39
N ALA L 56 -23.11 -31.03 -123.72
CA ALA L 56 -23.69 -29.75 -124.08
C ALA L 56 -23.07 -28.64 -123.24
N LYS L 57 -22.37 -27.73 -123.91
CA LYS L 57 -21.78 -26.57 -123.26
C LYS L 57 -22.51 -25.27 -123.54
N THR L 58 -23.60 -25.30 -124.30
CA THR L 58 -24.42 -24.13 -124.54
C THR L 58 -25.88 -24.55 -124.50
N ILE L 59 -26.65 -23.93 -123.62
CA ILE L 59 -28.06 -24.25 -123.45
C ILE L 59 -28.89 -22.99 -123.62
N TYR L 60 -30.10 -23.16 -124.12
CA TYR L 60 -31.00 -22.04 -124.38
C TYR L 60 -32.43 -22.53 -124.30
N LYS L 61 -33.33 -21.62 -123.96
CA LYS L 61 -34.75 -21.91 -123.95
C LYS L 61 -35.48 -20.90 -124.82
N HIS L 62 -36.13 -21.40 -125.87
CA HIS L 62 -36.96 -20.58 -126.74
C HIS L 62 -38.38 -21.11 -126.64
N ASN L 63 -39.33 -20.21 -126.34
CA ASN L 63 -40.72 -20.58 -126.07
C ASN L 63 -40.72 -21.56 -124.91
N GLY L 64 -41.36 -22.73 -125.02
CA GLY L 64 -41.38 -23.65 -123.89
C GLY L 64 -40.30 -24.70 -123.97
N ALA L 65 -39.74 -24.91 -125.17
CA ALA L 65 -38.78 -25.98 -125.42
C ALA L 65 -37.38 -25.54 -124.98
N TRP L 66 -36.55 -26.55 -124.67
CA TRP L 66 -35.17 -26.34 -124.28
C TRP L 66 -34.27 -26.70 -125.46
N LEU L 67 -33.34 -25.82 -125.79
CA LEU L 67 -32.43 -26.02 -126.91
C LEU L 67 -30.99 -26.07 -126.41
N ALA L 68 -30.24 -27.05 -126.91
CA ALA L 68 -28.84 -27.21 -126.55
C ALA L 68 -28.05 -27.65 -127.78
N TRP L 69 -26.77 -27.28 -127.81
CA TRP L 69 -25.90 -27.59 -128.93
C TRP L 69 -24.51 -27.96 -128.41
N GLN L 70 -23.71 -28.54 -129.30
CA GLN L 70 -22.38 -29.03 -128.96
C GLN L 70 -21.30 -27.98 -129.14
N ASN L 71 -21.65 -26.76 -129.49
CA ASN L 71 -20.69 -25.68 -129.69
C ASN L 71 -21.12 -24.45 -128.91
N VAL L 72 -20.16 -23.57 -128.65
CA VAL L 72 -20.45 -22.30 -127.98
C VAL L 72 -21.29 -21.46 -128.93
N VAL L 73 -22.58 -21.33 -128.63
CA VAL L 73 -23.55 -20.73 -129.54
C VAL L 73 -24.16 -19.51 -128.87
N HIS L 74 -24.15 -18.38 -129.57
CA HIS L 74 -24.77 -17.16 -129.10
C HIS L 74 -26.04 -16.89 -129.89
N ALA L 75 -27.15 -16.71 -129.20
CA ALA L 75 -28.45 -16.48 -129.83
C ALA L 75 -29.09 -15.24 -129.25
N ALA L 76 -29.70 -14.44 -130.12
CA ALA L 76 -30.35 -13.20 -129.72
C ALA L 76 -31.56 -12.96 -130.61
N PRO L 77 -32.66 -12.48 -130.05
CA PRO L 77 -33.82 -12.16 -130.90
C PRO L 77 -33.52 -11.03 -131.87
N GLY L 78 -34.17 -11.08 -133.03
CA GLY L 78 -33.95 -10.11 -134.06
C GLY L 78 -34.91 -8.94 -133.99
N PRO L 79 -34.50 -7.80 -134.54
CA PRO L 79 -35.39 -6.62 -134.54
C PRO L 79 -36.66 -6.80 -135.36
N VAL L 80 -36.71 -7.80 -136.24
CA VAL L 80 -37.91 -8.01 -137.05
C VAL L 80 -39.11 -8.27 -136.14
N ALA L 81 -40.30 -7.85 -136.61
CA ALA L 81 -41.49 -7.93 -135.79
C ALA L 81 -41.82 -9.37 -135.41
N GLN L 82 -41.74 -10.29 -136.38
CA GLN L 82 -42.01 -11.69 -136.11
C GLN L 82 -40.92 -12.29 -135.23
N ASP L 83 -41.34 -13.17 -134.33
CA ASP L 83 -40.39 -13.78 -133.41
C ASP L 83 -39.45 -14.73 -134.16
N ARG L 84 -38.17 -14.38 -134.18
CA ARG L 84 -37.18 -15.19 -134.87
C ARG L 84 -35.91 -15.23 -134.03
N LEU L 85 -35.33 -16.41 -133.90
CA LEU L 85 -34.13 -16.63 -133.11
C LEU L 85 -32.96 -16.91 -134.04
N TYR L 86 -31.87 -16.17 -133.85
CA TYR L 86 -30.67 -16.30 -134.66
C TYR L 86 -29.54 -16.85 -133.80
N TYR L 87 -29.24 -18.14 -133.96
CA TYR L 87 -28.14 -18.78 -133.25
C TYR L 87 -27.12 -19.20 -134.30
N MET L 88 -25.88 -18.77 -134.13
CA MET L 88 -24.90 -18.78 -135.21
C MET L 88 -23.64 -19.56 -134.87
N GLY L 89 -23.49 -20.03 -133.62
CA GLY L 89 -22.29 -20.73 -133.23
C GLY L 89 -22.16 -22.09 -133.88
N ASP L 90 -23.25 -22.63 -134.41
CA ASP L 90 -23.26 -23.95 -135.04
C ASP L 90 -22.78 -23.83 -136.48
N GLY L 91 -21.53 -23.40 -136.63
CA GLY L 91 -20.94 -23.30 -137.96
C GLY L 91 -21.68 -22.28 -138.81
N LYS L 92 -22.43 -22.78 -139.78
CA LYS L 92 -23.18 -21.91 -140.68
C LYS L 92 -24.23 -21.14 -139.90
N PRO L 93 -24.35 -19.82 -140.10
CA PRO L 93 -25.42 -19.06 -139.44
C PRO L 93 -26.79 -19.58 -139.86
N LYS L 94 -27.73 -19.57 -138.92
CA LYS L 94 -29.04 -20.16 -139.16
C LYS L 94 -30.08 -19.49 -138.29
N MET L 95 -31.35 -19.63 -138.69
CA MET L 95 -32.48 -19.01 -138.02
C MET L 95 -33.44 -20.09 -137.55
N ILE L 96 -34.24 -19.75 -136.53
CA ILE L 96 -35.38 -20.57 -136.12
C ILE L 96 -36.64 -19.73 -136.33
N VAL L 97 -37.56 -20.26 -137.13
CA VAL L 97 -38.84 -19.61 -137.40
C VAL L 97 -39.94 -20.63 -137.14
N ASP L 98 -40.82 -20.32 -136.19
CA ASP L 98 -41.93 -21.20 -135.82
C ASP L 98 -41.44 -22.60 -135.44
N GLY L 99 -40.28 -22.66 -134.79
CA GLY L 99 -39.72 -23.94 -134.41
C GLY L 99 -39.06 -24.70 -135.54
N THR L 100 -38.92 -24.09 -136.71
CA THR L 100 -38.28 -24.72 -137.86
C THR L 100 -37.00 -23.96 -138.17
N THR L 101 -35.91 -24.70 -138.34
CA THR L 101 -34.59 -24.12 -138.55
C THR L 101 -34.32 -23.94 -140.04
N TYR L 102 -34.02 -22.71 -140.44
CA TYR L 102 -33.60 -22.37 -141.79
C TYR L 102 -32.14 -21.96 -141.75
N ASP L 103 -31.62 -21.53 -142.91
CA ASP L 103 -30.26 -21.02 -143.01
C ASP L 103 -30.32 -19.50 -143.04
N LEU L 104 -29.48 -18.86 -142.21
CA LEU L 104 -29.51 -17.40 -142.11
C LEU L 104 -29.10 -16.76 -143.43
N ALA L 105 -28.24 -17.43 -144.19
CA ALA L 105 -27.85 -16.93 -145.50
C ALA L 105 -28.96 -17.20 -146.52
N VAL L 106 -29.14 -16.26 -147.43
CA VAL L 106 -30.11 -16.38 -148.52
C VAL L 106 -29.34 -16.52 -149.81
N PRO L 107 -29.54 -17.58 -150.58
CA PRO L 107 -28.74 -17.79 -151.79
C PRO L 107 -28.91 -16.65 -152.79
N MET L 108 -27.81 -16.30 -153.45
CA MET L 108 -27.83 -15.21 -154.41
C MET L 108 -28.49 -15.67 -155.71
N PRO L 109 -28.92 -14.68 -156.51
CA PRO L 109 -29.53 -14.93 -157.82
C PRO L 109 -30.79 -15.79 -157.70
N THR L 110 -31.49 -15.70 -156.57
CA THR L 110 -32.70 -16.48 -156.34
C THR L 110 -33.93 -15.60 -156.21
N ALA L 111 -33.91 -14.61 -155.32
CA ALA L 111 -35.09 -13.79 -155.08
C ALA L 111 -35.09 -12.53 -155.93
N ALA L 112 -33.92 -12.00 -156.25
CA ALA L 112 -33.82 -10.73 -156.95
C ALA L 112 -32.93 -10.87 -158.18
N PRO L 113 -33.41 -10.36 -159.31
CA PRO L 113 -32.65 -10.32 -160.55
C PRO L 113 -32.96 -9.02 -161.28
N ALA L 114 -31.93 -8.37 -161.80
CA ALA L 114 -32.06 -7.09 -162.48
C ALA L 114 -31.67 -7.26 -163.94
N LEU L 115 -32.56 -6.85 -164.85
CA LEU L 115 -32.31 -6.89 -166.28
C LEU L 115 -32.53 -5.50 -166.85
N THR L 116 -31.54 -4.98 -167.56
CA THR L 116 -31.61 -3.64 -168.13
C THR L 116 -30.99 -3.65 -169.52
N VAL L 117 -31.56 -2.84 -170.41
CA VAL L 117 -31.07 -2.71 -171.78
C VAL L 117 -31.50 -1.35 -172.31
N THR L 118 -30.67 -0.80 -173.20
CA THR L 118 -30.99 0.50 -173.79
C THR L 118 -32.09 0.37 -174.83
N GLY L 119 -32.20 -0.77 -175.49
CA GLY L 119 -33.22 -0.99 -176.50
C GLY L 119 -34.57 -1.35 -175.91
N THR L 120 -34.67 -1.55 -174.60
CA THR L 120 -35.94 -1.90 -173.97
C THR L 120 -36.93 -0.75 -174.08
N GLY L 121 -38.22 -1.09 -174.02
CA GLY L 121 -39.38 -0.21 -174.07
C GLY L 121 -39.58 0.38 -175.46
N THR L 122 -38.70 0.09 -176.42
CA THR L 122 -38.87 0.55 -177.79
C THR L 122 -39.09 -0.57 -178.79
N GLY L 123 -38.46 -1.73 -178.59
CA GLY L 123 -38.62 -2.88 -179.47
C GLY L 123 -39.03 -4.08 -178.63
N ASN L 124 -39.99 -4.85 -179.16
CA ASN L 124 -40.49 -6.01 -178.46
C ASN L 124 -39.48 -7.17 -178.54
N VAL L 125 -39.71 -8.18 -177.72
CA VAL L 125 -38.90 -9.40 -177.66
C VAL L 125 -37.47 -8.99 -177.26
N THR L 126 -36.44 -9.37 -178.01
CA THR L 126 -35.04 -9.06 -177.71
C THR L 126 -34.73 -9.67 -176.35
N SER L 127 -34.10 -8.94 -175.42
CA SER L 127 -33.81 -9.40 -174.06
C SER L 127 -32.75 -10.49 -174.03
N ILE L 128 -32.14 -10.70 -172.86
CA ILE L 128 -31.11 -11.71 -172.70
C ILE L 128 -31.30 -12.54 -171.43
N ALA L 129 -32.56 -12.77 -171.04
CA ALA L 129 -32.92 -13.58 -169.88
C ALA L 129 -32.43 -12.95 -168.58
N TYR L 130 -31.11 -12.94 -168.37
CA TYR L 130 -30.52 -12.39 -167.15
C TYR L 130 -29.28 -11.60 -167.52
N VAL L 131 -29.24 -10.34 -167.07
CA VAL L 131 -28.08 -9.48 -167.29
C VAL L 131 -27.21 -9.41 -166.04
N TYR L 132 -27.82 -9.07 -164.91
CA TYR L 132 -27.12 -8.98 -163.63
C TYR L 132 -27.98 -9.62 -162.55
N THR L 133 -27.33 -10.33 -161.63
CA THR L 133 -28.02 -10.99 -160.52
C THR L 133 -27.73 -10.24 -159.23
N PHE L 134 -28.73 -9.52 -158.75
CA PHE L 134 -28.60 -8.76 -157.51
C PHE L 134 -28.74 -9.68 -156.30
N VAL L 135 -28.36 -9.15 -155.14
CA VAL L 135 -28.48 -9.91 -153.90
C VAL L 135 -29.95 -10.15 -153.56
N THR L 136 -30.20 -11.32 -152.98
CA THR L 136 -31.57 -11.69 -152.62
C THR L 136 -31.97 -11.06 -151.29
N ALA L 137 -33.28 -10.93 -151.11
CA ALA L 137 -33.86 -10.38 -149.89
C ALA L 137 -34.85 -11.39 -149.32
N PHE L 138 -34.63 -11.80 -148.08
CA PHE L 138 -35.51 -12.81 -147.48
C PHE L 138 -36.87 -12.21 -147.13
N GLY L 139 -36.89 -11.02 -146.53
CA GLY L 139 -38.12 -10.35 -146.08
C GLY L 139 -38.83 -11.32 -145.14
N GLU L 140 -40.12 -11.61 -145.36
CA GLU L 140 -40.82 -12.62 -144.56
C GLU L 140 -40.85 -13.99 -145.20
N GLU L 141 -40.96 -14.07 -146.53
CA GLU L 141 -40.93 -15.34 -147.26
C GLU L 141 -39.74 -15.33 -148.21
N SER L 142 -38.91 -16.35 -148.12
CA SER L 142 -37.70 -16.46 -148.93
C SER L 142 -37.74 -17.73 -149.75
N GLU L 143 -37.14 -17.67 -150.93
CA GLU L 143 -37.07 -18.80 -151.86
C GLU L 143 -38.47 -19.23 -152.31
N PRO L 144 -39.43 -18.34 -152.15
CA PRO L 144 -40.80 -18.58 -152.59
C PRO L 144 -41.19 -17.59 -153.67
N SER L 145 -41.00 -16.30 -153.39
CA SER L 145 -41.30 -15.25 -154.36
C SER L 145 -40.01 -14.70 -154.95
N ALA L 146 -40.16 -14.05 -156.11
CA ALA L 146 -39.04 -13.44 -156.81
C ALA L 146 -39.38 -12.00 -157.15
N LEU L 147 -38.34 -11.18 -157.26
CA LEU L 147 -38.48 -9.77 -157.59
C LEU L 147 -37.58 -9.42 -158.76
N SER L 148 -38.10 -8.65 -159.70
CA SER L 148 -37.36 -8.23 -160.88
C SER L 148 -37.47 -6.71 -161.04
N ASN L 149 -36.34 -6.08 -161.37
CA ASN L 149 -36.29 -4.64 -161.56
C ASN L 149 -35.52 -4.33 -162.84
N VAL L 150 -35.92 -3.26 -163.51
CA VAL L 150 -35.28 -2.79 -164.73
C VAL L 150 -34.48 -1.54 -164.41
N ALA L 151 -33.15 -1.66 -164.43
CA ALA L 151 -32.27 -0.54 -164.12
C ALA L 151 -31.84 0.18 -165.40
N GLY L 152 -32.83 0.68 -166.13
CA GLY L 152 -32.56 1.40 -167.37
C GLY L 152 -31.87 2.72 -167.07
N TRP L 153 -30.87 3.06 -167.91
CA TRP L 153 -30.10 4.29 -167.77
C TRP L 153 -29.47 4.42 -166.39
N GLN L 154 -28.97 3.31 -165.86
CA GLN L 154 -28.36 3.29 -164.54
C GLN L 154 -27.08 2.46 -164.54
N ALA L 197 -39.64 4.10 -163.60
CA ALA L 197 -40.10 3.05 -162.70
C ALA L 197 -41.31 2.32 -163.28
N ALA L 198 -42.18 3.07 -163.94
CA ALA L 198 -43.38 2.50 -164.56
C ALA L 198 -43.20 2.47 -166.07
N SER L 199 -43.30 1.28 -166.64
CA SER L 199 -43.12 1.08 -168.08
C SER L 199 -43.66 -0.29 -168.43
N ALA L 200 -43.40 -0.71 -169.67
CA ALA L 200 -43.81 -2.05 -170.10
C ALA L 200 -43.14 -3.12 -169.25
N ALA L 201 -43.93 -4.07 -168.77
CA ALA L 201 -43.40 -5.12 -167.91
C ALA L 201 -42.44 -6.03 -168.68
N ASN L 202 -42.77 -6.34 -169.94
CA ASN L 202 -41.94 -7.16 -170.82
C ASN L 202 -41.84 -8.59 -170.30
N PHE L 203 -40.99 -9.38 -170.95
CA PHE L 203 -40.83 -10.77 -170.56
C PHE L 203 -40.11 -10.89 -169.22
N VAL L 204 -40.36 -12.00 -168.53
CA VAL L 204 -39.76 -12.25 -167.23
C VAL L 204 -39.55 -13.75 -167.06
N ASP L 205 -38.64 -14.11 -166.15
CA ASP L 205 -38.34 -15.51 -165.89
C ASP L 205 -39.54 -16.20 -165.24
N THR L 206 -39.78 -17.43 -165.68
CA THR L 206 -40.91 -18.22 -165.20
C THR L 206 -40.51 -19.34 -164.24
N HIS L 207 -39.33 -19.25 -163.63
CA HIS L 207 -38.89 -20.30 -162.72
C HIS L 207 -39.81 -20.39 -161.51
N ALA L 208 -40.22 -19.25 -160.96
CA ALA L 208 -41.11 -19.21 -159.81
C ALA L 208 -41.96 -17.95 -159.88
N THR L 209 -42.76 -17.74 -158.83
CA THR L 209 -43.57 -16.54 -158.75
C THR L 209 -42.69 -15.30 -158.69
N ASN L 210 -43.02 -14.30 -159.50
CA ASN L 210 -42.21 -13.10 -159.62
C ASN L 210 -43.09 -11.86 -159.47
N ASP L 211 -42.45 -10.77 -159.06
CA ASP L 211 -43.11 -9.48 -158.90
C ASP L 211 -42.30 -8.42 -159.64
N PHE L 212 -43.01 -7.53 -160.34
CA PHE L 212 -42.40 -6.47 -161.13
C PHE L 212 -42.44 -5.19 -160.29
N GLY L 213 -41.41 -4.99 -159.47
CA GLY L 213 -41.28 -3.79 -158.65
C GLY L 213 -40.03 -3.04 -159.06
N GLU L 214 -40.16 -1.71 -159.20
CA GLU L 214 -39.07 -0.85 -159.65
C GLU L 214 -38.75 0.16 -158.55
N MET L 215 -37.86 -0.23 -157.65
CA MET L 215 -37.37 0.64 -156.59
C MET L 215 -35.86 0.55 -156.53
N LEU L 216 -35.25 1.48 -155.79
CA LEU L 216 -33.81 1.45 -155.60
C LEU L 216 -33.36 0.11 -155.05
N PRO L 217 -32.63 -0.65 -155.87
CA PRO L 217 -32.26 -2.00 -155.51
C PRO L 217 -31.29 -2.01 -154.33
N SER L 218 -31.60 -2.82 -153.32
CA SER L 218 -30.72 -2.97 -152.17
C SER L 218 -29.72 -4.06 -152.49
N LEU L 219 -28.78 -3.74 -153.39
CA LEU L 219 -27.76 -4.68 -153.82
C LEU L 219 -26.61 -4.81 -152.83
N GLU L 220 -26.57 -3.96 -151.80
CA GLU L 220 -25.49 -3.99 -150.84
C GLU L 220 -25.59 -5.16 -149.87
N TYR L 221 -26.71 -5.89 -149.89
CA TYR L 221 -26.84 -7.07 -149.04
C TYR L 221 -25.83 -8.13 -149.48
N ASN L 222 -25.32 -8.89 -148.52
CA ASN L 222 -24.36 -9.95 -148.79
C ASN L 222 -24.72 -11.20 -148.00
N ALA L 223 -24.42 -12.36 -148.59
CA ALA L 223 -24.64 -13.61 -147.90
C ALA L 223 -23.70 -13.73 -146.71
N PRO L 224 -24.23 -14.08 -145.54
CA PRO L 224 -23.39 -14.25 -144.34
C PRO L 224 -22.28 -15.26 -144.58
N PRO L 225 -21.02 -14.82 -144.54
CA PRO L 225 -19.91 -15.76 -144.75
C PRO L 225 -19.83 -16.77 -143.62
N ASP L 226 -19.32 -17.96 -143.95
CA ASP L 226 -19.13 -19.00 -142.95
C ASP L 226 -18.01 -18.60 -141.99
N GLY L 227 -18.10 -19.11 -140.77
CA GLY L 227 -17.12 -18.80 -139.75
C GLY L 227 -17.55 -17.76 -138.73
N LEU L 228 -18.67 -17.08 -138.96
CA LEU L 228 -19.17 -16.12 -137.99
C LEU L 228 -19.64 -16.87 -136.74
N LYS L 229 -19.17 -16.43 -135.57
CA LYS L 229 -19.37 -17.20 -134.34
C LYS L 229 -20.26 -16.49 -133.33
N GLY L 230 -19.93 -15.27 -132.92
CA GLY L 230 -20.64 -14.59 -131.87
C GLY L 230 -21.59 -13.53 -132.39
N LEU L 231 -22.86 -13.68 -132.05
CA LEU L 231 -23.91 -12.77 -132.49
C LEU L 231 -24.55 -12.12 -131.27
N ILE L 232 -24.60 -10.79 -131.25
CA ILE L 232 -25.24 -10.03 -130.18
C ILE L 232 -26.12 -8.95 -130.79
N SER L 233 -27.13 -8.56 -130.03
CA SER L 233 -28.03 -7.50 -130.46
C SER L 233 -27.49 -6.16 -130.04
N LEU L 234 -27.85 -5.11 -130.77
CA LEU L 234 -27.34 -3.77 -130.52
C LEU L 234 -28.48 -2.77 -130.38
N PRO L 235 -28.23 -1.61 -129.74
CA PRO L 235 -29.33 -0.66 -129.46
C PRO L 235 -30.08 -0.19 -130.69
N ASN L 236 -29.40 0.49 -131.60
CA ASN L 236 -30.10 1.19 -132.68
C ASN L 236 -30.78 0.22 -133.63
N GLY L 237 -30.45 -1.06 -133.53
CA GLY L 237 -31.02 -2.08 -134.38
C GLY L 237 -30.01 -2.53 -135.41
N MET L 238 -29.35 -3.65 -135.13
CA MET L 238 -28.32 -4.23 -135.97
C MET L 238 -27.80 -5.45 -135.22
N MET L 239 -27.00 -6.25 -135.91
CA MET L 239 -26.35 -7.40 -135.30
C MET L 239 -24.85 -7.33 -135.51
N ALA L 240 -24.11 -7.81 -134.53
CA ALA L 240 -22.66 -7.81 -134.57
C ALA L 240 -22.16 -9.24 -134.61
N ALA L 241 -21.28 -9.52 -135.57
CA ALA L 241 -20.68 -10.84 -135.71
C ALA L 241 -19.23 -10.66 -136.09
N PHE L 242 -18.40 -11.62 -135.69
CA PHE L 242 -16.97 -11.55 -135.94
C PHE L 242 -16.48 -12.83 -136.62
N THR L 243 -15.60 -12.67 -137.59
CA THR L 243 -14.85 -13.77 -138.17
C THR L 243 -13.66 -14.06 -137.26
N GLY L 244 -12.66 -14.79 -137.77
CA GLY L 244 -11.48 -15.06 -136.95
C GLY L 244 -10.81 -13.79 -136.46
N LYS L 245 -10.75 -12.78 -137.32
CA LYS L 245 -10.13 -11.51 -136.94
C LYS L 245 -10.94 -10.28 -137.35
N ASP L 246 -11.99 -10.43 -138.15
CA ASP L 246 -12.76 -9.31 -138.65
C ASP L 246 -14.18 -9.36 -138.11
N LEU L 247 -14.66 -8.21 -137.63
CA LEU L 247 -16.04 -8.10 -137.19
C LEU L 247 -16.93 -7.69 -138.36
N TYR L 248 -18.13 -8.26 -138.42
CA TYR L 248 -19.09 -7.97 -139.47
C TYR L 248 -20.31 -7.30 -138.88
N PHE L 249 -20.79 -6.25 -139.54
CA PHE L 249 -21.99 -5.54 -139.14
C PHE L 249 -23.10 -5.80 -140.14
N CYS L 250 -24.24 -6.27 -139.64
CA CYS L 250 -25.37 -6.59 -140.49
C CYS L 250 -26.12 -5.33 -140.90
N GLU L 251 -27.02 -5.49 -141.87
CA GLU L 251 -27.90 -4.40 -142.26
C GLU L 251 -28.80 -4.04 -141.07
N PRO L 252 -28.99 -2.74 -140.81
CA PRO L 252 -29.64 -2.33 -139.55
C PRO L 252 -30.92 -3.08 -139.20
N PHE L 253 -31.93 -3.03 -140.07
CA PHE L 253 -33.21 -3.64 -139.75
C PHE L 253 -33.48 -4.91 -140.54
N ILE L 254 -32.53 -5.38 -141.33
CA ILE L 254 -32.65 -6.62 -142.10
C ILE L 254 -31.57 -7.58 -141.61
N PRO L 255 -31.92 -8.56 -140.76
CA PRO L 255 -30.87 -9.39 -140.13
C PRO L 255 -30.02 -10.19 -141.10
N HIS L 256 -30.61 -10.72 -142.17
CA HIS L 256 -29.88 -11.69 -143.00
C HIS L 256 -28.74 -11.03 -143.77
N ALA L 257 -28.90 -9.77 -144.12
CA ALA L 257 -27.86 -9.07 -144.88
C ALA L 257 -26.66 -8.79 -144.00
N TRP L 258 -25.47 -9.06 -144.53
CA TRP L 258 -24.20 -8.81 -143.84
C TRP L 258 -23.26 -8.11 -144.82
N PRO L 259 -23.42 -6.81 -145.00
CA PRO L 259 -22.65 -6.10 -146.03
C PRO L 259 -21.15 -6.16 -145.77
N GLU L 260 -20.38 -6.22 -146.86
CA GLU L 260 -18.93 -6.25 -146.75
C GLU L 260 -18.34 -4.89 -146.41
N LYS L 261 -19.05 -3.81 -146.72
CA LYS L 261 -18.54 -2.47 -146.41
C LYS L 261 -18.65 -2.18 -144.92
N TYR L 262 -19.60 -2.81 -144.24
CA TYR L 262 -19.79 -2.56 -142.82
C TYR L 262 -18.77 -3.29 -141.95
N ILE L 263 -17.93 -4.14 -142.54
CA ILE L 263 -17.01 -4.94 -141.73
C ILE L 263 -15.89 -4.06 -141.19
N LEU L 264 -15.46 -4.36 -139.98
CA LEU L 264 -14.35 -3.67 -139.33
C LEU L 264 -13.31 -4.71 -138.93
N THR L 265 -12.05 -4.40 -139.19
CA THR L 265 -10.95 -5.33 -138.90
C THR L 265 -10.14 -4.81 -137.72
N MET L 266 -9.96 -5.65 -136.71
CA MET L 266 -9.18 -5.31 -135.54
C MET L 266 -7.92 -6.15 -135.47
N ASP L 267 -6.97 -5.68 -134.67
CA ASP L 267 -5.79 -6.47 -134.35
C ASP L 267 -6.16 -7.64 -133.47
N TYR L 268 -5.40 -8.74 -133.58
CA TYR L 268 -5.57 -9.92 -132.75
C TYR L 268 -6.88 -10.64 -133.07
N GLN L 269 -7.01 -11.87 -132.59
CA GLN L 269 -8.27 -12.60 -132.76
C GLN L 269 -9.36 -11.94 -131.94
N ILE L 270 -10.61 -12.32 -132.22
CA ILE L 270 -11.77 -11.82 -131.47
C ILE L 270 -12.41 -13.00 -130.77
N VAL L 271 -12.64 -12.85 -129.47
CA VAL L 271 -13.14 -13.96 -128.67
C VAL L 271 -14.66 -13.89 -128.55
N ALA L 272 -15.17 -12.74 -128.11
CA ALA L 272 -16.62 -12.57 -127.95
C ALA L 272 -16.94 -11.08 -128.03
N LEU L 273 -18.23 -10.78 -128.04
CA LEU L 273 -18.71 -9.40 -128.16
C LEU L 273 -19.69 -9.07 -127.05
N GLY L 274 -19.57 -7.87 -126.52
CA GLY L 274 -20.49 -7.36 -125.52
C GLY L 274 -20.70 -5.87 -125.71
N ALA L 275 -21.86 -5.41 -125.25
CA ALA L 275 -22.26 -4.02 -125.45
C ALA L 275 -22.78 -3.43 -124.15
N TYR L 276 -22.32 -2.22 -123.83
CA TYR L 276 -22.94 -1.39 -122.80
C TYR L 276 -23.35 -0.08 -123.46
N GLY L 277 -24.58 0.35 -123.20
CA GLY L 277 -25.08 1.53 -123.90
C GLY L 277 -25.05 1.31 -125.39
N THR L 278 -24.57 2.34 -126.11
CA THR L 278 -24.48 2.22 -127.57
C THR L 278 -23.16 1.60 -128.00
N THR L 279 -22.15 1.61 -127.13
CA THR L 279 -20.80 1.21 -127.48
C THR L 279 -20.62 -0.29 -127.32
N ILE L 280 -19.90 -0.91 -128.27
CA ILE L 280 -19.60 -2.33 -128.21
C ILE L 280 -18.27 -2.54 -127.51
N VAL L 281 -18.13 -3.68 -126.84
CA VAL L 281 -16.85 -4.11 -126.29
C VAL L 281 -16.39 -5.33 -127.07
N VAL L 282 -15.26 -5.21 -127.75
CA VAL L 282 -14.71 -6.28 -128.57
C VAL L 282 -13.63 -6.98 -127.76
N MET L 283 -13.98 -8.11 -127.16
CA MET L 283 -13.00 -8.89 -126.41
C MET L 283 -12.07 -9.61 -127.37
N THR L 284 -10.79 -9.29 -127.27
CA THR L 284 -9.78 -9.80 -128.21
C THR L 284 -8.71 -10.55 -127.45
N GLU L 285 -7.95 -11.36 -128.20
CA GLU L 285 -6.78 -12.02 -127.64
C GLU L 285 -5.70 -11.02 -127.24
N GLY L 286 -5.76 -9.79 -127.74
CA GLY L 286 -4.81 -8.77 -127.38
C GLY L 286 -5.41 -7.64 -126.56
N LEU L 287 -5.46 -6.44 -127.15
CA LEU L 287 -6.00 -5.28 -126.47
C LEU L 287 -7.48 -5.15 -126.74
N PRO L 288 -8.33 -5.10 -125.71
CA PRO L 288 -9.76 -4.90 -125.94
C PRO L 288 -10.03 -3.59 -126.64
N TYR L 289 -11.02 -3.59 -127.52
CA TYR L 289 -11.38 -2.42 -128.31
C TYR L 289 -12.85 -2.08 -128.08
N ILE L 290 -13.13 -0.79 -127.95
CA ILE L 290 -14.48 -0.29 -127.73
C ILE L 290 -14.94 0.37 -129.03
N VAL L 291 -15.98 -0.17 -129.65
CA VAL L 291 -16.51 0.38 -130.88
C VAL L 291 -17.71 1.25 -130.56
N SER L 292 -17.62 2.53 -130.89
CA SER L 292 -18.67 3.50 -130.63
C SER L 292 -19.33 3.88 -131.94
N GLY L 293 -20.66 3.78 -131.99
CA GLY L 293 -21.37 4.07 -133.23
C GLY L 293 -22.86 4.26 -133.10
N THR L 294 -23.41 5.23 -133.83
CA THR L 294 -24.85 5.38 -133.91
C THR L 294 -25.42 4.57 -135.07
N ALA L 295 -24.56 4.12 -135.98
CA ALA L 295 -24.99 3.41 -137.18
C ALA L 295 -23.87 2.48 -137.68
N PRO L 296 -24.20 1.44 -138.46
CA PRO L 296 -23.13 0.55 -138.94
C PRO L 296 -22.06 1.27 -139.75
N GLU L 297 -22.45 2.27 -140.53
CA GLU L 297 -21.46 3.04 -141.28
C GLU L 297 -20.62 3.91 -140.37
N ASN L 298 -21.25 4.55 -139.39
CA ASN L 298 -20.55 5.41 -138.44
C ASN L 298 -20.06 4.57 -137.26
N MET L 299 -18.89 3.96 -137.46
CA MET L 299 -18.25 3.13 -136.44
C MET L 299 -16.84 3.65 -136.20
N GLN L 300 -16.48 3.80 -134.92
CA GLN L 300 -15.14 4.21 -134.53
C GLN L 300 -14.69 3.40 -133.32
N GLN L 301 -13.85 2.41 -133.57
CA GLN L 301 -13.26 1.61 -132.50
C GLN L 301 -12.28 2.44 -131.68
N GLN L 302 -12.25 2.18 -130.37
CA GLN L 302 -11.46 2.97 -129.43
C GLN L 302 -10.73 2.04 -128.46
N ARG L 303 -9.50 2.40 -128.10
CA ARG L 303 -8.77 1.69 -127.07
C ARG L 303 -9.44 1.89 -125.71
N VAL L 304 -9.31 0.88 -124.85
CA VAL L 304 -9.92 0.90 -123.53
C VAL L 304 -8.82 1.06 -122.49
N GLU L 305 -9.24 1.46 -121.28
CA GLU L 305 -8.27 1.89 -120.27
C GLU L 305 -7.48 0.73 -119.69
N LEU L 306 -7.87 -0.51 -120.01
CA LEU L 306 -7.16 -1.69 -119.53
C LEU L 306 -6.75 -2.57 -120.70
N ASN L 307 -5.56 -3.15 -120.61
CA ASN L 307 -5.03 -4.04 -121.64
C ASN L 307 -5.00 -5.44 -121.06
N LEU L 308 -6.13 -6.14 -121.16
CA LEU L 308 -6.26 -7.50 -120.64
C LEU L 308 -6.86 -8.38 -121.71
N PRO L 309 -6.23 -9.51 -122.03
CA PRO L 309 -6.80 -10.40 -123.05
C PRO L 309 -8.03 -11.13 -122.54
N CYS L 310 -8.82 -11.65 -123.47
CA CYS L 310 -9.99 -12.45 -123.15
C CYS L 310 -9.64 -13.92 -123.41
N ILE L 311 -9.78 -14.75 -122.38
CA ILE L 311 -9.34 -16.14 -122.50
C ILE L 311 -10.51 -17.04 -122.84
N ASN L 312 -11.64 -16.89 -122.15
CA ASN L 312 -12.80 -17.76 -122.32
C ASN L 312 -13.90 -16.98 -123.02
N ALA L 313 -14.44 -17.57 -124.09
CA ALA L 313 -15.60 -16.97 -124.75
C ALA L 313 -16.86 -17.19 -123.93
N ARG L 314 -17.02 -18.40 -123.37
CA ARG L 314 -18.19 -18.70 -122.55
C ARG L 314 -18.22 -17.90 -121.26
N GLY L 315 -17.05 -17.52 -120.73
CA GLY L 315 -17.02 -16.75 -119.49
C GLY L 315 -17.58 -15.36 -119.66
N VAL L 316 -17.71 -14.91 -120.91
CA VAL L 316 -18.30 -13.59 -121.16
C VAL L 316 -19.77 -13.61 -120.80
N ILE L 317 -20.17 -12.74 -119.88
CA ILE L 317 -21.55 -12.63 -119.46
C ILE L 317 -21.93 -11.16 -119.41
N ASP L 318 -23.06 -10.82 -120.01
CA ASP L 318 -23.59 -9.46 -119.98
C ASP L 318 -24.34 -9.29 -118.66
N LEU L 319 -23.65 -8.74 -117.65
CA LEU L 319 -24.22 -8.59 -116.32
C LEU L 319 -25.33 -7.56 -116.26
N GLY L 320 -25.52 -6.77 -117.33
CA GLY L 320 -26.51 -5.73 -117.36
C GLY L 320 -25.98 -4.35 -117.06
N TYR L 321 -25.10 -4.22 -116.06
CA TYR L 321 -24.41 -2.97 -115.79
C TYR L 321 -23.01 -2.93 -116.38
N SER L 322 -22.47 -4.06 -116.82
CA SER L 322 -21.17 -4.13 -117.46
C SER L 322 -21.12 -5.45 -118.24
N VAL L 323 -20.02 -5.65 -118.96
CA VAL L 323 -19.74 -6.93 -119.62
C VAL L 323 -18.48 -7.51 -118.99
N ALA L 324 -18.60 -8.73 -118.49
CA ALA L 324 -17.53 -9.36 -117.72
C ALA L 324 -16.96 -10.53 -118.51
N TYR L 325 -15.65 -10.48 -118.76
CA TYR L 325 -14.95 -11.56 -119.43
C TYR L 325 -13.74 -11.95 -118.58
N PRO L 326 -13.57 -13.23 -118.26
CA PRO L 326 -12.41 -13.65 -117.48
C PRO L 326 -11.12 -13.38 -118.24
N SER L 327 -10.08 -12.99 -117.49
CA SER L 327 -8.77 -12.74 -118.05
C SER L 327 -7.72 -13.41 -117.17
N HIS L 328 -6.51 -13.53 -117.71
CA HIS L 328 -5.43 -14.16 -116.94
C HIS L 328 -5.12 -13.38 -115.68
N ASP L 329 -5.07 -12.05 -115.77
CA ASP L 329 -4.88 -11.23 -114.57
C ASP L 329 -6.08 -11.37 -113.64
N GLY L 330 -7.29 -11.39 -114.18
CA GLY L 330 -8.48 -11.58 -113.36
C GLY L 330 -9.74 -11.18 -114.10
N LEU L 331 -10.86 -11.52 -113.49
CA LEU L 331 -12.16 -11.15 -114.03
C LEU L 331 -12.31 -9.64 -114.00
N VAL L 332 -12.71 -9.05 -115.13
CA VAL L 332 -12.75 -7.61 -115.28
C VAL L 332 -14.03 -7.25 -116.03
N MET L 333 -14.65 -6.13 -115.64
CA MET L 333 -15.88 -5.67 -116.27
C MET L 333 -15.59 -4.40 -117.08
N ALA L 334 -16.27 -4.28 -118.22
CA ALA L 334 -16.28 -3.06 -119.02
C ALA L 334 -17.63 -2.38 -118.86
N GLY L 335 -17.62 -1.14 -118.37
CA GLY L 335 -18.86 -0.44 -118.10
C GLY L 335 -18.79 0.99 -118.58
N SER L 336 -19.94 1.66 -118.53
CA SER L 336 -20.03 3.05 -118.97
C SER L 336 -19.19 3.96 -118.07
N ASN L 337 -19.23 3.72 -116.75
CA ASN L 337 -18.47 4.56 -115.82
C ASN L 337 -16.97 4.44 -116.06
N GLY L 338 -16.48 3.23 -116.30
CA GLY L 338 -15.05 3.04 -116.47
C GLY L 338 -14.74 1.57 -116.57
N MET L 339 -13.43 1.28 -116.51
CA MET L 339 -12.91 -0.06 -116.73
C MET L 339 -12.14 -0.47 -115.47
N GLN L 340 -12.56 -1.54 -114.81
CA GLN L 340 -12.01 -1.88 -113.50
C GLN L 340 -11.89 -3.39 -113.34
N VAL L 341 -10.79 -3.83 -112.72
CA VAL L 341 -10.56 -5.24 -112.44
C VAL L 341 -11.05 -5.48 -111.02
N ILE L 342 -12.16 -6.20 -110.89
CA ILE L 342 -12.76 -6.44 -109.58
C ILE L 342 -11.88 -7.38 -108.75
N THR L 343 -11.33 -8.42 -109.37
CA THR L 343 -10.58 -9.43 -108.64
C THR L 343 -9.28 -8.90 -108.05
N GLU L 344 -8.67 -7.89 -108.66
CA GLU L 344 -7.46 -7.31 -108.09
C GLU L 344 -7.73 -6.77 -106.69
N GLN L 345 -8.98 -6.39 -106.41
CA GLN L 345 -9.35 -5.99 -105.06
C GLN L 345 -9.53 -7.20 -104.15
N LEU L 346 -10.05 -8.31 -104.67
CA LEU L 346 -10.56 -9.39 -103.83
C LEU L 346 -9.89 -10.74 -104.07
N MET L 347 -9.06 -10.88 -105.10
CA MET L 347 -8.27 -12.11 -105.23
C MET L 347 -6.86 -11.78 -105.69
N THR L 348 -5.92 -12.66 -105.34
CA THR L 348 -4.57 -12.55 -105.85
C THR L 348 -4.50 -13.10 -107.26
N ARG L 349 -3.37 -12.82 -107.93
CA ARG L 349 -3.15 -13.43 -109.24
C ARG L 349 -2.99 -14.94 -109.10
N ASN L 350 -2.40 -15.39 -107.99
CA ASN L 350 -2.21 -16.82 -107.77
C ASN L 350 -3.55 -17.55 -107.69
N ASP L 351 -4.50 -16.99 -106.94
CA ASP L 351 -5.80 -17.64 -106.78
C ASP L 351 -6.55 -17.71 -108.11
N TRP L 352 -6.51 -16.62 -108.89
CA TRP L 352 -7.20 -16.62 -110.17
C TRP L 352 -6.55 -17.57 -111.16
N MET L 353 -5.21 -17.63 -111.16
CA MET L 353 -4.51 -18.58 -112.01
C MET L 353 -4.86 -20.02 -111.63
N LYS L 354 -4.87 -20.33 -110.33
CA LYS L 354 -5.21 -21.67 -109.89
C LYS L 354 -6.67 -22.01 -110.16
N THR L 355 -7.56 -21.02 -110.06
CA THR L 355 -8.96 -21.26 -110.42
C THR L 355 -9.08 -21.67 -111.89
N GLY L 356 -8.41 -20.92 -112.77
CA GLY L 356 -8.33 -21.29 -114.17
C GLY L 356 -9.33 -20.51 -115.01
N PRO L 357 -8.87 -19.44 -115.66
CA PRO L 357 -9.78 -18.62 -116.48
C PRO L 357 -10.08 -19.24 -117.84
N GLY L 358 -9.37 -20.30 -118.24
CA GLY L 358 -9.60 -20.87 -119.56
C GLY L 358 -10.95 -21.53 -119.70
N ASN L 359 -11.43 -22.17 -118.62
CA ASN L 359 -12.67 -22.94 -118.68
C ASN L 359 -13.64 -22.48 -117.60
N ILE L 360 -13.81 -21.17 -117.47
CA ILE L 360 -14.78 -20.60 -116.53
C ILE L 360 -16.12 -20.54 -117.23
N VAL L 361 -17.11 -21.26 -116.70
CA VAL L 361 -18.47 -21.16 -117.19
C VAL L 361 -19.16 -20.01 -116.46
N GLY L 362 -19.73 -19.08 -117.22
CA GLY L 362 -20.26 -17.87 -116.66
C GLY L 362 -21.78 -17.86 -116.65
N GLY L 363 -22.33 -17.10 -115.71
CA GLY L 363 -23.77 -16.93 -115.59
C GLY L 363 -24.07 -15.72 -114.74
N GLN L 364 -25.32 -15.25 -114.86
CA GLN L 364 -25.76 -14.05 -114.14
C GLN L 364 -27.04 -14.35 -113.38
N PHE L 365 -27.07 -14.00 -112.10
CA PHE L 365 -28.27 -14.05 -111.28
C PHE L 365 -28.29 -12.84 -110.36
N ASN L 366 -29.34 -12.02 -110.48
CA ASN L 366 -29.52 -10.85 -109.64
C ASN L 366 -28.29 -9.95 -109.66
N GLY L 367 -27.74 -9.74 -110.85
CA GLY L 367 -26.57 -8.90 -111.00
C GLY L 367 -25.31 -9.48 -110.42
N ARG L 368 -25.21 -10.80 -110.35
CA ARG L 368 -24.05 -11.47 -109.80
C ARG L 368 -23.49 -12.46 -110.81
N TYR L 369 -22.19 -12.39 -111.03
CA TYR L 369 -21.51 -13.22 -112.03
C TYR L 369 -21.29 -14.61 -111.46
N PHE L 370 -22.00 -15.59 -111.99
CA PHE L 370 -21.88 -16.99 -111.56
C PHE L 370 -20.76 -17.65 -112.35
N ALA L 371 -19.66 -17.97 -111.68
CA ALA L 371 -18.52 -18.62 -112.31
C ALA L 371 -18.37 -20.02 -111.72
N SER L 372 -18.38 -21.03 -112.59
CA SER L 372 -18.20 -22.42 -112.20
C SER L 372 -16.79 -22.85 -112.58
N TYR L 373 -16.03 -23.34 -111.60
CA TYR L 373 -14.64 -23.72 -111.80
C TYR L 373 -14.45 -25.19 -111.42
N GLU L 374 -13.73 -25.91 -112.27
CA GLU L 374 -13.39 -27.31 -112.02
C GLU L 374 -11.94 -27.52 -112.46
N TYR L 375 -11.01 -27.44 -111.51
CA TYR L 375 -9.60 -27.53 -111.81
C TYR L 375 -8.95 -28.60 -110.94
N ILE L 376 -7.82 -29.12 -111.41
CA ILE L 376 -7.11 -30.22 -110.76
C ILE L 376 -5.90 -29.64 -110.04
N GLU L 377 -5.91 -29.71 -108.72
CA GLU L 377 -4.73 -29.35 -107.95
C GLU L 377 -3.64 -30.39 -108.19
N PRO L 378 -2.37 -29.99 -108.15
CA PRO L 378 -1.29 -30.99 -108.24
C PRO L 378 -1.45 -32.10 -107.21
N SER L 379 -0.83 -33.24 -107.50
CA SER L 379 -0.93 -34.47 -106.71
C SER L 379 -2.31 -35.10 -106.84
N GLY L 380 -3.07 -34.69 -107.84
CA GLY L 380 -4.29 -35.39 -108.22
C GLY L 380 -5.53 -35.08 -107.40
N ALA L 381 -5.62 -33.89 -106.80
CA ALA L 381 -6.80 -33.49 -106.05
C ALA L 381 -7.62 -32.50 -106.87
N ALA L 382 -8.93 -32.70 -106.90
CA ALA L 382 -9.83 -31.91 -107.73
C ALA L 382 -10.80 -31.13 -106.85
N PHE L 383 -10.94 -29.84 -107.13
CA PHE L 383 -11.96 -29.00 -106.51
C PHE L 383 -12.92 -28.49 -107.58
N SER L 384 -14.21 -28.71 -107.37
CA SER L 384 -15.25 -28.21 -108.24
C SER L 384 -16.22 -27.37 -107.42
N GLY L 385 -16.61 -26.22 -107.96
CA GLY L 385 -17.50 -25.33 -107.23
C GLY L 385 -17.92 -24.16 -108.09
N THR L 386 -18.77 -23.33 -107.49
CA THR L 386 -19.29 -22.13 -108.15
C THR L 386 -18.87 -20.91 -107.34
N LEU L 387 -18.25 -19.94 -108.01
CA LEU L 387 -17.79 -18.71 -107.40
C LEU L 387 -18.63 -17.56 -107.96
N ILE L 388 -19.55 -17.05 -107.15
CA ILE L 388 -20.42 -15.97 -107.60
C ILE L 388 -19.90 -14.65 -107.06
N PHE L 389 -19.87 -13.63 -107.92
CA PHE L 389 -19.27 -12.34 -107.59
C PHE L 389 -20.37 -11.29 -107.49
N ASP L 390 -20.45 -10.60 -106.36
CA ASP L 390 -21.35 -9.49 -106.17
C ASP L 390 -20.53 -8.25 -105.82
N THR L 391 -20.59 -7.23 -106.69
CA THR L 391 -19.87 -6.00 -106.43
C THR L 391 -20.75 -4.98 -105.72
N THR L 392 -22.06 -5.20 -105.72
CA THR L 392 -22.97 -4.31 -105.03
C THR L 392 -22.77 -4.41 -103.53
N GLY L 393 -22.63 -3.27 -102.87
CA GLY L 393 -22.42 -3.23 -101.45
C GLY L 393 -21.27 -2.29 -101.11
N ALA L 394 -20.96 -2.24 -99.82
CA ALA L 394 -19.84 -1.41 -99.36
C ALA L 394 -18.53 -1.88 -99.96
N ALA L 395 -18.29 -3.20 -99.93
CA ALA L 395 -17.10 -3.79 -100.52
C ALA L 395 -17.49 -5.09 -101.21
N PRO L 396 -16.91 -5.38 -102.37
CA PRO L 396 -17.19 -6.66 -103.03
C PRO L 396 -16.62 -7.83 -102.26
N PHE L 397 -17.28 -8.97 -102.41
CA PHE L 397 -16.84 -10.21 -101.78
C PHE L 397 -17.31 -11.40 -102.60
N ILE L 398 -16.72 -12.55 -102.33
CA ILE L 398 -17.03 -13.79 -103.03
C ILE L 398 -17.95 -14.61 -102.15
N ILE L 399 -19.05 -15.09 -102.73
CA ILE L 399 -19.89 -16.10 -102.10
C ILE L 399 -19.62 -17.41 -102.83
N ARG L 400 -19.13 -18.41 -102.11
CA ARG L 400 -18.81 -19.67 -102.76
C ARG L 400 -20.04 -20.58 -102.80
N SER L 401 -20.07 -21.43 -103.83
CA SER L 401 -21.09 -22.44 -103.96
C SER L 401 -20.45 -23.72 -104.50
N ASN L 402 -21.11 -24.84 -104.28
CA ASN L 402 -20.55 -26.15 -104.60
C ASN L 402 -21.51 -26.92 -105.49
N HIS L 403 -21.99 -26.24 -106.53
CA HIS L 403 -22.80 -26.86 -107.58
C HIS L 403 -22.10 -26.60 -108.91
N LYS L 404 -21.33 -27.57 -109.37
CA LYS L 404 -20.67 -27.45 -110.66
C LYS L 404 -21.69 -27.46 -111.78
N ALA L 405 -21.48 -26.62 -112.79
CA ALA L 405 -22.40 -26.49 -113.92
C ALA L 405 -21.62 -26.59 -115.22
N ASP L 406 -22.07 -27.46 -116.12
CA ASP L 406 -21.46 -27.56 -117.43
C ASP L 406 -21.75 -26.32 -118.27
N ALA L 407 -22.96 -25.78 -118.15
CA ALA L 407 -23.32 -24.56 -118.86
C ALA L 407 -24.38 -23.82 -118.07
N PHE L 408 -24.45 -22.51 -118.28
CA PHE L 408 -25.43 -21.65 -117.62
C PHE L 408 -26.36 -21.05 -118.66
N PHE L 409 -27.57 -20.74 -118.23
CA PHE L 409 -28.52 -19.99 -119.05
C PHE L 409 -29.37 -19.13 -118.14
N HIS L 410 -29.32 -17.82 -118.34
CA HIS L 410 -30.13 -16.87 -117.58
C HIS L 410 -31.33 -16.47 -118.42
N GLU L 411 -32.47 -17.12 -118.16
CA GLU L 411 -33.71 -16.78 -118.83
C GLU L 411 -34.08 -15.36 -118.42
N LEU L 412 -34.01 -14.42 -119.36
CA LEU L 412 -34.15 -13.02 -119.01
C LEU L 412 -35.57 -12.70 -118.58
N GLN L 413 -36.57 -13.33 -119.21
CA GLN L 413 -37.96 -13.01 -118.89
C GLN L 413 -38.29 -13.36 -117.43
N THR L 414 -37.86 -14.53 -116.98
CA THR L 414 -38.03 -14.93 -115.58
C THR L 414 -36.64 -15.14 -114.99
N GLY L 415 -36.24 -14.24 -114.09
CA GLY L 415 -34.86 -14.19 -113.65
C GLY L 415 -34.45 -15.33 -112.74
N ALA L 416 -34.38 -16.55 -113.30
CA ALA L 416 -33.88 -17.71 -112.61
C ALA L 416 -32.85 -18.41 -113.50
N LEU L 417 -31.67 -18.66 -112.95
CA LEU L 417 -30.63 -19.35 -113.70
C LEU L 417 -30.99 -20.81 -113.91
N TYR L 418 -30.67 -21.32 -115.10
CA TYR L 418 -30.78 -22.74 -115.41
C TYR L 418 -29.39 -23.23 -115.78
N PHE L 419 -28.84 -24.12 -114.96
CA PHE L 419 -27.51 -24.65 -115.17
C PHE L 419 -27.57 -26.15 -115.42
N LEU L 420 -26.69 -26.62 -116.31
CA LEU L 420 -26.66 -28.01 -116.74
C LEU L 420 -25.62 -28.75 -115.93
N VAL L 421 -26.05 -29.76 -115.18
CA VAL L 421 -25.16 -30.71 -114.53
C VAL L 421 -25.73 -32.10 -114.70
N GLY L 422 -24.91 -33.03 -115.16
CA GLY L 422 -25.37 -34.40 -115.34
C GLY L 422 -26.48 -34.55 -116.35
N LYS L 423 -26.37 -33.86 -117.49
CA LYS L 423 -27.35 -33.95 -118.57
C LYS L 423 -28.75 -33.55 -118.13
N GLU L 424 -28.86 -32.64 -117.17
CA GLU L 424 -30.15 -32.22 -116.67
C GLU L 424 -30.12 -30.72 -116.41
N ILE L 425 -31.29 -30.09 -116.53
CA ILE L 425 -31.44 -28.66 -116.29
C ILE L 425 -31.91 -28.48 -114.85
N PHE L 426 -31.11 -27.81 -114.04
CA PHE L 426 -31.45 -27.50 -112.66
C PHE L 426 -31.55 -26.00 -112.50
N GLU L 427 -32.62 -25.56 -111.83
CA GLU L 427 -32.72 -24.16 -111.45
C GLU L 427 -31.83 -23.86 -110.25
N TRP L 428 -31.66 -22.58 -109.97
CA TRP L 428 -30.82 -22.13 -108.87
C TRP L 428 -31.70 -21.53 -107.78
N ASP L 429 -31.59 -22.08 -106.57
CA ASP L 429 -32.40 -21.72 -105.40
C ASP L 429 -33.85 -21.41 -105.76
N ALA L 430 -34.45 -22.31 -106.55
CA ALA L 430 -35.83 -22.14 -106.96
C ALA L 430 -36.78 -22.26 -105.77
N LEU L 431 -37.93 -21.62 -105.88
CA LEU L 431 -38.91 -21.64 -104.79
C LEU L 431 -39.46 -23.04 -104.60
N GLY L 432 -39.85 -23.35 -103.35
CA GLY L 432 -40.47 -24.62 -103.06
C GLY L 432 -39.52 -25.77 -102.79
N GLN L 433 -38.29 -25.49 -102.38
CA GLN L 433 -37.31 -26.52 -102.08
C GLN L 433 -36.76 -26.31 -100.68
N VAL L 434 -36.39 -27.43 -100.05
CA VAL L 434 -35.82 -27.37 -98.70
C VAL L 434 -34.47 -26.66 -98.74
N ASN L 435 -34.17 -25.93 -97.67
CA ASN L 435 -32.94 -25.16 -97.62
C ASN L 435 -31.73 -26.09 -97.63
N GLU L 436 -30.67 -25.67 -98.31
CA GLU L 436 -29.44 -26.42 -98.40
C GLU L 436 -28.51 -26.08 -97.24
N THR L 437 -27.60 -26.98 -96.94
CA THR L 437 -26.68 -26.79 -95.82
C THR L 437 -25.77 -25.60 -96.10
N LEU L 438 -25.57 -24.78 -95.07
CA LEU L 438 -24.83 -23.53 -95.18
C LEU L 438 -23.47 -23.67 -94.51
N SER L 439 -22.42 -23.28 -95.22
CA SER L 439 -21.06 -23.31 -94.69
C SER L 439 -20.53 -21.89 -94.57
N TRP L 440 -20.05 -21.55 -93.38
CA TRP L 440 -19.54 -20.21 -93.10
C TRP L 440 -18.49 -20.31 -92.01
N ARG L 441 -17.22 -20.09 -92.40
CA ARG L 441 -16.10 -20.22 -91.48
C ARG L 441 -15.57 -18.83 -91.16
N SER L 442 -15.54 -18.50 -89.87
CA SER L 442 -15.27 -17.13 -89.45
C SER L 442 -13.80 -16.76 -89.70
N LYS L 443 -13.55 -15.46 -89.67
CA LYS L 443 -12.18 -14.95 -89.77
C LYS L 443 -11.35 -15.43 -88.59
N GLN L 444 -10.07 -15.70 -88.85
CA GLN L 444 -9.18 -16.14 -87.78
C GLN L 444 -9.02 -15.03 -86.75
N PHE L 445 -9.65 -15.21 -85.60
CA PHE L 445 -9.66 -14.20 -84.54
C PHE L 445 -8.44 -14.40 -83.66
N VAL L 446 -7.43 -13.55 -83.84
CA VAL L 446 -6.22 -13.60 -83.05
C VAL L 446 -6.42 -12.69 -81.84
N LEU L 447 -6.79 -13.29 -80.71
CA LEU L 447 -6.98 -12.52 -79.50
C LEU L 447 -5.64 -11.96 -79.03
N PRO L 448 -5.59 -10.71 -78.55
CA PRO L 448 -4.33 -10.20 -78.00
C PRO L 448 -3.79 -11.02 -76.86
N MET L 449 -4.67 -11.53 -75.99
CA MET L 449 -4.30 -12.32 -74.84
C MET L 449 -4.97 -13.69 -74.88
N PRO L 450 -4.18 -14.77 -74.92
CA PRO L 450 -4.76 -16.11 -75.16
C PRO L 450 -5.72 -16.52 -74.06
N THR L 451 -6.91 -16.95 -74.48
CA THR L 451 -7.96 -17.37 -73.56
C THR L 451 -8.71 -18.56 -74.14
N ASN L 452 -9.57 -19.15 -73.31
CA ASN L 452 -10.57 -20.12 -73.73
C ASN L 452 -11.95 -19.57 -73.45
N PHE L 453 -12.90 -19.91 -74.31
CA PHE L 453 -14.23 -19.30 -74.29
C PHE L 453 -15.24 -20.26 -73.69
N GLY L 454 -16.23 -19.71 -72.99
CA GLY L 454 -17.23 -20.54 -72.35
C GLY L 454 -18.64 -20.38 -72.87
N ALA L 455 -19.02 -19.16 -73.24
CA ALA L 455 -20.42 -18.85 -73.52
C ALA L 455 -20.64 -18.77 -75.02
N ILE L 456 -21.66 -19.51 -75.50
CA ILE L 456 -22.05 -19.50 -76.89
C ILE L 456 -23.54 -19.19 -76.96
N LEU L 457 -23.90 -18.12 -77.65
CA LEU L 457 -25.30 -17.76 -77.83
C LEU L 457 -25.61 -17.80 -79.31
N ILE L 458 -26.29 -18.88 -79.74
CA ILE L 458 -26.67 -19.08 -81.13
C ILE L 458 -28.13 -18.65 -81.24
N GLU L 459 -28.35 -17.40 -81.62
CA GLU L 459 -29.71 -16.90 -81.74
C GLU L 459 -30.27 -17.23 -83.12
N GLY L 460 -31.56 -17.02 -83.26
CA GLY L 460 -32.26 -17.37 -84.49
C GLY L 460 -33.61 -17.97 -84.17
N SER L 461 -34.28 -18.40 -85.23
CA SER L 461 -35.61 -18.98 -85.12
C SER L 461 -35.72 -20.21 -85.99
N THR L 462 -36.57 -21.15 -85.57
CA THR L 462 -36.84 -22.33 -86.38
C THR L 462 -37.71 -21.94 -87.58
N ALA L 463 -37.81 -22.86 -88.53
CA ALA L 463 -38.57 -22.62 -89.74
C ALA L 463 -40.02 -22.30 -89.41
N ALA L 464 -40.42 -21.04 -89.66
CA ALA L 464 -41.76 -20.59 -89.33
C ALA L 464 -42.35 -19.70 -90.41
N SER L 465 -41.73 -19.62 -91.60
CA SER L 465 -42.29 -18.82 -92.67
C SER L 465 -43.41 -19.57 -93.39
N GLU L 466 -43.50 -20.88 -93.16
CA GLU L 466 -44.52 -21.78 -93.70
C GLU L 466 -44.32 -22.07 -95.18
N GLU L 467 -43.43 -21.34 -95.86
CA GLU L 467 -43.07 -21.73 -97.21
C GLU L 467 -41.91 -22.72 -97.18
N GLU L 468 -40.96 -22.52 -96.26
CA GLU L 468 -40.00 -23.58 -95.99
C GLU L 468 -40.71 -24.81 -95.46
N GLN L 469 -41.75 -24.63 -94.65
CA GLN L 469 -42.54 -25.75 -94.16
C GLN L 469 -43.27 -26.45 -95.30
N ALA L 470 -43.83 -25.70 -96.24
CA ALA L 470 -44.47 -26.32 -97.40
C ALA L 470 -43.45 -27.09 -98.25
N ALA L 471 -42.26 -26.52 -98.44
CA ALA L 471 -41.22 -27.22 -99.18
C ALA L 471 -40.80 -28.50 -98.47
N TYR L 472 -40.68 -28.44 -97.13
CA TYR L 472 -40.33 -29.63 -96.37
C TYR L 472 -41.42 -30.69 -96.47
N ASP L 473 -42.69 -30.26 -96.47
CA ASP L 473 -43.78 -31.22 -96.63
C ASP L 473 -43.75 -31.86 -98.00
N ALA L 474 -43.45 -31.08 -99.05
CA ALA L 474 -43.33 -31.65 -100.38
C ALA L 474 -42.17 -32.63 -100.45
N GLU L 475 -41.05 -32.30 -99.81
CA GLU L 475 -39.93 -33.23 -99.76
C GLU L 475 -40.31 -34.51 -99.01
N ARG L 476 -41.09 -34.37 -97.94
CA ARG L 476 -41.57 -35.54 -97.21
C ARG L 476 -42.47 -36.41 -98.08
N GLN L 477 -43.32 -35.78 -98.89
CA GLN L 477 -44.15 -36.55 -99.81
C GLN L 477 -43.30 -37.28 -100.84
N ARG L 478 -42.26 -36.62 -101.36
CA ARG L 478 -41.36 -37.28 -102.30
C ARG L 478 -40.66 -38.47 -101.63
N ILE L 479 -40.21 -38.28 -100.39
CA ILE L 479 -39.55 -39.35 -99.65
C ILE L 479 -40.49 -40.52 -99.45
N GLU L 480 -41.75 -40.24 -99.09
CA GLU L 480 -42.73 -41.30 -98.90
C GLU L 480 -43.00 -42.03 -100.21
N VAL L 481 -43.08 -41.29 -101.32
CA VAL L 481 -43.33 -41.92 -102.62
C VAL L 481 -42.17 -42.83 -103.01
N GLU L 482 -40.94 -42.36 -102.86
CA GLU L 482 -39.80 -43.19 -103.21
C GLU L 482 -39.67 -44.39 -102.27
N ASN L 483 -40.02 -44.18 -100.99
CA ASN L 483 -40.04 -45.28 -100.04
C ASN L 483 -41.05 -46.34 -100.46
N ALA L 484 -42.23 -45.91 -100.90
CA ALA L 484 -43.25 -46.86 -101.34
C ALA L 484 -42.80 -47.61 -102.59
N THR L 485 -42.21 -46.90 -103.56
CA THR L 485 -41.85 -47.55 -104.81
C THR L 485 -40.66 -48.49 -104.63
N ASN L 486 -39.74 -48.16 -103.73
CA ASN L 486 -38.65 -49.09 -103.44
C ASN L 486 -39.12 -50.23 -102.54
N PHE L 487 -40.17 -49.99 -101.76
CA PHE L 487 -40.69 -51.02 -100.86
C PHE L 487 -41.36 -52.14 -101.64
N ALA L 488 -41.73 -51.89 -102.90
CA ALA L 488 -42.44 -52.86 -103.72
C ALA L 488 -41.53 -53.63 -104.66
N LEU L 489 -40.21 -53.49 -104.52
CA LEU L 489 -39.29 -54.19 -105.40
C LEU L 489 -39.36 -55.70 -105.15
N PRO L 490 -39.25 -56.51 -106.21
CA PRO L 490 -39.31 -57.98 -106.13
C PRO L 490 -38.23 -58.58 -105.26
N ASN L 507 -36.19 -58.89 -102.09
CA ASN L 507 -36.66 -57.56 -102.42
C ASN L 507 -35.50 -56.62 -102.67
N GLY L 508 -35.49 -55.47 -102.01
CA GLY L 508 -34.44 -54.49 -102.14
C GLY L 508 -33.86 -54.15 -100.78
N ASP L 509 -32.58 -54.49 -100.60
CA ASP L 509 -31.89 -54.20 -99.35
C ASP L 509 -31.57 -52.71 -99.23
N MET L 510 -31.55 -52.24 -97.98
CA MET L 510 -31.24 -50.84 -97.64
C MET L 510 -32.29 -49.96 -98.30
N MET L 511 -31.91 -48.83 -98.91
CA MET L 511 -32.84 -47.81 -99.43
C MET L 511 -33.69 -47.31 -98.27
N GLN L 512 -34.90 -46.84 -98.56
CA GLN L 512 -35.78 -46.20 -97.59
C GLN L 512 -35.04 -45.09 -96.84
N ARG L 513 -34.65 -44.09 -97.62
CA ARG L 513 -33.78 -43.04 -97.11
C ARG L 513 -34.47 -42.22 -96.02
N LEU L 514 -33.67 -41.73 -95.08
CA LEU L 514 -34.20 -40.99 -93.96
C LEU L 514 -34.65 -39.60 -94.40
N PRO L 515 -35.76 -39.10 -93.87
CA PRO L 515 -36.18 -37.73 -94.17
C PRO L 515 -35.23 -36.70 -93.58
N ALA L 516 -35.36 -35.47 -94.06
CA ALA L 516 -34.49 -34.38 -93.66
C ALA L 516 -34.91 -33.79 -92.31
N GLU L 517 -34.20 -32.76 -91.86
CA GLU L 517 -34.46 -32.12 -90.57
C GLU L 517 -33.75 -30.77 -90.56
N GLY L 518 -34.26 -29.87 -89.73
CA GLY L 518 -33.64 -28.57 -89.53
C GLY L 518 -32.73 -28.55 -88.32
N PHE L 519 -31.48 -28.13 -88.50
CA PHE L 519 -30.48 -28.22 -87.44
C PHE L 519 -29.58 -26.99 -87.48
N VAL L 520 -28.90 -26.75 -86.36
CA VAL L 520 -27.83 -25.78 -86.27
C VAL L 520 -26.60 -26.50 -85.74
N SER L 521 -25.47 -26.33 -86.43
CA SER L 521 -24.23 -27.01 -86.07
C SER L 521 -23.08 -26.01 -86.19
N VAL L 522 -22.66 -25.46 -85.06
CA VAL L 522 -21.55 -24.51 -85.01
C VAL L 522 -20.34 -25.21 -84.45
N SER L 523 -19.25 -25.23 -85.22
CA SER L 523 -18.00 -25.86 -84.83
C SER L 523 -16.95 -24.79 -84.64
N ILE L 524 -16.23 -24.86 -83.52
CA ILE L 524 -15.21 -23.88 -83.16
C ILE L 524 -13.85 -24.54 -83.24
N TYR L 525 -12.93 -23.90 -83.97
CA TYR L 525 -11.57 -24.42 -84.15
C TYR L 525 -10.66 -23.67 -83.19
N ALA L 526 -10.05 -24.40 -82.25
CA ALA L 526 -9.22 -23.77 -81.24
C ALA L 526 -8.02 -23.07 -81.84
N ASP L 527 -7.10 -23.85 -82.41
CA ASP L 527 -5.91 -23.33 -83.06
C ASP L 527 -5.67 -24.15 -84.33
N GLY L 528 -6.76 -24.42 -85.06
CA GLY L 528 -6.73 -25.34 -86.17
C GLY L 528 -7.28 -26.72 -85.87
N LYS L 529 -7.81 -26.95 -84.67
CA LYS L 529 -8.39 -28.22 -84.29
C LYS L 529 -9.83 -28.00 -83.82
N LEU L 530 -10.73 -28.86 -84.29
CA LEU L 530 -12.14 -28.79 -83.92
C LEU L 530 -12.27 -29.32 -82.49
N VAL L 531 -12.72 -28.48 -81.58
CA VAL L 531 -12.82 -28.88 -80.18
C VAL L 531 -14.26 -29.21 -79.81
N LYS L 532 -15.24 -28.57 -80.45
CA LYS L 532 -16.63 -28.77 -80.07
C LYS L 532 -17.53 -28.47 -81.25
N THR L 533 -18.67 -29.16 -81.27
CA THR L 533 -19.78 -28.84 -82.17
C THR L 533 -21.02 -28.64 -81.30
N VAL L 534 -21.58 -27.44 -81.35
CA VAL L 534 -22.71 -27.05 -80.49
C VAL L 534 -23.95 -26.95 -81.35
N SER L 535 -25.05 -27.51 -80.84
CA SER L 535 -26.33 -27.50 -81.56
C SER L 535 -27.44 -26.78 -80.82
N LYS L 536 -27.25 -26.45 -79.54
CA LYS L 536 -28.27 -25.72 -78.80
C LYS L 536 -28.41 -24.30 -79.36
N MET L 537 -29.66 -23.84 -79.45
CA MET L 537 -29.97 -22.54 -80.03
C MET L 537 -30.81 -21.73 -79.07
N ASN L 538 -30.60 -20.41 -79.11
CA ASN L 538 -31.30 -19.42 -78.30
C ASN L 538 -31.02 -19.57 -76.80
N ARG L 539 -30.16 -20.50 -76.42
CA ARG L 539 -29.73 -20.67 -75.04
C ARG L 539 -28.22 -20.82 -75.01
N MET L 540 -27.62 -20.37 -73.91
CA MET L 540 -26.17 -20.39 -73.81
C MET L 540 -25.64 -21.83 -73.74
N ALA L 541 -24.53 -22.07 -74.44
CA ALA L 541 -23.87 -23.37 -74.47
C ALA L 541 -22.45 -23.21 -73.98
N ARG L 542 -21.73 -24.33 -73.88
CA ARG L 542 -20.39 -24.34 -73.31
C ARG L 542 -19.42 -25.04 -74.26
N LEU L 543 -18.21 -24.50 -74.37
CA LEU L 543 -17.12 -25.15 -75.09
C LEU L 543 -16.45 -26.17 -74.18
N PRO L 544 -15.45 -26.89 -74.66
CA PRO L 544 -14.64 -27.71 -73.76
C PRO L 544 -13.62 -26.85 -73.02
N SER L 545 -12.81 -27.52 -72.20
CA SER L 545 -11.78 -26.87 -71.41
C SER L 545 -10.47 -27.62 -71.54
N GLY L 546 -9.45 -27.10 -70.86
CA GLY L 546 -8.14 -27.72 -70.85
C GLY L 546 -7.27 -27.35 -72.04
N PHE L 547 -7.77 -26.54 -72.95
CA PHE L 547 -7.02 -26.09 -74.12
C PHE L 547 -6.97 -24.57 -74.15
N LEU L 548 -5.78 -24.03 -74.39
CA LEU L 548 -5.55 -22.59 -74.44
C LEU L 548 -5.04 -22.24 -75.83
N ALA L 549 -5.77 -21.39 -76.53
CA ALA L 549 -5.40 -21.00 -77.88
C ALA L 549 -5.68 -19.51 -78.06
N ARG L 550 -5.00 -18.91 -79.03
CA ARG L 550 -5.14 -17.48 -79.29
C ARG L 550 -5.63 -17.16 -80.70
N ILE L 551 -5.45 -18.06 -81.66
CA ILE L 551 -5.98 -17.89 -83.01
C ILE L 551 -7.28 -18.70 -83.09
N TRP L 552 -8.40 -18.08 -82.76
CA TRP L 552 -9.70 -18.73 -82.77
C TRP L 552 -10.45 -18.42 -84.05
N GLU L 553 -11.28 -19.37 -84.47
CA GLU L 553 -12.17 -19.18 -85.61
C GLU L 553 -13.43 -20.02 -85.42
N ILE L 554 -14.52 -19.57 -86.03
CA ILE L 554 -15.83 -20.20 -85.88
C ILE L 554 -16.31 -20.68 -87.24
N GLU L 555 -16.97 -21.83 -87.26
CA GLU L 555 -17.62 -22.33 -88.46
C GLU L 555 -19.09 -22.61 -88.15
N VAL L 556 -19.98 -22.18 -89.05
CA VAL L 556 -21.42 -22.31 -88.85
C VAL L 556 -21.97 -23.20 -89.95
N ASN L 557 -22.66 -24.28 -89.54
CA ASN L 557 -23.29 -25.22 -90.46
C ASN L 557 -24.73 -25.42 -90.03
N SER L 558 -25.67 -25.18 -90.93
CA SER L 558 -27.08 -25.28 -90.57
C SER L 558 -27.93 -25.37 -91.82
N ASN L 559 -29.18 -25.82 -91.65
CA ASN L 559 -30.16 -25.70 -92.72
C ASN L 559 -31.09 -24.52 -92.48
N ILE L 560 -31.01 -23.90 -91.32
CA ILE L 560 -31.83 -22.74 -91.00
C ILE L 560 -30.94 -21.53 -90.76
N ASN L 561 -31.54 -20.35 -90.80
CA ASN L 561 -30.78 -19.12 -90.62
C ASN L 561 -30.42 -18.91 -89.16
N ILE L 562 -29.32 -18.18 -88.93
CA ILE L 562 -28.85 -17.84 -87.61
C ILE L 562 -28.75 -16.33 -87.51
N SER L 563 -29.28 -15.76 -86.42
CA SER L 563 -29.19 -14.32 -86.23
C SER L 563 -27.74 -13.90 -85.98
N ASP L 564 -27.14 -14.38 -84.88
CA ASP L 564 -25.79 -14.02 -84.54
C ASP L 564 -25.21 -15.01 -83.54
N ILE L 565 -23.89 -15.05 -83.45
CA ILE L 565 -23.18 -15.79 -82.42
C ILE L 565 -22.29 -14.83 -81.65
N VAL L 566 -22.43 -14.82 -80.33
CA VAL L 566 -21.56 -14.06 -79.45
C VAL L 566 -20.85 -15.04 -78.53
N LEU L 567 -19.54 -14.87 -78.40
CA LEU L 567 -18.69 -15.83 -77.71
C LEU L 567 -17.98 -15.14 -76.55
N ALA L 568 -18.07 -15.74 -75.35
CA ALA L 568 -17.48 -15.17 -74.15
C ALA L 568 -16.92 -16.29 -73.30
N THR L 569 -15.93 -15.95 -72.46
CA THR L 569 -15.31 -16.96 -71.61
C THR L 569 -16.19 -17.30 -70.42
N THR L 570 -17.01 -16.36 -69.97
CA THR L 570 -17.87 -16.56 -68.82
C THR L 570 -19.26 -16.00 -69.13
N GLY L 571 -20.29 -16.62 -68.54
CA GLY L 571 -21.63 -16.10 -68.70
C GLY L 571 -21.78 -14.69 -68.16
N GLN L 572 -21.07 -14.38 -67.07
CA GLN L 572 -21.10 -13.03 -66.54
C GLN L 572 -20.54 -12.02 -67.53
N GLU L 573 -19.47 -12.37 -68.24
CA GLU L 573 -18.97 -11.48 -69.28
C GLU L 573 -19.90 -11.47 -70.49
N LEU L 574 -20.62 -12.58 -70.70
CA LEU L 574 -21.67 -12.60 -71.72
C LEU L 574 -22.78 -11.62 -71.38
N ARG L 575 -23.01 -11.37 -70.08
CA ARG L 575 -23.95 -10.35 -69.66
C ARG L 575 -23.51 -8.97 -70.15
N ASN L 576 -22.20 -8.71 -70.10
CA ASN L 576 -21.70 -7.38 -70.48
C ASN L 576 -22.04 -7.04 -71.91
N VAL L 577 -21.78 -7.96 -72.83
CA VAL L 577 -22.13 -7.76 -74.24
C VAL L 577 -22.78 -9.02 -74.79
N THR M 2 -30.18 1.56 -68.63
CA THR M 2 -30.65 0.60 -69.63
C THR M 2 -31.87 1.15 -70.36
N THR M 3 -31.97 2.47 -70.44
CA THR M 3 -33.09 3.10 -71.13
C THR M 3 -33.03 2.80 -72.62
N LEU M 4 -34.20 2.51 -73.21
CA LEU M 4 -34.38 2.55 -74.65
C LEU M 4 -35.43 3.61 -74.94
N LYS M 5 -35.09 4.57 -75.81
CA LYS M 5 -35.95 5.69 -76.14
C LYS M 5 -36.28 5.65 -77.62
N LEU M 6 -37.56 5.77 -77.94
CA LEU M 6 -38.05 5.72 -79.31
C LEU M 6 -38.52 7.11 -79.71
N THR M 7 -37.74 7.77 -80.56
CA THR M 7 -38.06 9.12 -81.00
C THR M 7 -37.59 9.25 -82.44
N ALA M 8 -38.26 10.12 -83.19
CA ALA M 8 -37.98 10.32 -84.62
C ALA M 8 -38.13 9.01 -85.37
N TYR M 9 -39.35 8.48 -85.39
CA TYR M 9 -39.62 7.18 -85.97
C TYR M 9 -39.34 7.19 -87.47
N SER M 10 -38.93 6.03 -87.99
CA SER M 10 -38.67 5.86 -89.41
C SER M 10 -39.44 4.65 -89.91
N GLY M 11 -39.33 4.38 -91.21
CA GLY M 11 -40.14 3.35 -91.82
C GLY M 11 -39.53 1.96 -91.71
N GLU M 12 -40.05 1.06 -92.54
CA GLU M 12 -39.67 -0.34 -92.51
C GLU M 12 -38.66 -0.66 -93.59
N VAL M 13 -37.60 -1.38 -93.22
CA VAL M 13 -36.61 -1.89 -94.15
C VAL M 13 -36.52 -3.39 -93.95
N PRO M 14 -37.24 -4.20 -94.73
CA PRO M 14 -37.23 -5.66 -94.54
C PRO M 14 -36.00 -6.39 -95.09
N ARG M 15 -35.06 -5.70 -95.73
CA ARG M 15 -33.81 -6.35 -96.12
C ARG M 15 -32.80 -6.20 -95.00
N THR M 16 -33.20 -6.58 -93.78
CA THR M 16 -32.34 -6.42 -92.62
C THR M 16 -32.85 -7.35 -91.53
N LEU M 17 -31.92 -8.03 -90.87
CA LEU M 17 -32.27 -8.84 -89.72
C LEU M 17 -32.93 -7.96 -88.66
N PRO M 18 -33.98 -8.44 -88.00
CA PRO M 18 -34.76 -7.57 -87.11
C PRO M 18 -33.94 -6.88 -86.04
N ARG M 19 -32.88 -7.52 -85.55
CA ARG M 19 -32.05 -6.89 -84.52
C ARG M 19 -31.13 -5.83 -85.11
N LEU M 20 -30.88 -5.89 -86.43
CA LEU M 20 -29.88 -5.05 -87.07
C LEU M 20 -30.48 -3.84 -87.79
N LEU M 21 -31.74 -3.55 -87.55
CA LEU M 21 -32.36 -2.35 -88.12
C LEU M 21 -31.72 -1.12 -87.49
N PRO M 22 -31.79 0.03 -88.18
CA PRO M 22 -31.35 1.28 -87.56
C PRO M 22 -32.10 1.55 -86.26
N ASP M 23 -31.54 2.47 -85.47
CA ASP M 23 -32.04 2.69 -84.12
C ASP M 23 -33.49 3.14 -84.11
N THR M 24 -33.96 3.78 -85.18
CA THR M 24 -35.29 4.35 -85.24
C THR M 24 -36.08 3.79 -86.42
N ALA M 25 -35.62 2.66 -86.95
CA ALA M 25 -36.34 1.96 -88.00
C ALA M 25 -37.08 0.77 -87.38
N SER M 26 -38.24 0.45 -87.94
CA SER M 26 -39.11 -0.49 -87.27
C SER M 26 -39.95 -1.26 -88.27
N GLN M 27 -40.43 -2.42 -87.83
CA GLN M 27 -41.22 -3.30 -88.67
C GLN M 27 -42.68 -2.89 -88.69
N ARG M 28 -43.38 -3.29 -89.74
CA ARG M 28 -44.82 -3.14 -89.87
C ARG M 28 -45.26 -1.69 -89.64
N ALA M 29 -44.73 -0.79 -90.47
CA ALA M 29 -45.18 0.60 -90.47
C ALA M 29 -46.46 0.71 -91.28
N LEU M 30 -47.56 0.34 -90.61
CA LEU M 30 -48.85 0.18 -91.28
C LEU M 30 -49.77 1.33 -90.92
N ASN M 31 -50.37 1.95 -91.95
CA ASN M 31 -51.22 3.13 -91.81
C ASN M 31 -50.56 4.25 -91.01
N VAL M 32 -49.31 4.59 -91.34
CA VAL M 32 -48.57 5.63 -90.65
C VAL M 32 -48.03 6.61 -91.70
N ARG M 33 -48.09 7.90 -91.38
CA ARG M 33 -47.46 8.94 -92.18
C ARG M 33 -46.32 9.53 -91.35
N LEU M 34 -45.08 9.27 -91.78
CA LEU M 34 -43.90 9.70 -91.05
C LEU M 34 -43.30 10.94 -91.70
N ASP M 35 -43.81 12.10 -91.26
CA ASP M 35 -43.37 13.39 -91.78
C ASP M 35 -42.68 14.24 -90.73
N ASN M 36 -43.34 14.50 -89.60
CA ASN M 36 -42.77 15.40 -88.60
C ASN M 36 -41.79 14.68 -87.69
N GLY M 37 -41.82 13.36 -87.69
CA GLY M 37 -41.06 12.57 -86.74
C GLY M 37 -41.88 11.88 -85.69
N GLY M 38 -43.17 11.68 -85.94
CA GLY M 38 -44.06 11.02 -84.98
C GLY M 38 -45.02 10.14 -85.72
N LEU M 39 -45.92 9.51 -84.95
CA LEU M 39 -46.89 8.56 -85.51
C LEU M 39 -48.18 9.29 -85.87
N THR M 40 -48.10 10.05 -86.95
CA THR M 40 -49.30 10.72 -87.45
C THR M 40 -50.16 9.70 -88.21
N PRO M 41 -51.39 9.47 -87.78
CA PRO M 41 -52.21 8.43 -88.42
C PRO M 41 -52.73 8.86 -89.79
N THR M 42 -52.91 7.87 -90.68
CA THR M 42 -53.55 8.13 -91.96
C THR M 42 -55.05 8.33 -91.78
N ARG M 43 -55.64 9.14 -92.66
CA ARG M 43 -57.07 9.32 -92.64
C ARG M 43 -57.76 8.16 -93.36
N GLN M 44 -59.03 7.96 -93.03
CA GLN M 44 -59.85 6.91 -93.62
C GLN M 44 -60.34 7.34 -95.00
N PRO M 45 -60.28 6.45 -95.99
CA PRO M 45 -60.79 6.79 -97.32
C PRO M 45 -62.29 7.08 -97.27
N ARG M 46 -62.72 8.01 -98.14
CA ARG M 46 -64.13 8.34 -98.26
C ARG M 46 -64.63 7.97 -99.65
N PHE M 47 -65.85 7.47 -99.71
CA PHE M 47 -66.44 6.97 -100.95
C PHE M 47 -66.92 8.15 -101.78
N GLU M 48 -66.20 8.40 -102.90
CA GLU M 48 -66.52 9.57 -103.72
C GLU M 48 -67.55 9.22 -104.79
N ALA M 49 -67.33 8.14 -105.54
CA ALA M 49 -68.24 7.77 -106.62
C ALA M 49 -68.14 6.28 -106.86
N ASN M 50 -69.10 5.76 -107.61
CA ASN M 50 -69.22 4.33 -107.87
C ASN M 50 -69.04 4.05 -109.35
N ILE M 51 -68.41 2.91 -109.67
CA ILE M 51 -68.14 2.56 -111.05
C ILE M 51 -69.29 1.73 -111.62
N SER M 52 -69.44 1.78 -112.94
CA SER M 52 -70.56 1.12 -113.61
C SER M 52 -70.29 -0.37 -113.84
N VAL M 53 -69.21 -0.70 -114.54
CA VAL M 53 -69.01 -2.05 -115.05
C VAL M 53 -68.02 -2.80 -114.15
N ASP M 54 -68.38 -4.05 -113.85
CA ASP M 54 -67.65 -4.87 -112.90
C ASP M 54 -66.28 -5.27 -113.46
N ASN M 55 -65.35 -5.54 -112.54
CA ASN M 55 -64.00 -6.00 -112.89
C ASN M 55 -63.25 -4.93 -113.69
N ALA M 56 -63.25 -3.71 -113.17
CA ALA M 56 -62.50 -2.64 -113.81
C ALA M 56 -61.02 -2.74 -113.44
N LYS M 57 -60.17 -2.76 -114.47
CA LYS M 57 -58.73 -2.83 -114.27
C LYS M 57 -58.02 -1.49 -114.48
N THR M 58 -58.70 -0.51 -115.06
CA THR M 58 -58.13 0.82 -115.24
C THR M 58 -59.23 1.85 -115.05
N ILE M 59 -58.99 2.83 -114.20
CA ILE M 59 -59.95 3.88 -113.91
C ILE M 59 -59.35 5.23 -114.29
N TYR M 60 -60.21 6.12 -114.79
CA TYR M 60 -59.77 7.44 -115.23
C TYR M 60 -60.92 8.41 -115.02
N LYS M 61 -60.56 9.68 -114.80
CA LYS M 61 -61.53 10.74 -114.66
C LYS M 61 -61.28 11.80 -115.73
N HIS M 62 -62.26 12.03 -116.58
CA HIS M 62 -62.21 13.09 -117.57
C HIS M 62 -63.34 14.07 -117.28
N ASN M 63 -62.99 15.35 -117.14
CA ASN M 63 -63.93 16.40 -116.74
C ASN M 63 -64.53 16.00 -115.39
N GLY M 64 -65.85 15.97 -115.24
CA GLY M 64 -66.41 15.60 -113.94
C GLY M 64 -66.75 14.12 -113.86
N ALA M 65 -66.87 13.45 -115.01
CA ALA M 65 -67.31 12.07 -115.07
C ALA M 65 -66.15 11.11 -114.81
N TRP M 66 -66.51 9.90 -114.40
CA TRP M 66 -65.55 8.84 -114.13
C TRP M 66 -65.61 7.82 -115.26
N LEU M 67 -64.46 7.44 -115.78
CA LEU M 67 -64.36 6.46 -116.86
C LEU M 67 -63.60 5.24 -116.38
N ALA M 68 -64.13 4.06 -116.72
CA ALA M 68 -63.49 2.80 -116.37
C ALA M 68 -63.63 1.83 -117.53
N TRP M 69 -62.66 0.93 -117.66
CA TRP M 69 -62.64 -0.03 -118.74
C TRP M 69 -62.14 -1.37 -118.23
N GLN M 70 -62.46 -2.44 -118.98
CA GLN M 70 -62.12 -3.80 -118.60
C GLN M 70 -60.71 -4.20 -119.03
N ASN M 71 -59.99 -3.33 -119.72
CA ASN M 71 -58.65 -3.62 -120.18
C ASN M 71 -57.68 -2.57 -119.65
N VAL M 72 -56.39 -2.89 -119.69
CA VAL M 72 -55.35 -1.96 -119.29
C VAL M 72 -55.28 -0.86 -120.34
N VAL M 73 -55.80 0.32 -120.00
CA VAL M 73 -56.00 1.39 -120.96
C VAL M 73 -55.18 2.59 -120.54
N HIS M 74 -54.38 3.13 -121.45
CA HIS M 74 -53.57 4.30 -121.19
C HIS M 74 -54.13 5.49 -121.96
N ALA M 75 -54.39 6.58 -121.23
CA ALA M 75 -55.00 7.77 -121.82
C ALA M 75 -54.16 9.00 -121.47
N ALA M 76 -53.96 9.86 -122.46
CA ALA M 76 -53.21 11.09 -122.28
C ALA M 76 -53.84 12.18 -123.13
N PRO M 77 -53.78 13.44 -122.69
CA PRO M 77 -54.32 14.52 -123.51
C PRO M 77 -53.49 14.71 -124.79
N GLY M 78 -54.16 15.19 -125.82
CA GLY M 78 -53.53 15.43 -127.10
C GLY M 78 -52.94 16.82 -127.23
N PRO M 79 -51.91 16.96 -128.06
CA PRO M 79 -51.30 18.28 -128.24
C PRO M 79 -52.21 19.30 -128.88
N VAL M 80 -53.28 18.87 -129.55
CA VAL M 80 -54.17 19.80 -130.24
C VAL M 80 -54.80 20.75 -129.23
N ALA M 81 -55.17 21.95 -129.70
CA ALA M 81 -55.65 23.00 -128.82
C ALA M 81 -56.91 22.58 -128.08
N GLN M 82 -57.86 21.98 -128.78
CA GLN M 82 -59.10 21.57 -128.14
C GLN M 82 -58.87 20.39 -127.21
N ASP M 83 -59.65 20.34 -126.14
CA ASP M 83 -59.52 19.27 -125.16
C ASP M 83 -59.90 17.93 -125.79
N ARG M 84 -58.96 16.99 -125.76
CA ARG M 84 -59.17 15.68 -126.36
C ARG M 84 -58.58 14.62 -125.45
N LEU M 85 -59.16 13.42 -125.50
CA LEU M 85 -58.67 12.28 -124.74
C LEU M 85 -58.42 11.13 -125.69
N TYR M 86 -57.23 10.54 -125.61
CA TYR M 86 -56.83 9.42 -126.46
C TYR M 86 -56.55 8.22 -125.57
N TYR M 87 -57.51 7.30 -125.49
CA TYR M 87 -57.34 6.06 -124.73
C TYR M 87 -57.45 4.92 -125.72
N MET M 88 -56.43 4.06 -125.72
CA MET M 88 -56.22 3.13 -126.83
C MET M 88 -56.14 1.67 -126.39
N GLY M 89 -56.20 1.41 -125.09
CA GLY M 89 -56.10 0.04 -124.62
C GLY M 89 -57.29 -0.82 -124.99
N ASP M 90 -58.42 -0.18 -125.34
CA ASP M 90 -59.65 -0.90 -125.67
C ASP M 90 -59.61 -1.35 -127.12
N GLY M 91 -58.68 -2.25 -127.41
CA GLY M 91 -58.57 -2.80 -128.75
C GLY M 91 -58.29 -1.73 -129.78
N LYS M 92 -59.30 -1.42 -130.58
CA LYS M 92 -59.15 -0.38 -131.60
C LYS M 92 -58.90 0.96 -130.93
N PRO M 93 -57.94 1.75 -131.41
CA PRO M 93 -57.73 3.10 -130.85
C PRO M 93 -58.99 3.95 -131.00
N LYS M 94 -59.36 4.63 -129.93
CA LYS M 94 -60.58 5.42 -129.90
C LYS M 94 -60.34 6.70 -129.13
N MET M 95 -61.09 7.75 -129.51
CA MET M 95 -60.86 9.11 -129.07
C MET M 95 -62.18 9.77 -128.73
N ILE M 96 -62.16 10.66 -127.73
CA ILE M 96 -63.38 11.26 -127.18
C ILE M 96 -63.37 12.76 -127.47
N VAL M 97 -64.49 13.25 -128.02
CA VAL M 97 -64.75 14.67 -128.15
C VAL M 97 -66.07 14.99 -127.45
N ASP M 98 -66.01 15.91 -126.48
CA ASP M 98 -67.21 16.41 -125.80
C ASP M 98 -68.01 15.26 -125.18
N GLY M 99 -67.31 14.27 -124.64
CA GLY M 99 -67.98 13.13 -124.05
C GLY M 99 -68.50 12.11 -125.05
N THR M 100 -68.21 12.29 -126.34
CA THR M 100 -68.62 11.36 -127.38
C THR M 100 -67.38 10.68 -127.93
N THR M 101 -67.41 9.35 -127.99
CA THR M 101 -66.25 8.56 -128.39
C THR M 101 -66.28 8.33 -129.90
N TYR M 102 -65.16 8.65 -130.54
CA TYR M 102 -64.94 8.37 -131.96
C TYR M 102 -63.79 7.36 -132.08
N ASP M 103 -63.41 7.05 -133.31
CA ASP M 103 -62.29 6.18 -133.60
C ASP M 103 -61.10 7.03 -134.04
N LEU M 104 -59.93 6.75 -133.46
CA LEU M 104 -58.74 7.50 -133.80
C LEU M 104 -58.39 7.33 -135.28
N ALA M 105 -58.62 6.15 -135.83
CA ALA M 105 -58.36 5.92 -137.24
C ALA M 105 -59.36 6.68 -138.10
N VAL M 106 -58.85 7.31 -139.15
CA VAL M 106 -59.67 8.01 -140.13
C VAL M 106 -59.65 7.22 -141.42
N PRO M 107 -60.80 6.77 -141.93
CA PRO M 107 -60.80 5.89 -143.11
C PRO M 107 -60.16 6.57 -144.32
N MET M 108 -59.41 5.78 -145.08
CA MET M 108 -58.72 6.29 -146.25
C MET M 108 -59.70 6.55 -147.38
N PRO M 109 -59.28 7.39 -148.33
CA PRO M 109 -60.07 7.72 -149.52
C PRO M 109 -61.42 8.36 -149.14
N THR M 110 -61.44 9.07 -148.02
CA THR M 110 -62.66 9.73 -147.54
C THR M 110 -62.52 11.24 -147.52
N ALA M 111 -61.49 11.76 -146.85
CA ALA M 111 -61.36 13.21 -146.71
C ALA M 111 -60.50 13.82 -147.81
N ALA M 112 -59.51 13.08 -148.30
CA ALA M 112 -58.57 13.62 -149.27
C ALA M 112 -58.46 12.69 -150.48
N PRO M 113 -58.55 13.27 -151.67
CA PRO M 113 -58.35 12.55 -152.92
C PRO M 113 -57.58 13.44 -153.88
N ALA M 114 -56.62 12.85 -154.59
CA ALA M 114 -55.76 13.57 -155.52
C ALA M 114 -56.00 13.06 -156.93
N LEU M 115 -56.30 13.98 -157.85
CA LEU M 115 -56.49 13.65 -159.25
C LEU M 115 -55.56 14.53 -160.08
N THR M 116 -54.76 13.90 -160.93
CA THR M 116 -53.79 14.61 -161.77
C THR M 116 -53.76 13.99 -163.16
N VAL M 117 -53.55 14.84 -164.16
CA VAL M 117 -53.47 14.40 -165.54
C VAL M 117 -52.67 15.42 -166.32
N THR M 118 -51.96 14.95 -167.35
CA THR M 118 -51.17 15.85 -168.19
C THR M 118 -52.07 16.67 -169.12
N GLY M 119 -53.22 16.12 -169.50
CA GLY M 119 -54.13 16.81 -170.40
C GLY M 119 -55.00 17.83 -169.69
N THR M 120 -54.94 17.92 -168.36
CA THR M 120 -55.76 18.86 -167.63
C THR M 120 -55.33 20.29 -167.92
N GLY M 121 -56.25 21.23 -167.70
CA GLY M 121 -56.11 22.67 -167.88
C GLY M 121 -56.00 23.06 -169.35
N THR M 122 -56.02 22.09 -170.28
CA THR M 122 -55.99 22.37 -171.70
C THR M 122 -57.25 21.91 -172.43
N GLY M 123 -57.84 20.80 -172.01
CA GLY M 123 -59.06 20.28 -172.63
C GLY M 123 -60.11 20.07 -171.55
N ASN M 124 -61.35 20.47 -171.86
CA ASN M 124 -62.44 20.34 -170.91
C ASN M 124 -62.90 18.89 -170.80
N VAL M 125 -63.68 18.63 -169.75
CA VAL M 125 -64.27 17.31 -169.48
C VAL M 125 -63.12 16.32 -169.26
N THR M 126 -63.08 15.20 -169.97
CA THR M 126 -62.03 14.17 -169.81
C THR M 126 -62.10 13.67 -168.37
N SER M 127 -60.98 13.57 -167.66
CA SER M 127 -60.92 13.17 -166.25
C SER M 127 -61.28 11.71 -166.06
N ILE M 128 -60.90 11.14 -164.91
CA ILE M 128 -61.20 9.75 -164.59
C ILE M 128 -61.71 9.59 -163.17
N ALA M 129 -62.47 10.57 -162.67
CA ALA M 129 -63.09 10.54 -161.35
C ALA M 129 -62.05 10.52 -160.24
N TYR M 130 -61.33 9.41 -160.10
CA TYR M 130 -60.32 9.26 -159.05
C TYR M 130 -59.09 8.58 -159.62
N VAL M 131 -57.94 9.24 -159.47
CA VAL M 131 -56.67 8.67 -159.93
C VAL M 131 -55.92 8.03 -158.77
N TYR M 132 -55.70 8.79 -157.70
CA TYR M 132 -55.02 8.31 -156.51
C TYR M 132 -55.78 8.78 -155.27
N THR M 133 -55.82 7.93 -154.25
CA THR M 133 -56.51 8.24 -152.99
C THR M 133 -55.46 8.48 -151.92
N PHE M 134 -55.29 9.74 -151.54
CA PHE M 134 -54.33 10.09 -150.51
C PHE M 134 -54.90 9.81 -149.12
N VAL M 135 -54.03 9.88 -148.12
CA VAL M 135 -54.45 9.66 -146.75
C VAL M 135 -55.37 10.80 -146.28
N THR M 136 -56.34 10.43 -145.45
CA THR M 136 -57.28 11.41 -144.95
C THR M 136 -56.71 12.19 -143.78
N ALA M 137 -57.24 13.39 -143.57
CA ALA M 137 -56.84 14.27 -142.49
C ALA M 137 -58.06 14.62 -141.66
N PHE M 138 -58.03 14.28 -140.37
CA PHE M 138 -59.18 14.56 -139.52
C PHE M 138 -59.31 16.05 -139.21
N GLY M 139 -58.20 16.70 -138.86
CA GLY M 139 -58.17 18.12 -138.49
C GLY M 139 -59.15 18.29 -137.33
N GLU M 140 -60.09 19.23 -137.40
CA GLU M 140 -61.11 19.38 -136.37
C GLU M 140 -62.41 18.68 -136.70
N GLU M 141 -62.81 18.66 -137.96
CA GLU M 141 -64.01 17.95 -138.41
C GLU M 141 -63.60 16.89 -139.43
N SER M 142 -64.02 15.65 -139.21
CA SER M 142 -63.66 14.54 -140.07
C SER M 142 -64.93 13.85 -140.57
N GLU M 143 -64.81 13.27 -141.77
CA GLU M 143 -65.93 12.57 -142.42
C GLU M 143 -67.09 13.52 -142.69
N PRO M 144 -66.80 14.82 -142.70
CA PRO M 144 -67.80 15.83 -143.02
C PRO M 144 -67.39 16.61 -144.26
N SER M 145 -66.15 17.12 -144.24
CA SER M 145 -65.63 17.84 -145.39
C SER M 145 -64.63 16.99 -146.17
N ALA M 146 -64.39 17.39 -147.41
CA ALA M 146 -63.45 16.70 -148.27
C ALA M 146 -62.49 17.70 -148.90
N LEU M 147 -61.30 17.23 -149.24
CA LEU M 147 -60.27 18.06 -149.85
C LEU M 147 -59.77 17.38 -151.12
N SER M 148 -59.59 18.17 -152.17
CA SER M 148 -59.10 17.67 -153.45
C SER M 148 -57.92 18.53 -153.91
N ASN M 149 -56.89 17.86 -154.41
CA ASN M 149 -55.70 18.54 -154.92
C ASN M 149 -55.31 17.95 -156.26
N VAL M 150 -54.74 18.80 -157.13
CA VAL M 150 -54.29 18.40 -158.45
C VAL M 150 -52.76 18.40 -158.45
N ALA M 151 -52.17 17.21 -158.50
CA ALA M 151 -50.71 17.06 -158.48
C ALA M 151 -50.17 16.97 -159.90
N GLY M 152 -50.40 18.03 -160.67
CA GLY M 152 -49.92 18.09 -162.03
C GLY M 152 -48.40 18.16 -162.06
N TRP M 153 -47.79 17.43 -162.99
CA TRP M 153 -46.34 17.37 -163.15
C TRP M 153 -45.64 16.98 -161.85
N GLN M 154 -46.23 16.03 -161.14
CA GLN M 154 -45.67 15.56 -159.87
C GLN M 154 -45.76 14.04 -159.76
N ALA M 197 -50.48 25.80 -158.56
CA ALA M 197 -51.42 25.63 -157.46
C ALA M 197 -52.77 26.25 -157.79
N ALA M 198 -52.74 27.35 -158.55
CA ALA M 198 -53.95 28.05 -158.97
C ALA M 198 -54.20 27.79 -160.44
N SER M 199 -55.36 27.23 -160.75
CA SER M 199 -55.73 26.89 -162.11
C SER M 199 -57.24 26.62 -162.14
N ALA M 200 -57.71 26.12 -163.28
CA ALA M 200 -59.11 25.76 -163.40
C ALA M 200 -59.49 24.68 -162.39
N ALA M 201 -60.58 24.91 -161.66
CA ALA M 201 -61.00 23.95 -160.64
C ALA M 201 -61.43 22.62 -161.26
N ASN M 202 -62.12 22.69 -162.40
CA ASN M 202 -62.58 21.51 -163.14
C ASN M 202 -63.61 20.73 -162.33
N PHE M 203 -64.01 19.56 -162.84
CA PHE M 203 -65.01 18.75 -162.15
C PHE M 203 -64.43 18.15 -160.87
N VAL M 204 -65.34 17.81 -159.95
CA VAL M 204 -64.97 17.24 -158.67
C VAL M 204 -66.06 16.30 -158.20
N ASP M 205 -65.69 15.41 -157.27
CA ASP M 205 -66.64 14.45 -156.73
C ASP M 205 -67.71 15.16 -155.91
N THR M 206 -68.96 14.71 -156.07
CA THR M 206 -70.09 15.31 -155.39
C THR M 206 -70.63 14.45 -154.25
N HIS M 207 -69.82 13.52 -153.73
CA HIS M 207 -70.30 12.67 -152.63
C HIS M 207 -70.59 13.49 -151.39
N ALA M 208 -69.75 14.47 -151.08
CA ALA M 208 -69.94 15.32 -149.91
C ALA M 208 -69.34 16.69 -150.20
N THR M 209 -69.35 17.56 -149.19
CA THR M 209 -68.76 18.87 -149.32
C THR M 209 -67.25 18.75 -149.56
N ASN M 210 -66.75 19.50 -150.53
CA ASN M 210 -65.37 19.41 -150.95
C ASN M 210 -64.75 20.80 -151.01
N ASP M 211 -63.42 20.83 -150.87
CA ASP M 211 -62.64 22.06 -150.94
C ASP M 211 -61.51 21.88 -151.93
N PHE M 212 -61.29 22.90 -152.76
CA PHE M 212 -60.25 22.89 -153.79
C PHE M 212 -59.02 23.63 -153.24
N GLY M 213 -58.17 22.89 -152.53
CA GLY M 213 -56.94 23.45 -151.98
C GLY M 213 -55.75 22.74 -152.59
N GLU M 214 -54.74 23.51 -152.99
CA GLU M 214 -53.55 22.99 -153.67
C GLU M 214 -52.33 23.30 -152.81
N MET M 215 -52.02 22.39 -151.91
CA MET M 215 -50.82 22.47 -151.07
C MET M 215 -50.11 21.12 -151.08
N LEU M 216 -48.88 21.11 -150.58
CA LEU M 216 -48.13 19.87 -150.48
C LEU M 216 -48.91 18.84 -149.69
N PRO M 217 -49.33 17.78 -150.38
CA PRO M 217 -50.18 16.77 -149.76
C PRO M 217 -49.42 15.99 -148.70
N SER M 218 -50.03 15.86 -147.53
CA SER M 218 -49.43 15.11 -146.42
C SER M 218 -49.90 13.65 -146.55
N LEU M 219 -49.30 12.94 -147.49
CA LEU M 219 -49.64 11.55 -147.74
C LEU M 219 -48.96 10.58 -146.77
N GLU M 220 -48.03 11.06 -145.96
CA GLU M 220 -47.35 10.19 -145.00
C GLU M 220 -48.23 9.80 -143.82
N TYR M 221 -49.41 10.42 -143.68
CA TYR M 221 -50.33 10.03 -142.62
C TYR M 221 -50.80 8.60 -142.85
N ASN M 222 -50.97 7.85 -141.75
CA ASN M 222 -51.46 6.48 -141.81
C ASN M 222 -52.47 6.26 -140.71
N ALA M 223 -53.46 5.42 -141.01
CA ALA M 223 -54.45 5.06 -140.01
C ALA M 223 -53.80 4.26 -138.88
N PRO M 224 -54.14 4.57 -137.63
CA PRO M 224 -53.59 3.81 -136.49
C PRO M 224 -53.91 2.34 -136.62
N PRO M 225 -52.88 1.49 -136.77
CA PRO M 225 -53.13 0.05 -136.90
C PRO M 225 -53.69 -0.53 -135.61
N ASP M 226 -54.48 -1.59 -135.77
CA ASP M 226 -55.03 -2.28 -134.61
C ASP M 226 -53.94 -2.99 -133.84
N GLY M 227 -54.14 -3.13 -132.53
CA GLY M 227 -53.16 -3.75 -131.67
C GLY M 227 -52.28 -2.78 -130.92
N LEU M 228 -52.31 -1.50 -131.25
CA LEU M 228 -51.55 -0.51 -130.50
C LEU M 228 -52.15 -0.37 -129.10
N LYS M 229 -51.32 -0.46 -128.07
CA LYS M 229 -51.82 -0.58 -126.70
C LYS M 229 -51.49 0.63 -125.84
N GLY M 230 -50.22 1.01 -125.72
CA GLY M 230 -49.80 2.04 -124.78
C GLY M 230 -49.56 3.38 -125.44
N LEU M 231 -50.34 4.37 -125.04
CA LEU M 231 -50.21 5.74 -125.54
C LEU M 231 -49.76 6.64 -124.40
N ILE M 232 -48.66 7.36 -124.62
CA ILE M 232 -48.13 8.30 -123.64
C ILE M 232 -47.77 9.60 -124.35
N SER M 233 -47.71 10.68 -123.57
CA SER M 233 -47.36 11.98 -124.11
C SER M 233 -45.86 12.18 -124.11
N LEU M 234 -45.36 13.02 -125.00
CA LEU M 234 -43.94 13.26 -125.15
C LEU M 234 -43.63 14.75 -125.15
N PRO M 235 -42.38 15.15 -124.84
CA PRO M 235 -42.07 16.58 -124.71
C PRO M 235 -42.35 17.41 -125.94
N ASN M 236 -41.65 17.12 -127.05
CA ASN M 236 -41.66 18.02 -128.20
C ASN M 236 -43.03 18.09 -128.85
N GLY M 237 -43.92 17.16 -128.49
CA GLY M 237 -45.25 17.11 -129.04
C GLY M 237 -45.36 15.97 -130.03
N MET M 238 -45.88 14.84 -129.55
CA MET M 238 -46.00 13.60 -130.32
C MET M 238 -46.57 12.57 -129.35
N MET M 239 -46.93 11.41 -129.90
CA MET M 239 -47.35 10.29 -129.08
C MET M 239 -46.63 9.03 -129.52
N ALA M 240 -46.40 8.14 -128.55
CA ALA M 240 -45.70 6.89 -128.80
C ALA M 240 -46.63 5.73 -128.49
N ALA M 241 -46.64 4.76 -129.39
CA ALA M 241 -47.47 3.57 -129.21
C ALA M 241 -46.69 2.37 -129.73
N PHE M 242 -47.00 1.21 -129.15
CA PHE M 242 -46.27 -0.02 -129.47
C PHE M 242 -47.24 -1.11 -129.90
N THR M 243 -46.86 -1.83 -130.94
CA THR M 243 -47.51 -3.07 -131.34
C THR M 243 -46.96 -4.19 -130.45
N GLY M 244 -47.17 -5.44 -130.84
CA GLY M 244 -46.62 -6.55 -130.06
C GLY M 244 -45.12 -6.45 -129.89
N LYS M 245 -44.41 -6.03 -130.94
CA LYS M 245 -42.97 -5.92 -130.88
C LYS M 245 -42.42 -4.61 -131.44
N ASP M 246 -43.21 -3.83 -132.17
CA ASP M 246 -42.75 -2.60 -132.81
C ASP M 246 -43.43 -1.41 -132.18
N LEU M 247 -42.65 -0.35 -131.93
CA LEU M 247 -43.21 0.91 -131.45
C LEU M 247 -43.53 1.80 -132.65
N TYR M 248 -44.60 2.58 -132.53
CA TYR M 248 -45.04 3.48 -133.58
C TYR M 248 -44.97 4.92 -133.08
N PHE M 249 -44.52 5.83 -133.93
CA PHE M 249 -44.47 7.25 -133.63
C PHE M 249 -45.51 7.97 -134.46
N CYS M 250 -46.33 8.79 -133.80
CA CYS M 250 -47.36 9.53 -134.49
C CYS M 250 -46.79 10.82 -135.07
N GLU M 251 -47.60 11.47 -135.92
CA GLU M 251 -47.23 12.76 -136.45
C GLU M 251 -47.08 13.75 -135.31
N PRO M 252 -46.04 14.60 -135.35
CA PRO M 252 -45.77 15.48 -134.18
C PRO M 252 -46.98 16.23 -133.66
N PHE M 253 -47.64 17.03 -134.49
CA PHE M 253 -48.78 17.82 -134.04
C PHE M 253 -50.11 17.31 -134.56
N ILE M 254 -50.12 16.19 -135.26
CA ILE M 254 -51.33 15.56 -135.77
C ILE M 254 -51.51 14.23 -135.04
N PRO M 255 -52.47 14.12 -134.13
CA PRO M 255 -52.57 12.88 -133.31
C PRO M 255 -52.98 11.65 -134.10
N HIS M 256 -53.92 11.78 -135.04
CA HIS M 256 -54.47 10.60 -135.68
C HIS M 256 -53.45 9.91 -136.59
N ALA M 257 -52.56 10.69 -137.19
CA ALA M 257 -51.59 10.12 -138.11
C ALA M 257 -50.56 9.28 -137.36
N TRP M 258 -50.31 8.08 -137.88
CA TRP M 258 -49.29 7.17 -137.32
C TRP M 258 -48.46 6.64 -138.48
N PRO M 259 -47.50 7.44 -138.96
CA PRO M 259 -46.75 7.04 -140.17
C PRO M 259 -46.00 5.75 -139.98
N GLU M 260 -45.94 4.96 -141.07
CA GLU M 260 -45.19 3.70 -141.03
C GLU M 260 -43.69 3.95 -141.07
N LYS M 261 -43.26 5.11 -141.57
CA LYS M 261 -41.83 5.41 -141.61
C LYS M 261 -41.30 5.71 -140.21
N TYR M 262 -42.14 6.25 -139.33
CA TYR M 262 -41.69 6.63 -138.00
C TYR M 262 -41.61 5.46 -137.04
N ILE M 263 -42.05 4.26 -137.46
CA ILE M 263 -42.07 3.13 -136.54
C ILE M 263 -40.66 2.70 -136.21
N LEU M 264 -40.46 2.20 -134.98
CA LEU M 264 -39.17 1.71 -134.52
C LEU M 264 -39.36 0.30 -133.97
N THR M 265 -38.49 -0.62 -134.41
CA THR M 265 -38.59 -2.01 -134.02
C THR M 265 -37.53 -2.35 -132.97
N MET M 266 -37.98 -2.93 -131.86
CA MET M 266 -37.09 -3.34 -130.79
C MET M 266 -37.16 -4.85 -130.60
N ASP M 267 -36.07 -5.40 -130.06
CA ASP M 267 -36.07 -6.81 -129.68
C ASP M 267 -37.02 -7.04 -128.51
N TYR M 268 -37.55 -8.26 -128.42
CA TYR M 268 -38.43 -8.69 -127.34
C TYR M 268 -39.78 -7.97 -127.40
N GLN M 269 -40.76 -8.45 -126.66
CA GLN M 269 -42.05 -7.79 -126.57
C GLN M 269 -41.88 -6.46 -125.83
N ILE M 270 -42.87 -5.59 -125.97
CA ILE M 270 -42.88 -4.29 -125.29
C ILE M 270 -44.04 -4.28 -124.31
N VAL M 271 -43.76 -3.92 -123.06
CA VAL M 271 -44.77 -3.99 -122.00
C VAL M 271 -45.48 -2.66 -121.86
N ALA M 272 -44.71 -1.59 -121.63
CA ALA M 272 -45.29 -0.27 -121.44
C ALA M 272 -44.24 0.78 -121.77
N LEU M 273 -44.66 2.04 -121.73
CA LEU M 273 -43.81 3.16 -122.11
C LEU M 273 -43.79 4.22 -121.02
N GLY M 274 -42.61 4.77 -120.78
CA GLY M 274 -42.46 5.88 -119.85
C GLY M 274 -41.45 6.87 -120.38
N ALA M 275 -41.66 8.14 -120.03
CA ALA M 275 -40.85 9.23 -120.53
C ALA M 275 -40.22 10.01 -119.39
N TYR M 276 -38.91 10.17 -119.44
CA TYR M 276 -38.18 11.08 -118.56
C TYR M 276 -37.36 12.02 -119.43
N GLY M 277 -37.52 13.33 -119.19
CA GLY M 277 -36.88 14.28 -120.07
C GLY M 277 -37.36 14.12 -121.50
N THR M 278 -36.46 14.33 -122.46
CA THR M 278 -36.81 14.16 -123.86
C THR M 278 -36.74 12.70 -124.28
N THR M 279 -36.14 11.85 -123.44
CA THR M 279 -35.84 10.47 -123.81
C THR M 279 -36.92 9.52 -123.30
N ILE M 280 -37.28 8.54 -124.12
CA ILE M 280 -38.29 7.56 -123.74
C ILE M 280 -37.62 6.37 -123.07
N VAL M 281 -38.34 5.74 -122.14
CA VAL M 281 -37.94 4.45 -121.57
C VAL M 281 -38.81 3.38 -122.22
N VAL M 282 -38.19 2.54 -123.04
CA VAL M 282 -38.89 1.46 -123.73
C VAL M 282 -38.75 0.21 -122.88
N MET M 283 -39.80 -0.07 -122.11
CA MET M 283 -39.78 -1.16 -121.15
C MET M 283 -40.23 -2.46 -121.82
N THR M 284 -39.34 -3.44 -121.85
CA THR M 284 -39.52 -4.64 -122.66
C THR M 284 -39.44 -5.88 -121.79
N GLU M 285 -39.90 -7.00 -122.36
CA GLU M 285 -39.73 -8.30 -121.75
C GLU M 285 -38.26 -8.71 -121.68
N GLY M 286 -37.38 -8.04 -122.43
CA GLY M 286 -35.97 -8.35 -122.40
C GLY M 286 -35.15 -7.24 -121.78
N LEU M 287 -34.30 -6.60 -122.57
CA LEU M 287 -33.46 -5.53 -122.10
C LEU M 287 -34.15 -4.19 -122.29
N PRO M 288 -34.33 -3.39 -121.23
CA PRO M 288 -34.93 -2.08 -121.40
C PRO M 288 -34.12 -1.21 -122.35
N TYR M 289 -34.81 -0.38 -123.12
CA TYR M 289 -34.17 0.48 -124.11
C TYR M 289 -34.59 1.93 -123.86
N ILE M 290 -33.65 2.84 -124.06
CA ILE M 290 -33.89 4.27 -123.92
C ILE M 290 -33.83 4.88 -125.31
N VAL M 291 -34.95 5.41 -125.79
CA VAL M 291 -35.00 6.08 -127.08
C VAL M 291 -34.79 7.57 -126.88
N SER M 292 -33.73 8.10 -127.48
CA SER M 292 -33.38 9.51 -127.40
C SER M 292 -33.71 10.19 -128.71
N GLY M 293 -34.44 11.29 -128.65
CA GLY M 293 -34.81 11.98 -129.87
C GLY M 293 -35.49 13.31 -129.70
N THR M 294 -35.15 14.26 -130.59
CA THR M 294 -35.82 15.55 -130.60
C THR M 294 -37.05 15.54 -131.51
N ALA M 295 -37.07 14.63 -132.48
CA ALA M 295 -38.15 14.54 -133.45
C ALA M 295 -38.39 13.07 -133.81
N PRO M 296 -39.59 12.71 -134.29
CA PRO M 296 -39.86 11.30 -134.58
C PRO M 296 -38.90 10.71 -135.60
N GLU M 297 -38.46 11.50 -136.57
CA GLU M 297 -37.47 11.02 -137.53
C GLU M 297 -36.13 10.78 -136.85
N ASN M 298 -35.72 11.68 -135.96
CA ASN M 298 -34.44 11.58 -135.27
C ASN M 298 -34.62 10.88 -133.93
N MET M 299 -34.71 9.55 -134.00
CA MET M 299 -34.80 8.68 -132.82
C MET M 299 -33.65 7.69 -132.83
N GLN M 300 -32.98 7.56 -131.69
CA GLN M 300 -31.88 6.61 -131.51
C GLN M 300 -32.07 5.89 -130.17
N GLN M 301 -32.53 4.64 -130.23
CA GLN M 301 -32.67 3.84 -129.03
C GLN M 301 -31.30 3.48 -128.46
N GLN M 302 -31.23 3.39 -127.14
CA GLN M 302 -29.97 3.17 -126.42
C GLN M 302 -30.18 2.14 -125.33
N ARG M 303 -29.18 1.28 -125.13
CA ARG M 303 -29.19 0.35 -124.00
C ARG M 303 -29.08 1.13 -122.69
N VAL M 304 -29.66 0.55 -121.64
CA VAL M 304 -29.69 1.18 -120.33
C VAL M 304 -28.78 0.39 -119.39
N GLU M 305 -28.45 1.00 -118.25
CA GLU M 305 -27.40 0.47 -117.39
C GLU M 305 -27.85 -0.77 -116.64
N LEU M 306 -29.13 -1.13 -116.72
CA LEU M 306 -29.66 -2.33 -116.07
C LEU M 306 -30.39 -3.21 -117.07
N ASN M 307 -30.30 -4.52 -116.86
CA ASN M 307 -30.95 -5.50 -117.71
C ASN M 307 -31.99 -6.23 -116.85
N LEU M 308 -33.18 -5.65 -116.75
CA LEU M 308 -34.28 -6.22 -115.98
C LEU M 308 -35.54 -6.15 -116.80
N PRO M 309 -36.27 -7.26 -116.95
CA PRO M 309 -37.51 -7.22 -117.72
C PRO M 309 -38.62 -6.51 -116.95
N CYS M 310 -39.66 -6.12 -117.69
CA CYS M 310 -40.85 -5.52 -117.10
C CYS M 310 -41.94 -6.58 -117.04
N ILE M 311 -42.37 -6.94 -115.84
CA ILE M 311 -43.33 -8.02 -115.69
C ILE M 311 -44.76 -7.50 -115.81
N ASN M 312 -45.08 -6.44 -115.06
CA ASN M 312 -46.44 -5.91 -115.01
C ASN M 312 -46.50 -4.61 -115.80
N ALA M 313 -47.47 -4.50 -116.70
CA ALA M 313 -47.68 -3.24 -117.41
C ALA M 313 -48.34 -2.22 -116.49
N ARG M 314 -49.30 -2.66 -115.67
CA ARG M 314 -49.97 -1.76 -114.75
C ARG M 314 -49.06 -1.26 -113.65
N GLY M 315 -48.00 -2.01 -113.31
CA GLY M 315 -47.08 -1.56 -112.28
C GLY M 315 -46.30 -0.34 -112.69
N VAL M 316 -46.30 -0.03 -113.98
CA VAL M 316 -45.65 1.19 -114.46
C VAL M 316 -46.38 2.41 -113.96
N ILE M 317 -45.65 3.28 -113.25
CA ILE M 317 -46.17 4.57 -112.83
C ILE M 317 -45.12 5.64 -113.11
N ASP M 318 -45.54 6.74 -113.72
CA ASP M 318 -44.67 7.89 -113.94
C ASP M 318 -44.64 8.70 -112.65
N LEU M 319 -43.64 8.42 -111.80
CA LEU M 319 -43.56 9.08 -110.50
C LEU M 319 -43.17 10.55 -110.61
N GLY M 320 -42.89 11.04 -111.81
CA GLY M 320 -42.48 12.41 -112.02
C GLY M 320 -40.98 12.62 -112.04
N TYR M 321 -40.26 12.07 -111.06
CA TYR M 321 -38.81 12.10 -111.07
C TYR M 321 -38.19 10.86 -111.70
N SER M 322 -38.97 9.80 -111.89
CA SER M 322 -38.50 8.57 -112.51
C SER M 322 -39.71 7.80 -113.01
N VAL M 323 -39.47 6.75 -113.77
CA VAL M 323 -40.51 5.80 -114.16
C VAL M 323 -40.14 4.45 -113.54
N ALA M 324 -41.05 3.91 -112.74
CA ALA M 324 -40.79 2.70 -111.97
C ALA M 324 -41.67 1.57 -112.51
N TYR M 325 -41.03 0.48 -112.91
CA TYR M 325 -41.74 -0.70 -113.39
C TYR M 325 -41.30 -1.89 -112.54
N PRO M 326 -42.24 -2.67 -112.01
CA PRO M 326 -41.85 -3.86 -111.26
C PRO M 326 -41.11 -4.85 -112.13
N SER M 327 -40.10 -5.50 -111.54
CA SER M 327 -39.32 -6.52 -112.22
C SER M 327 -39.17 -7.72 -111.30
N HIS M 328 -38.76 -8.84 -111.89
CA HIS M 328 -38.57 -10.04 -111.09
C HIS M 328 -37.48 -9.84 -110.03
N ASP M 329 -36.39 -9.15 -110.40
CA ASP M 329 -35.37 -8.84 -109.41
C ASP M 329 -35.91 -7.89 -108.35
N GLY M 330 -36.69 -6.88 -108.77
CA GLY M 330 -37.29 -5.96 -107.83
C GLY M 330 -37.75 -4.71 -108.54
N LEU M 331 -38.43 -3.85 -107.80
CA LEU M 331 -38.85 -2.56 -108.33
C LEU M 331 -37.62 -1.72 -108.64
N VAL M 332 -37.58 -1.16 -109.84
CA VAL M 332 -36.41 -0.43 -110.34
C VAL M 332 -36.89 0.85 -111.02
N MET M 333 -36.18 1.94 -110.80
CA MET M 333 -36.59 3.27 -111.25
C MET M 333 -35.62 3.78 -112.31
N ALA M 334 -36.17 4.40 -113.35
CA ALA M 334 -35.37 4.99 -114.43
C ALA M 334 -35.51 6.51 -114.37
N GLY M 335 -34.37 7.19 -114.20
CA GLY M 335 -34.37 8.63 -114.10
C GLY M 335 -33.21 9.23 -114.87
N SER M 336 -33.11 10.55 -114.80
CA SER M 336 -32.06 11.25 -115.52
C SER M 336 -30.68 10.92 -114.95
N ASN M 337 -30.57 10.86 -113.63
CA ASN M 337 -29.27 10.61 -112.99
C ASN M 337 -28.73 9.23 -113.36
N GLY M 338 -29.58 8.21 -113.36
CA GLY M 338 -29.13 6.87 -113.61
C GLY M 338 -30.27 5.88 -113.44
N MET M 339 -29.89 4.61 -113.36
CA MET M 339 -30.83 3.50 -113.37
C MET M 339 -30.55 2.70 -112.11
N GLN M 340 -31.52 2.65 -111.18
CA GLN M 340 -31.23 2.07 -109.87
C GLN M 340 -32.37 1.18 -109.40
N VAL M 341 -32.02 0.06 -108.76
CA VAL M 341 -32.99 -0.86 -108.17
C VAL M 341 -33.20 -0.39 -106.74
N ILE M 342 -34.33 0.27 -106.50
CA ILE M 342 -34.59 0.83 -105.17
C ILE M 342 -34.74 -0.27 -104.13
N THR M 343 -35.46 -1.35 -104.47
CA THR M 343 -35.73 -2.40 -103.50
C THR M 343 -34.49 -3.19 -103.12
N GLU M 344 -33.48 -3.25 -103.98
CA GLU M 344 -32.26 -3.98 -103.64
C GLU M 344 -31.63 -3.43 -102.36
N GLN M 345 -31.78 -2.13 -102.13
CA GLN M 345 -31.28 -1.52 -100.90
C GLN M 345 -32.13 -1.91 -99.69
N LEU M 346 -33.44 -1.98 -99.89
CA LEU M 346 -34.39 -2.00 -98.76
C LEU M 346 -35.20 -3.29 -98.65
N MET M 347 -35.12 -4.19 -99.63
CA MET M 347 -35.94 -5.40 -99.55
C MET M 347 -35.25 -6.53 -100.30
N THR M 348 -35.59 -7.77 -99.94
CA THR M 348 -34.85 -8.91 -100.47
C THR M 348 -35.49 -9.41 -101.76
N ARG M 349 -34.74 -10.29 -102.43
CA ARG M 349 -35.24 -11.01 -103.61
C ARG M 349 -36.43 -11.88 -103.22
N ASN M 350 -36.31 -12.58 -102.09
CA ASN M 350 -37.35 -13.49 -101.65
C ASN M 350 -38.65 -12.75 -101.37
N ASP M 351 -38.57 -11.59 -100.70
CA ASP M 351 -39.78 -10.84 -100.38
C ASP M 351 -40.46 -10.32 -101.64
N TRP M 352 -39.67 -9.88 -102.61
CA TRP M 352 -40.29 -9.39 -103.84
C TRP M 352 -40.97 -10.53 -104.57
N MET M 353 -40.32 -11.69 -104.65
CA MET M 353 -41.02 -12.84 -105.23
C MET M 353 -42.29 -13.17 -104.47
N LYS M 354 -42.23 -13.20 -103.14
CA LYS M 354 -43.42 -13.50 -102.35
C LYS M 354 -44.49 -12.43 -102.50
N THR M 355 -44.09 -11.17 -102.62
CA THR M 355 -45.06 -10.11 -102.87
C THR M 355 -45.76 -10.34 -104.21
N GLY M 356 -44.99 -10.60 -105.27
CA GLY M 356 -45.54 -10.93 -106.56
C GLY M 356 -45.54 -9.75 -107.49
N PRO M 357 -44.55 -9.67 -108.38
CA PRO M 357 -44.47 -8.54 -109.32
C PRO M 357 -45.42 -8.65 -110.50
N GLY M 358 -46.04 -9.82 -110.71
CA GLY M 358 -46.90 -9.98 -111.87
C GLY M 358 -48.16 -9.14 -111.82
N ASN M 359 -48.72 -8.98 -110.62
CA ASN M 359 -50.01 -8.31 -110.46
C ASN M 359 -49.91 -7.18 -109.45
N ILE M 360 -48.89 -6.34 -109.59
CA ILE M 360 -48.71 -5.18 -108.73
C ILE M 360 -49.52 -4.03 -109.30
N VAL M 361 -50.49 -3.55 -108.53
CA VAL M 361 -51.22 -2.33 -108.89
C VAL M 361 -50.41 -1.12 -108.44
N GLY M 362 -50.08 -0.24 -109.37
CA GLY M 362 -49.20 0.86 -109.09
C GLY M 362 -49.94 2.18 -109.06
N GLY M 363 -49.42 3.09 -108.22
CA GLY M 363 -49.98 4.42 -108.09
C GLY M 363 -48.96 5.36 -107.51
N GLN M 364 -49.24 6.66 -107.67
CA GLN M 364 -48.34 7.70 -107.19
C GLN M 364 -49.10 8.68 -106.30
N PHE M 365 -48.55 8.96 -105.12
CA PHE M 365 -49.06 9.99 -104.24
C PHE M 365 -47.90 10.71 -103.58
N ASN M 366 -47.81 12.02 -103.82
CA ASN M 366 -46.75 12.85 -103.25
C ASN M 366 -45.36 12.26 -103.54
N GLY M 367 -45.17 11.84 -104.79
CA GLY M 367 -43.91 11.26 -105.19
C GLY M 367 -43.59 9.95 -104.51
N ARG M 368 -44.59 9.13 -104.24
CA ARG M 368 -44.41 7.84 -103.59
C ARG M 368 -45.14 6.77 -104.38
N TYR M 369 -44.45 5.67 -104.63
CA TYR M 369 -44.99 4.58 -105.45
C TYR M 369 -45.90 3.73 -104.59
N PHE M 370 -47.20 3.74 -104.91
CA PHE M 370 -48.19 2.94 -104.19
C PHE M 370 -48.34 1.60 -104.91
N ALA M 371 -47.94 0.53 -104.23
CA ALA M 371 -48.03 -0.83 -104.78
C ALA M 371 -49.04 -1.62 -103.97
N SER M 372 -50.06 -2.15 -104.65
CA SER M 372 -51.08 -2.98 -104.03
C SER M 372 -50.77 -4.43 -104.34
N TYR M 373 -50.63 -5.25 -103.29
CA TYR M 373 -50.26 -6.65 -103.43
C TYR M 373 -51.33 -7.53 -102.78
N GLU M 374 -51.71 -8.59 -103.48
CA GLU M 374 -52.63 -9.60 -102.96
C GLU M 374 -52.14 -10.96 -103.42
N TYR M 375 -51.52 -11.70 -102.50
CA TYR M 375 -50.91 -12.98 -102.84
C TYR M 375 -51.27 -14.02 -101.79
N ILE M 376 -51.23 -15.28 -102.21
CA ILE M 376 -51.60 -16.41 -101.36
C ILE M 376 -50.32 -17.15 -100.99
N GLU M 377 -49.97 -17.12 -99.71
CA GLU M 377 -48.81 -17.87 -99.27
C GLU M 377 -49.21 -19.34 -99.15
N PRO M 378 -48.24 -20.27 -99.15
CA PRO M 378 -48.60 -21.70 -99.19
C PRO M 378 -49.49 -22.11 -98.03
N SER M 379 -50.31 -23.13 -98.29
CA SER M 379 -51.28 -23.70 -97.35
C SER M 379 -52.52 -22.82 -97.23
N GLY M 380 -52.62 -21.79 -98.09
CA GLY M 380 -53.88 -21.10 -98.27
C GLY M 380 -54.16 -19.94 -97.33
N ALA M 381 -53.22 -19.01 -97.17
CA ALA M 381 -53.47 -17.77 -96.45
C ALA M 381 -53.25 -16.60 -97.38
N ALA M 382 -54.16 -15.62 -97.33
CA ALA M 382 -54.16 -14.49 -98.23
C ALA M 382 -53.59 -13.27 -97.52
N PHE M 383 -52.60 -12.63 -98.14
CA PHE M 383 -52.04 -11.38 -97.66
C PHE M 383 -52.43 -10.27 -98.62
N SER M 384 -53.12 -9.25 -98.12
CA SER M 384 -53.56 -8.12 -98.92
C SER M 384 -53.11 -6.84 -98.25
N GLY M 385 -52.58 -5.91 -99.03
CA GLY M 385 -52.12 -4.65 -98.48
C GLY M 385 -51.57 -3.76 -99.56
N THR M 386 -51.12 -2.57 -99.14
CA THR M 386 -50.53 -1.59 -100.03
C THR M 386 -49.12 -1.27 -99.53
N LEU M 387 -48.15 -1.29 -100.45
CA LEU M 387 -46.76 -1.05 -100.13
C LEU M 387 -46.36 0.29 -100.75
N ILE M 388 -46.05 1.27 -99.90
CA ILE M 388 -45.66 2.59 -100.35
C ILE M 388 -44.14 2.72 -100.28
N PHE M 389 -43.53 3.18 -101.37
CA PHE M 389 -42.08 3.36 -101.45
C PHE M 389 -41.79 4.86 -101.56
N ASP M 390 -41.02 5.39 -100.61
CA ASP M 390 -40.59 6.78 -100.62
C ASP M 390 -39.08 6.84 -100.52
N THR M 391 -38.42 7.09 -101.67
CA THR M 391 -36.96 7.17 -101.67
C THR M 391 -36.48 8.50 -101.11
N THR M 392 -37.38 9.48 -101.02
CA THR M 392 -37.00 10.78 -100.48
C THR M 392 -36.67 10.67 -98.99
N GLY M 393 -35.53 11.19 -98.61
CA GLY M 393 -35.09 11.14 -97.23
C GLY M 393 -33.64 10.69 -97.15
N ALA M 394 -33.18 10.56 -95.91
CA ALA M 394 -31.82 10.08 -95.69
C ALA M 394 -31.64 8.67 -96.22
N ALA M 395 -32.59 7.79 -95.92
CA ALA M 395 -32.59 6.42 -96.42
C ALA M 395 -34.01 6.03 -96.81
N PRO M 396 -34.16 5.30 -97.90
CA PRO M 396 -35.50 4.84 -98.30
C PRO M 396 -36.02 3.76 -97.37
N PHE M 397 -37.34 3.69 -97.29
CA PHE M 397 -38.01 2.69 -96.45
C PHE M 397 -39.39 2.41 -97.02
N ILE M 398 -40.02 1.37 -96.49
CA ILE M 398 -41.35 0.94 -96.93
C ILE M 398 -42.35 1.36 -95.87
N ILE M 399 -43.40 2.04 -96.28
CA ILE M 399 -44.54 2.34 -95.42
C ILE M 399 -45.70 1.47 -95.88
N ARG M 400 -46.11 0.53 -95.05
CA ARG M 400 -47.15 -0.41 -95.45
C ARG M 400 -48.53 0.18 -95.16
N SER M 401 -49.52 -0.33 -95.89
CA SER M 401 -50.92 0.01 -95.67
C SER M 401 -51.76 -1.21 -95.99
N ASN M 402 -53.01 -1.20 -95.52
CA ASN M 402 -53.89 -2.36 -95.61
C ASN M 402 -55.20 -1.98 -96.29
N HIS M 403 -55.08 -1.29 -97.42
CA HIS M 403 -56.21 -1.02 -98.31
C HIS M 403 -55.87 -1.58 -99.69
N LYS M 404 -56.45 -2.73 -100.01
CA LYS M 404 -56.26 -3.31 -101.33
C LYS M 404 -56.93 -2.43 -102.39
N ALA M 405 -56.29 -2.33 -103.54
CA ALA M 405 -56.77 -1.49 -104.64
C ALA M 405 -56.80 -2.30 -105.92
N ASP M 406 -57.98 -2.45 -106.50
CA ASP M 406 -58.08 -3.13 -107.79
C ASP M 406 -57.42 -2.31 -108.89
N ALA M 407 -57.57 -0.99 -108.85
CA ALA M 407 -56.92 -0.12 -109.81
C ALA M 407 -56.62 1.21 -109.14
N PHE M 408 -55.64 1.93 -109.68
CA PHE M 408 -55.21 3.20 -109.15
C PHE M 408 -55.38 4.29 -110.20
N PHE M 409 -55.62 5.51 -109.74
CA PHE M 409 -55.67 6.67 -110.61
C PHE M 409 -55.20 7.89 -109.83
N HIS M 410 -54.14 8.52 -110.30
CA HIS M 410 -53.63 9.75 -109.72
C HIS M 410 -54.09 10.94 -110.55
N GLU M 411 -55.17 11.58 -110.11
CA GLU M 411 -55.65 12.79 -110.77
C GLU M 411 -54.58 13.86 -110.61
N LEU M 412 -53.97 14.26 -111.73
CA LEU M 412 -52.82 15.14 -111.66
C LEU M 412 -53.22 16.55 -111.23
N GLN M 413 -54.38 17.02 -111.67
CA GLN M 413 -54.80 18.38 -111.36
C GLN M 413 -54.97 18.58 -109.85
N THR M 414 -55.61 17.63 -109.17
CA THR M 414 -55.73 17.64 -107.71
C THR M 414 -55.05 16.39 -107.19
N GLY M 415 -53.92 16.55 -106.52
CA GLY M 415 -53.08 15.43 -106.18
C GLY M 415 -53.62 14.53 -105.09
N ALA M 416 -54.69 13.81 -105.39
CA ALA M 416 -55.25 12.81 -104.50
C ALA M 416 -55.48 11.53 -105.30
N LEU M 417 -54.96 10.42 -104.78
CA LEU M 417 -55.13 9.13 -105.43
C LEU M 417 -56.58 8.68 -105.37
N TYR M 418 -57.03 7.99 -106.42
CA TYR M 418 -58.32 7.32 -106.42
C TYR M 418 -58.09 5.84 -106.70
N PHE M 419 -58.52 4.99 -105.78
CA PHE M 419 -58.34 3.56 -105.91
C PHE M 419 -59.69 2.86 -105.84
N LEU M 420 -59.83 1.81 -106.64
CA LEU M 420 -61.07 1.04 -106.76
C LEU M 420 -60.96 -0.18 -105.85
N VAL M 421 -61.86 -0.28 -104.88
CA VAL M 421 -61.98 -1.45 -104.02
C VAL M 421 -63.47 -1.74 -103.84
N GLY M 422 -63.84 -3.01 -104.03
CA GLY M 422 -65.23 -3.41 -103.85
C GLY M 422 -66.20 -2.70 -104.77
N LYS M 423 -65.72 -2.29 -105.95
CA LYS M 423 -66.55 -1.61 -106.96
C LYS M 423 -66.97 -0.22 -106.48
N GLU M 424 -66.06 0.52 -105.85
CA GLU M 424 -66.29 1.92 -105.51
C GLU M 424 -64.97 2.67 -105.62
N ILE M 425 -65.06 3.99 -105.73
CA ILE M 425 -63.91 4.86 -105.81
C ILE M 425 -63.68 5.50 -104.46
N PHE M 426 -62.49 5.30 -103.89
CA PHE M 426 -62.11 5.88 -102.62
C PHE M 426 -60.84 6.70 -102.81
N GLU M 427 -60.77 7.85 -102.14
CA GLU M 427 -59.53 8.60 -102.13
C GLU M 427 -58.59 8.07 -101.05
N TRP M 428 -57.37 8.60 -101.05
CA TRP M 428 -56.38 8.27 -100.04
C TRP M 428 -56.25 9.45 -99.07
N ASP M 429 -56.43 9.15 -97.77
CA ASP M 429 -56.35 10.12 -96.68
C ASP M 429 -56.93 11.48 -97.04
N ALA M 430 -58.14 11.45 -97.60
CA ALA M 430 -58.84 12.68 -97.97
C ALA M 430 -59.20 13.49 -96.74
N LEU M 431 -59.27 14.81 -96.91
CA LEU M 431 -59.61 15.70 -95.80
C LEU M 431 -61.03 15.46 -95.34
N GLY M 432 -61.28 15.68 -94.05
CA GLY M 432 -62.61 15.56 -93.50
C GLY M 432 -63.00 14.18 -93.04
N GLN M 433 -62.04 13.31 -92.76
CA GLN M 433 -62.32 11.96 -92.28
C GLN M 433 -61.56 11.70 -90.99
N VAL M 434 -62.14 10.83 -90.16
CA VAL M 434 -61.52 10.48 -88.89
C VAL M 434 -60.23 9.71 -89.14
N ASN M 435 -59.26 9.89 -88.25
CA ASN M 435 -57.98 9.22 -88.39
C ASN M 435 -58.15 7.71 -88.27
N GLU M 436 -57.36 6.98 -89.05
CA GLU M 436 -57.39 5.52 -89.04
C GLU M 436 -56.37 4.98 -88.05
N THR M 437 -56.61 3.74 -87.60
CA THR M 437 -55.74 3.13 -86.62
C THR M 437 -54.34 2.91 -87.20
N LEU M 438 -53.33 3.22 -86.40
CA LEU M 438 -51.94 3.19 -86.83
C LEU M 438 -51.23 1.99 -86.21
N SER M 439 -50.45 1.28 -87.03
CA SER M 439 -49.67 0.15 -86.57
C SER M 439 -48.20 0.45 -86.75
N TRP M 440 -47.41 0.24 -85.69
CA TRP M 440 -45.99 0.53 -85.70
C TRP M 440 -45.30 -0.38 -84.70
N ARG M 441 -44.55 -1.35 -85.20
CA ARG M 441 -43.90 -2.36 -84.38
C ARG M 441 -42.40 -2.11 -84.37
N SER M 442 -41.85 -1.80 -83.21
CA SER M 442 -40.49 -1.31 -83.11
C SER M 442 -39.48 -2.39 -83.46
N LYS M 443 -38.25 -1.96 -83.72
CA LYS M 443 -37.14 -2.88 -83.95
C LYS M 443 -36.92 -3.75 -82.73
N GLN M 444 -36.57 -5.01 -82.97
CA GLN M 444 -36.23 -5.90 -81.87
C GLN M 444 -35.01 -5.39 -81.12
N PHE M 445 -35.22 -4.90 -79.91
CA PHE M 445 -34.16 -4.31 -79.11
C PHE M 445 -33.49 -5.41 -78.29
N VAL M 446 -32.28 -5.79 -78.67
CA VAL M 446 -31.52 -6.82 -77.98
C VAL M 446 -30.63 -6.12 -76.96
N LEU M 447 -31.11 -6.01 -75.73
CA LEU M 447 -30.35 -5.34 -74.69
C LEU M 447 -29.10 -6.15 -74.36
N PRO M 448 -27.99 -5.49 -74.01
CA PRO M 448 -26.79 -6.25 -73.65
C PRO M 448 -27.00 -7.22 -72.50
N MET M 449 -27.81 -6.84 -71.51
CA MET M 449 -28.11 -7.71 -70.41
C MET M 449 -29.62 -7.86 -70.24
N PRO M 450 -30.10 -9.04 -69.85
CA PRO M 450 -31.55 -9.23 -69.69
C PRO M 450 -32.09 -8.40 -68.54
N THR M 451 -33.05 -7.53 -68.86
CA THR M 451 -33.65 -6.65 -67.88
C THR M 451 -35.15 -6.60 -68.10
N ASN M 452 -35.86 -6.10 -67.09
CA ASN M 452 -37.29 -5.81 -67.18
C ASN M 452 -37.50 -4.32 -66.97
N PHE M 453 -38.43 -3.75 -67.72
CA PHE M 453 -38.62 -2.31 -67.77
C PHE M 453 -39.76 -1.92 -66.84
N GLY M 454 -39.67 -0.71 -66.28
CA GLY M 454 -40.63 -0.27 -65.29
C GLY M 454 -41.26 1.09 -65.54
N ALA M 455 -40.97 1.72 -66.68
CA ALA M 455 -41.52 3.03 -66.99
C ALA M 455 -41.88 3.11 -68.45
N ILE M 456 -43.03 3.70 -68.75
CA ILE M 456 -43.44 4.05 -70.11
C ILE M 456 -43.95 5.47 -70.09
N LEU M 457 -43.33 6.33 -70.90
CA LEU M 457 -43.77 7.72 -71.05
C LEU M 457 -44.32 7.90 -72.45
N ILE M 458 -45.64 7.92 -72.57
CA ILE M 458 -46.31 8.07 -73.86
C ILE M 458 -46.72 9.53 -73.98
N GLU M 459 -45.86 10.34 -74.59
CA GLU M 459 -46.18 11.74 -74.78
C GLU M 459 -47.06 11.93 -76.00
N GLY M 460 -47.58 13.13 -76.16
CA GLY M 460 -48.48 13.43 -77.26
C GLY M 460 -49.61 14.32 -76.78
N SER M 461 -50.58 14.52 -77.67
CA SER M 461 -51.73 15.37 -77.40
C SER M 461 -52.98 14.75 -77.99
N THR M 462 -54.11 15.07 -77.38
CA THR M 462 -55.40 14.63 -77.90
C THR M 462 -55.80 15.48 -79.11
N ALA M 463 -57.01 15.22 -79.61
CA ALA M 463 -57.51 15.97 -80.76
C ALA M 463 -57.65 17.44 -80.41
N ALA M 464 -56.78 18.27 -80.99
CA ALA M 464 -56.77 19.69 -80.72
C ALA M 464 -56.56 20.52 -81.99
N SER M 465 -56.47 19.89 -83.15
CA SER M 465 -56.37 20.64 -84.40
C SER M 465 -57.72 21.20 -84.80
N GLU M 466 -58.80 20.57 -84.35
CA GLU M 466 -60.20 20.96 -84.58
C GLU M 466 -60.66 20.64 -86.00
N GLU M 467 -59.75 20.28 -86.91
CA GLU M 467 -60.20 19.71 -88.17
C GLU M 467 -60.40 18.20 -88.02
N GLU M 468 -59.54 17.56 -87.24
CA GLU M 468 -59.82 16.19 -86.81
C GLU M 468 -61.09 16.15 -85.97
N GLN M 469 -61.30 17.17 -85.13
CA GLN M 469 -62.53 17.26 -84.35
C GLN M 469 -63.74 17.46 -85.25
N ALA M 470 -63.60 18.30 -86.30
CA ALA M 470 -64.71 18.48 -87.24
C ALA M 470 -65.02 17.19 -87.98
N ALA M 471 -63.99 16.46 -88.39
CA ALA M 471 -64.20 15.17 -89.04
C ALA M 471 -64.88 14.18 -88.11
N TYR M 472 -64.47 14.17 -86.84
CA TYR M 472 -65.12 13.30 -85.86
C TYR M 472 -66.57 13.68 -85.66
N ASP M 473 -66.87 14.99 -85.65
CA ASP M 473 -68.26 15.42 -85.54
C ASP M 473 -69.08 15.00 -86.74
N ALA M 474 -68.50 15.10 -87.94
CA ALA M 474 -69.20 14.63 -89.13
C ALA M 474 -69.45 13.13 -89.07
N GLU M 475 -68.47 12.37 -88.59
CA GLU M 475 -68.65 10.94 -88.42
C GLU M 475 -69.76 10.66 -87.40
N ARG M 476 -69.82 11.45 -86.33
CA ARG M 476 -70.89 11.31 -85.35
C ARG M 476 -72.25 11.60 -85.98
N GLN M 477 -72.33 12.60 -86.86
CA GLN M 477 -73.57 12.88 -87.56
C GLN M 477 -73.98 11.71 -88.44
N ARG M 478 -73.02 11.12 -89.16
CA ARG M 478 -73.33 9.94 -89.97
C ARG M 478 -73.81 8.78 -89.10
N ILE M 479 -73.17 8.59 -87.94
CA ILE M 479 -73.57 7.53 -87.01
C ILE M 479 -74.99 7.77 -86.53
N GLU M 480 -75.33 9.01 -86.20
CA GLU M 480 -76.68 9.32 -85.74
C GLU M 480 -77.70 9.12 -86.87
N VAL M 481 -77.32 9.46 -88.10
CA VAL M 481 -78.23 9.27 -89.23
C VAL M 481 -78.50 7.77 -89.45
N GLU M 482 -77.44 6.96 -89.43
CA GLU M 482 -77.65 5.52 -89.62
C GLU M 482 -78.41 4.92 -88.44
N ASN M 483 -78.19 5.45 -87.22
CA ASN M 483 -78.98 5.04 -86.08
C ASN M 483 -80.45 5.35 -86.28
N ALA M 484 -80.76 6.54 -86.79
CA ALA M 484 -82.14 6.91 -87.03
C ALA M 484 -82.78 6.02 -88.09
N THR M 485 -82.05 5.73 -89.17
CA THR M 485 -82.64 4.98 -90.27
C THR M 485 -82.81 3.50 -89.91
N ASN M 486 -81.88 2.96 -89.10
CA ASN M 486 -82.03 1.56 -88.68
C ASN M 486 -83.02 1.43 -87.52
N PHE M 487 -83.23 2.53 -86.79
CA PHE M 487 -84.14 2.49 -85.66
C PHE M 487 -85.59 2.43 -86.11
N ALA M 488 -85.86 2.77 -87.37
CA ALA M 488 -87.21 2.80 -87.90
C ALA M 488 -87.55 1.56 -88.73
N LEU M 489 -86.72 0.53 -88.71
CA LEU M 489 -86.99 -0.66 -89.48
C LEU M 489 -88.21 -1.39 -88.93
N PRO M 490 -89.05 -1.97 -89.81
CA PRO M 490 -90.28 -2.67 -89.42
C PRO M 490 -90.02 -3.86 -88.52
N ASN M 507 -88.61 -5.50 -85.36
CA ASN M 507 -87.87 -4.39 -85.92
C ASN M 507 -86.56 -4.87 -86.53
N GLY M 508 -85.45 -4.28 -86.11
CA GLY M 508 -84.13 -4.68 -86.56
C GLY M 508 -83.23 -4.99 -85.38
N ASP M 509 -82.85 -6.25 -85.26
CA ASP M 509 -82.01 -6.69 -84.16
C ASP M 509 -80.57 -6.23 -84.34
N MET M 510 -79.89 -6.03 -83.21
CA MET M 510 -78.49 -5.59 -83.17
C MET M 510 -78.40 -4.23 -83.84
N MET M 511 -77.41 -3.99 -84.70
CA MET M 511 -77.16 -2.67 -85.32
C MET M 511 -76.90 -1.65 -84.20
N GLN M 512 -77.22 -0.38 -84.46
CA GLN M 512 -76.88 0.72 -83.56
C GLN M 512 -75.40 0.69 -83.20
N ARG M 513 -74.58 0.85 -84.22
CA ARG M 513 -73.14 0.72 -84.08
C ARG M 513 -72.57 1.80 -83.16
N LEU M 514 -71.55 1.43 -82.40
CA LEU M 514 -70.97 2.34 -81.42
C LEU M 514 -70.15 3.41 -82.13
N PRO M 515 -70.20 4.66 -81.65
CA PRO M 515 -69.34 5.70 -82.23
C PRO M 515 -67.87 5.47 -81.91
N ALA M 516 -67.03 6.19 -82.65
CA ALA M 516 -65.58 6.03 -82.52
C ALA M 516 -65.03 6.78 -81.31
N GLU M 517 -63.72 6.74 -81.13
CA GLU M 517 -63.07 7.36 -79.98
C GLU M 517 -61.57 7.44 -80.26
N GLY M 518 -60.92 8.39 -79.60
CA GLY M 518 -59.47 8.53 -79.71
C GLY M 518 -58.75 7.84 -78.58
N PHE M 519 -57.81 6.96 -78.92
CA PHE M 519 -57.14 6.11 -77.94
C PHE M 519 -55.67 5.99 -78.25
N VAL M 520 -54.90 5.57 -77.25
CA VAL M 520 -53.51 5.19 -77.41
C VAL M 520 -53.36 3.79 -76.83
N SER M 521 -52.73 2.90 -77.59
CA SER M 521 -52.56 1.50 -77.18
C SER M 521 -51.17 1.05 -77.57
N VAL M 522 -50.26 1.00 -76.58
CA VAL M 522 -48.90 0.54 -76.78
C VAL M 522 -48.76 -0.83 -76.15
N SER M 523 -48.40 -1.82 -76.97
CA SER M 523 -48.24 -3.19 -76.52
C SER M 523 -46.76 -3.55 -76.55
N ILE M 524 -46.29 -4.20 -75.48
CA ILE M 524 -44.89 -4.56 -75.33
C ILE M 524 -44.75 -6.07 -75.45
N TYR M 525 -43.84 -6.50 -76.32
CA TYR M 525 -43.57 -7.92 -76.53
C TYR M 525 -42.28 -8.26 -75.81
N ALA M 526 -42.38 -9.08 -74.76
CA ALA M 526 -41.22 -9.38 -73.93
C ALA M 526 -40.15 -10.11 -74.73
N ASP M 527 -40.43 -11.34 -75.15
CA ASP M 527 -39.53 -12.15 -75.95
C ASP M 527 -40.34 -12.83 -77.04
N GLY M 528 -41.26 -12.07 -77.65
CA GLY M 528 -42.25 -12.62 -78.53
C GLY M 528 -43.60 -12.84 -77.91
N LYS M 529 -43.79 -12.43 -76.66
CA LYS M 529 -45.05 -12.58 -75.95
C LYS M 529 -45.52 -11.22 -75.46
N LEU M 530 -46.79 -10.92 -75.69
CA LEU M 530 -47.39 -9.66 -75.27
C LEU M 530 -47.59 -9.72 -73.76
N VAL M 531 -46.95 -8.79 -73.04
CA VAL M 531 -47.06 -8.79 -71.58
C VAL M 531 -48.04 -7.74 -71.10
N LYS M 532 -48.14 -6.61 -71.81
CA LYS M 532 -48.97 -5.51 -71.34
C LYS M 532 -49.42 -4.66 -72.51
N THR M 533 -50.58 -4.04 -72.33
CA THR M 533 -51.08 -2.99 -73.22
C THR M 533 -51.39 -1.78 -72.37
N VAL M 534 -50.68 -0.68 -72.62
CA VAL M 534 -50.77 0.53 -71.80
C VAL M 534 -51.49 1.60 -72.60
N SER M 535 -52.41 2.31 -71.93
CA SER M 535 -53.18 3.37 -72.56
C SER M 535 -53.02 4.72 -71.90
N LYS M 536 -52.41 4.79 -70.71
CA LYS M 536 -52.19 6.06 -70.05
C LYS M 536 -51.21 6.91 -70.86
N MET M 537 -51.55 8.19 -71.01
CA MET M 537 -50.82 9.08 -71.89
C MET M 537 -50.31 10.29 -71.09
N ASN M 538 -49.10 10.72 -71.45
CA ASN M 538 -48.41 11.86 -70.83
C ASN M 538 -48.05 11.63 -69.37
N ARG M 539 -48.32 10.43 -68.85
CA ARG M 539 -47.98 10.07 -67.49
C ARG M 539 -47.35 8.69 -67.48
N MET M 540 -46.31 8.52 -66.66
CA MET M 540 -45.55 7.28 -66.67
C MET M 540 -46.40 6.12 -66.18
N ALA M 541 -46.31 5.00 -66.88
CA ALA M 541 -47.07 3.80 -66.55
C ALA M 541 -46.11 2.68 -66.18
N ARG M 542 -46.66 1.60 -65.63
CA ARG M 542 -45.87 0.50 -65.11
C ARG M 542 -46.10 -0.77 -65.92
N LEU M 543 -45.03 -1.54 -66.10
CA LEU M 543 -45.08 -2.79 -66.84
C LEU M 543 -45.62 -3.90 -65.96
N PRO M 544 -45.69 -5.13 -66.46
CA PRO M 544 -45.81 -6.29 -65.57
C PRO M 544 -44.44 -6.67 -65.01
N SER M 545 -44.45 -7.67 -64.14
CA SER M 545 -43.23 -8.16 -63.51
C SER M 545 -43.17 -9.68 -63.59
N GLY M 546 -42.06 -10.22 -63.11
CA GLY M 546 -41.85 -11.65 -63.06
C GLY M 546 -41.31 -12.27 -64.32
N PHE M 547 -41.09 -11.47 -65.36
CA PHE M 547 -40.54 -11.96 -66.62
C PHE M 547 -39.25 -11.21 -66.95
N LEU M 548 -38.23 -11.97 -67.33
CA LEU M 548 -36.93 -11.41 -67.70
C LEU M 548 -36.64 -11.78 -69.15
N ALA M 549 -36.45 -10.78 -70.00
CA ALA M 549 -36.21 -11.00 -71.41
C ALA M 549 -35.16 -10.01 -71.89
N ARG M 550 -34.50 -10.35 -73.00
CA ARG M 550 -33.46 -9.50 -73.57
C ARG M 550 -33.75 -9.05 -74.99
N ILE M 551 -34.61 -9.75 -75.73
CA ILE M 551 -35.03 -9.31 -77.06
C ILE M 551 -36.36 -8.60 -76.90
N TRP M 552 -36.33 -7.30 -76.63
CA TRP M 552 -37.53 -6.52 -76.43
C TRP M 552 -37.92 -5.79 -77.72
N GLU M 553 -39.23 -5.62 -77.92
CA GLU M 553 -39.76 -4.86 -79.04
C GLU M 553 -41.07 -4.22 -78.64
N ILE M 554 -41.43 -3.13 -79.32
CA ILE M 554 -42.58 -2.31 -78.95
C ILE M 554 -43.52 -2.21 -80.14
N GLU M 555 -44.81 -2.38 -79.91
CA GLU M 555 -45.83 -2.16 -80.92
C GLU M 555 -46.74 -1.02 -80.46
N VAL M 556 -47.00 -0.07 -81.35
CA VAL M 556 -47.74 1.14 -81.01
C VAL M 556 -49.00 1.20 -81.87
N ASN M 557 -50.14 1.36 -81.22
CA ASN M 557 -51.45 1.44 -81.88
C ASN M 557 -52.19 2.64 -81.30
N SER M 558 -52.67 3.53 -82.17
CA SER M 558 -53.40 4.70 -81.70
C SER M 558 -54.10 5.37 -82.88
N ASN M 559 -55.21 6.04 -82.59
CA ASN M 559 -55.85 6.87 -83.61
C ASN M 559 -55.33 8.30 -83.57
N ILE M 560 -54.51 8.62 -82.59
CA ILE M 560 -53.95 9.96 -82.46
C ILE M 560 -52.43 9.89 -82.56
N ASN M 561 -51.82 11.06 -82.81
CA ASN M 561 -50.37 11.13 -82.94
C ASN M 561 -49.69 10.99 -81.57
N ILE M 562 -48.52 10.36 -81.57
CA ILE M 562 -47.73 10.15 -80.37
C ILE M 562 -46.33 10.70 -80.60
N SER M 563 -45.80 11.43 -79.62
CA SER M 563 -44.50 12.07 -79.78
C SER M 563 -43.37 11.06 -79.68
N ASP M 564 -43.22 10.42 -78.52
CA ASP M 564 -42.12 9.49 -78.33
C ASP M 564 -42.46 8.48 -77.25
N ILE M 565 -41.68 7.40 -77.20
CA ILE M 565 -41.79 6.38 -76.18
C ILE M 565 -40.40 6.15 -75.59
N VAL M 566 -40.32 6.16 -74.26
CA VAL M 566 -39.07 5.91 -73.55
C VAL M 566 -39.36 4.92 -72.42
N LEU M 567 -38.46 3.96 -72.24
CA LEU M 567 -38.63 2.91 -71.25
C LEU M 567 -37.42 2.89 -70.31
N ALA M 568 -37.68 2.57 -69.04
CA ALA M 568 -36.64 2.40 -68.05
C ALA M 568 -37.12 1.43 -66.98
N THR M 569 -36.17 0.79 -66.29
CA THR M 569 -36.56 -0.18 -65.28
C THR M 569 -37.06 0.49 -64.01
N THR M 570 -36.70 1.75 -63.81
CA THR M 570 -37.07 2.49 -62.62
C THR M 570 -37.41 3.93 -63.02
N GLY M 571 -38.34 4.54 -62.28
CA GLY M 571 -38.66 5.93 -62.52
C GLY M 571 -37.47 6.84 -62.33
N GLN M 572 -36.59 6.51 -61.39
CA GLN M 572 -35.35 7.27 -61.22
C GLN M 572 -34.46 7.15 -62.45
N GLU M 573 -34.48 6.00 -63.13
CA GLU M 573 -33.75 5.90 -64.38
C GLU M 573 -34.40 6.76 -65.46
N LEU M 574 -35.74 6.78 -65.48
CA LEU M 574 -36.46 7.67 -66.38
C LEU M 574 -36.12 9.13 -66.12
N ARG M 575 -35.76 9.46 -64.89
CA ARG M 575 -35.27 10.80 -64.58
C ARG M 575 -33.99 11.09 -65.35
N ASN M 576 -33.08 10.11 -65.44
CA ASN M 576 -31.79 10.35 -66.07
C ASN M 576 -31.96 10.74 -67.53
N VAL M 577 -32.79 10.01 -68.27
CA VAL M 577 -33.06 10.35 -69.66
C VAL M 577 -34.56 10.30 -69.92
N THR N 2 -28.17 22.31 -65.86
CA THR N 2 -29.44 22.16 -66.56
C THR N 2 -29.79 23.42 -67.32
N THR N 3 -28.78 24.20 -67.67
CA THR N 3 -29.00 25.45 -68.39
C THR N 3 -29.52 25.16 -69.80
N LEU N 4 -30.45 26.01 -70.26
CA LEU N 4 -30.80 26.10 -71.66
C LEU N 4 -30.51 27.52 -72.13
N LYS N 5 -29.75 27.65 -73.21
CA LYS N 5 -29.32 28.94 -73.72
C LYS N 5 -29.82 29.12 -75.14
N LEU N 6 -30.39 30.27 -75.42
CA LEU N 6 -30.97 30.57 -76.73
C LEU N 6 -30.13 31.65 -77.41
N THR N 7 -29.35 31.25 -78.40
CA THR N 7 -28.49 32.17 -79.14
C THR N 7 -28.47 31.72 -80.59
N ALA N 8 -28.21 32.68 -81.49
CA ALA N 8 -28.22 32.44 -82.93
C ALA N 8 -29.57 31.88 -83.37
N TYR N 9 -30.60 32.71 -83.19
CA TYR N 9 -31.96 32.28 -83.46
C TYR N 9 -32.16 31.98 -84.95
N SER N 10 -33.03 31.01 -85.23
CA SER N 10 -33.36 30.67 -86.60
C SER N 10 -34.89 30.56 -86.71
N GLY N 11 -35.37 30.29 -87.93
CA GLY N 11 -36.78 30.39 -88.21
C GLY N 11 -37.56 29.14 -87.89
N GLU N 12 -38.75 29.08 -88.48
CA GLU N 12 -39.71 28.00 -88.21
C GLU N 12 -39.59 26.90 -89.25
N VAL N 13 -39.60 25.66 -88.79
CA VAL N 13 -39.66 24.48 -89.65
C VAL N 13 -40.82 23.63 -89.16
N PRO N 14 -42.04 23.80 -89.70
CA PRO N 14 -43.21 23.05 -89.20
C PRO N 14 -43.30 21.61 -89.67
N ARG N 15 -42.39 21.11 -90.50
CA ARG N 15 -42.38 19.69 -90.82
C ARG N 15 -41.50 18.96 -89.84
N THR N 16 -41.75 19.17 -88.55
CA THR N 16 -40.94 18.58 -87.50
C THR N 16 -41.73 18.65 -86.20
N LEU N 17 -41.62 17.60 -85.39
CA LEU N 17 -42.23 17.63 -84.08
C LEU N 17 -41.64 18.79 -83.28
N PRO N 18 -42.47 19.48 -82.47
CA PRO N 18 -41.96 20.64 -81.73
C PRO N 18 -40.77 20.30 -80.85
N ARG N 19 -40.69 19.07 -80.35
CA ARG N 19 -39.56 18.69 -79.52
C ARG N 19 -38.32 18.41 -80.35
N LEU N 20 -38.50 17.91 -81.58
CA LEU N 20 -37.40 17.44 -82.41
C LEU N 20 -36.86 18.53 -83.33
N LEU N 21 -37.20 19.78 -83.07
CA LEU N 21 -36.67 20.90 -83.83
C LEU N 21 -35.18 21.04 -83.53
N PRO N 22 -34.42 21.67 -84.43
CA PRO N 22 -33.02 21.97 -84.12
C PRO N 22 -32.90 22.82 -82.87
N ASP N 23 -31.68 22.87 -82.33
CA ASP N 23 -31.45 23.49 -81.03
C ASP N 23 -31.85 24.97 -81.03
N THR N 24 -31.79 25.63 -82.18
CA THR N 24 -32.03 27.06 -82.28
C THR N 24 -33.11 27.36 -83.32
N ALA N 25 -33.87 26.35 -83.70
CA ALA N 25 -34.99 26.51 -84.60
C ALA N 25 -36.27 26.37 -83.80
N SER N 26 -37.22 27.27 -84.06
CA SER N 26 -38.33 27.42 -83.14
C SER N 26 -39.60 27.82 -83.87
N GLN N 27 -40.72 27.62 -83.20
CA GLN N 27 -42.04 27.88 -83.77
C GLN N 27 -42.34 29.37 -83.80
N ARG N 28 -43.31 29.73 -84.65
CA ARG N 28 -43.91 31.06 -84.67
C ARG N 28 -42.86 32.16 -84.73
N ALA N 29 -42.02 32.11 -85.76
CA ALA N 29 -41.06 33.18 -86.03
C ALA N 29 -41.79 34.30 -86.78
N LEU N 30 -42.68 34.95 -86.05
CA LEU N 30 -43.60 35.91 -86.66
C LEU N 30 -43.05 37.33 -86.53
N ASN N 31 -43.11 38.09 -87.61
CA ASN N 31 -42.62 39.47 -87.60
C ASN N 31 -41.20 39.59 -87.09
N VAL N 32 -40.30 38.78 -87.64
CA VAL N 32 -38.90 38.82 -87.22
C VAL N 32 -38.01 38.77 -88.45
N ARG N 33 -36.89 39.50 -88.40
CA ARG N 33 -35.84 39.40 -89.40
C ARG N 33 -34.63 38.74 -88.74
N LEU N 34 -34.27 37.55 -89.21
CA LEU N 34 -33.17 36.79 -88.62
C LEU N 34 -31.95 36.86 -89.54
N ASP N 35 -31.16 37.92 -89.34
CA ASP N 35 -29.98 38.17 -90.15
C ASP N 35 -28.69 38.16 -89.33
N ASN N 36 -28.63 38.94 -88.25
CA ASN N 36 -27.39 39.04 -87.48
C ASN N 36 -27.22 37.86 -86.53
N GLY N 37 -28.28 37.09 -86.34
CA GLY N 37 -28.29 36.07 -85.30
C GLY N 37 -29.06 36.45 -84.07
N GLY N 38 -29.81 37.56 -84.10
CA GLY N 38 -30.63 37.98 -83.00
C GLY N 38 -32.02 38.31 -83.49
N LEU N 39 -32.87 38.73 -82.55
CA LEU N 39 -34.27 38.99 -82.85
C LEU N 39 -34.45 40.46 -83.26
N THR N 40 -34.09 40.74 -84.51
CA THR N 40 -34.27 42.09 -85.03
C THR N 40 -35.72 42.28 -85.48
N PRO N 41 -36.42 43.26 -84.92
CA PRO N 41 -37.82 43.48 -85.32
C PRO N 41 -37.95 44.09 -86.70
N THR N 42 -39.08 43.83 -87.35
CA THR N 42 -39.37 44.45 -88.64
C THR N 42 -39.93 45.85 -88.44
N ARG N 43 -39.80 46.68 -89.47
CA ARG N 43 -40.41 47.99 -89.43
C ARG N 43 -41.87 47.91 -89.86
N GLN N 44 -42.64 48.91 -89.43
CA GLN N 44 -44.07 49.01 -89.72
C GLN N 44 -44.28 49.53 -91.14
N PRO N 45 -45.25 48.96 -91.87
CA PRO N 45 -45.48 49.40 -93.25
C PRO N 45 -45.87 50.86 -93.32
N ARG N 46 -45.47 51.51 -94.43
CA ARG N 46 -45.76 52.91 -94.68
C ARG N 46 -46.76 53.03 -95.82
N PHE N 47 -47.82 53.79 -95.59
CA PHE N 47 -48.87 54.03 -96.58
C PHE N 47 -48.31 54.99 -97.63
N GLU N 48 -47.91 54.43 -98.78
CA GLU N 48 -47.30 55.25 -99.82
C GLU N 48 -48.35 55.92 -100.70
N ALA N 49 -49.32 55.14 -101.18
CA ALA N 49 -50.33 55.68 -102.10
C ALA N 49 -51.58 54.83 -101.98
N ASN N 50 -52.67 55.35 -102.55
CA ASN N 50 -53.98 54.72 -102.49
C ASN N 50 -54.43 54.32 -103.89
N ILE N 51 -55.06 53.14 -103.99
CA ILE N 51 -55.53 52.64 -105.27
C ILE N 51 -56.95 53.13 -105.53
N SER N 52 -57.29 53.27 -106.81
CA SER N 52 -58.57 53.86 -107.21
C SER N 52 -59.72 52.86 -107.09
N VAL N 53 -59.65 51.75 -107.83
CA VAL N 53 -60.79 50.87 -108.02
C VAL N 53 -60.72 49.68 -107.06
N ASP N 54 -61.88 49.32 -106.53
CA ASP N 54 -61.99 48.28 -105.52
C ASP N 54 -61.70 46.90 -106.12
N ASN N 55 -61.28 45.99 -105.24
CA ASN N 55 -61.02 44.59 -105.59
C ASN N 55 -59.93 44.49 -106.66
N ALA N 56 -58.81 45.15 -106.40
CA ALA N 56 -57.66 45.03 -107.28
C ALA N 56 -56.90 43.74 -106.99
N LYS N 57 -56.67 42.97 -108.05
CA LYS N 57 -55.94 41.72 -107.93
C LYS N 57 -54.51 41.78 -108.47
N THR N 58 -54.16 42.83 -109.21
CA THR N 58 -52.81 43.02 -109.70
C THR N 58 -52.47 44.50 -109.65
N ILE N 59 -51.31 44.83 -109.07
CA ILE N 59 -50.88 46.20 -108.94
C ILE N 59 -49.52 46.36 -109.62
N TYR N 60 -49.34 47.49 -110.27
CA TYR N 60 -48.11 47.77 -111.00
C TYR N 60 -47.83 49.27 -110.91
N LYS N 61 -46.54 49.61 -111.00
CA LYS N 61 -46.13 51.00 -111.02
C LYS N 61 -45.31 51.26 -112.27
N HIS N 62 -45.78 52.18 -113.10
CA HIS N 62 -45.06 52.63 -114.28
C HIS N 62 -44.77 54.12 -114.13
N ASN N 63 -43.51 54.49 -114.27
CA ASN N 63 -43.04 55.86 -114.04
C ASN N 63 -43.42 56.24 -112.61
N GLY N 64 -44.08 57.37 -112.39
CA GLY N 64 -44.45 57.73 -111.02
C GLY N 64 -45.84 57.27 -110.63
N ALA N 65 -46.67 56.94 -111.63
CA ALA N 65 -48.05 56.59 -111.41
C ALA N 65 -48.20 55.12 -111.00
N TRP N 66 -49.31 54.84 -110.32
CA TRP N 66 -49.64 53.48 -109.87
C TRP N 66 -50.75 52.95 -110.76
N LEU N 67 -50.56 51.72 -111.26
CA LEU N 67 -51.54 51.08 -112.13
C LEU N 67 -52.11 49.85 -111.44
N ALA N 68 -53.43 49.70 -111.47
CA ALA N 68 -54.11 48.56 -110.89
C ALA N 68 -55.21 48.10 -111.83
N TRP N 69 -55.48 46.79 -111.81
CA TRP N 69 -56.48 46.20 -112.68
C TRP N 69 -57.24 45.13 -111.92
N GLN N 70 -58.44 44.81 -112.40
CA GLN N 70 -59.32 43.85 -111.76
C GLN N 70 -59.03 42.42 -112.16
N ASN N 71 -58.12 42.20 -113.10
CA ASN N 71 -57.77 40.86 -113.56
C ASN N 71 -56.30 40.60 -113.31
N VAL N 72 -55.92 39.32 -113.34
CA VAL N 72 -54.52 38.94 -113.18
C VAL N 72 -53.79 39.34 -114.46
N VAL N 73 -53.01 40.42 -114.38
CA VAL N 73 -52.41 41.04 -115.55
C VAL N 73 -50.90 41.00 -115.41
N HIS N 74 -50.22 40.53 -116.45
CA HIS N 74 -48.77 40.48 -116.47
C HIS N 74 -48.24 41.54 -117.43
N ALA N 75 -47.31 42.36 -116.94
CA ALA N 75 -46.75 43.46 -117.73
C ALA N 75 -45.23 43.34 -117.75
N ALA N 76 -44.66 43.60 -118.93
CA ALA N 76 -43.22 43.51 -119.12
C ALA N 76 -42.79 44.54 -120.16
N PRO N 77 -41.65 45.20 -119.96
CA PRO N 77 -41.17 46.16 -120.95
C PRO N 77 -40.78 45.46 -122.26
N GLY N 78 -40.90 46.19 -123.36
CA GLY N 78 -40.56 45.67 -124.66
C GLY N 78 -39.10 45.85 -125.01
N PRO N 79 -38.56 44.93 -125.80
CA PRO N 79 -37.14 45.03 -126.19
C PRO N 79 -36.84 46.22 -127.08
N VAL N 80 -37.71 46.54 -128.03
CA VAL N 80 -37.47 47.65 -128.93
C VAL N 80 -37.41 48.97 -128.14
N ALA N 81 -36.80 49.99 -128.76
CA ALA N 81 -36.08 51.02 -128.02
C ALA N 81 -36.97 51.77 -127.02
N GLN N 82 -37.95 52.52 -127.51
CA GLN N 82 -38.61 53.49 -126.65
C GLN N 82 -39.50 52.81 -125.62
N ASP N 83 -39.82 53.55 -124.55
CA ASP N 83 -40.41 52.95 -123.36
C ASP N 83 -41.90 52.65 -123.55
N ARG N 84 -42.25 51.37 -123.46
CA ARG N 84 -43.62 50.90 -123.52
C ARG N 84 -43.87 49.91 -122.41
N LEU N 85 -45.14 49.79 -122.02
CA LEU N 85 -45.57 48.78 -121.06
C LEU N 85 -46.60 47.88 -121.73
N TYR N 86 -46.31 46.59 -121.76
CA TYR N 86 -47.18 45.61 -122.41
C TYR N 86 -47.89 44.80 -121.33
N TYR N 87 -49.11 45.22 -120.99
CA TYR N 87 -49.93 44.52 -120.00
C TYR N 87 -51.11 43.93 -120.75
N MET N 88 -51.32 42.63 -120.59
CA MET N 88 -52.12 41.83 -121.53
C MET N 88 -53.24 41.07 -120.85
N GLY N 89 -53.26 41.00 -119.51
CA GLY N 89 -54.29 40.22 -118.83
C GLY N 89 -55.68 40.80 -119.00
N ASP N 90 -55.78 42.09 -119.29
CA ASP N 90 -57.07 42.77 -119.41
C ASP N 90 -57.71 42.44 -120.75
N GLY N 91 -58.07 41.18 -120.92
CA GLY N 91 -58.74 40.75 -122.13
C GLY N 91 -57.86 40.97 -123.36
N LYS N 92 -58.24 41.96 -124.17
CA LYS N 92 -57.49 42.26 -125.37
C LYS N 92 -56.09 42.75 -125.01
N PRO N 93 -55.04 42.24 -125.65
CA PRO N 93 -53.70 42.78 -125.42
C PRO N 93 -53.64 44.25 -125.79
N LYS N 94 -52.90 45.02 -124.99
CA LYS N 94 -52.87 46.46 -125.13
C LYS N 94 -51.53 47.02 -124.67
N MET N 95 -51.23 48.22 -125.14
CA MET N 95 -49.93 48.86 -124.92
C MET N 95 -50.13 50.25 -124.33
N ILE N 96 -49.19 50.66 -123.48
CA ILE N 96 -49.15 52.02 -122.94
C ILE N 96 -47.97 52.73 -123.57
N VAL N 97 -48.25 53.86 -124.23
CA VAL N 97 -47.22 54.71 -124.82
C VAL N 97 -47.43 56.12 -124.29
N ASP N 98 -46.41 56.64 -123.59
CA ASP N 98 -46.45 57.98 -123.01
C ASP N 98 -47.68 58.18 -122.12
N GLY N 99 -48.03 57.13 -121.38
CA GLY N 99 -49.19 57.20 -120.50
C GLY N 99 -50.52 57.08 -121.21
N THR N 100 -50.53 56.75 -122.50
CA THR N 100 -51.75 56.58 -123.27
C THR N 100 -51.85 55.12 -123.70
N THR N 101 -53.00 54.52 -123.47
CA THR N 101 -53.21 53.10 -123.75
C THR N 101 -53.73 52.91 -125.16
N TYR N 102 -53.00 52.13 -125.96
CA TYR N 102 -53.41 51.72 -127.29
C TYR N 102 -53.73 50.23 -127.27
N ASP N 103 -54.07 49.68 -128.43
CA ASP N 103 -54.28 48.25 -128.59
C ASP N 103 -53.02 47.62 -129.14
N LEU N 104 -52.56 46.55 -128.50
CA LEU N 104 -51.33 45.89 -128.93
C LEU N 104 -51.47 45.34 -130.34
N ALA N 105 -52.68 44.91 -130.71
CA ALA N 105 -52.91 44.44 -132.06
C ALA N 105 -53.01 45.60 -133.03
N VAL N 106 -52.53 45.39 -134.24
CA VAL N 106 -52.58 46.37 -135.32
C VAL N 106 -53.53 45.85 -136.39
N PRO N 107 -54.58 46.57 -136.74
CA PRO N 107 -55.55 46.05 -137.71
C PRO N 107 -54.91 45.76 -139.06
N MET N 108 -55.37 44.68 -139.69
CA MET N 108 -54.83 44.29 -140.99
C MET N 108 -55.37 45.18 -142.09
N PRO N 109 -54.67 45.18 -143.23
CA PRO N 109 -55.06 45.95 -144.41
C PRO N 109 -55.15 47.45 -144.13
N THR N 110 -54.33 47.92 -143.19
CA THR N 110 -54.32 49.33 -142.81
C THR N 110 -53.00 50.01 -143.13
N ALA N 111 -51.88 49.45 -142.67
CA ALA N 111 -50.60 50.11 -142.86
C ALA N 111 -49.87 49.60 -144.11
N ALA N 112 -50.10 48.34 -144.48
CA ALA N 112 -49.36 47.74 -145.58
C ALA N 112 -50.32 47.10 -146.57
N PRO N 113 -50.12 47.40 -147.85
CA PRO N 113 -50.87 46.79 -148.94
C PRO N 113 -49.93 46.51 -150.10
N ALA N 114 -50.08 45.34 -150.71
CA ALA N 114 -49.22 44.90 -151.81
C ALA N 114 -50.06 44.77 -153.08
N LEU N 115 -49.61 45.42 -154.15
CA LEU N 115 -50.26 45.34 -155.45
C LEU N 115 -49.22 44.89 -156.48
N THR N 116 -49.53 43.84 -157.22
CA THR N 116 -48.63 43.29 -158.21
C THR N 116 -49.42 42.88 -159.44
N VAL N 117 -48.80 43.09 -160.61
CA VAL N 117 -49.42 42.71 -161.88
C VAL N 117 -48.30 42.53 -162.91
N THR N 118 -48.56 41.62 -163.86
CA THR N 118 -47.57 41.37 -164.90
C THR N 118 -47.55 42.50 -165.92
N GLY N 119 -48.68 43.16 -166.13
CA GLY N 119 -48.76 44.26 -167.09
C GLY N 119 -48.20 45.57 -166.56
N THR N 120 -47.82 45.62 -165.28
CA THR N 120 -47.30 46.85 -164.71
C THR N 120 -45.95 47.20 -165.33
N GLY N 121 -45.61 48.49 -165.27
CA GLY N 121 -44.37 49.10 -165.76
C GLY N 121 -44.31 49.10 -167.29
N THR N 122 -45.30 48.55 -167.98
CA THR N 122 -45.36 48.58 -169.44
C THR N 122 -46.52 49.38 -170.00
N GLY N 123 -47.67 49.36 -169.33
CA GLY N 123 -48.85 50.11 -169.76
C GLY N 123 -49.33 50.98 -168.61
N ASN N 124 -49.70 52.21 -168.93
CA ASN N 124 -50.16 53.15 -167.93
C ASN N 124 -51.58 52.81 -167.48
N VAL N 125 -51.98 53.41 -166.36
CA VAL N 125 -53.33 53.25 -165.78
C VAL N 125 -53.51 51.78 -165.43
N THR N 126 -54.57 51.12 -165.88
CA THR N 126 -54.86 49.71 -165.56
C THR N 126 -55.00 49.59 -164.05
N SER N 127 -54.37 48.62 -163.40
CA SER N 127 -54.37 48.43 -161.95
C SER N 127 -55.74 48.03 -161.43
N ILE N 128 -55.78 47.48 -160.21
CA ILE N 128 -57.03 47.04 -159.59
C ILE N 128 -57.14 47.50 -158.14
N ALA N 129 -56.60 48.68 -157.82
CA ALA N 129 -56.68 49.28 -156.49
C ALA N 129 -55.94 48.44 -155.45
N TYR N 130 -56.47 47.26 -155.13
CA TYR N 130 -55.88 46.39 -154.13
C TYR N 130 -55.92 44.95 -154.61
N VAL N 131 -54.75 44.31 -154.65
CA VAL N 131 -54.66 42.90 -155.04
C VAL N 131 -54.58 42.01 -153.81
N TYR N 132 -53.62 42.28 -152.94
CA TYR N 132 -53.42 41.54 -151.70
C TYR N 132 -53.15 42.51 -150.56
N THR N 133 -53.71 42.20 -149.38
CA THR N 133 -53.53 43.03 -148.20
C THR N 133 -52.59 42.33 -147.24
N PHE N 134 -51.36 42.82 -147.13
CA PHE N 134 -50.38 42.23 -146.25
C PHE N 134 -50.61 42.67 -144.81
N VAL N 135 -49.91 42.02 -143.88
CA VAL N 135 -50.02 42.37 -142.48
C VAL N 135 -49.42 43.76 -142.22
N THR N 136 -50.04 44.46 -141.29
CA THR N 136 -49.60 45.82 -140.97
C THR N 136 -48.41 45.78 -140.01
N ALA N 137 -47.63 46.86 -140.03
CA ALA N 137 -46.48 47.02 -139.16
C ALA N 137 -46.63 48.32 -138.37
N PHE N 138 -46.62 48.21 -137.05
CA PHE N 138 -46.81 49.40 -136.21
C PHE N 138 -45.58 50.29 -136.23
N GLY N 139 -44.38 49.70 -136.11
CA GLY N 139 -43.12 50.44 -136.04
C GLY N 139 -43.24 51.43 -134.89
N GLU N 140 -42.96 52.72 -135.09
CA GLU N 140 -43.15 53.72 -134.07
C GLU N 140 -44.48 54.45 -134.16
N GLU N 141 -44.98 54.71 -135.38
CA GLU N 141 -46.28 55.33 -135.59
C GLU N 141 -47.14 54.37 -136.39
N SER N 142 -48.34 54.10 -135.89
CA SER N 142 -49.26 53.17 -136.52
C SER N 142 -50.59 53.86 -136.79
N GLU N 143 -51.28 53.40 -137.84
CA GLU N 143 -52.55 53.96 -138.28
C GLU N 143 -52.42 55.43 -138.67
N PRO N 144 -51.18 55.84 -138.96
CA PRO N 144 -50.91 57.20 -139.43
C PRO N 144 -50.31 57.16 -140.82
N SER N 145 -49.27 56.36 -141.00
CA SER N 145 -48.64 56.21 -142.30
C SER N 145 -49.01 54.87 -142.93
N ALA N 146 -48.79 54.78 -144.24
CA ALA N 146 -49.07 53.56 -144.99
C ALA N 146 -47.86 53.20 -145.85
N LEU N 147 -47.72 51.91 -146.15
CA LEU N 147 -46.63 51.41 -146.96
C LEU N 147 -47.19 50.56 -148.09
N SER N 148 -46.64 50.73 -149.29
CA SER N 148 -47.07 49.98 -150.46
C SER N 148 -45.85 49.38 -151.15
N ASN N 149 -45.97 48.11 -151.55
CA ASN N 149 -44.90 47.40 -152.24
C ASN N 149 -45.48 46.68 -153.46
N VAL N 150 -44.66 46.59 -154.51
CA VAL N 150 -45.03 45.90 -155.74
C VAL N 150 -44.25 44.60 -155.83
N ALA N 151 -44.95 43.48 -155.65
CA ALA N 151 -44.32 42.16 -155.69
C ALA N 151 -44.42 41.55 -157.09
N GLY N 152 -43.82 42.26 -158.05
CA GLY N 152 -43.81 41.78 -159.42
C GLY N 152 -42.95 40.53 -159.55
N TRP N 153 -43.45 39.57 -160.33
CA TRP N 153 -42.77 38.30 -160.56
C TRP N 153 -42.45 37.58 -159.25
N GLN N 154 -43.39 37.63 -158.32
CA GLN N 154 -43.21 36.98 -157.02
C GLN N 154 -44.49 36.27 -156.58
N ALA N 197 -36.91 46.46 -157.59
CA ALA N 197 -37.31 47.26 -156.44
C ALA N 197 -37.55 48.71 -156.84
N ALA N 198 -36.79 49.19 -157.81
CA ALA N 198 -36.91 50.55 -158.31
C ALA N 198 -37.57 50.54 -159.68
N SER N 199 -38.69 51.23 -159.81
CA SER N 199 -39.45 51.29 -161.04
C SER N 199 -40.44 52.44 -160.94
N ALA N 200 -41.35 52.52 -161.91
CA ALA N 200 -42.39 53.53 -161.87
C ALA N 200 -43.27 53.36 -160.64
N ALA N 201 -43.49 54.46 -159.92
CA ALA N 201 -44.29 54.40 -158.70
C ALA N 201 -45.74 54.04 -159.01
N ASN N 202 -46.28 54.58 -160.10
CA ASN N 202 -47.65 54.30 -160.54
C ASN N 202 -48.67 54.84 -159.55
N PHE N 203 -49.94 54.54 -159.77
CA PHE N 203 -51.00 55.01 -158.89
C PHE N 203 -50.94 54.32 -157.54
N VAL N 204 -51.49 54.99 -156.53
CA VAL N 204 -51.51 54.48 -155.17
C VAL N 204 -52.77 54.96 -154.47
N ASP N 205 -53.14 54.25 -153.41
CA ASP N 205 -54.33 54.61 -152.63
C ASP N 205 -54.11 55.94 -151.91
N THR N 206 -55.16 56.76 -151.90
CA THR N 206 -55.10 58.09 -151.29
C THR N 206 -55.84 58.17 -149.97
N HIS N 207 -56.10 57.04 -149.31
CA HIS N 207 -56.81 57.07 -148.04
C HIS N 207 -56.02 57.82 -146.98
N ALA N 208 -54.71 57.60 -146.92
CA ALA N 208 -53.85 58.27 -145.96
C ALA N 208 -52.46 58.44 -146.56
N THR N 209 -51.55 58.99 -145.76
CA THR N 209 -50.17 59.14 -146.21
C THR N 209 -49.55 57.78 -146.48
N ASN N 210 -48.88 57.66 -147.62
CA ASN N 210 -48.33 56.39 -148.07
C ASN N 210 -46.86 56.55 -148.44
N ASP N 211 -46.13 55.44 -148.36
CA ASP N 211 -44.72 55.40 -148.72
C ASP N 211 -44.50 54.28 -149.73
N PHE N 212 -43.69 54.57 -150.74
CA PHE N 212 -43.39 53.63 -151.82
C PHE N 212 -42.03 52.99 -151.52
N GLY N 213 -42.04 51.92 -150.72
CA GLY N 213 -40.84 51.18 -150.38
C GLY N 213 -40.96 49.75 -150.89
N GLU N 214 -39.88 49.25 -151.50
CA GLU N 214 -39.86 47.92 -152.12
C GLU N 214 -38.80 47.09 -151.42
N MET N 215 -39.21 46.42 -150.35
CA MET N 215 -38.35 45.50 -149.61
C MET N 215 -39.11 44.20 -149.36
N LEU N 216 -38.39 43.18 -148.93
CA LEU N 216 -39.01 41.90 -148.60
C LEU N 216 -40.11 42.10 -147.57
N PRO N 217 -41.35 41.87 -148.00
CA PRO N 217 -42.50 42.13 -147.13
C PRO N 217 -42.54 41.14 -145.98
N SER N 218 -42.71 41.67 -144.77
CA SER N 218 -42.82 40.83 -143.56
C SER N 218 -44.29 40.50 -143.37
N LEU N 219 -44.78 39.57 -144.17
CA LEU N 219 -46.19 39.16 -144.12
C LEU N 219 -46.46 38.13 -143.03
N GLU N 220 -45.42 37.59 -142.39
CA GLU N 220 -45.61 36.61 -141.32
C GLU N 220 -46.13 37.23 -140.04
N TYR N 221 -46.18 38.56 -139.95
CA TYR N 221 -46.76 39.21 -138.78
C TYR N 221 -48.25 38.88 -138.69
N ASN N 222 -48.73 38.69 -137.47
CA ASN N 222 -50.13 38.37 -137.23
C ASN N 222 -50.66 39.21 -136.08
N ALA N 223 -51.94 39.56 -136.17
CA ALA N 223 -52.58 40.29 -135.09
C ALA N 223 -52.69 39.40 -133.85
N PRO N 224 -52.32 39.91 -132.68
CA PRO N 224 -52.43 39.13 -131.44
C PRO N 224 -53.85 38.66 -131.23
N PRO N 225 -54.07 37.34 -131.23
CA PRO N 225 -55.42 36.82 -131.00
C PRO N 225 -55.90 37.12 -129.58
N ASP N 226 -57.21 37.28 -129.46
CA ASP N 226 -57.81 37.52 -128.15
C ASP N 226 -57.72 36.26 -127.29
N GLY N 227 -57.68 36.46 -125.99
CA GLY N 227 -57.53 35.36 -125.06
C GLY N 227 -56.13 35.15 -124.53
N LEU N 228 -55.15 35.87 -125.06
CA LEU N 228 -53.79 35.77 -124.55
C LEU N 228 -53.72 36.40 -123.16
N LYS N 229 -53.17 35.68 -122.19
CA LYS N 229 -53.25 36.08 -120.80
C LYS N 229 -51.89 36.45 -120.20
N GLY N 230 -50.91 35.56 -120.26
CA GLY N 230 -49.64 35.77 -119.59
C GLY N 230 -48.55 36.19 -120.55
N LEU N 231 -47.90 37.30 -120.24
CA LEU N 231 -46.85 37.87 -121.09
C LEU N 231 -45.59 38.06 -120.26
N ILE N 232 -44.48 37.51 -120.74
CA ILE N 232 -43.19 37.62 -120.07
C ILE N 232 -42.12 37.96 -121.10
N SER N 233 -41.05 38.61 -120.65
CA SER N 233 -39.93 38.91 -121.52
C SER N 233 -38.89 37.81 -121.48
N LEU N 234 -38.12 37.68 -122.55
CA LEU N 234 -37.21 36.57 -122.76
C LEU N 234 -35.80 37.09 -123.08
N PRO N 235 -34.76 36.25 -122.89
CA PRO N 235 -33.38 36.73 -123.06
C PRO N 235 -33.06 37.28 -124.44
N ASN N 236 -33.16 36.44 -125.47
CA ASN N 236 -32.63 36.82 -126.79
C ASN N 236 -33.43 37.96 -127.40
N GLY N 237 -34.60 38.27 -126.83
CA GLY N 237 -35.44 39.34 -127.31
C GLY N 237 -36.64 38.75 -127.99
N MET N 238 -37.75 38.65 -127.26
CA MET N 238 -39.00 38.07 -127.73
C MET N 238 -39.95 38.10 -126.54
N MET N 239 -41.22 37.84 -126.81
CA MET N 239 -42.21 37.70 -125.76
C MET N 239 -42.97 36.39 -125.91
N ALA N 240 -43.33 35.81 -124.78
CA ALA N 240 -44.03 34.54 -124.75
C ALA N 240 -45.43 34.75 -124.18
N ALA N 241 -46.42 34.23 -124.91
CA ALA N 241 -47.81 34.35 -124.51
C ALA N 241 -48.48 33.00 -124.74
N PHE N 242 -49.50 32.73 -123.95
CA PHE N 242 -50.23 31.48 -124.06
C PHE N 242 -51.72 31.73 -124.22
N THR N 243 -52.34 30.97 -125.11
CA THR N 243 -53.79 30.89 -125.21
C THR N 243 -54.28 29.92 -124.14
N GLY N 244 -55.52 29.43 -124.26
CA GLY N 244 -56.03 28.48 -123.29
C GLY N 244 -55.14 27.24 -123.19
N LYS N 245 -54.64 26.76 -124.33
CA LYS N 245 -53.79 25.58 -124.35
C LYS N 245 -52.53 25.73 -125.19
N ASP N 246 -52.42 26.75 -126.03
CA ASP N 246 -51.29 26.92 -126.93
C ASP N 246 -50.49 28.14 -126.51
N LEU N 247 -49.16 28.02 -126.52
CA LEU N 247 -48.29 29.17 -126.28
C LEU N 247 -47.98 29.84 -127.61
N TYR N 248 -47.93 31.17 -127.59
CA TYR N 248 -47.65 31.97 -128.79
C TYR N 248 -46.33 32.69 -128.60
N PHE N 249 -45.52 32.72 -129.66
CA PHE N 249 -44.23 33.40 -129.67
C PHE N 249 -44.31 34.60 -130.60
N CYS N 250 -43.90 35.76 -130.09
CA CYS N 250 -43.94 36.98 -130.87
C CYS N 250 -42.70 37.10 -131.76
N GLU N 251 -42.74 38.07 -132.67
CA GLU N 251 -41.58 38.38 -133.49
C GLU N 251 -40.43 38.82 -132.58
N PRO N 252 -39.20 38.38 -132.84
CA PRO N 252 -38.10 38.65 -131.90
C PRO N 252 -37.99 40.11 -131.46
N PHE N 253 -37.83 41.04 -132.40
CA PHE N 253 -37.67 42.43 -132.05
C PHE N 253 -38.89 43.28 -132.40
N ILE N 254 -39.97 42.67 -132.86
CA ILE N 254 -41.22 43.36 -133.18
C ILE N 254 -42.28 42.87 -132.21
N PRO N 255 -42.68 43.67 -131.22
CA PRO N 255 -43.60 43.16 -130.19
C PRO N 255 -45.00 42.87 -130.70
N HIS N 256 -45.54 43.70 -131.59
CA HIS N 256 -46.94 43.57 -131.96
C HIS N 256 -47.19 42.30 -132.77
N ALA N 257 -46.19 41.84 -133.52
CA ALA N 257 -46.35 40.65 -134.34
C ALA N 257 -46.38 39.40 -133.48
N TRP N 258 -47.35 38.52 -133.76
CA TRP N 258 -47.50 37.25 -133.07
C TRP N 258 -47.75 36.17 -134.11
N PRO N 259 -46.69 35.71 -134.79
CA PRO N 259 -46.88 34.78 -135.92
C PRO N 259 -47.53 33.48 -135.50
N GLU N 260 -48.36 32.94 -136.40
CA GLU N 260 -49.01 31.66 -136.14
C GLU N 260 -48.06 30.49 -136.29
N LYS N 261 -47.01 30.62 -137.11
CA LYS N 261 -46.04 29.55 -137.26
C LYS N 261 -45.11 29.49 -136.06
N TYR N 262 -45.08 30.55 -135.25
CA TYR N 262 -44.26 30.56 -134.04
C TYR N 262 -44.93 29.87 -132.87
N ILE N 263 -46.22 29.49 -133.00
CA ILE N 263 -46.95 28.99 -131.84
C ILE N 263 -46.53 27.55 -131.56
N LEU N 264 -46.54 27.20 -130.27
CA LEU N 264 -46.29 25.84 -129.81
C LEU N 264 -47.49 25.39 -128.98
N THR N 265 -47.94 24.15 -129.23
CA THR N 265 -49.09 23.60 -128.53
C THR N 265 -48.63 22.60 -127.48
N MET N 266 -49.13 22.76 -126.26
CA MET N 266 -48.76 21.91 -125.13
C MET N 266 -49.97 21.15 -124.63
N ASP N 267 -49.72 19.98 -124.05
CA ASP N 267 -50.77 19.24 -123.35
C ASP N 267 -51.18 20.00 -122.10
N TYR N 268 -52.45 19.83 -121.71
CA TYR N 268 -53.02 20.45 -120.52
C TYR N 268 -53.12 21.96 -120.70
N GLN N 269 -53.89 22.62 -119.82
CA GLN N 269 -53.97 24.07 -119.83
C GLN N 269 -52.62 24.66 -119.40
N ILE N 270 -52.44 25.95 -119.67
CA ILE N 270 -51.23 26.66 -119.26
C ILE N 270 -51.63 27.74 -118.27
N VAL N 271 -50.98 27.76 -117.12
CA VAL N 271 -51.36 28.64 -116.03
C VAL N 271 -50.56 29.94 -116.09
N ALA N 272 -49.23 29.82 -116.12
CA ALA N 272 -48.36 30.99 -116.15
C ALA N 272 -47.05 30.60 -116.78
N LEU N 273 -46.20 31.60 -117.03
CA LEU N 273 -44.92 31.40 -117.68
C LEU N 273 -43.79 31.99 -116.84
N GLY N 274 -42.69 31.26 -116.77
CA GLY N 274 -41.49 31.76 -116.10
C GLY N 274 -40.25 31.33 -116.86
N ALA N 275 -39.20 32.11 -116.70
CA ALA N 275 -37.96 31.89 -117.45
C ALA N 275 -36.76 31.94 -116.51
N TYR N 276 -35.89 30.93 -116.62
CA TYR N 276 -34.56 30.96 -116.02
C TYR N 276 -33.56 30.74 -117.13
N GLY N 277 -32.52 31.56 -117.17
CA GLY N 277 -31.59 31.47 -118.28
C GLY N 277 -32.30 31.68 -119.60
N THR N 278 -31.96 30.84 -120.58
CA THR N 278 -32.59 30.95 -121.90
C THR N 278 -33.88 30.16 -121.97
N THR N 279 -34.05 29.16 -121.10
CA THR N 279 -35.16 28.22 -121.20
C THR N 279 -36.39 28.74 -120.47
N ILE N 280 -37.57 28.47 -121.05
CA ILE N 280 -38.83 28.90 -120.44
C ILE N 280 -39.37 27.75 -119.57
N VAL N 281 -40.13 28.11 -118.55
CA VAL N 281 -40.89 27.15 -117.75
C VAL N 281 -42.35 27.26 -118.15
N VAL N 282 -42.85 26.28 -118.88
CA VAL N 282 -44.25 26.24 -119.29
C VAL N 282 -45.02 25.56 -118.16
N MET N 283 -45.70 26.38 -117.36
CA MET N 283 -46.35 25.91 -116.15
C MET N 283 -47.79 25.54 -116.44
N THR N 284 -48.09 24.24 -116.33
CA THR N 284 -49.33 23.69 -116.84
C THR N 284 -50.14 23.07 -115.71
N GLU N 285 -51.43 22.86 -116.00
CA GLU N 285 -52.29 22.10 -115.10
C GLU N 285 -51.85 20.65 -114.99
N GLY N 286 -51.01 20.17 -115.91
CA GLY N 286 -50.50 18.81 -115.85
C GLY N 286 -49.02 18.75 -115.57
N LEU N 287 -48.24 18.29 -116.54
CA LEU N 287 -46.80 18.17 -116.39
C LEU N 287 -46.13 19.48 -116.80
N PRO N 288 -45.33 20.08 -115.93
CA PRO N 288 -44.57 21.27 -116.34
C PRO N 288 -43.62 20.94 -117.48
N TYR N 289 -43.49 21.89 -118.40
CA TYR N 289 -42.67 21.73 -119.60
C TYR N 289 -41.62 22.81 -119.66
N ILE N 290 -40.42 22.45 -120.11
CA ILE N 290 -39.30 23.37 -120.23
C ILE N 290 -39.01 23.56 -121.72
N VAL N 291 -39.22 24.77 -122.21
CA VAL N 291 -38.92 25.09 -123.60
C VAL N 291 -37.55 25.76 -123.67
N SER N 292 -36.62 25.11 -124.37
CA SER N 292 -35.26 25.62 -124.54
C SER N 292 -35.11 26.11 -125.98
N GLY N 293 -34.62 27.35 -126.14
CA GLY N 293 -34.50 27.91 -127.46
C GLY N 293 -33.57 29.10 -127.59
N THR N 294 -32.77 29.11 -128.66
CA THR N 294 -31.98 30.29 -128.99
C THR N 294 -32.78 31.26 -129.85
N ALA N 295 -33.91 30.80 -130.40
CA ALA N 295 -34.75 31.59 -131.28
C ALA N 295 -36.17 31.04 -131.29
N PRO N 296 -37.18 31.85 -131.61
CA PRO N 296 -38.56 31.34 -131.59
C PRO N 296 -38.78 30.16 -132.53
N GLU N 297 -38.10 30.14 -133.68
CA GLU N 297 -38.21 28.99 -134.57
C GLU N 297 -37.54 27.76 -133.96
N ASN N 298 -36.40 27.95 -133.30
CA ASN N 298 -35.67 26.85 -132.67
C ASN N 298 -36.16 26.68 -131.23
N MET N 299 -37.34 26.10 -131.10
CA MET N 299 -37.97 25.84 -129.81
C MET N 299 -38.15 24.35 -129.63
N GLN N 300 -37.72 23.83 -128.48
CA GLN N 300 -37.88 22.42 -128.15
C GLN N 300 -38.29 22.30 -126.68
N GLN N 301 -39.57 22.03 -126.45
CA GLN N 301 -40.06 21.79 -125.11
C GLN N 301 -39.53 20.48 -124.55
N GLN N 302 -39.27 20.45 -123.24
CA GLN N 302 -38.66 19.31 -122.57
C GLN N 302 -39.41 19.02 -121.28
N ARG N 303 -39.55 17.73 -120.95
CA ARG N 303 -40.11 17.34 -119.67
C ARG N 303 -39.17 17.75 -118.53
N VAL N 304 -39.75 18.02 -117.37
CA VAL N 304 -39.00 18.46 -116.21
C VAL N 304 -39.02 17.33 -115.18
N GLU N 305 -38.11 17.44 -114.20
CA GLU N 305 -37.85 16.31 -113.31
C GLU N 305 -38.96 16.12 -112.28
N LEU N 306 -39.90 17.06 -112.20
CA LEU N 306 -41.02 16.94 -111.27
C LEU N 306 -42.34 17.06 -112.01
N ASN N 307 -43.33 16.28 -111.57
CA ASN N 307 -44.65 16.28 -112.17
C ASN N 307 -45.62 16.85 -111.13
N LEU N 308 -45.73 18.18 -111.09
CA LEU N 308 -46.59 18.87 -110.16
C LEU N 308 -47.38 19.94 -110.93
N PRO N 309 -48.69 20.01 -110.76
CA PRO N 309 -49.46 21.03 -111.46
C PRO N 309 -49.25 22.41 -110.85
N CYS N 310 -49.61 23.43 -111.60
CA CYS N 310 -49.58 24.81 -111.13
C CYS N 310 -51.01 25.22 -110.78
N ILE N 311 -51.26 25.45 -109.49
CA ILE N 311 -52.63 25.74 -109.06
C ILE N 311 -52.94 27.21 -109.20
N ASN N 312 -52.08 28.09 -108.68
CA ASN N 312 -52.32 29.52 -108.68
C ASN N 312 -51.41 30.18 -109.70
N ALA N 313 -52.00 30.98 -110.59
CA ALA N 313 -51.21 31.77 -111.53
C ALA N 313 -50.51 32.92 -110.80
N ARG N 314 -51.22 33.56 -109.86
CA ARG N 314 -50.64 34.68 -109.13
C ARG N 314 -49.52 34.25 -108.20
N GLY N 315 -49.53 33.01 -107.73
CA GLY N 315 -48.47 32.56 -106.84
C GLY N 315 -47.13 32.45 -107.53
N VAL N 316 -47.13 32.47 -108.86
CA VAL N 316 -45.88 32.44 -109.61
C VAL N 316 -45.12 33.73 -109.38
N ILE N 317 -43.86 33.59 -108.96
CA ILE N 317 -42.96 34.73 -108.80
C ILE N 317 -41.60 34.35 -109.34
N ASP N 318 -41.02 35.23 -110.15
CA ASP N 318 -39.66 35.06 -110.65
C ASP N 318 -38.70 35.51 -109.56
N LEU N 319 -38.32 34.59 -108.67
CA LEU N 319 -37.47 34.93 -107.54
C LEU N 319 -36.07 35.36 -107.93
N GLY N 320 -35.75 35.39 -109.23
CA GLY N 320 -34.44 35.70 -109.71
C GLY N 320 -33.54 34.49 -109.91
N TYR N 321 -33.47 33.60 -108.92
CA TYR N 321 -32.69 32.39 -109.04
C TYR N 321 -33.52 31.16 -109.41
N SER N 322 -34.84 31.25 -109.30
CA SER N 322 -35.72 30.14 -109.67
C SER N 322 -37.10 30.72 -109.96
N VAL N 323 -37.96 29.89 -110.54
CA VAL N 323 -39.35 30.23 -110.78
C VAL N 323 -40.20 29.35 -109.87
N ALA N 324 -40.82 29.96 -108.87
CA ALA N 324 -41.55 29.25 -107.84
C ALA N 324 -43.05 29.42 -108.07
N TYR N 325 -43.76 28.29 -108.21
CA TYR N 325 -45.20 28.30 -108.37
C TYR N 325 -45.80 27.38 -107.32
N PRO N 326 -46.83 27.83 -106.61
CA PRO N 326 -47.49 26.94 -105.64
C PRO N 326 -48.11 25.74 -106.35
N SER N 327 -48.02 24.59 -105.69
CA SER N 327 -48.61 23.36 -106.20
C SER N 327 -49.35 22.66 -105.07
N HIS N 328 -50.17 21.68 -105.43
CA HIS N 328 -50.91 20.93 -104.41
C HIS N 328 -49.95 20.19 -103.48
N ASP N 329 -48.90 19.59 -104.04
CA ASP N 329 -47.92 18.93 -103.18
C ASP N 329 -47.15 19.94 -102.34
N GLY N 330 -46.80 21.08 -102.93
CA GLY N 330 -46.13 22.14 -102.18
C GLY N 330 -45.47 23.12 -103.13
N LEU N 331 -44.98 24.21 -102.56
CA LEU N 331 -44.24 25.18 -103.34
C LEU N 331 -42.95 24.54 -103.87
N VAL N 332 -42.71 24.70 -105.16
CA VAL N 332 -41.57 24.08 -105.82
C VAL N 332 -40.91 25.11 -106.73
N MET N 333 -39.59 25.13 -106.75
CA MET N 333 -38.82 26.13 -107.48
C MET N 333 -38.16 25.50 -108.68
N ALA N 334 -38.24 26.17 -109.83
CA ALA N 334 -37.61 25.73 -111.06
C ALA N 334 -36.39 26.58 -111.35
N GLY N 335 -35.22 25.95 -111.39
CA GLY N 335 -33.99 26.66 -111.61
C GLY N 335 -33.07 25.90 -112.54
N SER N 336 -31.93 26.53 -112.85
CA SER N 336 -30.96 25.91 -113.75
C SER N 336 -30.35 24.65 -113.14
N ASN N 337 -30.05 24.69 -111.84
CA ASN N 337 -29.42 23.54 -111.19
C ASN N 337 -30.33 22.32 -111.19
N GLY N 338 -31.62 22.52 -110.89
CA GLY N 338 -32.53 21.40 -110.79
C GLY N 338 -33.92 21.88 -110.41
N MET N 339 -34.76 20.90 -110.09
CA MET N 339 -36.17 21.12 -109.80
C MET N 339 -36.44 20.53 -108.43
N GLN N 340 -36.74 21.38 -107.44
CA GLN N 340 -36.82 20.92 -106.06
C GLN N 340 -38.02 21.51 -105.34
N VAL N 341 -38.71 20.66 -104.57
CA VAL N 341 -39.83 21.08 -103.74
C VAL N 341 -39.24 21.55 -102.41
N ILE N 342 -39.18 22.87 -102.23
CA ILE N 342 -38.56 23.42 -101.02
C ILE N 342 -39.38 23.05 -99.79
N THR N 343 -40.71 23.14 -99.88
CA THR N 343 -41.55 22.89 -98.71
C THR N 343 -41.50 21.45 -98.22
N GLU N 344 -41.24 20.48 -99.10
CA GLU N 344 -41.16 19.08 -98.66
C GLU N 344 -40.09 18.91 -97.60
N GLN N 345 -39.03 19.72 -97.67
CA GLN N 345 -38.00 19.70 -96.62
C GLN N 345 -38.53 20.30 -95.33
N LEU N 346 -39.32 21.38 -95.42
CA LEU N 346 -39.59 22.25 -94.28
C LEU N 346 -41.06 22.33 -93.89
N MET N 347 -41.97 21.75 -94.67
CA MET N 347 -43.38 21.82 -94.29
C MET N 347 -44.10 20.56 -94.77
N THR N 348 -45.23 20.27 -94.14
CA THR N 348 -45.94 19.03 -94.42
C THR N 348 -46.93 19.20 -95.55
N ARG N 349 -47.40 18.06 -96.06
CA ARG N 349 -48.47 18.04 -97.04
C ARG N 349 -49.75 18.60 -96.45
N ASN N 350 -50.05 18.21 -95.21
CA ASN N 350 -51.27 18.67 -94.54
C ASN N 350 -51.25 20.18 -94.33
N ASP N 351 -50.10 20.72 -93.94
CA ASP N 351 -50.01 22.17 -93.72
C ASP N 351 -50.17 22.94 -95.02
N TRP N 352 -49.64 22.37 -96.10
CA TRP N 352 -49.75 23.05 -97.37
C TRP N 352 -51.21 23.11 -97.77
N MET N 353 -51.91 21.98 -97.71
CA MET N 353 -53.36 22.02 -97.95
C MET N 353 -54.07 22.99 -97.02
N LYS N 354 -53.72 22.99 -95.73
CA LYS N 354 -54.37 23.90 -94.81
C LYS N 354 -54.03 25.35 -95.11
N THR N 355 -52.82 25.63 -95.58
CA THR N 355 -52.50 26.98 -96.03
C THR N 355 -53.36 27.36 -97.23
N GLY N 356 -53.41 26.50 -98.25
CA GLY N 356 -54.27 26.70 -99.39
C GLY N 356 -53.51 27.26 -100.57
N PRO N 357 -53.11 26.40 -101.51
CA PRO N 357 -52.34 26.86 -102.66
C PRO N 357 -53.18 27.53 -103.74
N GLY N 358 -54.50 27.44 -103.66
CA GLY N 358 -55.34 28.01 -104.71
C GLY N 358 -55.27 29.52 -104.78
N ASN N 359 -55.17 30.18 -103.62
CA ASN N 359 -55.23 31.63 -103.54
C ASN N 359 -54.02 32.18 -102.80
N ILE N 360 -52.83 31.74 -103.16
CA ILE N 360 -51.59 32.23 -102.57
C ILE N 360 -51.15 33.47 -103.33
N VAL N 361 -51.09 34.60 -102.64
CA VAL N 361 -50.51 35.81 -103.21
C VAL N 361 -49.00 35.75 -103.09
N GLY N 362 -48.30 35.87 -104.22
CA GLY N 362 -46.87 35.69 -104.26
C GLY N 362 -46.15 37.00 -104.46
N GLY N 363 -44.95 37.07 -103.88
CA GLY N 363 -44.12 38.25 -104.00
C GLY N 363 -42.69 37.93 -103.64
N GLN N 364 -41.78 38.81 -104.06
CA GLN N 364 -40.35 38.63 -103.87
C GLN N 364 -39.77 39.84 -103.16
N PHE N 365 -39.01 39.60 -102.09
CA PHE N 365 -38.25 40.63 -101.40
C PHE N 365 -36.92 40.06 -100.98
N ASN N 366 -35.83 40.64 -101.48
CA ASN N 366 -34.47 40.20 -101.16
C ASN N 366 -34.30 38.71 -101.45
N GLY N 367 -34.89 38.28 -102.57
CA GLY N 367 -34.81 36.87 -102.95
C GLY N 367 -35.62 35.96 -102.07
N ARG N 368 -36.61 36.49 -101.37
CA ARG N 368 -37.46 35.70 -100.47
C ARG N 368 -38.88 35.68 -101.01
N TYR N 369 -39.46 34.49 -101.06
CA TYR N 369 -40.81 34.32 -101.61
C TYR N 369 -41.83 34.70 -100.53
N PHE N 370 -42.59 35.77 -100.79
CA PHE N 370 -43.62 36.21 -99.87
C PHE N 370 -44.95 35.60 -100.29
N ALA N 371 -45.49 34.75 -99.42
CA ALA N 371 -46.77 34.09 -99.66
C ALA N 371 -47.79 34.60 -98.65
N SER N 372 -48.87 35.17 -99.14
CA SER N 372 -49.96 35.67 -98.30
C SER N 372 -51.11 34.67 -98.36
N TYR N 373 -51.52 34.17 -97.19
CA TYR N 373 -52.56 33.16 -97.10
C TYR N 373 -53.68 33.66 -96.21
N GLU N 374 -54.92 33.44 -96.65
CA GLU N 374 -56.12 33.78 -95.88
C GLU N 374 -57.10 32.63 -96.02
N TYR N 375 -57.10 31.72 -95.06
CA TYR N 375 -57.95 30.54 -95.10
C TYR N 375 -58.71 30.44 -93.79
N ILE N 376 -59.86 29.75 -93.85
CA ILE N 376 -60.75 29.61 -92.70
C ILE N 376 -60.65 28.19 -92.18
N GLU N 377 -60.13 28.04 -90.96
CA GLU N 377 -60.14 26.76 -90.30
C GLU N 377 -61.58 26.38 -89.95
N PRO N 378 -61.95 25.10 -90.03
CA PRO N 378 -63.35 24.72 -89.86
C PRO N 378 -63.95 25.20 -88.55
N SER N 379 -65.28 25.31 -88.53
CA SER N 379 -66.07 25.80 -87.41
C SER N 379 -65.89 27.30 -87.21
N GLY N 380 -65.41 28.00 -88.25
CA GLY N 380 -65.43 29.45 -88.27
C GLY N 380 -64.19 30.14 -87.75
N ALA N 381 -63.02 29.51 -87.78
CA ALA N 381 -61.77 30.14 -87.40
C ALA N 381 -61.01 30.55 -88.64
N ALA N 382 -60.65 31.84 -88.72
CA ALA N 382 -60.01 32.40 -89.90
C ALA N 382 -58.55 32.75 -89.58
N PHE N 383 -57.65 32.30 -90.44
CA PHE N 383 -56.23 32.61 -90.34
C PHE N 383 -55.80 33.43 -91.54
N SER N 384 -55.20 34.59 -91.29
CA SER N 384 -54.65 35.45 -92.32
C SER N 384 -53.22 35.83 -91.94
N GLY N 385 -52.30 35.69 -92.87
CA GLY N 385 -50.91 36.02 -92.59
C GLY N 385 -50.06 35.91 -93.83
N THR N 386 -48.78 36.22 -93.67
CA THR N 386 -47.81 36.17 -94.74
C THR N 386 -46.72 35.16 -94.38
N LEU N 387 -46.45 34.24 -95.31
CA LEU N 387 -45.45 33.19 -95.11
C LEU N 387 -44.25 33.49 -96.01
N ILE N 388 -43.13 33.85 -95.40
CA ILE N 388 -41.91 34.13 -96.14
C ILE N 388 -41.04 32.89 -96.18
N PHE N 389 -40.61 32.49 -97.38
CA PHE N 389 -39.77 31.33 -97.57
C PHE N 389 -38.38 31.79 -97.98
N ASP N 390 -37.38 31.50 -97.15
CA ASP N 390 -35.99 31.79 -97.46
C ASP N 390 -35.22 30.47 -97.54
N THR N 391 -34.63 30.21 -98.70
CA THR N 391 -33.84 28.99 -98.85
C THR N 391 -32.36 29.25 -98.64
N THR N 392 -31.96 30.52 -98.66
CA THR N 392 -30.56 30.87 -98.44
C THR N 392 -30.18 30.61 -96.99
N GLY N 393 -29.09 29.90 -96.79
CA GLY N 393 -28.63 29.58 -95.46
C GLY N 393 -28.28 28.11 -95.35
N ALA N 394 -27.91 27.70 -94.14
CA ALA N 394 -27.59 26.30 -93.89
C ALA N 394 -28.82 25.42 -94.11
N ALA N 395 -29.97 25.83 -93.59
CA ALA N 395 -31.22 25.12 -93.76
C ALA N 395 -32.34 26.12 -93.97
N PRO N 396 -33.24 25.87 -94.92
CA PRO N 396 -34.36 26.76 -95.14
C PRO N 396 -35.37 26.71 -94.00
N PHE N 397 -36.07 27.82 -93.79
CA PHE N 397 -37.08 27.92 -92.75
C PHE N 397 -38.12 28.94 -93.17
N ILE N 398 -39.23 28.96 -92.44
CA ILE N 398 -40.35 29.86 -92.69
C ILE N 398 -40.26 31.00 -91.68
N ILE N 399 -40.29 32.23 -92.19
CA ILE N 399 -40.47 33.41 -91.35
C ILE N 399 -41.89 33.91 -91.55
N ARG N 400 -42.71 33.80 -90.52
CA ARG N 400 -44.11 34.16 -90.65
C ARG N 400 -44.30 35.67 -90.44
N SER N 401 -45.37 36.19 -91.03
CA SER N 401 -45.78 37.57 -90.84
C SER N 401 -47.31 37.61 -90.80
N ASN N 402 -47.83 38.71 -90.27
CA ASN N 402 -49.27 38.84 -90.04
C ASN N 402 -49.79 40.12 -90.72
N HIS N 403 -49.40 40.30 -91.98
CA HIS N 403 -49.90 41.40 -92.81
C HIS N 403 -50.55 40.78 -94.05
N LYS N 404 -51.87 40.60 -94.00
CA LYS N 404 -52.61 40.14 -95.16
C LYS N 404 -52.60 41.20 -96.25
N ALA N 405 -52.42 40.78 -97.49
CA ALA N 405 -52.36 41.68 -98.63
C ALA N 405 -53.12 41.08 -99.80
N ASP N 406 -53.88 41.93 -100.50
CA ASP N 406 -54.64 41.45 -101.65
C ASP N 406 -53.73 41.16 -102.84
N ALA N 407 -52.67 41.95 -103.01
CA ALA N 407 -51.77 41.75 -104.13
C ALA N 407 -50.37 42.22 -103.73
N PHE N 408 -49.38 41.70 -104.45
CA PHE N 408 -47.98 42.06 -104.25
C PHE N 408 -47.41 42.68 -105.51
N PHE N 409 -46.43 43.56 -105.33
CA PHE N 409 -45.69 44.15 -106.44
C PHE N 409 -44.28 44.45 -105.97
N HIS N 410 -43.29 43.87 -106.65
CA HIS N 410 -41.89 44.12 -106.36
C HIS N 410 -41.32 45.09 -107.39
N GLU N 411 -41.16 46.34 -107.00
CA GLU N 411 -40.57 47.36 -107.87
C GLU N 411 -39.10 46.98 -108.05
N LEU N 412 -38.76 46.50 -109.25
CA LEU N 412 -37.43 45.95 -109.47
C LEU N 412 -36.35 47.03 -109.41
N GLN N 413 -36.65 48.22 -109.93
CA GLN N 413 -35.64 49.28 -109.97
C GLN N 413 -35.18 49.66 -108.56
N THR N 414 -36.12 49.83 -107.63
CA THR N 414 -35.80 50.07 -106.23
C THR N 414 -36.45 48.95 -105.41
N GLY N 415 -35.64 47.96 -105.04
CA GLY N 415 -36.18 46.76 -104.41
C GLY N 415 -36.93 47.02 -103.12
N ALA N 416 -38.26 46.90 -103.19
CA ALA N 416 -39.14 47.05 -102.05
C ALA N 416 -40.52 46.57 -102.45
N LEU N 417 -41.10 45.67 -101.64
CA LEU N 417 -42.42 45.14 -101.94
C LEU N 417 -43.49 46.16 -101.60
N TYR N 418 -44.41 46.39 -102.55
CA TYR N 418 -45.60 47.19 -102.33
C TYR N 418 -46.79 46.25 -102.34
N PHE N 419 -47.50 46.17 -101.22
CA PHE N 419 -48.61 45.26 -101.07
C PHE N 419 -49.90 46.03 -100.80
N LEU N 420 -50.99 45.54 -101.38
CA LEU N 420 -52.29 46.19 -101.30
C LEU N 420 -53.09 45.55 -100.18
N VAL N 421 -53.41 46.35 -99.15
CA VAL N 421 -54.32 45.95 -98.09
C VAL N 421 -55.23 47.13 -97.80
N GLY N 422 -56.54 46.87 -97.72
CA GLY N 422 -57.49 47.95 -97.49
C GLY N 422 -57.50 48.97 -98.62
N LYS N 423 -57.32 48.51 -99.85
CA LYS N 423 -57.33 49.38 -101.04
C LYS N 423 -56.26 50.46 -100.96
N GLU N 424 -55.12 50.16 -100.34
CA GLU N 424 -54.03 51.12 -100.20
C GLU N 424 -52.71 50.41 -100.43
N ILE N 425 -51.71 51.16 -100.88
CA ILE N 425 -50.38 50.64 -101.16
C ILE N 425 -49.51 50.89 -99.93
N PHE N 426 -48.99 49.81 -99.36
CA PHE N 426 -48.09 49.88 -98.21
C PHE N 426 -46.75 49.27 -98.58
N GLU N 427 -45.67 49.94 -98.20
CA GLU N 427 -44.34 49.37 -98.39
C GLU N 427 -44.06 48.34 -97.30
N TRP N 428 -43.04 47.52 -97.52
CA TRP N 428 -42.66 46.49 -96.58
C TRP N 428 -41.38 46.91 -95.87
N ASP N 429 -41.44 46.92 -94.52
CA ASP N 429 -40.37 47.39 -93.64
C ASP N 429 -39.60 48.58 -94.22
N ALA N 430 -40.35 49.58 -94.67
CA ALA N 430 -39.75 50.77 -95.25
C ALA N 430 -39.00 51.57 -94.21
N LEU N 431 -37.98 52.30 -94.66
CA LEU N 431 -37.18 53.12 -93.76
C LEU N 431 -38.02 54.24 -93.16
N GLY N 432 -37.69 54.62 -91.92
CA GLY N 432 -38.34 55.75 -91.30
C GLY N 432 -39.61 55.44 -90.54
N GLN N 433 -39.82 54.18 -90.15
CA GLN N 433 -40.98 53.79 -89.36
C GLN N 433 -40.52 53.06 -88.10
N VAL N 434 -41.33 53.20 -87.05
CA VAL N 434 -41.00 52.57 -85.78
C VAL N 434 -41.04 51.04 -85.93
N ASN N 435 -40.20 50.36 -85.16
CA ASN N 435 -40.14 48.91 -85.21
C ASN N 435 -41.46 48.30 -84.78
N GLU N 436 -41.82 47.18 -85.40
CA GLU N 436 -43.05 46.48 -85.07
C GLU N 436 -42.77 45.36 -84.08
N THR N 437 -43.83 44.91 -83.42
CA THR N 437 -43.68 43.91 -82.36
C THR N 437 -43.25 42.58 -82.95
N LEU N 438 -42.35 41.90 -82.24
CA LEU N 438 -41.72 40.67 -82.71
C LEU N 438 -42.26 39.50 -81.90
N SER N 439 -42.61 38.41 -82.60
CA SER N 439 -43.11 37.20 -81.96
C SER N 439 -42.15 36.06 -82.27
N TRP N 440 -41.72 35.36 -81.22
CA TRP N 440 -40.76 34.26 -81.36
C TRP N 440 -40.97 33.27 -80.22
N ARG N 441 -41.47 32.10 -80.56
CA ARG N 441 -41.77 31.06 -79.57
C ARG N 441 -40.75 29.94 -79.71
N SER N 442 -40.02 29.66 -78.64
CA SER N 442 -38.89 28.75 -78.71
C SER N 442 -39.34 27.32 -78.94
N LYS N 443 -38.38 26.49 -79.36
CA LYS N 443 -38.61 25.05 -79.48
C LYS N 443 -39.00 24.48 -78.12
N GLN N 444 -39.91 23.51 -78.13
CA GLN N 444 -40.30 22.86 -76.89
C GLN N 444 -39.10 22.11 -76.30
N PHE N 445 -38.52 22.67 -75.26
CA PHE N 445 -37.32 22.13 -74.64
C PHE N 445 -37.71 21.06 -73.65
N VAL N 446 -37.64 19.80 -74.08
CA VAL N 446 -37.97 18.66 -73.24
C VAL N 446 -36.71 18.26 -72.49
N LEU N 447 -36.55 18.81 -71.30
CA LEU N 447 -35.39 18.48 -70.49
C LEU N 447 -35.43 17.01 -70.10
N PRO N 448 -34.27 16.35 -70.00
CA PRO N 448 -34.27 14.93 -69.63
C PRO N 448 -34.97 14.65 -68.31
N MET N 449 -34.87 15.58 -67.37
CA MET N 449 -35.50 15.46 -66.07
C MET N 449 -36.20 16.76 -65.69
N PRO N 450 -37.30 16.69 -64.94
CA PRO N 450 -38.06 17.90 -64.62
C PRO N 450 -37.26 18.87 -63.77
N THR N 451 -37.36 20.16 -64.11
CA THR N 451 -36.72 21.23 -63.36
C THR N 451 -37.65 22.43 -63.29
N ASN N 452 -37.24 23.41 -62.49
CA ASN N 452 -37.78 24.75 -62.53
C ASN N 452 -36.63 25.74 -62.59
N PHE N 453 -36.76 26.76 -63.43
CA PHE N 453 -35.65 27.65 -63.74
C PHE N 453 -35.75 28.91 -62.90
N GLY N 454 -34.59 29.43 -62.48
CA GLY N 454 -34.58 30.61 -61.64
C GLY N 454 -34.10 31.89 -62.29
N ALA N 455 -33.05 31.80 -63.11
CA ALA N 455 -32.36 32.99 -63.58
C ALA N 455 -32.60 33.19 -65.07
N ILE N 456 -32.89 34.43 -65.46
CA ILE N 456 -33.13 34.81 -66.85
C ILE N 456 -32.23 35.98 -67.17
N LEU N 457 -31.42 35.85 -68.22
CA LEU N 457 -30.55 36.93 -68.68
C LEU N 457 -30.99 37.32 -70.08
N ILE N 458 -31.74 38.41 -70.19
CA ILE N 458 -32.20 38.94 -71.45
C ILE N 458 -31.23 40.04 -71.84
N GLU N 459 -30.18 39.69 -72.59
CA GLU N 459 -29.20 40.68 -73.00
C GLU N 459 -29.74 41.50 -74.17
N GLY N 460 -28.91 42.41 -74.64
CA GLY N 460 -29.31 43.31 -75.70
C GLY N 460 -29.06 44.74 -75.28
N SER N 461 -29.48 45.66 -76.14
CA SER N 461 -29.30 47.08 -75.90
C SER N 461 -30.59 47.82 -76.24
N THR N 462 -30.84 48.89 -75.49
CA THR N 462 -31.95 49.77 -75.81
C THR N 462 -31.72 50.40 -77.19
N ALA N 463 -32.81 50.58 -77.92
CA ALA N 463 -32.74 51.08 -79.29
C ALA N 463 -32.05 52.44 -79.33
N ALA N 464 -30.85 52.48 -79.91
CA ALA N 464 -30.04 53.69 -79.93
C ALA N 464 -29.30 53.90 -81.25
N SER N 465 -29.81 53.37 -82.36
CA SER N 465 -29.15 53.60 -83.65
C SER N 465 -29.43 55.00 -84.18
N GLU N 466 -30.42 55.67 -83.59
CA GLU N 466 -30.82 57.05 -83.88
C GLU N 466 -31.57 57.19 -85.19
N GLU N 467 -31.58 56.14 -86.02
CA GLU N 467 -32.50 56.14 -87.16
C GLU N 467 -33.86 55.59 -86.72
N GLU N 468 -33.85 54.56 -85.89
CA GLU N 468 -35.06 54.18 -85.17
C GLU N 468 -35.55 55.32 -84.29
N GLN N 469 -34.61 56.12 -83.76
CA GLN N 469 -35.00 57.25 -82.93
C GLN N 469 -35.63 58.36 -83.78
N ALA N 470 -35.08 58.60 -84.98
CA ALA N 470 -35.72 59.55 -85.89
C ALA N 470 -37.11 59.07 -86.29
N ALA N 471 -37.26 57.78 -86.56
CA ALA N 471 -38.58 57.23 -86.88
C ALA N 471 -39.55 57.38 -85.72
N TYR N 472 -39.07 57.13 -84.50
CA TYR N 472 -39.92 57.31 -83.32
C TYR N 472 -40.30 58.77 -83.13
N ASP N 473 -39.38 59.68 -83.40
CA ASP N 473 -39.72 61.11 -83.32
C ASP N 473 -40.77 61.49 -84.35
N ALA N 474 -40.65 60.96 -85.58
CA ALA N 474 -41.66 61.22 -86.59
C ALA N 474 -43.02 60.65 -86.17
N GLU N 475 -43.01 59.45 -85.57
CA GLU N 475 -44.24 58.87 -85.06
C GLU N 475 -44.84 59.74 -83.96
N ARG N 476 -44.00 60.28 -83.08
CA ARG N 476 -44.48 61.18 -82.04
C ARG N 476 -45.07 62.45 -82.63
N GLN N 477 -44.46 62.98 -83.68
CA GLN N 477 -45.02 64.15 -84.36
C GLN N 477 -46.39 63.84 -84.96
N ARG N 478 -46.51 62.66 -85.58
CA ARG N 478 -47.82 62.26 -86.12
C ARG N 478 -48.86 62.13 -85.01
N ILE N 479 -48.46 61.55 -83.87
CA ILE N 479 -49.36 61.40 -82.74
C ILE N 479 -49.80 62.76 -82.22
N GLU N 480 -48.86 63.70 -82.12
CA GLU N 480 -49.21 65.04 -81.66
C GLU N 480 -50.13 65.74 -82.65
N VAL N 481 -49.90 65.55 -83.95
CA VAL N 481 -50.75 66.19 -84.95
C VAL N 481 -52.17 65.63 -84.88
N GLU N 482 -52.31 64.31 -84.78
CA GLU N 482 -53.65 63.73 -84.69
C GLU N 482 -54.32 64.11 -83.37
N ASN N 483 -53.54 64.20 -82.29
CA ASN N 483 -54.07 64.66 -81.02
C ASN N 483 -54.60 66.08 -81.12
N ALA N 484 -53.85 66.95 -81.80
CA ALA N 484 -54.30 68.33 -81.97
C ALA N 484 -55.56 68.41 -82.81
N THR N 485 -55.63 67.63 -83.91
CA THR N 485 -56.78 67.74 -84.79
C THR N 485 -58.03 67.14 -84.16
N ASN N 486 -57.87 66.08 -83.35
CA ASN N 486 -59.02 65.53 -82.64
C ASN N 486 -59.39 66.40 -81.44
N PHE N 487 -58.42 67.16 -80.92
CA PHE N 487 -58.67 68.01 -79.76
C PHE N 487 -59.55 69.19 -80.12
N ALA N 488 -59.60 69.55 -81.40
CA ALA N 488 -60.40 70.69 -81.86
C ALA N 488 -61.76 70.30 -82.38
N LEU N 489 -62.16 69.04 -82.23
CA LEU N 489 -63.46 68.60 -82.73
C LEU N 489 -64.59 69.29 -81.96
N PRO N 490 -65.69 69.63 -82.65
CA PRO N 490 -66.83 70.32 -82.05
C PRO N 490 -67.47 69.56 -80.90
N ASN N 507 -67.50 67.57 -77.52
CA ASN N 507 -66.31 67.59 -78.36
C ASN N 507 -66.12 66.22 -79.00
N GLY N 508 -64.97 65.60 -78.71
CA GLY N 508 -64.68 64.25 -79.17
C GLY N 508 -64.25 63.39 -78.00
N ASP N 509 -65.08 62.38 -77.70
CA ASP N 509 -64.80 61.49 -76.58
C ASP N 509 -63.69 60.51 -76.92
N MET N 510 -62.90 60.18 -75.90
CA MET N 510 -61.79 59.22 -75.99
C MET N 510 -60.79 59.77 -77.01
N MET N 511 -60.26 58.96 -77.92
CA MET N 511 -59.20 59.35 -78.86
C MET N 511 -57.98 59.81 -78.05
N GLN N 512 -57.18 60.70 -78.63
CA GLN N 512 -55.90 61.12 -78.04
C GLN N 512 -55.06 59.91 -77.67
N ARG N 513 -54.68 59.14 -78.69
CA ARG N 513 -54.05 57.85 -78.49
C ARG N 513 -52.68 58.00 -77.84
N LEU N 514 -52.32 56.99 -77.06
CA LEU N 514 -51.06 57.02 -76.32
C LEU N 514 -49.89 56.79 -77.27
N PRO N 515 -48.77 57.48 -77.06
CA PRO N 515 -47.58 57.22 -77.88
C PRO N 515 -46.98 55.84 -77.59
N ALA N 516 -46.13 55.40 -78.52
CA ALA N 516 -45.52 54.08 -78.43
C ALA N 516 -44.38 54.05 -77.43
N GLU N 517 -43.71 52.91 -77.31
CA GLU N 517 -42.62 52.74 -76.35
C GLU N 517 -41.83 51.49 -76.74
N GLY N 518 -40.57 51.46 -76.32
CA GLY N 518 -39.72 50.30 -76.54
C GLY N 518 -39.70 49.40 -75.32
N PHE N 519 -40.02 48.12 -75.52
CA PHE N 519 -40.19 47.18 -74.42
C PHE N 519 -39.60 45.83 -74.77
N VAL N 520 -39.31 45.04 -73.74
CA VAL N 520 -38.94 43.64 -73.88
C VAL N 520 -39.91 42.84 -73.02
N SER N 521 -40.51 41.81 -73.61
CA SER N 521 -41.52 41.00 -72.93
C SER N 521 -41.28 39.53 -73.29
N VAL N 522 -40.63 38.80 -72.39
CA VAL N 522 -40.39 37.38 -72.55
C VAL N 522 -41.36 36.62 -71.66
N SER N 523 -42.20 35.79 -72.27
CA SER N 523 -43.19 35.00 -71.56
C SER N 523 -42.73 33.55 -71.53
N ILE N 524 -42.87 32.92 -70.36
CA ILE N 524 -42.36 31.58 -70.14
C ILE N 524 -43.53 30.62 -69.99
N TYR N 525 -43.51 29.53 -70.75
CA TYR N 525 -44.57 28.52 -70.72
C TYR N 525 -44.03 27.29 -70.00
N ALA N 526 -44.55 27.02 -68.80
CA ALA N 526 -44.04 25.90 -68.01
C ALA N 526 -44.28 24.57 -68.70
N ASP N 527 -45.55 24.18 -68.82
CA ASP N 527 -45.95 22.94 -69.49
C ASP N 527 -47.19 23.24 -70.32
N GLY N 528 -47.18 24.37 -71.02
CA GLY N 528 -48.34 24.84 -71.72
C GLY N 528 -49.10 25.95 -71.03
N LYS N 529 -48.63 26.42 -69.88
CA LYS N 529 -49.25 27.52 -69.17
C LYS N 529 -48.23 28.63 -68.96
N LEU N 530 -48.67 29.87 -69.16
CA LEU N 530 -47.81 31.04 -69.01
C LEU N 530 -47.63 31.29 -67.51
N VAL N 531 -46.38 31.21 -67.05
CA VAL N 531 -46.12 31.39 -65.62
C VAL N 531 -45.64 32.81 -65.34
N LYS N 532 -44.88 33.41 -66.25
CA LYS N 532 -44.29 34.71 -65.98
C LYS N 532 -44.07 35.47 -67.27
N THR N 533 -44.13 36.79 -67.17
CA THR N 533 -43.71 37.69 -68.23
C THR N 533 -42.66 38.63 -67.65
N VAL N 534 -41.42 38.49 -68.12
CA VAL N 534 -40.29 39.23 -67.57
C VAL N 534 -39.92 40.35 -68.53
N SER N 535 -39.68 41.54 -67.98
CA SER N 535 -39.34 42.71 -68.78
C SER N 535 -37.97 43.29 -68.47
N LYS N 536 -37.34 42.90 -67.37
CA LYS N 536 -36.01 43.41 -67.06
C LYS N 536 -35.00 42.92 -68.08
N MET N 537 -34.07 43.81 -68.43
CA MET N 537 -33.07 43.52 -69.46
C MET N 537 -31.68 43.73 -68.89
N ASN N 538 -30.74 42.94 -69.40
CA ASN N 538 -29.32 43.00 -69.06
C ASN N 538 -29.05 42.72 -67.58
N ARG N 539 -30.07 42.30 -66.83
CA ARG N 539 -29.91 42.00 -65.41
C ARG N 539 -30.74 40.77 -65.09
N MET N 540 -30.29 40.01 -64.09
CA MET N 540 -30.90 38.74 -63.78
C MET N 540 -32.36 38.90 -63.36
N ALA N 541 -33.23 38.05 -63.91
CA ALA N 541 -34.64 38.03 -63.58
C ALA N 541 -34.99 36.68 -62.98
N ARG N 542 -36.16 36.62 -62.35
CA ARG N 542 -36.59 35.42 -61.62
C ARG N 542 -37.97 34.99 -62.09
N LEU N 543 -38.14 33.68 -62.26
CA LEU N 543 -39.43 33.09 -62.58
C LEU N 543 -40.27 32.91 -61.33
N PRO N 544 -41.49 32.42 -61.44
CA PRO N 544 -42.21 31.95 -60.25
C PRO N 544 -41.67 30.59 -59.82
N SER N 545 -42.12 30.15 -58.66
CA SER N 545 -41.68 28.91 -58.07
C SER N 545 -42.87 28.07 -57.62
N GLY N 546 -42.60 26.81 -57.34
CA GLY N 546 -43.64 25.90 -56.89
C GLY N 546 -44.31 25.13 -58.00
N PHE N 547 -43.87 25.28 -59.24
CA PHE N 547 -44.36 24.48 -60.36
C PHE N 547 -43.19 23.72 -60.96
N LEU N 548 -43.42 22.45 -61.28
CA LEU N 548 -42.40 21.58 -61.83
C LEU N 548 -42.86 21.08 -63.20
N ALA N 549 -42.07 21.35 -64.23
CA ALA N 549 -42.40 20.95 -65.58
C ALA N 549 -41.14 20.48 -66.29
N ARG N 550 -41.33 19.66 -67.32
CA ARG N 550 -40.21 19.13 -68.09
C ARG N 550 -40.23 19.56 -69.56
N ILE N 551 -41.39 19.93 -70.09
CA ILE N 551 -41.50 20.43 -71.45
C ILE N 551 -41.59 21.94 -71.39
N TRP N 552 -40.43 22.61 -71.42
CA TRP N 552 -40.37 24.06 -71.33
C TRP N 552 -40.22 24.68 -72.71
N GLU N 553 -40.77 25.87 -72.88
CA GLU N 553 -40.60 26.65 -74.10
C GLU N 553 -40.59 28.13 -73.76
N ILE N 554 -39.98 28.92 -74.63
CA ILE N 554 -39.75 30.35 -74.39
C ILE N 554 -40.44 31.13 -75.49
N GLU N 555 -41.14 32.21 -75.12
CA GLU N 555 -41.71 33.12 -76.10
C GLU N 555 -41.15 34.51 -75.87
N VAL N 556 -40.75 35.18 -76.96
CA VAL N 556 -40.08 36.47 -76.89
C VAL N 556 -40.91 37.49 -77.65
N ASN N 557 -41.25 38.59 -76.98
CA ASN N 557 -42.00 39.69 -77.57
C ASN N 557 -41.30 41.00 -77.22
N SER N 558 -40.89 41.75 -78.24
CA SER N 558 -40.17 43.00 -78.00
C SER N 558 -40.19 43.86 -79.26
N ASN N 559 -40.17 45.17 -79.07
CA ASN N 559 -40.03 46.09 -80.20
C ASN N 559 -38.56 46.38 -80.49
N ILE N 560 -37.66 45.90 -79.65
CA ILE N 560 -36.24 46.14 -79.84
C ILE N 560 -35.53 44.79 -80.00
N ASN N 561 -34.32 44.84 -80.56
CA ASN N 561 -33.54 43.64 -80.77
C ASN N 561 -33.03 43.10 -79.43
N ILE N 562 -32.89 41.78 -79.36
CA ILE N 562 -32.43 41.08 -78.16
C ILE N 562 -31.29 40.14 -78.57
N SER N 563 -30.22 40.15 -77.77
CA SER N 563 -29.07 39.32 -78.10
C SER N 563 -29.35 37.84 -77.83
N ASP N 564 -29.62 37.50 -76.57
CA ASP N 564 -29.85 36.10 -76.21
C ASP N 564 -30.60 36.02 -74.89
N ILE N 565 -31.19 34.86 -74.65
CA ILE N 565 -31.82 34.52 -73.37
C ILE N 565 -31.25 33.19 -72.90
N VAL N 566 -30.80 33.14 -71.65
CA VAL N 566 -30.24 31.95 -71.04
C VAL N 566 -30.94 31.71 -69.71
N LEU N 567 -31.27 30.46 -69.42
CA LEU N 567 -32.03 30.09 -68.23
C LEU N 567 -31.23 29.13 -67.37
N ALA N 568 -31.29 29.33 -66.05
CA ALA N 568 -30.70 28.41 -65.10
C ALA N 568 -31.56 28.40 -63.83
N THR N 569 -31.50 27.29 -63.10
CA THR N 569 -32.31 27.18 -61.89
C THR N 569 -31.75 28.04 -60.77
N THR N 570 -30.44 28.31 -60.80
CA THR N 570 -29.79 29.10 -59.78
C THR N 570 -28.88 30.13 -60.45
N GLY N 571 -28.62 31.22 -59.73
CA GLY N 571 -27.67 32.21 -60.22
C GLY N 571 -26.27 31.64 -60.33
N GLN N 572 -25.89 30.78 -59.38
CA GLN N 572 -24.57 30.15 -59.43
C GLN N 572 -24.43 29.25 -60.66
N GLU N 573 -25.51 28.59 -61.08
CA GLU N 573 -25.44 27.83 -62.32
C GLU N 573 -25.33 28.76 -63.52
N LEU N 574 -26.00 29.92 -63.45
CA LEU N 574 -25.85 30.93 -64.49
C LEU N 574 -24.42 31.43 -64.56
N ARG N 575 -23.68 31.38 -63.45
CA ARG N 575 -22.26 31.67 -63.48
C ARG N 575 -21.51 30.68 -64.36
N ASN N 576 -21.89 29.41 -64.30
CA ASN N 576 -21.18 28.39 -65.07
C ASN N 576 -21.27 28.66 -66.56
N VAL N 577 -22.47 28.89 -67.07
CA VAL N 577 -22.65 29.22 -68.48
C VAL N 577 -23.60 30.41 -68.62
N LYS O 2 54.59 -3.21 -4.35
CA LYS O 2 54.73 -1.86 -3.83
C LYS O 2 53.93 -0.81 -4.62
N PRO O 3 54.02 -0.80 -5.96
CA PRO O 3 53.18 0.13 -6.73
C PRO O 3 51.72 -0.28 -6.69
N LEU O 4 50.86 0.66 -7.06
CA LEU O 4 49.41 0.44 -7.00
C LEU O 4 48.87 -0.32 -8.20
N ASP O 5 49.72 -0.62 -9.18
CA ASP O 5 49.25 -1.38 -10.34
C ASP O 5 48.86 -2.80 -9.94
N VAL O 6 49.28 -3.26 -8.76
CA VAL O 6 48.78 -4.53 -8.25
C VAL O 6 47.37 -4.35 -7.70
N PHE O 7 47.04 -3.14 -7.24
CA PHE O 7 45.69 -2.85 -6.82
C PHE O 7 44.77 -2.67 -8.01
N MET O 8 45.33 -2.22 -9.14
CA MET O 8 44.53 -1.92 -10.32
C MET O 8 43.66 -3.07 -10.84
N PRO O 9 44.12 -4.32 -10.92
CA PRO O 9 43.26 -5.36 -11.52
C PRO O 9 41.92 -5.55 -10.82
N ILE O 10 41.87 -5.44 -9.50
CA ILE O 10 40.59 -5.58 -8.81
C ILE O 10 39.63 -4.48 -9.23
N ILE O 11 40.10 -3.24 -9.24
CA ILE O 11 39.25 -2.12 -9.61
C ILE O 11 38.77 -2.26 -11.05
N HIS O 12 39.67 -2.55 -11.97
CA HIS O 12 39.26 -2.69 -13.37
C HIS O 12 38.41 -3.94 -13.58
N ARG O 13 38.42 -4.86 -12.61
CA ARG O 13 37.49 -5.98 -12.68
C ARG O 13 36.09 -5.54 -12.26
N PHE O 14 36.00 -4.64 -11.28
CA PHE O 14 34.67 -4.16 -10.87
C PHE O 14 34.31 -2.85 -11.57
N ALA O 15 35.23 -1.90 -11.61
CA ALA O 15 35.01 -0.66 -12.37
C ALA O 15 35.85 -0.72 -13.63
N PRO O 16 35.25 -1.03 -14.78
CA PRO O 16 36.06 -1.44 -15.95
C PRO O 16 37.03 -0.39 -16.44
N GLY O 17 36.60 0.85 -16.65
CA GLY O 17 37.42 1.82 -17.33
C GLY O 17 37.84 3.05 -16.55
N CYS O 18 38.05 2.94 -15.24
CA CYS O 18 38.42 4.11 -14.46
C CYS O 18 39.83 4.57 -14.83
N PRO O 19 40.08 5.87 -14.94
CA PRO O 19 41.44 6.34 -15.18
C PRO O 19 42.35 5.95 -14.03
N GLU O 20 43.60 5.67 -14.36
CA GLU O 20 44.55 5.29 -13.32
C GLU O 20 44.82 6.37 -12.29
N PRO O 21 44.94 7.66 -12.61
CA PRO O 21 45.13 8.65 -11.54
C PRO O 21 44.00 8.70 -10.53
N THR O 22 42.74 8.67 -10.98
CA THR O 22 41.62 8.72 -10.04
C THR O 22 41.57 7.45 -9.19
N ALA O 23 41.79 6.29 -9.82
CA ALA O 23 41.86 5.06 -9.05
C ALA O 23 43.00 5.11 -8.04
N PHE O 24 44.13 5.69 -8.42
CA PHE O 24 45.26 5.84 -7.50
C PHE O 24 44.86 6.68 -6.30
N ALA O 25 44.21 7.82 -6.54
CA ALA O 25 43.79 8.68 -5.44
C ALA O 25 42.80 7.96 -4.53
N ALA O 26 41.85 7.23 -5.10
CA ALA O 26 40.90 6.48 -4.29
C ALA O 26 41.59 5.41 -3.47
N ILE O 27 42.55 4.70 -4.05
CA ILE O 27 43.29 3.67 -3.31
C ILE O 27 44.06 4.31 -2.16
N ARG O 28 44.71 5.44 -2.41
CA ARG O 28 45.46 6.10 -1.34
C ARG O 28 44.55 6.55 -0.21
N GLU O 29 43.38 7.11 -0.55
CA GLU O 29 42.45 7.54 0.50
C GLU O 29 41.90 6.36 1.28
N ALA O 30 41.57 5.26 0.59
CA ALA O 30 41.10 4.07 1.27
C ALA O 30 42.20 3.50 2.18
N ALA O 31 43.45 3.53 1.73
CA ALA O 31 44.55 3.09 2.57
C ALA O 31 44.75 4.01 3.76
N ILE O 32 44.48 5.30 3.58
CA ILE O 32 44.51 6.23 4.71
C ILE O 32 43.49 5.81 5.75
N LYS O 33 42.27 5.50 5.32
CA LYS O 33 41.25 5.05 6.25
C LYS O 33 41.65 3.73 6.90
N PHE O 34 42.22 2.82 6.11
CA PHE O 34 42.65 1.52 6.64
C PHE O 34 43.69 1.69 7.74
N CYS O 35 44.71 2.51 7.49
CA CYS O 35 45.75 2.71 8.50
C CYS O 35 45.23 3.52 9.67
N GLU O 36 44.20 4.33 9.45
CA GLU O 36 43.57 5.04 10.57
C GLU O 36 42.85 4.07 11.49
N ARG O 37 42.20 3.05 10.93
CA ARG O 37 41.49 2.09 11.77
C ARG O 37 42.41 0.96 12.23
N THR O 38 43.17 0.37 11.32
CA THR O 38 43.99 -0.78 11.66
C THR O 38 45.24 -0.42 12.46
N ARG O 39 45.91 0.69 12.13
CA ARG O 39 47.10 1.16 12.83
C ARG O 39 48.27 0.16 12.74
N LEU O 40 48.35 -0.61 11.67
CA LEU O 40 49.41 -1.60 11.55
C LEU O 40 50.76 -0.96 11.20
N TRP O 41 50.78 0.00 10.28
CA TRP O 41 52.04 0.51 9.76
C TRP O 41 52.82 1.22 10.86
N ARG O 42 54.10 0.87 10.99
CA ARG O 42 54.94 1.40 12.05
C ARG O 42 56.33 1.69 11.52
N CYS O 43 57.00 2.65 12.14
CA CYS O 43 58.40 2.96 11.84
C CYS O 43 59.03 3.67 13.02
N ASP O 44 60.36 3.67 13.04
CA ASP O 44 61.14 4.36 14.07
C ASP O 44 62.05 5.40 13.42
N ASP O 45 62.30 6.49 14.15
CA ASP O 45 63.22 7.52 13.72
C ASP O 45 63.99 8.04 14.93
N GLU O 46 65.22 8.48 14.68
CA GLU O 46 66.08 9.05 15.71
C GLU O 46 66.54 10.42 15.26
N PHE O 47 66.44 11.40 16.15
CA PHE O 47 66.86 12.77 15.84
C PHE O 47 67.19 13.48 17.15
N ASN O 48 67.88 14.60 17.02
CA ASN O 48 68.38 15.35 18.18
C ASN O 48 67.50 16.58 18.40
N VAL O 49 67.12 16.80 19.65
CA VAL O 49 66.32 17.94 20.06
C VAL O 49 67.05 18.67 21.17
N GLY O 50 67.12 19.99 21.08
CA GLY O 50 67.79 20.77 22.11
C GLY O 50 67.46 22.24 22.04
N ALA O 51 67.60 22.90 23.18
CA ALA O 51 67.46 24.35 23.30
C ALA O 51 66.08 24.84 22.87
N ASP O 52 65.05 24.30 23.54
CA ASP O 52 63.67 24.74 23.34
C ASP O 52 63.26 24.69 21.87
N GLU O 53 63.63 23.61 21.19
CA GLU O 53 63.33 23.44 19.78
C GLU O 53 62.14 22.49 19.63
N CYS O 54 61.07 22.98 19.01
CA CYS O 54 59.90 22.16 18.73
C CYS O 54 60.15 21.36 17.45
N ALA O 55 60.98 20.33 17.57
CA ALA O 55 61.41 19.56 16.41
C ALA O 55 60.23 18.80 15.81
N GLU O 56 60.34 18.54 14.51
CA GLU O 56 59.32 17.83 13.75
C GLU O 56 59.78 16.41 13.47
N VAL O 57 58.83 15.47 13.42
CA VAL O 57 59.18 14.08 13.19
C VAL O 57 59.59 13.88 11.73
N ALA O 58 60.49 12.92 11.51
CA ALA O 58 60.92 12.55 10.18
C ALA O 58 60.34 11.18 9.83
N VAL O 59 59.68 11.10 8.68
CA VAL O 59 58.98 9.89 8.26
C VAL O 59 59.31 9.61 6.80
N PRO O 60 59.09 8.39 6.31
CA PRO O 60 59.31 8.12 4.89
C PRO O 60 58.48 9.07 4.03
N TYR O 61 59.06 9.44 2.87
CA TYR O 61 58.54 10.57 2.11
C TYR O 61 57.10 10.34 1.68
N GLY O 62 56.77 9.13 1.23
CA GLY O 62 55.42 8.84 0.83
C GLY O 62 54.54 8.39 1.98
N ALA O 63 54.64 9.07 3.12
CA ALA O 63 53.88 8.68 4.30
C ALA O 63 53.79 9.88 5.24
N ALA O 64 52.86 9.78 6.19
CA ALA O 64 52.70 10.78 7.23
C ALA O 64 52.53 10.08 8.58
N LEU O 65 52.92 10.78 9.64
CA LEU O 65 52.88 10.23 10.98
C LEU O 65 51.45 10.32 11.51
N TYR O 66 50.75 9.20 11.55
CA TYR O 66 49.40 9.18 12.08
C TYR O 66 49.39 9.40 13.59
N GLU O 67 50.22 8.64 14.31
CA GLU O 67 50.11 8.58 15.75
C GLU O 67 51.44 8.10 16.32
N MET O 68 51.75 8.55 17.52
CA MET O 68 53.00 8.18 18.20
C MET O 68 52.70 7.10 19.23
N GLU O 69 53.09 5.87 18.91
CA GLU O 69 52.87 4.75 19.82
C GLU O 69 53.67 4.92 21.10
N LEU O 70 54.93 5.34 20.98
CA LEU O 70 55.81 5.48 22.13
C LEU O 70 56.91 6.47 21.78
N VAL O 71 57.23 7.32 22.74
CA VAL O 71 58.28 8.34 22.59
C VAL O 71 59.33 8.10 23.65
N GLN O 72 60.59 8.06 23.25
CA GLN O 72 61.71 7.89 24.17
C GLN O 72 62.68 9.05 24.02
N PHE O 73 63.03 9.67 25.14
CA PHE O 73 64.07 10.69 25.20
C PHE O 73 65.31 10.07 25.82
N ASN O 74 66.40 10.07 25.06
CA ASN O 74 67.72 9.56 25.48
C ASN O 74 67.63 8.32 26.37
N GLY O 75 66.75 7.40 26.00
CA GLY O 75 66.64 6.13 26.69
C GLY O 75 65.59 6.05 27.77
N ARG O 76 64.69 7.02 27.87
CA ARG O 76 63.65 7.02 28.89
C ARG O 76 62.28 6.88 28.25
N ASN O 77 61.52 5.88 28.69
CA ASN O 77 60.15 5.70 28.23
C ASN O 77 59.31 6.85 28.74
N MET O 78 58.90 7.74 27.85
CA MET O 78 58.28 8.98 28.26
C MET O 78 56.78 8.83 28.41
N ARG O 79 56.18 9.70 29.23
CA ARG O 79 54.75 9.65 29.48
C ARG O 79 54.08 10.78 28.72
N PRO O 80 53.30 10.50 27.68
CA PRO O 80 52.60 11.57 26.96
C PRO O 80 51.48 12.17 27.81
N VAL O 81 51.32 13.48 27.72
CA VAL O 81 50.28 14.20 28.44
C VAL O 81 49.61 15.19 27.50
N SER O 82 48.35 15.51 27.79
CA SER O 82 47.67 16.57 27.06
C SER O 82 48.16 17.93 27.56
N THR O 83 48.02 18.95 26.71
CA THR O 83 48.49 20.28 27.09
C THR O 83 47.70 20.84 28.26
N GLN O 84 46.39 20.60 28.29
CA GLN O 84 45.58 21.06 29.44
C GLN O 84 46.01 20.35 30.70
N TRP O 85 46.45 19.10 30.58
CA TRP O 85 46.93 18.38 31.75
C TRP O 85 48.16 19.07 32.35
N LEU O 86 49.07 19.56 31.49
CA LEU O 86 50.19 20.33 32.01
C LEU O 86 49.73 21.65 32.61
N ASP O 87 48.81 22.36 31.93
CA ASP O 87 48.34 23.63 32.47
C ASP O 87 47.73 23.45 33.85
N GLU O 88 47.11 22.30 34.10
CA GLU O 88 46.60 22.03 35.44
C GLU O 88 47.73 21.65 36.39
N GLN O 89 48.44 20.56 36.11
CA GLN O 89 49.41 20.03 37.07
C GLN O 89 50.68 20.86 37.12
N VAL O 90 51.19 21.29 35.98
CA VAL O 90 52.49 21.96 35.93
C VAL O 90 52.34 23.40 35.47
N PRO O 91 52.24 24.36 36.38
CA PRO O 91 52.18 25.76 35.97
C PRO O 91 53.52 26.23 35.39
N ASP O 92 53.45 27.36 34.69
CA ASP O 92 54.63 28.00 34.11
C ASP O 92 55.36 27.07 33.15
N TRP O 93 54.62 26.16 32.50
CA TRP O 93 55.23 25.32 31.48
C TRP O 93 55.75 26.15 30.32
N ARG O 94 54.98 27.14 29.87
CA ARG O 94 55.37 27.91 28.70
C ARG O 94 56.36 29.00 29.09
N THR O 95 56.16 29.60 30.27
CA THR O 95 56.99 30.74 30.67
C THR O 95 58.41 30.32 30.99
N THR O 96 58.59 29.20 31.68
CA THR O 96 59.92 28.82 32.17
C THR O 96 60.82 28.41 31.01
N THR O 97 62.12 28.60 31.21
CA THR O 97 63.14 28.16 30.27
C THR O 97 64.14 27.19 30.91
N GLN O 98 63.89 26.76 32.14
CA GLN O 98 64.83 25.90 32.85
C GLN O 98 64.93 24.53 32.17
N SER O 99 66.16 24.06 32.00
CA SER O 99 66.37 22.73 31.44
C SER O 99 66.38 21.68 32.55
N GLY O 100 65.84 20.51 32.23
CA GLY O 100 65.80 19.43 33.20
C GLY O 100 65.45 18.12 32.54
N GLN O 101 65.56 17.04 33.31
CA GLN O 101 65.30 15.71 32.79
C GLN O 101 63.88 15.60 32.26
N ALA O 102 63.74 15.35 30.96
CA ALA O 102 62.44 15.34 30.31
C ALA O 102 61.54 14.27 30.90
N GLN O 103 60.30 14.64 31.18
CA GLN O 103 59.37 13.75 31.88
C GLN O 103 58.01 13.62 31.23
N TYR O 104 57.52 14.62 30.49
CA TYR O 104 56.30 14.49 29.73
C TYR O 104 56.45 15.10 28.33
N VAL O 105 55.69 14.55 27.37
CA VAL O 105 55.64 15.05 26.00
C VAL O 105 54.26 15.65 25.73
N THR O 106 54.24 16.80 25.08
CA THR O 106 53.01 17.41 24.59
C THR O 106 53.22 17.84 23.15
N GLN O 107 52.21 17.59 22.31
CA GLN O 107 52.29 17.92 20.89
C GLN O 107 51.42 19.15 20.62
N GLN O 108 52.07 20.31 20.65
CA GLN O 108 51.36 21.57 20.42
C GLN O 108 50.85 21.66 18.99
N SER O 109 51.72 21.44 18.01
CA SER O 109 51.36 21.53 16.61
C SER O 109 50.91 20.17 16.07
N GLU O 110 50.85 20.08 14.75
CA GLU O 110 50.41 18.84 14.11
C GLU O 110 51.44 17.73 14.29
N ASP O 111 52.72 18.01 14.05
CA ASP O 111 53.76 16.99 14.02
C ASP O 111 54.95 17.32 14.92
N THR O 112 54.85 18.34 15.77
CA THR O 112 55.94 18.73 16.63
C THR O 112 55.65 18.33 18.06
N LEU O 113 56.59 17.63 18.67
CA LEU O 113 56.47 17.15 20.04
C LEU O 113 57.30 18.04 20.96
N THR O 114 56.72 18.42 22.10
CA THR O 114 57.36 19.30 23.06
C THR O 114 57.49 18.60 24.39
N PHE O 115 58.65 18.72 25.01
CA PHE O 115 58.91 18.16 26.34
C PHE O 115 58.86 19.28 27.36
N VAL O 116 58.09 19.10 28.43
CA VAL O 116 57.99 20.15 29.45
C VAL O 116 59.33 20.47 30.11
N PRO O 117 60.22 19.49 30.41
CA PRO O 117 61.62 19.87 30.64
C PRO O 117 62.40 19.83 29.33
N ALA O 118 62.94 20.95 28.88
CA ALA O 118 63.71 20.94 27.64
C ALA O 118 65.14 20.47 27.89
N GLU O 119 65.66 19.68 26.95
CA GLU O 119 67.03 19.21 27.02
C GLU O 119 67.59 19.01 25.62
N ALA O 120 68.92 18.94 25.55
CA ALA O 120 69.63 18.59 24.33
C ALA O 120 70.00 17.11 24.40
N GLY O 121 69.20 16.28 23.75
CA GLY O 121 69.44 14.85 23.78
C GLY O 121 68.74 14.15 22.65
N SER O 122 69.18 12.91 22.39
CA SER O 122 68.60 12.12 21.30
C SER O 122 67.16 11.75 21.63
N VAL O 123 66.30 11.83 20.62
CA VAL O 123 64.88 11.50 20.76
C VAL O 123 64.56 10.40 19.77
N ARG O 124 64.01 9.29 20.27
CA ARG O 124 63.55 8.20 19.44
C ARG O 124 62.02 8.15 19.49
N VAL O 125 61.39 8.24 18.33
CA VAL O 125 59.94 8.25 18.22
C VAL O 125 59.51 6.94 17.58
N TYR O 126 58.57 6.26 18.22
CA TYR O 126 58.05 4.98 17.75
C TYR O 126 56.59 5.19 17.40
N GLY O 127 56.32 5.52 16.14
CA GLY O 127 55.01 6.02 15.77
C GLY O 127 54.39 5.23 14.65
N LEU O 128 53.06 5.09 14.74
CA LEU O 128 52.29 4.52 13.65
C LEU O 128 52.35 5.43 12.43
N LEU O 129 52.30 4.83 11.25
CA LEU O 129 52.36 5.60 10.01
C LEU O 129 51.02 5.57 9.29
N LYS O 130 50.85 6.56 8.42
CA LYS O 130 49.69 6.75 7.57
C LYS O 130 50.16 7.19 6.19
N PRO O 131 49.75 6.50 5.14
CA PRO O 131 50.14 6.92 3.79
C PRO O 131 49.65 8.33 3.49
N THR O 132 50.47 9.09 2.79
CA THR O 132 50.07 10.43 2.40
C THR O 132 49.04 10.36 1.27
N LEU O 133 48.39 11.49 1.02
CA LEU O 133 47.35 11.52 0.00
C LEU O 133 47.92 11.28 -1.39
N ASP O 134 49.21 11.59 -1.59
CA ASP O 134 49.90 11.34 -2.86
C ASP O 134 51.17 10.52 -2.63
N ALA O 135 51.00 9.21 -2.55
CA ALA O 135 52.10 8.28 -2.41
C ALA O 135 52.09 7.31 -3.59
N ASP O 136 53.17 7.31 -4.37
CA ASP O 136 53.23 6.45 -5.54
C ASP O 136 53.21 4.97 -5.14
N SER O 137 53.93 4.62 -4.08
CA SER O 137 54.08 3.23 -3.65
C SER O 137 53.58 3.08 -2.23
N LEU O 138 52.64 2.17 -2.04
CA LEU O 138 52.21 1.80 -0.70
C LEU O 138 53.18 0.80 -0.09
N PRO O 139 53.28 0.74 1.24
CA PRO O 139 54.16 -0.24 1.87
C PRO O 139 53.71 -1.66 1.58
N ASP O 140 54.62 -2.59 1.83
CA ASP O 140 54.42 -3.98 1.40
C ASP O 140 53.24 -4.62 2.11
N LEU O 141 53.05 -4.32 3.39
CA LEU O 141 52.02 -5.00 4.16
C LEU O 141 50.62 -4.70 3.62
N LEU O 142 50.38 -3.45 3.20
CA LEU O 142 49.07 -3.09 2.69
C LEU O 142 48.79 -3.77 1.36
N ALA O 143 49.74 -3.69 0.42
CA ALA O 143 49.48 -4.16 -0.93
C ALA O 143 49.52 -5.67 -1.02
N ASP O 144 50.59 -6.29 -0.51
CA ASP O 144 50.78 -7.72 -0.72
C ASP O 144 49.74 -8.53 0.05
N THR O 145 49.55 -8.23 1.34
CA THR O 145 48.74 -9.07 2.20
C THR O 145 47.27 -8.66 2.28
N TYR O 146 46.98 -7.36 2.27
CA TYR O 146 45.63 -6.86 2.47
C TYR O 146 45.16 -6.07 1.26
N ARG O 147 45.38 -6.62 0.07
CA ARG O 147 44.95 -5.96 -1.15
C ARG O 147 43.44 -5.84 -1.24
N LYS O 148 42.73 -6.90 -0.85
CA LYS O 148 41.29 -6.95 -1.08
C LYS O 148 40.54 -5.88 -0.30
N THR O 149 40.95 -5.62 0.95
CA THR O 149 40.21 -4.67 1.78
C THR O 149 40.33 -3.24 1.25
N ILE O 150 41.56 -2.80 0.98
CA ILE O 150 41.75 -1.46 0.44
C ILE O 150 41.13 -1.37 -0.95
N ALA O 151 41.17 -2.46 -1.71
CA ALA O 151 40.48 -2.49 -3.00
C ALA O 151 38.99 -2.28 -2.82
N ASP O 152 38.40 -2.89 -1.78
CA ASP O 152 36.98 -2.71 -1.52
C ASP O 152 36.66 -1.27 -1.18
N GLY O 153 37.48 -0.63 -0.34
CA GLY O 153 37.25 0.77 -0.03
C GLY O 153 37.36 1.67 -1.25
N ALA O 154 38.41 1.48 -2.04
CA ALA O 154 38.59 2.27 -3.24
C ALA O 154 37.46 2.04 -4.23
N LEU O 155 36.98 0.80 -4.34
CA LEU O 155 35.90 0.51 -5.27
C LEU O 155 34.59 1.14 -4.80
N SER O 156 34.36 1.18 -3.48
CA SER O 156 33.21 1.93 -2.98
C SER O 156 33.30 3.38 -3.39
N GLU O 157 34.46 4.01 -3.17
CA GLU O 157 34.61 5.41 -3.52
C GLU O 157 34.42 5.64 -5.03
N LEU O 158 34.95 4.73 -5.84
CA LEU O 158 34.85 4.87 -7.30
C LEU O 158 33.42 4.64 -7.79
N LEU O 159 32.69 3.73 -7.16
CA LEU O 159 31.32 3.48 -7.58
C LEU O 159 30.41 4.60 -7.10
N ILE O 160 30.86 5.39 -6.13
CA ILE O 160 30.06 6.54 -5.69
C ILE O 160 29.92 7.57 -6.82
N ILE O 161 30.93 7.70 -7.67
CA ILE O 161 31.01 8.77 -8.67
C ILE O 161 29.77 8.81 -9.55
N PRO O 162 29.16 9.98 -9.75
CA PRO O 162 27.88 10.04 -10.45
C PRO O 162 28.04 10.26 -11.94
N GLY O 163 26.90 10.19 -12.63
CA GLY O 163 26.84 10.53 -14.04
C GLY O 163 27.74 9.72 -14.94
N LYS O 164 27.89 8.43 -14.65
CA LYS O 164 28.85 7.62 -15.37
C LYS O 164 28.38 6.18 -15.39
N ALA O 165 28.87 5.41 -16.37
CA ALA O 165 28.48 4.01 -16.48
C ALA O 165 28.94 3.21 -15.27
N TRP O 166 29.87 3.76 -14.50
CA TRP O 166 30.45 3.05 -13.36
C TRP O 166 29.54 3.14 -12.14
N MET O 167 28.56 4.04 -12.17
CA MET O 167 27.69 4.27 -11.02
C MET O 167 26.81 3.06 -10.76
N SER O 168 26.83 2.58 -9.53
CA SER O 168 25.94 1.51 -9.10
C SER O 168 25.82 1.58 -7.58
N ALA O 169 24.65 2.00 -7.09
CA ALA O 169 24.47 2.20 -5.66
C ALA O 169 24.56 0.90 -4.89
N ASP O 170 23.97 -0.17 -5.43
CA ASP O 170 23.94 -1.44 -4.72
C ASP O 170 25.36 -1.97 -4.48
N LEU O 171 26.18 -2.03 -5.53
CA LEU O 171 27.53 -2.53 -5.36
C LEU O 171 28.38 -1.59 -4.51
N ALA O 172 28.14 -0.29 -4.63
CA ALA O 172 28.87 0.66 -3.79
C ALA O 172 28.59 0.42 -2.31
N VAL O 173 27.31 0.23 -1.96
CA VAL O 173 26.95 -0.03 -0.57
C VAL O 173 27.53 -1.37 -0.12
N PHE O 174 27.45 -2.38 -0.98
CA PHE O 174 27.97 -3.69 -0.64
C PHE O 174 29.47 -3.64 -0.36
N PHE O 175 30.22 -2.95 -1.22
CA PHE O 175 31.67 -2.85 -1.02
C PHE O 175 32.00 -1.99 0.19
N GLY O 176 31.22 -0.94 0.45
CA GLY O 176 31.46 -0.16 1.65
C GLY O 176 31.24 -0.97 2.92
N THR O 177 30.18 -1.77 2.94
CA THR O 177 29.94 -2.62 4.10
C THR O 177 31.02 -3.67 4.27
N ARG O 178 31.49 -4.26 3.16
CA ARG O 178 32.58 -5.22 3.27
C ARG O 178 33.85 -4.55 3.78
N PHE O 179 34.16 -3.35 3.29
CA PHE O 179 35.34 -2.63 3.76
C PHE O 179 35.23 -2.34 5.25
N ASP O 180 34.06 -1.89 5.69
CA ASP O 180 33.86 -1.61 7.12
C ASP O 180 34.05 -2.87 7.94
N ARG O 181 33.47 -3.99 7.51
CA ARG O 181 33.58 -5.22 8.27
C ARG O 181 35.02 -5.73 8.34
N GLU O 182 35.75 -5.67 7.23
CA GLU O 182 37.14 -6.13 7.26
C GLU O 182 38.01 -5.23 8.11
N LEU O 183 37.84 -3.91 7.99
CA LEU O 183 38.51 -2.99 8.90
C LEU O 183 38.20 -3.33 10.34
N ASP O 184 36.94 -3.66 10.62
CA ASP O 184 36.50 -3.92 11.97
C ASP O 184 37.14 -5.18 12.52
N ARG O 185 37.24 -6.22 11.70
CA ARG O 185 37.90 -7.44 12.13
C ARG O 185 39.39 -7.21 12.36
N LEU O 186 40.04 -6.43 11.52
CA LEU O 186 41.47 -6.18 11.65
C LEU O 186 41.80 -5.12 12.69
N SER O 187 40.79 -4.48 13.29
CA SER O 187 41.04 -3.42 14.26
C SER O 187 41.92 -3.89 15.43
N THR O 188 41.84 -5.17 15.79
CA THR O 188 42.55 -5.66 16.98
C THR O 188 43.99 -6.10 16.68
N LYS O 189 44.45 -5.97 15.44
CA LYS O 189 45.73 -6.55 15.05
C LYS O 189 46.89 -5.86 15.75
N THR O 190 46.71 -4.62 16.19
CA THR O 190 47.78 -3.92 16.88
C THR O 190 48.19 -4.65 18.15
N ILE O 191 47.21 -4.92 19.03
CA ILE O 191 47.50 -5.66 20.25
C ILE O 191 47.77 -7.12 19.95
N LYS O 192 46.99 -7.71 19.05
CA LYS O 192 47.12 -9.13 18.79
C LYS O 192 48.34 -9.45 17.93
N GLY O 193 48.39 -8.92 16.72
CA GLY O 193 49.42 -9.30 15.78
C GLY O 193 49.16 -10.68 15.22
N GLN O 194 50.15 -11.20 14.50
CA GLN O 194 50.07 -12.56 14.01
C GLN O 194 50.49 -13.58 15.06
N GLN O 195 50.89 -13.12 16.24
CA GLN O 195 51.41 -14.00 17.29
C GLN O 195 50.34 -14.45 18.27
N ARG O 196 49.08 -14.01 18.10
CA ARG O 196 47.98 -14.37 19.00
C ARG O 196 48.21 -13.87 20.42
N ALA O 197 48.86 -12.72 20.56
CA ALA O 197 49.05 -12.16 21.89
C ALA O 197 47.71 -11.75 22.47
N PRO O 198 47.39 -12.18 23.69
CA PRO O 198 46.07 -11.90 24.26
C PRO O 198 45.92 -10.42 24.61
N VAL O 199 44.66 -9.98 24.63
CA VAL O 199 44.31 -8.61 24.97
C VAL O 199 43.70 -8.64 26.37
N ARG O 200 44.37 -8.02 27.33
CA ARG O 200 43.96 -8.07 28.73
C ARG O 200 43.84 -6.67 29.30
N THR O 201 42.72 -6.38 29.95
CA THR O 201 42.50 -5.05 30.52
C THR O 201 43.44 -4.81 31.69
N ARG O 202 44.00 -3.60 31.75
CA ARG O 202 44.78 -3.18 32.89
C ARG O 202 43.89 -3.02 34.13
N ALA O 203 44.40 -3.50 35.26
CA ALA O 203 43.71 -3.42 36.54
C ALA O 203 44.28 -2.27 37.36
N GLN O 204 43.40 -1.48 37.95
CA GLN O 204 43.80 -0.37 38.81
C GLN O 204 43.40 -0.65 40.24
N PHE O 205 44.36 -0.54 41.15
CA PHE O 205 44.13 -0.79 42.57
C PHE O 205 44.26 0.51 43.37
N LYS P 2 24.61 -48.65 -6.32
CA LYS P 2 25.88 -47.95 -6.18
C LYS P 2 26.04 -46.77 -7.17
N PRO P 3 25.82 -46.98 -8.47
CA PRO P 3 25.96 -45.87 -9.41
C PRO P 3 24.87 -44.82 -9.20
N LEU P 4 25.15 -43.62 -9.69
CA LEU P 4 24.26 -42.48 -9.50
C LEU P 4 23.06 -42.50 -10.45
N ASP P 5 23.03 -43.45 -11.39
CA ASP P 5 21.91 -43.52 -12.33
C ASP P 5 20.61 -43.89 -11.62
N VAL P 6 20.68 -44.33 -10.36
CA VAL P 6 19.46 -44.55 -9.59
C VAL P 6 19.00 -43.23 -8.97
N PHE P 7 19.93 -42.31 -8.70
CA PHE P 7 19.54 -40.96 -8.31
C PHE P 7 18.95 -40.21 -9.48
N MET P 8 19.45 -40.50 -10.69
CA MET P 8 19.08 -39.72 -11.87
C MET P 8 17.57 -39.64 -12.15
N PRO P 9 16.77 -40.70 -12.01
CA PRO P 9 15.34 -40.57 -12.37
C PRO P 9 14.61 -39.48 -11.60
N ILE P 10 14.90 -39.29 -10.32
CA ILE P 10 14.24 -38.23 -9.56
C ILE P 10 14.57 -36.87 -10.15
N ILE P 11 15.86 -36.64 -10.46
CA ILE P 11 16.28 -35.37 -11.01
C ILE P 11 15.61 -35.12 -12.36
N HIS P 12 15.68 -36.10 -13.27
CA HIS P 12 15.06 -35.91 -14.57
C HIS P 12 13.54 -35.82 -14.46
N ARG P 13 12.98 -36.26 -13.34
CA ARG P 13 11.56 -36.01 -13.09
C ARG P 13 11.31 -34.55 -12.75
N PHE P 14 12.18 -33.96 -11.92
CA PHE P 14 11.98 -32.56 -11.55
C PHE P 14 12.74 -31.61 -12.48
N ALA P 15 13.97 -31.95 -12.81
CA ALA P 15 14.74 -31.20 -13.81
C ALA P 15 14.91 -32.06 -15.06
N PRO P 16 14.08 -31.86 -16.08
CA PRO P 16 13.94 -32.89 -17.14
C PRO P 16 15.22 -33.18 -17.91
N GLY P 17 15.89 -32.16 -18.46
CA GLY P 17 16.98 -32.40 -19.36
C GLY P 17 18.36 -31.93 -18.93
N CYS P 18 18.63 -31.88 -17.64
CA CYS P 18 19.95 -31.43 -17.19
C CYS P 18 21.01 -32.47 -17.59
N PRO P 19 22.19 -32.05 -18.04
CA PRO P 19 23.23 -33.01 -18.41
C PRO P 19 23.63 -33.88 -17.24
N GLU P 20 23.97 -35.14 -17.54
CA GLU P 20 24.34 -36.08 -16.50
C GLU P 20 25.60 -35.69 -15.71
N PRO P 21 26.68 -35.20 -16.31
CA PRO P 21 27.87 -34.89 -15.48
C PRO P 21 27.61 -33.86 -14.40
N THR P 22 26.90 -32.77 -14.73
CA THR P 22 26.59 -31.77 -13.71
C THR P 22 25.67 -32.34 -12.64
N ALA P 23 24.71 -33.17 -13.04
CA ALA P 23 23.85 -33.84 -12.07
C ALA P 23 24.66 -34.73 -11.14
N PHE P 24 25.62 -35.48 -11.69
CA PHE P 24 26.49 -36.31 -10.88
C PHE P 24 27.27 -35.47 -9.88
N ALA P 25 27.84 -34.36 -10.33
CA ALA P 25 28.61 -33.50 -9.44
C ALA P 25 27.74 -32.97 -8.30
N ALA P 26 26.53 -32.52 -8.64
CA ALA P 26 25.65 -32.01 -7.60
C ALA P 26 25.19 -33.09 -6.63
N ILE P 27 24.94 -34.31 -7.14
CA ILE P 27 24.59 -35.42 -6.26
C ILE P 27 25.73 -35.71 -5.30
N ARG P 28 26.96 -35.71 -5.79
CA ARG P 28 28.11 -35.95 -4.92
C ARG P 28 28.25 -34.84 -3.88
N GLU P 29 28.03 -33.59 -4.28
CA GLU P 29 28.10 -32.48 -3.32
C GLU P 29 27.03 -32.62 -2.24
N ALA P 30 25.80 -32.94 -2.64
CA ALA P 30 24.73 -33.12 -1.68
C ALA P 30 25.01 -34.30 -0.77
N ALA P 31 25.63 -35.35 -1.30
CA ALA P 31 26.01 -36.50 -0.48
C ALA P 31 27.10 -36.11 0.52
N ILE P 32 28.02 -35.24 0.11
CA ILE P 32 29.01 -34.73 1.05
C ILE P 32 28.33 -34.02 2.21
N LYS P 33 27.39 -33.13 1.90
CA LYS P 33 26.68 -32.43 2.98
C LYS P 33 25.89 -33.41 3.84
N PHE P 34 25.25 -34.40 3.22
CA PHE P 34 24.48 -35.40 3.95
C PHE P 34 25.36 -36.16 4.93
N CYS P 35 26.55 -36.57 4.48
CA CYS P 35 27.44 -37.33 5.35
C CYS P 35 28.08 -36.45 6.40
N GLU P 36 28.23 -35.15 6.12
CA GLU P 36 28.69 -34.23 7.16
C GLU P 36 27.65 -34.09 8.25
N ARG P 37 26.36 -34.03 7.89
CA ARG P 37 25.34 -33.86 8.91
C ARG P 37 24.93 -35.20 9.53
N THR P 38 24.65 -36.21 8.71
CA THR P 38 24.22 -37.50 9.24
C THR P 38 25.34 -38.30 9.88
N ARG P 39 26.56 -38.18 9.37
CA ARG P 39 27.73 -38.86 9.92
C ARG P 39 27.54 -40.37 9.98
N LEU P 40 26.88 -40.96 8.98
CA LEU P 40 26.50 -42.37 9.07
C LEU P 40 27.54 -43.29 8.45
N TRP P 41 28.13 -42.89 7.33
CA TRP P 41 29.09 -43.74 6.65
C TRP P 41 30.30 -43.99 7.55
N ARG P 42 30.67 -45.25 7.70
CA ARG P 42 31.74 -45.63 8.60
C ARG P 42 32.61 -46.70 7.95
N CYS P 43 33.90 -46.68 8.28
CA CYS P 43 34.83 -47.69 7.81
C CYS P 43 36.00 -47.78 8.79
N ASP P 44 36.69 -48.91 8.78
CA ASP P 44 37.84 -49.14 9.63
C ASP P 44 39.05 -49.53 8.78
N ASP P 45 40.23 -49.11 9.22
CA ASP P 45 41.48 -49.44 8.54
C ASP P 45 42.54 -49.79 9.57
N GLU P 46 43.48 -50.63 9.18
CA GLU P 46 44.60 -51.02 10.02
C GLU P 46 45.90 -50.75 9.26
N PHE P 47 46.84 -50.08 9.92
CA PHE P 47 48.11 -49.76 9.31
C PHE P 47 49.14 -49.53 10.41
N ASN P 48 50.41 -49.59 10.03
CA ASN P 48 51.53 -49.55 10.97
C ASN P 48 52.17 -48.17 10.97
N VAL P 49 52.44 -47.65 12.16
CA VAL P 49 53.09 -46.36 12.34
C VAL P 49 54.26 -46.54 13.30
N GLY P 50 55.41 -45.98 12.93
CA GLY P 50 56.57 -46.05 13.80
C GLY P 50 57.64 -45.08 13.38
N ALA P 51 58.57 -44.83 14.30
CA ALA P 51 59.75 -43.99 14.06
C ALA P 51 59.36 -42.58 13.63
N ASP P 52 58.49 -41.95 14.43
CA ASP P 52 58.10 -40.55 14.22
C ASP P 52 57.56 -40.32 12.81
N GLU P 53 56.63 -41.18 12.38
CA GLU P 53 56.04 -41.09 11.06
C GLU P 53 54.63 -40.52 11.17
N CYS P 54 54.37 -39.42 10.46
CA CYS P 54 53.06 -38.81 10.42
C CYS P 54 52.24 -39.50 9.33
N ALA P 55 51.89 -40.76 9.56
CA ALA P 55 51.22 -41.54 8.54
C ALA P 55 49.82 -41.02 8.27
N GLU P 56 49.36 -41.23 7.03
CA GLU P 56 48.05 -40.77 6.58
C GLU P 56 47.09 -41.95 6.58
N VAL P 57 45.81 -41.67 6.86
CA VAL P 57 44.81 -42.71 6.89
C VAL P 57 44.54 -43.23 5.49
N ALA P 58 44.17 -44.51 5.40
CA ALA P 58 43.79 -45.14 4.14
C ALA P 58 42.28 -45.33 4.11
N VAL P 59 41.66 -44.90 3.02
CA VAL P 59 40.21 -44.92 2.89
C VAL P 59 39.85 -45.47 1.52
N PRO P 60 38.61 -45.94 1.32
CA PRO P 60 38.19 -46.36 -0.03
C PRO P 60 38.39 -45.24 -1.04
N TYR P 61 38.75 -45.63 -2.26
CA TYR P 61 39.24 -44.67 -3.24
C TYR P 61 38.21 -43.60 -3.56
N GLY P 62 36.95 -43.99 -3.71
CA GLY P 62 35.91 -43.02 -3.98
C GLY P 62 35.32 -42.42 -2.72
N ALA P 63 36.18 -42.08 -1.76
CA ALA P 63 35.72 -41.53 -0.49
C ALA P 63 36.88 -40.80 0.18
N ALA P 64 36.54 -39.98 1.17
CA ALA P 64 37.52 -39.27 1.97
C ALA P 64 37.14 -39.38 3.44
N LEU P 65 38.14 -39.34 4.30
CA LEU P 65 37.93 -39.46 5.73
C LEU P 65 37.45 -38.12 6.28
N TYR P 66 36.15 -38.01 6.54
CA TYR P 66 35.62 -36.79 7.15
C TYR P 66 36.15 -36.61 8.56
N GLU P 67 36.19 -37.68 9.35
CA GLU P 67 36.28 -37.53 10.79
C GLU P 67 36.57 -38.88 11.42
N MET P 68 37.36 -38.85 12.49
CA MET P 68 37.76 -40.05 13.21
C MET P 68 36.84 -40.24 14.41
N GLU P 69 35.99 -41.26 14.37
CA GLU P 69 35.14 -41.56 15.52
C GLU P 69 35.96 -42.05 16.71
N LEU P 70 36.91 -42.94 16.47
CA LEU P 70 37.72 -43.52 17.53
C LEU P 70 39.01 -44.06 16.93
N VAL P 71 40.11 -43.87 17.66
CA VAL P 71 41.43 -44.31 17.21
C VAL P 71 42.00 -45.27 18.26
N GLN P 72 42.49 -46.41 17.80
CA GLN P 72 43.12 -47.40 18.67
C GLN P 72 44.54 -47.68 18.20
N PHE P 73 45.48 -47.61 19.12
CA PHE P 73 46.86 -48.01 18.89
C PHE P 73 47.08 -49.36 19.57
N ASN P 74 47.42 -50.38 18.78
CA ASN P 74 47.77 -51.73 19.23
C ASN P 74 46.93 -52.19 20.44
N GLY P 75 45.64 -51.88 20.38
CA GLY P 75 44.71 -52.36 21.39
C GLY P 75 44.40 -51.40 22.52
N ARG P 76 44.80 -50.13 22.39
CA ARG P 76 44.54 -49.13 23.43
C ARG P 76 43.62 -48.05 22.89
N ASN P 77 42.53 -47.78 23.62
CA ASN P 77 41.60 -46.72 23.24
C ASN P 77 42.23 -45.37 23.58
N MET P 78 42.59 -44.61 22.55
CA MET P 78 43.34 -43.39 22.78
C MET P 78 42.40 -42.20 22.96
N ARG P 79 42.91 -41.16 23.63
CA ARG P 79 42.15 -39.95 23.90
C ARG P 79 42.57 -38.87 22.93
N PRO P 80 41.71 -38.46 22.00
CA PRO P 80 42.08 -37.35 21.10
C PRO P 80 42.19 -36.04 21.88
N VAL P 81 43.19 -35.24 21.52
CA VAL P 81 43.41 -33.95 22.14
C VAL P 81 43.73 -32.93 21.06
N SER P 82 43.44 -31.67 21.33
CA SER P 82 43.85 -30.60 20.43
C SER P 82 45.34 -30.34 20.59
N THR P 83 45.95 -29.78 19.54
CA THR P 83 47.39 -29.51 19.61
C THR P 83 47.70 -28.47 20.67
N GLN P 84 46.83 -27.46 20.83
CA GLN P 84 47.05 -26.47 21.89
C GLN P 84 46.91 -27.10 23.26
N TRP P 85 46.03 -28.10 23.39
CA TRP P 85 45.91 -28.80 24.67
C TRP P 85 47.21 -29.50 25.03
N LEU P 86 47.87 -30.12 24.05
CA LEU P 86 49.20 -30.66 24.31
C LEU P 86 50.20 -29.56 24.65
N ASP P 87 50.13 -28.44 23.93
CA ASP P 87 51.06 -27.34 24.20
C ASP P 87 50.95 -26.88 25.65
N GLU P 88 49.74 -26.83 26.19
CA GLU P 88 49.58 -26.47 27.59
C GLU P 88 50.02 -27.60 28.51
N GLN P 89 49.39 -28.77 28.39
CA GLN P 89 49.61 -29.83 29.37
C GLN P 89 50.98 -30.48 29.21
N VAL P 90 51.39 -30.77 27.97
CA VAL P 90 52.62 -31.53 27.75
C VAL P 90 53.64 -30.68 27.00
N PRO P 91 54.57 -30.03 27.70
CA PRO P 91 55.62 -29.28 27.01
C PRO P 91 56.58 -30.21 26.29
N ASP P 92 57.35 -29.63 25.37
CA ASP P 92 58.39 -30.34 24.62
C ASP P 92 57.81 -31.50 23.82
N TRP P 93 56.54 -31.40 23.42
CA TRP P 93 55.96 -32.41 22.54
C TRP P 93 56.69 -32.47 21.21
N ARG P 94 56.89 -31.33 20.57
CA ARG P 94 57.51 -31.31 19.25
C ARG P 94 59.00 -31.58 19.34
N THR P 95 59.64 -31.09 20.39
CA THR P 95 61.10 -31.20 20.50
C THR P 95 61.53 -32.63 20.82
N THR P 96 60.85 -33.29 21.75
CA THR P 96 61.32 -34.58 22.24
C THR P 96 61.19 -35.65 21.16
N THR P 97 62.05 -36.66 21.24
CA THR P 97 62.01 -37.83 20.37
C THR P 97 61.85 -39.13 21.14
N GLN P 98 61.65 -39.05 22.45
CA GLN P 98 61.59 -40.25 23.28
C GLN P 98 60.35 -41.08 22.95
N SER P 99 60.54 -42.39 22.87
CA SER P 99 59.44 -43.30 22.60
C SER P 99 58.81 -43.77 23.91
N GLY P 100 57.48 -43.91 23.89
CA GLY P 100 56.75 -44.35 25.05
C GLY P 100 55.38 -44.85 24.66
N GLN P 101 54.66 -45.37 25.65
CA GLN P 101 53.30 -45.84 25.42
C GLN P 101 52.38 -44.67 25.07
N ALA P 102 51.73 -44.76 23.91
CA ALA P 102 50.95 -43.65 23.38
C ALA P 102 49.76 -43.32 24.28
N GLN P 103 49.49 -42.02 24.45
CA GLN P 103 48.43 -41.56 25.34
C GLN P 103 47.40 -40.67 24.66
N TYR P 104 47.81 -39.78 23.75
CA TYR P 104 46.89 -38.84 23.12
C TYR P 104 47.13 -38.75 21.62
N VAL P 105 46.07 -38.39 20.89
CA VAL P 105 46.10 -38.28 19.42
C VAL P 105 46.04 -36.80 19.04
N THR P 106 46.87 -36.40 18.09
CA THR P 106 46.85 -35.04 17.54
C THR P 106 46.83 -35.12 16.03
N GLN P 107 46.04 -34.25 15.40
CA GLN P 107 45.97 -34.19 13.93
C GLN P 107 46.53 -32.86 13.46
N GLN P 108 47.85 -32.83 13.23
CA GLN P 108 48.49 -31.62 12.74
C GLN P 108 48.03 -31.27 11.33
N SER P 109 48.05 -32.25 10.43
CA SER P 109 47.65 -32.06 9.05
C SER P 109 46.18 -32.39 8.87
N GLU P 110 45.78 -32.52 7.60
CA GLU P 110 44.39 -32.82 7.28
C GLU P 110 44.04 -34.27 7.63
N ASP P 111 44.93 -35.20 7.31
CA ASP P 111 44.64 -36.63 7.43
C ASP P 111 45.74 -37.39 8.14
N THR P 112 46.72 -36.70 8.72
CA THR P 112 47.82 -37.34 9.43
C THR P 112 47.59 -37.22 10.92
N LEU P 113 47.60 -38.37 11.60
CA LEU P 113 47.39 -38.43 13.04
C LEU P 113 48.73 -38.63 13.72
N THR P 114 48.95 -37.90 14.81
CA THR P 114 50.22 -37.90 15.53
C THR P 114 49.97 -38.35 16.96
N PHE P 115 50.87 -39.20 17.47
CA PHE P 115 50.80 -39.69 18.84
C PHE P 115 51.89 -39.01 19.65
N VAL P 116 51.52 -38.38 20.76
CA VAL P 116 52.51 -37.64 21.54
C VAL P 116 53.57 -38.54 22.18
N PRO P 117 53.28 -39.81 22.57
CA PRO P 117 54.35 -40.81 22.51
C PRO P 117 54.40 -41.48 21.14
N ALA P 118 55.51 -41.36 20.41
CA ALA P 118 55.60 -42.04 19.14
C ALA P 118 56.35 -43.36 19.30
N GLU P 119 55.72 -44.45 18.83
CA GLU P 119 56.37 -45.75 18.83
C GLU P 119 55.82 -46.57 17.67
N ALA P 120 56.42 -47.75 17.48
CA ALA P 120 56.10 -48.61 16.35
C ALA P 120 55.05 -49.62 16.77
N GLY P 121 53.83 -49.45 16.27
CA GLY P 121 52.75 -50.38 16.56
C GLY P 121 51.63 -50.23 15.57
N SER P 122 50.75 -51.23 15.54
CA SER P 122 49.59 -51.19 14.65
C SER P 122 48.62 -50.09 15.08
N VAL P 123 48.04 -49.42 14.09
CA VAL P 123 47.05 -48.38 14.32
C VAL P 123 45.73 -48.83 13.70
N ARG P 124 44.68 -48.87 14.52
CA ARG P 124 43.34 -49.16 14.05
C ARG P 124 42.49 -47.91 14.22
N VAL P 125 41.94 -47.41 13.13
CA VAL P 125 41.14 -46.19 13.13
C VAL P 125 39.73 -46.54 12.67
N TYR P 126 38.75 -46.21 13.51
CA TYR P 126 37.34 -46.31 13.14
C TYR P 126 36.80 -44.90 12.97
N GLY P 127 36.71 -44.45 11.72
CA GLY P 127 36.36 -43.07 11.45
C GLY P 127 35.24 -42.97 10.43
N LEU P 128 34.43 -41.93 10.60
CA LEU P 128 33.35 -41.66 9.68
C LEU P 128 33.90 -41.34 8.29
N LEU P 129 33.13 -41.69 7.26
CA LEU P 129 33.56 -41.50 5.89
C LEU P 129 32.71 -40.44 5.21
N LYS P 130 33.28 -39.84 4.17
CA LYS P 130 32.65 -38.79 3.39
C LYS P 130 32.97 -39.02 1.92
N PRO P 131 31.95 -39.06 1.05
CA PRO P 131 32.22 -39.23 -0.38
C PRO P 131 33.05 -38.08 -0.92
N THR P 132 33.98 -38.40 -1.81
CA THR P 132 34.80 -37.38 -2.42
C THR P 132 34.00 -36.63 -3.48
N LEU P 133 34.58 -35.52 -3.95
CA LEU P 133 33.86 -34.68 -4.92
C LEU P 133 33.66 -35.41 -6.25
N ASP P 134 34.52 -36.39 -6.55
CA ASP P 134 34.41 -37.19 -7.77
C ASP P 134 34.45 -38.68 -7.38
N ALA P 135 33.27 -39.23 -7.14
CA ALA P 135 33.09 -40.64 -6.83
C ALA P 135 32.03 -41.20 -7.77
N ASP P 136 32.42 -42.23 -8.54
CA ASP P 136 31.50 -42.78 -9.53
C ASP P 136 30.30 -43.45 -8.87
N SER P 137 30.54 -44.18 -7.79
CA SER P 137 29.49 -44.96 -7.13
C SER P 137 29.42 -44.57 -5.66
N LEU P 138 28.22 -44.21 -5.20
CA LEU P 138 28.00 -43.98 -3.79
C LEU P 138 27.72 -45.29 -3.07
N PRO P 139 28.04 -45.38 -1.78
CA PRO P 139 27.77 -46.61 -1.03
C PRO P 139 26.28 -46.90 -0.92
N ASP P 140 25.99 -48.12 -0.46
CA ASP P 140 24.62 -48.62 -0.49
C ASP P 140 23.69 -47.81 0.41
N LEU P 141 24.15 -47.41 1.58
CA LEU P 141 23.24 -46.80 2.55
C LEU P 141 22.76 -45.43 2.08
N LEU P 142 23.62 -44.70 1.35
CA LEU P 142 23.18 -43.45 0.75
C LEU P 142 22.15 -43.69 -0.36
N ALA P 143 22.46 -44.59 -1.29
CA ALA P 143 21.68 -44.69 -2.52
C ALA P 143 20.41 -45.51 -2.31
N ASP P 144 20.56 -46.75 -1.86
CA ASP P 144 19.41 -47.65 -1.78
C ASP P 144 18.35 -47.14 -0.81
N THR P 145 18.78 -46.62 0.34
CA THR P 145 17.84 -46.28 1.42
C THR P 145 17.45 -44.81 1.44
N TYR P 146 18.39 -43.90 1.22
CA TYR P 146 18.14 -42.47 1.39
C TYR P 146 18.44 -41.70 0.10
N ARG P 147 17.96 -42.19 -1.04
CA ARG P 147 18.23 -41.48 -2.28
C ARG P 147 17.38 -40.23 -2.39
N LYS P 148 16.23 -40.19 -1.71
CA LYS P 148 15.35 -39.03 -1.81
C LYS P 148 16.00 -37.78 -1.22
N THR P 149 16.70 -37.91 -0.09
CA THR P 149 17.28 -36.73 0.55
C THR P 149 18.44 -36.16 -0.26
N ILE P 150 19.33 -37.03 -0.73
CA ILE P 150 20.44 -36.56 -1.57
C ILE P 150 19.90 -36.00 -2.88
N ALA P 151 18.83 -36.60 -3.40
CA ALA P 151 18.18 -36.06 -4.58
C ALA P 151 17.59 -34.68 -4.29
N ASP P 152 17.05 -34.49 -3.08
CA ASP P 152 16.54 -33.18 -2.70
C ASP P 152 17.64 -32.13 -2.75
N GLY P 153 18.79 -32.45 -2.14
CA GLY P 153 19.90 -31.51 -2.18
C GLY P 153 20.36 -31.23 -3.61
N ALA P 154 20.56 -32.28 -4.39
CA ALA P 154 21.03 -32.10 -5.76
C ALA P 154 20.04 -31.30 -6.59
N LEU P 155 18.73 -31.58 -6.42
CA LEU P 155 17.73 -30.81 -7.13
C LEU P 155 17.76 -29.35 -6.72
N SER P 156 18.05 -29.08 -5.45
CA SER P 156 18.26 -27.68 -5.06
C SER P 156 19.39 -27.07 -5.87
N GLU P 157 20.56 -27.72 -5.89
CA GLU P 157 21.70 -27.11 -6.58
C GLU P 157 21.45 -26.94 -8.07
N LEU P 158 20.76 -27.90 -8.71
CA LEU P 158 20.45 -27.73 -10.13
C LEU P 158 19.40 -26.64 -10.37
N LEU P 159 18.39 -26.55 -9.51
CA LEU P 159 17.33 -25.58 -9.75
C LEU P 159 17.83 -24.16 -9.48
N ILE P 160 18.93 -24.03 -8.74
CA ILE P 160 19.52 -22.72 -8.53
C ILE P 160 20.18 -22.19 -9.80
N ILE P 161 20.53 -23.07 -10.73
CA ILE P 161 21.30 -22.71 -11.92
C ILE P 161 20.60 -21.61 -12.71
N PRO P 162 21.29 -20.54 -13.07
CA PRO P 162 20.61 -19.36 -13.63
C PRO P 162 20.48 -19.42 -15.14
N GLY P 163 19.58 -18.57 -15.63
CA GLY P 163 19.47 -18.30 -17.06
C GLY P 163 19.18 -19.49 -17.93
N LYS P 164 18.45 -20.48 -17.41
CA LYS P 164 18.20 -21.70 -18.14
C LYS P 164 16.78 -22.18 -17.86
N ALA P 165 16.32 -23.13 -18.66
CA ALA P 165 14.93 -23.59 -18.56
C ALA P 165 14.65 -24.22 -17.21
N TRP P 166 15.69 -24.65 -16.51
CA TRP P 166 15.51 -25.37 -15.25
C TRP P 166 15.38 -24.43 -14.06
N MET P 167 15.61 -23.14 -14.26
CA MET P 167 15.60 -22.19 -13.15
C MET P 167 14.19 -22.05 -12.58
N SER P 168 14.08 -22.18 -11.27
CA SER P 168 12.82 -21.93 -10.57
C SER P 168 13.15 -21.67 -9.10
N ALA P 169 12.96 -20.42 -8.66
CA ALA P 169 13.36 -20.06 -7.30
C ALA P 169 12.50 -20.76 -6.25
N ASP P 170 11.18 -20.77 -6.43
CA ASP P 170 10.31 -21.39 -5.44
C ASP P 170 10.60 -22.88 -5.29
N LEU P 171 10.79 -23.57 -6.42
CA LEU P 171 11.11 -25.00 -6.37
C LEU P 171 12.43 -25.24 -5.66
N ALA P 172 13.44 -24.43 -5.96
CA ALA P 172 14.74 -24.61 -5.31
C ALA P 172 14.63 -24.37 -3.80
N VAL P 173 13.91 -23.34 -3.40
CA VAL P 173 13.75 -23.06 -1.96
C VAL P 173 13.02 -24.21 -1.28
N PHE P 174 11.96 -24.71 -1.90
CA PHE P 174 11.20 -25.81 -1.31
C PHE P 174 12.05 -27.06 -1.18
N PHE P 175 12.81 -27.40 -2.21
CA PHE P 175 13.66 -28.59 -2.16
C PHE P 175 14.77 -28.43 -1.13
N GLY P 176 15.36 -27.24 -1.04
CA GLY P 176 16.37 -27.02 -0.02
C GLY P 176 15.81 -27.14 1.38
N THR P 177 14.59 -26.63 1.60
CA THR P 177 13.96 -26.75 2.91
C THR P 177 13.68 -28.21 3.25
N ARG P 178 13.19 -28.99 2.29
CA ARG P 178 12.97 -30.41 2.56
C ARG P 178 14.28 -31.12 2.85
N PHE P 179 15.34 -30.80 2.11
CA PHE P 179 16.65 -31.39 2.37
C PHE P 179 17.11 -31.07 3.79
N ASP P 180 16.97 -29.80 4.19
CA ASP P 180 17.39 -29.40 5.53
C ASP P 180 16.59 -30.12 6.60
N ARG P 181 15.28 -30.24 6.41
CA ARG P 181 14.46 -30.90 7.42
C ARG P 181 14.77 -32.39 7.52
N GLU P 182 15.00 -33.06 6.39
CA GLU P 182 15.33 -34.48 6.44
C GLU P 182 16.69 -34.69 7.09
N LEU P 183 17.68 -33.84 6.75
CA LEU P 183 18.96 -33.90 7.43
C LEU P 183 18.79 -33.69 8.93
N ASP P 184 17.90 -32.77 9.29
CA ASP P 184 17.64 -32.48 10.69
C ASP P 184 17.09 -33.70 11.41
N ARG P 185 16.13 -34.39 10.80
CA ARG P 185 15.58 -35.58 11.42
C ARG P 185 16.60 -36.70 11.52
N LEU P 186 17.45 -36.87 10.50
CA LEU P 186 18.42 -37.95 10.49
C LEU P 186 19.70 -37.63 11.26
N SER P 187 19.84 -36.42 11.78
CA SER P 187 21.06 -36.04 12.49
C SER P 187 21.37 -36.97 13.66
N THR P 188 20.34 -37.53 14.29
CA THR P 188 20.54 -38.32 15.50
C THR P 188 20.89 -39.78 15.24
N LYS P 189 20.95 -40.20 13.97
CA LYS P 189 21.09 -41.62 13.67
C LYS P 189 22.44 -42.16 14.14
N THR P 190 23.41 -41.28 14.37
CA THR P 190 24.70 -41.75 14.89
C THR P 190 24.54 -42.39 16.27
N ILE P 191 23.90 -41.67 17.20
CA ILE P 191 23.65 -42.23 18.51
C ILE P 191 22.59 -43.32 18.42
N LYS P 192 21.53 -43.07 17.67
CA LYS P 192 20.40 -43.98 17.67
C LYS P 192 20.67 -45.23 16.85
N GLY P 193 20.97 -45.06 15.57
CA GLY P 193 20.97 -46.18 14.66
C GLY P 193 19.55 -46.65 14.43
N GLN P 194 19.44 -47.84 13.84
CA GLN P 194 18.14 -48.47 13.70
C GLN P 194 17.74 -49.25 14.95
N GLN P 195 18.59 -49.27 15.98
CA GLN P 195 18.36 -50.12 17.13
C GLN P 195 17.60 -49.43 18.26
N ARG P 196 17.24 -48.15 18.11
CA ARG P 196 16.50 -47.41 19.13
C ARG P 196 17.34 -47.19 20.39
N ALA P 197 18.65 -47.09 20.25
CA ALA P 197 19.49 -46.82 21.41
C ALA P 197 19.21 -45.42 21.95
N PRO P 198 18.95 -45.28 23.25
CA PRO P 198 18.61 -43.97 23.80
C PRO P 198 19.82 -43.04 23.83
N VAL P 199 19.52 -41.74 23.85
CA VAL P 199 20.53 -40.69 23.92
C VAL P 199 20.53 -40.17 25.35
N ARG P 200 21.64 -40.32 26.06
CA ARG P 200 21.73 -39.94 27.46
C ARG P 200 22.94 -39.05 27.68
N THR P 201 22.74 -37.94 28.38
CA THR P 201 23.82 -37.00 28.68
C THR P 201 24.76 -37.61 29.71
N ARG P 202 26.06 -37.35 29.53
CA ARG P 202 27.05 -37.78 30.50
C ARG P 202 26.91 -37.01 31.79
N ALA P 203 27.05 -37.72 32.91
CA ALA P 203 26.99 -37.12 34.24
C ALA P 203 28.40 -36.94 34.78
N GLN P 204 28.72 -35.72 35.20
CA GLN P 204 30.04 -35.39 35.71
C GLN P 204 29.93 -35.01 37.18
N PHE P 205 30.72 -35.67 38.02
CA PHE P 205 30.70 -35.45 39.46
C PHE P 205 32.00 -34.84 39.94
N LYS Q 2 -29.30 -46.29 2.64
CA LYS Q 2 -28.06 -47.04 2.61
C LYS Q 2 -27.17 -46.69 1.39
N PRO Q 3 -27.72 -46.69 0.17
CA PRO Q 3 -26.91 -46.30 -0.99
C PRO Q 3 -26.56 -44.83 -0.94
N LEU Q 4 -25.52 -44.46 -1.70
CA LEU Q 4 -24.98 -43.12 -1.70
C LEU Q 4 -25.79 -42.16 -2.59
N ASP Q 5 -26.79 -42.67 -3.30
CA ASP Q 5 -27.61 -41.79 -4.13
C ASP Q 5 -28.44 -40.84 -3.28
N VAL Q 6 -28.51 -41.07 -1.97
CA VAL Q 6 -29.13 -40.08 -1.08
C VAL Q 6 -28.15 -38.95 -0.79
N PHE Q 7 -26.85 -39.25 -0.78
CA PHE Q 7 -25.85 -38.18 -0.68
C PHE Q 7 -25.75 -37.40 -1.97
N MET Q 8 -26.03 -38.04 -3.10
CA MET Q 8 -25.84 -37.41 -4.40
C MET Q 8 -26.59 -36.09 -4.59
N PRO Q 9 -27.85 -35.92 -4.15
CA PRO Q 9 -28.53 -34.63 -4.42
C PRO Q 9 -27.80 -33.42 -3.88
N ILE Q 10 -27.23 -33.49 -2.68
CA ILE Q 10 -26.52 -32.33 -2.14
C ILE Q 10 -25.33 -31.97 -3.01
N ILE Q 11 -24.53 -32.98 -3.38
CA ILE Q 11 -23.36 -32.74 -4.21
C ILE Q 11 -23.76 -32.16 -5.57
N HIS Q 12 -24.74 -32.78 -6.22
CA HIS Q 12 -25.18 -32.28 -7.52
C HIS Q 12 -25.80 -30.90 -7.40
N ARG Q 13 -26.27 -30.53 -6.21
CA ARG Q 13 -26.74 -29.17 -5.99
C ARG Q 13 -25.57 -28.20 -5.93
N PHE Q 14 -24.47 -28.61 -5.30
CA PHE Q 14 -23.32 -27.70 -5.22
C PHE Q 14 -22.33 -27.96 -6.36
N ALA Q 15 -21.97 -29.22 -6.60
CA ALA Q 15 -21.14 -29.55 -7.76
C ALA Q 15 -22.05 -30.13 -8.84
N PRO Q 16 -22.36 -29.36 -9.88
CA PRO Q 16 -23.47 -29.75 -10.76
C PRO Q 16 -23.24 -31.05 -11.53
N GLY Q 17 -22.13 -31.18 -12.23
CA GLY Q 17 -21.95 -32.24 -13.19
C GLY Q 17 -21.03 -33.38 -12.80
N CYS Q 18 -20.96 -33.74 -11.51
CA CYS Q 18 -19.98 -34.72 -11.08
C CYS Q 18 -20.33 -36.11 -11.59
N PRO Q 19 -19.36 -36.88 -12.11
CA PRO Q 19 -19.59 -38.30 -12.34
C PRO Q 19 -19.85 -39.00 -11.02
N GLU Q 20 -20.67 -40.04 -11.06
CA GLU Q 20 -21.02 -40.73 -9.82
C GLU Q 20 -19.89 -41.56 -9.22
N PRO Q 21 -18.97 -42.17 -9.97
CA PRO Q 21 -17.88 -42.90 -9.28
C PRO Q 21 -16.97 -42.00 -8.45
N THR Q 22 -16.56 -40.84 -8.99
CA THR Q 22 -15.72 -39.93 -8.22
C THR Q 22 -16.45 -39.40 -6.99
N ALA Q 23 -17.73 -39.05 -7.15
CA ALA Q 23 -18.51 -38.59 -6.02
C ALA Q 23 -18.64 -39.69 -4.97
N PHE Q 24 -18.86 -40.94 -5.41
CA PHE Q 24 -18.93 -42.05 -4.47
C PHE Q 24 -17.62 -42.19 -3.70
N ALA Q 25 -16.49 -42.13 -4.40
CA ALA Q 25 -15.20 -42.28 -3.73
C ALA Q 25 -14.99 -41.17 -2.71
N ALA Q 26 -15.32 -39.93 -3.09
CA ALA Q 26 -15.14 -38.82 -2.16
C ALA Q 26 -16.05 -38.93 -0.95
N ILE Q 27 -17.30 -39.37 -1.17
CA ILE Q 27 -18.21 -39.58 -0.04
C ILE Q 27 -17.67 -40.65 0.90
N ARG Q 28 -17.13 -41.73 0.34
CA ARG Q 28 -16.56 -42.78 1.19
C ARG Q 28 -15.37 -42.27 1.97
N GLU Q 29 -14.49 -41.48 1.35
CA GLU Q 29 -13.36 -40.93 2.08
C GLU Q 29 -13.82 -39.98 3.19
N ALA Q 30 -14.80 -39.13 2.89
CA ALA Q 30 -15.33 -38.24 3.91
C ALA Q 30 -15.97 -39.01 5.05
N ALA Q 31 -16.65 -40.12 4.73
CA ALA Q 31 -17.23 -40.95 5.77
C ALA Q 31 -16.16 -41.65 6.60
N ILE Q 32 -15.05 -42.02 5.96
CA ILE Q 32 -13.92 -42.57 6.72
C ILE Q 32 -13.42 -41.54 7.73
N LYS Q 33 -13.26 -40.29 7.29
CA LYS Q 33 -12.81 -39.26 8.23
C LYS Q 33 -13.85 -39.01 9.32
N PHE Q 34 -15.13 -39.03 8.95
CA PHE Q 34 -16.20 -38.81 9.93
C PHE Q 34 -16.18 -39.88 11.00
N CYS Q 35 -16.11 -41.15 10.60
CA CYS Q 35 -16.05 -42.24 11.58
C CYS Q 35 -14.74 -42.24 12.33
N GLU Q 36 -13.69 -41.68 11.73
CA GLU Q 36 -12.41 -41.54 12.43
C GLU Q 36 -12.54 -40.54 13.57
N ARG Q 37 -13.30 -39.47 13.35
CA ARG Q 37 -13.44 -38.47 14.42
C ARG Q 37 -14.64 -38.77 15.30
N THR Q 38 -15.80 -39.04 14.71
CA THR Q 38 -17.01 -39.27 15.51
C THR Q 38 -16.99 -40.60 16.24
N ARG Q 39 -16.41 -41.64 15.64
CA ARG Q 39 -16.24 -42.94 16.29
C ARG Q 39 -17.58 -43.60 16.65
N LEU Q 40 -18.62 -43.37 15.85
CA LEU Q 40 -19.95 -43.78 16.26
C LEU Q 40 -20.27 -45.20 15.81
N TRP Q 41 -19.86 -45.58 14.60
CA TRP Q 41 -20.21 -46.89 14.07
C TRP Q 41 -19.60 -47.99 14.93
N ARG Q 42 -20.44 -48.94 15.35
CA ARG Q 42 -20.01 -49.99 16.26
C ARG Q 42 -20.60 -51.32 15.81
N CYS Q 43 -19.85 -52.39 16.04
CA CYS Q 43 -20.32 -53.74 15.76
C CYS Q 43 -19.58 -54.72 16.66
N ASP Q 44 -20.18 -55.88 16.86
CA ASP Q 44 -19.59 -56.94 17.67
C ASP Q 44 -19.46 -58.22 16.85
N ASP Q 45 -18.45 -59.02 17.15
CA ASP Q 45 -18.22 -60.29 16.49
C ASP Q 45 -17.77 -61.33 17.51
N GLU Q 46 -18.05 -62.59 17.22
CA GLU Q 46 -17.63 -63.70 18.05
C GLU Q 46 -16.88 -64.71 17.19
N PHE Q 47 -15.73 -65.15 17.67
CA PHE Q 47 -14.93 -66.14 16.96
C PHE Q 47 -14.05 -66.87 17.95
N ASN Q 48 -13.51 -68.01 17.51
CA ASN Q 48 -12.71 -68.89 18.36
C ASN Q 48 -11.24 -68.76 18.00
N VAL Q 49 -10.39 -68.61 19.01
CA VAL Q 49 -8.95 -68.52 18.86
C VAL Q 49 -8.31 -69.60 19.71
N GLY Q 50 -7.36 -70.34 19.11
CA GLY Q 50 -6.71 -71.42 19.84
C GLY Q 50 -5.37 -71.77 19.25
N ALA Q 51 -4.51 -72.30 20.13
CA ALA Q 51 -3.21 -72.85 19.74
C ALA Q 51 -2.33 -71.81 19.06
N ASP Q 52 -2.11 -70.70 19.77
CA ASP Q 52 -1.21 -69.63 19.32
C ASP Q 52 -1.58 -69.15 17.91
N GLU Q 53 -2.85 -68.84 17.73
CA GLU Q 53 -3.36 -68.36 16.45
C GLU Q 53 -3.58 -66.86 16.51
N CYS Q 54 -2.91 -66.12 15.62
CA CYS Q 54 -3.08 -64.67 15.53
C CYS Q 54 -4.29 -64.38 14.64
N ALA Q 55 -5.48 -64.70 15.14
CA ALA Q 55 -6.68 -64.59 14.35
C ALA Q 55 -7.00 -63.14 14.03
N GLU Q 56 -7.67 -62.93 12.90
CA GLU Q 56 -8.06 -61.61 12.42
C GLU Q 56 -9.53 -61.38 12.73
N VAL Q 57 -9.89 -60.13 13.00
CA VAL Q 57 -11.28 -59.81 13.31
C VAL Q 57 -12.14 -59.92 12.06
N ALA Q 58 -13.40 -60.27 12.26
CA ALA Q 58 -14.38 -60.35 11.18
C ALA Q 58 -15.32 -59.15 11.27
N VAL Q 59 -15.49 -58.46 10.15
CA VAL Q 59 -16.28 -57.23 10.11
C VAL Q 59 -17.21 -57.28 8.91
N PRO Q 60 -18.26 -56.47 8.86
CA PRO Q 60 -19.10 -56.42 7.66
C PRO Q 60 -18.27 -56.08 6.43
N TYR Q 61 -18.66 -56.66 5.29
CA TYR Q 61 -17.81 -56.67 4.11
C TYR Q 61 -17.49 -55.25 3.63
N GLY Q 62 -18.50 -54.38 3.62
CA GLY Q 62 -18.28 -53.01 3.20
C GLY Q 62 -17.80 -52.12 4.32
N ALA Q 63 -16.88 -52.61 5.14
CA ALA Q 63 -16.37 -51.85 6.28
C ALA Q 63 -15.05 -52.43 6.72
N ALA Q 64 -14.33 -51.66 7.53
CA ALA Q 64 -13.07 -52.10 8.12
C ALA Q 64 -13.08 -51.72 9.60
N LEU Q 65 -12.34 -52.50 10.39
CA LEU Q 65 -12.29 -52.29 11.83
C LEU Q 65 -11.33 -51.14 12.13
N TYR Q 66 -11.89 -50.00 12.55
CA TYR Q 66 -11.05 -48.88 12.95
C TYR Q 66 -10.26 -49.21 14.20
N GLU Q 67 -10.94 -49.70 15.24
CA GLU Q 67 -10.38 -49.60 16.58
C GLU Q 67 -11.26 -50.41 17.51
N MET Q 68 -10.62 -51.13 18.44
CA MET Q 68 -11.32 -52.03 19.36
C MET Q 68 -11.74 -51.24 20.59
N GLU Q 69 -13.05 -50.98 20.70
CA GLU Q 69 -13.57 -50.33 21.88
C GLU Q 69 -13.35 -51.18 23.13
N LEU Q 70 -13.60 -52.48 23.01
CA LEU Q 70 -13.46 -53.39 24.14
C LEU Q 70 -13.32 -54.81 23.61
N VAL Q 71 -12.52 -55.61 24.31
CA VAL Q 71 -12.26 -56.99 23.94
C VAL Q 71 -12.56 -57.89 25.12
N GLN Q 72 -13.30 -58.96 24.89
CA GLN Q 72 -13.62 -59.96 25.90
C GLN Q 72 -13.13 -61.32 25.44
N PHE Q 73 -12.43 -62.01 26.33
CA PHE Q 73 -12.05 -63.40 26.12
C PHE Q 73 -12.92 -64.28 26.99
N ASN Q 74 -13.66 -65.20 26.36
CA ASN Q 74 -14.47 -66.23 27.01
C ASN Q 74 -15.12 -65.74 28.30
N GLY Q 75 -15.63 -64.51 28.26
CA GLY Q 75 -16.32 -63.92 29.40
C GLY Q 75 -15.48 -63.07 30.31
N ARG Q 76 -14.25 -62.74 29.93
CA ARG Q 76 -13.37 -61.92 30.75
C ARG Q 76 -13.08 -60.59 30.06
N ASN Q 77 -13.30 -59.50 30.78
CA ASN Q 77 -13.03 -58.15 30.27
C ASN Q 77 -11.53 -57.91 30.33
N MET Q 78 -10.88 -57.85 29.16
CA MET Q 78 -9.43 -57.83 29.13
C MET Q 78 -8.90 -56.39 29.08
N ARG Q 79 -7.62 -56.25 29.44
CA ARG Q 79 -6.97 -54.94 29.45
C ARG Q 79 -5.95 -54.85 28.32
N PRO Q 80 -6.19 -54.05 27.29
CA PRO Q 80 -5.20 -53.94 26.19
C PRO Q 80 -3.95 -53.20 26.65
N VAL Q 81 -2.80 -53.63 26.13
CA VAL Q 81 -1.51 -53.00 26.39
C VAL Q 81 -0.73 -52.93 25.09
N SER Q 82 0.19 -51.97 25.00
CA SER Q 82 1.10 -51.91 23.87
C SER Q 82 2.15 -53.00 23.99
N THR Q 83 2.75 -53.36 22.85
CA THR Q 83 3.72 -54.44 22.85
C THR Q 83 4.95 -54.08 23.69
N GLN Q 84 5.37 -52.81 23.67
CA GLN Q 84 6.51 -52.40 24.48
C GLN Q 84 6.21 -52.54 25.96
N TRP Q 85 4.96 -52.30 26.35
CA TRP Q 85 4.58 -52.49 27.75
C TRP Q 85 4.74 -53.95 28.16
N LEU Q 86 4.40 -54.89 27.28
CA LEU Q 86 4.66 -56.29 27.57
C LEU Q 86 6.16 -56.56 27.64
N ASP Q 87 6.92 -56.04 26.67
CA ASP Q 87 8.35 -56.28 26.66
C ASP Q 87 9.00 -55.81 27.96
N GLU Q 88 8.51 -54.71 28.51
CA GLU Q 88 9.06 -54.22 29.78
C GLU Q 88 8.54 -55.06 30.95
N GLN Q 89 7.22 -55.15 31.11
CA GLN Q 89 6.65 -55.81 32.28
C GLN Q 89 6.79 -57.34 32.19
N VAL Q 90 6.48 -57.92 31.04
CA VAL Q 90 6.41 -59.38 30.94
C VAL Q 90 7.45 -59.90 29.95
N PRO Q 91 8.61 -60.33 30.42
CA PRO Q 91 9.59 -60.92 29.51
C PRO Q 91 9.11 -62.25 28.96
N ASP Q 92 9.79 -62.68 27.89
CA ASP Q 92 9.53 -63.97 27.26
C ASP Q 92 8.10 -64.07 26.73
N TRP Q 93 7.49 -62.93 26.40
CA TRP Q 93 6.16 -62.96 25.78
C TRP Q 93 6.18 -63.69 24.45
N ARG Q 94 7.24 -63.47 23.65
CA ARG Q 94 7.30 -64.07 22.34
C ARG Q 94 7.84 -65.50 22.40
N THR Q 95 8.81 -65.73 23.28
CA THR Q 95 9.49 -67.02 23.33
C THR Q 95 8.59 -68.11 23.92
N THR Q 96 7.87 -67.80 24.99
CA THR Q 96 7.14 -68.83 25.71
C THR Q 96 5.97 -69.36 24.89
N THR Q 97 5.61 -70.61 25.15
CA THR Q 97 4.44 -71.24 24.54
C THR Q 97 3.44 -71.72 25.57
N GLN Q 98 3.66 -71.41 26.85
CA GLN Q 98 2.79 -71.91 27.91
C GLN Q 98 1.40 -71.30 27.80
N SER Q 99 0.39 -72.13 28.01
CA SER Q 99 -0.99 -71.66 28.01
C SER Q 99 -1.46 -71.37 29.43
N GLY Q 100 -2.15 -70.25 29.58
CA GLY Q 100 -2.67 -69.85 30.88
C GLY Q 100 -3.83 -68.89 30.71
N GLN Q 101 -4.45 -68.55 31.82
CA GLN Q 101 -5.59 -67.64 31.80
C GLN Q 101 -5.20 -66.30 31.20
N ALA Q 102 -5.89 -65.90 30.13
CA ALA Q 102 -5.50 -64.72 29.37
C ALA Q 102 -5.69 -63.45 30.18
N GLN Q 103 -4.71 -62.56 30.09
CA GLN Q 103 -4.72 -61.31 30.85
C GLN Q 103 -4.59 -60.06 30.01
N TYR Q 104 -3.82 -60.09 28.92
CA TYR Q 104 -3.48 -58.88 28.19
C TYR Q 104 -3.63 -59.12 26.69
N VAL Q 105 -4.07 -58.08 25.96
CA VAL Q 105 -4.24 -58.13 24.52
C VAL Q 105 -3.24 -57.20 23.86
N THR Q 106 -2.61 -57.67 22.78
CA THR Q 106 -1.64 -56.89 22.03
C THR Q 106 -1.92 -57.07 20.54
N GLN Q 107 -1.76 -56.00 19.77
CA GLN Q 107 -2.01 -56.03 18.33
C GLN Q 107 -0.70 -55.89 17.58
N GLN Q 108 -0.12 -57.03 17.20
CA GLN Q 108 1.10 -57.02 16.42
C GLN Q 108 0.86 -56.45 15.03
N SER Q 109 -0.16 -56.94 14.34
CA SER Q 109 -0.54 -56.46 13.02
C SER Q 109 -1.56 -55.33 13.14
N GLU Q 110 -2.20 -55.03 12.01
CA GLU Q 110 -3.26 -54.03 12.02
C GLU Q 110 -4.60 -54.64 12.45
N ASP Q 111 -4.85 -55.89 12.09
CA ASP Q 111 -6.14 -56.52 12.35
C ASP Q 111 -6.03 -57.82 13.14
N THR Q 112 -4.82 -58.20 13.55
CA THR Q 112 -4.61 -59.42 14.33
C THR Q 112 -4.27 -59.06 15.76
N LEU Q 113 -5.03 -59.62 16.70
CA LEU Q 113 -4.87 -59.35 18.12
C LEU Q 113 -4.35 -60.60 18.80
N THR Q 114 -3.39 -60.41 19.71
CA THR Q 114 -2.70 -61.50 20.38
C THR Q 114 -2.79 -61.33 21.88
N PHE Q 115 -2.99 -62.42 22.60
CA PHE Q 115 -3.03 -62.43 24.06
C PHE Q 115 -1.68 -62.96 24.57
N VAL Q 116 -1.16 -62.35 25.63
CA VAL Q 116 0.09 -62.86 26.22
C VAL Q 116 -0.06 -64.26 26.81
N PRO Q 117 -1.16 -64.63 27.51
CA PRO Q 117 -1.45 -66.06 27.66
C PRO Q 117 -2.37 -66.55 26.54
N ALA Q 118 -1.92 -67.50 25.74
CA ALA Q 118 -2.78 -68.02 24.67
C ALA Q 118 -3.58 -69.22 25.16
N GLU Q 119 -4.84 -69.29 24.73
CA GLU Q 119 -5.69 -70.43 25.01
C GLU Q 119 -6.50 -70.79 23.77
N ALA Q 120 -7.37 -71.77 23.93
CA ALA Q 120 -8.41 -72.08 22.96
C ALA Q 120 -9.75 -71.64 23.57
N GLY Q 121 -10.19 -70.44 23.24
CA GLY Q 121 -11.40 -69.90 23.84
C GLY Q 121 -12.09 -68.91 22.94
N SER Q 122 -13.38 -68.71 23.21
CA SER Q 122 -14.16 -67.78 22.42
C SER Q 122 -13.71 -66.34 22.68
N VAL Q 123 -13.65 -65.55 21.61
CA VAL Q 123 -13.24 -64.16 21.68
C VAL Q 123 -14.40 -63.29 21.19
N ARG Q 124 -14.84 -62.37 22.03
CA ARG Q 124 -15.86 -61.40 21.68
C ARG Q 124 -15.23 -60.01 21.63
N VAL Q 125 -15.34 -59.35 20.49
CA VAL Q 125 -14.73 -58.04 20.29
C VAL Q 125 -15.83 -57.04 19.99
N TYR Q 126 -15.88 -55.96 20.78
CA TYR Q 126 -16.74 -54.82 20.53
C TYR Q 126 -15.87 -53.66 20.10
N GLY Q 127 -15.83 -53.38 18.82
CA GLY Q 127 -14.92 -52.37 18.29
C GLY Q 127 -15.63 -51.43 17.34
N LEU Q 128 -15.15 -50.19 17.32
CA LEU Q 128 -15.68 -49.18 16.41
C LEU Q 128 -15.41 -49.60 14.97
N LEU Q 129 -16.33 -49.22 14.08
CA LEU Q 129 -16.23 -49.57 12.68
C LEU Q 129 -15.91 -48.35 11.85
N LYS Q 130 -15.33 -48.60 10.68
CA LYS Q 130 -14.93 -47.59 9.72
C LYS Q 130 -15.24 -48.08 8.32
N PRO Q 131 -15.98 -47.29 7.53
CA PRO Q 131 -16.28 -47.72 6.16
C PRO Q 131 -15.01 -47.89 5.34
N THR Q 132 -15.01 -48.90 4.48
CA THR Q 132 -13.86 -49.12 3.62
C THR Q 132 -13.84 -48.09 2.50
N LEU Q 133 -12.73 -48.08 1.76
CA LEU Q 133 -12.58 -47.10 0.68
C LEU Q 133 -13.56 -47.36 -0.45
N ASP Q 134 -14.02 -48.61 -0.59
CA ASP Q 134 -14.96 -48.99 -1.65
C ASP Q 134 -16.14 -49.77 -1.06
N ALA Q 135 -17.10 -49.03 -0.49
CA ALA Q 135 -18.32 -49.61 0.07
C ALA Q 135 -19.51 -49.01 -0.67
N ASP Q 136 -20.33 -49.88 -1.26
CA ASP Q 136 -21.45 -49.40 -2.05
C ASP Q 136 -22.49 -48.71 -1.18
N SER Q 137 -22.77 -49.26 0.00
CA SER Q 137 -23.81 -48.73 0.88
C SER Q 137 -23.19 -48.37 2.22
N LEU Q 138 -23.39 -47.12 2.63
CA LEU Q 138 -22.96 -46.69 3.95
C LEU Q 138 -23.98 -47.14 5.01
N PRO Q 139 -23.55 -47.27 6.26
CA PRO Q 139 -24.49 -47.63 7.32
C PRO Q 139 -25.54 -46.55 7.51
N ASP Q 140 -26.61 -46.94 8.21
CA ASP Q 140 -27.80 -46.09 8.28
C ASP Q 140 -27.53 -44.79 9.02
N LEU Q 141 -26.69 -44.84 10.07
CA LEU Q 141 -26.47 -43.64 10.87
C LEU Q 141 -25.73 -42.57 10.07
N LEU Q 142 -24.80 -42.99 9.20
CA LEU Q 142 -24.09 -42.03 8.37
C LEU Q 142 -25.03 -41.36 7.37
N ALA Q 143 -25.87 -42.15 6.70
CA ALA Q 143 -26.63 -41.61 5.58
C ALA Q 143 -27.91 -40.92 6.06
N ASP Q 144 -28.72 -41.60 6.85
CA ASP Q 144 -30.04 -41.07 7.19
C ASP Q 144 -29.92 -39.86 8.13
N THR Q 145 -29.08 -39.95 9.15
CA THR Q 145 -29.05 -38.95 10.20
C THR Q 145 -28.02 -37.85 9.97
N TYR Q 146 -26.83 -38.18 9.49
CA TYR Q 146 -25.74 -37.22 9.31
C TYR Q 146 -25.34 -37.11 7.85
N ARG Q 147 -26.33 -36.98 6.98
CA ARG Q 147 -26.06 -36.83 5.55
C ARG Q 147 -25.29 -35.55 5.27
N LYS Q 148 -25.67 -34.45 5.94
CA LYS Q 148 -25.12 -33.15 5.60
C LYS Q 148 -23.63 -33.07 5.88
N THR Q 149 -23.17 -33.66 6.97
CA THR Q 149 -21.75 -33.53 7.34
C THR Q 149 -20.85 -34.26 6.36
N ILE Q 150 -21.17 -35.52 6.05
CA ILE Q 150 -20.38 -36.27 5.08
C ILE Q 150 -20.49 -35.63 3.70
N ALA Q 151 -21.67 -35.09 3.39
CA ALA Q 151 -21.84 -34.36 2.14
C ALA Q 151 -20.92 -33.14 2.10
N ASP Q 152 -20.78 -32.44 3.22
CA ASP Q 152 -19.90 -31.28 3.28
C ASP Q 152 -18.46 -31.68 3.04
N GLY Q 153 -18.02 -32.76 3.68
CA GLY Q 153 -16.66 -33.24 3.44
C GLY Q 153 -16.43 -33.62 2.00
N ALA Q 154 -17.35 -34.40 1.42
CA ALA Q 154 -17.20 -34.79 0.02
C ALA Q 154 -17.22 -33.58 -0.90
N LEU Q 155 -18.08 -32.59 -0.59
CA LEU Q 155 -18.13 -31.39 -1.42
C LEU Q 155 -16.80 -30.64 -1.35
N SER Q 156 -16.17 -30.61 -0.18
CA SER Q 156 -14.82 -30.06 -0.11
C SER Q 156 -13.89 -30.80 -1.06
N GLU Q 157 -13.85 -32.13 -0.97
CA GLU Q 157 -12.92 -32.90 -1.78
C GLU Q 157 -13.16 -32.70 -3.27
N LEU Q 158 -14.42 -32.61 -3.69
CA LEU Q 158 -14.69 -32.33 -5.11
C LEU Q 158 -14.31 -30.91 -5.50
N LEU Q 159 -14.70 -29.92 -4.69
CA LEU Q 159 -14.45 -28.54 -5.08
C LEU Q 159 -12.97 -28.24 -5.11
N ILE Q 160 -12.15 -29.12 -4.53
CA ILE Q 160 -10.70 -28.95 -4.62
C ILE Q 160 -10.19 -29.18 -6.05
N ILE Q 161 -10.72 -30.17 -6.76
CA ILE Q 161 -10.08 -30.69 -7.98
C ILE Q 161 -9.97 -29.61 -9.04
N PRO Q 162 -8.89 -29.58 -9.81
CA PRO Q 162 -8.60 -28.42 -10.67
C PRO Q 162 -9.17 -28.56 -12.07
N GLY Q 163 -9.04 -27.46 -12.81
CA GLY Q 163 -9.34 -27.43 -14.24
C GLY Q 163 -10.79 -27.66 -14.59
N LYS Q 164 -11.72 -27.09 -13.83
CA LYS Q 164 -13.14 -27.28 -14.09
C LYS Q 164 -13.88 -25.99 -13.75
N ALA Q 165 -15.12 -25.89 -14.25
CA ALA Q 165 -16.05 -24.89 -13.74
C ALA Q 165 -16.41 -25.21 -12.29
N TRP Q 166 -16.07 -26.42 -11.85
CA TRP Q 166 -16.32 -26.85 -10.48
C TRP Q 166 -15.47 -26.07 -9.49
N MET Q 167 -14.26 -25.70 -9.90
CA MET Q 167 -13.25 -25.18 -8.97
C MET Q 167 -13.70 -23.85 -8.38
N SER Q 168 -13.66 -23.77 -7.05
CA SER Q 168 -13.91 -22.52 -6.34
C SER Q 168 -13.27 -22.66 -4.97
N ALA Q 169 -12.13 -21.97 -4.77
CA ALA Q 169 -11.36 -22.16 -3.55
C ALA Q 169 -12.12 -21.71 -2.32
N ASP Q 170 -12.81 -20.56 -2.40
CA ASP Q 170 -13.52 -20.05 -1.24
C ASP Q 170 -14.61 -21.02 -0.80
N LEU Q 171 -15.36 -21.57 -1.75
CA LEU Q 171 -16.43 -22.51 -1.41
C LEU Q 171 -15.85 -23.77 -0.79
N ALA Q 172 -14.74 -24.27 -1.33
CA ALA Q 172 -14.11 -25.45 -0.78
C ALA Q 172 -13.64 -25.20 0.65
N VAL Q 173 -13.05 -24.03 0.91
CA VAL Q 173 -12.61 -23.71 2.26
C VAL Q 173 -13.80 -23.62 3.20
N PHE Q 174 -14.88 -22.98 2.76
CA PHE Q 174 -16.08 -22.86 3.57
C PHE Q 174 -16.65 -24.22 3.93
N PHE Q 175 -16.74 -25.12 2.94
CA PHE Q 175 -17.29 -26.44 3.20
C PHE Q 175 -16.37 -27.27 4.09
N GLY Q 176 -15.05 -27.15 3.90
CA GLY Q 176 -14.13 -27.85 4.78
C GLY Q 176 -14.23 -27.38 6.22
N THR Q 177 -14.35 -26.06 6.42
CA THR Q 177 -14.50 -25.54 7.77
C THR Q 177 -15.81 -26.00 8.41
N ARG Q 178 -16.90 -26.01 7.63
CA ARG Q 178 -18.15 -26.53 8.17
C ARG Q 178 -18.03 -28.00 8.55
N PHE Q 179 -17.37 -28.80 7.70
CA PHE Q 179 -17.16 -30.21 8.01
C PHE Q 179 -16.36 -30.36 9.29
N ASP Q 180 -15.29 -29.57 9.44
CA ASP Q 180 -14.47 -29.65 10.63
C ASP Q 180 -15.27 -29.29 11.88
N ARG Q 181 -16.06 -28.21 11.81
CA ARG Q 181 -16.84 -27.79 12.97
C ARG Q 181 -17.90 -28.82 13.34
N GLU Q 182 -18.57 -29.39 12.35
CA GLU Q 182 -19.58 -30.40 12.65
C GLU Q 182 -18.96 -31.64 13.25
N LEU Q 183 -17.83 -32.10 12.70
CA LEU Q 183 -17.11 -33.21 13.29
C LEU Q 183 -16.71 -32.88 14.72
N ASP Q 184 -16.29 -31.63 14.97
CA ASP Q 184 -15.87 -31.24 16.30
C ASP Q 184 -17.04 -31.28 17.28
N ARG Q 185 -18.21 -30.82 16.86
CA ARG Q 185 -19.37 -30.89 17.74
C ARG Q 185 -19.78 -32.32 18.01
N LEU Q 186 -19.71 -33.20 17.02
CA LEU Q 186 -20.12 -34.58 17.19
C LEU Q 186 -19.04 -35.47 17.80
N SER Q 187 -17.84 -34.92 18.04
CA SER Q 187 -16.74 -35.73 18.57
C SER Q 187 -17.09 -36.40 19.90
N THR Q 188 -17.93 -35.75 20.71
CA THR Q 188 -18.24 -36.25 22.05
C THR Q 188 -19.36 -37.29 22.07
N LYS Q 189 -19.96 -37.60 20.93
CA LYS Q 189 -21.17 -38.42 20.92
C LYS Q 189 -20.89 -39.84 21.41
N THR Q 190 -19.62 -40.27 21.36
CA THR Q 190 -19.27 -41.59 21.88
C THR Q 190 -19.55 -41.70 23.37
N ILE Q 191 -19.01 -40.75 24.14
CA ILE Q 191 -19.27 -40.75 25.58
C ILE Q 191 -20.72 -40.37 25.85
N LYS Q 192 -21.23 -39.38 25.12
CA LYS Q 192 -22.54 -38.84 25.44
C LYS Q 192 -23.66 -39.70 24.87
N GLY Q 193 -23.69 -39.85 23.55
CA GLY Q 193 -24.83 -40.48 22.92
C GLY Q 193 -26.01 -39.55 22.87
N GLN Q 194 -27.15 -40.10 22.46
CA GLN Q 194 -28.40 -39.36 22.47
C GLN Q 194 -29.04 -39.35 23.86
N GLN Q 195 -28.44 -40.04 24.82
CA GLN Q 195 -29.00 -40.18 26.16
C GLN Q 195 -28.49 -39.14 27.14
N ARG Q 196 -27.57 -38.27 26.72
CA ARG Q 196 -27.01 -37.20 27.56
C ARG Q 196 -26.22 -37.76 28.74
N ALA Q 197 -25.49 -38.84 28.53
CA ALA Q 197 -24.63 -39.36 29.57
C ALA Q 197 -23.50 -38.36 29.86
N PRO Q 198 -23.29 -37.99 31.12
CA PRO Q 198 -22.29 -36.97 31.43
C PRO Q 198 -20.87 -37.48 31.21
N VAL Q 199 -19.96 -36.54 31.00
CA VAL Q 199 -18.54 -36.83 30.80
C VAL Q 199 -17.81 -36.47 32.09
N ARG Q 200 -17.23 -37.47 32.75
CA ARG Q 200 -16.57 -37.29 34.04
C ARG Q 200 -15.18 -37.90 34.00
N THR Q 201 -14.19 -37.13 34.45
CA THR Q 201 -12.82 -37.60 34.46
C THR Q 201 -12.61 -38.68 35.52
N ARG Q 202 -11.91 -39.74 35.13
CA ARG Q 202 -11.54 -40.77 36.08
C ARG Q 202 -10.54 -40.23 37.10
N ALA Q 203 -10.75 -40.59 38.37
CA ALA Q 203 -9.94 -40.08 39.48
C ALA Q 203 -8.96 -41.13 39.93
N GLN Q 204 -7.71 -40.74 40.13
CA GLN Q 204 -6.66 -41.62 40.61
C GLN Q 204 -6.24 -41.22 42.02
N PHE Q 205 -6.22 -42.18 42.93
CA PHE Q 205 -5.84 -41.93 44.31
C PHE Q 205 -4.56 -42.68 44.66
N LYS R 2 -53.07 1.79 13.71
CA LYS R 2 -53.12 0.33 13.82
C LYS R 2 -52.63 -0.40 12.56
N PRO R 3 -53.12 -0.02 11.36
CA PRO R 3 -52.60 -0.64 10.15
C PRO R 3 -51.18 -0.19 9.87
N LEU R 4 -50.51 -0.94 8.99
CA LEU R 4 -49.10 -0.69 8.67
C LEU R 4 -48.92 0.42 7.65
N ASP R 5 -50.01 0.95 7.10
CA ASP R 5 -49.88 2.03 6.13
C ASP R 5 -49.31 3.29 6.77
N VAL R 6 -49.34 3.37 8.10
CA VAL R 6 -48.66 4.47 8.78
C VAL R 6 -47.16 4.23 8.80
N PHE R 7 -46.75 2.95 8.78
CA PHE R 7 -45.33 2.63 8.64
C PHE R 7 -44.86 2.86 7.22
N MET R 8 -45.78 2.72 6.26
CA MET R 8 -45.41 2.80 4.84
C MET R 8 -44.69 4.07 4.43
N PRO R 9 -45.09 5.28 4.86
CA PRO R 9 -44.39 6.48 4.35
C PRO R 9 -42.90 6.51 4.61
N ILE R 10 -42.44 6.03 5.77
CA ILE R 10 -41.00 6.02 6.04
C ILE R 10 -40.28 5.13 5.04
N ILE R 11 -40.80 3.92 4.81
CA ILE R 11 -40.17 3.00 3.89
C ILE R 11 -40.15 3.59 2.49
N HIS R 12 -41.30 4.09 2.01
CA HIS R 12 -41.32 4.64 0.66
C HIS R 12 -40.50 5.93 0.56
N ARG R 13 -40.17 6.54 1.70
CA ARG R 13 -39.24 7.66 1.69
C ARG R 13 -37.81 7.16 1.50
N PHE R 14 -37.48 6.02 2.09
CA PHE R 14 -36.12 5.49 1.90
C PHE R 14 -36.05 4.45 0.79
N ALA R 15 -37.00 3.52 0.76
CA ALA R 15 -37.11 2.59 -0.36
C ALA R 15 -38.30 3.00 -1.22
N PRO R 16 -38.06 3.63 -2.37
CA PRO R 16 -39.12 4.42 -3.02
C PRO R 16 -40.36 3.62 -3.41
N GLY R 17 -40.22 2.58 -4.20
CA GLY R 17 -41.36 1.86 -4.71
C GLY R 17 -41.56 0.46 -4.19
N CYS R 18 -41.46 0.26 -2.87
CA CYS R 18 -41.52 -1.09 -2.33
C CYS R 18 -42.90 -1.71 -2.54
N PRO R 19 -42.98 -2.94 -3.01
CA PRO R 19 -44.26 -3.65 -3.00
C PRO R 19 -44.79 -3.73 -1.57
N GLU R 20 -46.08 -3.45 -1.41
CA GLU R 20 -46.63 -3.35 -0.07
C GLU R 20 -46.72 -4.69 0.67
N PRO R 21 -46.98 -5.83 0.04
CA PRO R 21 -46.91 -7.09 0.81
C PRO R 21 -45.52 -7.37 1.38
N THR R 22 -44.46 -7.14 0.60
CA THR R 22 -43.11 -7.38 1.10
C THR R 22 -42.77 -6.41 2.22
N ALA R 23 -43.14 -5.14 2.06
CA ALA R 23 -42.91 -4.17 3.12
C ALA R 23 -43.69 -4.55 4.38
N PHE R 24 -44.93 -5.01 4.21
CA PHE R 24 -45.71 -5.47 5.35
C PHE R 24 -45.00 -6.60 6.08
N ALA R 25 -44.52 -7.59 5.33
CA ALA R 25 -43.83 -8.71 5.95
C ALA R 25 -42.59 -8.25 6.70
N ALA R 26 -41.81 -7.36 6.08
CA ALA R 26 -40.61 -6.87 6.74
C ALA R 26 -40.93 -6.09 8.01
N ILE R 27 -41.99 -5.29 7.98
CA ILE R 27 -42.40 -4.55 9.18
C ILE R 27 -42.82 -5.51 10.27
N ARG R 28 -43.56 -6.56 9.93
CA ARG R 28 -43.98 -7.53 10.93
C ARG R 28 -42.80 -8.24 11.55
N GLU R 29 -41.82 -8.65 10.74
CA GLU R 29 -40.65 -9.34 11.30
C GLU R 29 -39.80 -8.39 12.15
N ALA R 30 -39.66 -7.13 11.71
CA ALA R 30 -38.94 -6.16 12.53
C ALA R 30 -39.64 -5.93 13.86
N ALA R 31 -40.98 -5.87 13.85
CA ALA R 31 -41.73 -5.73 15.09
C ALA R 31 -41.59 -6.98 15.96
N ILE R 32 -41.46 -8.14 15.33
CA ILE R 32 -41.19 -9.36 16.08
C ILE R 32 -39.88 -9.23 16.85
N LYS R 33 -38.84 -8.76 16.17
CA LYS R 33 -37.56 -8.56 16.83
C LYS R 33 -37.67 -7.51 17.93
N PHE R 34 -38.42 -6.43 17.66
CA PHE R 34 -38.61 -5.37 18.64
C PHE R 34 -39.26 -5.92 19.90
N CYS R 35 -40.30 -6.73 19.75
CA CYS R 35 -41.00 -7.26 20.91
C CYS R 35 -40.17 -8.34 21.61
N GLU R 36 -39.30 -9.03 20.87
CA GLU R 36 -38.38 -9.95 21.52
C GLU R 36 -37.40 -9.21 22.42
N ARG R 37 -36.91 -8.06 21.98
CA ARG R 37 -35.94 -7.33 22.79
C ARG R 37 -36.62 -6.43 23.81
N THR R 38 -37.59 -5.63 23.38
CA THR R 38 -38.23 -4.67 24.27
C THR R 38 -39.19 -5.30 25.27
N ARG R 39 -39.98 -6.27 24.85
CA ARG R 39 -40.91 -7.01 25.72
C ARG R 39 -42.02 -6.11 26.29
N LEU R 40 -42.39 -5.05 25.59
CA LEU R 40 -43.41 -4.14 26.12
C LEU R 40 -44.82 -4.73 26.01
N TRP R 41 -45.15 -5.35 24.88
CA TRP R 41 -46.53 -5.75 24.63
C TRP R 41 -46.97 -6.80 25.65
N ARG R 42 -48.12 -6.55 26.28
CA ARG R 42 -48.61 -7.41 27.34
C ARG R 42 -50.12 -7.59 27.21
N CYS R 43 -50.61 -8.74 27.69
CA CYS R 43 -52.04 -9.00 27.74
C CYS R 43 -52.31 -10.06 28.80
N ASP R 44 -53.57 -10.14 29.23
CA ASP R 44 -54.00 -11.14 30.20
C ASP R 44 -55.11 -11.99 29.60
N ASP R 45 -55.18 -13.25 30.04
CA ASP R 45 -56.24 -14.17 29.63
C ASP R 45 -56.64 -15.04 30.80
N GLU R 46 -57.90 -15.44 30.83
CA GLU R 46 -58.44 -16.32 31.85
C GLU R 46 -59.08 -17.52 31.19
N PHE R 47 -58.77 -18.71 31.69
CA PHE R 47 -59.31 -19.94 31.15
C PHE R 47 -59.26 -21.02 32.21
N ASN R 48 -60.01 -22.09 31.98
CA ASN R 48 -60.16 -23.16 32.95
C ASN R 48 -59.32 -24.36 32.53
N VAL R 49 -58.59 -24.93 33.48
CA VAL R 49 -57.75 -26.10 33.26
C VAL R 49 -58.09 -27.14 34.31
N GLY R 50 -58.27 -28.39 33.86
CA GLY R 50 -58.60 -29.45 34.78
C GLY R 50 -58.41 -30.82 34.19
N ALA R 51 -58.23 -31.79 35.07
CA ALA R 51 -58.14 -33.22 34.72
C ALA R 51 -56.99 -33.48 33.76
N ASP R 52 -55.78 -33.13 34.19
CA ASP R 52 -54.55 -33.42 33.46
C ASP R 52 -54.61 -32.93 32.01
N GLU R 53 -55.12 -31.72 31.83
CA GLU R 53 -55.25 -31.11 30.51
C GLU R 53 -54.12 -30.12 30.30
N CYS R 54 -53.32 -30.35 29.25
CA CYS R 54 -52.25 -29.43 28.89
C CYS R 54 -52.84 -28.31 28.04
N ALA R 55 -53.57 -27.40 28.69
CA ALA R 55 -54.29 -26.35 27.98
C ALA R 55 -53.33 -25.38 27.31
N GLU R 56 -53.80 -24.76 26.23
CA GLU R 56 -53.02 -23.82 25.45
C GLU R 56 -53.49 -22.40 25.75
N VAL R 57 -52.55 -21.45 25.68
CA VAL R 57 -52.89 -20.07 25.99
C VAL R 57 -53.72 -19.47 24.86
N ALA R 58 -54.59 -18.52 25.22
CA ALA R 58 -55.39 -17.78 24.26
C ALA R 58 -54.86 -16.35 24.16
N VAL R 59 -54.60 -15.92 22.93
CA VAL R 59 -54.00 -14.61 22.69
C VAL R 59 -54.75 -13.93 21.55
N PRO R 60 -54.64 -12.62 21.38
CA PRO R 60 -55.28 -11.97 20.23
C PRO R 60 -54.79 -12.59 18.92
N TYR R 61 -55.70 -12.63 17.96
CA TYR R 61 -55.50 -13.45 16.76
C TYR R 61 -54.26 -13.03 15.99
N GLY R 62 -54.04 -11.73 15.85
CA GLY R 62 -52.86 -11.26 15.15
C GLY R 62 -51.65 -11.11 16.04
N ALA R 63 -51.43 -12.09 16.92
CA ALA R 63 -50.31 -12.03 17.86
C ALA R 63 -50.03 -13.44 18.36
N ALA R 64 -48.85 -13.59 18.97
CA ALA R 64 -48.44 -14.85 19.58
C ALA R 64 -47.84 -14.56 20.95
N LEU R 65 -47.93 -15.55 21.83
CA LEU R 65 -47.44 -15.42 23.20
C LEU R 65 -45.94 -15.64 23.19
N TYR R 66 -45.17 -14.57 23.35
CA TYR R 66 -43.71 -14.70 23.39
C TYR R 66 -43.23 -15.27 24.71
N GLU R 67 -43.78 -14.80 25.83
CA GLU R 67 -43.19 -15.13 27.12
C GLU R 67 -44.23 -14.82 28.19
N MET R 68 -44.22 -15.62 29.25
CA MET R 68 -45.19 -15.51 30.33
C MET R 68 -44.55 -14.77 31.50
N GLU R 69 -44.95 -13.52 31.69
CA GLU R 69 -44.40 -12.73 32.79
C GLU R 69 -44.78 -13.31 34.14
N LEU R 70 -46.04 -13.70 34.31
CA LEU R 70 -46.51 -14.24 35.57
C LEU R 70 -47.73 -15.11 35.31
N VAL R 71 -47.78 -16.26 35.99
CA VAL R 71 -48.88 -17.21 35.88
C VAL R 71 -49.54 -17.35 37.23
N GLN R 72 -50.86 -17.22 37.27
CA GLN R 72 -51.63 -17.37 38.50
C GLN R 72 -52.67 -18.47 38.30
N PHE R 73 -52.68 -19.43 39.22
CA PHE R 73 -53.71 -20.46 39.28
C PHE R 73 -54.67 -20.10 40.41
N ASN R 74 -55.95 -19.92 40.07
CA ASN R 74 -57.05 -19.64 41.00
C ASN R 74 -56.63 -18.73 42.17
N GLY R 75 -55.85 -17.71 41.85
CA GLY R 75 -55.48 -16.70 42.83
C GLY R 75 -54.15 -16.90 43.52
N ARG R 76 -53.31 -17.81 43.03
CA ARG R 76 -52.01 -18.08 43.63
C ARG R 76 -50.90 -17.68 42.67
N ASN R 77 -49.98 -16.83 43.13
CA ASN R 77 -48.81 -16.46 42.34
C ASN R 77 -47.91 -17.68 42.23
N MET R 78 -47.82 -18.24 41.02
CA MET R 78 -47.17 -19.52 40.84
C MET R 78 -45.69 -19.34 40.55
N ARG R 79 -44.91 -20.37 40.87
CA ARG R 79 -43.47 -20.35 40.68
C ARG R 79 -43.11 -21.18 39.45
N PRO R 80 -42.67 -20.57 38.35
CA PRO R 80 -42.29 -21.36 37.17
C PRO R 80 -41.00 -22.12 37.42
N VAL R 81 -40.93 -23.34 36.90
CA VAL R 81 -39.75 -24.20 37.03
C VAL R 81 -39.46 -24.84 35.70
N SER R 82 -38.19 -25.18 35.48
CA SER R 82 -37.82 -25.95 34.31
C SER R 82 -38.21 -27.41 34.48
N THR R 83 -38.37 -28.12 33.36
CA THR R 83 -38.77 -29.51 33.43
C THR R 83 -37.69 -30.37 34.08
N GLN R 84 -36.41 -30.06 33.83
CA GLN R 84 -35.34 -30.79 34.50
C GLN R 84 -35.33 -30.50 36.00
N TRP R 85 -35.73 -29.28 36.39
CA TRP R 85 -35.78 -28.96 37.81
C TRP R 85 -36.81 -29.83 38.52
N LEU R 86 -37.99 -30.03 37.90
CA LEU R 86 -38.95 -30.98 38.45
C LEU R 86 -38.38 -32.39 38.43
N ASP R 87 -37.69 -32.76 37.34
CA ASP R 87 -37.11 -34.09 37.25
C ASP R 87 -36.20 -34.37 38.44
N GLU R 88 -35.42 -33.38 38.85
CA GLU R 88 -34.55 -33.57 40.00
C GLU R 88 -35.33 -33.53 41.31
N GLN R 89 -36.00 -32.40 41.59
CA GLN R 89 -36.60 -32.22 42.91
C GLN R 89 -37.85 -33.07 43.11
N VAL R 90 -38.68 -33.19 42.09
CA VAL R 90 -39.96 -33.87 42.26
C VAL R 90 -40.02 -35.12 41.37
N PRO R 91 -39.68 -36.29 41.89
CA PRO R 91 -39.81 -37.51 41.10
C PRO R 91 -41.26 -37.87 40.85
N ASP R 92 -41.46 -38.74 39.86
CA ASP R 92 -42.79 -39.24 39.50
C ASP R 92 -43.74 -38.12 39.11
N TRP R 93 -43.20 -37.02 38.56
CA TRP R 93 -44.06 -35.95 38.07
C TRP R 93 -44.95 -36.43 36.95
N ARG R 94 -44.39 -37.17 36.00
CA ARG R 94 -45.18 -37.60 34.85
C ARG R 94 -46.04 -38.81 35.18
N THR R 95 -45.52 -39.71 36.03
CA THR R 95 -46.23 -40.96 36.31
C THR R 95 -47.47 -40.71 37.17
N THR R 96 -47.36 -39.85 38.17
CA THR R 96 -48.46 -39.70 39.12
C THR R 96 -49.66 -39.02 38.46
N THR R 97 -50.85 -39.33 38.99
CA THR R 97 -52.08 -38.68 38.59
C THR R 97 -52.78 -38.00 39.76
N GLN R 98 -52.15 -37.95 40.92
CA GLN R 98 -52.79 -37.40 42.11
C GLN R 98 -53.04 -35.91 41.94
N SER R 99 -54.24 -35.47 42.32
CA SER R 99 -54.56 -34.06 42.30
C SER R 99 -54.05 -33.38 43.56
N GLY R 100 -53.67 -32.11 43.42
CA GLY R 100 -53.19 -31.35 44.56
C GLY R 100 -53.04 -29.89 44.22
N GLN R 101 -52.86 -29.08 45.27
CA GLN R 101 -52.76 -27.64 45.09
C GLN R 101 -51.54 -27.30 44.24
N ALA R 102 -51.80 -26.70 43.07
CA ALA R 102 -50.76 -26.45 42.09
C ALA R 102 -49.69 -25.51 42.65
N GLN R 103 -48.43 -25.88 42.46
CA GLN R 103 -47.32 -25.18 43.10
C GLN R 103 -46.19 -24.79 42.15
N TYR R 104 -46.00 -25.51 41.04
CA TYR R 104 -45.05 -25.10 40.01
C TYR R 104 -45.65 -25.29 38.62
N VAL R 105 -45.23 -24.45 37.68
CA VAL R 105 -45.62 -24.53 36.28
C VAL R 105 -44.43 -24.99 35.45
N THR R 106 -44.66 -25.93 34.54
CA THR R 106 -43.68 -26.34 33.55
C THR R 106 -44.32 -26.28 32.18
N GLN R 107 -43.59 -25.73 31.20
CA GLN R 107 -44.10 -25.64 29.83
C GLN R 107 -43.38 -26.68 28.98
N GLN R 108 -44.04 -27.83 28.83
CA GLN R 108 -43.49 -28.92 28.03
C GLN R 108 -43.48 -28.56 26.55
N SER R 109 -44.64 -28.20 26.00
CA SER R 109 -44.84 -27.95 24.59
C SER R 109 -44.63 -26.48 24.24
N GLU R 110 -45.15 -26.10 23.07
CA GLU R 110 -44.94 -24.75 22.56
C GLU R 110 -45.57 -23.70 23.46
N ASP R 111 -46.90 -23.75 23.63
CA ASP R 111 -47.64 -22.75 24.38
C ASP R 111 -48.46 -23.33 25.52
N THR R 112 -48.26 -24.60 25.84
CA THR R 112 -49.07 -25.27 26.85
C THR R 112 -48.30 -25.30 28.17
N LEU R 113 -48.96 -24.87 29.22
CA LEU R 113 -48.39 -24.81 30.56
C LEU R 113 -48.92 -25.98 31.37
N THR R 114 -48.03 -26.67 32.08
CA THR R 114 -48.38 -27.84 32.87
C THR R 114 -48.05 -27.57 34.33
N PHE R 115 -48.98 -27.90 35.22
CA PHE R 115 -48.79 -27.75 36.65
C PHE R 115 -48.48 -29.12 37.24
N VAL R 116 -47.41 -29.22 38.03
CA VAL R 116 -47.04 -30.51 38.59
C VAL R 116 -48.11 -31.08 39.54
N PRO R 117 -48.81 -30.27 40.37
CA PRO R 117 -50.09 -30.76 40.89
C PRO R 117 -51.24 -30.33 39.98
N ALA R 118 -51.95 -31.28 39.41
CA ALA R 118 -53.07 -30.93 38.54
C ALA R 118 -54.38 -30.84 39.31
N GLU R 119 -55.15 -29.79 39.02
CA GLU R 119 -56.50 -29.61 39.51
C GLU R 119 -57.34 -28.88 38.49
N ALA R 120 -58.63 -28.83 38.77
CA ALA R 120 -59.59 -28.09 37.96
C ALA R 120 -59.77 -26.71 38.61
N GLY R 121 -59.20 -25.69 37.99
CA GLY R 121 -59.33 -24.34 38.53
C GLY R 121 -59.02 -23.30 37.48
N SER R 122 -59.46 -22.08 37.76
CA SER R 122 -59.25 -20.98 36.82
C SER R 122 -57.77 -20.62 36.76
N VAL R 123 -57.29 -20.34 35.55
CA VAL R 123 -55.90 -20.00 35.31
C VAL R 123 -55.85 -18.62 34.67
N ARG R 124 -55.09 -17.72 35.29
CA ARG R 124 -54.85 -16.39 34.75
C ARG R 124 -53.39 -16.26 34.38
N VAL R 125 -53.12 -15.93 33.13
CA VAL R 125 -51.76 -15.84 32.61
C VAL R 125 -51.51 -14.39 32.21
N TYR R 126 -50.40 -13.83 32.70
CA TYR R 126 -50.00 -12.48 32.36
C TYR R 126 -48.71 -12.58 31.56
N GLY R 127 -48.83 -12.57 30.24
CA GLY R 127 -47.71 -12.91 29.38
C GLY R 127 -47.43 -11.82 28.38
N LEU R 128 -46.14 -11.64 28.09
CA LEU R 128 -45.71 -10.73 27.04
C LEU R 128 -46.19 -11.26 25.69
N LEU R 129 -46.50 -10.34 24.79
CA LEU R 129 -46.98 -10.70 23.47
C LEU R 129 -45.94 -10.40 22.40
N LYS R 130 -46.08 -11.08 21.28
CA LYS R 130 -45.26 -10.96 20.10
C LYS R 130 -46.16 -10.99 18.86
N PRO R 131 -46.05 -10.01 17.98
CA PRO R 131 -46.86 -10.03 16.76
C PRO R 131 -46.54 -11.27 15.93
N THR R 132 -47.58 -11.84 15.33
CA THR R 132 -47.37 -12.99 14.47
C THR R 132 -46.74 -12.54 13.15
N LEU R 133 -46.23 -13.51 12.39
CA LEU R 133 -45.56 -13.19 11.14
C LEU R 133 -46.53 -12.60 10.12
N ASP R 134 -47.83 -12.90 10.26
CA ASP R 134 -48.86 -12.35 9.39
C ASP R 134 -49.97 -11.69 10.23
N ALA R 135 -49.73 -10.44 10.62
CA ALA R 135 -50.69 -9.64 11.36
C ALA R 135 -50.98 -8.38 10.57
N ASP R 136 -52.25 -8.18 10.22
CA ASP R 136 -52.61 -7.01 9.43
C ASP R 136 -52.41 -5.72 10.21
N SER R 137 -52.75 -5.73 11.50
CA SER R 137 -52.71 -4.54 12.34
C SER R 137 -51.77 -4.77 13.52
N LEU R 138 -50.82 -3.87 13.69
CA LEU R 138 -49.98 -3.88 14.88
C LEU R 138 -50.67 -3.09 16.01
N PRO R 139 -50.35 -3.41 17.26
CA PRO R 139 -50.95 -2.67 18.37
C PRO R 139 -50.50 -1.22 18.39
N ASP R 140 -51.23 -0.42 19.16
CA ASP R 140 -51.04 1.03 19.14
C ASP R 140 -49.65 1.42 19.62
N LEU R 141 -49.12 0.72 20.63
CA LEU R 141 -47.84 1.13 21.21
C LEU R 141 -46.72 1.02 20.18
N LEU R 142 -46.73 -0.03 19.36
CA LEU R 142 -45.67 -0.19 18.37
C LEU R 142 -45.76 0.87 17.28
N ALA R 143 -46.94 1.06 16.72
CA ALA R 143 -47.07 1.90 15.53
C ALA R 143 -47.08 3.38 15.89
N ASP R 144 -47.95 3.78 16.83
CA ASP R 144 -48.15 5.19 17.10
C ASP R 144 -46.92 5.82 17.75
N THR R 145 -46.34 5.14 18.74
CA THR R 145 -45.27 5.73 19.54
C THR R 145 -43.87 5.40 19.04
N TYR R 146 -43.64 4.17 18.57
CA TYR R 146 -42.30 3.71 18.19
C TYR R 146 -42.26 3.33 16.72
N ARG R 147 -42.80 4.20 15.87
CA ARG R 147 -42.82 3.94 14.44
C ARG R 147 -41.41 3.93 13.86
N LYS R 148 -40.56 4.85 14.31
CA LYS R 148 -39.26 5.03 13.66
C LYS R 148 -38.37 3.81 13.83
N THR R 149 -38.39 3.18 15.01
CA THR R 149 -37.49 2.06 15.25
C THR R 149 -37.85 0.84 14.40
N ILE R 150 -39.12 0.46 14.38
CA ILE R 150 -39.55 -0.66 13.56
C ILE R 150 -39.36 -0.33 12.09
N ALA R 151 -39.58 0.94 11.72
CA ALA R 151 -39.30 1.38 10.36
C ALA R 151 -37.84 1.18 10.01
N ASP R 152 -36.94 1.48 10.95
CA ASP R 152 -35.51 1.29 10.72
C ASP R 152 -35.19 -0.18 10.50
N GLY R 153 -35.74 -1.06 11.33
CA GLY R 153 -35.50 -2.49 11.15
C GLY R 153 -36.02 -2.99 9.81
N ALA R 154 -37.26 -2.61 9.47
CA ALA R 154 -37.83 -3.02 8.18
C ALA R 154 -37.02 -2.48 7.03
N LEU R 155 -36.54 -1.24 7.13
CA LEU R 155 -35.77 -0.65 6.04
C LEU R 155 -34.41 -1.32 5.91
N SER R 156 -33.81 -1.74 7.02
CA SER R 156 -32.59 -2.53 6.92
C SER R 156 -32.84 -3.82 6.14
N GLU R 157 -33.90 -4.54 6.52
CA GLU R 157 -34.21 -5.79 5.83
C GLU R 157 -34.49 -5.54 4.34
N LEU R 158 -35.21 -4.46 4.04
CA LEU R 158 -35.56 -4.15 2.66
C LEU R 158 -34.34 -3.74 1.83
N LEU R 159 -33.42 -2.99 2.43
CA LEU R 159 -32.22 -2.58 1.71
C LEU R 159 -31.26 -3.74 1.54
N ILE R 160 -31.44 -4.81 2.33
CA ILE R 160 -30.63 -6.00 2.14
C ILE R 160 -30.89 -6.64 0.77
N ILE R 161 -32.13 -6.58 0.28
CA ILE R 161 -32.58 -7.32 -0.89
C ILE R 161 -31.69 -7.05 -2.10
N PRO R 162 -31.23 -8.08 -2.80
CA PRO R 162 -30.29 -7.88 -3.90
C PRO R 162 -30.96 -7.71 -5.25
N GLY R 163 -30.13 -7.47 -6.26
CA GLY R 163 -30.58 -7.45 -7.64
C GLY R 163 -31.61 -6.38 -7.92
N LYS R 164 -31.47 -5.21 -7.32
CA LYS R 164 -32.49 -4.18 -7.41
C LYS R 164 -31.84 -2.81 -7.25
N ALA R 165 -32.57 -1.77 -7.67
CA ALA R 165 -32.08 -0.41 -7.52
C ALA R 165 -32.01 -0.01 -6.06
N TRP R 166 -32.55 -0.85 -5.18
CA TRP R 166 -32.73 -0.47 -3.78
C TRP R 166 -31.52 -0.85 -2.95
N MET R 167 -30.65 -1.70 -3.50
CA MET R 167 -29.51 -2.21 -2.76
C MET R 167 -28.54 -1.09 -2.43
N SER R 168 -28.23 -0.93 -1.15
CA SER R 168 -27.24 0.03 -0.69
C SER R 168 -26.70 -0.46 0.64
N ALA R 169 -25.48 -1.00 0.62
CA ALA R 169 -24.91 -1.58 1.83
C ALA R 169 -24.72 -0.54 2.92
N ASP R 170 -24.29 0.67 2.56
CA ASP R 170 -24.04 1.71 3.56
C ASP R 170 -25.30 2.04 4.34
N LEU R 171 -26.39 2.35 3.63
CA LEU R 171 -27.64 2.70 4.32
C LEU R 171 -28.22 1.52 5.06
N ALA R 172 -28.09 0.31 4.52
CA ALA R 172 -28.58 -0.86 5.21
C ALA R 172 -27.87 -1.05 6.55
N VAL R 173 -26.54 -0.92 6.55
CA VAL R 173 -25.78 -1.06 7.79
C VAL R 173 -26.13 0.07 8.75
N PHE R 174 -26.28 1.28 8.23
CA PHE R 174 -26.61 2.42 9.08
C PHE R 174 -27.95 2.22 9.76
N PHE R 175 -28.96 1.77 9.02
CA PHE R 175 -30.28 1.54 9.59
C PHE R 175 -30.27 0.35 10.55
N GLY R 176 -29.50 -0.69 10.24
CA GLY R 176 -29.38 -1.80 11.17
C GLY R 176 -28.77 -1.38 12.49
N THR R 177 -27.71 -0.56 12.44
CA THR R 177 -27.10 -0.08 13.67
C THR R 177 -28.04 0.83 14.45
N ARG R 178 -28.78 1.69 13.75
CA ARG R 178 -29.75 2.52 14.46
C ARG R 178 -30.83 1.66 15.12
N PHE R 179 -31.33 0.65 14.42
CA PHE R 179 -32.33 -0.23 15.00
C PHE R 179 -31.78 -0.95 16.22
N ASP R 180 -30.56 -1.44 16.14
CA ASP R 180 -29.94 -2.13 17.28
C ASP R 180 -29.81 -1.17 18.45
N ARG R 181 -29.35 0.05 18.20
CA ARG R 181 -29.15 1.01 19.30
C ARG R 181 -30.48 1.39 19.95
N GLU R 182 -31.52 1.62 19.15
CA GLU R 182 -32.81 1.99 19.74
C GLU R 182 -33.41 0.83 20.53
N LEU R 183 -33.34 -0.38 19.98
CA LEU R 183 -33.75 -1.57 20.74
C LEU R 183 -32.99 -1.65 22.05
N ASP R 184 -31.68 -1.39 21.98
CA ASP R 184 -30.83 -1.49 23.15
C ASP R 184 -31.21 -0.48 24.21
N ARG R 185 -31.52 0.75 23.79
CA ARG R 185 -31.93 1.78 24.74
C ARG R 185 -33.29 1.46 25.35
N LEU R 186 -34.21 0.91 24.57
CA LEU R 186 -35.55 0.58 25.07
C LEU R 186 -35.59 -0.75 25.82
N SER R 187 -34.49 -1.49 25.86
CA SER R 187 -34.47 -2.79 26.53
C SER R 187 -34.94 -2.71 27.98
N THR R 188 -34.68 -1.60 28.66
CA THR R 188 -34.97 -1.49 30.08
C THR R 188 -36.39 -1.03 30.38
N LYS R 189 -37.23 -0.85 29.35
CA LYS R 189 -38.54 -0.25 29.56
C LYS R 189 -39.46 -1.19 30.34
N THR R 190 -39.17 -2.48 30.34
CA THR R 190 -39.98 -3.42 31.11
C THR R 190 -39.92 -3.11 32.60
N ILE R 191 -38.71 -3.02 33.14
CA ILE R 191 -38.56 -2.68 34.55
C ILE R 191 -38.91 -1.22 34.79
N LYS R 192 -38.47 -0.34 33.89
CA LYS R 192 -38.64 1.09 34.12
C LYS R 192 -40.06 1.54 33.80
N GLY R 193 -40.49 1.36 32.56
CA GLY R 193 -41.74 1.95 32.11
C GLY R 193 -41.59 3.46 31.94
N GLN R 194 -42.72 4.12 31.78
CA GLN R 194 -42.75 5.57 31.74
C GLN R 194 -42.72 6.19 33.13
N GLN R 195 -42.43 5.40 34.16
CA GLN R 195 -42.55 5.84 35.55
C GLN R 195 -41.21 6.20 36.19
N ARG R 196 -40.09 5.88 35.55
CA ARG R 196 -38.77 5.98 36.17
C ARG R 196 -38.64 5.04 37.37
N ALA R 197 -39.35 3.91 37.33
CA ALA R 197 -39.24 2.95 38.41
C ALA R 197 -37.82 2.39 38.46
N PRO R 198 -37.16 2.46 39.62
CA PRO R 198 -35.74 2.08 39.68
C PRO R 198 -35.53 0.59 39.45
N VAL R 199 -34.36 0.28 38.91
CA VAL R 199 -33.94 -1.10 38.67
C VAL R 199 -32.97 -1.46 39.78
N ARG R 200 -33.38 -2.35 40.69
CA ARG R 200 -32.59 -2.68 41.86
C ARG R 200 -32.39 -4.19 41.91
N THR R 201 -31.14 -4.61 42.10
CA THR R 201 -30.82 -6.03 42.15
C THR R 201 -31.37 -6.66 43.42
N ARG R 202 -31.94 -7.86 43.27
CA ARG R 202 -32.40 -8.61 44.43
C ARG R 202 -31.23 -9.09 45.25
N ALA R 203 -31.35 -8.97 46.57
CA ALA R 203 -30.30 -9.34 47.51
C ALA R 203 -30.58 -10.72 48.07
N GLN R 204 -29.55 -11.56 48.13
CA GLN R 204 -29.65 -12.90 48.68
C GLN R 204 -28.85 -12.99 49.97
N PHE R 205 -29.51 -13.47 51.03
CA PHE R 205 -28.86 -13.63 52.32
C PHE R 205 -28.81 -15.11 52.72
N LYS S 2 -23.06 47.19 15.94
CA LYS S 2 -24.25 46.43 16.26
C LYS S 2 -24.77 45.58 15.09
N PRO S 3 -24.95 46.15 13.89
CA PRO S 3 -25.44 45.34 12.77
C PRO S 3 -24.39 44.34 12.33
N LEU S 4 -24.86 43.32 11.60
CA LEU S 4 -24.00 42.22 11.16
C LEU S 4 -23.16 42.57 9.94
N ASP S 5 -23.37 43.76 9.36
CA ASP S 5 -22.59 44.15 8.20
C ASP S 5 -21.13 44.37 8.54
N VAL S 6 -20.78 44.40 9.83
CA VAL S 6 -19.38 44.44 10.22
C VAL S 6 -18.81 43.04 10.26
N PHE S 7 -19.65 42.03 10.53
CA PHE S 7 -19.22 40.65 10.36
C PHE S 7 -19.06 40.31 8.89
N MET S 8 -19.89 40.91 8.04
CA MET S 8 -19.93 40.52 6.62
C MET S 8 -18.60 40.61 5.88
N PRO S 9 -17.74 41.63 6.08
CA PRO S 9 -16.49 41.67 5.29
C PRO S 9 -15.62 40.44 5.45
N ILE S 10 -15.52 39.88 6.65
CA ILE S 10 -14.70 38.68 6.83
C ILE S 10 -15.25 37.52 6.00
N ILE S 11 -16.57 37.33 6.05
CA ILE S 11 -17.18 36.24 5.30
C ILE S 11 -16.99 36.43 3.81
N HIS S 12 -17.30 37.62 3.29
CA HIS S 12 -17.12 37.85 1.86
C HIS S 12 -15.66 37.85 1.47
N ARG S 13 -14.75 37.96 2.44
CA ARG S 13 -13.34 37.76 2.15
C ARG S 13 -13.03 36.28 1.98
N PHE S 14 -13.63 35.42 2.81
CA PHE S 14 -13.37 33.99 2.67
C PHE S 14 -14.40 33.31 1.77
N ALA S 15 -15.68 33.63 1.96
CA ALA S 15 -16.73 33.14 1.07
C ALA S 15 -17.25 34.32 0.24
N PRO S 16 -16.81 34.45 -1.01
CA PRO S 16 -16.95 35.74 -1.71
C PRO S 16 -18.38 36.21 -1.92
N GLY S 17 -19.24 35.38 -2.51
CA GLY S 17 -20.55 35.83 -2.91
C GLY S 17 -21.75 35.20 -2.24
N CYS S 18 -21.63 34.74 -1.00
CA CYS S 18 -22.76 34.12 -0.34
C CYS S 18 -23.84 35.16 -0.07
N PRO S 19 -25.12 34.83 -0.24
CA PRO S 19 -26.18 35.81 0.02
C PRO S 19 -26.17 36.29 1.46
N GLU S 20 -26.53 37.55 1.65
CA GLU S 20 -26.52 38.13 2.98
C GLU S 20 -27.49 37.48 3.97
N PRO S 21 -28.73 37.13 3.62
CA PRO S 21 -29.61 36.53 4.64
C PRO S 21 -29.08 35.24 5.24
N THR S 22 -28.56 34.33 4.41
CA THR S 22 -27.99 33.09 4.94
C THR S 22 -26.77 33.37 5.80
N ALA S 23 -25.95 34.33 5.38
CA ALA S 23 -24.79 34.73 6.19
C ALA S 23 -25.24 35.27 7.54
N PHE S 24 -26.29 36.10 7.55
CA PHE S 24 -26.82 36.61 8.80
C PHE S 24 -27.30 35.48 9.70
N ALA S 25 -28.03 34.52 9.14
CA ALA S 25 -28.53 33.41 9.93
C ALA S 25 -27.39 32.61 10.54
N ALA S 26 -26.35 32.33 9.74
CA ALA S 26 -25.22 31.57 10.27
C ALA S 26 -24.45 32.36 11.31
N ILE S 27 -24.31 33.67 11.13
CA ILE S 27 -23.66 34.49 12.15
C ILE S 27 -24.43 34.43 13.45
N ARG S 28 -25.76 34.52 13.37
CA ARG S 28 -26.56 34.45 14.60
C ARG S 28 -26.43 33.08 15.26
N GLU S 29 -26.40 32.00 14.47
CA GLU S 29 -26.23 30.67 15.03
C GLU S 29 -24.87 30.53 15.72
N ALA S 30 -23.81 30.99 15.06
CA ALA S 30 -22.49 30.94 15.67
C ALA S 30 -22.42 31.79 16.92
N ALA S 31 -23.13 32.93 16.92
CA ALA S 31 -23.19 33.77 18.10
C ALA S 31 -23.92 33.08 19.24
N ILE S 32 -24.97 32.31 18.91
CA ILE S 32 -25.65 31.52 19.92
C ILE S 32 -24.69 30.54 20.56
N LYS S 33 -23.92 29.82 19.74
CA LYS S 33 -22.94 28.88 20.29
C LYS S 33 -21.88 29.60 21.12
N PHE S 34 -21.42 30.76 20.64
CA PHE S 34 -20.41 31.54 21.35
C PHE S 34 -20.93 31.95 22.73
N CYS S 35 -22.17 32.41 22.80
CA CYS S 35 -22.72 32.85 24.08
C CYS S 35 -23.06 31.67 24.98
N GLU S 36 -23.34 30.51 24.41
CA GLU S 36 -23.51 29.32 25.23
C GLU S 36 -22.19 28.89 25.86
N ARG S 37 -21.08 29.03 25.12
CA ARG S 37 -19.80 28.61 25.68
C ARG S 37 -19.16 29.72 26.50
N THR S 38 -19.09 30.94 25.96
CA THR S 38 -18.45 32.04 26.68
C THR S 38 -19.28 32.56 27.84
N ARG S 39 -20.62 32.53 27.73
CA ARG S 39 -21.53 32.97 28.78
C ARG S 39 -21.26 34.41 29.22
N LEU S 40 -20.89 35.27 28.26
CA LEU S 40 -20.44 36.61 28.64
C LEU S 40 -21.58 37.62 28.67
N TRP S 41 -22.49 37.54 27.72
CA TRP S 41 -23.58 38.50 27.65
C TRP S 41 -24.45 38.42 28.91
N ARG S 42 -24.69 39.57 29.53
CA ARG S 42 -25.41 39.63 30.79
C ARG S 42 -26.38 40.80 30.78
N CYS S 43 -27.51 40.63 31.46
CA CYS S 43 -28.49 41.68 31.62
C CYS S 43 -29.30 41.42 32.88
N ASP S 44 -29.90 42.48 33.42
CA ASP S 44 -30.73 42.40 34.61
C ASP S 44 -32.12 42.94 34.31
N ASP S 45 -33.13 42.37 34.96
CA ASP S 45 -34.51 42.81 34.82
C ASP S 45 -35.18 42.80 36.18
N GLU S 46 -36.16 43.68 36.36
CA GLU S 46 -36.95 43.75 37.57
C GLU S 46 -38.41 43.67 37.21
N PHE S 47 -39.14 42.79 37.89
CA PHE S 47 -40.57 42.60 37.64
C PHE S 47 -41.20 42.01 38.88
N ASN S 48 -42.53 42.12 38.96
CA ASN S 48 -43.29 41.76 40.14
C ASN S 48 -43.97 40.42 39.94
N VAL S 49 -43.90 39.56 40.94
CA VAL S 49 -44.54 38.25 40.92
C VAL S 49 -45.35 38.09 42.21
N GLY S 50 -46.58 37.61 42.06
CA GLY S 50 -47.42 37.37 43.22
C GLY S 50 -48.61 36.51 42.88
N ALA S 51 -49.22 35.95 43.94
CA ALA S 51 -50.45 35.17 43.83
C ALA S 51 -50.28 33.97 42.90
N ASP S 52 -49.25 33.16 43.18
CA ASP S 52 -49.00 31.90 42.48
C ASP S 52 -48.93 32.12 40.96
N GLU S 53 -48.14 33.10 40.54
CA GLU S 53 -47.99 33.42 39.13
C GLU S 53 -46.63 32.92 38.63
N CYS S 54 -46.66 32.09 37.60
CA CYS S 54 -45.44 31.59 36.98
C CYS S 54 -44.98 32.60 35.93
N ALA S 55 -44.49 33.74 36.40
CA ALA S 55 -44.13 34.82 35.50
C ALA S 55 -42.91 34.46 34.66
N GLU S 56 -42.85 35.06 33.47
CA GLU S 56 -41.77 34.82 32.52
C GLU S 56 -40.79 35.99 32.57
N VAL S 57 -39.51 35.69 32.34
CA VAL S 57 -38.49 36.73 32.38
C VAL S 57 -38.64 37.65 31.17
N ALA S 58 -38.26 38.90 31.35
CA ALA S 58 -38.27 39.89 30.28
C ALA S 58 -36.83 40.15 29.85
N VAL S 59 -36.59 40.09 28.54
CA VAL S 59 -35.24 40.22 27.98
C VAL S 59 -35.29 41.16 26.79
N PRO S 60 -34.16 41.71 26.37
CA PRO S 60 -34.16 42.52 25.14
C PRO S 60 -34.70 41.74 23.96
N TYR S 61 -35.40 42.45 23.08
CA TYR S 61 -36.22 41.79 22.06
C TYR S 61 -35.37 40.90 21.14
N GLY S 62 -34.21 41.38 20.74
CA GLY S 62 -33.34 40.58 19.90
C GLY S 62 -32.44 39.67 20.69
N ALA S 63 -32.98 39.02 21.73
CA ALA S 63 -32.18 38.14 22.59
C ALA S 63 -33.12 37.21 23.33
N ALA S 64 -32.53 36.15 23.89
CA ALA S 64 -33.25 35.20 24.72
C ALA S 64 -32.41 34.89 25.95
N LEU S 65 -33.10 34.58 27.05
CA LEU S 65 -32.44 34.31 28.31
C LEU S 65 -31.88 32.89 28.27
N TYR S 66 -30.55 32.78 28.12
CA TYR S 66 -29.92 31.47 28.08
C TYR S 66 -29.94 30.81 29.45
N GLU S 67 -29.66 31.57 30.50
CA GLU S 67 -29.35 30.97 31.79
C GLU S 67 -29.35 32.07 32.85
N MET S 68 -29.85 31.72 34.04
CA MET S 68 -29.94 32.65 35.16
C MET S 68 -28.69 32.52 36.02
N GLU S 69 -27.88 33.58 36.04
CA GLU S 69 -26.70 33.58 36.90
C GLU S 69 -27.09 33.65 38.36
N LEU S 70 -28.04 34.53 38.70
CA LEU S 70 -28.45 34.72 40.09
C LEU S 70 -29.84 35.36 40.09
N VAL S 71 -30.67 34.92 41.03
CA VAL S 71 -32.04 35.40 41.17
C VAL S 71 -32.21 35.99 42.55
N GLN S 72 -32.78 37.19 42.63
CA GLN S 72 -33.06 37.85 43.89
C GLN S 72 -34.53 38.19 43.98
N PHE S 73 -35.15 37.82 45.10
CA PHE S 73 -36.51 38.22 45.42
C PHE S 73 -36.45 39.29 46.49
N ASN S 74 -36.97 40.48 46.18
CA ASN S 74 -37.10 41.62 47.11
C ASN S 74 -35.92 41.74 48.06
N GLY S 75 -34.71 41.54 47.53
CA GLY S 75 -33.50 41.73 48.31
C GLY S 75 -32.92 40.49 48.95
N ARG S 76 -33.38 39.30 48.58
CA ARG S 76 -32.87 38.06 49.15
C ARG S 76 -32.20 37.23 48.07
N ASN S 77 -30.96 36.82 48.32
CA ASN S 77 -30.22 35.96 47.39
C ASN S 77 -30.76 34.54 47.50
N MET S 78 -31.46 34.10 46.46
CA MET S 78 -32.16 32.83 46.54
C MET S 78 -31.28 31.68 46.07
N ARG S 79 -31.63 30.47 46.51
CA ARG S 79 -30.87 29.27 46.17
C ARG S 79 -31.63 28.49 45.11
N PRO S 80 -31.13 28.43 43.87
CA PRO S 80 -31.81 27.63 42.85
C PRO S 80 -31.73 26.14 43.18
N VAL S 81 -32.83 25.44 42.95
CA VAL S 81 -32.91 24.00 43.19
C VAL S 81 -33.59 23.34 42.00
N SER S 82 -33.28 22.06 41.78
CA SER S 82 -34.02 21.28 40.81
C SER S 82 -35.38 20.89 41.37
N THR S 83 -36.33 20.65 40.48
CA THR S 83 -37.68 20.31 40.93
C THR S 83 -37.70 18.98 41.67
N GLN S 84 -36.88 18.02 41.24
CA GLN S 84 -36.80 16.75 41.94
C GLN S 84 -36.21 16.94 43.33
N TRP S 85 -35.27 17.88 43.48
CA TRP S 85 -34.75 18.19 44.80
C TRP S 85 -35.85 18.69 45.72
N LEU S 86 -36.76 19.52 45.20
CA LEU S 86 -37.92 19.92 46.00
C LEU S 86 -38.80 18.73 46.33
N ASP S 87 -39.06 17.85 45.35
CA ASP S 87 -39.91 16.71 45.61
C ASP S 87 -39.36 15.84 46.73
N GLU S 88 -38.03 15.69 46.78
CA GLU S 88 -37.44 14.95 47.89
C GLU S 88 -37.52 15.74 49.19
N GLN S 89 -36.91 16.93 49.22
CA GLN S 89 -36.77 17.67 50.48
C GLN S 89 -38.08 18.27 50.93
N VAL S 90 -38.85 18.88 50.03
CA VAL S 90 -40.05 19.61 50.43
C VAL S 90 -41.28 18.96 49.80
N PRO S 91 -41.98 18.09 50.53
CA PRO S 91 -43.23 17.52 50.00
C PRO S 91 -44.32 18.58 49.93
N ASP S 92 -45.37 18.25 49.17
CA ASP S 92 -46.55 19.11 49.01
C ASP S 92 -46.18 20.45 48.39
N TRP S 93 -45.14 20.47 47.57
CA TRP S 93 -44.78 21.67 46.81
C TRP S 93 -45.91 22.10 45.89
N ARG S 94 -46.44 21.16 45.11
CA ARG S 94 -47.44 21.50 44.11
C ARG S 94 -48.82 21.69 44.75
N THR S 95 -49.13 20.90 45.78
CA THR S 95 -50.46 20.97 46.39
C THR S 95 -50.66 22.25 47.18
N THR S 96 -49.68 22.64 47.98
CA THR S 96 -49.90 23.71 48.95
C THR S 96 -50.04 25.07 48.27
N THR S 97 -50.75 25.98 48.93
CA THR S 97 -50.94 27.35 48.47
C THR S 97 -50.48 28.38 49.50
N GLN S 98 -49.86 27.94 50.59
CA GLN S 98 -49.50 28.85 51.68
C GLN S 98 -48.39 29.80 51.23
N SER S 99 -48.54 31.07 51.60
CA SER S 99 -47.53 32.06 51.29
C SER S 99 -46.49 32.16 52.40
N GLY S 100 -45.25 32.40 52.00
CA GLY S 100 -44.16 32.51 52.96
C GLY S 100 -42.95 33.19 52.34
N GLN S 101 -41.96 33.44 53.19
CA GLN S 101 -40.71 34.03 52.73
C GLN S 101 -39.98 33.08 51.79
N ALA S 102 -39.65 33.58 50.59
CA ALA S 102 -39.11 32.74 49.53
C ALA S 102 -37.75 32.14 49.89
N GLN S 103 -37.55 30.87 49.53
CA GLN S 103 -36.31 30.18 49.87
C GLN S 103 -35.58 29.57 48.68
N TYR S 104 -36.28 28.91 47.75
CA TYR S 104 -35.63 28.25 46.63
C TYR S 104 -36.32 28.58 45.31
N VAL S 105 -35.56 28.49 44.21
CA VAL S 105 -36.04 28.81 42.87
C VAL S 105 -36.16 27.52 42.07
N THR S 106 -37.26 27.38 41.32
CA THR S 106 -37.47 26.25 40.43
C THR S 106 -37.91 26.77 39.07
N GLN S 107 -37.36 26.20 38.00
CA GLN S 107 -37.76 26.57 36.64
C GLN S 107 -38.44 25.36 35.99
N GLN S 108 -39.76 25.28 36.20
CA GLN S 108 -40.53 24.18 35.63
C GLN S 108 -40.60 24.28 34.12
N SER S 109 -40.87 25.48 33.59
CA SER S 109 -40.95 25.72 32.16
C SER S 109 -39.61 26.19 31.61
N GLU S 110 -39.65 26.71 30.38
CA GLU S 110 -38.44 27.17 29.72
C GLU S 110 -37.94 28.47 30.35
N ASP S 111 -38.83 29.41 30.62
CA ASP S 111 -38.46 30.76 31.06
C ASP S 111 -39.25 31.22 32.27
N THR S 112 -40.03 30.34 32.89
CA THR S 112 -40.82 30.69 34.06
C THR S 112 -40.13 30.16 35.32
N LEU S 113 -39.91 31.04 36.27
CA LEU S 113 -39.25 30.71 37.52
C LEU S 113 -40.29 30.64 38.63
N THR S 114 -40.18 29.60 39.47
CA THR S 114 -41.15 29.33 40.52
C THR S 114 -40.45 29.29 41.87
N PHE S 115 -41.10 29.86 42.88
CA PHE S 115 -40.56 29.95 44.23
C PHE S 115 -41.34 28.98 45.11
N VAL S 116 -40.64 28.18 45.91
CA VAL S 116 -41.33 27.23 46.78
C VAL S 116 -42.30 27.90 47.76
N PRO S 117 -42.00 29.08 48.37
CA PRO S 117 -43.08 29.91 48.90
C PRO S 117 -43.49 30.98 47.90
N ALA S 118 -44.76 31.05 47.52
CA ALA S 118 -45.17 32.11 46.60
C ALA S 118 -45.74 33.30 47.38
N GLU S 119 -45.22 34.49 47.09
CA GLU S 119 -45.77 35.71 47.66
C GLU S 119 -45.55 36.85 46.67
N ALA S 120 -46.11 38.01 47.00
CA ALA S 120 -46.07 39.18 46.12
C ALA S 120 -44.89 40.06 46.47
N GLY S 121 -43.89 40.07 45.60
CA GLY S 121 -42.72 40.91 45.80
C GLY S 121 -41.95 41.09 44.52
N SER S 122 -41.07 42.09 44.52
CA SER S 122 -40.25 42.37 43.34
C SER S 122 -39.26 41.23 43.11
N VAL S 123 -39.04 40.90 41.84
CA VAL S 123 -38.09 39.87 41.44
C VAL S 123 -37.01 40.55 40.61
N ARG S 124 -35.77 40.40 41.04
CA ARG S 124 -34.61 40.88 40.28
C ARG S 124 -33.80 39.67 39.83
N VAL S 125 -33.64 39.54 38.51
CA VAL S 125 -32.94 38.40 37.92
C VAL S 125 -31.72 38.93 37.18
N TYR S 126 -30.56 38.41 37.53
CA TYR S 126 -29.33 38.67 36.79
C TYR S 126 -28.94 37.40 36.05
N GLY S 127 -29.26 37.34 34.77
CA GLY S 127 -29.08 36.12 34.00
C GLY S 127 -28.32 36.38 32.73
N LEU S 128 -27.55 35.37 32.32
CA LEU S 128 -26.80 35.43 31.08
C LEU S 128 -27.76 35.50 29.89
N LEU S 129 -27.33 36.18 28.84
CA LEU S 129 -28.16 36.39 27.67
C LEU S 129 -27.60 35.61 26.48
N LYS S 130 -28.49 35.32 25.54
CA LYS S 130 -28.19 34.59 24.32
C LYS S 130 -28.93 35.22 23.16
N PRO S 131 -28.22 35.56 22.07
CA PRO S 131 -28.90 36.12 20.90
C PRO S 131 -29.91 35.14 20.34
N THR S 132 -31.05 35.66 19.92
CA THR S 132 -32.07 34.81 19.32
C THR S 132 -31.67 34.43 17.89
N LEU S 133 -32.41 33.49 17.33
CA LEU S 133 -32.08 33.00 15.99
C LEU S 133 -32.28 34.08 14.94
N ASP S 134 -33.13 35.07 15.21
CA ASP S 134 -33.38 36.18 14.31
C ASP S 134 -33.22 37.49 15.09
N ALA S 135 -32.00 37.99 15.13
CA ALA S 135 -31.66 39.26 15.75
C ALA S 135 -30.93 40.12 14.74
N ASP S 136 -31.48 41.30 14.46
CA ASP S 136 -30.89 42.16 13.44
C ASP S 136 -29.51 42.66 13.86
N SER S 137 -29.37 43.07 15.11
CA SER S 137 -28.14 43.66 15.61
C SER S 137 -27.64 42.87 16.81
N LEU S 138 -26.39 42.43 16.74
CA LEU S 138 -25.75 41.79 17.88
C LEU S 138 -25.21 42.86 18.84
N PRO S 139 -25.11 42.54 20.13
CA PRO S 139 -24.56 43.51 21.09
C PRO S 139 -23.09 43.80 20.82
N ASP S 140 -22.59 44.80 21.55
CA ASP S 140 -21.25 45.33 21.26
C ASP S 140 -20.16 44.31 21.53
N LEU S 141 -20.28 43.52 22.59
CA LEU S 141 -19.16 42.66 22.99
C LEU S 141 -18.95 41.55 21.98
N LEU S 142 -20.02 41.08 21.34
CA LEU S 142 -19.88 40.12 20.25
C LEU S 142 -19.22 40.75 19.04
N ALA S 143 -19.72 41.91 18.60
CA ALA S 143 -19.33 42.43 17.29
C ALA S 143 -18.02 43.21 17.36
N ASP S 144 -17.98 44.25 18.18
CA ASP S 144 -16.82 45.15 18.18
C ASP S 144 -15.54 44.42 18.58
N THR S 145 -15.61 43.60 19.63
CA THR S 145 -14.42 43.00 20.21
C THR S 145 -14.11 41.60 19.68
N TYR S 146 -15.09 40.74 19.50
CA TYR S 146 -14.88 39.35 19.16
C TYR S 146 -15.57 38.96 17.86
N ARG S 147 -15.43 39.79 16.83
CA ARG S 147 -16.09 39.46 15.58
C ARG S 147 -15.37 38.33 14.85
N LYS S 148 -14.08 38.17 15.11
CA LYS S 148 -13.31 37.15 14.41
C LYS S 148 -13.79 35.74 14.76
N THR S 149 -14.10 35.49 16.03
CA THR S 149 -14.50 34.14 16.44
C THR S 149 -15.88 33.78 15.89
N ILE S 150 -16.84 34.69 15.99
CA ILE S 150 -18.16 34.43 15.44
C ILE S 150 -18.08 34.31 13.92
N ALA S 151 -17.21 35.10 13.31
CA ALA S 151 -16.97 34.96 11.87
C ALA S 151 -16.39 33.60 11.54
N ASP S 152 -15.50 33.08 12.41
CA ASP S 152 -14.95 31.75 12.21
C ASP S 152 -16.06 30.70 12.21
N GLY S 153 -16.93 30.75 13.22
CA GLY S 153 -18.04 29.80 13.26
C GLY S 153 -18.94 29.92 12.04
N ALA S 154 -19.35 31.15 11.71
CA ALA S 154 -20.26 31.34 10.58
C ALA S 154 -19.60 30.88 9.28
N LEU S 155 -18.32 31.17 9.10
CA LEU S 155 -17.61 30.69 7.92
C LEU S 155 -17.60 29.17 7.88
N SER S 156 -17.50 28.54 9.05
CA SER S 156 -17.64 27.08 9.06
C SER S 156 -18.99 26.66 8.49
N GLU S 157 -20.10 27.21 9.00
CA GLU S 157 -21.41 26.77 8.52
C GLU S 157 -21.60 27.06 7.03
N LEU S 158 -21.12 28.22 6.56
CA LEU S 158 -21.24 28.51 5.12
C LEU S 158 -20.37 27.59 4.27
N LEU S 159 -19.15 27.29 4.72
CA LEU S 159 -18.26 26.47 3.91
C LEU S 159 -18.71 25.02 3.89
N ILE S 160 -19.55 24.63 4.86
CA ILE S 160 -20.11 23.28 4.85
C ILE S 160 -21.14 23.11 3.74
N ILE S 161 -21.73 24.21 3.26
CA ILE S 161 -22.84 24.16 2.31
C ILE S 161 -22.46 23.37 1.07
N PRO S 162 -23.29 22.41 0.65
CA PRO S 162 -22.88 21.48 -0.41
C PRO S 162 -23.21 21.98 -1.80
N GLY S 163 -22.54 21.37 -2.77
CA GLY S 163 -22.88 21.53 -4.18
C GLY S 163 -22.83 22.95 -4.69
N LYS S 164 -21.93 23.77 -4.15
CA LYS S 164 -21.86 25.17 -4.52
C LYS S 164 -20.40 25.60 -4.58
N ALA S 165 -20.16 26.77 -5.19
CA ALA S 165 -18.80 27.24 -5.40
C ALA S 165 -18.07 27.47 -4.07
N TRP S 166 -18.84 27.65 -2.99
CA TRP S 166 -18.23 27.97 -1.70
C TRP S 166 -17.79 26.73 -0.94
N MET S 167 -18.14 25.55 -1.43
CA MET S 167 -17.83 24.33 -0.70
C MET S 167 -16.33 24.08 -0.66
N SER S 168 -15.80 23.84 0.54
CA SER S 168 -14.41 23.44 0.71
C SER S 168 -14.28 22.76 2.07
N ALA S 169 -14.02 21.44 2.04
CA ALA S 169 -14.01 20.67 3.28
C ALA S 169 -12.84 21.07 4.18
N ASP S 170 -11.65 21.21 3.62
CA ASP S 170 -10.48 21.54 4.42
C ASP S 170 -10.64 22.91 5.08
N LEU S 171 -11.13 23.89 4.32
CA LEU S 171 -11.35 25.22 4.88
C LEU S 171 -12.38 25.18 6.00
N ALA S 172 -13.47 24.45 5.81
CA ALA S 172 -14.50 24.37 6.84
C ALA S 172 -13.95 23.72 8.11
N VAL S 173 -13.18 22.64 7.95
CA VAL S 173 -12.61 21.96 9.11
C VAL S 173 -11.65 22.89 9.86
N PHE S 174 -10.80 23.60 9.11
CA PHE S 174 -9.85 24.51 9.73
C PHE S 174 -10.55 25.64 10.49
N PHE S 175 -11.59 26.22 9.87
CA PHE S 175 -12.31 27.31 10.52
C PHE S 175 -13.07 26.81 11.76
N GLY S 176 -13.67 25.62 11.67
CA GLY S 176 -14.32 25.06 12.84
C GLY S 176 -13.35 24.79 13.96
N THR S 177 -12.16 24.29 13.64
CA THR S 177 -11.15 24.05 14.67
C THR S 177 -10.71 25.36 15.33
N ARG S 178 -10.50 26.41 14.53
CA ARG S 178 -10.14 27.70 15.12
C ARG S 178 -11.26 28.23 16.01
N PHE S 179 -12.52 28.08 15.56
CA PHE S 179 -13.65 28.52 16.37
C PHE S 179 -13.69 27.76 17.70
N ASP S 180 -13.49 26.45 17.65
CA ASP S 180 -13.51 25.65 18.86
C ASP S 180 -12.38 26.06 19.81
N ARG S 181 -11.18 26.28 19.26
CA ARG S 181 -10.06 26.65 20.12
C ARG S 181 -10.26 28.02 20.75
N GLU S 182 -10.78 28.99 19.99
CA GLU S 182 -11.01 30.31 20.56
C GLU S 182 -12.10 30.27 21.62
N LEU S 183 -13.18 29.52 21.37
CA LEU S 183 -14.19 29.33 22.40
C LEU S 183 -13.59 28.69 23.64
N ASP S 184 -12.71 27.71 23.44
CA ASP S 184 -12.06 27.03 24.55
C ASP S 184 -11.23 28.01 25.37
N ARG S 185 -10.48 28.88 24.70
CA ARG S 185 -9.66 29.85 25.41
C ARG S 185 -10.51 30.87 26.16
N LEU S 186 -11.62 31.29 25.59
CA LEU S 186 -12.47 32.31 26.20
C LEU S 186 -13.48 31.73 27.18
N SER S 187 -13.52 30.40 27.35
CA SER S 187 -14.52 29.80 28.23
C SER S 187 -14.46 30.33 29.66
N THR S 188 -13.28 30.71 30.14
CA THR S 188 -13.10 31.08 31.54
C THR S 188 -13.38 32.56 31.82
N LYS S 189 -13.78 33.34 30.81
CA LYS S 189 -13.91 34.78 30.99
C LYS S 189 -15.02 35.12 31.99
N THR S 190 -15.93 34.18 32.26
CA THR S 190 -16.97 34.42 33.24
C THR S 190 -16.38 34.67 34.63
N ILE S 191 -15.53 33.74 35.09
CA ILE S 191 -14.83 33.96 36.36
C ILE S 191 -13.80 35.06 36.22
N LYS S 192 -13.04 35.05 35.12
CA LYS S 192 -11.91 35.97 35.02
C LYS S 192 -12.37 37.38 34.74
N GLY S 193 -13.00 37.60 33.59
CA GLY S 193 -13.22 38.95 33.12
C GLY S 193 -11.91 39.56 32.65
N GLN S 194 -11.96 40.86 32.38
CA GLN S 194 -10.76 41.59 32.00
C GLN S 194 -9.95 42.03 33.21
N GLN S 195 -10.43 41.76 34.43
CA GLN S 195 -9.78 42.22 35.64
C GLN S 195 -8.78 41.22 36.21
N ARG S 196 -8.67 40.02 35.63
CA ARG S 196 -7.74 38.99 36.07
C ARG S 196 -8.11 38.42 37.44
N ALA S 197 -9.40 38.27 37.70
CA ALA S 197 -9.82 37.64 38.93
C ALA S 197 -9.43 36.16 38.93
N PRO S 198 -8.80 35.67 40.01
CA PRO S 198 -8.35 34.28 40.02
C PRO S 198 -9.53 33.31 40.16
N VAL S 199 -9.30 32.08 39.73
CA VAL S 199 -10.29 31.01 39.81
C VAL S 199 -9.86 30.08 40.93
N ARG S 200 -10.70 29.94 41.96
CA ARG S 200 -10.37 29.15 43.14
C ARG S 200 -11.50 28.18 43.45
N THR S 201 -11.13 26.93 43.68
CA THR S 201 -12.12 25.90 44.00
C THR S 201 -12.66 26.11 45.41
N ARG S 202 -13.97 25.86 45.56
CA ARG S 202 -14.60 25.97 46.87
C ARG S 202 -14.08 24.87 47.80
N ALA S 203 -13.90 25.23 49.07
CA ALA S 203 -13.46 24.29 50.09
C ALA S 203 -14.65 23.89 50.95
N GLN S 204 -14.87 22.58 51.08
CA GLN S 204 -15.99 22.05 51.85
C GLN S 204 -15.45 21.26 53.04
N PHE S 205 -15.92 21.61 54.22
CA PHE S 205 -15.47 20.97 55.46
C PHE S 205 -16.60 20.18 56.11
N LYS T 2 30.86 44.89 6.88
CA LYS T 2 29.69 45.55 7.44
C LYS T 2 28.46 45.51 6.51
N PRO T 3 28.61 45.90 5.24
CA PRO T 3 27.47 45.82 4.33
C PRO T 3 27.11 44.37 4.02
N LEU T 4 25.90 44.18 3.51
CA LEU T 4 25.35 42.85 3.26
C LEU T 4 25.80 42.25 1.93
N ASP T 5 26.53 43.02 1.12
CA ASP T 5 27.03 42.49 -0.14
C ASP T 5 28.03 41.36 0.10
N VAL T 6 28.63 41.30 1.28
CA VAL T 6 29.45 40.14 1.62
C VAL T 6 28.56 38.93 1.86
N PHE T 7 27.34 39.16 2.33
CA PHE T 7 26.38 38.06 2.48
C PHE T 7 25.90 37.57 1.12
N MET T 8 25.75 38.50 0.16
CA MET T 8 25.16 38.16 -1.13
C MET T 8 25.75 36.95 -1.86
N PRO T 9 27.07 36.70 -1.86
CA PRO T 9 27.56 35.55 -2.64
C PRO T 9 26.90 34.23 -2.27
N ILE T 10 26.66 33.96 -0.99
CA ILE T 10 26.03 32.70 -0.60
C ILE T 10 24.62 32.60 -1.16
N ILE T 11 23.81 33.64 -0.96
CA ILE T 11 22.44 33.63 -1.44
C ILE T 11 22.40 33.48 -2.96
N HIS T 12 23.17 34.29 -3.67
CA HIS T 12 23.16 34.22 -5.13
C HIS T 12 23.74 32.91 -5.63
N ARG T 13 24.51 32.20 -4.78
CA ARG T 13 24.95 30.87 -5.14
C ARG T 13 23.81 29.87 -5.00
N PHE T 14 22.97 30.02 -3.99
CA PHE T 14 21.85 29.10 -3.82
C PHE T 14 20.58 29.62 -4.49
N ALA T 15 20.24 30.88 -4.25
CA ALA T 15 19.13 31.50 -4.97
C ALA T 15 19.70 32.42 -6.04
N PRO T 16 19.67 32.02 -7.31
CA PRO T 16 20.50 32.69 -8.32
C PRO T 16 20.15 34.15 -8.56
N GLY T 17 18.89 34.47 -8.85
CA GLY T 17 18.53 35.79 -9.29
C GLY T 17 17.76 36.65 -8.30
N CYS T 18 18.12 36.64 -7.03
CA CYS T 18 17.33 37.35 -6.04
C CYS T 18 17.47 38.85 -6.18
N PRO T 19 16.37 39.61 -6.16
CA PRO T 19 16.49 41.06 -5.99
C PRO T 19 17.17 41.39 -4.68
N GLU T 20 18.00 42.42 -4.71
CA GLU T 20 18.78 42.76 -3.52
C GLU T 20 17.95 43.30 -2.35
N PRO T 21 16.88 44.09 -2.54
CA PRO T 21 16.11 44.50 -1.36
C PRO T 21 15.46 43.36 -0.61
N THR T 22 14.90 42.38 -1.32
CA THR T 22 14.28 41.24 -0.64
C THR T 22 15.32 40.42 0.12
N ALA T 23 16.46 40.17 -0.50
CA ALA T 23 17.52 39.45 0.19
C ALA T 23 18.03 40.25 1.38
N PHE T 24 18.13 41.57 1.25
CA PHE T 24 18.48 42.42 2.37
C PHE T 24 17.51 42.23 3.53
N ALA T 25 16.22 42.34 3.25
CA ALA T 25 15.22 42.24 4.31
C ALA T 25 15.27 40.88 4.98
N ALA T 26 15.36 39.81 4.19
CA ALA T 26 15.41 38.47 4.77
C ALA T 26 16.67 38.26 5.56
N ILE T 27 17.80 38.79 5.09
CA ILE T 27 19.05 38.67 5.83
C ILE T 27 18.94 39.38 7.16
N ARG T 28 18.35 40.57 7.16
CA ARG T 28 18.17 41.31 8.41
C ARG T 28 17.27 40.56 9.38
N GLU T 29 16.18 39.98 8.90
CA GLU T 29 15.30 39.23 9.79
C GLU T 29 15.98 37.97 10.33
N ALA T 30 16.76 37.30 9.49
CA ALA T 30 17.52 36.15 9.96
C ALA T 30 18.53 36.57 11.01
N ALA T 31 19.16 37.73 10.83
CA ALA T 31 20.08 38.25 11.84
C ALA T 31 19.36 38.61 13.12
N ILE T 32 18.12 39.09 13.01
CA ILE T 32 17.31 39.35 14.19
C ILE T 32 17.08 38.07 14.96
N LYS T 33 16.71 37.00 14.26
CA LYS T 33 16.53 35.71 14.92
C LYS T 33 17.83 35.20 15.53
N PHE T 34 18.94 35.38 14.82
CA PHE T 34 20.24 34.95 15.31
C PHE T 34 20.59 35.66 16.61
N CYS T 35 20.42 36.98 16.65
CA CYS T 35 20.73 37.73 17.87
C CYS T 35 19.72 37.44 18.96
N GLU T 36 18.49 37.04 18.58
CA GLU T 36 17.50 36.65 19.57
C GLU T 36 17.92 35.36 20.26
N ARG T 37 18.49 34.42 19.52
CA ARG T 37 18.90 33.16 20.14
C ARG T 37 20.32 33.25 20.71
N THR T 38 21.26 33.81 19.93
CA THR T 38 22.64 33.87 20.38
C THR T 38 22.89 34.91 21.46
N ARG T 39 22.29 36.10 21.34
CA ARG T 39 22.48 37.20 22.28
C ARG T 39 23.94 37.64 22.41
N LEU T 40 24.70 37.63 21.32
CA LEU T 40 26.09 38.03 21.40
C LEU T 40 26.27 39.54 21.32
N TRP T 41 25.51 40.21 20.46
CA TRP T 41 25.74 41.63 20.23
C TRP T 41 25.48 42.43 21.50
N ARG T 42 26.45 43.26 21.87
CA ARG T 42 26.39 44.00 23.12
C ARG T 42 26.85 45.42 22.91
N CYS T 43 26.26 46.35 23.65
CA CYS T 43 26.67 47.75 23.65
C CYS T 43 26.32 48.37 24.99
N ASP T 44 27.02 49.44 25.33
CA ASP T 44 26.78 50.18 26.56
C ASP T 44 26.46 51.63 26.25
N ASP T 45 25.60 52.23 27.05
CA ASP T 45 25.23 53.63 26.90
C ASP T 45 25.15 54.30 28.26
N GLU T 46 25.34 55.61 28.28
CA GLU T 46 25.25 56.41 29.49
C GLU T 46 24.33 57.60 29.22
N PHE T 47 23.40 57.84 30.15
CA PHE T 47 22.47 58.95 30.02
C PHE T 47 21.94 59.30 31.40
N ASN T 48 21.35 60.49 31.50
CA ASN T 48 20.90 61.04 32.78
C ASN T 48 19.38 60.96 32.86
N VAL T 49 18.89 60.53 34.02
CA VAL T 49 17.47 60.42 34.30
C VAL T 49 17.18 61.19 35.59
N GLY T 50 16.13 61.99 35.58
CA GLY T 50 15.78 62.76 36.77
C GLY T 50 14.35 63.24 36.74
N ALA T 51 13.85 63.54 37.95
CA ALA T 51 12.54 64.16 38.14
C ALA T 51 11.42 63.31 37.50
N ASP T 52 11.41 62.03 37.85
CA ASP T 52 10.38 61.10 37.38
C ASP T 52 10.27 61.10 35.86
N GLU T 53 11.34 60.68 35.21
CA GLU T 53 11.39 60.64 33.75
C GLU T 53 11.55 59.19 33.29
N CYS T 54 10.61 58.74 32.45
CA CYS T 54 10.67 57.40 31.88
C CYS T 54 11.55 57.45 30.63
N ALA T 55 12.84 57.68 30.83
CA ALA T 55 13.75 57.88 29.71
C ALA T 55 13.91 56.59 28.90
N GLU T 56 14.18 56.77 27.61
CA GLU T 56 14.35 55.66 26.68
C GLU T 56 15.83 55.43 26.44
N VAL T 57 16.20 54.18 26.21
CA VAL T 57 17.60 53.83 25.99
C VAL T 57 18.05 54.34 24.62
N ALA T 58 19.33 54.67 24.53
CA ALA T 58 19.94 55.09 23.28
C ALA T 58 20.81 53.97 22.74
N VAL T 59 20.59 53.62 21.47
CA VAL T 59 21.28 52.51 20.82
C VAL T 59 21.79 52.96 19.47
N PRO T 60 22.73 52.23 18.86
CA PRO T 60 23.14 52.58 17.49
C PRO T 60 21.95 52.57 16.55
N TYR T 61 22.00 53.48 15.57
CA TYR T 61 20.82 53.79 14.76
C TYR T 61 20.30 52.57 14.01
N GLY T 62 21.21 51.77 13.44
CA GLY T 62 20.80 50.59 12.73
C GLY T 62 20.65 49.37 13.64
N ALA T 63 20.07 49.56 14.82
CA ALA T 63 19.93 48.48 15.78
C ALA T 63 18.82 48.83 16.76
N ALA T 64 18.37 47.80 17.48
CA ALA T 64 17.36 47.96 18.53
C ALA T 64 17.81 47.18 19.76
N LEU T 65 17.35 47.64 20.92
CA LEU T 65 17.73 47.03 22.19
C LEU T 65 16.89 45.80 22.43
N TYR T 66 17.49 44.62 22.29
CA TYR T 66 16.78 43.39 22.58
C TYR T 66 16.46 43.28 24.07
N GLU T 67 17.46 43.45 24.92
CA GLU T 67 17.37 42.92 26.28
C GLU T 67 18.48 43.54 27.11
N MET T 68 18.15 43.93 28.32
CA MET T 68 19.09 44.60 29.21
C MET T 68 19.90 43.56 29.97
N GLU T 69 21.15 43.37 29.57
CA GLU T 69 22.01 42.42 30.25
C GLU T 69 22.27 42.85 31.69
N LEU T 70 22.51 44.14 31.91
CA LEU T 70 22.70 44.67 33.25
C LEU T 70 22.48 46.18 33.22
N VAL T 71 21.88 46.69 34.29
CA VAL T 71 21.58 48.10 34.44
C VAL T 71 22.28 48.61 35.70
N GLN T 72 23.01 49.71 35.58
CA GLN T 72 23.66 50.35 36.70
C GLN T 72 23.17 51.78 36.84
N PHE T 73 22.82 52.18 38.05
CA PHE T 73 22.44 53.56 38.36
C PHE T 73 23.57 54.19 39.16
N ASN T 74 24.13 55.29 38.63
CA ASN T 74 25.15 56.12 39.28
C ASN T 74 26.15 55.28 40.09
N GLY T 75 26.55 54.15 39.53
CA GLY T 75 27.52 53.28 40.17
C GLY T 75 26.96 52.17 41.01
N ARG T 76 25.64 51.96 41.02
CA ARG T 76 25.00 50.91 41.81
C ARG T 76 24.52 49.79 40.91
N ASN T 77 24.88 48.56 41.26
CA ASN T 77 24.46 47.38 40.51
C ASN T 77 23.02 47.04 40.90
N MET T 78 22.08 47.29 40.01
CA MET T 78 20.67 47.22 40.36
C MET T 78 20.08 45.85 40.04
N ARG T 79 18.93 45.56 40.67
CA ARG T 79 18.25 44.28 40.50
C ARG T 79 16.93 44.48 39.77
N PRO T 80 16.78 44.02 38.53
CA PRO T 80 15.51 44.18 37.82
C PRO T 80 14.42 43.29 38.40
N VAL T 81 13.19 43.81 38.43
CA VAL T 81 12.02 43.07 38.88
C VAL T 81 10.86 43.36 37.93
N SER T 82 9.92 42.42 37.87
CA SER T 82 8.71 42.65 37.09
C SER T 82 7.80 43.62 37.83
N THR T 83 6.89 44.25 37.07
CA THR T 83 6.01 45.24 37.67
C THR T 83 5.06 44.60 38.68
N GLN T 84 4.64 43.36 38.45
CA GLN T 84 3.78 42.68 39.41
C GLN T 84 4.54 42.37 40.70
N TRP T 85 5.84 42.12 40.59
CA TRP T 85 6.63 41.90 41.81
C TRP T 85 6.67 43.15 42.67
N LEU T 86 6.81 44.33 42.06
CA LEU T 86 6.70 45.56 42.82
C LEU T 86 5.29 45.73 43.37
N ASP T 87 4.27 45.44 42.56
CA ASP T 87 2.89 45.58 43.01
C ASP T 87 2.65 44.78 44.28
N GLU T 88 3.24 43.58 44.35
CA GLU T 88 3.10 42.75 45.54
C GLU T 88 3.95 43.27 46.68
N GLN T 89 5.26 43.35 46.47
CA GLN T 89 6.19 43.65 47.57
C GLN T 89 6.13 45.12 47.97
N VAL T 90 6.10 46.02 47.00
CA VAL T 90 6.20 47.45 47.29
C VAL T 90 4.92 48.17 46.87
N PRO T 91 3.98 48.40 47.78
CA PRO T 91 2.78 49.16 47.42
C PRO T 91 3.13 50.62 47.16
N ASP T 92 2.16 51.30 46.53
CA ASP T 92 2.27 52.73 46.24
C ASP T 92 3.48 53.04 45.35
N TRP T 93 3.89 52.09 44.52
CA TRP T 93 4.97 52.35 43.57
C TRP T 93 4.59 53.45 42.58
N ARG T 94 3.34 53.45 42.13
CA ARG T 94 2.92 54.43 41.13
C ARG T 94 2.48 55.73 41.79
N THR T 95 1.81 55.65 42.93
CA THR T 95 1.24 56.83 43.57
C THR T 95 2.32 57.74 44.15
N THR T 96 3.33 57.16 44.80
CA THR T 96 4.30 57.96 45.53
C THR T 96 5.18 58.76 44.58
N THR T 97 5.67 59.90 45.06
CA THR T 97 6.62 60.73 44.34
C THR T 97 7.92 60.93 45.12
N GLN T 98 8.08 60.26 46.26
CA GLN T 98 9.24 60.48 47.10
C GLN T 98 10.50 59.99 46.40
N SER T 99 11.58 60.75 46.54
CA SER T 99 12.86 60.36 45.98
C SER T 99 13.73 59.68 47.03
N GLY T 100 14.39 58.60 46.62
CA GLY T 100 15.26 57.87 47.53
C GLY T 100 16.27 57.07 46.73
N GLN T 101 17.20 56.44 47.46
CA GLN T 101 18.23 55.64 46.81
C GLN T 101 17.60 54.52 46.01
N ALA T 102 17.94 54.47 44.71
CA ALA T 102 17.28 53.54 43.80
C ALA T 102 17.63 52.10 44.11
N GLN T 103 16.64 51.22 44.05
CA GLN T 103 16.83 49.82 44.37
C GLN T 103 16.39 48.87 43.27
N TYR T 104 15.31 49.19 42.54
CA TYR T 104 14.71 48.23 41.62
C TYR T 104 14.43 48.90 40.29
N VAL T 105 14.57 48.15 39.20
CA VAL T 105 14.31 48.63 37.84
C VAL T 105 13.10 47.89 37.28
N THR T 106 12.19 48.65 36.67
CA THR T 106 10.99 48.09 36.05
C THR T 106 10.82 48.72 34.68
N GLN T 107 10.39 47.90 33.71
CA GLN T 107 10.24 48.35 32.33
C GLN T 107 8.76 48.36 31.96
N GLN T 108 8.14 49.53 32.09
CA GLN T 108 6.73 49.67 31.73
C GLN T 108 6.52 49.53 30.23
N SER T 109 7.32 50.24 29.44
CA SER T 109 7.25 50.17 27.98
C SER T 109 8.25 49.14 27.46
N GLU T 110 8.47 49.17 26.15
CA GLU T 110 9.47 48.29 25.56
C GLU T 110 10.88 48.82 25.79
N ASP T 111 11.05 50.14 25.75
CA ASP T 111 12.38 50.75 25.85
C ASP T 111 12.51 51.74 26.99
N THR T 112 11.46 51.92 27.79
CA THR T 112 11.50 52.84 28.92
C THR T 112 11.63 52.06 30.22
N LEU T 113 12.67 52.36 30.98
CA LEU T 113 12.96 51.68 32.23
C LEU T 113 12.74 52.64 33.40
N THR T 114 12.08 52.15 34.44
CA THR T 114 11.66 52.95 35.58
C THR T 114 12.21 52.36 36.86
N PHE T 115 12.68 53.23 37.76
CA PHE T 115 13.16 52.81 39.07
C PHE T 115 12.06 53.11 40.09
N VAL T 116 11.86 52.20 41.05
CA VAL T 116 10.89 52.46 42.11
C VAL T 116 11.26 53.66 43.00
N PRO T 117 12.55 53.87 43.39
CA PRO T 117 12.92 55.21 43.83
C PRO T 117 13.47 56.05 42.68
N ALA T 118 12.82 57.16 42.35
CA ALA T 118 13.34 58.00 41.28
C ALA T 118 14.31 59.04 41.82
N GLU T 119 15.41 59.25 41.09
CA GLU T 119 16.38 60.28 41.43
C GLU T 119 16.80 61.00 40.16
N ALA T 120 17.68 61.98 40.34
CA ALA T 120 18.43 62.59 39.25
C ALA T 120 19.85 62.03 39.28
N GLY T 121 20.13 61.05 38.43
CA GLY T 121 21.42 60.41 38.44
C GLY T 121 21.75 59.75 37.13
N SER T 122 23.04 59.52 36.92
CA SER T 122 23.50 58.90 35.69
C SER T 122 23.07 57.44 35.64
N VAL T 123 22.65 57.01 34.45
CA VAL T 123 22.21 55.63 34.22
C VAL T 123 23.14 55.02 33.19
N ARG T 124 23.76 53.90 33.55
CA ARG T 124 24.59 53.13 32.64
C ARG T 124 23.92 51.79 32.40
N VAL T 125 23.60 51.50 31.14
CA VAL T 125 22.91 50.27 30.77
C VAL T 125 23.81 49.47 29.85
N TYR T 126 24.09 48.23 30.24
CA TYR T 126 24.78 47.27 29.39
C TYR T 126 23.76 46.24 28.93
N GLY T 127 23.33 46.36 27.68
CA GLY T 127 22.24 45.54 27.19
C GLY T 127 22.58 44.91 25.86
N LEU T 128 22.07 43.71 25.65
CA LEU T 128 22.25 43.00 24.40
C LEU T 128 21.55 43.76 23.28
N LEU T 129 22.15 43.72 22.09
CA LEU T 129 21.63 44.45 20.94
C LEU T 129 21.01 43.50 19.93
N LYS T 130 20.12 44.05 19.13
CA LYS T 130 19.40 43.35 18.08
C LYS T 130 19.28 44.23 16.85
N PRO T 131 19.70 43.76 15.69
CA PRO T 131 19.59 44.58 14.48
C PRO T 131 18.15 44.92 14.18
N THR T 132 17.92 46.13 13.69
CA THR T 132 16.58 46.54 13.33
C THR T 132 16.17 45.89 12.01
N LEU T 133 14.89 46.04 11.68
CA LEU T 133 14.36 45.41 10.47
C LEU T 133 14.97 46.03 9.21
N ASP T 134 15.40 47.28 9.29
CA ASP T 134 16.02 47.99 8.17
C ASP T 134 17.35 48.61 8.62
N ALA T 135 18.40 47.81 8.54
CA ALA T 135 19.76 48.24 8.85
C ALA T 135 20.65 47.96 7.65
N ASP T 136 21.29 49.00 7.12
CA ASP T 136 22.10 48.83 5.93
C ASP T 136 23.31 47.95 6.19
N SER T 137 23.97 48.14 7.33
CA SER T 137 25.20 47.42 7.66
C SER T 137 24.99 46.66 8.96
N LEU T 138 25.24 45.35 8.92
CA LEU T 138 25.22 44.54 10.12
C LEU T 138 26.52 44.71 10.90
N PRO T 139 26.51 44.46 12.20
CA PRO T 139 27.74 44.54 12.98
C PRO T 139 28.76 43.50 12.51
N ASP T 140 30.01 43.72 12.92
CA ASP T 140 31.12 42.94 12.38
C ASP T 140 31.02 41.47 12.76
N LEU T 141 30.56 41.18 13.98
CA LEU T 141 30.53 39.80 14.44
C LEU T 141 29.53 38.96 13.64
N LEU T 142 28.41 39.57 13.26
CA LEU T 142 27.42 38.84 12.45
C LEU T 142 27.97 38.53 11.06
N ALA T 143 28.57 39.52 10.40
CA ALA T 143 28.93 39.35 9.00
C ALA T 143 30.25 38.60 8.84
N ASP T 144 31.31 39.10 9.50
CA ASP T 144 32.65 38.56 9.26
C ASP T 144 32.78 37.13 9.78
N THR T 145 32.28 36.87 10.99
CA THR T 145 32.53 35.60 11.66
C THR T 145 31.44 34.56 11.45
N TYR T 146 30.18 34.95 11.46
CA TYR T 146 29.05 34.03 11.37
C TYR T 146 28.20 34.31 10.15
N ARG T 147 28.86 34.48 9.00
CA ARG T 147 28.14 34.74 7.75
C ARG T 147 27.29 33.54 7.36
N LYS T 148 27.81 32.33 7.54
CA LYS T 148 27.14 31.15 7.01
C LYS T 148 25.79 30.91 7.69
N THR T 149 25.71 31.13 9.01
CA THR T 149 24.48 30.83 9.72
C THR T 149 23.34 31.77 9.33
N ILE T 150 23.60 33.08 9.33
CA ILE T 150 22.59 34.03 8.93
C ILE T 150 22.26 33.85 7.45
N ALA T 151 23.27 33.48 6.65
CA ALA T 151 23.02 33.16 5.25
C ALA T 151 22.07 31.98 5.12
N ASP T 152 22.23 30.97 5.97
CA ASP T 152 21.33 29.82 5.94
C ASP T 152 19.91 30.23 6.30
N GLY T 153 19.76 31.06 7.32
CA GLY T 153 18.43 31.52 7.67
C GLY T 153 17.76 32.30 6.55
N ALA T 154 18.51 33.24 5.96
CA ALA T 154 17.96 34.02 4.85
C ALA T 154 17.66 33.13 3.65
N LEU T 155 18.51 32.14 3.39
CA LEU T 155 18.27 31.23 2.27
C LEU T 155 17.01 30.42 2.49
N SER T 156 16.79 29.97 3.73
CA SER T 156 15.52 29.31 4.03
C SER T 156 14.35 30.23 3.71
N GLU T 157 14.39 31.46 4.23
CA GLU T 157 13.26 32.38 4.03
C GLU T 157 13.02 32.65 2.55
N LEU T 158 14.10 32.80 1.77
CA LEU T 158 13.97 33.01 0.33
C LEU T 158 13.39 31.77 -0.37
N LEU T 159 13.93 30.59 -0.07
CA LEU T 159 13.48 29.40 -0.76
C LEU T 159 12.04 29.07 -0.41
N ILE T 160 11.51 29.70 0.64
CA ILE T 160 10.10 29.52 0.96
C ILE T 160 9.19 30.14 -0.12
N ILE T 161 9.56 31.30 -0.65
CA ILE T 161 8.62 32.13 -1.42
C ILE T 161 8.10 31.37 -2.63
N PRO T 162 6.83 31.53 -2.99
CA PRO T 162 6.21 30.66 -3.97
C PRO T 162 6.28 31.20 -5.40
N GLY T 163 5.85 30.35 -6.33
CA GLY T 163 5.67 30.75 -7.71
C GLY T 163 6.94 31.16 -8.43
N LYS T 164 8.03 30.43 -8.22
CA LYS T 164 9.32 30.78 -8.82
C LYS T 164 10.12 29.51 -9.09
N ALA T 165 11.14 29.66 -9.95
CA ALA T 165 12.13 28.61 -10.11
C ALA T 165 12.93 28.43 -8.83
N TRP T 166 12.81 29.39 -7.92
CA TRP T 166 13.54 29.34 -6.65
C TRP T 166 12.95 28.31 -5.72
N MET T 167 11.65 28.03 -5.85
CA MET T 167 10.93 27.22 -4.88
C MET T 167 11.47 25.81 -4.84
N SER T 168 11.82 25.36 -3.64
CA SER T 168 12.23 23.97 -3.41
C SER T 168 12.05 23.68 -1.94
N ALA T 169 11.05 22.86 -1.61
CA ALA T 169 10.73 22.60 -0.21
C ALA T 169 11.87 21.88 0.50
N ASP T 170 12.47 20.89 -0.17
CA ASP T 170 13.55 20.12 0.46
C ASP T 170 14.72 21.02 0.85
N LEU T 171 15.13 21.89 -0.06
CA LEU T 171 16.28 22.76 0.22
C LEU T 171 15.95 23.75 1.33
N ALA T 172 14.74 24.31 1.31
CA ALA T 172 14.34 25.24 2.35
C ALA T 172 14.33 24.57 3.72
N VAL T 173 13.78 23.35 3.80
CA VAL T 173 13.75 22.63 5.06
C VAL T 173 15.16 22.32 5.53
N PHE T 174 16.03 21.90 4.61
CA PHE T 174 17.40 21.59 4.96
C PHE T 174 18.14 22.81 5.51
N PHE T 175 17.98 23.96 4.85
CA PHE T 175 18.64 25.17 5.32
C PHE T 175 18.06 25.65 6.64
N GLY T 176 16.75 25.52 6.81
CA GLY T 176 16.15 25.87 8.10
C GLY T 176 16.67 25.01 9.23
N THR T 177 16.81 23.70 8.99
CA THR T 177 17.35 22.81 10.01
C THR T 177 18.80 23.14 10.32
N ARG T 178 19.60 23.45 9.30
CA ARG T 178 20.98 23.84 9.57
C ARG T 178 21.05 25.13 10.37
N PHE T 179 20.21 26.10 10.02
CA PHE T 179 20.16 27.35 10.79
C PHE T 179 19.79 27.08 12.24
N ASP T 180 18.79 26.24 12.45
CA ASP T 180 18.37 25.91 13.81
C ASP T 180 19.50 25.25 14.59
N ARG T 181 20.20 24.29 13.96
CA ARG T 181 21.26 23.58 14.66
C ARG T 181 22.44 24.50 14.97
N GLU T 182 22.80 25.38 14.05
CA GLU T 182 23.92 26.29 14.30
C GLU T 182 23.56 27.28 15.40
N LEU T 183 22.34 27.84 15.35
CA LEU T 183 21.87 28.67 16.44
C LEU T 183 21.91 27.91 17.76
N ASP T 184 21.55 26.63 17.72
CA ASP T 184 21.49 25.81 18.91
C ASP T 184 22.88 25.64 19.51
N ARG T 185 23.88 25.39 18.67
CA ARG T 185 25.25 25.26 19.17
C ARG T 185 25.77 26.58 19.71
N LEU T 186 25.46 27.70 19.05
CA LEU T 186 25.96 28.99 19.48
C LEU T 186 25.16 29.62 20.62
N SER T 187 24.06 28.98 21.05
CA SER T 187 23.23 29.54 22.11
C SER T 187 24.02 29.81 23.39
N THR T 188 25.05 29.03 23.66
CA THR T 188 25.78 29.12 24.93
C THR T 188 26.87 30.19 24.93
N LYS T 189 27.09 30.88 23.81
CA LYS T 189 28.27 31.72 23.68
C LYS T 189 28.23 32.91 24.64
N THR T 190 27.03 33.30 25.09
CA THR T 190 26.95 34.41 26.04
C THR T 190 27.67 34.08 27.33
N ILE T 191 27.34 32.95 27.95
CA ILE T 191 28.00 32.55 29.18
C ILE T 191 29.43 32.11 28.89
N LYS T 192 29.64 31.40 27.78
CA LYS T 192 30.95 30.85 27.50
C LYS T 192 31.88 31.89 26.90
N GLY T 193 31.54 32.40 25.72
CA GLY T 193 32.46 33.23 24.97
C GLY T 193 33.54 32.38 24.31
N GLN T 194 34.50 33.08 23.72
CA GLN T 194 35.65 32.41 23.13
C GLN T 194 36.69 32.02 24.17
N GLN T 195 36.46 32.38 25.44
CA GLN T 195 37.42 32.17 26.50
C GLN T 195 37.23 30.85 27.24
N ARG T 196 36.20 30.06 26.89
CA ARG T 196 35.90 28.79 27.53
C ARG T 196 35.54 28.96 29.01
N ALA T 197 34.82 30.03 29.34
CA ALA T 197 34.34 30.17 30.69
C ALA T 197 33.30 29.09 31.00
N PRO T 198 33.45 28.36 32.11
CA PRO T 198 32.52 27.27 32.40
C PRO T 198 31.15 27.80 32.80
N VAL T 199 30.15 26.95 32.60
CA VAL T 199 28.76 27.25 32.95
C VAL T 199 28.44 26.46 34.21
N ARG T 200 28.16 27.16 35.30
CA ARG T 200 27.93 26.54 36.60
C ARG T 200 26.63 27.05 37.19
N THR T 201 25.78 26.12 37.66
CA THR T 201 24.50 26.49 38.23
C THR T 201 24.67 27.21 39.56
N ARG T 202 23.93 28.29 39.73
CA ARG T 202 23.93 29.01 41.00
C ARG T 202 23.27 28.15 42.08
N ALA T 203 23.88 28.14 43.26
CA ALA T 203 23.45 27.30 44.37
C ALA T 203 22.71 28.12 45.40
N GLN T 204 21.56 27.62 45.84
CA GLN T 204 20.73 28.29 46.84
C GLN T 204 20.74 27.47 48.13
N PHE T 205 21.05 28.12 49.24
CA PHE T 205 21.09 27.47 50.54
C PHE T 205 20.00 28.02 51.46
N VAL U 4 -24.68 -70.13 -85.45
CA VAL U 4 -25.38 -69.04 -86.11
C VAL U 4 -25.37 -69.24 -87.63
N GLN U 5 -26.44 -69.83 -88.15
CA GLN U 5 -26.55 -70.02 -89.58
C GLN U 5 -26.81 -68.71 -90.29
N PHE U 6 -26.54 -68.68 -91.59
CA PHE U 6 -26.73 -67.47 -92.38
C PHE U 6 -27.77 -67.71 -93.47
N ALA U 7 -28.40 -66.60 -93.90
CA ALA U 7 -29.47 -66.64 -94.89
C ALA U 7 -28.94 -66.10 -96.21
N ASN U 8 -29.60 -66.49 -97.29
CA ASN U 8 -29.17 -66.12 -98.63
C ASN U 8 -30.37 -65.74 -99.49
N ASN U 9 -30.40 -64.49 -99.95
CA ASN U 9 -31.39 -64.01 -100.92
C ASN U 9 -32.81 -64.32 -100.47
N ALA U 10 -33.07 -64.16 -99.17
CA ALA U 10 -34.35 -64.51 -98.56
C ALA U 10 -35.08 -63.24 -98.17
N ALA U 11 -36.31 -63.09 -98.66
CA ALA U 11 -37.12 -61.90 -98.42
C ALA U 11 -38.59 -62.31 -98.42
N SER U 12 -39.26 -62.04 -97.31
CA SER U 12 -40.65 -62.43 -97.24
C SER U 12 -41.52 -61.37 -96.63
N ARG U 13 -42.82 -61.56 -96.73
CA ARG U 13 -43.77 -60.63 -96.14
C ARG U 13 -44.31 -61.18 -94.84
N LEU U 14 -44.45 -60.30 -93.84
CA LEU U 14 -45.05 -60.66 -92.56
C LEU U 14 -46.57 -60.52 -92.70
N VAL U 15 -47.22 -61.60 -93.12
CA VAL U 15 -48.64 -61.54 -93.43
C VAL U 15 -49.47 -61.38 -92.15
N GLY U 16 -49.08 -62.08 -91.08
CA GLY U 16 -49.81 -62.02 -89.84
C GLY U 16 -49.25 -60.96 -88.92
N PRO U 17 -50.05 -59.91 -88.66
CA PRO U 17 -49.53 -58.72 -87.99
C PRO U 17 -48.87 -59.02 -86.66
N LEU U 18 -47.75 -58.35 -86.39
CA LEU U 18 -46.94 -58.58 -85.21
C LEU U 18 -47.18 -57.48 -84.19
N ALA U 19 -47.49 -57.87 -82.96
CA ALA U 19 -47.60 -56.92 -81.87
C ALA U 19 -46.22 -56.45 -81.45
N PRO U 20 -46.13 -55.32 -80.72
CA PRO U 20 -44.83 -54.90 -80.19
C PRO U 20 -44.19 -55.93 -79.28
N SER U 21 -44.99 -56.83 -78.70
CA SER U 21 -44.48 -57.98 -77.95
C SER U 21 -45.01 -59.24 -78.63
N GLY U 22 -44.16 -59.85 -79.47
CA GLY U 22 -44.59 -60.99 -80.25
C GLY U 22 -43.70 -62.21 -80.08
N THR U 23 -44.28 -63.40 -80.28
CA THR U 23 -43.52 -64.62 -80.06
C THR U 23 -43.14 -65.30 -81.37
N SER U 24 -43.99 -65.18 -82.40
CA SER U 24 -43.77 -65.88 -83.66
C SER U 24 -44.16 -65.00 -84.83
N LEU U 25 -43.66 -65.38 -86.00
CA LEU U 25 -43.90 -64.67 -87.25
C LEU U 25 -44.47 -65.63 -88.29
N THR U 26 -45.21 -65.08 -89.24
CA THR U 26 -45.78 -65.84 -90.34
C THR U 26 -45.38 -65.18 -91.66
N VAL U 27 -44.45 -65.82 -92.37
CA VAL U 27 -44.01 -65.36 -93.68
C VAL U 27 -44.99 -65.85 -94.73
N THR U 28 -44.82 -65.38 -95.97
CA THR U 28 -45.60 -65.91 -97.07
C THR U 28 -45.35 -67.40 -97.23
N PRO U 29 -46.38 -68.18 -97.57
CA PRO U 29 -46.22 -69.64 -97.62
C PRO U 29 -45.16 -70.11 -98.59
N GLY U 30 -45.01 -69.43 -99.73
CA GLY U 30 -44.04 -69.88 -100.73
C GLY U 30 -42.60 -69.73 -100.30
N ASP U 31 -42.29 -68.63 -99.60
CA ASP U 31 -40.90 -68.28 -99.34
C ASP U 31 -40.35 -68.95 -98.08
N GLY U 32 -41.18 -69.71 -97.36
CA GLY U 32 -40.73 -70.27 -96.09
C GLY U 32 -39.55 -71.21 -96.23
N ALA U 33 -39.50 -71.96 -97.32
CA ALA U 33 -38.40 -72.90 -97.52
C ALA U 33 -37.10 -72.17 -97.85
N LEU U 34 -37.20 -70.98 -98.44
CA LEU U 34 -36.00 -70.26 -98.85
C LEU U 34 -35.17 -69.81 -97.64
N PHE U 35 -35.83 -69.48 -96.54
CA PHE U 35 -35.11 -69.17 -95.32
C PHE U 35 -34.38 -70.42 -94.83
N PRO U 36 -33.22 -70.27 -94.19
CA PRO U 36 -32.47 -71.45 -93.74
C PRO U 36 -33.28 -72.29 -92.76
N THR U 37 -33.13 -73.61 -92.88
CA THR U 37 -33.99 -74.55 -92.17
C THR U 37 -33.74 -74.53 -90.67
N LEU U 38 -32.48 -74.28 -90.26
CA LEU U 38 -32.08 -74.21 -88.86
C LEU U 38 -32.14 -75.56 -88.16
N GLY U 39 -31.87 -75.54 -86.86
CA GLY U 39 -31.92 -76.73 -86.02
C GLY U 39 -31.95 -76.33 -84.57
N ALA U 40 -31.86 -77.32 -83.70
CA ALA U 40 -31.87 -77.07 -82.26
C ALA U 40 -30.63 -76.28 -81.85
N GLY U 41 -30.86 -75.12 -81.23
CA GLY U 41 -29.78 -74.26 -80.81
C GLY U 41 -29.15 -73.46 -81.93
N ASP U 42 -29.71 -73.50 -83.12
CA ASP U 42 -29.16 -72.83 -84.30
C ASP U 42 -30.12 -71.74 -84.73
N TRP U 43 -29.60 -70.54 -84.98
CA TRP U 43 -30.41 -69.40 -85.36
C TRP U 43 -29.77 -68.62 -86.50
N PHE U 44 -30.61 -68.07 -87.36
CA PHE U 44 -30.21 -67.07 -88.34
C PHE U 44 -30.84 -65.76 -87.93
N MET U 45 -30.17 -64.66 -88.20
CA MET U 45 -30.60 -63.37 -87.68
C MET U 45 -31.35 -62.63 -88.78
N ALA U 46 -32.54 -62.13 -88.45
CA ALA U 46 -33.48 -61.61 -89.45
C ALA U 46 -33.78 -60.14 -89.23
N THR U 47 -33.74 -59.36 -90.29
CA THR U 47 -34.02 -57.93 -90.24
C THR U 47 -35.49 -57.70 -90.58
N LEU U 48 -36.22 -57.10 -89.64
CA LEU U 48 -37.65 -56.84 -89.81
C LEU U 48 -37.85 -55.40 -90.27
N ILE U 49 -37.95 -55.20 -91.59
CA ILE U 49 -38.07 -53.87 -92.16
C ILE U 49 -39.54 -53.62 -92.48
N ARG U 50 -40.11 -52.60 -91.86
CA ARG U 50 -41.51 -52.27 -92.07
C ARG U 50 -41.65 -51.14 -93.09
N SER U 51 -42.89 -50.67 -93.25
CA SER U 51 -43.13 -49.50 -94.05
C SER U 51 -42.43 -48.29 -93.45
N ASP U 52 -42.03 -47.35 -94.31
CA ASP U 52 -41.26 -46.17 -93.94
C ASP U 52 -39.85 -46.58 -93.53
N GLY U 53 -39.10 -45.67 -92.91
CA GLY U 53 -37.71 -45.93 -92.64
C GLY U 53 -37.47 -46.78 -91.40
N ALA U 54 -38.48 -46.92 -90.56
CA ALA U 54 -38.33 -47.65 -89.31
C ALA U 54 -37.98 -49.12 -89.58
N ARG U 55 -36.97 -49.62 -88.86
CA ARG U 55 -36.58 -51.02 -88.93
C ARG U 55 -36.32 -51.54 -87.52
N GLU U 56 -36.71 -52.79 -87.28
CA GLU U 56 -36.41 -53.49 -86.03
C GLU U 56 -35.74 -54.82 -86.37
N ILE U 57 -34.85 -55.27 -85.51
CA ILE U 57 -34.11 -56.50 -85.76
C ILE U 57 -34.69 -57.62 -84.91
N VAL U 58 -34.86 -58.79 -85.51
CA VAL U 58 -35.48 -59.93 -84.84
C VAL U 58 -34.67 -61.19 -85.07
N LYS U 59 -34.69 -62.09 -84.08
CA LYS U 59 -33.89 -63.31 -84.11
C LYS U 59 -34.78 -64.53 -84.19
N VAL U 60 -34.48 -65.43 -85.13
CA VAL U 60 -35.24 -66.64 -85.35
C VAL U 60 -34.50 -67.79 -84.66
N THR U 61 -35.00 -68.20 -83.48
CA THR U 61 -34.38 -69.32 -82.79
C THR U 61 -34.65 -70.64 -83.51
N SER U 62 -35.79 -70.74 -84.19
CA SER U 62 -36.14 -71.93 -84.96
C SER U 62 -37.32 -71.61 -85.86
N ARG U 63 -37.42 -72.34 -86.97
CA ARG U 63 -38.52 -72.19 -87.92
C ARG U 63 -39.14 -73.55 -88.20
N THR U 64 -40.46 -73.60 -88.16
CA THR U 64 -41.21 -74.83 -88.43
C THR U 64 -42.16 -74.57 -89.59
N VAL U 65 -42.03 -75.38 -90.65
CA VAL U 65 -42.85 -75.26 -91.85
C VAL U 65 -42.68 -73.83 -92.38
N ASP U 66 -43.70 -72.98 -92.18
CA ASP U 66 -43.71 -71.62 -92.71
C ASP U 66 -43.76 -70.57 -91.62
N ALA U 67 -43.91 -70.96 -90.36
CA ALA U 67 -44.01 -70.02 -89.25
C ALA U 67 -42.89 -70.29 -88.26
N MET U 68 -42.22 -69.23 -87.83
CA MET U 68 -41.08 -69.33 -86.93
C MET U 68 -41.33 -68.51 -85.67
N SER U 69 -40.91 -69.06 -84.53
CA SER U 69 -40.91 -68.30 -83.29
C SER U 69 -39.83 -67.22 -83.34
N ILE U 70 -40.12 -66.10 -82.70
CA ILE U 70 -39.28 -64.91 -82.83
C ILE U 70 -38.89 -64.39 -81.46
N THR U 71 -37.75 -63.70 -81.40
CA THR U 71 -37.29 -62.99 -80.22
C THR U 71 -36.95 -61.57 -80.63
N ARG U 72 -37.35 -60.60 -79.80
CA ARG U 72 -37.25 -59.19 -80.17
C ARG U 72 -36.07 -58.52 -79.48
N ALA U 73 -35.59 -57.44 -80.10
CA ALA U 73 -34.61 -56.53 -79.49
C ALA U 73 -33.31 -57.25 -79.11
N GLN U 74 -32.58 -57.74 -80.12
CA GLN U 74 -31.28 -58.35 -79.86
C GLN U 74 -30.17 -57.30 -79.87
N GLU U 75 -30.16 -56.43 -80.88
CA GLU U 75 -29.14 -55.41 -81.00
C GLU U 75 -29.53 -54.11 -80.30
N GLY U 76 -30.76 -54.01 -79.80
CA GLY U 76 -31.22 -52.82 -79.10
C GLY U 76 -32.23 -51.98 -79.85
N SER U 77 -32.67 -52.41 -81.02
CA SER U 77 -33.73 -51.68 -81.71
C SER U 77 -35.03 -51.74 -80.92
N SER U 78 -35.74 -50.62 -80.90
CA SER U 78 -36.96 -50.54 -80.11
C SER U 78 -38.02 -51.49 -80.65
N ALA U 79 -38.71 -52.17 -79.75
CA ALA U 79 -39.82 -53.04 -80.14
C ALA U 79 -40.91 -52.20 -80.77
N LEU U 80 -41.42 -52.65 -81.91
CA LEU U 80 -42.38 -51.87 -82.69
C LEU U 80 -43.52 -52.76 -83.14
N SER U 81 -44.66 -52.14 -83.40
CA SER U 81 -45.78 -52.85 -84.02
C SER U 81 -45.62 -52.84 -85.53
N PHE U 82 -45.98 -53.96 -86.15
CA PHE U 82 -45.78 -54.15 -87.59
C PHE U 82 -47.10 -54.50 -88.25
N ASN U 83 -47.35 -53.89 -89.41
CA ASN U 83 -48.60 -54.08 -90.14
C ASN U 83 -48.55 -55.35 -90.96
N PRO U 84 -49.71 -55.86 -91.41
CA PRO U 84 -49.72 -57.14 -92.14
C PRO U 84 -48.92 -57.13 -93.44
N ASN U 85 -48.34 -56.01 -93.84
CA ASN U 85 -47.43 -55.96 -94.97
C ASN U 85 -46.06 -55.52 -94.48
N ASP U 86 -45.03 -56.31 -94.78
CA ASP U 86 -43.73 -56.11 -94.19
C ASP U 86 -42.69 -56.80 -95.06
N ARG U 87 -41.42 -56.62 -94.72
CA ARG U 87 -40.31 -57.30 -95.38
C ARG U 87 -39.39 -57.90 -94.33
N ILE U 88 -39.10 -59.18 -94.48
CA ILE U 88 -38.17 -59.90 -93.62
C ILE U 88 -37.02 -60.37 -94.50
N GLU U 89 -35.83 -59.80 -94.28
CA GLU U 89 -34.71 -60.05 -95.18
C GLU U 89 -33.42 -59.65 -94.49
N ALA U 90 -32.34 -59.66 -95.27
CA ALA U 90 -31.07 -59.04 -94.93
C ALA U 90 -30.33 -59.76 -93.80
N ARG U 91 -29.05 -59.44 -93.63
CA ARG U 91 -28.24 -59.93 -92.53
C ARG U 91 -27.49 -58.75 -91.93
N LEU U 92 -27.66 -58.52 -90.64
CA LEU U 92 -26.99 -57.45 -89.93
C LEU U 92 -25.50 -57.73 -89.86
N THR U 93 -24.69 -56.69 -90.04
CA THR U 93 -23.24 -56.84 -89.94
C THR U 93 -22.79 -56.89 -88.48
N ALA U 94 -23.27 -55.95 -87.67
CA ALA U 94 -22.62 -55.64 -86.40
C ALA U 94 -22.56 -56.85 -85.48
N GLY U 95 -23.68 -57.55 -85.32
CA GLY U 95 -23.71 -58.69 -84.41
C GLY U 95 -22.82 -59.83 -84.85
N GLU U 96 -23.10 -60.39 -86.03
CA GLU U 96 -22.30 -61.54 -86.48
C GLU U 96 -20.85 -61.18 -86.71
N LEU U 97 -20.58 -60.02 -87.33
CA LEU U 97 -19.19 -59.67 -87.58
C LEU U 97 -18.45 -59.32 -86.28
N GLY U 98 -19.17 -58.80 -85.29
CA GLY U 98 -18.60 -58.68 -83.96
C GLY U 98 -18.26 -60.04 -83.38
N ASP U 99 -19.14 -61.02 -83.59
CA ASP U 99 -18.82 -62.39 -83.20
C ASP U 99 -17.56 -62.88 -83.88
N PHE U 100 -17.41 -62.58 -85.17
CA PHE U 100 -16.22 -63.03 -85.90
C PHE U 100 -14.95 -62.36 -85.38
N ARG U 101 -14.98 -61.04 -85.16
CA ARG U 101 -13.78 -60.39 -84.65
C ARG U 101 -13.43 -60.86 -83.24
N ASP U 102 -14.43 -61.11 -82.41
CA ASP U 102 -14.17 -61.67 -81.09
C ASP U 102 -13.60 -63.08 -81.18
N GLY U 103 -14.13 -63.90 -82.10
CA GLY U 103 -13.64 -65.25 -82.25
C GLY U 103 -12.21 -65.31 -82.77
N ILE U 104 -11.87 -64.41 -83.70
CA ILE U 104 -10.49 -64.37 -84.19
C ILE U 104 -9.53 -64.04 -83.05
N ALA U 105 -9.83 -63.00 -82.26
CA ALA U 105 -8.97 -62.63 -81.15
C ALA U 105 -8.90 -63.75 -80.12
N SER U 106 -10.03 -64.40 -79.85
CA SER U 106 -10.01 -65.55 -78.95
C SER U 106 -9.12 -66.66 -79.49
N ALA U 107 -9.15 -66.87 -80.80
CA ALA U 107 -8.32 -67.91 -81.41
C ALA U 107 -6.84 -67.60 -81.24
N GLN U 108 -6.42 -66.37 -81.55
CA GLN U 108 -5.00 -66.04 -81.38
C GLN U 108 -4.60 -66.10 -79.92
N SER U 109 -5.46 -65.63 -79.01
CA SER U 109 -5.14 -65.67 -77.60
C SER U 109 -4.99 -67.11 -77.11
N ALA U 110 -5.89 -68.00 -77.55
CA ALA U 110 -5.80 -69.39 -77.14
C ALA U 110 -4.58 -70.07 -77.73
N ALA U 111 -4.22 -69.73 -78.97
CA ALA U 111 -3.00 -70.28 -79.57
C ALA U 111 -1.76 -69.82 -78.80
N SER U 112 -1.73 -68.54 -78.44
CA SER U 112 -0.60 -68.02 -77.66
C SER U 112 -0.53 -68.69 -76.29
N ALA U 113 -1.68 -68.90 -75.66
CA ALA U 113 -1.70 -69.59 -74.36
C ALA U 113 -1.22 -71.03 -74.51
N ALA U 114 -1.62 -71.70 -75.59
CA ALA U 114 -1.15 -73.07 -75.83
C ALA U 114 0.36 -73.09 -76.02
N GLN U 115 0.91 -72.14 -76.78
CA GLN U 115 2.35 -72.07 -76.96
C GLN U 115 3.07 -71.81 -75.63
N GLY U 116 2.50 -70.92 -74.81
CA GLY U 116 3.09 -70.65 -73.51
C GLY U 116 3.08 -71.87 -72.60
N THR U 117 1.98 -72.62 -72.61
CA THR U 117 1.92 -73.85 -71.83
C THR U 117 2.91 -74.88 -72.36
N ALA U 118 3.10 -74.93 -73.67
CA ALA U 118 4.09 -75.83 -74.26
C ALA U 118 5.50 -75.45 -73.80
N ASP U 119 5.79 -74.16 -73.75
CA ASP U 119 7.09 -73.70 -73.29
C ASP U 119 7.25 -73.91 -71.78
N VAL V 4 -11.21 -53.75 -85.11
CA VAL V 4 -12.03 -52.79 -85.84
C VAL V 4 -13.52 -52.99 -85.52
N GLN V 5 -14.11 -51.95 -84.95
CA GLN V 5 -15.52 -52.01 -84.56
C GLN V 5 -16.38 -51.74 -85.79
N PHE V 6 -17.58 -52.33 -85.81
CA PHE V 6 -18.43 -52.22 -86.98
C PHE V 6 -19.75 -51.51 -86.65
N ALA V 7 -20.26 -50.77 -87.64
CA ALA V 7 -21.45 -49.96 -87.50
C ALA V 7 -22.66 -50.71 -88.03
N ASN V 8 -23.85 -50.19 -87.74
CA ASN V 8 -25.09 -50.80 -88.18
C ASN V 8 -26.13 -49.72 -88.47
N ASN V 9 -26.56 -49.66 -89.73
CA ASN V 9 -27.66 -48.79 -90.15
C ASN V 9 -27.43 -47.34 -89.76
N ALA V 10 -26.24 -46.82 -90.08
CA ALA V 10 -25.86 -45.45 -89.76
C ALA V 10 -25.68 -44.66 -91.04
N ALA V 11 -26.71 -43.94 -91.45
CA ALA V 11 -26.67 -43.08 -92.63
C ALA V 11 -26.86 -41.64 -92.18
N SER V 12 -25.92 -40.77 -92.55
CA SER V 12 -25.89 -39.41 -92.04
C SER V 12 -25.40 -38.45 -93.10
N ARG V 13 -25.84 -37.19 -93.02
CA ARG V 13 -25.37 -36.15 -93.91
C ARG V 13 -24.15 -35.45 -93.32
N LEU V 14 -23.24 -35.04 -94.19
CA LEU V 14 -22.02 -34.34 -93.79
C LEU V 14 -22.33 -32.85 -93.73
N VAL V 15 -22.59 -32.33 -92.52
CA VAL V 15 -23.00 -30.94 -92.40
C VAL V 15 -21.84 -30.01 -92.72
N GLY V 16 -20.61 -30.44 -92.44
CA GLY V 16 -19.45 -29.64 -92.71
C GLY V 16 -18.75 -30.07 -93.99
N PRO V 17 -18.46 -29.11 -94.86
CA PRO V 17 -17.74 -29.44 -96.09
C PRO V 17 -16.35 -29.96 -95.78
N LEU V 18 -16.07 -31.17 -96.26
CA LEU V 18 -14.82 -31.85 -95.98
C LEU V 18 -13.82 -31.54 -97.08
N ALA V 19 -12.71 -30.90 -96.72
CA ALA V 19 -11.63 -30.69 -97.65
C ALA V 19 -10.97 -32.03 -97.99
N PRO V 20 -10.44 -32.17 -99.22
CA PRO V 20 -9.73 -33.41 -99.55
C PRO V 20 -8.62 -33.73 -98.58
N SER V 21 -7.90 -32.73 -98.10
CA SER V 21 -6.94 -32.89 -97.01
C SER V 21 -7.62 -32.42 -95.74
N GLY V 22 -8.55 -33.22 -95.23
CA GLY V 22 -9.34 -32.84 -94.07
C GLY V 22 -9.15 -33.75 -92.88
N THR V 23 -8.90 -33.16 -91.71
CA THR V 23 -8.62 -33.97 -90.53
C THR V 23 -9.90 -34.55 -89.92
N SER V 24 -11.01 -33.82 -89.99
CA SER V 24 -12.21 -34.20 -89.28
C SER V 24 -13.45 -33.80 -90.05
N LEU V 25 -14.58 -34.42 -89.69
CA LEU V 25 -15.86 -34.23 -90.36
C LEU V 25 -16.98 -34.38 -89.34
N THR V 26 -18.14 -33.79 -89.66
CA THR V 26 -19.25 -33.68 -88.71
C THR V 26 -20.57 -34.04 -89.39
N VAL V 27 -21.26 -35.03 -88.84
CA VAL V 27 -22.61 -35.43 -89.26
C VAL V 27 -23.68 -34.59 -88.58
N THR V 28 -24.92 -34.76 -89.03
CA THR V 28 -26.07 -34.10 -88.43
C THR V 28 -26.17 -34.47 -86.95
N PRO V 29 -26.68 -33.54 -86.12
CA PRO V 29 -26.71 -33.81 -84.67
C PRO V 29 -27.49 -35.05 -84.27
N GLY V 30 -28.61 -35.32 -84.94
CA GLY V 30 -29.42 -36.47 -84.57
C GLY V 30 -28.72 -37.79 -84.85
N ASP V 31 -27.96 -37.85 -85.95
CA ASP V 31 -27.33 -39.10 -86.35
C ASP V 31 -25.96 -39.32 -85.72
N GLY V 32 -25.49 -38.41 -84.87
CA GLY V 32 -24.18 -38.56 -84.28
C GLY V 32 -24.07 -39.79 -83.39
N ALA V 33 -25.05 -40.00 -82.52
CA ALA V 33 -25.01 -41.15 -81.63
C ALA V 33 -25.32 -42.44 -82.38
N LEU V 34 -25.88 -42.32 -83.59
CA LEU V 34 -26.21 -43.51 -84.38
C LEU V 34 -24.96 -44.29 -84.76
N PHE V 35 -23.87 -43.58 -85.05
CA PHE V 35 -22.60 -44.25 -85.28
C PHE V 35 -22.09 -44.89 -83.99
N PRO V 36 -21.27 -45.93 -84.07
CA PRO V 36 -20.72 -46.54 -82.86
C PRO V 36 -19.86 -45.56 -82.09
N THR V 37 -19.89 -45.67 -80.76
CA THR V 37 -19.19 -44.71 -79.92
C THR V 37 -17.68 -44.79 -80.09
N LEU V 38 -17.16 -45.97 -80.47
CA LEU V 38 -15.74 -46.21 -80.64
C LEU V 38 -14.99 -46.08 -79.32
N GLY V 39 -13.66 -46.14 -79.37
CA GLY V 39 -12.85 -46.02 -78.18
C GLY V 39 -11.40 -45.82 -78.55
N ALA V 40 -10.56 -45.79 -77.53
CA ALA V 40 -9.12 -45.64 -77.75
C ALA V 40 -8.59 -46.85 -78.51
N GLY V 41 -7.86 -46.60 -79.60
CA GLY V 41 -7.34 -47.65 -80.44
C GLY V 41 -8.38 -48.38 -81.26
N ASP V 42 -9.57 -47.81 -81.43
CA ASP V 42 -10.67 -48.46 -82.12
C ASP V 42 -11.15 -47.57 -83.26
N TRP V 43 -11.49 -48.19 -84.39
CA TRP V 43 -11.95 -47.48 -85.58
C TRP V 43 -13.04 -48.29 -86.26
N PHE V 44 -13.83 -47.62 -87.09
CA PHE V 44 -14.85 -48.29 -87.90
C PHE V 44 -14.79 -47.78 -89.34
N MET V 45 -15.09 -48.66 -90.28
CA MET V 45 -15.12 -48.30 -91.69
C MET V 45 -16.25 -47.32 -91.99
N ALA V 46 -15.92 -46.26 -92.73
CA ALA V 46 -16.90 -45.28 -93.17
C ALA V 46 -16.77 -45.08 -94.67
N THR V 47 -17.90 -45.14 -95.37
CA THR V 47 -17.88 -44.89 -96.80
C THR V 47 -18.59 -43.57 -97.04
N LEU V 48 -17.91 -42.66 -97.70
CA LEU V 48 -18.44 -41.32 -97.96
C LEU V 48 -19.03 -41.28 -99.36
N ILE V 49 -20.36 -41.34 -99.46
CA ILE V 49 -21.07 -41.30 -100.72
C ILE V 49 -21.56 -39.88 -100.94
N ARG V 50 -20.88 -39.13 -101.80
CA ARG V 50 -21.35 -37.78 -102.08
C ARG V 50 -22.47 -37.82 -103.12
N SER V 51 -22.81 -36.64 -103.63
CA SER V 51 -23.70 -36.56 -104.78
C SER V 51 -23.04 -37.22 -105.98
N ASP V 52 -23.88 -37.83 -106.84
CA ASP V 52 -23.44 -38.56 -108.01
C ASP V 52 -22.79 -39.89 -107.60
N GLY V 53 -22.00 -40.48 -108.49
CA GLY V 53 -21.49 -41.81 -108.24
C GLY V 53 -20.16 -41.83 -107.51
N ALA V 54 -19.48 -40.68 -107.47
CA ALA V 54 -18.15 -40.63 -106.85
C ALA V 54 -18.22 -40.97 -105.37
N ARG V 55 -17.20 -41.68 -104.88
CA ARG V 55 -17.19 -42.21 -103.52
C ARG V 55 -15.75 -42.44 -103.07
N GLU V 56 -15.51 -42.32 -101.76
CA GLU V 56 -14.21 -42.56 -101.15
C GLU V 56 -14.40 -43.28 -99.83
N ILE V 57 -13.42 -44.08 -99.43
CA ILE V 57 -13.51 -44.90 -98.22
C ILE V 57 -12.46 -44.43 -97.21
N VAL V 58 -12.87 -44.27 -95.95
CA VAL V 58 -11.99 -43.86 -94.86
C VAL V 58 -12.42 -44.56 -93.58
N LYS V 59 -11.56 -44.50 -92.57
CA LYS V 59 -11.89 -44.97 -91.23
C LYS V 59 -11.88 -43.81 -90.26
N VAL V 60 -12.77 -43.87 -89.26
CA VAL V 60 -12.83 -42.88 -88.20
C VAL V 60 -11.93 -43.35 -87.06
N THR V 61 -10.83 -42.64 -86.85
CA THR V 61 -9.93 -42.99 -85.75
C THR V 61 -10.59 -42.79 -84.40
N SER V 62 -11.29 -41.67 -84.22
CA SER V 62 -11.96 -41.38 -82.95
C SER V 62 -13.08 -40.38 -83.20
N ARG V 63 -14.10 -40.45 -82.36
CA ARG V 63 -15.25 -39.55 -82.48
C ARG V 63 -15.63 -39.03 -81.10
N THR V 64 -16.00 -37.75 -81.05
CA THR V 64 -16.47 -37.12 -79.83
C THR V 64 -17.75 -36.34 -80.13
N VAL V 65 -18.84 -36.72 -79.47
CA VAL V 65 -20.14 -36.07 -79.63
C VAL V 65 -20.53 -36.12 -81.10
N ASP V 66 -20.45 -34.98 -81.79
CA ASP V 66 -20.92 -34.86 -83.17
C ASP V 66 -19.79 -34.85 -84.19
N ALA V 67 -18.54 -34.84 -83.75
CA ALA V 67 -17.39 -34.71 -84.65
C ALA V 67 -16.54 -35.96 -84.59
N MET V 68 -16.10 -36.43 -85.76
CA MET V 68 -15.26 -37.62 -85.88
C MET V 68 -13.94 -37.24 -86.52
N SER V 69 -12.84 -37.69 -85.90
CA SER V 69 -11.55 -37.59 -86.55
C SER V 69 -11.46 -38.65 -87.65
N ILE V 70 -10.71 -38.32 -88.71
CA ILE V 70 -10.66 -39.17 -89.90
C ILE V 70 -9.22 -39.40 -90.30
N THR V 71 -8.99 -40.50 -91.02
CA THR V 71 -7.73 -40.77 -91.72
C THR V 71 -8.06 -40.89 -93.20
N ARG V 72 -7.35 -40.13 -94.03
CA ARG V 72 -7.90 -39.82 -95.32
C ARG V 72 -7.27 -40.66 -96.43
N ALA V 73 -8.11 -41.07 -97.38
CA ALA V 73 -7.68 -41.82 -98.57
C ALA V 73 -6.92 -43.10 -98.19
N GLN V 74 -7.49 -43.87 -97.26
CA GLN V 74 -6.75 -44.99 -96.70
C GLN V 74 -6.93 -46.26 -97.51
N GLU V 75 -8.15 -46.51 -98.01
CA GLU V 75 -8.46 -47.74 -98.72
C GLU V 75 -8.12 -47.67 -100.20
N GLY V 76 -7.23 -46.78 -100.61
CA GLY V 76 -6.81 -46.67 -101.98
C GLY V 76 -7.62 -45.71 -102.83
N SER V 77 -8.74 -45.22 -102.34
CA SER V 77 -9.52 -44.23 -103.08
C SER V 77 -8.83 -42.87 -103.04
N SER V 78 -8.77 -42.22 -104.20
CA SER V 78 -8.08 -40.94 -104.28
C SER V 78 -8.87 -39.87 -103.53
N ALA V 79 -8.15 -38.87 -103.03
CA ALA V 79 -8.76 -37.84 -102.20
C ALA V 79 -9.56 -36.86 -103.05
N LEU V 80 -10.83 -36.67 -102.69
CA LEU V 80 -11.73 -35.84 -103.45
C LEU V 80 -12.54 -34.94 -102.52
N SER V 81 -12.95 -33.78 -103.05
CA SER V 81 -13.67 -32.80 -102.25
C SER V 81 -15.09 -33.26 -101.95
N PHE V 82 -15.68 -32.70 -100.90
CA PHE V 82 -17.01 -33.09 -100.44
C PHE V 82 -17.84 -31.86 -100.14
N ASN V 83 -19.07 -31.84 -100.64
CA ASN V 83 -20.00 -30.75 -100.39
C ASN V 83 -20.75 -30.99 -99.08
N PRO V 84 -21.39 -29.96 -98.52
CA PRO V 84 -22.09 -30.16 -97.25
C PRO V 84 -23.39 -30.95 -97.36
N ASN V 85 -23.65 -31.58 -98.50
CA ASN V 85 -24.77 -32.50 -98.67
C ASN V 85 -24.23 -33.85 -99.13
N ASP V 86 -23.92 -34.71 -98.15
CA ASP V 86 -23.24 -35.96 -98.44
C ASP V 86 -23.97 -37.10 -97.73
N ARG V 87 -23.45 -38.31 -97.91
CA ARG V 87 -23.89 -39.48 -97.18
C ARG V 87 -22.67 -40.24 -96.68
N ILE V 88 -22.61 -40.44 -95.37
CA ILE V 88 -21.60 -41.29 -94.75
C ILE V 88 -22.34 -42.47 -94.12
N GLU V 89 -22.06 -43.67 -94.60
CA GLU V 89 -22.86 -44.84 -94.25
C GLU V 89 -22.16 -46.07 -94.79
N ALA V 90 -22.78 -47.23 -94.56
CA ALA V 90 -22.33 -48.51 -95.10
C ALA V 90 -20.97 -48.92 -94.58
N ARG V 91 -20.47 -50.05 -95.10
CA ARG V 91 -19.15 -50.56 -94.79
C ARG V 91 -18.51 -51.05 -96.08
N LEU V 92 -17.24 -50.73 -96.27
CA LEU V 92 -16.46 -51.23 -97.40
C LEU V 92 -16.02 -52.64 -97.05
N THR V 93 -16.20 -53.57 -97.99
CA THR V 93 -15.94 -54.98 -97.72
C THR V 93 -14.44 -55.30 -97.77
N ALA V 94 -13.64 -54.39 -98.32
CA ALA V 94 -12.24 -54.71 -98.59
C ALA V 94 -11.47 -54.97 -97.30
N GLY V 95 -11.30 -53.93 -96.47
CA GLY V 95 -10.31 -54.00 -95.41
C GLY V 95 -10.65 -55.01 -94.33
N GLU V 96 -11.87 -54.96 -93.82
CA GLU V 96 -12.22 -55.79 -92.66
C GLU V 96 -12.31 -57.26 -93.05
N LEU V 97 -12.84 -57.57 -94.24
CA LEU V 97 -12.92 -58.97 -94.64
C LEU V 97 -11.56 -59.50 -95.06
N GLY V 98 -10.69 -58.66 -95.62
CA GLY V 98 -9.31 -59.06 -95.81
C GLY V 98 -8.62 -59.37 -94.49
N ASP V 99 -8.86 -58.53 -93.49
CA ASP V 99 -8.29 -58.80 -92.16
C ASP V 99 -8.85 -60.08 -91.57
N PHE V 100 -10.14 -60.35 -91.81
CA PHE V 100 -10.73 -61.59 -91.30
C PHE V 100 -10.13 -62.82 -91.96
N ARG V 101 -10.02 -62.81 -93.30
CA ARG V 101 -9.42 -63.96 -93.97
C ARG V 101 -7.96 -64.14 -93.59
N ASP V 102 -7.22 -63.05 -93.35
CA ASP V 102 -5.85 -63.17 -92.90
C ASP V 102 -5.78 -63.65 -91.45
N GLY V 103 -6.72 -63.23 -90.62
CA GLY V 103 -6.73 -63.67 -89.23
C GLY V 103 -7.05 -65.14 -89.08
N ILE V 104 -7.94 -65.65 -89.92
CA ILE V 104 -8.22 -67.09 -89.89
C ILE V 104 -6.97 -67.88 -90.22
N ALA V 105 -6.27 -67.48 -91.28
CA ALA V 105 -5.04 -68.17 -91.67
C ALA V 105 -3.98 -68.04 -90.58
N SER V 106 -3.87 -66.86 -89.98
CA SER V 106 -2.91 -66.66 -88.89
C SER V 106 -3.22 -67.55 -87.71
N ALA V 107 -4.51 -67.67 -87.36
CA ALA V 107 -4.90 -68.53 -86.24
C ALA V 107 -4.58 -69.99 -86.53
N GLN V 108 -4.89 -70.46 -87.75
CA GLN V 108 -4.58 -71.84 -88.10
C GLN V 108 -3.07 -72.09 -88.08
N SER V 109 -2.29 -71.15 -88.63
CA SER V 109 -0.85 -71.33 -88.66
C SER V 109 -0.25 -71.32 -87.25
N ALA V 110 -0.72 -70.42 -86.40
CA ALA V 110 -0.22 -70.35 -85.03
C ALA V 110 -0.59 -71.61 -84.26
N ALA V 111 -1.81 -72.12 -84.44
CA ALA V 111 -2.20 -73.37 -83.80
C ALA V 111 -1.33 -74.53 -84.28
N SER V 112 -1.09 -74.60 -85.59
CA SER V 112 -0.27 -75.68 -86.13
C SER V 112 1.14 -75.62 -85.58
N ALA V 113 1.70 -74.41 -85.49
CA ALA V 113 3.00 -74.25 -84.83
C ALA V 113 2.92 -74.67 -83.37
N ALA V 114 1.76 -74.48 -82.73
CA ALA V 114 1.61 -74.89 -81.34
C ALA V 114 1.69 -76.41 -81.19
N GLN V 115 0.96 -77.16 -82.03
CA GLN V 115 1.15 -78.62 -81.96
C GLN V 115 2.56 -79.03 -82.38
N GLY V 116 3.16 -78.30 -83.31
CA GLY V 116 4.53 -78.62 -83.71
C GLY V 116 5.51 -78.47 -82.56
N THR V 117 5.39 -77.39 -81.79
CA THR V 117 6.23 -77.22 -80.61
C THR V 117 5.88 -78.25 -79.53
N ALA V 118 4.60 -78.58 -79.39
CA ALA V 118 4.19 -79.56 -78.39
C ALA V 118 4.81 -80.92 -78.68
N ASP V 119 4.84 -81.31 -79.95
CA ASP V 119 5.41 -82.60 -80.34
C ASP V 119 6.92 -82.62 -80.15
N VAL W 4 -9.18 -66.25 -100.63
CA VAL W 4 -10.45 -65.90 -101.26
C VAL W 4 -10.57 -64.39 -101.32
N GLN W 5 -10.07 -63.78 -102.38
CA GLN W 5 -10.14 -62.33 -102.50
C GLN W 5 -11.57 -61.88 -102.68
N PHE W 6 -11.85 -60.64 -102.29
CA PHE W 6 -13.20 -60.09 -102.31
C PHE W 6 -13.27 -58.85 -103.19
N ALA W 7 -14.47 -58.61 -103.73
CA ALA W 7 -14.70 -57.51 -104.66
C ALA W 7 -15.47 -56.40 -103.98
N ASN W 8 -15.45 -55.21 -104.58
CA ASN W 8 -16.01 -54.02 -103.94
C ASN W 8 -16.70 -53.14 -104.97
N ASN W 9 -18.04 -53.12 -104.91
CA ASN W 9 -18.86 -52.20 -105.71
C ASN W 9 -18.52 -52.28 -107.20
N ALA W 10 -18.44 -53.50 -107.71
CA ALA W 10 -18.11 -53.73 -109.11
C ALA W 10 -19.33 -54.32 -109.82
N ALA W 11 -19.96 -53.54 -110.67
CA ALA W 11 -21.12 -53.97 -111.44
C ALA W 11 -20.77 -53.88 -112.92
N SER W 12 -20.91 -54.99 -113.63
CA SER W 12 -20.50 -55.09 -115.02
C SER W 12 -21.60 -55.72 -115.85
N ARG W 13 -21.74 -55.26 -117.09
CA ARG W 13 -22.63 -55.92 -118.03
C ARG W 13 -21.92 -57.12 -118.64
N LEU W 14 -22.59 -58.28 -118.59
CA LEU W 14 -22.07 -59.50 -119.20
C LEU W 14 -22.28 -59.37 -120.70
N VAL W 15 -21.31 -58.74 -121.38
CA VAL W 15 -21.52 -58.35 -122.77
C VAL W 15 -21.56 -59.56 -123.69
N GLY W 16 -20.71 -60.55 -123.45
CA GLY W 16 -20.71 -61.75 -124.25
C GLY W 16 -21.68 -62.78 -123.71
N PRO W 17 -22.63 -63.20 -124.55
CA PRO W 17 -23.69 -64.11 -124.08
C PRO W 17 -23.11 -65.39 -123.52
N LEU W 18 -23.71 -65.87 -122.43
CA LEU W 18 -23.21 -67.01 -121.68
C LEU W 18 -24.16 -68.19 -121.84
N ALA W 19 -23.63 -69.31 -122.30
CA ALA W 19 -24.40 -70.54 -122.39
C ALA W 19 -24.68 -71.08 -120.99
N PRO W 20 -25.71 -71.93 -120.83
CA PRO W 20 -25.92 -72.55 -119.51
C PRO W 20 -24.73 -73.38 -119.07
N SER W 21 -23.99 -73.96 -120.00
CA SER W 21 -22.71 -74.60 -119.72
C SER W 21 -21.63 -73.73 -120.37
N GLY W 22 -21.18 -72.72 -119.64
CA GLY W 22 -20.20 -71.78 -120.16
C GLY W 22 -18.92 -71.76 -119.36
N THR W 23 -17.77 -71.77 -120.05
CA THR W 23 -16.49 -71.80 -119.36
C THR W 23 -15.99 -70.40 -119.04
N SER W 24 -16.45 -69.40 -119.79
CA SER W 24 -15.99 -68.02 -119.58
C SER W 24 -17.09 -67.04 -119.93
N LEU W 25 -17.00 -65.85 -119.34
CA LEU W 25 -17.86 -64.73 -119.66
C LEU W 25 -17.00 -63.48 -119.81
N THR W 26 -17.59 -62.43 -120.37
CA THR W 26 -16.86 -61.19 -120.65
C THR W 26 -17.57 -60.03 -119.99
N VAL W 27 -16.85 -59.31 -119.13
CA VAL W 27 -17.34 -58.07 -118.52
C VAL W 27 -17.08 -56.91 -119.48
N THR W 28 -17.66 -55.75 -119.18
CA THR W 28 -17.40 -54.57 -119.99
C THR W 28 -15.93 -54.18 -119.91
N PRO W 29 -15.38 -53.62 -120.98
CA PRO W 29 -13.94 -53.26 -120.96
C PRO W 29 -13.59 -52.27 -119.85
N GLY W 30 -14.45 -51.30 -119.57
CA GLY W 30 -14.14 -50.32 -118.55
C GLY W 30 -14.11 -50.90 -117.15
N ASP W 31 -15.05 -51.79 -116.85
CA ASP W 31 -15.20 -52.31 -115.49
C ASP W 31 -14.36 -53.55 -115.22
N GLY W 32 -13.54 -53.99 -116.18
CA GLY W 32 -12.72 -55.17 -115.95
C GLY W 32 -11.73 -54.98 -114.82
N ALA W 33 -11.07 -53.82 -114.76
CA ALA W 33 -10.09 -53.58 -113.71
C ALA W 33 -10.77 -53.26 -112.38
N LEU W 34 -12.07 -52.98 -112.41
CA LEU W 34 -12.78 -52.61 -111.19
C LEU W 34 -12.86 -53.79 -110.24
N PHE W 35 -12.95 -55.00 -110.77
CA PHE W 35 -12.91 -56.19 -109.92
C PHE W 35 -11.49 -56.35 -109.35
N PRO W 36 -11.32 -57.14 -108.29
CA PRO W 36 -9.97 -57.39 -107.78
C PRO W 36 -9.07 -58.05 -108.81
N THR W 37 -7.78 -58.10 -108.48
CA THR W 37 -6.77 -58.58 -109.43
C THR W 37 -6.83 -60.09 -109.58
N LEU W 38 -6.96 -60.81 -108.46
CA LEU W 38 -6.91 -62.27 -108.41
C LEU W 38 -5.53 -62.80 -108.81
N GLY W 39 -5.39 -64.13 -108.80
CA GLY W 39 -4.16 -64.82 -109.13
C GLY W 39 -4.44 -66.31 -109.16
N ALA W 40 -3.38 -67.10 -109.30
CA ALA W 40 -3.55 -68.54 -109.23
C ALA W 40 -3.96 -68.98 -107.83
N GLY W 41 -5.07 -69.72 -107.75
CA GLY W 41 -5.57 -70.23 -106.49
C GLY W 41 -6.35 -69.25 -105.64
N ASP W 42 -6.62 -68.05 -106.14
CA ASP W 42 -7.38 -67.04 -105.41
C ASP W 42 -8.61 -66.68 -106.21
N TRP W 43 -9.74 -66.55 -105.53
CA TRP W 43 -11.02 -66.38 -106.20
C TRP W 43 -11.95 -65.45 -105.42
N PHE W 44 -12.93 -64.93 -106.15
CA PHE W 44 -14.03 -64.16 -105.57
C PHE W 44 -15.33 -64.66 -106.19
N MET W 45 -16.39 -64.75 -105.39
CA MET W 45 -17.69 -65.14 -105.92
C MET W 45 -18.49 -63.91 -106.33
N ALA W 46 -19.28 -64.07 -107.39
CA ALA W 46 -20.13 -63.00 -107.89
C ALA W 46 -21.53 -63.53 -108.11
N THR W 47 -22.53 -62.69 -107.86
CA THR W 47 -23.93 -63.03 -108.09
C THR W 47 -24.32 -62.52 -109.47
N LEU W 48 -24.63 -63.44 -110.38
CA LEU W 48 -25.02 -63.10 -111.74
C LEU W 48 -26.51 -62.79 -111.75
N ILE W 49 -26.86 -61.53 -111.92
CA ILE W 49 -28.25 -61.09 -111.87
C ILE W 49 -28.73 -60.86 -113.30
N ARG W 50 -29.73 -61.63 -113.71
CA ARG W 50 -30.39 -61.47 -114.99
C ARG W 50 -31.38 -60.31 -114.91
N SER W 51 -31.98 -59.99 -116.05
CA SER W 51 -33.22 -59.22 -116.01
C SER W 51 -34.28 -60.03 -115.28
N ASP W 52 -35.14 -59.32 -114.54
CA ASP W 52 -36.12 -59.93 -113.66
C ASP W 52 -35.41 -60.53 -112.45
N GLY W 53 -36.05 -61.48 -111.75
CA GLY W 53 -35.54 -61.91 -110.47
C GLY W 53 -34.48 -62.99 -110.56
N ALA W 54 -34.13 -63.42 -111.77
CA ALA W 54 -33.18 -64.51 -111.93
C ALA W 54 -31.79 -64.10 -111.46
N ARG W 55 -31.26 -64.84 -110.49
CA ARG W 55 -29.91 -64.62 -109.95
C ARG W 55 -29.20 -65.96 -109.80
N GLU W 56 -27.92 -66.00 -110.19
CA GLU W 56 -27.08 -67.19 -110.05
C GLU W 56 -25.74 -66.79 -109.46
N ILE W 57 -25.10 -67.74 -108.77
CA ILE W 57 -23.85 -67.50 -108.07
C ILE W 57 -22.77 -68.44 -108.60
N VAL W 58 -21.55 -67.92 -108.76
CA VAL W 58 -20.54 -68.57 -109.57
C VAL W 58 -19.16 -68.53 -108.91
N LYS W 59 -18.19 -69.11 -109.61
CA LYS W 59 -16.81 -69.26 -109.18
C LYS W 59 -15.86 -68.60 -110.17
N VAL W 60 -15.13 -67.59 -109.72
CA VAL W 60 -14.15 -66.89 -110.55
C VAL W 60 -12.76 -67.44 -110.22
N THR W 61 -12.32 -68.44 -110.98
CA THR W 61 -10.98 -68.96 -110.79
C THR W 61 -9.92 -67.91 -111.08
N SER W 62 -10.08 -67.17 -112.18
CA SER W 62 -9.14 -66.11 -112.52
C SER W 62 -9.75 -65.19 -113.57
N ARG W 63 -9.12 -64.02 -113.73
CA ARG W 63 -9.46 -63.05 -114.77
C ARG W 63 -8.24 -62.81 -115.64
N THR W 64 -8.45 -62.62 -116.93
CA THR W 64 -7.42 -62.10 -117.83
C THR W 64 -7.97 -60.88 -118.54
N VAL W 65 -7.41 -59.70 -118.20
CA VAL W 65 -7.81 -58.41 -118.75
C VAL W 65 -9.31 -58.25 -118.53
N ASP W 66 -10.10 -58.29 -119.59
CA ASP W 66 -11.55 -58.14 -119.51
C ASP W 66 -12.28 -59.46 -119.74
N ALA W 67 -11.55 -60.56 -119.88
CA ALA W 67 -12.13 -61.89 -120.04
C ALA W 67 -12.20 -62.55 -118.67
N MET W 68 -13.31 -63.23 -118.39
CA MET W 68 -13.61 -63.72 -117.05
C MET W 68 -13.75 -65.23 -117.09
N SER W 69 -12.79 -65.94 -116.51
CA SER W 69 -12.88 -67.39 -116.40
C SER W 69 -13.86 -67.77 -115.29
N ILE W 70 -14.79 -68.67 -115.61
CA ILE W 70 -15.94 -68.87 -114.74
C ILE W 70 -16.31 -70.36 -114.70
N THR W 71 -16.85 -70.79 -113.57
CA THR W 71 -17.48 -72.11 -113.44
C THR W 71 -18.78 -71.94 -112.67
N ARG W 72 -19.73 -72.85 -112.89
CA ARG W 72 -21.11 -72.64 -112.48
C ARG W 72 -21.48 -73.51 -111.27
N ALA W 73 -22.61 -73.15 -110.65
CA ALA W 73 -23.26 -73.96 -109.62
C ALA W 73 -22.36 -74.19 -108.41
N GLN W 74 -22.04 -73.11 -107.68
CA GLN W 74 -21.19 -73.26 -106.51
C GLN W 74 -22.02 -73.33 -105.22
N GLU W 75 -23.00 -72.46 -105.07
CA GLU W 75 -23.93 -72.52 -103.95
C GLU W 75 -25.02 -73.56 -104.17
N GLY W 76 -25.19 -74.04 -105.41
CA GLY W 76 -26.27 -74.92 -105.77
C GLY W 76 -27.29 -74.34 -106.71
N SER W 77 -27.09 -73.10 -107.16
CA SER W 77 -28.00 -72.49 -108.12
C SER W 77 -27.91 -73.20 -109.46
N SER W 78 -29.08 -73.39 -110.08
CA SER W 78 -29.14 -74.09 -111.36
C SER W 78 -28.51 -73.24 -112.47
N ALA W 79 -27.83 -73.92 -113.39
CA ALA W 79 -27.22 -73.22 -114.51
C ALA W 79 -28.27 -72.84 -115.55
N LEU W 80 -28.21 -71.58 -116.01
CA LEU W 80 -29.13 -71.06 -117.01
C LEU W 80 -28.33 -70.34 -118.08
N SER W 81 -28.95 -70.18 -119.26
CA SER W 81 -28.34 -69.39 -120.31
C SER W 81 -28.53 -67.90 -120.04
N PHE W 82 -27.57 -67.10 -120.48
CA PHE W 82 -27.53 -65.68 -120.14
C PHE W 82 -27.60 -64.83 -121.41
N ASN W 83 -28.44 -63.81 -121.36
CA ASN W 83 -28.51 -62.81 -122.43
C ASN W 83 -27.28 -61.91 -122.37
N PRO W 84 -26.97 -61.21 -123.47
CA PRO W 84 -25.75 -60.37 -123.46
C PRO W 84 -25.88 -59.09 -122.65
N ASN W 85 -26.97 -58.91 -121.90
CA ASN W 85 -27.10 -57.82 -120.94
C ASN W 85 -27.41 -58.40 -119.57
N ASP W 86 -26.51 -58.17 -118.61
CA ASP W 86 -26.64 -58.76 -117.29
C ASP W 86 -25.95 -57.87 -116.28
N ARG W 87 -25.98 -58.29 -115.02
CA ARG W 87 -25.30 -57.60 -113.93
C ARG W 87 -24.32 -58.56 -113.27
N ILE W 88 -23.10 -58.11 -113.07
CA ILE W 88 -22.05 -58.91 -112.47
C ILE W 88 -21.60 -58.20 -111.20
N GLU W 89 -22.25 -58.50 -110.08
CA GLU W 89 -21.98 -57.75 -108.86
C GLU W 89 -22.47 -58.55 -107.65
N ALA W 90 -22.25 -57.96 -106.47
CA ALA W 90 -22.63 -58.50 -105.16
C ALA W 90 -21.75 -59.68 -104.75
N ARG W 91 -21.69 -59.95 -103.46
CA ARG W 91 -20.93 -61.04 -102.88
C ARG W 91 -21.88 -61.89 -102.07
N LEU W 92 -21.82 -63.20 -102.26
CA LEU W 92 -22.80 -64.12 -101.66
C LEU W 92 -22.44 -64.34 -100.19
N THR W 93 -23.31 -63.85 -99.30
CA THR W 93 -23.04 -63.92 -97.87
C THR W 93 -23.07 -65.36 -97.37
N ALA W 94 -23.86 -66.22 -98.02
CA ALA W 94 -24.00 -67.60 -97.56
C ALA W 94 -22.65 -68.30 -97.46
N GLY W 95 -21.97 -68.46 -98.60
CA GLY W 95 -20.70 -69.17 -98.60
C GLY W 95 -19.64 -68.48 -97.78
N GLU W 96 -19.53 -67.15 -97.93
CA GLU W 96 -18.47 -66.40 -97.27
C GLU W 96 -18.58 -66.50 -95.75
N LEU W 97 -19.75 -66.15 -95.21
CA LEU W 97 -19.91 -66.15 -93.76
C LEU W 97 -19.99 -67.57 -93.21
N GLY W 98 -20.49 -68.53 -94.00
CA GLY W 98 -20.41 -69.92 -93.58
C GLY W 98 -18.97 -70.37 -93.41
N ASP W 99 -18.11 -70.05 -94.38
CA ASP W 99 -16.70 -70.35 -94.26
C ASP W 99 -16.07 -69.61 -93.08
N PHE W 100 -16.50 -68.36 -92.84
CA PHE W 100 -15.96 -67.60 -91.72
C PHE W 100 -16.28 -68.28 -90.38
N ARG W 101 -17.55 -68.65 -90.19
CA ARG W 101 -17.97 -69.33 -88.98
C ARG W 101 -17.31 -70.69 -88.82
N ASP W 102 -17.14 -71.44 -89.91
CA ASP W 102 -16.43 -72.71 -89.81
C ASP W 102 -14.97 -72.50 -89.44
N GLY W 103 -14.33 -71.47 -90.02
CA GLY W 103 -12.91 -71.25 -89.77
C GLY W 103 -12.64 -70.81 -88.34
N ILE W 104 -13.49 -69.94 -87.79
CA ILE W 104 -13.25 -69.51 -86.40
C ILE W 104 -13.40 -70.68 -85.44
N ALA W 105 -14.41 -71.53 -85.66
CA ALA W 105 -14.58 -72.70 -84.83
C ALA W 105 -13.42 -73.68 -84.99
N SER W 106 -12.93 -73.85 -86.22
CA SER W 106 -11.79 -74.73 -86.44
C SER W 106 -10.55 -74.20 -85.73
N ALA W 107 -10.34 -72.89 -85.78
CA ALA W 107 -9.19 -72.29 -85.08
C ALA W 107 -9.31 -72.49 -83.58
N GLN W 108 -10.50 -72.30 -83.02
CA GLN W 108 -10.68 -72.51 -81.59
C GLN W 108 -10.42 -73.97 -81.21
N SER W 109 -10.93 -74.90 -82.01
CA SER W 109 -10.72 -76.31 -81.72
C SER W 109 -9.25 -76.68 -81.83
N ALA W 110 -8.55 -76.14 -82.84
CA ALA W 110 -7.12 -76.42 -82.98
C ALA W 110 -6.33 -75.86 -81.81
N ALA W 111 -6.69 -74.66 -81.34
CA ALA W 111 -6.01 -74.10 -80.18
C ALA W 111 -6.27 -74.93 -78.93
N SER W 112 -7.51 -75.42 -78.76
CA SER W 112 -7.80 -76.29 -77.62
C SER W 112 -7.01 -77.59 -77.69
N ALA W 113 -6.90 -78.17 -78.89
CA ALA W 113 -6.11 -79.39 -79.05
C ALA W 113 -4.64 -79.12 -78.77
N ALA W 114 -4.13 -77.96 -79.18
CA ALA W 114 -2.76 -77.59 -78.86
C ALA W 114 -2.55 -77.46 -77.36
N GLN W 115 -3.50 -76.86 -76.67
CA GLN W 115 -3.41 -76.76 -75.21
C GLN W 115 -3.40 -78.14 -74.58
N GLY W 116 -4.26 -79.04 -75.07
CA GLY W 116 -4.28 -80.39 -74.53
C GLY W 116 -2.97 -81.13 -74.75
N THR W 117 -2.39 -80.99 -75.95
CA THR W 117 -1.12 -81.64 -76.23
C THR W 117 0.00 -81.05 -75.39
N ALA W 118 -0.02 -79.73 -75.18
CA ALA W 118 0.99 -79.11 -74.32
C ALA W 118 0.87 -79.59 -72.88
N ASP W 119 -0.35 -79.73 -72.38
CA ASP W 119 -0.57 -80.24 -71.03
C ASP W 119 -0.27 -81.73 -70.95
N VAL X 4 -88.98 -20.16 -67.49
CA VAL X 4 -88.57 -19.01 -68.28
C VAL X 4 -88.99 -19.20 -69.74
N GLN X 5 -90.18 -18.69 -70.07
CA GLN X 5 -90.68 -18.84 -71.44
C GLN X 5 -89.92 -17.89 -72.37
N PHE X 6 -89.89 -18.24 -73.66
CA PHE X 6 -89.10 -17.50 -74.61
C PHE X 6 -89.98 -16.85 -75.68
N ALA X 7 -89.47 -15.77 -76.26
CA ALA X 7 -90.22 -14.95 -77.21
C ALA X 7 -89.67 -15.16 -78.62
N ASN X 8 -90.56 -15.11 -79.61
CA ASN X 8 -90.20 -15.30 -81.00
C ASN X 8 -90.78 -14.17 -81.83
N ASN X 9 -89.91 -13.43 -82.53
CA ASN X 9 -90.33 -12.36 -83.44
C ASN X 9 -91.25 -11.36 -82.78
N ALA X 10 -90.90 -10.96 -81.56
CA ALA X 10 -91.70 -10.02 -80.77
C ALA X 10 -90.96 -8.69 -80.68
N ALA X 11 -91.54 -7.65 -81.26
CA ALA X 11 -90.98 -6.31 -81.24
C ALA X 11 -92.12 -5.31 -81.05
N SER X 12 -91.96 -4.39 -80.10
CA SER X 12 -93.01 -3.45 -79.75
C SER X 12 -92.43 -2.10 -79.37
N ARG X 13 -93.24 -1.06 -79.47
CA ARG X 13 -92.83 0.27 -79.05
C ARG X 13 -93.17 0.51 -77.58
N LEU X 14 -92.29 1.21 -76.88
CA LEU X 14 -92.52 1.58 -75.48
C LEU X 14 -93.18 2.96 -75.49
N VAL X 15 -94.51 2.98 -75.68
CA VAL X 15 -95.21 4.24 -75.90
C VAL X 15 -95.25 5.07 -74.62
N GLY X 16 -95.43 4.42 -73.47
CA GLY X 16 -95.48 5.12 -72.21
C GLY X 16 -94.10 5.28 -71.62
N PRO X 17 -93.62 6.52 -71.54
CA PRO X 17 -92.24 6.75 -71.09
C PRO X 17 -91.98 6.16 -69.71
N LEU X 18 -90.82 5.54 -69.56
CA LEU X 18 -90.45 4.86 -68.32
C LEU X 18 -89.42 5.70 -67.57
N ALA X 19 -89.69 5.92 -66.29
CA ALA X 19 -88.73 6.59 -65.43
C ALA X 19 -87.55 5.66 -65.15
N PRO X 20 -86.40 6.22 -64.73
CA PRO X 20 -85.27 5.35 -64.36
C PRO X 20 -85.62 4.36 -63.26
N SER X 21 -86.67 4.63 -62.49
CA SER X 21 -87.22 3.67 -61.53
C SER X 21 -88.67 3.44 -61.89
N GLY X 22 -88.94 2.30 -62.54
CA GLY X 22 -90.28 2.02 -63.04
C GLY X 22 -90.78 0.63 -62.71
N THR X 23 -92.09 0.43 -62.76
CA THR X 23 -92.67 -0.85 -62.37
C THR X 23 -93.30 -1.58 -63.55
N SER X 24 -93.89 -0.85 -64.49
CA SER X 24 -94.62 -1.47 -65.59
C SER X 24 -94.35 -0.73 -66.89
N LEU X 25 -94.62 -1.44 -68.00
CA LEU X 25 -94.40 -0.94 -69.34
C LEU X 25 -95.69 -1.06 -70.15
N THR X 26 -95.81 -0.20 -71.16
CA THR X 26 -96.97 -0.19 -72.05
C THR X 26 -96.48 -0.28 -73.50
N VAL X 27 -96.70 -1.42 -74.14
CA VAL X 27 -96.39 -1.61 -75.55
C VAL X 27 -97.53 -1.06 -76.39
N THR X 28 -97.33 -1.00 -77.70
CA THR X 28 -98.43 -0.64 -78.59
C THR X 28 -99.55 -1.66 -78.49
N PRO X 29 -100.81 -1.22 -78.62
CA PRO X 29 -101.94 -2.14 -78.42
C PRO X 29 -101.95 -3.31 -79.40
N GLY X 30 -101.50 -3.10 -80.64
CA GLY X 30 -101.64 -4.13 -81.65
C GLY X 30 -100.80 -5.37 -81.38
N ASP X 31 -99.55 -5.18 -80.97
CA ASP X 31 -98.62 -6.31 -80.89
C ASP X 31 -98.41 -6.82 -79.47
N GLY X 32 -99.31 -6.53 -78.54
CA GLY X 32 -99.16 -7.06 -77.19
C GLY X 32 -99.28 -8.57 -77.14
N ALA X 33 -100.10 -9.15 -78.02
CA ALA X 33 -100.30 -10.59 -78.01
C ALA X 33 -99.10 -11.33 -78.57
N LEU X 34 -98.24 -10.63 -79.32
CA LEU X 34 -97.08 -11.29 -79.91
C LEU X 34 -96.13 -11.81 -78.83
N PHE X 35 -95.95 -11.05 -77.76
CA PHE X 35 -95.09 -11.49 -76.68
C PHE X 35 -95.72 -12.69 -75.97
N PRO X 36 -94.93 -13.59 -75.39
CA PRO X 36 -95.50 -14.77 -74.74
C PRO X 36 -96.45 -14.40 -73.62
N THR X 37 -97.54 -15.17 -73.51
CA THR X 37 -98.60 -14.83 -72.56
C THR X 37 -98.14 -14.99 -71.11
N LEU X 38 -97.16 -15.86 -70.88
CA LEU X 38 -96.57 -16.08 -69.56
C LEU X 38 -97.55 -16.72 -68.58
N GLY X 39 -97.12 -16.87 -67.33
CA GLY X 39 -97.95 -17.41 -66.28
C GLY X 39 -97.37 -17.01 -64.93
N ALA X 40 -98.02 -17.49 -63.88
CA ALA X 40 -97.55 -17.21 -62.53
C ALA X 40 -96.17 -17.82 -62.30
N GLY X 41 -95.22 -16.99 -61.90
CA GLY X 41 -93.86 -17.43 -61.68
C GLY X 41 -93.06 -17.67 -62.94
N ASP X 42 -93.57 -17.27 -64.10
CA ASP X 42 -92.91 -17.48 -65.38
C ASP X 42 -92.66 -16.14 -66.05
N TRP X 43 -91.46 -15.97 -66.62
CA TRP X 43 -91.05 -14.71 -67.22
C TRP X 43 -90.30 -14.96 -68.51
N PHE X 44 -90.38 -13.99 -69.43
CA PHE X 44 -89.54 -13.96 -70.62
C PHE X 44 -88.58 -12.80 -70.49
N MET X 45 -87.42 -12.92 -71.13
CA MET X 45 -86.38 -11.92 -70.97
C MET X 45 -86.43 -10.94 -72.15
N ALA X 46 -86.58 -9.66 -71.84
CA ALA X 46 -86.87 -8.67 -72.88
C ALA X 46 -85.77 -7.62 -72.94
N THR X 47 -85.17 -7.47 -74.12
CA THR X 47 -84.09 -6.51 -74.36
C THR X 47 -84.70 -5.20 -74.83
N LEU X 48 -84.40 -4.12 -74.12
CA LEU X 48 -84.93 -2.80 -74.44
C LEU X 48 -83.83 -1.95 -75.05
N ILE X 49 -84.02 -1.54 -76.30
CA ILE X 49 -83.05 -0.76 -77.06
C ILE X 49 -83.66 0.61 -77.34
N ARG X 50 -83.25 1.61 -76.58
CA ARG X 50 -83.78 2.96 -76.77
C ARG X 50 -83.10 3.63 -77.97
N SER X 51 -83.37 4.93 -78.11
CA SER X 51 -82.70 5.71 -79.14
C SER X 51 -81.20 5.73 -78.89
N ASP X 52 -80.43 5.79 -79.98
CA ASP X 52 -78.97 5.75 -79.95
C ASP X 52 -78.52 4.36 -79.53
N GLY X 53 -77.25 4.22 -79.15
CA GLY X 53 -76.70 2.89 -78.89
C GLY X 53 -77.05 2.36 -77.51
N ALA X 54 -77.57 3.21 -76.64
CA ALA X 54 -77.86 2.79 -75.27
C ALA X 54 -78.91 1.69 -75.26
N ARG X 55 -78.67 0.66 -74.45
CA ARG X 55 -79.61 -0.44 -74.26
C ARG X 55 -79.62 -0.84 -72.80
N GLU X 56 -80.81 -1.14 -72.28
CA GLU X 56 -80.98 -1.64 -70.93
C GLU X 56 -81.85 -2.89 -70.96
N ILE X 57 -81.44 -3.92 -70.22
CA ILE X 57 -82.17 -5.17 -70.17
C ILE X 57 -83.19 -5.12 -69.05
N VAL X 58 -84.39 -5.64 -69.32
CA VAL X 58 -85.48 -5.69 -68.35
C VAL X 58 -86.13 -7.06 -68.41
N LYS X 59 -86.74 -7.46 -67.30
CA LYS X 59 -87.40 -8.75 -67.19
C LYS X 59 -88.89 -8.54 -66.91
N VAL X 60 -89.73 -9.24 -67.66
CA VAL X 60 -91.18 -9.12 -67.54
C VAL X 60 -91.67 -10.26 -66.65
N THR X 61 -92.03 -9.93 -65.42
CA THR X 61 -92.54 -10.96 -64.50
C THR X 61 -93.90 -11.48 -64.93
N SER X 62 -94.71 -10.62 -65.57
CA SER X 62 -96.04 -11.01 -66.04
C SER X 62 -96.57 -9.92 -66.94
N ARG X 63 -97.41 -10.31 -67.91
CA ARG X 63 -98.03 -9.37 -68.83
C ARG X 63 -99.54 -9.56 -68.80
N THR X 64 -100.27 -8.46 -68.66
CA THR X 64 -101.73 -8.47 -68.64
C THR X 64 -102.25 -7.60 -69.76
N VAL X 65 -103.06 -8.20 -70.64
CA VAL X 65 -103.62 -7.52 -71.81
C VAL X 65 -102.44 -6.97 -72.61
N ASP X 66 -102.23 -5.65 -72.55
CA ASP X 66 -101.20 -4.99 -73.33
C ASP X 66 -100.15 -4.30 -72.47
N ALA X 67 -100.20 -4.46 -71.16
CA ALA X 67 -99.27 -3.83 -70.24
C ALA X 67 -98.68 -4.89 -69.32
N MET X 68 -97.38 -4.81 -69.07
CA MET X 68 -96.66 -5.81 -68.29
C MET X 68 -95.86 -5.14 -67.18
N SER X 69 -95.81 -5.79 -66.02
CA SER X 69 -94.93 -5.35 -64.94
C SER X 69 -93.48 -5.61 -65.31
N ILE X 70 -92.60 -4.73 -64.84
CA ILE X 70 -91.20 -4.76 -65.24
C ILE X 70 -90.32 -4.78 -64.00
N THR X 71 -89.13 -5.36 -64.16
CA THR X 71 -88.07 -5.34 -63.16
C THR X 71 -86.78 -4.92 -63.85
N ARG X 72 -86.07 -3.98 -63.25
CA ARG X 72 -84.92 -3.37 -63.90
C ARG X 72 -83.61 -4.04 -63.49
N ALA X 73 -82.59 -3.86 -64.32
CA ALA X 73 -81.21 -4.23 -63.99
C ALA X 73 -81.06 -5.71 -63.68
N GLN X 74 -81.29 -6.55 -64.68
CA GLN X 74 -81.10 -8.00 -64.49
C GLN X 74 -79.65 -8.40 -64.73
N GLU X 75 -79.09 -8.03 -65.89
CA GLU X 75 -77.73 -8.40 -66.23
C GLU X 75 -76.70 -7.35 -65.84
N GLY X 76 -77.12 -6.30 -65.14
CA GLY X 76 -76.21 -5.26 -64.69
C GLY X 76 -76.26 -3.97 -65.48
N SER X 77 -77.16 -3.85 -66.45
CA SER X 77 -77.27 -2.60 -67.19
C SER X 77 -77.79 -1.49 -66.30
N SER X 78 -77.24 -0.30 -66.47
CA SER X 78 -77.65 0.83 -65.65
C SER X 78 -79.08 1.26 -65.98
N ALA X 79 -79.81 1.67 -64.95
CA ALA X 79 -81.15 2.20 -65.14
C ALA X 79 -81.08 3.51 -65.92
N LEU X 80 -81.90 3.63 -66.96
CA LEU X 80 -81.83 4.77 -67.86
C LEU X 80 -83.22 5.32 -68.10
N SER X 81 -83.28 6.64 -68.34
CA SER X 81 -84.54 7.26 -68.73
C SER X 81 -84.89 6.90 -70.18
N PHE X 82 -86.18 6.72 -70.45
CA PHE X 82 -86.65 6.22 -71.73
C PHE X 82 -87.70 7.16 -72.30
N ASN X 83 -87.61 7.41 -73.60
CA ASN X 83 -88.49 8.34 -74.28
C ASN X 83 -89.72 7.61 -74.82
N PRO X 84 -90.78 8.36 -75.16
CA PRO X 84 -92.03 7.70 -75.61
C PRO X 84 -91.88 6.84 -76.86
N ASN X 85 -90.84 7.03 -77.65
CA ASN X 85 -90.60 6.21 -78.84
C ASN X 85 -89.40 5.31 -78.58
N ASP X 86 -89.64 4.00 -78.53
CA ASP X 86 -88.62 3.07 -78.08
C ASP X 86 -88.96 1.68 -78.62
N ARG X 87 -88.10 0.70 -78.32
CA ARG X 87 -88.22 -0.64 -78.87
C ARG X 87 -88.04 -1.69 -77.79
N ILE X 88 -89.05 -2.57 -77.66
CA ILE X 88 -88.98 -3.75 -76.80
C ILE X 88 -88.91 -4.97 -77.71
N GLU X 89 -87.84 -5.75 -77.59
CA GLU X 89 -87.65 -6.89 -78.48
C GLU X 89 -86.50 -7.75 -77.96
N ALA X 90 -86.16 -8.76 -78.75
CA ALA X 90 -84.91 -9.51 -78.64
C ALA X 90 -84.83 -10.37 -77.38
N ARG X 91 -83.82 -11.24 -77.32
CA ARG X 91 -83.54 -12.06 -76.15
C ARG X 91 -82.08 -11.87 -75.77
N LEU X 92 -81.81 -11.71 -74.48
CA LEU X 92 -80.45 -11.55 -73.99
C LEU X 92 -79.85 -12.93 -73.76
N THR X 93 -78.85 -13.28 -74.57
CA THR X 93 -78.27 -14.61 -74.53
C THR X 93 -77.58 -14.90 -73.20
N ALA X 94 -76.85 -13.90 -72.67
CA ALA X 94 -75.93 -14.16 -71.57
C ALA X 94 -76.62 -14.83 -70.39
N GLY X 95 -77.73 -14.26 -69.93
CA GLY X 95 -78.43 -14.85 -68.80
C GLY X 95 -78.98 -16.24 -69.12
N GLU X 96 -79.71 -16.35 -70.23
CA GLU X 96 -80.27 -17.66 -70.60
C GLU X 96 -79.18 -18.67 -70.89
N LEU X 97 -78.18 -18.31 -71.70
CA LEU X 97 -77.14 -19.27 -72.03
C LEU X 97 -76.34 -19.69 -70.81
N GLY X 98 -76.11 -18.77 -69.88
CA GLY X 98 -75.55 -19.16 -68.59
C GLY X 98 -76.43 -20.15 -67.86
N ASP X 99 -77.75 -19.93 -67.89
CA ASP X 99 -78.67 -20.87 -67.28
C ASP X 99 -78.57 -22.25 -67.90
N PHE X 100 -78.52 -22.32 -69.24
CA PHE X 100 -78.42 -23.62 -69.90
C PHE X 100 -77.11 -24.32 -69.59
N ARG X 101 -75.99 -23.59 -69.64
CA ARG X 101 -74.71 -24.23 -69.37
C ARG X 101 -74.60 -24.69 -67.92
N ASP X 102 -75.20 -23.95 -66.98
CA ASP X 102 -75.26 -24.40 -65.60
C ASP X 102 -76.17 -25.63 -65.44
N GLY X 103 -77.29 -25.64 -66.17
CA GLY X 103 -78.19 -26.78 -66.08
C GLY X 103 -77.58 -28.06 -66.62
N ILE X 104 -76.81 -27.96 -67.70
CA ILE X 104 -76.16 -29.14 -68.25
C ILE X 104 -75.18 -29.72 -67.24
N ALA X 105 -74.37 -28.86 -66.62
CA ALA X 105 -73.42 -29.33 -65.62
C ALA X 105 -74.14 -29.91 -64.40
N SER X 106 -75.24 -29.28 -63.99
CA SER X 106 -76.01 -29.80 -62.87
C SER X 106 -76.59 -31.17 -63.18
N ALA X 107 -77.10 -31.36 -64.40
CA ALA X 107 -77.63 -32.65 -64.80
C ALA X 107 -76.53 -33.72 -64.83
N GLN X 108 -75.35 -33.36 -65.36
CA GLN X 108 -74.25 -34.30 -65.37
C GLN X 108 -73.85 -34.70 -63.96
N SER X 109 -73.74 -33.72 -63.06
CA SER X 109 -73.37 -34.01 -61.68
C SER X 109 -74.42 -34.86 -60.99
N ALA X 110 -75.70 -34.57 -61.23
CA ALA X 110 -76.77 -35.35 -60.62
C ALA X 110 -76.77 -36.78 -61.12
N ALA X 111 -76.54 -36.99 -62.42
CA ALA X 111 -76.46 -38.34 -62.95
C ALA X 111 -75.26 -39.09 -62.36
N SER X 112 -74.11 -38.43 -62.25
CA SER X 112 -72.94 -39.07 -61.65
C SER X 112 -73.19 -39.43 -60.19
N ALA X 113 -73.85 -38.53 -59.45
CA ALA X 113 -74.17 -38.82 -58.06
C ALA X 113 -75.15 -39.97 -57.94
N ALA X 114 -76.13 -40.03 -58.86
CA ALA X 114 -77.07 -41.16 -58.86
C ALA X 114 -76.36 -42.47 -59.11
N GLN X 115 -75.42 -42.48 -60.06
CA GLN X 115 -74.65 -43.69 -60.32
C GLN X 115 -73.80 -44.08 -59.11
N GLY X 116 -73.20 -43.09 -58.45
CA GLY X 116 -72.42 -43.38 -57.26
C GLY X 116 -73.25 -43.95 -56.13
N THR X 117 -74.45 -43.40 -55.92
CA THR X 117 -75.34 -43.94 -54.90
C THR X 117 -75.83 -45.33 -55.28
N ALA X 118 -76.02 -45.58 -56.58
CA ALA X 118 -76.36 -46.94 -57.02
C ALA X 118 -75.24 -47.92 -56.71
N ASP X 119 -74.00 -47.50 -56.92
CA ASP X 119 -72.85 -48.34 -56.59
C ASP X 119 -72.66 -48.44 -55.07
N VAL Y 4 -67.90 -23.04 -71.17
CA VAL Y 4 -67.88 -21.88 -72.04
C VAL Y 4 -68.89 -20.82 -71.57
N GLN Y 5 -68.36 -19.66 -71.17
CA GLN Y 5 -69.22 -18.58 -70.72
C GLN Y 5 -69.47 -17.62 -71.88
N PHE Y 6 -70.59 -16.91 -71.82
CA PHE Y 6 -71.03 -16.14 -72.97
C PHE Y 6 -70.87 -14.64 -72.74
N ALA Y 7 -70.84 -13.88 -73.84
CA ALA Y 7 -70.64 -12.44 -73.82
C ALA Y 7 -71.96 -11.74 -74.09
N ASN Y 8 -72.00 -10.44 -73.81
CA ASN Y 8 -73.22 -9.65 -73.96
C ASN Y 8 -72.89 -8.28 -74.54
N ASN Y 9 -73.37 -8.03 -75.76
CA ASN Y 9 -73.33 -6.69 -76.37
C ASN Y 9 -71.91 -6.11 -76.36
N ALA Y 10 -70.94 -6.95 -76.72
CA ALA Y 10 -69.54 -6.55 -76.73
C ALA Y 10 -69.04 -6.48 -78.16
N ALA Y 11 -69.05 -5.28 -78.74
CA ALA Y 11 -68.50 -5.04 -80.08
C ALA Y 11 -67.29 -4.15 -79.92
N SER Y 12 -66.14 -4.61 -80.42
CA SER Y 12 -64.87 -3.95 -80.18
C SER Y 12 -64.05 -3.87 -81.46
N ARG Y 13 -63.21 -2.85 -81.56
CA ARG Y 13 -62.34 -2.71 -82.73
C ARG Y 13 -60.97 -3.30 -82.43
N LEU Y 14 -60.42 -4.00 -83.43
CA LEU Y 14 -59.12 -4.64 -83.30
C LEU Y 14 -58.04 -3.58 -83.54
N VAL Y 15 -57.54 -2.99 -82.45
CA VAL Y 15 -56.57 -1.91 -82.58
C VAL Y 15 -55.25 -2.44 -83.14
N GLY Y 16 -54.93 -3.70 -82.86
CA GLY Y 16 -53.70 -4.29 -83.34
C GLY Y 16 -53.95 -5.20 -84.53
N PRO Y 17 -53.11 -5.06 -85.56
CA PRO Y 17 -53.26 -5.93 -86.74
C PRO Y 17 -52.96 -7.38 -86.36
N LEU Y 18 -53.98 -8.23 -86.53
CA LEU Y 18 -53.87 -9.64 -86.18
C LEU Y 18 -53.23 -10.40 -87.34
N ALA Y 19 -52.05 -10.95 -87.09
CA ALA Y 19 -51.40 -11.78 -88.08
C ALA Y 19 -52.23 -13.04 -88.31
N PRO Y 20 -52.27 -13.54 -89.55
CA PRO Y 20 -53.00 -14.79 -89.82
C PRO Y 20 -52.54 -15.93 -88.92
N SER Y 21 -51.24 -16.02 -88.65
CA SER Y 21 -50.71 -16.91 -87.62
C SER Y 21 -50.46 -16.05 -86.38
N GLY Y 22 -51.54 -15.70 -85.68
CA GLY Y 22 -51.46 -14.77 -84.57
C GLY Y 22 -51.84 -15.37 -83.24
N THR Y 23 -51.05 -15.10 -82.20
CA THR Y 23 -51.29 -15.72 -80.91
C THR Y 23 -52.22 -14.88 -80.03
N SER Y 24 -52.24 -13.57 -80.26
CA SER Y 24 -53.02 -12.68 -79.40
C SER Y 24 -53.51 -11.48 -80.20
N LEU Y 25 -54.52 -10.81 -79.66
CA LEU Y 25 -55.15 -9.66 -80.29
C LEU Y 25 -55.60 -8.69 -79.21
N THR Y 26 -55.75 -7.41 -79.61
CA THR Y 26 -56.01 -6.33 -78.67
C THR Y 26 -57.15 -5.46 -79.17
N VAL Y 27 -58.22 -5.39 -78.38
CA VAL Y 27 -59.38 -4.54 -78.65
C VAL Y 27 -59.16 -3.13 -78.10
N THR Y 28 -60.08 -2.22 -78.43
CA THR Y 28 -60.04 -0.86 -77.91
C THR Y 28 -60.09 -0.87 -76.38
N PRO Y 29 -59.44 0.11 -75.73
CA PRO Y 29 -59.43 0.11 -74.25
C PRO Y 29 -60.80 0.18 -73.61
N GLY Y 30 -61.71 0.96 -74.19
CA GLY Y 30 -63.03 1.10 -73.59
C GLY Y 30 -63.86 -0.17 -73.67
N ASP Y 31 -63.79 -0.87 -74.79
CA ASP Y 31 -64.63 -2.04 -75.01
C ASP Y 31 -64.07 -3.30 -74.37
N GLY Y 32 -62.88 -3.24 -73.77
CA GLY Y 32 -62.30 -4.43 -73.17
C GLY Y 32 -63.13 -4.98 -72.02
N ALA Y 33 -63.62 -4.09 -71.15
CA ALA Y 33 -64.40 -4.53 -69.99
C ALA Y 33 -65.73 -5.13 -70.44
N LEU Y 34 -66.23 -4.74 -71.61
CA LEU Y 34 -67.47 -5.30 -72.11
C LEU Y 34 -67.31 -6.79 -72.38
N PHE Y 35 -66.16 -7.20 -72.92
CA PHE Y 35 -65.91 -8.61 -73.13
C PHE Y 35 -65.79 -9.34 -71.80
N PRO Y 36 -66.15 -10.62 -71.73
CA PRO Y 36 -66.16 -11.32 -70.44
C PRO Y 36 -64.77 -11.43 -69.83
N THR Y 37 -64.72 -11.43 -68.50
CA THR Y 37 -63.46 -11.50 -67.79
C THR Y 37 -62.76 -12.83 -68.03
N LEU Y 38 -63.53 -13.92 -68.15
CA LEU Y 38 -63.01 -15.27 -68.33
C LEU Y 38 -62.22 -15.73 -67.12
N GLY Y 39 -61.61 -16.92 -67.22
CA GLY Y 39 -60.85 -17.47 -66.12
C GLY Y 39 -60.00 -18.63 -66.60
N ALA Y 40 -59.36 -19.29 -65.65
CA ALA Y 40 -58.54 -20.46 -65.98
C ALA Y 40 -59.43 -21.60 -66.46
N GLY Y 41 -59.12 -22.10 -67.65
CA GLY Y 41 -59.91 -23.16 -68.25
C GLY Y 41 -61.25 -22.73 -68.81
N ASP Y 42 -61.48 -21.43 -68.98
CA ASP Y 42 -62.75 -20.90 -69.45
C ASP Y 42 -62.51 -20.07 -70.70
N TRP Y 43 -63.43 -20.18 -71.66
CA TRP Y 43 -63.32 -19.49 -72.93
C TRP Y 43 -64.68 -18.96 -73.35
N PHE Y 44 -64.68 -18.01 -74.29
CA PHE Y 44 -65.90 -17.54 -74.92
C PHE Y 44 -65.68 -17.44 -76.43
N MET Y 45 -66.75 -17.66 -77.19
CA MET Y 45 -66.67 -17.60 -78.64
C MET Y 45 -66.56 -16.16 -79.11
N ALA Y 46 -65.65 -15.92 -80.06
CA ALA Y 46 -65.45 -14.61 -80.65
C ALA Y 46 -65.45 -14.73 -82.17
N THR Y 47 -66.23 -13.87 -82.82
CA THR Y 47 -66.30 -13.82 -84.28
C THR Y 47 -65.71 -12.50 -84.76
N LEU Y 48 -64.70 -12.59 -85.62
CA LEU Y 48 -64.03 -11.40 -86.14
C LEU Y 48 -64.65 -11.03 -87.48
N ILE Y 49 -65.52 -10.02 -87.46
CA ILE Y 49 -66.14 -9.50 -88.67
C ILE Y 49 -65.22 -8.39 -89.21
N ARG Y 50 -64.41 -8.73 -90.20
CA ARG Y 50 -63.52 -7.74 -90.78
C ARG Y 50 -64.26 -6.89 -91.81
N SER Y 51 -63.55 -5.94 -92.40
CA SER Y 51 -64.10 -5.15 -93.49
C SER Y 51 -64.53 -6.07 -94.63
N ASP Y 52 -65.67 -5.73 -95.23
CA ASP Y 52 -66.34 -6.54 -96.25
C ASP Y 52 -66.97 -7.78 -95.61
N GLY Y 53 -67.26 -8.79 -96.43
CA GLY Y 53 -68.01 -9.93 -95.92
C GLY Y 53 -67.13 -10.97 -95.23
N ALA Y 54 -65.82 -10.83 -95.35
CA ALA Y 54 -64.90 -11.82 -94.79
C ALA Y 54 -65.02 -11.87 -93.27
N ARG Y 55 -64.93 -13.07 -92.71
CA ARG Y 55 -65.10 -13.29 -91.28
C ARG Y 55 -64.36 -14.56 -90.87
N GLU Y 56 -63.90 -14.60 -89.62
CA GLU Y 56 -63.25 -15.77 -89.04
C GLU Y 56 -63.74 -15.95 -87.61
N ILE Y 57 -63.96 -17.19 -87.22
CA ILE Y 57 -64.54 -17.51 -85.91
C ILE Y 57 -63.50 -18.22 -85.06
N VAL Y 58 -63.32 -17.75 -83.83
CA VAL Y 58 -62.22 -18.17 -82.98
C VAL Y 58 -62.71 -18.35 -81.54
N LYS Y 59 -61.83 -18.89 -80.70
CA LYS Y 59 -62.08 -19.07 -79.27
C LYS Y 59 -61.03 -18.30 -78.48
N VAL Y 60 -61.48 -17.51 -77.51
CA VAL Y 60 -60.59 -16.69 -76.70
C VAL Y 60 -60.25 -17.48 -75.44
N THR Y 61 -58.98 -17.85 -75.29
CA THR Y 61 -58.57 -18.65 -74.14
C THR Y 61 -58.58 -17.82 -72.85
N SER Y 62 -58.05 -16.60 -72.91
CA SER Y 62 -57.93 -15.80 -71.70
C SER Y 62 -58.00 -14.32 -72.04
N ARG Y 63 -58.56 -13.54 -71.12
CA ARG Y 63 -58.59 -12.09 -71.23
C ARG Y 63 -57.79 -11.48 -70.09
N THR Y 64 -56.78 -10.69 -70.44
CA THR Y 64 -55.98 -9.96 -69.47
C THR Y 64 -55.94 -8.50 -69.88
N VAL Y 65 -56.51 -7.64 -69.03
CA VAL Y 65 -56.50 -6.20 -69.23
C VAL Y 65 -57.13 -5.91 -70.59
N ASP Y 66 -56.31 -5.62 -71.60
CA ASP Y 66 -56.79 -5.13 -72.89
C ASP Y 66 -56.57 -6.12 -74.02
N ALA Y 67 -55.78 -7.17 -73.81
CA ALA Y 67 -55.40 -8.10 -74.86
C ALA Y 67 -55.78 -9.52 -74.45
N MET Y 68 -56.16 -10.32 -75.45
CA MET Y 68 -56.60 -11.70 -75.22
C MET Y 68 -55.73 -12.67 -75.99
N SER Y 69 -55.34 -13.76 -75.34
CA SER Y 69 -54.76 -14.88 -76.06
C SER Y 69 -55.86 -15.56 -76.88
N ILE Y 70 -55.50 -16.05 -78.07
CA ILE Y 70 -56.49 -16.50 -79.02
C ILE Y 70 -56.04 -17.83 -79.63
N THR Y 71 -57.03 -18.62 -80.05
CA THR Y 71 -56.81 -19.81 -80.87
C THR Y 71 -57.68 -19.70 -82.10
N ARG Y 72 -57.12 -19.96 -83.27
CA ARG Y 72 -57.79 -19.60 -84.51
C ARG Y 72 -58.02 -20.82 -85.38
N ALA Y 73 -58.88 -20.64 -86.40
CA ALA Y 73 -59.29 -21.70 -87.31
C ALA Y 73 -59.91 -22.87 -86.56
N GLN Y 74 -60.51 -22.58 -85.41
CA GLN Y 74 -61.05 -23.65 -84.56
C GLN Y 74 -62.37 -24.17 -85.10
N GLU Y 75 -63.20 -23.28 -85.64
CA GLU Y 75 -64.54 -23.64 -86.10
C GLU Y 75 -64.62 -23.88 -87.60
N GLY Y 76 -63.50 -23.97 -88.28
CA GLY Y 76 -63.49 -24.20 -89.71
C GLY Y 76 -63.24 -22.97 -90.57
N SER Y 77 -63.33 -21.77 -89.99
CA SER Y 77 -63.04 -20.57 -90.74
C SER Y 77 -61.54 -20.46 -91.02
N SER Y 78 -61.21 -20.15 -92.28
CA SER Y 78 -59.82 -20.07 -92.67
C SER Y 78 -59.14 -18.87 -92.03
N ALA Y 79 -57.88 -19.04 -91.66
CA ALA Y 79 -57.10 -17.95 -91.09
C ALA Y 79 -56.86 -16.87 -92.14
N LEU Y 80 -57.13 -15.63 -91.78
CA LEU Y 80 -57.07 -14.53 -92.73
C LEU Y 80 -56.47 -13.30 -92.06
N SER Y 81 -55.82 -12.46 -92.85
CA SER Y 81 -55.25 -11.23 -92.33
C SER Y 81 -56.34 -10.28 -91.87
N PHE Y 82 -56.06 -9.52 -90.82
CA PHE Y 82 -57.03 -8.60 -90.24
C PHE Y 82 -56.40 -7.22 -90.11
N ASN Y 83 -57.12 -6.20 -90.59
CA ASN Y 83 -56.66 -4.83 -90.56
C ASN Y 83 -56.85 -4.23 -89.17
N PRO Y 84 -56.20 -3.09 -88.87
CA PRO Y 84 -56.32 -2.51 -87.53
C PRO Y 84 -57.65 -1.84 -87.25
N ASN Y 85 -58.68 -2.05 -88.09
CA ASN Y 85 -60.03 -1.60 -87.81
C ASN Y 85 -61.01 -2.71 -88.13
N ASP Y 86 -61.37 -3.50 -87.11
CA ASP Y 86 -62.18 -4.68 -87.32
C ASP Y 86 -63.31 -4.70 -86.31
N ARG Y 87 -64.17 -5.71 -86.41
CA ARG Y 87 -65.25 -5.92 -85.45
C ARG Y 87 -65.14 -7.33 -84.88
N ILE Y 88 -65.07 -7.40 -83.55
CA ILE Y 88 -65.08 -8.67 -82.83
C ILE Y 88 -66.28 -8.64 -81.88
N GLU Y 89 -67.20 -9.59 -82.06
CA GLU Y 89 -68.47 -9.56 -81.34
C GLU Y 89 -69.25 -10.84 -81.67
N ALA Y 90 -70.42 -10.95 -81.05
CA ALA Y 90 -71.40 -12.01 -81.29
C ALA Y 90 -70.94 -13.36 -80.76
N ARG Y 91 -71.79 -14.37 -80.91
CA ARG Y 91 -71.51 -15.74 -80.54
C ARG Y 91 -71.83 -16.62 -81.74
N LEU Y 92 -71.03 -17.67 -81.94
CA LEU Y 92 -71.28 -18.62 -83.03
C LEU Y 92 -72.23 -19.69 -82.55
N THR Y 93 -73.41 -19.76 -83.16
CA THR Y 93 -74.46 -20.67 -82.72
C THR Y 93 -74.07 -22.12 -83.01
N ALA Y 94 -73.23 -22.34 -84.02
CA ALA Y 94 -72.92 -23.71 -84.43
C ALA Y 94 -72.28 -24.50 -83.29
N GLY Y 95 -71.11 -24.08 -82.83
CA GLY Y 95 -70.40 -24.84 -81.81
C GLY Y 95 -71.14 -24.87 -80.49
N GLU Y 96 -71.63 -23.71 -80.03
CA GLU Y 96 -72.24 -23.62 -78.71
C GLU Y 96 -73.56 -24.38 -78.64
N LEU Y 97 -74.45 -24.19 -79.61
CA LEU Y 97 -75.71 -24.93 -79.59
C LEU Y 97 -75.50 -26.40 -79.92
N GLY Y 98 -74.49 -26.72 -80.73
CA GLY Y 98 -74.17 -28.12 -80.97
C GLY Y 98 -73.69 -28.82 -79.69
N ASP Y 99 -72.84 -28.16 -78.93
CA ASP Y 99 -72.41 -28.70 -77.65
C ASP Y 99 -73.58 -28.82 -76.69
N PHE Y 100 -74.51 -27.86 -76.73
CA PHE Y 100 -75.67 -27.94 -75.86
C PHE Y 100 -76.57 -29.13 -76.22
N ARG Y 101 -76.82 -29.34 -77.51
CA ARG Y 101 -77.54 -30.51 -77.96
C ARG Y 101 -76.85 -31.81 -77.57
N ASP Y 102 -75.53 -31.88 -77.73
CA ASP Y 102 -74.78 -33.06 -77.32
C ASP Y 102 -74.84 -33.28 -75.81
N GLY Y 103 -74.77 -32.20 -75.03
CA GLY Y 103 -74.83 -32.33 -73.59
C GLY Y 103 -76.19 -32.80 -73.08
N ILE Y 104 -77.26 -32.32 -73.70
CA ILE Y 104 -78.59 -32.78 -73.31
C ILE Y 104 -78.73 -34.28 -73.56
N ALA Y 105 -78.29 -34.74 -74.74
CA ALA Y 105 -78.32 -36.17 -75.04
C ALA Y 105 -77.44 -36.95 -74.07
N SER Y 106 -76.27 -36.41 -73.74
CA SER Y 106 -75.39 -37.08 -72.78
C SER Y 106 -76.05 -37.20 -71.42
N ALA Y 107 -76.73 -36.14 -70.97
CA ALA Y 107 -77.42 -36.19 -69.69
C ALA Y 107 -78.53 -37.23 -69.70
N GLN Y 108 -79.29 -37.27 -70.79
CA GLN Y 108 -80.37 -38.26 -70.90
C GLN Y 108 -79.80 -39.68 -70.89
N SER Y 109 -78.72 -39.91 -71.64
CA SER Y 109 -78.11 -41.23 -71.67
C SER Y 109 -77.53 -41.61 -70.32
N ALA Y 110 -76.91 -40.65 -69.61
CA ALA Y 110 -76.38 -40.92 -68.28
C ALA Y 110 -77.49 -41.26 -67.31
N ALA Y 111 -78.63 -40.56 -67.39
CA ALA Y 111 -79.76 -40.88 -66.53
C ALA Y 111 -80.30 -42.27 -66.83
N SER Y 112 -80.37 -42.63 -68.11
CA SER Y 112 -80.81 -43.98 -68.48
C SER Y 112 -79.86 -45.04 -67.94
N ALA Y 113 -78.56 -44.80 -68.07
CA ALA Y 113 -77.58 -45.75 -67.53
C ALA Y 113 -77.70 -45.86 -66.01
N ALA Y 114 -77.91 -44.73 -65.33
CA ALA Y 114 -78.05 -44.75 -63.88
C ALA Y 114 -79.27 -45.55 -63.46
N GLN Y 115 -80.41 -45.35 -64.13
CA GLN Y 115 -81.61 -46.11 -63.78
C GLN Y 115 -81.44 -47.58 -64.12
N GLY Y 116 -80.72 -47.90 -65.20
CA GLY Y 116 -80.44 -49.29 -65.51
C GLY Y 116 -79.57 -49.97 -64.47
N THR Y 117 -78.55 -49.27 -63.99
CA THR Y 117 -77.73 -49.81 -62.91
C THR Y 117 -78.53 -49.94 -61.62
N ALA Y 118 -79.43 -48.98 -61.36
CA ALA Y 118 -80.28 -49.08 -60.19
C ALA Y 118 -81.17 -50.31 -60.24
N ASP Y 119 -81.73 -50.61 -61.40
CA ASP Y 119 -82.54 -51.81 -61.58
C ASP Y 119 -81.67 -53.06 -61.51
N VAL Z 4 -80.86 -32.13 -83.75
CA VAL Z 4 -81.19 -30.80 -84.22
C VAL Z 4 -79.92 -30.06 -84.63
N GLN Z 5 -79.54 -30.18 -85.90
CA GLN Z 5 -78.35 -29.50 -86.37
C GLN Z 5 -78.60 -28.00 -86.49
N PHE Z 6 -77.52 -27.24 -86.63
CA PHE Z 6 -77.65 -25.79 -86.69
C PHE Z 6 -76.92 -25.23 -87.91
N ALA Z 7 -77.18 -23.95 -88.19
CA ALA Z 7 -76.59 -23.26 -89.33
C ALA Z 7 -75.87 -22.00 -88.86
N ASN Z 8 -74.91 -21.56 -89.67
CA ASN Z 8 -74.09 -20.39 -89.33
C ASN Z 8 -73.99 -19.41 -90.51
N ASN Z 9 -74.85 -18.39 -90.48
CA ASN Z 9 -74.77 -17.27 -91.42
C ASN Z 9 -74.88 -17.73 -92.88
N ALA Z 10 -76.03 -18.29 -93.23
CA ALA Z 10 -76.32 -18.68 -94.60
C ALA Z 10 -77.64 -18.06 -95.03
N ALA Z 11 -77.57 -17.04 -95.87
CA ALA Z 11 -78.74 -16.33 -96.37
C ALA Z 11 -78.81 -16.51 -97.88
N SER Z 12 -79.78 -17.29 -98.33
CA SER Z 12 -79.89 -17.69 -99.74
C SER Z 12 -81.14 -17.11 -100.36
N ARG Z 13 -81.02 -16.62 -101.59
CA ARG Z 13 -82.20 -16.28 -102.38
C ARG Z 13 -82.92 -17.56 -102.79
N LEU Z 14 -84.24 -17.54 -102.64
CA LEU Z 14 -85.09 -18.70 -102.95
C LEU Z 14 -85.46 -18.64 -104.43
N VAL Z 15 -84.63 -19.28 -105.27
CA VAL Z 15 -84.79 -19.15 -106.71
C VAL Z 15 -86.12 -19.76 -107.17
N GLY Z 16 -86.49 -20.91 -106.59
CA GLY Z 16 -87.72 -21.57 -106.95
C GLY Z 16 -88.90 -21.05 -106.16
N PRO Z 17 -89.96 -20.63 -106.85
CA PRO Z 17 -91.17 -20.19 -106.14
C PRO Z 17 -91.84 -21.35 -105.42
N LEU Z 18 -92.48 -21.03 -104.29
CA LEU Z 18 -93.19 -22.01 -103.49
C LEU Z 18 -94.68 -21.73 -103.50
N ALA Z 19 -95.47 -22.75 -103.80
CA ALA Z 19 -96.89 -22.72 -103.55
C ALA Z 19 -97.14 -22.77 -102.05
N PRO Z 20 -98.33 -22.37 -101.58
CA PRO Z 20 -98.59 -22.46 -100.13
C PRO Z 20 -98.50 -23.89 -99.60
N SER Z 21 -98.66 -24.88 -100.48
CA SER Z 21 -98.38 -26.28 -100.14
C SER Z 21 -97.12 -26.68 -100.89
N GLY Z 22 -95.96 -26.47 -100.27
CA GLY Z 22 -94.70 -26.72 -100.93
C GLY Z 22 -93.92 -27.88 -100.33
N THR Z 23 -93.58 -28.86 -101.17
CA THR Z 23 -92.87 -30.04 -100.68
C THR Z 23 -91.36 -29.81 -100.62
N SER Z 24 -90.83 -28.99 -101.52
CA SER Z 24 -89.40 -28.73 -101.55
C SER Z 24 -89.14 -27.34 -102.12
N LEU Z 25 -88.00 -26.76 -101.74
CA LEU Z 25 -87.58 -25.45 -102.21
C LEU Z 25 -86.15 -25.54 -102.71
N THR Z 26 -85.76 -24.56 -103.52
CA THR Z 26 -84.44 -24.55 -104.14
C THR Z 26 -83.71 -23.27 -103.76
N VAL Z 27 -82.55 -23.43 -103.12
CA VAL Z 27 -81.67 -22.32 -102.78
C VAL Z 27 -80.78 -22.00 -103.98
N THR Z 28 -80.09 -20.87 -103.93
CA THR Z 28 -79.15 -20.53 -104.98
C THR Z 28 -78.03 -21.57 -105.04
N PRO Z 29 -77.52 -21.86 -106.25
CA PRO Z 29 -76.52 -22.93 -106.38
C PRO Z 29 -75.27 -22.72 -105.54
N GLY Z 30 -74.77 -21.48 -105.47
CA GLY Z 30 -73.56 -21.22 -104.71
C GLY Z 30 -73.76 -21.38 -103.21
N ASP Z 31 -74.91 -20.93 -102.70
CA ASP Z 31 -75.15 -20.86 -101.27
C ASP Z 31 -75.69 -22.16 -100.69
N GLY Z 32 -75.88 -23.20 -101.50
CA GLY Z 32 -76.40 -24.45 -100.97
C GLY Z 32 -75.47 -25.11 -99.97
N ALA Z 33 -74.16 -24.94 -100.18
CA ALA Z 33 -73.18 -25.63 -99.33
C ALA Z 33 -73.11 -25.02 -97.94
N LEU Z 34 -73.43 -23.73 -97.82
CA LEU Z 34 -73.26 -23.05 -96.53
C LEU Z 34 -74.23 -23.59 -95.48
N PHE Z 35 -75.41 -24.04 -95.91
CA PHE Z 35 -76.32 -24.69 -94.98
C PHE Z 35 -75.73 -26.01 -94.51
N PRO Z 36 -76.09 -26.49 -93.31
CA PRO Z 36 -75.52 -27.74 -92.82
C PRO Z 36 -75.86 -28.91 -93.74
N THR Z 37 -74.90 -29.82 -93.88
CA THR Z 37 -75.08 -30.96 -94.78
C THR Z 37 -76.24 -31.84 -94.35
N LEU Z 38 -76.43 -31.99 -93.03
CA LEU Z 38 -77.56 -32.71 -92.46
C LEU Z 38 -77.50 -34.20 -92.78
N GLY Z 39 -78.53 -34.93 -92.36
CA GLY Z 39 -78.61 -36.36 -92.61
C GLY Z 39 -80.01 -36.84 -92.31
N ALA Z 40 -80.18 -38.16 -92.37
CA ALA Z 40 -81.47 -38.75 -92.03
C ALA Z 40 -81.76 -38.53 -90.54
N GLY Z 41 -82.88 -37.87 -90.27
CA GLY Z 41 -83.27 -37.56 -88.91
C GLY Z 41 -82.61 -36.35 -88.30
N ASP Z 42 -81.83 -35.59 -89.08
CA ASP Z 42 -81.16 -34.39 -88.59
C ASP Z 42 -81.76 -33.18 -89.28
N TRP Z 43 -82.11 -32.18 -88.48
CA TRP Z 43 -82.90 -31.06 -88.96
C TRP Z 43 -82.45 -29.74 -88.34
N PHE Z 44 -82.66 -28.66 -89.10
CA PHE Z 44 -82.50 -27.30 -88.64
C PHE Z 44 -83.67 -26.47 -89.15
N MET Z 45 -84.13 -25.50 -88.37
CA MET Z 45 -85.21 -24.64 -88.80
C MET Z 45 -84.69 -23.36 -89.40
N ALA Z 46 -85.31 -22.92 -90.49
CA ALA Z 46 -84.94 -21.69 -91.17
C ALA Z 46 -86.15 -20.78 -91.30
N THR Z 47 -85.91 -19.48 -91.33
CA THR Z 47 -86.97 -18.48 -91.39
C THR Z 47 -87.15 -18.03 -92.84
N LEU Z 48 -88.35 -18.22 -93.37
CA LEU Z 48 -88.67 -17.82 -94.73
C LEU Z 48 -89.06 -16.35 -94.71
N ILE Z 49 -88.11 -15.47 -94.99
CA ILE Z 49 -88.34 -14.03 -94.99
C ILE Z 49 -88.63 -13.57 -96.41
N ARG Z 50 -89.90 -13.30 -96.69
CA ARG Z 50 -90.29 -12.77 -97.99
C ARG Z 50 -89.99 -11.28 -98.07
N SER Z 51 -90.36 -10.68 -99.20
CA SER Z 51 -90.42 -9.24 -99.29
C SER Z 51 -91.42 -8.71 -98.28
N ASP Z 52 -91.13 -7.54 -97.73
CA ASP Z 52 -91.93 -6.92 -96.67
C ASP Z 52 -91.77 -7.72 -95.38
N GLY Z 53 -92.72 -7.61 -94.45
CA GLY Z 53 -92.54 -8.21 -93.14
C GLY Z 53 -92.89 -9.68 -93.09
N ALA Z 54 -93.25 -10.26 -94.23
CA ALA Z 54 -93.68 -11.66 -94.26
C ALA Z 54 -92.53 -12.60 -93.87
N ARG Z 55 -92.74 -13.35 -92.79
CA ARG Z 55 -91.80 -14.37 -92.33
C ARG Z 55 -92.57 -15.63 -91.97
N GLU Z 56 -92.01 -16.79 -92.27
CA GLU Z 56 -92.67 -18.08 -92.05
C GLU Z 56 -91.69 -19.07 -91.45
N ILE Z 57 -92.23 -20.08 -90.78
CA ILE Z 57 -91.44 -21.12 -90.10
C ILE Z 57 -91.62 -22.45 -90.83
N VAL Z 58 -90.51 -23.13 -91.10
CA VAL Z 58 -90.53 -24.39 -91.83
C VAL Z 58 -89.56 -25.41 -91.23
N LYS Z 59 -89.54 -26.58 -91.86
CA LYS Z 59 -88.91 -27.79 -91.36
C LYS Z 59 -88.01 -28.39 -92.43
N VAL Z 60 -86.71 -28.41 -92.17
CA VAL Z 60 -85.73 -28.93 -93.12
C VAL Z 60 -85.45 -30.39 -92.76
N THR Z 61 -86.12 -31.31 -93.47
CA THR Z 61 -85.89 -32.72 -93.24
C THR Z 61 -84.55 -33.17 -93.80
N SER Z 62 -84.22 -32.77 -95.02
CA SER Z 62 -82.99 -33.22 -95.67
C SER Z 62 -82.57 -32.22 -96.73
N ARG Z 63 -81.28 -32.25 -97.07
CA ARG Z 63 -80.70 -31.37 -98.08
C ARG Z 63 -79.94 -32.21 -99.09
N THR Z 64 -80.19 -31.97 -100.37
CA THR Z 64 -79.52 -32.67 -101.46
C THR Z 64 -78.98 -31.66 -102.46
N VAL Z 65 -77.65 -31.54 -102.52
CA VAL Z 65 -76.96 -30.62 -103.42
C VAL Z 65 -77.51 -29.21 -103.17
N ASP Z 66 -78.24 -28.67 -104.14
CA ASP Z 66 -78.85 -27.35 -104.02
C ASP Z 66 -80.37 -27.42 -103.90
N ALA Z 67 -80.94 -28.62 -103.83
CA ALA Z 67 -82.37 -28.82 -103.67
C ALA Z 67 -82.66 -29.08 -102.20
N MET Z 68 -83.71 -28.44 -101.68
CA MET Z 68 -83.99 -28.43 -100.25
C MET Z 68 -85.36 -29.00 -99.98
N SER Z 69 -85.43 -30.09 -99.22
CA SER Z 69 -86.70 -30.66 -98.82
C SER Z 69 -87.29 -29.89 -97.64
N ILE Z 70 -88.59 -29.63 -97.69
CA ILE Z 70 -89.22 -28.76 -96.70
C ILE Z 70 -90.63 -29.26 -96.37
N THR Z 71 -91.05 -28.97 -95.14
CA THR Z 71 -92.45 -29.09 -94.71
C THR Z 71 -92.79 -27.85 -93.89
N ARG Z 72 -94.06 -27.46 -93.90
CA ARG Z 72 -94.43 -26.11 -93.50
C ARG Z 72 -95.14 -26.10 -92.14
N ALA Z 73 -95.27 -24.89 -91.59
CA ALA Z 73 -96.09 -24.62 -90.40
C ALA Z 73 -95.64 -25.42 -89.18
N GLN Z 74 -94.44 -25.12 -88.67
CA GLN Z 74 -93.94 -25.85 -87.50
C GLN Z 74 -94.16 -25.08 -86.21
N GLU Z 75 -93.85 -23.77 -86.22
CA GLU Z 75 -94.16 -22.93 -85.07
C GLU Z 75 -95.52 -22.28 -85.17
N GLY Z 76 -96.46 -22.87 -85.91
CA GLY Z 76 -97.80 -22.34 -86.03
C GLY Z 76 -98.00 -21.33 -87.13
N SER Z 77 -96.94 -20.99 -87.89
CA SER Z 77 -97.05 -19.98 -88.93
C SER Z 77 -97.95 -20.49 -90.07
N SER Z 78 -98.79 -19.59 -90.57
CA SER Z 78 -99.63 -19.91 -91.72
C SER Z 78 -98.78 -20.04 -92.98
N ALA Z 79 -99.13 -21.00 -93.82
CA ALA Z 79 -98.40 -21.21 -95.07
C ALA Z 79 -98.90 -20.24 -96.13
N LEU Z 80 -97.96 -19.62 -96.85
CA LEU Z 80 -98.27 -18.68 -97.92
C LEU Z 80 -97.50 -19.07 -99.17
N SER Z 81 -97.89 -18.47 -100.30
CA SER Z 81 -97.13 -18.63 -101.53
C SER Z 81 -95.88 -17.75 -101.49
N PHE Z 82 -94.86 -18.16 -102.23
CA PHE Z 82 -93.55 -17.50 -102.19
C PHE Z 82 -93.08 -17.13 -103.59
N ASN Z 83 -92.67 -15.88 -103.75
CA ASN Z 83 -92.11 -15.38 -104.99
C ASN Z 83 -90.69 -15.92 -105.18
N PRO Z 84 -90.15 -15.89 -106.40
CA PRO Z 84 -88.82 -16.48 -106.62
C PRO Z 84 -87.68 -15.63 -106.11
N ASN Z 85 -87.95 -14.60 -105.32
CA ASN Z 85 -86.93 -13.85 -104.61
C ASN Z 85 -87.29 -13.80 -103.13
N ASP Z 86 -86.48 -14.45 -102.30
CA ASP Z 86 -86.76 -14.56 -100.88
C ASP Z 86 -85.45 -14.62 -100.12
N ARG Z 87 -85.55 -14.75 -98.80
CA ARG Z 87 -84.40 -14.86 -97.93
C ARG Z 87 -84.50 -16.15 -97.14
N ILE Z 88 -83.43 -16.95 -97.17
CA ILE Z 88 -83.40 -18.25 -96.53
C ILE Z 88 -82.29 -18.21 -95.47
N GLU Z 89 -82.65 -17.90 -94.23
CA GLU Z 89 -81.64 -17.64 -93.22
C GLU Z 89 -82.25 -17.67 -91.83
N ALA Z 90 -81.38 -17.38 -90.84
CA ALA Z 90 -81.70 -17.21 -89.42
C ALA Z 90 -81.97 -18.54 -88.72
N ARG Z 91 -82.05 -18.48 -87.39
CA ARG Z 91 -82.42 -19.60 -86.55
C ARG Z 91 -83.55 -19.13 -85.64
N LEU Z 92 -84.44 -20.05 -85.28
CA LEU Z 92 -85.72 -19.68 -84.67
C LEU Z 92 -85.63 -19.87 -83.15
N THR Z 93 -85.88 -18.78 -82.42
CA THR Z 93 -85.72 -18.77 -80.97
C THR Z 93 -86.71 -19.69 -80.29
N ALA Z 94 -87.96 -19.72 -80.79
CA ALA Z 94 -89.02 -20.42 -80.07
C ALA Z 94 -88.72 -21.90 -79.93
N GLY Z 95 -88.72 -22.63 -81.06
CA GLY Z 95 -88.69 -24.08 -81.00
C GLY Z 95 -87.39 -24.62 -80.41
N GLU Z 96 -86.26 -24.18 -80.95
CA GLU Z 96 -84.97 -24.75 -80.52
C GLU Z 96 -84.70 -24.47 -79.04
N LEU Z 97 -84.87 -23.23 -78.61
CA LEU Z 97 -84.54 -22.87 -77.24
C LEU Z 97 -85.56 -23.46 -76.27
N GLY Z 98 -86.83 -23.53 -76.66
CA GLY Z 98 -87.79 -24.26 -75.85
C GLY Z 98 -87.42 -25.72 -75.70
N ASP Z 99 -86.90 -26.32 -76.76
CA ASP Z 99 -86.45 -27.71 -76.69
C ASP Z 99 -85.27 -27.86 -75.73
N PHE Z 100 -84.31 -26.92 -75.79
CA PHE Z 100 -83.23 -26.94 -74.79
C PHE Z 100 -83.77 -26.88 -73.38
N ARG Z 101 -84.65 -25.92 -73.11
CA ARG Z 101 -85.18 -25.75 -71.76
C ARG Z 101 -85.93 -26.98 -71.27
N ASP Z 102 -86.80 -27.56 -72.11
CA ASP Z 102 -87.53 -28.75 -71.74
C ASP Z 102 -86.61 -29.95 -71.54
N GLY Z 103 -85.60 -30.10 -72.39
CA GLY Z 103 -84.69 -31.23 -72.26
C GLY Z 103 -83.86 -31.18 -71.00
N ILE Z 104 -83.40 -29.98 -70.61
CA ILE Z 104 -82.62 -29.87 -69.38
C ILE Z 104 -83.48 -30.25 -68.18
N ALA Z 105 -84.73 -29.76 -68.14
CA ALA Z 105 -85.62 -30.11 -67.05
C ALA Z 105 -85.88 -31.61 -67.01
N SER Z 106 -86.08 -32.22 -68.19
CA SER Z 106 -86.19 -33.67 -68.25
C SER Z 106 -84.93 -34.34 -67.70
N ALA Z 107 -83.77 -33.73 -67.93
CA ALA Z 107 -82.51 -34.31 -67.47
C ALA Z 107 -82.44 -34.34 -65.94
N GLN Z 108 -82.70 -33.20 -65.28
CA GLN Z 108 -82.69 -33.22 -63.82
C GLN Z 108 -83.82 -34.09 -63.26
N SER Z 109 -84.98 -34.12 -63.92
CA SER Z 109 -86.05 -34.99 -63.42
C SER Z 109 -85.63 -36.46 -63.47
N ALA Z 110 -85.05 -36.88 -64.59
CA ALA Z 110 -84.60 -38.27 -64.71
C ALA Z 110 -83.46 -38.57 -63.75
N ALA Z 111 -82.56 -37.61 -63.54
CA ALA Z 111 -81.48 -37.82 -62.59
C ALA Z 111 -82.00 -37.97 -61.17
N SER Z 112 -82.99 -37.16 -60.79
CA SER Z 112 -83.59 -37.29 -59.47
C SER Z 112 -84.31 -38.63 -59.33
N ALA Z 113 -84.99 -39.07 -60.39
CA ALA Z 113 -85.62 -40.38 -60.36
C ALA Z 113 -84.59 -41.49 -60.19
N ALA Z 114 -83.45 -41.36 -60.87
CA ALA Z 114 -82.38 -42.34 -60.71
C ALA Z 114 -81.84 -42.34 -59.29
N GLN Z 115 -81.68 -41.16 -58.69
CA GLN Z 115 -81.23 -41.08 -57.31
C GLN Z 115 -82.22 -41.75 -56.37
N GLY Z 116 -83.52 -41.51 -56.59
CA GLY Z 116 -84.53 -42.16 -55.77
C GLY Z 116 -84.51 -43.68 -55.91
N THR Z 117 -84.36 -44.17 -57.13
CA THR Z 117 -84.29 -45.62 -57.35
C THR Z 117 -83.04 -46.21 -56.69
N ALA Z 118 -81.92 -45.50 -56.78
CA ALA Z 118 -80.70 -45.98 -56.13
C ALA Z 118 -80.86 -46.03 -54.62
N ASP Z 119 -81.50 -45.01 -54.04
CA ASP Z 119 -81.74 -44.99 -52.60
C ASP Z 119 -82.78 -46.03 -52.20
N LYS AA 2 48.95 23.95 0.76
CA LYS AA 2 48.44 25.22 1.28
C LYS AA 2 47.35 25.84 0.39
N PRO AA 3 47.56 25.96 -0.91
CA PRO AA 3 46.48 26.48 -1.77
C PRO AA 3 45.35 25.48 -1.88
N LEU AA 4 44.18 26.00 -2.25
CA LEU AA 4 42.97 25.18 -2.34
C LEU AA 4 42.95 24.32 -3.60
N ASP AA 5 43.91 24.51 -4.51
CA ASP AA 5 44.01 23.68 -5.70
C ASP AA 5 44.34 22.24 -5.38
N VAL AA 6 44.80 21.94 -4.15
CA VAL AA 6 44.95 20.54 -3.77
C VAL AA 6 43.59 19.94 -3.42
N PHE AA 7 42.72 20.74 -2.79
CA PHE AA 7 41.36 20.26 -2.50
C PHE AA 7 40.55 20.07 -3.77
N MET AA 8 40.70 20.99 -4.72
CA MET AA 8 39.71 21.10 -5.79
C MET AA 8 39.56 19.83 -6.63
N PRO AA 9 40.62 19.05 -6.93
CA PRO AA 9 40.42 17.85 -7.77
C PRO AA 9 39.36 16.88 -7.27
N ILE AA 10 39.24 16.69 -5.96
CA ILE AA 10 38.18 15.82 -5.45
C ILE AA 10 36.81 16.40 -5.80
N ILE AA 11 36.67 17.72 -5.69
CA ILE AA 11 35.44 18.38 -6.09
C ILE AA 11 35.17 18.15 -7.57
N HIS AA 12 36.19 18.28 -8.41
CA HIS AA 12 36.05 17.93 -9.82
C HIS AA 12 35.52 16.52 -9.98
N ARG AA 13 36.08 15.57 -9.23
CA ARG AA 13 35.70 14.17 -9.40
C ARG AA 13 34.25 13.94 -9.03
N PHE AA 14 33.78 14.53 -7.93
CA PHE AA 14 32.42 14.27 -7.50
C PHE AA 14 31.42 15.33 -7.97
N ALA AA 15 31.88 16.58 -8.14
CA ALA AA 15 31.04 17.62 -8.71
C ALA AA 15 31.69 18.16 -9.97
N PRO AA 16 31.37 17.62 -11.15
CA PRO AA 16 32.15 17.93 -12.35
C PRO AA 16 32.02 19.39 -12.77
N GLY AA 17 33.16 20.01 -13.06
CA GLY AA 17 33.17 21.34 -13.65
C GLY AA 17 32.63 22.42 -12.75
N CYS AA 18 32.87 22.31 -11.44
CA CYS AA 18 32.47 23.38 -10.54
C CYS AA 18 33.43 24.56 -10.68
N PRO AA 19 32.92 25.78 -10.81
CA PRO AA 19 33.81 26.94 -10.90
C PRO AA 19 34.69 27.05 -9.66
N GLU AA 20 35.93 27.48 -9.87
CA GLU AA 20 36.90 27.52 -8.79
C GLU AA 20 36.48 28.41 -7.62
N PRO AA 21 35.97 29.64 -7.81
CA PRO AA 21 35.54 30.41 -6.64
C PRO AA 21 34.44 29.73 -5.82
N THR AA 22 33.50 29.06 -6.47
CA THR AA 22 32.42 28.41 -5.73
C THR AA 22 32.93 27.24 -4.91
N ALA AA 23 33.73 26.37 -5.54
CA ALA AA 23 34.31 25.25 -4.81
C ALA AA 23 35.23 25.74 -3.71
N PHE AA 24 35.93 26.84 -3.94
CA PHE AA 24 36.80 27.40 -2.92
C PHE AA 24 35.99 27.91 -1.73
N ALA AA 25 34.86 28.58 -2.00
CA ALA AA 25 34.01 29.03 -0.91
C ALA AA 25 33.46 27.85 -0.12
N ALA AA 26 33.05 26.79 -0.82
CA ALA AA 26 32.60 25.59 -0.12
C ALA AA 26 33.70 24.98 0.72
N ILE AA 27 34.93 24.95 0.19
CA ILE AA 27 36.06 24.44 0.96
C ILE AA 27 36.28 25.28 2.21
N ARG AA 28 36.22 26.60 2.08
CA ARG AA 28 36.42 27.47 3.24
C ARG AA 28 35.35 27.23 4.29
N GLU AA 29 34.09 27.11 3.87
CA GLU AA 29 33.02 26.89 4.84
C GLU AA 29 33.15 25.53 5.53
N ALA AA 30 33.46 24.49 4.76
CA ALA AA 30 33.64 23.17 5.34
C ALA AA 30 34.82 23.15 6.32
N ALA AA 31 35.91 23.82 5.96
CA ALA AA 31 37.07 23.88 6.85
C ALA AA 31 36.76 24.71 8.09
N ILE AA 32 35.93 25.74 7.96
CA ILE AA 32 35.50 26.51 9.12
C ILE AA 32 34.75 25.60 10.08
N LYS AA 33 33.81 24.81 9.56
CA LYS AA 33 33.09 23.88 10.42
C LYS AA 33 34.03 22.84 11.04
N PHE AA 34 34.98 22.35 10.26
CA PHE AA 34 35.95 21.37 10.74
C PHE AA 34 36.76 21.92 11.90
N CYS AA 35 37.25 23.16 11.77
CA CYS AA 35 38.04 23.76 12.84
C CYS AA 35 37.17 24.14 14.03
N GLU AA 36 35.90 24.45 13.78
CA GLU AA 36 34.97 24.70 14.88
C GLU AA 36 34.78 23.44 15.72
N ARG AA 37 34.74 22.28 15.07
CA ARG AA 37 34.53 21.05 15.82
C ARG AA 37 35.85 20.45 16.30
N THR AA 38 36.79 20.20 15.37
CA THR AA 38 38.06 19.58 15.76
C THR AA 38 38.90 20.45 16.68
N ARG AA 39 38.94 21.77 16.45
CA ARG AA 39 39.72 22.71 17.24
C ARG AA 39 41.21 22.38 17.22
N LEU AA 40 41.71 21.81 16.12
CA LEU AA 40 43.11 21.41 16.07
C LEU AA 40 44.04 22.58 15.80
N TRP AA 41 43.62 23.54 14.98
CA TRP AA 41 44.50 24.63 14.62
C TRP AA 41 44.84 25.48 15.83
N ARG AA 42 46.14 25.68 16.06
CA ARG AA 42 46.61 26.43 17.22
C ARG AA 42 47.75 27.34 16.79
N CYS AA 43 47.74 28.57 17.30
CA CYS AA 43 48.84 29.50 17.09
C CYS AA 43 49.01 30.34 18.34
N ASP AA 44 50.21 30.89 18.49
CA ASP AA 44 50.60 31.57 19.72
C ASP AA 44 50.80 33.04 19.44
N ASP AA 45 50.14 33.89 20.22
CA ASP AA 45 50.15 35.33 19.98
C ASP AA 45 50.55 36.07 21.25
N GLU AA 46 51.35 37.11 21.07
CA GLU AA 46 51.84 37.93 22.18
C GLU AA 46 51.60 39.39 21.84
N PHE AA 47 51.06 40.15 22.80
CA PHE AA 47 50.81 41.57 22.62
C PHE AA 47 50.75 42.24 23.98
N ASN AA 48 50.83 43.57 23.96
CA ASN AA 48 50.88 44.37 25.18
C ASN AA 48 49.58 45.14 25.36
N VAL AA 49 49.14 45.28 26.61
CA VAL AA 49 47.94 46.02 26.96
C VAL AA 49 48.33 47.11 27.95
N GLY AA 50 47.41 48.04 28.19
CA GLY AA 50 47.67 49.08 29.17
C GLY AA 50 46.52 50.05 29.32
N ALA AA 51 46.28 50.44 30.57
CA ALA AA 51 45.41 51.56 30.91
C ALA AA 51 43.99 51.35 30.38
N ASP AA 52 43.32 50.31 30.87
CA ASP AA 52 41.90 50.07 30.61
C ASP AA 52 41.60 50.06 29.11
N GLU AA 53 42.47 49.42 28.34
CA GLU AA 53 42.30 49.32 26.90
C GLU AA 53 41.86 47.90 26.54
N CYS AA 54 40.73 47.80 25.84
CA CYS AA 54 40.19 46.51 25.43
C CYS AA 54 40.92 46.06 24.17
N ALA AA 55 42.08 45.45 24.36
CA ALA AA 55 42.91 45.05 23.23
C ALA AA 55 42.25 43.92 22.44
N GLU AA 56 42.45 43.95 21.13
CA GLU AA 56 41.95 42.93 20.22
C GLU AA 56 43.09 41.97 19.88
N VAL AA 57 42.77 40.67 19.83
CA VAL AA 57 43.80 39.69 19.53
C VAL AA 57 44.21 39.78 18.07
N ALA AA 58 45.52 39.85 17.84
CA ALA AA 58 46.07 39.87 16.49
C ALA AA 58 46.22 38.44 16.01
N VAL AA 59 45.67 38.16 14.83
CA VAL AA 59 45.65 36.80 14.29
C VAL AA 59 46.20 36.83 12.87
N PRO AA 60 46.68 35.70 12.34
CA PRO AA 60 47.08 35.67 10.93
C PRO AA 60 45.96 36.12 10.02
N TYR AA 61 46.35 36.65 8.85
CA TYR AA 61 45.37 37.27 7.97
C TYR AA 61 44.29 36.29 7.54
N GLY AA 62 44.70 35.05 7.21
CA GLY AA 62 43.74 34.05 6.78
C GLY AA 62 43.24 33.19 7.92
N ALA AA 63 42.86 33.81 9.04
CA ALA AA 63 42.38 33.08 10.20
C ALA AA 63 41.61 34.04 11.11
N ALA AA 64 40.82 33.46 12.00
CA ALA AA 64 40.09 34.21 13.01
C ALA AA 64 40.17 33.46 14.33
N LEU AA 65 40.11 34.23 15.42
CA LEU AA 65 40.25 33.67 16.76
C LEU AA 65 38.95 32.96 17.14
N TYR AA 66 38.90 31.65 16.92
CA TYR AA 66 37.71 30.90 17.31
C TYR AA 66 37.56 30.82 18.82
N GLU AA 67 38.62 30.44 19.53
CA GLU AA 67 38.49 30.07 20.93
C GLU AA 67 39.86 30.08 21.57
N MET AA 68 39.93 30.62 22.78
CA MET AA 68 41.18 30.80 23.50
C MET AA 68 41.38 29.62 24.43
N GLU AA 69 42.46 28.86 24.21
CA GLU AA 69 42.76 27.74 25.10
C GLU AA 69 43.11 28.24 26.50
N LEU AA 70 43.94 29.27 26.59
CA LEU AA 70 44.27 29.91 27.86
C LEU AA 70 44.93 31.25 27.58
N VAL AA 71 45.00 32.08 28.62
CA VAL AA 71 45.58 33.41 28.53
C VAL AA 71 46.63 33.53 29.63
N GLN AA 72 47.75 34.18 29.31
CA GLN AA 72 48.82 34.42 30.27
C GLN AA 72 49.13 35.91 30.30
N PHE AA 73 49.34 36.45 31.50
CA PHE AA 73 49.57 37.87 31.70
C PHE AA 73 50.81 38.04 32.57
N ASN AA 74 51.92 38.40 31.93
CA ASN AA 74 53.21 38.48 32.61
C ASN AA 74 53.54 37.17 33.32
N GLY AA 75 53.30 36.06 32.63
CA GLY AA 75 53.65 34.76 33.16
C GLY AA 75 52.65 34.15 34.12
N ARG AA 76 51.48 34.75 34.28
CA ARG AA 76 50.46 34.25 35.20
C ARG AA 76 49.38 33.51 34.42
N ASN AA 77 49.12 32.26 34.83
CA ASN AA 77 48.03 31.48 34.24
C ASN AA 77 46.71 32.10 34.66
N MET AA 78 45.90 32.48 33.68
CA MET AA 78 44.69 33.24 33.98
C MET AA 78 43.46 32.34 33.99
N ARG AA 79 42.47 32.71 34.80
CA ARG AA 79 41.22 31.99 34.89
C ARG AA 79 40.15 32.73 34.09
N PRO AA 80 39.62 32.15 33.02
CA PRO AA 80 38.52 32.80 32.29
C PRO AA 80 37.20 32.60 33.00
N VAL AA 81 36.43 33.68 33.13
CA VAL AA 81 35.13 33.65 33.79
C VAL AA 81 34.13 34.42 32.95
N SER AA 82 32.85 34.12 33.14
CA SER AA 82 31.80 34.82 32.43
C SER AA 82 31.60 36.22 33.01
N THR AA 83 30.94 37.08 32.23
CA THR AA 83 30.72 38.44 32.67
C THR AA 83 29.74 38.52 33.85
N GLN AA 84 28.74 37.66 33.85
CA GLN AA 84 27.75 37.71 34.90
C GLN AA 84 28.34 37.17 36.18
N TRP AA 85 29.28 36.27 36.05
CA TRP AA 85 29.98 35.75 37.22
C TRP AA 85 30.68 36.86 37.97
N LEU AA 86 31.37 37.74 37.23
CA LEU AA 86 31.96 38.91 37.87
C LEU AA 86 30.88 39.85 38.39
N ASP AA 87 29.77 39.99 37.65
CA ASP AA 87 28.70 40.87 38.08
C ASP AA 87 28.17 40.49 39.46
N GLU AA 88 28.13 39.19 39.75
CA GLU AA 88 27.54 38.77 41.03
C GLU AA 88 28.61 38.53 42.11
N GLN AA 89 29.83 38.14 41.73
CA GLN AA 89 30.88 37.98 42.72
C GLN AA 89 31.70 39.25 42.93
N VAL AA 90 32.04 39.95 41.84
CA VAL AA 90 32.94 41.09 41.92
C VAL AA 90 32.16 42.33 41.46
N PRO AA 91 31.44 43.00 42.36
CA PRO AA 91 30.70 44.20 41.96
C PRO AA 91 31.65 45.34 41.58
N ASP AA 92 31.09 46.33 40.89
CA ASP AA 92 31.84 47.47 40.39
C ASP AA 92 32.94 47.04 39.43
N TRP AA 93 32.71 45.95 38.71
CA TRP AA 93 33.62 45.52 37.67
C TRP AA 93 33.81 46.59 36.60
N ARG AA 94 32.72 47.11 36.07
CA ARG AA 94 32.81 48.09 34.99
C ARG AA 94 33.18 49.47 35.51
N THR AA 95 32.67 49.84 36.69
CA THR AA 95 32.85 51.21 37.17
C THR AA 95 34.27 51.45 37.67
N THR AA 96 34.83 50.52 38.43
CA THR AA 96 36.10 50.75 39.09
C THR AA 96 37.23 50.91 38.08
N THR AA 97 38.14 51.84 38.37
CA THR AA 97 39.33 52.08 37.55
C THR AA 97 40.63 51.79 38.27
N GLN AA 98 40.57 51.25 39.48
CA GLN AA 98 41.77 50.97 40.25
C GLN AA 98 42.60 49.90 39.55
N SER AA 99 43.91 50.10 39.52
CA SER AA 99 44.81 49.14 38.88
C SER AA 99 45.21 48.05 39.86
N GLY AA 100 45.47 46.86 39.31
CA GLY AA 100 45.90 45.73 40.11
C GLY AA 100 46.41 44.61 39.24
N GLN AA 101 46.94 43.58 39.90
CA GLN AA 101 47.45 42.42 39.19
C GLN AA 101 46.31 41.59 38.64
N ALA AA 102 46.33 41.35 37.33
CA ALA AA 102 45.21 40.73 36.63
C ALA AA 102 44.97 39.30 37.12
N GLN AA 103 43.69 38.96 37.32
CA GLN AA 103 43.33 37.65 37.83
C GLN AA 103 42.26 36.94 37.00
N TYR AA 104 41.33 37.68 36.39
CA TYR AA 104 40.19 37.12 35.70
C TYR AA 104 40.08 37.73 34.31
N VAL AA 105 39.64 36.94 33.32
CA VAL AA 105 39.49 37.40 31.94
C VAL AA 105 38.03 37.34 31.54
N THR AA 106 37.54 38.40 30.91
CA THR AA 106 36.20 38.47 30.36
C THR AA 106 36.27 38.93 28.91
N GLN AA 107 35.44 38.33 28.06
CA GLN AA 107 35.38 38.69 26.64
C GLN AA 107 34.04 39.38 26.39
N GLN AA 108 34.03 40.70 26.60
CA GLN AA 108 32.79 41.45 26.43
C GLN AA 108 32.43 41.58 24.95
N SER AA 109 33.41 41.85 24.09
CA SER AA 109 33.21 41.93 22.66
C SER AA 109 33.57 40.61 21.99
N GLU AA 110 33.65 40.64 20.65
CA GLU AA 110 33.92 39.42 19.91
C GLU AA 110 35.36 38.95 20.09
N ASP AA 111 36.32 39.86 20.09
CA ASP AA 111 37.74 39.52 20.13
C ASP AA 111 38.50 40.24 21.23
N THR AA 112 37.83 41.04 22.05
CA THR AA 112 38.49 41.86 23.05
C THR AA 112 38.48 41.17 24.40
N LEU AA 113 39.61 41.23 25.09
CA LEU AA 113 39.78 40.59 26.39
C LEU AA 113 39.86 41.66 27.47
N THR AA 114 39.14 41.45 28.56
CA THR AA 114 39.10 42.40 29.66
C THR AA 114 39.49 41.67 30.96
N PHE AA 115 40.40 42.29 31.71
CA PHE AA 115 40.85 41.75 32.99
C PHE AA 115 40.27 42.60 34.11
N VAL AA 116 39.69 41.94 35.12
CA VAL AA 116 39.07 42.70 36.22
C VAL AA 116 40.06 43.63 36.94
N PRO AA 117 41.33 43.25 37.19
CA PRO AA 117 42.30 44.28 37.57
C PRO AA 117 43.01 44.85 36.35
N ALA AA 118 42.89 46.15 36.09
CA ALA AA 118 43.58 46.73 34.95
C ALA AA 118 45.07 46.88 35.26
N GLU AA 119 45.90 46.40 34.34
CA GLU AA 119 47.35 46.53 34.48
C GLU AA 119 47.99 46.50 33.10
N ALA AA 120 49.04 47.31 32.94
CA ALA AA 120 49.80 47.37 31.71
C ALA AA 120 50.90 46.31 31.75
N GLY AA 121 50.75 45.26 30.95
CA GLY AA 121 51.74 44.20 30.91
C GLY AA 121 51.55 43.35 29.67
N SER AA 122 52.53 42.48 29.45
CA SER AA 122 52.48 41.60 28.29
C SER AA 122 51.40 40.55 28.47
N VAL AA 123 50.61 40.34 27.42
CA VAL AA 123 49.54 39.35 27.42
C VAL AA 123 49.83 38.35 26.31
N ARG AA 124 49.91 37.08 26.68
CA ARG AA 124 50.09 36.01 25.71
C ARG AA 124 48.80 35.20 25.65
N VAL AA 125 48.19 35.16 24.46
CA VAL AA 125 46.92 34.48 24.25
C VAL AA 125 47.19 33.22 23.45
N TYR AA 126 46.94 32.07 24.07
CA TYR AA 126 47.09 30.78 23.41
C TYR AA 126 45.71 30.30 23.01
N GLY AA 127 45.37 30.47 21.74
CA GLY AA 127 44.00 30.27 21.29
C GLY AA 127 43.93 29.47 20.01
N LEU AA 128 42.84 28.73 19.87
CA LEU AA 128 42.55 28.01 18.65
C LEU AA 128 42.15 28.99 17.55
N LEU AA 129 42.50 28.65 16.31
CA LEU AA 129 42.21 29.51 15.18
C LEU AA 129 41.17 28.87 14.27
N LYS AA 130 40.54 29.71 13.46
CA LYS AA 130 39.51 29.33 12.51
C LYS AA 130 39.73 30.08 11.21
N PRO AA 131 39.70 29.39 10.07
CA PRO AA 131 39.87 30.08 8.79
C PRO AA 131 38.80 31.12 8.56
N THR AA 132 39.19 32.23 7.95
CA THR AA 132 38.24 33.29 7.64
C THR AA 132 37.41 32.92 6.42
N LEU AA 133 36.29 33.62 6.24
CA LEU AA 133 35.37 33.29 5.16
C LEU AA 133 36.00 33.50 3.79
N ASP AA 134 37.06 34.32 3.73
CA ASP AA 134 37.79 34.58 2.48
C ASP AA 134 39.28 34.36 2.75
N ALA AA 135 39.71 33.11 2.64
CA ALA AA 135 41.10 32.74 2.86
C ALA AA 135 41.64 32.06 1.61
N ASP AA 136 42.73 32.59 1.08
CA ASP AA 136 43.31 32.01 -0.13
C ASP AA 136 43.98 30.67 0.16
N SER AA 137 44.69 30.57 1.28
CA SER AA 137 45.46 29.38 1.62
C SER AA 137 45.00 28.84 2.97
N LEU AA 138 44.63 27.57 3.00
CA LEU AA 138 44.32 26.92 4.25
C LEU AA 138 45.60 26.42 4.92
N PRO AA 139 45.63 26.36 6.25
CA PRO AA 139 46.84 25.91 6.95
C PRO AA 139 47.16 24.46 6.64
N ASP AA 140 48.33 24.04 7.13
CA ASP AA 140 48.93 22.79 6.66
C ASP AA 140 48.14 21.57 7.12
N LEU AA 141 47.65 21.57 8.37
CA LEU AA 141 47.04 20.35 8.91
C LEU AA 141 45.66 20.12 8.28
N LEU AA 142 44.98 21.19 7.91
CA LEU AA 142 43.73 21.04 7.17
C LEU AA 142 43.96 20.46 5.78
N ALA AA 143 45.03 20.88 5.12
CA ALA AA 143 45.19 20.57 3.70
C ALA AA 143 45.93 19.26 3.48
N ASP AA 144 47.10 19.10 4.10
CA ASP AA 144 47.97 17.98 3.76
C ASP AA 144 47.41 16.65 4.23
N THR AA 145 46.94 16.57 5.48
CA THR AA 145 46.57 15.29 6.06
C THR AA 145 45.07 15.10 6.23
N TYR AA 146 44.28 16.17 6.22
CA TYR AA 146 42.86 16.08 6.48
C TYR AA 146 42.06 16.63 5.31
N ARG AA 147 42.60 16.45 4.10
CA ARG AA 147 41.94 16.98 2.90
C ARG AA 147 40.62 16.27 2.65
N LYS AA 148 40.54 14.98 2.96
CA LYS AA 148 39.36 14.20 2.60
C LYS AA 148 38.12 14.68 3.34
N THR AA 149 38.24 15.00 4.63
CA THR AA 149 37.06 15.42 5.38
C THR AA 149 36.56 16.79 4.91
N ILE AA 150 37.48 17.73 4.70
CA ILE AA 150 37.09 19.04 4.19
C ILE AA 150 36.46 18.91 2.82
N ALA AA 151 37.05 18.07 1.96
CA ALA AA 151 36.47 17.82 0.65
C ALA AA 151 35.09 17.21 0.77
N ASP AA 152 34.89 16.35 1.78
CA ASP AA 152 33.58 15.75 1.99
C ASP AA 152 32.54 16.82 2.31
N GLY AA 153 32.87 17.71 3.25
CA GLY AA 153 31.94 18.77 3.59
C GLY AA 153 31.65 19.70 2.43
N ALA AA 154 32.69 20.09 1.70
CA ALA AA 154 32.51 20.99 0.57
C ALA AA 154 31.73 20.31 -0.55
N LEU AA 155 31.94 19.02 -0.74
CA LEU AA 155 31.18 18.28 -1.75
C LEU AA 155 29.72 18.19 -1.36
N SER AA 156 29.44 18.00 -0.08
CA SER AA 156 28.05 18.11 0.38
C SER AA 156 27.48 19.46 -0.01
N GLU AA 157 28.18 20.54 0.35
CA GLU AA 157 27.67 21.88 0.07
C GLU AA 157 27.42 22.10 -1.41
N LEU AA 158 28.33 21.62 -2.26
CA LEU AA 158 28.22 21.88 -3.69
C LEU AA 158 27.14 21.02 -4.34
N LEU AA 159 27.04 19.75 -3.94
CA LEU AA 159 25.99 18.91 -4.50
C LEU AA 159 24.61 19.37 -4.05
N ILE AA 160 24.55 20.10 -2.92
CA ILE AA 160 23.27 20.68 -2.49
C ILE AA 160 22.76 21.73 -3.46
N ILE AA 161 23.65 22.33 -4.25
CA ILE AA 161 23.28 23.42 -5.17
C ILE AA 161 22.19 22.96 -6.15
N PRO AA 162 21.10 23.70 -6.29
CA PRO AA 162 20.01 23.26 -7.14
C PRO AA 162 20.18 23.70 -8.59
N GLY AA 163 19.43 23.03 -9.46
CA GLY AA 163 19.36 23.41 -10.87
C GLY AA 163 20.67 23.32 -11.61
N LYS AA 164 21.50 22.32 -11.31
CA LYS AA 164 22.76 22.12 -12.01
C LYS AA 164 22.97 20.63 -12.24
N ALA AA 165 23.88 20.32 -13.16
CA ALA AA 165 24.22 18.92 -13.43
C ALA AA 165 24.84 18.26 -12.21
N TRP AA 166 25.29 19.07 -11.25
CA TRP AA 166 25.90 18.55 -10.04
C TRP AA 166 24.85 17.93 -9.12
N MET AA 167 23.63 18.45 -9.18
CA MET AA 167 22.62 18.20 -8.15
C MET AA 167 22.32 16.71 -8.03
N SER AA 168 22.52 16.18 -6.83
CA SER AA 168 22.16 14.80 -6.50
C SER AA 168 21.99 14.71 -5.01
N ALA AA 169 20.74 14.61 -4.55
CA ALA AA 169 20.47 14.61 -3.12
C ALA AA 169 21.07 13.38 -2.44
N ASP AA 170 21.09 12.25 -3.15
CA ASP AA 170 21.66 11.04 -2.56
C ASP AA 170 23.12 11.25 -2.16
N LEU AA 171 23.93 11.76 -3.08
CA LEU AA 171 25.33 12.00 -2.78
C LEU AA 171 25.48 13.11 -1.74
N ALA AA 172 24.61 14.12 -1.78
CA ALA AA 172 24.67 15.16 -0.77
C ALA AA 172 24.51 14.58 0.62
N VAL AA 173 23.51 13.73 0.82
CA VAL AA 173 23.28 13.13 2.14
C VAL AA 173 24.43 12.20 2.50
N PHE AA 174 24.89 11.39 1.54
CA PHE AA 174 25.97 10.45 1.82
C PHE AA 174 27.25 11.16 2.24
N PHE AA 175 27.62 12.22 1.50
CA PHE AA 175 28.82 12.96 1.82
C PHE AA 175 28.67 13.73 3.12
N GLY AA 176 27.47 14.26 3.40
CA GLY AA 176 27.25 14.91 4.68
C GLY AA 176 27.41 13.96 5.85
N THR AA 177 26.87 12.75 5.72
CA THR AA 177 27.03 11.75 6.78
C THR AA 177 28.49 11.39 6.98
N ARG AA 178 29.22 11.16 5.89
CA ARG AA 178 30.63 10.83 6.03
C ARG AA 178 31.41 11.98 6.66
N PHE AA 179 31.12 13.21 6.25
CA PHE AA 179 31.76 14.37 6.84
C PHE AA 179 31.51 14.43 8.33
N ASP AA 180 30.25 14.25 8.75
CA ASP AA 180 29.93 14.30 10.17
C ASP AA 180 30.67 13.21 10.93
N ARG AA 181 30.68 11.99 10.38
CA ARG AA 181 31.31 10.87 11.09
C ARG AA 181 32.81 11.08 11.24
N GLU AA 182 33.49 11.45 10.15
CA GLU AA 182 34.94 11.63 10.23
C GLU AA 182 35.29 12.81 11.12
N LEU AA 183 34.57 13.92 10.99
CA LEU AA 183 34.82 15.09 11.82
C LEU AA 183 34.63 14.75 13.29
N ASP AA 184 33.56 14.05 13.62
CA ASP AA 184 33.30 13.69 15.00
C ASP AA 184 34.33 12.70 15.54
N ARG AA 185 34.79 11.76 14.70
CA ARG AA 185 35.91 10.92 15.09
C ARG AA 185 37.14 11.75 15.43
N LEU AA 186 37.38 12.81 14.67
CA LEU AA 186 38.52 13.68 14.93
C LEU AA 186 38.27 14.67 16.06
N SER AA 187 37.04 14.75 16.57
CA SER AA 187 36.71 15.71 17.62
C SER AA 187 37.62 15.57 18.85
N THR AA 188 37.94 14.35 19.25
CA THR AA 188 38.71 14.13 20.48
C THR AA 188 40.20 14.39 20.31
N LYS AA 189 40.63 14.87 19.14
CA LYS AA 189 42.06 14.90 18.84
C LYS AA 189 42.75 16.02 19.60
N THR AA 190 41.99 17.00 20.09
CA THR AA 190 42.60 18.04 20.91
C THR AA 190 43.19 17.48 22.19
N ILE AA 191 42.39 16.73 22.96
CA ILE AA 191 42.91 16.12 24.16
C ILE AA 191 43.87 14.99 23.82
N LYS AA 192 43.49 14.15 22.85
CA LYS AA 192 44.31 12.99 22.55
C LYS AA 192 45.58 13.38 21.81
N GLY AA 193 45.45 14.02 20.66
CA GLY AA 193 46.61 14.33 19.86
C GLY AA 193 47.17 13.08 19.20
N GLN AA 194 48.30 13.26 18.53
CA GLN AA 194 49.02 12.13 17.96
C GLN AA 194 49.88 11.43 18.98
N GLN AA 195 49.96 11.96 20.20
CA GLN AA 195 50.76 11.39 21.27
C GLN AA 195 49.99 10.38 22.10
N ARG AA 196 48.73 10.10 21.76
CA ARG AA 196 47.87 9.19 22.51
C ARG AA 196 47.71 9.63 23.96
N ALA AA 197 47.55 10.94 24.18
CA ALA AA 197 47.34 11.44 25.52
C ALA AA 197 45.96 11.03 26.02
N PRO AA 198 45.88 10.45 27.22
CA PRO AA 198 44.58 9.95 27.70
C PRO AA 198 43.63 11.07 28.07
N VAL AA 199 42.34 10.73 28.09
CA VAL AA 199 41.28 11.65 28.49
C VAL AA 199 40.76 11.20 29.84
N ARG AA 200 40.94 12.04 30.86
CA ARG AA 200 40.60 11.67 32.23
C ARG AA 200 39.79 12.78 32.89
N THR AA 201 38.62 12.42 33.41
CA THR AA 201 37.72 13.39 34.01
C THR AA 201 38.35 14.01 35.26
N ARG AA 202 38.24 15.33 35.37
CA ARG AA 202 38.70 16.02 36.56
C ARG AA 202 37.85 15.64 37.77
N ALA AA 203 38.50 15.38 38.90
CA ALA AA 203 37.84 14.94 40.12
C ALA AA 203 37.80 16.08 41.13
N GLN AA 204 36.61 16.35 41.67
CA GLN AA 204 36.43 17.25 42.80
C GLN AA 204 36.04 16.45 44.03
N PHE AA 205 36.71 16.70 45.15
CA PHE AA 205 36.42 16.03 46.40
C PHE AA 205 35.73 16.98 47.38
N ALA BA 2 22.58 -30.23 -51.06
CA ALA BA 2 23.68 -30.73 -51.86
C ALA BA 2 23.28 -30.81 -53.34
N PHE BA 3 22.36 -29.94 -53.75
CA PHE BA 3 21.89 -29.97 -55.12
C PHE BA 3 22.93 -29.36 -56.05
N PRO BA 4 23.01 -29.82 -57.30
CA PRO BA 4 23.88 -29.15 -58.27
C PRO BA 4 23.24 -27.87 -58.76
N ALA BA 5 24.06 -27.02 -59.39
CA ALA BA 5 23.54 -25.81 -60.01
C ALA BA 5 22.65 -26.10 -61.20
N SER BA 6 22.74 -27.31 -61.77
CA SER BA 6 21.95 -27.64 -62.96
C SER BA 6 20.46 -27.57 -62.68
N VAL BA 7 20.03 -28.04 -61.50
CA VAL BA 7 18.60 -28.04 -61.20
C VAL BA 7 18.08 -26.61 -61.08
N VAL BA 8 18.86 -25.72 -60.45
CA VAL BA 8 18.43 -24.34 -60.29
C VAL BA 8 18.41 -23.62 -61.63
N LEU BA 9 19.41 -23.88 -62.48
CA LEU BA 9 19.39 -23.29 -63.81
C LEU BA 9 18.21 -23.79 -64.62
N SER BA 10 17.86 -25.06 -64.47
CA SER BA 10 16.67 -25.58 -65.13
C SER BA 10 15.41 -24.89 -64.62
N ARG BA 11 15.29 -24.72 -63.31
CA ARG BA 11 14.20 -23.92 -62.75
C ARG BA 11 14.10 -22.58 -63.47
N ALA BA 12 15.16 -21.77 -63.36
CA ALA BA 12 15.10 -20.40 -63.85
C ALA BA 12 14.90 -20.35 -65.36
N ALA BA 13 15.36 -21.38 -66.07
CA ALA BA 13 15.13 -21.43 -67.51
C ALA BA 13 13.71 -21.84 -67.84
N THR BA 14 13.01 -22.45 -66.87
CA THR BA 14 11.60 -22.73 -67.06
C THR BA 14 10.70 -21.63 -66.50
N LEU BA 15 11.19 -20.76 -65.62
CA LEU BA 15 10.41 -19.60 -65.19
C LEU BA 15 10.37 -18.56 -66.30
N LEU BA 16 11.53 -18.03 -66.63
CA LEU BA 16 11.69 -17.19 -67.81
C LEU BA 16 11.65 -18.08 -69.04
N GLN BA 17 10.85 -17.70 -70.02
CA GLN BA 17 10.64 -18.56 -71.19
C GLN BA 17 11.87 -18.52 -72.08
N ASP BA 18 13.00 -18.86 -71.46
CA ASP BA 18 14.30 -18.89 -72.10
C ASP BA 18 14.95 -20.24 -71.73
N GLU BA 19 14.60 -21.28 -72.49
CA GLU BA 19 15.17 -22.59 -72.23
C GLU BA 19 16.57 -22.72 -72.80
N ASP BA 20 16.84 -22.04 -73.92
CA ASP BA 20 18.15 -22.12 -74.55
C ASP BA 20 19.19 -21.35 -73.74
N HIS BA 21 18.74 -20.45 -72.88
CA HIS BA 21 19.57 -19.48 -72.15
C HIS BA 21 20.17 -18.43 -73.06
N GLU BA 22 19.43 -18.03 -74.10
CA GLU BA 22 19.94 -17.09 -75.10
C GLU BA 22 19.94 -15.64 -74.59
N ARG BA 23 18.90 -15.23 -73.86
CA ARG BA 23 18.99 -13.94 -73.16
C ARG BA 23 19.84 -14.07 -71.91
N TRP BA 24 19.38 -14.87 -70.95
CA TRP BA 24 20.10 -15.09 -69.71
C TRP BA 24 21.02 -16.28 -69.89
N THR BA 25 22.28 -16.00 -70.24
CA THR BA 25 23.25 -17.05 -70.47
C THR BA 25 23.49 -17.86 -69.20
N VAL BA 26 24.03 -19.06 -69.38
CA VAL BA 26 24.28 -19.94 -68.25
C VAL BA 26 25.28 -19.31 -67.29
N ASP BA 27 26.24 -18.55 -67.82
CA ASP BA 27 27.25 -17.95 -66.97
C ASP BA 27 26.65 -16.92 -66.02
N GLU BA 28 25.80 -16.03 -66.52
CA GLU BA 28 25.25 -14.98 -65.67
C GLU BA 28 24.16 -15.54 -64.75
N LEU BA 29 23.44 -16.57 -65.19
CA LEU BA 29 22.53 -17.25 -64.28
C LEU BA 29 23.29 -17.93 -63.15
N LEU BA 30 24.44 -18.53 -63.46
CA LEU BA 30 25.29 -19.09 -62.42
C LEU BA 30 25.79 -18.01 -61.48
N GLU BA 31 26.12 -16.84 -62.03
CA GLU BA 31 26.51 -15.71 -61.21
C GLU BA 31 25.39 -15.31 -60.26
N TRP BA 32 24.17 -15.25 -60.76
CA TRP BA 32 23.05 -14.91 -59.88
C TRP BA 32 22.83 -15.99 -58.83
N LEU BA 33 23.06 -17.25 -59.21
CA LEU BA 33 22.99 -18.34 -58.24
C LEU BA 33 23.98 -18.14 -57.11
N THR BA 34 25.25 -17.84 -57.43
CA THR BA 34 26.24 -17.72 -56.36
C THR BA 34 25.99 -16.48 -55.52
N ASP BA 35 25.57 -15.38 -56.15
CA ASP BA 35 25.22 -14.19 -55.37
C ASP BA 35 24.06 -14.47 -54.42
N GLY BA 36 23.04 -15.17 -54.91
CA GLY BA 36 21.92 -15.51 -54.06
C GLY BA 36 22.32 -16.44 -52.93
N THR BA 37 23.23 -17.37 -53.20
CA THR BA 37 23.69 -18.26 -52.14
C THR BA 37 24.39 -17.47 -51.03
N ARG BA 38 25.30 -16.56 -51.41
CA ARG BA 38 25.93 -15.73 -50.40
C ARG BA 38 24.89 -14.91 -49.64
N GLU BA 39 23.94 -14.31 -50.36
CA GLU BA 39 22.97 -13.44 -49.71
C GLU BA 39 22.06 -14.21 -48.77
N ILE BA 40 21.66 -15.43 -49.16
CA ILE BA 40 20.77 -16.21 -48.30
C ILE BA 40 21.52 -16.75 -47.09
N VAL BA 41 22.81 -17.06 -47.24
CA VAL BA 41 23.60 -17.43 -46.07
C VAL BA 41 23.68 -16.24 -45.12
N VAL BA 42 23.79 -15.03 -45.67
CA VAL BA 42 23.78 -13.83 -44.82
C VAL BA 42 22.44 -13.69 -44.10
N ARG BA 43 21.35 -13.78 -44.85
CA ARG BA 43 20.02 -13.56 -44.26
C ARG BA 43 19.73 -14.60 -43.18
N LYS BA 44 20.01 -15.87 -43.47
CA LYS BA 44 19.81 -16.96 -42.52
C LYS BA 44 21.08 -17.78 -42.40
N PRO BA 45 21.90 -17.55 -41.38
CA PRO BA 45 23.13 -18.35 -41.22
C PRO BA 45 22.87 -19.82 -41.03
N SER BA 46 21.69 -20.20 -40.56
CA SER BA 46 21.39 -21.62 -40.38
C SER BA 46 21.20 -22.34 -41.71
N ALA BA 47 21.03 -21.61 -42.81
CA ALA BA 47 20.86 -22.25 -44.11
C ALA BA 47 22.09 -23.07 -44.49
N TYR BA 48 23.29 -22.48 -44.32
CA TYR BA 48 24.54 -23.16 -44.67
C TYR BA 48 25.57 -22.92 -43.56
N MET BA 49 25.70 -23.90 -42.68
CA MET BA 49 26.72 -23.91 -41.64
C MET BA 49 27.67 -25.08 -41.87
N LYS BA 50 28.97 -24.79 -41.97
CA LYS BA 50 29.98 -25.82 -42.16
C LYS BA 50 30.98 -25.76 -41.01
N THR BA 51 31.22 -26.92 -40.40
CA THR BA 51 32.21 -27.04 -39.33
C THR BA 51 33.56 -27.34 -39.96
N THR BA 52 34.51 -26.41 -39.83
CA THR BA 52 35.79 -26.51 -40.50
C THR BA 52 36.92 -26.53 -39.46
N THR BA 53 37.79 -27.53 -39.57
CA THR BA 53 38.98 -27.58 -38.72
C THR BA 53 40.04 -26.66 -39.32
N ALA BA 54 40.64 -25.83 -38.48
CA ALA BA 54 41.64 -24.86 -38.91
C ALA BA 54 42.76 -24.79 -37.89
N ALA BA 55 44.00 -24.72 -38.39
CA ALA BA 55 45.14 -24.51 -37.51
C ALA BA 55 45.23 -23.04 -37.09
N LEU BA 56 45.81 -22.82 -35.92
CA LEU BA 56 45.88 -21.49 -35.32
C LEU BA 56 47.34 -21.05 -35.23
N VAL BA 57 47.64 -19.89 -35.81
CA VAL BA 57 48.99 -19.36 -35.73
C VAL BA 57 49.30 -18.97 -34.29
N ALA BA 58 50.59 -18.99 -33.93
CA ALA BA 58 50.98 -18.71 -32.56
C ALA BA 58 50.59 -17.29 -32.16
N GLY BA 59 50.23 -17.15 -30.89
CA GLY BA 59 49.81 -15.87 -30.37
C GLY BA 59 48.33 -15.82 -30.05
N SER BA 60 47.92 -14.88 -29.19
CA SER BA 60 46.51 -14.77 -28.85
C SER BA 60 45.68 -14.35 -30.06
N LYS BA 61 46.21 -13.43 -30.86
CA LYS BA 61 45.48 -12.96 -32.04
C LYS BA 61 45.34 -14.08 -33.06
N GLN BA 62 44.13 -14.25 -33.57
CA GLN BA 62 43.85 -15.30 -34.53
C GLN BA 62 42.88 -14.80 -35.58
N ALA BA 63 42.99 -15.33 -36.78
CA ALA BA 63 42.13 -14.97 -37.90
C ALA BA 63 41.40 -16.20 -38.41
N LEU BA 64 40.08 -16.09 -38.50
CA LEU BA 64 39.26 -17.17 -39.03
C LEU BA 64 39.46 -17.27 -40.56
N PRO BA 65 39.10 -18.41 -41.14
CA PRO BA 65 39.33 -18.59 -42.59
C PRO BA 65 38.69 -17.48 -43.40
N GLU BA 66 39.39 -17.07 -44.46
CA GLU BA 66 39.02 -15.87 -45.19
C GLU BA 66 37.62 -15.97 -45.79
N ASP BA 67 37.22 -17.17 -46.21
CA ASP BA 67 35.92 -17.35 -46.86
C ASP BA 67 34.86 -17.73 -45.83
N ALA BA 68 34.80 -16.96 -44.75
CA ALA BA 68 33.81 -17.18 -43.70
C ALA BA 68 33.28 -15.84 -43.23
N ILE BA 69 31.96 -15.75 -43.06
CA ILE BA 69 31.34 -14.49 -42.69
C ILE BA 69 31.49 -14.24 -41.19
N GLN BA 70 31.09 -15.22 -40.39
CA GLN BA 70 31.09 -15.06 -38.94
C GLN BA 70 30.98 -16.42 -38.29
N LEU BA 71 31.79 -16.65 -37.25
CA LEU BA 71 31.74 -17.90 -36.48
C LEU BA 71 30.79 -17.70 -35.32
N ILE BA 72 29.93 -18.70 -35.09
CA ILE BA 72 29.02 -18.63 -33.94
C ILE BA 72 29.59 -19.41 -32.76
N ASP BA 73 30.09 -20.63 -33.02
CA ASP BA 73 30.55 -21.47 -31.93
C ASP BA 73 31.87 -22.09 -32.30
N VAL BA 74 32.64 -22.45 -31.28
CA VAL BA 74 33.90 -23.16 -31.43
C VAL BA 74 33.82 -24.40 -30.54
N PRO BA 75 33.12 -25.45 -30.97
CA PRO BA 75 32.76 -26.51 -30.03
C PRO BA 75 33.92 -27.31 -29.49
N ARG BA 76 34.78 -27.83 -30.36
CA ARG BA 76 35.83 -28.76 -29.94
C ARG BA 76 37.19 -28.20 -30.28
N ASN BA 77 38.14 -28.37 -29.36
CA ASN BA 77 39.55 -28.11 -29.62
C ASN BA 77 40.19 -29.42 -30.03
N LEU BA 78 40.39 -29.59 -31.33
CA LEU BA 78 40.83 -30.88 -31.85
C LEU BA 78 42.26 -31.18 -31.40
N LYS BA 79 42.41 -32.26 -30.64
CA LYS BA 79 43.72 -32.72 -30.22
C LYS BA 79 44.47 -33.28 -31.44
N THR BA 80 45.78 -33.42 -31.29
CA THR BA 80 46.62 -33.97 -32.35
C THR BA 80 45.98 -35.23 -32.94
N ASP BA 81 46.10 -35.36 -34.26
CA ASP BA 81 45.50 -36.42 -35.09
C ASP BA 81 44.02 -36.52 -34.75
N GLY BA 82 43.45 -37.72 -34.57
CA GLY BA 82 42.01 -37.86 -34.61
C GLY BA 82 41.32 -37.53 -33.29
N SER BA 83 42.08 -37.42 -32.21
CA SER BA 83 41.47 -37.26 -30.90
C SER BA 83 40.66 -35.96 -30.84
N PRO BA 84 39.37 -36.04 -30.53
CA PRO BA 84 38.56 -34.82 -30.48
C PRO BA 84 39.07 -33.80 -29.47
N GLY BA 85 39.57 -34.24 -28.33
CA GLY BA 85 40.19 -33.35 -27.38
C GLY BA 85 39.21 -32.51 -26.59
N ARG BA 86 39.78 -31.50 -25.93
CA ARG BA 86 39.04 -30.61 -25.05
C ARG BA 86 38.08 -29.73 -25.85
N ALA BA 87 37.07 -29.21 -25.17
CA ALA BA 87 36.13 -28.28 -25.76
C ALA BA 87 36.41 -26.86 -25.26
N VAL BA 88 35.84 -25.88 -25.97
CA VAL BA 88 36.14 -24.47 -25.75
C VAL BA 88 34.83 -23.73 -25.49
N THR BA 89 34.88 -22.74 -24.59
CA THR BA 89 33.74 -21.90 -24.27
C THR BA 89 34.13 -20.43 -24.42
N ALA BA 90 33.16 -19.61 -24.81
CA ALA BA 90 33.41 -18.19 -25.03
C ALA BA 90 33.55 -17.45 -23.70
N THR BA 91 34.31 -16.35 -23.73
CA THR BA 91 34.50 -15.51 -22.57
C THR BA 91 34.46 -14.05 -23.00
N ASP BA 92 34.74 -13.16 -22.05
CA ASP BA 92 34.77 -11.72 -22.29
C ASP BA 92 36.22 -11.27 -22.42
N ARG BA 93 36.53 -10.61 -23.53
CA ARG BA 93 37.90 -10.16 -23.78
C ARG BA 93 38.29 -9.01 -22.86
N ARG BA 94 37.35 -8.13 -22.54
CA ARG BA 94 37.69 -6.95 -21.75
C ARG BA 94 38.14 -7.34 -20.34
N LEU BA 95 37.47 -8.32 -19.72
CA LEU BA 95 37.93 -8.78 -18.41
C LEU BA 95 39.24 -9.53 -18.52
N LEU BA 96 39.45 -10.22 -19.64
CA LEU BA 96 40.74 -10.85 -19.88
C LEU BA 96 41.84 -9.80 -20.00
N ASP BA 97 41.47 -8.56 -20.35
CA ASP BA 97 42.47 -7.53 -20.51
C ASP BA 97 42.69 -6.75 -19.21
N THR BA 98 41.62 -6.47 -18.48
CA THR BA 98 41.75 -5.69 -17.25
C THR BA 98 42.62 -6.40 -16.23
N GLU BA 99 42.32 -7.66 -15.95
CA GLU BA 99 43.22 -8.46 -15.13
C GLU BA 99 44.18 -9.25 -16.02
N ASN BA 100 45.41 -9.39 -15.55
CA ASN BA 100 46.50 -9.96 -16.33
C ASN BA 100 46.61 -9.23 -17.68
N PRO BA 101 46.97 -7.95 -17.69
CA PRO BA 101 46.92 -7.19 -18.94
C PRO BA 101 47.83 -7.75 -20.03
N ASP BA 102 48.94 -8.37 -19.66
CA ASP BA 102 49.83 -8.99 -20.65
C ASP BA 102 49.49 -10.47 -20.84
N TRP BA 103 48.21 -10.73 -21.07
CA TRP BA 103 47.76 -12.10 -21.28
C TRP BA 103 48.14 -12.61 -22.66
N HIS BA 104 48.54 -11.71 -23.56
CA HIS BA 104 49.04 -12.14 -24.86
C HIS BA 104 50.45 -12.72 -24.74
N SER BA 105 51.23 -12.22 -23.78
CA SER BA 105 52.60 -12.68 -23.59
C SER BA 105 52.69 -13.94 -22.74
N MET BA 106 51.56 -14.47 -22.27
CA MET BA 106 51.56 -15.68 -21.47
C MET BA 106 52.08 -16.86 -22.28
N LYS BA 107 52.65 -17.83 -21.58
CA LYS BA 107 53.23 -19.00 -22.23
C LYS BA 107 52.18 -19.69 -23.08
N PRO BA 108 52.49 -20.00 -24.34
CA PRO BA 108 51.51 -20.66 -25.21
C PRO BA 108 51.14 -22.04 -24.66
N ALA BA 109 49.91 -22.45 -24.95
CA ALA BA 109 49.35 -23.69 -24.41
C ALA BA 109 49.16 -24.71 -25.52
N GLY BA 110 49.28 -25.98 -25.16
CA GLY BA 110 49.06 -27.04 -26.12
C GLY BA 110 47.62 -27.06 -26.63
N GLN BA 111 46.67 -26.74 -25.77
CA GLN BA 111 45.26 -26.67 -26.13
C GLN BA 111 44.66 -25.38 -25.60
N ILE BA 112 44.05 -24.60 -26.48
CA ILE BA 112 43.36 -23.39 -26.06
C ILE BA 112 42.15 -23.75 -25.20
N ARG BA 113 41.83 -22.90 -24.24
CA ARG BA 113 40.74 -23.15 -23.31
C ARG BA 113 39.53 -22.27 -23.56
N HIS BA 114 39.73 -20.99 -23.85
CA HIS BA 114 38.64 -20.08 -24.10
C HIS BA 114 38.93 -19.23 -25.33
N TYR BA 115 37.87 -18.81 -26.01
CA TYR BA 115 37.98 -17.95 -27.17
C TYR BA 115 37.05 -16.76 -26.97
N THR BA 116 37.44 -15.60 -27.50
CA THR BA 116 36.63 -14.40 -27.45
C THR BA 116 36.34 -13.94 -28.88
N TYR BA 117 35.07 -13.72 -29.18
CA TYR BA 117 34.65 -13.30 -30.50
C TYR BA 117 33.67 -12.15 -30.39
N ASP BA 118 33.89 -11.11 -31.19
CA ASP BA 118 33.04 -9.94 -31.21
C ASP BA 118 32.39 -9.82 -32.58
N SER BA 119 31.08 -9.60 -32.60
CA SER BA 119 30.36 -9.49 -33.87
C SER BA 119 30.83 -8.28 -34.67
N ASN BA 120 31.31 -7.24 -33.97
CA ASN BA 120 31.81 -6.06 -34.68
C ASN BA 120 33.03 -6.39 -35.52
N VAL BA 121 34.01 -7.06 -34.94
CA VAL BA 121 35.23 -7.45 -35.66
C VAL BA 121 35.04 -8.89 -36.13
N PRO BA 122 34.63 -9.10 -37.38
CA PRO BA 122 34.24 -10.44 -37.81
C PRO BA 122 35.41 -11.39 -37.98
N THR BA 123 36.50 -10.89 -38.57
CA THR BA 123 37.57 -11.77 -39.04
C THR BA 123 38.57 -12.15 -37.95
N VAL BA 124 38.51 -11.52 -36.78
CA VAL BA 124 39.52 -11.72 -35.74
C VAL BA 124 38.83 -12.25 -34.49
N PHE BA 125 39.34 -13.34 -33.95
CA PHE BA 125 38.89 -13.89 -32.68
C PHE BA 125 40.11 -14.28 -31.85
N TYR BA 126 40.08 -13.94 -30.57
CA TYR BA 126 41.20 -14.18 -29.67
C TYR BA 126 41.01 -15.50 -28.94
N THR BA 127 42.12 -16.16 -28.62
CA THR BA 127 42.10 -17.45 -27.94
C THR BA 127 42.90 -17.37 -26.65
N TYR BA 128 42.35 -17.93 -25.58
CA TYR BA 128 43.01 -18.00 -24.30
C TYR BA 128 43.12 -19.47 -23.87
N PRO BA 129 44.32 -19.98 -23.58
CA PRO BA 129 45.61 -19.29 -23.67
C PRO BA 129 46.07 -19.12 -25.11
N PRO BA 130 47.13 -18.35 -25.35
CA PRO BA 130 47.65 -18.21 -26.71
C PRO BA 130 47.99 -19.56 -27.32
N ALA BA 131 47.68 -19.71 -28.61
CA ALA BA 131 47.88 -20.97 -29.31
C ALA BA 131 49.37 -21.24 -29.51
N ALA BA 132 49.70 -22.51 -29.73
CA ALA BA 132 51.09 -22.94 -29.87
C ALA BA 132 51.21 -23.93 -31.02
N ALA BA 133 52.13 -23.64 -31.94
CA ALA BA 133 52.55 -24.58 -32.98
C ALA BA 133 51.38 -25.10 -33.81
N GLY BA 134 50.47 -24.19 -34.14
CA GLY BA 134 49.42 -24.51 -35.11
C GLY BA 134 48.47 -25.60 -34.70
N VAL BA 135 47.95 -25.54 -33.47
CA VAL BA 135 46.95 -26.53 -33.05
C VAL BA 135 45.66 -26.31 -33.83
N GLN BA 136 45.03 -27.40 -34.24
CA GLN BA 136 43.81 -27.30 -35.02
C GLN BA 136 42.58 -27.33 -34.11
N VAL BA 137 41.63 -26.45 -34.39
CA VAL BA 137 40.40 -26.32 -33.61
C VAL BA 137 39.21 -26.31 -34.56
N GLU BA 138 38.19 -27.09 -34.25
CA GLU BA 138 36.97 -27.08 -35.05
C GLU BA 138 36.31 -25.72 -34.96
N LEU BA 139 35.93 -25.17 -36.11
CA LEU BA 139 35.29 -23.86 -36.19
C LEU BA 139 33.93 -24.00 -36.86
N VAL BA 140 32.89 -23.52 -36.18
CA VAL BA 140 31.55 -23.46 -36.74
C VAL BA 140 31.34 -22.03 -37.20
N CYS BA 141 31.54 -21.80 -38.50
CA CYS BA 141 31.51 -20.46 -39.06
C CYS BA 141 30.59 -20.42 -40.28
N ALA BA 142 29.97 -19.28 -40.50
CA ALA BA 142 29.07 -19.11 -41.63
C ALA BA 142 29.87 -19.02 -42.92
N TRP BA 143 30.18 -20.17 -43.50
CA TRP BA 143 30.99 -20.23 -44.71
C TRP BA 143 30.23 -19.63 -45.88
N ARG BA 144 30.96 -18.93 -46.75
CA ARG BA 144 30.37 -18.32 -47.94
C ARG BA 144 30.61 -19.23 -49.13
N HIS BA 145 29.57 -19.42 -49.95
CA HIS BA 145 29.71 -20.31 -51.10
C HIS BA 145 30.73 -19.72 -52.08
N PRO BA 146 31.69 -20.51 -52.55
CA PRO BA 146 32.79 -19.92 -53.35
C PRO BA 146 32.34 -19.27 -54.64
N ALA BA 147 31.69 -20.04 -55.53
CA ALA BA 147 31.25 -19.58 -56.83
C ALA BA 147 30.56 -20.74 -57.53
N LEU BA 148 29.87 -20.43 -58.62
CA LEU BA 148 29.24 -21.43 -59.48
C LEU BA 148 29.82 -21.23 -60.88
N THR BA 149 30.92 -21.91 -61.18
CA THR BA 149 31.60 -21.71 -62.45
C THR BA 149 30.98 -22.56 -63.56
N THR BA 150 30.38 -23.70 -63.21
CA THR BA 150 29.84 -24.63 -64.19
C THR BA 150 28.43 -25.04 -63.79
N GLN BA 151 27.66 -25.47 -64.80
CA GLN BA 151 26.31 -25.95 -64.55
C GLN BA 151 26.31 -27.18 -63.66
N ASN BA 152 27.23 -28.11 -63.91
CA ASN BA 152 27.30 -29.33 -63.12
C ASN BA 152 27.86 -29.10 -61.72
N ASP BA 153 28.36 -27.90 -61.42
CA ASP BA 153 28.89 -27.62 -60.10
C ASP BA 153 27.80 -27.79 -59.05
N VAL BA 154 28.19 -28.30 -57.89
CA VAL BA 154 27.25 -28.68 -56.84
C VAL BA 154 27.15 -27.54 -55.84
N VAL BA 155 25.93 -27.23 -55.42
CA VAL BA 155 25.69 -26.31 -54.32
C VAL BA 155 25.38 -27.15 -53.09
N GLN BA 156 26.28 -27.13 -52.11
CA GLN BA 156 26.15 -27.98 -50.93
C GLN BA 156 25.20 -27.39 -49.89
N MET BA 157 24.34 -26.46 -50.26
CA MET BA 157 23.36 -25.88 -49.35
C MET BA 157 22.04 -26.65 -49.44
N GLY BA 158 21.18 -26.44 -48.45
CA GLY BA 158 19.94 -27.19 -48.32
C GLY BA 158 19.03 -27.08 -49.53
N ALA BA 159 18.14 -28.07 -49.64
CA ALA BA 159 17.41 -28.30 -50.89
C ALA BA 159 16.00 -27.71 -50.88
N GLU BA 160 15.73 -26.71 -50.04
CA GLU BA 160 14.57 -25.84 -50.23
C GLU BA 160 15.03 -24.42 -50.54
N PHE BA 161 16.21 -24.08 -50.04
CA PHE BA 161 16.90 -22.90 -50.54
C PHE BA 161 17.16 -23.04 -52.03
N VAL BA 162 16.92 -24.22 -52.62
CA VAL BA 162 16.85 -24.29 -54.08
C VAL BA 162 15.72 -23.39 -54.60
N SER BA 163 14.54 -23.49 -54.00
CA SER BA 163 13.43 -22.63 -54.41
C SER BA 163 13.70 -21.19 -54.01
N ALA BA 164 14.31 -20.98 -52.85
CA ALA BA 164 14.65 -19.61 -52.46
C ALA BA 164 15.61 -18.96 -53.45
N LEU BA 165 16.66 -19.69 -53.85
CA LEU BA 165 17.58 -19.21 -54.86
C LEU BA 165 16.88 -18.99 -56.19
N VAL BA 166 15.90 -19.83 -56.52
CA VAL BA 166 15.14 -19.59 -57.75
C VAL BA 166 14.45 -18.24 -57.69
N SER BA 167 13.82 -17.94 -56.55
CA SER BA 167 13.13 -16.65 -56.42
C SER BA 167 14.12 -15.49 -56.49
N TRP BA 168 15.28 -15.64 -55.86
CA TRP BA 168 16.28 -14.57 -55.90
C TRP BA 168 16.80 -14.37 -57.32
N CYS BA 169 17.04 -15.46 -58.05
CA CYS BA 169 17.46 -15.35 -59.43
C CYS BA 169 16.38 -14.72 -60.29
N LEU BA 170 15.11 -14.97 -59.96
CA LEU BA 170 14.02 -14.27 -60.62
C LEU BA 170 14.10 -12.78 -60.38
N TYR BA 171 14.38 -12.37 -59.14
CA TYR BA 171 14.63 -10.96 -58.87
C TYR BA 171 15.75 -10.42 -59.75
N ARG BA 172 16.88 -11.10 -59.77
CA ARG BA 172 18.04 -10.52 -60.43
C ARG BA 172 17.90 -10.52 -61.95
N ALA BA 173 17.19 -11.50 -62.50
CA ALA BA 173 16.97 -11.56 -63.93
C ALA BA 173 15.90 -10.57 -64.37
N SER BA 174 14.83 -10.44 -63.58
CA SER BA 174 13.74 -9.54 -63.94
C SER BA 174 14.06 -8.08 -63.62
N SER BA 175 15.18 -7.81 -62.96
CA SER BA 175 15.61 -6.42 -62.79
C SER BA 175 16.21 -5.86 -64.07
N LYS BA 176 16.62 -6.74 -65.00
CA LYS BA 176 17.16 -6.28 -66.26
C LYS BA 176 16.08 -5.62 -67.12
N ASP BA 177 14.94 -6.29 -67.27
CA ASP BA 177 13.82 -5.72 -68.02
C ASP BA 177 12.92 -4.91 -67.07
N SER BA 178 13.53 -3.89 -66.47
CA SER BA 178 12.84 -3.07 -65.49
C SER BA 178 11.80 -2.18 -66.14
N GLU BA 179 11.78 -2.13 -67.47
CA GLU BA 179 10.76 -1.36 -68.17
C GLU BA 179 9.36 -1.83 -67.80
N PHE BA 180 9.17 -3.12 -67.63
CA PHE BA 180 7.86 -3.63 -67.26
C PHE BA 180 7.42 -3.07 -65.92
N ALA BA 181 6.30 -2.35 -65.93
CA ALA BA 181 5.61 -1.91 -64.72
C ALA BA 181 6.53 -1.17 -63.76
N ASN BA 182 7.60 -0.55 -64.27
CA ASN BA 182 8.59 0.13 -63.44
C ASN BA 182 9.19 -0.83 -62.41
N GLY BA 183 9.48 -2.04 -62.86
CA GLY BA 183 10.06 -3.05 -62.00
C GLY BA 183 9.13 -3.69 -60.99
N ALA BA 184 7.82 -3.62 -61.22
CA ALA BA 184 6.88 -4.20 -60.27
C ALA BA 184 7.02 -5.71 -60.19
N VAL BA 185 7.28 -6.37 -61.33
CA VAL BA 185 7.46 -7.82 -61.31
C VAL BA 185 8.70 -8.19 -60.52
N ALA BA 186 9.79 -7.43 -60.68
CA ALA BA 186 10.99 -7.68 -59.89
C ALA BA 186 10.74 -7.45 -58.40
N ALA BA 187 10.00 -6.38 -58.07
CA ALA BA 187 9.68 -6.13 -56.67
C ALA BA 187 8.81 -7.24 -56.09
N ALA BA 188 7.86 -7.74 -56.87
CA ALA BA 188 7.03 -8.85 -56.42
C ALA BA 188 7.87 -10.10 -56.20
N HIS BA 189 8.82 -10.37 -57.09
CA HIS BA 189 9.70 -11.52 -56.90
C HIS BA 189 10.55 -11.37 -55.65
N TYR BA 190 11.04 -10.14 -55.39
CA TYR BA 190 11.79 -9.90 -54.17
C TYR BA 190 10.93 -10.11 -52.94
N SER BA 191 9.67 -9.67 -52.99
CA SER BA 191 8.76 -9.90 -51.87
C SER BA 191 8.51 -11.39 -51.66
N ALA BA 192 8.39 -12.14 -52.76
CA ALA BA 192 8.23 -13.58 -52.66
C ALA BA 192 9.45 -14.22 -52.01
N PHE BA 193 10.65 -13.80 -52.41
CA PHE BA 193 11.86 -14.35 -51.83
C PHE BA 193 11.96 -14.03 -50.34
N SER BA 194 11.65 -12.78 -49.98
CA SER BA 194 11.72 -12.37 -48.59
C SER BA 194 10.69 -13.11 -47.75
N ASP BA 195 9.49 -13.35 -48.30
CA ASP BA 195 8.50 -14.12 -47.57
C ASP BA 195 8.91 -15.58 -47.43
N ALA BA 196 9.52 -16.14 -48.47
CA ALA BA 196 9.98 -17.52 -48.40
C ALA BA 196 11.02 -17.69 -47.30
N LEU BA 197 11.95 -16.73 -47.20
CA LEU BA 197 12.91 -16.77 -46.10
C LEU BA 197 12.28 -16.43 -44.75
N GLY BA 198 11.24 -15.60 -44.73
CA GLY BA 198 10.62 -15.24 -43.47
C GLY BA 198 9.90 -16.39 -42.80
N ALA BA 199 9.20 -17.20 -43.59
CA ALA BA 199 8.41 -18.31 -43.08
C ALA BA 199 9.22 -19.59 -42.96
N GLN BA 200 10.54 -19.50 -43.02
CA GLN BA 200 11.42 -20.64 -42.74
C GLN BA 200 11.30 -20.97 -41.27
N ALA BA 201 10.40 -21.89 -40.94
CA ALA BA 201 10.17 -22.22 -39.53
C ALA BA 201 11.32 -23.03 -38.95
N THR BA 202 12.12 -23.68 -39.80
CA THR BA 202 13.14 -24.61 -39.30
C THR BA 202 14.38 -23.88 -38.83
N GLY BA 203 15.03 -23.15 -39.73
CA GLY BA 203 16.31 -22.53 -39.44
C GLY BA 203 16.19 -21.33 -38.53
N THR BA 204 17.22 -20.50 -38.56
CA THR BA 204 17.23 -19.29 -37.76
C THR BA 204 16.11 -18.37 -38.20
N PRO BA 205 15.27 -17.88 -37.29
CA PRO BA 205 14.14 -17.02 -37.67
C PRO BA 205 14.64 -15.65 -38.13
N THR BA 206 14.41 -15.34 -39.39
CA THR BA 206 14.79 -14.02 -39.91
C THR BA 206 13.75 -12.96 -39.55
N THR BA 207 12.51 -13.38 -39.30
CA THR BA 207 11.47 -12.43 -38.94
C THR BA 207 11.76 -11.77 -37.60
N GLN BA 208 12.26 -12.55 -36.64
CA GLN BA 208 12.51 -12.03 -35.30
C GLN BA 208 13.75 -11.13 -35.30
N ALA BA 209 14.15 -10.72 -34.10
CA ALA BA 209 15.22 -9.75 -33.94
C ALA BA 209 16.50 -10.25 -34.61
N ALA BA 210 17.17 -9.34 -35.32
CA ALA BA 210 18.40 -9.69 -36.02
C ALA BA 210 19.48 -10.10 -35.03
N ALA BA 211 20.16 -11.21 -35.31
CA ALA BA 211 21.22 -11.77 -34.51
C ALA BA 211 20.79 -12.12 -33.09
N ALA BA 212 19.48 -12.17 -32.82
CA ALA BA 212 19.01 -12.58 -31.50
C ALA BA 212 19.39 -14.03 -31.21
N ALA BA 213 19.22 -14.91 -32.19
CA ALA BA 213 19.64 -16.30 -32.01
C ALA BA 213 21.15 -16.36 -31.85
N ALA BA 214 21.60 -17.13 -30.87
CA ALA BA 214 23.03 -17.24 -30.56
C ALA BA 214 23.80 -17.82 -31.74
N LEU CA 37 65.48 -82.45 65.45
CA LEU CA 37 64.07 -82.22 65.77
C LEU CA 37 63.39 -81.38 64.70
N ASP CA 38 64.10 -80.39 64.18
CA ASP CA 38 63.53 -79.47 63.20
C ASP CA 38 63.21 -80.17 61.89
N SER CA 39 64.10 -81.08 61.45
CA SER CA 39 63.95 -81.67 60.13
C SER CA 39 62.83 -82.71 60.09
N GLU CA 40 62.70 -83.52 61.14
CA GLU CA 40 61.86 -84.72 61.07
C GLU CA 40 60.39 -84.39 60.83
N GLU CA 41 59.81 -83.52 61.66
CA GLU CA 41 58.42 -83.13 61.50
C GLU CA 41 58.17 -81.63 61.63
N MET CA 42 59.08 -80.88 62.25
CA MET CA 42 58.89 -79.45 62.36
C MET CA 42 58.89 -78.78 61.00
N LYS CA 43 59.48 -79.41 59.99
CA LYS CA 43 59.32 -78.92 58.63
C LYS CA 43 57.86 -78.96 58.20
N GLU CA 44 57.19 -80.09 58.41
CA GLU CA 44 55.77 -80.18 58.07
C GLU CA 44 54.95 -79.21 58.91
N LEU CA 45 55.32 -79.05 60.18
CA LEU CA 45 54.64 -78.06 61.01
C LEU CA 45 54.80 -76.66 60.43
N HIS CA 46 56.00 -76.33 59.95
CA HIS CA 46 56.25 -75.02 59.36
C HIS CA 46 55.41 -74.83 58.10
N ARG CA 47 55.31 -75.86 57.26
CA ARG CA 47 54.47 -75.75 56.06
C ARG CA 47 53.01 -75.54 56.44
N ARG CA 48 52.52 -76.27 57.44
CA ARG CA 48 51.15 -76.10 57.88
C ARG CA 48 50.91 -74.69 58.40
N LEU CA 49 51.84 -74.17 59.20
CA LEU CA 49 51.70 -72.83 59.73
C LEU CA 49 51.72 -71.78 58.62
N ARG CA 50 52.60 -71.97 57.63
CA ARG CA 50 52.65 -71.03 56.52
C ARG CA 50 51.36 -71.05 55.72
N SER CA 51 50.80 -72.24 55.48
CA SER CA 51 49.53 -72.33 54.77
C SER CA 51 48.42 -71.66 55.56
N TYR CA 52 48.40 -71.86 56.88
CA TYR CA 52 47.39 -71.19 57.72
C TYR CA 52 47.53 -69.68 57.65
N LEU CA 53 48.77 -69.18 57.68
CA LEU CA 53 49.00 -67.75 57.57
C LEU CA 53 48.53 -67.21 56.22
N HIS CA 54 48.81 -67.94 55.15
CA HIS CA 54 48.35 -67.51 53.83
C HIS CA 54 46.83 -67.45 53.76
N GLN CA 55 46.17 -68.47 54.30
CA GLN CA 55 44.71 -68.49 54.29
C GLN CA 55 44.13 -67.35 55.12
N GLU CA 56 44.69 -67.10 56.29
CA GLU CA 56 44.17 -66.04 57.14
C GLU CA 56 44.50 -64.67 56.57
N LEU CA 57 45.54 -64.59 55.74
CA LEU CA 57 45.90 -63.32 55.12
C LEU CA 57 44.97 -63.02 53.95
N ASP CA 58 44.85 -63.94 53.00
CA ASP CA 58 44.01 -63.66 51.84
C ASP CA 58 42.53 -63.69 52.19
N ARG CA 59 42.19 -64.27 53.35
CA ARG CA 59 40.80 -64.24 53.79
C ARG CA 59 40.41 -62.84 54.27
N GLN CA 60 41.35 -62.12 54.89
CA GLN CA 60 41.10 -60.79 55.42
C GLN CA 60 41.67 -59.69 54.53
N ALA CA 61 42.02 -60.00 53.28
CA ALA CA 61 42.64 -59.00 52.42
C ALA CA 61 41.72 -57.81 52.20
N GLU CA 62 40.43 -58.06 51.95
CA GLU CA 62 39.50 -56.96 51.73
C GLU CA 62 39.36 -56.10 52.98
N ASN CA 63 39.17 -56.72 54.15
CA ASN CA 63 39.05 -55.95 55.38
C ASN CA 63 40.34 -55.22 55.69
N ARG CA 64 41.49 -55.86 55.45
CA ARG CA 64 42.77 -55.21 55.70
C ARG CA 64 42.93 -53.98 54.83
N PHE CA 65 42.56 -54.09 53.55
CA PHE CA 65 42.59 -52.93 52.67
C PHE CA 65 41.62 -51.84 53.13
N GLN CA 66 40.43 -52.23 53.58
CA GLN CA 66 39.46 -51.24 54.01
C GLN CA 66 39.94 -50.48 55.24
N MET CA 67 40.52 -51.18 56.22
CA MET CA 67 41.06 -50.50 57.38
C MET CA 67 42.26 -49.62 57.03
N ALA CA 68 43.09 -50.08 56.08
CA ALA CA 68 44.19 -49.25 55.61
C ALA CA 68 43.66 -47.97 54.98
N VAL CA 69 42.59 -48.08 54.20
CA VAL CA 69 41.99 -46.90 53.58
C VAL CA 69 41.37 -45.99 54.64
N ASP CA 70 40.80 -46.58 55.69
CA ASP CA 70 40.24 -45.77 56.77
C ASP CA 70 41.33 -44.95 57.46
N GLU CA 71 42.44 -45.61 57.81
CA GLU CA 71 43.55 -44.88 58.41
C GLU CA 71 44.13 -43.85 57.44
N ASP CA 72 44.07 -44.15 56.15
CA ASP CA 72 44.45 -43.18 55.13
C ASP CA 72 43.56 -41.94 55.18
N TYR CA 73 42.25 -42.15 55.30
CA TYR CA 73 41.32 -41.03 55.33
C TYR CA 73 41.44 -40.23 56.62
N TYR CA 74 41.91 -40.87 57.70
CA TYR CA 74 42.01 -40.16 58.97
C TYR CA 74 42.97 -38.98 58.88
N ASP CA 75 44.18 -39.21 58.39
CA ASP CA 75 45.21 -38.17 58.41
C ASP CA 75 45.26 -37.35 57.12
N SER CA 76 44.09 -36.88 56.68
CA SER CA 76 43.98 -35.90 55.60
C SER CA 76 44.60 -36.38 54.28
N ILE CA 77 44.37 -37.64 53.94
CA ILE CA 77 44.53 -38.07 52.54
C ILE CA 77 43.23 -38.76 52.14
N GLN CA 78 42.42 -38.06 51.34
CA GLN CA 78 41.07 -38.51 51.01
C GLN CA 78 40.78 -38.49 49.52
N TRP CA 79 41.80 -38.41 48.68
CA TRP CA 79 41.63 -38.26 47.24
C TRP CA 79 42.16 -39.50 46.53
N THR CA 80 41.35 -40.06 45.64
CA THR CA 80 41.80 -41.13 44.77
C THR CA 80 42.79 -40.56 43.75
N GLU CA 81 43.79 -41.36 43.39
CA GLU CA 81 44.81 -40.91 42.45
C GLU CA 81 44.19 -40.52 41.11
N ALA CA 82 43.17 -41.26 40.67
CA ALA CA 82 42.50 -40.93 39.42
C ALA CA 82 41.78 -39.59 39.52
N ASP CA 83 41.05 -39.37 40.61
CA ASP CA 83 40.35 -38.11 40.80
C ASP CA 83 41.32 -36.97 41.01
N ALA CA 84 42.45 -37.23 41.68
CA ALA CA 84 43.47 -36.21 41.81
C ALA CA 84 44.04 -35.83 40.45
N GLN CA 85 44.26 -36.81 39.58
CA GLN CA 85 44.72 -36.51 38.23
C GLN CA 85 43.68 -35.70 37.46
N VAL CA 86 42.40 -36.06 37.61
CA VAL CA 86 41.33 -35.31 36.95
C VAL CA 86 41.33 -33.87 37.40
N LEU CA 87 41.45 -33.64 38.72
CA LEU CA 87 41.52 -32.28 39.23
C LEU CA 87 42.75 -31.56 38.73
N LYS CA 88 43.87 -32.27 38.58
CA LYS CA 88 45.08 -31.66 38.05
C LYS CA 88 44.88 -31.19 36.62
N GLU CA 89 44.19 -31.99 35.81
CA GLU CA 89 43.90 -31.57 34.43
C GLU CA 89 43.03 -30.32 34.41
N ARG CA 90 42.11 -30.20 35.36
CA ARG CA 90 41.31 -28.99 35.49
C ARG CA 90 42.13 -27.78 35.87
N GLY CA 91 43.37 -27.97 36.31
CA GLY CA 91 44.15 -26.88 36.87
C GLY CA 91 43.80 -26.55 38.30
N GLN CA 92 43.10 -27.44 38.99
CA GLN CA 92 42.61 -27.19 40.34
C GLN CA 92 43.41 -28.00 41.34
N ALA CA 93 43.88 -27.35 42.40
CA ALA CA 93 44.58 -28.05 43.45
C ALA CA 93 43.57 -28.80 44.33
N PRO CA 94 43.73 -30.12 44.48
CA PRO CA 94 42.82 -30.87 45.34
C PRO CA 94 42.90 -30.38 46.78
N LEU CA 95 41.75 -30.40 47.46
CA LEU CA 95 41.65 -29.92 48.83
C LEU CA 95 40.87 -30.93 49.66
N VAL CA 96 41.27 -31.10 50.91
CA VAL CA 96 40.69 -32.07 51.82
C VAL CA 96 40.17 -31.34 53.04
N PHE CA 97 38.88 -31.54 53.36
CA PHE CA 97 38.29 -30.84 54.49
C PHE CA 97 38.53 -31.59 55.81
N ASN CA 98 38.58 -32.92 55.75
CA ASN CA 98 38.97 -33.76 56.88
C ASN CA 98 38.06 -33.54 58.09
N VAL CA 99 36.78 -33.87 57.91
CA VAL CA 99 35.85 -33.94 59.02
C VAL CA 99 36.10 -35.16 59.89
N ILE CA 100 36.78 -36.18 59.34
CA ILE CA 100 37.05 -37.41 60.08
C ILE CA 100 37.90 -37.11 61.31
N ALA CA 101 38.89 -36.23 61.15
CA ALA CA 101 39.82 -35.93 62.23
C ALA CA 101 39.09 -35.40 63.45
N GLN CA 102 38.11 -34.52 63.24
CA GLN CA 102 37.42 -33.92 64.38
C GLN CA 102 36.70 -34.96 65.22
N SER CA 103 35.89 -35.82 64.58
CA SER CA 103 35.11 -36.79 65.33
C SER CA 103 36.02 -37.85 65.97
N VAL CA 104 37.02 -38.32 65.22
CA VAL CA 104 37.92 -39.33 65.79
C VAL CA 104 38.69 -38.75 66.97
N ASN CA 105 39.15 -37.50 66.84
CA ASN CA 105 39.85 -36.85 67.93
C ASN CA 105 38.95 -36.66 69.14
N TRP CA 106 37.68 -36.32 68.91
CA TRP CA 106 36.76 -36.18 70.03
C TRP CA 106 36.60 -37.50 70.77
N ILE CA 107 36.43 -38.60 70.04
CA ILE CA 107 36.26 -39.90 70.69
C ILE CA 107 37.52 -40.29 71.46
N ILE CA 108 38.69 -40.13 70.83
CA ILE CA 108 39.92 -40.56 71.49
C ILE CA 108 40.22 -39.68 72.71
N GLY CA 109 39.91 -38.38 72.62
CA GLY CA 109 40.09 -37.51 73.76
C GLY CA 109 39.13 -37.84 74.89
N SER CA 110 37.89 -38.17 74.56
CA SER CA 110 36.94 -38.58 75.58
C SER CA 110 37.42 -39.84 76.30
N GLU CA 111 37.99 -40.78 75.55
CA GLU CA 111 38.54 -41.97 76.19
C GLU CA 111 39.74 -41.62 77.06
N LYS CA 112 40.67 -40.81 76.53
CA LYS CA 112 41.92 -40.54 77.23
C LYS CA 112 41.67 -39.75 78.51
N ARG CA 113 40.61 -38.93 78.52
CA ARG CA 113 40.24 -38.27 79.77
C ARG CA 113 39.80 -39.28 80.81
N GLY CA 114 39.20 -40.38 80.38
CA GLY CA 114 38.71 -41.40 81.30
C GLY CA 114 39.70 -42.52 81.54
N ARG CA 115 40.98 -42.19 81.66
CA ARG CA 115 42.00 -43.18 81.93
C ARG CA 115 41.75 -43.83 83.29
N THR CA 116 41.89 -45.15 83.35
CA THR CA 116 41.56 -45.90 84.54
C THR CA 116 42.68 -46.88 84.88
N ASP CA 117 42.69 -47.32 86.13
CA ASP CA 117 43.68 -48.26 86.65
C ASP CA 117 42.98 -49.41 87.34
N PHE CA 118 43.63 -50.57 87.37
CA PHE CA 118 43.05 -51.73 88.03
C PHE CA 118 43.06 -51.54 89.54
N ASN CA 119 41.92 -51.79 90.17
CA ASN CA 119 41.80 -51.78 91.62
C ASN CA 119 41.19 -53.10 92.05
N ILE CA 120 42.04 -54.01 92.54
CA ILE CA 120 41.63 -55.37 92.88
C ILE CA 120 40.82 -55.34 94.16
N LEU CA 121 39.62 -55.92 94.10
CA LEU CA 121 38.71 -55.97 95.24
C LEU CA 121 38.48 -57.42 95.68
N PRO CA 122 38.66 -57.72 96.97
CA PRO CA 122 38.52 -59.10 97.45
C PRO CA 122 37.07 -59.55 97.48
N ARG CA 123 36.85 -60.85 97.30
CA ARG CA 123 35.51 -61.39 97.44
C ARG CA 123 35.33 -62.10 98.78
N LYS CA 124 36.33 -62.89 99.20
CA LYS CA 124 36.24 -63.58 100.48
C LYS CA 124 36.20 -62.60 101.64
N LYS CA 125 36.73 -61.39 101.44
CA LYS CA 125 36.73 -60.28 102.38
C LYS CA 125 37.72 -60.52 103.52
N ALA CA 126 38.33 -61.70 103.61
CA ALA CA 126 39.38 -61.96 104.57
C ALA CA 126 40.77 -61.81 103.97
N ASP CA 127 40.87 -61.50 102.68
CA ASP CA 127 42.15 -61.36 101.99
C ASP CA 127 42.31 -59.97 101.39
N ALA CA 128 41.94 -58.93 102.13
CA ALA CA 128 42.09 -57.57 101.64
C ALA CA 128 43.56 -57.21 101.46
N LYS CA 129 44.40 -57.65 102.40
CA LYS CA 129 45.83 -57.35 102.29
C LYS CA 129 46.46 -57.98 101.04
N PRO CA 130 46.22 -59.25 100.69
CA PRO CA 130 46.68 -59.73 99.38
C PRO CA 130 46.10 -58.93 98.23
N ALA CA 131 44.83 -58.51 98.35
CA ALA CA 131 44.24 -57.69 97.30
C ALA CA 131 44.96 -56.35 97.17
N GLU CA 132 45.31 -55.73 98.30
CA GLU CA 132 46.05 -54.48 98.26
C GLU CA 132 47.43 -54.69 97.64
N ALA CA 133 48.11 -55.78 98.01
CA ALA CA 133 49.42 -56.05 97.44
C ALA CA 133 49.33 -56.26 95.93
N LYS CA 134 48.32 -57.00 95.48
CA LYS CA 134 48.15 -57.22 94.05
C LYS CA 134 47.82 -55.91 93.33
N THR CA 135 47.01 -55.06 93.94
CA THR CA 135 46.70 -53.77 93.34
C THR CA 135 47.95 -52.91 93.21
N LYS CA 136 48.79 -52.87 94.25
CA LYS CA 136 50.02 -52.09 94.18
C LYS CA 136 50.98 -52.67 93.15
N LEU CA 137 51.06 -53.99 93.05
CA LEU CA 137 51.93 -54.60 92.05
C LEU CA 137 51.45 -54.28 90.64
N LEU CA 138 50.13 -54.33 90.41
CA LEU CA 138 49.57 -53.96 89.11
C LEU CA 138 49.86 -52.50 88.80
N LYS CA 139 49.73 -51.62 89.80
CA LYS CA 139 50.06 -50.21 89.60
C LYS CA 139 51.52 -50.03 89.24
N TYR CA 140 52.41 -50.76 89.91
CA TYR CA 140 53.83 -50.68 89.60
C TYR CA 140 54.11 -51.13 88.17
N LEU CA 141 53.50 -52.24 87.75
CA LEU CA 141 53.70 -52.71 86.39
C LEU CA 141 53.16 -51.72 85.37
N SER CA 142 51.98 -51.15 85.63
CA SER CA 142 51.40 -50.18 84.70
C SER CA 142 52.25 -48.93 84.63
N ASP CA 143 52.85 -48.52 85.74
CA ASP CA 143 53.69 -47.33 85.73
C ASP CA 143 54.98 -47.57 84.97
N VAL CA 144 55.63 -48.71 85.20
CA VAL CA 144 56.91 -48.96 84.54
C VAL CA 144 56.70 -49.21 83.05
N ASN CA 145 55.71 -50.02 82.70
CA ASN CA 145 55.37 -50.25 81.30
C ASN CA 145 54.67 -49.07 80.64
N ARG CA 146 54.27 -48.06 81.42
CA ARG CA 146 53.53 -46.91 80.91
C ARG CA 146 52.26 -47.38 80.19
N LEU CA 147 51.55 -48.31 80.83
CA LEU CA 147 50.38 -48.92 80.19
C LEU CA 147 49.29 -47.95 79.78
N PRO CA 148 48.90 -46.95 80.59
CA PRO CA 148 47.79 -46.08 80.15
C PRO CA 148 48.02 -45.44 78.80
N PHE CA 149 49.26 -45.08 78.47
CA PHE CA 149 49.55 -44.56 77.14
C PHE CA 149 49.33 -45.64 76.08
N HIS CA 150 49.79 -46.86 76.34
CA HIS CA 150 49.58 -47.95 75.40
C HIS CA 150 48.11 -48.26 75.22
N ARG CA 151 47.35 -48.30 76.33
CA ARG CA 151 45.92 -48.57 76.24
C ARG CA 151 45.19 -47.46 75.50
N SER CA 152 45.55 -46.21 75.75
CA SER CA 152 44.94 -45.09 75.05
C SER CA 152 45.24 -45.15 73.56
N ARG CA 153 46.48 -45.46 73.20
CA ARG CA 153 46.83 -45.58 71.79
C ARG CA 153 46.08 -46.74 71.13
N SER CA 154 45.94 -47.86 71.84
CA SER CA 154 45.19 -48.98 71.30
C SER CA 154 43.73 -48.61 71.06
N PHE CA 155 43.11 -47.90 72.00
CA PHE CA 155 41.73 -47.49 71.77
C PHE CA 155 41.62 -46.48 70.64
N GLU CA 156 42.56 -45.54 70.56
CA GLU CA 156 42.58 -44.62 69.42
C GLU CA 156 42.64 -45.39 68.12
N ASP CA 157 43.41 -46.47 68.09
CA ASP CA 157 43.45 -47.34 66.91
C ASP CA 157 42.10 -48.01 66.67
N THR CA 158 41.45 -48.49 67.73
CA THR CA 158 40.14 -49.12 67.58
C THR CA 158 39.10 -48.14 67.08
N VAL CA 159 39.30 -46.85 67.28
CA VAL CA 159 38.38 -45.85 66.74
C VAL CA 159 38.58 -45.72 65.24
N LYS CA 160 39.83 -45.58 64.79
CA LYS CA 160 40.09 -45.40 63.37
C LYS CA 160 39.84 -46.68 62.58
N VAL CA 161 40.38 -47.81 63.05
CA VAL CA 161 40.26 -49.07 62.34
C VAL CA 161 39.46 -50.04 63.20
N GLY CA 162 39.26 -51.25 62.66
CA GLY CA 162 38.32 -52.17 63.28
C GLY CA 162 38.70 -52.57 64.70
N LEU CA 163 39.96 -52.94 64.92
CA LEU CA 163 40.38 -53.47 66.21
C LEU CA 163 41.79 -53.01 66.53
N GLY CA 164 42.09 -53.01 67.82
CA GLY CA 164 43.43 -52.74 68.29
C GLY CA 164 43.88 -53.81 69.26
N TRP CA 165 45.19 -53.98 69.36
CA TRP CA 165 45.78 -55.09 70.08
C TRP CA 165 46.58 -54.60 71.27
N ILE CA 166 46.53 -55.35 72.37
CA ILE CA 166 47.36 -55.14 73.55
C ILE CA 166 48.05 -56.45 73.88
N GLU CA 167 49.37 -56.40 74.03
CA GLU CA 167 50.18 -57.56 74.33
C GLU CA 167 50.59 -57.55 75.79
N ASP CA 168 50.33 -58.64 76.50
CA ASP CA 168 50.82 -58.85 77.86
C ASP CA 168 51.54 -60.18 77.92
N SER CA 169 52.82 -60.15 78.31
CA SER CA 169 53.64 -61.35 78.28
C SER CA 169 54.81 -61.19 79.24
N TYR CA 170 55.56 -62.28 79.39
CA TYR CA 170 56.76 -62.35 80.22
C TYR CA 170 57.97 -62.58 79.34
N ASP CA 171 59.00 -61.75 79.51
CA ASP CA 171 60.22 -61.86 78.74
C ASP CA 171 61.43 -61.87 79.66
N ASP CA 172 62.47 -62.58 79.24
CA ASP CA 172 63.73 -62.63 79.98
C ASP CA 172 64.80 -61.88 79.19
N SER CA 173 65.29 -60.79 79.77
CA SER CA 173 66.30 -59.96 79.13
C SER CA 173 66.93 -59.06 80.18
N THR CA 174 67.99 -58.36 79.77
CA THR CA 174 68.63 -57.40 80.65
C THR CA 174 67.70 -56.23 80.98
N ASP CA 175 66.65 -56.03 80.19
CA ASP CA 175 65.63 -55.05 80.53
C ASP CA 175 65.00 -55.41 81.87
N GLY CA 176 64.86 -54.41 82.74
CA GLY CA 176 64.53 -54.69 84.12
C GLY CA 176 63.12 -55.24 84.30
N GLU CA 177 62.13 -54.65 83.64
CA GLU CA 177 60.75 -54.93 83.98
C GLU CA 177 60.34 -56.27 83.38
N PRO CA 178 59.87 -57.22 84.20
CA PRO CA 178 59.61 -58.56 83.65
C PRO CA 178 58.34 -58.64 82.80
N ILE CA 179 57.24 -58.05 83.24
CA ILE CA 179 55.94 -58.28 82.63
C ILE CA 179 55.66 -57.17 81.63
N TYR CA 180 56.17 -57.32 80.41
CA TYR CA 180 56.11 -56.24 79.43
C TYR CA 180 54.74 -56.22 78.76
N SER CA 181 54.10 -55.06 78.80
CA SER CA 181 52.84 -54.82 78.13
C SER CA 181 53.05 -53.73 77.09
N ARG CA 182 52.76 -54.05 75.84
CA ARG CA 182 53.13 -53.19 74.72
C ARG CA 182 51.95 -53.04 73.77
N TYR CA 183 51.95 -51.93 73.04
CA TYR CA 183 50.96 -51.66 72.00
C TYR CA 183 51.42 -52.30 70.70
N GLU CA 184 50.53 -53.05 70.07
CA GLU CA 184 50.75 -53.62 68.75
C GLU CA 184 49.71 -53.06 67.79
N SER CA 185 50.17 -52.59 66.63
CA SER CA 185 49.26 -52.05 65.63
C SER CA 185 48.38 -53.16 65.06
N TRP CA 186 47.23 -52.75 64.55
CA TRP CA 186 46.35 -53.68 63.83
C TRP CA 186 47.05 -54.28 62.61
N ARG CA 187 48.05 -53.59 62.07
CA ARG CA 187 48.74 -54.09 60.89
C ARG CA 187 49.55 -55.35 61.21
N ASN CA 188 50.33 -55.32 62.29
CA ASN CA 188 51.33 -56.35 62.56
C ASN CA 188 50.75 -57.58 63.25
N VAL CA 189 49.43 -57.75 63.26
CA VAL CA 189 48.79 -58.90 63.87
C VAL CA 189 47.86 -59.55 62.86
N ILE CA 190 47.98 -60.87 62.72
CA ILE CA 190 47.07 -61.66 61.91
C ILE CA 190 46.31 -62.59 62.86
N PHE CA 191 45.00 -62.42 62.93
CA PHE CA 191 44.17 -63.17 63.87
C PHE CA 191 43.21 -64.08 63.12
N ASP CA 192 42.93 -65.23 63.72
CA ASP CA 192 41.97 -66.15 63.12
C ASP CA 192 40.58 -65.53 63.11
N SER CA 193 39.99 -65.43 61.93
CA SER CA 193 38.67 -64.84 61.76
C SER CA 193 37.54 -65.84 62.02
N ALA CA 194 37.87 -67.12 62.21
CA ALA CA 194 36.84 -68.12 62.45
C ALA CA 194 36.22 -68.00 63.83
N SER CA 195 36.83 -67.22 64.73
CA SER CA 195 36.34 -67.12 66.08
C SER CA 195 34.97 -66.45 66.13
N THR CA 196 34.09 -66.98 66.97
CA THR CA 196 32.79 -66.38 67.23
C THR CA 196 32.61 -65.96 68.67
N GLU CA 197 33.43 -66.48 69.58
CA GLU CA 197 33.27 -66.18 71.00
C GLU CA 197 33.68 -64.77 71.38
N LEU CA 198 32.82 -64.07 72.12
CA LEU CA 198 33.15 -62.74 72.59
C LEU CA 198 34.46 -62.74 73.37
N ASP CA 199 34.64 -63.75 74.23
CA ASP CA 199 35.86 -63.83 75.02
C ASP CA 199 37.07 -64.07 74.13
N GLY CA 200 36.94 -64.97 73.16
CA GLY CA 200 38.01 -65.22 72.22
C GLY CA 200 38.75 -66.53 72.39
N THR CA 201 38.17 -67.51 73.06
CA THR CA 201 38.82 -68.81 73.19
C THR CA 201 38.83 -69.55 71.86
N ASP CA 202 37.79 -69.34 71.04
CA ASP CA 202 37.69 -70.04 69.76
C ASP CA 202 38.77 -69.64 68.77
N MET CA 203 39.51 -68.56 69.02
CA MET CA 203 40.63 -68.19 68.17
C MET CA 203 41.65 -69.32 68.18
N ARG CA 204 41.79 -70.00 67.05
CA ARG CA 204 42.71 -71.13 67.00
C ARG CA 204 44.16 -70.67 66.95
N TYR CA 205 44.45 -69.60 66.21
CA TYR CA 205 45.82 -69.16 66.02
C TYR CA 205 45.87 -67.65 65.85
N ILE CA 206 47.01 -67.07 66.20
CA ILE CA 206 47.32 -65.67 65.93
C ILE CA 206 48.72 -65.60 65.33
N PHE CA 207 48.91 -64.75 64.34
CA PHE CA 207 50.18 -64.63 63.65
C PHE CA 207 50.75 -63.23 63.83
N ARG CA 208 52.05 -63.15 64.09
CA ARG CA 208 52.71 -61.92 64.51
C ARG CA 208 53.88 -61.61 63.59
N PRO CA 209 53.63 -61.07 62.40
CA PRO CA 209 54.74 -60.63 61.54
C PRO CA 209 55.39 -59.38 62.11
N LYS CA 210 56.66 -59.50 62.48
CA LYS CA 210 57.42 -58.36 63.00
C LYS CA 210 58.67 -58.19 62.15
N TRP CA 211 58.97 -56.94 61.79
CA TRP CA 211 60.14 -56.61 60.98
C TRP CA 211 61.28 -56.21 61.90
N LEU CA 212 62.36 -56.98 61.85
CA LEU CA 212 63.49 -56.78 62.75
C LEU CA 212 64.78 -56.72 61.94
N ASP CA 213 65.75 -55.99 62.48
CA ASP CA 213 67.08 -55.95 61.88
C ASP CA 213 67.75 -57.31 61.99
N VAL CA 214 68.72 -57.56 61.12
CA VAL CA 214 69.42 -58.84 61.14
C VAL CA 214 70.16 -59.02 62.46
N ASP CA 215 70.83 -57.97 62.92
CA ASP CA 215 71.60 -58.06 64.17
C ASP CA 215 70.70 -58.42 65.34
N VAL CA 216 69.59 -57.70 65.51
CA VAL CA 216 68.72 -57.95 66.66
C VAL CA 216 68.02 -59.30 66.51
N ALA CA 217 67.66 -59.68 65.28
CA ALA CA 217 66.98 -60.95 65.07
C ALA CA 217 67.89 -62.13 65.41
N CYS CA 218 69.14 -62.10 64.93
CA CYS CA 218 70.06 -63.19 65.23
C CYS CA 218 70.46 -63.17 66.71
N ALA CA 219 70.62 -61.97 67.28
CA ALA CA 219 70.96 -61.89 68.70
C ALA CA 219 69.80 -62.33 69.58
N LEU CA 220 68.56 -62.04 69.18
CA LEU CA 220 67.41 -62.39 70.00
C LEU CA 220 67.27 -63.90 70.14
N VAL CA 221 67.46 -64.64 69.05
CA VAL CA 221 67.39 -66.10 69.08
C VAL CA 221 68.74 -66.68 68.67
N PRO CA 222 69.58 -67.05 69.62
CA PRO CA 222 70.91 -67.58 69.28
C PRO CA 222 70.83 -69.03 68.84
N ASP CA 223 72.01 -69.56 68.46
CA ASP CA 223 72.20 -70.96 68.09
C ASP CA 223 71.58 -71.28 66.74
N ARG CA 224 70.85 -70.31 66.16
CA ARG CA 224 70.25 -70.45 64.84
C ARG CA 224 70.42 -69.16 64.05
N ALA CA 225 71.60 -68.56 64.14
CA ALA CA 225 71.81 -67.27 63.48
C ALA CA 225 71.97 -67.43 61.96
N ASP CA 226 72.39 -68.61 61.51
CA ASP CA 226 72.65 -68.80 60.09
C ASP CA 226 71.37 -68.70 59.26
N GLU CA 227 70.28 -69.30 59.74
CA GLU CA 227 69.02 -69.21 59.01
C GLU CA 227 68.50 -67.78 58.98
N ILE CA 228 68.72 -67.02 60.07
CA ILE CA 228 68.35 -65.61 60.08
C ILE CA 228 69.18 -64.85 59.05
N LYS CA 229 70.48 -65.14 58.99
CA LYS CA 229 71.37 -64.45 58.05
C LYS CA 229 70.98 -64.72 56.61
N LYS CA 230 70.67 -65.98 56.28
CA LYS CA 230 70.31 -66.32 54.91
C LYS CA 230 68.94 -65.78 54.55
N ALA CA 231 68.11 -65.50 55.56
CA ALA CA 231 66.77 -64.95 55.32
C ALA CA 231 66.81 -63.44 55.27
N ASP CA 245 52.95 -65.01 54.12
CA ASP CA 245 53.86 -63.95 53.71
C ASP CA 245 53.54 -62.66 54.45
N GLY CA 246 53.08 -61.66 53.73
CA GLY CA 246 52.70 -60.39 54.34
C GLY CA 246 51.68 -59.68 53.49
N ASP CA 247 50.91 -58.80 54.13
CA ASP CA 247 49.91 -58.04 53.43
C ASP CA 247 50.48 -56.70 52.98
N GLU CA 248 49.66 -55.91 52.30
CA GLU CA 248 50.15 -54.68 51.70
C GLU CA 248 50.55 -53.65 52.76
N ALA CA 249 49.94 -53.71 53.94
CA ALA CA 249 50.19 -52.69 54.96
C ALA CA 249 51.63 -52.69 55.47
N MET CA 250 52.03 -53.77 56.16
CA MET CA 250 53.34 -53.78 56.79
C MET CA 250 54.46 -53.88 55.75
N ASP CA 251 54.25 -54.67 54.70
CA ASP CA 251 55.24 -54.72 53.63
C ASP CA 251 55.33 -53.39 52.92
N TRP CA 252 54.22 -52.67 52.80
CA TRP CA 252 54.25 -51.35 52.17
C TRP CA 252 55.09 -50.39 53.00
N ALA CA 253 54.90 -50.41 54.32
CA ALA CA 253 55.69 -49.55 55.19
C ALA CA 253 57.17 -49.90 55.08
N GLU CA 254 57.51 -51.19 55.17
CA GLU CA 254 58.90 -51.61 55.14
C GLU CA 254 59.54 -51.31 53.78
N PHE CA 255 58.80 -51.51 52.69
CA PHE CA 255 59.36 -51.29 51.36
C PHE CA 255 59.43 -49.81 51.03
N ASP CA 256 58.57 -48.99 51.64
CA ASP CA 256 58.73 -47.55 51.53
C ASP CA 256 59.98 -47.10 52.27
N ARG CA 257 60.26 -47.70 53.42
CA ARG CA 257 61.51 -47.43 54.12
C ARG CA 257 62.71 -47.85 53.29
N ASP CA 258 62.63 -49.02 52.66
CA ASP CA 258 63.75 -49.56 51.89
C ASP CA 258 63.98 -48.77 50.61
N THR CA 259 62.89 -48.27 50.00
CA THR CA 259 63.00 -47.62 48.69
C THR CA 259 63.70 -46.27 48.81
N TYR CA 260 63.55 -45.60 49.95
CA TYR CA 260 64.08 -44.26 50.18
C TYR CA 260 63.40 -43.26 49.25
N SER CA 261 63.83 -43.22 47.99
CA SER CA 261 63.19 -42.41 46.97
C SER CA 261 63.08 -43.23 45.70
N GLN CA 262 62.50 -42.60 44.67
CA GLN CA 262 62.29 -43.32 43.40
C GLN CA 262 63.60 -43.77 42.79
N SER CA 263 64.61 -42.89 42.78
CA SER CA 263 65.92 -43.20 42.24
C SER CA 263 66.98 -42.69 43.20
N ARG CA 264 67.72 -43.60 43.82
CA ARG CA 264 68.79 -43.26 44.75
C ARG CA 264 69.99 -44.15 44.51
N THR CA 265 71.18 -43.64 44.83
CA THR CA 265 72.41 -44.40 44.73
C THR CA 265 72.69 -45.03 46.10
N VAL CA 266 72.20 -46.25 46.29
CA VAL CA 266 72.38 -46.94 47.57
C VAL CA 266 73.84 -47.37 47.71
N SER CA 267 74.44 -47.03 48.85
CA SER CA 267 75.82 -47.41 49.12
C SER CA 267 75.91 -48.90 49.42
N THR CA 268 77.15 -49.37 49.55
CA THR CA 268 77.38 -50.77 49.89
C THR CA 268 76.81 -51.09 51.27
N HIS CA 269 76.98 -50.18 52.23
CA HIS CA 269 76.42 -50.38 53.55
C HIS CA 269 74.93 -50.15 53.52
N LYS CA 270 74.16 -51.17 53.92
CA LYS CA 270 72.70 -51.08 53.91
C LYS CA 270 72.14 -51.83 55.12
N ARG CA 271 71.12 -51.25 55.74
CA ARG CA 271 70.43 -51.94 56.81
C ARG CA 271 69.67 -53.13 56.27
N GLN CA 272 69.88 -54.29 56.89
CA GLN CA 272 69.22 -55.53 56.49
C GLN CA 272 68.16 -55.88 57.51
N ARG CA 273 66.91 -55.98 57.04
CA ARG CA 273 65.77 -56.27 57.90
C ARG CA 273 65.12 -57.57 57.47
N VAL CA 274 64.77 -58.41 58.43
CA VAL CA 274 64.14 -59.69 58.17
C VAL CA 274 62.83 -59.76 58.92
N ARG CA 275 61.94 -60.64 58.43
CA ARG CA 275 60.61 -60.81 59.01
C ARG CA 275 60.58 -62.08 59.83
N LEU CA 276 60.14 -61.96 61.08
CA LEU CA 276 59.91 -63.10 61.96
C LEU CA 276 58.45 -63.14 62.34
N ILE CA 277 57.86 -64.33 62.37
CA ILE CA 277 56.45 -64.51 62.66
C ILE CA 277 56.32 -65.30 63.95
N GLU CA 278 55.64 -64.72 64.94
CA GLU CA 278 55.34 -65.39 66.18
C GLU CA 278 53.92 -65.93 66.11
N CYS CA 279 53.78 -67.25 66.06
CA CYS CA 279 52.49 -67.89 65.89
C CYS CA 279 52.10 -68.60 67.18
N TRP CA 280 51.02 -68.16 67.80
CA TRP CA 280 50.46 -68.84 68.96
C TRP CA 280 49.22 -69.61 68.51
N TYR CA 281 49.27 -70.94 68.66
CA TYR CA 281 48.21 -71.80 68.20
C TYR CA 281 47.68 -72.65 69.34
N ARG CA 282 46.44 -73.11 69.19
CA ARG CA 282 45.75 -73.89 70.21
C ARG CA 282 45.42 -75.27 69.66
N LYS CA 283 45.81 -76.31 70.39
CA LYS CA 283 45.47 -77.67 70.04
C LYS CA 283 44.85 -78.38 71.23
N PRO CA 284 43.74 -79.09 71.05
CA PRO CA 284 43.17 -79.86 72.16
C PRO CA 284 44.12 -80.96 72.61
N MET CA 285 44.08 -81.28 73.90
CA MET CA 285 44.96 -82.28 74.47
C MET CA 285 44.26 -83.60 74.82
N ARG CA 286 42.97 -83.55 75.13
CA ARG CA 286 42.21 -84.76 75.50
C ARG CA 286 42.86 -85.49 76.67
N ALA CA 287 43.12 -84.76 77.75
CA ALA CA 287 43.64 -85.39 78.95
C ALA CA 287 42.57 -86.27 79.59
N THR CA 288 42.95 -87.50 79.93
CA THR CA 288 41.99 -88.43 80.55
C THR CA 288 41.53 -87.93 81.90
N LYS CA 289 42.46 -87.39 82.70
CA LYS CA 289 42.18 -86.88 84.04
C LYS CA 289 41.52 -87.95 84.92
N THR CA 323 42.23 -78.78 78.44
CA THR CA 323 41.95 -79.48 77.20
C THR CA 323 42.69 -78.81 76.04
N MET CA 324 42.46 -77.50 75.89
CA MET CA 324 43.08 -76.72 74.82
C MET CA 324 44.38 -76.11 75.33
N ARG CA 325 45.49 -76.49 74.71
CA ARG CA 325 46.81 -76.06 75.13
C ARG CA 325 47.38 -75.04 74.15
N VAL CA 326 47.82 -73.91 74.69
CA VAL CA 326 48.41 -72.86 73.86
C VAL CA 326 49.90 -73.13 73.69
N ARG CA 327 50.41 -72.98 72.47
CA ARG CA 327 51.80 -73.21 72.15
C ARG CA 327 52.34 -72.03 71.36
N VAL CA 328 53.64 -71.78 71.48
CA VAL CA 328 54.32 -70.67 70.82
C VAL CA 328 55.20 -71.24 69.72
N ALA CA 329 55.17 -70.60 68.55
CA ALA CA 329 55.97 -71.02 67.41
C ALA CA 329 56.50 -69.79 66.70
N ILE CA 330 57.82 -69.69 66.58
CA ILE CA 330 58.48 -68.60 65.88
C ILE CA 330 59.12 -69.16 64.62
N PHE CA 331 58.70 -68.68 63.45
CA PHE CA 331 59.23 -69.16 62.19
C PHE CA 331 59.42 -68.01 61.21
N THR CA 332 60.52 -68.04 60.47
CA THR CA 332 60.76 -67.11 59.39
C THR CA 332 60.21 -67.68 58.08
N SER CA 333 60.63 -67.07 56.97
CA SER CA 333 60.07 -67.42 55.66
C SER CA 333 60.31 -68.88 55.31
N ARG CA 334 61.52 -69.38 55.55
CA ARG CA 334 61.90 -70.71 55.07
C ARG CA 334 62.13 -71.73 56.19
N ASP CA 335 62.11 -71.31 57.46
CA ASP CA 335 62.40 -72.23 58.54
C ASP CA 335 61.72 -71.73 59.81
N LEU CA 336 61.68 -72.60 60.81
CA LEU CA 336 61.11 -72.28 62.11
C LEU CA 336 62.25 -72.20 63.13
N LEU CA 337 62.21 -71.18 63.99
CA LEU CA 337 63.28 -70.97 64.94
C LEU CA 337 63.04 -71.70 66.25
N PHE CA 338 61.87 -71.49 66.86
CA PHE CA 338 61.56 -72.13 68.13
C PHE CA 338 60.10 -72.54 68.14
N GLU CA 339 59.82 -73.71 68.72
CA GLU CA 339 58.47 -74.22 68.89
C GLU CA 339 58.40 -74.91 70.24
N GLY CA 340 57.30 -74.70 70.96
CA GLY CA 340 57.16 -75.33 72.26
C GLY CA 340 55.91 -74.85 72.98
N ALA CA 341 55.56 -75.56 74.04
CA ALA CA 341 54.45 -75.14 74.88
C ALA CA 341 54.81 -73.88 75.66
N SER CA 342 53.84 -72.99 75.78
CA SER CA 342 54.07 -71.74 76.49
C SER CA 342 54.26 -72.00 77.98
N PRO CA 343 55.26 -71.39 78.62
CA PRO CA 343 55.42 -71.59 80.07
C PRO CA 343 54.29 -71.02 80.88
N PHE CA 344 53.47 -70.14 80.29
CA PHE CA 344 52.43 -69.45 81.04
C PHE CA 344 51.36 -70.44 81.49
N ARG CA 345 50.91 -70.29 82.74
CA ARG CA 345 49.83 -71.16 83.21
C ARG CA 345 48.52 -70.85 82.51
N HIS CA 346 48.21 -69.57 82.32
CA HIS CA 346 46.96 -69.20 81.68
C HIS CA 346 46.97 -69.64 80.22
N ASN CA 347 45.90 -70.32 79.81
CA ASN CA 347 45.84 -70.91 78.47
C ASN CA 347 45.13 -69.95 77.49
N ARG CA 348 45.67 -68.74 77.40
CA ARG CA 348 45.18 -67.77 76.45
C ARG CA 348 46.35 -67.00 75.85
N PHE CA 349 46.12 -66.45 74.66
CA PHE CA 349 47.18 -65.78 73.93
C PHE CA 349 47.61 -64.49 74.62
N SER CA 350 48.88 -64.13 74.41
CA SER CA 350 49.39 -62.87 74.94
C SER CA 350 48.66 -61.69 74.31
N LEU CA 351 48.40 -61.76 73.01
CA LEU CA 351 47.71 -60.67 72.33
C LEU CA 351 46.23 -60.66 72.72
N THR CA 352 45.74 -59.48 73.10
CA THR CA 352 44.36 -59.30 73.49
C THR CA 352 43.69 -58.32 72.54
N PRO CA 353 42.60 -58.70 71.90
CA PRO CA 353 41.96 -57.80 70.93
C PRO CA 353 40.97 -56.84 71.57
N ILE CA 354 41.19 -55.54 71.38
CA ILE CA 354 40.19 -54.53 71.76
C ILE CA 354 39.25 -54.38 70.57
N TRP CA 355 38.09 -55.00 70.65
CA TRP CA 355 37.19 -55.09 69.51
C TRP CA 355 36.53 -53.74 69.26
N GLY CA 356 35.84 -53.64 68.13
CA GLY CA 356 35.04 -52.47 67.80
C GLY CA 356 33.73 -52.90 67.19
N PHE CA 357 33.18 -52.14 66.26
CA PHE CA 357 32.01 -52.59 65.54
C PHE CA 357 32.38 -53.80 64.68
N ARG CA 358 31.64 -54.89 64.89
CA ARG CA 358 31.89 -56.14 64.18
C ARG CA 358 30.80 -56.34 63.15
N ARG CA 359 31.20 -56.58 61.90
CA ARG CA 359 30.23 -56.76 60.83
C ARG CA 359 29.41 -58.02 61.07
N GLY CA 360 28.08 -57.88 60.88
CA GLY CA 360 27.19 -58.99 61.20
C GLY CA 360 27.37 -60.19 60.29
N ARG CA 361 27.64 -59.95 59.01
CA ARG CA 361 27.68 -61.04 58.05
C ARG CA 361 28.89 -61.94 58.26
N ASP CA 362 30.07 -61.36 58.43
CA ASP CA 362 31.30 -62.13 58.48
C ASP CA 362 32.12 -61.95 59.74
N ASN CA 363 31.62 -61.21 60.74
CA ASN CA 363 32.32 -60.98 61.99
C ASN CA 363 33.69 -60.33 61.75
N LEU CA 364 33.75 -59.44 60.76
CA LEU CA 364 34.96 -58.71 60.46
C LEU CA 364 34.92 -57.33 61.10
N PRO CA 365 35.90 -56.99 61.94
CA PRO CA 365 35.86 -55.70 62.64
C PRO CA 365 35.97 -54.53 61.67
N TYR CA 366 35.22 -53.48 61.96
CA TYR CA 366 35.30 -52.23 61.22
C TYR CA 366 35.10 -51.06 62.19
N GLY CA 367 35.86 -50.00 61.98
CA GLY CA 367 35.83 -48.86 62.87
C GLY CA 367 34.64 -47.95 62.59
N VAL CA 368 34.63 -46.83 63.32
CA VAL CA 368 33.53 -45.87 63.18
C VAL CA 368 33.57 -45.22 61.80
N ILE CA 369 34.74 -45.22 61.16
CA ILE CA 369 35.02 -44.39 60.00
C ILE CA 369 34.09 -44.66 58.82
N ARG CA 370 33.90 -45.94 58.45
CA ARG CA 370 33.44 -46.32 57.11
C ARG CA 370 32.36 -45.41 56.50
N TRP CA 371 31.20 -45.34 57.16
CA TRP CA 371 30.06 -44.66 56.56
C TRP CA 371 30.33 -43.16 56.39
N MET CA 372 30.89 -42.55 57.43
CA MET CA 372 31.08 -41.11 57.39
C MET CA 372 32.31 -40.77 56.55
N ARG CA 373 33.20 -41.74 56.33
CA ARG CA 373 34.21 -41.62 55.30
C ARG CA 373 33.58 -41.53 53.92
N ASP CA 374 32.57 -42.36 53.67
CA ASP CA 374 31.86 -42.29 52.40
C ASP CA 374 31.22 -40.91 52.23
N ILE CA 375 30.51 -40.45 53.27
CA ILE CA 375 29.92 -39.12 53.19
C ILE CA 375 31.00 -38.05 53.04
N GLN CA 376 32.18 -38.28 53.60
CA GLN CA 376 33.27 -37.33 53.48
C GLN CA 376 33.80 -37.22 52.06
N ASP CA 377 33.98 -38.36 51.39
CA ASP CA 377 34.50 -38.26 50.03
C ASP CA 377 33.44 -37.65 49.11
N ASP CA 378 32.16 -37.89 49.43
CA ASP CA 378 31.10 -37.15 48.75
C ASP CA 378 31.24 -35.65 48.97
N ILE CA 379 31.53 -35.25 50.21
CA ILE CA 379 31.69 -33.83 50.52
C ILE CA 379 32.83 -33.24 49.70
N ASN CA 380 33.95 -33.97 49.61
CA ASN CA 380 35.08 -33.49 48.83
C ASN CA 380 34.70 -33.31 47.37
N LYS CA 381 33.97 -34.28 46.81
CA LYS CA 381 33.52 -34.15 45.42
C LYS CA 381 32.64 -32.92 45.24
N ARG CA 382 31.69 -32.71 46.15
CA ARG CA 382 30.78 -31.57 46.02
C ARG CA 382 31.53 -30.25 46.11
N ALA CA 383 32.46 -30.13 47.06
CA ALA CA 383 33.21 -28.89 47.21
C ALA CA 383 34.07 -28.62 45.97
N SER CA 384 34.75 -29.65 45.46
CA SER CA 384 35.56 -29.47 44.26
C SER CA 384 34.70 -29.07 43.08
N LYS CA 385 33.55 -29.70 42.91
CA LYS CA 385 32.66 -29.35 41.81
C LYS CA 385 32.17 -27.92 41.93
N ALA CA 386 31.78 -27.49 43.13
CA ALA CA 386 31.30 -26.12 43.32
C ALA CA 386 32.39 -25.11 43.00
N LEU CA 387 33.61 -25.35 43.49
CA LEU CA 387 34.70 -24.44 43.19
C LEU CA 387 35.01 -24.39 41.71
N TYR CA 388 34.97 -25.55 41.03
CA TYR CA 388 35.23 -25.58 39.61
C TYR CA 388 34.17 -24.83 38.82
N ILE CA 389 32.90 -24.99 39.20
CA ILE CA 389 31.84 -24.26 38.53
C ILE CA 389 32.00 -22.77 38.72
N LEU CA 390 32.32 -22.34 39.94
CA LEU CA 390 32.49 -20.92 40.20
C LEU CA 390 33.66 -20.35 39.39
N SER CA 391 34.77 -21.07 39.34
CA SER CA 391 35.99 -20.50 38.78
C SER CA 391 35.89 -20.33 37.27
N SER CA 392 35.42 -21.34 36.55
CA SER CA 392 35.45 -21.36 35.10
C SER CA 392 34.05 -21.12 34.53
N ASN CA 393 33.99 -20.44 33.40
CA ASN CA 393 32.72 -20.18 32.75
C ASN CA 393 32.37 -21.30 31.78
N LYS CA 394 31.08 -21.55 31.62
CA LYS CA 394 30.57 -22.40 30.53
C LYS CA 394 29.91 -21.49 29.51
N VAL CA 395 30.12 -21.79 28.23
CA VAL CA 395 29.68 -20.93 27.15
C VAL CA 395 28.77 -21.71 26.23
N VAL CA 396 27.56 -21.22 26.03
CA VAL CA 396 26.68 -21.65 24.93
C VAL CA 396 26.51 -20.44 24.02
N MET CA 397 26.70 -20.65 22.73
CA MET CA 397 26.81 -19.55 21.78
C MET CA 397 26.37 -20.00 20.40
N ASP CA 398 26.02 -19.02 19.57
CA ASP CA 398 25.84 -19.30 18.16
C ASP CA 398 27.17 -19.74 17.55
N GLU CA 399 27.09 -20.33 16.35
CA GLU CA 399 28.29 -20.86 15.72
C GLU CA 399 29.32 -19.76 15.49
N GLY CA 400 28.90 -18.62 14.96
CA GLY CA 400 29.83 -17.57 14.59
C GLY CA 400 29.90 -16.43 15.58
N ALA CA 401 29.75 -16.74 16.86
CA ALA CA 401 29.80 -15.69 17.87
C ALA CA 401 31.17 -15.04 17.95
N VAL CA 402 32.24 -15.84 17.86
CA VAL CA 402 33.60 -15.36 18.04
C VAL CA 402 34.42 -15.73 16.82
N GLU CA 403 35.28 -14.81 16.38
CA GLU CA 403 36.11 -15.06 15.21
C GLU CA 403 37.19 -16.09 15.49
N ASP CA 404 37.92 -15.92 16.59
CA ASP CA 404 38.98 -16.84 16.98
C ASP CA 404 38.51 -17.57 18.24
N ILE CA 405 38.28 -18.88 18.11
CA ILE CA 405 37.71 -19.63 19.22
C ILE CA 405 38.79 -20.00 20.23
N GLU CA 406 40.07 -19.93 19.83
CA GLU CA 406 41.13 -20.28 20.76
C GLU CA 406 41.37 -19.17 21.77
N GLU CA 407 41.45 -17.92 21.32
CA GLU CA 407 41.57 -16.82 22.26
C GLU CA 407 40.34 -16.73 23.15
N PHE CA 408 39.16 -16.95 22.58
CA PHE CA 408 37.96 -17.03 23.41
C PHE CA 408 38.10 -18.12 24.47
N ARG CA 409 38.48 -19.33 24.05
CA ARG CA 409 38.57 -20.45 24.97
C ARG CA 409 39.53 -20.14 26.11
N GLU CA 410 40.65 -19.49 25.81
CA GLU CA 410 41.62 -19.22 26.87
C GLU CA 410 41.17 -18.08 27.77
N GLU CA 411 40.60 -17.02 27.19
CA GLU CA 411 40.41 -15.77 27.94
C GLU CA 411 39.03 -15.63 28.57
N VAL CA 412 38.11 -16.58 28.40
CA VAL CA 412 36.79 -16.41 29.01
C VAL CA 412 36.90 -16.33 30.53
N ALA CA 413 37.71 -17.20 31.13
CA ALA CA 413 37.80 -17.23 32.59
C ALA CA 413 38.55 -16.01 33.13
N ARG CA 414 39.31 -15.33 32.28
CA ARG CA 414 40.13 -14.22 32.75
C ARG CA 414 39.24 -13.05 33.17
N PRO CA 415 39.37 -12.55 34.39
CA PRO CA 415 38.56 -11.40 34.81
C PRO CA 415 38.91 -10.12 34.09
N ASP CA 416 40.05 -10.05 33.42
CA ASP CA 416 40.50 -8.84 32.75
C ASP CA 416 40.44 -8.93 31.23
N ALA CA 417 39.99 -10.05 30.68
CA ALA CA 417 40.10 -10.27 29.25
C ALA CA 417 39.13 -9.38 28.47
N VAL CA 418 39.56 -8.97 27.29
CA VAL CA 418 38.73 -8.23 26.35
C VAL CA 418 38.25 -9.21 25.29
N LEU CA 419 36.95 -9.47 25.28
CA LEU CA 419 36.34 -10.43 24.37
C LEU CA 419 35.56 -9.68 23.29
N VAL CA 420 35.73 -10.11 22.05
CA VAL CA 420 35.05 -9.50 20.91
C VAL CA 420 34.14 -10.54 20.28
N LYS CA 421 32.93 -10.12 19.91
CA LYS CA 421 31.95 -11.00 19.31
C LYS CA 421 31.30 -10.32 18.11
N LYS CA 422 30.80 -11.15 17.19
CA LYS CA 422 30.13 -10.61 16.02
C LYS CA 422 28.74 -10.08 16.39
N PRO CA 423 28.23 -9.11 15.63
CA PRO CA 423 26.98 -8.43 16.05
C PRO CA 423 25.78 -9.34 16.22
N GLY CA 424 25.40 -10.07 15.17
CA GLY CA 424 24.16 -10.82 15.17
C GLY CA 424 24.18 -12.17 15.84
N LYS CA 425 25.25 -12.52 16.54
CA LYS CA 425 25.40 -13.84 17.15
C LYS CA 425 25.50 -13.64 18.66
N GLN CA 426 24.54 -14.20 19.41
CA GLN CA 426 24.48 -13.95 20.84
C GLN CA 426 25.54 -14.77 21.58
N ILE CA 427 25.99 -14.24 22.71
CA ILE CA 427 26.89 -14.93 23.62
C ILE CA 427 26.19 -15.10 24.96
N GLU CA 428 26.17 -16.32 25.47
CA GLU CA 428 25.61 -16.62 26.78
C GLU CA 428 26.69 -17.27 27.64
N LEU CA 429 27.48 -16.46 28.32
CA LEU CA 429 28.40 -16.91 29.34
C LEU CA 429 27.62 -17.23 30.61
N ASN CA 430 28.23 -17.99 31.51
CA ASN CA 430 27.61 -18.37 32.77
C ASN CA 430 26.31 -19.14 32.54
N VAL CA 431 26.41 -20.21 31.76
CA VAL CA 431 25.22 -20.99 31.42
C VAL CA 431 24.62 -21.62 32.67
N ASP CA 432 25.46 -22.22 33.50
CA ASP CA 432 25.02 -22.84 34.75
C ASP CA 432 25.90 -22.36 35.89
N ARG CA 433 25.30 -21.61 36.82
CA ARG CA 433 26.04 -21.13 37.97
C ARG CA 433 25.28 -21.27 39.29
N GLU CA 434 23.96 -21.37 39.27
CA GLU CA 434 23.24 -21.73 40.48
C GLU CA 434 23.61 -23.13 40.95
N LEU CA 435 24.21 -23.95 40.08
CA LEU CA 435 24.68 -25.25 40.48
C LEU CA 435 25.78 -25.16 41.53
N ALA CA 436 26.57 -24.09 41.53
CA ALA CA 436 27.56 -23.92 42.58
C ALA CA 436 26.90 -23.78 43.94
N ALA CA 437 25.86 -22.96 44.03
CA ALA CA 437 25.11 -22.83 45.28
C ALA CA 437 24.45 -24.14 45.64
N ALA CA 438 23.92 -24.86 44.63
CA ALA CA 438 23.30 -26.15 44.91
C ALA CA 438 24.31 -27.13 45.50
N HIS CA 439 25.53 -27.17 44.95
CA HIS CA 439 26.53 -28.11 45.44
C HIS CA 439 27.02 -27.71 46.83
N MET CA 440 27.14 -26.41 47.09
CA MET CA 440 27.49 -25.99 48.44
C MET CA 440 26.39 -26.36 49.43
N ASP CA 441 25.13 -26.27 49.01
CA ASP CA 441 24.03 -26.72 49.86
C ASP CA 441 24.10 -28.21 50.10
N MET CA 442 24.47 -28.98 49.07
CA MET CA 442 24.68 -30.42 49.25
C MET CA 442 25.77 -30.68 50.28
N MET CA 443 26.86 -29.93 50.21
CA MET CA 443 27.95 -30.12 51.17
C MET CA 443 27.50 -29.78 52.59
N SER CA 444 26.74 -28.70 52.74
CA SER CA 444 26.23 -28.34 54.06
C SER CA 444 25.28 -29.42 54.60
N ARG CA 445 24.41 -29.95 53.74
CA ARG CA 445 23.50 -31.00 54.18
C ARG CA 445 24.26 -32.27 54.54
N ASP CA 446 25.32 -32.57 53.79
CA ASP CA 446 26.14 -33.74 54.12
C ASP CA 446 26.85 -33.57 55.47
N ILE CA 447 27.32 -32.34 55.74
CA ILE CA 447 27.89 -32.06 57.05
C ILE CA 447 26.84 -32.27 58.14
N GLN CA 448 25.62 -31.80 57.90
CA GLN CA 448 24.54 -32.02 58.86
C GLN CA 448 24.29 -33.50 59.09
N MET CA 449 24.30 -34.29 58.02
CA MET CA 449 24.13 -35.73 58.16
C MET CA 449 25.27 -36.34 58.98
N LEU CA 450 26.50 -35.88 58.75
CA LEU CA 450 27.62 -36.36 59.55
C LEU CA 450 27.42 -36.05 61.03
N GLN CA 451 26.87 -34.87 61.34
CA GLN CA 451 26.58 -34.55 62.73
C GLN CA 451 25.54 -35.51 63.31
N GLN CA 452 24.52 -35.85 62.51
CA GLN CA 452 23.48 -36.76 62.99
C GLN CA 452 24.01 -38.17 63.20
N VAL CA 453 24.81 -38.68 62.25
CA VAL CA 453 25.34 -40.02 62.35
C VAL CA 453 26.47 -40.08 63.37
N THR CA 481 27.94 -39.98 72.93
CA THR CA 481 28.17 -40.70 74.17
C THR CA 481 27.53 -42.08 74.11
N VAL CA 482 26.19 -42.10 74.14
CA VAL CA 482 25.47 -43.37 74.07
C VAL CA 482 25.66 -44.03 72.71
N ALA CA 483 25.74 -43.22 71.64
CA ALA CA 483 25.93 -43.77 70.31
C ALA CA 483 27.26 -44.49 70.18
N THR CA 484 28.26 -44.09 70.99
CA THR CA 484 29.58 -44.69 70.95
C THR CA 484 29.83 -45.64 72.11
N ASN CA 485 28.78 -46.05 72.84
CA ASN CA 485 28.97 -46.88 74.03
C ASN CA 485 29.48 -48.27 73.68
N LYS CA 486 29.25 -48.74 72.45
CA LYS CA 486 29.75 -50.06 72.07
C LYS CA 486 31.27 -50.09 72.15
N LEU CA 487 31.94 -49.07 71.63
CA LEU CA 487 33.40 -49.04 71.67
C LEU CA 487 33.91 -48.97 73.10
N PHE CA 488 33.26 -48.17 73.95
CA PHE CA 488 33.71 -48.05 75.33
C PHE CA 488 33.52 -49.37 76.10
N ASP CA 489 32.41 -50.07 75.85
CA ASP CA 489 32.22 -51.35 76.51
C ASP CA 489 33.19 -52.41 75.99
N ASN CA 490 33.51 -52.37 74.70
CA ASN CA 490 34.55 -53.25 74.18
C ASN CA 490 35.89 -52.96 74.85
N LEU CA 491 36.19 -51.67 75.04
CA LEU CA 491 37.41 -51.28 75.75
C LEU CA 491 37.39 -51.80 77.18
N ARG CA 492 36.24 -51.72 77.85
CA ARG CA 492 36.14 -52.22 79.22
C ARG CA 492 36.38 -53.71 79.27
N PHE CA 493 35.81 -54.46 78.32
CA PHE CA 493 36.02 -55.90 78.27
C PHE CA 493 37.49 -56.23 78.04
N ALA CA 494 38.13 -55.52 77.11
CA ALA CA 494 39.55 -55.75 76.85
C ALA CA 494 40.41 -55.38 78.06
N VAL CA 495 40.00 -54.33 78.78
CA VAL CA 495 40.72 -53.95 80.00
C VAL CA 495 40.62 -55.06 81.04
N GLN CA 496 39.44 -55.64 81.20
CA GLN CA 496 39.29 -56.76 82.13
C GLN CA 496 40.16 -57.94 81.71
N MET CA 497 40.18 -58.25 80.41
CA MET CA 497 41.05 -59.31 79.92
C MET CA 497 42.51 -59.03 80.24
N GLN CA 498 42.98 -57.82 79.95
CA GLN CA 498 44.38 -57.49 80.18
C GLN CA 498 44.72 -57.53 81.67
N GLY CA 499 43.83 -57.02 82.51
CA GLY CA 499 44.05 -57.10 83.95
C GLY CA 499 44.13 -58.54 84.43
N GLU CA 500 43.26 -59.40 83.90
CA GLU CA 500 43.31 -60.82 84.27
C GLU CA 500 44.64 -61.45 83.88
N ILE CA 501 45.07 -61.20 82.64
CA ILE CA 501 46.34 -61.79 82.17
C ILE CA 501 47.50 -61.26 83.00
N GLN CA 502 47.51 -59.95 83.28
CA GLN CA 502 48.59 -59.37 84.05
C GLN CA 502 48.61 -59.92 85.47
N LEU CA 503 47.43 -60.11 86.07
CA LEU CA 503 47.38 -60.66 87.43
C LEU CA 503 47.89 -62.10 87.44
N SER CA 504 47.53 -62.89 86.43
CA SER CA 504 48.05 -64.25 86.34
C SER CA 504 49.56 -64.25 86.17
N LEU CA 505 50.08 -63.34 85.34
CA LEU CA 505 51.52 -63.25 85.14
C LEU CA 505 52.23 -62.84 86.42
N ILE CA 506 51.63 -61.93 87.20
CA ILE CA 506 52.20 -61.58 88.49
C ILE CA 506 52.24 -62.80 89.39
N GLU CA 507 51.12 -63.50 89.52
CA GLU CA 507 51.05 -64.66 90.40
C GLU CA 507 52.07 -65.72 89.99
N GLN CA 508 52.38 -65.79 88.69
CA GLN CA 508 53.31 -66.82 88.22
C GLN CA 508 54.77 -66.40 88.38
N PHE CA 509 55.09 -65.13 88.10
CA PHE CA 509 56.47 -64.74 87.81
C PHE CA 509 57.06 -63.72 88.77
N VAL CA 510 56.45 -63.45 89.92
CA VAL CA 510 57.04 -62.56 90.90
C VAL CA 510 57.35 -63.36 92.17
N THR CA 511 58.50 -63.06 92.77
CA THR CA 511 58.85 -63.67 94.05
C THR CA 511 58.27 -62.86 95.21
N GLU CA 512 58.11 -63.53 96.34
CA GLU CA 512 57.60 -62.84 97.53
C GLU CA 512 58.56 -61.76 97.98
N GLU CA 513 59.86 -61.97 97.78
CA GLU CA 513 60.84 -60.93 98.09
C GLU CA 513 60.62 -59.69 97.24
N LYS CA 514 60.32 -59.88 95.95
CA LYS CA 514 60.05 -58.74 95.08
C LYS CA 514 58.78 -58.02 95.51
N THR CA 515 57.76 -58.77 95.91
CA THR CA 515 56.53 -58.13 96.38
C THR CA 515 56.77 -57.33 97.65
N PHE CA 516 57.57 -57.86 98.58
CA PHE CA 516 57.88 -57.12 99.79
C PHE CA 516 58.76 -55.92 99.51
N ARG CA 517 59.57 -55.99 98.44
CA ARG CA 517 60.39 -54.84 98.07
C ARG CA 517 59.53 -53.74 97.45
N ILE CA 518 58.63 -54.11 96.54
CA ILE CA 518 57.77 -53.13 95.90
C ILE CA 518 56.74 -52.59 96.90
N THR CA 519 56.12 -53.48 97.67
CA THR CA 519 55.04 -53.12 98.56
C THR CA 519 55.41 -53.50 99.99
N ASN CA 520 54.93 -52.71 100.95
CA ASN CA 520 55.25 -52.94 102.35
C ASN CA 520 54.78 -54.31 102.81
N GLU CA 521 53.79 -54.89 102.12
CA GLU CA 521 53.33 -56.23 102.42
C GLU CA 521 54.42 -57.27 102.19
N LEU CA 534 37.82 -76.37 94.25
CA LEU CA 534 38.46 -75.24 93.58
C LEU CA 534 38.85 -75.62 92.15
N PRO CA 535 38.46 -74.78 91.19
CA PRO CA 535 38.72 -75.09 89.79
C PRO CA 535 40.21 -75.09 89.48
N GLU CA 536 40.59 -75.87 88.46
CA GLU CA 536 42.00 -76.06 88.16
C GLU CA 536 42.60 -74.85 87.44
N ASN CA 537 41.77 -74.12 86.68
CA ASN CA 537 42.28 -73.00 85.89
C ASN CA 537 42.84 -71.92 86.80
N ASP CA 538 43.97 -71.33 86.37
CA ASP CA 538 44.54 -70.21 87.10
C ASP CA 538 43.66 -68.97 86.97
N ILE CA 539 43.03 -68.80 85.80
CA ILE CA 539 42.17 -67.64 85.58
C ILE CA 539 40.98 -67.66 86.52
N VAL CA 540 40.26 -68.79 86.58
CA VAL CA 540 39.07 -68.86 87.42
C VAL CA 540 39.45 -68.86 88.90
N ARG CA 541 40.61 -69.44 89.23
CA ARG CA 541 41.08 -69.43 90.61
C ARG CA 541 41.25 -68.00 91.11
N THR CA 542 41.85 -67.13 90.29
CA THR CA 542 42.01 -65.74 90.68
C THR CA 542 40.67 -65.03 90.78
N LYS CA 543 39.74 -65.34 89.87
CA LYS CA 543 38.42 -64.73 89.92
C LYS CA 543 37.69 -65.09 91.21
N ALA CA 544 37.87 -66.33 91.68
CA ALA CA 544 37.22 -66.81 92.88
C ALA CA 544 37.61 -65.96 94.09
N ASP CA 545 38.87 -65.54 94.15
CA ASP CA 545 39.34 -64.82 95.34
C ASP CA 545 39.25 -63.32 95.15
N PHE CA 546 39.69 -62.81 94.01
CA PHE CA 546 39.82 -61.37 93.79
C PHE CA 546 39.13 -60.99 92.48
N ILE CA 547 38.48 -59.82 92.48
CA ILE CA 547 37.85 -59.28 91.28
C ILE CA 547 38.65 -58.06 90.84
N ILE CA 548 38.54 -57.72 89.55
CA ILE CA 548 39.24 -56.56 89.03
C ILE CA 548 38.27 -55.40 88.87
N GLY CA 549 38.59 -54.28 89.53
CA GLY CA 549 37.78 -53.09 89.43
C GLY CA 549 38.58 -51.95 88.84
N GLU CA 550 37.88 -51.07 88.13
CA GLU CA 550 38.49 -49.95 87.45
C GLU CA 550 38.21 -48.67 88.24
N SER CA 551 39.26 -47.88 88.43
CA SER CA 551 39.17 -46.59 89.10
C SER CA 551 40.06 -45.60 88.37
N ASP CA 552 39.80 -44.32 88.62
CA ASP CA 552 40.55 -43.26 87.93
C ASP CA 552 42.04 -43.40 88.21
N TRP CA 553 42.83 -42.74 87.37
CA TRP CA 553 44.29 -42.91 87.42
C TRP CA 553 44.84 -42.52 88.78
N ARG CA 554 44.68 -41.25 89.16
CA ARG CA 554 45.00 -40.76 90.51
C ARG CA 554 46.47 -41.00 90.87
N ALA CA 555 47.33 -41.14 89.86
CA ALA CA 555 48.78 -41.33 90.04
C ALA CA 555 49.00 -42.52 90.98
N THR CA 556 49.75 -42.36 92.06
CA THR CA 556 50.10 -43.48 92.92
C THR CA 556 48.87 -44.04 93.64
N TYR CA 557 49.01 -45.27 94.13
CA TYR CA 557 47.89 -45.95 94.78
C TYR CA 557 47.43 -45.21 96.03
N ARG CA 558 48.36 -44.74 96.86
CA ARG CA 558 47.97 -44.17 98.14
C ARG CA 558 47.28 -42.82 97.98
N GLN CA 559 47.42 -42.19 96.81
CA GLN CA 559 46.58 -41.03 96.53
C GLN CA 559 45.11 -41.45 96.42
N ALA CA 560 44.84 -42.56 95.73
CA ALA CA 560 43.48 -43.09 95.67
C ALA CA 560 43.01 -43.52 97.05
N ALA CA 561 43.91 -44.11 97.84
CA ALA CA 561 43.57 -44.48 99.21
C ALA CA 561 43.19 -43.25 100.02
N SER CA 562 43.94 -42.16 99.89
CA SER CA 562 43.65 -40.93 100.60
C SER CA 562 42.33 -40.33 100.14
N GLU CA 563 42.03 -40.42 98.84
CA GLU CA 563 40.74 -39.92 98.36
C GLU CA 563 39.59 -40.72 98.95
N GLN CA 564 39.72 -42.04 98.99
CA GLN CA 564 38.68 -42.87 99.61
C GLN CA 564 38.54 -42.54 101.09
N LEU CA 565 39.65 -42.35 101.79
CA LEU CA 565 39.60 -41.98 103.19
C LEU CA 565 38.93 -40.62 103.38
N SER CA 566 39.22 -39.67 102.51
CA SER CA 566 38.61 -38.35 102.61
C SER CA 566 37.09 -38.43 102.42
N GLN CA 567 36.65 -39.18 101.42
CA GLN CA 567 35.21 -39.35 101.23
C GLN CA 567 34.58 -40.05 102.42
N MET CA 568 35.25 -41.06 102.97
CA MET CA 568 34.76 -41.74 104.15
C MET CA 568 34.62 -40.78 105.33
N ILE CA 569 35.62 -39.92 105.54
CA ILE CA 569 35.55 -38.94 106.62
C ILE CA 569 34.39 -37.99 106.41
N MET CA 570 34.22 -37.50 105.18
CA MET CA 570 33.12 -36.59 104.89
C MET CA 570 31.77 -37.26 105.14
N LYS CA 571 31.70 -38.57 104.95
CA LYS CA 571 30.48 -39.30 105.30
C LYS CA 571 30.34 -39.49 106.80
N MET CA 572 31.45 -39.61 107.52
CA MET CA 572 31.39 -39.86 108.96
C MET CA 572 30.88 -38.62 109.70
N PRO CA 573 30.31 -38.81 110.88
CA PRO CA 573 29.87 -37.66 111.67
C PRO CA 573 31.06 -36.90 112.22
N PRO CA 574 30.85 -35.68 112.73
CA PRO CA 574 31.99 -34.93 113.28
C PRO CA 574 32.73 -35.66 114.37
N GLN CA 575 32.02 -36.38 115.25
CA GLN CA 575 32.68 -37.27 116.19
C GLN CA 575 33.02 -38.58 115.49
N VAL CA 576 34.21 -39.11 115.79
CA VAL CA 576 34.91 -40.32 115.32
C VAL CA 576 35.72 -39.91 114.10
N GLY CA 577 35.45 -38.71 113.57
CA GLY CA 577 36.13 -38.29 112.36
C GLY CA 577 37.60 -38.01 112.53
N LEU CA 578 38.05 -37.68 113.74
CA LEU CA 578 39.41 -37.19 113.93
C LEU CA 578 40.45 -38.30 113.69
N VAL CA 579 40.16 -39.52 114.13
CA VAL CA 579 41.11 -40.61 113.93
C VAL CA 579 41.18 -41.01 112.46
N MET CA 580 40.05 -40.99 111.75
CA MET CA 580 40.09 -41.15 110.31
C MET CA 580 40.86 -40.01 109.64
N LEU CA 581 40.79 -38.81 110.20
CA LEU CA 581 41.63 -37.72 109.71
C LEU CA 581 43.11 -38.04 109.91
N ASP CA 582 43.45 -38.63 111.04
CA ASP CA 582 44.82 -39.07 111.28
C ASP CA 582 45.27 -40.05 110.21
N LEU CA 583 44.43 -41.03 109.91
CA LEU CA 583 44.81 -42.04 108.90
C LEU CA 583 44.87 -41.44 107.51
N TRP CA 584 43.99 -40.48 107.20
CA TRP CA 584 44.05 -39.80 105.92
C TRP CA 584 45.35 -39.00 105.79
N ALA CA 585 45.76 -38.32 106.87
CA ALA CA 585 47.02 -37.61 106.86
C ALA CA 585 48.19 -38.57 106.68
N ASP CA 586 48.09 -39.75 107.28
CA ASP CA 586 49.10 -40.78 107.06
C ASP CA 586 49.16 -41.20 105.61
N SER CA 587 47.99 -41.35 104.97
CA SER CA 587 47.96 -41.82 103.59
C SER CA 587 48.38 -40.72 102.61
N THR CA 588 47.94 -39.48 102.85
CA THR CA 588 48.15 -38.42 101.87
C THR CA 588 49.62 -38.05 101.78
N ASP CA 589 49.99 -37.43 100.65
CA ASP CA 589 51.37 -37.04 100.40
C ASP CA 589 51.55 -35.57 100.80
N LEU CA 590 51.62 -35.36 102.11
CA LEU CA 590 51.90 -34.03 102.62
C LEU CA 590 53.39 -33.72 102.49
N PRO CA 591 53.74 -32.44 102.37
CA PRO CA 591 55.17 -32.09 102.31
C PRO CA 591 55.95 -32.56 103.53
N ASN CA 592 55.34 -32.47 104.71
CA ASN CA 592 55.88 -33.05 105.93
C ASN CA 592 54.81 -33.95 106.52
N ARG CA 593 55.15 -35.22 106.76
CA ARG CA 593 54.14 -36.20 107.15
C ARG CA 593 54.32 -36.73 108.55
N ASP CA 594 55.56 -37.08 108.95
CA ASP CA 594 55.76 -37.70 110.26
C ASP CA 594 55.35 -36.76 111.39
N GLU CA 595 55.73 -35.49 111.29
CA GLU CA 595 55.37 -34.52 112.35
C GLU CA 595 53.86 -34.35 112.44
N ILE CA 596 53.20 -34.13 111.30
CA ILE CA 596 51.75 -33.93 111.31
C ILE CA 596 51.04 -35.19 111.76
N VAL CA 597 51.49 -36.35 111.29
CA VAL CA 597 50.84 -37.60 111.68
C VAL CA 597 50.98 -37.82 113.18
N LYS CA 598 52.18 -37.61 113.73
CA LYS CA 598 52.36 -37.83 115.16
C LYS CA 598 51.57 -36.82 115.99
N ARG CA 599 51.39 -35.60 115.47
CA ARG CA 599 50.57 -34.63 116.19
C ARG CA 599 49.10 -35.01 116.18
N ILE CA 600 48.61 -35.53 115.06
CA ILE CA 600 47.21 -35.97 115.04
C ILE CA 600 47.05 -37.21 115.93
N ARG CA 601 48.10 -38.03 116.03
CA ARG CA 601 48.08 -39.12 117.02
C ARG CA 601 48.00 -38.55 118.43
N GLN CA 602 48.74 -37.47 118.70
CA GLN CA 602 48.70 -36.84 120.01
C GLN CA 602 47.30 -36.33 120.33
N ILE CA 603 46.67 -35.65 119.38
CA ILE CA 603 45.34 -35.09 119.63
C ILE CA 603 44.30 -36.19 119.69
N ASN CA 604 44.58 -37.32 119.04
CA ASN CA 604 43.64 -38.45 119.07
C ASN CA 604 43.97 -39.41 120.20
N GLY CA 605 45.26 -39.70 120.41
CA GLY CA 605 45.67 -40.57 121.48
C GLY CA 605 45.84 -42.03 121.10
N MET CA 606 45.75 -42.38 119.81
CA MET CA 606 45.84 -43.77 119.43
C MET CA 606 47.13 -44.07 118.68
N ARG CA 607 47.24 -45.31 118.21
CA ARG CA 607 48.50 -45.85 117.70
C ARG CA 607 48.25 -46.59 116.39
N ASP CA 608 49.28 -46.60 115.53
CA ASP CA 608 49.25 -47.33 114.26
C ASP CA 608 48.05 -46.96 113.41
N PRO CA 614 57.69 -43.99 119.40
CA PRO CA 614 56.30 -44.22 119.77
C PRO CA 614 56.20 -44.85 121.15
N THR CA 615 57.28 -45.51 121.57
CA THR CA 615 57.29 -46.15 122.88
C THR CA 615 57.18 -45.12 124.00
N PRO CA 616 57.88 -43.98 123.86
CA PRO CA 616 57.82 -42.95 124.89
C PRO CA 616 56.41 -42.38 125.02
N GLU CA 617 55.75 -42.11 123.89
CA GLU CA 617 54.38 -41.62 123.94
C GLU CA 617 53.45 -42.66 124.55
N GLU CA 618 53.63 -43.93 124.19
CA GLU CA 618 52.82 -45.00 124.78
C GLU CA 618 53.05 -45.09 126.29
N LEU CA 619 54.31 -45.00 126.71
CA LEU CA 619 54.61 -45.06 128.14
C LEU CA 619 53.97 -43.89 128.88
N GLN CA 620 54.07 -42.68 128.32
CA GLN CA 620 53.47 -41.51 128.98
C GLN CA 620 51.96 -41.65 129.07
N GLN CA 621 51.31 -42.08 127.98
CA GLN CA 621 49.86 -42.24 128.00
C GLN CA 621 49.44 -43.31 128.99
N GLN CA 622 50.16 -44.43 129.03
CA GLN CA 622 49.82 -45.49 129.98
C GLN CA 622 49.99 -45.02 131.42
N GLN CA 623 51.08 -44.29 131.69
CA GLN CA 623 51.29 -43.76 133.04
C GLN CA 623 50.18 -42.80 133.44
N ALA CA 624 49.80 -41.91 132.52
CA ALA CA 624 48.73 -40.95 132.82
C ALA CA 624 47.41 -41.67 133.09
N ALA CA 625 47.07 -42.66 132.26
CA ALA CA 625 45.83 -43.40 132.45
C ALA CA 625 45.83 -44.16 133.76
N ALA CA 626 46.95 -44.81 134.08
CA ALA CA 626 47.04 -45.55 135.33
C ALA CA 626 46.93 -44.63 136.54
N GLU CA 627 47.59 -43.47 136.48
CA GLU CA 627 47.50 -42.53 137.59
C GLU CA 627 46.08 -42.00 137.76
N GLN CA 628 45.41 -41.67 136.65
CA GLN CA 628 44.04 -41.19 136.74
C GLN CA 628 43.12 -42.26 137.31
N ALA CA 629 43.27 -43.50 136.86
CA ALA CA 629 42.44 -44.59 137.37
C ALA CA 629 42.68 -44.81 138.86
N GLN CA 630 43.95 -44.78 139.28
CA GLN CA 630 44.26 -44.96 140.69
C GLN CA 630 43.68 -43.83 141.53
N ALA CA 631 43.79 -42.59 141.06
CA ALA CA 631 43.24 -41.46 141.80
C ALA CA 631 41.73 -41.56 141.91
N GLN CA 632 41.05 -41.92 140.80
CA GLN CA 632 39.59 -42.05 140.84
C GLN CA 632 39.17 -43.17 141.80
N LYS CA 633 39.85 -44.31 141.75
CA LYS CA 633 39.51 -45.41 142.64
C LYS CA 633 39.74 -45.03 144.09
N ALA CA 634 40.85 -44.34 144.39
CA ALA CA 634 41.12 -43.93 145.76
C ALA CA 634 40.07 -42.94 146.24
N MET CA 635 39.68 -41.99 145.40
CA MET CA 635 38.66 -41.01 145.79
C MET CA 635 37.32 -41.69 146.04
N PHE CA 636 36.94 -42.62 145.17
CA PHE CA 636 35.68 -43.34 145.37
C PHE CA 636 35.71 -44.16 146.66
N MET CA 637 36.82 -44.83 146.92
CA MET CA 637 36.95 -45.62 148.15
C MET CA 637 36.88 -44.71 149.37
N ALA CA 638 37.53 -43.55 149.32
CA ALA CA 638 37.48 -42.61 150.45
C ALA CA 638 36.07 -42.11 150.68
N GLU CA 639 35.34 -41.79 149.60
CA GLU CA 639 33.97 -41.31 149.74
C GLU CA 639 33.08 -42.39 150.33
N LEU CA 640 33.22 -43.64 149.85
CA LEU CA 640 32.42 -44.73 150.39
C LEU CA 640 32.74 -44.97 151.86
N SER CA 641 34.02 -44.92 152.23
CA SER CA 641 34.41 -45.09 153.62
C SER CA 641 33.83 -43.98 154.48
N GLU CA 642 33.85 -42.74 153.98
CA GLU CA 642 33.28 -41.63 154.73
C GLU CA 642 31.78 -41.81 154.94
N LYS CA 643 31.07 -42.25 153.89
CA LYS CA 643 29.62 -42.47 154.01
C LYS CA 643 29.33 -43.58 155.02
N GLN CA 644 30.07 -44.69 154.94
CA GLN CA 644 29.85 -45.79 155.88
C GLN CA 644 30.17 -45.37 157.31
N GLY CA 645 31.23 -44.58 157.49
CA GLY CA 645 31.58 -44.10 158.82
C GLY CA 645 30.53 -43.14 159.36
N LYS CA 646 29.96 -42.29 158.50
CA LYS CA 646 28.88 -41.42 158.93
C LYS CA 646 27.66 -42.22 159.36
N ALA CA 647 27.33 -43.28 158.60
CA ALA CA 647 26.22 -44.14 158.99
C ALA CA 647 26.48 -44.81 160.33
N ASP CA 648 27.70 -45.32 160.53
CA ASP CA 648 28.04 -45.93 161.80
C ASP CA 648 27.95 -44.93 162.94
N LYS CA 649 28.42 -43.70 162.71
CA LYS CA 649 28.34 -42.66 163.73
C LYS CA 649 26.90 -42.35 164.08
N ALA CA 650 26.02 -42.26 163.07
CA ALA CA 650 24.62 -41.99 163.34
C ALA CA 650 23.97 -43.13 164.14
N GLN CA 651 24.29 -44.38 163.78
CA GLN CA 651 23.73 -45.52 164.50
C GLN CA 651 24.21 -45.54 165.95
N ALA CA 652 25.50 -45.27 166.16
CA ALA CA 652 26.03 -45.27 167.52
C ALA CA 652 25.49 -44.08 168.32
N ASP CA 653 25.23 -42.96 167.65
CA ASP CA 653 24.58 -41.84 168.32
C ASP CA 653 23.17 -42.21 168.74
N ALA CA 654 22.47 -42.98 167.91
CA ALA CA 654 21.16 -43.50 168.31
C ALA CA 654 21.28 -44.39 169.53
N VAL CA 655 22.27 -45.28 169.55
CA VAL CA 655 22.46 -46.14 170.72
C VAL CA 655 22.76 -45.32 171.97
N ALA CA 656 23.60 -44.29 171.83
CA ALA CA 656 23.94 -43.43 172.96
C ALA CA 656 22.70 -42.68 173.46
N ALA CA 657 21.88 -42.18 172.53
CA ALA CA 657 20.65 -41.50 172.92
C ALA CA 657 19.70 -42.43 173.66
N GLN CA 658 19.57 -43.68 173.19
CA GLN CA 658 18.71 -44.64 173.87
C GLN CA 658 19.23 -44.95 175.27
N ALA CA 659 20.55 -45.14 175.41
CA ALA CA 659 21.11 -45.41 176.73
C ALA CA 659 20.96 -44.21 177.66
N ASN CA 660 21.14 -43.01 177.14
CA ASN CA 660 20.91 -41.80 177.95
C ASN CA 660 19.46 -41.70 178.37
N ALA CA 661 18.53 -42.09 177.49
CA ALA CA 661 17.13 -42.12 177.84
C ALA CA 661 16.87 -43.11 178.98
N ASP CA 662 17.48 -44.29 178.91
CA ASP CA 662 17.33 -45.27 179.98
C ASP CA 662 17.90 -44.74 181.29
N LEU CA 663 19.06 -44.07 181.22
CA LEU CA 663 19.66 -43.51 182.43
C LEU CA 663 18.78 -42.42 183.04
N ARG CA 664 18.22 -41.55 182.20
CA ARG CA 664 17.33 -40.50 182.69
C ARG CA 664 16.07 -41.10 183.31
N ALA CA 665 15.51 -42.14 182.68
CA ALA CA 665 14.33 -42.79 183.24
C ALA CA 665 14.64 -43.42 184.59
N ALA CA 666 15.79 -44.09 184.70
CA ALA CA 666 16.17 -44.69 185.98
C ALA CA 666 16.37 -43.63 187.05
N GLN CA 667 17.02 -42.51 186.70
CA GLN CA 667 17.22 -41.44 187.66
C GLN CA 667 15.90 -40.85 188.11
N ALA CA 668 14.96 -40.64 187.18
CA ALA CA 668 13.65 -40.13 187.54
C ALA CA 668 12.90 -41.09 188.45
N GLU CA 669 12.95 -42.38 188.14
CA GLU CA 669 12.28 -43.38 188.97
C GLU CA 669 12.88 -43.41 190.38
N GLN CA 670 14.20 -43.34 190.49
CA GLN CA 670 14.84 -43.31 191.80
C GLN CA 670 14.46 -42.05 192.58
N VAL CA 671 14.45 -40.89 191.89
CA VAL CA 671 14.13 -39.65 192.58
C VAL CA 671 12.68 -39.63 193.06
N ARG CA 672 11.76 -40.15 192.24
CA ARG CA 672 10.35 -40.15 192.62
C ARG CA 672 10.12 -41.01 193.86
N ARG CA 673 10.77 -42.17 193.94
CA ARG CA 673 10.62 -43.05 195.09
C ARG CA 673 11.37 -42.50 196.30
N VAL DA 4 -76.05 61.64 -57.20
CA VAL DA 4 -75.09 61.68 -58.29
C VAL DA 4 -75.82 61.89 -59.62
N GLN DA 5 -76.01 63.16 -60.00
CA GLN DA 5 -76.69 63.46 -61.25
C GLN DA 5 -75.76 63.23 -62.43
N PHE DA 6 -76.33 62.94 -63.59
CA PHE DA 6 -75.55 62.66 -64.77
C PHE DA 6 -75.68 63.80 -65.79
N ALA DA 7 -74.73 63.85 -66.72
CA ALA DA 7 -74.67 64.87 -67.75
C ALA DA 7 -74.91 64.24 -69.12
N ASN DA 8 -75.50 65.01 -70.02
CA ASN DA 8 -75.82 64.53 -71.36
C ASN DA 8 -75.21 65.46 -72.40
N ASN DA 9 -74.24 64.94 -73.16
CA ASN DA 9 -73.62 65.66 -74.27
C ASN DA 9 -73.06 67.01 -73.81
N ALA DA 10 -72.46 67.02 -72.62
CA ALA DA 10 -71.93 68.24 -72.02
C ALA DA 10 -70.42 68.27 -72.20
N ALA DA 11 -69.93 69.31 -72.88
CA ALA DA 11 -68.51 69.46 -73.19
C ALA DA 11 -68.17 70.93 -73.23
N SER DA 12 -67.32 71.36 -72.30
CA SER DA 12 -67.01 72.76 -72.23
C SER DA 12 -65.54 73.12 -72.18
N ARG DA 13 -65.18 74.16 -72.89
CA ARG DA 13 -63.81 74.66 -72.87
C ARG DA 13 -63.51 75.25 -71.51
N LEU DA 14 -62.27 75.06 -71.04
CA LEU DA 14 -61.83 75.61 -69.76
C LEU DA 14 -61.06 76.89 -70.03
N VAL DA 15 -61.74 78.03 -69.93
CA VAL DA 15 -61.12 79.31 -70.26
C VAL DA 15 -60.06 79.68 -69.23
N GLY DA 16 -60.30 79.35 -67.96
CA GLY DA 16 -59.41 79.77 -66.89
C GLY DA 16 -58.43 78.69 -66.49
N PRO DA 17 -57.15 79.03 -66.48
CA PRO DA 17 -56.13 78.06 -66.03
C PRO DA 17 -56.37 77.63 -64.59
N LEU DA 18 -56.14 76.34 -64.32
CA LEU DA 18 -56.29 75.80 -62.99
C LEU DA 18 -54.92 75.35 -62.48
N ALA DA 19 -54.60 75.76 -61.25
CA ALA DA 19 -53.38 75.30 -60.61
C ALA DA 19 -53.52 73.82 -60.22
N PRO DA 20 -52.40 73.14 -59.99
CA PRO DA 20 -52.49 71.75 -59.51
C PRO DA 20 -53.26 71.63 -58.20
N SER DA 21 -53.37 72.70 -57.45
CA SER DA 21 -54.23 72.77 -56.27
C SER DA 21 -55.29 73.85 -56.53
N GLY DA 22 -56.49 73.42 -56.88
CA GLY DA 22 -57.53 74.36 -57.28
C GLY DA 22 -58.88 74.12 -56.62
N THR DA 23 -59.74 75.13 -56.65
CA THR DA 23 -61.03 75.02 -55.97
C THR DA 23 -62.21 75.10 -56.93
N SER DA 24 -62.09 75.91 -57.99
CA SER DA 24 -63.21 76.15 -58.89
C SER DA 24 -62.73 76.20 -60.33
N LEU DA 25 -63.68 76.01 -61.25
CA LEU DA 25 -63.43 76.02 -62.68
C LEU DA 25 -64.33 77.05 -63.35
N THR DA 26 -63.87 77.56 -64.50
CA THR DA 26 -64.61 78.52 -65.30
C THR DA 26 -64.74 77.98 -66.71
N VAL DA 27 -65.94 77.51 -67.06
CA VAL DA 27 -66.23 77.05 -68.40
C VAL DA 27 -66.58 78.24 -69.28
N THR DA 28 -66.72 78.01 -70.59
CA THR DA 28 -67.19 79.04 -71.48
C THR DA 28 -68.58 79.51 -71.05
N PRO DA 29 -68.88 80.81 -71.20
CA PRO DA 29 -70.17 81.31 -70.72
C PRO DA 29 -71.37 80.66 -71.37
N GLY DA 30 -71.27 80.33 -72.67
CA GLY DA 30 -72.42 79.77 -73.37
C GLY DA 30 -72.79 78.37 -72.91
N ASP DA 31 -71.78 77.53 -72.63
CA ASP DA 31 -72.04 76.11 -72.43
C ASP DA 31 -72.28 75.76 -70.97
N GLY DA 32 -72.22 76.73 -70.06
CA GLY DA 32 -72.35 76.42 -68.64
C GLY DA 32 -73.72 75.87 -68.28
N ALA DA 33 -74.77 76.36 -68.94
CA ALA DA 33 -76.12 75.93 -68.62
C ALA DA 33 -76.37 74.49 -69.06
N LEU DA 34 -75.59 74.00 -70.03
CA LEU DA 34 -75.82 72.67 -70.55
C LEU DA 34 -75.52 71.60 -69.52
N PHE DA 35 -74.55 71.84 -68.64
CA PHE DA 35 -74.26 70.91 -67.57
C PHE DA 35 -75.43 70.87 -66.59
N PRO DA 36 -75.62 69.76 -65.87
CA PRO DA 36 -76.76 69.67 -64.94
C PRO DA 36 -76.72 70.76 -63.88
N THR DA 37 -77.90 71.28 -63.53
CA THR DA 37 -77.99 72.40 -62.62
C THR DA 37 -77.57 72.03 -61.20
N LEU DA 38 -77.75 70.76 -60.83
CA LEU DA 38 -77.33 70.23 -59.54
C LEU DA 38 -78.17 70.79 -58.39
N GLY DA 39 -77.78 70.44 -57.16
CA GLY DA 39 -78.43 70.93 -55.96
C GLY DA 39 -77.54 70.67 -54.77
N ALA DA 40 -78.02 71.11 -53.60
CA ALA DA 40 -77.26 70.90 -52.37
C ALA DA 40 -77.12 69.40 -52.09
N GLY DA 41 -75.88 68.97 -51.87
CA GLY DA 41 -75.60 67.57 -51.65
C GLY DA 41 -75.62 66.71 -52.90
N ASP DA 42 -75.74 67.30 -54.08
CA ASP DA 42 -75.80 66.57 -55.34
C ASP DA 42 -74.67 67.03 -56.24
N TRP DA 43 -73.97 66.09 -56.86
CA TRP DA 43 -72.84 66.39 -57.71
C TRP DA 43 -72.92 65.56 -58.99
N PHE DA 44 -72.34 66.10 -60.06
CA PHE DA 44 -72.10 65.34 -61.28
C PHE DA 44 -70.60 65.12 -61.40
N MET DA 45 -70.21 63.97 -61.89
CA MET DA 45 -68.80 63.63 -62.00
C MET DA 45 -68.32 63.91 -63.42
N ALA DA 46 -67.14 64.52 -63.53
CA ALA DA 46 -66.63 64.97 -64.81
C ALA DA 46 -65.21 64.45 -65.03
N THR DA 47 -64.88 64.23 -66.30
CA THR DA 47 -63.53 63.86 -66.71
C THR DA 47 -62.91 65.04 -67.44
N LEU DA 48 -61.74 65.48 -66.99
CA LEU DA 48 -61.11 66.67 -67.51
C LEU DA 48 -59.92 66.28 -68.38
N ILE DA 49 -60.07 66.41 -69.70
CA ILE DA 49 -59.07 65.97 -70.66
C ILE DA 49 -58.33 67.20 -71.16
N ARG DA 50 -57.10 67.39 -70.69
CA ARG DA 50 -56.30 68.53 -71.11
C ARG DA 50 -55.65 68.24 -72.46
N SER DA 51 -54.70 69.12 -72.84
CA SER DA 51 -53.91 68.89 -74.03
C SER DA 51 -53.09 67.63 -73.87
N ASP DA 52 -52.84 66.94 -74.99
CA ASP DA 52 -52.13 65.67 -75.03
C ASP DA 52 -52.95 64.59 -74.36
N GLY DA 53 -52.33 63.46 -74.02
CA GLY DA 53 -53.10 62.31 -73.55
C GLY DA 53 -53.46 62.40 -72.07
N ALA DA 54 -52.85 63.33 -71.34
CA ALA DA 54 -53.09 63.44 -69.92
C ALA DA 54 -54.54 63.80 -69.63
N ARG DA 55 -55.14 63.11 -68.66
CA ARG DA 55 -56.50 63.39 -68.22
C ARG DA 55 -56.57 63.27 -66.70
N GLU DA 56 -57.36 64.13 -66.07
CA GLU DA 56 -57.57 64.12 -64.63
C GLU DA 56 -59.06 64.06 -64.34
N ILE DA 57 -59.44 63.26 -63.35
CA ILE DA 57 -60.83 63.09 -62.96
C ILE DA 57 -61.13 64.00 -61.77
N VAL DA 58 -62.07 64.92 -61.95
CA VAL DA 58 -62.42 65.90 -60.94
C VAL DA 58 -63.93 65.92 -60.76
N LYS DA 59 -64.37 66.19 -59.53
CA LYS DA 59 -65.77 66.16 -59.17
C LYS DA 59 -66.28 67.57 -58.95
N VAL DA 60 -67.46 67.87 -59.51
CA VAL DA 60 -68.09 69.18 -59.35
C VAL DA 60 -69.12 69.05 -58.23
N THR DA 61 -68.78 69.57 -57.06
CA THR DA 61 -69.71 69.53 -55.93
C THR DA 61 -70.95 70.37 -56.21
N SER DA 62 -70.78 71.53 -56.85
CA SER DA 62 -71.89 72.39 -57.20
C SER DA 62 -71.43 73.40 -58.24
N ARG DA 63 -72.36 73.86 -59.07
CA ARG DA 63 -72.08 74.87 -60.07
C ARG DA 63 -73.04 76.03 -59.90
N THR DA 64 -72.53 77.25 -60.03
CA THR DA 64 -73.32 78.47 -59.92
C THR DA 64 -73.13 79.29 -61.18
N VAL DA 65 -74.23 79.60 -61.86
CA VAL DA 65 -74.21 80.34 -63.12
C VAL DA 65 -73.30 79.59 -64.09
N ASP DA 66 -72.09 80.09 -64.28
CA ASP DA 66 -71.15 79.53 -65.24
C ASP DA 66 -69.87 79.02 -64.59
N ALA DA 67 -69.71 79.16 -63.28
CA ALA DA 67 -68.51 78.74 -62.58
C ALA DA 67 -68.88 77.68 -61.55
N MET DA 68 -68.08 76.61 -61.50
CA MET DA 68 -68.35 75.48 -60.63
C MET DA 68 -67.18 75.24 -59.69
N SER DA 69 -67.48 74.94 -58.44
CA SER DA 69 -66.46 74.50 -57.50
C SER DA 69 -65.98 73.10 -57.87
N ILE DA 70 -64.68 72.86 -57.71
CA ILE DA 70 -64.07 71.62 -58.16
C ILE DA 70 -63.32 70.98 -56.99
N THR DA 71 -63.24 69.65 -57.05
CA THR DA 71 -62.46 68.85 -56.10
C THR DA 71 -61.61 67.87 -56.90
N ARG DA 72 -60.35 67.73 -56.51
CA ARG DA 72 -59.39 67.00 -57.33
C ARG DA 72 -59.18 65.58 -56.81
N ALA DA 73 -58.67 64.73 -57.70
CA ALA DA 73 -58.18 63.40 -57.35
C ALA DA 73 -59.26 62.53 -56.68
N GLN DA 74 -60.31 62.20 -57.44
CA GLN DA 74 -61.36 61.35 -56.90
C GLN DA 74 -61.05 59.87 -57.12
N GLU DA 75 -60.72 59.49 -58.35
CA GLU DA 75 -60.43 58.10 -58.67
C GLU DA 75 -58.94 57.76 -58.58
N GLY DA 76 -58.12 58.68 -58.08
CA GLY DA 76 -56.69 58.45 -57.99
C GLY DA 76 -55.88 59.14 -59.06
N SER DA 77 -56.51 59.89 -59.95
CA SER DA 77 -55.77 60.63 -60.96
C SER DA 77 -54.93 61.73 -60.31
N SER DA 78 -53.68 61.82 -60.75
CA SER DA 78 -52.75 62.78 -60.16
C SER DA 78 -53.17 64.22 -60.47
N ALA DA 79 -52.99 65.10 -59.50
CA ALA DA 79 -53.26 66.52 -59.72
C ALA DA 79 -52.25 67.08 -60.71
N LEU DA 80 -52.76 67.78 -61.72
CA LEU DA 80 -51.92 68.25 -62.82
C LEU DA 80 -52.16 69.73 -63.05
N SER DA 81 -51.16 70.40 -63.62
CA SER DA 81 -51.35 71.77 -64.05
C SER DA 81 -52.06 71.81 -65.39
N PHE DA 82 -53.02 72.72 -65.52
CA PHE DA 82 -53.85 72.86 -66.71
C PHE DA 82 -53.64 74.22 -67.35
N ASN DA 83 -53.35 74.22 -68.65
CA ASN DA 83 -53.18 75.44 -69.43
C ASN DA 83 -54.55 76.02 -69.76
N PRO DA 84 -54.61 77.30 -70.16
CA PRO DA 84 -55.93 77.92 -70.38
C PRO DA 84 -56.74 77.33 -71.53
N ASN DA 85 -56.25 76.28 -72.18
CA ASN DA 85 -57.02 75.56 -73.19
C ASN DA 85 -57.21 74.12 -72.72
N ASP DA 86 -58.45 73.76 -72.42
CA ASP DA 86 -58.73 72.47 -71.80
C ASP DA 86 -60.20 72.14 -72.04
N ARG DA 87 -60.57 70.88 -71.78
CA ARG DA 87 -61.90 70.36 -72.09
C ARG DA 87 -62.48 69.62 -70.89
N ILE DA 88 -63.62 70.08 -70.41
CA ILE DA 88 -64.43 69.36 -69.43
C ILE DA 88 -65.56 68.68 -70.17
N GLU DA 89 -65.63 67.35 -70.06
CA GLU DA 89 -66.62 66.59 -70.82
C GLU DA 89 -66.71 65.18 -70.27
N ALA DA 90 -67.65 64.41 -70.83
CA ALA DA 90 -67.71 62.96 -70.72
C ALA DA 90 -68.11 62.48 -69.33
N ARG DA 91 -68.43 61.20 -69.24
CA ARG DA 91 -68.72 60.53 -67.98
C ARG DA 91 -67.91 59.25 -67.92
N LEU DA 92 -67.23 59.02 -66.80
CA LEU DA 92 -66.35 57.88 -66.64
C LEU DA 92 -67.17 56.71 -66.09
N THR DA 93 -66.81 55.50 -66.51
CA THR DA 93 -67.54 54.31 -66.07
C THR DA 93 -67.15 53.90 -64.65
N ALA DA 94 -65.90 54.15 -64.27
CA ALA DA 94 -65.34 53.52 -63.07
C ALA DA 94 -66.16 53.82 -61.83
N GLY DA 95 -66.20 55.09 -61.41
CA GLY DA 95 -66.86 55.42 -60.16
C GLY DA 95 -68.34 55.14 -60.19
N GLU DA 96 -69.02 55.57 -61.26
CA GLU DA 96 -70.47 55.41 -61.31
C GLU DA 96 -70.86 53.93 -61.36
N LEU DA 97 -70.23 53.15 -62.24
CA LEU DA 97 -70.62 51.75 -62.36
C LEU DA 97 -70.20 50.95 -61.14
N GLY DA 98 -69.10 51.33 -60.49
CA GLY DA 98 -68.79 50.74 -59.19
C GLY DA 98 -69.88 51.01 -58.19
N ASP DA 99 -70.40 52.25 -58.18
CA ASP DA 99 -71.53 52.57 -57.32
C ASP DA 99 -72.74 51.70 -57.64
N PHE DA 100 -73.03 51.51 -58.94
CA PHE DA 100 -74.19 50.72 -59.31
C PHE DA 100 -74.03 49.26 -58.87
N ARG DA 101 -72.86 48.67 -59.12
CA ARG DA 101 -72.67 47.26 -58.76
C ARG DA 101 -72.64 47.05 -57.26
N ASP DA 102 -72.18 48.04 -56.49
CA ASP DA 102 -72.29 47.93 -55.04
C ASP DA 102 -73.73 48.09 -54.57
N GLY DA 103 -74.46 49.05 -55.15
CA GLY DA 103 -75.82 49.30 -54.71
C GLY DA 103 -76.77 48.16 -55.01
N ILE DA 104 -76.61 47.53 -56.18
CA ILE DA 104 -77.47 46.40 -56.51
C ILE DA 104 -77.25 45.26 -55.52
N ALA DA 105 -75.98 44.92 -55.26
CA ALA DA 105 -75.68 43.85 -54.31
C ALA DA 105 -76.22 44.20 -52.92
N SER DA 106 -76.06 45.45 -52.50
CA SER DA 106 -76.67 45.88 -51.24
C SER DA 106 -78.18 45.69 -51.27
N ALA DA 107 -78.80 45.90 -52.43
CA ALA DA 107 -80.24 45.75 -52.55
C ALA DA 107 -80.67 44.31 -52.35
N GLN DA 108 -80.03 43.36 -53.03
CA GLN DA 108 -80.41 41.97 -52.82
C GLN DA 108 -80.07 41.51 -51.40
N SER DA 109 -78.97 42.01 -50.84
CA SER DA 109 -78.62 41.64 -49.47
C SER DA 109 -79.70 42.12 -48.49
N ALA DA 110 -80.15 43.37 -48.66
CA ALA DA 110 -81.18 43.90 -47.78
C ALA DA 110 -82.50 43.18 -47.97
N ALA DA 111 -82.84 42.81 -49.22
CA ALA DA 111 -84.06 42.06 -49.46
C ALA DA 111 -84.00 40.69 -48.79
N SER DA 112 -82.86 40.00 -48.90
CA SER DA 112 -82.72 38.70 -48.26
C SER DA 112 -82.79 38.83 -46.75
N ALA DA 113 -82.18 39.89 -46.19
CA ALA DA 113 -82.29 40.13 -44.75
C ALA DA 113 -83.74 40.38 -44.34
N ALA DA 114 -84.48 41.11 -45.17
CA ALA DA 114 -85.89 41.34 -44.88
C ALA DA 114 -86.68 40.04 -44.86
N GLN DA 115 -86.43 39.17 -45.84
CA GLN DA 115 -87.11 37.87 -45.84
C GLN DA 115 -86.71 37.03 -44.63
N GLY DA 116 -85.44 37.07 -44.25
CA GLY DA 116 -85.00 36.34 -43.07
C GLY DA 116 -85.65 36.84 -41.80
N THR DA 117 -85.78 38.16 -41.67
CA THR DA 117 -86.48 38.72 -40.51
C THR DA 117 -87.96 38.36 -40.53
N ALA DA 118 -88.56 38.31 -41.72
CA ALA DA 118 -89.95 37.90 -41.84
C ALA DA 118 -90.14 36.46 -41.40
N ASP DA 119 -89.21 35.59 -41.76
CA ASP DA 119 -89.27 34.19 -41.35
C ASP DA 119 -89.00 34.05 -39.85
N LYS EA 2 45.27 -29.70 -6.78
CA LYS EA 2 46.15 -28.57 -6.52
C LYS EA 2 45.91 -27.37 -7.46
N PRO EA 3 45.83 -27.59 -8.78
CA PRO EA 3 45.55 -26.46 -9.67
C PRO EA 3 44.10 -25.99 -9.51
N LEU EA 4 43.86 -24.76 -9.96
CA LEU EA 4 42.55 -24.15 -9.85
C LEU EA 4 41.57 -24.65 -10.91
N ASP EA 5 42.05 -25.46 -11.85
CA ASP EA 5 41.18 -26.04 -12.87
C ASP EA 5 40.18 -27.02 -12.28
N VAL EA 6 40.35 -27.43 -11.02
CA VAL EA 6 39.33 -28.25 -10.38
C VAL EA 6 38.24 -27.37 -9.78
N PHE EA 7 38.61 -26.20 -9.27
CA PHE EA 7 37.61 -25.24 -8.82
C PHE EA 7 36.77 -24.72 -9.97
N MET EA 8 37.40 -24.43 -11.10
CA MET EA 8 36.77 -23.58 -12.10
C MET EA 8 35.49 -24.17 -12.69
N PRO EA 9 35.32 -25.50 -12.83
CA PRO EA 9 34.05 -26.03 -13.36
C PRO EA 9 32.80 -25.58 -12.61
N ILE EA 10 32.86 -25.46 -11.28
CA ILE EA 10 31.70 -24.97 -10.54
C ILE EA 10 31.40 -23.54 -10.95
N ILE EA 11 32.43 -22.72 -11.14
CA ILE EA 11 32.25 -21.36 -11.62
C ILE EA 11 31.60 -21.37 -12.99
N HIS EA 12 32.07 -22.24 -13.89
CA HIS EA 12 31.40 -22.42 -15.17
C HIS EA 12 29.92 -22.70 -14.98
N ARG EA 13 29.58 -23.62 -14.08
CA ARG EA 13 28.19 -24.01 -13.92
C ARG EA 13 27.32 -22.86 -13.43
N PHE EA 14 27.82 -22.09 -12.46
CA PHE EA 14 27.00 -21.02 -11.91
C PHE EA 14 27.28 -19.66 -12.55
N ALA EA 15 28.49 -19.43 -13.04
CA ALA EA 15 28.80 -18.23 -13.80
C ALA EA 15 29.24 -18.64 -15.20
N PRO EA 16 28.34 -18.64 -16.18
CA PRO EA 16 28.64 -19.30 -17.47
C PRO EA 16 29.76 -18.59 -18.22
N GLY EA 17 30.81 -19.35 -18.54
CA GLY EA 17 31.83 -18.88 -19.47
C GLY EA 17 32.62 -17.69 -18.98
N CYS EA 18 32.94 -17.65 -17.69
CA CYS EA 18 33.76 -16.57 -17.17
C CYS EA 18 35.22 -16.77 -17.58
N PRO EA 19 35.94 -15.69 -17.88
CA PRO EA 19 37.38 -15.82 -18.16
C PRO EA 19 38.11 -16.44 -16.99
N GLU EA 20 39.08 -17.29 -17.31
CA GLU EA 20 39.81 -18.03 -16.28
C GLU EA 20 40.57 -17.14 -15.28
N PRO EA 21 41.30 -16.11 -15.69
CA PRO EA 21 42.02 -15.31 -14.68
C PRO EA 21 41.11 -14.67 -13.64
N THR EA 22 39.94 -14.16 -14.05
CA THR EA 22 39.04 -13.55 -13.08
C THR EA 22 38.52 -14.58 -12.09
N ALA EA 23 38.07 -15.74 -12.59
CA ALA EA 23 37.60 -16.79 -11.70
C ALA EA 23 38.71 -17.27 -10.77
N PHE EA 24 39.93 -17.35 -11.29
CA PHE EA 24 41.06 -17.77 -10.47
C PHE EA 24 41.35 -16.75 -9.38
N ALA EA 25 41.28 -15.46 -9.70
CA ALA EA 25 41.48 -14.43 -8.69
C ALA EA 25 40.41 -14.51 -7.61
N ALA EA 26 39.17 -14.77 -8.01
CA ALA EA 26 38.11 -14.95 -7.03
C ALA EA 26 38.34 -16.19 -6.18
N ILE EA 27 38.82 -17.28 -6.78
CA ILE EA 27 39.19 -18.46 -5.99
C ILE EA 27 40.24 -18.11 -4.96
N ARG EA 28 41.26 -17.36 -5.37
CA ARG EA 28 42.31 -16.98 -4.43
C ARG EA 28 41.78 -16.13 -3.29
N GLU EA 29 40.93 -15.14 -3.60
CA GLU EA 29 40.39 -14.29 -2.55
C GLU EA 29 39.47 -15.07 -1.61
N ALA EA 30 38.62 -15.94 -2.17
CA ALA EA 30 37.72 -16.73 -1.35
C ALA EA 30 38.49 -17.69 -0.46
N ALA EA 31 39.55 -18.31 -0.99
CA ALA EA 31 40.36 -19.21 -0.18
C ALA EA 31 41.14 -18.44 0.89
N ILE EA 32 41.54 -17.21 0.58
CA ILE EA 32 42.17 -16.36 1.58
C ILE EA 32 41.22 -16.12 2.74
N LYS EA 33 39.98 -15.73 2.43
CA LYS EA 33 39.00 -15.53 3.49
C LYS EA 33 38.70 -16.82 4.23
N PHE EA 34 38.69 -17.94 3.51
CA PHE EA 34 38.48 -19.25 4.12
C PHE EA 34 39.56 -19.55 5.15
N CYS EA 35 40.82 -19.35 4.78
CA CYS EA 35 41.91 -19.63 5.70
C CYS EA 35 41.94 -18.62 6.85
N GLU EA 36 41.53 -17.38 6.60
CA GLU EA 36 41.41 -16.42 7.68
C GLU EA 36 40.36 -16.87 8.69
N ARG EA 37 39.26 -17.44 8.20
CA ARG EA 37 38.21 -17.90 9.10
C ARG EA 37 38.50 -19.29 9.65
N THR EA 38 38.79 -20.25 8.77
CA THR EA 38 38.96 -21.64 9.20
C THR EA 38 40.29 -21.90 9.90
N ARG EA 39 41.36 -21.25 9.46
CA ARG EA 39 42.69 -21.42 10.04
C ARG EA 39 43.16 -22.87 10.03
N LEU EA 40 42.86 -23.62 8.97
CA LEU EA 40 43.17 -25.05 8.96
C LEU EA 40 44.55 -25.33 8.37
N TRP EA 41 45.05 -24.46 7.50
CA TRP EA 41 46.35 -24.69 6.90
C TRP EA 41 47.47 -24.49 7.92
N ARG EA 42 48.34 -25.49 8.06
CA ARG EA 42 49.47 -25.39 8.97
C ARG EA 42 50.71 -25.93 8.28
N CYS EA 43 51.83 -25.26 8.49
CA CYS EA 43 53.13 -25.76 8.08
C CYS EA 43 54.17 -25.33 9.10
N ASP EA 44 55.28 -26.06 9.14
CA ASP EA 44 56.32 -25.87 10.14
C ASP EA 44 57.57 -25.32 9.48
N ASP EA 45 58.12 -24.25 10.06
CA ASP EA 45 59.25 -23.53 9.48
C ASP EA 45 60.34 -23.40 10.53
N GLU EA 46 61.60 -23.50 10.08
CA GLU EA 46 62.75 -23.39 10.97
C GLU EA 46 63.78 -22.46 10.34
N PHE EA 47 64.36 -21.59 11.16
CA PHE EA 47 65.44 -20.72 10.72
C PHE EA 47 66.27 -20.35 11.93
N ASN EA 48 67.45 -19.78 11.67
CA ASN EA 48 68.38 -19.37 12.71
C ASN EA 48 68.31 -17.86 12.88
N VAL EA 49 68.17 -17.41 14.13
CA VAL EA 49 68.05 -15.99 14.45
C VAL EA 49 69.13 -15.63 15.46
N GLY EA 50 69.84 -14.54 15.20
CA GLY EA 50 70.89 -14.13 16.11
C GLY EA 50 71.32 -12.70 15.91
N ALA EA 51 71.91 -12.14 16.95
CA ALA EA 51 72.55 -10.83 16.91
C ALA EA 51 71.58 -9.72 16.52
N ASP EA 52 70.51 -9.59 17.31
CA ASP EA 52 69.55 -8.49 17.18
C ASP EA 52 69.03 -8.36 15.75
N GLU EA 53 68.72 -9.48 15.12
CA GLU EA 53 68.21 -9.50 13.76
C GLU EA 53 66.71 -9.76 13.76
N CYS EA 54 65.95 -8.85 13.16
CA CYS EA 54 64.51 -9.01 13.02
C CYS EA 54 64.25 -9.92 11.83
N ALA EA 55 64.51 -11.22 12.01
CA ALA EA 55 64.40 -12.17 10.92
C ALA EA 55 62.95 -12.35 10.50
N GLU EA 56 62.75 -12.57 9.21
CA GLU EA 56 61.43 -12.75 8.63
C GLU EA 56 61.13 -14.24 8.50
N VAL EA 57 59.87 -14.61 8.68
CA VAL EA 57 59.48 -16.01 8.55
C VAL EA 57 59.50 -16.41 7.09
N ALA EA 58 60.19 -17.51 6.80
CA ALA EA 58 60.25 -18.06 5.45
C ALA EA 58 59.05 -18.97 5.23
N VAL EA 59 58.30 -18.70 4.18
CA VAL EA 59 57.05 -19.39 3.91
C VAL EA 59 57.06 -19.93 2.49
N PRO EA 60 56.26 -20.95 2.16
CA PRO EA 60 56.15 -21.40 0.78
C PRO EA 60 55.80 -20.25 -0.16
N TYR EA 61 56.17 -20.41 -1.43
CA TYR EA 61 56.03 -19.31 -2.39
C TYR EA 61 54.57 -18.91 -2.54
N GLY EA 62 53.67 -19.88 -2.61
CA GLY EA 62 52.25 -19.57 -2.75
C GLY EA 62 51.53 -19.53 -1.42
N ALA EA 63 52.06 -18.79 -0.46
CA ALA EA 63 51.46 -18.71 0.87
C ALA EA 63 52.00 -17.48 1.57
N ALA EA 64 51.27 -17.06 2.60
CA ALA EA 64 51.68 -15.99 3.48
C ALA EA 64 51.38 -16.38 4.91
N LEU EA 65 52.24 -15.96 5.83
CA LEU EA 65 52.12 -16.32 7.24
C LEU EA 65 50.96 -15.54 7.84
N TYR EA 66 49.78 -16.16 7.89
CA TYR EA 66 48.62 -15.51 8.48
C TYR EA 66 48.79 -15.31 9.98
N GLU EA 67 49.13 -16.36 10.72
CA GLU EA 67 49.06 -16.31 12.16
C GLU EA 67 49.92 -17.41 12.72
N MET EA 68 50.63 -17.10 13.80
CA MET EA 68 51.60 -18.01 14.40
C MET EA 68 50.94 -18.73 15.56
N GLU EA 69 50.76 -20.04 15.41
CA GLU EA 69 50.15 -20.83 16.49
C GLU EA 69 51.03 -20.83 17.73
N LEU EA 70 52.33 -20.99 17.55
CA LEU EA 70 53.30 -20.87 18.63
C LEU EA 70 54.69 -20.77 18.03
N VAL EA 71 55.64 -20.34 18.86
CA VAL EA 71 57.04 -20.24 18.48
C VAL EA 71 57.86 -21.03 19.49
N GLN EA 72 58.83 -21.80 19.00
CA GLN EA 72 59.75 -22.54 19.85
C GLN EA 72 61.15 -21.99 19.62
N PHE EA 73 61.86 -21.70 20.70
CA PHE EA 73 63.17 -21.08 20.65
C PHE EA 73 64.17 -22.00 21.33
N ASN EA 74 64.96 -22.72 20.52
CA ASN EA 74 65.91 -23.72 21.02
C ASN EA 74 65.21 -24.71 21.95
N GLY EA 75 64.03 -25.15 21.56
CA GLY EA 75 63.29 -26.12 22.34
C GLY EA 75 62.45 -25.56 23.46
N ARG EA 76 62.33 -24.24 23.56
CA ARG EA 76 61.56 -23.59 24.60
C ARG EA 76 60.22 -23.13 24.04
N ASN EA 77 59.13 -23.53 24.70
CA ASN EA 77 57.81 -23.07 24.32
C ASN EA 77 57.71 -21.58 24.66
N MET EA 78 57.63 -20.74 23.65
CA MET EA 78 57.84 -19.31 23.84
C MET EA 78 56.50 -18.59 23.94
N ARG EA 79 56.48 -17.51 24.73
CA ARG EA 79 55.22 -16.84 25.05
C ARG EA 79 55.08 -15.55 24.25
N PRO EA 80 54.08 -15.43 23.37
CA PRO EA 80 53.87 -14.18 22.64
C PRO EA 80 53.15 -13.15 23.49
N VAL EA 81 53.65 -11.91 23.46
CA VAL EA 81 53.00 -10.78 24.13
C VAL EA 81 53.02 -9.58 23.20
N SER EA 82 52.14 -8.63 23.45
CA SER EA 82 52.07 -7.43 22.63
C SER EA 82 53.24 -6.50 22.95
N THR EA 83 53.50 -5.56 22.03
CA THR EA 83 54.59 -4.61 22.24
C THR EA 83 54.29 -3.68 23.41
N GLN EA 84 53.03 -3.28 23.60
CA GLN EA 84 52.69 -2.43 24.71
C GLN EA 84 52.87 -3.14 26.05
N TRP EA 85 52.61 -4.45 26.09
CA TRP EA 85 52.82 -5.20 27.32
C TRP EA 85 54.28 -5.15 27.74
N LEU EA 86 55.19 -5.32 26.79
CA LEU EA 86 56.61 -5.17 27.12
C LEU EA 86 56.95 -3.74 27.51
N ASP EA 87 56.38 -2.76 26.79
CA ASP EA 87 56.65 -1.36 27.13
C ASP EA 87 56.24 -1.05 28.56
N GLU EA 88 55.20 -1.74 29.06
CA GLU EA 88 54.65 -1.37 30.36
C GLU EA 88 55.20 -2.24 31.50
N GLN EA 89 55.57 -3.49 31.23
CA GLN EA 89 56.29 -4.28 32.23
C GLN EA 89 57.80 -4.24 32.05
N VAL EA 90 58.29 -4.51 30.85
CA VAL EA 90 59.72 -4.72 30.62
C VAL EA 90 60.28 -3.49 29.91
N PRO EA 91 60.75 -2.48 30.63
CA PRO EA 91 61.25 -1.28 29.97
C PRO EA 91 62.66 -1.42 29.39
N ASP EA 92 63.04 -0.39 28.64
CA ASP EA 92 64.25 -0.42 27.82
C ASP EA 92 64.26 -1.62 26.89
N TRP EA 93 63.08 -1.93 26.34
CA TRP EA 93 62.94 -3.10 25.48
C TRP EA 93 63.78 -3.00 24.22
N ARG EA 94 63.79 -1.83 23.59
CA ARG EA 94 64.52 -1.69 22.33
C ARG EA 94 65.93 -1.15 22.57
N THR EA 95 66.08 -0.26 23.55
CA THR EA 95 67.39 0.35 23.78
C THR EA 95 68.42 -0.68 24.25
N THR EA 96 68.02 -1.59 25.13
CA THR EA 96 68.97 -2.54 25.70
C THR EA 96 69.45 -3.52 24.63
N THR EA 97 70.75 -3.81 24.66
CA THR EA 97 71.37 -4.75 23.74
C THR EA 97 71.92 -5.99 24.44
N GLN EA 98 71.65 -6.16 25.74
CA GLN EA 98 72.18 -7.30 26.47
C GLN EA 98 71.55 -8.59 25.97
N SER EA 99 72.39 -9.62 25.83
CA SER EA 99 71.91 -10.91 25.35
C SER EA 99 71.41 -11.77 26.50
N GLY EA 100 70.46 -12.65 26.19
CA GLY EA 100 69.91 -13.55 27.20
C GLY EA 100 69.02 -14.60 26.56
N GLN EA 101 68.56 -15.53 27.40
CA GLN EA 101 67.66 -16.56 26.92
C GLN EA 101 66.26 -16.00 26.70
N ALA EA 102 65.71 -16.27 25.52
CA ALA EA 102 64.49 -15.61 25.07
C ALA EA 102 63.29 -15.96 25.96
N GLN EA 103 62.45 -14.96 26.22
CA GLN EA 103 61.28 -15.15 27.07
C GLN EA 103 59.98 -14.59 26.50
N TYR EA 104 60.03 -13.58 25.63
CA TYR EA 104 58.83 -12.97 25.09
C TYR EA 104 58.98 -12.73 23.60
N VAL EA 105 57.90 -12.89 22.84
CA VAL EA 105 57.87 -12.66 21.40
C VAL EA 105 57.01 -11.45 21.11
N THR EA 106 57.51 -10.56 20.26
CA THR EA 106 56.73 -9.42 19.76
C THR EA 106 56.93 -9.31 18.26
N GLN EA 107 55.86 -9.00 17.55
CA GLN EA 107 55.89 -8.85 16.10
C GLN EA 107 55.72 -7.37 15.78
N GLN EA 108 56.85 -6.65 15.81
CA GLN EA 108 56.81 -5.22 15.58
C GLN EA 108 56.46 -4.90 14.12
N SER EA 109 57.01 -5.67 13.19
CA SER EA 109 56.67 -5.55 11.78
C SER EA 109 55.60 -6.56 11.41
N GLU EA 110 55.37 -6.69 10.09
CA GLU EA 110 54.28 -7.53 9.63
C GLU EA 110 54.66 -9.01 9.66
N ASP EA 111 55.93 -9.34 9.40
CA ASP EA 111 56.41 -10.72 9.42
C ASP EA 111 57.71 -10.92 10.20
N THR EA 112 58.16 -9.93 10.97
CA THR EA 112 59.40 -10.05 11.72
C THR EA 112 59.11 -10.33 13.19
N LEU EA 113 59.92 -11.19 13.79
CA LEU EA 113 59.75 -11.62 15.16
C LEU EA 113 60.91 -11.09 16.00
N THR EA 114 60.60 -10.56 17.17
CA THR EA 114 61.58 -10.01 18.09
C THR EA 114 61.42 -10.65 19.46
N PHE EA 115 62.53 -11.10 20.04
CA PHE EA 115 62.53 -11.71 21.36
C PHE EA 115 63.18 -10.73 22.34
N VAL EA 116 62.56 -10.52 23.49
CA VAL EA 116 63.06 -9.49 24.42
C VAL EA 116 64.51 -9.72 24.85
N PRO EA 117 64.99 -10.96 25.10
CA PRO EA 117 66.43 -11.15 25.11
C PRO EA 117 66.93 -11.59 23.73
N ALA EA 118 67.88 -10.87 23.16
CA ALA EA 118 68.47 -11.33 21.90
C ALA EA 118 69.43 -12.48 22.15
N GLU EA 119 69.29 -13.55 21.37
CA GLU EA 119 70.18 -14.69 21.47
C GLU EA 119 70.28 -15.36 20.11
N ALA EA 120 71.46 -15.90 19.82
CA ALA EA 120 71.73 -16.54 18.53
C ALA EA 120 71.43 -18.04 18.65
N GLY EA 121 70.27 -18.45 18.18
CA GLY EA 121 69.89 -19.85 18.24
C GLY EA 121 68.79 -20.17 17.25
N SER EA 122 68.49 -21.45 17.14
CA SER EA 122 67.46 -21.91 16.22
C SER EA 122 66.09 -21.48 16.70
N VAL EA 123 65.26 -21.02 15.76
CA VAL EA 123 63.90 -20.59 16.05
C VAL EA 123 62.96 -21.38 15.14
N ARG EA 124 62.00 -22.08 15.75
CA ARG EA 124 61.01 -22.84 15.00
C ARG EA 124 59.66 -22.17 15.18
N VAL EA 125 59.04 -21.80 14.06
CA VAL EA 125 57.76 -21.10 14.08
C VAL EA 125 56.69 -22.05 13.54
N TYR EA 126 55.74 -22.41 14.39
CA TYR EA 126 54.60 -23.22 13.99
C TYR EA 126 53.40 -22.30 13.84
N GLY EA 127 53.05 -21.99 12.60
CA GLY EA 127 52.05 -20.98 12.34
C GLY EA 127 51.11 -21.37 11.22
N LEU EA 128 49.92 -20.76 11.25
CA LEU EA 128 48.94 -20.95 10.19
C LEU EA 128 49.43 -20.24 8.93
N LEU EA 129 48.95 -20.71 7.78
CA LEU EA 129 49.31 -20.11 6.51
C LEU EA 129 48.06 -19.64 5.77
N LYS EA 130 48.29 -18.70 4.85
CA LYS EA 130 47.26 -18.08 4.04
C LYS EA 130 47.75 -17.97 2.61
N PRO EA 131 46.93 -18.38 1.63
CA PRO EA 131 47.35 -18.27 0.23
C PRO EA 131 47.63 -16.82 -0.14
N THR EA 132 48.63 -16.64 -0.99
CA THR EA 132 48.95 -15.31 -1.48
C THR EA 132 47.94 -14.86 -2.53
N LEU EA 133 47.91 -13.55 -2.78
CA LEU EA 133 46.92 -13.00 -3.71
C LEU EA 133 47.13 -13.52 -5.12
N ASP EA 134 48.34 -14.00 -5.43
CA ASP EA 134 48.67 -14.59 -6.73
C ASP EA 134 49.35 -15.95 -6.55
N ALA EA 135 48.52 -16.98 -6.39
CA ALA EA 135 48.99 -18.35 -6.20
C ALA EA 135 48.42 -19.21 -7.31
N ASP EA 136 49.31 -19.92 -8.02
CA ASP EA 136 48.87 -20.79 -9.10
C ASP EA 136 48.15 -22.02 -8.57
N SER EA 137 48.65 -22.60 -7.49
CA SER EA 137 48.14 -23.86 -6.94
C SER EA 137 47.68 -23.64 -5.51
N LEU EA 138 46.44 -23.97 -5.22
CA LEU EA 138 45.97 -23.94 -3.85
C LEU EA 138 46.31 -25.24 -3.13
N PRO EA 139 46.42 -25.19 -1.81
CA PRO EA 139 46.80 -26.40 -1.05
C PRO EA 139 45.78 -27.51 -1.19
N ASP EA 140 46.17 -28.68 -0.67
CA ASP EA 140 45.35 -29.87 -0.85
C ASP EA 140 44.04 -29.77 -0.06
N LEU EA 141 44.09 -29.21 1.15
CA LEU EA 141 42.88 -29.12 1.96
C LEU EA 141 41.85 -28.18 1.33
N LEU EA 142 42.32 -27.09 0.74
CA LEU EA 142 41.41 -26.15 0.10
C LEU EA 142 40.81 -26.73 -1.17
N ALA EA 143 41.56 -27.57 -1.87
CA ALA EA 143 41.13 -28.03 -3.19
C ALA EA 143 40.33 -29.32 -3.11
N ASP EA 144 40.91 -30.35 -2.50
CA ASP EA 144 40.34 -31.69 -2.60
C ASP EA 144 39.03 -31.83 -1.82
N THR EA 145 39.00 -31.37 -0.58
CA THR EA 145 37.88 -31.66 0.30
C THR EA 145 36.97 -30.47 0.56
N TYR EA 146 37.45 -29.25 0.41
CA TYR EA 146 36.66 -28.06 0.72
C TYR EA 146 36.53 -27.16 -0.50
N ARG EA 147 36.38 -27.78 -1.68
CA ARG EA 147 36.27 -27.02 -2.91
C ARG EA 147 34.95 -26.26 -2.97
N LYS EA 148 33.88 -26.83 -2.40
CA LYS EA 148 32.56 -26.25 -2.58
C LYS EA 148 32.42 -24.92 -1.85
N THR EA 149 33.00 -24.81 -0.64
CA THR EA 149 32.88 -23.57 0.11
C THR EA 149 33.64 -22.43 -0.58
N ILE EA 150 34.87 -22.69 -1.01
CA ILE EA 150 35.62 -21.70 -1.76
C ILE EA 150 34.91 -21.36 -3.05
N ALA EA 151 34.30 -22.36 -3.68
CA ALA EA 151 33.53 -22.12 -4.90
C ALA EA 151 32.36 -21.18 -4.64
N ASP EA 152 31.65 -21.37 -3.53
CA ASP EA 152 30.54 -20.50 -3.19
C ASP EA 152 31.01 -19.07 -2.96
N GLY EA 153 32.10 -18.90 -2.23
CA GLY EA 153 32.65 -17.56 -2.05
C GLY EA 153 33.02 -16.90 -3.37
N ALA EA 154 33.69 -17.65 -4.24
CA ALA EA 154 34.09 -17.12 -5.53
C ALA EA 154 32.87 -16.79 -6.40
N LEU EA 155 31.83 -17.63 -6.32
CA LEU EA 155 30.61 -17.35 -7.07
C LEU EA 155 29.94 -16.08 -6.58
N SER EA 156 29.94 -15.85 -5.28
CA SER EA 156 29.49 -14.55 -4.78
C SER EA 156 30.30 -13.43 -5.43
N GLU EA 157 31.62 -13.57 -5.43
CA GLU EA 157 32.48 -12.52 -5.98
C GLU EA 157 32.17 -12.26 -7.45
N LEU EA 158 32.03 -13.34 -8.24
CA LEU EA 158 31.72 -13.17 -9.66
C LEU EA 158 30.36 -12.55 -9.88
N LEU EA 159 29.33 -13.09 -9.21
CA LEU EA 159 27.97 -12.63 -9.48
C LEU EA 159 27.79 -11.18 -9.05
N ILE EA 160 28.69 -10.67 -8.20
CA ILE EA 160 28.65 -9.24 -7.91
C ILE EA 160 28.98 -8.41 -9.15
N ILE EA 161 29.83 -8.93 -10.05
CA ILE EA 161 30.36 -8.16 -11.18
C ILE EA 161 29.23 -7.57 -12.02
N PRO EA 162 29.24 -6.27 -12.29
CA PRO EA 162 28.12 -5.64 -12.99
C PRO EA 162 28.29 -5.65 -14.50
N GLY EA 163 27.18 -5.37 -15.18
CA GLY EA 163 27.20 -5.20 -16.62
C GLY EA 163 27.64 -6.42 -17.39
N LYS EA 164 27.30 -7.61 -16.92
CA LYS EA 164 27.70 -8.85 -17.57
C LYS EA 164 26.56 -9.86 -17.49
N ALA EA 165 26.63 -10.87 -18.36
CA ALA EA 165 25.63 -11.93 -18.34
C ALA EA 165 25.70 -12.72 -17.05
N TRP EA 166 26.83 -12.66 -16.35
CA TRP EA 166 26.98 -13.38 -15.09
C TRP EA 166 26.18 -12.72 -13.98
N MET EA 167 25.95 -11.41 -14.07
CA MET EA 167 25.40 -10.65 -12.95
C MET EA 167 24.03 -11.19 -12.55
N SER EA 168 23.92 -11.54 -11.27
CA SER EA 168 22.65 -11.98 -10.69
C SER EA 168 22.72 -11.74 -9.20
N ALA EA 169 22.00 -10.72 -8.72
CA ALA EA 169 22.08 -10.34 -7.31
C ALA EA 169 21.53 -11.44 -6.41
N ASP EA 170 20.45 -12.10 -6.83
CA ASP EA 170 19.85 -13.14 -6.00
C ASP EA 170 20.85 -14.25 -5.71
N LEU EA 171 21.47 -14.79 -6.76
CA LEU EA 171 22.44 -15.86 -6.56
C LEU EA 171 23.66 -15.38 -5.80
N ALA EA 172 24.07 -14.12 -6.02
CA ALA EA 172 25.19 -13.57 -5.26
C ALA EA 172 24.91 -13.59 -3.78
N VAL EA 173 23.73 -13.10 -3.37
CA VAL EA 173 23.38 -13.08 -1.96
C VAL EA 173 23.26 -14.49 -1.41
N PHE EA 174 22.63 -15.39 -2.18
CA PHE EA 174 22.44 -16.76 -1.72
C PHE EA 174 23.78 -17.46 -1.49
N PHE EA 175 24.70 -17.34 -2.44
CA PHE EA 175 25.99 -17.99 -2.30
C PHE EA 175 26.82 -17.32 -1.21
N GLY EA 176 26.69 -16.01 -1.03
CA GLY EA 176 27.35 -15.36 0.08
C GLY EA 176 26.88 -15.90 1.41
N THR EA 177 25.57 -16.09 1.56
CA THR EA 177 25.04 -16.64 2.80
C THR EA 177 25.54 -18.07 3.02
N ARG EA 178 25.54 -18.89 1.97
CA ARG EA 178 26.03 -20.26 2.13
C ARG EA 178 27.51 -20.29 2.49
N PHE EA 179 28.31 -19.42 1.84
CA PHE EA 179 29.73 -19.35 2.15
C PHE EA 179 29.95 -18.94 3.59
N ASP EA 180 29.21 -17.93 4.07
CA ASP EA 180 29.35 -17.50 5.44
C ASP EA 180 28.97 -18.62 6.40
N ARG EA 181 27.87 -19.32 6.12
CA ARG EA 181 27.44 -20.40 7.01
C ARG EA 181 28.45 -21.54 7.04
N GLU EA 182 29.03 -21.87 5.89
CA GLU EA 182 30.00 -22.97 5.87
C GLU EA 182 31.28 -22.59 6.60
N LEU EA 183 31.81 -21.38 6.35
CA LEU EA 183 32.94 -20.89 7.14
C LEU EA 183 32.60 -20.92 8.63
N ASP EA 184 31.37 -20.54 8.95
CA ASP EA 184 30.97 -20.41 10.34
C ASP EA 184 30.95 -21.77 11.02
N ARG EA 185 30.44 -22.79 10.32
CA ARG EA 185 30.48 -24.15 10.82
C ARG EA 185 31.90 -24.65 10.99
N LEU EA 186 32.77 -24.37 10.03
CA LEU EA 186 34.14 -24.88 10.06
C LEU EA 186 35.07 -24.08 10.98
N SER EA 187 34.57 -22.99 11.56
CA SER EA 187 35.41 -22.18 12.44
C SER EA 187 36.04 -23.00 13.57
N THR EA 188 35.33 -24.00 14.07
CA THR EA 188 35.81 -24.76 15.23
C THR EA 188 36.72 -25.92 14.86
N LYS EA 189 37.04 -26.07 13.56
CA LYS EA 189 37.75 -27.26 13.12
C LYS EA 189 39.22 -27.22 13.55
N THR EA 190 39.73 -26.03 13.88
CA THR EA 190 41.09 -25.97 14.42
C THR EA 190 41.19 -26.71 15.74
N ILE EA 191 40.31 -26.40 16.69
CA ILE EA 191 40.36 -27.07 17.98
C ILE EA 191 39.88 -28.51 17.85
N LYS EA 192 38.74 -28.71 17.20
CA LYS EA 192 38.18 -30.06 17.14
C LYS EA 192 38.99 -30.96 16.22
N GLY EA 193 39.30 -30.48 15.03
CA GLY EA 193 39.95 -31.32 14.05
C GLY EA 193 39.01 -32.41 13.55
N GLN EA 194 39.59 -33.40 12.89
CA GLN EA 194 38.84 -34.56 12.45
C GLN EA 194 38.74 -35.61 13.55
N GLN EA 195 39.41 -35.39 14.67
CA GLN EA 195 39.50 -36.34 15.77
C GLN EA 195 38.44 -36.12 16.84
N ARG EA 196 37.56 -35.13 16.68
CA ARG EA 196 36.55 -34.76 17.68
C ARG EA 196 37.18 -34.39 19.01
N ALA EA 197 38.27 -33.62 18.98
CA ALA EA 197 38.86 -33.13 20.22
C ALA EA 197 37.91 -32.14 20.90
N PRO EA 198 37.67 -32.27 22.19
CA PRO EA 198 36.71 -31.39 22.86
C PRO EA 198 37.24 -29.97 22.97
N VAL EA 199 36.30 -29.03 23.05
CA VAL EA 199 36.61 -27.62 23.23
C VAL EA 199 36.24 -27.24 24.66
N ARG EA 200 37.24 -26.92 25.47
CA ARG EA 200 37.04 -26.72 26.89
C ARG EA 200 37.72 -25.44 27.35
N THR EA 201 36.94 -24.57 27.97
CA THR EA 201 37.44 -23.27 28.43
C THR EA 201 38.51 -23.47 29.49
N ARG EA 202 39.61 -22.74 29.34
CA ARG EA 202 40.66 -22.74 30.35
C ARG EA 202 40.10 -22.21 31.67
N ALA EA 203 40.40 -22.92 32.75
CA ALA EA 203 39.89 -22.59 34.08
C ALA EA 203 40.94 -21.80 34.84
N GLN EA 204 40.56 -20.65 35.36
CA GLN EA 204 41.44 -19.77 36.12
C GLN EA 204 40.95 -19.69 37.56
N PHE EA 205 41.86 -19.96 38.51
CA PHE EA 205 41.51 -19.95 39.92
C PHE EA 205 42.17 -18.77 40.64
N ALA FA 2 40.09 14.06 -47.14
CA ALA FA 2 41.11 14.92 -47.72
C ALA FA 2 41.09 14.83 -49.24
N PHE FA 3 39.92 14.54 -49.80
CA PHE FA 3 39.81 14.39 -51.24
C PHE FA 3 39.85 15.76 -51.92
N PRO FA 4 40.39 15.86 -53.13
CA PRO FA 4 40.32 17.13 -53.85
C PRO FA 4 38.93 17.39 -54.37
N ALA FA 5 38.68 18.63 -54.77
CA ALA FA 5 37.40 18.97 -55.39
C ALA FA 5 37.21 18.32 -56.75
N SER FA 6 38.31 17.89 -57.38
CA SER FA 6 38.22 17.32 -58.71
C SER FA 6 37.36 16.07 -58.73
N VAL FA 7 37.47 15.22 -57.70
CA VAL FA 7 36.70 13.98 -57.69
C VAL FA 7 35.21 14.29 -57.60
N VAL FA 8 34.82 15.25 -56.76
CA VAL FA 8 33.41 15.59 -56.62
C VAL FA 8 32.88 16.22 -57.89
N LEU FA 9 33.67 17.09 -58.52
CA LEU FA 9 33.24 17.67 -59.78
C LEU FA 9 33.07 16.60 -60.84
N SER FA 10 33.97 15.61 -60.87
CA SER FA 10 33.82 14.50 -61.81
C SER FA 10 32.53 13.73 -61.53
N ARG FA 11 32.22 13.49 -60.26
CA ARG FA 11 30.94 12.86 -59.92
C ARG FA 11 29.79 13.67 -60.52
N ALA FA 12 29.65 14.92 -60.09
CA ALA FA 12 28.49 15.71 -60.47
C ALA FA 12 28.41 15.92 -61.98
N ALA FA 13 29.56 15.87 -62.66
CA ALA FA 13 29.55 15.97 -64.12
C ALA FA 13 29.23 14.64 -64.77
N THR FA 14 29.31 13.56 -63.99
CA THR FA 14 28.91 12.25 -64.50
C THR FA 14 27.45 11.92 -64.21
N LEU FA 15 26.89 12.41 -63.10
CA LEU FA 15 25.48 12.21 -62.80
C LEU FA 15 24.63 13.00 -63.80
N LEU FA 16 24.75 14.32 -63.75
CA LEU FA 16 24.24 15.16 -64.81
C LEU FA 16 25.04 14.89 -66.07
N GLN FA 17 24.33 14.69 -67.18
CA GLN FA 17 25.00 14.31 -68.43
C GLN FA 17 25.64 15.55 -69.05
N ASP FA 18 26.49 16.19 -68.24
CA ASP FA 18 27.23 17.37 -68.63
C ASP FA 18 28.69 17.16 -68.22
N GLU FA 19 29.44 16.47 -69.07
CA GLU FA 19 30.84 16.21 -68.76
C GLU FA 19 31.72 17.42 -69.08
N ASP FA 20 31.32 18.20 -70.09
CA ASP FA 20 32.10 19.38 -70.46
C ASP FA 20 31.88 20.51 -69.46
N HIS FA 21 30.90 20.34 -68.56
CA HIS FA 21 30.47 21.36 -67.60
C HIS FA 21 29.89 22.59 -68.29
N GLU FA 22 29.28 22.41 -69.46
CA GLU FA 22 28.79 23.51 -70.25
C GLU FA 22 27.47 24.09 -69.74
N ARG FA 23 26.56 23.26 -69.22
CA ARG FA 23 25.44 23.82 -68.46
C ARG FA 23 25.90 24.29 -67.09
N TRP FA 24 26.38 23.37 -66.26
CA TRP FA 24 26.86 23.69 -64.93
C TRP FA 24 28.37 23.89 -65.00
N THR FA 25 28.80 25.14 -65.02
CA THR FA 25 30.22 25.46 -65.10
C THR FA 25 30.94 24.95 -63.86
N VAL FA 26 32.25 24.75 -63.99
CA VAL FA 26 33.05 24.25 -62.88
C VAL FA 26 33.00 25.22 -61.71
N ASP FA 27 32.86 26.51 -62.00
CA ASP FA 27 32.80 27.51 -60.93
C ASP FA 27 31.58 27.33 -60.05
N GLU FA 28 30.40 27.20 -60.66
CA GLU FA 28 29.18 27.09 -59.87
C GLU FA 28 29.04 25.71 -59.25
N LEU FA 29 29.58 24.68 -59.90
CA LEU FA 29 29.64 23.37 -59.26
C LEU FA 29 30.55 23.39 -58.04
N LEU FA 30 31.68 24.11 -58.13
CA LEU FA 30 32.54 24.30 -56.97
C LEU FA 30 31.81 25.08 -55.88
N GLU FA 31 31.03 26.06 -56.27
CA GLU FA 31 30.21 26.80 -55.32
C GLU FA 31 29.24 25.87 -54.59
N TRP FA 32 28.59 24.97 -55.33
CA TRP FA 32 27.68 24.03 -54.68
C TRP FA 32 28.44 23.07 -53.79
N LEU FA 33 29.65 22.70 -54.18
CA LEU FA 33 30.49 21.86 -53.33
C LEU FA 33 30.78 22.55 -52.00
N THR FA 34 31.16 23.82 -52.04
CA THR FA 34 31.51 24.50 -50.78
C THR FA 34 30.27 24.75 -49.93
N ASP FA 35 29.14 25.08 -50.56
CA ASP FA 35 27.91 25.23 -49.80
C ASP FA 35 27.51 23.90 -49.15
N GLY FA 36 27.64 22.80 -49.88
CA GLY FA 36 27.33 21.51 -49.31
C GLY FA 36 28.26 21.13 -48.17
N THR FA 37 29.55 21.49 -48.28
CA THR FA 37 30.47 21.22 -47.19
C THR FA 37 30.06 21.98 -45.94
N ARG FA 38 29.73 23.27 -46.09
CA ARG FA 38 29.28 24.02 -44.92
C ARG FA 38 28.00 23.42 -44.34
N GLU FA 39 27.05 23.07 -45.21
CA GLU FA 39 25.78 22.53 -44.73
C GLU FA 39 25.97 21.19 -44.03
N ILE FA 40 26.85 20.34 -44.54
CA ILE FA 40 27.05 19.03 -43.94
C ILE FA 40 27.82 19.15 -42.62
N VAL FA 41 28.73 20.13 -42.51
CA VAL FA 41 29.35 20.38 -41.22
C VAL FA 41 28.30 20.83 -40.22
N VAL FA 42 27.38 21.69 -40.64
CA VAL FA 42 26.31 22.14 -39.75
C VAL FA 42 25.44 20.96 -39.32
N ARG FA 43 25.05 20.12 -40.26
CA ARG FA 43 24.18 18.99 -39.95
C ARG FA 43 24.87 18.01 -39.01
N LYS FA 44 26.10 17.63 -39.33
CA LYS FA 44 26.89 16.70 -38.51
C LYS FA 44 28.23 17.33 -38.19
N PRO FA 45 28.39 17.95 -37.01
CA PRO FA 45 29.69 18.56 -36.68
C PRO FA 45 30.83 17.57 -36.62
N SER FA 46 30.55 16.28 -36.44
CA SER FA 46 31.60 15.27 -36.41
C SER FA 46 32.19 15.01 -37.79
N ALA FA 47 31.55 15.50 -38.86
CA ALA FA 47 32.00 15.18 -40.21
C ALA FA 47 33.39 15.74 -40.48
N TYR FA 48 33.64 16.98 -40.05
CA TYR FA 48 34.89 17.70 -40.31
C TYR FA 48 35.22 18.51 -39.06
N MET FA 49 36.20 18.03 -38.31
CA MET FA 49 36.52 18.60 -37.00
C MET FA 49 38.00 18.95 -36.99
N LYS FA 50 38.33 20.17 -36.56
CA LYS FA 50 39.72 20.64 -36.56
C LYS FA 50 40.07 21.22 -35.20
N THR FA 51 41.23 20.82 -34.67
CA THR FA 51 41.77 21.40 -33.44
C THR FA 51 42.75 22.50 -33.81
N THR FA 52 42.47 23.72 -33.37
CA THR FA 52 43.22 24.91 -33.75
C THR FA 52 43.89 25.52 -32.53
N THR FA 53 45.17 25.85 -32.66
CA THR FA 53 45.87 26.59 -31.62
C THR FA 53 45.62 28.08 -31.79
N ALA FA 54 44.94 28.68 -30.82
CA ALA FA 54 44.56 30.10 -30.91
C ALA FA 54 45.02 30.82 -29.65
N ALA FA 55 45.70 31.95 -29.84
CA ALA FA 55 46.07 32.79 -28.73
C ALA FA 55 44.86 33.60 -28.25
N LEU FA 56 44.84 33.91 -26.96
CA LEU FA 56 43.72 34.58 -26.33
C LEU FA 56 44.11 35.99 -25.92
N VAL FA 57 43.35 36.98 -26.39
CA VAL FA 57 43.62 38.36 -26.02
C VAL FA 57 43.34 38.55 -24.54
N ALA FA 58 44.02 39.52 -23.93
CA ALA FA 58 43.91 39.74 -22.49
C ALA FA 58 42.47 40.08 -22.10
N GLY FA 59 42.04 39.56 -20.96
CA GLY FA 59 40.70 39.78 -20.48
C GLY FA 59 39.88 38.50 -20.44
N SER FA 60 38.85 38.48 -19.61
CA SER FA 60 37.99 37.29 -19.53
C SER FA 60 37.26 37.06 -20.85
N LYS FA 61 36.77 38.12 -21.47
CA LYS FA 61 36.06 37.98 -22.74
C LYS FA 61 37.02 37.51 -23.82
N GLN FA 62 36.58 36.53 -24.60
CA GLN FA 62 37.40 35.97 -25.65
C GLN FA 62 36.52 35.62 -26.85
N ALA FA 63 37.09 35.75 -28.03
CA ALA FA 63 36.39 35.45 -29.27
C ALA FA 63 37.11 34.32 -30.01
N LEU FA 64 36.37 33.25 -30.29
CA LEU FA 64 36.91 32.16 -31.06
C LEU FA 64 37.06 32.58 -32.53
N PRO FA 65 37.88 31.87 -33.30
CA PRO FA 65 38.14 32.29 -34.69
C PRO FA 65 36.85 32.45 -35.48
N GLU FA 66 36.80 33.49 -36.31
CA GLU FA 66 35.57 33.85 -37.00
C GLU FA 66 35.10 32.75 -37.93
N ASP FA 67 36.03 31.96 -38.47
CA ASP FA 67 35.67 30.85 -39.36
C ASP FA 67 35.56 29.54 -38.60
N ALA FA 68 34.67 29.56 -37.59
CA ALA FA 68 34.37 28.37 -36.80
C ALA FA 68 32.88 28.25 -36.62
N ILE FA 69 32.36 27.03 -36.77
CA ILE FA 69 30.92 26.81 -36.67
C ILE FA 69 30.47 27.01 -35.23
N GLN FA 70 31.02 26.20 -34.31
CA GLN FA 70 30.67 26.23 -32.90
C GLN FA 70 31.75 25.46 -32.14
N LEU FA 71 32.10 25.97 -30.96
CA LEU FA 71 33.15 25.37 -30.14
C LEU FA 71 32.56 24.19 -29.38
N ILE FA 72 33.23 23.04 -29.47
CA ILE FA 72 32.73 21.86 -28.78
C ILE FA 72 33.47 21.64 -27.47
N ASP FA 73 34.80 21.72 -27.51
CA ASP FA 73 35.61 21.41 -26.34
C ASP FA 73 36.89 22.23 -26.39
N VAL FA 74 37.50 22.40 -25.22
CA VAL FA 74 38.80 23.04 -25.10
C VAL FA 74 39.70 22.07 -24.34
N PRO FA 75 40.35 21.13 -25.03
CA PRO FA 75 41.03 20.04 -24.31
C PRO FA 75 42.26 20.48 -23.56
N ARG FA 76 43.18 21.19 -24.22
CA ARG FA 76 44.49 21.47 -23.65
C ARG FA 76 44.75 22.96 -23.66
N ASN FA 77 45.32 23.47 -22.58
CA ASN FA 77 45.83 24.83 -22.52
C ASN FA 77 47.31 24.78 -22.89
N LEU FA 78 47.62 25.17 -24.12
CA LEU FA 78 48.97 24.96 -24.63
C LEU FA 78 49.96 25.86 -23.92
N LYS FA 79 50.92 25.23 -23.24
CA LYS FA 79 52.01 25.95 -22.60
C LYS FA 79 52.93 26.54 -23.67
N THR FA 80 53.77 27.49 -23.25
CA THR FA 80 54.72 28.13 -24.15
C THR FA 80 55.49 27.09 -24.96
N ASP FA 81 55.72 27.39 -26.23
CA ASP FA 81 56.37 26.53 -27.23
C ASP FA 81 55.68 25.16 -27.21
N GLY FA 82 56.43 24.06 -27.21
CA GLY FA 82 55.82 22.77 -27.53
C GLY FA 82 55.12 22.12 -26.36
N SER FA 83 55.31 22.64 -25.15
CA SER FA 83 54.76 21.99 -23.98
C SER FA 83 53.23 21.98 -24.04
N PRO FA 84 52.61 20.80 -23.99
CA PRO FA 84 51.13 20.76 -24.04
C PRO FA 84 50.48 21.51 -22.90
N GLY FA 85 51.06 21.47 -21.70
CA GLY FA 85 50.54 22.23 -20.59
C GLY FA 85 49.29 21.65 -19.97
N ARG FA 86 48.68 22.47 -19.11
CA ARG FA 86 47.50 22.11 -18.35
C ARG FA 86 46.30 21.95 -19.28
N ALA FA 87 45.30 21.20 -18.81
CA ALA FA 87 44.05 21.06 -19.53
C ALA FA 87 42.95 21.91 -18.90
N VAL FA 88 41.87 22.10 -19.64
CA VAL FA 88 40.80 23.02 -19.26
C VAL FA 88 39.48 22.26 -19.22
N THR FA 89 38.62 22.60 -18.26
CA THR FA 89 37.30 22.02 -18.13
C THR FA 89 36.25 23.13 -18.11
N ALA FA 90 35.06 22.80 -18.61
CA ALA FA 90 33.98 23.78 -18.70
C ALA FA 90 33.36 24.04 -17.33
N THR FA 91 32.81 25.24 -17.17
CA THR FA 91 32.13 25.63 -15.94
C THR FA 91 30.89 26.44 -16.28
N ASP FA 92 30.23 26.95 -15.25
CA ASP FA 92 29.01 27.73 -15.38
C ASP FA 92 29.35 29.20 -15.16
N ARG FA 93 28.98 30.05 -16.13
CA ARG FA 93 29.32 31.46 -16.04
C ARG FA 93 28.47 32.18 -15.00
N ARG FA 94 27.21 31.74 -14.82
CA ARG FA 94 26.32 32.44 -13.89
C ARG FA 94 26.84 32.34 -12.46
N LEU FA 95 27.34 31.17 -12.06
CA LEU FA 95 27.93 31.05 -10.73
C LEU FA 95 29.22 31.86 -10.62
N LEU FA 96 30.00 31.92 -11.69
CA LEU FA 96 31.18 32.77 -11.70
C LEU FA 96 30.79 34.23 -11.53
N ASP FA 97 29.56 34.59 -11.92
CA ASP FA 97 29.11 35.96 -11.77
C ASP FA 97 28.55 36.21 -10.37
N THR FA 98 27.81 35.25 -9.81
CA THR FA 98 27.17 35.45 -8.51
C THR FA 98 28.22 35.62 -7.42
N GLU FA 99 29.16 34.70 -7.32
CA GLU FA 99 30.25 34.85 -6.37
C GLU FA 99 31.50 35.38 -7.10
N ASN FA 100 32.21 36.27 -6.42
CA ASN FA 100 33.28 37.05 -7.04
C ASN FA 100 32.75 37.77 -8.28
N PRO FA 101 31.82 38.72 -8.12
CA PRO FA 101 31.22 39.35 -9.30
C PRO FA 101 32.22 40.04 -10.20
N ASP FA 102 33.31 40.56 -9.63
CA ASP FA 102 34.36 41.19 -10.43
C ASP FA 102 35.44 40.17 -10.78
N TRP FA 103 35.01 39.05 -11.34
CA TRP FA 103 35.96 38.02 -11.74
C TRP FA 103 36.65 38.36 -13.05
N HIS FA 104 36.12 39.35 -13.78
CA HIS FA 104 36.81 39.84 -14.97
C HIS FA 104 38.03 40.67 -14.60
N SER FA 105 37.93 41.46 -13.53
CA SER FA 105 39.02 42.31 -13.12
C SER FA 105 40.07 41.58 -12.29
N MET FA 106 39.86 40.30 -12.00
CA MET FA 106 40.83 39.53 -11.24
C MET FA 106 42.13 39.41 -12.02
N LYS FA 107 43.22 39.22 -11.28
CA LYS FA 107 44.55 39.22 -11.89
C LYS FA 107 44.65 38.17 -12.98
N PRO FA 108 45.17 38.52 -14.16
CA PRO FA 108 45.32 37.54 -15.23
C PRO FA 108 46.29 36.43 -14.84
N ALA FA 109 46.09 35.26 -15.43
CA ALA FA 109 46.87 34.07 -15.11
C ALA FA 109 47.70 33.66 -16.31
N GLY FA 110 48.87 33.06 -16.04
CA GLY FA 110 49.70 32.56 -17.12
C GLY FA 110 49.02 31.47 -17.91
N GLN FA 111 48.21 30.65 -17.25
CA GLN FA 111 47.43 29.61 -17.90
C GLN FA 111 45.99 29.69 -17.43
N ILE FA 112 45.05 29.74 -18.37
CA ILE FA 112 43.64 29.70 -18.03
C ILE FA 112 43.30 28.32 -17.45
N ARG FA 113 42.34 28.28 -16.54
CA ARG FA 113 41.96 27.05 -15.87
C ARG FA 113 40.59 26.54 -16.28
N HIS FA 114 39.61 27.43 -16.42
CA HIS FA 114 38.27 27.04 -16.82
C HIS FA 114 37.78 27.97 -17.91
N TYR FA 115 36.94 27.42 -18.79
CA TYR FA 115 36.29 28.19 -19.84
C TYR FA 115 34.79 27.99 -19.76
N THR FA 116 34.03 29.02 -20.12
CA THR FA 116 32.58 28.94 -20.15
C THR FA 116 32.10 29.23 -21.57
N TYR FA 117 31.22 28.37 -22.07
CA TYR FA 117 30.68 28.52 -23.42
C TYR FA 117 29.17 28.32 -23.39
N ASP FA 118 28.46 29.13 -24.17
CA ASP FA 118 27.01 29.02 -24.31
C ASP FA 118 26.68 28.83 -25.78
N SER FA 119 25.80 27.86 -26.06
CA SER FA 119 25.43 27.60 -27.45
C SER FA 119 24.69 28.78 -28.06
N ASN FA 120 23.98 29.55 -27.23
CA ASN FA 120 23.27 30.71 -27.75
C ASN FA 120 24.23 31.74 -28.34
N VAL FA 121 25.32 32.04 -27.64
CA VAL FA 121 26.32 32.99 -28.12
C VAL FA 121 27.48 32.20 -28.71
N PRO FA 122 27.52 32.04 -30.02
CA PRO FA 122 28.51 31.12 -30.62
C PRO FA 122 29.92 31.69 -30.62
N THR FA 123 30.06 32.98 -30.89
CA THR FA 123 31.37 33.57 -31.17
C THR FA 123 32.16 33.91 -29.91
N VAL FA 124 31.52 33.96 -28.74
CA VAL FA 124 32.16 34.45 -27.53
C VAL FA 124 32.19 33.34 -26.49
N PHE FA 125 33.38 33.08 -25.95
CA PHE FA 125 33.56 32.15 -24.84
C PHE FA 125 34.46 32.80 -23.80
N TYR FA 126 34.10 32.67 -22.54
CA TYR FA 126 34.82 33.30 -21.44
C TYR FA 126 35.79 32.30 -20.81
N THR FA 127 36.91 32.81 -20.32
CA THR FA 127 37.94 31.98 -19.71
C THR FA 127 38.24 32.46 -18.31
N TYR FA 128 38.33 31.50 -17.38
CA TYR FA 128 38.68 31.77 -15.99
C TYR FA 128 39.95 31.00 -15.65
N PRO FA 129 41.00 31.68 -15.18
CA PRO FA 129 41.12 33.13 -15.00
C PRO FA 129 41.27 33.87 -16.33
N PRO FA 130 41.19 35.19 -16.32
CA PRO FA 130 41.42 35.95 -17.56
C PRO FA 130 42.80 35.65 -18.14
N ALA FA 131 42.85 35.56 -19.46
CA ALA FA 131 44.09 35.25 -20.15
C ALA FA 131 45.06 36.43 -20.07
N ALA FA 132 46.34 36.15 -20.28
CA ALA FA 132 47.39 37.14 -20.18
C ALA FA 132 48.38 36.98 -21.31
N ALA FA 133 48.63 38.08 -22.03
CA ALA FA 133 49.71 38.17 -23.02
C ALA FA 133 49.58 37.10 -24.11
N GLY FA 134 48.35 36.86 -24.55
CA GLY FA 134 48.13 36.03 -25.73
C GLY FA 134 48.57 34.59 -25.59
N VAL FA 135 48.22 33.93 -24.49
CA VAL FA 135 48.56 32.52 -24.33
C VAL FA 135 47.76 31.70 -25.34
N GLN FA 136 48.44 30.76 -25.99
CA GLN FA 136 47.80 29.93 -27.00
C GLN FA 136 47.14 28.72 -26.35
N VAL FA 137 45.98 28.33 -26.87
CA VAL FA 137 45.17 27.24 -26.33
C VAL FA 137 44.68 26.39 -27.49
N GLU FA 138 44.69 25.07 -27.31
CA GLU FA 138 44.05 24.20 -28.28
C GLU FA 138 42.54 24.39 -28.22
N LEU FA 139 41.94 24.66 -29.37
CA LEU FA 139 40.50 24.84 -29.47
C LEU FA 139 39.91 23.77 -30.39
N VAL FA 140 39.04 22.94 -29.83
CA VAL FA 140 38.27 21.97 -30.59
C VAL FA 140 36.96 22.63 -30.95
N CYS FA 141 36.94 23.35 -32.07
CA CYS FA 141 35.76 24.07 -32.53
C CYS FA 141 35.46 23.67 -33.97
N ALA FA 142 34.17 23.50 -34.27
CA ALA FA 142 33.75 23.01 -35.58
C ALA FA 142 34.10 24.02 -36.66
N TRP FA 143 34.95 23.61 -37.59
CA TRP FA 143 35.47 24.53 -38.60
C TRP FA 143 34.47 24.68 -39.74
N ARG FA 144 34.55 25.81 -40.44
CA ARG FA 144 33.82 25.98 -41.69
C ARG FA 144 34.82 25.92 -42.84
N HIS FA 145 34.50 25.14 -43.86
CA HIS FA 145 35.39 25.03 -45.02
C HIS FA 145 35.41 26.36 -45.75
N PRO FA 146 36.59 26.92 -46.05
CA PRO FA 146 36.64 28.29 -46.58
C PRO FA 146 35.90 28.46 -47.90
N ALA FA 147 36.31 27.75 -48.95
CA ALA FA 147 35.73 27.86 -50.27
C ALA FA 147 36.46 26.87 -51.18
N LEU FA 148 35.91 26.67 -52.38
CA LEU FA 148 36.53 25.83 -53.40
C LEU FA 148 36.67 26.68 -54.66
N THR FA 149 37.82 27.38 -54.77
CA THR FA 149 38.01 28.30 -55.88
C THR FA 149 38.49 27.58 -57.13
N THR FA 150 39.19 26.45 -56.97
CA THR FA 150 39.76 25.72 -58.11
C THR FA 150 39.37 24.26 -58.04
N GLN FA 151 39.38 23.62 -59.22
CA GLN FA 151 39.03 22.20 -59.29
C GLN FA 151 40.03 21.35 -58.51
N ASN FA 152 41.32 21.65 -58.62
CA ASN FA 152 42.34 20.87 -57.93
C ASN FA 152 42.38 21.15 -56.43
N ASP FA 153 41.62 22.13 -55.94
CA ASP FA 153 41.63 22.45 -54.52
C ASP FA 153 41.16 21.24 -53.72
N VAL FA 154 41.76 21.07 -52.55
CA VAL FA 154 41.54 19.89 -51.71
C VAL FA 154 40.41 20.18 -50.73
N VAL FA 155 39.48 19.24 -50.62
CA VAL FA 155 38.46 19.27 -49.57
C VAL FA 155 38.92 18.36 -48.45
N GLN FA 156 39.21 18.93 -47.30
CA GLN FA 156 39.80 18.19 -46.18
C GLN FA 156 38.77 17.53 -45.29
N MET FA 157 37.61 17.18 -45.84
CA MET FA 157 36.56 16.48 -45.13
C MET FA 157 36.69 14.97 -45.36
N GLY FA 158 35.93 14.19 -44.60
CA GLY FA 158 35.96 12.74 -44.73
C GLY FA 158 35.53 12.26 -46.10
N ALA FA 159 35.98 11.05 -46.44
CA ALA FA 159 35.89 10.58 -47.82
C ALA FA 159 34.64 9.76 -48.12
N GLU FA 160 33.59 9.92 -47.32
CA GLU FA 160 32.25 9.46 -47.69
C GLU FA 160 31.29 10.63 -47.79
N PHE FA 161 31.59 11.68 -47.05
CA PHE FA 161 30.96 12.97 -47.29
C PHE FA 161 31.25 13.43 -48.71
N VAL FA 162 32.17 12.76 -49.42
CA VAL FA 162 32.26 12.97 -50.87
C VAL FA 162 30.95 12.57 -51.55
N SER FA 163 30.41 11.39 -51.21
CA SER FA 163 29.14 10.97 -51.79
C SER FA 163 28.01 11.84 -51.28
N ALA FA 164 28.06 12.23 -50.00
CA ALA FA 164 27.03 13.12 -49.48
C ALA FA 164 27.03 14.46 -50.22
N LEU FA 165 28.22 15.02 -50.46
CA LEU FA 165 28.35 16.24 -51.24
C LEU FA 165 27.86 16.07 -52.66
N VAL FA 166 28.09 14.89 -53.25
CA VAL FA 166 27.56 14.65 -54.59
C VAL FA 166 26.04 14.74 -54.58
N SER FA 167 25.42 14.13 -53.58
CA SER FA 167 23.96 14.19 -53.50
C SER FA 167 23.47 15.62 -53.30
N TRP FA 168 24.16 16.39 -52.45
CA TRP FA 168 23.74 17.77 -52.21
C TRP FA 168 23.93 18.62 -53.46
N CYS FA 169 25.03 18.40 -54.20
CA CYS FA 169 25.25 19.14 -55.43
C CYS FA 169 24.21 18.77 -56.47
N LEU FA 170 23.77 17.51 -56.48
CA LEU FA 170 22.66 17.14 -57.35
C LEU FA 170 21.38 17.88 -56.96
N TYR FA 171 21.12 18.02 -55.66
CA TYR FA 171 20.02 18.87 -55.22
C TYR FA 171 20.15 20.27 -55.80
N ARG FA 172 21.31 20.90 -55.61
CA ARG FA 172 21.41 22.32 -55.97
C ARG FA 172 21.40 22.52 -57.47
N ALA FA 173 21.87 21.53 -58.23
CA ALA FA 173 21.89 21.65 -59.68
C ALA FA 173 20.52 21.32 -60.28
N SER FA 174 19.80 20.36 -59.71
CA SER FA 174 18.51 19.96 -60.23
C SER FA 174 17.38 20.91 -59.84
N SER FA 175 17.64 21.86 -58.93
CA SER FA 175 16.66 22.91 -58.70
C SER FA 175 16.64 23.92 -59.83
N LYS FA 176 17.67 23.90 -60.69
CA LYS FA 176 17.71 24.79 -61.84
C LYS FA 176 16.61 24.45 -62.83
N ASP FA 177 16.50 23.18 -63.21
CA ASP FA 177 15.43 22.72 -64.10
C ASP FA 177 14.22 22.26 -63.27
N SER FA 178 13.66 23.21 -62.52
CA SER FA 178 12.59 22.88 -61.59
C SER FA 178 11.28 22.61 -62.32
N GLU FA 179 11.21 22.95 -63.60
CA GLU FA 179 9.99 22.71 -64.37
C GLU FA 179 9.64 21.23 -64.41
N PHE FA 180 10.65 20.37 -64.43
CA PHE FA 180 10.41 18.93 -64.45
C PHE FA 180 9.74 18.48 -63.16
N ALA FA 181 8.50 17.99 -63.28
CA ALA FA 181 7.76 17.37 -62.19
C ALA FA 181 7.65 18.26 -60.96
N ASN FA 182 7.69 19.57 -61.15
CA ASN FA 182 7.59 20.53 -60.05
C ASN FA 182 8.68 20.31 -59.01
N GLY FA 183 9.89 20.01 -59.49
CA GLY FA 183 11.01 19.79 -58.60
C GLY FA 183 11.02 18.45 -57.88
N ALA FA 184 10.30 17.45 -58.40
CA ALA FA 184 10.26 16.16 -57.73
C ALA FA 184 11.63 15.50 -57.71
N VAL FA 185 12.40 15.65 -58.79
CA VAL FA 185 13.73 15.07 -58.83
C VAL FA 185 14.65 15.72 -57.80
N ALA FA 186 14.55 17.05 -57.67
CA ALA FA 186 15.34 17.75 -56.65
C ALA FA 186 14.92 17.32 -55.25
N ALA FA 187 13.62 17.16 -55.01
CA ALA FA 187 13.15 16.70 -53.72
C ALA FA 187 13.66 15.29 -53.42
N ALA FA 188 13.66 14.42 -54.42
CA ALA FA 188 14.18 13.07 -54.23
C ALA FA 188 15.67 13.09 -53.91
N HIS FA 189 16.42 13.95 -54.60
CA HIS FA 189 17.84 14.07 -54.32
C HIS FA 189 18.10 14.59 -52.91
N TYR FA 190 17.30 15.56 -52.46
CA TYR FA 190 17.42 16.04 -51.09
C TYR FA 190 17.10 14.95 -50.09
N SER FA 191 16.08 14.14 -50.39
CA SER FA 191 15.75 13.02 -49.51
C SER FA 191 16.91 12.03 -49.45
N ALA FA 192 17.55 11.78 -50.58
CA ALA FA 192 18.71 10.89 -50.60
C ALA FA 192 19.84 11.45 -49.75
N PHE FA 193 20.10 12.76 -49.87
CA PHE FA 193 21.15 13.39 -49.07
C PHE FA 193 20.85 13.30 -47.58
N SER FA 194 19.60 13.61 -47.21
CA SER FA 194 19.22 13.58 -45.81
C SER FA 194 19.29 12.16 -45.25
N ASP FA 195 18.90 11.16 -46.05
CA ASP FA 195 19.00 9.78 -45.60
C ASP FA 195 20.47 9.36 -45.47
N ALA FA 196 21.32 9.82 -46.38
CA ALA FA 196 22.74 9.50 -46.30
C ALA FA 196 23.34 10.03 -45.01
N LEU FA 197 23.00 11.28 -44.65
CA LEU FA 197 23.49 11.80 -43.37
C LEU FA 197 22.79 11.17 -42.18
N GLY FA 198 21.54 10.73 -42.33
CA GLY FA 198 20.82 10.16 -41.21
C GLY FA 198 21.35 8.80 -40.79
N ALA FA 199 21.62 7.93 -41.76
CA ALA FA 199 22.11 6.59 -41.49
C ALA FA 199 23.62 6.56 -41.26
N GLN FA 200 24.23 7.73 -41.03
CA GLN FA 200 25.66 7.83 -40.75
C GLN FA 200 25.89 7.37 -39.31
N ALA FA 201 26.14 6.07 -39.15
CA ALA FA 201 26.28 5.51 -37.80
C ALA FA 201 27.59 5.93 -37.15
N THR FA 202 28.57 6.38 -37.94
CA THR FA 202 29.90 6.65 -37.39
C THR FA 202 29.91 7.93 -36.56
N GLY FA 203 29.61 9.06 -37.19
CA GLY FA 203 29.74 10.35 -36.55
C GLY FA 203 28.60 10.65 -35.60
N THR FA 204 28.39 11.93 -35.34
CA THR FA 204 27.31 12.37 -34.48
C THR FA 204 25.97 12.00 -35.13
N PRO FA 205 25.06 11.36 -34.39
CA PRO FA 205 23.78 10.95 -34.98
C PRO FA 205 22.88 12.15 -35.22
N THR FA 206 22.58 12.40 -36.50
CA THR FA 206 21.65 13.49 -36.83
C THR FA 206 20.21 13.08 -36.60
N THR FA 207 19.91 11.77 -36.65
CA THR FA 207 18.55 11.31 -36.43
C THR FA 207 18.08 11.59 -35.02
N GLN FA 208 18.96 11.43 -34.04
CA GLN FA 208 18.58 11.62 -32.64
C GLN FA 208 18.43 13.12 -32.34
N ALA FA 209 18.22 13.42 -31.06
CA ALA FA 209 17.93 14.78 -30.63
C ALA FA 209 19.04 15.74 -31.06
N ALA FA 210 18.64 16.90 -31.56
CA ALA FA 210 19.60 17.90 -32.02
C ALA FA 210 20.44 18.39 -30.85
N ALA FA 211 21.76 18.45 -31.07
CA ALA FA 211 22.75 18.90 -30.09
C ALA FA 211 22.75 18.07 -28.82
N ALA FA 212 22.13 16.89 -28.82
CA ALA FA 212 22.17 16.04 -27.64
C ALA FA 212 23.59 15.57 -27.36
N ALA FA 213 24.32 15.16 -28.39
CA ALA FA 213 25.71 14.77 -28.22
C ALA FA 213 26.55 15.97 -27.81
N ALA FA 214 27.38 15.79 -26.80
CA ALA FA 214 28.20 16.88 -26.27
C ALA FA 214 29.19 17.39 -27.30
N LEU GA 37 24.03 -99.30 70.00
CA LEU GA 37 22.66 -98.86 70.21
C LEU GA 37 22.23 -97.91 69.09
N ASP GA 38 23.17 -97.56 68.23
CA ASP GA 38 22.88 -96.59 67.17
C ASP GA 38 22.08 -97.22 66.04
N SER GA 39 22.26 -98.52 65.81
CA SER GA 39 21.72 -99.16 64.61
C SER GA 39 20.20 -99.30 64.68
N GLU GA 40 19.68 -99.80 65.79
CA GLU GA 40 18.31 -100.30 65.81
C GLU GA 40 17.29 -99.17 65.68
N GLU GA 41 17.45 -98.09 66.43
CA GLU GA 41 16.47 -97.00 66.44
C GLU GA 41 17.08 -95.62 66.29
N MET GA 42 18.37 -95.44 66.58
CA MET GA 42 18.95 -94.11 66.53
C MET GA 42 19.03 -93.60 65.10
N LYS GA 43 19.13 -94.49 64.12
CA LYS GA 43 19.07 -94.04 62.72
C LYS GA 43 17.69 -93.46 62.41
N GLU GA 44 16.63 -94.11 62.87
CA GLU GA 44 15.29 -93.56 62.67
C GLU GA 44 15.13 -92.23 63.40
N LEU GA 45 15.66 -92.14 64.62
CA LEU GA 45 15.59 -90.88 65.35
C LEU GA 45 16.34 -89.78 64.63
N HIS GA 46 17.52 -90.10 64.08
CA HIS GA 46 18.29 -89.11 63.34
C HIS GA 46 17.56 -88.66 62.09
N ARG GA 47 16.92 -89.59 61.39
CA ARG GA 47 16.13 -89.22 60.21
C ARG GA 47 14.99 -88.29 60.60
N ARG GA 48 14.30 -88.60 61.70
CA ARG GA 48 13.20 -87.76 62.15
C ARG GA 48 13.70 -86.37 62.53
N LEU GA 49 14.84 -86.30 63.22
CA LEU GA 49 15.40 -85.01 63.61
C LEU GA 49 15.82 -84.20 62.40
N ARG GA 50 16.41 -84.86 61.39
CA ARG GA 50 16.81 -84.15 60.18
C ARG GA 50 15.59 -83.62 59.44
N SER GA 51 14.51 -84.42 59.39
CA SER GA 51 13.27 -83.93 58.77
C SER GA 51 12.71 -82.72 59.53
N TYR GA 52 12.73 -82.78 60.86
CA TYR GA 52 12.24 -81.65 61.64
C TYR GA 52 13.09 -80.41 61.41
N LEU GA 53 14.41 -80.58 61.35
CA LEU GA 53 15.30 -79.46 61.10
C LEU GA 53 15.04 -78.86 59.71
N HIS GA 54 14.86 -79.70 58.70
CA HIS GA 54 14.55 -79.20 57.37
C HIS GA 54 13.23 -78.42 57.37
N GLN GA 55 12.21 -78.94 58.06
CA GLN GA 55 10.93 -78.25 58.10
C GLN GA 55 11.06 -76.90 58.80
N GLU GA 56 11.80 -76.85 59.91
CA GLU GA 56 11.91 -75.58 60.62
C GLU GA 56 12.80 -74.61 59.87
N LEU GA 57 13.73 -75.12 59.06
CA LEU GA 57 14.55 -74.23 58.24
C LEU GA 57 13.74 -73.63 57.10
N ASP GA 58 12.96 -74.45 56.40
CA ASP GA 58 12.24 -73.94 55.23
C ASP GA 58 11.03 -73.11 55.65
N ARG GA 59 10.50 -73.37 56.84
CA ARG GA 59 9.41 -72.53 57.35
C ARG GA 59 9.89 -71.12 57.67
N GLN GA 60 11.08 -71.00 58.26
CA GLN GA 60 11.59 -69.72 58.73
C GLN GA 60 12.55 -69.06 57.75
N ALA GA 61 12.60 -69.55 56.50
CA ALA GA 61 13.54 -68.97 55.54
C ALA GA 61 13.25 -67.50 55.27
N GLU GA 62 11.97 -67.14 55.17
CA GLU GA 62 11.62 -65.75 54.88
C GLU GA 62 12.09 -64.81 55.98
N ASN GA 63 11.75 -65.12 57.23
CA ASN GA 63 12.12 -64.24 58.33
C ASN GA 63 13.60 -64.33 58.64
N ARG GA 64 14.22 -65.49 58.41
CA ARG GA 64 15.67 -65.58 58.56
C ARG GA 64 16.36 -64.65 57.57
N PHE GA 65 15.91 -64.67 56.32
CA PHE GA 65 16.45 -63.76 55.32
C PHE GA 65 16.20 -62.31 55.69
N GLN GA 66 15.00 -62.01 56.22
CA GLN GA 66 14.69 -60.65 56.62
C GLN GA 66 15.59 -60.16 57.73
N MET GA 67 15.84 -61.02 58.73
CA MET GA 67 16.74 -60.63 59.82
C MET GA 67 18.17 -60.47 59.32
N ALA GA 68 18.60 -61.33 58.38
CA ALA GA 68 19.92 -61.17 57.80
C ALA GA 68 20.04 -59.82 57.09
N VAL GA 69 19.00 -59.45 56.33
CA VAL GA 69 19.04 -58.17 55.62
C VAL GA 69 19.00 -57.01 56.61
N ASP GA 70 18.29 -57.18 57.72
CA ASP GA 70 18.28 -56.13 58.75
C ASP GA 70 19.66 -55.91 59.35
N GLU GA 71 20.32 -56.99 59.74
CA GLU GA 71 21.69 -56.88 60.26
C GLU GA 71 22.63 -56.34 59.18
N ASP GA 72 22.33 -56.62 57.91
CA ASP GA 72 23.16 -56.12 56.83
C ASP GA 72 22.98 -54.62 56.62
N TYR GA 73 21.75 -54.12 56.77
CA TYR GA 73 21.53 -52.68 56.67
C TYR GA 73 22.05 -51.95 57.90
N TYR GA 74 22.18 -52.64 59.03
CA TYR GA 74 22.72 -51.96 60.22
C TYR GA 74 24.14 -51.45 59.97
N ASP GA 75 24.99 -52.27 59.36
CA ASP GA 75 26.38 -51.89 59.17
C ASP GA 75 26.62 -51.22 57.82
N SER GA 76 25.82 -50.20 57.52
CA SER GA 76 26.08 -49.26 56.42
C SER GA 76 26.23 -49.96 55.07
N ILE GA 77 25.42 -51.00 54.86
CA ILE GA 77 25.32 -51.65 53.56
C ILE GA 77 23.86 -51.70 53.16
N GLN GA 78 23.42 -50.77 52.31
CA GLN GA 78 21.99 -50.58 52.06
C GLN GA 78 21.62 -50.53 50.58
N TRP GA 79 22.51 -50.93 49.68
CA TRP GA 79 22.24 -50.90 48.26
C TRP GA 79 22.13 -52.32 47.72
N THR GA 80 21.02 -52.61 47.06
CA THR GA 80 20.89 -53.89 46.37
C THR GA 80 21.78 -53.92 45.13
N GLU GA 81 22.12 -55.13 44.69
CA GLU GA 81 23.09 -55.28 43.60
C GLU GA 81 22.58 -54.64 42.32
N ALA GA 82 21.31 -54.84 41.99
CA ALA GA 82 20.77 -54.29 40.76
C ALA GA 82 20.80 -52.77 40.76
N ASP GA 83 20.34 -52.13 41.84
CA ASP GA 83 20.33 -50.68 41.87
C ASP GA 83 21.74 -50.13 42.01
N ALA GA 84 22.64 -50.88 42.65
CA ALA GA 84 24.04 -50.46 42.70
C ALA GA 84 24.63 -50.43 41.30
N GLN GA 85 24.31 -51.45 40.49
CA GLN GA 85 24.75 -51.44 39.10
C GLN GA 85 24.14 -50.27 38.33
N VAL GA 86 22.86 -50.00 38.56
CA VAL GA 86 22.20 -48.86 37.91
C VAL GA 86 22.92 -47.57 38.24
N LEU GA 87 23.26 -47.37 39.52
CA LEU GA 87 24.00 -46.17 39.92
C LEU GA 87 25.39 -46.15 39.29
N LYS GA 88 26.04 -47.31 39.19
CA LYS GA 88 27.36 -47.37 38.60
C LYS GA 88 27.33 -46.94 37.13
N GLU GA 89 26.31 -47.37 36.39
CA GLU GA 89 26.21 -46.95 35.00
C GLU GA 89 26.02 -45.44 34.88
N ARG GA 90 25.38 -44.83 35.87
CA ARG GA 90 25.28 -43.37 35.92
C ARG GA 90 26.63 -42.70 36.09
N GLY GA 91 27.64 -43.42 36.56
CA GLY GA 91 28.88 -42.81 36.99
C GLY GA 91 28.81 -42.24 38.39
N GLN GA 92 27.74 -42.51 39.13
CA GLN GA 92 27.54 -42.00 40.48
C GLN GA 92 27.93 -43.06 41.49
N ALA GA 93 28.80 -42.70 42.42
CA ALA GA 93 29.17 -43.63 43.47
C ALA GA 93 27.99 -43.82 44.42
N PRO GA 94 27.69 -45.06 44.82
CA PRO GA 94 26.58 -45.28 45.75
C PRO GA 94 26.83 -44.58 47.08
N LEU GA 95 25.75 -44.10 47.68
CA LEU GA 95 25.82 -43.39 48.95
C LEU GA 95 24.90 -44.05 49.95
N VAL GA 96 25.36 -44.22 51.18
CA VAL GA 96 24.58 -44.77 52.27
C VAL GA 96 24.60 -43.77 53.42
N PHE GA 97 23.41 -43.42 53.92
CA PHE GA 97 23.35 -42.44 55.00
C PHE GA 97 23.30 -43.12 56.36
N ASN GA 98 22.59 -44.24 56.45
CA ASN GA 98 22.60 -45.11 57.63
C ASN GA 98 22.12 -44.36 58.88
N VAL GA 99 20.83 -43.97 58.85
CA VAL GA 99 20.20 -43.49 60.07
C VAL GA 99 19.86 -44.65 61.00
N ILE GA 100 19.96 -45.89 60.50
CA ILE GA 100 19.71 -47.06 61.32
C ILE GA 100 20.68 -47.11 62.49
N ALA GA 101 21.95 -46.81 62.22
CA ALA GA 101 23.00 -46.97 63.23
C ALA GA 101 22.73 -46.07 64.43
N GLN GA 102 22.29 -44.84 64.20
CA GLN GA 102 22.03 -43.93 65.30
C GLN GA 102 21.01 -44.52 66.28
N SER GA 103 19.85 -44.92 65.76
CA SER GA 103 18.79 -45.42 66.63
C SER GA 103 19.18 -46.72 67.31
N VAL GA 104 19.78 -47.65 66.56
CA VAL GA 104 20.14 -48.93 67.14
C VAL GA 104 21.21 -48.75 68.22
N ASN GA 105 22.20 -47.91 67.95
CA ASN GA 105 23.24 -47.63 68.95
C ASN GA 105 22.64 -46.97 70.18
N TRP GA 106 21.68 -46.06 69.98
CA TRP GA 106 21.03 -45.42 71.12
C TRP GA 106 20.31 -46.45 71.98
N ILE GA 107 19.58 -47.37 71.37
CA ILE GA 107 18.84 -48.37 72.14
C ILE GA 107 19.81 -49.28 72.89
N ILE GA 108 20.84 -49.77 72.21
CA ILE GA 108 21.76 -50.70 72.86
C ILE GA 108 22.54 -50.00 73.97
N GLY GA 109 22.89 -48.73 73.77
CA GLY GA 109 23.56 -47.99 74.83
C GLY GA 109 22.66 -47.73 76.02
N SER GA 110 21.38 -47.43 75.75
CA SER GA 110 20.43 -47.25 76.84
C SER GA 110 20.29 -48.52 77.66
N GLU GA 111 20.29 -49.68 76.99
CA GLU GA 111 20.29 -50.94 77.73
C GLU GA 111 21.60 -51.12 78.50
N LYS GA 112 22.73 -50.82 77.87
CA LYS GA 112 24.02 -51.10 78.49
C LYS GA 112 24.26 -50.22 79.71
N ARG GA 113 23.73 -49.00 79.72
CA ARG GA 113 23.80 -48.17 80.92
C ARG GA 113 22.91 -48.74 82.02
N GLY GA 114 21.99 -49.64 81.66
CA GLY GA 114 21.08 -50.22 82.62
C GLY GA 114 21.38 -51.67 82.97
N ARG GA 115 22.65 -52.05 82.92
CA ARG GA 115 23.04 -53.42 83.27
C ARG GA 115 22.67 -53.72 84.72
N THR GA 116 22.15 -54.92 84.95
CA THR GA 116 21.68 -55.33 86.26
C THR GA 116 22.29 -56.68 86.63
N ASP GA 117 22.37 -56.93 87.94
CA ASP GA 117 22.82 -58.21 88.48
C ASP GA 117 21.74 -58.79 89.36
N PHE GA 118 21.69 -60.12 89.42
CA PHE GA 118 20.70 -60.79 90.24
C PHE GA 118 20.92 -60.52 91.72
N ASN GA 119 19.84 -60.25 92.44
CA ASN GA 119 19.85 -60.10 93.88
C ASN GA 119 18.75 -60.98 94.46
N ILE GA 120 19.12 -62.18 94.90
CA ILE GA 120 18.16 -63.16 95.40
C ILE GA 120 17.61 -62.67 96.73
N LEU GA 121 16.29 -62.60 96.84
CA LEU GA 121 15.65 -62.16 98.05
C LEU GA 121 14.88 -63.31 98.70
N PRO GA 122 14.96 -63.45 100.02
CA PRO GA 122 14.21 -64.52 100.70
C PRO GA 122 12.76 -64.13 100.88
N ARG GA 123 11.85 -65.00 100.42
CA ARG GA 123 10.43 -64.77 100.66
C ARG GA 123 10.06 -65.07 102.11
N LYS GA 124 10.59 -66.17 102.66
CA LYS GA 124 10.29 -66.53 104.04
C LYS GA 124 11.04 -65.63 105.02
N LYS GA 125 12.28 -65.28 104.69
CA LYS GA 125 13.21 -64.42 105.42
C LYS GA 125 13.69 -65.09 106.71
N ALA GA 126 13.25 -66.31 107.01
CA ALA GA 126 13.96 -67.17 107.94
C ALA GA 126 15.17 -67.80 107.26
N ASP GA 127 15.32 -67.62 105.96
CA ASP GA 127 16.45 -68.13 105.20
C ASP GA 127 17.18 -67.02 104.45
N ALA GA 128 17.39 -65.87 105.10
CA ALA GA 128 18.09 -64.77 104.46
C ALA GA 128 19.53 -65.15 104.13
N LYS GA 129 20.21 -65.84 105.05
CA LYS GA 129 21.58 -66.25 104.80
C LYS GA 129 21.72 -67.18 103.60
N PRO GA 130 20.89 -68.21 103.40
CA PRO GA 130 20.97 -68.97 102.14
C PRO GA 130 20.74 -68.09 100.92
N ALA GA 131 19.81 -67.14 101.00
CA ALA GA 131 19.59 -66.24 99.87
C ALA GA 131 20.82 -65.37 99.63
N GLU GA 132 21.45 -64.89 100.70
CA GLU GA 132 22.66 -64.09 100.56
C GLU GA 132 23.80 -64.89 99.94
N ALA GA 133 23.98 -66.13 100.38
CA ALA GA 133 25.02 -66.99 99.80
C ALA GA 133 24.75 -67.27 98.33
N LYS GA 134 23.48 -67.51 97.99
CA LYS GA 134 23.14 -67.73 96.58
C LYS GA 134 23.39 -66.47 95.75
N THR GA 135 23.09 -65.29 96.31
CA THR GA 135 23.39 -64.06 95.60
C THR GA 135 24.88 -63.91 95.36
N LYS GA 136 25.70 -64.20 96.37
CA LYS GA 136 27.14 -64.16 96.19
C LYS GA 136 27.59 -65.13 95.12
N LEU GA 137 27.05 -66.35 95.11
CA LEU GA 137 27.53 -67.35 94.16
C LEU GA 137 27.09 -67.02 92.74
N LEU GA 138 25.86 -66.50 92.57
CA LEU GA 138 25.45 -66.02 91.26
C LEU GA 138 26.31 -64.86 90.78
N LYS GA 139 26.69 -63.95 91.68
CA LYS GA 139 27.57 -62.87 91.28
C LYS GA 139 28.95 -63.41 90.88
N TYR GA 140 29.44 -64.42 91.61
CA TYR GA 140 30.70 -65.04 91.25
C TYR GA 140 30.63 -65.67 89.88
N LEU GA 141 29.53 -66.37 89.58
CA LEU GA 141 29.36 -66.98 88.26
C LEU GA 141 29.27 -65.92 87.17
N SER GA 142 28.56 -64.82 87.44
CA SER GA 142 28.48 -63.74 86.46
C SER GA 142 29.85 -63.12 86.20
N ASP GA 143 30.65 -62.96 87.24
CA ASP GA 143 32.00 -62.44 87.08
C ASP GA 143 32.86 -63.40 86.26
N VAL GA 144 32.76 -64.70 86.55
CA VAL GA 144 33.61 -65.68 85.87
C VAL GA 144 33.24 -65.80 84.40
N ASN GA 145 31.94 -65.90 84.12
CA ASN GA 145 31.47 -66.12 82.76
C ASN GA 145 31.31 -64.83 81.96
N ARG GA 146 31.61 -63.68 82.56
CA ARG GA 146 31.44 -62.38 81.89
C ARG GA 146 30.02 -62.21 81.38
N LEU GA 147 29.05 -62.60 82.20
CA LEU GA 147 27.66 -62.62 81.76
C LEU GA 147 27.12 -61.26 81.32
N PRO GA 148 27.38 -60.14 82.02
CA PRO GA 148 26.78 -58.87 81.58
C PRO GA 148 27.13 -58.50 80.15
N PHE GA 149 28.36 -58.79 79.71
CA PHE GA 149 28.71 -58.54 78.31
C PHE GA 149 27.89 -59.43 77.38
N HIS GA 150 27.73 -60.70 77.74
CA HIS GA 150 26.92 -61.60 76.93
C HIS GA 150 25.47 -61.12 76.85
N ARG GA 151 24.91 -60.70 77.98
CA ARG GA 151 23.53 -60.22 77.98
C ARG GA 151 23.40 -58.94 77.15
N SER GA 152 24.38 -58.03 77.26
CA SER GA 152 24.34 -56.81 76.47
C SER GA 152 24.40 -57.10 74.99
N ARG GA 153 25.30 -58.00 74.58
CA ARG GA 153 25.38 -58.37 73.17
C ARG GA 153 24.09 -59.05 72.70
N SER GA 154 23.50 -59.88 73.56
CA SER GA 154 22.26 -60.55 73.19
C SER GA 154 21.14 -59.55 72.97
N PHE GA 155 21.01 -58.57 73.87
CA PHE GA 155 19.99 -57.54 73.67
C PHE GA 155 20.29 -56.71 72.44
N GLU GA 156 21.56 -56.42 72.18
CA GLU GA 156 21.91 -55.69 70.96
C GLU GA 156 21.45 -56.45 69.73
N ASP GA 157 21.52 -57.77 69.77
CA ASP GA 157 21.03 -58.54 68.63
C ASP GA 157 19.51 -58.52 68.59
N THR GA 158 18.87 -58.60 69.75
CA THR GA 158 17.41 -58.54 69.76
C THR GA 158 16.89 -57.21 69.26
N VAL GA 159 17.71 -56.16 69.32
CA VAL GA 159 17.32 -54.88 68.75
C VAL GA 159 17.45 -54.92 67.23
N LYS GA 160 18.60 -55.37 66.74
CA LYS GA 160 18.83 -55.39 65.29
C LYS GA 160 17.94 -56.40 64.60
N VAL GA 161 17.86 -57.62 65.13
CA VAL GA 161 17.09 -58.70 64.52
C VAL GA 161 16.02 -59.15 65.50
N GLY GA 162 15.28 -60.18 65.09
CA GLY GA 162 14.08 -60.56 65.82
C GLY GA 162 14.34 -60.97 67.26
N LEU GA 163 15.35 -61.81 67.49
CA LEU GA 163 15.53 -62.43 68.79
C LEU GA 163 17.00 -62.72 69.05
N GLY GA 164 17.32 -62.96 70.31
CA GLY GA 164 18.65 -63.34 70.71
C GLY GA 164 18.60 -64.45 71.75
N TRP GA 165 19.64 -65.28 71.74
CA TRP GA 165 19.72 -66.47 72.57
C TRP GA 165 20.89 -66.37 73.53
N ILE GA 166 20.64 -66.69 74.79
CA ILE GA 166 21.68 -66.79 75.82
C ILE GA 166 21.75 -68.24 76.30
N GLU GA 167 22.97 -68.75 76.46
CA GLU GA 167 23.21 -70.10 76.95
C GLU GA 167 23.38 -70.08 78.47
N ASP GA 168 22.71 -71.01 79.14
CA ASP GA 168 22.97 -71.29 80.55
C ASP GA 168 22.91 -72.80 80.74
N SER GA 169 24.05 -73.41 81.03
CA SER GA 169 24.13 -74.86 81.13
C SER GA 169 25.36 -75.22 81.95
N TYR GA 170 25.60 -76.51 82.09
CA TYR GA 170 26.71 -77.04 82.87
C TYR GA 170 27.53 -77.97 81.98
N ASP GA 171 28.84 -77.77 81.96
CA ASP GA 171 29.72 -78.52 81.08
C ASP GA 171 30.90 -79.07 81.87
N ASP GA 172 31.39 -80.23 81.45
CA ASP GA 172 32.52 -80.89 82.08
C ASP GA 172 33.72 -80.83 81.15
N SER GA 173 34.80 -80.21 81.62
CA SER GA 173 36.03 -80.09 80.87
C SER GA 173 37.12 -79.59 81.82
N THR GA 174 38.33 -79.44 81.28
CA THR GA 174 39.41 -78.85 82.06
C THR GA 174 39.16 -77.38 82.36
N ASP GA 175 38.20 -76.76 81.66
CA ASP GA 175 37.80 -75.40 82.00
C ASP GA 175 37.31 -75.35 83.45
N GLY GA 176 37.82 -74.36 84.19
CA GLY GA 176 37.58 -74.35 85.62
C GLY GA 176 36.12 -74.13 85.98
N GLU GA 177 35.46 -73.21 85.31
CA GLU GA 177 34.08 -72.90 85.63
C GLU GA 177 33.14 -74.00 85.16
N PRO GA 178 32.37 -74.60 86.07
CA PRO GA 178 31.45 -75.68 85.65
C PRO GA 178 30.20 -75.15 84.95
N ILE GA 179 29.59 -74.10 85.47
CA ILE GA 179 28.35 -73.57 84.92
C ILE GA 179 28.68 -72.43 83.98
N TYR GA 180 28.55 -72.69 82.68
CA TYR GA 180 28.95 -71.73 81.64
C TYR GA 180 27.73 -71.01 81.09
N SER GA 181 27.82 -69.68 81.04
CA SER GA 181 26.82 -68.84 80.41
C SER GA 181 27.47 -68.08 79.26
N ARG GA 182 27.05 -68.39 78.04
CA ARG GA 182 27.63 -67.82 76.84
C ARG GA 182 26.52 -67.33 75.91
N TYR GA 183 26.91 -66.46 74.99
CA TYR GA 183 26.02 -66.00 73.92
C TYR GA 183 26.06 -66.94 72.73
N GLU GA 184 24.90 -67.21 72.16
CA GLU GA 184 24.76 -67.88 70.87
C GLU GA 184 23.96 -66.97 69.94
N SER GA 185 24.45 -66.82 68.71
CA SER GA 185 23.86 -65.88 67.78
C SER GA 185 22.48 -66.34 67.33
N TRP GA 186 21.67 -65.37 66.89
CA TRP GA 186 20.37 -65.69 66.31
C TRP GA 186 20.52 -66.54 65.06
N ARG GA 187 21.66 -66.45 64.38
CA ARG GA 187 21.90 -67.25 63.19
C ARG GA 187 22.00 -68.73 63.54
N ASN GA 188 22.79 -69.06 64.56
CA ASN GA 188 23.15 -70.44 64.87
C ASN GA 188 22.11 -71.17 65.70
N VAL GA 189 20.89 -70.66 65.78
CA VAL GA 189 19.84 -71.31 66.56
C VAL GA 189 18.63 -71.53 65.65
N ILE GA 190 18.10 -72.75 65.68
CA ILE GA 190 16.85 -73.10 65.01
C ILE GA 190 15.85 -73.50 66.09
N PHE GA 191 14.80 -72.70 66.25
CA PHE GA 191 13.83 -72.91 67.31
C PHE GA 191 12.48 -73.29 66.72
N ASP GA 192 11.78 -74.18 67.42
CA ASP GA 192 10.43 -74.55 67.02
C ASP GA 192 9.52 -73.33 67.07
N SER GA 193 8.81 -73.07 65.97
CA SER GA 193 7.89 -71.97 65.90
C SER GA 193 6.47 -72.34 66.32
N ALA GA 194 6.27 -73.58 66.77
CA ALA GA 194 4.97 -73.98 67.28
C ALA GA 194 4.67 -73.35 68.63
N SER GA 195 5.65 -72.70 69.25
CA SER GA 195 5.46 -72.15 70.58
C SER GA 195 4.55 -70.94 70.54
N THR GA 196 3.54 -70.94 71.42
CA THR GA 196 2.68 -69.79 71.62
C THR GA 196 2.79 -69.23 73.03
N GLU GA 197 3.34 -69.99 73.96
CA GLU GA 197 3.52 -69.52 75.33
C GLU GA 197 4.62 -68.46 75.40
N LEU GA 198 4.43 -67.49 76.29
CA LEU GA 198 5.47 -66.48 76.51
C LEU GA 198 6.70 -67.11 77.17
N ASP GA 199 6.49 -68.12 78.02
CA ASP GA 199 7.60 -68.75 78.71
C ASP GA 199 8.55 -69.44 77.74
N GLY GA 200 8.02 -70.06 76.71
CA GLY GA 200 8.80 -70.90 75.82
C GLY GA 200 8.70 -72.38 76.11
N THR GA 201 7.85 -72.78 77.06
CA THR GA 201 7.69 -74.20 77.36
C THR GA 201 7.05 -74.94 76.19
N ASP GA 202 6.29 -74.23 75.35
CA ASP GA 202 5.61 -74.83 74.22
C ASP GA 202 6.59 -75.32 73.15
N MET GA 203 7.80 -74.75 73.11
CA MET GA 203 8.80 -75.15 72.13
C MET GA 203 9.08 -76.64 72.24
N ARG GA 204 8.77 -77.39 71.19
CA ARG GA 204 9.02 -78.82 71.21
C ARG GA 204 10.49 -79.15 71.04
N TYR GA 205 11.20 -78.37 70.23
CA TYR GA 205 12.57 -78.69 69.84
C TYR GA 205 13.34 -77.42 69.49
N ILE GA 206 14.63 -77.42 69.84
CA ILE GA 206 15.55 -76.36 69.47
C ILE GA 206 16.82 -77.00 68.92
N PHE GA 207 17.27 -76.53 67.76
CA PHE GA 207 18.49 -77.01 67.13
C PHE GA 207 19.55 -75.92 67.21
N ARG GA 208 20.79 -76.31 67.48
CA ARG GA 208 21.92 -75.37 67.50
C ARG GA 208 23.00 -75.85 66.56
N PRO GA 209 22.90 -75.54 65.27
CA PRO GA 209 23.98 -75.92 64.33
C PRO GA 209 25.24 -75.10 64.63
N LYS GA 210 26.35 -75.80 64.84
CA LYS GA 210 27.62 -75.18 65.18
C LYS GA 210 28.68 -75.65 64.19
N TRP GA 211 29.59 -74.74 63.82
CA TRP GA 211 30.70 -75.06 62.94
C TRP GA 211 31.96 -75.22 63.77
N LEU GA 212 32.56 -76.41 63.73
CA LEU GA 212 33.74 -76.72 64.52
C LEU GA 212 34.82 -77.32 63.63
N ASP GA 213 36.07 -77.12 64.05
CA ASP GA 213 37.18 -77.76 63.36
C ASP GA 213 37.15 -79.27 63.65
N VAL GA 214 37.79 -80.03 62.75
CA VAL GA 214 37.78 -81.49 62.87
C VAL GA 214 38.47 -81.93 64.16
N ASP GA 215 39.61 -81.33 64.49
CA ASP GA 215 40.32 -81.72 65.71
C ASP GA 215 39.50 -81.41 66.95
N VAL GA 216 38.86 -80.24 67.00
CA VAL GA 216 38.03 -79.88 68.15
C VAL GA 216 36.83 -80.80 68.23
N ALA GA 217 36.16 -81.06 67.10
CA ALA GA 217 34.97 -81.91 67.10
C ALA GA 217 35.31 -83.33 67.55
N CYS GA 218 36.44 -83.87 67.07
CA CYS GA 218 36.87 -85.19 67.50
C CYS GA 218 37.22 -85.19 68.98
N ALA GA 219 37.86 -84.11 69.45
CA ALA GA 219 38.21 -84.01 70.87
C ALA GA 219 36.96 -83.83 71.72
N LEU GA 220 35.90 -83.26 71.15
CA LEU GA 220 34.69 -83.03 71.92
C LEU GA 220 33.99 -84.32 72.30
N VAL GA 221 33.78 -85.21 71.32
CA VAL GA 221 33.05 -86.45 71.55
C VAL GA 221 33.91 -87.64 71.14
N PRO GA 222 34.33 -88.50 72.07
CA PRO GA 222 35.16 -89.64 71.71
C PRO GA 222 34.31 -90.84 71.29
N ASP GA 223 35.02 -91.92 70.96
CA ASP GA 223 34.45 -93.24 70.68
C ASP GA 223 33.71 -93.26 69.34
N ARG GA 224 33.60 -92.11 68.69
CA ARG GA 224 32.93 -92.02 67.39
C ARG GA 224 33.68 -91.04 66.50
N ALA GA 225 35.01 -91.13 66.48
CA ALA GA 225 35.80 -90.19 65.70
C ALA GA 225 35.71 -90.48 64.21
N ASP GA 226 35.44 -91.73 63.84
CA ASP GA 226 35.37 -92.10 62.43
C ASP GA 226 34.24 -91.37 61.72
N GLU GA 227 33.08 -91.29 62.35
CA GLU GA 227 31.95 -90.60 61.73
C GLU GA 227 32.25 -89.12 61.56
N ILE GA 228 32.92 -88.51 62.55
CA ILE GA 228 33.31 -87.11 62.42
C ILE GA 228 34.29 -86.93 61.27
N LYS GA 229 35.26 -87.85 61.15
CA LYS GA 229 36.23 -87.76 60.07
C LYS GA 229 35.56 -87.88 58.71
N LYS GA 230 34.61 -88.80 58.58
CA LYS GA 230 33.93 -88.98 57.30
C LYS GA 230 33.06 -87.77 56.96
N ALA GA 231 32.64 -87.01 57.96
CA ALA GA 231 31.81 -85.85 57.74
C ALA GA 231 32.65 -84.58 57.72
N ASP GA 245 20.23 -79.55 57.02
CA ASP GA 245 21.44 -78.87 56.56
C ASP GA 245 21.59 -77.51 57.26
N GLY GA 246 21.62 -76.45 56.46
CA GLY GA 246 21.82 -75.12 56.99
C GLY GA 246 21.09 -74.08 56.17
N ASP GA 247 20.80 -72.95 56.82
CA ASP GA 247 20.18 -71.80 56.21
C ASP GA 247 21.25 -70.91 55.58
N GLU GA 248 20.82 -69.93 54.77
CA GLU GA 248 21.80 -69.14 54.01
C GLU GA 248 22.73 -68.33 54.91
N ALA GA 249 22.28 -68.00 56.12
CA ALA GA 249 23.10 -67.15 56.99
C ALA GA 249 24.41 -67.80 57.42
N MET GA 250 24.32 -68.86 58.22
CA MET GA 250 25.54 -69.48 58.75
C MET GA 250 26.28 -70.23 57.66
N ASP GA 251 25.54 -70.83 56.72
CA ASP GA 251 26.19 -71.47 55.59
C ASP GA 251 26.96 -70.46 54.77
N TRP GA 252 26.39 -69.27 54.56
CA TRP GA 252 27.08 -68.23 53.81
C TRP GA 252 28.35 -67.79 54.53
N ALA GA 253 28.26 -67.60 55.86
CA ALA GA 253 29.44 -67.22 56.62
C ALA GA 253 30.55 -68.26 56.47
N GLU GA 254 30.22 -69.53 56.69
CA GLU GA 254 31.21 -70.59 56.63
C GLU GA 254 31.79 -70.72 55.21
N PHE GA 255 30.95 -70.61 54.19
CA PHE GA 255 31.43 -70.79 52.82
C PHE GA 255 32.24 -69.59 52.36
N ASP GA 256 31.93 -68.39 52.85
CA ASP GA 256 32.78 -67.24 52.58
C ASP GA 256 34.14 -67.41 53.22
N ARG GA 257 34.17 -67.97 54.44
CA ARG GA 257 35.47 -68.27 55.05
C ARG GA 257 36.23 -69.32 54.23
N ASP GA 258 35.53 -70.33 53.74
CA ASP GA 258 36.19 -71.39 52.97
C ASP GA 258 36.73 -70.88 51.64
N THR GA 259 35.97 -70.00 50.97
CA THR GA 259 36.35 -69.57 49.63
C THR GA 259 37.61 -68.71 49.65
N TYR GA 260 37.84 -68.01 50.76
CA TYR GA 260 38.97 -67.08 50.91
C TYR GA 260 38.79 -65.91 49.94
N SER GA 261 39.05 -66.16 48.66
CA SER GA 261 38.83 -65.17 47.60
C SER GA 261 38.18 -65.86 46.42
N GLN GA 262 37.94 -65.09 45.35
CA GLN GA 262 37.24 -65.63 44.19
C GLN GA 262 38.00 -66.78 43.55
N SER GA 263 39.31 -66.59 43.31
CA SER GA 263 40.15 -67.61 42.71
C SER GA 263 41.46 -67.67 43.47
N ARG GA 264 41.71 -68.79 44.15
CA ARG GA 264 42.89 -68.98 44.98
C ARG GA 264 43.46 -70.38 44.77
N THR GA 265 44.79 -70.47 44.77
CA THR GA 265 45.48 -71.75 44.68
C THR GA 265 45.74 -72.24 46.10
N VAL GA 266 44.80 -73.02 46.64
CA VAL GA 266 44.91 -73.50 48.01
C VAL GA 266 45.93 -74.63 48.09
N SER GA 267 46.78 -74.57 49.10
CA SER GA 267 47.79 -75.60 49.29
C SER GA 267 47.16 -76.90 49.79
N THR GA 268 48.01 -77.91 50.00
CA THR GA 268 47.53 -79.20 50.48
C THR GA 268 46.94 -79.08 51.88
N HIS GA 269 47.59 -78.29 52.75
CA HIS GA 269 47.11 -78.14 54.11
C HIS GA 269 45.91 -77.21 54.15
N LYS GA 270 44.76 -77.75 54.53
CA LYS GA 270 43.52 -77.00 54.60
C LYS GA 270 42.81 -77.33 55.92
N ARG GA 271 42.24 -76.31 56.55
CA ARG GA 271 41.46 -76.55 57.76
C ARG GA 271 40.10 -77.13 57.39
N GLN GA 272 39.78 -78.28 57.99
CA GLN GA 272 38.54 -78.98 57.72
C GLN GA 272 37.55 -78.69 58.85
N ARG GA 273 36.37 -78.20 58.48
CA ARG GA 273 35.34 -77.82 59.43
C ARG GA 273 34.09 -78.68 59.20
N VAL GA 274 33.52 -79.18 60.29
CA VAL GA 274 32.35 -80.04 60.25
C VAL GA 274 31.21 -79.34 60.99
N ARG GA 275 29.99 -79.72 60.65
CA ARG GA 275 28.79 -79.16 61.27
C ARG GA 275 28.20 -80.19 62.24
N LEU GA 276 28.13 -79.81 63.51
CA LEU GA 276 27.49 -80.62 64.54
C LEU GA 276 26.25 -79.90 65.02
N ILE GA 277 25.15 -80.63 65.14
CA ILE GA 277 23.86 -80.05 65.54
C ILE GA 277 23.39 -80.77 66.79
N GLU GA 278 23.07 -80.02 67.83
CA GLU GA 278 22.45 -80.56 69.03
C GLU GA 278 20.96 -80.29 68.95
N CYS GA 279 20.16 -81.26 69.39
CA CYS GA 279 18.71 -81.11 69.45
C CYS GA 279 18.26 -81.35 70.88
N TRP GA 280 17.48 -80.41 71.43
CA TRP GA 280 16.84 -80.56 72.71
C TRP GA 280 15.33 -80.64 72.48
N TYR GA 281 14.75 -81.81 72.75
CA TYR GA 281 13.36 -82.05 72.43
C TYR GA 281 12.62 -82.57 73.66
N ARG GA 282 11.32 -82.28 73.70
CA ARG GA 282 10.45 -82.67 74.80
C ARG GA 282 9.45 -83.72 74.31
N LYS GA 283 9.35 -84.82 75.04
CA LYS GA 283 8.44 -85.90 74.69
C LYS GA 283 7.59 -86.27 75.90
N PRO GA 284 6.28 -86.41 75.74
CA PRO GA 284 5.41 -86.74 76.88
C PRO GA 284 5.75 -88.11 77.45
N MET GA 285 5.49 -88.26 78.76
CA MET GA 285 5.83 -89.49 79.46
C MET GA 285 4.65 -90.18 80.13
N ARG GA 286 3.60 -89.45 80.49
CA ARG GA 286 2.45 -90.01 81.20
C ARG GA 286 2.90 -90.68 82.51
N ALA GA 287 3.44 -89.89 83.42
CA ALA GA 287 3.89 -90.44 84.69
C ALA GA 287 2.72 -91.03 85.46
N THR GA 288 2.91 -92.27 85.94
CA THR GA 288 1.84 -92.95 86.66
C THR GA 288 1.58 -92.28 88.01
N LYS GA 289 2.64 -91.93 88.73
CA LYS GA 289 2.54 -91.30 90.05
C LYS GA 289 1.70 -92.13 91.01
N THR GA 323 6.00 -84.91 83.28
CA THR GA 323 5.33 -85.36 82.07
C THR GA 323 6.22 -85.09 80.85
N MET GA 324 6.85 -83.92 80.82
CA MET GA 324 7.72 -83.52 79.74
C MET GA 324 9.16 -83.58 80.21
N ARG GA 325 9.93 -84.50 79.63
CA ARG GA 325 11.35 -84.65 79.94
C ARG GA 325 12.18 -84.21 78.74
N VAL GA 326 13.18 -83.38 79.00
CA VAL GA 326 14.03 -82.86 77.94
C VAL GA 326 15.14 -83.87 77.66
N ARG GA 327 15.42 -84.09 76.38
CA ARG GA 327 16.49 -84.98 75.95
C ARG GA 327 17.42 -84.26 74.99
N VAL GA 328 18.71 -84.48 75.17
CA VAL GA 328 19.75 -83.89 74.31
C VAL GA 328 20.01 -84.83 73.15
N ALA GA 329 20.17 -84.26 71.95
CA ALA GA 329 20.38 -85.05 70.75
C ALA GA 329 21.40 -84.34 69.87
N ILE GA 330 22.64 -84.82 69.91
CA ILE GA 330 23.71 -84.27 69.08
C ILE GA 330 23.92 -85.20 67.90
N PHE GA 331 23.82 -84.67 66.69
CA PHE GA 331 23.91 -85.47 65.47
C PHE GA 331 24.64 -84.70 64.39
N THR GA 332 25.44 -85.41 63.60
CA THR GA 332 26.06 -84.85 62.42
C THR GA 332 25.11 -84.94 61.24
N SER GA 333 25.64 -84.68 60.03
CA SER GA 333 24.82 -84.73 58.84
C SER GA 333 24.28 -86.14 58.57
N ARG GA 334 25.09 -87.16 58.82
CA ARG GA 334 24.76 -88.53 58.44
C ARG GA 334 24.53 -89.46 59.62
N ASP GA 335 24.79 -89.01 60.85
CA ASP GA 335 24.63 -89.89 62.01
C ASP GA 335 24.53 -89.03 63.26
N LEU GA 336 24.15 -89.66 64.37
CA LEU GA 336 24.08 -89.00 65.66
C LEU GA 336 25.24 -89.46 66.53
N LEU GA 337 25.93 -88.50 67.15
CA LEU GA 337 27.08 -88.84 67.99
C LEU GA 337 26.65 -89.42 69.32
N PHE GA 338 25.63 -88.83 69.95
CA PHE GA 338 25.25 -89.24 71.29
C PHE GA 338 23.78 -88.91 71.54
N GLU GA 339 23.07 -89.82 72.20
CA GLU GA 339 21.67 -89.64 72.54
C GLU GA 339 21.50 -89.91 74.03
N GLY GA 340 20.80 -89.01 74.72
CA GLY GA 340 20.56 -89.19 76.15
C GLY GA 340 19.59 -88.18 76.69
N ALA GA 341 19.13 -88.44 77.91
CA ALA GA 341 18.24 -87.52 78.59
C ALA GA 341 19.02 -86.36 79.18
N SER GA 342 18.30 -85.29 79.52
CA SER GA 342 18.94 -84.13 80.12
C SER GA 342 19.33 -84.43 81.57
N PRO GA 343 20.61 -84.35 81.93
CA PRO GA 343 20.99 -84.57 83.33
C PRO GA 343 20.38 -83.55 84.28
N PHE GA 344 20.16 -82.32 83.81
CA PHE GA 344 19.67 -81.27 84.68
C PHE GA 344 18.21 -81.53 85.08
N ARG GA 345 17.90 -81.26 86.34
CA ARG GA 345 16.54 -81.52 86.82
C ARG GA 345 15.55 -80.51 86.25
N HIS GA 346 15.99 -79.29 86.00
CA HIS GA 346 15.09 -78.29 85.43
C HIS GA 346 14.63 -78.75 84.05
N ASN GA 347 13.32 -78.90 83.90
CA ASN GA 347 12.74 -79.48 82.69
C ASN GA 347 12.44 -78.40 81.65
N ARG GA 348 13.51 -77.71 81.26
CA ARG GA 348 13.44 -76.73 80.20
C ARG GA 348 14.79 -76.65 79.51
N PHE GA 349 14.75 -76.21 78.25
CA PHE GA 349 15.97 -76.13 77.44
C PHE GA 349 16.89 -75.05 77.99
N SER GA 350 18.19 -75.25 77.80
CA SER GA 350 19.18 -74.28 78.23
C SER GA 350 18.97 -72.95 77.51
N LEU GA 351 18.53 -73.01 76.26
CA LEU GA 351 18.31 -71.81 75.46
C LEU GA 351 17.03 -71.08 75.87
N THR GA 352 17.20 -69.84 76.32
CA THR GA 352 16.09 -68.94 76.59
C THR GA 352 16.15 -67.78 75.62
N PRO GA 353 15.13 -67.58 74.79
CA PRO GA 353 15.19 -66.50 73.80
C PRO GA 353 14.74 -65.16 74.35
N ILE GA 354 15.60 -64.15 74.23
CA ILE GA 354 15.21 -62.78 74.54
C ILE GA 354 14.38 -62.29 73.37
N TRP GA 355 13.07 -62.19 73.56
CA TRP GA 355 12.16 -61.88 72.46
C TRP GA 355 12.25 -60.39 72.13
N GLY GA 356 11.53 -60.00 71.08
CA GLY GA 356 11.40 -58.61 70.70
C GLY GA 356 10.02 -58.37 70.13
N PHE GA 357 9.91 -57.55 69.09
CA PHE GA 357 8.63 -57.43 68.41
C PHE GA 357 8.31 -58.73 67.68
N ARG GA 358 7.12 -59.26 67.95
CA ARG GA 358 6.69 -60.53 67.38
C ARG GA 358 5.52 -60.29 66.44
N ARG GA 359 5.63 -60.80 65.22
CA ARG GA 359 4.58 -60.62 64.22
C ARG GA 359 3.30 -61.30 64.69
N GLY GA 360 2.18 -60.60 64.54
CA GLY GA 360 0.92 -61.13 65.01
C GLY GA 360 0.44 -62.34 64.24
N ARG GA 361 0.61 -62.32 62.91
CA ARG GA 361 0.04 -63.36 62.08
C ARG GA 361 0.76 -64.69 62.25
N ASP GA 362 2.10 -64.69 62.19
CA ASP GA 362 2.87 -65.91 62.16
C ASP GA 362 3.70 -66.14 63.41
N ASN GA 363 3.73 -65.17 64.33
CA ASN GA 363 4.41 -65.32 65.61
C ASN GA 363 5.90 -65.61 65.42
N LEU GA 364 6.52 -64.97 64.44
CA LEU GA 364 7.96 -65.03 64.27
C LEU GA 364 8.55 -63.66 64.59
N PRO GA 365 9.56 -63.60 65.45
CA PRO GA 365 10.07 -62.31 65.90
C PRO GA 365 10.71 -61.51 64.77
N TYR GA 366 10.57 -60.19 64.88
CA TYR GA 366 11.23 -59.25 63.97
C TYR GA 366 11.82 -58.12 64.78
N GLY GA 367 12.95 -57.58 64.32
CA GLY GA 367 13.67 -56.58 65.06
C GLY GA 367 13.03 -55.21 64.95
N VAL GA 368 13.68 -54.23 65.59
CA VAL GA 368 13.21 -52.86 65.56
C VAL GA 368 13.26 -52.31 64.14
N ILE GA 369 14.17 -52.84 63.33
CA ILE GA 369 14.63 -52.18 62.11
C ILE GA 369 13.54 -51.97 61.07
N ARG GA 370 12.73 -53.00 60.80
CA ARG GA 370 11.97 -53.13 59.55
C ARG GA 370 11.44 -51.81 58.97
N TRP GA 371 10.70 -51.06 59.77
CA TRP GA 371 10.16 -49.79 59.30
C TRP GA 371 11.26 -48.76 59.07
N MET GA 372 12.20 -48.67 60.01
CA MET GA 372 13.38 -47.85 59.77
C MET GA 372 14.09 -48.27 58.50
N ARG GA 373 14.07 -49.57 58.21
CA ARG GA 373 14.74 -50.12 57.04
C ARG GA 373 14.11 -49.61 55.75
N ASP GA 374 12.79 -49.69 55.64
CA ASP GA 374 12.15 -49.28 54.39
C ASP GA 374 12.27 -47.76 54.23
N ILE GA 375 12.10 -47.00 55.31
CA ILE GA 375 12.27 -45.56 55.19
C ILE GA 375 13.70 -45.21 54.83
N GLN GA 376 14.68 -45.96 55.36
CA GLN GA 376 16.08 -45.69 55.06
C GLN GA 376 16.40 -45.96 53.59
N ASP GA 377 15.88 -47.05 53.04
CA ASP GA 377 16.13 -47.31 51.63
C ASP GA 377 15.49 -46.23 50.77
N ASP GA 378 14.30 -45.78 51.15
CA ASP GA 378 13.69 -44.65 50.44
C ASP GA 378 14.56 -43.40 50.52
N ILE GA 379 15.14 -43.14 51.70
CA ILE GA 379 15.99 -41.96 51.86
C ILE GA 379 17.20 -42.06 50.96
N ASN GA 380 17.81 -43.24 50.88
CA ASN GA 380 18.96 -43.42 50.00
C ASN GA 380 18.56 -43.19 48.54
N LYS GA 381 17.39 -43.69 48.14
CA LYS GA 381 16.93 -43.45 46.77
C LYS GA 381 16.75 -41.96 46.51
N ARG GA 382 16.15 -41.23 47.45
CA ARG GA 382 15.98 -39.79 47.27
C ARG GA 382 17.31 -39.08 47.14
N ALA GA 383 18.28 -39.45 47.97
CA ALA GA 383 19.59 -38.81 47.90
C ALA GA 383 20.26 -39.06 46.56
N SER GA 384 20.24 -40.32 46.09
CA SER GA 384 20.85 -40.63 44.81
C SER GA 384 20.17 -39.88 43.67
N LYS GA 385 18.83 -39.85 43.69
CA LYS GA 385 18.11 -39.15 42.63
C LYS GA 385 18.42 -37.66 42.62
N ALA GA 386 18.44 -37.04 43.80
CA ALA GA 386 18.71 -35.60 43.86
C ALA GA 386 20.12 -35.29 43.40
N LEU GA 387 21.10 -36.09 43.82
CA LEU GA 387 22.47 -35.85 43.39
C LEU GA 387 22.60 -36.02 41.88
N TYR GA 388 21.96 -37.03 41.32
CA TYR GA 388 22.01 -37.21 39.87
C TYR GA 388 21.43 -36.02 39.17
N ILE GA 389 20.24 -35.62 39.59
CA ILE GA 389 19.58 -34.50 38.92
C ILE GA 389 20.45 -33.26 38.97
N LEU GA 390 21.06 -32.98 40.13
CA LEU GA 390 21.91 -31.80 40.25
C LEU GA 390 23.15 -31.92 39.38
N SER GA 391 23.67 -33.14 39.20
CA SER GA 391 24.93 -33.30 38.49
C SER GA 391 24.77 -33.17 36.98
N SER GA 392 23.84 -33.92 36.39
CA SER GA 392 23.73 -34.05 34.95
C SER GA 392 22.52 -33.29 34.44
N ASN GA 393 22.66 -32.64 33.29
CA ASN GA 393 21.57 -31.85 32.73
C ASN GA 393 20.71 -32.69 31.80
N LYS GA 394 19.40 -32.49 31.89
CA LYS GA 394 18.44 -33.02 30.92
C LYS GA 394 18.17 -31.94 29.89
N VAL GA 395 18.26 -32.29 28.63
CA VAL GA 395 18.19 -31.32 27.54
C VAL GA 395 17.02 -31.66 26.64
N VAL GA 396 16.10 -30.72 26.47
CA VAL GA 396 15.11 -30.77 25.41
C VAL GA 396 15.42 -29.63 24.46
N MET GA 397 15.51 -29.95 23.17
CA MET GA 397 16.04 -29.02 22.19
C MET GA 397 15.20 -29.05 20.93
N ASP GA 398 15.26 -27.95 20.18
CA ASP GA 398 14.75 -27.96 18.83
C ASP GA 398 15.56 -28.93 17.99
N GLU GA 399 14.88 -29.57 17.03
CA GLU GA 399 15.44 -30.76 16.40
C GLU GA 399 16.84 -30.51 15.82
N GLY GA 400 17.06 -29.35 15.21
CA GLY GA 400 18.36 -29.07 14.64
C GLY GA 400 19.18 -28.11 15.46
N ALA GA 401 19.14 -28.28 16.79
CA ALA GA 401 19.82 -27.35 17.68
C ALA GA 401 21.33 -27.41 17.52
N VAL GA 402 21.90 -28.61 17.53
CA VAL GA 402 23.35 -28.79 17.56
C VAL GA 402 23.76 -29.61 16.34
N GLU GA 403 24.90 -29.26 15.74
CA GLU GA 403 25.41 -30.00 14.61
C GLU GA 403 25.94 -31.36 15.03
N ASP GA 404 26.76 -31.40 16.08
CA ASP GA 404 27.42 -32.62 16.55
C ASP GA 404 26.79 -33.04 17.86
N ILE GA 405 26.09 -34.17 17.85
CA ILE GA 405 25.43 -34.65 19.06
C ILE GA 405 26.42 -35.40 19.94
N GLU GA 406 27.52 -35.88 19.36
CA GLU GA 406 28.58 -36.50 20.15
C GLU GA 406 29.19 -35.52 21.14
N GLU GA 407 29.81 -34.46 20.62
CA GLU GA 407 30.47 -33.49 21.49
C GLU GA 407 29.47 -32.82 22.43
N PHE GA 408 28.29 -32.47 21.92
CA PHE GA 408 27.28 -31.86 22.77
C PHE GA 408 26.90 -32.80 23.91
N ARG GA 409 26.54 -34.04 23.57
CA ARG GA 409 26.11 -34.99 24.59
C ARG GA 409 27.20 -35.21 25.63
N GLU GA 410 28.45 -35.29 25.19
CA GLU GA 410 29.52 -35.59 26.14
C GLU GA 410 29.82 -34.39 27.04
N GLU GA 411 29.74 -33.17 26.52
CA GLU GA 411 30.07 -31.99 27.31
C GLU GA 411 28.90 -31.07 27.63
N VAL GA 412 27.73 -31.60 27.99
CA VAL GA 412 26.72 -30.73 28.60
C VAL GA 412 27.10 -30.41 30.04
N ALA GA 413 27.51 -31.43 30.80
CA ALA GA 413 27.66 -31.26 32.24
C ALA GA 413 28.95 -30.53 32.60
N ARG GA 414 29.97 -30.62 31.74
CA ARG GA 414 31.28 -30.10 32.08
C ARG GA 414 31.21 -28.59 32.27
N PRO GA 415 31.65 -28.06 33.42
CA PRO GA 415 31.52 -26.61 33.66
C PRO GA 415 32.38 -25.76 32.74
N ASP GA 416 33.39 -26.33 32.10
CA ASP GA 416 34.26 -25.58 31.21
C ASP GA 416 33.90 -25.74 29.75
N ALA GA 417 32.85 -26.49 29.44
CA ALA GA 417 32.54 -26.82 28.06
C ALA GA 417 32.09 -25.59 27.27
N VAL GA 418 32.39 -25.61 25.97
CA VAL GA 418 31.90 -24.61 25.04
C VAL GA 418 30.92 -25.30 24.11
N LEU GA 419 29.66 -24.89 24.18
CA LEU GA 419 28.59 -25.52 23.40
C LEU GA 419 28.24 -24.62 22.22
N VAL GA 420 28.25 -25.20 21.03
CA VAL GA 420 28.00 -24.47 19.80
C VAL GA 420 26.62 -24.86 19.28
N LYS GA 421 25.74 -23.88 19.11
CA LYS GA 421 24.35 -24.11 18.79
C LYS GA 421 23.96 -23.38 17.52
N LYS GA 422 22.97 -23.93 16.81
CA LYS GA 422 22.49 -23.33 15.59
C LYS GA 422 21.72 -22.04 15.91
N PRO GA 423 21.69 -21.08 14.97
CA PRO GA 423 21.14 -19.76 15.32
C PRO GA 423 19.68 -19.78 15.70
N GLY GA 424 18.80 -20.31 14.84
CA GLY GA 424 17.37 -20.23 15.05
C GLY GA 424 16.73 -21.37 15.81
N LYS GA 425 17.50 -22.33 16.30
CA LYS GA 425 16.97 -23.50 16.99
C LYS GA 425 17.27 -23.35 18.47
N GLN GA 426 16.21 -23.30 19.29
CA GLN GA 426 16.39 -23.07 20.72
C GLN GA 426 16.88 -24.33 21.42
N ILE GA 427 17.77 -24.15 22.39
CA ILE GA 427 18.20 -25.21 23.28
C ILE GA 427 17.70 -24.88 24.67
N GLU GA 428 17.04 -25.84 25.31
CA GLU GA 428 16.59 -25.68 26.69
C GLU GA 428 17.39 -26.63 27.56
N LEU GA 429 18.52 -26.15 28.08
CA LEU GA 429 19.28 -26.85 29.11
C LEU GA 429 18.63 -26.56 30.46
N ASN GA 430 18.91 -27.42 31.44
CA ASN GA 430 18.39 -27.25 32.79
C ASN GA 430 16.86 -27.26 32.77
N VAL GA 431 16.29 -28.38 32.30
CA VAL GA 431 14.84 -28.47 32.14
C VAL GA 431 14.18 -28.69 33.49
N ASP GA 432 14.51 -29.79 34.16
CA ASP GA 432 13.94 -30.13 35.46
C ASP GA 432 15.07 -30.18 36.48
N ARG GA 433 15.11 -29.16 37.33
CA ARG GA 433 16.13 -29.09 38.38
C ARG GA 433 15.55 -28.76 39.74
N GLU GA 434 14.38 -28.12 39.81
CA GLU GA 434 13.66 -27.98 41.07
C GLU GA 434 13.28 -29.34 41.63
N LEU GA 435 13.26 -30.38 40.80
CA LEU GA 435 13.06 -31.73 41.30
C LEU GA 435 14.12 -32.12 42.32
N ALA GA 436 15.34 -31.58 42.19
CA ALA GA 436 16.36 -31.82 43.20
C ALA GA 436 15.94 -31.27 44.55
N ALA GA 437 15.42 -30.04 44.57
CA ALA GA 437 14.94 -29.46 45.84
C ALA GA 437 13.75 -30.24 46.37
N ALA GA 438 12.85 -30.68 45.48
CA ALA GA 438 11.71 -31.47 45.93
C ALA GA 438 12.14 -32.79 46.56
N HIS GA 439 13.10 -33.46 45.94
CA HIS GA 439 13.60 -34.71 46.50
C HIS GA 439 14.33 -34.48 47.81
N MET GA 440 15.04 -33.34 47.93
CA MET GA 440 15.68 -33.02 49.20
C MET GA 440 14.64 -32.80 50.30
N ASP GA 441 13.55 -32.11 49.97
CA ASP GA 441 12.48 -31.92 50.94
C ASP GA 441 11.84 -33.25 51.31
N MET GA 442 11.71 -34.15 50.33
CA MET GA 442 11.20 -35.49 50.63
C MET GA 442 12.14 -36.25 51.56
N MET GA 443 13.45 -36.11 51.36
CA MET GA 443 14.42 -36.72 52.27
C MET GA 443 14.26 -36.17 53.68
N SER GA 444 14.12 -34.85 53.80
CA SER GA 444 13.95 -34.24 55.12
C SER GA 444 12.66 -34.73 55.77
N ARG GA 445 11.58 -34.82 55.00
CA ARG GA 445 10.31 -35.29 55.54
C ARG GA 445 10.42 -36.75 55.99
N ASP GA 446 11.13 -37.57 55.21
CA ASP GA 446 11.34 -38.96 55.61
C ASP GA 446 12.13 -39.04 56.89
N ILE GA 447 13.14 -38.18 57.04
CA ILE GA 447 13.90 -38.15 58.30
C ILE GA 447 12.99 -37.79 59.46
N GLN GA 448 12.13 -36.78 59.26
CA GLN GA 448 11.21 -36.38 60.32
C GLN GA 448 10.27 -37.52 60.70
N MET GA 449 9.75 -38.24 59.71
CA MET GA 449 8.88 -39.38 60.00
C MET GA 449 9.66 -40.49 60.71
N LEU GA 450 10.93 -40.69 60.35
CA LEU GA 450 11.75 -41.67 61.03
C LEU GA 450 11.94 -41.32 62.49
N GLN GA 451 12.11 -40.03 62.80
CA GLN GA 451 12.19 -39.61 64.19
C GLN GA 451 10.90 -39.93 64.92
N GLN GA 452 9.75 -39.68 64.28
CA GLN GA 452 8.47 -39.91 64.95
C GLN GA 452 8.25 -41.39 65.24
N VAL GA 453 8.56 -42.26 64.28
CA VAL GA 453 8.35 -43.69 64.46
C VAL GA 453 9.55 -44.31 65.17
N THR GA 481 11.70 -44.06 74.66
CA THR GA 481 11.73 -44.77 75.93
C THR GA 481 10.43 -45.53 76.17
N VAL GA 482 9.32 -44.80 76.18
CA VAL GA 482 8.02 -45.43 76.38
C VAL GA 482 7.66 -46.32 75.20
N ALA GA 483 8.05 -45.90 73.99
CA ALA GA 483 7.69 -46.66 72.80
C ALA GA 483 8.41 -48.00 72.76
N THR GA 484 9.61 -48.07 73.34
CA THR GA 484 10.46 -49.26 73.25
C THR GA 484 10.42 -50.12 74.49
N ASN GA 485 9.46 -49.91 75.39
CA ASN GA 485 9.40 -50.70 76.62
C ASN GA 485 9.12 -52.17 76.38
N LYS GA 486 8.57 -52.53 75.21
CA LYS GA 486 8.31 -53.94 74.95
C LYS GA 486 9.61 -54.74 74.89
N LEU GA 487 10.63 -54.20 74.22
CA LEU GA 487 11.92 -54.88 74.15
C LEU GA 487 12.56 -55.00 75.54
N PHE GA 488 12.49 -53.93 76.33
CA PHE GA 488 13.08 -53.97 77.66
C PHE GA 488 12.36 -54.96 78.56
N ASP GA 489 11.03 -55.04 78.45
CA ASP GA 489 10.29 -56.00 79.25
C ASP GA 489 10.56 -57.43 78.81
N ASN GA 490 10.73 -57.66 77.51
CA ASN GA 490 11.13 -58.98 77.05
C ASN GA 490 12.51 -59.35 77.58
N LEU GA 491 13.43 -58.37 77.58
CA LEU GA 491 14.75 -58.61 78.15
C LEU GA 491 14.66 -58.96 79.63
N ARG GA 492 13.82 -58.23 80.37
CA ARG GA 492 13.65 -58.51 81.79
C ARG GA 492 13.08 -59.90 82.01
N PHE GA 493 12.10 -60.29 81.20
CA PHE GA 493 11.51 -61.62 81.25
C PHE GA 493 12.58 -62.69 81.04
N ALA GA 494 13.39 -62.53 80.00
CA ALA GA 494 14.42 -63.54 79.72
C ALA GA 494 15.52 -63.52 80.78
N VAL GA 495 15.76 -62.36 81.40
CA VAL GA 495 16.71 -62.29 82.51
C VAL GA 495 16.20 -63.11 83.68
N GLN GA 496 14.90 -62.99 83.99
CA GLN GA 496 14.33 -63.84 85.03
C GLN GA 496 14.44 -65.31 84.66
N MET GA 497 14.20 -65.63 83.39
CA MET GA 497 14.33 -67.02 82.94
C MET GA 497 15.74 -67.56 83.17
N GLN GA 498 16.75 -66.80 82.72
CA GLN GA 498 18.13 -67.26 82.87
C GLN GA 498 18.54 -67.31 84.34
N GLY GA 499 17.99 -66.40 85.16
CA GLY GA 499 18.25 -66.47 86.58
C GLY GA 499 17.71 -67.74 87.20
N GLU GA 500 16.48 -68.12 86.82
CA GLU GA 500 15.92 -69.36 87.31
C GLU GA 500 16.78 -70.56 86.89
N ILE GA 501 17.15 -70.61 85.61
CA ILE GA 501 17.93 -71.74 85.12
C ILE GA 501 19.27 -71.81 85.85
N GLN GA 502 19.96 -70.66 85.97
CA GLN GA 502 21.25 -70.67 86.63
C GLN GA 502 21.11 -71.09 88.09
N LEU GA 503 20.13 -70.55 88.81
CA LEU GA 503 20.00 -70.88 90.23
C LEU GA 503 19.72 -72.37 90.40
N SER GA 504 18.94 -72.96 89.50
CA SER GA 504 18.79 -74.41 89.51
C SER GA 504 20.14 -75.09 89.28
N LEU GA 505 20.94 -74.54 88.38
CA LEU GA 505 22.24 -75.14 88.10
C LEU GA 505 23.17 -75.11 89.32
N ILE GA 506 23.17 -74.00 90.06
CA ILE GA 506 23.89 -73.98 91.33
C ILE GA 506 23.34 -75.03 92.28
N GLU GA 507 22.02 -75.05 92.48
CA GLU GA 507 21.45 -75.98 93.46
C GLU GA 507 21.73 -77.43 93.07
N GLN GA 508 22.04 -77.67 91.79
CA GLN GA 508 22.32 -79.04 91.36
C GLN GA 508 23.81 -79.38 91.44
N PHE GA 509 24.67 -78.48 90.96
CA PHE GA 509 26.05 -78.85 90.65
C PHE GA 509 27.11 -78.19 91.53
N VAL GA 510 26.75 -77.62 92.68
CA VAL GA 510 27.75 -77.08 93.60
C VAL GA 510 27.71 -77.88 94.89
N THR GA 511 28.90 -78.19 95.42
CA THR GA 511 28.99 -78.80 96.73
C THR GA 511 29.10 -77.71 97.79
N GLU GA 512 28.79 -78.08 99.03
CA GLU GA 512 28.85 -77.12 100.12
C GLU GA 512 30.28 -76.63 100.36
N GLU GA 513 31.27 -77.48 100.05
CA GLU GA 513 32.66 -77.03 100.12
C GLU GA 513 32.91 -75.91 99.11
N LYS GA 514 32.35 -76.04 97.90
CA LYS GA 514 32.53 -75.00 96.90
C LYS GA 514 31.95 -73.67 97.37
N THR GA 515 30.75 -73.69 97.95
CA THR GA 515 30.15 -72.46 98.44
C THR GA 515 30.93 -71.89 99.62
N PHE GA 516 31.39 -72.77 100.52
CA PHE GA 516 32.18 -72.30 101.66
C PHE GA 516 33.50 -71.69 101.21
N ARG GA 517 34.04 -72.15 100.09
CA ARG GA 517 35.27 -71.58 99.57
C ARG GA 517 35.00 -70.26 98.86
N ILE GA 518 33.95 -70.21 98.04
CA ILE GA 518 33.60 -68.98 97.34
C ILE GA 518 33.05 -67.95 98.32
N THR GA 519 32.16 -68.37 99.21
CA THR GA 519 31.48 -67.47 100.14
C THR GA 519 31.86 -67.84 101.57
N ASN GA 520 31.97 -66.83 102.42
CA ASN GA 520 32.35 -67.08 103.81
C ASN GA 520 31.31 -67.93 104.52
N GLU GA 521 30.08 -67.97 104.00
CA GLU GA 521 29.03 -68.81 104.57
C GLU GA 521 29.43 -70.28 104.53
N LEU GA 534 4.39 -79.29 99.02
CA LEU GA 534 5.14 -78.36 98.17
C LEU GA 534 5.33 -78.92 96.77
N PRO GA 535 5.43 -78.04 95.77
CA PRO GA 535 5.55 -78.50 94.39
C PRO GA 535 6.80 -79.34 94.17
N GLU GA 536 6.70 -80.26 93.21
CA GLU GA 536 7.79 -81.18 92.94
C GLU GA 536 8.90 -80.53 92.14
N ASN GA 537 8.56 -79.57 91.28
CA ASN GA 537 9.54 -78.99 90.37
C ASN GA 537 10.62 -78.23 91.13
N ASP GA 538 11.85 -78.31 90.63
CA ASP GA 538 12.96 -77.56 91.22
C ASP GA 538 12.70 -76.05 91.12
N ILE GA 539 12.28 -75.58 89.95
CA ILE GA 539 12.11 -74.16 89.73
C ILE GA 539 11.04 -73.61 90.66
N VAL GA 540 9.90 -74.29 90.77
CA VAL GA 540 8.84 -73.82 91.65
C VAL GA 540 9.27 -73.92 93.11
N ARG GA 541 10.02 -74.97 93.46
CA ARG GA 541 10.55 -75.09 94.81
C ARG GA 541 11.46 -73.92 95.15
N THR GA 542 12.32 -73.52 94.21
CA THR GA 542 13.18 -72.36 94.43
C THR GA 542 12.34 -71.09 94.57
N LYS GA 543 11.32 -70.93 93.73
CA LYS GA 543 10.47 -69.76 93.81
C LYS GA 543 9.73 -69.70 95.14
N ALA GA 544 9.47 -70.86 95.75
CA ALA GA 544 8.74 -70.91 97.01
C ALA GA 544 9.47 -70.16 98.11
N ASP GA 545 10.79 -70.30 98.17
CA ASP GA 545 11.54 -69.67 99.26
C ASP GA 545 12.30 -68.44 98.79
N PHE GA 546 12.85 -68.47 97.58
CA PHE GA 546 13.70 -67.40 97.07
C PHE GA 546 13.08 -66.77 95.85
N ILE GA 547 13.09 -65.44 95.80
CA ILE GA 547 12.62 -64.67 94.65
C ILE GA 547 13.80 -63.95 94.03
N ILE GA 548 13.87 -63.96 92.70
CA ILE GA 548 14.98 -63.31 92.01
C ILE GA 548 14.71 -61.82 91.89
N GLY GA 549 15.64 -61.02 92.40
CA GLY GA 549 15.53 -59.58 92.29
C GLY GA 549 16.73 -59.03 91.52
N GLU GA 550 16.56 -57.81 91.02
CA GLU GA 550 17.55 -57.18 90.16
C GLU GA 550 17.97 -55.83 90.75
N SER GA 551 19.27 -55.64 90.84
CA SER GA 551 19.88 -54.39 91.27
C SER GA 551 21.03 -54.06 90.33
N ASP GA 552 21.63 -52.88 90.53
CA ASP GA 552 22.71 -52.47 89.64
C ASP GA 552 23.94 -53.34 89.83
N TRP GA 553 24.86 -53.23 88.86
CA TRP GA 553 25.98 -54.17 88.76
C TRP GA 553 26.94 -54.03 89.94
N ARG GA 554 27.29 -52.78 90.30
CA ARG GA 554 27.83 -52.46 91.63
C ARG GA 554 29.06 -53.27 92.02
N ALA GA 555 29.79 -53.79 91.04
CA ALA GA 555 31.01 -54.59 91.26
C ALA GA 555 30.66 -55.73 92.22
N THR GA 556 31.44 -55.97 93.26
CA THR GA 556 31.21 -57.13 94.11
C THR GA 556 29.99 -56.91 95.00
N TYR GA 557 29.54 -58.00 95.63
CA TYR GA 557 28.32 -57.94 96.42
C TYR GA 557 28.46 -57.02 97.63
N ARG GA 558 29.62 -57.10 98.30
CA ARG GA 558 29.80 -56.32 99.51
C ARG GA 558 29.71 -54.83 99.23
N GLN GA 559 30.11 -54.39 98.05
CA GLN GA 559 29.92 -52.98 97.69
C GLN GA 559 28.44 -52.62 97.72
N ALA GA 560 27.60 -53.41 97.05
CA ALA GA 560 26.16 -53.15 97.05
C ALA GA 560 25.62 -53.18 98.47
N ALA GA 561 26.12 -54.10 99.30
CA ALA GA 561 25.80 -54.08 100.72
C ALA GA 561 26.18 -52.74 101.34
N SER GA 562 27.32 -52.18 100.93
CA SER GA 562 27.75 -50.90 101.48
C SER GA 562 26.78 -49.78 101.10
N GLU GA 563 26.34 -49.73 99.84
CA GLU GA 563 25.36 -48.69 99.49
C GLU GA 563 24.04 -48.89 100.21
N GLN GA 564 23.58 -50.14 100.35
CA GLN GA 564 22.35 -50.37 101.10
C GLN GA 564 22.49 -49.90 102.54
N LEU GA 565 23.61 -50.23 103.19
CA LEU GA 565 23.83 -49.80 104.56
C LEU GA 565 23.93 -48.29 104.65
N SER GA 566 24.57 -47.65 103.67
CA SER GA 566 24.73 -46.20 103.72
C SER GA 566 23.39 -45.49 103.58
N GLN GA 567 22.54 -45.94 102.64
CA GLN GA 567 21.21 -45.37 102.54
C GLN GA 567 20.41 -45.60 103.81
N MET GA 568 20.51 -46.81 104.37
CA MET GA 568 19.83 -47.11 105.62
C MET GA 568 20.30 -46.19 106.75
N ILE GA 569 21.61 -45.93 106.84
CA ILE GA 569 22.13 -45.00 107.83
C ILE GA 569 21.56 -43.61 107.61
N MET GA 570 21.56 -43.15 106.35
CA MET GA 570 21.00 -41.84 106.05
C MET GA 570 19.54 -41.77 106.48
N LYS GA 571 18.82 -42.89 106.41
CA LYS GA 571 17.47 -42.93 106.97
C LYS GA 571 17.49 -42.96 108.50
N MET GA 572 18.51 -43.60 109.09
CA MET GA 572 18.60 -43.69 110.53
C MET GA 572 18.78 -42.30 111.15
N PRO GA 573 18.28 -42.08 112.37
CA PRO GA 573 18.57 -40.84 113.06
C PRO GA 573 20.03 -40.82 113.50
N PRO GA 574 20.52 -39.66 113.93
CA PRO GA 574 21.89 -39.62 114.48
C PRO GA 574 22.10 -40.58 115.64
N GLN GA 575 21.08 -40.78 116.47
CA GLN GA 575 21.18 -41.75 117.55
C GLN GA 575 20.62 -43.09 117.10
N VAL GA 576 21.48 -44.12 117.13
CA VAL GA 576 21.41 -45.48 116.59
C VAL GA 576 22.35 -45.49 115.38
N GLY GA 577 22.79 -44.30 114.98
CA GLY GA 577 23.57 -44.17 113.77
C GLY GA 577 24.93 -44.85 113.81
N LEU GA 578 25.62 -44.80 114.95
CA LEU GA 578 27.04 -45.17 114.99
C LEU GA 578 27.25 -46.67 114.77
N VAL GA 579 26.32 -47.49 115.27
CA VAL GA 579 26.47 -48.93 115.10
C VAL GA 579 26.15 -49.35 113.65
N MET GA 580 25.12 -48.76 113.07
CA MET GA 580 24.98 -48.85 111.61
C MET GA 580 26.25 -48.39 110.91
N LEU GA 581 26.95 -47.41 111.49
CA LEU GA 581 28.19 -46.91 110.87
C LEU GA 581 29.30 -47.95 110.92
N ASP GA 582 29.45 -48.67 112.04
CA ASP GA 582 30.58 -49.63 112.06
C ASP GA 582 30.27 -50.80 111.15
N LEU GA 583 28.99 -51.18 111.04
CA LEU GA 583 28.64 -52.17 110.00
C LEU GA 583 28.95 -51.66 108.61
N TRP GA 584 28.62 -50.42 108.30
CA TRP GA 584 28.88 -49.91 106.95
C TRP GA 584 30.36 -49.80 106.68
N ALA GA 585 31.15 -49.41 107.69
CA ALA GA 585 32.59 -49.36 107.55
C ALA GA 585 33.15 -50.75 107.29
N ASP GA 586 32.62 -51.76 107.97
CA ASP GA 586 33.01 -53.13 107.69
C ASP GA 586 32.68 -53.51 106.25
N SER GA 587 31.49 -53.11 105.78
CA SER GA 587 31.10 -53.46 104.41
C SER GA 587 31.91 -52.71 103.37
N THR GA 588 32.13 -51.41 103.58
CA THR GA 588 32.83 -50.60 102.59
C THR GA 588 34.30 -51.01 102.52
N ASP GA 589 34.84 -51.03 101.30
CA ASP GA 589 36.22 -51.46 101.05
C ASP GA 589 37.15 -50.26 101.28
N LEU GA 590 37.41 -49.98 102.55
CA LEU GA 590 38.39 -48.96 102.88
C LEU GA 590 39.80 -49.45 102.55
N PRO GA 591 40.71 -48.54 102.22
CA PRO GA 591 42.11 -48.95 101.99
C PRO GA 591 42.71 -49.63 103.21
N ASN GA 592 42.42 -49.14 104.40
CA ASN GA 592 42.79 -49.81 105.64
C ASN GA 592 41.52 -50.08 106.43
N ARG GA 593 41.09 -51.35 106.44
CA ARG GA 593 39.76 -51.71 106.90
C ARG GA 593 39.72 -52.23 108.33
N ASP GA 594 40.70 -53.05 108.72
CA ASP GA 594 40.67 -53.62 110.06
C ASP GA 594 40.76 -52.53 111.13
N GLU GA 595 41.62 -51.54 110.92
CA GLU GA 595 41.88 -50.54 111.95
C GLU GA 595 40.69 -49.59 112.10
N ILE GA 596 40.09 -49.16 110.99
CA ILE GA 596 38.92 -48.30 111.07
C ILE GA 596 37.77 -49.02 111.76
N VAL GA 597 37.56 -50.29 111.42
CA VAL GA 597 36.52 -51.08 112.07
C VAL GA 597 36.79 -51.17 113.57
N LYS GA 598 38.05 -51.43 113.93
CA LYS GA 598 38.40 -51.51 115.35
C LYS GA 598 38.11 -50.21 116.07
N ARG GA 599 38.40 -49.08 115.43
CA ARG GA 599 38.15 -47.78 116.06
C ARG GA 599 36.67 -47.50 116.22
N ILE GA 600 35.88 -47.77 115.18
CA ILE GA 600 34.44 -47.52 115.26
C ILE GA 600 33.84 -48.39 116.34
N ARG GA 601 34.32 -49.63 116.47
CA ARG GA 601 33.85 -50.51 117.53
C ARG GA 601 34.28 -50.00 118.90
N GLN GA 602 35.50 -49.46 119.02
CA GLN GA 602 35.95 -48.93 120.29
C GLN GA 602 35.04 -47.81 120.77
N ILE GA 603 34.68 -46.90 119.85
CA ILE GA 603 33.79 -45.80 120.24
C ILE GA 603 32.36 -46.31 120.43
N ASN GA 604 31.99 -47.39 119.73
CA ASN GA 604 30.64 -47.92 119.86
C ASN GA 604 30.55 -48.97 120.96
N GLY GA 605 31.51 -49.89 121.01
CA GLY GA 605 31.47 -50.99 121.96
C GLY GA 605 30.82 -52.25 121.44
N MET GA 606 30.53 -52.34 120.15
CA MET GA 606 29.81 -53.49 119.61
C MET GA 606 30.76 -54.62 119.26
N ARG GA 607 30.19 -55.81 119.07
CA ARG GA 607 30.94 -57.03 118.77
C ARG GA 607 30.32 -57.70 117.57
N ASP GA 608 31.16 -58.21 116.67
CA ASP GA 608 30.72 -58.88 115.45
C ASP GA 608 29.75 -58.03 114.64
N PRO GA 614 39.86 -59.25 119.70
CA PRO GA 614 38.88 -58.55 120.51
C PRO GA 614 38.80 -59.14 121.92
N THR GA 615 39.63 -60.15 122.17
CA THR GA 615 39.63 -60.78 123.49
C THR GA 615 40.07 -59.80 124.57
N PRO GA 616 41.11 -59.03 124.30
CA PRO GA 616 41.55 -58.01 125.25
C PRO GA 616 40.49 -56.93 125.42
N GLU GA 617 39.90 -56.48 124.32
CA GLU GA 617 38.85 -55.47 124.39
C GLU GA 617 37.65 -55.98 125.15
N GLU GA 618 37.25 -57.24 124.91
CA GLU GA 618 36.12 -57.81 125.62
C GLU GA 618 36.39 -57.88 127.12
N LEU GA 619 37.58 -58.34 127.51
CA LEU GA 619 37.92 -58.42 128.93
C LEU GA 619 37.95 -57.03 129.56
N GLN GA 620 38.53 -56.06 128.87
CA GLN GA 620 38.59 -54.70 129.41
C GLN GA 620 37.18 -54.13 129.59
N GLN GA 621 36.32 -54.30 128.59
CA GLN GA 621 34.95 -53.78 128.70
C GLN GA 621 34.19 -54.47 129.82
N GLN GA 622 34.32 -55.79 129.94
CA GLN GA 622 33.63 -56.51 131.00
C GLN GA 622 34.12 -56.06 132.37
N GLN GA 623 35.44 -55.91 132.53
CA GLN GA 623 35.98 -55.47 133.80
C GLN GA 623 35.51 -54.06 134.16
N ALA GA 624 35.51 -53.16 133.18
CA ALA GA 624 35.06 -51.80 133.43
C ALA GA 624 33.59 -51.77 133.83
N ALA GA 625 32.75 -52.52 133.10
CA ALA GA 625 31.33 -52.55 133.42
C ALA GA 625 31.09 -53.12 134.81
N ALA GA 626 31.76 -54.23 135.13
CA ALA GA 626 31.58 -54.85 136.44
C ALA GA 626 32.03 -53.92 137.56
N GLU GA 627 33.19 -53.27 137.38
CA GLU GA 627 33.68 -52.36 138.41
C GLU GA 627 32.74 -51.18 138.60
N GLN GA 628 32.26 -50.59 137.51
CA GLN GA 628 31.36 -49.45 137.62
C GLN GA 628 30.05 -49.86 138.30
N ALA GA 629 29.50 -51.00 137.91
CA ALA GA 629 28.25 -51.45 138.52
C ALA GA 629 28.41 -51.75 140.00
N GLN GA 630 29.52 -52.41 140.36
CA GLN GA 630 29.77 -52.71 141.77
C GLN GA 630 29.96 -51.44 142.58
N ALA GA 631 30.68 -50.46 142.03
CA ALA GA 631 30.87 -49.19 142.72
C ALA GA 631 29.54 -48.46 142.91
N GLN GA 632 28.70 -48.44 141.87
CA GLN GA 632 27.40 -47.80 142.00
C GLN GA 632 26.53 -48.49 143.04
N LYS GA 633 26.51 -49.82 143.04
CA LYS GA 633 25.73 -50.56 144.02
C LYS GA 633 26.24 -50.29 145.44
N ALA GA 634 27.56 -50.27 145.63
CA ALA GA 634 28.13 -49.99 146.94
C ALA GA 634 27.78 -48.58 147.40
N MET GA 635 27.85 -47.61 146.49
CA MET GA 635 27.49 -46.24 146.85
C MET GA 635 26.02 -46.13 147.23
N PHE GA 636 25.14 -46.80 146.48
CA PHE GA 636 23.72 -46.78 146.82
C PHE GA 636 23.47 -47.44 148.17
N MET GA 637 24.15 -48.55 148.45
CA MET GA 637 24.00 -49.21 149.74
C MET GA 637 24.49 -48.31 150.88
N ALA GA 638 25.61 -47.63 150.67
CA ALA GA 638 26.12 -46.71 151.69
C ALA GA 638 25.15 -45.56 151.93
N GLU GA 639 24.57 -45.02 150.86
CA GLU GA 639 23.60 -43.93 151.02
C GLU GA 639 22.36 -44.40 151.77
N LEU GA 640 21.86 -45.59 151.44
CA LEU GA 640 20.70 -46.13 152.13
C LEU GA 640 21.02 -46.37 153.60
N SER GA 641 22.19 -46.91 153.90
CA SER GA 641 22.60 -47.13 155.28
C SER GA 641 22.69 -45.81 156.03
N GLU GA 642 23.25 -44.77 155.38
CA GLU GA 642 23.35 -43.47 156.03
C GLU GA 642 21.97 -42.90 156.33
N LYS GA 643 21.04 -43.01 155.38
CA LYS GA 643 19.69 -42.49 155.61
C LYS GA 643 19.00 -43.24 156.74
N GLN GA 644 19.10 -44.58 156.76
CA GLN GA 644 18.48 -45.36 157.81
C GLN GA 644 19.10 -45.05 159.17
N GLY GA 645 20.42 -44.88 159.21
CA GLY GA 645 21.09 -44.56 160.46
C GLY GA 645 20.70 -43.17 160.95
N LYS GA 646 20.54 -42.22 160.04
CA LYS GA 646 20.07 -40.89 160.43
C LYS GA 646 18.65 -40.95 161.00
N ALA GA 647 17.78 -41.75 160.38
CA ALA GA 647 16.44 -41.92 160.91
C ALA GA 647 16.47 -42.54 162.30
N ASP GA 648 17.30 -43.57 162.49
CA ASP GA 648 17.42 -44.19 163.80
C ASP GA 648 17.95 -43.21 164.83
N LYS GA 649 18.93 -42.38 164.44
CA LYS GA 649 19.48 -41.38 165.34
C LYS GA 649 18.43 -40.37 165.75
N ALA GA 650 17.61 -39.92 164.79
CA ALA GA 650 16.56 -38.97 165.12
C ALA GA 650 15.51 -39.59 166.05
N GLN GA 651 15.14 -40.84 165.79
CA GLN GA 651 14.15 -41.51 166.64
C GLN GA 651 14.70 -41.69 168.06
N ALA GA 652 15.96 -42.10 168.18
CA ALA GA 652 16.54 -42.28 169.51
C ALA GA 652 16.75 -40.95 170.21
N ASP GA 653 17.02 -39.88 169.45
CA ASP GA 653 17.06 -38.55 170.05
C ASP GA 653 15.69 -38.15 170.57
N ALA GA 654 14.64 -38.52 169.86
CA ALA GA 654 13.28 -38.30 170.36
C ALA GA 654 13.06 -39.05 171.67
N VAL GA 655 13.48 -40.32 171.72
CA VAL GA 655 13.33 -41.09 172.94
C VAL GA 655 14.10 -40.46 174.10
N ALA GA 656 15.32 -40.01 173.83
CA ALA GA 656 16.14 -39.37 174.85
C ALA GA 656 15.51 -38.07 175.33
N ALA GA 657 14.95 -37.29 174.40
CA ALA GA 657 14.27 -36.06 174.78
C ALA GA 657 13.06 -36.34 175.66
N GLN GA 658 12.27 -37.37 175.32
CA GLN GA 658 11.12 -37.73 176.13
C GLN GA 658 11.56 -38.16 177.53
N ALA GA 659 12.62 -38.97 177.62
CA ALA GA 659 13.09 -39.42 178.93
C ALA GA 659 13.65 -38.25 179.75
N ASN GA 660 14.36 -37.33 179.10
CA ASN GA 660 14.84 -36.14 179.80
C ASN GA 660 13.69 -35.28 180.28
N ALA GA 661 12.62 -35.20 179.49
CA ALA GA 661 11.41 -34.49 179.92
C ALA GA 661 10.82 -35.14 181.16
N ASP GA 662 10.74 -36.47 181.16
CA ASP GA 662 10.23 -37.18 182.33
C ASP GA 662 11.10 -36.93 183.55
N LEU GA 663 12.42 -36.96 183.37
CA LEU GA 663 13.33 -36.71 184.49
C LEU GA 663 13.18 -35.29 185.02
N ARG GA 664 13.07 -34.30 184.14
CA ARG GA 664 12.88 -32.93 184.57
C ARG GA 664 11.56 -32.75 185.31
N ALA GA 665 10.50 -33.39 184.82
CA ALA GA 665 9.22 -33.33 185.51
C ALA GA 665 9.30 -33.96 186.90
N ALA GA 666 9.98 -35.10 187.00
CA ALA GA 666 10.15 -35.74 188.31
C ALA GA 666 10.95 -34.86 189.26
N GLN GA 667 12.01 -34.21 188.76
CA GLN GA 667 12.80 -33.32 189.60
C GLN GA 667 11.97 -32.13 190.06
N ALA GA 668 11.15 -31.57 189.16
CA ALA GA 668 10.27 -30.47 189.56
C ALA GA 668 9.26 -30.91 190.61
N GLU GA 669 8.69 -32.10 190.44
CA GLU GA 669 7.74 -32.61 191.43
C GLU GA 669 8.41 -32.81 192.79
N GLN GA 670 9.63 -33.34 192.79
CA GLN GA 670 10.36 -33.52 194.04
C GLN GA 670 10.67 -32.18 194.70
N VAL GA 671 11.09 -31.20 193.90
CA VAL GA 671 11.43 -29.89 194.47
C VAL GA 671 10.21 -29.18 195.03
N ARG GA 672 9.06 -29.30 194.34
CA ARG GA 672 7.87 -28.60 194.78
C ARG GA 672 7.40 -29.09 196.15
N ARG GA 673 7.45 -30.40 196.38
CA ARG GA 673 7.03 -30.96 197.66
C ARG GA 673 8.06 -30.68 198.75
N VAL HA 4 -68.50 41.91 -61.16
CA VAL HA 4 -67.84 42.47 -62.34
C VAL HA 4 -67.17 43.81 -62.02
N GLN HA 5 -65.88 43.74 -61.69
CA GLN HA 5 -65.11 44.95 -61.39
C GLN HA 5 -64.90 45.72 -62.69
N PHE HA 6 -64.64 47.02 -62.57
CA PHE HA 6 -64.67 47.88 -63.74
C PHE HA 6 -63.35 48.63 -63.92
N ALA HA 7 -63.03 48.91 -65.19
CA ALA HA 7 -61.79 49.56 -65.57
C ALA HA 7 -62.06 50.99 -65.99
N ASN HA 8 -61.00 51.80 -66.06
CA ASN HA 8 -61.12 53.20 -66.44
C ASN HA 8 -59.90 53.61 -67.26
N ASN HA 9 -60.14 54.06 -68.49
CA ASN HA 9 -59.12 54.65 -69.35
C ASN HA 9 -57.91 53.72 -69.49
N ALA HA 10 -58.18 52.45 -69.77
CA ALA HA 10 -57.14 51.43 -69.88
C ALA HA 10 -57.07 50.96 -71.32
N ALA HA 11 -56.12 51.51 -72.07
CA ALA HA 11 -55.87 51.10 -73.45
C ALA HA 11 -54.47 50.50 -73.51
N SER HA 12 -54.37 49.28 -74.04
CA SER HA 12 -53.14 48.52 -74.00
C SER HA 12 -52.89 47.85 -75.35
N ARG HA 13 -51.63 47.77 -75.75
CA ARG HA 13 -51.26 47.03 -76.95
C ARG HA 13 -51.04 45.57 -76.60
N LEU HA 14 -51.54 44.68 -77.46
CA LEU HA 14 -51.45 43.25 -77.24
C LEU HA 14 -50.12 42.76 -77.81
N VAL HA 15 -49.10 42.70 -76.96
CA VAL HA 15 -47.75 42.39 -77.45
C VAL HA 15 -47.66 40.96 -77.95
N GLY HA 16 -48.38 40.04 -77.33
CA GLY HA 16 -48.33 38.65 -77.72
C GLY HA 16 -49.46 38.27 -78.64
N PRO HA 17 -49.14 37.56 -79.72
CA PRO HA 17 -50.20 37.10 -80.63
C PRO HA 17 -51.15 36.16 -79.93
N LEU HA 18 -52.45 36.39 -80.16
CA LEU HA 18 -53.50 35.57 -79.56
C LEU HA 18 -54.14 34.72 -80.64
N ALA HA 19 -54.02 33.40 -80.50
CA ALA HA 19 -54.71 32.50 -81.39
C ALA HA 19 -56.21 32.53 -81.09
N PRO HA 20 -57.05 32.15 -82.07
CA PRO HA 20 -58.49 32.05 -81.78
C PRO HA 20 -58.79 31.19 -80.58
N SER HA 21 -58.07 30.09 -80.40
CA SER HA 21 -58.15 29.26 -79.19
C SER HA 21 -56.99 29.66 -78.29
N GLY HA 22 -57.11 30.80 -77.63
CA GLY HA 22 -56.05 31.32 -76.79
C GLY HA 22 -56.41 31.44 -75.33
N THR HA 23 -55.60 30.83 -74.46
CA THR HA 23 -55.93 30.79 -73.04
C THR HA 23 -55.57 32.10 -72.34
N SER HA 24 -54.54 32.79 -72.82
CA SER HA 24 -54.06 33.99 -72.15
C SER HA 24 -53.48 34.97 -73.16
N LEU HA 25 -53.31 36.21 -72.71
CA LEU HA 25 -52.80 37.31 -73.53
C LEU HA 25 -51.95 38.23 -72.67
N THR HA 26 -51.07 38.99 -73.33
CA THR HA 26 -50.08 39.81 -72.65
C THR HA 26 -50.08 41.22 -73.23
N VAL HA 27 -50.37 42.20 -72.37
CA VAL HA 27 -50.32 43.63 -72.72
C VAL HA 27 -48.91 44.18 -72.56
N THR HA 28 -48.71 45.43 -72.99
CA THR HA 28 -47.44 46.11 -72.78
C THR HA 28 -47.13 46.21 -71.29
N PRO HA 29 -45.85 46.20 -70.91
CA PRO HA 29 -45.50 46.24 -69.48
C PRO HA 29 -46.00 47.48 -68.76
N GLY HA 30 -45.95 48.64 -69.41
CA GLY HA 30 -46.39 49.86 -68.74
C GLY HA 30 -47.88 49.89 -68.46
N ASP HA 31 -48.68 49.35 -69.37
CA ASP HA 31 -50.13 49.42 -69.24
C ASP HA 31 -50.70 48.28 -68.40
N GLY HA 32 -49.86 47.37 -67.91
CA GLY HA 32 -50.38 46.25 -67.13
C GLY HA 32 -51.05 46.68 -65.83
N ALA HA 33 -50.40 47.58 -65.09
CA ALA HA 33 -50.99 48.04 -63.83
C ALA HA 33 -52.17 48.96 -64.09
N LEU HA 34 -52.24 49.54 -65.29
CA LEU HA 34 -53.37 50.40 -65.63
C LEU HA 34 -54.68 49.62 -65.63
N PHE HA 35 -54.64 48.37 -66.11
CA PHE HA 35 -55.82 47.53 -66.08
C PHE HA 35 -56.16 47.17 -64.62
N PRO HA 36 -57.43 46.89 -64.32
CA PRO HA 36 -57.80 46.62 -62.92
C PRO HA 36 -57.12 45.38 -62.39
N THR HA 37 -56.78 45.41 -61.09
CA THR HA 37 -56.03 44.31 -60.48
C THR HA 37 -56.85 43.02 -60.43
N LEU HA 38 -58.18 43.15 -60.29
CA LEU HA 38 -59.09 42.01 -60.23
C LEU HA 38 -58.85 41.17 -58.98
N GLY HA 39 -59.53 40.04 -58.88
CA GLY HA 39 -59.40 39.16 -57.73
C GLY HA 39 -60.05 37.82 -58.03
N ALA HA 40 -60.10 36.98 -56.99
CA ALA HA 40 -60.73 35.68 -57.12
C ALA HA 40 -62.22 35.83 -57.38
N GLY HA 41 -62.71 35.16 -58.42
CA GLY HA 41 -64.10 35.27 -58.81
C GLY HA 41 -64.47 36.61 -59.42
N ASP HA 42 -63.49 37.39 -59.87
CA ASP HA 42 -63.72 38.76 -60.33
C ASP HA 42 -63.25 38.88 -61.77
N TRP HA 43 -64.00 39.62 -62.58
CA TRP HA 43 -63.70 39.80 -63.99
C TRP HA 43 -64.11 41.20 -64.43
N PHE HA 44 -63.51 41.66 -65.53
CA PHE HA 44 -63.89 42.92 -66.16
C PHE HA 44 -63.96 42.72 -67.66
N MET HA 45 -64.85 43.48 -68.32
CA MET HA 45 -65.00 43.38 -69.76
C MET HA 45 -63.79 43.95 -70.48
N ALA HA 46 -63.32 43.22 -71.49
CA ALA HA 46 -62.23 43.65 -72.34
C ALA HA 46 -62.62 43.44 -73.79
N THR HA 47 -62.46 44.48 -74.60
CA THR HA 47 -62.74 44.38 -76.03
C THR HA 47 -61.45 44.47 -76.79
N LEU HA 48 -61.17 43.48 -77.62
CA LEU HA 48 -59.93 43.42 -78.39
C LEU HA 48 -60.13 44.09 -79.74
N ILE HA 49 -59.72 45.35 -79.83
CA ILE HA 49 -59.81 46.11 -81.08
C ILE HA 49 -58.55 45.84 -81.87
N ARG HA 50 -58.64 44.94 -82.85
CA ARG HA 50 -57.50 44.64 -83.69
C ARG HA 50 -57.42 45.65 -84.84
N SER HA 51 -56.42 45.45 -85.71
CA SER HA 51 -56.29 46.29 -86.89
C SER HA 51 -57.55 46.18 -87.74
N ASP HA 52 -57.94 47.32 -88.33
CA ASP HA 52 -59.17 47.45 -89.11
C ASP HA 52 -60.38 47.42 -88.19
N GLY HA 53 -61.56 47.13 -88.75
CA GLY HA 53 -62.78 47.19 -87.95
C GLY HA 53 -63.02 45.93 -87.14
N ALA HA 54 -62.25 44.88 -87.39
CA ALA HA 54 -62.46 43.62 -86.71
C ALA HA 54 -62.21 43.77 -85.21
N ARG HA 55 -63.05 43.11 -84.41
CA ARG HA 55 -63.01 43.21 -82.95
C ARG HA 55 -63.74 42.03 -82.33
N GLU HA 56 -63.26 41.59 -81.17
CA GLU HA 56 -63.88 40.50 -80.42
C GLU HA 56 -63.85 40.85 -78.95
N ILE HA 57 -64.92 40.49 -78.24
CA ILE HA 57 -65.15 40.97 -76.87
C ILE HA 57 -65.12 39.79 -75.91
N VAL HA 58 -64.34 39.93 -74.84
CA VAL HA 58 -63.98 38.82 -73.98
C VAL HA 58 -64.01 39.22 -72.51
N LYS HA 59 -63.88 38.21 -71.64
CA LYS HA 59 -63.83 38.39 -70.19
C LYS HA 59 -62.44 38.02 -69.68
N VAL HA 60 -61.85 38.92 -68.89
CA VAL HA 60 -60.57 38.64 -68.25
C VAL HA 60 -60.88 38.09 -66.86
N THR HA 61 -60.78 36.76 -66.72
CA THR HA 61 -61.18 36.13 -65.46
C THR HA 61 -60.15 36.38 -64.36
N SER HA 62 -58.89 36.59 -64.72
CA SER HA 62 -57.84 36.82 -63.75
C SER HA 62 -56.63 37.42 -64.45
N ARG HA 63 -55.91 38.29 -63.73
CA ARG HA 63 -54.70 38.89 -64.26
C ARG HA 63 -53.61 38.83 -63.20
N THR HA 64 -52.39 38.55 -63.63
CA THR HA 64 -51.21 38.52 -62.77
C THR HA 64 -50.11 39.33 -63.44
N VAL HA 65 -49.67 40.40 -62.78
CA VAL HA 65 -48.60 41.26 -63.28
C VAL HA 65 -48.95 41.76 -64.67
N ASP HA 66 -48.29 41.23 -65.69
CA ASP HA 66 -48.37 41.75 -67.05
C ASP HA 66 -49.33 40.95 -67.93
N ALA HA 67 -49.46 39.65 -67.68
CA ALA HA 67 -50.24 38.78 -68.54
C ALA HA 67 -51.59 38.49 -67.90
N MET HA 68 -52.65 38.48 -68.71
CA MET HA 68 -54.01 38.30 -68.24
C MET HA 68 -54.56 36.99 -68.78
N SER HA 69 -55.08 36.15 -67.89
CA SER HA 69 -55.83 34.98 -68.32
C SER HA 69 -57.17 35.41 -68.90
N ILE HA 70 -57.61 34.71 -69.94
CA ILE HA 70 -58.73 35.18 -70.74
C ILE HA 70 -59.67 34.02 -71.02
N THR HA 71 -60.95 34.34 -71.24
CA THR HA 71 -61.93 33.42 -71.81
C THR HA 71 -62.50 34.08 -73.05
N ARG HA 72 -62.64 33.31 -74.13
CA ARG HA 72 -62.82 33.91 -75.43
C ARG HA 72 -64.25 33.74 -75.93
N ALA HA 73 -64.69 34.68 -76.77
CA ALA HA 73 -65.98 34.62 -77.46
C ALA HA 73 -67.14 34.49 -76.48
N GLN HA 74 -67.07 35.24 -75.37
CA GLN HA 74 -68.14 35.18 -74.38
C GLN HA 74 -69.43 35.77 -74.91
N GLU HA 75 -69.36 36.94 -75.54
CA GLU HA 75 -70.54 37.72 -75.87
C GLU HA 75 -71.07 37.46 -77.28
N GLY HA 76 -70.62 36.38 -77.93
CA GLY HA 76 -71.08 36.06 -79.26
C GLY HA 76 -70.19 36.52 -80.38
N SER HA 77 -69.15 37.31 -80.08
CA SER HA 77 -68.20 37.71 -81.10
C SER HA 77 -67.41 36.49 -81.59
N SER HA 78 -67.28 36.40 -82.92
CA SER HA 78 -66.61 35.24 -83.51
C SER HA 78 -65.13 35.23 -83.17
N ALA HA 79 -64.59 34.04 -82.95
CA ALA HA 79 -63.17 33.89 -82.66
C ALA HA 79 -62.34 34.28 -83.87
N LEU HA 80 -61.32 35.11 -83.64
CA LEU HA 80 -60.49 35.63 -84.73
C LEU HA 80 -59.05 35.76 -84.24
N SER HA 81 -58.12 35.63 -85.18
CA SER HA 81 -56.71 35.79 -84.87
C SER HA 81 -56.39 37.25 -84.55
N PHE HA 82 -55.40 37.47 -83.70
CA PHE HA 82 -55.02 38.80 -83.25
C PHE HA 82 -53.51 38.98 -83.39
N ASN HA 83 -53.10 40.07 -84.03
CA ASN HA 83 -51.70 40.31 -84.32
C ASN HA 83 -50.98 40.96 -83.14
N PRO HA 84 -49.66 40.91 -83.13
CA PRO HA 84 -48.88 41.47 -82.02
C PRO HA 84 -49.06 42.96 -81.79
N ASN HA 85 -49.91 43.65 -82.54
CA ASN HA 85 -50.16 45.07 -82.32
C ASN HA 85 -51.65 45.34 -82.38
N ASP HA 86 -52.31 45.24 -81.23
CA ASP HA 86 -53.76 45.34 -81.15
C ASP HA 86 -54.12 46.29 -80.03
N ARG HA 87 -55.43 46.47 -79.82
CA ARG HA 87 -55.94 47.33 -78.78
C ARG HA 87 -56.91 46.56 -77.90
N ILE HA 88 -56.65 46.56 -76.60
CA ILE HA 88 -57.57 45.99 -75.61
C ILE HA 88 -58.00 47.12 -74.68
N GLU HA 89 -59.29 47.41 -74.67
CA GLU HA 89 -59.81 48.58 -73.96
C GLU HA 89 -61.33 48.55 -74.05
N ALA HA 90 -61.95 49.57 -73.44
CA ALA HA 90 -63.38 49.81 -73.49
C ALA HA 90 -64.17 48.77 -72.70
N ARG HA 91 -65.49 48.97 -72.63
CA ARG HA 91 -66.42 48.06 -71.98
C ARG HA 91 -67.58 47.82 -72.93
N LEU HA 92 -67.97 46.55 -73.09
CA LEU HA 92 -69.10 46.20 -73.96
C LEU HA 92 -70.40 46.48 -73.20
N THR HA 93 -71.08 47.54 -73.62
CA THR HA 93 -72.19 48.08 -72.84
C THR HA 93 -73.34 47.08 -72.72
N ALA HA 94 -73.49 46.20 -73.71
CA ALA HA 94 -74.61 45.26 -73.69
C ALA HA 94 -74.59 44.40 -72.43
N GLY HA 95 -73.46 43.78 -72.13
CA GLY HA 95 -73.42 42.80 -71.05
C GLY HA 95 -73.63 43.41 -69.68
N GLU HA 96 -72.85 44.44 -69.33
CA GLU HA 96 -72.96 45.00 -67.99
C GLU HA 96 -74.30 45.71 -67.79
N LEU HA 97 -74.80 46.41 -68.81
CA LEU HA 97 -76.06 47.12 -68.66
C LEU HA 97 -77.23 46.14 -68.61
N GLY HA 98 -77.16 45.04 -69.35
CA GLY HA 98 -78.16 43.99 -69.20
C GLY HA 98 -78.11 43.36 -67.81
N ASP HA 99 -76.91 43.12 -67.30
CA ASP HA 99 -76.80 42.62 -65.94
C ASP HA 99 -77.39 43.60 -64.93
N PHE HA 100 -77.17 44.89 -65.16
CA PHE HA 100 -77.67 45.91 -64.25
C PHE HA 100 -79.19 45.98 -64.29
N ARG HA 101 -79.78 45.97 -65.50
CA ARG HA 101 -81.23 46.01 -65.58
C ARG HA 101 -81.84 44.76 -64.96
N ASP HA 102 -81.18 43.61 -65.10
CA ASP HA 102 -81.68 42.37 -64.53
C ASP HA 102 -81.55 42.38 -63.02
N GLY HA 103 -80.47 42.93 -62.48
CA GLY HA 103 -80.32 43.04 -61.05
C GLY HA 103 -81.33 43.98 -60.44
N ILE HA 104 -81.64 45.07 -61.15
CA ILE HA 104 -82.67 46.00 -60.67
C ILE HA 104 -84.02 45.28 -60.59
N ALA HA 105 -84.38 44.56 -61.65
CA ALA HA 105 -85.64 43.83 -61.66
C ALA HA 105 -85.66 42.74 -60.58
N SER HA 106 -84.53 42.06 -60.40
CA SER HA 106 -84.43 41.04 -59.36
C SER HA 106 -84.62 41.64 -57.97
N ALA HA 107 -84.01 42.80 -57.72
CA ALA HA 107 -84.16 43.47 -56.44
C ALA HA 107 -85.61 43.89 -56.21
N GLN HA 108 -86.26 44.43 -57.25
CA GLN HA 108 -87.66 44.82 -57.11
C GLN HA 108 -88.54 43.61 -56.82
N SER HA 109 -88.33 42.52 -57.54
CA SER HA 109 -89.12 41.31 -57.33
C SER HA 109 -88.87 40.72 -55.94
N ALA HA 110 -87.61 40.76 -55.49
CA ALA HA 110 -87.28 40.24 -54.16
C ALA HA 110 -87.94 41.08 -53.07
N ALA HA 111 -87.95 42.40 -53.24
CA ALA HA 111 -88.63 43.26 -52.27
C ALA HA 111 -90.13 43.00 -52.27
N SER HA 112 -90.72 42.82 -53.45
CA SER HA 112 -92.15 42.51 -53.51
C SER HA 112 -92.46 41.17 -52.83
N ALA HA 113 -91.62 40.16 -53.06
CA ALA HA 113 -91.83 38.87 -52.41
C ALA HA 113 -91.66 38.98 -50.90
N ALA HA 114 -90.68 39.77 -50.45
CA ALA HA 114 -90.47 39.96 -49.02
C ALA HA 114 -91.67 40.63 -48.36
N GLN HA 115 -92.20 41.68 -48.99
CA GLN HA 115 -93.37 42.34 -48.43
C GLN HA 115 -94.60 41.43 -48.46
N GLY HA 116 -94.72 40.61 -49.51
CA GLY HA 116 -95.83 39.66 -49.56
C GLY HA 116 -95.75 38.62 -48.46
N THR HA 117 -94.55 38.10 -48.19
CA THR HA 117 -94.37 37.17 -47.08
C THR HA 117 -94.63 37.85 -45.74
N ALA HA 118 -94.21 39.12 -45.62
CA ALA HA 118 -94.49 39.86 -44.39
C ALA HA 118 -95.98 40.01 -44.15
N ASP HA 119 -96.74 40.31 -45.20
CA ASP HA 119 -98.18 40.43 -45.09
C ASP HA 119 -98.82 39.07 -44.84
N LYS IA 2 -3.00 -54.45 -2.81
CA LYS IA 2 -1.54 -54.59 -2.83
C LYS IA 2 -0.86 -53.82 -3.98
N PRO IA 3 -1.32 -53.97 -5.22
CA PRO IA 3 -0.72 -53.19 -6.31
C PRO IA 3 -1.04 -51.71 -6.17
N LEU IA 4 -0.20 -50.90 -6.82
CA LEU IA 4 -0.35 -49.44 -6.77
C LEU IA 4 -1.48 -48.93 -7.65
N ASP IA 5 -2.08 -49.81 -8.45
CA ASP IA 5 -3.21 -49.43 -9.28
C ASP IA 5 -4.42 -49.01 -8.45
N VAL IA 6 -4.44 -49.32 -7.16
CA VAL IA 6 -5.51 -48.79 -6.29
C VAL IA 6 -5.21 -47.36 -5.89
N PHE IA 7 -3.93 -47.02 -5.72
CA PHE IA 7 -3.56 -45.63 -5.47
C PHE IA 7 -3.76 -44.76 -6.69
N MET IA 8 -3.60 -45.34 -7.88
CA MET IA 8 -3.60 -44.54 -9.10
C MET IA 8 -4.88 -43.72 -9.32
N PRO IA 9 -6.09 -44.22 -9.03
CA PRO IA 9 -7.29 -43.40 -9.31
C PRO IA 9 -7.30 -42.03 -8.64
N ILE IA 10 -6.88 -41.94 -7.37
CA ILE IA 10 -6.89 -40.65 -6.70
C ILE IA 10 -5.90 -39.70 -7.36
N ILE IA 11 -4.73 -40.23 -7.72
CA ILE IA 11 -3.73 -39.43 -8.42
C ILE IA 11 -4.31 -38.91 -9.73
N HIS IA 12 -4.98 -39.77 -10.49
CA HIS IA 12 -5.61 -39.31 -11.72
C HIS IA 12 -6.64 -38.22 -11.45
N ARG IA 13 -7.43 -38.37 -10.38
CA ARG IA 13 -8.46 -37.38 -10.09
C ARG IA 13 -7.86 -36.02 -9.79
N PHE IA 14 -6.80 -35.99 -8.98
CA PHE IA 14 -6.20 -34.70 -8.63
C PHE IA 14 -5.06 -34.30 -9.55
N ALA IA 15 -4.32 -35.26 -10.08
CA ALA IA 15 -3.27 -34.98 -11.06
C ALA IA 15 -3.65 -35.64 -12.38
N PRO IA 16 -4.22 -34.90 -13.33
CA PRO IA 16 -4.85 -35.55 -14.49
C PRO IA 16 -3.83 -36.23 -15.39
N GLY IA 17 -4.03 -37.53 -15.59
CA GLY IA 17 -3.23 -38.27 -16.57
C GLY IA 17 -1.76 -38.35 -16.25
N CYS IA 18 -1.42 -38.44 -14.97
CA CYS IA 18 -0.02 -38.53 -14.59
C CYS IA 18 0.56 -39.85 -15.07
N PRO IA 19 1.80 -39.85 -15.57
CA PRO IA 19 2.41 -41.11 -16.04
C PRO IA 19 2.49 -42.12 -14.90
N GLU IA 20 2.22 -43.38 -15.24
CA GLU IA 20 2.18 -44.42 -14.21
C GLU IA 20 3.50 -44.64 -13.49
N PRO IA 21 4.66 -44.74 -14.16
CA PRO IA 21 5.90 -44.87 -13.38
C PRO IA 21 6.17 -43.70 -12.46
N THR IA 22 5.88 -42.47 -12.89
CA THR IA 22 6.13 -41.32 -12.05
C THR IA 22 5.18 -41.28 -10.86
N ALA IA 23 3.89 -41.51 -11.10
CA ALA IA 23 2.93 -41.56 -10.01
C ALA IA 23 3.26 -42.69 -9.05
N PHE IA 24 3.75 -43.81 -9.58
CA PHE IA 24 4.10 -44.93 -8.72
C PHE IA 24 5.32 -44.61 -7.87
N ALA IA 25 6.30 -43.90 -8.44
CA ALA IA 25 7.45 -43.47 -7.66
C ALA IA 25 7.01 -42.51 -6.56
N ALA IA 26 6.08 -41.61 -6.87
CA ALA IA 26 5.54 -40.72 -5.85
C ALA IA 26 4.81 -41.50 -4.77
N ILE IA 27 4.03 -42.51 -5.14
CA ILE IA 27 3.37 -43.37 -4.16
C ILE IA 27 4.40 -44.03 -3.25
N ARG IA 28 5.46 -44.58 -3.82
CA ARG IA 28 6.47 -45.24 -3.02
C ARG IA 28 7.14 -44.27 -2.07
N GLU IA 29 7.47 -43.07 -2.55
CA GLU IA 29 8.15 -42.08 -1.72
C GLU IA 29 7.25 -41.62 -0.58
N ALA IA 30 5.97 -41.35 -0.87
CA ALA IA 30 5.04 -40.92 0.16
C ALA IA 30 4.82 -42.03 1.18
N ALA IA 31 4.73 -43.28 0.72
CA ALA IA 31 4.57 -44.39 1.65
C ALA IA 31 5.81 -44.60 2.50
N ILE IA 32 6.99 -44.34 1.93
CA ILE IA 32 8.22 -44.40 2.69
C ILE IA 32 8.19 -43.39 3.83
N LYS IA 33 7.81 -42.15 3.50
CA LYS IA 33 7.70 -41.13 4.55
C LYS IA 33 6.64 -41.51 5.57
N PHE IA 34 5.54 -42.10 5.10
CA PHE IA 34 4.46 -42.54 6.00
C PHE IA 34 4.98 -43.57 7.00
N CYS IA 35 5.76 -44.54 6.52
CA CYS IA 35 6.27 -45.58 7.42
C CYS IA 35 7.37 -45.03 8.32
N GLU IA 36 8.14 -44.05 7.84
CA GLU IA 36 9.12 -43.40 8.72
C GLU IA 36 8.42 -42.67 9.85
N ARG IA 37 7.25 -42.07 9.58
CA ARG IA 37 6.53 -41.35 10.61
C ARG IA 37 5.64 -42.28 11.43
N THR IA 38 4.75 -43.01 10.79
CA THR IA 38 3.79 -43.84 11.50
C THR IA 38 4.41 -45.07 12.13
N ARG IA 39 5.42 -45.67 11.49
CA ARG IA 39 6.10 -46.87 12.00
C ARG IA 39 5.14 -48.03 12.25
N LEU IA 40 4.15 -48.21 11.38
CA LEU IA 40 3.13 -49.23 11.63
C LEU IA 40 3.54 -50.60 11.10
N TRP IA 41 4.23 -50.63 9.96
CA TRP IA 41 4.58 -51.91 9.35
C TRP IA 41 5.57 -52.68 10.23
N ARG IA 42 5.22 -53.92 10.55
CA ARG IA 42 6.06 -54.76 11.39
C ARG IA 42 6.13 -56.16 10.78
N CYS IA 43 7.32 -56.75 10.82
CA CYS IA 43 7.51 -58.13 10.39
C CYS IA 43 8.56 -58.79 11.27
N ASP IA 44 8.50 -60.12 11.34
CA ASP IA 44 9.30 -60.89 12.29
C ASP IA 44 10.29 -61.76 11.53
N ASP IA 45 11.57 -61.67 11.90
CA ASP IA 45 12.64 -62.30 11.15
C ASP IA 45 13.57 -63.05 12.09
N GLU IA 46 14.10 -64.18 11.63
CA GLU IA 46 14.98 -65.02 12.41
C GLU IA 46 16.15 -65.49 11.54
N PHE IA 47 17.33 -65.58 12.14
CA PHE IA 47 18.51 -66.11 11.46
C PHE IA 47 19.50 -66.58 12.49
N ASN IA 48 20.52 -67.30 12.03
CA ASN IA 48 21.57 -67.84 12.88
C ASN IA 48 22.85 -67.04 12.71
N VAL IA 49 23.42 -66.60 13.83
CA VAL IA 49 24.65 -65.82 13.85
C VAL IA 49 25.66 -66.53 14.74
N GLY IA 50 26.90 -66.68 14.25
CA GLY IA 50 27.89 -67.39 15.02
C GLY IA 50 29.31 -67.13 14.57
N ALA IA 51 30.17 -66.89 15.56
CA ALA IA 51 31.61 -66.71 15.37
C ALA IA 51 31.94 -65.49 14.51
N ASP IA 52 31.56 -64.32 15.00
CA ASP IA 52 32.13 -63.04 14.55
C ASP IA 52 31.84 -62.75 13.09
N GLU IA 53 30.56 -62.53 12.76
CA GLU IA 53 30.17 -61.96 11.48
C GLU IA 53 29.18 -60.82 11.71
N CYS IA 54 29.34 -59.75 10.94
CA CYS IA 54 28.38 -58.65 10.95
C CYS IA 54 27.17 -59.10 10.14
N ALA IA 55 26.36 -59.97 10.73
CA ALA IA 55 25.25 -60.57 10.01
C ALA IA 55 24.21 -59.53 9.64
N GLU IA 56 23.75 -59.59 8.40
CA GLU IA 56 22.77 -58.66 7.87
C GLU IA 56 21.37 -59.23 8.05
N VAL IA 57 20.43 -58.38 8.44
CA VAL IA 57 19.07 -58.83 8.64
C VAL IA 57 18.44 -59.11 7.28
N ALA IA 58 17.61 -60.16 7.22
CA ALA IA 58 16.86 -60.51 6.03
C ALA IA 58 15.52 -59.78 6.05
N VAL IA 59 15.13 -59.23 4.90
CA VAL IA 59 13.90 -58.46 4.80
C VAL IA 59 13.14 -58.91 3.55
N PRO IA 60 11.82 -58.71 3.50
CA PRO IA 60 11.10 -58.98 2.25
C PRO IA 60 11.67 -58.16 1.11
N TYR IA 61 11.47 -58.66 -0.12
CA TYR IA 61 12.09 -58.03 -1.28
C TYR IA 61 11.60 -56.59 -1.44
N GLY IA 62 10.32 -56.34 -1.24
CA GLY IA 62 9.78 -55.00 -1.34
C GLY IA 62 9.75 -54.27 -0.02
N ALA IA 63 10.85 -54.31 0.72
CA ALA IA 63 10.91 -53.67 2.03
C ALA IA 63 12.37 -53.49 2.42
N ALA IA 64 12.60 -52.56 3.35
CA ALA IA 64 13.90 -52.36 3.96
C ALA IA 64 13.70 -52.13 5.45
N LEU IA 65 14.62 -52.66 6.25
CA LEU IA 65 14.50 -52.58 7.70
C LEU IA 65 14.72 -51.14 8.12
N TYR IA 66 13.62 -50.43 8.41
CA TYR IA 66 13.73 -49.06 8.89
C TYR IA 66 14.31 -49.01 10.29
N GLU IA 67 13.77 -49.81 11.21
CA GLU IA 67 14.05 -49.60 12.62
C GLU IA 67 13.59 -50.83 13.38
N MET IA 68 14.47 -51.37 14.21
CA MET IA 68 14.22 -52.63 14.89
C MET IA 68 13.61 -52.33 16.26
N GLU IA 69 12.40 -52.84 16.48
CA GLU IA 69 11.72 -52.61 17.75
C GLU IA 69 12.47 -53.26 18.90
N LEU IA 70 12.90 -54.50 18.72
CA LEU IA 70 13.73 -55.20 19.68
C LEU IA 70 14.33 -56.43 19.01
N VAL IA 71 15.35 -56.98 19.63
CA VAL IA 71 16.02 -58.18 19.14
C VAL IA 71 16.13 -59.18 20.28
N GLN IA 72 15.82 -60.44 19.98
CA GLN IA 72 15.86 -61.51 20.97
C GLN IA 72 16.92 -62.52 20.59
N PHE IA 73 17.60 -63.08 21.58
CA PHE IA 73 18.58 -64.12 21.38
C PHE IA 73 18.27 -65.29 22.28
N ASN IA 74 17.71 -66.36 21.70
CA ASN IA 74 17.33 -67.56 22.46
C ASN IA 74 16.46 -67.19 23.66
N GLY IA 75 15.50 -66.29 23.43
CA GLY IA 75 14.62 -65.86 24.49
C GLY IA 75 15.17 -64.76 25.39
N ARG IA 76 16.30 -64.17 25.04
CA ARG IA 76 16.91 -63.11 25.84
C ARG IA 76 16.66 -61.76 25.18
N ASN IA 77 16.07 -60.84 25.94
CA ASN IA 77 15.82 -59.49 25.44
C ASN IA 77 17.11 -58.69 25.55
N MET IA 78 17.77 -58.45 24.42
CA MET IA 78 19.02 -57.70 24.43
C MET IA 78 18.76 -56.21 24.55
N ARG IA 79 19.74 -55.50 25.11
CA ARG IA 79 19.63 -54.08 25.34
C ARG IA 79 20.36 -53.31 24.24
N PRO IA 80 19.66 -52.57 23.39
CA PRO IA 80 20.35 -51.84 22.32
C PRO IA 80 21.04 -50.61 22.88
N VAL IA 81 22.32 -50.44 22.52
CA VAL IA 81 23.14 -49.33 23.00
C VAL IA 81 23.92 -48.76 21.83
N SER IA 82 24.32 -47.50 21.95
CA SER IA 82 25.13 -46.86 20.93
C SER IA 82 26.56 -47.41 20.95
N THR IA 83 27.28 -47.18 19.86
CA THR IA 83 28.66 -47.64 19.80
C THR IA 83 29.55 -46.91 20.79
N GLN IA 84 29.32 -45.61 21.01
CA GLN IA 84 30.13 -44.87 21.97
C GLN IA 84 29.91 -45.35 23.39
N TRP IA 85 28.70 -45.83 23.69
CA TRP IA 85 28.44 -46.37 25.02
C TRP IA 85 29.35 -47.56 25.31
N LEU IA 86 29.47 -48.48 24.36
CA LEU IA 86 30.45 -49.55 24.52
C LEU IA 86 31.86 -48.99 24.52
N ASP IA 87 32.12 -47.95 23.74
CA ASP IA 87 33.46 -47.36 23.73
C ASP IA 87 33.88 -46.90 25.13
N GLU IA 88 32.93 -46.38 25.90
CA GLU IA 88 33.33 -45.77 27.17
C GLU IA 88 33.15 -46.69 28.37
N GLN IA 89 32.08 -47.50 28.41
CA GLN IA 89 31.95 -48.40 29.56
C GLN IA 89 32.55 -49.78 29.30
N VAL IA 90 32.56 -50.24 28.05
CA VAL IA 90 33.02 -51.59 27.75
C VAL IA 90 34.24 -51.48 26.82
N PRO IA 91 35.43 -51.23 27.35
CA PRO IA 91 36.61 -51.09 26.48
C PRO IA 91 36.98 -52.42 25.86
N ASP IA 92 37.81 -52.33 24.81
CA ASP IA 92 38.25 -53.50 24.04
C ASP IA 92 37.08 -54.23 23.41
N TRP IA 93 36.00 -53.51 23.12
CA TRP IA 93 34.88 -54.07 22.37
C TRP IA 93 35.32 -54.61 21.01
N ARG IA 94 36.00 -53.77 20.22
CA ARG IA 94 36.36 -54.17 18.87
C ARG IA 94 37.51 -55.18 18.87
N THR IA 95 38.47 -55.01 19.78
CA THR IA 95 39.67 -55.84 19.74
C THR IA 95 39.39 -57.26 20.24
N THR IA 96 38.66 -57.40 21.34
CA THR IA 96 38.52 -58.69 21.99
C THR IA 96 37.77 -59.69 21.12
N THR IA 97 38.20 -60.94 21.17
CA THR IA 97 37.55 -62.05 20.47
C THR IA 97 37.01 -63.11 21.42
N GLN IA 98 37.04 -62.86 22.73
CA GLN IA 98 36.56 -63.85 23.69
C GLN IA 98 35.07 -64.09 23.53
N SER IA 99 34.66 -65.34 23.72
CA SER IA 99 33.26 -65.70 23.53
C SER IA 99 32.49 -65.65 24.86
N GLY IA 100 31.25 -65.21 24.78
CA GLY IA 100 30.40 -65.13 25.95
C GLY IA 100 28.96 -64.91 25.59
N GLN IA 101 28.10 -65.02 26.60
CA GLN IA 101 26.67 -64.80 26.41
C GLN IA 101 26.39 -63.33 26.10
N ALA IA 102 25.53 -63.08 25.12
CA ALA IA 102 25.35 -61.74 24.57
C ALA IA 102 24.45 -60.89 25.44
N GLN IA 103 24.82 -59.62 25.61
CA GLN IA 103 24.02 -58.67 26.39
C GLN IA 103 23.53 -57.46 25.59
N TYR IA 104 24.42 -56.78 24.88
CA TYR IA 104 24.09 -55.49 24.26
C TYR IA 104 24.30 -55.58 22.75
N VAL IA 105 23.55 -54.76 22.01
CA VAL IA 105 23.56 -54.78 20.55
C VAL IA 105 24.02 -53.42 20.03
N THR IA 106 24.88 -53.44 19.02
CA THR IA 106 25.30 -52.24 18.32
C THR IA 106 25.21 -52.48 16.82
N GLN IA 107 24.72 -51.49 16.09
CA GLN IA 107 24.59 -51.58 14.64
C GLN IA 107 25.62 -50.66 14.02
N GLN IA 108 26.82 -51.20 13.80
CA GLN IA 108 27.91 -50.38 13.30
C GLN IA 108 27.68 -49.98 11.84
N SER IA 109 27.17 -50.90 11.03
CA SER IA 109 26.81 -50.61 9.65
C SER IA 109 25.35 -50.17 9.58
N GLU IA 110 24.83 -50.11 8.35
CA GLU IA 110 23.45 -49.69 8.18
C GLU IA 110 22.46 -50.77 8.58
N ASP IA 111 22.74 -52.03 8.21
CA ASP IA 111 21.80 -53.13 8.41
C ASP IA 111 22.39 -54.32 9.15
N THR IA 112 23.60 -54.19 9.69
CA THR IA 112 24.27 -55.30 10.35
C THR IA 112 24.23 -55.12 11.85
N LEU IA 113 24.00 -56.22 12.57
CA LEU IA 113 23.86 -56.20 14.02
C LEU IA 113 25.10 -56.84 14.64
N THR IA 114 25.67 -56.16 15.63
CA THR IA 114 26.84 -56.65 16.34
C THR IA 114 26.50 -56.82 17.82
N PHE IA 115 26.88 -57.98 18.38
CA PHE IA 115 26.63 -58.29 19.77
C PHE IA 115 27.95 -58.16 20.53
N VAL IA 116 27.90 -57.54 21.72
CA VAL IA 116 29.13 -57.21 22.44
C VAL IA 116 30.01 -58.43 22.72
N PRO IA 117 29.48 -59.63 23.05
CA PRO IA 117 30.33 -60.81 23.01
C PRO IA 117 30.23 -61.55 21.68
N ALA IA 118 31.36 -61.91 21.08
CA ALA IA 118 31.31 -62.80 19.93
C ALA IA 118 30.82 -64.18 20.37
N GLU IA 119 29.81 -64.71 19.68
CA GLU IA 119 29.18 -65.96 20.09
C GLU IA 119 28.22 -66.45 19.01
N ALA IA 120 27.71 -67.67 19.22
CA ALA IA 120 26.91 -68.37 18.22
C ALA IA 120 25.53 -68.69 18.81
N GLY IA 121 24.48 -68.45 18.02
CA GLY IA 121 23.14 -68.83 18.40
C GLY IA 121 22.12 -68.26 17.45
N SER IA 122 20.86 -68.62 17.70
CA SER IA 122 19.77 -68.11 16.88
C SER IA 122 19.38 -66.71 17.33
N VAL IA 123 19.12 -65.84 16.35
CA VAL IA 123 18.81 -64.44 16.60
C VAL IA 123 17.47 -64.12 15.95
N ARG IA 124 16.56 -63.53 16.72
CA ARG IA 124 15.27 -63.09 16.23
C ARG IA 124 15.21 -61.57 16.30
N VAL IA 125 14.94 -60.93 15.18
CA VAL IA 125 14.88 -59.47 15.10
C VAL IA 125 13.43 -59.07 14.86
N TYR IA 126 12.85 -58.37 15.83
CA TYR IA 126 11.49 -57.85 15.73
C TYR IA 126 11.58 -56.37 15.41
N GLY IA 127 11.38 -56.02 14.14
CA GLY IA 127 11.66 -54.68 13.68
C GLY IA 127 10.61 -54.16 12.73
N LEU IA 128 10.52 -52.83 12.67
CA LEU IA 128 9.65 -52.16 11.72
C LEU IA 128 10.25 -52.22 10.32
N LEU IA 129 9.39 -52.10 9.31
CA LEU IA 129 9.81 -52.14 7.93
C LEU IA 129 9.49 -50.83 7.23
N LYS IA 130 10.16 -50.63 6.09
CA LYS IA 130 10.00 -49.49 5.22
C LYS IA 130 10.03 -49.95 3.77
N PRO IA 131 9.04 -49.58 2.97
CA PRO IA 131 9.06 -49.94 1.55
C PRO IA 131 10.33 -49.43 0.88
N THR IA 132 10.85 -50.24 -0.04
CA THR IA 132 12.03 -49.83 -0.79
C THR IA 132 11.64 -48.82 -1.87
N LEU IA 133 12.64 -48.10 -2.37
CA LEU IA 133 12.39 -47.04 -3.33
C LEU IA 133 11.82 -47.60 -4.64
N ASP IA 134 12.01 -48.90 -4.88
CA ASP IA 134 11.47 -49.59 -6.05
C ASP IA 134 10.70 -50.84 -5.62
N ALA IA 135 9.45 -50.65 -5.25
CA ALA IA 135 8.58 -51.72 -4.79
C ALA IA 135 7.33 -51.75 -5.66
N ASP IA 136 7.04 -52.91 -6.24
CA ASP IA 136 5.87 -53.04 -7.10
C ASP IA 136 4.58 -53.01 -6.29
N SER IA 137 4.57 -53.70 -5.15
CA SER IA 137 3.36 -53.87 -4.35
C SER IA 137 3.60 -53.31 -2.95
N LEU IA 138 2.74 -52.38 -2.54
CA LEU IA 138 2.77 -51.90 -1.17
C LEU IA 138 1.99 -52.85 -0.26
N PRO IA 139 2.32 -52.86 1.04
CA PRO IA 139 1.65 -53.79 1.95
C PRO IA 139 0.15 -53.53 2.03
N ASP IA 140 -0.55 -54.49 2.63
CA ASP IA 140 -1.98 -54.35 2.83
C ASP IA 140 -2.29 -53.18 3.75
N LEU IA 141 -1.44 -52.95 4.75
CA LEU IA 141 -1.67 -51.87 5.70
C LEU IA 141 -1.65 -50.51 5.00
N LEU IA 142 -0.70 -50.32 4.08
CA LEU IA 142 -0.56 -49.04 3.41
C LEU IA 142 -1.67 -48.83 2.38
N ALA IA 143 -2.14 -49.91 1.76
CA ALA IA 143 -3.03 -49.77 0.62
C ALA IA 143 -4.50 -49.80 1.04
N ASP IA 144 -4.89 -50.77 1.85
CA ASP IA 144 -6.31 -51.00 2.10
C ASP IA 144 -6.93 -49.89 2.93
N THR IA 145 -6.29 -49.49 4.02
CA THR IA 145 -6.93 -48.60 4.99
C THR IA 145 -6.35 -47.19 5.01
N TYR IA 146 -5.09 -47.01 4.61
CA TYR IA 146 -4.46 -45.69 4.65
C TYR IA 146 -4.03 -45.25 3.25
N ARG IA 147 -4.87 -45.56 2.25
CA ARG IA 147 -4.57 -45.15 0.88
C ARG IA 147 -4.63 -43.64 0.74
N LYS IA 148 -5.55 -42.99 1.45
CA LYS IA 148 -5.79 -41.56 1.24
C LYS IA 148 -4.59 -40.72 1.66
N THR IA 149 -3.95 -41.07 2.78
CA THR IA 149 -2.81 -40.29 3.25
C THR IA 149 -1.62 -40.40 2.30
N ILE IA 150 -1.30 -41.62 1.87
CA ILE IA 150 -0.22 -41.83 0.91
C ILE IA 150 -0.56 -41.13 -0.40
N ALA IA 151 -1.83 -41.17 -0.80
CA ALA IA 151 -2.24 -40.47 -2.00
C ALA IA 151 -2.04 -38.97 -1.87
N ASP IA 152 -2.35 -38.41 -0.70
CA ASP IA 152 -2.14 -36.99 -0.48
C ASP IA 152 -0.67 -36.62 -0.58
N GLY IA 153 0.20 -37.42 0.03
CA GLY IA 153 1.63 -37.17 -0.10
C GLY IA 153 2.11 -37.24 -1.54
N ALA IA 154 1.68 -38.26 -2.27
CA ALA IA 154 2.10 -38.41 -3.67
C ALA IA 154 1.55 -37.28 -4.52
N LEU IA 155 0.33 -36.83 -4.23
CA LEU IA 155 -0.21 -35.68 -4.95
C LEU IA 155 0.59 -34.43 -4.67
N SER IA 156 1.05 -34.24 -3.43
CA SER IA 156 1.97 -33.15 -3.17
C SER IA 156 3.18 -33.24 -4.09
N GLU IA 157 3.84 -34.41 -4.08
CA GLU IA 157 5.07 -34.55 -4.87
C GLU IA 157 4.80 -34.31 -6.36
N LEU IA 158 3.68 -34.83 -6.88
CA LEU IA 158 3.41 -34.74 -8.30
C LEU IA 158 2.99 -33.33 -8.72
N LEU IA 159 2.15 -32.68 -7.92
CA LEU IA 159 1.72 -31.33 -8.26
C LEU IA 159 2.87 -30.34 -8.16
N ILE IA 160 3.89 -30.67 -7.37
CA ILE IA 160 5.07 -29.80 -7.31
C ILE IA 160 5.87 -29.85 -8.62
N ILE IA 161 5.65 -30.86 -9.45
CA ILE IA 161 6.39 -30.98 -10.72
C ILE IA 161 6.15 -29.75 -11.59
N PRO IA 162 7.21 -29.10 -12.06
CA PRO IA 162 7.04 -27.84 -12.80
C PRO IA 162 6.91 -28.07 -14.30
N GLY IA 163 6.47 -27.00 -14.97
CA GLY IA 163 6.40 -26.99 -16.42
C GLY IA 163 5.46 -28.00 -17.02
N LYS IA 164 4.41 -28.37 -16.29
CA LYS IA 164 3.46 -29.39 -16.73
C LYS IA 164 2.04 -28.96 -16.38
N ALA IA 165 1.08 -29.63 -17.02
CA ALA IA 165 -0.33 -29.33 -16.75
C ALA IA 165 -0.71 -29.72 -15.34
N TRP IA 166 0.10 -30.57 -14.70
CA TRP IA 166 -0.19 -30.97 -13.32
C TRP IA 166 0.12 -29.84 -12.34
N MET IA 167 1.01 -28.93 -12.73
CA MET IA 167 1.55 -27.95 -11.79
C MET IA 167 0.44 -27.08 -11.20
N SER IA 168 0.33 -27.10 -9.87
CA SER IA 168 -0.60 -26.25 -9.14
C SER IA 168 -0.06 -26.08 -7.73
N ALA IA 169 0.51 -24.92 -7.45
CA ALA IA 169 1.15 -24.70 -6.15
C ALA IA 169 0.13 -24.74 -5.01
N ASP IA 170 -1.06 -24.18 -5.23
CA ASP IA 170 -2.07 -24.16 -4.18
C ASP IA 170 -2.42 -25.57 -3.74
N LEU IA 171 -2.74 -26.45 -4.68
CA LEU IA 171 -3.08 -27.82 -4.34
C LEU IA 171 -1.89 -28.55 -3.73
N ALA IA 172 -0.69 -28.27 -4.22
CA ALA IA 172 0.50 -28.90 -3.66
C ALA IA 172 0.64 -28.57 -2.18
N VAL IA 173 0.53 -27.29 -1.82
CA VAL IA 173 0.66 -26.88 -0.43
C VAL IA 173 -0.48 -27.46 0.41
N PHE IA 174 -1.70 -27.44 -0.13
CA PHE IA 174 -2.84 -27.94 0.60
C PHE IA 174 -2.69 -29.43 0.91
N PHE IA 175 -2.29 -30.22 -0.08
CA PHE IA 175 -2.13 -31.65 0.13
C PHE IA 175 -0.93 -31.95 1.02
N GLY IA 176 0.13 -31.13 0.94
CA GLY IA 176 1.23 -31.29 1.87
C GLY IA 176 0.79 -31.09 3.31
N THR IA 177 -0.01 -30.04 3.55
CA THR IA 177 -0.50 -29.79 4.90
C THR IA 177 -1.39 -30.94 5.38
N ARG IA 178 -2.29 -31.41 4.52
CA ARG IA 178 -3.16 -32.53 4.92
C ARG IA 178 -2.35 -33.80 5.19
N PHE IA 179 -1.35 -34.08 4.35
CA PHE IA 179 -0.50 -35.24 4.57
C PHE IA 179 0.23 -35.14 5.89
N ASP IA 180 0.79 -33.97 6.21
CA ASP IA 180 1.47 -33.79 7.47
C ASP IA 180 0.52 -33.97 8.64
N ARG IA 181 -0.69 -33.41 8.54
CA ARG IA 181 -1.64 -33.53 9.63
C ARG IA 181 -2.08 -34.97 9.85
N GLU IA 182 -2.31 -35.71 8.77
CA GLU IA 182 -2.73 -37.10 8.92
C GLU IA 182 -1.60 -37.96 9.47
N LEU IA 183 -0.36 -37.74 8.99
CA LEU IA 183 0.79 -38.42 9.56
C LEU IA 183 0.91 -38.13 11.04
N ASP IA 184 0.70 -36.87 11.41
CA ASP IA 184 0.84 -36.45 12.80
C ASP IA 184 -0.24 -37.11 13.66
N ARG IA 185 -1.46 -37.20 13.13
CA ARG IA 185 -2.54 -37.90 13.80
C ARG IA 185 -2.20 -39.37 14.02
N LEU IA 186 -1.60 -40.01 13.03
CA LEU IA 186 -1.27 -41.43 13.12
C LEU IA 186 0.03 -41.71 13.87
N SER IA 187 0.79 -40.66 14.23
CA SER IA 187 2.10 -40.87 14.86
C SER IA 187 2.02 -41.73 16.11
N THR IA 188 0.92 -41.63 16.87
CA THR IA 188 0.79 -42.36 18.13
C THR IA 188 0.26 -43.78 17.97
N LYS IA 189 0.07 -44.24 16.74
CA LYS IA 189 -0.63 -45.50 16.52
C LYS IA 189 0.26 -46.69 16.86
N THR IA 190 1.57 -46.49 16.91
CA THR IA 190 2.46 -47.58 17.35
C THR IA 190 2.16 -47.98 18.78
N ILE IA 191 2.00 -47.00 19.66
CA ILE IA 191 1.73 -47.31 21.06
C ILE IA 191 0.25 -47.61 21.26
N LYS IA 192 -0.62 -46.73 20.76
CA LYS IA 192 -2.04 -46.92 21.01
C LYS IA 192 -2.59 -48.11 20.24
N GLY IA 193 -2.28 -48.20 18.96
CA GLY IA 193 -2.80 -49.29 18.15
C GLY IA 193 -4.31 -49.17 17.98
N GLN IA 194 -4.90 -50.26 17.51
CA GLN IA 194 -6.35 -50.37 17.44
C GLN IA 194 -6.96 -50.86 18.74
N GLN IA 195 -6.12 -51.24 19.71
CA GLN IA 195 -6.59 -51.75 20.98
C GLN IA 195 -6.81 -50.65 22.02
N ARG IA 196 -6.51 -49.40 21.68
CA ARG IA 196 -6.56 -48.28 22.61
C ARG IA 196 -5.61 -48.47 23.77
N ALA IA 197 -4.42 -48.99 23.51
CA ALA IA 197 -3.42 -49.10 24.55
C ALA IA 197 -2.98 -47.71 25.02
N PRO IA 198 -3.03 -47.43 26.31
CA PRO IA 198 -2.69 -46.09 26.79
C PRO IA 198 -1.20 -45.80 26.65
N VAL IA 199 -0.89 -44.51 26.58
CA VAL IA 199 0.48 -44.03 26.51
C VAL IA 199 0.83 -43.44 27.87
N ARG IA 200 1.76 -44.07 28.58
CA ARG IA 200 2.12 -43.65 29.93
C ARG IA 200 3.63 -43.60 30.06
N THR IA 201 4.12 -42.45 30.53
CA THR IA 201 5.56 -42.21 30.65
C THR IA 201 6.18 -43.19 31.65
N ARG IA 202 7.33 -43.75 31.28
CA ARG IA 202 8.09 -44.57 32.21
C ARG IA 202 8.52 -43.73 33.40
N ALA IA 203 8.33 -44.29 34.60
CA ALA IA 203 8.65 -43.60 35.84
C ALA IA 203 9.98 -44.11 36.38
N GLN IA 204 10.88 -43.19 36.69
CA GLN IA 204 12.20 -43.52 37.22
C GLN IA 204 12.34 -42.93 38.62
N PHE IA 205 12.75 -43.76 39.57
CA PHE IA 205 12.89 -43.34 40.96
C PHE IA 205 14.35 -43.30 41.38
N ALA JA 2 -24.04 -38.01 -44.72
CA ALA JA 2 -24.12 -39.28 -45.45
C ALA JA 2 -24.70 -39.06 -46.84
N PHE JA 3 -24.49 -37.86 -47.38
CA PHE JA 3 -25.05 -37.54 -48.68
C PHE JA 3 -24.21 -38.18 -49.79
N PRO JA 4 -24.82 -38.55 -50.91
CA PRO JA 4 -24.03 -39.04 -52.05
C PRO JA 4 -23.38 -37.88 -52.78
N ALA JA 5 -22.42 -38.22 -53.64
CA ALA JA 5 -21.80 -37.22 -54.50
C ALA JA 5 -22.75 -36.68 -55.57
N SER JA 6 -23.81 -37.43 -55.88
CA SER JA 6 -24.72 -37.03 -56.95
C SER JA 6 -25.35 -35.68 -56.66
N VAL JA 7 -25.76 -35.46 -55.41
CA VAL JA 7 -26.35 -34.16 -55.08
C VAL JA 7 -25.34 -33.05 -55.34
N VAL JA 8 -24.13 -33.18 -54.77
CA VAL JA 8 -23.15 -32.10 -54.87
C VAL JA 8 -22.83 -31.80 -56.33
N LEU JA 9 -22.71 -32.84 -57.15
CA LEU JA 9 -22.48 -32.59 -58.56
C LEU JA 9 -23.65 -31.87 -59.21
N SER JA 10 -24.89 -32.21 -58.82
CA SER JA 10 -26.05 -31.48 -59.33
C SER JA 10 -26.01 -30.01 -58.92
N ARG JA 11 -25.68 -29.75 -57.65
CA ARG JA 11 -25.57 -28.37 -57.19
C ARG JA 11 -24.55 -27.60 -58.01
N ALA JA 12 -23.34 -28.15 -58.13
CA ALA JA 12 -22.29 -27.44 -58.85
C ALA JA 12 -22.62 -27.31 -60.33
N ALA JA 13 -23.42 -28.23 -60.87
CA ALA JA 13 -23.80 -28.14 -62.27
C ALA JA 13 -24.95 -27.16 -62.46
N THR JA 14 -25.63 -26.79 -61.37
CA THR JA 14 -26.65 -25.75 -61.46
C THR JA 14 -26.12 -24.36 -61.11
N LEU JA 15 -25.04 -24.26 -60.33
CA LEU JA 15 -24.41 -22.95 -60.14
C LEU JA 15 -23.74 -22.52 -61.44
N LEU JA 16 -22.73 -23.26 -61.85
CA LEU JA 16 -22.14 -23.09 -63.17
C LEU JA 16 -23.14 -23.59 -64.21
N GLN JA 17 -23.37 -22.77 -65.24
CA GLN JA 17 -24.42 -23.08 -66.21
C GLN JA 17 -23.94 -24.19 -67.15
N ASP JA 18 -23.55 -25.31 -66.51
CA ASP JA 18 -23.08 -26.51 -67.19
C ASP JA 18 -23.82 -27.70 -66.59
N GLU JA 19 -25.03 -27.96 -67.09
CA GLU JA 19 -25.80 -29.08 -66.59
C GLU JA 19 -25.32 -30.40 -67.19
N ASP JA 20 -24.83 -30.36 -68.43
CA ASP JA 20 -24.34 -31.57 -69.08
C ASP JA 20 -23.05 -32.05 -68.42
N HIS JA 21 -22.33 -31.15 -67.74
CA HIS JA 21 -20.98 -31.34 -67.23
C HIS JA 21 -19.95 -31.39 -68.36
N GLU JA 22 -20.17 -30.61 -69.42
CA GLU JA 22 -19.37 -30.68 -70.62
C GLU JA 22 -18.08 -29.87 -70.54
N ARG JA 23 -18.08 -28.71 -69.87
CA ARG JA 23 -16.80 -28.10 -69.52
C ARG JA 23 -16.13 -28.84 -68.38
N TRP JA 24 -16.74 -28.83 -67.21
CA TRP JA 24 -16.22 -29.51 -66.03
C TRP JA 24 -16.82 -30.90 -66.02
N THR JA 25 -16.06 -31.88 -66.49
CA THR JA 25 -16.54 -33.24 -66.54
C THR JA 25 -16.85 -33.75 -65.13
N VAL JA 26 -17.68 -34.78 -65.07
CA VAL JA 26 -18.07 -35.33 -63.78
C VAL JA 26 -16.85 -35.79 -63.00
N ASP JA 27 -15.81 -36.23 -63.70
CA ASP JA 27 -14.58 -36.61 -63.03
C ASP JA 27 -13.92 -35.41 -62.37
N GLU JA 28 -13.87 -34.27 -63.06
CA GLU JA 28 -13.26 -33.08 -62.48
C GLU JA 28 -14.04 -32.60 -61.26
N LEU JA 29 -15.37 -32.58 -61.35
CA LEU JA 29 -16.18 -32.12 -60.23
C LEU JA 29 -16.09 -33.10 -59.06
N LEU JA 30 -16.01 -34.39 -59.34
CA LEU JA 30 -15.80 -35.38 -58.29
C LEU JA 30 -14.45 -35.18 -57.62
N GLU JA 31 -13.43 -34.88 -58.40
CA GLU JA 31 -12.11 -34.59 -57.85
C GLU JA 31 -12.16 -33.37 -56.95
N TRP JA 32 -12.88 -32.32 -57.37
CA TRP JA 32 -12.97 -31.13 -56.54
C TRP JA 32 -13.77 -31.42 -55.28
N LEU JA 33 -14.78 -32.27 -55.38
CA LEU JA 33 -15.52 -32.68 -54.20
C LEU JA 33 -14.61 -33.39 -53.19
N THR JA 34 -13.80 -34.33 -53.65
CA THR JA 34 -12.96 -35.07 -52.70
C THR JA 34 -11.86 -34.17 -52.11
N ASP JA 35 -11.28 -33.29 -52.93
CA ASP JA 35 -10.30 -32.35 -52.41
C ASP JA 35 -10.92 -31.43 -51.37
N GLY JA 36 -12.13 -30.93 -51.65
CA GLY JA 36 -12.81 -30.09 -50.68
C GLY JA 36 -13.14 -30.81 -49.41
N THR JA 37 -13.51 -32.10 -49.51
CA THR JA 37 -13.79 -32.87 -48.30
C THR JA 37 -12.54 -32.99 -47.44
N ARG JA 38 -11.40 -33.31 -48.06
CA ARG JA 38 -10.16 -33.38 -47.29
C ARG JA 38 -9.84 -32.03 -46.66
N GLU JA 39 -9.98 -30.95 -47.44
CA GLU JA 39 -9.63 -29.63 -46.94
C GLU JA 39 -10.54 -29.21 -45.79
N ILE JA 40 -11.83 -29.53 -45.88
CA ILE JA 40 -12.76 -29.12 -44.83
C ILE JA 40 -12.57 -29.98 -43.57
N VAL JA 41 -12.19 -31.25 -43.75
CA VAL JA 41 -11.85 -32.05 -42.57
C VAL JA 41 -10.63 -31.45 -41.88
N VAL JA 42 -9.65 -30.98 -42.66
CA VAL JA 42 -8.49 -30.32 -42.06
C VAL JA 42 -8.91 -29.05 -41.34
N ARG JA 43 -9.73 -28.23 -41.99
CA ARG JA 43 -10.15 -26.95 -41.41
C ARG JA 43 -10.91 -27.15 -40.12
N LYS JA 44 -11.92 -28.02 -40.13
CA LYS JA 44 -12.74 -28.32 -38.96
C LYS JA 44 -12.75 -29.83 -38.74
N PRO JA 45 -11.89 -30.35 -37.86
CA PRO JA 45 -11.87 -31.81 -37.64
C PRO JA 45 -13.18 -32.36 -37.11
N SER JA 46 -14.03 -31.53 -36.50
CA SER JA 46 -15.31 -32.01 -36.01
C SER JA 46 -16.27 -32.36 -37.14
N ALA JA 47 -15.97 -31.96 -38.36
CA ALA JA 47 -16.88 -32.21 -39.47
C ALA JA 47 -17.04 -33.69 -39.74
N TYR JA 48 -15.93 -34.45 -39.72
CA TYR JA 48 -15.93 -35.86 -40.11
C TYR JA 48 -15.04 -36.64 -39.14
N MET JA 49 -15.69 -37.37 -38.24
CA MET JA 49 -14.99 -38.18 -37.25
C MET JA 49 -15.39 -39.65 -37.43
N LYS JA 50 -14.39 -40.53 -37.43
CA LYS JA 50 -14.62 -41.96 -37.51
C LYS JA 50 -13.88 -42.66 -36.38
N THR JA 51 -14.62 -43.42 -35.57
CA THR JA 51 -14.02 -44.23 -34.51
C THR JA 51 -13.71 -45.61 -35.08
N THR JA 52 -12.43 -45.94 -35.15
CA THR JA 52 -11.96 -47.14 -35.84
C THR JA 52 -11.29 -48.08 -34.86
N THR JA 53 -11.66 -49.35 -34.92
CA THR JA 53 -10.99 -50.37 -34.11
C THR JA 53 -9.70 -50.78 -34.80
N ALA JA 54 -8.58 -50.39 -34.24
CA ALA JA 54 -7.27 -50.61 -34.84
C ALA JA 54 -6.43 -51.49 -33.92
N ALA JA 55 -5.93 -52.60 -34.47
CA ALA JA 55 -5.01 -53.45 -33.72
C ALA JA 55 -3.63 -52.80 -33.66
N LEU JA 56 -2.92 -53.07 -32.57
CA LEU JA 56 -1.63 -52.44 -32.31
C LEU JA 56 -0.51 -53.48 -32.42
N VAL JA 57 0.47 -53.20 -33.27
CA VAL JA 57 1.61 -54.10 -33.40
C VAL JA 57 2.40 -54.10 -32.10
N ALA JA 58 3.08 -55.22 -31.83
CA ALA JA 58 3.80 -55.35 -30.57
C ALA JA 58 4.87 -54.29 -30.44
N GLY JA 59 5.00 -53.76 -29.22
CA GLY JA 59 5.97 -52.72 -28.94
C GLY JA 59 5.33 -51.39 -28.59
N SER JA 60 6.08 -50.52 -27.92
CA SER JA 60 5.54 -49.21 -27.57
C SER JA 60 5.28 -48.38 -28.82
N LYS JA 61 6.16 -48.48 -29.82
CA LYS JA 61 5.97 -47.75 -31.06
C LYS JA 61 4.70 -48.22 -31.77
N GLN JA 62 3.89 -47.26 -32.21
CA GLN JA 62 2.64 -47.58 -32.89
C GLN JA 62 2.35 -46.51 -33.91
N ALA JA 63 1.67 -46.92 -34.99
CA ALA JA 63 1.31 -46.02 -36.08
C ALA JA 63 -0.19 -46.07 -36.31
N LEU JA 64 -0.80 -44.90 -36.38
CA LEU JA 64 -2.23 -44.81 -36.64
C LEU JA 64 -2.53 -45.17 -38.09
N PRO JA 65 -3.78 -45.52 -38.40
CA PRO JA 65 -4.12 -45.92 -39.78
C PRO JA 65 -3.74 -44.83 -40.77
N GLU JA 66 -3.20 -45.28 -41.92
CA GLU JA 66 -2.54 -44.36 -42.83
C GLU JA 66 -3.48 -43.28 -43.37
N ASP JA 67 -4.78 -43.58 -43.47
CA ASP JA 67 -5.74 -42.62 -43.98
C ASP JA 67 -6.39 -41.84 -42.83
N ALA JA 68 -5.55 -41.29 -41.96
CA ALA JA 68 -6.02 -40.48 -40.84
C ALA JA 68 -5.07 -39.30 -40.64
N ILE JA 69 -5.64 -38.10 -40.60
CA ILE JA 69 -4.82 -36.90 -40.43
C ILE JA 69 -4.26 -36.82 -39.02
N GLN JA 70 -5.10 -37.07 -38.02
CA GLN JA 70 -4.70 -36.89 -36.62
C GLN JA 70 -5.76 -37.52 -35.73
N LEU JA 71 -5.30 -38.17 -34.66
CA LEU JA 71 -6.19 -38.73 -33.64
C LEU JA 71 -6.26 -37.74 -32.50
N ILE JA 72 -7.47 -37.46 -32.01
CA ILE JA 72 -7.62 -36.55 -30.89
C ILE JA 72 -7.82 -37.32 -29.59
N ASP JA 73 -8.62 -38.38 -29.62
CA ASP JA 73 -8.89 -39.12 -28.40
C ASP JA 73 -8.77 -40.62 -28.69
N VAL JA 74 -8.39 -41.35 -27.65
CA VAL JA 74 -8.37 -42.81 -27.67
C VAL JA 74 -9.16 -43.25 -26.44
N PRO JA 75 -10.49 -43.20 -26.49
CA PRO JA 75 -11.26 -43.33 -25.23
C PRO JA 75 -11.20 -44.72 -24.61
N ARG JA 76 -11.46 -45.76 -25.40
CA ARG JA 76 -11.70 -47.09 -24.86
C ARG JA 76 -10.78 -48.10 -25.53
N ASN JA 77 -10.18 -48.96 -24.72
CA ASN JA 77 -9.32 -50.03 -25.20
C ASN JA 77 -10.18 -51.29 -25.31
N LEU JA 78 -10.47 -51.69 -26.54
CA LEU JA 78 -11.46 -52.75 -26.76
C LEU JA 78 -10.87 -54.10 -26.38
N LYS JA 79 -11.53 -54.78 -25.44
CA LYS JA 79 -11.11 -56.10 -25.01
C LYS JA 79 -11.42 -57.11 -26.11
N THR JA 80 -10.83 -58.30 -26.00
CA THR JA 80 -11.08 -59.38 -26.94
C THR JA 80 -12.57 -59.52 -27.22
N ASP JA 81 -12.91 -59.76 -28.48
CA ASP JA 81 -14.27 -59.85 -29.03
C ASP JA 81 -15.04 -58.60 -28.59
N GLY JA 82 -16.29 -58.72 -28.13
CA GLY JA 82 -17.15 -57.55 -28.04
C GLY JA 82 -16.97 -56.74 -26.77
N SER JA 83 -16.28 -57.30 -25.78
CA SER JA 83 -16.21 -56.65 -24.48
C SER JA 83 -15.52 -55.29 -24.61
N PRO JA 84 -16.19 -54.21 -24.19
CA PRO JA 84 -15.58 -52.88 -24.35
C PRO JA 84 -14.25 -52.73 -23.65
N GLY JA 85 -14.10 -53.31 -22.46
CA GLY JA 85 -12.82 -53.32 -21.78
C GLY JA 85 -12.45 -51.99 -21.16
N ARG JA 86 -11.18 -51.93 -20.75
CA ARG JA 86 -10.62 -50.78 -20.05
C ARG JA 86 -10.52 -49.57 -20.97
N ALA JA 87 -10.57 -48.39 -20.37
CA ALA JA 87 -10.40 -47.15 -21.10
C ALA JA 87 -8.98 -46.62 -20.94
N VAL JA 88 -8.61 -45.66 -21.78
CA VAL JA 88 -7.25 -45.15 -21.86
C VAL JA 88 -7.27 -43.64 -21.68
N THR JA 89 -6.27 -43.12 -20.97
CA THR JA 89 -6.09 -41.68 -20.80
C THR JA 89 -4.73 -41.27 -21.34
N ALA JA 90 -4.67 -40.06 -21.87
CA ALA JA 90 -3.43 -39.56 -22.45
C ALA JA 90 -2.42 -39.20 -21.36
N THR JA 91 -1.13 -39.23 -21.74
CA THR JA 91 -0.06 -38.83 -20.85
C THR JA 91 1.08 -38.28 -21.67
N ASP JA 92 2.15 -37.87 -20.97
CA ASP JA 92 3.29 -37.22 -21.61
C ASP JA 92 4.44 -38.20 -21.74
N ARG JA 93 5.06 -38.23 -22.92
CA ARG JA 93 6.12 -39.20 -23.18
C ARG JA 93 7.40 -38.84 -22.44
N ARG JA 94 7.67 -37.56 -22.23
CA ARG JA 94 8.95 -37.17 -21.67
C ARG JA 94 9.12 -37.68 -20.24
N LEU JA 95 8.07 -37.61 -19.42
CA LEU JA 95 8.15 -38.18 -18.08
C LEU JA 95 8.28 -39.70 -18.13
N LEU JA 96 7.61 -40.34 -19.08
CA LEU JA 96 7.80 -41.77 -19.28
C LEU JA 96 9.23 -42.10 -19.66
N ASP JA 97 9.92 -41.13 -20.26
CA ASP JA 97 11.31 -41.35 -20.67
C ASP JA 97 12.28 -41.11 -19.53
N THR JA 98 12.03 -40.08 -18.72
CA THR JA 98 12.96 -39.72 -17.65
C THR JA 98 13.06 -40.82 -16.61
N GLU JA 99 11.93 -41.27 -16.09
CA GLU JA 99 11.94 -42.42 -15.20
C GLU JA 99 11.55 -43.68 -15.95
N ASN JA 100 12.16 -44.79 -15.56
CA ASN JA 100 12.08 -46.04 -16.30
C ASN JA 100 12.46 -45.80 -17.76
N PRO JA 101 13.72 -45.43 -18.03
CA PRO JA 101 14.10 -45.08 -19.41
C PRO JA 101 13.88 -46.21 -20.41
N ASP JA 102 14.01 -47.46 -19.97
CA ASP JA 102 13.74 -48.60 -20.84
C ASP JA 102 12.30 -49.06 -20.70
N TRP JA 103 11.38 -48.11 -20.85
CA TRP JA 103 9.96 -48.44 -20.76
C TRP JA 103 9.47 -49.10 -22.05
N HIS JA 104 10.24 -49.01 -23.12
CA HIS JA 104 9.91 -49.76 -24.33
C HIS JA 104 10.19 -51.24 -24.15
N SER JA 105 11.20 -51.58 -23.35
CA SER JA 105 11.56 -52.97 -23.13
C SER JA 105 10.73 -53.62 -22.03
N MET JA 106 9.81 -52.88 -21.41
CA MET JA 106 8.95 -53.44 -20.37
C MET JA 106 8.06 -54.53 -20.97
N LYS JA 107 7.70 -55.50 -20.12
CA LYS JA 107 6.92 -56.63 -20.56
C LYS JA 107 5.61 -56.16 -21.19
N PRO JA 108 5.26 -56.67 -22.37
CA PRO JA 108 4.01 -56.25 -23.02
C PRO JA 108 2.80 -56.61 -22.18
N ALA JA 109 1.76 -55.77 -22.28
CA ALA JA 109 0.57 -55.90 -21.47
C ALA JA 109 -0.60 -56.35 -22.33
N GLY JA 110 -1.53 -57.10 -21.74
CA GLY JA 110 -2.71 -57.52 -22.46
C GLY JA 110 -3.58 -56.35 -22.87
N GLN JA 111 -3.64 -55.31 -22.05
CA GLN JA 111 -4.40 -54.10 -22.34
C GLN JA 111 -3.53 -52.88 -22.09
N ILE JA 112 -3.50 -51.96 -23.05
CA ILE JA 112 -2.74 -50.72 -22.88
C ILE JA 112 -3.45 -49.85 -21.86
N ARG JA 113 -2.67 -49.06 -21.12
CA ARG JA 113 -3.21 -48.21 -20.07
C ARG JA 113 -3.15 -46.73 -20.42
N HIS JA 114 -2.03 -46.26 -20.97
CA HIS JA 114 -1.90 -44.86 -21.34
C HIS JA 114 -1.26 -44.77 -22.72
N TYR JA 115 -1.63 -43.71 -23.44
CA TYR JA 115 -1.07 -43.44 -24.76
C TYR JA 115 -0.49 -42.02 -24.77
N THR JA 116 0.57 -41.82 -25.53
CA THR JA 116 1.18 -40.52 -25.71
C THR JA 116 1.06 -40.10 -27.16
N TYR JA 117 0.64 -38.87 -27.40
CA TYR JA 117 0.51 -38.34 -28.75
C TYR JA 117 1.09 -36.94 -28.80
N ASP JA 118 1.79 -36.64 -29.88
CA ASP JA 118 2.34 -35.31 -30.13
C ASP JA 118 1.78 -34.78 -31.44
N SER JA 119 1.29 -33.54 -31.43
CA SER JA 119 0.73 -32.97 -32.65
C SER JA 119 1.79 -32.79 -33.71
N ASN JA 120 3.06 -32.60 -33.30
CA ASN JA 120 4.14 -32.47 -34.28
C ASN JA 120 4.29 -33.74 -35.11
N VAL JA 121 4.36 -34.89 -34.45
CA VAL JA 121 4.50 -36.17 -35.14
C VAL JA 121 3.11 -36.78 -35.31
N PRO JA 122 2.48 -36.62 -36.46
CA PRO JA 122 1.07 -37.01 -36.58
C PRO JA 122 0.87 -38.52 -36.60
N THR JA 123 1.70 -39.24 -37.34
CA THR JA 123 1.45 -40.64 -37.63
C THR JA 123 1.86 -41.58 -36.51
N VAL JA 124 2.60 -41.12 -35.51
CA VAL JA 124 3.17 -41.99 -34.48
C VAL JA 124 2.57 -41.63 -33.14
N PHE JA 125 2.07 -42.63 -32.42
CA PHE JA 125 1.62 -42.49 -31.05
C PHE JA 125 2.09 -43.70 -30.25
N TYR JA 126 2.58 -43.46 -29.03
CA TYR JA 126 3.13 -44.51 -28.19
C TYR JA 126 2.08 -44.99 -27.20
N THR JA 127 2.17 -46.27 -26.82
CA THR JA 127 1.24 -46.87 -25.89
C THR JA 127 2.00 -47.41 -24.68
N TYR JA 128 1.51 -47.10 -23.48
CA TYR JA 128 2.07 -47.57 -22.23
C TYR JA 128 1.02 -48.37 -21.47
N PRO JA 129 1.28 -49.64 -21.14
CA PRO JA 129 2.48 -50.42 -21.46
C PRO JA 129 2.53 -50.80 -22.94
N PRO JA 130 3.66 -51.33 -23.40
CA PRO JA 130 3.73 -51.79 -24.80
C PRO JA 130 2.66 -52.82 -25.12
N ALA JA 131 2.09 -52.71 -26.31
CA ALA JA 131 1.01 -53.58 -26.72
C ALA JA 131 1.52 -55.00 -26.97
N ALA JA 132 0.59 -55.95 -26.94
CA ALA JA 132 0.93 -57.36 -27.10
C ALA JA 132 -0.08 -58.04 -28.02
N ALA JA 133 0.43 -58.75 -29.02
CA ALA JA 133 -0.36 -59.66 -29.84
C ALA JA 133 -1.56 -58.96 -30.50
N GLY JA 134 -1.33 -57.74 -30.95
CA GLY JA 134 -2.32 -57.05 -31.77
C GLY JA 134 -3.65 -56.77 -31.11
N VAL JA 135 -3.63 -56.24 -29.88
CA VAL JA 135 -4.88 -55.88 -29.22
C VAL JA 135 -5.50 -54.68 -29.93
N GLN JA 136 -6.80 -54.77 -30.17
CA GLN JA 136 -7.50 -53.71 -30.90
C GLN JA 136 -8.01 -52.64 -29.96
N VAL JA 137 -7.96 -51.39 -30.41
CA VAL JA 137 -8.38 -50.23 -29.64
C VAL JA 137 -9.16 -49.30 -30.56
N GLU JA 138 -10.31 -48.80 -30.09
CA GLU JA 138 -11.00 -47.76 -30.84
C GLU JA 138 -10.19 -46.47 -30.83
N LEU JA 139 -10.01 -45.90 -32.01
CA LEU JA 139 -9.27 -44.66 -32.18
C LEU JA 139 -10.19 -43.60 -32.76
N VAL JA 140 -10.28 -42.46 -32.08
CA VAL JA 140 -11.02 -41.31 -32.57
C VAL JA 140 -10.03 -40.44 -33.32
N CYS JA 141 -10.06 -40.51 -34.64
CA CYS JA 141 -9.08 -39.83 -35.49
C CYS JA 141 -9.79 -39.07 -36.59
N ALA JA 142 -9.15 -37.99 -37.05
CA ALA JA 142 -9.68 -37.20 -38.15
C ALA JA 142 -9.47 -37.94 -39.47
N TRP JA 143 -10.41 -38.82 -39.81
CA TRP JA 143 -10.27 -39.65 -40.99
C TRP JA 143 -10.35 -38.77 -42.24
N ARG JA 144 -9.59 -39.13 -43.27
CA ARG JA 144 -9.64 -38.41 -44.54
C ARG JA 144 -10.49 -39.20 -45.52
N HIS JA 145 -11.38 -38.50 -46.22
CA HIS JA 145 -12.27 -39.16 -47.16
C HIS JA 145 -11.45 -39.74 -48.31
N PRO JA 146 -11.67 -41.01 -48.68
CA PRO JA 146 -10.75 -41.65 -49.63
C PRO JA 146 -10.72 -41.00 -51.00
N ALA JA 147 -11.87 -40.93 -51.68
CA ALA JA 147 -11.99 -40.37 -53.01
C ALA JA 147 -13.45 -40.44 -53.43
N LEU JA 148 -13.77 -39.73 -54.51
CA LEU JA 148 -15.10 -39.78 -55.11
C LEU JA 148 -14.92 -40.22 -56.56
N THR JA 149 -15.01 -41.52 -56.79
CA THR JA 149 -14.74 -42.05 -58.12
C THR JA 149 -15.99 -42.06 -59.00
N THR JA 150 -17.18 -42.11 -58.39
CA THR JA 150 -18.42 -42.19 -59.13
C THR JA 150 -19.43 -41.20 -58.59
N GLN JA 151 -20.40 -40.84 -59.46
CA GLN JA 151 -21.45 -39.91 -59.06
C GLN JA 151 -22.28 -40.47 -57.91
N ASN JA 152 -22.63 -41.75 -57.98
CA ASN JA 152 -23.47 -42.35 -56.95
C ASN JA 152 -22.72 -42.61 -55.65
N ASP JA 153 -21.40 -42.43 -55.63
CA ASP JA 153 -20.63 -42.67 -54.43
C ASP JA 153 -21.10 -41.75 -53.30
N VAL JA 154 -21.08 -42.29 -52.08
CA VAL JA 154 -21.61 -41.62 -50.90
C VAL JA 154 -20.47 -40.92 -50.17
N VAL JA 155 -20.74 -39.70 -49.71
CA VAL JA 155 -19.83 -38.98 -48.83
C VAL JA 155 -20.35 -39.11 -47.41
N GLN JA 156 -19.50 -39.59 -46.50
CA GLN JA 156 -19.91 -39.84 -45.13
C GLN JA 156 -19.84 -38.58 -44.25
N MET JA 157 -19.87 -37.40 -44.86
CA MET JA 157 -19.69 -36.15 -44.12
C MET JA 157 -21.07 -35.55 -43.78
N GLY JA 158 -21.05 -34.58 -42.86
CA GLY JA 158 -22.28 -33.93 -42.45
C GLY JA 158 -22.97 -33.19 -43.59
N ALA JA 159 -24.28 -33.00 -43.43
CA ALA JA 159 -25.11 -32.53 -44.52
C ALA JA 159 -25.25 -31.02 -44.56
N GLU JA 160 -24.27 -30.28 -44.07
CA GLU JA 160 -24.19 -28.83 -44.32
C GLU JA 160 -22.83 -28.47 -44.88
N PHE JA 161 -21.81 -29.21 -44.44
CA PHE JA 161 -20.56 -29.23 -45.16
C PHE JA 161 -20.77 -29.63 -46.61
N VAL JA 162 -21.96 -30.15 -46.96
CA VAL JA 162 -22.27 -30.36 -48.36
C VAL JA 162 -22.36 -29.03 -49.10
N SER JA 163 -23.02 -28.04 -48.49
CA SER JA 163 -23.03 -26.69 -49.08
C SER JA 163 -21.65 -26.08 -49.02
N ALA JA 164 -20.88 -26.41 -47.97
CA ALA JA 164 -19.50 -25.94 -47.94
C ALA JA 164 -18.69 -26.49 -49.12
N LEU JA 165 -18.84 -27.79 -49.41
CA LEU JA 165 -18.25 -28.38 -50.60
C LEU JA 165 -18.76 -27.73 -51.87
N VAL JA 166 -20.03 -27.35 -51.92
CA VAL JA 166 -20.53 -26.63 -53.09
C VAL JA 166 -19.73 -25.35 -53.30
N SER JA 167 -19.54 -24.59 -52.23
CA SER JA 167 -18.78 -23.33 -52.35
C SER JA 167 -17.32 -23.59 -52.72
N TRP JA 168 -16.72 -24.63 -52.14
CA TRP JA 168 -15.32 -24.91 -52.45
C TRP JA 168 -15.16 -25.36 -53.89
N CYS JA 169 -16.11 -26.15 -54.40
CA CYS JA 169 -16.08 -26.54 -55.80
C CYS JA 169 -16.29 -25.33 -56.70
N LEU JA 170 -17.10 -24.37 -56.25
CA LEU JA 170 -17.21 -23.11 -56.97
C LEU JA 170 -15.85 -22.41 -57.06
N TYR JA 171 -15.12 -22.37 -55.95
CA TYR JA 171 -13.75 -21.85 -55.99
C TYR JA 171 -12.88 -22.58 -56.99
N ARG JA 172 -12.87 -23.91 -56.92
CA ARG JA 172 -11.91 -24.67 -57.70
C ARG JA 172 -12.29 -24.71 -59.17
N ALA JA 173 -13.55 -24.41 -59.49
CA ALA JA 173 -13.98 -24.38 -60.88
C ALA JA 173 -13.85 -22.98 -61.47
N SER JA 174 -14.17 -21.95 -60.69
CA SER JA 174 -14.10 -20.58 -61.18
C SER JA 174 -12.69 -20.03 -61.22
N SER JA 175 -11.70 -20.74 -60.67
CA SER JA 175 -10.32 -20.34 -60.85
C SER JA 175 -9.80 -20.77 -62.22
N LYS JA 176 -10.54 -21.64 -62.91
CA LYS JA 176 -10.17 -22.02 -64.26
C LYS JA 176 -10.29 -20.84 -65.22
N ASP JA 177 -11.43 -20.16 -65.21
CA ASP JA 177 -11.61 -18.95 -66.02
C ASP JA 177 -11.19 -17.72 -65.23
N SER JA 178 -9.90 -17.71 -64.85
CA SER JA 178 -9.39 -16.64 -64.01
C SER JA 178 -9.24 -15.34 -64.78
N GLU JA 179 -9.35 -15.39 -66.11
CA GLU JA 179 -9.21 -14.18 -66.91
C GLU JA 179 -10.28 -13.16 -66.57
N PHE JA 180 -11.51 -13.63 -66.36
CA PHE JA 180 -12.60 -12.72 -66.02
C PHE JA 180 -12.38 -12.12 -64.64
N ALA JA 181 -12.29 -10.78 -64.60
CA ALA JA 181 -12.16 -10.01 -63.36
C ALA JA 181 -10.93 -10.39 -62.55
N ASN JA 182 -9.92 -10.99 -63.20
CA ASN JA 182 -8.68 -11.37 -62.54
C ASN JA 182 -8.94 -12.30 -61.35
N GLY JA 183 -9.89 -13.21 -61.52
CA GLY JA 183 -10.24 -14.14 -60.47
C GLY JA 183 -11.02 -13.54 -59.31
N ALA JA 184 -11.68 -12.42 -59.53
CA ALA JA 184 -12.46 -11.80 -58.45
C ALA JA 184 -13.61 -12.71 -58.01
N VAL JA 185 -14.27 -13.36 -58.97
CA VAL JA 185 -15.37 -14.25 -58.62
C VAL JA 185 -14.86 -15.47 -57.84
N ALA JA 186 -13.69 -15.99 -58.23
CA ALA JA 186 -13.10 -17.09 -57.48
C ALA JA 186 -12.74 -16.68 -56.06
N ALA JA 187 -12.15 -15.49 -55.91
CA ALA JA 187 -11.84 -14.99 -54.58
C ALA JA 187 -13.09 -14.79 -53.75
N ALA JA 188 -14.16 -14.30 -54.39
CA ALA JA 188 -15.43 -14.13 -53.67
C ALA JA 188 -15.99 -15.47 -53.21
N HIS JA 189 -15.92 -16.49 -54.05
CA HIS JA 189 -16.36 -17.82 -53.64
C HIS JA 189 -15.51 -18.37 -52.52
N TYR JA 190 -14.19 -18.15 -52.56
CA TYR JA 190 -13.34 -18.59 -51.47
C TYR JA 190 -13.70 -17.88 -50.17
N SER JA 191 -13.96 -16.58 -50.24
CA SER JA 191 -14.38 -15.84 -49.05
C SER JA 191 -15.70 -16.36 -48.52
N ALA JA 192 -16.62 -16.70 -49.42
CA ALA JA 192 -17.89 -17.27 -49.00
C ALA JA 192 -17.69 -18.61 -48.29
N PHE JA 193 -16.81 -19.44 -48.84
CA PHE JA 193 -16.52 -20.73 -48.20
C PHE JA 193 -15.89 -20.54 -46.82
N SER JA 194 -14.94 -19.62 -46.73
CA SER JA 194 -14.28 -19.36 -45.45
C SER JA 194 -15.26 -18.83 -44.42
N ASP JA 195 -16.17 -17.94 -44.84
CA ASP JA 195 -17.19 -17.46 -43.92
C ASP JA 195 -18.15 -18.57 -43.51
N ALA JA 196 -18.52 -19.44 -44.45
CA ALA JA 196 -19.42 -20.53 -44.14
C ALA JA 196 -18.81 -21.45 -43.09
N LEU JA 197 -17.51 -21.76 -43.24
CA LEU JA 197 -16.83 -22.56 -42.22
C LEU JA 197 -16.63 -21.80 -40.92
N GLY JA 198 -16.41 -20.49 -40.98
CA GLY JA 198 -16.17 -19.73 -39.76
C GLY JA 198 -17.40 -19.63 -38.88
N ALA JA 199 -18.57 -19.45 -39.48
CA ALA JA 199 -19.80 -19.25 -38.74
C ALA JA 199 -20.47 -20.57 -38.37
N GLN JA 200 -19.73 -21.68 -38.45
CA GLN JA 200 -20.21 -22.99 -38.00
C GLN JA 200 -20.23 -22.99 -36.48
N ALA JA 201 -21.39 -22.67 -35.90
CA ALA JA 201 -21.48 -22.58 -34.45
C ALA JA 201 -21.46 -23.95 -33.78
N THR JA 202 -21.72 -25.01 -34.55
CA THR JA 202 -21.89 -26.33 -33.94
C THR JA 202 -20.55 -27.01 -33.69
N GLY JA 203 -19.78 -27.25 -34.74
CA GLY JA 203 -18.56 -28.01 -34.64
C GLY JA 203 -17.43 -27.25 -33.98
N THR JA 204 -16.21 -27.69 -34.26
CA THR JA 204 -15.03 -27.03 -33.74
C THR JA 204 -14.95 -25.61 -34.31
N PRO JA 205 -14.78 -24.60 -33.47
CA PRO JA 205 -14.72 -23.21 -33.97
C PRO JA 205 -13.43 -22.96 -34.72
N THR JA 206 -13.56 -22.68 -36.02
CA THR JA 206 -12.38 -22.38 -36.83
C THR JA 206 -11.94 -20.92 -36.65
N THR JA 207 -12.87 -20.05 -36.24
CA THR JA 207 -12.52 -18.65 -36.03
C THR JA 207 -11.53 -18.48 -34.88
N GLN JA 208 -11.70 -19.25 -33.81
CA GLN JA 208 -10.87 -19.10 -32.63
C GLN JA 208 -9.48 -19.70 -32.89
N ALA JA 209 -8.69 -19.76 -31.81
CA ALA JA 209 -7.30 -20.18 -31.92
C ALA JA 209 -7.18 -21.57 -32.54
N ALA JA 210 -6.22 -21.71 -33.45
CA ALA JA 210 -6.01 -22.99 -34.12
C ALA JA 210 -5.59 -24.06 -33.12
N ALA JA 211 -6.22 -25.22 -33.22
CA ALA JA 211 -5.97 -26.38 -32.36
C ALA JA 211 -6.20 -26.09 -30.88
N ALA JA 212 -6.88 -24.99 -30.55
CA ALA JA 212 -7.18 -24.71 -29.14
C ALA JA 212 -8.13 -25.77 -28.58
N ALA JA 213 -9.17 -26.13 -29.34
CA ALA JA 213 -10.08 -27.17 -28.90
C ALA JA 213 -9.34 -28.50 -28.82
N ALA JA 214 -9.54 -29.22 -27.72
CA ALA JA 214 -8.85 -30.48 -27.48
C ALA JA 214 -9.22 -31.53 -28.53
N LEU KA 37 -21.77 -94.15 77.68
CA LEU KA 37 -22.20 -92.81 78.02
C LEU KA 37 -22.07 -91.87 76.82
N ASP KA 38 -21.02 -92.07 76.02
CA ASP KA 38 -20.75 -91.17 74.91
C ASP KA 38 -21.77 -91.36 73.79
N SER KA 39 -22.21 -92.60 73.55
CA SER KA 39 -23.07 -92.87 72.40
C SER KA 39 -24.50 -92.40 72.63
N GLU KA 40 -25.02 -92.58 73.85
CA GLU KA 40 -26.46 -92.44 74.07
C GLU KA 40 -26.95 -91.01 73.86
N GLU KA 41 -26.31 -90.04 74.51
CA GLU KA 41 -26.70 -88.64 74.39
C GLU KA 41 -25.55 -87.68 74.18
N MET KA 42 -24.32 -88.07 74.54
CA MET KA 42 -23.18 -87.20 74.34
C MET KA 42 -22.95 -86.91 72.86
N LYS KA 43 -23.41 -87.80 71.98
CA LYS KA 43 -23.37 -87.48 70.55
C LYS KA 43 -24.24 -86.27 70.24
N GLU KA 44 -25.48 -86.26 70.73
CA GLU KA 44 -26.36 -85.12 70.49
C GLU KA 44 -25.80 -83.86 71.14
N LEU KA 45 -25.22 -84.00 72.33
CA LEU KA 45 -24.57 -82.84 72.96
C LEU KA 45 -23.44 -82.32 72.10
N HIS KA 46 -22.65 -83.22 71.51
CA HIS KA 46 -21.55 -82.80 70.65
C HIS KA 46 -22.06 -82.07 69.41
N ARG KA 47 -23.15 -82.57 68.81
CA ARG KA 47 -23.73 -81.88 67.67
C ARG KA 47 -24.22 -80.49 68.05
N ARG KA 48 -24.88 -80.38 69.21
CA ARG KA 48 -25.36 -79.07 69.68
C ARG KA 48 -24.20 -78.11 69.90
N LEU KA 49 -23.12 -78.60 70.52
CA LEU KA 49 -21.96 -77.76 70.77
C LEU KA 49 -21.31 -77.31 69.46
N ARG KA 50 -21.21 -78.23 68.50
CA ARG KA 50 -20.64 -77.88 67.20
C ARG KA 50 -21.48 -76.83 66.49
N SER KA 51 -22.81 -76.97 66.55
CA SER KA 51 -23.68 -75.96 65.94
C SER KA 51 -23.51 -74.61 66.62
N TYR KA 52 -23.42 -74.61 67.96
CA TYR KA 52 -23.19 -73.36 68.68
C TYR KA 52 -21.87 -72.72 68.29
N LEU KA 53 -20.82 -73.53 68.15
CA LEU KA 53 -19.52 -73.00 67.75
C LEU KA 53 -19.58 -72.43 66.34
N HIS KA 54 -20.27 -73.10 65.42
CA HIS KA 54 -20.41 -72.57 64.07
C HIS KA 54 -21.14 -71.24 64.08
N GLN KA 55 -22.22 -71.14 64.87
CA GLN KA 55 -22.97 -69.90 64.94
C GLN KA 55 -22.11 -68.78 65.53
N GLU KA 56 -21.31 -69.09 66.54
CA GLU KA 56 -20.50 -68.05 67.16
C GLU KA 56 -19.35 -67.63 66.24
N LEU KA 57 -18.82 -68.56 65.46
CA LEU KA 57 -17.77 -68.21 64.50
C LEU KA 57 -18.32 -67.34 63.37
N ASP KA 58 -19.43 -67.76 62.76
CA ASP KA 58 -19.90 -67.02 61.59
C ASP KA 58 -20.59 -65.72 62.00
N ARG KA 59 -21.03 -65.62 63.25
CA ARG KA 59 -21.59 -64.36 63.73
C ARG KA 59 -20.51 -63.30 63.89
N GLN KA 60 -19.33 -63.69 64.38
CA GLN KA 60 -18.24 -62.77 64.63
C GLN KA 60 -17.20 -62.76 63.53
N ALA KA 61 -17.53 -63.28 62.35
CA ALA KA 61 -16.55 -63.36 61.27
C ALA KA 61 -16.07 -61.97 60.85
N GLU KA 62 -17.00 -61.02 60.75
CA GLU KA 62 -16.62 -59.67 60.33
C GLU KA 62 -15.70 -59.01 61.35
N ASN KA 63 -16.07 -59.06 62.63
CA ASN KA 63 -15.22 -58.44 63.64
C ASN KA 63 -13.90 -59.19 63.78
N ARG KA 64 -13.93 -60.51 63.61
CA ARG KA 64 -12.69 -61.28 63.63
C ARG KA 64 -11.75 -60.82 62.52
N PHE KA 65 -12.28 -60.64 61.32
CA PHE KA 65 -11.48 -60.15 60.21
C PHE KA 65 -10.97 -58.74 60.49
N GLN KA 66 -11.81 -57.88 61.07
CA GLN KA 66 -11.39 -56.52 61.36
C GLN KA 66 -10.26 -56.49 62.38
N MET KA 67 -10.36 -57.31 63.43
CA MET KA 67 -9.28 -57.36 64.42
C MET KA 67 -8.01 -57.94 63.83
N ALA KA 68 -8.14 -58.95 62.96
CA ALA KA 68 -6.97 -59.48 62.27
C ALA KA 68 -6.31 -58.40 61.42
N VAL KA 69 -7.11 -57.60 60.73
CA VAL KA 69 -6.58 -56.50 59.92
C VAL KA 69 -5.91 -55.46 60.80
N ASP KA 70 -6.46 -55.21 61.98
CA ASP KA 70 -5.85 -54.26 62.90
C ASP KA 70 -4.48 -54.74 63.35
N GLU KA 71 -4.39 -56.00 63.79
CA GLU KA 71 -3.10 -56.55 64.19
C GLU KA 71 -2.13 -56.59 63.01
N ASP KA 72 -2.66 -56.80 61.80
CA ASP KA 72 -1.85 -56.72 60.60
C ASP KA 72 -1.30 -55.31 60.40
N TYR KA 73 -2.12 -54.29 60.67
CA TYR KA 73 -1.69 -52.91 60.49
C TYR KA 73 -0.65 -52.51 61.53
N TYR KA 74 -0.72 -53.11 62.72
CA TYR KA 74 0.21 -52.74 63.78
C TYR KA 74 1.66 -52.98 63.38
N ASP KA 75 1.95 -54.16 62.84
CA ASP KA 75 3.34 -54.54 62.55
C ASP KA 75 3.76 -54.20 61.11
N SER KA 76 3.53 -52.95 60.72
CA SER KA 76 4.08 -52.39 59.49
C SER KA 76 3.69 -53.20 58.25
N ILE KA 77 2.45 -53.67 58.21
CA ILE KA 77 1.90 -54.27 57.00
C ILE KA 77 0.56 -53.62 56.72
N GLN KA 78 0.56 -52.60 55.87
CA GLN KA 78 -0.56 -51.69 55.73
C GLN KA 78 -1.05 -51.54 54.29
N TRP KA 79 -0.58 -52.39 53.38
CA TRP KA 79 -0.87 -52.24 51.96
C TRP KA 79 -1.80 -53.36 51.49
N THR KA 80 -2.86 -52.98 50.79
CA THR KA 80 -3.71 -53.95 50.13
C THR KA 80 -2.96 -54.60 48.97
N GLU KA 81 -3.20 -55.90 48.75
CA GLU KA 81 -2.50 -56.61 47.69
C GLU KA 81 -2.77 -55.97 46.33
N ALA KA 82 -3.98 -55.46 46.12
CA ALA KA 82 -4.30 -54.80 44.85
C ALA KA 82 -3.52 -53.50 44.70
N ASP KA 83 -3.47 -52.69 45.76
CA ASP KA 83 -2.73 -51.44 45.70
C ASP KA 83 -1.23 -51.69 45.62
N ALA KA 84 -0.76 -52.74 46.28
CA ALA KA 84 0.64 -53.11 46.14
C ALA KA 84 0.96 -53.52 44.71
N GLN KA 85 0.05 -54.25 44.07
CA GLN KA 85 0.24 -54.59 42.66
C GLN KA 85 0.27 -53.34 41.79
N VAL KA 86 -0.64 -52.39 42.07
CA VAL KA 86 -0.66 -51.14 41.32
C VAL KA 86 0.66 -50.40 41.46
N LEU KA 87 1.19 -50.33 42.68
CA LEU KA 87 2.48 -49.69 42.90
C LEU KA 87 3.59 -50.44 42.16
N LYS KA 88 3.52 -51.77 42.14
CA LYS KA 88 4.53 -52.55 41.42
C LYS KA 88 4.51 -52.26 39.94
N GLU KA 89 3.31 -52.14 39.35
CA GLU KA 89 3.23 -51.74 37.95
C GLU KA 89 3.76 -50.33 37.74
N ARG KA 90 3.56 -49.45 38.72
CA ARG KA 90 4.09 -48.09 38.66
C ARG KA 90 5.61 -48.06 38.74
N GLY KA 91 6.25 -49.17 39.09
CA GLY KA 91 7.68 -49.18 39.30
C GLY KA 91 8.12 -48.61 40.63
N GLN KA 92 7.21 -48.44 41.57
CA GLN KA 92 7.47 -47.79 42.85
C GLN KA 92 7.41 -48.81 43.97
N ALA KA 93 8.43 -48.80 44.83
CA ALA KA 93 8.42 -49.70 45.97
C ALA KA 93 7.45 -49.21 47.04
N PRO KA 94 6.49 -50.04 47.44
CA PRO KA 94 5.55 -49.62 48.49
C PRO KA 94 6.27 -49.35 49.80
N LEU KA 95 5.76 -48.37 50.55
CA LEU KA 95 6.35 -47.99 51.82
C LEU KA 95 5.23 -47.71 52.82
N VAL KA 96 5.48 -48.00 54.09
CA VAL KA 96 4.52 -47.80 55.16
C VAL KA 96 5.15 -46.88 56.20
N PHE KA 97 4.38 -45.90 56.67
CA PHE KA 97 4.91 -44.95 57.65
C PHE KA 97 4.64 -45.43 59.08
N ASN KA 98 3.54 -46.14 59.28
CA ASN KA 98 3.27 -46.87 60.52
C ASN KA 98 3.24 -45.93 61.73
N VAL KA 99 2.24 -45.05 61.74
CA VAL KA 99 2.01 -44.22 62.92
C VAL KA 99 1.27 -45.01 64.01
N ILE KA 100 0.59 -46.10 63.65
CA ILE KA 100 -0.12 -46.90 64.64
C ILE KA 100 0.86 -47.47 65.66
N ALA KA 101 2.06 -47.86 65.20
CA ALA KA 101 3.03 -48.46 66.09
C ALA KA 101 3.40 -47.53 67.23
N GLN KA 102 3.57 -46.24 66.93
CA GLN KA 102 3.97 -45.29 67.96
C GLN KA 102 2.93 -45.18 69.06
N SER KA 103 1.67 -44.95 68.68
CA SER KA 103 0.62 -44.77 69.68
C SER KA 103 0.37 -46.05 70.47
N VAL KA 104 0.34 -47.19 69.78
CA VAL KA 104 0.11 -48.46 70.47
C VAL KA 104 1.26 -48.73 71.45
N ASN KA 105 2.50 -48.47 71.02
CA ASN KA 105 3.64 -48.65 71.90
C ASN KA 105 3.57 -47.73 73.10
N TRP KA 106 3.13 -46.48 72.89
CA TRP KA 106 3.01 -45.57 74.01
C TRP KA 106 1.99 -46.08 75.02
N ILE KA 107 0.83 -46.55 74.55
CA ILE KA 107 -0.19 -47.03 75.47
C ILE KA 107 0.30 -48.27 76.22
N ILE KA 108 0.90 -49.22 75.51
CA ILE KA 108 1.33 -50.46 76.16
C ILE KA 108 2.46 -50.17 77.14
N GLY KA 109 3.36 -49.22 76.80
CA GLY KA 109 4.41 -48.86 77.73
C GLY KA 109 3.87 -48.17 78.97
N SER KA 110 2.89 -47.28 78.79
CA SER KA 110 2.27 -46.63 79.94
C SER KA 110 1.63 -47.65 80.86
N GLU KA 111 0.99 -48.68 80.29
CA GLU KA 111 0.45 -49.74 81.12
C GLU KA 111 1.55 -50.53 81.81
N LYS KA 112 2.60 -50.89 81.07
CA LYS KA 112 3.65 -51.74 81.61
C LYS KA 112 4.39 -51.06 82.76
N ARG KA 113 4.53 -49.74 82.69
CA ARG KA 113 5.11 -49.01 83.81
C ARG KA 113 4.19 -49.07 85.04
N GLY KA 114 2.91 -49.35 84.83
CA GLY KA 114 1.96 -49.37 85.91
C GLY KA 114 1.56 -50.76 86.38
N ARG KA 115 2.51 -51.71 86.36
CA ARG KA 115 2.23 -53.05 86.85
C ARG KA 115 1.89 -53.03 88.33
N THR KA 116 0.89 -53.82 88.71
CA THR KA 116 0.38 -53.83 90.07
C THR KA 116 0.22 -55.26 90.56
N ASP KA 117 0.21 -55.41 91.88
CA ASP KA 117 0.05 -56.69 92.55
C ASP KA 117 -1.17 -56.63 93.46
N PHE KA 118 -1.85 -57.76 93.61
CA PHE KA 118 -2.98 -57.83 94.52
C PHE KA 118 -2.51 -57.68 95.97
N ASN KA 119 -3.16 -56.78 96.70
CA ASN KA 119 -2.90 -56.57 98.11
C ASN KA 119 -4.23 -56.70 98.85
N ILE KA 120 -4.48 -57.87 99.43
CA ILE KA 120 -5.76 -58.18 100.06
C ILE KA 120 -5.87 -57.41 101.37
N LEU KA 121 -6.95 -56.66 101.51
CA LEU KA 121 -7.19 -55.85 102.70
C LEU KA 121 -8.41 -56.36 103.45
N PRO KA 122 -8.29 -56.58 104.76
CA PRO KA 122 -9.43 -57.09 105.55
C PRO KA 122 -10.47 -56.00 105.75
N ARG KA 123 -11.73 -56.41 105.89
CA ARG KA 123 -12.80 -55.46 106.14
C ARG KA 123 -13.17 -55.42 107.63
N LYS KA 124 -13.32 -56.60 108.23
CA LYS KA 124 -13.77 -56.66 109.62
C LYS KA 124 -12.66 -56.24 110.59
N LYS KA 125 -11.40 -56.26 110.12
CA LYS KA 125 -10.17 -55.94 110.85
C LYS KA 125 -9.81 -57.06 111.83
N ALA KA 126 -10.70 -58.02 112.06
CA ALA KA 126 -10.41 -59.16 112.91
C ALA KA 126 -9.69 -60.28 112.18
N ASP KA 127 -9.48 -60.14 110.86
CA ASP KA 127 -8.82 -61.15 110.05
C ASP KA 127 -7.68 -60.56 109.25
N ALA KA 128 -6.86 -59.71 109.87
CA ALA KA 128 -5.74 -59.11 109.18
C ALA KA 128 -4.70 -60.17 108.80
N LYS KA 129 -4.40 -61.08 109.72
CA LYS KA 129 -3.43 -62.13 109.43
C LYS KA 129 -3.87 -63.04 108.28
N PRO KA 130 -5.12 -63.53 108.21
CA PRO KA 130 -5.53 -64.27 107.01
C PRO KA 130 -5.38 -63.46 105.74
N ALA KA 131 -5.69 -62.16 105.79
CA ALA KA 131 -5.50 -61.32 104.61
C ALA KA 131 -4.03 -61.24 104.22
N GLU KA 132 -3.14 -61.14 105.22
CA GLU KA 132 -1.71 -61.13 104.94
C GLU KA 132 -1.27 -62.42 104.27
N ALA KA 133 -1.75 -63.56 104.80
CA ALA KA 133 -1.39 -64.85 104.22
C ALA KA 133 -1.91 -64.97 102.80
N LYS KA 134 -3.14 -64.52 102.54
CA LYS KA 134 -3.68 -64.58 101.18
C LYS KA 134 -2.91 -63.67 100.24
N THR KA 135 -2.49 -62.50 100.72
CA THR KA 135 -1.68 -61.61 99.88
C THR KA 135 -0.36 -62.26 99.53
N LYS KA 136 0.31 -62.87 100.51
CA LYS KA 136 1.58 -63.54 100.21
C LYS KA 136 1.37 -64.71 99.27
N LEU KA 137 0.29 -65.46 99.44
CA LEU KA 137 0.00 -66.59 98.55
C LEU KA 137 -0.25 -66.10 97.12
N LEU KA 138 -1.00 -65.02 96.97
CA LEU KA 138 -1.25 -64.46 95.65
C LEU KA 138 0.05 -63.98 95.01
N LYS KA 139 0.92 -63.35 95.81
CA LYS KA 139 2.20 -62.91 95.27
C LYS KA 139 3.05 -64.10 94.86
N TYR KA 140 3.02 -65.18 95.64
CA TYR KA 140 3.76 -66.38 95.27
C TYR KA 140 3.25 -66.97 93.96
N LEU KA 141 1.93 -67.02 93.80
CA LEU KA 141 1.36 -67.54 92.55
C LEU KA 141 1.72 -66.64 91.37
N SER KA 142 1.68 -65.33 91.57
CA SER KA 142 2.05 -64.42 90.50
C SER KA 142 3.53 -64.56 90.14
N ASP KA 143 4.37 -64.80 91.13
CA ASP KA 143 5.79 -65.03 90.88
C ASP KA 143 6.01 -66.30 90.07
N VAL KA 144 5.38 -67.41 90.49
CA VAL KA 144 5.61 -68.67 89.82
C VAL KA 144 5.04 -68.66 88.41
N ASN KA 145 3.82 -68.15 88.25
CA ASN KA 145 3.16 -68.08 86.95
C ASN KA 145 3.65 -66.91 86.11
N ARG KA 146 4.48 -66.02 86.68
CA ARG KA 146 4.96 -64.84 85.97
C ARG KA 146 3.80 -64.01 85.44
N LEU KA 147 2.81 -63.79 86.31
CA LEU KA 147 1.56 -63.16 85.90
C LEU KA 147 1.71 -61.76 85.31
N PRO KA 148 2.51 -60.84 85.88
CA PRO KA 148 2.54 -59.48 85.31
C PRO KA 148 2.89 -59.43 83.84
N PHE KA 149 3.75 -60.33 83.37
CA PHE KA 149 4.04 -60.40 81.94
C PHE KA 149 2.81 -60.82 81.15
N HIS KA 150 2.06 -61.81 81.66
CA HIS KA 150 0.84 -62.24 80.97
C HIS KA 150 -0.21 -61.14 80.94
N ARG KA 151 -0.37 -60.42 82.06
CA ARG KA 151 -1.33 -59.33 82.11
C ARG KA 151 -0.91 -58.19 81.18
N SER KA 152 0.39 -57.89 81.13
CA SER KA 152 0.88 -56.86 80.22
C SER KA 152 0.64 -57.24 78.77
N ARG KA 153 0.89 -58.51 78.42
CA ARG KA 153 0.60 -58.97 77.07
C ARG KA 153 -0.90 -58.88 76.77
N SER KA 154 -1.73 -59.23 77.74
CA SER KA 154 -3.17 -59.15 77.53
C SER KA 154 -3.60 -57.72 77.26
N PHE KA 155 -3.09 -56.76 78.04
CA PHE KA 155 -3.48 -55.38 77.78
C PHE KA 155 -2.92 -54.87 76.45
N GLU KA 156 -1.69 -55.26 76.12
CA GLU KA 156 -1.16 -54.97 74.79
C GLU KA 156 -2.12 -55.44 73.71
N ASP KA 157 -2.66 -56.65 73.87
CA ASP KA 157 -3.61 -57.16 72.90
C ASP KA 157 -4.89 -56.32 72.88
N THR KA 158 -5.39 -55.96 74.06
CA THR KA 158 -6.61 -55.14 74.13
C THR KA 158 -6.40 -53.77 73.52
N VAL KA 159 -5.16 -53.30 73.42
CA VAL KA 159 -4.89 -52.04 72.74
C VAL KA 159 -4.98 -52.24 71.23
N LYS KA 160 -4.27 -53.25 70.70
CA LYS KA 160 -4.28 -53.48 69.27
C LYS KA 160 -5.65 -53.96 68.79
N VAL KA 161 -6.21 -54.98 69.45
CA VAL KA 161 -7.49 -55.56 69.03
C VAL KA 161 -8.51 -55.34 70.15
N GLY KA 162 -9.73 -55.81 69.90
CA GLY KA 162 -10.85 -55.44 70.75
C GLY KA 162 -10.70 -55.88 72.19
N LEU KA 163 -10.34 -57.15 72.41
CA LEU KA 163 -10.30 -57.69 73.76
C LEU KA 163 -9.14 -58.66 73.91
N GLY KA 164 -8.74 -58.87 75.15
CA GLY KA 164 -7.72 -59.84 75.47
C GLY KA 164 -8.18 -60.73 76.60
N TRP KA 165 -7.57 -61.91 76.69
CA TRP KA 165 -8.06 -62.97 77.56
C TRP KA 165 -7.00 -63.37 78.57
N ILE KA 166 -7.44 -63.67 79.79
CA ILE KA 166 -6.60 -64.24 80.83
C ILE KA 166 -7.31 -65.48 81.37
N GLU KA 167 -6.60 -66.60 81.42
CA GLU KA 167 -7.16 -67.87 81.87
C GLU KA 167 -6.65 -68.18 83.27
N ASP KA 168 -7.59 -68.48 84.18
CA ASP KA 168 -7.27 -68.90 85.54
C ASP KA 168 -7.93 -70.24 85.81
N SER KA 169 -7.14 -71.24 86.16
CA SER KA 169 -7.64 -72.59 86.36
C SER KA 169 -6.70 -73.35 87.27
N TYR KA 170 -7.16 -74.53 87.69
CA TYR KA 170 -6.35 -75.49 88.44
C TYR KA 170 -6.13 -76.70 87.56
N ASP KA 171 -4.87 -77.05 87.34
CA ASP KA 171 -4.51 -78.20 86.50
C ASP KA 171 -3.64 -79.15 87.29
N ASP KA 172 -3.90 -80.44 87.13
CA ASP KA 172 -3.14 -81.49 87.77
C ASP KA 172 -2.14 -82.07 86.77
N SER KA 173 -0.85 -81.92 87.07
CA SER KA 173 0.21 -82.40 86.20
C SER KA 173 1.51 -82.41 86.99
N THR KA 174 2.55 -82.97 86.37
CA THR KA 174 3.87 -82.98 87.01
C THR KA 174 4.44 -81.59 87.17
N ASP KA 175 3.87 -80.59 86.49
CA ASP KA 175 4.24 -79.21 86.78
C ASP KA 175 3.89 -78.90 88.23
N GLY KA 176 4.86 -78.31 88.94
CA GLY KA 176 4.72 -78.17 90.38
C GLY KA 176 3.59 -77.25 90.79
N GLU KA 177 3.46 -76.12 90.11
CA GLU KA 177 2.48 -75.10 90.48
C GLU KA 177 1.06 -75.54 90.14
N PRO KA 178 0.15 -75.50 91.12
CA PRO KA 178 -1.21 -75.99 90.85
C PRO KA 178 -2.08 -75.04 90.05
N ILE KA 179 -2.08 -73.76 90.39
CA ILE KA 179 -3.01 -72.80 89.81
C ILE KA 179 -2.31 -72.03 88.71
N TYR KA 180 -2.53 -72.43 87.45
CA TYR KA 180 -1.86 -71.83 86.31
C TYR KA 180 -2.68 -70.68 85.74
N SER KA 181 -2.02 -69.54 85.59
CA SER KA 181 -2.57 -68.38 84.89
C SER KA 181 -1.72 -68.13 83.65
N ARG KA 182 -2.36 -68.07 82.50
CA ARG KA 182 -1.62 -67.97 81.24
C ARG KA 182 -2.33 -67.02 80.30
N TYR KA 183 -1.60 -66.61 79.27
CA TYR KA 183 -2.13 -65.79 78.19
C TYR KA 183 -2.76 -66.66 77.12
N GLU KA 184 -4.01 -66.38 76.79
CA GLU KA 184 -4.67 -66.95 75.63
C GLU KA 184 -4.99 -65.83 74.66
N SER KA 185 -4.56 -65.99 73.41
CA SER KA 185 -4.73 -64.93 72.43
C SER KA 185 -6.20 -64.73 72.09
N TRP KA 186 -6.51 -63.54 71.58
CA TRP KA 186 -7.87 -63.26 71.13
C TRP KA 186 -8.30 -64.21 70.03
N ARG KA 187 -7.33 -64.75 69.28
CA ARG KA 187 -7.65 -65.69 68.21
C ARG KA 187 -8.21 -66.98 68.77
N ASN KA 188 -7.52 -67.57 69.76
CA ASN KA 188 -7.79 -68.93 70.20
C ASN KA 188 -8.96 -69.03 71.16
N VAL KA 189 -9.69 -67.94 71.39
CA VAL KA 189 -10.83 -67.95 72.30
C VAL KA 189 -12.06 -67.46 71.53
N ILE KA 190 -13.15 -68.21 71.65
CA ILE KA 190 -14.43 -67.85 71.05
C ILE KA 190 -15.42 -67.64 72.17
N PHE KA 191 -15.98 -66.43 72.25
CA PHE KA 191 -16.87 -66.04 73.34
C PHE KA 191 -18.28 -65.80 72.80
N ASP KA 192 -19.27 -66.12 73.62
CA ASP KA 192 -20.65 -65.84 73.25
C ASP KA 192 -20.87 -64.34 73.15
N SER KA 193 -21.44 -63.90 72.03
CA SER KA 193 -21.68 -62.49 71.77
C SER KA 193 -23.00 -62.00 72.35
N ALA KA 194 -23.85 -62.89 72.84
CA ALA KA 194 -25.15 -62.48 73.34
C ALA KA 194 -25.05 -61.80 74.70
N SER KA 195 -23.89 -61.88 75.36
CA SER KA 195 -23.75 -61.32 76.70
C SER KA 195 -23.88 -59.81 76.66
N THR KA 196 -24.65 -59.27 77.60
CA THR KA 196 -24.79 -57.83 77.79
C THR KA 196 -24.24 -57.35 79.12
N GLU KA 197 -24.07 -58.26 80.08
CA GLU KA 197 -23.56 -57.88 81.39
C GLU KA 197 -22.13 -57.38 81.30
N LEU KA 198 -21.83 -56.32 82.06
CA LEU KA 198 -20.45 -55.88 82.19
C LEU KA 198 -19.61 -56.96 82.87
N ASP KA 199 -20.17 -57.60 83.90
CA ASP KA 199 -19.45 -58.64 84.61
C ASP KA 199 -19.18 -59.84 83.70
N GLY KA 200 -20.15 -60.22 82.87
CA GLY KA 200 -19.97 -61.32 81.95
C GLY KA 200 -20.68 -62.60 82.32
N THR KA 201 -21.63 -62.56 83.25
CA THR KA 201 -22.37 -63.77 83.60
C THR KA 201 -23.29 -64.21 82.47
N ASP KA 202 -23.80 -63.25 81.70
CA ASP KA 202 -24.75 -63.57 80.63
C ASP KA 202 -24.12 -64.43 79.55
N MET KA 203 -22.79 -64.47 79.48
CA MET KA 203 -22.09 -65.36 78.55
C MET KA 203 -22.54 -66.80 78.80
N ARG KA 204 -23.22 -67.39 77.83
CA ARG KA 204 -23.68 -68.76 78.00
C ARG KA 204 -22.55 -69.75 77.80
N TYR KA 205 -21.65 -69.50 76.84
CA TYR KA 205 -20.62 -70.45 76.50
C TYR KA 205 -19.37 -69.72 76.01
N ILE KA 206 -18.22 -70.36 76.20
CA ILE KA 206 -16.95 -69.90 75.66
C ILE KA 206 -16.25 -71.09 75.02
N PHE KA 207 -15.63 -70.87 73.87
CA PHE KA 207 -14.95 -71.92 73.12
C PHE KA 207 -13.48 -71.57 72.97
N ARG KA 208 -12.62 -72.54 73.25
CA ARG KA 208 -11.18 -72.34 73.22
C ARG KA 208 -10.53 -73.38 72.33
N PRO KA 209 -10.53 -73.19 71.00
CA PRO KA 209 -9.86 -74.13 70.12
C PRO KA 209 -8.35 -73.99 70.22
N LYS KA 210 -7.67 -75.09 70.56
CA LYS KA 210 -6.23 -75.11 70.68
C LYS KA 210 -5.64 -76.11 69.68
N TRP KA 211 -4.57 -75.71 69.02
CA TRP KA 211 -3.86 -76.57 68.08
C TRP KA 211 -2.76 -77.31 68.81
N LEU KA 212 -2.89 -78.62 68.93
CA LEU KA 212 -1.98 -79.43 69.71
C LEU KA 212 -1.43 -80.58 68.86
N ASP KA 213 -0.21 -80.99 69.16
CA ASP KA 213 0.37 -82.16 68.52
C ASP KA 213 -0.36 -83.41 68.98
N VAL KA 214 -0.33 -84.44 68.13
CA VAL KA 214 -1.00 -85.69 68.47
C VAL KA 214 -0.40 -86.30 69.73
N ASP KA 215 0.92 -86.19 69.90
CA ASP KA 215 1.56 -86.77 71.07
C ASP KA 215 1.06 -86.12 72.35
N VAL KA 216 1.10 -84.79 72.43
CA VAL KA 216 0.72 -84.10 73.66
C VAL KA 216 -0.78 -84.21 73.90
N ALA KA 217 -1.58 -84.06 72.84
CA ALA KA 217 -3.03 -84.17 73.01
C ALA KA 217 -3.43 -85.57 73.45
N CYS KA 218 -2.81 -86.59 72.86
CA CYS KA 218 -3.04 -87.97 73.28
C CYS KA 218 -2.62 -88.19 74.73
N ALA KA 219 -1.48 -87.62 75.11
CA ALA KA 219 -1.03 -87.74 76.50
C ALA KA 219 -1.93 -86.94 77.44
N LEU KA 220 -2.47 -85.82 76.96
CA LEU KA 220 -3.29 -84.96 77.83
C LEU KA 220 -4.56 -85.67 78.29
N VAL KA 221 -5.23 -86.37 77.37
CA VAL KA 221 -6.44 -87.09 77.73
C VAL KA 221 -6.25 -88.58 77.47
N PRO KA 222 -6.31 -89.42 78.50
CA PRO KA 222 -6.08 -90.85 78.31
C PRO KA 222 -7.36 -91.60 77.97
N ASP KA 223 -7.20 -92.89 77.70
CA ASP KA 223 -8.30 -93.84 77.54
C ASP KA 223 -9.12 -93.59 76.28
N ARG KA 224 -8.80 -92.53 75.54
CA ARG KA 224 -9.47 -92.22 74.28
C ARG KA 224 -8.46 -91.77 73.24
N ALA KA 225 -7.32 -92.46 73.18
CA ALA KA 225 -6.25 -92.05 72.27
C ALA KA 225 -6.60 -92.34 70.82
N ASP KA 226 -7.48 -93.31 70.58
CA ASP KA 226 -7.83 -93.68 69.21
C ASP KA 226 -8.54 -92.54 68.49
N GLU KA 227 -9.46 -91.85 69.18
CA GLU KA 227 -10.14 -90.72 68.56
C GLU KA 227 -9.17 -89.61 68.22
N ILE KA 228 -8.20 -89.35 69.11
CA ILE KA 228 -7.19 -88.34 68.81
C ILE KA 228 -6.35 -88.74 67.61
N LYS KA 229 -5.95 -90.03 67.56
CA LYS KA 229 -5.12 -90.50 66.45
C LYS KA 229 -5.85 -90.40 65.12
N LYS KA 230 -7.13 -90.79 65.09
CA LYS KA 230 -7.88 -90.74 63.85
C LYS KA 230 -8.20 -89.30 63.45
N ALA KA 231 -8.06 -88.37 64.39
CA ALA KA 231 -8.32 -86.96 64.10
C ALA KA 231 -7.07 -86.26 63.59
N ASP KA 245 -16.01 -75.18 63.56
CA ASP KA 245 -14.73 -75.45 62.92
C ASP KA 245 -13.67 -74.48 63.42
N GLY KA 246 -13.19 -73.62 62.54
CA GLY KA 246 -12.22 -72.62 62.90
C GLY KA 246 -12.30 -71.42 61.97
N ASP KA 247 -11.95 -70.26 62.50
CA ASP KA 247 -11.97 -69.04 61.71
C ASP KA 247 -10.66 -68.91 60.93
N GLU KA 248 -10.51 -67.79 60.24
CA GLU KA 248 -9.37 -67.61 59.34
C GLU KA 248 -8.07 -67.38 60.10
N ALA KA 249 -8.15 -66.84 61.32
CA ALA KA 249 -6.94 -66.49 62.06
C ALA KA 249 -6.11 -67.71 62.45
N MET KA 250 -6.67 -68.54 63.34
CA MET KA 250 -5.91 -69.68 63.85
C MET KA 250 -5.65 -70.70 62.75
N ASP KA 251 -6.64 -70.93 61.89
CA ASP KA 251 -6.45 -71.85 60.78
C ASP KA 251 -5.39 -71.32 59.82
N TRP KA 252 -5.36 -70.02 59.59
CA TRP KA 252 -4.35 -69.44 58.71
C TRP KA 252 -2.96 -69.63 59.30
N ALA KA 253 -2.81 -69.40 60.60
CA ALA KA 253 -1.51 -69.61 61.23
C ALA KA 253 -1.08 -71.07 61.11
N GLU KA 254 -1.98 -72.00 61.44
CA GLU KA 254 -1.63 -73.41 61.42
C GLU KA 254 -1.35 -73.89 59.99
N PHE KA 255 -2.11 -73.39 59.01
CA PHE KA 255 -1.92 -73.82 57.63
C PHE KA 255 -0.69 -73.19 57.01
N ASP KA 256 -0.29 -72.00 57.47
CA ASP KA 256 1.00 -71.45 57.08
C ASP KA 256 2.12 -72.28 57.66
N ARG KA 257 1.94 -72.78 58.88
CA ARG KA 257 2.90 -73.72 59.46
C ARG KA 257 2.99 -74.99 58.62
N ASP KA 258 1.83 -75.53 58.23
CA ASP KA 258 1.82 -76.80 57.51
C ASP KA 258 2.32 -76.64 56.08
N THR KA 259 2.15 -75.45 55.50
CA THR KA 259 2.52 -75.24 54.10
C THR KA 259 4.02 -75.18 53.93
N TYR KA 260 4.73 -74.66 54.93
CA TYR KA 260 6.17 -74.44 54.88
C TYR KA 260 6.48 -73.39 53.81
N SER KA 261 6.50 -73.81 52.54
CA SER KA 261 6.64 -72.91 51.41
C SER KA 261 5.65 -73.31 50.33
N GLN KA 262 5.67 -72.56 49.22
CA GLN KA 262 4.70 -72.82 48.15
C GLN KA 262 4.86 -74.23 47.57
N SER KA 263 6.09 -74.65 47.31
CA SER KA 263 6.39 -75.97 46.76
C SER KA 263 7.58 -76.55 47.50
N ARG KA 264 7.33 -77.56 48.34
CA ARG KA 264 8.36 -78.22 49.12
C ARG KA 264 8.17 -79.72 49.07
N THR KA 265 9.29 -80.45 49.16
CA THR KA 265 9.27 -81.91 49.20
C THR KA 265 9.17 -82.35 50.66
N VAL KA 266 7.94 -82.59 51.12
CA VAL KA 266 7.73 -83.03 52.49
C VAL KA 266 8.14 -84.48 52.64
N SER KA 267 8.96 -84.77 53.65
CA SER KA 267 9.42 -86.12 53.90
C SER KA 267 8.30 -86.96 54.49
N THR KA 268 8.59 -88.26 54.69
CA THR KA 268 7.62 -89.15 55.29
C THR KA 268 7.29 -88.73 56.72
N HIS KA 269 8.31 -88.33 57.48
CA HIS KA 269 8.09 -87.85 58.83
C HIS KA 269 7.52 -86.43 58.79
N LYS KA 270 6.39 -86.24 59.45
CA LYS KA 270 5.74 -84.94 59.53
C LYS KA 270 5.02 -84.81 60.85
N ARG KA 271 5.17 -83.66 61.50
CA ARG KA 271 4.45 -83.42 62.75
C ARG KA 271 2.95 -83.34 62.49
N GLN KA 272 2.19 -84.08 63.26
CA GLN KA 272 0.74 -84.14 63.12
C GLN KA 272 0.10 -83.34 64.23
N ARG KA 273 -0.76 -82.39 63.87
CA ARG KA 273 -1.40 -81.50 64.82
C ARG KA 273 -2.91 -81.67 64.74
N VAL KA 274 -3.54 -81.80 65.91
CA VAL KA 274 -4.99 -81.96 65.99
C VAL KA 274 -5.57 -80.78 66.77
N ARG KA 275 -6.85 -80.53 66.57
CA ARG KA 275 -7.55 -79.43 67.22
C ARG KA 275 -8.46 -79.99 68.30
N LEU KA 276 -8.34 -79.45 69.51
CA LEU KA 276 -9.24 -79.76 70.61
C LEU KA 276 -9.90 -78.47 71.07
N ILE KA 277 -11.19 -78.53 71.37
CA ILE KA 277 -11.96 -77.36 71.75
C ILE KA 277 -12.47 -77.58 73.17
N GLU KA 278 -12.15 -76.63 74.06
CA GLU KA 278 -12.66 -76.63 75.42
C GLU KA 278 -13.85 -75.69 75.49
N CYS KA 279 -15.03 -76.24 75.75
CA CYS KA 279 -16.27 -75.47 75.78
C CYS KA 279 -16.79 -75.43 77.20
N TRP KA 280 -16.83 -74.23 77.76
CA TRP KA 280 -17.42 -74.00 79.08
C TRP KA 280 -18.80 -73.39 78.88
N TYR KA 281 -19.83 -74.16 79.22
CA TYR KA 281 -21.21 -73.74 79.00
C TYR KA 281 -21.95 -73.65 80.32
N ARG KA 282 -22.95 -72.78 80.36
CA ARG KA 282 -23.73 -72.52 81.56
C ARG KA 282 -25.17 -72.97 81.33
N LYS KA 283 -25.68 -73.80 82.24
CA LYS KA 283 -27.07 -74.24 82.18
C LYS KA 283 -27.74 -74.00 83.53
N PRO KA 284 -28.96 -73.43 83.53
CA PRO KA 284 -29.67 -73.28 84.80
C PRO KA 284 -30.00 -74.62 85.43
N MET KA 285 -30.04 -74.64 86.77
CA MET KA 285 -30.29 -75.86 87.51
C MET KA 285 -31.67 -75.92 88.15
N ARG KA 286 -32.25 -74.78 88.52
CA ARG KA 286 -33.56 -74.73 89.17
C ARG KA 286 -33.61 -75.60 90.42
N ALA KA 287 -32.64 -75.40 91.31
CA ALA KA 287 -32.66 -76.09 92.59
C ALA KA 287 -33.80 -75.59 93.45
N THR KA 288 -34.55 -76.51 94.04
CA THR KA 288 -35.68 -76.13 94.88
C THR KA 288 -35.22 -75.38 96.13
N LYS KA 289 -34.12 -75.84 96.74
CA LYS KA 289 -33.56 -75.24 97.94
C LYS KA 289 -34.60 -75.18 99.06
N THR KA 323 -28.05 -71.49 90.88
CA THR KA 323 -29.05 -71.68 89.85
C THR KA 323 -28.39 -71.99 88.51
N MET KA 324 -27.38 -71.20 88.16
CA MET KA 324 -26.63 -71.38 86.92
C MET KA 324 -25.36 -72.16 87.21
N ARG KA 325 -25.22 -73.33 86.59
CA ARG KA 325 -24.12 -74.23 86.84
C ARG KA 325 -23.19 -74.23 85.64
N VAL KA 326 -21.89 -74.06 85.90
CA VAL KA 326 -20.89 -74.06 84.84
C VAL KA 326 -20.38 -75.49 84.65
N ARG KA 327 -20.19 -75.88 83.39
CA ARG KA 327 -19.74 -77.22 83.03
C ARG KA 327 -18.62 -77.11 82.00
N VAL KA 328 -17.74 -78.11 81.99
CA VAL KA 328 -16.60 -78.16 81.07
C VAL KA 328 -16.87 -79.22 80.01
N ALA KA 329 -16.54 -78.89 78.77
CA ALA KA 329 -16.75 -79.79 77.64
C ALA KA 329 -15.55 -79.73 76.71
N ILE KA 330 -14.89 -80.87 76.51
CA ILE KA 330 -13.77 -80.98 75.59
C ILE KA 330 -14.19 -81.94 74.47
N PHE KA 331 -14.18 -81.44 73.23
CA PHE KA 331 -14.58 -82.24 72.08
C PHE KA 331 -13.70 -81.90 70.88
N THR KA 332 -13.34 -82.92 70.10
CA THR KA 332 -12.63 -82.74 68.86
C THR KA 332 -13.62 -82.58 67.70
N SER KA 333 -13.09 -82.69 66.47
CA SER KA 333 -13.89 -82.41 65.29
C SER KA 333 -15.10 -83.34 65.18
N ARG KA 334 -14.89 -84.64 65.39
CA ARG KA 334 -15.94 -85.61 65.15
C ARG KA 334 -16.45 -86.28 66.43
N ASP KA 335 -15.77 -86.11 67.56
CA ASP KA 335 -16.17 -86.77 68.78
C ASP KA 335 -15.90 -85.86 69.96
N LEU KA 336 -16.37 -86.30 71.13
CA LEU KA 336 -16.24 -85.53 72.36
C LEU KA 336 -15.51 -86.37 73.40
N LEU KA 337 -14.65 -85.73 74.19
CA LEU KA 337 -13.71 -86.48 75.03
C LEU KA 337 -14.19 -86.58 76.47
N PHE KA 338 -14.39 -85.44 77.13
CA PHE KA 338 -14.75 -85.45 78.55
C PHE KA 338 -15.66 -84.28 78.84
N GLU KA 339 -16.76 -84.55 79.55
CA GLU KA 339 -17.71 -83.53 79.96
C GLU KA 339 -18.17 -83.82 81.38
N GLY KA 340 -18.26 -82.77 82.19
CA GLY KA 340 -18.70 -82.92 83.57
C GLY KA 340 -18.77 -81.56 84.24
N ALA KA 341 -19.28 -81.55 85.46
CA ALA KA 341 -19.31 -80.32 86.24
C ALA KA 341 -17.90 -79.88 86.60
N SER KA 342 -17.66 -78.58 86.49
CA SER KA 342 -16.33 -78.05 86.77
C SER KA 342 -16.02 -78.18 88.26
N PRO KA 343 -14.84 -78.69 88.63
CA PRO KA 343 -14.55 -78.86 90.06
C PRO KA 343 -14.50 -77.56 90.83
N PHE KA 344 -14.21 -76.45 90.17
CA PHE KA 344 -14.02 -75.18 90.87
C PHE KA 344 -15.31 -74.72 91.54
N ARG KA 345 -15.17 -74.21 92.76
CA ARG KA 345 -16.34 -73.77 93.52
C ARG KA 345 -16.99 -72.56 92.87
N HIS KA 346 -16.18 -71.63 92.37
CA HIS KA 346 -16.71 -70.44 91.70
C HIS KA 346 -17.42 -70.84 90.41
N ASN KA 347 -18.62 -70.29 90.22
CA ASN KA 347 -19.46 -70.63 89.07
C ASN KA 347 -19.28 -69.63 87.93
N ARG KA 348 -18.04 -69.48 87.49
CA ARG KA 348 -17.72 -68.61 86.38
C ARG KA 348 -16.65 -69.24 85.51
N PHE KA 349 -16.58 -68.81 84.26
CA PHE KA 349 -15.64 -69.38 83.31
C PHE KA 349 -14.20 -69.08 83.71
N SER KA 350 -13.30 -69.98 83.31
CA SER KA 350 -11.89 -69.79 83.59
C SER KA 350 -11.33 -68.57 82.88
N LEU KA 351 -11.68 -68.40 81.61
CA LEU KA 351 -11.15 -67.29 80.83
C LEU KA 351 -11.84 -65.99 81.22
N THR KA 352 -11.04 -64.97 81.53
CA THR KA 352 -11.54 -63.66 81.91
C THR KA 352 -11.26 -62.67 80.79
N PRO KA 353 -12.29 -62.02 80.25
CA PRO KA 353 -12.06 -61.10 79.13
C PRO KA 353 -11.69 -59.70 79.60
N ILE KA 354 -10.54 -59.20 79.14
CA ILE KA 354 -10.16 -57.82 79.37
C ILE KA 354 -10.74 -57.01 78.21
N TRP KA 355 -11.83 -56.32 78.48
CA TRP KA 355 -12.59 -55.67 77.40
C TRP KA 355 -11.84 -54.42 76.92
N GLY KA 356 -12.35 -53.83 75.85
CA GLY KA 356 -11.84 -52.58 75.34
C GLY KA 356 -13.00 -51.70 74.93
N PHE KA 357 -12.85 -50.91 73.87
CA PHE KA 357 -13.99 -50.19 73.34
C PHE KA 357 -14.98 -51.17 72.74
N ARG KA 358 -16.25 -51.04 73.16
CA ARG KA 358 -17.31 -51.93 72.70
C ARG KA 358 -18.23 -51.17 71.77
N ARG KA 359 -18.45 -51.71 70.58
CA ARG KA 359 -19.33 -51.06 69.61
C ARG KA 359 -20.75 -50.98 70.14
N GLY KA 360 -21.36 -49.82 69.98
CA GLY KA 360 -22.68 -49.59 70.54
C GLY KA 360 -23.76 -50.45 69.90
N ARG KA 361 -23.66 -50.67 68.59
CA ARG KA 361 -24.73 -51.34 67.87
C ARG KA 361 -24.85 -52.80 68.27
N ASP KA 362 -23.74 -53.53 68.29
CA ASP KA 362 -23.76 -54.98 68.47
C ASP KA 362 -22.97 -55.46 69.68
N ASN KA 363 -22.35 -54.56 70.44
CA ASN KA 363 -21.52 -54.94 71.59
C ASN KA 363 -20.38 -55.86 71.17
N LEU KA 364 -19.85 -55.64 69.97
CA LEU KA 364 -18.69 -56.37 69.49
C LEU KA 364 -17.43 -55.55 69.75
N PRO KA 365 -16.46 -56.09 70.49
CA PRO KA 365 -15.30 -55.29 70.88
C PRO KA 365 -14.47 -54.86 69.69
N TYR KA 366 -13.92 -53.65 69.77
CA TYR KA 366 -13.00 -53.12 68.79
C TYR KA 366 -11.92 -52.31 69.49
N GLY KA 367 -10.69 -52.43 68.99
CA GLY KA 367 -9.55 -51.80 69.63
C GLY KA 367 -9.42 -50.33 69.29
N VAL KA 368 -8.29 -49.77 69.73
CA VAL KA 368 -8.02 -48.36 69.48
C VAL KA 368 -7.83 -48.10 67.99
N ILE KA 369 -7.38 -49.10 67.26
CA ILE KA 369 -6.76 -48.93 65.94
C ILE KA 369 -7.70 -48.32 64.91
N ARG KA 370 -8.94 -48.81 64.83
CA ARG KA 370 -9.77 -48.68 63.63
C ARG KA 370 -9.67 -47.32 62.91
N TRP KA 371 -10.00 -46.23 63.61
CA TRP KA 371 -10.00 -44.93 62.97
C TRP KA 371 -8.60 -44.53 62.53
N MET KA 372 -7.61 -44.77 63.38
CA MET KA 372 -6.26 -44.35 63.03
C MET KA 372 -5.69 -45.25 61.94
N ARG KA 373 -6.21 -46.47 61.82
CA ARG KA 373 -5.90 -47.32 60.67
C ARG KA 373 -6.42 -46.72 59.38
N ASP KA 374 -7.66 -46.22 59.41
CA ASP KA 374 -8.19 -45.53 58.24
C ASP KA 374 -7.31 -44.34 57.86
N ILE KA 375 -6.98 -43.50 58.85
CA ILE KA 375 -6.15 -42.34 58.56
C ILE KA 375 -4.75 -42.77 58.10
N GLN KA 376 -4.26 -43.90 58.62
CA GLN KA 376 -2.94 -44.39 58.22
C GLN KA 376 -2.93 -44.84 56.76
N ASP KA 377 -3.98 -45.54 56.32
CA ASP KA 377 -4.01 -45.94 54.93
C ASP KA 377 -4.14 -44.72 54.02
N ASP KA 378 -4.91 -43.71 54.46
CA ASP KA 378 -4.94 -42.46 53.71
C ASP KA 378 -3.56 -41.82 53.63
N ILE KA 379 -2.82 -41.83 54.74
CA ILE KA 379 -1.48 -41.26 54.76
C ILE KA 379 -0.57 -41.98 53.77
N ASN KA 380 -0.64 -43.31 53.76
CA ASN KA 380 0.17 -44.08 52.82
C ASN KA 380 -0.19 -43.74 51.38
N LYS KA 381 -1.49 -43.64 51.07
CA LYS KA 381 -1.89 -43.27 49.72
C LYS KA 381 -1.36 -41.89 49.34
N ARG KA 382 -1.47 -40.92 50.25
CA ARG KA 382 -0.99 -39.57 49.94
C ARG KA 382 0.51 -39.55 49.71
N ALA KA 383 1.27 -40.24 50.55
CA ALA KA 383 2.72 -40.25 50.39
C ALA KA 383 3.12 -40.92 49.08
N SER KA 384 2.50 -42.05 48.76
CA SER KA 384 2.82 -42.72 47.50
C SER KA 384 2.47 -41.85 46.31
N LYS KA 385 1.31 -41.20 46.35
CA LYS KA 385 0.92 -40.33 45.24
C LYS KA 385 1.88 -39.17 45.07
N ALA KA 386 2.28 -38.53 46.18
CA ALA KA 386 3.21 -37.41 46.09
C ALA KA 386 4.55 -37.86 45.53
N LEU KA 387 5.06 -39.01 45.99
CA LEU KA 387 6.32 -39.50 45.47
C LEU KA 387 6.23 -39.81 43.99
N TYR KA 388 5.11 -40.41 43.55
CA TYR KA 388 4.96 -40.73 42.14
C TYR KA 388 4.89 -39.46 41.29
N ILE KA 389 4.16 -38.45 41.76
CA ILE KA 389 4.07 -37.20 41.01
C ILE KA 389 5.43 -36.55 40.89
N LEU KA 390 6.21 -36.54 41.98
CA LEU KA 390 7.53 -35.94 41.93
C LEU KA 390 8.44 -36.71 40.98
N SER KA 391 8.37 -38.04 40.99
CA SER KA 391 9.34 -38.83 40.24
C SER KA 391 9.08 -38.75 38.73
N SER KA 392 7.83 -38.90 38.31
CA SER KA 392 7.50 -39.03 36.90
C SER KA 392 6.92 -37.73 36.36
N ASN KA 393 7.23 -37.43 35.10
CA ASN KA 393 6.67 -36.25 34.45
C ASN KA 393 5.33 -36.57 33.81
N LYS KA 394 4.44 -35.59 33.75
CA LYS KA 394 3.25 -35.64 32.92
C LYS KA 394 3.46 -34.71 31.74
N VAL KA 395 3.02 -35.14 30.56
CA VAL KA 395 3.30 -34.42 29.32
C VAL KA 395 1.99 -34.11 28.62
N VAL KA 396 1.75 -32.83 28.36
CA VAL KA 396 0.74 -32.38 27.41
C VAL KA 396 1.46 -31.59 26.33
N MET KA 397 1.18 -31.92 25.08
CA MET KA 397 1.98 -31.43 23.97
C MET KA 397 1.13 -31.33 22.72
N ASP KA 398 1.61 -30.54 21.75
CA ASP KA 398 1.02 -30.58 20.43
C ASP KA 398 1.19 -31.98 19.85
N GLU KA 399 0.30 -32.33 18.92
CA GLU KA 399 0.23 -33.71 18.46
C GLU KA 399 1.54 -34.15 17.80
N GLY KA 400 2.27 -33.23 17.19
CA GLY KA 400 3.52 -33.57 16.56
C GLY KA 400 4.75 -33.02 17.25
N ALA KA 401 4.73 -33.00 18.57
CA ALA KA 401 5.86 -32.45 19.32
C ALA KA 401 7.12 -33.29 19.12
N VAL KA 402 7.00 -34.61 19.14
CA VAL KA 402 8.13 -35.51 19.12
C VAL KA 402 7.96 -36.50 17.96
N GLU KA 403 9.07 -36.79 17.27
CA GLU KA 403 9.02 -37.75 16.18
C GLU KA 403 8.84 -39.17 16.69
N ASP KA 404 9.62 -39.56 17.70
CA ASP KA 404 9.58 -40.90 18.27
C ASP KA 404 8.88 -40.83 19.61
N ILE KA 405 7.64 -41.30 19.67
CA ILE KA 405 6.85 -41.16 20.89
C ILE KA 405 7.26 -42.22 21.91
N GLU KA 406 7.78 -43.36 21.46
CA GLU KA 406 8.19 -44.40 22.41
C GLU KA 406 9.42 -43.97 23.19
N GLU KA 407 10.45 -43.47 22.50
CA GLU KA 407 11.63 -43.01 23.21
C GLU KA 407 11.34 -41.77 24.03
N PHE KA 408 10.46 -40.91 23.54
CA PHE KA 408 10.00 -39.80 24.37
C PHE KA 408 9.38 -40.34 25.65
N ARG KA 409 8.48 -41.31 25.53
CA ARG KA 409 7.82 -41.89 26.70
C ARG KA 409 8.83 -42.44 27.69
N GLU KA 410 9.87 -43.11 27.19
CA GLU KA 410 10.82 -43.74 28.08
C GLU KA 410 11.77 -42.72 28.73
N GLU KA 411 12.28 -41.77 27.96
CA GLU KA 411 13.37 -40.91 28.42
C GLU KA 411 12.92 -39.66 29.18
N VAL KA 412 11.63 -39.34 29.22
CA VAL KA 412 11.22 -38.09 29.86
C VAL KA 412 11.62 -38.07 31.33
N ALA KA 413 11.41 -39.17 32.05
CA ALA KA 413 11.72 -39.19 33.47
C ALA KA 413 13.23 -39.19 33.71
N ARG KA 414 14.01 -39.52 32.68
CA ARG KA 414 15.46 -39.61 32.86
C ARG KA 414 16.04 -38.22 33.09
N PRO KA 415 16.80 -38.01 34.17
CA PRO KA 415 17.43 -36.70 34.38
C PRO KA 415 18.57 -36.41 33.41
N ASP KA 416 19.03 -37.41 32.67
CA ASP KA 416 20.14 -37.24 31.75
C ASP KA 416 19.74 -37.33 30.28
N ALA KA 417 18.44 -37.43 30.00
CA ALA KA 417 18.01 -37.70 28.63
C ALA KA 417 18.18 -36.47 27.75
N VAL KA 418 18.42 -36.73 26.47
CA VAL KA 418 18.44 -35.70 25.44
C VAL KA 418 17.18 -35.88 24.61
N LEU KA 419 16.34 -34.84 24.56
CA LEU KA 419 15.05 -34.90 23.89
C LEU KA 419 15.06 -33.92 22.73
N VAL KA 420 14.54 -34.37 21.58
CA VAL KA 420 14.42 -33.54 20.40
C VAL KA 420 12.94 -33.33 20.09
N LYS KA 421 12.56 -32.09 19.80
CA LYS KA 421 11.18 -31.75 19.50
C LYS KA 421 11.13 -30.92 18.22
N LYS KA 422 9.97 -30.96 17.56
CA LYS KA 422 9.80 -30.20 16.33
C LYS KA 422 9.71 -28.71 16.65
N PRO KA 423 10.08 -27.86 15.68
CA PRO KA 423 10.14 -26.41 15.99
C PRO KA 423 8.82 -25.81 16.43
N GLY KA 424 7.76 -25.93 15.62
CA GLY KA 424 6.52 -25.24 15.88
C GLY KA 424 5.55 -25.93 16.80
N LYS KA 425 5.92 -27.05 17.41
CA LYS KA 425 5.02 -27.81 18.27
C LYS KA 425 5.53 -27.68 19.71
N GLN KA 426 4.67 -27.20 20.60
CA GLN KA 426 5.10 -26.87 21.96
C GLN KA 426 5.10 -28.12 22.84
N ILE KA 427 5.99 -28.11 23.84
CA ILE KA 427 6.09 -29.17 24.84
C ILE KA 427 5.84 -28.57 26.21
N GLU KA 428 4.96 -29.19 26.97
CA GLU KA 428 4.71 -28.81 28.36
C GLU KA 428 4.96 -30.02 29.25
N LEU KA 429 6.20 -30.16 29.72
CA LEU KA 429 6.54 -31.14 30.75
C LEU KA 429 6.15 -30.57 32.10
N ASN KA 430 6.06 -31.45 33.10
CA ASN KA 430 5.66 -31.06 34.45
C ASN KA 430 4.32 -30.34 34.44
N VAL KA 431 3.31 -31.03 33.90
CA VAL KA 431 1.98 -30.43 33.83
C VAL KA 431 1.44 -30.15 35.23
N ASP KA 432 1.63 -31.10 36.14
CA ASP KA 432 1.15 -30.96 37.52
C ASP KA 432 2.27 -31.32 38.49
N ARG KA 433 2.79 -30.30 39.17
CA ARG KA 433 3.76 -30.50 40.24
C ARG KA 433 3.35 -29.91 41.57
N GLU KA 434 2.49 -28.89 41.60
CA GLU KA 434 1.93 -28.43 42.87
C GLU KA 434 1.06 -29.48 43.52
N LEU KA 435 0.62 -30.49 42.77
CA LEU KA 435 -0.15 -31.59 43.35
C LEU KA 435 0.68 -32.37 44.36
N ALA KA 436 1.97 -32.54 44.11
CA ALA KA 436 2.83 -33.25 45.06
C ALA KA 436 2.91 -32.50 46.38
N ALA KA 437 3.09 -31.18 46.33
CA ALA KA 437 3.11 -30.39 47.54
C ALA KA 437 1.76 -30.43 48.24
N ALA KA 438 0.68 -30.40 47.47
CA ALA KA 438 -0.65 -30.47 48.06
C ALA KA 438 -0.86 -31.81 48.77
N HIS KA 439 -0.39 -32.91 48.17
CA HIS KA 439 -0.56 -34.21 48.80
C HIS KA 439 0.32 -34.35 50.04
N MET KA 440 1.53 -33.77 50.01
CA MET KA 440 2.36 -33.79 51.21
C MET KA 440 1.73 -32.97 52.33
N ASP KA 441 1.11 -31.83 51.99
CA ASP KA 441 0.37 -31.07 52.98
C ASP KA 441 -0.83 -31.87 53.50
N MET KA 442 -1.49 -32.62 52.62
CA MET KA 442 -2.57 -33.50 53.05
C MET KA 442 -2.07 -34.51 54.07
N MET KA 443 -0.90 -35.09 53.81
CA MET KA 443 -0.33 -36.07 54.74
C MET KA 443 0.02 -35.43 56.07
N SER KA 444 0.57 -34.21 56.03
CA SER KA 444 0.89 -33.51 57.28
C SER KA 444 -0.38 -33.22 58.08
N ARG KA 445 -1.44 -32.77 57.40
CA ARG KA 445 -2.69 -32.50 58.10
C ARG KA 445 -3.30 -33.78 58.65
N ASP KA 446 -3.16 -34.89 57.93
CA ASP KA 446 -3.65 -36.17 58.44
C ASP KA 446 -2.88 -36.60 59.68
N ILE KA 447 -1.56 -36.37 59.69
CA ILE KA 447 -0.77 -36.64 60.88
C ILE KA 447 -1.26 -35.79 62.05
N GLN KA 448 -1.52 -34.50 61.78
CA GLN KA 448 -2.05 -33.62 62.82
C GLN KA 448 -3.38 -34.13 63.37
N MET KA 449 -4.26 -34.59 62.48
CA MET KA 449 -5.54 -35.15 62.92
C MET KA 449 -5.32 -36.40 63.77
N LEU KA 450 -4.38 -37.25 63.38
CA LEU KA 450 -4.09 -38.44 64.18
C LEU KA 450 -3.62 -38.07 65.57
N GLN KA 451 -2.76 -37.04 65.66
CA GLN KA 451 -2.38 -36.54 66.98
C GLN KA 451 -3.59 -35.97 67.71
N GLN KA 452 -4.48 -35.29 66.98
CA GLN KA 452 -5.67 -34.72 67.60
C GLN KA 452 -6.60 -35.80 68.12
N VAL KA 453 -6.75 -36.89 67.39
CA VAL KA 453 -7.62 -37.99 67.81
C VAL KA 453 -6.89 -38.87 68.81
N THR KA 481 -3.95 -39.66 77.98
CA THR KA 481 -4.21 -40.19 79.31
C THR KA 481 -5.70 -40.26 79.59
N VAL KA 482 -6.36 -39.09 79.58
CA VAL KA 482 -7.79 -39.05 79.85
C VAL KA 482 -8.57 -39.70 78.70
N ALA KA 483 -8.04 -39.62 77.48
CA ALA KA 483 -8.73 -40.21 76.34
C ALA KA 483 -8.72 -41.73 76.40
N THR KA 484 -7.75 -42.30 77.11
CA THR KA 484 -7.58 -43.75 77.16
C THR KA 484 -8.00 -44.36 78.48
N ASN KA 485 -8.75 -43.64 79.32
CA ASN KA 485 -9.13 -44.18 80.62
C ASN KA 485 -10.09 -45.36 80.51
N LYS KA 486 -10.82 -45.48 79.40
CA LYS KA 486 -11.75 -46.59 79.25
C LYS KA 486 -10.98 -47.91 79.26
N LEU KA 487 -9.87 -47.98 78.52
CA LEU KA 487 -9.08 -49.20 78.46
C LEU KA 487 -8.47 -49.53 79.82
N PHE KA 488 -7.93 -48.51 80.51
CA PHE KA 488 -7.30 -48.75 81.81
C PHE KA 488 -8.34 -49.22 82.84
N ASP KA 489 -9.55 -48.66 82.79
CA ASP KA 489 -10.57 -49.09 83.74
C ASP KA 489 -11.10 -50.48 83.40
N ASN KA 490 -11.17 -50.82 82.11
CA ASN KA 490 -11.47 -52.20 81.75
C ASN KA 490 -10.41 -53.15 82.29
N LEU KA 491 -9.14 -52.74 82.18
CA LEU KA 491 -8.06 -53.54 82.75
C LEU KA 491 -8.21 -53.68 84.26
N ARG KA 492 -8.58 -52.60 84.94
CA ARG KA 492 -8.77 -52.65 86.39
C ARG KA 492 -9.89 -53.61 86.76
N PHE KA 493 -11.00 -53.54 86.03
CA PHE KA 493 -12.12 -54.45 86.27
C PHE KA 493 -11.72 -55.90 86.07
N ALA KA 494 -10.99 -56.18 84.98
CA ALA KA 494 -10.57 -57.55 84.72
C ALA KA 494 -9.54 -58.01 85.75
N VAL KA 495 -8.71 -57.08 86.25
CA VAL KA 495 -7.76 -57.41 87.30
C VAL KA 495 -8.50 -57.80 88.57
N GLN KA 496 -9.56 -57.06 88.91
CA GLN KA 496 -10.37 -57.42 90.08
C GLN KA 496 -11.01 -58.79 89.90
N MET KA 497 -11.53 -59.07 88.70
CA MET KA 497 -12.11 -60.39 88.43
C MET KA 497 -11.06 -61.48 88.55
N GLN KA 498 -9.87 -61.25 88.01
CA GLN KA 498 -8.78 -62.22 88.11
C GLN KA 498 -8.40 -62.46 89.56
N GLY KA 499 -8.34 -61.40 90.35
CA GLY KA 499 -8.04 -61.56 91.76
C GLY KA 499 -9.09 -62.38 92.47
N GLU KA 500 -10.37 -62.13 92.18
CA GLU KA 500 -11.43 -62.92 92.81
C GLU KA 500 -11.31 -64.39 92.43
N ILE KA 501 -11.11 -64.68 91.15
CA ILE KA 501 -11.03 -66.08 90.72
C ILE KA 501 -9.81 -66.76 91.34
N GLN KA 502 -8.67 -66.08 91.34
CA GLN KA 502 -7.45 -66.66 91.91
C GLN KA 502 -7.60 -66.89 93.40
N LEU KA 503 -8.23 -65.95 94.11
CA LEU KA 503 -8.40 -66.11 95.54
C LEU KA 503 -9.35 -67.26 95.86
N SER KA 504 -10.41 -67.42 95.06
CA SER KA 504 -11.30 -68.56 95.25
C SER KA 504 -10.57 -69.87 94.96
N LEU KA 505 -9.74 -69.89 93.92
CA LEU KA 505 -8.97 -71.09 93.61
C LEU KA 505 -8.00 -71.43 94.75
N ILE KA 506 -7.35 -70.41 95.32
CA ILE KA 506 -6.49 -70.64 96.48
C ILE KA 506 -7.29 -71.23 97.63
N GLU KA 507 -8.42 -70.61 97.95
CA GLU KA 507 -9.23 -71.07 99.08
C GLU KA 507 -9.66 -72.52 98.89
N GLN KA 508 -9.98 -72.89 97.65
CA GLN KA 508 -10.41 -74.27 97.40
C GLN KA 508 -9.25 -75.25 97.44
N PHE KA 509 -8.12 -74.91 96.81
CA PHE KA 509 -7.15 -75.92 96.43
C PHE KA 509 -5.76 -75.76 97.03
N VAL KA 510 -5.62 -75.11 98.18
CA VAL KA 510 -4.35 -75.06 98.89
C VAL KA 510 -4.55 -75.68 100.27
N THR KA 511 -3.57 -76.45 100.72
CA THR KA 511 -3.61 -77.01 102.06
C THR KA 511 -2.97 -76.05 103.05
N GLU KA 512 -3.40 -76.15 104.31
CA GLU KA 512 -2.84 -75.30 105.35
C GLU KA 512 -1.35 -75.56 105.53
N GLU KA 513 -0.92 -76.80 105.31
CA GLU KA 513 0.51 -77.09 105.34
C GLU KA 513 1.25 -76.32 104.25
N LYS KA 514 0.67 -76.26 103.05
CA LYS KA 514 1.29 -75.51 101.97
C LYS KA 514 1.35 -74.03 102.29
N THR KA 515 0.29 -73.49 102.90
CA THR KA 515 0.30 -72.08 103.29
C THR KA 515 1.38 -71.80 104.34
N PHE KA 516 1.52 -72.69 105.32
CA PHE KA 516 2.54 -72.50 106.34
C PHE KA 516 3.94 -72.66 105.75
N ARG KA 517 4.07 -73.48 104.71
CA ARG KA 517 5.37 -73.61 104.05
C ARG KA 517 5.72 -72.36 103.25
N ILE KA 518 4.76 -71.86 102.48
CA ILE KA 518 5.01 -70.66 101.68
C ILE KA 518 5.10 -69.42 102.56
N THR KA 519 4.19 -69.29 103.52
CA THR KA 519 4.11 -68.11 104.36
C THR KA 519 4.31 -68.51 105.83
N ASN KA 520 4.90 -67.59 106.59
CA ASN KA 520 5.18 -67.87 108.00
C ASN KA 520 3.91 -68.16 108.77
N GLU KA 521 2.76 -67.71 108.27
CA GLU KA 521 1.47 -67.99 108.89
C GLU KA 521 1.16 -69.48 108.88
N LEU KA 534 -24.60 -65.33 106.14
CA LEU KA 534 -23.55 -65.37 105.13
C LEU KA 534 -24.06 -66.05 103.85
N PRO KA 535 -23.63 -65.55 102.69
CA PRO KA 535 -24.15 -66.06 101.44
C PRO KA 535 -23.49 -67.34 100.95
N GLU KA 536 -24.20 -68.04 100.06
CA GLU KA 536 -23.75 -69.36 99.64
C GLU KA 536 -22.63 -69.29 98.61
N ASN KA 537 -22.56 -68.22 97.83
CA ASN KA 537 -21.53 -68.11 96.81
C ASN KA 537 -20.15 -68.02 97.45
N ASP KA 538 -19.17 -68.68 96.82
CA ASP KA 538 -17.80 -68.59 97.29
C ASP KA 538 -17.23 -67.20 97.03
N ILE KA 539 -17.59 -66.60 95.90
CA ILE KA 539 -17.06 -65.28 95.54
C ILE KA 539 -17.53 -64.22 96.54
N VAL KA 540 -18.83 -64.21 96.83
CA VAL KA 540 -19.38 -63.19 97.73
C VAL KA 540 -18.90 -63.42 99.16
N ARG KA 541 -18.74 -64.69 99.54
CA ARG KA 541 -18.21 -64.99 100.87
C ARG KA 541 -16.84 -64.36 101.08
N THR KA 542 -15.97 -64.49 100.09
CA THR KA 542 -14.63 -63.89 100.19
C THR KA 542 -14.71 -62.37 100.18
N LYS KA 543 -15.58 -61.81 99.33
CA LYS KA 543 -15.72 -60.36 99.25
C LYS KA 543 -16.23 -59.78 100.56
N ALA KA 544 -16.99 -60.57 101.32
CA ALA KA 544 -17.55 -60.11 102.59
C ALA KA 544 -16.47 -59.74 103.60
N ASP KA 545 -15.43 -60.58 103.69
CA ASP KA 545 -14.42 -60.38 104.72
C ASP KA 545 -13.17 -59.71 104.16
N PHE KA 546 -12.79 -60.04 102.93
CA PHE KA 546 -11.56 -59.54 102.32
C PHE KA 546 -11.90 -58.84 101.01
N ILE KA 547 -11.19 -57.73 100.74
CA ILE KA 547 -11.32 -57.02 99.49
C ILE KA 547 -9.97 -57.06 98.78
N ILE KA 548 -9.99 -56.95 97.46
CA ILE KA 548 -8.76 -56.98 96.69
C ILE KA 548 -8.29 -55.57 96.40
N GLY KA 549 -7.04 -55.28 96.75
CA GLY KA 549 -6.47 -53.97 96.50
C GLY KA 549 -5.24 -54.09 95.63
N GLU KA 550 -5.02 -53.05 94.83
CA GLU KA 550 -3.92 -53.01 93.88
C GLU KA 550 -2.82 -52.08 94.39
N SER KA 551 -1.60 -52.58 94.40
CA SER KA 551 -0.42 -51.81 94.77
C SER KA 551 0.68 -52.11 93.77
N ASP KA 552 1.67 -51.22 93.71
CA ASP KA 552 2.76 -51.37 92.75
C ASP KA 552 3.49 -52.69 92.98
N TRP KA 553 4.27 -53.08 91.96
CA TRP KA 553 4.89 -54.41 91.96
C TRP KA 553 5.78 -54.59 93.18
N ARG KA 554 6.74 -53.68 93.37
CA ARG KA 554 7.59 -53.63 94.57
C ARG KA 554 8.25 -54.98 94.87
N ALA KA 555 8.41 -55.82 93.86
CA ALA KA 555 9.04 -57.15 93.99
C ALA KA 555 8.34 -57.90 95.11
N THR KA 556 9.05 -58.43 96.09
CA THR KA 556 8.44 -59.26 97.12
C THR KA 556 7.47 -58.48 97.99
N TYR KA 557 6.63 -59.20 98.73
CA TYR KA 557 5.62 -58.55 99.55
C TYR KA 557 6.23 -57.69 100.64
N ARG KA 558 7.26 -58.19 101.31
CA ARG KA 558 7.70 -57.52 102.52
C ARG KA 558 8.51 -56.28 102.17
N GLN KA 559 8.91 -56.14 100.90
CA GLN KA 559 9.43 -54.86 100.44
C GLN KA 559 8.34 -53.80 100.45
N ALA KA 560 7.13 -54.14 99.98
CA ALA KA 560 6.01 -53.23 100.10
C ALA KA 560 5.67 -52.98 101.57
N ALA KA 561 5.82 -54.01 102.39
CA ALA KA 561 5.64 -53.84 103.83
C ALA KA 561 6.61 -52.81 104.39
N SER KA 562 7.88 -52.90 103.98
CA SER KA 562 8.90 -51.95 104.43
C SER KA 562 8.60 -50.55 103.93
N GLU KA 563 8.10 -50.43 102.70
CA GLU KA 563 7.73 -49.11 102.18
C GLU KA 563 6.60 -48.50 102.99
N GLN KA 564 5.56 -49.29 103.29
CA GLN KA 564 4.47 -48.78 104.11
C GLN KA 564 4.96 -48.40 105.50
N LEU KA 565 5.83 -49.22 106.09
CA LEU KA 565 6.40 -48.89 107.39
C LEU KA 565 7.20 -47.60 107.33
N SER KA 566 7.99 -47.41 106.27
CA SER KA 566 8.80 -46.20 106.14
C SER KA 566 7.92 -44.96 106.05
N GLN KA 567 6.86 -45.02 105.23
CA GLN KA 567 5.95 -43.88 105.14
C GLN KA 567 5.27 -43.61 106.47
N MET KA 568 4.82 -44.67 107.15
CA MET KA 568 4.19 -44.52 108.46
C MET KA 568 5.15 -43.87 109.45
N ILE KA 569 6.42 -44.29 109.45
CA ILE KA 569 7.40 -43.71 110.35
C ILE KA 569 7.62 -42.24 110.04
N MET KA 570 7.77 -41.91 108.75
CA MET KA 570 7.94 -40.52 108.36
C MET KA 570 6.75 -39.68 108.80
N LYS KA 571 5.58 -40.30 108.93
CA LYS KA 571 4.44 -39.59 109.50
C LYS KA 571 4.57 -39.43 111.01
N MET KA 572 5.24 -40.35 111.69
CA MET KA 572 5.32 -40.31 113.14
C MET KA 572 6.25 -39.18 113.60
N PRO KA 573 6.08 -38.71 114.84
CA PRO KA 573 6.99 -37.69 115.37
C PRO KA 573 8.35 -38.30 115.63
N PRO KA 574 9.36 -37.46 115.94
CA PRO KA 574 10.68 -38.02 116.27
C PRO KA 574 10.64 -38.99 117.44
N GLN KA 575 9.87 -38.70 118.47
CA GLN KA 575 9.62 -39.69 119.51
C GLN KA 575 8.60 -40.70 118.99
N VAL KA 576 8.70 -41.93 119.49
CA VAL KA 576 7.89 -43.15 119.24
C VAL KA 576 8.40 -43.77 117.95
N GLY KA 577 9.20 -43.02 117.19
CA GLY KA 577 9.65 -43.47 115.88
C GLY KA 577 10.75 -44.52 115.91
N LEU KA 578 11.45 -44.66 117.03
CA LEU KA 578 12.62 -45.53 117.06
C LEU KA 578 12.23 -47.01 117.01
N VAL KA 579 11.21 -47.41 117.78
CA VAL KA 579 10.72 -48.77 117.67
C VAL KA 579 10.12 -49.01 116.30
N MET KA 580 9.53 -47.98 115.70
CA MET KA 580 9.01 -48.11 114.35
C MET KA 580 10.15 -48.40 113.37
N LEU KA 581 11.29 -47.73 113.57
CA LEU KA 581 12.49 -48.01 112.79
C LEU KA 581 13.00 -49.43 113.03
N ASP KA 582 12.90 -49.90 114.27
CA ASP KA 582 13.26 -51.29 114.55
C ASP KA 582 12.44 -52.24 113.68
N LEU KA 583 11.13 -52.01 113.63
CA LEU KA 583 10.28 -52.91 112.85
C LEU KA 583 10.52 -52.76 111.36
N TRP KA 584 10.81 -51.53 110.90
CA TRP KA 584 11.15 -51.35 109.50
C TRP KA 584 12.42 -52.09 109.14
N ALA KA 585 13.44 -52.03 110.00
CA ALA KA 585 14.67 -52.76 109.76
C ALA KA 585 14.41 -54.26 109.77
N ASP KA 586 13.51 -54.72 110.64
CA ASP KA 586 13.13 -56.13 110.62
C ASP KA 586 12.50 -56.51 109.28
N SER KA 587 11.64 -55.64 108.74
CA SER KA 587 10.95 -55.96 107.50
C SER KA 587 11.88 -55.85 106.30
N THR KA 588 12.73 -54.83 106.26
CA THR KA 588 13.50 -54.56 105.07
C THR KA 588 14.56 -55.63 104.82
N ASP KA 589 15.04 -55.69 103.59
CA ASP KA 589 16.05 -56.67 103.18
C ASP KA 589 17.43 -56.03 103.21
N LEU KA 590 17.95 -55.85 104.41
CA LEU KA 590 19.32 -55.38 104.57
C LEU KA 590 20.30 -56.52 104.36
N PRO KA 591 21.53 -56.22 103.91
CA PRO KA 591 22.51 -57.31 103.73
C PRO KA 591 22.78 -58.10 104.99
N ASN KA 592 22.83 -57.43 106.14
CA ASN KA 592 22.95 -58.09 107.43
C ASN KA 592 21.82 -57.59 108.33
N ARG KA 593 20.83 -58.44 108.56
CA ARG KA 593 19.58 -58.02 109.19
C ARG KA 593 19.51 -58.38 110.67
N ASP KA 594 19.90 -59.60 111.04
CA ASP KA 594 19.72 -60.03 112.43
C ASP KA 594 20.50 -59.16 113.41
N GLU KA 595 21.76 -58.86 113.08
CA GLU KA 595 22.58 -58.06 113.98
C GLU KA 595 22.04 -56.64 114.11
N ILE KA 596 21.67 -56.03 112.98
CA ILE KA 596 21.09 -54.69 113.01
C ILE KA 596 19.78 -54.70 113.79
N VAL KA 597 18.95 -55.71 113.56
CA VAL KA 597 17.67 -55.80 114.26
C VAL KA 597 17.89 -55.89 115.76
N LYS KA 598 18.81 -56.75 116.20
CA LYS KA 598 19.02 -56.91 117.64
C LYS KA 598 19.63 -55.66 118.25
N ARG KA 599 20.46 -54.94 117.50
CA ARG KA 599 20.99 -53.68 118.04
C ARG KA 599 19.90 -52.62 118.18
N ILE KA 600 18.98 -52.54 117.21
CA ILE KA 600 17.90 -51.58 117.35
C ILE KA 600 16.95 -52.01 118.47
N ARG KA 601 16.83 -53.31 118.70
CA ARG KA 601 16.10 -53.77 119.88
C ARG KA 601 16.81 -53.33 121.16
N GLN KA 602 18.14 -53.39 121.17
CA GLN KA 602 18.91 -52.93 122.33
C GLN KA 602 18.65 -51.46 122.60
N ILE KA 603 18.75 -50.62 121.57
CA ILE KA 603 18.57 -49.19 121.76
C ILE KA 603 17.12 -48.87 122.09
N ASN KA 604 16.20 -49.74 121.67
CA ASN KA 604 14.79 -49.52 121.97
C ASN KA 604 14.38 -50.23 123.26
N GLY KA 605 14.82 -51.46 123.44
CA GLY KA 605 14.52 -52.21 124.64
C GLY KA 605 13.31 -53.11 124.56
N MET KA 606 12.66 -53.21 123.41
CA MET KA 606 11.47 -54.06 123.32
C MET KA 606 11.74 -55.35 122.56
N ARG KA 607 10.70 -56.15 122.41
CA ARG KA 607 10.79 -57.53 121.97
C ARG KA 607 9.81 -57.78 120.83
N ASP KA 608 10.19 -58.69 119.92
CA ASP KA 608 9.33 -59.16 118.83
C ASP KA 608 8.82 -58.01 117.95
N PRO KA 614 17.25 -64.42 122.69
CA PRO KA 614 16.56 -63.25 123.21
C PRO KA 614 16.26 -63.40 124.70
N THR KA 615 16.35 -64.65 125.18
CA THR KA 615 16.10 -64.91 126.60
C THR KA 615 17.13 -64.22 127.48
N PRO KA 616 18.40 -64.27 127.08
CA PRO KA 616 19.44 -63.64 127.88
C PRO KA 616 19.25 -62.13 127.98
N GLU KA 617 18.93 -61.48 126.85
CA GLU KA 617 18.66 -60.05 126.86
C GLU KA 617 17.44 -59.74 127.72
N GLU KA 618 16.39 -60.55 127.60
CA GLU KA 618 15.21 -60.36 128.44
C GLU KA 618 15.54 -60.53 129.92
N LEU KA 619 16.34 -61.54 130.25
CA LEU KA 619 16.73 -61.75 131.64
C LEU KA 619 17.53 -60.56 132.17
N GLN KA 620 18.49 -60.06 131.39
CA GLN KA 620 19.28 -58.93 131.83
C GLN KA 620 18.43 -57.68 132.03
N GLN KA 621 17.51 -57.41 131.08
CA GLN KA 621 16.65 -56.25 131.20
C GLN KA 621 15.73 -56.36 132.40
N GLN KA 622 15.15 -57.55 132.62
CA GLN KA 622 14.28 -57.74 133.78
C GLN KA 622 15.04 -57.58 135.08
N GLN KA 623 16.26 -58.12 135.15
CA GLN KA 623 17.07 -57.96 136.36
C GLN KA 623 17.39 -56.49 136.61
N ALA KA 624 17.77 -55.76 135.57
CA ALA KA 624 18.08 -54.35 135.72
C ALA KA 624 16.86 -53.56 136.20
N ALA KA 625 15.70 -53.83 135.60
CA ALA KA 625 14.49 -53.12 135.99
C ALA KA 625 14.12 -53.43 137.43
N ALA KA 626 14.20 -54.71 137.83
CA ALA KA 626 13.87 -55.09 139.20
C ALA KA 626 14.82 -54.44 140.19
N GLU KA 627 16.13 -54.43 139.87
CA GLU KA 627 17.10 -53.81 140.77
C GLU KA 627 16.85 -52.31 140.89
N GLN KA 628 16.55 -51.64 139.77
CA GLN KA 628 16.28 -50.20 139.83
C GLN KA 628 15.03 -49.91 140.65
N ALA KA 629 13.98 -50.72 140.46
CA ALA KA 629 12.75 -50.52 141.23
C ALA KA 629 12.99 -50.74 142.71
N GLN KA 630 13.75 -51.79 143.06
CA GLN KA 630 14.05 -52.06 144.46
C GLN KA 630 14.86 -50.93 145.08
N ALA KA 631 15.86 -50.42 144.34
CA ALA KA 631 16.67 -49.32 144.86
C ALA KA 631 15.84 -48.06 145.06
N GLN KA 632 14.97 -47.74 144.09
CA GLN KA 632 14.12 -46.57 144.23
C GLN KA 632 13.17 -46.70 145.41
N LYS KA 633 12.56 -47.87 145.58
CA LYS KA 633 11.65 -48.08 146.69
C LYS KA 633 12.39 -47.98 148.02
N ALA KA 634 13.59 -48.57 148.11
CA ALA KA 634 14.36 -48.49 149.34
C ALA KA 634 14.75 -47.06 149.66
N MET KA 635 15.16 -46.29 148.66
CA MET KA 635 15.54 -44.89 148.88
C MET KA 635 14.35 -44.08 149.34
N PHE KA 636 13.18 -44.27 148.71
CA PHE KA 636 11.99 -43.54 149.12
C PHE KA 636 11.58 -43.91 150.55
N MET KA 637 11.65 -45.20 150.89
CA MET KA 637 11.33 -45.62 152.24
C MET KA 637 12.29 -45.02 153.26
N ALA KA 638 13.58 -44.99 152.93
CA ALA KA 638 14.57 -44.39 153.82
C ALA KA 638 14.31 -42.91 154.02
N GLU KA 639 13.99 -42.19 152.93
CA GLU KA 639 13.69 -40.76 153.05
C GLU KA 639 12.45 -40.52 153.90
N LEU KA 640 11.40 -41.31 153.69
CA LEU KA 640 10.19 -41.16 154.49
C LEU KA 640 10.46 -41.46 155.96
N SER KA 641 11.25 -42.51 156.23
CA SER KA 641 11.60 -42.83 157.61
C SER KA 641 12.40 -41.71 158.25
N GLU KA 642 13.33 -41.12 157.50
CA GLU KA 642 14.11 -40.01 158.03
C GLU KA 642 13.22 -38.81 158.34
N LYS KA 643 12.28 -38.49 157.46
CA LYS KA 643 11.38 -37.38 157.70
C LYS KA 643 10.51 -37.62 158.93
N GLN KA 644 9.95 -38.83 159.05
CA GLN KA 644 9.12 -39.15 160.21
C GLN KA 644 9.93 -39.12 161.50
N GLY KA 645 11.18 -39.60 161.45
CA GLY KA 645 12.03 -39.58 162.62
C GLY KA 645 12.39 -38.15 163.01
N LYS KA 646 12.62 -37.28 162.02
CA LYS KA 646 12.88 -35.87 162.33
C LYS KA 646 11.66 -35.23 162.97
N ALA KA 647 10.46 -35.54 162.47
CA ALA KA 647 9.25 -35.02 163.08
C ALA KA 647 9.10 -35.50 164.52
N ASP KA 648 9.36 -36.79 164.76
CA ASP KA 648 9.28 -37.31 166.12
C ASP KA 648 10.31 -36.65 167.03
N LYS KA 649 11.52 -36.43 166.52
CA LYS KA 649 12.55 -35.77 167.29
C LYS KA 649 12.15 -34.35 167.66
N ALA KA 650 11.55 -33.62 166.71
CA ALA KA 650 11.11 -32.26 166.98
C ALA KA 650 10.00 -32.24 168.04
N GLN KA 651 9.05 -33.18 167.92
CA GLN KA 651 7.96 -33.24 168.90
C GLN KA 651 8.49 -33.57 170.29
N ALA KA 652 9.41 -34.52 170.38
CA ALA KA 652 9.97 -34.88 171.68
C ALA KA 652 10.84 -33.76 172.24
N ASP KA 653 11.50 -33.01 171.36
CA ASP KA 653 12.24 -31.83 171.80
C ASP KA 653 11.29 -30.78 172.36
N ALA KA 654 10.12 -30.63 171.76
CA ALA KA 654 9.10 -29.75 172.32
C ALA KA 654 8.67 -30.22 173.70
N VAL KA 655 8.44 -31.53 173.85
CA VAL KA 655 8.07 -32.06 175.15
C VAL KA 655 9.15 -31.81 176.19
N ALA KA 656 10.42 -32.03 175.80
CA ALA KA 656 11.54 -31.80 176.71
C ALA KA 656 11.64 -30.33 177.10
N ALA KA 657 11.43 -29.42 176.14
CA ALA KA 657 11.47 -28.01 176.44
C ALA KA 657 10.36 -27.61 177.41
N GLN KA 658 9.16 -28.16 177.20
CA GLN KA 658 8.05 -27.87 178.12
C GLN KA 658 8.34 -28.39 179.52
N ALA KA 659 8.89 -29.59 179.63
CA ALA KA 659 9.21 -30.14 180.95
C ALA KA 659 10.33 -29.34 181.62
N ASN KA 660 11.33 -28.91 180.84
CA ASN KA 660 12.38 -28.06 181.39
C ASN KA 660 11.80 -26.73 181.86
N ALA KA 661 10.83 -26.19 181.13
CA ALA KA 661 10.14 -24.98 181.56
C ALA KA 661 9.43 -25.20 182.89
N ASP KA 662 8.75 -26.33 183.03
CA ASP KA 662 8.07 -26.65 184.29
C ASP KA 662 9.07 -26.78 185.43
N LEU KA 663 10.21 -27.44 185.17
CA LEU KA 663 11.23 -27.58 186.21
C LEU KA 663 11.81 -26.24 186.61
N ARG KA 664 12.08 -25.37 185.64
CA ARG KA 664 12.60 -24.03 185.95
C ARG KA 664 11.60 -23.23 186.75
N ALA KA 665 10.31 -23.31 186.38
CA ALA KA 665 9.28 -22.59 187.12
C ALA KA 665 9.18 -23.09 188.55
N ALA KA 666 9.24 -24.42 188.74
CA ALA KA 666 9.19 -24.98 190.10
C ALA KA 666 10.40 -24.54 190.91
N GLN KA 667 11.59 -24.55 190.30
CA GLN KA 667 12.78 -24.11 191.00
C GLN KA 667 12.70 -22.63 191.40
N ALA KA 668 12.19 -21.80 190.49
CA ALA KA 668 12.02 -20.39 190.80
C ALA KA 668 11.03 -20.18 191.93
N GLU KA 669 9.91 -20.91 191.90
CA GLU KA 669 8.91 -20.78 192.96
C GLU KA 669 9.48 -21.22 194.30
N GLN KA 670 10.25 -22.31 194.32
CA GLN KA 670 10.86 -22.76 195.56
C GLN KA 670 11.89 -21.74 196.08
N VAL KA 671 12.69 -21.19 195.17
CA VAL KA 671 13.72 -20.23 195.58
C VAL KA 671 13.09 -18.95 196.12
N ARG KA 672 12.02 -18.48 195.49
CA ARG KA 672 11.37 -17.25 195.94
C ARG KA 672 10.79 -17.41 197.34
N ARG KA 673 10.18 -18.55 197.63
CA ARG KA 673 9.60 -18.80 198.95
C ARG KA 673 10.69 -19.14 199.96
N VAL LA 4 -85.66 47.55 -71.14
CA VAL LA 4 -84.81 48.59 -71.67
C VAL LA 4 -83.53 47.96 -72.22
N GLN LA 5 -83.60 47.47 -73.45
CA GLN LA 5 -82.45 46.81 -74.06
C GLN LA 5 -81.39 47.82 -74.46
N PHE LA 6 -80.21 47.32 -74.77
CA PHE LA 6 -79.10 48.19 -75.11
C PHE LA 6 -78.48 47.77 -76.43
N ALA LA 7 -77.83 48.72 -77.10
CA ALA LA 7 -77.24 48.50 -78.41
C ALA LA 7 -75.73 48.61 -78.32
N ASN LA 8 -75.03 47.85 -79.16
CA ASN LA 8 -73.58 47.89 -79.24
C ASN LA 8 -73.16 48.00 -80.69
N ASN LA 9 -72.04 48.70 -80.92
CA ASN LA 9 -71.35 48.83 -82.22
C ASN LA 9 -72.32 48.81 -83.40
N ALA LA 10 -73.33 49.68 -83.34
CA ALA LA 10 -74.36 49.75 -84.36
C ALA LA 10 -74.53 51.20 -84.80
N ALA LA 11 -73.91 51.56 -85.92
CA ALA LA 11 -74.05 52.88 -86.52
C ALA LA 11 -74.68 52.71 -87.88
N SER LA 12 -75.84 53.32 -88.09
CA SER LA 12 -76.64 53.10 -89.28
C SER LA 12 -76.82 54.40 -90.04
N ARG LA 13 -76.53 54.38 -91.34
CA ARG LA 13 -76.90 55.49 -92.21
C ARG LA 13 -78.41 55.51 -92.42
N LEU LA 14 -79.01 56.68 -92.26
CA LEU LA 14 -80.46 56.83 -92.36
C LEU LA 14 -80.81 57.07 -93.82
N VAL LA 15 -81.13 55.99 -94.54
CA VAL LA 15 -81.38 56.11 -95.98
C VAL LA 15 -82.66 56.90 -96.24
N GLY LA 16 -83.68 56.71 -95.40
CA GLY LA 16 -84.94 57.40 -95.58
C GLY LA 16 -84.98 58.74 -94.90
N PRO LA 17 -85.43 59.77 -95.62
CA PRO LA 17 -85.52 61.11 -95.02
C PRO LA 17 -86.51 61.13 -93.87
N LEU LA 18 -86.22 61.94 -92.87
CA LEU LA 18 -87.00 62.02 -91.65
C LEU LA 18 -87.70 63.38 -91.57
N ALA LA 19 -89.02 63.37 -91.72
CA ALA LA 19 -89.80 64.57 -91.49
C ALA LA 19 -89.80 64.91 -90.00
N PRO LA 20 -89.93 66.19 -89.65
CA PRO LA 20 -89.84 66.56 -88.21
C PRO LA 20 -90.85 65.85 -87.35
N SER LA 21 -92.00 65.48 -87.92
CA SER LA 21 -92.95 64.59 -87.28
C SER LA 21 -92.87 63.26 -88.01
N GLY LA 22 -91.93 62.41 -87.58
CA GLY LA 22 -91.69 61.14 -88.24
C GLY LA 22 -92.03 59.95 -87.38
N THR LA 23 -92.75 58.97 -87.96
CA THR LA 23 -93.18 57.82 -87.18
C THR LA 23 -92.18 56.69 -87.23
N SER LA 24 -91.41 56.57 -88.33
CA SER LA 24 -90.50 55.45 -88.50
C SER LA 24 -89.26 55.91 -89.27
N LEU LA 25 -88.20 55.10 -89.14
CA LEU LA 25 -86.96 55.31 -89.85
C LEU LA 25 -86.55 54.03 -90.55
N THR LA 26 -85.76 54.18 -91.61
CA THR LA 26 -85.22 53.05 -92.36
C THR LA 26 -83.70 53.10 -92.29
N VAL LA 27 -83.11 52.11 -91.63
CA VAL LA 27 -81.66 51.98 -91.56
C VAL LA 27 -81.17 51.28 -92.82
N THR LA 28 -79.85 51.29 -93.04
CA THR LA 28 -79.29 50.58 -94.17
C THR LA 28 -79.53 49.08 -94.02
N PRO LA 29 -79.68 48.36 -95.14
CA PRO LA 29 -79.98 46.92 -95.05
C PRO LA 29 -78.92 46.13 -94.28
N GLY LA 30 -77.64 46.50 -94.43
CA GLY LA 30 -76.59 45.79 -93.71
C GLY LA 30 -76.64 46.03 -92.21
N ASP LA 31 -76.94 47.26 -91.80
CA ASP LA 31 -76.87 47.63 -90.40
C ASP LA 31 -78.14 47.29 -89.62
N GLY LA 32 -79.16 46.74 -90.28
CA GLY LA 32 -80.38 46.38 -89.55
C GLY LA 32 -80.14 45.30 -88.51
N ALA LA 33 -79.31 44.31 -88.84
CA ALA LA 33 -79.04 43.23 -87.90
C ALA LA 33 -78.13 43.69 -86.76
N LEU LA 34 -77.32 44.71 -87.00
CA LEU LA 34 -76.43 45.22 -85.96
C LEU LA 34 -77.21 45.76 -84.77
N PHE LA 35 -78.32 46.44 -85.03
CA PHE LA 35 -79.15 46.91 -83.94
C PHE LA 35 -79.82 45.73 -83.25
N PRO LA 36 -80.16 45.86 -81.96
CA PRO LA 36 -80.73 44.70 -81.24
C PRO LA 36 -82.05 44.25 -81.85
N THR LA 37 -82.48 43.05 -81.45
CA THR LA 37 -83.68 42.44 -82.02
C THR LA 37 -84.94 43.11 -81.51
N LEU LA 38 -84.97 43.46 -80.23
CA LEU LA 38 -86.12 44.07 -79.56
C LEU LA 38 -87.32 43.14 -79.50
N GLY LA 39 -88.41 43.64 -78.92
CA GLY LA 39 -89.67 42.93 -78.80
C GLY LA 39 -90.73 43.89 -78.35
N ALA LA 40 -91.91 43.34 -78.07
CA ALA LA 40 -93.01 44.16 -77.58
C ALA LA 40 -92.72 44.65 -76.17
N GLY LA 41 -92.79 45.96 -75.98
CA GLY LA 41 -92.55 46.56 -74.69
C GLY LA 41 -91.09 46.72 -74.30
N ASP LA 42 -90.17 46.48 -75.23
CA ASP LA 42 -88.74 46.56 -74.97
C ASP LA 42 -88.13 47.58 -75.93
N TRP LA 43 -87.20 48.39 -75.42
CA TRP LA 43 -86.71 49.56 -76.14
C TRP LA 43 -85.25 49.84 -75.87
N PHE LA 44 -84.63 50.54 -76.82
CA PHE LA 44 -83.29 51.10 -76.69
C PHE LA 44 -83.30 52.49 -77.30
N MET LA 45 -82.60 53.43 -76.66
CA MET LA 45 -82.51 54.78 -77.20
C MET LA 45 -81.27 54.94 -78.07
N ALA LA 46 -81.39 55.78 -79.09
CA ALA LA 46 -80.29 56.06 -80.00
C ALA LA 46 -80.19 57.57 -80.22
N THR LA 47 -79.08 58.00 -80.79
CA THR LA 47 -78.86 59.41 -81.10
C THR LA 47 -78.76 59.57 -82.61
N LEU LA 48 -79.62 60.41 -83.17
CA LEU LA 48 -79.57 60.72 -84.60
C LEU LA 48 -78.57 61.84 -84.82
N ILE LA 49 -77.32 61.46 -85.10
CA ILE LA 49 -76.25 62.42 -85.30
C ILE LA 49 -76.27 62.85 -86.77
N ARG LA 50 -77.00 63.93 -87.04
CA ARG LA 50 -77.02 64.52 -88.37
C ARG LA 50 -75.67 65.18 -88.65
N SER LA 51 -75.40 65.43 -89.94
CA SER LA 51 -74.24 66.24 -90.31
C SER LA 51 -74.25 67.53 -89.51
N ASP LA 52 -73.05 67.99 -89.14
CA ASP LA 52 -72.83 69.10 -88.22
C ASP LA 52 -73.20 68.67 -86.80
N GLY LA 53 -73.43 69.64 -85.92
CA GLY LA 53 -73.55 69.33 -84.51
C GLY LA 53 -74.93 68.84 -84.09
N ALA LA 54 -75.85 68.73 -85.04
CA ALA LA 54 -77.22 68.38 -84.71
C ALA LA 54 -77.31 66.96 -84.16
N ARG LA 55 -77.75 66.83 -82.91
CA ARG LA 55 -78.04 65.53 -82.31
C ARG LA 55 -79.38 65.64 -81.57
N GLU LA 56 -80.20 64.61 -81.71
CA GLU LA 56 -81.55 64.59 -81.15
C GLU LA 56 -81.85 63.22 -80.54
N ILE LA 57 -82.78 63.20 -79.61
CA ILE LA 57 -83.08 62.00 -78.82
C ILE LA 57 -84.29 61.29 -79.42
N VAL LA 58 -84.23 59.96 -79.49
CA VAL LA 58 -85.32 59.18 -80.06
C VAL LA 58 -85.61 57.96 -79.20
N LYS LA 59 -86.74 57.31 -79.53
CA LYS LA 59 -87.30 56.20 -78.78
C LYS LA 59 -87.71 55.10 -79.75
N VAL LA 60 -87.04 53.95 -79.67
CA VAL LA 60 -87.23 52.86 -80.62
C VAL LA 60 -88.25 51.90 -80.02
N THR LA 61 -89.51 52.02 -80.47
CA THR LA 61 -90.56 51.13 -79.97
C THR LA 61 -90.35 49.70 -80.46
N SER LA 62 -90.12 49.53 -81.76
CA SER LA 62 -89.92 48.20 -82.33
C SER LA 62 -89.26 48.35 -83.70
N ARG LA 63 -88.43 47.36 -84.05
CA ARG LA 63 -87.73 47.36 -85.32
C ARG LA 63 -88.06 46.08 -86.06
N THR LA 64 -88.38 46.20 -87.34
CA THR LA 64 -88.73 45.06 -88.19
C THR LA 64 -87.81 45.03 -89.40
N VAL LA 65 -87.04 43.94 -89.50
CA VAL LA 65 -86.09 43.75 -90.59
C VAL LA 65 -85.17 44.96 -90.63
N ASP LA 66 -85.31 45.81 -91.64
CA ASP LA 66 -84.52 47.03 -91.78
C ASP LA 66 -85.34 48.29 -91.51
N ALA LA 67 -86.60 48.15 -91.12
CA ALA LA 67 -87.48 49.27 -90.84
C ALA LA 67 -87.65 49.39 -89.33
N MET LA 68 -87.42 50.60 -88.80
CA MET LA 68 -87.38 50.84 -87.37
C MET LA 68 -88.36 51.94 -87.01
N SER LA 69 -89.31 51.62 -86.13
CA SER LA 69 -90.32 52.58 -85.71
C SER LA 69 -89.80 53.44 -84.57
N ILE LA 70 -90.23 54.71 -84.56
CA ILE LA 70 -89.66 55.70 -83.65
C ILE LA 70 -90.76 56.56 -83.05
N THR LA 71 -90.43 57.19 -81.92
CA THR LA 71 -91.16 58.33 -81.37
C THR LA 71 -90.12 59.37 -80.94
N ARG LA 72 -90.47 60.64 -81.06
CA ARG LA 72 -89.50 61.71 -80.96
C ARG LA 72 -89.53 62.40 -79.59
N ALA LA 73 -88.46 63.16 -79.32
CA ALA LA 73 -88.41 64.10 -78.19
C ALA LA 73 -88.58 63.41 -76.84
N GLN LA 74 -87.60 62.58 -76.46
CA GLN LA 74 -87.72 61.86 -75.20
C GLN LA 74 -86.95 62.55 -74.08
N GLU LA 75 -85.70 62.90 -74.31
CA GLU LA 75 -84.94 63.70 -73.33
C GLU LA 75 -85.04 65.20 -73.61
N GLY LA 76 -86.10 65.66 -74.24
CA GLY LA 76 -86.32 67.08 -74.44
C GLY LA 76 -85.79 67.63 -75.74
N SER LA 77 -85.19 66.82 -76.60
CA SER LA 77 -84.65 67.31 -77.86
C SER LA 77 -85.77 67.78 -78.77
N SER LA 78 -85.56 68.94 -79.38
CA SER LA 78 -86.56 69.49 -80.29
C SER LA 78 -86.61 68.68 -81.58
N ALA LA 79 -87.82 68.53 -82.12
CA ALA LA 79 -87.99 67.76 -83.35
C ALA LA 79 -87.51 68.55 -84.56
N LEU LA 80 -86.60 67.95 -85.33
CA LEU LA 80 -86.01 68.58 -86.50
C LEU LA 80 -86.09 67.61 -87.68
N SER LA 81 -86.22 68.17 -88.88
CA SER LA 81 -86.23 67.35 -90.09
C SER LA 81 -84.81 66.94 -90.47
N PHE LA 82 -84.69 65.79 -91.13
CA PHE LA 82 -83.39 65.17 -91.38
C PHE LA 82 -83.17 64.96 -92.87
N ASN LA 83 -81.92 65.11 -93.30
CA ASN LA 83 -81.50 64.74 -94.64
C ASN LA 83 -81.31 63.23 -94.73
N PRO LA 84 -81.20 62.67 -95.93
CA PRO LA 84 -81.08 61.20 -96.05
C PRO LA 84 -79.69 60.66 -95.76
N ASN LA 85 -78.81 61.43 -95.13
CA ASN LA 85 -77.51 60.95 -94.66
C ASN LA 85 -77.35 61.34 -93.20
N ASP LA 86 -77.35 60.33 -92.32
CA ASP LA 86 -77.40 60.57 -90.88
C ASP LA 86 -76.64 59.46 -90.18
N ARG LA 87 -76.51 59.61 -88.85
CA ARG LA 87 -75.89 58.60 -88.01
C ARG LA 87 -76.82 58.26 -86.86
N ILE LA 88 -77.11 56.97 -86.70
CA ILE LA 88 -77.92 56.47 -85.60
C ILE LA 88 -77.09 55.46 -84.83
N GLU LA 89 -76.60 55.87 -83.66
CA GLU LA 89 -75.65 55.06 -82.90
C GLU LA 89 -75.57 55.62 -81.48
N ALA LA 90 -74.66 55.02 -80.70
CA ALA LA 90 -74.32 55.44 -79.34
C ALA LA 90 -75.44 55.10 -78.36
N ARG LA 91 -75.18 55.33 -77.08
CA ARG LA 91 -76.13 55.09 -76.00
C ARG LA 91 -76.17 56.34 -75.13
N LEU LA 92 -77.33 56.59 -74.52
CA LEU LA 92 -77.63 57.90 -73.94
C LEU LA 92 -77.39 57.87 -72.44
N THR LA 93 -76.51 58.75 -71.96
CA THR LA 93 -76.11 58.75 -70.56
C THR LA 93 -77.28 59.14 -69.65
N ALA LA 94 -78.04 60.15 -70.05
CA ALA LA 94 -79.03 60.74 -69.13
C ALA LA 94 -80.10 59.73 -68.74
N GLY LA 95 -80.90 59.29 -69.70
CA GLY LA 95 -82.08 58.49 -69.37
C GLY LA 95 -81.73 57.16 -68.73
N GLU LA 96 -80.82 56.42 -69.35
CA GLU LA 96 -80.49 55.07 -68.88
C GLU LA 96 -79.87 55.10 -67.48
N LEU LA 97 -78.89 55.96 -67.26
CA LEU LA 97 -78.20 55.97 -65.98
C LEU LA 97 -79.06 56.60 -64.89
N GLY LA 98 -79.88 57.60 -65.25
CA GLY LA 98 -80.84 58.12 -64.29
C GLY LA 98 -81.85 57.08 -63.85
N ASP LA 99 -82.38 56.31 -64.81
CA ASP LA 99 -83.29 55.23 -64.48
C ASP LA 99 -82.60 54.17 -63.62
N PHE LA 100 -81.33 53.89 -63.91
CA PHE LA 100 -80.58 52.94 -63.09
C PHE LA 100 -80.46 53.41 -61.64
N ARG LA 101 -80.03 54.65 -61.44
CA ARG LA 101 -79.92 55.19 -60.10
C ARG LA 101 -81.25 55.21 -59.38
N ASP LA 102 -82.32 55.65 -60.04
CA ASP LA 102 -83.64 55.67 -59.45
C ASP LA 102 -84.14 54.28 -59.09
N GLY LA 103 -83.92 53.30 -59.97
CA GLY LA 103 -84.33 51.95 -59.67
C GLY LA 103 -83.60 51.34 -58.49
N ILE LA 104 -82.29 51.58 -58.41
CA ILE LA 104 -81.52 51.07 -57.27
C ILE LA 104 -81.99 51.74 -55.99
N ALA LA 105 -82.20 53.06 -56.01
CA ALA LA 105 -82.67 53.75 -54.83
C ALA LA 105 -84.04 53.22 -54.39
N SER LA 106 -84.92 52.98 -55.36
CA SER LA 106 -86.20 52.35 -55.06
C SER LA 106 -85.99 50.95 -54.47
N ALA LA 107 -84.94 50.26 -54.91
CA ALA LA 107 -84.66 48.93 -54.39
C ALA LA 107 -84.31 48.98 -52.90
N GLN LA 108 -83.39 49.87 -52.52
CA GLN LA 108 -83.08 49.97 -51.08
C GLN LA 108 -84.27 50.47 -50.29
N SER LA 109 -85.05 51.41 -50.85
CA SER LA 109 -86.22 51.89 -50.11
C SER LA 109 -87.23 50.76 -49.89
N ALA LA 110 -87.48 49.96 -50.91
CA ALA LA 110 -88.43 48.86 -50.77
C ALA LA 110 -87.90 47.78 -49.85
N ALA LA 111 -86.59 47.53 -49.87
CA ALA LA 111 -86.01 46.57 -48.94
C ALA LA 111 -86.14 47.05 -47.49
N SER LA 112 -85.91 48.34 -47.26
CA SER LA 112 -86.10 48.90 -45.93
C SER LA 112 -87.56 48.81 -45.49
N ALA LA 113 -88.49 49.08 -46.41
CA ALA LA 113 -89.91 48.95 -46.09
C ALA LA 113 -90.26 47.51 -45.75
N ALA LA 114 -89.71 46.55 -46.50
CA ALA LA 114 -89.95 45.15 -46.20
C ALA LA 114 -89.40 44.77 -44.84
N GLN LA 115 -88.21 45.28 -44.49
CA GLN LA 115 -87.65 45.03 -43.18
C GLN LA 115 -88.54 45.60 -42.09
N GLY LA 116 -89.06 46.81 -42.30
CA GLY LA 116 -89.95 47.42 -41.32
C GLY LA 116 -91.24 46.62 -41.13
N THR LA 117 -91.82 46.16 -42.23
CA THR LA 117 -93.03 45.35 -42.12
C THR LA 117 -92.76 44.01 -41.46
N ALA LA 118 -91.58 43.42 -41.73
CA ALA LA 118 -91.22 42.17 -41.08
C ALA LA 118 -91.04 42.36 -39.58
N ASP LA 119 -90.42 43.47 -39.17
CA ASP LA 119 -90.24 43.76 -37.75
C ASP LA 119 -91.58 44.16 -37.11
N LYS MA 2 -47.43 -25.40 8.73
CA LYS MA 2 -46.84 -26.73 8.68
C LYS MA 2 -46.10 -27.02 7.36
N PRO MA 3 -46.71 -26.76 6.19
CA PRO MA 3 -45.97 -26.95 4.94
C PRO MA 3 -44.87 -25.92 4.79
N LEU MA 4 -43.91 -26.24 3.92
CA LEU MA 4 -42.76 -25.38 3.70
C LEU MA 4 -43.07 -24.19 2.81
N ASP MA 5 -44.27 -24.16 2.23
CA ASP MA 5 -44.69 -23.03 1.41
C ASP MA 5 -44.84 -21.75 2.22
N VAL MA 6 -44.86 -21.84 3.56
CA VAL MA 6 -44.82 -20.62 4.36
C VAL MA 6 -43.40 -20.08 4.46
N PHE MA 7 -42.42 -20.99 4.52
CA PHE MA 7 -41.02 -20.56 4.50
C PHE MA 7 -40.63 -19.98 3.16
N MET MA 8 -41.12 -20.58 2.07
CA MET MA 8 -40.52 -20.33 0.75
C MET MA 8 -40.58 -18.86 0.33
N PRO MA 9 -41.63 -18.08 0.62
CA PRO MA 9 -41.65 -16.68 0.14
C PRO MA 9 -40.44 -15.86 0.55
N ILE MA 10 -39.91 -16.04 1.76
CA ILE MA 10 -38.71 -15.31 2.15
C ILE MA 10 -37.54 -15.69 1.25
N ILE MA 11 -37.44 -16.98 0.91
CA ILE MA 11 -36.42 -17.44 -0.03
C ILE MA 11 -36.61 -16.77 -1.38
N HIS MA 12 -37.85 -16.72 -1.87
CA HIS MA 12 -38.13 -15.96 -3.08
C HIS MA 12 -37.59 -14.54 -2.98
N ARG MA 13 -37.86 -13.87 -1.85
CA ARG MA 13 -37.48 -12.47 -1.71
C ARG MA 13 -35.97 -12.30 -1.75
N PHE MA 14 -35.23 -13.17 -1.07
CA PHE MA 14 -33.78 -12.98 -1.03
C PHE MA 14 -33.03 -13.83 -2.06
N ALA MA 15 -33.58 -14.97 -2.44
CA ALA MA 15 -33.00 -15.77 -3.52
C ALA MA 15 -34.04 -15.94 -4.62
N PRO MA 16 -34.06 -15.08 -5.63
CA PRO MA 16 -35.19 -15.05 -6.56
C PRO MA 16 -35.26 -16.31 -7.41
N GLY MA 17 -36.47 -16.86 -7.51
CA GLY MA 17 -36.72 -17.97 -8.43
C GLY MA 17 -35.99 -19.24 -8.08
N CYS MA 18 -35.81 -19.52 -6.80
CA CYS MA 18 -35.20 -20.78 -6.41
C CYS MA 18 -36.22 -21.91 -6.59
N PRO MA 19 -35.82 -23.02 -7.21
CA PRO MA 19 -36.74 -24.15 -7.37
C PRO MA 19 -37.20 -24.66 -6.01
N GLU MA 20 -38.46 -25.07 -5.94
CA GLU MA 20 -39.06 -25.47 -4.67
C GLU MA 20 -38.35 -26.64 -4.00
N PRO MA 21 -37.98 -27.73 -4.70
CA PRO MA 21 -37.25 -28.79 -3.98
C PRO MA 21 -35.94 -28.33 -3.38
N THR MA 22 -35.20 -27.46 -4.07
CA THR MA 22 -33.90 -27.01 -3.53
C THR MA 22 -34.10 -26.14 -2.30
N ALA MA 23 -35.00 -25.17 -2.38
CA ALA MA 23 -35.28 -24.33 -1.22
C ALA MA 23 -35.83 -25.15 -0.07
N PHE MA 24 -36.64 -26.17 -0.38
CA PHE MA 24 -37.17 -27.04 0.66
C PHE MA 24 -36.06 -27.85 1.33
N ALA MA 25 -35.10 -28.35 0.54
CA ALA MA 25 -33.98 -29.06 1.14
C ALA MA 25 -33.15 -28.15 2.01
N ALA MA 26 -32.92 -26.91 1.57
CA ALA MA 26 -32.22 -25.95 2.40
C ALA MA 26 -32.97 -25.65 3.69
N ILE MA 27 -34.30 -25.53 3.60
CA ILE MA 27 -35.12 -25.32 4.79
C ILE MA 27 -34.98 -26.48 5.75
N ARG MA 28 -35.03 -27.71 5.23
CA ARG MA 28 -34.89 -28.88 6.09
C ARG MA 28 -33.54 -28.92 6.77
N GLU MA 29 -32.47 -28.61 6.04
CA GLU MA 29 -31.14 -28.64 6.64
C GLU MA 29 -30.99 -27.55 7.71
N ALA MA 30 -31.47 -26.34 7.42
CA ALA MA 30 -31.39 -25.26 8.39
C ALA MA 30 -32.21 -25.58 9.63
N ALA MA 31 -33.39 -26.18 9.44
CA ALA MA 31 -34.23 -26.53 10.58
C ALA MA 31 -33.62 -27.67 11.38
N ILE MA 32 -32.92 -28.59 10.71
CA ILE MA 32 -32.19 -29.63 11.42
C ILE MA 32 -31.15 -29.01 12.32
N LYS MA 33 -30.38 -28.06 11.80
CA LYS MA 33 -29.39 -27.37 12.63
C LYS MA 33 -30.06 -26.61 13.77
N PHE MA 34 -31.20 -25.97 13.48
CA PHE MA 34 -31.92 -25.21 14.49
C PHE MA 34 -32.36 -26.10 15.64
N CYS MA 35 -32.91 -27.28 15.32
CA CYS MA 35 -33.35 -28.20 16.37
C CYS MA 35 -32.18 -28.85 17.07
N GLU MA 36 -31.06 -29.02 16.36
CA GLU MA 36 -29.85 -29.53 17.00
C GLU MA 36 -29.35 -28.57 18.06
N ARG MA 37 -29.46 -27.26 17.81
CA ARG MA 37 -28.99 -26.28 18.79
C ARG MA 37 -30.06 -25.94 19.81
N THR MA 38 -31.22 -25.43 19.36
CA THR MA 38 -32.26 -25.00 20.28
C THR MA 38 -32.85 -26.14 21.10
N ARG MA 39 -33.04 -27.31 20.50
CA ARG MA 39 -33.59 -28.48 21.18
C ARG MA 39 -34.98 -28.23 21.72
N LEU MA 40 -35.77 -27.38 21.06
CA LEU MA 40 -37.10 -27.04 21.56
C LEU MA 40 -38.10 -28.15 21.28
N TRP MA 41 -38.00 -28.82 20.14
CA TRP MA 41 -38.99 -29.81 19.77
C TRP MA 41 -38.96 -30.99 20.72
N ARG MA 42 -40.13 -31.36 21.25
CA ARG MA 42 -40.24 -32.43 22.23
C ARG MA 42 -41.48 -33.25 21.93
N CYS MA 43 -41.38 -34.55 22.14
CA CYS MA 43 -42.54 -35.44 22.05
C CYS MA 43 -42.35 -36.59 23.03
N ASP MA 44 -43.46 -37.21 23.43
CA ASP MA 44 -43.46 -38.29 24.41
C ASP MA 44 -43.83 -39.60 23.73
N ASP MA 45 -43.00 -40.61 23.92
CA ASP MA 45 -43.17 -41.89 23.24
C ASP MA 45 -43.19 -43.01 24.26
N GLU MA 46 -44.07 -43.99 24.04
CA GLU MA 46 -44.24 -45.12 24.94
C GLU MA 46 -44.17 -46.41 24.12
N PHE MA 47 -43.45 -47.40 24.64
CA PHE MA 47 -43.33 -48.69 23.99
C PHE MA 47 -42.89 -49.72 25.01
N ASN MA 48 -43.02 -50.99 24.63
CA ASN MA 48 -42.73 -52.11 25.51
C ASN MA 48 -41.47 -52.84 25.06
N VAL MA 49 -40.68 -53.32 26.01
CA VAL MA 49 -39.46 -54.07 25.74
C VAL MA 49 -39.58 -55.41 26.45
N GLY MA 50 -38.68 -56.34 26.10
CA GLY MA 50 -38.67 -57.62 26.78
C GLY MA 50 -37.60 -58.55 26.28
N ALA MA 51 -37.01 -59.28 27.22
CA ALA MA 51 -36.11 -60.40 26.92
C ALA MA 51 -34.92 -59.98 26.06
N ASP MA 52 -34.09 -59.10 26.61
CA ASP MA 52 -32.81 -58.72 26.01
C ASP MA 52 -32.98 -58.24 24.57
N GLU MA 53 -34.03 -57.46 24.32
CA GLU MA 53 -34.30 -56.93 23.01
C GLU MA 53 -33.92 -55.45 22.95
N CYS MA 54 -33.04 -55.10 22.01
CA CYS MA 54 -32.59 -53.73 21.83
C CYS MA 54 -33.64 -52.97 21.06
N ALA MA 55 -34.67 -52.50 21.75
CA ALA MA 55 -35.78 -51.82 21.10
C ALA MA 55 -35.34 -50.49 20.52
N GLU MA 56 -35.93 -50.15 19.38
CA GLU MA 56 -35.69 -48.87 18.71
C GLU MA 56 -36.83 -47.92 19.05
N VAL MA 57 -36.50 -46.64 19.24
CA VAL MA 57 -37.53 -45.66 19.56
C VAL MA 57 -38.35 -45.37 18.31
N ALA MA 58 -39.68 -45.45 18.46
CA ALA MA 58 -40.60 -45.11 17.40
C ALA MA 58 -40.88 -43.61 17.43
N VAL MA 59 -40.66 -42.95 16.29
CA VAL MA 59 -40.75 -41.50 16.21
C VAL MA 59 -41.70 -41.13 15.09
N PRO MA 60 -42.27 -39.92 15.10
CA PRO MA 60 -43.09 -39.49 13.96
C PRO MA 60 -42.31 -39.59 12.66
N TYR MA 61 -43.06 -39.78 11.56
CA TYR MA 61 -42.43 -40.07 10.28
C TYR MA 61 -41.50 -38.94 9.84
N GLY MA 62 -41.91 -37.69 10.04
CA GLY MA 62 -41.09 -36.56 9.65
C GLY MA 62 -40.23 -36.05 10.77
N ALA MA 63 -39.56 -36.96 11.48
CA ALA MA 63 -38.71 -36.57 12.61
C ALA MA 63 -37.75 -37.70 12.92
N ALA MA 64 -36.70 -37.37 13.66
CA ALA MA 64 -35.73 -38.36 14.12
C ALA MA 64 -35.36 -38.02 15.57
N LEU MA 65 -35.04 -39.07 16.33
CA LEU MA 65 -34.73 -38.92 17.75
C LEU MA 65 -33.34 -38.30 17.89
N TYR MA 66 -33.30 -36.98 18.06
CA TYR MA 66 -32.01 -36.32 18.26
C TYR MA 66 -31.40 -36.67 19.62
N GLU MA 67 -32.18 -36.56 20.69
CA GLU MA 67 -31.60 -36.60 22.02
C GLU MA 67 -32.71 -36.88 23.02
N MET MA 68 -32.43 -37.77 23.97
CA MET MA 68 -33.40 -38.21 24.95
C MET MA 68 -33.25 -37.37 26.21
N GLU MA 69 -34.30 -36.62 26.55
CA GLU MA 69 -34.27 -35.82 27.76
C GLU MA 69 -34.19 -36.71 29.00
N LEU MA 70 -34.99 -37.78 29.03
CA LEU MA 70 -34.96 -38.76 30.09
C LEU MA 70 -35.71 -40.01 29.64
N VAL MA 71 -35.50 -41.10 30.37
CA VAL MA 71 -36.14 -42.38 30.09
C VAL MA 71 -36.81 -42.86 31.37
N GLN MA 72 -38.01 -43.43 31.24
CA GLN MA 72 -38.74 -43.98 32.37
C GLN MA 72 -39.12 -45.42 32.06
N PHE MA 73 -38.97 -46.30 33.05
CA PHE MA 73 -39.20 -47.73 32.89
C PHE MA 73 -40.12 -48.18 34.02
N ASN MA 74 -41.39 -48.42 33.68
CA ASN MA 74 -42.40 -48.77 34.69
C ASN MA 74 -42.45 -47.74 35.80
N GLY MA 75 -42.38 -46.46 35.42
CA GLY MA 75 -42.50 -45.38 36.38
C GLY MA 75 -41.23 -45.02 37.12
N ARG MA 76 -40.09 -45.57 36.74
CA ARG MA 76 -38.82 -45.30 37.40
C ARG MA 76 -38.01 -44.30 36.60
N ASN MA 77 -37.59 -43.21 37.26
CA ASN MA 77 -36.71 -42.24 36.63
C ASN MA 77 -35.34 -42.88 36.46
N MET MA 78 -34.86 -42.92 35.22
CA MET MA 78 -33.66 -43.70 34.92
C MET MA 78 -32.44 -42.80 34.78
N ARG MA 79 -31.27 -43.35 35.10
CA ARG MA 79 -30.01 -42.63 34.98
C ARG MA 79 -29.29 -43.06 33.72
N PRO MA 80 -29.09 -42.17 32.75
CA PRO MA 80 -28.30 -42.55 31.56
C PRO MA 80 -26.81 -42.48 31.85
N VAL MA 81 -26.09 -43.52 31.41
CA VAL MA 81 -24.65 -43.61 31.62
C VAL MA 81 -23.99 -44.08 30.32
N SER MA 82 -22.70 -43.77 30.19
CA SER MA 82 -21.95 -44.19 29.01
C SER MA 82 -21.63 -45.68 29.08
N THR MA 83 -21.26 -46.24 27.92
CA THR MA 83 -20.94 -47.65 27.86
C THR MA 83 -19.64 -47.97 28.58
N GLN MA 84 -18.62 -47.12 28.46
CA GLN MA 84 -17.36 -47.39 29.17
C GLN MA 84 -17.55 -47.28 30.67
N TRP MA 85 -18.48 -46.43 31.11
CA TRP MA 85 -18.76 -46.33 32.53
C TRP MA 85 -19.25 -47.66 33.08
N LEU MA 86 -20.19 -48.31 32.39
CA LEU MA 86 -20.61 -49.64 32.81
C LEU MA 86 -19.48 -50.64 32.68
N ASP MA 87 -18.67 -50.50 31.63
CA ASP MA 87 -17.57 -51.44 31.42
C ASP MA 87 -16.62 -51.45 32.61
N GLU MA 88 -16.41 -50.29 33.24
CA GLU MA 88 -15.45 -50.26 34.33
C GLU MA 88 -16.10 -50.38 35.71
N GLN MA 89 -17.37 -49.97 35.85
CA GLN MA 89 -18.06 -50.17 37.13
C GLN MA 89 -18.82 -51.49 37.18
N VAL MA 90 -19.54 -51.83 36.12
CA VAL MA 90 -20.41 -53.01 36.12
C VAL MA 90 -19.85 -54.02 35.12
N PRO MA 91 -18.93 -54.88 35.53
CA PRO MA 91 -18.40 -55.88 34.60
C PRO MA 91 -19.46 -56.91 34.23
N ASP MA 92 -19.17 -57.64 33.15
CA ASP MA 92 -20.09 -58.64 32.60
C ASP MA 92 -21.42 -58.00 32.17
N TRP MA 93 -21.36 -56.74 31.76
CA TRP MA 93 -22.53 -56.06 31.22
C TRP MA 93 -23.08 -56.79 30.00
N ARG MA 94 -22.22 -57.10 29.04
CA ARG MA 94 -22.68 -57.69 27.79
C ARG MA 94 -22.99 -59.18 27.95
N THR MA 95 -22.18 -59.88 28.75
CA THR MA 95 -22.31 -61.34 28.83
C THR MA 95 -23.52 -61.75 29.64
N THR MA 96 -23.76 -61.10 30.78
CA THR MA 96 -24.78 -61.55 31.72
C THR MA 96 -26.17 -61.47 31.11
N THR MA 97 -26.98 -62.50 31.38
CA THR MA 97 -28.37 -62.56 30.92
C THR MA 97 -29.36 -62.54 32.08
N GLN MA 98 -28.90 -62.38 33.31
CA GLN MA 98 -29.79 -62.38 34.46
C GLN MA 98 -30.75 -61.18 34.39
N SER MA 99 -32.01 -61.43 34.71
CA SER MA 99 -33.00 -60.37 34.68
C SER MA 99 -33.05 -59.62 36.02
N GLY MA 100 -33.39 -58.34 35.94
CA GLY MA 100 -33.49 -57.52 37.12
C GLY MA 100 -34.19 -56.21 36.82
N GLN MA 101 -34.45 -55.45 37.89
CA GLN MA 101 -35.10 -54.15 37.73
C GLN MA 101 -34.14 -53.14 37.12
N ALA MA 102 -34.55 -52.54 36.02
CA ALA MA 102 -33.67 -51.69 35.22
C ALA MA 102 -33.22 -50.46 36.00
N GLN MA 103 -31.94 -50.13 35.87
CA GLN MA 103 -31.37 -49.00 36.60
C GLN MA 103 -30.58 -48.04 35.73
N TYR MA 104 -29.95 -48.51 34.65
CA TYR MA 104 -29.06 -47.71 33.82
C TYR MA 104 -29.41 -47.90 32.35
N VAL MA 105 -29.25 -46.84 31.56
CA VAL MA 105 -29.51 -46.88 30.12
C VAL MA 105 -28.21 -46.68 29.35
N THR MA 106 -28.01 -47.48 28.30
CA THR MA 106 -26.90 -47.32 27.37
C THR MA 106 -27.45 -47.29 25.96
N GLN MA 107 -26.85 -46.46 25.11
CA GLN MA 107 -27.25 -46.37 23.70
C GLN MA 107 -26.09 -46.90 22.85
N GLN MA 108 -26.09 -48.21 22.64
CA GLN MA 108 -25.01 -48.82 21.86
C GLN MA 108 -25.13 -48.49 20.38
N SER MA 109 -26.35 -48.55 19.84
CA SER MA 109 -26.61 -48.21 18.45
C SER MA 109 -27.10 -46.78 18.34
N GLU MA 110 -27.59 -46.43 17.15
CA GLU MA 110 -28.03 -45.06 16.90
C GLU MA 110 -29.30 -44.72 17.68
N ASP MA 111 -30.26 -45.64 17.74
CA ASP MA 111 -31.56 -45.37 18.34
C ASP MA 111 -31.98 -46.42 19.37
N THR MA 112 -31.14 -47.41 19.64
CA THR MA 112 -31.52 -48.51 20.51
C THR MA 112 -31.05 -48.25 21.93
N LEU MA 113 -31.91 -48.56 22.89
CA LEU MA 113 -31.66 -48.33 24.31
C LEU MA 113 -31.45 -49.66 25.00
N THR MA 114 -30.41 -49.76 25.82
CA THR MA 114 -30.07 -50.97 26.53
C THR MA 114 -30.01 -50.68 28.03
N PHE MA 115 -30.67 -51.52 28.82
CA PHE MA 115 -30.69 -51.39 30.27
C PHE MA 115 -29.84 -52.50 30.87
N VAL MA 116 -28.94 -52.14 31.79
CA VAL MA 116 -28.05 -53.16 32.39
C VAL MA 116 -28.80 -54.30 33.06
N PRO MA 117 -29.92 -54.08 33.79
CA PRO MA 117 -30.77 -55.22 34.13
C PRO MA 117 -31.84 -55.43 33.08
N ALA MA 118 -31.87 -56.59 32.43
CA ALA MA 118 -32.90 -56.84 31.44
C ALA MA 118 -34.23 -57.16 32.11
N GLU MA 119 -35.29 -56.47 31.69
CA GLU MA 119 -36.63 -56.72 32.22
C GLU MA 119 -37.66 -56.32 31.17
N ALA MA 120 -38.74 -57.09 31.13
CA ALA MA 120 -39.85 -56.84 30.22
C ALA MA 120 -40.83 -55.89 30.91
N GLY MA 121 -40.87 -54.66 30.44
CA GLY MA 121 -41.78 -53.66 31.01
C GLY MA 121 -41.95 -52.49 30.09
N SER MA 122 -42.90 -51.63 30.45
CA SER MA 122 -43.17 -50.45 29.64
C SER MA 122 -42.03 -49.45 29.77
N VAL MA 123 -41.60 -48.89 28.63
CA VAL MA 123 -40.55 -47.90 28.57
C VAL MA 123 -41.13 -46.64 27.96
N ARG MA 124 -41.01 -45.53 28.68
CA ARG MA 124 -41.42 -44.23 28.17
C ARG MA 124 -40.19 -43.37 27.95
N VAL MA 125 -39.97 -42.96 26.71
CA VAL MA 125 -38.81 -42.17 26.34
C VAL MA 125 -39.27 -40.76 26.02
N TYR MA 126 -38.82 -39.81 26.82
CA TYR MA 126 -39.10 -38.39 26.60
C TYR MA 126 -37.87 -37.77 25.97
N GLY MA 127 -37.91 -37.58 24.66
CA GLY MA 127 -36.73 -37.18 23.92
C GLY MA 127 -37.02 -36.03 22.97
N LEU MA 128 -35.99 -35.23 22.75
CA LEU MA 128 -36.04 -34.15 21.77
C LEU MA 128 -36.05 -34.75 20.37
N LEU MA 129 -36.76 -34.10 19.46
CA LEU MA 129 -36.88 -34.58 18.09
C LEU MA 129 -36.15 -33.65 17.14
N LYS MA 130 -35.83 -34.20 15.97
CA LYS MA 130 -35.11 -33.52 14.91
C LYS MA 130 -35.76 -33.86 13.57
N PRO MA 131 -36.04 -32.87 12.73
CA PRO MA 131 -36.62 -33.16 11.41
C PRO MA 131 -35.72 -34.06 10.59
N THR MA 132 -36.33 -34.96 9.83
CA THR MA 132 -35.58 -35.83 8.95
C THR MA 132 -35.14 -35.06 7.70
N LEU MA 133 -34.16 -35.64 6.99
CA LEU MA 133 -33.60 -34.96 5.83
C LEU MA 133 -34.63 -34.80 4.72
N ASP MA 134 -35.68 -35.61 4.74
CA ASP MA 134 -36.78 -35.53 3.77
C ASP MA 134 -38.11 -35.47 4.53
N ALA MA 135 -38.50 -34.28 4.94
CA ALA MA 135 -39.75 -34.05 5.66
C ALA MA 135 -40.59 -33.06 4.89
N ASP MA 136 -41.83 -33.46 4.59
CA ASP MA 136 -42.73 -32.58 3.85
C ASP MA 136 -43.20 -31.41 4.70
N SER MA 137 -43.52 -31.67 5.97
CA SER MA 137 -44.09 -30.68 6.86
C SER MA 137 -43.22 -30.53 8.09
N LEU MA 138 -42.80 -29.30 8.38
CA LEU MA 138 -42.08 -29.04 9.61
C LEU MA 138 -43.05 -28.79 10.75
N PRO MA 139 -42.66 -29.13 11.98
CA PRO MA 139 -43.54 -28.90 13.13
C PRO MA 139 -43.80 -27.43 13.37
N ASP MA 140 -44.70 -27.19 14.33
CA ASP MA 140 -45.34 -25.88 14.44
C ASP MA 140 -44.39 -24.80 14.93
N LEU MA 141 -43.53 -25.11 15.90
CA LEU MA 141 -42.66 -24.06 16.45
C LEU MA 141 -41.61 -23.64 15.45
N LEU MA 142 -41.20 -24.57 14.58
CA LEU MA 142 -40.30 -24.21 13.48
C LEU MA 142 -40.98 -23.26 12.51
N ALA MA 143 -42.25 -23.48 12.21
CA ALA MA 143 -42.89 -22.80 11.07
C ALA MA 143 -43.57 -21.50 11.50
N ASP MA 144 -44.46 -21.60 12.49
CA ASP MA 144 -45.33 -20.47 12.81
C ASP MA 144 -44.56 -19.33 13.46
N THR MA 145 -43.72 -19.62 14.45
CA THR MA 145 -43.14 -18.58 15.29
C THR MA 145 -41.66 -18.34 15.05
N TYR MA 146 -40.95 -19.31 14.49
CA TYR MA 146 -39.50 -19.19 14.31
C TYR MA 146 -39.11 -19.32 12.85
N ARG MA 147 -39.97 -18.80 11.96
CA ARG MA 147 -39.75 -18.96 10.54
C ARG MA 147 -38.52 -18.18 10.08
N LYS MA 148 -38.27 -17.01 10.67
CA LYS MA 148 -37.16 -16.17 10.22
C LYS MA 148 -35.81 -16.83 10.44
N THR MA 149 -35.63 -17.53 11.55
CA THR MA 149 -34.32 -18.13 11.81
C THR MA 149 -34.00 -19.24 10.81
N ILE MA 150 -34.96 -20.14 10.58
CA ILE MA 150 -34.76 -21.21 9.61
C ILE MA 150 -34.62 -20.63 8.21
N ALA MA 151 -35.41 -19.58 7.91
CA ALA MA 151 -35.27 -18.92 6.62
C ALA MA 151 -33.90 -18.31 6.46
N ASP MA 152 -33.33 -17.77 7.54
CA ASP MA 152 -31.99 -17.21 7.49
C ASP MA 152 -30.97 -18.29 7.17
N GLY MA 153 -31.05 -19.42 7.86
CA GLY MA 153 -30.12 -20.51 7.60
C GLY MA 153 -30.24 -21.04 6.17
N ALA MA 154 -31.47 -21.25 5.72
CA ALA MA 154 -31.67 -21.77 4.37
C ALA MA 154 -31.24 -20.76 3.31
N LEU MA 155 -31.44 -19.47 3.59
CA LEU MA 155 -30.98 -18.45 2.65
C LEU MA 155 -29.47 -18.42 2.58
N SER MA 156 -28.80 -18.57 3.72
CA SER MA 156 -27.36 -18.76 3.68
C SER MA 156 -26.99 -19.93 2.77
N GLU MA 157 -27.62 -21.09 3.00
CA GLU MA 157 -27.29 -22.28 2.22
C GLU MA 157 -27.51 -22.06 0.73
N LEU MA 158 -28.60 -21.38 0.37
CA LEU MA 158 -28.92 -21.20 -1.05
C LEU MA 158 -28.03 -20.15 -1.70
N LEU MA 159 -27.69 -19.09 -0.98
CA LEU MA 159 -26.78 -18.09 -1.53
C LEU MA 159 -25.38 -18.65 -1.67
N ILE MA 160 -25.06 -19.71 -0.93
CA ILE MA 160 -23.78 -20.40 -1.13
C ILE MA 160 -23.68 -21.00 -2.52
N ILE MA 161 -24.81 -21.34 -3.14
CA ILE MA 161 -24.83 -22.04 -4.43
C ILE MA 161 -24.08 -21.24 -5.50
N PRO MA 162 -23.12 -21.85 -6.19
CA PRO MA 162 -22.32 -21.11 -7.16
C PRO MA 162 -22.94 -21.10 -8.55
N GLY MA 163 -22.47 -20.16 -9.37
CA GLY MA 163 -22.85 -20.11 -10.77
C GLY MA 163 -24.32 -19.86 -11.02
N LYS MA 164 -24.96 -19.04 -10.19
CA LYS MA 164 -26.37 -18.70 -10.37
C LYS MA 164 -26.58 -17.23 -10.08
N ALA MA 165 -27.71 -16.70 -10.54
CA ALA MA 165 -28.04 -15.31 -10.29
C ALA MA 165 -28.23 -15.06 -8.80
N TRP MA 166 -28.41 -16.12 -8.02
CA TRP MA 166 -28.58 -16.00 -6.58
C TRP MA 166 -27.28 -15.62 -5.90
N MET MA 167 -26.15 -16.06 -6.46
CA MET MA 167 -24.88 -16.06 -5.76
C MET MA 167 -24.48 -14.66 -5.31
N SER MA 168 -24.28 -14.51 -4.01
CA SER MA 168 -23.78 -13.28 -3.42
C SER MA 168 -23.15 -13.62 -2.09
N ALA MA 169 -21.82 -13.59 -2.03
CA ALA MA 169 -21.11 -13.99 -0.82
C ALA MA 169 -21.42 -13.05 0.33
N ASP MA 170 -21.60 -11.75 0.04
CA ASP MA 170 -21.91 -10.79 1.09
C ASP MA 170 -23.18 -11.17 1.83
N LEU MA 171 -24.26 -11.43 1.09
CA LEU MA 171 -25.52 -11.81 1.72
C LEU MA 171 -25.40 -13.17 2.39
N ALA MA 172 -24.64 -14.08 1.80
CA ALA MA 172 -24.46 -15.38 2.43
C ALA MA 172 -23.84 -15.24 3.81
N VAL MA 173 -22.78 -14.44 3.92
CA VAL MA 173 -22.13 -14.24 5.21
C VAL MA 173 -23.06 -13.51 6.18
N PHE MA 174 -23.74 -12.47 5.68
CA PHE MA 174 -24.63 -11.70 6.54
C PHE MA 174 -25.75 -12.57 7.11
N PHE MA 175 -26.38 -13.38 6.26
CA PHE MA 175 -27.46 -14.24 6.70
C PHE MA 175 -26.94 -15.35 7.61
N GLY MA 176 -25.75 -15.88 7.33
CA GLY MA 176 -25.18 -16.86 8.23
C GLY MA 176 -24.92 -16.29 9.62
N THR MA 177 -24.39 -15.07 9.68
CA THR MA 177 -24.17 -14.44 10.98
C THR MA 177 -25.48 -14.21 11.72
N ARG MA 178 -26.51 -13.72 11.01
CA ARG MA 178 -27.79 -13.52 11.68
C ARG MA 178 -28.40 -14.84 12.15
N PHE MA 179 -28.29 -15.88 11.34
CA PHE MA 179 -28.77 -17.20 11.75
C PHE MA 179 -28.05 -17.66 13.00
N ASP MA 180 -26.72 -17.54 13.03
CA ASP MA 180 -25.96 -17.98 14.19
C ASP MA 180 -26.38 -17.18 15.42
N ARG MA 181 -26.54 -15.87 15.28
CA ARG MA 181 -26.87 -15.04 16.43
C ARG MA 181 -28.26 -15.35 16.97
N GLU MA 182 -29.25 -15.50 16.09
CA GLU MA 182 -30.60 -15.78 16.56
C GLU MA 182 -30.70 -17.17 17.17
N LEU MA 183 -30.08 -18.17 16.53
CA LEU MA 183 -30.02 -19.51 17.09
C LEU MA 183 -29.33 -19.50 18.45
N ASP MA 184 -28.25 -18.74 18.57
CA ASP MA 184 -27.44 -18.75 19.76
C ASP MA 184 -28.12 -18.01 20.90
N ARG MA 185 -28.91 -16.98 20.57
CA ARG MA 185 -29.84 -16.41 21.53
C ARG MA 185 -30.86 -17.44 22.01
N LEU MA 186 -31.45 -18.19 21.09
CA LEU MA 186 -32.51 -19.14 21.44
C LEU MA 186 -31.98 -20.40 22.10
N SER MA 187 -30.66 -20.58 22.16
CA SER MA 187 -30.09 -21.80 22.72
C SER MA 187 -30.60 -22.10 24.13
N THR MA 188 -30.85 -21.07 24.93
CA THR MA 188 -31.21 -21.26 26.33
C THR MA 188 -32.69 -21.56 26.53
N LYS MA 189 -33.47 -21.72 25.45
CA LYS MA 189 -34.91 -21.81 25.59
C LYS MA 189 -35.35 -23.14 26.18
N THR MA 190 -34.48 -24.15 26.16
CA THR MA 190 -34.83 -25.43 26.78
C THR MA 190 -35.02 -25.26 28.29
N ILE MA 191 -34.02 -24.69 28.96
CA ILE MA 191 -34.15 -24.44 30.39
C ILE MA 191 -35.13 -23.32 30.65
N LYS MA 192 -35.01 -22.22 29.91
CA LYS MA 192 -35.83 -21.06 30.20
C LYS MA 192 -37.28 -21.27 29.77
N GLY MA 193 -37.49 -21.47 28.47
CA GLY MA 193 -38.83 -21.59 27.96
C GLY MA 193 -39.56 -20.25 27.99
N GLN MA 194 -40.85 -20.30 27.69
CA GLN MA 194 -41.67 -19.10 27.75
C GLN MA 194 -42.17 -18.82 29.16
N GLN MA 195 -41.89 -19.70 30.11
CA GLN MA 195 -42.30 -19.53 31.51
C GLN MA 195 -41.27 -18.76 32.32
N ARG MA 196 -40.17 -18.32 31.70
CA ARG MA 196 -39.08 -17.61 32.37
C ARG MA 196 -38.47 -18.44 33.49
N ALA MA 197 -38.31 -19.74 33.25
CA ALA MA 197 -37.71 -20.59 34.27
C ALA MA 197 -36.23 -20.26 34.43
N PRO MA 198 -35.77 -20.04 35.66
CA PRO MA 198 -34.37 -19.64 35.86
C PRO MA 198 -33.39 -20.78 35.59
N VAL MA 199 -32.16 -20.40 35.31
CA VAL MA 199 -31.06 -21.34 35.07
C VAL MA 199 -30.14 -21.28 36.28
N ARG MA 200 -30.03 -22.40 37.01
CA ARG MA 200 -29.28 -22.43 38.26
C ARG MA 200 -28.37 -23.65 38.28
N THR MA 201 -27.08 -23.40 38.51
CA THR MA 201 -26.09 -24.47 38.51
C THR MA 201 -26.33 -25.45 39.65
N ARG MA 202 -26.25 -26.74 39.33
CA ARG MA 202 -26.34 -27.76 40.36
C ARG MA 202 -25.15 -27.69 41.30
N ALA MA 203 -25.40 -27.82 42.60
CA ALA MA 203 -24.38 -27.70 43.62
C ALA MA 203 -24.07 -29.07 44.22
N GLN MA 204 -22.79 -29.42 44.28
CA GLN MA 204 -22.33 -30.61 44.99
C GLN MA 204 -21.55 -30.19 46.22
N PHE MA 205 -21.83 -30.85 47.34
CA PHE MA 205 -21.17 -30.55 48.60
C PHE MA 205 -20.29 -31.71 49.06
N ALA NA 2 -53.21 -1.61 -34.54
CA ALA NA 2 -54.38 -2.32 -35.01
C ALA NA 2 -54.83 -1.79 -36.36
N PHE NA 3 -53.89 -1.31 -37.16
CA PHE NA 3 -54.21 -0.73 -38.44
C PHE NA 3 -54.51 -1.83 -39.45
N PRO NA 4 -55.40 -1.60 -40.41
CA PRO NA 4 -55.61 -2.58 -41.47
C PRO NA 4 -54.45 -2.59 -42.46
N ALA NA 5 -54.37 -3.67 -43.24
CA ALA NA 5 -53.37 -3.74 -44.29
C ALA NA 5 -53.62 -2.73 -45.41
N SER NA 6 -54.83 -2.19 -45.49
CA SER NA 6 -55.16 -1.26 -46.56
C SER NA 6 -54.26 -0.04 -46.53
N VAL NA 7 -53.97 0.48 -45.34
CA VAL NA 7 -53.12 1.67 -45.26
C VAL NA 7 -51.73 1.35 -45.77
N VAL NA 8 -51.15 0.22 -45.35
CA VAL NA 8 -49.79 -0.11 -45.77
C VAL NA 8 -49.73 -0.30 -47.28
N LEU NA 9 -50.74 -0.97 -47.85
CA LEU NA 9 -50.75 -1.13 -49.30
C LEU NA 9 -50.86 0.24 -49.99
N SER NA 10 -51.66 1.16 -49.43
CA SER NA 10 -51.76 2.49 -50.01
C SER NA 10 -50.43 3.22 -49.98
N ARG NA 11 -49.74 3.20 -48.84
CA ARG NA 11 -48.41 3.83 -48.77
C ARG NA 11 -47.48 3.23 -49.80
N ALA NA 12 -47.33 1.90 -49.79
CA ALA NA 12 -46.39 1.26 -50.71
C ALA NA 12 -46.77 1.51 -52.17
N ALA NA 13 -48.06 1.77 -52.43
CA ALA NA 13 -48.48 2.09 -53.78
C ALA NA 13 -48.23 3.56 -54.11
N THR NA 14 -48.04 4.39 -53.09
CA THR NA 14 -47.71 5.79 -53.34
C THR NA 14 -46.22 6.08 -53.32
N LEU NA 15 -45.40 5.24 -52.69
CA LEU NA 15 -43.95 5.41 -52.78
C LEU NA 15 -43.48 4.96 -54.15
N LEU NA 16 -43.63 3.67 -54.42
CA LEU NA 16 -43.51 3.15 -55.77
C LEU NA 16 -44.71 3.62 -56.59
N GLN NA 17 -44.43 4.35 -57.66
CA GLN NA 17 -45.50 5.03 -58.39
C GLN NA 17 -46.31 4.00 -59.18
N ASP NA 18 -46.90 3.08 -58.42
CA ASP NA 18 -47.77 2.03 -58.94
C ASP NA 18 -49.04 2.03 -58.08
N GLU NA 19 -49.97 2.93 -58.42
CA GLU NA 19 -51.21 3.02 -57.66
C GLU NA 19 -52.17 1.89 -58.01
N ASP NA 20 -52.11 1.40 -59.26
CA ASP NA 20 -53.00 0.33 -59.67
C ASP NA 20 -52.50 -1.02 -59.16
N HIS NA 21 -51.29 -1.05 -58.60
CA HIS NA 21 -50.61 -2.26 -58.15
C HIS NA 21 -50.33 -3.23 -59.29
N GLU NA 22 -50.11 -2.71 -60.50
CA GLU NA 22 -49.95 -3.53 -61.68
C GLU NA 22 -48.59 -4.22 -61.76
N ARG NA 23 -47.50 -3.53 -61.38
CA ARG NA 23 -46.23 -4.23 -61.23
C ARG NA 23 -46.25 -5.12 -60.00
N TRP NA 24 -46.40 -4.53 -58.82
CA TRP NA 24 -46.46 -5.25 -57.56
C TRP NA 24 -47.93 -5.45 -57.20
N THR NA 25 -48.42 -6.67 -57.41
CA THR NA 25 -49.82 -6.97 -57.15
C THR NA 25 -50.14 -6.81 -55.67
N VAL NA 26 -51.43 -6.66 -55.38
CA VAL NA 26 -51.86 -6.48 -53.99
C VAL NA 26 -51.48 -7.69 -53.15
N ASP NA 27 -51.58 -8.89 -53.72
CA ASP NA 27 -51.17 -10.08 -53.00
C ASP NA 27 -49.67 -10.05 -52.71
N GLU NA 28 -48.89 -9.57 -53.66
CA GLU NA 28 -47.45 -9.53 -53.48
C GLU NA 28 -47.08 -8.57 -52.36
N LEU NA 29 -47.64 -7.37 -52.40
CA LEU NA 29 -47.37 -6.40 -51.35
C LEU NA 29 -47.89 -6.87 -50.00
N LEU NA 30 -49.01 -7.59 -49.99
CA LEU NA 30 -49.52 -8.18 -48.75
C LEU NA 30 -48.54 -9.21 -48.20
N GLU NA 31 -47.96 -10.01 -49.09
CA GLU NA 31 -46.95 -10.97 -48.70
C GLU NA 31 -45.75 -10.26 -48.07
N TRP NA 32 -45.33 -9.15 -48.68
CA TRP NA 32 -44.22 -8.41 -48.07
C TRP NA 32 -44.62 -7.80 -46.74
N LEU NA 33 -45.87 -7.38 -46.61
CA LEU NA 33 -46.35 -6.86 -45.34
C LEU NA 33 -46.26 -7.91 -44.24
N THR NA 34 -46.70 -9.14 -44.53
CA THR NA 34 -46.67 -10.16 -43.50
C THR NA 34 -45.25 -10.60 -43.19
N ASP NA 35 -44.38 -10.69 -44.21
CA ASP NA 35 -42.98 -10.99 -43.94
C ASP NA 35 -42.33 -9.91 -43.09
N GLY NA 36 -42.63 -8.65 -43.38
CA GLY NA 36 -42.09 -7.56 -42.58
C GLY NA 36 -42.61 -7.57 -41.15
N THR NA 37 -43.88 -7.94 -40.96
CA THR NA 37 -44.40 -8.04 -39.61
C THR NA 37 -43.67 -9.12 -38.82
N ARG NA 38 -43.45 -10.29 -39.43
CA ARG NA 38 -42.68 -11.32 -38.74
C ARG NA 38 -41.26 -10.83 -38.43
N GLU NA 39 -40.62 -10.18 -39.41
CA GLU NA 39 -39.26 -9.72 -39.21
C GLU NA 39 -39.17 -8.66 -38.11
N ILE NA 40 -40.14 -7.75 -38.05
CA ILE NA 40 -40.10 -6.69 -37.06
C ILE NA 40 -40.41 -7.24 -35.67
N VAL NA 41 -41.29 -8.24 -35.59
CA VAL NA 41 -41.50 -8.90 -34.30
C VAL NA 41 -40.22 -9.57 -33.83
N VAL NA 42 -39.50 -10.23 -34.75
CA VAL NA 42 -38.23 -10.86 -34.39
C VAL NA 42 -37.22 -9.81 -33.93
N ARG NA 43 -37.10 -8.72 -34.68
CA ARG NA 43 -36.13 -7.68 -34.35
C ARG NA 43 -36.43 -7.05 -33.00
N LYS NA 44 -37.69 -6.67 -32.78
CA LYS NA 44 -38.12 -6.04 -31.54
C LYS NA 44 -39.35 -6.79 -31.01
N PRO NA 45 -39.17 -7.73 -30.07
CA PRO NA 45 -40.34 -8.47 -29.55
C PRO NA 45 -41.36 -7.58 -28.87
N SER NA 46 -40.96 -6.39 -28.41
CA SER NA 46 -41.90 -5.48 -27.77
C SER NA 46 -42.89 -4.85 -28.75
N ALA NA 47 -42.63 -4.96 -30.05
CA ALA NA 47 -43.47 -4.29 -31.04
C ALA NA 47 -44.89 -4.82 -31.02
N TYR NA 48 -45.04 -6.14 -30.92
CA TYR NA 48 -46.34 -6.82 -30.99
C TYR NA 48 -46.31 -7.97 -29.99
N MET NA 49 -47.00 -7.78 -28.86
CA MET NA 49 -46.94 -8.71 -27.74
C MET NA 49 -48.36 -9.12 -27.40
N LYS NA 50 -48.59 -10.43 -27.26
CA LYS NA 50 -49.93 -10.95 -26.97
C LYS NA 50 -49.87 -11.92 -25.80
N THR NA 51 -50.79 -11.75 -24.86
CA THR NA 51 -50.96 -12.70 -23.75
C THR NA 51 -52.06 -13.68 -24.12
N THR NA 52 -51.73 -14.96 -24.13
CA THR NA 52 -52.61 -16.02 -24.63
C THR NA 52 -52.95 -17.00 -23.51
N THR NA 53 -54.22 -17.33 -23.38
CA THR NA 53 -54.64 -18.37 -22.45
C THR NA 53 -54.46 -19.74 -23.10
N ALA NA 54 -53.55 -20.54 -22.56
CA ALA NA 54 -53.21 -21.84 -23.13
C ALA NA 54 -53.32 -22.92 -22.07
N ALA NA 55 -54.05 -23.98 -22.37
CA ALA NA 55 -54.10 -25.14 -21.49
C ALA NA 55 -52.85 -25.99 -21.65
N LEU NA 56 -52.47 -26.66 -20.57
CA LEU NA 56 -51.24 -27.43 -20.53
C LEU NA 56 -51.55 -28.92 -20.45
N VAL NA 57 -51.01 -29.70 -21.39
CA VAL NA 57 -51.23 -31.14 -21.38
C VAL NA 57 -50.52 -31.73 -20.17
N ALA NA 58 -51.04 -32.86 -19.69
CA ALA NA 58 -50.48 -33.49 -18.49
C ALA NA 58 -49.02 -33.86 -18.69
N GLY NA 59 -48.24 -33.68 -17.63
CA GLY NA 59 -46.82 -33.96 -17.68
C GLY NA 59 -45.97 -32.72 -17.52
N SER NA 60 -44.73 -32.88 -17.07
CA SER NA 60 -43.85 -31.73 -16.91
C SER NA 60 -43.54 -31.09 -18.26
N LYS NA 61 -43.31 -31.90 -19.28
CA LYS NA 61 -43.01 -31.37 -20.61
C LYS NA 61 -44.23 -30.66 -21.16
N GLN NA 62 -44.01 -29.47 -21.72
CA GLN NA 62 -45.09 -28.67 -22.27
C GLN NA 62 -44.60 -27.94 -23.51
N ALA NA 63 -45.51 -27.74 -24.45
CA ALA NA 63 -45.21 -27.07 -25.70
C ALA NA 63 -46.07 -25.81 -25.81
N LEU NA 64 -45.41 -24.67 -25.98
CA LEU NA 64 -46.11 -23.43 -26.21
C LEU NA 64 -46.71 -23.41 -27.62
N PRO NA 65 -47.70 -22.54 -27.86
CA PRO NA 65 -48.38 -22.55 -29.16
C PRO NA 65 -47.41 -22.42 -30.31
N GLU NA 66 -47.67 -23.17 -31.38
CA GLU NA 66 -46.72 -23.26 -32.50
C GLU NA 66 -46.50 -21.90 -33.16
N ASP NA 67 -47.51 -21.04 -33.14
CA ASP NA 67 -47.40 -19.72 -33.73
C ASP NA 67 -46.98 -18.67 -32.69
N ALA NA 68 -45.86 -18.95 -32.03
CA ALA NA 68 -45.28 -18.03 -31.07
C ALA NA 68 -43.79 -17.91 -31.33
N ILE NA 69 -43.28 -16.68 -31.31
CA ILE NA 69 -41.86 -16.45 -31.59
C ILE NA 69 -41.01 -17.02 -30.48
N GLN NA 70 -41.26 -16.56 -29.24
CA GLN NA 70 -40.50 -16.97 -28.07
C GLN NA 70 -41.26 -16.51 -26.84
N LEU NA 71 -41.25 -17.35 -25.80
CA LEU NA 71 -41.97 -17.06 -24.55
C LEU NA 71 -41.11 -16.13 -23.71
N ILE NA 72 -41.74 -15.08 -23.17
CA ILE NA 72 -40.99 -14.12 -22.37
C ILE NA 72 -41.30 -14.32 -20.88
N ASP NA 73 -42.57 -14.40 -20.53
CA ASP NA 73 -42.96 -14.45 -19.12
C ASP NA 73 -44.20 -15.31 -18.98
N VAL NA 74 -44.40 -15.82 -17.78
CA VAL NA 74 -45.64 -16.52 -17.40
C VAL NA 74 -46.12 -15.88 -16.11
N PRO NA 75 -46.82 -14.75 -16.17
CA PRO NA 75 -47.12 -14.01 -14.93
C PRO NA 75 -48.12 -14.70 -14.03
N ARG NA 76 -49.21 -15.22 -14.59
CA ARG NA 76 -50.37 -15.63 -13.82
C ARG NA 76 -50.86 -17.00 -14.26
N ASN NA 77 -51.16 -17.86 -13.31
CA ASN NA 77 -51.72 -19.19 -13.56
C ASN NA 77 -53.23 -19.09 -13.42
N LEU NA 78 -53.93 -19.12 -14.55
CA LEU NA 78 -55.35 -18.85 -14.53
C LEU NA 78 -56.12 -20.01 -13.91
N LYS NA 79 -56.79 -19.75 -12.80
CA LYS NA 79 -57.59 -20.76 -12.13
C LYS NA 79 -58.84 -21.07 -12.97
N THR NA 80 -59.50 -22.17 -12.64
CA THR NA 80 -60.74 -22.55 -13.31
C THR NA 80 -61.67 -21.35 -13.46
N ASP NA 81 -62.31 -21.26 -14.62
CA ASP NA 81 -63.18 -20.16 -15.05
C ASP NA 81 -62.44 -18.84 -14.83
N GLY NA 82 -63.06 -17.82 -14.24
CA GLY NA 82 -62.51 -16.48 -14.33
C GLY NA 82 -61.45 -16.17 -13.30
N SER NA 83 -61.33 -17.03 -12.28
CA SER NA 83 -60.45 -16.70 -11.17
C SER NA 83 -59.01 -16.56 -11.64
N PRO NA 84 -58.36 -15.42 -11.37
CA PRO NA 84 -57.00 -15.20 -11.88
C PRO NA 84 -55.99 -16.23 -11.39
N GLY NA 85 -56.07 -16.66 -10.14
CA GLY NA 85 -55.19 -17.69 -9.64
C GLY NA 85 -53.80 -17.22 -9.26
N ARG NA 86 -52.98 -18.20 -8.90
CA ARG NA 86 -51.62 -17.99 -8.40
C ARG NA 86 -50.71 -17.52 -9.54
N ALA NA 87 -49.65 -16.79 -9.16
CA ALA NA 87 -48.62 -16.36 -10.10
C ALA NA 87 -47.56 -17.44 -10.26
N VAL NA 88 -46.80 -17.35 -11.35
CA VAL NA 88 -45.75 -18.32 -11.67
C VAL NA 88 -44.45 -17.56 -11.88
N THR NA 89 -43.36 -18.11 -11.35
CA THR NA 89 -42.04 -17.52 -11.47
C THR NA 89 -41.05 -18.54 -12.02
N ALA NA 90 -40.09 -18.05 -12.80
CA ALA NA 90 -39.14 -18.93 -13.46
C ALA NA 90 -38.12 -19.51 -12.47
N THR NA 91 -37.61 -20.69 -12.81
CA THR NA 91 -36.58 -21.35 -12.02
C THR NA 91 -35.55 -21.97 -12.96
N ASP NA 92 -34.63 -22.73 -12.37
CA ASP NA 92 -33.55 -23.38 -13.11
C ASP NA 92 -33.89 -24.86 -13.24
N ARG NA 93 -33.88 -25.37 -14.48
CA ARG NA 93 -34.24 -26.77 -14.71
C ARG NA 93 -33.15 -27.71 -14.23
N ARG NA 94 -31.88 -27.30 -14.34
CA ARG NA 94 -30.80 -28.20 -13.96
C ARG NA 94 -30.84 -28.54 -12.48
N LEU NA 95 -31.15 -27.57 -11.63
CA LEU NA 95 -31.29 -27.87 -10.21
C LEU NA 95 -32.50 -28.73 -9.94
N LEU NA 96 -33.59 -28.51 -10.69
CA LEU NA 96 -34.75 -29.39 -10.59
C LEU NA 96 -34.39 -30.82 -10.98
N ASP NA 97 -33.38 -30.97 -11.82
CA ASP NA 97 -32.95 -32.31 -12.22
C ASP NA 97 -32.01 -32.93 -11.18
N THR NA 98 -31.11 -32.13 -10.62
CA THR NA 98 -30.12 -32.66 -9.69
C THR NA 98 -30.77 -33.20 -8.43
N GLU NA 99 -31.61 -32.39 -7.78
CA GLU NA 99 -32.37 -32.87 -6.64
C GLU NA 99 -33.79 -33.20 -7.05
N ASN NA 100 -34.31 -34.28 -6.48
CA ASN NA 100 -35.55 -34.90 -6.93
C ASN NA 100 -35.47 -35.20 -8.43
N PRO NA 101 -34.58 -36.09 -8.84
CA PRO NA 101 -34.39 -36.32 -10.29
C PRO NA 101 -35.65 -36.78 -11.00
N ASP NA 102 -36.52 -37.50 -10.31
CA ASP NA 102 -37.79 -37.93 -10.90
C ASP NA 102 -38.89 -36.92 -10.59
N TRP NA 103 -38.60 -35.65 -10.91
CA TRP NA 103 -39.58 -34.60 -10.68
C TRP NA 103 -40.66 -34.60 -11.76
N HIS NA 104 -40.40 -35.28 -12.87
CA HIS NA 104 -41.43 -35.43 -13.89
C HIS NA 104 -42.52 -36.40 -13.42
N SER NA 105 -42.13 -37.45 -12.71
CA SER NA 105 -43.09 -38.45 -12.24
C SER NA 105 -43.80 -38.03 -10.97
N MET NA 106 -43.46 -36.88 -10.40
CA MET NA 106 -44.11 -36.41 -9.18
C MET NA 106 -45.59 -36.14 -9.46
N LYS NA 107 -46.39 -36.22 -8.40
CA LYS NA 107 -47.83 -36.11 -8.54
C LYS NA 107 -48.21 -34.78 -9.20
N PRO NA 108 -49.09 -34.80 -10.20
CA PRO NA 108 -49.50 -33.55 -10.84
C PRO NA 108 -50.26 -32.65 -9.88
N ALA NA 109 -50.20 -31.35 -10.14
CA ALA NA 109 -50.79 -30.35 -9.27
C ALA NA 109 -51.92 -29.63 -9.99
N GLY NA 110 -52.91 -29.18 -9.21
CA GLY NA 110 -54.01 -28.43 -9.79
C GLY NA 110 -53.56 -27.11 -10.41
N GLN NA 111 -52.56 -26.48 -9.81
CA GLN NA 111 -51.97 -25.25 -10.33
C GLN NA 111 -50.46 -25.39 -10.36
N ILE NA 112 -49.86 -25.11 -11.51
CA ILE NA 112 -48.41 -25.12 -11.63
C ILE NA 112 -47.83 -23.96 -10.82
N ARG NA 113 -46.65 -24.17 -10.25
CA ARG NA 113 -46.03 -23.16 -9.40
C ARG NA 113 -44.82 -22.50 -10.05
N HIS NA 114 -43.98 -23.26 -10.73
CA HIS NA 114 -42.81 -22.72 -11.39
C HIS NA 114 -42.71 -23.28 -12.80
N TYR NA 115 -42.16 -22.47 -13.70
CA TYR NA 115 -41.92 -22.87 -15.08
C TYR NA 115 -40.45 -22.63 -15.40
N THR NA 116 -39.89 -23.47 -16.27
CA THR NA 116 -38.51 -23.33 -16.71
C THR NA 116 -38.49 -23.18 -18.23
N TYR NA 117 -37.77 -22.17 -18.70
CA TYR NA 117 -37.67 -21.89 -20.13
C TYR NA 117 -36.23 -21.63 -20.51
N ASP NA 118 -35.82 -22.15 -21.66
CA ASP NA 118 -34.48 -21.93 -22.19
C ASP NA 118 -34.60 -21.30 -23.58
N SER NA 119 -33.81 -20.25 -23.82
CA SER NA 119 -33.87 -19.57 -25.11
C SER NA 119 -33.40 -20.48 -26.24
N ASN NA 120 -32.53 -21.45 -25.93
CA ASN NA 120 -32.06 -22.37 -26.95
C ASN NA 120 -33.21 -23.21 -27.50
N VAL NA 121 -34.04 -23.76 -26.62
CA VAL NA 121 -35.17 -24.59 -27.03
C VAL NA 121 -36.41 -23.70 -26.99
N PRO NA 122 -36.86 -23.18 -28.12
CA PRO NA 122 -37.94 -22.18 -28.09
C PRO NA 122 -39.31 -22.78 -27.82
N THR NA 123 -39.58 -23.94 -28.39
CA THR NA 123 -40.94 -24.49 -28.40
C THR NA 123 -41.31 -25.22 -27.13
N VAL NA 124 -40.36 -25.58 -26.27
CA VAL NA 124 -40.61 -26.43 -25.12
C VAL NA 124 -40.27 -25.67 -23.85
N PHE NA 125 -41.23 -25.63 -22.92
CA PHE NA 125 -41.01 -25.08 -21.60
C PHE NA 125 -41.59 -26.04 -20.56
N TYR NA 126 -40.85 -26.27 -19.48
CA TYR NA 126 -41.23 -27.22 -18.46
C TYR NA 126 -41.90 -26.50 -17.30
N THR NA 127 -42.85 -27.17 -16.66
CA THR NA 127 -43.61 -26.60 -15.55
C THR NA 127 -43.48 -27.47 -14.31
N TYR NA 128 -43.22 -26.84 -13.17
CA TYR NA 128 -43.15 -27.51 -11.89
C TYR NA 128 -44.22 -26.95 -10.97
N PRO NA 129 -45.12 -27.77 -10.42
CA PRO NA 129 -45.24 -29.22 -10.64
C PRO NA 129 -45.82 -29.54 -12.01
N PRO NA 130 -45.80 -30.81 -12.41
CA PRO NA 130 -46.44 -31.18 -13.69
C PRO NA 130 -47.91 -30.80 -13.70
N ALA NA 131 -48.37 -30.33 -14.86
CA ALA NA 131 -49.75 -29.90 -15.01
C ALA NA 131 -50.69 -31.09 -15.00
N ALA NA 132 -51.96 -30.82 -14.70
CA ALA NA 132 -52.97 -31.87 -14.59
C ALA NA 132 -54.25 -31.43 -15.27
N ALA NA 133 -54.77 -32.29 -16.14
CA ALA NA 133 -56.10 -32.13 -16.74
C ALA NA 133 -56.26 -30.79 -17.45
N GLY NA 134 -55.22 -30.38 -18.16
CA GLY NA 134 -55.33 -29.24 -19.05
C GLY NA 134 -55.64 -27.91 -18.38
N VAL NA 135 -54.93 -27.59 -17.30
CA VAL NA 135 -55.13 -26.30 -16.64
C VAL NA 135 -54.66 -25.18 -17.56
N GLN NA 136 -55.45 -24.13 -17.67
CA GLN NA 136 -55.12 -23.02 -18.56
C GLN NA 136 -54.25 -22.00 -17.84
N VAL NA 137 -53.25 -21.49 -18.56
CA VAL NA 137 -52.31 -20.50 -18.04
C VAL NA 137 -52.13 -19.42 -19.09
N GLU NA 138 -52.18 -18.16 -18.68
CA GLU NA 138 -51.80 -17.08 -19.58
C GLU NA 138 -50.31 -17.16 -19.89
N LEU NA 139 -49.98 -17.10 -21.17
CA LEU NA 139 -48.61 -17.15 -21.65
C LEU NA 139 -48.26 -15.82 -22.30
N VAL NA 140 -47.24 -15.17 -21.79
CA VAL NA 140 -46.72 -13.94 -22.38
C VAL NA 140 -45.60 -14.37 -23.33
N CYS NA 141 -45.97 -14.69 -24.57
CA CYS NA 141 -45.06 -15.19 -25.58
C CYS NA 141 -45.19 -14.35 -26.85
N ALA NA 142 -44.05 -14.06 -27.47
CA ALA NA 142 -44.03 -13.22 -28.65
C ALA NA 142 -44.77 -13.88 -29.80
N TRP NA 143 -45.86 -13.29 -30.24
CA TRP NA 143 -46.71 -13.89 -31.26
C TRP NA 143 -46.11 -13.64 -32.64
N ARG NA 144 -46.45 -14.51 -33.58
CA ARG NA 144 -46.15 -14.27 -35.00
C ARG NA 144 -47.45 -13.94 -35.72
N HIS NA 145 -47.43 -12.88 -36.52
CA HIS NA 145 -48.62 -12.48 -37.25
C HIS NA 145 -48.93 -13.55 -38.30
N PRO NA 146 -50.16 -14.04 -38.37
CA PRO NA 146 -50.43 -15.20 -39.25
C PRO NA 146 -50.14 -14.95 -40.71
N ALA NA 147 -50.82 -13.98 -41.32
CA ALA NA 147 -50.68 -13.66 -42.74
C ALA NA 147 -51.60 -12.49 -43.05
N LEU NA 148 -51.43 -11.91 -44.24
CA LEU NA 148 -52.29 -10.85 -44.74
C LEU NA 148 -52.85 -11.31 -46.08
N THR NA 149 -54.00 -12.00 -46.03
CA THR NA 149 -54.56 -12.56 -47.26
C THR NA 149 -55.37 -11.53 -48.03
N THR NA 150 -55.93 -10.54 -47.35
CA THR NA 150 -56.79 -9.55 -47.99
C THR NA 150 -56.34 -8.14 -47.62
N GLN NA 151 -56.69 -7.19 -48.48
CA GLN NA 151 -56.32 -5.79 -48.24
C GLN NA 151 -56.98 -5.26 -46.98
N ASN NA 152 -58.26 -5.59 -46.78
CA ASN NA 152 -58.99 -5.10 -45.61
C ASN NA 152 -58.57 -5.79 -44.32
N ASP NA 153 -57.75 -6.84 -44.40
CA ASP NA 153 -57.31 -7.55 -43.20
C ASP NA 153 -56.57 -6.60 -42.27
N VAL NA 154 -56.77 -6.80 -40.97
CA VAL NA 154 -56.24 -5.90 -39.95
C VAL NA 154 -54.88 -6.41 -39.49
N VAL NA 155 -53.92 -5.51 -39.41
CA VAL NA 155 -52.63 -5.80 -38.78
C VAL NA 155 -52.69 -5.27 -37.36
N GLN NA 156 -52.63 -6.16 -36.39
CA GLN NA 156 -52.83 -5.83 -34.98
C GLN NA 156 -51.56 -5.39 -34.28
N MET NA 157 -50.61 -4.84 -35.02
CA MET NA 157 -49.36 -4.33 -34.47
C MET NA 157 -49.49 -2.83 -34.19
N GLY NA 158 -48.46 -2.26 -33.56
CA GLY NA 158 -48.46 -0.84 -33.24
C GLY NA 158 -48.48 0.04 -34.49
N ALA NA 159 -48.90 1.29 -34.28
CA ALA NA 159 -49.23 2.15 -35.41
C ALA NA 159 -48.08 3.07 -35.82
N GLU NA 160 -46.86 2.78 -35.39
CA GLU NA 160 -45.66 3.37 -36.01
C GLU NA 160 -44.87 2.29 -36.74
N PHE NA 161 -44.97 1.05 -36.24
CA PHE NA 161 -44.48 -0.07 -37.00
C PHE NA 161 -45.20 -0.16 -38.34
N VAL NA 162 -46.30 0.59 -38.52
CA VAL NA 162 -46.88 0.69 -39.85
C VAL NA 162 -45.90 1.37 -40.81
N SER NA 163 -45.26 2.46 -40.35
CA SER NA 163 -44.24 3.10 -41.18
C SER NA 163 -43.01 2.21 -41.32
N ALA NA 164 -42.68 1.47 -40.25
CA ALA NA 164 -41.57 0.53 -40.37
C ALA NA 164 -41.84 -0.54 -41.43
N LEU NA 165 -43.06 -1.10 -41.43
CA LEU NA 165 -43.48 -2.03 -42.49
C LEU NA 165 -43.45 -1.38 -43.86
N VAL NA 166 -43.83 -0.10 -43.96
CA VAL NA 166 -43.74 0.57 -45.26
C VAL NA 166 -42.29 0.56 -45.75
N SER NA 167 -41.35 0.89 -44.86
CA SER NA 167 -39.95 0.90 -45.23
C SER NA 167 -39.46 -0.50 -45.63
N TRP NA 168 -39.86 -1.52 -44.87
CA TRP NA 168 -39.43 -2.88 -45.19
C TRP NA 168 -40.01 -3.34 -46.53
N CYS NA 169 -41.27 -2.99 -46.79
CA CYS NA 169 -41.86 -3.32 -48.08
C CYS NA 169 -41.15 -2.56 -49.20
N LEU NA 170 -40.67 -1.35 -48.92
CA LEU NA 170 -39.84 -0.65 -49.89
C LEU NA 170 -38.57 -1.44 -50.19
N TYR NA 171 -37.91 -1.95 -49.15
CA TYR NA 171 -36.79 -2.86 -49.37
C TYR NA 171 -37.17 -4.01 -50.28
N ARG NA 172 -38.24 -4.72 -49.95
CA ARG NA 172 -38.51 -5.98 -50.62
C ARG NA 172 -38.99 -5.76 -52.06
N ALA NA 173 -39.63 -4.61 -52.31
CA ALA NA 173 -40.09 -4.31 -53.66
C ALA NA 173 -38.97 -3.73 -54.52
N SER NA 174 -38.09 -2.93 -53.92
CA SER NA 174 -37.03 -2.29 -54.69
C SER NA 174 -35.83 -3.20 -54.92
N SER NA 175 -35.81 -4.39 -54.33
CA SER NA 175 -34.78 -5.36 -54.68
C SER NA 175 -35.15 -6.09 -55.96
N LYS NA 176 -36.38 -5.94 -56.43
CA LYS NA 176 -36.79 -6.54 -57.69
C LYS NA 176 -36.06 -5.90 -58.87
N ASP NA 177 -36.06 -4.57 -58.94
CA ASP NA 177 -35.31 -3.85 -59.97
C ASP NA 177 -33.89 -3.57 -59.49
N SER NA 178 -33.14 -4.66 -59.27
CA SER NA 178 -31.81 -4.55 -58.68
C SER NA 178 -30.79 -4.03 -59.67
N GLU NA 179 -31.15 -3.99 -60.96
CA GLU NA 179 -30.22 -3.49 -61.97
C GLU NA 179 -29.85 -2.03 -61.69
N PHE NA 180 -30.82 -1.22 -61.29
CA PHE NA 180 -30.55 0.18 -61.00
C PHE NA 180 -29.60 0.32 -59.82
N ALA NA 181 -28.45 0.94 -60.05
CA ALA NA 181 -27.46 1.27 -59.02
C ALA NA 181 -26.99 0.05 -58.24
N ASN NA 182 -27.11 -1.14 -58.83
CA ASN NA 182 -26.69 -2.39 -58.19
C ASN NA 182 -27.38 -2.56 -56.82
N GLY NA 183 -28.66 -2.22 -56.77
CA GLY NA 183 -29.41 -2.34 -55.54
C GLY NA 183 -29.10 -1.31 -54.49
N ALA NA 184 -28.52 -0.16 -54.87
CA ALA NA 184 -28.20 0.87 -53.90
C ALA NA 184 -29.47 1.44 -53.27
N VAL NA 185 -30.54 1.57 -54.05
CA VAL NA 185 -31.79 2.09 -53.50
C VAL NA 185 -32.36 1.11 -52.48
N ALA NA 186 -32.29 -0.20 -52.78
CA ALA NA 186 -32.76 -1.19 -51.82
C ALA NA 186 -31.90 -1.18 -50.55
N ALA NA 187 -30.59 -1.02 -50.71
CA ALA NA 187 -29.72 -0.93 -49.53
C ALA NA 187 -30.06 0.29 -48.70
N ALA NA 188 -30.32 1.42 -49.35
CA ALA NA 188 -30.70 2.63 -48.62
C ALA NA 188 -32.01 2.44 -47.88
N HIS NA 189 -32.97 1.77 -48.53
CA HIS NA 189 -34.24 1.51 -47.86
C HIS NA 189 -34.07 0.58 -46.66
N TYR NA 190 -33.20 -0.43 -46.79
CA TYR NA 190 -32.93 -1.30 -45.65
C TYR NA 190 -32.26 -0.53 -44.52
N SER NA 191 -31.35 0.38 -44.87
CA SER NA 191 -30.72 1.21 -43.84
C SER NA 191 -31.75 2.08 -43.15
N ALA NA 192 -32.69 2.62 -43.91
CA ALA NA 192 -33.77 3.42 -43.31
C ALA NA 192 -34.60 2.58 -42.36
N PHE NA 193 -34.94 1.36 -42.76
CA PHE NA 193 -35.73 0.48 -41.91
C PHE NA 193 -34.98 0.14 -40.62
N SER NA 194 -33.69 -0.20 -40.75
CA SER NA 194 -32.89 -0.55 -39.58
C SER NA 194 -32.73 0.65 -38.65
N ASP NA 195 -32.56 1.85 -39.21
CA ASP NA 195 -32.47 3.04 -38.36
C ASP NA 195 -33.80 3.32 -37.68
N ALA NA 196 -34.92 3.11 -38.39
CA ALA NA 196 -36.23 3.33 -37.79
C ALA NA 196 -36.43 2.41 -36.60
N LEU NA 197 -36.08 1.13 -36.74
CA LEU NA 197 -36.18 0.23 -35.60
C LEU NA 197 -35.14 0.51 -34.52
N GLY NA 198 -33.96 1.00 -34.89
CA GLY NA 198 -32.94 1.26 -33.90
C GLY NA 198 -33.28 2.41 -32.97
N ALA NA 199 -33.90 3.46 -33.50
CA ALA NA 199 -34.20 4.66 -32.74
C ALA NA 199 -35.56 4.59 -32.06
N GLN NA 200 -36.15 3.40 -31.96
CA GLN NA 200 -37.39 3.20 -31.21
C GLN NA 200 -37.06 3.29 -29.72
N ALA NA 201 -37.22 4.48 -29.15
CA ALA NA 201 -36.92 4.66 -27.74
C ALA NA 201 -37.95 3.99 -26.84
N THR NA 202 -39.11 3.64 -27.38
CA THR NA 202 -40.21 3.13 -26.56
C THR NA 202 -40.00 1.67 -26.21
N GLY NA 203 -39.94 0.81 -27.21
CA GLY NA 203 -39.92 -0.63 -27.01
C GLY NA 203 -38.55 -1.15 -26.61
N THR NA 204 -38.37 -2.44 -26.78
CA THR NA 204 -37.10 -3.07 -26.48
C THR NA 204 -36.00 -2.49 -27.37
N PRO NA 205 -34.88 -2.03 -26.80
CA PRO NA 205 -33.83 -1.41 -27.61
C PRO NA 205 -33.10 -2.44 -28.46
N THR NA 206 -33.21 -2.30 -29.78
CA THR NA 206 -32.50 -3.20 -30.68
C THR NA 206 -31.03 -2.81 -30.79
N THR NA 207 -30.71 -1.54 -30.55
CA THR NA 207 -29.32 -1.10 -30.64
C THR NA 207 -28.45 -1.77 -29.58
N GLN NA 208 -28.98 -1.93 -28.38
CA GLN NA 208 -28.20 -2.51 -27.29
C GLN NA 208 -28.03 -4.01 -27.49
N ALA NA 209 -27.46 -4.67 -26.48
CA ALA NA 209 -27.12 -6.07 -26.58
C ALA NA 209 -28.34 -6.92 -26.89
N ALA NA 210 -28.17 -7.86 -27.81
CA ALA NA 210 -29.27 -8.72 -28.22
C ALA NA 210 -29.75 -9.57 -27.05
N ALA NA 211 -31.06 -9.64 -26.86
CA ALA NA 211 -31.73 -10.38 -25.80
C ALA NA 211 -31.30 -9.97 -24.41
N ALA NA 212 -30.65 -8.81 -24.26
CA ALA NA 212 -30.30 -8.33 -22.93
C ALA NA 212 -31.54 -8.04 -22.10
N ALA NA 213 -32.52 -7.37 -22.70
CA ALA NA 213 -33.77 -7.11 -21.99
C ALA NA 213 -34.50 -8.42 -21.73
N ALA NA 214 -34.97 -8.58 -20.50
CA ALA NA 214 -35.64 -9.81 -20.08
C ALA NA 214 -36.93 -10.04 -20.87
N LEU OA 37 -56.25 -66.99 87.77
CA LEU OA 37 -56.51 -65.56 87.95
C LEU OA 37 -56.20 -64.78 86.67
N ASP OA 38 -55.49 -65.42 85.76
CA ASP OA 38 -55.02 -64.74 84.56
C ASP OA 38 -56.18 -64.38 83.62
N SER OA 39 -57.21 -65.23 83.57
CA SER OA 39 -58.24 -65.10 82.55
C SER OA 39 -59.14 -63.90 82.80
N GLU OA 40 -59.56 -63.68 84.05
CA GLU OA 40 -60.68 -62.77 84.32
C GLU OA 40 -60.32 -61.33 84.00
N GLU OA 41 -59.15 -60.85 84.45
CA GLU OA 41 -58.77 -59.46 84.27
C GLU OA 41 -57.35 -59.25 83.80
N MET OA 42 -56.44 -60.21 84.02
CA MET OA 42 -55.06 -60.00 83.62
C MET OA 42 -54.90 -59.94 82.11
N LYS OA 43 -55.82 -60.55 81.36
CA LYS OA 43 -55.78 -60.37 79.91
C LYS OA 43 -56.04 -58.93 79.53
N GLU OA 44 -57.04 -58.30 80.17
CA GLU OA 44 -57.29 -56.88 79.92
C GLU OA 44 -56.11 -56.03 80.36
N LEU OA 45 -55.51 -56.37 81.51
CA LEU OA 45 -54.35 -55.61 81.97
C LEU OA 45 -53.19 -55.74 80.99
N HIS OA 46 -52.97 -56.95 80.47
CA HIS OA 46 -51.89 -57.17 79.50
C HIS OA 46 -52.15 -56.40 78.22
N ARG OA 47 -53.41 -56.36 77.76
CA ARG OA 47 -53.74 -55.58 76.57
C ARG OA 47 -53.47 -54.10 76.80
N ARG OA 48 -53.87 -53.60 77.98
CA ARG OA 48 -53.62 -52.20 78.32
C ARG OA 48 -52.13 -51.89 78.35
N LEU OA 49 -51.34 -52.78 78.96
CA LEU OA 49 -49.90 -52.57 79.03
C LEU OA 49 -49.26 -52.61 77.66
N ARG OA 50 -49.72 -53.52 76.79
CA ARG OA 50 -49.18 -53.58 75.44
C ARG OA 50 -49.51 -52.31 74.66
N SER OA 51 -50.73 -51.79 74.84
CA SER OA 51 -51.09 -50.54 74.19
C SER OA 51 -50.21 -49.39 74.69
N TYR OA 52 -49.97 -49.33 76.01
CA TYR OA 52 -49.11 -48.29 76.55
C TYR OA 52 -47.69 -48.42 76.01
N LEU OA 53 -47.18 -49.64 75.91
CA LEU OA 53 -45.84 -49.86 75.38
C LEU OA 53 -45.75 -49.42 73.93
N HIS OA 54 -46.77 -49.75 73.12
CA HIS OA 54 -46.78 -49.29 71.74
C HIS OA 54 -46.80 -47.78 71.65
N GLN OA 55 -47.61 -47.13 72.49
CA GLN OA 55 -47.68 -45.68 72.47
C GLN OA 55 -46.35 -45.05 72.85
N GLU OA 56 -45.68 -45.59 73.86
CA GLU OA 56 -44.42 -45.00 74.27
C GLU OA 56 -43.30 -45.33 73.28
N LEU OA 57 -43.44 -46.43 72.54
CA LEU OA 57 -42.46 -46.74 71.51
C LEU OA 57 -42.60 -45.81 70.32
N ASP OA 58 -43.83 -45.57 69.87
CA ASP OA 58 -44.02 -44.74 68.68
C ASP OA 58 -43.86 -43.26 69.01
N ARG OA 59 -44.13 -42.88 70.26
CA ARG OA 59 -43.89 -41.49 70.67
C ARG OA 59 -42.41 -41.16 70.69
N GLN OA 60 -41.57 -42.11 71.14
CA GLN OA 60 -40.15 -41.89 71.29
C GLN OA 60 -39.34 -42.42 70.12
N ALA OA 61 -39.99 -42.78 69.01
CA ALA OA 61 -39.26 -43.35 67.89
C ALA OA 61 -38.23 -42.39 67.33
N GLU OA 62 -38.59 -41.11 67.19
CA GLU OA 62 -37.66 -40.12 66.67
C GLU OA 62 -36.45 -39.97 67.59
N ASN OA 63 -36.70 -39.80 68.89
CA ASN OA 63 -35.59 -39.63 69.82
C ASN OA 63 -34.77 -40.91 69.95
N ARG OA 64 -35.43 -42.06 69.98
CA ARG OA 64 -34.69 -43.32 70.06
C ARG OA 64 -33.77 -43.48 68.85
N PHE OA 65 -34.28 -43.16 67.66
CA PHE OA 65 -33.46 -43.20 66.45
C PHE OA 65 -32.29 -42.22 66.55
N GLN OA 66 -32.55 -41.01 67.05
CA GLN OA 66 -31.48 -40.02 67.14
C GLN OA 66 -30.38 -40.46 68.11
N MET OA 67 -30.76 -41.00 69.27
CA MET OA 67 -29.76 -41.50 70.21
C MET OA 67 -28.99 -42.68 69.62
N ALA OA 68 -29.68 -43.56 68.90
CA ALA OA 68 -28.98 -44.66 68.24
C ALA OA 68 -27.94 -44.12 67.25
N VAL OA 69 -28.33 -43.14 66.45
CA VAL OA 69 -27.40 -42.59 65.45
C VAL OA 69 -26.24 -41.87 66.12
N ASP OA 70 -26.51 -41.24 67.27
CA ASP OA 70 -25.42 -40.63 68.03
C ASP OA 70 -24.41 -41.69 68.49
N GLU OA 71 -24.92 -42.81 69.02
CA GLU OA 71 -24.01 -43.87 69.43
C GLU OA 71 -23.25 -44.45 68.24
N ASP OA 72 -23.89 -44.51 67.07
CA ASP OA 72 -23.17 -44.97 65.88
C ASP OA 72 -22.07 -44.00 65.48
N TYR OA 73 -22.33 -42.70 65.55
CA TYR OA 73 -21.30 -41.73 65.23
C TYR OA 73 -20.17 -41.73 66.25
N TYR OA 74 -20.45 -42.17 67.48
CA TYR OA 74 -19.37 -42.22 68.47
C TYR OA 74 -18.24 -43.15 68.02
N ASP OA 75 -18.59 -44.35 67.55
CA ASP OA 75 -17.57 -45.33 67.17
C ASP OA 75 -17.23 -45.25 65.69
N SER OA 76 -16.91 -44.05 65.21
CA SER OA 76 -16.31 -43.83 63.90
C SER OA 76 -17.14 -44.45 62.77
N ILE OA 77 -18.46 -44.33 62.87
CA ILE OA 77 -19.34 -44.75 61.78
C ILE OA 77 -20.22 -43.56 61.43
N GLN OA 78 -19.78 -42.75 60.47
CA GLN OA 78 -20.36 -41.43 60.25
C GLN OA 78 -20.79 -41.19 58.82
N TRP OA 79 -20.80 -42.21 57.97
CA TRP OA 79 -21.18 -42.06 56.58
C TRP OA 79 -22.54 -42.72 56.34
N THR OA 80 -23.49 -41.95 55.83
CA THR OA 80 -24.77 -42.53 55.43
C THR OA 80 -24.57 -43.39 54.19
N GLU OA 81 -25.48 -44.35 54.00
CA GLU OA 81 -25.32 -45.32 52.91
C GLU OA 81 -25.31 -44.65 51.55
N ALA OA 82 -26.21 -43.67 51.35
CA ALA OA 82 -26.30 -43.01 50.05
C ALA OA 82 -25.02 -42.26 49.72
N ASP OA 83 -24.51 -41.45 50.67
CA ASP OA 83 -23.32 -40.68 50.38
C ASP OA 83 -22.08 -41.57 50.34
N ALA OA 84 -22.10 -42.67 51.10
CA ALA OA 84 -21.02 -43.64 50.99
C ALA OA 84 -20.98 -44.26 49.60
N GLN OA 85 -22.15 -44.58 49.05
CA GLN OA 85 -22.20 -45.06 47.67
C GLN OA 85 -21.71 -43.99 46.70
N VAL OA 86 -22.09 -42.74 46.93
CA VAL OA 86 -21.61 -41.64 46.10
C VAL OA 86 -20.08 -41.59 46.11
N LEU OA 87 -19.48 -41.71 47.29
CA LEU OA 87 -18.03 -41.75 47.40
C LEU OA 87 -17.45 -42.95 46.67
N LYS OA 88 -18.10 -44.11 46.80
CA LYS OA 88 -17.59 -45.32 46.15
C LYS OA 88 -17.57 -45.16 44.64
N GLU OA 89 -18.62 -44.56 44.07
CA GLU OA 89 -18.62 -44.31 42.63
C GLU OA 89 -17.52 -43.32 42.24
N ARG OA 90 -17.15 -42.43 43.15
CA ARG OA 90 -16.04 -41.53 42.90
C ARG OA 90 -14.70 -42.25 42.86
N GLY OA 91 -14.64 -43.49 43.32
CA GLY OA 91 -13.37 -44.15 43.51
C GLY OA 91 -12.64 -43.77 44.77
N GLN OA 92 -13.27 -43.03 45.66
CA GLN OA 92 -12.65 -42.53 46.87
C GLN OA 92 -13.11 -43.34 48.07
N ALA OA 93 -12.16 -43.84 48.85
CA ALA OA 93 -12.52 -44.58 50.05
C ALA OA 93 -13.06 -43.63 51.11
N PRO OA 94 -14.22 -43.93 51.69
CA PRO OA 94 -14.76 -43.06 52.74
C PRO OA 94 -13.82 -42.99 53.93
N LEU OA 95 -13.76 -41.81 54.55
CA LEU OA 95 -12.89 -41.57 55.69
C LEU OA 95 -13.71 -40.98 56.83
N VAL OA 96 -13.34 -41.34 58.06
CA VAL OA 96 -13.96 -40.80 59.25
C VAL OA 96 -12.86 -40.14 60.09
N PHE OA 97 -13.11 -38.92 60.55
CA PHE OA 97 -12.14 -38.23 61.38
C PHE OA 97 -12.45 -38.42 62.86
N ASN OA 98 -13.73 -38.42 63.22
CA ASN OA 98 -14.20 -38.80 64.55
C ASN OA 98 -13.58 -37.91 65.63
N VAL OA 99 -13.90 -36.62 65.55
CA VAL OA 99 -13.54 -35.70 66.63
C VAL OA 99 -14.44 -35.93 67.85
N ILE OA 100 -15.59 -36.57 67.66
CA ILE OA 100 -16.52 -36.80 68.77
C ILE OA 100 -15.87 -37.70 69.82
N ALA OA 101 -15.06 -38.66 69.38
CA ALA OA 101 -14.47 -39.63 70.29
C ALA OA 101 -13.60 -38.95 71.32
N GLN OA 102 -12.79 -37.96 70.89
CA GLN OA 102 -11.91 -37.27 71.83
C GLN OA 102 -12.70 -36.60 72.95
N SER OA 103 -13.71 -35.80 72.58
CA SER OA 103 -14.47 -35.07 73.59
C SER OA 103 -15.24 -36.01 74.50
N VAL OA 104 -15.87 -37.04 73.93
CA VAL OA 104 -16.64 -37.96 74.75
C VAL OA 104 -15.73 -38.73 75.70
N ASN OA 105 -14.57 -39.18 75.22
CA ASN OA 105 -13.63 -39.86 76.08
C ASN OA 105 -13.11 -38.94 77.17
N TRP OA 106 -12.90 -37.65 76.84
CA TRP OA 106 -12.46 -36.71 77.86
C TRP OA 106 -13.51 -36.55 78.95
N ILE OA 107 -14.78 -36.44 78.58
CA ILE OA 107 -15.83 -36.30 79.59
C ILE OA 107 -15.91 -37.56 80.44
N ILE OA 108 -15.86 -38.73 79.81
CA ILE OA 108 -15.96 -39.98 80.53
C ILE OA 108 -14.80 -40.14 81.50
N GLY OA 109 -13.59 -39.82 81.06
CA GLY OA 109 -12.43 -39.90 81.95
C GLY OA 109 -12.48 -38.89 83.07
N SER OA 110 -12.97 -37.68 82.79
CA SER OA 110 -13.11 -36.68 83.84
C SER OA 110 -14.10 -37.14 84.90
N GLU OA 111 -15.17 -37.82 84.50
CA GLU OA 111 -16.10 -38.36 85.48
C GLU OA 111 -15.48 -39.55 86.22
N LYS OA 112 -14.74 -40.40 85.52
CA LYS OA 112 -14.20 -41.61 86.13
C LYS OA 112 -13.10 -41.28 87.13
N ARG OA 113 -12.37 -40.18 86.90
CA ARG OA 113 -11.42 -39.72 87.90
C ARG OA 113 -12.12 -39.23 89.16
N GLY OA 114 -13.42 -38.94 89.05
CA GLY OA 114 -14.18 -38.44 90.17
C GLY OA 114 -15.16 -39.45 90.75
N ARG OA 115 -14.84 -40.73 90.68
CA ARG OA 115 -15.67 -41.76 91.28
C ARG OA 115 -15.78 -41.55 92.78
N THR OA 116 -16.99 -41.68 93.30
CA THR OA 116 -17.27 -41.43 94.71
C THR OA 116 -18.04 -42.60 95.31
N ASP OA 117 -17.92 -42.73 96.62
CA ASP OA 117 -18.65 -43.74 97.39
C ASP OA 117 -19.51 -43.05 98.44
N PHE OA 118 -20.64 -43.68 98.76
CA PHE OA 118 -21.55 -43.10 99.74
C PHE OA 118 -20.91 -43.06 101.12
N ASN OA 119 -21.06 -41.93 101.80
CA ASN OA 119 -20.62 -41.77 103.17
C ASN OA 119 -21.78 -41.22 103.98
N ILE OA 120 -22.54 -42.11 104.63
CA ILE OA 120 -23.75 -41.75 105.34
C ILE OA 120 -23.36 -40.97 106.59
N LEU OA 121 -23.98 -39.79 106.77
CA LEU OA 121 -23.72 -38.95 107.91
C LEU OA 121 -24.97 -38.81 108.78
N PRO OA 122 -24.83 -38.89 110.10
CA PRO OA 122 -25.99 -38.74 110.98
C PRO OA 122 -26.39 -37.28 111.13
N ARG OA 123 -27.70 -37.02 111.21
CA ARG OA 123 -28.16 -35.65 111.41
C ARG OA 123 -28.36 -35.35 112.89
N LYS OA 124 -29.07 -36.23 113.61
CA LYS OA 124 -29.23 -36.06 115.04
C LYS OA 124 -27.90 -36.18 115.77
N LYS OA 125 -26.91 -36.82 115.15
CA LYS OA 125 -25.53 -37.06 115.58
C LYS OA 125 -25.46 -37.87 116.87
N ALA OA 126 -26.60 -38.28 117.43
CA ALA OA 126 -26.62 -39.24 118.52
C ALA OA 126 -26.55 -40.68 118.04
N ASP OA 127 -26.63 -40.89 116.73
CA ASP OA 127 -26.60 -42.22 116.12
C ASP OA 127 -25.48 -42.35 115.09
N ALA OA 128 -24.28 -41.91 115.45
CA ALA OA 128 -23.15 -41.99 114.53
C ALA OA 128 -22.79 -43.43 114.21
N LYS OA 129 -22.80 -44.30 115.22
CA LYS OA 129 -22.48 -45.71 115.00
C LYS OA 129 -23.43 -46.39 114.02
N PRO OA 130 -24.76 -46.22 114.12
CA PRO OA 130 -25.61 -46.75 113.04
C PRO OA 130 -25.24 -46.21 111.67
N ALA OA 131 -24.90 -44.92 111.58
CA ALA OA 131 -24.47 -44.36 110.30
C ALA OA 131 -23.18 -44.98 109.82
N GLU OA 132 -22.23 -45.23 110.74
CA GLU OA 132 -20.98 -45.86 110.36
C GLU OA 132 -21.22 -47.28 109.83
N ALA OA 133 -22.05 -48.04 110.53
CA ALA OA 133 -22.38 -49.40 110.07
C ALA OA 133 -23.08 -49.36 108.72
N LYS OA 134 -23.97 -48.39 108.52
CA LYS OA 134 -24.68 -48.29 107.26
C LYS OA 134 -23.73 -47.96 106.11
N THR OA 135 -22.78 -47.05 106.36
CA THR OA 135 -21.77 -46.76 105.34
C THR OA 135 -20.93 -48.00 105.03
N LYS OA 136 -20.55 -48.74 106.06
CA LYS OA 136 -19.79 -49.97 105.84
C LYS OA 136 -20.57 -50.96 104.99
N LEU OA 137 -21.87 -51.13 105.29
CA LEU OA 137 -22.66 -52.11 104.55
C LEU OA 137 -22.89 -51.66 103.11
N LEU OA 138 -23.12 -50.36 102.89
CA LEU OA 138 -23.25 -49.85 101.53
C LEU OA 138 -21.94 -50.04 100.75
N LYS OA 139 -20.80 -49.83 101.41
CA LYS OA 139 -19.53 -50.05 100.73
C LYS OA 139 -19.34 -51.53 100.40
N TYR OA 140 -19.76 -52.42 101.31
CA TYR OA 140 -19.71 -53.85 101.02
C TYR OA 140 -20.57 -54.20 99.82
N LEU OA 141 -21.77 -53.62 99.74
CA LEU OA 141 -22.63 -53.86 98.58
C LEU OA 141 -22.01 -53.32 97.30
N SER OA 142 -21.37 -52.15 97.38
CA SER OA 142 -20.69 -51.60 96.21
C SER OA 142 -19.56 -52.50 95.75
N ASP OA 143 -18.79 -53.04 96.71
CA ASP OA 143 -17.70 -53.94 96.35
C ASP OA 143 -18.22 -55.21 95.71
N VAL OA 144 -19.30 -55.78 96.25
CA VAL OA 144 -19.82 -57.03 95.72
C VAL OA 144 -20.43 -56.83 94.34
N ASN OA 145 -21.23 -55.77 94.18
CA ASN OA 145 -21.96 -55.53 92.95
C ASN OA 145 -21.16 -54.80 91.89
N ARG OA 146 -19.90 -54.45 92.17
CA ARG OA 146 -19.07 -53.68 91.24
C ARG OA 146 -19.77 -52.38 90.86
N LEU OA 147 -20.33 -51.70 91.86
CA LEU OA 147 -21.16 -50.52 91.59
C LEU OA 147 -20.43 -49.39 90.87
N PRO OA 148 -19.20 -49.00 91.24
CA PRO OA 148 -18.57 -47.87 90.52
C PRO OA 148 -18.43 -48.11 89.03
N PHE OA 149 -18.16 -49.34 88.61
CA PHE OA 149 -18.09 -49.61 87.17
C PHE OA 149 -19.43 -49.43 86.49
N HIS OA 150 -20.51 -49.89 87.13
CA HIS OA 150 -21.84 -49.69 86.56
C HIS OA 150 -22.18 -48.22 86.45
N ARG OA 151 -21.87 -47.44 87.49
CA ARG OA 151 -22.13 -46.01 87.45
C ARG OA 151 -21.30 -45.32 86.36
N SER OA 152 -20.04 -45.73 86.21
CA SER OA 152 -19.20 -45.14 85.18
C SER OA 152 -19.73 -45.45 83.79
N ARG OA 153 -20.15 -46.69 83.55
CA ARG OA 153 -20.73 -47.03 82.25
C ARG OA 153 -22.04 -46.28 82.02
N SER OA 154 -22.84 -46.12 83.07
CA SER OA 154 -24.10 -45.39 82.93
C SER OA 154 -23.84 -43.94 82.55
N PHE OA 155 -22.88 -43.29 83.21
CA PHE OA 155 -22.55 -41.92 82.82
C PHE OA 155 -21.96 -41.86 81.43
N GLU OA 156 -21.17 -42.87 81.04
CA GLU OA 156 -20.67 -42.95 79.67
C GLU OA 156 -21.83 -42.91 78.68
N ASP OA 157 -22.90 -43.65 78.97
CA ASP OA 157 -24.06 -43.63 78.08
C ASP OA 157 -24.80 -42.30 78.16
N THR OA 158 -24.91 -41.71 79.35
CA THR OA 158 -25.58 -40.42 79.47
C THR OA 158 -24.84 -39.32 78.71
N VAL OA 159 -23.53 -39.51 78.49
CA VAL OA 159 -22.79 -38.53 77.69
C VAL OA 159 -23.08 -38.75 76.21
N LYS OA 160 -22.95 -39.98 75.74
CA LYS OA 160 -23.16 -40.27 74.32
C LYS OA 160 -24.61 -40.07 73.92
N VAL OA 161 -25.54 -40.65 74.68
CA VAL OA 161 -26.96 -40.57 74.37
C VAL OA 161 -27.67 -39.85 75.51
N GLY OA 162 -28.99 -39.73 75.38
CA GLY OA 162 -29.74 -38.84 76.26
C GLY OA 162 -29.64 -39.20 77.73
N LEU OA 163 -29.79 -40.48 78.06
CA LEU OA 163 -29.92 -40.88 79.45
C LEU OA 163 -29.37 -42.27 79.67
N GLY OA 164 -29.13 -42.59 80.94
CA GLY OA 164 -28.73 -43.93 81.33
C GLY OA 164 -29.49 -44.36 82.56
N TRP OA 165 -29.64 -45.67 82.70
CA TRP OA 165 -30.48 -46.25 83.75
C TRP OA 165 -29.63 -47.11 84.68
N ILE OA 166 -29.81 -46.92 85.98
CA ILE OA 166 -29.19 -47.76 87.00
C ILE OA 166 -30.31 -48.45 87.78
N GLU OA 167 -30.24 -49.77 87.86
CA GLU OA 167 -31.25 -50.57 88.54
C GLU OA 167 -30.71 -51.00 89.91
N ASP OA 168 -31.46 -50.69 90.96
CA ASP OA 168 -31.17 -51.15 92.31
C ASP OA 168 -32.40 -51.86 92.84
N SER OA 169 -32.26 -53.15 93.11
CA SER OA 169 -33.39 -53.97 93.50
C SER OA 169 -32.90 -55.15 94.33
N TYR OA 170 -33.85 -55.89 94.91
CA TYR OA 170 -33.56 -57.05 95.73
C TYR OA 170 -34.14 -58.29 95.05
N ASP OA 171 -33.31 -59.29 94.83
CA ASP OA 171 -33.69 -60.47 94.07
C ASP OA 171 -33.32 -61.73 94.86
N ASP OA 172 -34.11 -62.78 94.67
CA ASP OA 172 -33.90 -64.06 95.34
C ASP OA 172 -33.40 -65.09 94.34
N SER OA 173 -32.25 -65.67 94.63
CA SER OA 173 -31.66 -66.72 93.81
C SER OA 173 -30.51 -67.32 94.59
N THR OA 174 -29.86 -68.32 93.98
CA THR OA 174 -28.66 -68.89 94.58
C THR OA 174 -27.51 -67.90 94.58
N ASP OA 175 -27.62 -66.79 93.83
CA ASP OA 175 -26.63 -65.74 93.92
C ASP OA 175 -26.54 -65.22 95.35
N GLY OA 176 -25.32 -65.07 95.85
CA GLY OA 176 -25.14 -64.75 97.25
C GLY OA 176 -25.64 -63.37 97.61
N GLU OA 177 -25.36 -62.38 96.78
CA GLU OA 177 -25.76 -61.02 97.08
C GLU OA 177 -27.26 -60.84 96.90
N PRO OA 178 -27.97 -60.42 97.94
CA PRO OA 178 -29.42 -60.21 97.79
C PRO OA 178 -29.78 -58.92 97.07
N ILE OA 179 -29.09 -57.83 97.38
CA ILE OA 179 -29.40 -56.52 96.79
C ILE OA 179 -28.46 -56.29 95.62
N TYR OA 180 -28.99 -56.40 94.41
CA TYR OA 180 -28.21 -56.27 93.19
C TYR OA 180 -28.37 -54.88 92.59
N SER OA 181 -27.24 -54.26 92.25
CA SER OA 181 -27.20 -52.98 91.56
C SER OA 181 -26.53 -53.19 90.22
N ARG OA 182 -27.30 -53.09 89.14
CA ARG OA 182 -26.80 -53.38 87.81
C ARG OA 182 -27.12 -52.23 86.88
N TYR OA 183 -26.48 -52.26 85.71
CA TYR OA 183 -26.76 -51.33 84.63
C TYR OA 183 -27.75 -51.90 83.63
N GLU OA 184 -28.69 -51.06 83.20
CA GLU OA 184 -29.57 -51.35 82.08
C GLU OA 184 -29.31 -50.31 80.99
N SER OA 185 -29.16 -50.79 79.75
CA SER OA 185 -28.85 -49.89 78.66
C SER OA 185 -30.01 -48.94 78.39
N TRP OA 186 -29.67 -47.76 77.86
CA TRP OA 186 -30.71 -46.82 77.44
C TRP OA 186 -31.61 -47.43 76.38
N ARG OA 187 -31.07 -48.38 75.60
CA ARG OA 187 -31.87 -49.04 74.59
C ARG OA 187 -33.00 -49.85 75.21
N ASN OA 188 -32.70 -50.60 76.27
CA ASN OA 188 -33.61 -51.63 76.78
C ASN OA 188 -34.60 -51.12 77.81
N VAL OA 189 -34.75 -49.81 77.96
CA VAL OA 189 -35.67 -49.23 78.92
C VAL OA 189 -36.64 -48.30 78.19
N ILE OA 190 -37.93 -48.48 78.44
CA ILE OA 190 -38.97 -47.60 77.93
C ILE OA 190 -39.62 -46.90 79.13
N PHE OA 191 -39.58 -45.57 79.14
CA PHE OA 191 -40.02 -44.79 80.27
C PHE OA 191 -41.16 -43.87 79.86
N ASP OA 192 -42.04 -43.57 80.81
CA ASP OA 192 -43.11 -42.61 80.58
C ASP OA 192 -42.53 -41.24 80.28
N SER OA 193 -42.87 -40.69 79.11
CA SER OA 193 -42.34 -39.41 78.68
C SER OA 193 -43.20 -38.24 79.13
N ALA OA 194 -44.34 -38.50 79.79
CA ALA OA 194 -45.18 -37.42 80.29
C ALA OA 194 -44.63 -36.80 81.57
N SER OA 195 -43.59 -37.40 82.15
CA SER OA 195 -43.07 -36.91 83.42
C SER OA 195 -42.43 -35.53 83.25
N THR OA 196 -42.75 -34.64 84.17
CA THR OA 196 -42.14 -33.32 84.24
C THR OA 196 -41.30 -33.12 85.48
N GLU OA 197 -41.49 -33.95 86.50
CA GLU OA 197 -40.72 -33.83 87.73
C GLU OA 197 -39.27 -34.23 87.51
N LEU OA 198 -38.36 -33.53 88.18
CA LEU OA 198 -36.96 -33.92 88.15
C LEU OA 198 -36.75 -35.25 88.84
N ASP OA 199 -37.48 -35.49 89.93
CA ASP OA 199 -37.30 -36.71 90.71
C ASP OA 199 -37.61 -37.95 89.87
N GLY OA 200 -38.64 -37.87 89.03
CA GLY OA 200 -39.14 -39.03 88.32
C GLY OA 200 -40.36 -39.65 88.95
N THR OA 201 -40.94 -39.02 89.98
CA THR OA 201 -42.16 -39.55 90.58
C THR OA 201 -43.34 -39.46 89.62
N ASP OA 202 -43.32 -38.46 88.73
CA ASP OA 202 -44.37 -38.29 87.75
C ASP OA 202 -44.45 -39.46 86.77
N MET OA 203 -43.33 -40.14 86.54
CA MET OA 203 -43.27 -41.28 85.63
C MET OA 203 -44.30 -42.33 86.06
N ARG OA 204 -45.32 -42.53 85.23
CA ARG OA 204 -46.39 -43.45 85.60
C ARG OA 204 -45.96 -44.90 85.46
N TYR OA 205 -45.17 -45.22 84.42
CA TYR OA 205 -44.83 -46.60 84.12
C TYR OA 205 -43.45 -46.69 83.50
N ILE OA 206 -42.76 -47.80 83.78
CA ILE OA 206 -41.45 -48.10 83.23
C ILE OA 206 -41.48 -49.49 82.62
N PHE OA 207 -41.04 -49.61 81.37
CA PHE OA 207 -40.96 -50.88 80.67
C PHE OA 207 -39.51 -51.24 80.43
N ARG OA 208 -39.17 -52.50 80.68
CA ARG OA 208 -37.81 -52.99 80.49
C ARG OA 208 -37.84 -54.24 79.63
N PRO OA 209 -37.91 -54.10 78.30
CA PRO OA 209 -37.86 -55.28 77.42
C PRO OA 209 -36.47 -55.92 77.47
N LYS OA 210 -36.44 -57.22 77.75
CA LYS OA 210 -35.20 -57.96 77.87
C LYS OA 210 -35.24 -59.17 76.94
N TRP OA 211 -34.08 -59.50 76.36
CA TRP OA 211 -33.95 -60.67 75.50
C TRP OA 211 -33.25 -61.78 76.29
N LEU OA 212 -33.93 -62.91 76.42
CA LEU OA 212 -33.42 -64.03 77.20
C LEU OA 212 -33.55 -65.32 76.42
N ASP OA 213 -32.66 -66.26 76.72
CA ASP OA 213 -32.78 -67.60 76.14
C ASP OA 213 -33.98 -68.32 76.72
N VAL OA 214 -34.47 -69.31 75.98
CA VAL OA 214 -35.68 -70.03 76.40
C VAL OA 214 -35.44 -70.77 77.72
N ASP OA 215 -34.28 -71.43 77.85
CA ASP OA 215 -34.00 -72.17 79.07
C ASP OA 215 -33.90 -71.23 80.28
N VAL OA 216 -33.24 -70.10 80.11
CA VAL OA 216 -33.13 -69.13 81.20
C VAL OA 216 -34.50 -68.55 81.55
N ALA OA 217 -35.27 -68.19 80.52
CA ALA OA 217 -36.59 -67.61 80.77
C ALA OA 217 -37.51 -68.58 81.49
N CYS OA 218 -37.49 -69.85 81.06
CA CYS OA 218 -38.28 -70.86 81.74
C CYS OA 218 -37.79 -71.08 83.17
N ALA OA 219 -36.47 -71.04 83.37
CA ALA OA 219 -35.92 -71.18 84.71
C ALA OA 219 -36.23 -69.96 85.57
N LEU OA 220 -36.42 -68.80 84.92
CA LEU OA 220 -36.69 -67.59 85.68
C LEU OA 220 -38.06 -67.62 86.35
N VAL OA 221 -39.10 -67.97 85.60
CA VAL OA 221 -40.46 -67.97 86.13
C VAL OA 221 -41.09 -69.35 85.93
N PRO OA 222 -41.41 -70.07 87.00
CA PRO OA 222 -42.01 -71.39 86.86
C PRO OA 222 -43.52 -71.32 86.72
N ASP OA 223 -44.12 -72.51 86.60
CA ASP OA 223 -45.56 -72.71 86.59
C ASP OA 223 -46.22 -72.15 85.34
N ARG OA 224 -45.44 -71.52 84.47
CA ARG OA 224 -45.95 -70.97 83.22
C ARG OA 224 -44.94 -71.19 82.11
N ALA OA 225 -44.38 -72.40 82.04
CA ALA OA 225 -43.35 -72.68 81.04
C ALA OA 225 -43.95 -72.83 79.64
N ASP OA 226 -45.21 -73.26 79.56
CA ASP OA 226 -45.83 -73.46 78.25
C ASP OA 226 -45.98 -72.15 77.49
N GLU OA 227 -46.37 -71.08 78.18
CA GLU OA 227 -46.49 -69.78 77.53
C GLU OA 227 -45.14 -69.28 77.03
N ILE OA 228 -44.08 -69.49 77.82
CA ILE OA 228 -42.74 -69.12 77.39
C ILE OA 228 -42.33 -69.92 76.17
N LYS OA 229 -42.61 -71.22 76.18
CA LYS OA 229 -42.25 -72.06 75.04
C LYS OA 229 -42.98 -71.64 73.78
N LYS OA 230 -44.27 -71.31 73.89
CA LYS OA 230 -45.03 -70.91 72.72
C LYS OA 230 -44.56 -69.57 72.18
N ALA OA 231 -43.96 -68.75 73.04
CA ALA OA 231 -43.47 -67.43 72.63
C ALA OA 231 -41.97 -67.46 72.38
N ASP OA 245 -44.23 -54.42 71.28
CA ASP OA 245 -43.10 -55.12 70.65
C ASP OA 245 -41.78 -54.49 71.08
N GLY OA 246 -41.02 -54.01 70.11
CA GLY OA 246 -39.74 -53.39 70.38
C GLY OA 246 -39.41 -52.35 69.33
N ASP OA 247 -38.51 -51.44 69.70
CA ASP OA 247 -38.07 -50.41 68.78
C ASP OA 247 -36.93 -50.96 67.92
N GLU OA 248 -36.38 -50.10 67.05
CA GLU OA 248 -35.42 -50.58 66.07
C GLU OA 248 -34.09 -50.96 66.72
N ALA OA 249 -33.75 -50.34 67.85
CA ALA OA 249 -32.44 -50.57 68.47
C ALA OA 249 -32.25 -52.01 68.96
N MET OA 250 -33.04 -52.40 69.97
CA MET OA 250 -32.84 -53.72 70.57
C MET OA 250 -33.27 -54.81 69.61
N ASP OA 251 -34.33 -54.56 68.84
CA ASP OA 251 -34.74 -55.52 67.82
C ASP OA 251 -33.66 -55.70 66.78
N TRP OA 252 -33.01 -54.62 66.37
CA TRP OA 252 -31.93 -54.71 65.40
C TRP OA 252 -30.77 -55.52 65.96
N ALA OA 253 -30.41 -55.28 67.22
CA ALA OA 253 -29.32 -56.05 67.82
C ALA OA 253 -29.65 -57.53 67.84
N GLU OA 254 -30.85 -57.88 68.31
CA GLU OA 254 -31.24 -59.29 68.41
C GLU OA 254 -31.33 -59.93 67.03
N PHE OA 255 -31.87 -59.21 66.05
CA PHE OA 255 -32.04 -59.80 64.72
C PHE OA 255 -30.70 -59.92 64.00
N ASP OA 256 -29.78 -58.98 64.23
CA ASP OA 256 -28.43 -59.13 63.70
C ASP OA 256 -27.75 -60.35 64.28
N ARG OA 257 -27.96 -60.60 65.58
CA ARG OA 257 -27.45 -61.84 66.16
C ARG OA 257 -28.10 -63.05 65.54
N ASP OA 258 -29.41 -62.97 65.26
CA ASP OA 258 -30.14 -64.12 64.73
C ASP OA 258 -29.72 -64.47 63.30
N THR OA 259 -29.53 -63.46 62.45
CA THR OA 259 -29.28 -63.71 61.04
C THR OA 259 -27.89 -64.31 60.82
N TYR OA 260 -26.96 -64.06 61.74
CA TYR OA 260 -25.58 -64.53 61.65
C TYR OA 260 -24.89 -63.90 60.45
N SER OA 261 -25.24 -64.36 59.25
CA SER OA 261 -24.70 -63.83 58.01
C SER OA 261 -25.84 -63.55 57.05
N GLN OA 262 -25.51 -62.95 55.90
CA GLN OA 262 -26.53 -62.63 54.90
C GLN OA 262 -27.23 -63.89 54.40
N SER OA 263 -26.46 -64.90 54.02
CA SER OA 263 -26.98 -66.19 53.58
C SER OA 263 -26.22 -67.29 54.31
N ARG OA 264 -26.89 -67.96 55.25
CA ARG OA 264 -26.25 -68.96 56.07
C ARG OA 264 -27.16 -70.18 56.21
N THR OA 265 -26.55 -71.36 56.20
CA THR OA 265 -27.29 -72.62 56.33
C THR OA 265 -27.37 -72.97 57.80
N VAL OA 266 -28.49 -72.61 58.44
CA VAL OA 266 -28.67 -72.90 59.86
C VAL OA 266 -28.92 -74.37 60.06
N SER OA 267 -28.40 -74.91 61.16
CA SER OA 267 -28.60 -76.31 61.49
C SER OA 267 -29.92 -76.49 62.25
N THR OA 268 -30.20 -77.75 62.60
CA THR OA 268 -31.41 -78.03 63.37
C THR OA 268 -31.33 -77.41 64.76
N HIS OA 269 -30.16 -77.47 65.39
CA HIS OA 269 -30.00 -76.90 66.72
C HIS OA 269 -29.79 -75.40 66.62
N LYS OA 270 -30.75 -74.64 67.10
CA LYS OA 270 -30.70 -73.19 67.05
C LYS OA 270 -31.15 -72.64 68.41
N ARG OA 271 -30.36 -71.71 68.94
CA ARG OA 271 -30.72 -71.09 70.21
C ARG OA 271 -31.98 -70.25 70.04
N GLN OA 272 -32.96 -70.48 70.91
CA GLN OA 272 -34.24 -69.80 70.85
C GLN OA 272 -34.29 -68.73 71.92
N ARG OA 273 -34.59 -67.50 71.50
CA ARG OA 273 -34.59 -66.35 72.39
C ARG OA 273 -35.99 -65.74 72.42
N VAL OA 274 -36.45 -65.40 73.61
CA VAL OA 274 -37.78 -64.84 73.81
C VAL OA 274 -37.63 -63.47 74.46
N ARG OA 275 -38.68 -62.65 74.31
CA ARG OA 275 -38.70 -61.31 74.86
C ARG OA 275 -39.68 -61.26 76.03
N LEU OA 276 -39.17 -60.89 77.20
CA LEU OA 276 -39.99 -60.67 78.39
C LEU OA 276 -39.91 -59.19 78.74
N ILE OA 277 -41.07 -58.60 79.02
CA ILE OA 277 -41.17 -57.17 79.33
C ILE OA 277 -41.62 -57.01 80.77
N GLU OA 278 -40.81 -56.33 81.57
CA GLU OA 278 -41.14 -56.04 82.96
C GLU OA 278 -41.66 -54.61 83.03
N CYS OA 279 -42.85 -54.44 83.59
CA CYS OA 279 -43.51 -53.14 83.68
C CYS OA 279 -43.74 -52.79 85.13
N TRP OA 280 -43.29 -51.60 85.54
CA TRP OA 280 -43.56 -51.07 86.86
C TRP OA 280 -44.47 -49.86 86.72
N TYR OA 281 -45.70 -49.97 87.21
CA TYR OA 281 -46.69 -48.92 87.02
C TYR OA 281 -47.23 -48.46 88.37
N ARG OA 282 -47.61 -47.19 88.43
CA ARG OA 282 -48.12 -46.55 89.63
C ARG OA 282 -49.60 -46.24 89.44
N LYS OA 283 -50.42 -46.70 90.38
CA LYS OA 283 -51.85 -46.44 90.34
C LYS OA 283 -52.31 -45.85 91.67
N PRO OA 284 -53.22 -44.88 91.67
CA PRO OA 284 -53.63 -44.23 92.93
C PRO OA 284 -54.38 -45.20 93.83
N MET OA 285 -54.23 -44.98 95.13
CA MET OA 285 -54.90 -45.79 96.15
C MET OA 285 -56.05 -45.08 96.84
N ARG OA 286 -55.96 -43.77 97.04
CA ARG OA 286 -56.97 -43.01 97.79
C ARG OA 286 -57.16 -43.59 99.20
N ALA OA 287 -56.07 -43.64 99.96
CA ALA OA 287 -56.12 -44.24 101.29
C ALA OA 287 -57.06 -43.46 102.19
N THR OA 288 -57.92 -44.18 102.90
CA THR OA 288 -58.86 -43.55 103.82
C THR OA 288 -58.14 -42.92 105.01
N LYS OA 289 -57.15 -43.63 105.56
CA LYS OA 289 -56.39 -43.16 106.71
C LYS OA 289 -57.28 -42.80 107.89
N THR OA 323 -50.33 -43.03 98.64
CA THR OA 323 -51.44 -42.82 97.73
C THR OA 323 -51.14 -43.50 96.39
N MET OA 324 -49.89 -43.42 95.97
CA MET OA 324 -49.43 -44.05 94.73
C MET OA 324 -48.68 -45.33 95.08
N ARG OA 325 -49.24 -46.47 94.69
CA ARG OA 325 -48.66 -47.77 94.97
C ARG OA 325 -48.01 -48.33 93.72
N VAL OA 326 -46.80 -48.86 93.86
CA VAL OA 326 -46.06 -49.41 92.74
C VAL OA 326 -46.38 -50.89 92.60
N ARG OA 327 -46.63 -51.33 91.37
CA ARG OA 327 -46.90 -52.73 91.08
C ARG OA 327 -46.00 -53.19 89.94
N VAL OA 328 -45.49 -54.40 90.05
CA VAL OA 328 -44.61 -54.99 89.05
C VAL OA 328 -45.45 -55.80 88.09
N ALA OA 329 -45.10 -55.77 86.81
CA ALA OA 329 -45.84 -56.47 85.77
C ALA OA 329 -44.86 -57.03 84.75
N ILE OA 330 -44.74 -58.35 84.73
CA ILE OA 330 -43.90 -59.04 83.75
C ILE OA 330 -44.82 -59.76 82.77
N PHE OA 331 -44.72 -59.39 81.50
CA PHE OA 331 -45.59 -59.95 80.46
C PHE OA 331 -44.78 -60.24 79.20
N THR OA 332 -45.10 -61.35 78.55
CA THR OA 332 -44.54 -61.67 77.25
C THR OA 332 -45.37 -60.99 76.16
N SER OA 333 -45.13 -61.41 74.91
CA SER OA 333 -45.86 -60.82 73.79
C SER OA 333 -47.35 -61.10 73.86
N ARG OA 334 -47.72 -62.31 74.29
CA ARG OA 334 -49.11 -62.75 74.23
C ARG OA 334 -49.76 -62.95 75.61
N ASP OA 335 -48.99 -62.88 76.69
CA ASP OA 335 -49.55 -63.13 78.01
C ASP OA 335 -48.61 -62.53 79.06
N LEU OA 336 -49.11 -62.45 80.29
CA LEU OA 336 -48.32 -61.97 81.42
C LEU OA 336 -47.96 -63.14 82.32
N LEU OA 337 -46.68 -63.22 82.70
CA LEU OA 337 -46.21 -64.33 83.53
C LEU OA 337 -46.62 -64.15 84.99
N PHE OA 338 -46.56 -62.93 85.50
CA PHE OA 338 -46.83 -62.71 86.92
C PHE OA 338 -47.27 -61.27 87.15
N GLU OA 339 -48.27 -61.09 87.99
CA GLU OA 339 -48.78 -59.77 88.36
C GLU OA 339 -48.81 -59.67 89.87
N GLY OA 340 -48.27 -58.57 90.40
CA GLY OA 340 -48.25 -58.38 91.84
C GLY OA 340 -47.78 -57.00 92.22
N ALA OA 341 -47.97 -56.67 93.49
CA ALA OA 341 -47.53 -55.39 94.02
C ALA OA 341 -46.04 -55.41 94.31
N SER OA 342 -45.46 -54.23 94.44
CA SER OA 342 -44.03 -54.13 94.72
C SER OA 342 -43.76 -54.52 96.18
N PRO OA 343 -42.94 -55.55 96.41
CA PRO OA 343 -42.64 -55.92 97.81
C PRO OA 343 -41.80 -54.90 98.53
N PHE OA 344 -41.05 -54.07 97.80
CA PHE OA 344 -40.13 -53.15 98.44
C PHE OA 344 -40.88 -52.01 99.12
N ARG OA 345 -40.35 -51.58 100.28
CA ARG OA 345 -41.00 -50.54 101.05
C ARG OA 345 -41.01 -49.21 100.30
N HIS OA 346 -39.92 -48.88 99.63
CA HIS OA 346 -39.85 -47.62 98.89
C HIS OA 346 -40.84 -47.63 97.74
N ASN OA 347 -41.61 -46.56 97.62
CA ASN OA 347 -42.68 -46.48 96.62
C ASN OA 347 -42.18 -45.76 95.35
N ARG OA 348 -41.14 -46.34 94.75
CA ARG OA 348 -40.63 -45.84 93.48
C ARG OA 348 -39.99 -47.01 92.73
N PHE OA 349 -39.89 -46.85 91.42
CA PHE OA 349 -39.35 -47.90 90.57
C PHE OA 349 -37.87 -48.10 90.84
N SER OA 350 -37.40 -49.32 90.60
CA SER OA 350 -35.99 -49.64 90.83
C SER OA 350 -35.10 -48.83 89.90
N LEU OA 351 -35.50 -48.68 88.64
CA LEU OA 351 -34.67 -48.02 87.66
C LEU OA 351 -34.63 -46.51 87.91
N THR OA 352 -33.44 -45.96 88.06
CA THR OA 352 -33.23 -44.53 88.24
C THR OA 352 -32.56 -43.94 87.01
N PRO OA 353 -33.18 -42.98 86.34
CA PRO OA 353 -32.57 -42.43 85.13
C PRO OA 353 -31.58 -41.33 85.43
N ILE OA 354 -30.33 -41.53 85.04
CA ILE OA 354 -29.32 -40.46 85.10
C ILE OA 354 -29.55 -39.56 83.90
N TRP OA 355 -30.10 -38.38 84.14
CA TRP OA 355 -30.52 -37.50 83.06
C TRP OA 355 -29.32 -36.85 82.41
N GLY OA 356 -29.56 -36.20 81.27
CA GLY OA 356 -28.54 -35.47 80.55
C GLY OA 356 -29.15 -34.19 80.01
N PHE OA 357 -28.75 -33.75 78.82
CA PHE OA 357 -29.43 -32.63 78.21
C PHE OA 357 -30.85 -33.03 77.81
N ARG OA 358 -31.82 -32.25 78.27
CA ARG OA 358 -33.23 -32.52 78.03
C ARG OA 358 -33.81 -31.44 77.15
N ARG OA 359 -34.42 -31.84 76.04
CA ARG OA 359 -35.02 -30.89 75.12
C ARG OA 359 -36.15 -30.12 75.78
N GLY OA 360 -36.16 -28.80 75.59
CA GLY OA 360 -37.16 -27.98 76.24
C GLY OA 360 -38.57 -28.21 75.72
N ARG OA 361 -38.70 -28.39 74.41
CA ARG OA 361 -40.02 -28.49 73.80
C ARG OA 361 -40.74 -29.78 74.20
N ASP OA 362 -40.07 -30.92 74.08
CA ASP OA 362 -40.71 -32.21 74.27
C ASP OA 362 -40.24 -32.94 75.53
N ASN OA 363 -39.37 -32.34 76.33
CA ASN OA 363 -38.84 -32.97 77.53
C ASN OA 363 -38.19 -34.32 77.20
N LEU OA 364 -37.55 -34.38 76.05
CA LEU OA 364 -36.91 -35.60 75.57
C LEU OA 364 -35.41 -35.49 75.76
N PRO OA 365 -34.80 -36.41 76.51
CA PRO OA 365 -33.35 -36.33 76.74
C PRO OA 365 -32.56 -36.52 75.46
N TYR OA 366 -31.44 -35.81 75.36
CA TYR OA 366 -30.51 -35.94 74.26
C TYR OA 366 -29.09 -35.81 74.80
N GLY OA 367 -28.15 -36.46 74.13
CA GLY OA 367 -26.79 -36.50 74.60
C GLY OA 367 -26.00 -35.26 74.25
N VAL OA 368 -24.71 -35.29 74.60
CA VAL OA 368 -23.81 -34.19 74.31
C VAL OA 368 -23.62 -34.05 72.80
N ILE OA 369 -23.80 -35.15 72.07
CA ILE OA 369 -23.28 -35.31 70.72
C ILE OA 369 -23.86 -34.33 69.72
N ARG OA 370 -25.18 -34.12 69.73
CA ARG OA 370 -25.92 -33.60 68.57
C ARG OA 370 -25.18 -32.52 67.76
N TRP OA 371 -24.78 -31.44 68.42
CA TRP OA 371 -24.08 -30.37 67.71
C TRP OA 371 -22.72 -30.84 67.20
N MET OA 372 -21.98 -31.57 68.03
CA MET OA 372 -20.74 -32.18 67.59
C MET OA 372 -20.98 -33.06 66.38
N ARG OA 373 -22.12 -33.75 66.36
CA ARG OA 373 -22.51 -34.64 65.28
C ARG OA 373 -22.66 -33.90 63.97
N ASP OA 374 -23.43 -32.81 63.98
CA ASP OA 374 -23.67 -32.11 62.71
C ASP OA 374 -22.39 -31.47 62.20
N ILE OA 375 -21.61 -30.86 63.11
CA ILE OA 375 -20.36 -30.27 62.63
C ILE OA 375 -19.41 -31.36 62.14
N GLN OA 376 -19.44 -32.54 62.77
CA GLN OA 376 -18.57 -33.64 62.35
C GLN OA 376 -18.93 -34.14 60.96
N ASP OA 377 -20.22 -34.28 60.67
CA ASP OA 377 -20.59 -34.72 59.33
C ASP OA 377 -20.20 -33.68 58.30
N ASP OA 378 -20.33 -32.38 58.65
CA ASP OA 378 -19.84 -31.35 57.75
C ASP OA 378 -18.34 -31.47 57.52
N ILE OA 379 -17.58 -31.77 58.57
CA ILE OA 379 -16.13 -31.93 58.44
C ILE OA 379 -15.82 -33.08 57.50
N ASN OA 380 -16.53 -34.19 57.65
CA ASN OA 380 -16.30 -35.34 56.78
C ASN OA 380 -16.60 -34.99 55.33
N LYS OA 381 -17.69 -34.25 55.09
CA LYS OA 381 -17.98 -33.82 53.72
C LYS OA 381 -16.87 -32.94 53.17
N ARG OA 382 -16.34 -32.03 53.99
CA ARG OA 382 -15.26 -31.17 53.53
C ARG OA 382 -14.03 -31.99 53.17
N ALA OA 383 -13.71 -33.00 53.99
CA ALA OA 383 -12.57 -33.85 53.72
C ALA OA 383 -12.73 -34.57 52.40
N SER OA 384 -13.89 -35.19 52.18
CA SER OA 384 -14.12 -35.91 50.93
C SER OA 384 -14.03 -34.98 49.74
N LYS OA 385 -14.66 -33.80 49.84
CA LYS OA 385 -14.65 -32.86 48.73
C LYS OA 385 -13.24 -32.41 48.38
N ALA OA 386 -12.46 -32.00 49.39
CA ALA OA 386 -11.11 -31.50 49.10
C ALA OA 386 -10.21 -32.60 48.57
N LEU OA 387 -10.30 -33.80 49.14
CA LEU OA 387 -9.47 -34.90 48.65
C LEU OA 387 -9.81 -35.22 47.20
N TYR OA 388 -11.10 -35.22 46.85
CA TYR OA 388 -11.48 -35.47 45.47
C TYR OA 388 -10.96 -34.38 44.55
N ILE OA 389 -11.08 -33.11 44.98
CA ILE OA 389 -10.64 -32.01 44.14
C ILE OA 389 -9.15 -32.09 43.86
N LEU OA 390 -8.36 -32.44 44.89
CA LEU OA 390 -6.92 -32.60 44.67
C LEU OA 390 -6.62 -33.79 43.78
N SER OA 391 -7.38 -34.88 43.94
CA SER OA 391 -7.06 -36.11 43.22
C SER OA 391 -7.35 -35.98 41.73
N SER OA 392 -8.53 -35.49 41.36
CA SER OA 392 -9.00 -35.52 39.98
C SER OA 392 -9.05 -34.11 39.40
N ASN OA 393 -8.67 -34.00 38.13
CA ASN OA 393 -8.62 -32.70 37.47
C ASN OA 393 -9.87 -32.34 36.70
N LYS OA 394 -10.37 -31.13 36.92
CA LYS OA 394 -11.51 -30.64 36.17
C LYS OA 394 -11.00 -29.99 34.90
N VAL OA 395 -11.55 -30.37 33.76
CA VAL OA 395 -11.05 -29.94 32.46
C VAL OA 395 -12.14 -29.16 31.74
N VAL OA 396 -11.82 -27.94 31.35
CA VAL OA 396 -12.61 -27.17 30.41
C VAL OA 396 -11.72 -26.89 29.20
N MET OA 397 -12.26 -27.12 28.01
CA MET OA 397 -11.44 -27.12 26.81
C MET OA 397 -12.20 -26.50 25.64
N ASP OA 398 -11.45 -26.04 24.65
CA ASP OA 398 -12.04 -25.77 23.36
C ASP OA 398 -12.58 -27.07 22.77
N GLU OA 399 -13.61 -26.94 21.94
CA GLU OA 399 -14.32 -28.12 21.44
C GLU OA 399 -13.37 -29.07 20.72
N GLY OA 400 -12.37 -28.55 20.02
CA GLY OA 400 -11.45 -29.38 19.28
C GLY OA 400 -10.15 -29.66 19.99
N ALA OA 401 -10.19 -29.75 21.31
CA ALA OA 401 -8.95 -29.88 22.08
C ALA OA 401 -8.28 -31.22 21.86
N VAL OA 402 -9.03 -32.31 21.97
CA VAL OA 402 -8.45 -33.65 22.01
C VAL OA 402 -9.08 -34.50 20.91
N GLU OA 403 -8.26 -35.36 20.29
CA GLU OA 403 -8.76 -36.26 19.26
C GLU OA 403 -9.60 -37.38 19.86
N ASP OA 404 -9.10 -38.03 20.91
CA ASP OA 404 -9.76 -39.19 21.52
C ASP OA 404 -10.17 -38.81 22.94
N ILE OA 405 -11.47 -38.81 23.20
CA ILE OA 405 -11.97 -38.27 24.47
C ILE OA 405 -12.00 -39.35 25.54
N GLU OA 406 -12.15 -40.62 25.14
CA GLU OA 406 -12.03 -41.70 26.13
C GLU OA 406 -10.65 -41.73 26.74
N GLU OA 407 -9.62 -41.71 25.89
CA GLU OA 407 -8.25 -41.80 26.37
C GLU OA 407 -7.88 -40.57 27.19
N PHE OA 408 -8.28 -39.38 26.71
CA PHE OA 408 -8.06 -38.17 27.49
C PHE OA 408 -8.74 -38.26 28.84
N ARG OA 409 -10.02 -38.60 28.86
CA ARG OA 409 -10.78 -38.67 30.11
C ARG OA 409 -10.13 -39.63 31.10
N GLU OA 410 -9.62 -40.76 30.61
CA GLU OA 410 -8.99 -41.72 31.52
C GLU OA 410 -7.63 -41.23 32.00
N GLU OA 411 -6.86 -40.58 31.14
CA GLU OA 411 -5.46 -40.30 31.43
C GLU OA 411 -5.20 -38.92 32.02
N VAL OA 412 -6.22 -38.10 32.27
CA VAL OA 412 -5.95 -36.79 32.86
C VAL OA 412 -5.34 -36.92 34.25
N ALA OA 413 -5.90 -37.81 35.09
CA ALA OA 413 -5.46 -37.87 36.47
C ALA OA 413 -4.12 -38.58 36.61
N ARG OA 414 -3.78 -39.43 35.65
CA ARG OA 414 -2.56 -40.22 35.78
C ARG OA 414 -1.33 -39.32 35.77
N PRO OA 415 -0.47 -39.39 36.78
CA PRO OA 415 0.72 -38.52 36.81
C PRO OA 415 1.72 -38.79 35.70
N ASP OA 416 1.64 -39.94 35.04
CA ASP OA 416 2.61 -40.32 34.02
C ASP OA 416 2.05 -40.21 32.61
N ALA OA 417 0.79 -39.84 32.45
CA ALA OA 417 0.15 -39.93 31.15
C ALA OA 417 0.71 -38.89 30.18
N VAL OA 418 0.68 -39.22 28.90
CA VAL OA 418 1.06 -38.32 27.82
C VAL OA 418 -0.21 -37.89 27.11
N LEU OA 419 -0.46 -36.57 27.11
CA LEU OA 419 -1.69 -36.01 26.57
C LEU OA 419 -1.40 -35.36 25.23
N VAL OA 420 -2.17 -35.75 24.21
CA VAL OA 420 -2.01 -35.23 22.86
C VAL OA 420 -3.17 -34.30 22.56
N LYS OA 421 -2.84 -33.07 22.14
CA LYS OA 421 -3.85 -32.05 21.89
C LYS OA 421 -3.69 -31.48 20.50
N LYS OA 422 -4.79 -30.92 19.98
CA LYS OA 422 -4.76 -30.27 18.68
C LYS OA 422 -4.00 -28.94 18.79
N PRO OA 423 -3.49 -28.41 17.68
CA PRO OA 423 -2.61 -27.24 17.77
C PRO OA 423 -3.26 -26.01 18.39
N GLY OA 424 -4.31 -25.48 17.77
CA GLY OA 424 -4.85 -24.19 18.14
C GLY OA 424 -5.99 -24.17 19.12
N LYS OA 425 -6.34 -25.30 19.71
CA LYS OA 425 -7.45 -25.38 20.66
C LYS OA 425 -6.88 -25.47 22.07
N GLN OA 426 -7.21 -24.48 22.90
CA GLN OA 426 -6.65 -24.40 24.24
C GLN OA 426 -7.28 -25.46 25.15
N ILE OA 427 -6.47 -26.01 26.05
CA ILE OA 427 -6.93 -26.91 27.09
C ILE OA 427 -6.62 -26.25 28.43
N GLU OA 428 -7.65 -26.13 29.27
CA GLU OA 428 -7.47 -25.61 30.62
C GLU OA 428 -7.60 -26.76 31.60
N LEU OA 429 -6.49 -27.41 31.91
CA LEU OA 429 -6.41 -28.36 33.00
C LEU OA 429 -6.19 -27.58 34.29
N ASN OA 430 -6.60 -28.17 35.41
CA ASN OA 430 -6.56 -27.49 36.70
C ASN OA 430 -7.39 -26.20 36.62
N VAL OA 431 -8.72 -26.38 36.64
CA VAL OA 431 -9.60 -25.22 36.57
C VAL OA 431 -9.85 -24.68 37.98
N ASP OA 432 -10.40 -25.51 38.86
CA ASP OA 432 -10.69 -25.13 40.24
C ASP OA 432 -9.93 -26.05 41.16
N ARG OA 433 -8.86 -25.54 41.75
CA ARG OA 433 -8.08 -26.29 42.72
C ARG OA 433 -7.80 -25.53 44.01
N GLU OA 434 -7.92 -24.21 44.01
CA GLU OA 434 -7.90 -23.46 45.27
C GLU OA 434 -9.08 -23.83 46.16
N LEU OA 435 -10.09 -24.48 45.58
CA LEU OA 435 -11.17 -25.03 46.38
C LEU OA 435 -10.65 -25.99 47.45
N ALA OA 436 -9.57 -26.71 47.17
CA ALA OA 436 -8.99 -27.59 48.19
C ALA OA 436 -8.53 -26.80 49.41
N ALA OA 437 -7.81 -25.70 49.17
CA ALA OA 437 -7.37 -24.86 50.27
C ALA OA 437 -8.55 -24.26 51.01
N ALA OA 438 -9.58 -23.83 50.26
CA ALA OA 438 -10.77 -23.28 50.90
C ALA OA 438 -11.46 -24.30 51.78
N HIS OA 439 -11.56 -25.55 51.31
CA HIS OA 439 -12.26 -26.57 52.08
C HIS OA 439 -11.45 -26.98 53.30
N MET OA 440 -10.11 -26.96 53.20
CA MET OA 440 -9.32 -27.21 54.40
C MET OA 440 -9.42 -26.07 55.39
N ASP OA 441 -9.55 -24.84 54.91
CA ASP OA 441 -9.85 -23.74 55.82
C ASP OA 441 -11.19 -23.96 56.50
N MET OA 442 -12.17 -24.48 55.76
CA MET OA 442 -13.47 -24.81 56.35
C MET OA 442 -13.33 -25.89 57.42
N MET OA 443 -12.52 -26.91 57.16
CA MET OA 443 -12.27 -27.93 58.19
C MET OA 443 -11.65 -27.32 59.43
N SER OA 444 -10.61 -26.49 59.26
CA SER OA 444 -9.96 -25.88 60.42
C SER OA 444 -10.94 -25.04 61.20
N ARG OA 445 -11.77 -24.26 60.50
CA ARG OA 445 -12.74 -23.40 61.17
C ARG OA 445 -13.79 -24.22 61.91
N ASP OA 446 -14.25 -25.32 61.30
CA ASP OA 446 -15.22 -26.19 61.97
C ASP OA 446 -14.61 -26.83 63.21
N ILE OA 447 -13.33 -27.23 63.14
CA ILE OA 447 -12.66 -27.76 64.32
C ILE OA 447 -12.60 -26.72 65.42
N GLN OA 448 -12.27 -25.48 65.05
CA GLN OA 448 -12.24 -24.41 66.05
C GLN OA 448 -13.60 -24.20 66.70
N MET OA 449 -14.68 -24.24 65.90
CA MET OA 449 -16.02 -24.12 66.47
C MET OA 449 -16.35 -25.30 67.38
N LEU OA 450 -15.90 -26.50 67.02
CA LEU OA 450 -16.06 -27.64 67.93
C LEU OA 450 -15.36 -27.39 69.25
N GLN OA 451 -14.17 -26.79 69.20
CA GLN OA 451 -13.48 -26.44 70.44
C GLN OA 451 -14.31 -25.46 71.26
N GLN OA 452 -14.89 -24.45 70.60
CA GLN OA 452 -15.65 -23.44 71.33
C GLN OA 452 -16.94 -24.03 71.90
N VAL OA 453 -17.65 -24.82 71.10
CA VAL OA 453 -18.93 -25.38 71.55
C VAL OA 453 -18.69 -26.60 72.44
N THR OA 481 -15.43 -27.80 81.42
CA THR OA 481 -15.73 -28.15 82.81
C THR OA 481 -16.99 -27.44 83.30
N VAL OA 482 -16.97 -26.11 83.23
CA VAL OA 482 -18.13 -25.33 83.68
C VAL OA 482 -19.31 -25.54 82.73
N ALA OA 483 -19.04 -25.65 81.43
CA ALA OA 483 -20.12 -25.88 80.47
C ALA OA 483 -20.75 -27.25 80.65
N THR OA 484 -20.01 -28.20 81.22
CA THR OA 484 -20.45 -29.58 81.36
C THR OA 484 -21.05 -29.85 82.73
N ASN OA 485 -21.16 -28.84 83.59
CA ASN OA 485 -21.57 -29.08 84.97
C ASN OA 485 -22.98 -29.65 85.10
N LYS OA 486 -23.86 -29.40 84.14
CA LYS OA 486 -25.23 -29.89 84.29
C LYS OA 486 -25.30 -31.40 84.22
N LEU OA 487 -24.49 -32.02 83.34
CA LEU OA 487 -24.44 -33.48 83.31
C LEU OA 487 -23.92 -34.05 84.62
N PHE OA 488 -22.89 -33.43 85.20
CA PHE OA 488 -22.35 -33.91 86.46
C PHE OA 488 -23.38 -33.75 87.58
N ASP OA 489 -24.14 -32.66 87.56
CA ASP OA 489 -25.17 -32.46 88.59
C ASP OA 489 -26.32 -33.44 88.42
N ASN OA 490 -26.67 -33.78 87.17
CA ASN OA 490 -27.67 -34.82 86.95
C ASN OA 490 -27.17 -36.16 87.46
N LEU OA 491 -25.89 -36.46 87.23
CA LEU OA 491 -25.30 -37.68 87.79
C LEU OA 491 -25.37 -37.66 89.31
N ARG OA 492 -25.06 -36.52 89.92
CA ARG OA 492 -25.12 -36.41 91.38
C ARG OA 492 -26.54 -36.64 91.89
N PHE OA 493 -27.51 -36.06 91.19
CA PHE OA 493 -28.92 -36.21 91.53
C PHE OA 493 -29.33 -37.68 91.50
N ALA OA 494 -29.00 -38.38 90.42
CA ALA OA 494 -29.39 -39.78 90.30
C ALA OA 494 -28.58 -40.67 91.23
N VAL OA 495 -27.35 -40.27 91.58
CA VAL OA 495 -26.58 -41.02 92.56
C VAL OA 495 -27.22 -40.90 93.93
N GLN OA 496 -27.73 -39.72 94.27
CA GLN OA 496 -28.49 -39.60 95.51
C GLN OA 496 -29.73 -40.48 95.47
N MET OA 497 -30.40 -40.55 94.31
CA MET OA 497 -31.56 -41.44 94.18
C MET OA 497 -31.17 -42.90 94.43
N GLN OA 498 -30.10 -43.37 93.80
CA GLN OA 498 -29.70 -44.77 93.96
C GLN OA 498 -29.26 -45.03 95.40
N GLY OA 499 -28.63 -44.04 96.03
CA GLY OA 499 -28.28 -44.19 97.44
C GLY OA 499 -29.51 -44.34 98.32
N GLU OA 500 -30.53 -43.51 98.10
CA GLU OA 500 -31.76 -43.62 98.86
C GLU OA 500 -32.41 -44.99 98.65
N ILE OA 501 -32.50 -45.43 97.40
CA ILE OA 501 -33.15 -46.72 97.12
C ILE OA 501 -32.39 -47.86 97.76
N GLN OA 502 -31.06 -47.86 97.63
CA GLN OA 502 -30.27 -48.93 98.23
C GLN OA 502 -30.40 -48.91 99.74
N LEU OA 503 -30.33 -47.73 100.36
CA LEU OA 503 -30.42 -47.65 101.81
C LEU OA 503 -31.76 -48.17 102.31
N SER OA 504 -32.84 -47.86 101.57
CA SER OA 504 -34.12 -48.45 101.90
C SER OA 504 -34.09 -49.97 101.76
N LEU OA 505 -33.38 -50.46 100.75
CA LEU OA 505 -33.27 -51.91 100.56
C LEU OA 505 -32.56 -52.57 101.75
N ILE OA 506 -31.50 -51.96 102.27
CA ILE OA 506 -30.92 -52.45 103.53
C ILE OA 506 -31.92 -52.37 104.66
N GLU OA 507 -32.61 -51.24 104.79
CA GLU OA 507 -33.60 -51.10 105.87
C GLU OA 507 -34.62 -52.23 105.83
N GLN OA 508 -34.93 -52.74 104.65
CA GLN OA 508 -36.01 -53.71 104.54
C GLN OA 508 -35.50 -55.15 104.60
N PHE OA 509 -34.35 -55.45 103.99
CA PHE OA 509 -34.01 -56.82 103.65
C PHE OA 509 -32.76 -57.37 104.32
N VAL OA 510 -32.20 -56.70 105.33
CA VAL OA 510 -31.02 -57.21 106.03
C VAL OA 510 -31.41 -57.56 107.46
N THR OA 511 -30.82 -58.61 107.99
CA THR OA 511 -30.96 -58.94 109.39
C THR OA 511 -29.77 -58.41 110.19
N GLU OA 512 -29.94 -58.34 111.50
CA GLU OA 512 -28.87 -57.83 112.36
C GLU OA 512 -27.67 -58.76 112.34
N GLU OA 513 -27.90 -60.06 112.16
CA GLU OA 513 -26.79 -61.00 112.06
C GLU OA 513 -25.96 -60.74 110.81
N LYS OA 514 -26.63 -60.38 109.70
CA LYS OA 514 -25.90 -60.03 108.49
C LYS OA 514 -24.97 -58.85 108.71
N THR OA 515 -25.46 -57.80 109.35
CA THR OA 515 -24.63 -56.64 109.64
C THR OA 515 -23.50 -57.01 110.61
N PHE OA 516 -23.81 -57.82 111.62
CA PHE OA 516 -22.80 -58.18 112.61
C PHE OA 516 -21.69 -59.01 111.98
N ARG OA 517 -22.02 -59.83 110.99
CA ARG OA 517 -20.98 -60.56 110.26
C ARG OA 517 -20.20 -59.63 109.34
N ILE OA 518 -20.90 -58.77 108.61
CA ILE OA 518 -20.23 -57.85 107.68
C ILE OA 518 -19.48 -56.77 108.45
N THR OA 519 -20.10 -56.19 109.47
CA THR OA 519 -19.51 -55.11 110.23
C THR OA 519 -19.35 -55.54 111.68
N ASN OA 520 -18.27 -55.07 112.31
CA ASN OA 520 -18.00 -55.44 113.70
C ASN OA 520 -19.11 -54.96 114.62
N GLU OA 521 -19.87 -53.95 114.19
CA GLU OA 521 -20.99 -53.44 114.96
C GLU OA 521 -22.04 -54.54 115.20
N LEU OA 534 -43.48 -38.52 112.96
CA LEU OA 534 -42.55 -38.59 111.85
C LEU OA 534 -43.28 -38.93 110.55
N PRO OA 535 -42.68 -38.57 109.42
CA PRO OA 535 -43.28 -38.93 108.13
C PRO OA 535 -43.42 -40.43 107.97
N GLU OA 536 -44.45 -40.83 107.22
CA GLU OA 536 -44.75 -42.26 107.09
C GLU OA 536 -43.77 -42.95 106.15
N ASN OA 537 -43.25 -42.23 105.15
CA ASN OA 537 -42.42 -42.85 104.12
C ASN OA 537 -41.11 -43.36 104.71
N ASP OA 538 -40.65 -44.51 104.19
CA ASP OA 538 -39.35 -45.04 104.61
C ASP OA 538 -38.22 -44.10 104.21
N ILE OA 539 -38.28 -43.56 102.99
CA ILE OA 539 -37.20 -42.70 102.50
C ILE OA 539 -37.07 -41.45 103.35
N VAL OA 540 -38.20 -40.81 103.67
CA VAL OA 540 -38.15 -39.60 104.49
C VAL OA 540 -37.74 -39.93 105.92
N ARG OA 541 -38.22 -41.05 106.46
CA ARG OA 541 -37.83 -41.43 107.81
C ARG OA 541 -36.32 -41.65 107.90
N THR OA 542 -35.75 -42.35 106.93
CA THR OA 542 -34.31 -42.61 106.95
C THR OA 542 -33.52 -41.33 106.75
N LYS OA 543 -33.99 -40.46 105.85
CA LYS OA 543 -33.27 -39.22 105.57
C LYS OA 543 -33.37 -38.27 106.77
N ALA OA 544 -34.39 -38.43 107.60
CA ALA OA 544 -34.55 -37.58 108.77
C ALA OA 544 -33.37 -37.72 109.72
N ASP OA 545 -32.91 -38.96 109.92
CA ASP OA 545 -31.80 -39.19 110.84
C ASP OA 545 -30.47 -39.23 110.11
N PHE OA 546 -30.44 -39.83 108.92
CA PHE OA 546 -29.20 -40.07 108.19
C PHE OA 546 -29.25 -39.37 106.84
N ILE OA 547 -28.21 -38.59 106.55
CA ILE OA 547 -28.07 -37.90 105.27
C ILE OA 547 -27.00 -38.62 104.44
N ILE OA 548 -27.23 -38.71 103.13
CA ILE OA 548 -26.27 -39.38 102.26
C ILE OA 548 -25.19 -38.40 101.85
N GLY OA 549 -23.94 -38.77 102.14
CA GLY OA 549 -22.80 -37.95 101.75
C GLY OA 549 -21.85 -38.75 100.89
N GLU OA 550 -20.92 -38.02 100.27
CA GLU OA 550 -20.03 -38.60 99.28
C GLU OA 550 -18.58 -38.33 99.64
N SER OA 551 -17.73 -39.34 99.45
CA SER OA 551 -16.29 -39.22 99.55
C SER OA 551 -15.68 -40.02 98.41
N ASP OA 552 -14.38 -39.88 98.22
CA ASP OA 552 -13.71 -40.62 97.16
C ASP OA 552 -13.77 -42.13 97.45
N TRP OA 553 -13.45 -42.92 96.43
CA TRP OA 553 -13.65 -44.37 96.51
C TRP OA 553 -12.82 -44.97 97.63
N ARG OA 554 -11.51 -44.71 97.64
CA ARG OA 554 -10.65 -44.93 98.81
C ARG OA 554 -10.72 -46.36 99.35
N ALA OA 555 -11.08 -47.31 98.48
CA ALA OA 555 -11.14 -48.75 98.80
C ALA OA 555 -12.03 -48.93 100.04
N THR OA 556 -11.60 -49.66 101.07
CA THR OA 556 -12.48 -49.96 102.18
C THR OA 556 -12.77 -48.72 103.01
N TYR OA 557 -13.76 -48.86 103.90
CA TYR OA 557 -14.12 -47.76 104.78
C TYR OA 557 -12.98 -47.41 105.74
N ARG OA 558 -12.20 -48.41 106.13
CA ARG OA 558 -11.12 -48.17 107.07
C ARG OA 558 -10.08 -47.21 106.51
N GLN OA 559 -9.81 -47.30 105.21
CA GLN OA 559 -8.84 -46.39 104.61
C GLN OA 559 -9.33 -44.94 104.68
N ALA OA 560 -10.61 -44.72 104.38
CA ALA OA 560 -11.17 -43.37 104.52
C ALA OA 560 -11.12 -42.89 105.95
N ALA OA 561 -11.42 -43.79 106.90
CA ALA OA 561 -11.30 -43.45 108.31
C ALA OA 561 -9.89 -43.03 108.66
N SER OA 562 -8.90 -43.76 108.16
CA SER OA 562 -7.51 -43.44 108.43
C SER OA 562 -7.13 -42.09 107.83
N GLU OA 563 -7.62 -41.79 106.62
CA GLU OA 563 -7.34 -40.49 106.03
C GLU OA 563 -7.93 -39.36 106.87
N GLN OA 564 -9.18 -39.52 107.32
CA GLN OA 564 -9.78 -38.48 108.16
C GLN OA 564 -9.02 -38.31 109.47
N LEU OA 565 -8.61 -39.43 110.08
CA LEU OA 565 -7.84 -39.33 111.33
C LEU OA 565 -6.50 -38.64 111.09
N SER OA 566 -5.83 -38.95 109.98
CA SER OA 566 -4.55 -38.31 109.70
C SER OA 566 -4.73 -36.82 109.47
N GLN OA 567 -5.79 -36.43 108.74
CA GLN OA 567 -6.05 -35.01 108.53
C GLN OA 567 -6.31 -34.29 109.85
N MET OA 568 -7.13 -34.89 110.72
CA MET OA 568 -7.44 -34.21 111.98
C MET OA 568 -6.20 -34.17 112.88
N ILE OA 569 -5.36 -35.20 112.85
CA ILE OA 569 -4.10 -35.17 113.57
C ILE OA 569 -3.24 -34.01 113.09
N MET OA 570 -3.12 -33.85 111.76
CA MET OA 570 -2.42 -32.70 111.22
C MET OA 570 -3.04 -31.40 111.70
N LYS OA 571 -4.35 -31.41 111.94
CA LYS OA 571 -4.99 -30.22 112.51
C LYS OA 571 -4.67 -30.05 113.99
N MET OA 572 -4.64 -31.14 114.76
CA MET OA 572 -4.39 -31.03 116.19
C MET OA 572 -2.95 -30.55 116.45
N PRO OA 573 -2.71 -29.88 117.57
CA PRO OA 573 -1.35 -29.51 117.93
C PRO OA 573 -0.55 -30.77 118.28
N PRO OA 574 0.77 -30.63 118.41
CA PRO OA 574 1.57 -31.80 118.82
C PRO OA 574 1.13 -32.38 120.15
N GLN OA 575 0.67 -31.55 121.08
CA GLN OA 575 0.14 -32.06 122.34
C GLN OA 575 -1.36 -32.28 122.22
N VAL OA 576 -1.77 -33.54 122.41
CA VAL OA 576 -3.08 -34.20 122.22
C VAL OA 576 -2.95 -35.08 120.98
N GLY OA 577 -1.88 -34.86 120.21
CA GLY OA 577 -1.73 -35.55 118.94
C GLY OA 577 -1.46 -37.04 119.07
N LEU OA 578 -0.88 -37.48 120.18
CA LEU OA 578 -0.41 -38.86 120.28
C LEU OA 578 -1.58 -39.85 120.37
N VAL OA 579 -2.64 -39.47 121.07
CA VAL OA 579 -3.76 -40.40 121.23
C VAL OA 579 -4.56 -40.52 119.93
N MET OA 580 -4.82 -39.39 119.26
CA MET OA 580 -5.35 -39.47 117.90
C MET OA 580 -4.42 -40.28 117.00
N LEU OA 581 -3.11 -40.21 117.27
CA LEU OA 581 -2.15 -40.97 116.49
C LEU OA 581 -2.31 -42.47 116.73
N ASP OA 582 -2.61 -42.88 117.96
CA ASP OA 582 -2.78 -44.31 118.21
C ASP OA 582 -4.07 -44.82 117.58
N LEU OA 583 -5.14 -44.02 117.60
CA LEU OA 583 -6.31 -44.37 116.80
C LEU OA 583 -5.99 -44.48 115.31
N TRP OA 584 -5.21 -43.53 114.78
CA TRP OA 584 -4.90 -43.58 113.35
C TRP OA 584 -4.08 -44.82 113.02
N ALA OA 585 -3.14 -45.19 113.90
CA ALA OA 585 -2.37 -46.41 113.70
C ALA OA 585 -3.29 -47.64 113.74
N ASP OA 586 -4.27 -47.63 114.65
CA ASP OA 586 -5.22 -48.73 114.71
C ASP OA 586 -6.03 -48.84 113.43
N SER OA 587 -6.47 -47.70 112.88
CA SER OA 587 -7.34 -47.73 111.71
C SER OA 587 -6.57 -48.11 110.44
N THR OA 588 -5.35 -47.60 110.29
CA THR OA 588 -4.60 -47.84 109.07
C THR OA 588 -4.18 -49.30 108.95
N ASP OA 589 -4.00 -49.75 107.71
CA ASP OA 589 -3.66 -51.14 107.43
C ASP OA 589 -2.15 -51.26 107.25
N LEU OA 590 -1.45 -51.25 108.39
CA LEU OA 590 -0.01 -51.46 108.36
C LEU OA 590 0.30 -52.94 108.14
N PRO OA 591 1.48 -53.25 107.59
CA PRO OA 591 1.85 -54.66 107.42
C PRO OA 591 1.88 -55.44 108.72
N ASN OA 592 2.23 -54.79 109.82
CA ASN OA 592 2.04 -55.32 111.16
C ASN OA 592 1.28 -54.28 111.96
N ARG OA 593 0.20 -54.70 112.62
CA ARG OA 593 -0.72 -53.75 113.25
C ARG OA 593 -0.84 -53.93 114.76
N ASP OA 594 -1.07 -55.16 115.23
CA ASP OA 594 -1.36 -55.37 116.64
C ASP OA 594 -0.20 -54.93 117.52
N GLU OA 595 1.02 -55.29 117.15
CA GLU OA 595 2.18 -54.89 117.94
C GLU OA 595 2.43 -53.39 117.85
N ILE OA 596 2.19 -52.81 116.67
CA ILE OA 596 2.31 -51.36 116.52
C ILE OA 596 1.32 -50.64 117.41
N VAL OA 597 0.05 -51.07 117.39
CA VAL OA 597 -0.95 -50.46 118.25
C VAL OA 597 -0.55 -50.62 119.71
N LYS OA 598 -0.04 -51.80 120.07
CA LYS OA 598 0.37 -52.04 121.45
C LYS OA 598 1.48 -51.08 121.86
N ARG OA 599 2.44 -50.83 120.97
CA ARG OA 599 3.54 -49.92 121.28
C ARG OA 599 3.05 -48.49 121.44
N ILE OA 600 2.21 -48.03 120.51
CA ILE OA 600 1.72 -46.65 120.60
C ILE OA 600 0.90 -46.48 121.86
N ARG OA 601 0.13 -47.51 122.24
CA ARG OA 601 -0.63 -47.47 123.48
C ARG OA 601 0.29 -47.44 124.69
N GLN OA 602 1.38 -48.22 124.66
CA GLN OA 602 2.31 -48.24 125.78
C GLN OA 602 2.90 -46.86 126.02
N ILE OA 603 3.29 -46.18 124.94
CA ILE OA 603 3.84 -44.84 125.10
C ILE OA 603 2.74 -43.84 125.45
N ASN OA 604 1.50 -44.10 125.00
CA ASN OA 604 0.40 -43.19 125.30
C ASN OA 604 -0.31 -43.57 126.60
N GLY OA 605 -0.53 -44.86 126.82
CA GLY OA 605 -1.26 -45.30 127.99
C GLY OA 605 -2.76 -45.42 127.81
N MET OA 606 -3.27 -45.25 126.60
CA MET OA 606 -4.71 -45.26 126.38
C MET OA 606 -5.24 -46.67 126.18
N ARG OA 607 -6.57 -46.79 126.27
CA ARG OA 607 -7.25 -48.08 126.16
C ARG OA 607 -8.42 -47.94 125.19
N ASP OA 608 -8.63 -48.98 124.39
CA ASP OA 608 -9.72 -49.03 123.41
C ASP OA 608 -9.70 -47.83 122.48
N PRO OA 614 -4.54 -56.86 127.22
CA PRO OA 614 -4.24 -55.61 127.91
C PRO OA 614 -4.47 -55.75 129.41
N THR OA 615 -4.84 -56.96 129.84
CA THR OA 615 -5.07 -57.20 131.26
C THR OA 615 -3.81 -57.02 132.08
N PRO OA 616 -2.68 -57.54 131.57
CA PRO OA 616 -1.40 -57.34 132.26
C PRO OA 616 -1.00 -55.87 132.25
N GLU OA 617 -1.18 -55.19 131.11
CA GLU OA 617 -0.85 -53.77 131.03
C GLU OA 617 -1.75 -52.95 131.95
N GLU OA 618 -3.04 -53.29 132.00
CA GLU OA 618 -3.95 -52.57 132.89
C GLU OA 618 -3.54 -52.74 134.36
N LEU OA 619 -3.22 -53.97 134.76
CA LEU OA 619 -2.80 -54.22 136.14
C LEU OA 619 -1.50 -53.49 136.46
N GLN OA 620 -0.53 -53.52 135.53
CA GLN OA 620 0.72 -52.83 135.76
C GLN OA 620 0.52 -51.32 135.90
N GLN OA 621 -0.29 -50.73 135.01
CA GLN OA 621 -0.54 -49.30 135.08
C GLN OA 621 -1.26 -48.92 136.37
N GLN OA 622 -2.27 -49.72 136.77
CA GLN OA 622 -3.00 -49.43 137.99
C GLN OA 622 -2.09 -49.54 139.20
N GLN OA 623 -1.24 -50.57 139.26
CA GLN OA 623 -0.32 -50.73 140.38
C GLN OA 623 0.67 -49.57 140.43
N ALA OA 624 1.22 -49.18 139.28
CA ALA OA 624 2.17 -48.07 139.27
C ALA OA 624 1.52 -46.77 139.73
N ALA OA 625 0.31 -46.49 139.24
CA ALA OA 625 -0.39 -45.27 139.63
C ALA OA 625 -0.69 -45.27 141.13
N ALA OA 626 -1.20 -46.39 141.64
CA ALA OA 626 -1.52 -46.47 143.05
C ALA OA 626 -0.29 -46.32 143.92
N GLU OA 627 0.82 -46.98 143.55
CA GLU OA 627 2.04 -46.88 144.33
C GLU OA 627 2.58 -45.45 144.32
N GLN OA 628 2.60 -44.80 143.16
CA GLN OA 628 3.10 -43.44 143.07
C GLN OA 628 2.24 -42.48 143.89
N ALA OA 629 0.92 -42.62 143.78
CA ALA OA 629 0.02 -41.74 144.53
C ALA OA 629 0.17 -41.94 146.03
N GLN OA 630 0.26 -43.20 146.46
CA GLN OA 630 0.42 -43.48 147.89
C GLN OA 630 1.74 -42.94 148.40
N ALA OA 631 2.82 -43.10 147.62
CA ALA OA 631 4.11 -42.56 148.03
C ALA OA 631 4.08 -41.04 148.13
N GLN OA 632 3.45 -40.38 147.16
CA GLN OA 632 3.35 -38.92 147.21
C GLN OA 632 2.55 -38.47 148.41
N LYS OA 633 1.42 -39.13 148.70
CA LYS OA 633 0.62 -38.77 149.85
C LYS OA 633 1.38 -38.99 151.15
N ALA OA 634 2.11 -40.10 151.25
CA ALA OA 634 2.90 -40.36 152.45
C ALA OA 634 3.99 -39.32 152.64
N MET OA 635 4.66 -38.93 151.55
CA MET OA 635 5.69 -37.90 151.63
C MET OA 635 5.10 -36.56 152.05
N PHE OA 636 3.95 -36.21 151.50
CA PHE OA 636 3.29 -34.96 151.90
C PHE OA 636 2.89 -34.99 153.37
N MET OA 637 2.36 -36.12 153.84
CA MET OA 637 2.01 -36.25 155.25
C MET OA 637 3.23 -36.14 156.15
N ALA OA 638 4.33 -36.77 155.74
CA ALA OA 638 5.57 -36.67 156.52
C ALA OA 638 6.09 -35.24 156.57
N GLU OA 639 6.02 -34.53 155.44
CA GLU OA 639 6.46 -33.14 155.43
C GLU OA 639 5.59 -32.26 156.32
N LEU OA 640 4.27 -32.47 156.26
CA LEU OA 640 3.37 -31.70 157.12
C LEU OA 640 3.63 -31.99 158.59
N SER OA 641 3.84 -33.26 158.92
CA SER OA 641 4.14 -33.63 160.30
C SER OA 641 5.45 -33.01 160.76
N GLU OA 642 6.46 -32.99 159.89
CA GLU OA 642 7.74 -32.38 160.23
C GLU OA 642 7.58 -30.88 160.49
N LYS OA 643 6.82 -30.20 159.63
CA LYS OA 643 6.61 -28.76 159.82
C LYS OA 643 5.86 -28.48 161.11
N GLN OA 644 4.80 -29.25 161.39
CA GLN OA 644 4.04 -29.05 162.62
C GLN OA 644 4.89 -29.34 163.85
N GLY OA 645 5.71 -30.39 163.79
CA GLY OA 645 6.58 -30.71 164.92
C GLY OA 645 7.64 -29.65 165.12
N LYS OA 646 8.17 -29.08 164.04
CA LYS OA 646 9.12 -27.98 164.17
C LYS OA 646 8.46 -26.76 164.81
N ALA OA 647 7.23 -26.46 164.42
CA ALA OA 647 6.50 -25.35 165.05
C ALA OA 647 6.28 -25.62 166.53
N ASP OA 648 5.90 -26.84 166.89
CA ASP OA 648 5.70 -27.18 168.29
C ASP OA 648 7.01 -27.07 169.06
N LYS OA 649 8.12 -27.51 168.45
CA LYS OA 649 9.42 -27.41 169.10
C LYS OA 649 9.81 -25.96 169.34
N ALA OA 650 9.57 -25.09 168.36
CA ALA OA 650 9.88 -23.68 168.52
C ALA OA 650 9.03 -23.05 169.61
N GLN OA 651 7.74 -23.38 169.65
CA GLN OA 651 6.85 -22.82 170.67
C GLN OA 651 7.27 -23.29 172.07
N ALA OA 652 7.61 -24.57 172.20
CA ALA OA 652 8.02 -25.08 173.50
C ALA OA 652 9.39 -24.53 173.91
N ASP OA 653 10.26 -24.27 172.93
CA ASP OA 653 11.51 -23.59 173.22
C ASP OA 653 11.25 -22.18 173.73
N ALA OA 654 10.25 -21.50 173.16
CA ALA OA 654 9.85 -20.20 173.67
C ALA OA 654 9.37 -20.31 175.12
N VAL OA 655 8.55 -21.31 175.41
CA VAL OA 655 8.07 -21.50 176.78
C VAL OA 655 9.23 -21.77 177.74
N ALA OA 656 10.18 -22.61 177.32
CA ALA OA 656 11.34 -22.92 178.14
C ALA OA 656 12.20 -21.68 178.37
N ALA OA 657 12.38 -20.87 177.34
CA ALA OA 657 13.13 -19.63 177.49
C ALA OA 657 12.46 -18.68 178.46
N GLN OA 658 11.13 -18.56 178.38
CA GLN OA 658 10.41 -17.70 179.31
C GLN OA 658 10.55 -18.20 180.75
N ALA OA 659 10.44 -19.52 180.95
CA ALA OA 659 10.57 -20.07 182.30
C ALA OA 659 11.99 -19.90 182.82
N ASN OA 660 13.00 -20.08 181.97
CA ASN OA 660 14.37 -19.85 182.37
C ASN OA 660 14.61 -18.39 182.72
N ALA OA 661 13.98 -17.48 181.98
CA ALA OA 661 14.04 -16.06 182.32
C ALA OA 661 13.44 -15.80 183.69
N ASP OA 662 12.29 -16.41 183.98
CA ASP OA 662 11.67 -16.24 185.29
C ASP OA 662 12.58 -16.79 186.39
N LEU OA 663 13.19 -17.95 186.15
CA LEU OA 663 14.09 -18.54 187.15
C LEU OA 663 15.31 -17.65 187.39
N ARG OA 664 15.89 -17.11 186.32
CA ARG OA 664 17.04 -16.23 186.47
C ARG OA 664 16.67 -14.96 187.22
N ALA OA 665 15.50 -14.40 186.92
CA ALA OA 665 15.03 -13.21 187.64
C ALA OA 665 14.83 -13.51 189.12
N ALA OA 666 14.24 -14.68 189.43
CA ALA OA 666 14.05 -15.05 190.83
C ALA OA 666 15.40 -15.23 191.54
N GLN OA 667 16.37 -15.86 190.87
CA GLN OA 667 17.68 -16.03 191.46
C GLN OA 667 18.36 -14.69 191.71
N ALA OA 668 18.23 -13.75 190.77
CA ALA OA 668 18.79 -12.42 190.95
C ALA OA 668 18.13 -11.70 192.12
N GLU OA 669 16.80 -11.82 192.23
CA GLU OA 669 16.10 -11.19 193.35
C GLU OA 669 16.54 -11.78 194.68
N GLN OA 670 16.72 -13.10 194.73
CA GLN OA 670 17.18 -13.74 195.97
C GLN OA 670 18.60 -13.29 196.31
N VAL OA 671 19.49 -13.20 195.31
CA VAL OA 671 20.87 -12.80 195.57
C VAL OA 671 20.95 -11.35 196.02
N ARG OA 672 20.13 -10.48 195.44
CA ARG OA 672 20.18 -9.06 195.79
C ARG OA 672 19.82 -8.83 197.25
N ARG OA 673 18.80 -9.53 197.74
CA ARG OA 673 18.37 -9.38 199.12
C ARG OA 673 19.37 -10.03 200.07
N VAL PA 4 0.86 92.94 -64.63
CA VAL PA 4 1.11 92.11 -65.80
C VAL PA 4 0.57 92.79 -67.05
N GLN PA 5 1.44 93.48 -67.77
CA GLN PA 5 1.05 94.07 -69.04
C GLN PA 5 1.00 93.01 -70.14
N PHE PA 6 0.29 93.33 -71.20
CA PHE PA 6 0.20 92.42 -72.33
C PHE PA 6 0.88 93.02 -73.56
N ALA PA 7 1.25 92.14 -74.49
CA ALA PA 7 1.97 92.53 -75.68
C ALA PA 7 1.05 92.42 -76.89
N ASN PA 8 1.40 93.13 -77.96
CA ASN PA 8 0.58 93.18 -79.16
C ASN PA 8 1.46 93.12 -80.40
N ASN PA 9 1.32 92.05 -81.18
CA ASN PA 9 1.96 91.92 -82.49
C ASN PA 9 3.46 92.16 -82.40
N ALA PA 10 4.07 91.65 -81.34
CA ALA PA 10 5.49 91.87 -81.05
C ALA PA 10 6.25 90.56 -81.27
N ALA PA 11 7.27 90.62 -82.12
CA ALA PA 11 8.06 89.44 -82.47
C ALA PA 11 9.47 89.89 -82.84
N SER PA 12 10.45 89.37 -82.13
CA SER PA 12 11.80 89.79 -82.41
C SER PA 12 12.78 88.66 -82.37
N ARG PA 13 13.96 88.91 -82.91
CA ARG PA 13 15.01 87.90 -82.91
C ARG PA 13 15.94 88.11 -81.71
N LEU PA 14 16.36 87.01 -81.11
CA LEU PA 14 17.35 87.04 -80.02
C LEU PA 14 18.73 86.97 -80.66
N VAL PA 15 19.32 88.14 -80.92
CA VAL PA 15 20.53 88.22 -81.72
C VAL PA 15 21.73 87.67 -80.95
N GLY PA 16 21.82 87.97 -79.66
CA GLY PA 16 22.95 87.54 -78.86
C GLY PA 16 22.69 86.24 -78.16
N PRO PA 17 23.51 85.22 -78.43
CA PRO PA 17 23.18 83.86 -77.99
C PRO PA 17 22.92 83.77 -76.50
N LEU PA 18 21.89 83.01 -76.15
CA LEU PA 18 21.39 82.93 -74.78
C LEU PA 18 21.82 81.61 -74.16
N ALA PA 19 22.44 81.69 -72.99
CA ALA PA 19 22.85 80.52 -72.26
C ALA PA 19 21.64 79.84 -71.62
N PRO PA 20 21.77 78.55 -71.25
CA PRO PA 20 20.68 77.90 -70.50
C PRO PA 20 20.37 78.61 -69.19
N SER PA 21 21.33 79.33 -68.63
CA SER PA 21 21.11 80.17 -67.45
C SER PA 21 21.43 81.61 -67.86
N GLY PA 22 20.38 82.37 -68.18
CA GLY PA 22 20.57 83.72 -68.69
C GLY PA 22 19.90 84.78 -67.84
N THR PA 23 20.48 85.99 -67.82
CA THR PA 23 19.94 87.05 -67.00
C THR PA 23 19.23 88.11 -67.84
N SER PA 24 19.71 88.34 -69.06
CA SER PA 24 19.14 89.37 -69.92
C SER PA 24 19.09 88.87 -71.36
N LEU PA 25 18.21 89.51 -72.15
CA LEU PA 25 18.01 89.18 -73.55
C LEU PA 25 18.21 90.42 -74.38
N THR PA 26 18.58 90.22 -75.65
CA THR PA 26 18.80 91.30 -76.59
C THR PA 26 18.02 91.03 -77.87
N VAL PA 27 16.96 91.82 -78.10
CA VAL PA 27 16.15 91.75 -79.30
C VAL PA 27 16.82 92.53 -80.42
N THR PA 28 16.29 92.42 -81.63
CA THR PA 28 16.75 93.26 -82.73
C THR PA 28 16.53 94.73 -82.38
N PRO PA 29 17.45 95.61 -82.79
CA PRO PA 29 17.35 97.02 -82.37
C PRO PA 29 16.06 97.70 -82.80
N GLY PA 30 15.55 97.38 -83.99
CA GLY PA 30 14.36 98.07 -84.48
C GLY PA 30 13.10 97.73 -83.70
N ASP PA 31 12.94 96.47 -83.32
CA ASP PA 31 11.66 96.01 -82.79
C ASP PA 31 11.55 96.18 -81.27
N GLY PA 32 12.59 96.69 -80.61
CA GLY PA 32 12.57 96.78 -79.16
C GLY PA 32 11.47 97.68 -78.63
N ALA PA 33 11.16 98.76 -79.36
CA ALA PA 33 10.13 99.68 -78.91
C ALA PA 33 8.74 99.05 -79.02
N LEU PA 34 8.57 98.09 -79.92
CA LEU PA 34 7.25 97.50 -80.13
C LEU PA 34 6.80 96.69 -78.92
N PHE PA 35 7.75 96.11 -78.18
CA PHE PA 35 7.40 95.42 -76.95
C PHE PA 35 6.91 96.44 -75.92
N PRO PA 36 6.03 96.03 -75.00
CA PRO PA 36 5.51 96.99 -74.01
C PRO PA 36 6.62 97.58 -73.16
N THR PA 37 6.47 98.88 -72.86
CA THR PA 37 7.54 99.63 -72.20
C THR PA 37 7.73 99.18 -70.75
N LEU PA 38 6.63 98.87 -70.06
CA LEU PA 38 6.64 98.39 -68.68
C LEU PA 38 7.12 99.42 -67.66
N GLY PA 39 7.24 99.00 -66.41
CA GLY PA 39 7.66 99.85 -65.31
C GLY PA 39 8.11 99.00 -64.15
N ALA PA 40 8.35 99.67 -63.02
CA ALA PA 40 8.82 98.97 -61.83
C ALA PA 40 7.79 97.97 -61.35
N GLY PA 41 8.20 96.72 -61.22
CA GLY PA 41 7.32 95.66 -60.76
C GLY PA 41 6.34 95.16 -61.80
N ASP PA 42 6.44 95.62 -63.03
CA ASP PA 42 5.46 95.32 -64.08
C ASP PA 42 6.14 94.51 -65.17
N TRP PA 43 5.50 93.43 -65.58
CA TRP PA 43 6.12 92.47 -66.49
C TRP PA 43 5.11 91.97 -67.52
N PHE PA 44 5.63 91.47 -68.64
CA PHE PA 44 4.86 90.74 -69.63
C PHE PA 44 5.51 89.38 -69.83
N MET PA 45 4.73 88.39 -70.19
CA MET PA 45 5.29 87.07 -70.46
C MET PA 45 5.62 86.94 -71.95
N ALA PA 46 6.85 86.49 -72.23
CA ALA PA 46 7.35 86.40 -73.59
C ALA PA 46 7.80 84.97 -73.87
N THR PA 47 7.40 84.45 -75.03
CA THR PA 47 7.66 83.07 -75.42
C THR PA 47 8.80 83.04 -76.43
N LEU PA 48 9.81 82.21 -76.16
CA LEU PA 48 10.92 81.99 -77.09
C LEU PA 48 10.68 80.70 -77.87
N ILE PA 49 10.30 80.84 -79.13
CA ILE PA 49 10.13 79.72 -80.03
C ILE PA 49 11.41 79.59 -80.85
N ARG PA 50 12.32 78.72 -80.41
CA ARG PA 50 13.60 78.57 -81.07
C ARG PA 50 13.47 77.73 -82.35
N SER PA 51 14.61 77.42 -82.93
CA SER PA 51 14.64 76.50 -84.06
C SER PA 51 14.09 75.14 -83.63
N ASP PA 52 13.37 74.50 -84.55
CA ASP PA 52 12.65 73.25 -84.31
C ASP PA 52 11.47 73.51 -83.39
N GLY PA 53 10.89 72.45 -82.83
CA GLY PA 53 9.63 72.60 -82.10
C GLY PA 53 9.81 73.08 -80.68
N ALA PA 54 11.04 73.07 -80.18
CA ALA PA 54 11.29 73.43 -78.78
C ALA PA 54 10.91 74.88 -78.52
N ARG PA 55 10.23 75.12 -77.40
CA ARG PA 55 9.85 76.46 -76.96
C ARG PA 55 10.05 76.56 -75.45
N GLU PA 56 10.54 77.70 -74.99
CA GLU PA 56 10.72 77.96 -73.57
C GLU PA 56 10.09 79.30 -73.22
N ILE PA 57 9.42 79.35 -72.07
CA ILE PA 57 8.74 80.56 -71.62
C ILE PA 57 9.61 81.28 -70.60
N VAL PA 58 9.57 82.60 -70.62
CA VAL PA 58 10.32 83.45 -69.70
C VAL PA 58 9.47 84.66 -69.34
N LYS PA 59 9.86 85.33 -68.26
CA LYS PA 59 9.18 86.53 -67.79
C LYS PA 59 10.13 87.72 -67.89
N VAL PA 60 9.65 88.81 -68.51
CA VAL PA 60 10.44 90.02 -68.71
C VAL PA 60 10.14 90.96 -67.56
N THR PA 61 11.06 91.02 -66.59
CA THR PA 61 10.85 91.89 -65.43
C THR PA 61 10.84 93.36 -65.84
N SER PA 62 11.73 93.75 -66.76
CA SER PA 62 11.79 95.12 -67.24
C SER PA 62 12.65 95.16 -68.49
N ARG PA 63 12.38 96.16 -69.34
CA ARG PA 63 13.13 96.35 -70.58
C ARG PA 63 13.69 97.76 -70.62
N THR PA 64 14.98 97.87 -70.93
CA THR PA 64 15.66 99.15 -71.04
C THR PA 64 16.22 99.29 -72.45
N VAL PA 65 15.80 100.35 -73.15
CA VAL PA 65 16.20 100.62 -74.52
C VAL PA 65 15.81 99.38 -75.34
N ASP PA 66 16.78 98.55 -75.71
CA ASP PA 66 16.56 97.41 -76.57
C ASP PA 66 16.88 96.07 -75.90
N ALA PA 67 17.33 96.10 -74.65
CA ALA PA 67 17.70 94.89 -73.92
C ALA PA 67 16.92 94.82 -72.62
N MET PA 68 16.42 93.63 -72.29
CA MET PA 68 15.59 93.42 -71.12
C MET PA 68 16.20 92.36 -70.21
N SER PA 69 16.17 92.61 -68.91
CA SER PA 69 16.51 91.58 -67.94
C SER PA 69 15.44 90.50 -67.95
N ILE PA 70 15.88 89.24 -67.87
CA ILE PA 70 14.98 88.12 -68.12
C ILE PA 70 15.06 87.12 -66.97
N THR PA 71 13.95 86.41 -66.75
CA THR PA 71 13.86 85.37 -65.74
C THR PA 71 13.31 84.11 -66.39
N ARG PA 72 13.92 82.97 -66.10
CA ARG PA 72 13.62 81.73 -66.79
C ARG PA 72 12.67 80.85 -65.98
N ALA PA 73 12.09 79.86 -66.67
CA ALA PA 73 11.34 78.77 -66.03
C ALA PA 73 10.16 79.29 -65.20
N GLN PA 74 9.18 79.90 -65.87
CA GLN PA 74 8.02 80.40 -65.15
C GLN PA 74 6.90 79.36 -65.09
N GLU PA 75 6.52 78.81 -66.22
CA GLU PA 75 5.46 77.80 -66.27
C GLU PA 75 6.00 76.39 -66.08
N GLY PA 76 7.32 76.22 -66.07
CA GLY PA 76 7.93 74.91 -65.92
C GLY PA 76 8.63 74.37 -67.14
N SER PA 77 8.68 75.12 -68.23
CA SER PA 77 9.44 74.68 -69.39
C SER PA 77 10.92 74.61 -69.05
N SER PA 78 11.58 73.57 -69.56
CA SER PA 78 12.98 73.35 -69.24
C SER PA 78 13.85 74.48 -69.79
N ALA PA 79 14.81 74.92 -69.00
CA ALA PA 79 15.77 75.91 -69.45
C ALA PA 79 16.60 75.33 -70.59
N LEU PA 80 16.76 76.11 -71.66
CA LEU PA 80 17.41 75.62 -72.86
C LEU PA 80 18.41 76.65 -73.37
N SER PA 81 19.39 76.18 -74.13
CA SER PA 81 20.30 77.08 -74.83
C SER PA 81 19.71 77.47 -76.17
N PHE PA 82 19.86 78.75 -76.53
CA PHE PA 82 19.27 79.28 -77.75
C PHE PA 82 20.38 79.86 -78.63
N ASN PA 83 20.25 79.62 -79.93
CA ASN PA 83 21.21 80.09 -80.92
C ASN PA 83 20.98 81.55 -81.24
N PRO PA 84 21.96 82.24 -81.84
CA PRO PA 84 21.81 83.67 -82.12
C PRO PA 84 20.63 84.04 -83.01
N ASN PA 85 19.86 83.06 -83.50
CA ASN PA 85 18.61 83.32 -84.21
C ASN PA 85 17.48 82.69 -83.43
N ASP PA 86 16.44 83.48 -83.17
CA ASP PA 86 15.36 83.07 -82.28
C ASP PA 86 14.12 83.89 -82.59
N ARG PA 87 13.01 83.55 -81.93
CA ARG PA 87 11.78 84.29 -82.02
C ARG PA 87 11.21 84.50 -80.62
N ILE PA 88 10.97 85.76 -80.27
CA ILE PA 88 10.35 86.12 -79.00
C ILE PA 88 9.03 86.80 -79.31
N GLU PA 89 7.93 86.15 -78.95
CA GLU PA 89 6.62 86.61 -79.39
C GLU PA 89 5.55 85.96 -78.52
N ALA PA 90 4.29 86.22 -78.90
CA ALA PA 90 3.11 85.52 -78.41
C ALA PA 90 2.79 85.86 -76.95
N ARG PA 91 1.61 85.46 -76.51
CA ARG PA 91 1.17 85.60 -75.13
C ARG PA 91 0.65 84.25 -74.65
N LEU PA 92 1.19 83.76 -73.55
CA LEU PA 92 0.86 82.44 -73.03
C LEU PA 92 -0.54 82.46 -72.44
N THR PA 93 -1.31 81.40 -72.71
CA THR PA 93 -2.67 81.32 -72.17
C THR PA 93 -2.66 80.94 -70.69
N ALA PA 94 -1.86 79.95 -70.32
CA ALA PA 94 -2.05 79.27 -69.04
C ALA PA 94 -1.88 80.23 -67.86
N GLY PA 95 -0.76 80.95 -67.81
CA GLY PA 95 -0.47 81.79 -66.66
C GLY PA 95 -1.40 82.98 -66.52
N GLU PA 96 -1.47 83.82 -67.57
CA GLU PA 96 -2.32 85.01 -67.48
C GLU PA 96 -3.79 84.65 -67.28
N LEU PA 97 -4.31 83.70 -68.06
CA LEU PA 97 -5.72 83.37 -67.96
C LEU PA 97 -6.02 82.62 -66.66
N GLY PA 98 -5.06 81.85 -66.14
CA GLY PA 98 -5.20 81.32 -64.80
C GLY PA 98 -5.28 82.42 -63.76
N ASP PA 99 -4.46 83.46 -63.93
CA ASP PA 99 -4.57 84.63 -63.06
C ASP PA 99 -5.97 85.24 -63.16
N PHE PA 100 -6.51 85.32 -64.37
CA PHE PA 100 -7.85 85.89 -64.53
C PHE PA 100 -8.92 85.03 -63.84
N ARG PA 101 -8.86 83.70 -64.02
CA ARG PA 101 -9.87 82.88 -63.36
C ARG PA 101 -9.74 82.94 -61.85
N ASP PA 102 -8.53 82.99 -61.32
CA ASP PA 102 -8.36 83.15 -59.88
C ASP PA 102 -8.89 84.50 -59.40
N GLY PA 103 -8.63 85.56 -60.17
CA GLY PA 103 -9.09 86.89 -59.78
C GLY PA 103 -10.59 87.01 -59.78
N ILE PA 104 -11.25 86.41 -60.78
CA ILE PA 104 -12.72 86.43 -60.81
C ILE PA 104 -13.29 85.77 -59.57
N ALA PA 105 -12.84 84.56 -59.27
CA ALA PA 105 -13.35 83.83 -58.11
C ALA PA 105 -13.06 84.59 -56.82
N SER PA 106 -11.88 85.19 -56.72
CA SER PA 106 -11.58 86.04 -55.57
C SER PA 106 -12.56 87.21 -55.49
N ALA PA 107 -12.95 87.74 -56.66
CA ALA PA 107 -13.87 88.87 -56.66
C ALA PA 107 -15.25 88.48 -56.12
N GLN PA 108 -15.83 87.39 -56.63
CA GLN PA 108 -17.13 87.00 -56.08
C GLN PA 108 -17.02 86.58 -54.62
N SER PA 109 -15.91 85.93 -54.24
CA SER PA 109 -15.76 85.54 -52.85
C SER PA 109 -15.70 86.77 -51.94
N ALA PA 110 -14.96 87.79 -52.33
CA ALA PA 110 -14.85 89.00 -51.53
C ALA PA 110 -16.18 89.75 -51.50
N ALA PA 111 -16.92 89.76 -52.62
CA ALA PA 111 -18.23 90.39 -52.63
C ALA PA 111 -19.20 89.68 -51.69
N SER PA 112 -19.18 88.34 -51.71
CA SER PA 112 -20.05 87.58 -50.81
C SER PA 112 -19.65 87.81 -49.35
N ALA PA 113 -18.35 87.87 -49.07
CA ALA PA 113 -17.89 88.17 -47.72
C ALA PA 113 -18.34 89.55 -47.27
N ALA PA 114 -18.27 90.53 -48.18
CA ALA PA 114 -18.73 91.88 -47.86
C ALA PA 114 -20.22 91.89 -47.55
N GLN PA 115 -21.01 91.17 -48.36
CA GLN PA 115 -22.45 91.09 -48.09
C GLN PA 115 -22.73 90.42 -46.75
N GLY PA 116 -21.99 89.36 -46.44
CA GLY PA 116 -22.16 88.70 -45.16
C GLY PA 116 -21.81 89.59 -43.98
N THR PA 117 -20.73 90.36 -44.11
CA THR PA 117 -20.38 91.31 -43.06
C THR PA 117 -21.43 92.41 -42.93
N ALA PA 118 -22.01 92.83 -44.06
CA ALA PA 118 -23.09 93.81 -44.01
C ALA PA 118 -24.30 93.26 -43.28
N ASP PA 119 -24.63 91.99 -43.52
CA ASP PA 119 -25.75 91.36 -42.84
C ASP PA 119 -25.43 91.13 -41.36
N LYS QA 2 -43.73 28.24 16.34
CA LYS QA 2 -44.55 27.04 16.52
C LYS QA 2 -44.67 26.18 15.25
N PRO QA 3 -44.99 26.77 14.09
CA PRO QA 3 -45.04 25.97 12.87
C PRO QA 3 -43.64 25.53 12.44
N LEU QA 4 -43.61 24.50 11.60
CA LEU QA 4 -42.36 23.93 11.12
C LEU QA 4 -41.73 24.77 10.00
N ASP QA 5 -42.43 25.80 9.53
CA ASP QA 5 -41.88 26.68 8.52
C ASP QA 5 -40.70 27.48 9.02
N VAL QA 6 -40.45 27.50 10.33
CA VAL QA 6 -39.23 28.13 10.83
C VAL QA 6 -38.07 27.15 10.75
N PHE QA 7 -38.34 25.85 10.95
CA PHE QA 7 -37.31 24.84 10.75
C PHE QA 7 -36.94 24.71 9.28
N MET QA 8 -37.89 24.93 8.39
CA MET QA 8 -37.69 24.61 6.98
C MET QA 8 -36.52 25.38 6.33
N PRO QA 9 -36.27 26.66 6.65
CA PRO QA 9 -35.14 27.35 6.00
C PRO QA 9 -33.78 26.67 6.16
N ILE QA 10 -33.45 26.16 7.34
CA ILE QA 10 -32.15 25.51 7.53
C ILE QA 10 -32.05 24.28 6.64
N ILE QA 11 -33.15 23.52 6.55
CA ILE QA 11 -33.18 22.34 5.69
C ILE QA 11 -33.00 22.75 4.24
N HIS QA 12 -33.69 23.81 3.80
CA HIS QA 12 -33.47 24.31 2.44
C HIS QA 12 -32.01 24.65 2.21
N ARG QA 13 -31.37 25.30 3.19
CA ARG QA 13 -29.98 25.71 3.01
C ARG QA 13 -29.06 24.50 2.84
N PHE QA 14 -29.22 23.50 3.69
CA PHE QA 14 -28.31 22.35 3.60
C PHE QA 14 -28.85 21.23 2.73
N ALA QA 15 -30.16 21.11 2.60
CA ALA QA 15 -30.77 20.15 1.68
C ALA QA 15 -31.60 20.93 0.67
N PRO QA 16 -31.05 21.26 -0.50
CA PRO QA 16 -31.71 22.25 -1.37
C PRO QA 16 -33.03 21.76 -1.92
N GLY QA 17 -34.05 22.60 -1.79
CA GLY QA 17 -35.32 22.35 -2.47
C GLY QA 17 -36.01 21.07 -2.06
N CYS QA 18 -35.87 20.69 -0.80
CA CYS QA 18 -36.48 19.46 -0.33
C CYS QA 18 -38.00 19.63 -0.24
N PRO QA 19 -38.77 18.60 -0.60
CA PRO QA 19 -40.22 18.67 -0.41
C PRO QA 19 -40.56 18.90 1.06
N GLU QA 20 -41.56 19.73 1.29
CA GLU QA 20 -41.90 20.13 2.66
C GLU QA 20 -42.31 18.97 3.55
N PRO QA 21 -43.18 18.04 3.14
CA PRO QA 21 -43.52 16.95 4.05
C PRO QA 21 -42.33 16.08 4.45
N THR QA 22 -41.36 15.87 3.55
CA THR QA 22 -40.17 15.11 3.93
C THR QA 22 -39.42 15.80 5.05
N ALA QA 23 -39.13 17.09 4.87
CA ALA QA 23 -38.41 17.82 5.90
C ALA QA 23 -39.23 17.87 7.18
N PHE QA 24 -40.56 17.98 7.07
CA PHE QA 24 -41.39 18.08 8.25
C PHE QA 24 -41.41 16.77 9.03
N ALA QA 25 -41.50 15.65 8.33
CA ALA QA 25 -41.47 14.35 9.00
C ALA QA 25 -40.11 14.13 9.68
N ALA QA 26 -39.03 14.51 9.00
CA ALA QA 26 -37.73 14.36 9.63
C ALA QA 26 -37.57 15.31 10.81
N ILE QA 27 -38.14 16.50 10.74
CA ILE QA 27 -38.14 17.42 11.87
C ILE QA 27 -38.87 16.81 13.05
N ARG QA 28 -40.04 16.21 12.80
CA ARG QA 28 -40.78 15.57 13.88
C ARG QA 28 -39.98 14.44 14.50
N GLU QA 29 -39.34 13.61 13.68
CA GLU QA 29 -38.54 12.50 14.22
C GLU QA 29 -37.35 13.02 15.02
N ALA QA 30 -36.67 14.04 14.50
CA ALA QA 30 -35.51 14.60 15.20
C ALA QA 30 -35.92 15.23 16.52
N ALA QA 31 -37.05 15.94 16.54
CA ALA QA 31 -37.53 16.53 17.79
C ALA QA 31 -37.99 15.46 18.76
N ILE QA 32 -38.53 14.35 18.25
CA ILE QA 32 -38.86 13.22 19.10
C ILE QA 32 -37.62 12.70 19.80
N LYS QA 33 -36.55 12.47 19.02
CA LYS QA 33 -35.30 12.01 19.60
C LYS QA 33 -34.73 13.03 20.57
N PHE QA 34 -34.88 14.32 20.24
CA PHE QA 34 -34.42 15.39 21.11
C PHE QA 34 -35.12 15.34 22.46
N CYS QA 35 -36.45 15.18 22.45
CA CYS QA 35 -37.19 15.13 23.70
C CYS QA 35 -36.92 13.84 24.46
N GLU QA 36 -36.67 12.74 23.75
CA GLU QA 36 -36.25 11.51 24.40
C GLU QA 36 -34.92 11.70 25.12
N ARG QA 37 -34.01 12.45 24.51
CA ARG QA 37 -32.71 12.67 25.14
C ARG QA 37 -32.75 13.83 26.13
N THR QA 38 -33.20 15.00 25.70
CA THR QA 38 -33.17 16.18 26.55
C THR QA 38 -34.19 16.15 27.67
N ARG QA 39 -35.38 15.61 27.41
CA ARG QA 39 -36.45 15.50 28.40
C ARG QA 39 -36.85 16.85 28.97
N LEU QA 40 -36.88 17.90 28.14
CA LEU QA 40 -37.13 19.24 28.66
C LEU QA 40 -38.62 19.57 28.66
N TRP QA 41 -39.36 19.11 27.66
CA TRP QA 41 -40.78 19.47 27.55
C TRP QA 41 -41.55 18.94 28.75
N ARG QA 42 -42.36 19.81 29.35
CA ARG QA 42 -43.08 19.47 30.58
C ARG QA 42 -44.47 20.10 30.54
N CYS QA 43 -45.48 19.31 30.88
CA CYS QA 43 -46.83 19.81 31.09
C CYS QA 43 -47.49 19.03 32.22
N ASP QA 44 -48.51 19.64 32.82
CA ASP QA 44 -49.19 19.08 33.98
C ASP QA 44 -50.61 18.69 33.60
N ASP QA 45 -51.01 17.49 33.99
CA ASP QA 45 -52.31 16.93 33.63
C ASP QA 45 -53.04 16.48 34.87
N GLU QA 46 -54.36 16.64 34.87
CA GLU QA 46 -55.19 16.25 35.99
C GLU QA 46 -56.41 15.49 35.47
N PHE QA 47 -56.73 14.37 36.13
CA PHE QA 47 -57.91 13.60 35.78
C PHE QA 47 -58.35 12.82 37.01
N ASN QA 48 -59.58 12.31 36.96
CA ASN QA 48 -60.18 11.60 38.08
C ASN QA 48 -60.32 10.12 37.77
N VAL QA 49 -60.04 9.29 38.75
CA VAL QA 49 -60.17 7.83 38.63
C VAL QA 49 -60.98 7.34 39.81
N GLY QA 50 -61.68 6.21 39.63
CA GLY QA 50 -62.39 5.62 40.74
C GLY QA 50 -62.91 4.23 40.44
N ALA QA 51 -62.62 3.32 41.36
CA ALA QA 51 -63.07 1.93 41.29
C ALA QA 51 -62.52 1.19 40.06
N ASP QA 52 -61.20 1.01 40.04
CA ASP QA 52 -60.54 0.02 39.19
C ASP QA 52 -60.76 0.27 37.70
N GLU QA 53 -60.26 1.40 37.20
CA GLU QA 53 -60.09 1.61 35.77
C GLU QA 53 -58.66 2.03 35.48
N CYS QA 54 -58.05 1.37 34.51
CA CYS QA 54 -56.71 1.72 34.04
C CYS QA 54 -56.83 2.95 33.14
N ALA QA 55 -57.05 4.11 33.76
CA ALA QA 55 -57.27 5.33 33.00
C ALA QA 55 -56.01 5.76 32.27
N GLU QA 56 -56.21 6.35 31.09
CA GLU QA 56 -55.13 6.80 30.24
C GLU QA 56 -54.85 8.27 30.50
N VAL QA 57 -53.58 8.67 30.37
CA VAL QA 57 -53.22 10.06 30.57
C VAL QA 57 -53.67 10.90 29.39
N ALA QA 58 -54.38 11.98 29.67
CA ALA QA 58 -54.82 12.92 28.64
C ALA QA 58 -53.70 13.89 28.34
N VAL QA 59 -53.30 13.96 27.07
CA VAL QA 59 -52.16 14.76 26.65
C VAL QA 59 -52.58 15.67 25.51
N PRO QA 60 -51.86 16.77 25.26
CA PRO QA 60 -52.17 17.61 24.10
C PRO QA 60 -52.17 16.79 22.82
N TYR QA 61 -52.90 17.30 21.82
CA TYR QA 61 -53.09 16.53 20.59
C TYR QA 61 -51.77 16.25 19.90
N GLY QA 62 -50.90 17.26 19.83
CA GLY QA 62 -49.60 17.08 19.19
C GLY QA 62 -48.52 16.69 20.17
N ALA QA 63 -48.77 15.67 20.97
CA ALA QA 63 -47.81 15.23 21.97
C ALA QA 63 -48.16 13.81 22.42
N ALA QA 64 -47.17 13.16 23.03
CA ALA QA 64 -47.38 11.85 23.63
C ALA QA 64 -46.62 11.81 24.96
N LEU QA 65 -47.17 11.07 25.91
CA LEU QA 65 -46.61 11.00 27.25
C LEU QA 65 -45.37 10.12 27.21
N TYR QA 66 -44.21 10.75 27.06
CA TYR QA 66 -42.96 9.99 27.06
C TYR QA 66 -42.64 9.40 28.43
N GLU QA 67 -42.71 10.21 29.47
CA GLU QA 67 -42.12 9.81 30.74
C GLU QA 67 -42.72 10.67 31.84
N MET QA 68 -43.11 10.03 32.93
CA MET QA 68 -43.80 10.68 34.02
C MET QA 68 -42.80 11.03 35.11
N GLU QA 69 -42.58 12.34 35.32
CA GLU QA 69 -41.64 12.79 36.33
C GLU QA 69 -42.10 12.37 37.72
N LEU QA 70 -43.38 12.56 38.01
CA LEU QA 70 -43.97 12.13 39.27
C LEU QA 70 -45.49 12.11 39.13
N VAL QA 71 -46.15 11.43 40.06
CA VAL QA 71 -47.60 11.36 40.12
C VAL QA 71 -48.04 11.84 41.49
N GLN QA 72 -49.13 12.61 41.52
CA GLN QA 72 -49.73 13.06 42.77
C GLN QA 72 -51.16 12.55 42.86
N PHE QA 73 -51.51 12.01 44.01
CA PHE QA 73 -52.76 11.31 44.21
C PHE QA 73 -53.47 11.90 45.43
N ASN QA 74 -54.47 12.74 45.17
CA ASN QA 74 -55.19 13.45 46.24
C ASN QA 74 -54.23 14.18 47.16
N GLY QA 75 -53.22 14.81 46.55
CA GLY QA 75 -52.24 15.54 47.31
C GLY QA 75 -51.11 14.71 47.89
N ARG QA 76 -51.02 13.43 47.55
CA ARG QA 76 -50.00 12.54 48.07
C ARG QA 76 -48.92 12.32 47.02
N ASN QA 77 -47.66 12.53 47.41
CA ASN QA 77 -46.53 12.27 46.53
C ASN QA 77 -46.41 10.76 46.36
N MET QA 78 -46.35 10.31 45.12
CA MET QA 78 -46.49 8.89 44.83
C MET QA 78 -45.14 8.25 44.49
N ARG QA 79 -45.00 6.97 44.82
CA ARG QA 79 -43.77 6.22 44.54
C ARG QA 79 -44.00 5.24 43.40
N PRO QA 80 -43.36 5.43 42.24
CA PRO QA 80 -43.52 4.46 41.16
C PRO QA 80 -42.66 3.22 41.40
N VAL QA 81 -43.25 2.05 41.14
CA VAL QA 81 -42.55 0.77 41.27
C VAL QA 81 -42.86 -0.09 40.05
N SER QA 82 -41.99 -1.05 39.78
CA SER QA 82 -42.19 -1.95 38.66
C SER QA 82 -43.22 -3.02 39.00
N THR QA 83 -43.76 -3.66 37.96
CA THR QA 83 -44.76 -4.70 38.18
C THR QA 83 -44.19 -5.90 38.93
N GLN QA 84 -42.96 -6.30 38.60
CA GLN QA 84 -42.36 -7.46 39.27
C GLN QA 84 -42.05 -7.15 40.73
N TRP QA 85 -41.73 -5.89 41.02
CA TRP QA 85 -41.52 -5.51 42.42
C TRP QA 85 -42.76 -5.75 43.25
N LEU QA 86 -43.94 -5.38 42.73
CA LEU QA 86 -45.18 -5.67 43.42
C LEU QA 86 -45.46 -7.17 43.44
N ASP QA 87 -45.19 -7.85 42.33
CA ASP QA 87 -45.43 -9.30 42.26
C ASP QA 87 -44.64 -10.03 43.35
N GLU QA 88 -43.47 -9.50 43.70
CA GLU QA 88 -42.64 -10.17 44.69
C GLU QA 88 -42.94 -9.68 46.11
N GLN QA 89 -43.19 -8.37 46.28
CA GLN QA 89 -43.38 -7.84 47.62
C GLN QA 89 -44.84 -7.85 48.05
N VAL QA 90 -45.74 -7.39 47.17
CA VAL QA 90 -47.15 -7.23 47.51
C VAL QA 90 -47.96 -8.21 46.66
N PRO QA 91 -48.27 -9.41 47.16
CA PRO QA 91 -49.00 -10.38 46.35
C PRO QA 91 -50.51 -10.14 46.30
N ASP QA 92 -51.15 -10.92 45.43
CA ASP QA 92 -52.55 -10.71 45.07
C ASP QA 92 -52.78 -9.28 44.58
N TRP QA 93 -51.80 -8.76 43.82
CA TRP QA 93 -51.88 -7.40 43.33
C TRP QA 93 -53.06 -7.19 42.39
N ARG QA 94 -53.30 -8.15 41.50
CA ARG QA 94 -54.35 -7.97 40.51
C ARG QA 94 -55.66 -8.59 40.99
N THR QA 95 -55.60 -9.72 41.67
CA THR QA 95 -56.81 -10.41 42.11
C THR QA 95 -57.59 -9.59 43.13
N THR QA 96 -56.90 -8.96 44.07
CA THR QA 96 -57.58 -8.25 45.15
C THR QA 96 -58.33 -7.04 44.60
N THR QA 97 -59.55 -6.83 45.11
CA THR QA 97 -60.37 -5.69 44.75
C THR QA 97 -60.63 -4.74 45.91
N GLN QA 98 -59.98 -4.97 47.07
CA GLN QA 98 -60.19 -4.11 48.22
C GLN QA 98 -59.71 -2.70 47.94
N SER QA 99 -60.50 -1.72 48.35
CA SER QA 99 -60.14 -0.32 48.14
C SER QA 99 -59.33 0.22 49.31
N GLY QA 100 -58.48 1.20 49.01
CA GLY QA 100 -57.68 1.83 50.05
C GLY QA 100 -56.92 3.02 49.49
N GLN QA 101 -56.23 3.71 50.40
CA GLN QA 101 -55.40 4.84 50.00
C GLN QA 101 -54.17 4.35 49.22
N ALA QA 102 -53.90 4.97 48.09
CA ALA QA 102 -52.91 4.46 47.15
C ALA QA 102 -51.49 4.78 47.61
N GLN QA 103 -50.58 3.83 47.39
CA GLN QA 103 -49.16 4.03 47.70
C GLN QA 103 -48.24 3.81 46.52
N TYR QA 104 -48.57 2.89 45.61
CA TYR QA 104 -47.67 2.45 44.55
C TYR QA 104 -48.36 2.56 43.19
N VAL QA 105 -47.58 2.80 42.14
CA VAL QA 105 -48.09 2.87 40.77
C VAL QA 105 -47.31 1.92 39.89
N THR QA 106 -48.03 1.18 39.05
CA THR QA 106 -47.44 0.33 38.01
C THR QA 106 -48.13 0.60 36.68
N GLN QA 107 -47.34 0.65 35.61
CA GLN QA 107 -47.84 0.98 34.28
C GLN QA 107 -47.86 -0.31 33.47
N GLN QA 108 -48.96 -1.05 33.61
CA GLN QA 108 -49.07 -2.34 32.93
C GLN QA 108 -49.23 -2.15 31.43
N SER QA 109 -49.99 -1.15 31.01
CA SER QA 109 -50.11 -0.77 29.61
C SER QA 109 -49.14 0.35 29.30
N GLU QA 110 -49.31 0.94 28.11
CA GLU QA 110 -48.31 1.89 27.63
C GLU QA 110 -48.61 3.31 28.15
N ASP QA 111 -49.89 3.62 28.38
CA ASP QA 111 -50.30 4.91 28.94
C ASP QA 111 -51.20 4.80 30.15
N THR QA 112 -51.51 3.60 30.63
CA THR QA 112 -52.44 3.43 31.73
C THR QA 112 -51.69 3.26 33.05
N LEU QA 113 -52.23 3.89 34.09
CA LEU QA 113 -51.62 3.88 35.42
C LEU QA 113 -52.50 3.08 36.37
N THR QA 114 -51.88 2.23 37.17
CA THR QA 114 -52.58 1.39 38.12
C THR QA 114 -52.01 1.63 39.52
N PHE QA 115 -52.90 1.85 40.47
CA PHE QA 115 -52.52 2.07 41.86
C PHE QA 115 -52.88 0.83 42.66
N VAL QA 116 -51.93 0.34 43.48
CA VAL QA 116 -52.13 -0.94 44.15
C VAL QA 116 -53.38 -0.98 45.04
N PRO QA 117 -53.72 0.08 45.82
CA PRO QA 117 -55.12 0.20 46.25
C PRO QA 117 -55.93 1.06 45.31
N ALA QA 118 -57.03 0.55 44.78
CA ALA QA 118 -57.92 1.39 43.99
C ALA QA 118 -58.73 2.31 44.90
N GLU QA 119 -58.83 3.58 44.52
CA GLU QA 119 -59.62 4.53 45.28
C GLU QA 119 -60.13 5.60 44.32
N ALA QA 120 -61.29 6.17 44.65
CA ALA QA 120 -61.92 7.20 43.84
C ALA QA 120 -61.40 8.56 44.27
N GLY QA 121 -60.44 9.10 43.52
CA GLY QA 121 -59.87 10.39 43.85
C GLY QA 121 -59.15 11.00 42.66
N SER QA 122 -58.80 12.29 42.82
CA SER QA 122 -58.13 13.01 41.75
C SER QA 122 -56.67 12.59 41.64
N VAL QA 123 -56.19 12.51 40.40
CA VAL QA 123 -54.80 12.14 40.13
C VAL QA 123 -54.20 13.22 39.25
N ARG QA 124 -53.07 13.77 39.69
CA ARG QA 124 -52.32 14.75 38.92
C ARG QA 124 -51.02 14.11 38.46
N VAL QA 125 -50.82 14.03 37.15
CA VAL QA 125 -49.65 13.40 36.56
C VAL QA 125 -48.74 14.49 36.01
N TYR QA 126 -47.57 14.63 36.60
CA TYR QA 126 -46.57 15.58 36.14
C TYR QA 126 -45.52 14.81 35.35
N GLY QA 127 -45.61 14.88 34.03
CA GLY QA 127 -44.79 14.05 33.18
C GLY QA 127 -44.23 14.82 32.01
N LEU QA 128 -43.09 14.33 31.50
CA LEU QA 128 -42.49 14.87 30.30
C LEU QA 128 -43.32 14.49 29.09
N LEU QA 129 -43.23 15.30 28.04
CA LEU QA 129 -43.97 15.04 26.82
C LEU QA 129 -43.03 14.88 25.64
N LYS QA 130 -43.54 14.19 24.61
CA LYS QA 130 -42.84 13.89 23.38
C LYS QA 130 -43.76 14.20 22.20
N PRO QA 131 -43.26 14.92 21.19
CA PRO QA 131 -44.09 15.19 20.02
C PRO QA 131 -44.54 13.91 19.34
N THR QA 132 -45.76 13.92 18.83
CA THR QA 132 -46.27 12.78 18.09
C THR QA 132 -45.66 12.74 16.69
N LEU QA 133 -45.75 11.57 16.06
CA LEU QA 133 -45.11 11.39 14.76
C LEU QA 133 -45.76 12.26 13.69
N ASP QA 134 -46.98 12.73 13.94
CA ASP QA 134 -47.68 13.65 13.03
C ASP QA 134 -48.18 14.84 13.84
N ALA QA 135 -47.30 15.83 14.00
CA ALA QA 135 -47.61 17.06 14.72
C ALA QA 135 -47.37 18.24 13.80
N ASP QA 136 -48.40 19.07 13.64
CA ASP QA 136 -48.27 20.23 12.76
C ASP QA 136 -47.38 21.29 13.39
N SER QA 137 -47.51 21.51 14.70
CA SER QA 137 -46.79 22.57 15.40
C SER QA 137 -45.92 21.96 16.49
N LEU QA 138 -44.63 22.27 16.45
CA LEU QA 138 -43.74 21.86 17.53
C LEU QA 138 -43.78 22.87 18.67
N PRO QA 139 -43.47 22.43 19.88
CA PRO QA 139 -43.56 23.33 21.04
C PRO QA 139 -42.59 24.49 20.94
N ASP QA 140 -42.75 25.44 21.86
CA ASP QA 140 -41.97 26.67 21.80
C ASP QA 140 -40.49 26.42 22.08
N LEU QA 141 -40.18 25.53 23.03
CA LEU QA 141 -38.78 25.27 23.36
C LEU QA 141 -38.05 24.61 22.20
N LEU QA 142 -38.73 23.71 21.50
CA LEU QA 142 -38.11 23.03 20.36
C LEU QA 142 -37.92 23.98 19.19
N ALA QA 143 -38.81 24.96 19.04
CA ALA QA 143 -38.80 25.79 17.84
C ALA QA 143 -37.96 27.05 18.03
N ASP QA 144 -38.27 27.84 19.06
CA ASP QA 144 -37.71 29.19 19.17
C ASP QA 144 -36.23 29.16 19.51
N THR QA 145 -35.83 28.36 20.50
CA THR QA 145 -34.47 28.47 21.04
C THR QA 145 -33.57 27.30 20.66
N TYR QA 146 -34.12 26.12 20.38
CA TYR QA 146 -33.33 24.94 20.08
C TYR QA 146 -33.61 24.43 18.68
N ARG QA 147 -33.79 25.36 17.74
CA ARG QA 147 -34.11 24.99 16.36
C ARG QA 147 -32.91 24.33 15.68
N LYS QA 148 -31.70 24.77 16.02
CA LYS QA 148 -30.51 24.32 15.28
C LYS QA 148 -30.23 22.85 15.51
N THR QA 149 -30.41 22.35 16.74
CA THR QA 149 -30.13 20.95 17.01
C THR QA 149 -31.12 20.04 16.29
N ILE QA 150 -32.40 20.36 16.35
CA ILE QA 150 -33.41 19.60 15.61
C ILE QA 150 -33.14 19.69 14.12
N ALA QA 151 -32.69 20.85 13.65
CA ALA QA 151 -32.35 21.01 12.25
C ALA QA 151 -31.21 20.10 11.84
N ASP QA 152 -30.19 19.99 12.70
CA ASP QA 152 -29.08 19.08 12.40
C ASP QA 152 -29.54 17.63 12.34
N GLY QA 153 -30.39 17.23 13.28
CA GLY QA 153 -30.93 15.87 13.21
C GLY QA 153 -31.71 15.62 11.94
N ALA QA 154 -32.57 16.57 11.57
CA ALA QA 154 -33.35 16.42 10.35
C ALA QA 154 -32.46 16.42 9.11
N LEU QA 155 -31.39 17.22 9.12
CA LEU QA 155 -30.47 17.21 8.00
C LEU QA 155 -29.75 15.88 7.87
N SER QA 156 -29.38 15.28 9.00
CA SER QA 156 -28.87 13.90 8.95
C SER QA 156 -29.89 12.99 8.26
N GLU QA 157 -31.15 13.05 8.72
CA GLU QA 157 -32.17 12.17 8.18
C GLU QA 157 -32.35 12.36 6.68
N LEU QA 158 -32.39 13.62 6.22
CA LEU QA 158 -32.57 13.89 4.80
C LEU QA 158 -31.35 13.45 3.99
N LEU QA 159 -30.15 13.83 4.43
CA LEU QA 159 -28.96 13.54 3.64
C LEU QA 159 -28.70 12.04 3.57
N ILE QA 160 -29.31 11.26 4.47
CA ILE QA 160 -29.24 9.80 4.31
C ILE QA 160 -29.95 9.35 3.03
N ILE QA 161 -31.00 10.05 2.61
CA ILE QA 161 -31.87 9.60 1.51
C ILE QA 161 -31.08 9.35 0.23
N PRO QA 162 -31.22 8.19 -0.39
CA PRO QA 162 -30.41 7.86 -1.56
C PRO QA 162 -31.06 8.29 -2.87
N GLY QA 163 -30.26 8.23 -3.93
CA GLY QA 163 -30.76 8.45 -5.28
C GLY QA 163 -31.33 9.83 -5.50
N LYS QA 164 -30.77 10.85 -4.85
CA LYS QA 164 -31.29 12.20 -4.94
C LYS QA 164 -30.13 13.20 -4.95
N ALA QA 165 -30.43 14.42 -5.40
CA ALA QA 165 -29.44 15.49 -5.36
C ALA QA 165 -29.12 15.86 -3.92
N TRP QA 166 -29.99 15.50 -2.98
CA TRP QA 166 -29.75 15.81 -1.58
C TRP QA 166 -28.64 14.93 -1.01
N MET QA 167 -28.45 13.73 -1.56
CA MET QA 167 -27.61 12.72 -0.95
C MET QA 167 -26.16 13.21 -0.81
N SER QA 168 -25.66 13.18 0.42
CA SER QA 168 -24.25 13.48 0.71
C SER QA 168 -23.89 12.82 2.02
N ALA QA 169 -23.09 11.75 1.94
CA ALA QA 169 -22.77 10.98 3.15
C ALA QA 169 -21.91 11.80 4.12
N ASP QA 170 -20.97 12.59 3.60
CA ASP QA 170 -20.10 13.37 4.47
C ASP QA 170 -20.90 14.30 5.36
N LEU QA 171 -21.79 15.09 4.77
CA LEU QA 171 -22.60 16.01 5.55
C LEU QA 171 -23.55 15.27 6.48
N ALA QA 172 -24.06 14.12 6.04
CA ALA QA 172 -24.92 13.33 6.89
C ALA QA 172 -24.20 12.92 8.17
N VAL QA 173 -22.98 12.38 8.03
CA VAL QA 173 -22.21 11.97 9.20
C VAL QA 173 -21.86 13.18 10.08
N PHE QA 174 -21.46 14.28 9.43
CA PHE QA 174 -21.08 15.47 10.19
C PHE QA 174 -22.24 16.01 11.01
N PHE QA 175 -23.42 16.14 10.40
CA PHE QA 175 -24.58 16.64 11.11
C PHE QA 175 -25.07 15.65 12.16
N GLY QA 176 -24.94 14.35 11.90
CA GLY QA 176 -25.26 13.38 12.93
C GLY QA 176 -24.37 13.53 14.15
N THR QA 177 -23.07 13.73 13.94
CA THR QA 177 -22.17 13.93 15.07
C THR QA 177 -22.51 15.20 15.82
N ARG QA 178 -22.79 16.29 15.11
CA ARG QA 178 -23.14 17.54 15.80
C ARG QA 178 -24.45 17.39 16.57
N PHE QA 179 -25.43 16.71 15.99
CA PHE QA 179 -26.70 16.47 16.68
C PHE QA 179 -26.48 15.67 17.95
N ASP QA 180 -25.67 14.61 17.86
CA ASP QA 180 -25.40 13.79 19.03
C ASP QA 180 -24.70 14.61 20.10
N ARG QA 181 -23.72 15.42 19.71
CA ARG QA 181 -22.99 16.23 20.69
C ARG QA 181 -23.88 17.27 21.35
N GLU QA 182 -24.79 17.87 20.58
CA GLU QA 182 -25.68 18.88 21.17
C GLU QA 182 -26.69 18.25 22.11
N LEU QA 183 -27.29 17.14 21.71
CA LEU QA 183 -28.13 16.38 22.65
C LEU QA 183 -27.34 16.02 23.90
N ASP QA 184 -26.08 15.66 23.71
CA ASP QA 184 -25.25 15.23 24.81
C ASP QA 184 -25.01 16.37 25.80
N ARG QA 185 -24.71 17.56 25.27
CA ARG QA 185 -24.52 18.73 26.13
C ARG QA 185 -25.82 19.09 26.85
N LEU QA 186 -26.95 18.97 26.18
CA LEU QA 186 -28.23 19.36 26.77
C LEU QA 186 -28.84 18.26 27.63
N SER QA 187 -28.21 17.09 27.71
CA SER QA 187 -28.76 16.00 28.51
C SER QA 187 -29.02 16.41 29.96
N THR QA 188 -28.16 17.26 30.53
CA THR QA 188 -28.26 17.60 31.95
C THR QA 188 -29.22 18.76 32.22
N LYS QA 189 -29.94 19.23 31.19
CA LYS QA 189 -30.75 20.43 31.35
C LYS QA 189 -31.99 20.16 32.20
N THR QA 190 -32.39 18.89 32.34
CA THR QA 190 -33.50 18.58 33.23
C THR QA 190 -33.16 18.94 34.67
N ILE QA 191 -32.02 18.45 35.17
CA ILE QA 191 -31.64 18.74 36.54
C ILE QA 191 -31.18 20.19 36.67
N LYS QA 192 -30.26 20.61 35.79
CA LYS QA 192 -29.69 21.94 35.93
C LYS QA 192 -30.69 23.03 35.58
N GLY QA 193 -31.36 22.90 34.44
CA GLY QA 193 -32.24 23.95 33.97
C GLY QA 193 -31.45 25.20 33.61
N GLN QA 194 -32.20 26.27 33.39
CA GLN QA 194 -31.58 27.58 33.17
C GLN QA 194 -31.21 28.26 34.47
N GLN QA 195 -31.60 27.69 35.61
CA GLN QA 195 -31.38 28.27 36.92
C GLN QA 195 -30.06 27.85 37.56
N ARG QA 196 -29.27 27.01 36.87
CA ARG QA 196 -28.02 26.49 37.40
C ARG QA 196 -28.23 25.69 38.68
N ALA QA 197 -29.24 24.83 38.70
CA ALA QA 197 -29.42 23.95 39.85
C ALA QA 197 -28.34 22.87 39.85
N PRO QA 198 -27.68 22.64 40.99
CA PRO QA 198 -26.60 21.66 41.02
C PRO QA 198 -27.10 20.23 40.89
N VAL QA 199 -26.20 19.36 40.42
CA VAL QA 199 -26.47 17.94 40.28
C VAL QA 199 -25.69 17.21 41.37
N ARG QA 200 -26.41 16.61 42.31
CA ARG QA 200 -25.78 16.00 43.47
C ARG QA 200 -26.33 14.61 43.72
N THR QA 201 -25.44 13.63 43.79
CA THR QA 201 -25.83 12.25 43.98
C THR QA 201 -26.52 12.06 45.33
N ARG QA 202 -27.63 11.34 45.33
CA ARG QA 202 -28.30 10.99 46.56
C ARG QA 202 -27.40 10.13 47.43
N ALA QA 203 -27.32 10.47 48.72
CA ALA QA 203 -26.46 9.79 49.67
C ALA QA 203 -27.26 8.76 50.45
N GLN QA 204 -26.77 7.52 50.47
CA GLN QA 204 -27.42 6.43 51.18
C GLN QA 204 -26.53 5.97 52.33
N PHE QA 205 -27.10 5.92 53.52
CA PHE QA 205 -26.34 5.53 54.72
C PHE QA 205 -26.82 4.19 55.25
N ALA RA 2 -35.66 42.70 -30.63
CA ALA RA 2 -36.94 43.34 -30.87
C ALA RA 2 -37.02 43.86 -32.30
N PHE RA 3 -36.32 43.20 -33.21
CA PHE RA 3 -36.28 43.66 -34.59
C PHE RA 3 -37.59 43.30 -35.30
N PRO RA 4 -38.03 44.10 -36.26
CA PRO RA 4 -39.19 43.70 -37.06
C PRO RA 4 -38.81 42.62 -38.06
N ALA RA 5 -39.84 41.98 -38.63
CA ALA RA 5 -39.62 41.03 -39.69
C ALA RA 5 -39.09 41.67 -40.97
N SER RA 6 -39.32 42.98 -41.13
CA SER RA 6 -38.91 43.65 -42.35
C SER RA 6 -37.40 43.59 -42.55
N VAL RA 7 -36.63 43.73 -41.48
CA VAL RA 7 -35.18 43.71 -41.62
C VAL RA 7 -34.71 42.33 -42.08
N VAL RA 8 -35.28 41.26 -41.51
CA VAL RA 8 -34.87 39.91 -41.89
C VAL RA 8 -35.27 39.62 -43.33
N LEU RA 9 -36.47 40.05 -43.74
CA LEU RA 9 -36.86 39.83 -45.12
C LEU RA 9 -35.99 40.62 -46.07
N SER RA 10 -35.56 41.82 -45.67
CA SER RA 10 -34.61 42.57 -46.48
C SER RA 10 -33.30 41.81 -46.62
N ARG RA 11 -32.80 41.25 -45.51
CA ARG RA 11 -31.61 40.40 -45.61
C ARG RA 11 -31.81 39.32 -46.65
N ALA RA 12 -32.83 38.47 -46.45
CA ALA RA 12 -33.01 37.30 -47.30
C ALA RA 12 -33.26 37.71 -48.74
N ALA RA 13 -33.86 38.89 -48.96
CA ALA RA 13 -34.08 39.35 -50.33
C ALA RA 13 -32.80 39.90 -50.94
N THR RA 14 -31.82 40.25 -50.10
CA THR RA 14 -30.52 40.61 -50.64
C THR RA 14 -29.56 39.44 -50.78
N LEU RA 15 -29.76 38.36 -50.02
CA LEU RA 15 -28.94 37.16 -50.20
C LEU RA 15 -29.32 36.46 -51.49
N LEU RA 16 -30.55 35.97 -51.57
CA LEU RA 16 -31.10 35.51 -52.82
C LEU RA 16 -31.39 36.70 -53.71
N GLN RA 17 -30.94 36.65 -54.95
CA GLN RA 17 -31.03 37.81 -55.84
C GLN RA 17 -32.47 37.97 -56.31
N ASP RA 18 -33.36 38.09 -55.32
CA ASP RA 18 -34.79 38.27 -55.51
C ASP RA 18 -35.24 39.41 -54.61
N GLU RA 19 -35.05 40.64 -55.08
CA GLU RA 19 -35.46 41.80 -54.29
C GLU RA 19 -36.96 42.02 -54.36
N ASP RA 20 -37.59 41.68 -55.49
CA ASP RA 20 -39.02 41.90 -55.65
C ASP RA 20 -39.81 40.84 -54.89
N HIS RA 21 -39.12 39.80 -54.38
CA HIS RA 21 -39.74 38.65 -53.73
C HIS RA 21 -40.63 37.86 -54.68
N GLU RA 22 -40.31 37.86 -55.97
CA GLU RA 22 -41.17 37.24 -56.97
C GLU RA 22 -41.03 35.71 -56.99
N ARG RA 23 -39.84 35.17 -56.74
CA ARG RA 23 -39.75 33.74 -56.46
C ARG RA 23 -40.18 33.44 -55.04
N TRP RA 24 -39.44 33.94 -54.06
CA TRP RA 24 -39.75 33.74 -52.66
C TRP RA 24 -40.63 34.89 -52.19
N THR RA 25 -41.94 34.65 -52.18
CA THR RA 25 -42.89 35.68 -51.80
C THR RA 25 -42.70 36.05 -50.34
N VAL RA 26 -43.21 37.24 -49.99
CA VAL RA 26 -43.05 37.75 -48.63
C VAL RA 26 -43.75 36.81 -47.64
N ASP RA 27 -44.86 36.20 -48.04
CA ASP RA 27 -45.59 35.33 -47.13
C ASP RA 27 -44.77 34.10 -46.76
N GLU RA 28 -44.17 33.44 -47.76
CA GLU RA 28 -43.44 32.22 -47.46
C GLU RA 28 -42.10 32.51 -46.80
N LEU RA 29 -41.49 33.66 -47.12
CA LEU RA 29 -40.30 34.08 -46.39
C LEU RA 29 -40.63 34.37 -44.93
N LEU RA 30 -41.80 34.98 -44.68
CA LEU RA 30 -42.25 35.19 -43.30
C LEU RA 30 -42.49 33.85 -42.61
N GLU RA 31 -43.04 32.89 -43.34
CA GLU RA 31 -43.21 31.55 -42.80
C GLU RA 31 -41.87 30.93 -42.42
N TRP RA 32 -40.86 31.08 -43.26
CA TRP RA 32 -39.55 30.54 -42.93
C TRP RA 32 -38.96 31.27 -41.73
N LEU RA 33 -39.21 32.57 -41.64
CA LEU RA 33 -38.76 33.32 -40.47
C LEU RA 33 -39.38 32.79 -39.19
N THR RA 34 -40.69 32.55 -39.18
CA THR RA 34 -41.33 32.10 -37.94
C THR RA 34 -40.90 30.68 -37.60
N ASP RA 35 -40.74 29.81 -38.61
CA ASP RA 35 -40.24 28.47 -38.35
C ASP RA 35 -38.83 28.51 -37.77
N GLY RA 36 -37.98 29.36 -38.33
CA GLY RA 36 -36.64 29.50 -37.81
C GLY RA 36 -36.62 30.04 -36.40
N THR RA 37 -37.54 30.97 -36.09
CA THR RA 37 -37.60 31.48 -34.73
C THR RA 37 -37.96 30.39 -33.74
N ARG RA 38 -38.99 29.59 -34.07
CA ARG RA 38 -39.33 28.47 -33.18
C ARG RA 38 -38.16 27.51 -33.03
N GLU RA 39 -37.51 27.17 -34.15
CA GLU RA 39 -36.44 26.19 -34.12
C GLU RA 39 -35.26 26.71 -33.30
N ILE RA 40 -34.93 28.00 -33.44
CA ILE RA 40 -33.78 28.55 -32.72
C ILE RA 40 -34.09 28.70 -31.24
N VAL RA 41 -35.35 29.00 -30.89
CA VAL RA 41 -35.72 29.00 -29.48
C VAL RA 41 -35.57 27.61 -28.89
N VAL RA 42 -35.95 26.58 -29.66
CA VAL RA 42 -35.77 25.21 -29.18
C VAL RA 42 -34.29 24.88 -29.03
N ARG RA 43 -33.48 25.23 -30.04
CA ARG RA 43 -32.06 24.92 -30.00
C ARG RA 43 -31.37 25.60 -28.83
N LYS RA 44 -31.65 26.88 -28.62
CA LYS RA 44 -31.09 27.64 -27.51
C LYS RA 44 -32.20 28.35 -26.76
N PRO RA 45 -32.69 27.80 -25.65
CA PRO RA 45 -33.76 28.46 -24.91
C PRO RA 45 -33.38 29.84 -24.38
N SER RA 46 -32.08 30.11 -24.21
CA SER RA 46 -31.67 31.43 -23.74
C SER RA 46 -31.87 32.50 -24.80
N ALA RA 47 -32.11 32.11 -26.05
CA ALA RA 47 -32.30 33.11 -27.10
C ALA RA 47 -33.55 33.94 -26.83
N TYR RA 48 -34.67 33.29 -26.48
CA TYR RA 48 -35.92 33.97 -26.20
C TYR RA 48 -36.57 33.37 -24.96
N MET RA 49 -36.33 34.00 -23.82
CA MET RA 49 -36.95 33.63 -22.55
C MET RA 49 -37.86 34.76 -22.10
N LYS RA 50 -39.15 34.46 -21.92
CA LYS RA 50 -40.13 35.46 -21.50
C LYS RA 50 -40.75 35.03 -20.17
N THR RA 51 -40.76 35.97 -19.21
CA THR RA 51 -41.39 35.74 -17.92
C THR RA 51 -42.85 36.16 -18.02
N THR RA 52 -43.76 35.20 -17.88
CA THR RA 52 -45.18 35.43 -18.07
C THR RA 52 -45.94 35.13 -16.79
N THR RA 53 -46.74 36.09 -16.33
CA THR RA 53 -47.62 35.86 -15.19
C THR RA 53 -48.88 35.14 -15.67
N ALA RA 54 -49.28 34.10 -14.95
CA ALA RA 54 -50.45 33.30 -15.31
C ALA RA 54 -51.18 32.88 -14.05
N ALA RA 55 -52.51 32.88 -14.10
CA ALA RA 55 -53.30 32.36 -12.99
C ALA RA 55 -53.28 30.83 -13.03
N LEU RA 56 -53.41 30.23 -11.84
CA LEU RA 56 -53.27 28.79 -11.68
C LEU RA 56 -54.63 28.21 -11.29
N VAL RA 57 -55.13 27.28 -12.11
CA VAL RA 57 -56.44 26.69 -11.84
C VAL RA 57 -56.38 25.88 -10.56
N ALA RA 58 -57.52 25.77 -9.88
CA ALA RA 58 -57.59 25.07 -8.60
C ALA RA 58 -57.17 23.62 -8.77
N GLY RA 59 -56.40 23.13 -7.80
CA GLY RA 59 -55.92 21.76 -7.82
C GLY RA 59 -54.43 21.67 -7.98
N SER RA 60 -53.84 20.54 -7.57
CA SER RA 60 -52.40 20.36 -7.71
C SER RA 60 -51.99 20.31 -9.16
N LYS RA 61 -52.76 19.61 -10.01
CA LYS RA 61 -52.43 19.51 -11.42
C LYS RA 61 -52.56 20.87 -12.09
N GLN RA 62 -51.56 21.24 -12.86
CA GLN RA 62 -51.60 22.51 -13.56
C GLN RA 62 -51.10 22.38 -14.98
N ALA RA 63 -51.44 23.34 -15.81
CA ALA RA 63 -51.03 23.38 -17.21
C ALA RA 63 -50.40 24.74 -17.51
N LEU RA 64 -49.17 24.71 -18.02
CA LEU RA 64 -48.49 25.94 -18.41
C LEU RA 64 -49.11 26.49 -19.69
N PRO RA 65 -48.89 27.77 -19.99
CA PRO RA 65 -49.50 28.37 -21.19
C PRO RA 65 -49.18 27.58 -22.45
N GLU RA 66 -50.19 27.41 -23.29
CA GLU RA 66 -50.10 26.47 -24.39
C GLU RA 66 -48.97 26.81 -25.36
N ASP RA 67 -48.65 28.11 -25.49
CA ASP RA 67 -47.61 28.54 -26.42
C ASP RA 67 -46.25 28.64 -25.71
N ALA RA 68 -45.87 27.57 -25.03
CA ALA RA 68 -44.60 27.51 -24.35
C ALA RA 68 -44.01 26.11 -24.49
N ILE RA 69 -42.75 26.04 -24.93
CA ILE RA 69 -42.10 24.74 -25.10
C ILE RA 69 -41.84 24.09 -23.75
N GLN RA 70 -41.27 24.85 -22.81
CA GLN RA 70 -40.88 24.30 -21.52
C GLN RA 70 -40.54 25.43 -20.57
N LEU RA 71 -40.93 25.27 -19.30
CA LEU RA 71 -40.62 26.24 -18.26
C LEU RA 71 -39.33 25.82 -17.59
N ILE RA 72 -38.44 26.79 -17.34
CA ILE RA 72 -37.19 26.48 -16.64
C ILE RA 72 -37.33 26.77 -15.15
N ASP RA 73 -37.86 27.94 -14.81
CA ASP RA 73 -37.90 28.35 -13.41
C ASP RA 73 -39.24 29.02 -13.12
N VAL RA 74 -39.60 29.00 -11.84
CA VAL RA 74 -40.81 29.65 -11.35
C VAL RA 74 -40.36 30.61 -10.25
N PRO RA 75 -39.86 31.79 -10.59
CA PRO RA 75 -39.14 32.60 -9.60
C PRO RA 75 -40.02 33.12 -8.48
N ARG RA 76 -41.12 33.81 -8.80
CA ARG RA 76 -41.92 34.51 -7.82
C ARG RA 76 -43.34 34.01 -7.86
N ASN RA 77 -43.94 33.84 -6.68
CA ASN RA 77 -45.37 33.60 -6.55
C ASN RA 77 -46.05 34.94 -6.35
N LEU RA 78 -46.62 35.49 -7.42
CA LEU RA 78 -47.13 36.85 -7.38
C LEU RA 78 -48.33 36.95 -6.45
N LYS RA 79 -48.19 37.76 -5.40
CA LYS RA 79 -49.29 38.01 -4.49
C LYS RA 79 -50.34 38.86 -5.21
N THR RA 80 -51.54 38.89 -4.63
CA THR RA 80 -52.64 39.69 -5.17
C THR RA 80 -52.16 41.09 -5.54
N ASP RA 81 -52.65 41.59 -6.67
CA ASP RA 81 -52.29 42.87 -7.30
C ASP RA 81 -50.77 42.96 -7.39
N GLY RA 82 -50.15 44.08 -7.03
CA GLY RA 82 -48.77 44.31 -7.45
C GLY RA 82 -47.73 43.63 -6.59
N SER RA 83 -48.13 43.18 -5.41
CA SER RA 83 -47.15 42.66 -4.46
C SER RA 83 -46.43 41.44 -5.04
N PRO RA 84 -45.10 41.48 -5.15
CA PRO RA 84 -44.37 40.33 -5.70
C PRO RA 84 -44.60 39.04 -4.93
N GLY RA 85 -44.69 39.12 -3.62
CA GLY RA 85 -45.03 37.96 -2.82
C GLY RA 85 -43.89 36.97 -2.66
N ARG RA 86 -44.27 35.79 -2.17
CA ARG RA 86 -43.35 34.71 -1.86
C ARG RA 86 -42.73 34.15 -3.14
N ALA RA 87 -41.58 33.51 -2.99
CA ALA RA 87 -40.93 32.82 -4.10
C ALA RA 87 -41.12 31.31 -3.97
N VAL RA 88 -40.83 30.60 -5.05
CA VAL RA 88 -41.11 29.17 -5.17
C VAL RA 88 -39.82 28.45 -5.54
N THR RA 89 -39.63 27.25 -4.99
CA THR RA 89 -38.49 26.40 -5.30
C THR RA 89 -38.97 25.02 -5.74
N ALA RA 90 -38.21 24.40 -6.63
CA ALA RA 90 -38.58 23.09 -7.16
C ALA RA 90 -38.35 22.00 -6.14
N THR RA 91 -39.13 20.92 -6.27
CA THR RA 91 -39.01 19.76 -5.40
C THR RA 91 -39.16 18.49 -6.24
N ASP RA 92 -39.19 17.35 -5.55
CA ASP RA 92 -39.36 16.05 -6.18
C ASP RA 92 -40.80 15.58 -5.98
N ARG RA 93 -41.48 15.25 -7.07
CA ARG RA 93 -42.88 14.84 -6.97
C ARG RA 93 -43.01 13.45 -6.35
N ARG RA 94 -42.06 12.56 -6.61
CA ARG RA 94 -42.17 11.20 -6.11
C ARG RA 94 -42.11 11.16 -4.59
N LEU RA 95 -41.24 11.97 -3.98
CA LEU RA 95 -41.21 12.05 -2.53
C LEU RA 95 -42.47 12.69 -1.98
N LEU RA 96 -43.04 13.63 -2.73
CA LEU RA 96 -44.33 14.20 -2.35
C LEU RA 96 -45.43 13.15 -2.42
N ASP RA 97 -45.23 12.11 -3.22
CA ASP RA 97 -46.26 11.09 -3.41
C ASP RA 97 -46.13 9.97 -2.39
N THR RA 98 -44.90 9.53 -2.11
CA THR RA 98 -44.70 8.38 -1.24
C THR RA 98 -45.32 8.62 0.12
N GLU RA 99 -45.01 9.75 0.73
CA GLU RA 99 -45.64 10.17 1.97
C GLU RA 99 -46.77 11.13 1.67
N ASN RA 100 -47.77 11.15 2.55
CA ASN RA 100 -48.94 11.99 2.37
C ASN RA 100 -49.53 11.75 0.99
N PRO RA 101 -49.88 10.50 0.66
CA PRO RA 101 -50.18 10.18 -0.75
C PRO RA 101 -51.34 10.98 -1.31
N ASP RA 102 -52.25 11.42 -0.46
CA ASP RA 102 -53.35 12.30 -0.88
C ASP RA 102 -52.96 13.77 -0.69
N TRP RA 103 -51.79 14.13 -1.24
CA TRP RA 103 -51.35 15.52 -1.15
C TRP RA 103 -52.11 16.39 -2.13
N HIS RA 104 -52.82 15.78 -3.08
CA HIS RA 104 -53.67 16.54 -3.98
C HIS RA 104 -54.94 16.99 -3.27
N SER RA 105 -55.41 16.19 -2.31
CA SER RA 105 -56.63 16.51 -1.58
C SER RA 105 -56.41 17.47 -0.42
N MET RA 106 -55.17 17.89 -0.18
CA MET RA 106 -54.86 18.81 0.89
C MET RA 106 -55.56 20.15 0.67
N LYS RA 107 -55.84 20.85 1.76
CA LYS RA 107 -56.52 22.13 1.68
C LYS RA 107 -55.75 23.10 0.79
N PRO RA 108 -56.43 23.74 -0.17
CA PRO RA 108 -55.73 24.67 -1.06
C PRO RA 108 -55.15 25.84 -0.29
N ALA RA 109 -54.05 26.38 -0.81
CA ALA RA 109 -53.29 27.42 -0.13
C ALA RA 109 -53.40 28.72 -0.90
N GLY RA 110 -53.36 29.84 -0.17
CA GLY RA 110 -53.38 31.15 -0.80
C GLY RA 110 -52.18 31.38 -1.69
N GLN RA 111 -51.03 30.85 -1.30
CA GLN RA 111 -49.80 30.97 -2.07
C GLN RA 111 -49.13 29.60 -2.14
N ILE RA 112 -48.85 29.14 -3.36
CA ILE RA 112 -48.12 27.89 -3.54
C ILE RA 112 -46.69 28.06 -3.04
N ARG RA 113 -46.13 26.97 -2.50
CA ARG RA 113 -44.80 27.00 -1.92
C ARG RA 113 -43.76 26.29 -2.77
N HIS RA 114 -44.10 25.14 -3.35
CA HIS RA 114 -43.18 24.39 -4.18
C HIS RA 114 -43.88 23.93 -5.45
N TYR RA 115 -43.10 23.77 -6.51
CA TYR RA 115 -43.58 23.26 -7.78
C TYR RA 115 -42.70 22.11 -8.23
N THR RA 116 -43.29 21.15 -8.94
CA THR RA 116 -42.57 20.03 -9.49
C THR RA 116 -42.74 20.03 -11.00
N TYR RA 117 -41.62 19.94 -11.71
CA TYR RA 117 -41.64 19.95 -13.17
C TYR RA 117 -40.75 18.84 -13.69
N ASP RA 118 -41.24 18.11 -14.68
CA ASP RA 118 -40.50 17.02 -15.31
C ASP RA 118 -40.29 17.34 -16.78
N SER RA 119 -39.06 17.18 -17.26
CA SER RA 119 -38.77 17.49 -18.65
C SER RA 119 -39.51 16.54 -19.59
N ASN RA 120 -39.82 15.34 -19.12
CA ASN RA 120 -40.56 14.40 -19.96
C ASN RA 120 -41.97 14.92 -20.26
N VAL RA 121 -42.70 15.34 -19.23
CA VAL RA 121 -44.05 15.87 -19.41
C VAL RA 121 -43.95 17.39 -19.46
N PRO RA 122 -43.92 17.98 -20.65
CA PRO RA 122 -43.64 19.42 -20.73
C PRO RA 122 -44.79 20.28 -20.25
N THR RA 123 -46.01 19.94 -20.66
CA THR RA 123 -47.15 20.83 -20.47
C THR RA 123 -47.72 20.81 -19.06
N VAL RA 124 -47.34 19.87 -18.22
CA VAL RA 124 -47.95 19.68 -16.90
C VAL RA 124 -46.88 19.85 -15.83
N PHE RA 125 -47.16 20.69 -14.85
CA PHE RA 125 -46.32 20.86 -13.68
C PHE RA 125 -47.21 20.96 -12.44
N TYR RA 126 -46.81 20.31 -11.37
CA TYR RA 126 -47.60 20.26 -10.14
C TYR RA 126 -47.12 21.33 -9.17
N THR RA 127 -48.06 21.82 -8.36
CA THR RA 127 -47.77 22.86 -7.37
C THR RA 127 -48.14 22.37 -5.98
N TYR RA 128 -47.26 22.62 -5.01
CA TYR RA 128 -47.49 22.28 -3.62
C TYR RA 128 -47.40 23.55 -2.78
N PRO RA 129 -48.43 23.88 -1.99
CA PRO RA 129 -49.71 23.19 -1.88
C PRO RA 129 -50.60 23.43 -3.10
N PRO RA 130 -51.72 22.72 -3.21
CA PRO RA 130 -52.63 22.95 -4.34
C PRO RA 130 -53.08 24.40 -4.38
N ALA RA 131 -53.17 24.93 -5.60
CA ALA RA 131 -53.52 26.33 -5.80
C ALA RA 131 -54.99 26.57 -5.45
N ALA RA 132 -55.31 27.82 -5.16
CA ALA RA 132 -56.65 28.22 -4.75
C ALA RA 132 -57.08 29.47 -5.47
N ALA RA 133 -58.25 29.42 -6.11
CA ALA RA 133 -58.92 30.59 -6.67
C ALA RA 133 -58.04 31.37 -7.64
N GLY RA 134 -57.30 30.64 -8.46
CA GLY RA 134 -56.57 31.26 -9.56
C GLY RA 134 -55.50 32.25 -9.18
N VAL RA 135 -54.65 31.89 -8.21
CA VAL RA 135 -53.54 32.76 -7.85
C VAL RA 135 -52.55 32.84 -9.00
N GLN RA 136 -52.02 34.04 -9.25
CA GLN RA 136 -51.10 34.23 -10.35
C GLN RA 136 -49.66 34.04 -9.89
N VAL RA 137 -48.88 33.32 -10.70
CA VAL RA 137 -47.48 33.03 -10.41
C VAL RA 137 -46.65 33.36 -11.64
N GLU RA 138 -45.55 34.08 -11.45
CA GLU RA 138 -44.64 34.35 -12.55
C GLU RA 138 -44.04 33.05 -13.06
N LEU RA 139 -44.06 32.89 -14.39
CA LEU RA 139 -43.53 31.70 -15.03
C LEU RA 139 -42.43 32.10 -16.01
N VAL RA 140 -41.25 31.54 -15.82
CA VAL RA 140 -40.13 31.69 -16.76
C VAL RA 140 -40.16 30.46 -17.66
N CYS RA 141 -40.81 30.59 -18.80
CA CYS RA 141 -41.02 29.46 -19.71
C CYS RA 141 -40.57 29.83 -21.11
N ALA RA 142 -40.04 28.84 -21.82
CA ALA RA 142 -39.59 29.05 -23.19
C ALA RA 142 -40.80 29.28 -24.08
N TRP RA 143 -41.07 30.55 -24.38
CA TRP RA 143 -42.22 30.91 -25.20
C TRP RA 143 -41.89 30.69 -26.67
N ARG RA 144 -42.87 30.20 -27.42
CA ARG RA 144 -42.72 29.99 -28.85
C ARG RA 144 -43.26 31.20 -29.59
N HIS RA 145 -42.52 31.66 -30.59
CA HIS RA 145 -42.94 32.84 -31.33
C HIS RA 145 -44.24 32.53 -32.08
N PRO RA 146 -45.26 33.38 -31.98
CA PRO RA 146 -46.58 33.01 -32.52
C PRO RA 146 -46.59 32.79 -34.03
N ALA RA 147 -46.21 33.81 -34.80
CA ALA RA 147 -46.21 33.77 -36.26
C ALA RA 147 -45.72 35.11 -36.77
N LEU RA 148 -45.41 35.15 -38.06
CA LEU RA 148 -45.02 36.40 -38.74
C LEU RA 148 -46.00 36.58 -39.90
N THR RA 149 -47.11 37.28 -39.62
CA THR RA 149 -48.15 37.42 -40.63
C THR RA 149 -47.86 38.59 -41.58
N THR RA 150 -47.12 39.60 -41.11
CA THR RA 150 -46.87 40.80 -41.90
C THR RA 150 -45.40 41.15 -41.87
N GLN RA 151 -44.98 41.90 -42.90
CA GLN RA 151 -43.60 42.37 -42.95
C GLN RA 151 -43.27 43.28 -41.77
N ASN RA 152 -44.18 44.18 -41.44
CA ASN RA 152 -43.95 45.11 -40.34
C ASN RA 152 -44.05 44.45 -38.96
N ASP RA 153 -44.48 43.20 -38.90
CA ASP RA 153 -44.59 42.51 -37.61
C ASP RA 153 -43.22 42.43 -36.95
N VAL RA 154 -43.20 42.53 -35.63
CA VAL RA 154 -41.97 42.62 -34.86
C VAL RA 154 -41.61 41.25 -34.31
N VAL RA 155 -40.33 40.90 -34.40
CA VAL RA 155 -39.80 39.71 -33.76
C VAL RA 155 -39.06 40.16 -32.51
N GLN RA 156 -39.54 39.73 -31.35
CA GLN RA 156 -39.01 40.22 -30.09
C GLN RA 156 -37.81 39.43 -29.58
N MET RA 157 -37.23 38.57 -30.41
CA MET RA 157 -36.02 37.85 -30.06
C MET RA 157 -34.79 38.74 -30.28
N GLY RA 158 -33.69 38.38 -29.60
CA GLY RA 158 -32.45 39.13 -29.69
C GLY RA 158 -31.96 39.34 -31.12
N ALA RA 159 -31.00 40.24 -31.25
CA ALA RA 159 -30.69 40.82 -32.55
C ALA RA 159 -29.38 40.32 -33.16
N GLU RA 160 -28.94 39.11 -32.80
CA GLU RA 160 -27.99 38.38 -33.64
C GLU RA 160 -28.65 37.11 -34.15
N PHE RA 161 -29.62 36.62 -33.39
CA PHE RA 161 -30.54 35.64 -33.94
C PHE RA 161 -31.22 36.18 -35.18
N VAL RA 162 -31.13 37.48 -35.45
CA VAL RA 162 -31.51 37.99 -36.76
C VAL RA 162 -30.63 37.37 -37.84
N SER RA 163 -29.31 37.34 -37.64
CA SER RA 163 -28.42 36.73 -38.61
C SER RA 163 -28.61 35.22 -38.65
N ALA RA 164 -28.86 34.62 -37.48
CA ALA RA 164 -29.13 33.18 -37.46
C ALA RA 164 -30.39 32.83 -38.24
N LEU RA 165 -31.45 33.62 -38.08
CA LEU RA 165 -32.66 33.46 -38.87
C LEU RA 165 -32.40 33.68 -40.35
N VAL RA 166 -31.51 34.62 -40.68
CA VAL RA 166 -31.17 34.80 -42.09
C VAL RA 166 -30.55 33.53 -42.65
N SER RA 167 -29.63 32.93 -41.90
CA SER RA 167 -29.00 31.68 -42.36
C SER RA 167 -30.02 30.56 -42.48
N TRP RA 168 -30.94 30.46 -41.51
CA TRP RA 168 -31.95 29.42 -41.56
C TRP RA 168 -32.90 29.62 -42.74
N CYS RA 169 -33.26 30.88 -43.02
CA CYS RA 169 -34.08 31.16 -44.18
C CYS RA 169 -33.33 30.83 -45.47
N LEU RA 170 -32.02 31.04 -45.49
CA LEU RA 170 -31.21 30.58 -46.62
C LEU RA 170 -31.31 29.07 -46.79
N TYR RA 171 -31.22 28.33 -45.68
CA TYR RA 171 -31.45 26.90 -45.75
C TYR RA 171 -32.79 26.57 -46.37
N ARG RA 172 -33.86 27.18 -45.86
CA ARG RA 172 -35.19 26.74 -46.27
C ARG RA 172 -35.52 27.18 -47.68
N ALA RA 173 -34.98 28.32 -48.11
CA ALA RA 173 -35.21 28.80 -49.46
C ALA RA 173 -34.37 28.05 -50.48
N SER RA 174 -33.11 27.75 -50.12
CA SER RA 174 -32.22 27.05 -51.03
C SER RA 174 -32.48 25.55 -51.06
N SER RA 175 -33.37 25.04 -50.21
CA SER RA 175 -33.78 23.65 -50.32
C SER RA 175 -34.79 23.46 -51.44
N LYS RA 176 -35.38 24.55 -51.93
CA LYS RA 176 -36.33 24.44 -53.04
C LYS RA 176 -35.61 24.09 -54.34
N ASP RA 177 -34.53 24.81 -54.65
CA ASP RA 177 -33.70 24.50 -55.81
C ASP RA 177 -32.62 23.48 -55.44
N SER RA 178 -33.09 22.29 -55.04
CA SER RA 178 -32.20 21.29 -54.47
C SER RA 178 -31.31 20.65 -55.52
N GLU RA 179 -31.61 20.88 -56.81
CA GLU RA 179 -30.79 20.30 -57.86
C GLU RA 179 -29.34 20.77 -57.81
N PHE RA 180 -29.13 22.07 -57.63
CA PHE RA 180 -27.79 22.61 -57.75
C PHE RA 180 -26.86 21.99 -56.73
N ALA RA 181 -25.88 21.22 -57.23
CA ALA RA 181 -24.92 20.50 -56.40
C ALA RA 181 -25.60 19.54 -55.44
N ASN RA 182 -26.78 19.05 -55.81
CA ASN RA 182 -27.54 18.10 -54.99
C ASN RA 182 -27.80 18.64 -53.58
N GLY RA 183 -28.15 19.93 -53.52
CA GLY RA 183 -28.41 20.58 -52.26
C GLY RA 183 -27.18 20.89 -51.43
N ALA RA 184 -25.99 20.92 -52.04
CA ALA RA 184 -24.78 21.22 -51.29
C ALA RA 184 -24.81 22.64 -50.74
N VAL RA 185 -25.39 23.58 -51.50
CA VAL RA 185 -25.48 24.95 -51.01
C VAL RA 185 -26.42 25.02 -49.80
N ALA RA 186 -27.53 24.28 -49.85
CA ALA RA 186 -28.43 24.25 -48.70
C ALA RA 186 -27.75 23.62 -47.49
N ALA RA 187 -26.98 22.54 -47.71
CA ALA RA 187 -26.25 21.92 -46.61
C ALA RA 187 -25.20 22.88 -46.04
N ALA RA 188 -24.56 23.66 -46.92
CA ALA RA 188 -23.59 24.64 -46.45
C ALA RA 188 -24.25 25.72 -45.60
N HIS RA 189 -25.43 26.18 -46.03
CA HIS RA 189 -26.16 27.16 -45.21
C HIS RA 189 -26.58 26.56 -43.88
N TYR RA 190 -26.99 25.28 -43.87
CA TYR RA 190 -27.35 24.64 -42.61
C TYR RA 190 -26.14 24.54 -41.69
N SER RA 191 -24.97 24.19 -42.24
CA SER RA 191 -23.76 24.13 -41.44
C SER RA 191 -23.40 25.51 -40.90
N ALA RA 192 -23.58 26.55 -41.71
CA ALA RA 192 -23.33 27.90 -41.24
C ALA RA 192 -24.26 28.27 -40.10
N PHE RA 193 -25.54 27.92 -40.21
CA PHE RA 193 -26.49 28.20 -39.15
C PHE RA 193 -26.12 27.45 -37.86
N SER RA 194 -25.79 26.17 -38.00
CA SER RA 194 -25.43 25.36 -36.84
C SER RA 194 -24.16 25.89 -36.17
N ASP RA 195 -23.19 26.34 -36.98
CA ASP RA 195 -21.98 26.91 -36.40
C ASP RA 195 -22.26 28.24 -35.72
N ALA RA 196 -23.13 29.06 -36.32
CA ALA RA 196 -23.48 30.33 -35.71
C ALA RA 196 -24.13 30.12 -34.35
N LEU RA 197 -25.02 29.16 -34.25
CA LEU RA 197 -25.60 28.83 -32.94
C LEU RA 197 -24.61 28.15 -32.01
N GLY RA 198 -23.66 27.38 -32.54
CA GLY RA 198 -22.71 26.70 -31.70
C GLY RA 198 -21.75 27.64 -31.00
N ALA RA 199 -21.30 28.68 -31.70
CA ALA RA 199 -20.35 29.63 -31.16
C ALA RA 199 -21.00 30.79 -30.42
N GLN RA 200 -22.30 30.68 -30.13
CA GLN RA 200 -23.00 31.63 -29.27
C GLN RA 200 -22.41 31.50 -27.87
N ALA RA 201 -21.39 32.30 -27.57
CA ALA RA 201 -20.73 32.20 -26.28
C ALA RA 201 -21.60 32.76 -25.16
N THR RA 202 -22.58 33.59 -25.50
CA THR RA 202 -23.34 34.31 -24.48
C THR RA 202 -24.42 33.44 -23.86
N GLY RA 203 -25.36 32.96 -24.68
CA GLY RA 203 -26.51 32.24 -24.19
C GLY RA 203 -26.18 30.83 -23.74
N THR RA 204 -27.22 29.99 -23.71
CA THR RA 204 -27.05 28.60 -23.34
C THR RA 204 -26.15 27.90 -24.37
N PRO RA 205 -25.10 27.21 -23.93
CA PRO RA 205 -24.19 26.56 -24.88
C PRO RA 205 -24.86 25.36 -25.53
N THR RA 206 -25.04 25.42 -26.85
CA THR RA 206 -25.62 24.30 -27.58
C THR RA 206 -24.58 23.24 -27.88
N THR RA 207 -23.29 23.63 -27.90
CA THR RA 207 -22.23 22.65 -28.17
C THR RA 207 -22.13 21.63 -27.06
N GLN RA 208 -22.30 22.05 -25.81
CA GLN RA 208 -22.14 21.15 -24.68
C GLN RA 208 -23.35 20.22 -24.56
N ALA RA 209 -23.39 19.48 -23.46
CA ALA RA 209 -24.42 18.47 -23.26
C ALA RA 209 -25.81 19.08 -23.34
N ALA RA 210 -26.70 18.38 -24.04
CA ALA RA 210 -28.07 18.86 -24.19
C ALA RA 210 -28.78 18.91 -22.84
N ALA RA 211 -29.45 20.02 -22.59
CA ALA RA 211 -30.20 20.29 -21.36
C ALA RA 211 -29.33 20.23 -20.11
N ALA RA 212 -28.00 20.28 -20.25
CA ALA RA 212 -27.14 20.31 -19.08
C ALA RA 212 -27.36 21.59 -18.27
N ALA RA 213 -27.49 22.72 -18.95
CA ALA RA 213 -27.77 23.98 -18.26
C ALA RA 213 -29.16 23.92 -17.64
N ALA RA 214 -29.25 24.37 -16.38
CA ALA RA 214 -30.51 24.32 -15.64
C ALA RA 214 -31.56 25.21 -16.29
N LEU SA 37 -73.62 -24.58 96.70
CA LEU SA 37 -72.65 -23.51 96.74
C LEU SA 37 -72.09 -23.21 95.35
N ASP SA 38 -71.82 -24.27 94.59
CA ASP SA 38 -71.19 -24.10 93.29
C ASP SA 38 -72.10 -23.40 92.29
N SER SA 39 -73.39 -23.70 92.33
CA SER SA 39 -74.30 -23.19 91.30
C SER SA 39 -74.60 -21.71 91.50
N GLU SA 40 -74.81 -21.28 92.74
CA GLU SA 40 -75.41 -19.98 93.00
C GLU SA 40 -74.52 -18.84 92.51
N GLU SA 41 -73.25 -18.82 92.94
CA GLU SA 41 -72.33 -17.74 92.57
C GLU SA 41 -70.96 -18.24 92.12
N MET SA 42 -70.58 -19.47 92.47
CA MET SA 42 -69.29 -19.98 92.03
C MET SA 42 -69.25 -20.13 90.52
N LYS SA 43 -70.40 -20.24 89.86
CA LYS SA 43 -70.41 -20.18 88.40
C LYS SA 43 -69.93 -18.81 87.91
N GLU SA 44 -70.44 -17.73 88.51
CA GLU SA 44 -69.98 -16.40 88.15
C GLU SA 44 -68.50 -16.24 88.45
N LEU SA 45 -68.05 -16.76 89.60
CA LEU SA 45 -66.64 -16.71 89.92
C LEU SA 45 -65.81 -17.45 88.89
N HIS SA 46 -66.29 -18.61 88.44
CA HIS SA 46 -65.57 -19.39 87.44
C HIS SA 46 -65.48 -18.64 86.12
N ARG SA 47 -66.57 -17.99 85.69
CA ARG SA 47 -66.51 -17.21 84.46
C ARG SA 47 -65.54 -16.05 84.59
N ARG SA 48 -65.53 -15.37 85.75
CA ARG SA 48 -64.58 -14.28 85.97
C ARG SA 48 -63.15 -14.79 85.90
N LEU SA 49 -62.88 -15.93 86.53
CA LEU SA 49 -61.53 -16.48 86.53
C LEU SA 49 -61.12 -16.89 85.12
N ARG SA 50 -62.03 -17.49 84.36
CA ARG SA 50 -61.71 -17.89 82.99
C ARG SA 50 -61.42 -16.67 82.12
N SER SA 51 -62.20 -15.61 82.27
CA SER SA 51 -61.94 -14.39 81.51
C SER SA 51 -60.59 -13.80 81.89
N TYR SA 52 -60.26 -13.79 83.18
CA TYR SA 52 -58.96 -13.29 83.61
C TYR SA 52 -57.82 -14.12 83.02
N LEU SA 53 -57.98 -15.44 83.01
CA LEU SA 53 -56.95 -16.31 82.45
C LEU SA 53 -56.79 -16.07 80.96
N HIS SA 54 -57.90 -15.89 80.24
CA HIS SA 54 -57.81 -15.59 78.81
C HIS SA 54 -57.09 -14.28 78.57
N GLN SA 55 -57.41 -13.25 79.36
CA GLN SA 55 -56.75 -11.95 79.20
C GLN SA 55 -55.26 -12.06 79.49
N GLU SA 56 -54.89 -12.80 80.53
CA GLU SA 56 -53.48 -12.90 80.88
C GLU SA 56 -52.73 -13.75 79.86
N LEU SA 57 -53.39 -14.75 79.28
CA LEU SA 57 -52.75 -15.59 78.27
C LEU SA 57 -52.52 -14.81 76.98
N ASP SA 58 -53.56 -14.14 76.48
CA ASP SA 58 -53.42 -13.48 75.19
C ASP SA 58 -52.63 -12.18 75.31
N ARG SA 59 -52.55 -11.62 76.53
CA ARG SA 59 -51.74 -10.43 76.71
C ARG SA 59 -50.25 -10.74 76.64
N GLN SA 60 -49.85 -11.91 77.16
CA GLN SA 60 -48.45 -12.32 77.16
C GLN SA 60 -48.12 -13.27 76.01
N ALA SA 61 -48.96 -13.34 74.98
CA ALA SA 61 -48.73 -14.29 73.90
C ALA SA 61 -47.42 -14.01 73.18
N GLU SA 62 -47.13 -12.74 72.91
CA GLU SA 62 -45.88 -12.40 72.20
C GLU SA 62 -44.67 -12.80 73.02
N ASN SA 63 -44.62 -12.42 74.30
CA ASN SA 63 -43.47 -12.77 75.13
C ASN SA 63 -43.38 -14.28 75.34
N ARG SA 64 -44.53 -14.95 75.45
CA ARG SA 64 -44.53 -16.39 75.58
C ARG SA 64 -43.89 -17.05 74.36
N PHE SA 65 -44.27 -16.58 73.16
CA PHE SA 65 -43.66 -17.09 71.94
C PHE SA 65 -42.17 -16.79 71.90
N GLN SA 66 -41.78 -15.59 72.35
CA GLN SA 66 -40.36 -15.24 72.35
C GLN SA 66 -39.55 -16.13 73.27
N MET SA 67 -40.06 -16.41 74.48
CA MET SA 67 -39.34 -17.30 75.38
C MET SA 67 -39.31 -18.72 74.84
N ALA SA 68 -40.40 -19.16 74.21
CA ALA SA 68 -40.40 -20.47 73.57
C ALA SA 68 -39.32 -20.56 72.50
N VAL SA 69 -39.19 -19.50 71.69
CA VAL SA 69 -38.17 -19.49 70.65
C VAL SA 69 -36.77 -19.45 71.26
N ASP SA 70 -36.61 -18.76 72.39
CA ASP SA 70 -35.31 -18.74 73.05
C ASP SA 70 -34.91 -20.12 73.55
N GLU SA 71 -35.83 -20.80 74.24
CA GLU SA 71 -35.54 -22.16 74.69
C GLU SA 71 -35.33 -23.09 73.50
N ASP SA 72 -36.03 -22.82 72.39
CA ASP SA 72 -35.80 -23.54 71.15
C ASP SA 72 -34.37 -23.36 70.65
N TYR SA 73 -33.87 -22.12 70.71
CA TYR SA 73 -32.53 -21.83 70.21
C TYR SA 73 -31.47 -22.43 71.11
N TYR SA 74 -31.76 -22.56 72.40
CA TYR SA 74 -30.76 -23.09 73.33
C TYR SA 74 -30.29 -24.48 72.92
N ASP SA 75 -31.23 -25.38 72.66
CA ASP SA 75 -30.87 -26.78 72.39
C ASP SA 75 -30.73 -27.07 70.90
N SER SA 76 -30.00 -26.21 70.20
CA SER SA 76 -29.55 -26.47 68.83
C SER SA 76 -30.71 -26.73 67.87
N ILE SA 77 -31.75 -25.89 67.93
CA ILE SA 77 -32.68 -25.78 66.81
C ILE SA 77 -32.83 -24.29 66.50
N GLN SA 78 -32.13 -23.84 65.45
CA GLN SA 78 -31.95 -22.42 65.18
C GLN SA 78 -32.35 -22.03 63.76
N TRP SA 79 -33.03 -22.91 63.04
CA TRP SA 79 -33.35 -22.68 61.64
C TRP SA 79 -34.85 -22.50 61.46
N THR SA 80 -35.23 -21.42 60.78
CA THR SA 80 -36.62 -21.24 60.39
C THR SA 80 -37.01 -22.29 59.36
N GLU SA 81 -38.27 -22.74 59.42
CA GLU SA 81 -38.71 -23.80 58.51
C GLU SA 81 -38.61 -23.34 57.06
N ALA SA 82 -38.91 -22.07 56.79
CA ALA SA 82 -38.77 -21.56 55.43
C ALA SA 82 -37.31 -21.55 54.98
N ASP SA 83 -36.41 -21.10 55.86
CA ASP SA 83 -35.00 -21.09 55.51
C ASP SA 83 -34.44 -22.50 55.40
N ALA SA 84 -34.94 -23.42 56.24
CA ALA SA 84 -34.54 -24.82 56.11
C ALA SA 84 -34.98 -25.38 54.76
N GLN SA 85 -36.19 -25.04 54.32
CA GLN SA 85 -36.64 -25.47 53.00
C GLN SA 85 -35.78 -24.88 51.90
N VAL SA 86 -35.41 -23.59 52.04
CA VAL SA 86 -34.55 -22.95 51.05
C VAL SA 86 -33.22 -23.67 50.96
N LEU SA 87 -32.62 -24.00 52.10
CA LEU SA 87 -31.36 -24.74 52.10
C LEU SA 87 -31.54 -26.13 51.52
N LYS SA 88 -32.69 -26.75 51.76
CA LYS SA 88 -32.96 -28.07 51.19
C LYS SA 88 -33.01 -28.02 49.67
N GLU SA 89 -33.67 -27.00 49.12
CA GLU SA 89 -33.68 -26.83 47.66
C GLU SA 89 -32.27 -26.57 47.14
N ARG SA 90 -31.44 -25.90 47.94
CA ARG SA 90 -30.05 -25.68 47.57
C ARG SA 90 -29.24 -26.97 47.55
N GLY SA 91 -29.77 -28.06 48.10
CA GLY SA 91 -29.03 -29.29 48.22
C GLY SA 91 -28.04 -29.31 49.37
N GLN SA 92 -28.16 -28.39 50.32
CA GLN SA 92 -27.21 -28.23 51.41
C GLN SA 92 -27.89 -28.55 52.73
N ALA SA 93 -27.22 -29.37 53.54
CA ALA SA 93 -27.77 -29.73 54.84
C ALA SA 93 -27.61 -28.56 55.82
N PRO SA 94 -28.69 -28.11 56.45
CA PRO SA 94 -28.59 -27.01 57.41
C PRO SA 94 -27.73 -27.41 58.60
N LEU SA 95 -27.02 -26.43 59.15
CA LEU SA 95 -26.13 -26.64 60.29
C LEU SA 95 -26.28 -25.47 61.25
N VAL SA 96 -26.09 -25.76 62.54
CA VAL SA 96 -26.20 -24.76 63.60
C VAL SA 96 -24.91 -24.80 64.40
N PHE SA 97 -24.38 -23.62 64.73
CA PHE SA 97 -23.12 -23.57 65.46
C PHE SA 97 -23.36 -23.46 66.96
N ASN SA 98 -24.42 -22.76 67.37
CA ASN SA 98 -24.93 -22.79 68.74
C ASN SA 98 -23.88 -22.37 69.76
N VAL SA 99 -23.49 -21.10 69.71
CA VAL SA 99 -22.63 -20.56 70.76
C VAL SA 99 -23.43 -20.01 71.92
N ILE SA 100 -24.75 -19.91 71.78
CA ILE SA 100 -25.60 -19.54 72.91
C ILE SA 100 -25.53 -20.61 73.99
N ALA SA 101 -25.44 -21.88 73.57
CA ALA SA 101 -25.37 -22.98 74.53
C ALA SA 101 -24.15 -22.84 75.42
N GLN SA 102 -23.02 -22.41 74.85
CA GLN SA 102 -21.80 -22.29 75.64
C GLN SA 102 -21.97 -21.25 76.75
N SER SA 103 -22.46 -20.06 76.40
CA SER SA 103 -22.60 -19.00 77.39
C SER SA 103 -23.65 -19.37 78.45
N VAL SA 104 -24.78 -19.94 78.01
CA VAL SA 104 -25.81 -20.35 78.96
C VAL SA 104 -25.26 -21.42 79.91
N ASN SA 105 -24.51 -22.38 79.37
CA ASN SA 105 -23.92 -23.41 80.21
C ASN SA 105 -22.92 -22.82 81.18
N TRP SA 106 -22.14 -21.83 80.75
CA TRP SA 106 -21.20 -21.19 81.66
C TRP SA 106 -21.93 -20.51 82.80
N ILE SA 107 -23.01 -19.79 82.50
CA ILE SA 107 -23.75 -19.09 83.56
C ILE SA 107 -24.38 -20.09 84.52
N ILE SA 108 -25.02 -21.13 83.99
CA ILE SA 108 -25.68 -22.08 84.88
C ILE SA 108 -24.67 -22.84 85.70
N GLY SA 109 -23.50 -23.15 85.14
CA GLY SA 109 -22.46 -23.79 85.91
C GLY SA 109 -21.91 -22.91 87.00
N SER SA 110 -21.72 -21.62 86.70
CA SER SA 110 -21.26 -20.68 87.71
C SER SA 110 -22.27 -20.59 88.86
N GLU SA 111 -23.56 -20.59 88.54
CA GLU SA 111 -24.56 -20.59 89.60
C GLU SA 111 -24.53 -21.88 90.39
N LYS SA 112 -24.49 -23.02 89.70
CA LYS SA 112 -24.60 -24.31 90.38
C LYS SA 112 -23.39 -24.57 91.28
N ARG SA 113 -22.23 -24.03 90.91
CA ARG SA 113 -21.07 -24.11 91.79
C ARG SA 113 -21.31 -23.33 93.08
N GLY SA 114 -22.10 -22.27 93.01
CA GLY SA 114 -22.38 -21.45 94.16
C GLY SA 114 -23.66 -21.83 94.89
N ARG SA 115 -23.91 -23.13 95.02
CA ARG SA 115 -25.09 -23.59 95.74
C ARG SA 115 -25.00 -23.21 97.21
N THR SA 116 -26.11 -22.74 97.77
CA THR SA 116 -26.15 -22.21 99.12
C THR SA 116 -27.33 -22.76 99.89
N ASP SA 117 -27.22 -22.69 101.21
CA ASP SA 117 -28.25 -23.16 102.14
C ASP SA 117 -28.61 -22.02 103.09
N PHE SA 118 -29.85 -22.03 103.56
CA PHE SA 118 -30.30 -21.03 104.51
C PHE SA 118 -29.62 -21.24 105.86
N ASN SA 119 -29.04 -20.17 106.39
CA ASN SA 119 -28.43 -20.18 107.72
C ASN SA 119 -29.06 -19.04 108.52
N ILE SA 120 -30.04 -19.39 109.35
CA ILE SA 120 -30.82 -18.40 110.10
C ILE SA 120 -29.96 -17.84 111.21
N LEU SA 121 -29.85 -16.52 111.26
CA LEU SA 121 -29.07 -15.84 112.27
C LEU SA 121 -29.98 -15.05 113.22
N PRO SA 122 -29.79 -15.18 114.53
CA PRO SA 122 -30.66 -14.48 115.48
C PRO SA 122 -30.28 -13.02 115.59
N ARG SA 123 -31.28 -12.15 115.74
CA ARG SA 123 -31.01 -10.73 115.91
C ARG SA 123 -30.95 -10.34 117.39
N LYS SA 124 -31.92 -10.79 118.17
CA LYS SA 124 -32.05 -10.32 119.54
C LYS SA 124 -30.96 -10.89 120.45
N LYS SA 125 -30.30 -11.96 120.01
CA LYS SA 125 -29.25 -12.70 120.70
C LYS SA 125 -29.84 -13.57 121.81
N ALA SA 126 -31.09 -13.37 122.18
CA ALA SA 126 -31.74 -14.16 123.21
C ALA SA 126 -32.41 -15.42 122.66
N ASP SA 127 -32.35 -15.64 121.35
CA ASP SA 127 -32.98 -16.80 120.72
C ASP SA 127 -32.02 -17.50 119.77
N ALA SA 128 -30.76 -17.65 120.16
CA ALA SA 128 -29.79 -18.33 119.32
C ALA SA 128 -30.15 -19.79 119.13
N LYS SA 129 -30.58 -20.47 120.20
CA LYS SA 129 -30.99 -21.87 120.07
C LYS SA 129 -32.21 -22.04 119.17
N PRO SA 130 -33.29 -21.25 119.29
CA PRO SA 130 -34.36 -21.36 118.29
C PRO SA 130 -33.89 -21.10 116.87
N ALA SA 131 -32.95 -20.15 116.68
CA ALA SA 131 -32.44 -19.89 115.34
C ALA SA 131 -31.71 -21.11 114.79
N GLU SA 132 -30.88 -21.75 115.62
CA GLU SA 132 -30.16 -22.94 115.17
C GLU SA 132 -31.13 -24.08 114.87
N ALA SA 133 -32.16 -24.24 115.72
CA ALA SA 133 -33.15 -25.28 115.46
C ALA SA 133 -33.88 -25.04 114.15
N LYS SA 134 -34.28 -23.79 113.90
CA LYS SA 134 -34.97 -23.47 112.65
C LYS SA 134 -34.05 -23.68 111.46
N THR SA 135 -32.76 -23.38 111.62
CA THR SA 135 -31.81 -23.66 110.56
C THR SA 135 -31.74 -25.15 110.26
N LYS SA 136 -31.72 -25.98 111.30
CA LYS SA 136 -31.68 -27.43 111.09
C LYS SA 136 -32.96 -27.93 110.42
N LEU SA 137 -34.11 -27.40 110.83
CA LEU SA 137 -35.37 -27.76 110.16
C LEU SA 137 -35.35 -27.35 108.69
N LEU SA 138 -34.85 -26.15 108.39
CA LEU SA 138 -34.77 -25.73 107.00
C LEU SA 138 -33.84 -26.63 106.20
N LYS SA 139 -32.71 -27.03 106.80
CA LYS SA 139 -31.79 -27.93 106.10
C LYS SA 139 -32.44 -29.28 105.86
N TYR SA 140 -33.18 -29.79 106.85
CA TYR SA 140 -33.88 -31.06 106.69
C TYR SA 140 -34.90 -30.98 105.55
N LEU SA 141 -35.68 -29.90 105.52
CA LEU SA 141 -36.67 -29.76 104.46
C LEU SA 141 -36.01 -29.64 103.09
N SER SA 142 -34.91 -28.88 103.01
CA SER SA 142 -34.20 -28.74 101.75
C SER SA 142 -33.63 -30.07 101.29
N ASP SA 143 -33.15 -30.89 102.22
CA ASP SA 143 -32.62 -32.20 101.88
C ASP SA 143 -33.72 -33.13 101.37
N VAL SA 144 -34.85 -33.18 102.08
CA VAL SA 144 -35.90 -34.12 101.69
C VAL SA 144 -36.55 -33.68 100.38
N ASN SA 145 -36.86 -32.40 100.26
CA ASN SA 145 -37.39 -31.87 99.00
C ASN SA 145 -36.33 -31.75 97.92
N ARG SA 146 -35.06 -31.95 98.27
CA ARG SA 146 -33.94 -31.86 97.32
C ARG SA 146 -33.93 -30.50 96.64
N LEU SA 147 -34.06 -29.45 97.47
CA LEU SA 147 -34.24 -28.10 96.96
C LEU SA 147 -33.10 -27.59 96.06
N PRO SA 148 -31.82 -27.76 96.41
CA PRO SA 148 -30.77 -27.12 95.59
C PRO SA 148 -30.85 -27.50 94.11
N PHE SA 149 -31.23 -28.74 93.80
CA PHE SA 149 -31.42 -29.10 92.40
C PHE SA 149 -32.56 -28.33 91.77
N HIS SA 150 -33.67 -28.17 92.48
CA HIS SA 150 -34.79 -27.40 91.95
C HIS SA 150 -34.41 -25.93 91.75
N ARG SA 151 -33.69 -25.35 92.72
CA ARG SA 151 -33.25 -23.97 92.58
C ARG SA 151 -32.30 -23.79 91.41
N SER SA 152 -31.37 -24.74 91.23
CA SER SA 152 -30.47 -24.69 90.09
C SER SA 152 -31.23 -24.79 88.77
N ARG SA 153 -32.22 -25.68 88.71
CA ARG SA 153 -33.04 -25.81 87.52
C ARG SA 153 -33.81 -24.52 87.22
N SER SA 154 -34.36 -23.90 88.27
CA SER SA 154 -35.09 -22.65 88.05
C SER SA 154 -34.17 -21.54 87.59
N PHE SA 155 -32.94 -21.48 88.11
CA PHE SA 155 -32.02 -20.47 87.60
C PHE SA 155 -31.59 -20.77 86.17
N GLU SA 156 -31.43 -22.05 85.83
CA GLU SA 156 -31.25 -22.44 84.43
C GLU SA 156 -32.37 -21.87 83.57
N ASP SA 157 -33.61 -21.97 84.06
CA ASP SA 157 -34.73 -21.40 83.35
C ASP SA 157 -34.59 -19.88 83.21
N THR SA 158 -34.27 -19.19 84.31
CA THR SA 158 -34.16 -17.74 84.27
C THR SA 158 -33.03 -17.28 83.36
N VAL SA 159 -32.05 -18.14 83.11
CA VAL SA 159 -31.01 -17.81 82.13
C VAL SA 159 -31.54 -17.98 80.72
N LYS SA 160 -32.09 -19.16 80.42
CA LYS SA 160 -32.58 -19.43 79.07
C LYS SA 160 -33.80 -18.59 78.74
N VAL SA 161 -34.79 -18.57 79.63
CA VAL SA 161 -36.01 -17.81 79.41
C VAL SA 161 -36.12 -16.72 80.46
N GLY SA 162 -37.21 -15.94 80.38
CA GLY SA 162 -37.30 -14.73 81.17
C GLY SA 162 -37.28 -14.98 82.67
N LEU SA 163 -38.06 -15.95 83.14
CA LEU SA 163 -38.24 -16.15 84.57
C LEU SA 163 -38.39 -17.63 84.89
N GLY SA 164 -38.15 -17.95 86.16
CA GLY SA 164 -38.36 -19.30 86.65
C GLY SA 164 -39.14 -19.26 87.95
N TRP SA 165 -39.76 -20.38 88.27
CA TRP SA 165 -40.72 -20.45 89.37
C TRP SA 165 -40.29 -21.47 90.40
N ILE SA 166 -40.49 -21.14 91.67
CA ILE SA 166 -40.37 -22.08 92.79
C ILE SA 166 -41.69 -22.05 93.55
N GLU SA 167 -42.29 -23.22 93.75
CA GLU SA 167 -43.53 -23.36 94.48
C GLU SA 167 -43.26 -24.01 95.83
N ASP SA 168 -43.60 -23.30 96.91
CA ASP SA 168 -43.50 -23.84 98.26
C ASP SA 168 -44.90 -23.88 98.86
N SER SA 169 -45.31 -25.05 99.32
CA SER SA 169 -46.67 -25.24 99.81
C SER SA 169 -46.68 -26.37 100.82
N TYR SA 170 -47.78 -26.46 101.56
CA TYR SA 170 -48.01 -27.54 102.51
C TYR SA 170 -49.17 -28.38 102.00
N ASP SA 171 -48.90 -29.67 101.77
CA ASP SA 171 -49.90 -30.57 101.22
C ASP SA 171 -50.06 -31.78 102.13
N ASP SA 172 -51.30 -32.27 102.22
CA ASP SA 172 -51.61 -33.44 103.03
C ASP SA 172 -51.75 -34.64 102.09
N SER SA 173 -50.88 -35.63 102.28
CA SER SA 173 -50.88 -36.83 101.44
C SER SA 173 -50.10 -37.91 102.16
N THR SA 174 -50.19 -39.13 101.63
CA THR SA 174 -49.42 -40.24 102.18
C THR SA 174 -47.92 -40.04 101.99
N ASP SA 175 -47.52 -39.14 101.09
CA ASP SA 175 -46.12 -38.74 101.00
C ASP SA 175 -45.70 -38.12 102.33
N GLY SA 176 -44.53 -38.54 102.82
CA GLY SA 176 -44.15 -38.21 104.19
C GLY SA 176 -43.90 -36.73 104.40
N GLU SA 177 -43.16 -36.10 103.51
CA GLU SA 177 -42.68 -34.75 103.78
C GLU SA 177 -43.82 -33.76 103.58
N PRO SA 178 -44.16 -32.96 104.60
CA PRO SA 178 -45.35 -32.10 104.47
C PRO SA 178 -45.15 -30.88 103.60
N ILE SA 179 -44.04 -30.16 103.75
CA ILE SA 179 -43.88 -28.85 103.12
C ILE SA 179 -43.06 -28.99 101.85
N TYR SA 180 -43.75 -29.25 100.74
CA TYR SA 180 -43.09 -29.59 99.49
C TYR SA 180 -42.75 -28.34 98.70
N SER SA 181 -41.49 -28.26 98.26
CA SER SA 181 -41.02 -27.21 97.37
C SER SA 181 -40.69 -27.85 96.03
N ARG SA 182 -41.32 -27.37 94.97
CA ARG SA 182 -41.23 -28.03 93.68
C ARG SA 182 -40.91 -27.00 92.59
N TYR SA 183 -40.19 -27.46 91.58
CA TYR SA 183 -39.93 -26.69 90.37
C TYR SA 183 -41.17 -26.69 89.50
N GLU SA 184 -41.64 -25.50 89.14
CA GLU SA 184 -42.70 -25.33 88.16
C GLU SA 184 -42.13 -24.60 86.96
N SER SA 185 -42.29 -25.19 85.78
CA SER SA 185 -41.71 -24.61 84.57
C SER SA 185 -42.38 -23.29 84.24
N TRP SA 186 -41.62 -22.43 83.54
CA TRP SA 186 -42.16 -21.15 83.12
C TRP SA 186 -43.39 -21.32 82.22
N ARG SA 187 -43.49 -22.46 81.54
CA ARG SA 187 -44.63 -22.72 80.68
C ARG SA 187 -45.91 -22.87 81.50
N ASN SA 188 -45.85 -23.64 82.58
CA ASN SA 188 -47.03 -24.08 83.31
C ASN SA 188 -47.53 -23.07 84.33
N VAL SA 189 -46.98 -21.86 84.34
CA VAL SA 189 -47.41 -20.82 85.28
C VAL SA 189 -47.81 -19.59 84.49
N ILE SA 190 -48.98 -19.04 84.81
CA ILE SA 190 -49.46 -17.80 84.23
C ILE SA 190 -49.56 -16.77 85.34
N PHE SA 191 -48.84 -15.67 85.20
CA PHE SA 191 -48.73 -14.66 86.24
C PHE SA 191 -49.31 -13.34 85.75
N ASP SA 192 -49.91 -12.60 86.68
CA ASP SA 192 -50.43 -11.27 86.35
C ASP SA 192 -49.29 -10.34 85.97
N SER SA 193 -49.45 -9.65 84.84
CA SER SA 193 -48.45 -8.74 84.33
C SER SA 193 -48.62 -7.31 84.85
N ALA SA 194 -49.71 -7.01 85.54
CA ALA SA 194 -49.97 -5.65 85.98
C ALA SA 194 -49.06 -5.23 87.12
N SER SA 195 -48.39 -6.19 87.76
CA SER SA 195 -47.54 -5.87 88.91
C SER SA 195 -46.37 -4.98 88.51
N THR SA 196 -46.07 -4.01 89.35
CA THR SA 196 -44.86 -3.21 89.23
C THR SA 196 -43.90 -3.42 90.40
N GLU SA 197 -44.39 -3.99 91.50
CA GLU SA 197 -43.59 -4.15 92.70
C GLU SA 197 -42.45 -5.13 92.48
N LEU SA 198 -41.28 -4.80 93.01
CA LEU SA 198 -40.18 -5.76 93.05
C LEU SA 198 -40.53 -6.93 93.94
N ASP SA 199 -41.21 -6.66 95.07
CA ASP SA 199 -41.62 -7.71 95.99
C ASP SA 199 -42.55 -8.70 95.29
N GLY SA 200 -43.47 -8.19 94.48
CA GLY SA 200 -44.47 -9.03 93.82
C GLY SA 200 -45.80 -9.08 94.51
N THR SA 201 -46.05 -8.19 95.48
CA THR SA 201 -47.34 -8.18 96.16
C THR SA 201 -48.45 -7.65 95.26
N ASP SA 202 -48.10 -6.75 94.34
CA ASP SA 202 -49.08 -6.17 93.42
C ASP SA 202 -49.69 -7.22 92.51
N MET SA 203 -49.04 -8.38 92.39
CA MET SA 203 -49.59 -9.48 91.60
C MET SA 203 -50.97 -9.84 92.14
N ARG SA 204 -52.00 -9.60 91.34
CA ARG SA 204 -53.35 -9.90 91.80
C ARG SA 204 -53.63 -11.40 91.76
N TYR SA 205 -53.20 -12.08 90.70
CA TYR SA 205 -53.54 -13.48 90.52
C TYR SA 205 -52.39 -14.22 89.82
N ILE SA 206 -52.33 -15.53 90.06
CA ILE SA 206 -51.42 -16.43 89.35
C ILE SA 206 -52.23 -17.65 88.91
N PHE SA 207 -51.93 -18.16 87.72
CA PHE SA 207 -52.62 -19.31 87.18
C PHE SA 207 -51.63 -20.41 86.88
N ARG SA 208 -51.93 -21.63 87.33
CA ARG SA 208 -51.05 -22.78 87.15
C ARG SA 208 -51.80 -23.88 86.44
N PRO SA 209 -51.87 -23.86 85.11
CA PRO SA 209 -52.49 -24.97 84.39
C PRO SA 209 -51.60 -26.20 84.42
N LYS SA 210 -52.12 -27.29 84.98
CA LYS SA 210 -51.39 -28.54 85.09
C LYS SA 210 -52.11 -29.60 84.27
N TRP SA 211 -51.33 -30.43 83.58
CA TRP SA 211 -51.88 -31.52 82.78
C TRP SA 211 -51.77 -32.81 83.58
N LEU SA 212 -52.91 -33.39 83.93
CA LEU SA 212 -52.97 -34.56 84.79
C LEU SA 212 -53.76 -35.67 84.14
N ASP SA 213 -53.39 -36.91 84.46
CA ASP SA 213 -54.17 -38.06 84.05
C ASP SA 213 -55.52 -38.05 84.76
N VAL SA 214 -56.50 -38.71 84.15
CA VAL SA 214 -57.85 -38.74 84.73
C VAL SA 214 -57.83 -39.43 86.09
N ASP SA 215 -57.09 -40.54 86.19
CA ASP SA 215 -57.05 -41.29 87.45
C ASP SA 215 -56.46 -40.44 88.57
N VAL SA 216 -55.31 -39.82 88.33
CA VAL SA 216 -54.66 -39.04 89.38
C VAL SA 216 -55.47 -37.78 89.69
N ALA SA 217 -56.05 -37.15 88.67
CA ALA SA 217 -56.87 -35.96 88.91
C ALA SA 217 -58.09 -36.30 89.76
N CYS SA 218 -58.73 -37.43 89.48
CA CYS SA 218 -59.84 -37.89 90.30
C CYS SA 218 -59.38 -38.20 91.72
N ALA SA 219 -58.19 -38.80 91.86
CA ALA SA 219 -57.67 -39.13 93.18
C ALA SA 219 -57.39 -37.88 94.00
N LEU SA 220 -56.82 -36.84 93.37
CA LEU SA 220 -56.45 -35.64 94.12
C LEU SA 220 -57.67 -34.94 94.70
N VAL SA 221 -58.74 -34.81 93.92
CA VAL SA 221 -59.94 -34.13 94.40
C VAL SA 221 -61.12 -35.11 94.37
N PRO SA 222 -61.67 -35.46 95.53
CA PRO SA 222 -62.79 -36.39 95.58
C PRO SA 222 -64.13 -35.65 95.53
N ASP SA 223 -65.20 -36.45 95.53
CA ASP SA 223 -66.58 -35.99 95.65
C ASP SA 223 -67.03 -35.21 94.43
N ARG SA 224 -66.14 -34.99 93.47
CA ARG SA 224 -66.47 -34.33 92.21
C ARG SA 224 -65.79 -35.05 91.05
N ALA SA 225 -65.75 -36.38 91.11
CA ALA SA 225 -65.05 -37.16 90.10
C ALA SA 225 -65.78 -37.09 88.76
N ASP SA 226 -67.10 -36.89 88.78
CA ASP SA 226 -67.87 -36.88 87.54
C ASP SA 226 -67.48 -35.69 86.66
N GLU SA 227 -67.26 -34.52 87.27
CA GLU SA 227 -66.83 -33.36 86.48
C GLU SA 227 -65.47 -33.59 85.85
N ILE SA 228 -64.56 -34.25 86.58
CA ILE SA 228 -63.25 -34.57 86.01
C ILE SA 228 -63.40 -35.55 84.85
N LYS SA 229 -64.25 -36.57 85.04
CA LYS SA 229 -64.44 -37.58 83.99
C LYS SA 229 -65.02 -36.98 82.72
N LYS SA 230 -66.03 -36.12 82.87
CA LYS SA 230 -66.63 -35.50 81.69
C LYS SA 230 -65.69 -34.50 81.05
N ALA SA 231 -64.67 -34.06 81.79
CA ALA SA 231 -63.69 -33.13 81.25
C ALA SA 231 -62.54 -33.87 80.59
N ASP SA 245 -57.77 -20.70 78.55
CA ASP SA 245 -57.48 -22.01 77.95
C ASP SA 245 -56.02 -22.38 78.18
N GLY SA 246 -55.22 -22.22 77.14
CA GLY SA 246 -53.79 -22.49 77.24
C GLY SA 246 -53.05 -21.88 76.08
N ASP SA 247 -51.76 -21.62 76.29
CA ASP SA 247 -50.93 -21.07 75.24
C ASP SA 247 -50.29 -22.20 74.44
N GLU SA 248 -49.51 -21.82 73.43
CA GLU SA 248 -48.98 -22.81 72.49
C GLU SA 248 -47.98 -23.75 73.15
N ALA SA 249 -47.31 -23.30 74.21
CA ALA SA 249 -46.24 -24.09 74.81
C ALA SA 249 -46.74 -25.40 75.43
N MET SA 250 -47.55 -25.30 76.49
CA MET SA 250 -47.96 -26.49 77.22
C MET SA 250 -48.90 -27.34 76.38
N ASP SA 251 -49.82 -26.71 75.65
CA ASP SA 251 -50.71 -27.46 74.78
C ASP SA 251 -49.94 -28.11 73.65
N TRP SA 252 -48.89 -27.45 73.16
CA TRP SA 252 -48.06 -28.06 72.12
C TRP SA 252 -47.38 -29.30 72.64
N ALA SA 253 -46.82 -29.23 73.85
CA ALA SA 253 -46.17 -30.41 74.43
C ALA SA 253 -47.17 -31.54 74.61
N GLU SA 254 -48.34 -31.23 75.20
CA GLU SA 254 -49.33 -32.27 75.45
C GLU SA 254 -49.87 -32.87 74.16
N PHE SA 255 -50.09 -32.04 73.13
CA PHE SA 255 -50.65 -32.53 71.89
C PHE SA 255 -49.59 -33.26 71.05
N ASP SA 256 -48.32 -32.92 71.24
CA ASP SA 256 -47.26 -33.71 70.63
C ASP SA 256 -47.23 -35.09 71.26
N ARG SA 257 -47.38 -35.16 72.59
CA ARG SA 257 -47.48 -36.45 73.25
C ARG SA 257 -48.69 -37.23 72.76
N ASP SA 258 -49.84 -36.57 72.61
CA ASP SA 258 -51.06 -37.25 72.22
C ASP SA 258 -51.00 -37.71 70.76
N THR SA 259 -50.31 -36.94 69.91
CA THR SA 259 -50.30 -37.25 68.48
C THR SA 259 -49.51 -38.52 68.19
N TYR SA 260 -48.49 -38.80 69.01
CA TYR SA 260 -47.58 -39.93 68.80
C TYR SA 260 -46.79 -39.71 67.52
N SER SA 261 -47.41 -39.99 66.38
CA SER SA 261 -46.82 -39.73 65.07
C SER SA 261 -47.89 -39.14 64.16
N GLN SA 262 -47.49 -38.86 62.92
CA GLN SA 262 -48.40 -38.23 61.97
C GLN SA 262 -49.61 -39.12 61.69
N SER SA 263 -49.39 -40.42 61.49
CA SER SA 263 -50.46 -41.38 61.23
C SER SA 263 -50.18 -42.66 62.00
N ARG SA 264 -50.99 -42.92 63.02
CA ARG SA 264 -50.86 -44.11 63.84
C ARG SA 264 -52.23 -44.72 64.08
N THR SA 265 -52.25 -46.04 64.29
CA THR SA 265 -53.49 -46.76 64.61
C THR SA 265 -53.63 -46.80 66.12
N VAL SA 266 -54.32 -45.80 66.68
CA VAL SA 266 -54.50 -45.73 68.13
C VAL SA 266 -55.47 -46.81 68.57
N SER SA 267 -55.07 -47.58 69.57
CA SER SA 267 -55.92 -48.64 70.10
C SER SA 267 -57.06 -48.05 70.92
N THR SA 268 -57.98 -48.92 71.32
CA THR SA 268 -59.10 -48.49 72.16
C THR SA 268 -58.61 -47.94 73.50
N HIS SA 269 -57.61 -48.60 74.09
CA HIS SA 269 -57.05 -48.13 75.34
C HIS SA 269 -56.17 -46.91 75.09
N LYS SA 270 -56.49 -45.80 75.75
CA LYS SA 270 -55.73 -44.58 75.60
C LYS SA 270 -55.72 -43.83 76.92
N ARG SA 271 -54.55 -43.30 77.29
CA ARG SA 271 -54.46 -42.49 78.49
C ARG SA 271 -55.24 -41.19 78.30
N GLN SA 272 -56.10 -40.87 79.26
CA GLN SA 272 -56.91 -39.67 79.22
C GLN SA 272 -56.33 -38.64 80.16
N ARG SA 273 -55.98 -37.48 79.62
CA ARG SA 273 -55.35 -36.40 80.38
C ARG SA 273 -56.27 -35.18 80.39
N VAL SA 274 -56.46 -34.62 81.58
CA VAL SA 274 -57.31 -33.45 81.76
C VAL SA 274 -56.49 -32.32 82.34
N ARG SA 275 -56.96 -31.09 82.13
CA ARG SA 275 -56.27 -29.89 82.59
C ARG SA 275 -57.00 -29.32 83.80
N LEU SA 276 -56.26 -29.10 84.88
CA LEU SA 276 -56.76 -28.41 86.06
C LEU SA 276 -55.94 -27.15 86.26
N ILE SA 277 -56.61 -26.05 86.59
CA ILE SA 277 -55.97 -24.76 86.76
C ILE SA 277 -56.14 -24.31 88.21
N GLU SA 278 -55.01 -24.06 88.86
CA GLU SA 278 -55.01 -23.53 90.22
C GLU SA 278 -54.82 -22.02 90.15
N CYS SA 279 -55.80 -21.28 90.65
CA CYS SA 279 -55.78 -19.82 90.60
C CYS SA 279 -55.69 -19.27 92.01
N TRP SA 280 -54.60 -18.60 92.31
CA TRP SA 280 -54.42 -17.89 93.57
C TRP SA 280 -54.63 -16.40 93.32
N TYR SA 281 -55.67 -15.84 93.93
CA TYR SA 281 -56.04 -14.45 93.69
C TYR SA 281 -56.09 -13.69 95.00
N ARG SA 282 -55.93 -12.38 94.90
CA ARG SA 282 -55.91 -11.48 96.06
C ARG SA 282 -57.08 -10.51 95.97
N LYS SA 283 -57.83 -10.40 97.07
CA LYS SA 283 -58.91 -9.44 97.17
C LYS SA 283 -58.80 -8.66 98.46
N PRO SA 284 -58.90 -7.33 98.41
CA PRO SA 284 -58.88 -6.54 99.64
C PRO SA 284 -60.08 -6.87 100.52
N MET SA 285 -59.89 -6.76 101.84
CA MET SA 285 -60.92 -7.10 102.80
C MET SA 285 -61.50 -5.91 103.54
N ARG SA 286 -60.74 -4.84 103.71
CA ARG SA 286 -61.20 -3.65 104.44
C ARG SA 286 -61.66 -4.01 105.85
N ALA SA 287 -60.80 -4.68 106.59
CA ALA SA 287 -61.10 -4.99 107.99
C ALA SA 287 -61.14 -3.71 108.81
N THR SA 288 -62.19 -3.56 109.62
CA THR SA 288 -62.32 -2.36 110.45
C THR SA 288 -61.21 -2.28 111.48
N LYS SA 289 -60.86 -3.41 112.09
CA LYS SA 289 -59.82 -3.48 113.12
C LYS SA 289 -60.11 -2.53 114.28
N THR SA 323 -55.31 -6.85 105.08
CA THR SA 323 -56.22 -6.21 104.15
C THR SA 323 -56.42 -7.08 102.92
N MET SA 324 -55.32 -7.60 102.38
CA MET SA 324 -55.33 -8.45 101.21
C MET SA 324 -55.22 -9.90 101.64
N ARG SA 325 -56.24 -10.69 101.32
CA ARG SA 325 -56.26 -12.11 101.66
C ARG SA 325 -56.12 -12.93 100.40
N VAL SA 326 -55.15 -13.84 100.39
CA VAL SA 326 -54.93 -14.73 99.26
C VAL SA 326 -55.89 -15.91 99.35
N ARG SA 327 -56.49 -16.28 98.23
CA ARG SA 327 -57.45 -17.37 98.17
C ARG SA 327 -57.05 -18.34 97.07
N VAL SA 328 -57.38 -19.62 97.25
CA VAL SA 328 -57.03 -20.67 96.31
C VAL SA 328 -58.31 -21.09 95.58
N ALA SA 329 -58.20 -21.26 94.27
CA ALA SA 329 -59.31 -21.68 93.43
C ALA SA 329 -58.81 -22.66 92.39
N ILE SA 330 -59.37 -23.86 92.38
CA ILE SA 330 -59.04 -24.90 91.41
C ILE SA 330 -60.24 -25.10 90.51
N PHE SA 331 -60.08 -24.84 89.22
CA PHE SA 331 -61.18 -24.94 88.26
C PHE SA 331 -60.70 -25.58 86.97
N THR SA 332 -61.53 -26.46 86.42
CA THR SA 332 -61.27 -27.05 85.11
C THR SA 332 -61.92 -26.19 84.02
N SER SA 333 -62.00 -26.75 82.81
CA SER SA 333 -62.48 -26.00 81.66
C SER SA 333 -63.91 -25.50 81.86
N ARG SA 334 -64.80 -26.35 82.35
CA ARG SA 334 -66.21 -26.03 82.41
C ARG SA 334 -66.76 -25.87 83.82
N ASP SA 335 -65.95 -26.13 84.85
CA ASP SA 335 -66.44 -26.05 86.21
C ASP SA 335 -65.27 -25.78 87.15
N LEU SA 336 -65.60 -25.44 88.40
CA LEU SA 336 -64.61 -25.17 89.42
C LEU SA 336 -64.71 -26.26 90.49
N LEU SA 337 -63.55 -26.75 90.94
CA LEU SA 337 -63.53 -27.89 91.87
C LEU SA 337 -63.57 -27.41 93.31
N PHE SA 338 -62.66 -26.51 93.70
CA PHE SA 338 -62.61 -26.04 95.08
C PHE SA 338 -62.27 -24.56 95.09
N GLU SA 339 -62.90 -23.82 96.00
CA GLU SA 339 -62.62 -22.41 96.22
C GLU SA 339 -62.64 -22.16 97.72
N GLY SA 340 -61.65 -21.43 98.22
CA GLY SA 340 -61.60 -21.13 99.64
C GLY SA 340 -60.37 -20.33 99.99
N ALA SA 341 -60.35 -19.85 101.23
CA ALA SA 341 -59.20 -19.11 101.73
C ALA SA 341 -58.02 -20.06 101.94
N SER SA 342 -56.83 -19.54 101.67
CA SER SA 342 -55.63 -20.36 101.81
C SER SA 342 -55.36 -20.67 103.27
N PRO SA 343 -55.10 -21.93 103.61
CA PRO SA 343 -54.80 -22.25 105.02
C PRO SA 343 -53.55 -21.58 105.55
N PHE SA 344 -52.59 -21.30 104.67
CA PHE SA 344 -51.30 -20.80 105.12
C PHE SA 344 -51.43 -19.42 105.76
N ARG SA 345 -50.66 -19.22 106.84
CA ARG SA 345 -50.70 -17.95 107.55
C ARG SA 345 -50.17 -16.81 106.68
N HIS SA 346 -49.08 -17.06 105.95
CA HIS SA 346 -48.49 -16.04 105.10
C HIS SA 346 -49.46 -15.65 103.98
N ASN SA 347 -49.63 -14.35 103.79
CA ASN SA 347 -50.60 -13.83 102.81
C ASN SA 347 -49.93 -13.53 101.47
N ARG SA 348 -49.23 -14.52 100.94
CA ARG SA 348 -48.59 -14.39 99.64
C ARG SA 348 -48.72 -15.70 98.87
N PHE SA 349 -48.56 -15.60 97.56
CA PHE SA 349 -48.73 -16.76 96.69
C PHE SA 349 -47.65 -17.80 96.94
N SER SA 350 -48.03 -19.07 96.74
CA SER SA 350 -47.07 -20.16 96.90
C SER SA 350 -45.96 -20.08 95.87
N LEU SA 351 -46.30 -19.77 94.62
CA LEU SA 351 -45.29 -19.69 93.57
C LEU SA 351 -44.46 -18.43 93.72
N THR SA 352 -43.14 -18.58 93.72
CA THR SA 352 -42.22 -17.47 93.86
C THR SA 352 -41.47 -17.26 92.55
N PRO SA 353 -41.56 -16.07 91.95
CA PRO SA 353 -40.89 -15.87 90.65
C PRO SA 353 -39.44 -15.45 90.80
N ILE SA 354 -38.53 -16.20 90.18
CA ILE SA 354 -37.14 -15.81 90.10
C ILE SA 354 -37.00 -14.95 88.85
N TRP SA 355 -36.89 -13.64 89.03
CA TRP SA 355 -36.95 -12.72 87.91
C TRP SA 355 -35.64 -12.76 87.12
N GLY SA 356 -35.63 -12.07 85.98
CA GLY SA 356 -34.44 -11.90 85.18
C GLY SA 356 -34.40 -10.48 84.63
N PHE SA 357 -33.87 -10.31 83.43
CA PHE SA 357 -33.97 -9.00 82.79
C PHE SA 357 -35.43 -8.69 82.48
N ARG SA 358 -35.88 -7.51 82.90
CA ARG SA 358 -37.26 -7.09 82.71
C ARG SA 358 -37.30 -5.96 81.70
N ARG SA 359 -38.15 -6.11 80.69
CA ARG SA 359 -38.25 -5.09 79.65
C ARG SA 359 -38.77 -3.78 80.24
N GLY SA 360 -38.13 -2.68 79.85
CA GLY SA 360 -38.49 -1.39 80.43
C GLY SA 360 -39.87 -0.92 80.03
N ARG SA 361 -40.27 -1.18 78.79
CA ARG SA 361 -41.53 -0.64 78.29
C ARG SA 361 -42.74 -1.30 78.94
N ASP SA 362 -42.74 -2.63 79.04
CA ASP SA 362 -43.92 -3.36 79.48
C ASP SA 362 -43.70 -4.23 80.71
N ASN SA 363 -42.47 -4.31 81.24
CA ASN SA 363 -42.16 -5.13 82.41
C ASN SA 363 -42.48 -6.61 82.18
N LEU SA 364 -42.22 -7.08 80.96
CA LEU SA 364 -42.29 -8.51 80.65
C LEU SA 364 -40.89 -9.10 80.70
N PRO SA 365 -40.70 -10.18 81.47
CA PRO SA 365 -39.35 -10.75 81.61
C PRO SA 365 -38.83 -11.31 80.29
N TYR SA 366 -37.54 -11.14 80.08
CA TYR SA 366 -36.84 -11.72 78.94
C TYR SA 366 -35.48 -12.23 79.38
N GLY SA 367 -35.09 -13.39 78.87
CA GLY SA 367 -33.85 -14.02 79.26
C GLY SA 367 -32.64 -13.36 78.63
N VAL SA 368 -31.48 -13.92 78.94
CA VAL SA 368 -30.22 -13.40 78.41
C VAL SA 368 -30.14 -13.66 76.91
N ILE SA 369 -30.85 -14.68 76.43
CA ILE SA 369 -30.62 -15.25 75.10
C ILE SA 369 -30.78 -14.22 73.98
N ARG SA 370 -31.81 -13.37 74.07
CA ARG SA 370 -32.31 -12.61 72.92
C ARG SA 370 -31.24 -12.13 71.94
N TRP SA 371 -30.23 -11.41 72.43
CA TRP SA 371 -29.24 -10.87 71.52
C TRP SA 371 -28.31 -11.94 70.99
N MET SA 372 -27.98 -12.95 71.82
CA MET SA 372 -27.24 -14.09 71.27
C MET SA 372 -28.07 -14.80 70.21
N ARG SA 373 -29.39 -14.86 70.39
CA ARG SA 373 -30.27 -15.46 69.38
C ARG SA 373 -30.17 -14.70 68.06
N ASP SA 374 -30.22 -13.37 68.13
CA ASP SA 374 -30.12 -12.56 66.92
C ASP SA 374 -28.78 -12.77 66.23
N ILE SA 375 -27.68 -12.59 66.97
CA ILE SA 375 -26.37 -12.76 66.34
C ILE SA 375 -26.18 -14.20 65.89
N GLN SA 376 -26.86 -15.15 66.53
CA GLN SA 376 -26.70 -16.55 66.18
C GLN SA 376 -27.37 -16.88 64.86
N ASP SA 377 -28.60 -16.39 64.63
CA ASP SA 377 -29.19 -16.71 63.34
C ASP SA 377 -28.45 -15.95 62.24
N ASP SA 378 -27.91 -14.76 62.56
CA ASP SA 378 -27.04 -14.10 61.60
C ASP SA 378 -25.81 -14.95 61.27
N ILE SA 379 -25.18 -15.52 62.29
CA ILE SA 379 -23.98 -16.33 62.09
C ILE SA 379 -24.32 -17.55 61.24
N ASN SA 380 -25.46 -18.18 61.51
CA ASN SA 380 -25.88 -19.32 60.71
C ASN SA 380 -26.07 -18.93 59.25
N LYS SA 381 -26.71 -17.79 59.00
CA LYS SA 381 -26.89 -17.34 57.63
C LYS SA 381 -25.53 -17.12 56.95
N ARG SA 382 -24.61 -16.45 57.64
CA ARG SA 382 -23.31 -16.17 57.05
C ARG SA 382 -22.55 -17.45 56.73
N ALA SA 383 -22.55 -18.41 57.66
CA ALA SA 383 -21.83 -19.65 57.43
C ALA SA 383 -22.43 -20.43 56.28
N SER SA 384 -23.77 -20.51 56.23
CA SER SA 384 -24.41 -21.23 55.13
C SER SA 384 -24.13 -20.56 53.79
N LYS SA 385 -24.17 -19.23 53.76
CA LYS SA 385 -23.88 -18.52 52.52
C LYS SA 385 -22.44 -18.76 52.07
N ALA SA 386 -21.49 -18.69 53.00
CA ALA SA 386 -20.09 -18.92 52.63
C ALA SA 386 -19.88 -20.32 52.10
N LEU SA 387 -20.48 -21.31 52.78
CA LEU SA 387 -20.35 -22.69 52.31
C LEU SA 387 -20.95 -22.86 50.93
N TYR SA 388 -22.11 -22.24 50.68
CA TYR SA 388 -22.74 -22.38 49.37
C TYR SA 388 -21.90 -21.72 48.28
N ILE SA 389 -21.34 -20.54 48.56
CA ILE SA 389 -20.49 -19.89 47.57
C ILE SA 389 -19.28 -20.73 47.25
N LEU SA 390 -18.67 -21.33 48.28
CA LEU SA 390 -17.50 -22.16 48.05
C LEU SA 390 -17.86 -23.41 47.23
N SER SA 391 -19.00 -24.03 47.54
CA SER SA 391 -19.29 -25.33 46.94
C SER SA 391 -19.68 -25.20 45.47
N SER SA 392 -20.55 -24.25 45.14
CA SER SA 392 -21.13 -24.15 43.80
C SER SA 392 -20.50 -23.02 43.03
N ASN SA 393 -20.25 -23.24 41.75
CA ASN SA 393 -19.63 -22.23 40.91
C ASN SA 393 -20.68 -21.29 40.33
N LYS SA 394 -20.28 -20.04 40.09
CA LYS SA 394 -21.11 -19.06 39.42
C LYS SA 394 -20.52 -18.78 38.05
N VAL SA 395 -21.37 -18.74 37.04
CA VAL SA 395 -20.93 -18.68 35.65
C VAL SA 395 -21.51 -17.43 34.99
N VAL SA 396 -20.62 -16.60 34.43
CA VAL SA 396 -20.99 -15.54 33.51
C VAL SA 396 -20.27 -15.83 32.20
N MET SA 397 -20.99 -15.77 31.09
CA MET SA 397 -20.50 -16.29 29.83
C MET SA 397 -21.17 -15.58 28.67
N ASP SA 398 -20.58 -15.72 27.49
CA ASP SA 398 -21.24 -15.29 26.27
C ASP SA 398 -22.43 -16.19 25.97
N GLU SA 399 -23.27 -15.75 25.03
CA GLU SA 399 -24.39 -16.59 24.63
C GLU SA 399 -23.92 -17.89 24.01
N GLY SA 400 -22.88 -17.84 23.20
CA GLY SA 400 -22.37 -19.02 22.52
C GLY SA 400 -21.32 -19.80 23.28
N ALA SA 401 -21.40 -19.74 24.61
CA ALA SA 401 -20.34 -20.34 25.42
C ALA SA 401 -20.33 -21.85 25.33
N VAL SA 402 -21.49 -22.49 25.49
CA VAL SA 402 -21.60 -23.94 25.56
C VAL SA 402 -22.74 -24.38 24.65
N GLU SA 403 -22.55 -25.53 23.97
CA GLU SA 403 -23.58 -26.05 23.09
C GLU SA 403 -24.77 -26.59 23.89
N ASP SA 404 -24.50 -27.36 24.94
CA ASP SA 404 -25.53 -27.95 25.77
C ASP SA 404 -25.51 -27.22 27.11
N ILE SA 405 -26.54 -26.43 27.37
CA ILE SA 405 -26.53 -25.60 28.57
C ILE SA 405 -27.00 -26.39 29.79
N GLU SA 406 -27.80 -27.44 29.57
CA GLU SA 406 -28.25 -28.25 30.70
C GLU SA 406 -27.11 -29.05 31.31
N GLU SA 407 -26.33 -29.73 30.47
CA GLU SA 407 -25.22 -30.51 30.98
C GLU SA 407 -24.12 -29.61 31.52
N PHE SA 408 -23.91 -28.46 30.88
CA PHE SA 408 -23.04 -27.45 31.48
C PHE SA 408 -23.53 -27.07 32.88
N ARG SA 409 -24.82 -26.80 33.00
CA ARG SA 409 -25.39 -26.41 34.30
C ARG SA 409 -25.13 -27.48 35.34
N GLU SA 410 -25.32 -28.75 34.99
CA GLU SA 410 -25.18 -29.81 35.98
C GLU SA 410 -23.72 -30.08 36.32
N GLU SA 411 -22.83 -30.09 35.32
CA GLU SA 411 -21.45 -30.53 35.54
C GLU SA 411 -20.49 -29.44 36.00
N VAL SA 412 -20.90 -28.17 36.03
CA VAL SA 412 -19.93 -27.11 36.33
C VAL SA 412 -19.28 -27.32 37.69
N ALA SA 413 -20.08 -27.58 38.72
CA ALA SA 413 -19.52 -27.66 40.06
C ALA SA 413 -18.83 -29.01 40.30
N ARG SA 414 -18.99 -29.96 39.39
CA ARG SA 414 -18.34 -31.25 39.54
C ARG SA 414 -16.83 -31.10 39.44
N PRO SA 415 -16.07 -31.59 40.42
CA PRO SA 415 -14.61 -31.48 40.34
C PRO SA 415 -13.99 -32.33 39.23
N ASP SA 416 -14.72 -33.30 38.68
CA ASP SA 416 -14.19 -34.21 37.68
C ASP SA 416 -14.78 -34.00 36.30
N ALA SA 417 -15.63 -32.99 36.12
CA ALA SA 417 -16.36 -32.85 34.87
C ALA SA 417 -15.44 -32.40 33.74
N VAL SA 418 -15.75 -32.87 32.54
CA VAL SA 418 -15.09 -32.41 31.32
C VAL SA 418 -16.06 -31.49 30.59
N LEU SA 419 -15.65 -30.23 30.43
CA LEU SA 419 -16.50 -29.20 29.84
C LEU SA 419 -15.94 -28.78 28.51
N VAL SA 420 -16.80 -28.67 27.51
CA VAL SA 420 -16.42 -28.24 26.17
C VAL SA 420 -17.04 -26.88 25.90
N LYS SA 421 -16.26 -25.96 25.35
CA LYS SA 421 -16.71 -24.63 25.03
C LYS SA 421 -16.35 -24.29 23.58
N LYS SA 422 -17.13 -23.39 22.99
CA LYS SA 422 -16.81 -22.93 21.65
C LYS SA 422 -15.57 -22.03 21.69
N PRO SA 423 -14.80 -21.99 20.60
CA PRO SA 423 -13.49 -21.30 20.65
C PRO SA 423 -13.58 -19.82 20.97
N GLY SA 424 -14.37 -19.06 20.22
CA GLY SA 424 -14.39 -17.62 20.34
C GLY SA 424 -15.24 -17.04 21.45
N LYS SA 425 -15.78 -17.86 22.33
CA LYS SA 425 -16.67 -17.38 23.39
C LYS SA 425 -16.01 -17.66 24.74
N GLN SA 426 -15.78 -16.60 25.51
CA GLN SA 426 -15.04 -16.75 26.77
C GLN SA 426 -15.93 -17.35 27.84
N ILE SA 427 -15.30 -18.01 28.81
CA ILE SA 427 -15.95 -18.51 30.01
C ILE SA 427 -15.32 -17.84 31.20
N GLU SA 428 -16.14 -17.31 32.10
CA GLU SA 428 -15.68 -16.81 33.38
C GLU SA 428 -16.41 -17.56 34.49
N LEU SA 429 -15.94 -18.75 34.81
CA LEU SA 429 -16.44 -19.50 35.96
C LEU SA 429 -15.95 -18.82 37.23
N ASN SA 430 -16.68 -19.05 38.31
CA ASN SA 430 -16.33 -18.51 39.63
C ASN SA 430 -16.27 -16.98 39.60
N VAL SA 431 -17.43 -16.38 39.33
CA VAL SA 431 -17.50 -14.93 39.25
C VAL SA 431 -17.13 -14.31 40.59
N ASP SA 432 -17.63 -14.88 41.68
CA ASP SA 432 -17.36 -14.38 43.02
C ASP SA 432 -17.00 -15.52 43.96
N ARG SA 433 -15.80 -15.46 44.52
CA ARG SA 433 -15.40 -16.34 45.61
C ARG SA 433 -14.77 -15.62 46.78
N GLU SA 434 -14.25 -14.41 46.60
CA GLU SA 434 -13.84 -13.60 47.75
C GLU SA 434 -15.03 -13.27 48.63
N LEU SA 435 -16.26 -13.40 48.11
CA LEU SA 435 -17.45 -13.22 48.92
C LEU SA 435 -17.51 -14.26 50.03
N ALA SA 436 -17.08 -15.49 49.77
CA ALA SA 436 -17.06 -16.51 50.81
C ALA SA 436 -16.11 -16.11 51.93
N ALA SA 437 -14.93 -15.60 51.60
CA ALA SA 437 -14.00 -15.14 52.63
C ALA SA 437 -14.57 -13.95 53.39
N ALA SA 438 -15.26 -13.05 52.68
CA ALA SA 438 -15.87 -11.90 53.36
C ALA SA 438 -16.95 -12.36 54.33
N HIS SA 439 -17.76 -13.34 53.93
CA HIS SA 439 -18.80 -13.84 54.83
C HIS SA 439 -18.20 -14.57 56.02
N MET SA 440 -17.11 -15.30 55.80
CA MET SA 440 -16.42 -15.94 56.93
C MET SA 440 -15.89 -14.90 57.90
N ASP SA 441 -15.32 -13.81 57.37
CA ASP SA 441 -14.84 -12.73 58.24
C ASP SA 441 -15.99 -12.08 58.99
N MET SA 442 -17.13 -11.89 58.32
CA MET SA 442 -18.29 -11.34 59.02
C MET SA 442 -18.75 -12.25 60.15
N MET SA 443 -18.74 -13.57 59.92
CA MET SA 443 -19.11 -14.49 60.98
C MET SA 443 -18.12 -14.44 62.14
N SER SA 444 -16.82 -14.32 61.83
CA SER SA 444 -15.83 -14.19 62.89
C SER SA 444 -16.05 -12.91 63.69
N ARG SA 445 -16.34 -11.80 63.01
CA ARG SA 445 -16.62 -10.56 63.72
C ARG SA 445 -17.88 -10.68 64.58
N ASP SA 446 -18.89 -11.39 64.09
CA ASP SA 446 -20.09 -11.62 64.88
C ASP SA 446 -19.79 -12.43 66.14
N ILE SA 447 -18.94 -13.45 66.01
CA ILE SA 447 -18.50 -14.20 67.17
C ILE SA 447 -17.79 -13.29 68.16
N GLN SA 448 -16.92 -12.42 67.66
CA GLN SA 448 -16.21 -11.49 68.53
C GLN SA 448 -17.18 -10.57 69.26
N MET SA 449 -18.20 -10.07 68.55
CA MET SA 449 -19.21 -9.23 69.19
C MET SA 449 -19.97 -10.00 70.27
N LEU SA 450 -20.30 -11.27 70.00
CA LEU SA 450 -20.97 -12.06 71.02
C LEU SA 450 -20.10 -12.23 72.26
N GLN SA 451 -18.80 -12.45 72.07
CA GLN SA 451 -17.88 -12.42 73.20
C GLN SA 451 -17.84 -11.04 73.84
N GLN SA 452 -17.86 -10.00 73.01
CA GLN SA 452 -17.80 -8.63 73.52
C GLN SA 452 -19.04 -8.29 74.34
N VAL SA 453 -20.21 -8.75 73.89
CA VAL SA 453 -21.45 -8.45 74.59
C VAL SA 453 -21.68 -9.46 75.71
N THR SA 481 -19.02 -11.90 84.65
CA THR SA 481 -19.33 -11.89 86.08
C THR SA 481 -20.12 -10.65 86.45
N VAL SA 482 -19.50 -9.48 86.27
CA VAL SA 482 -20.17 -8.22 86.60
C VAL SA 482 -21.36 -7.98 85.68
N ALA SA 483 -21.22 -8.37 84.41
CA ALA SA 483 -22.31 -8.16 83.44
C ALA SA 483 -23.55 -8.98 83.80
N THR SA 484 -23.38 -10.01 84.62
CA THR SA 484 -24.48 -10.91 84.95
C THR SA 484 -24.97 -10.76 86.38
N ASN SA 485 -24.57 -9.71 87.10
CA ASN SA 485 -25.01 -9.56 88.48
C ASN SA 485 -26.51 -9.34 88.61
N LYS SA 486 -27.18 -8.89 87.55
CA LYS SA 486 -28.64 -8.72 87.62
C LYS SA 486 -29.32 -10.05 87.90
N LEU SA 487 -28.98 -11.09 87.13
CA LEU SA 487 -29.60 -12.39 87.33
C LEU SA 487 -29.25 -12.98 88.69
N PHE SA 488 -28.00 -12.84 89.11
CA PHE SA 488 -27.59 -13.40 90.40
C PHE SA 488 -28.29 -12.69 91.55
N ASP SA 489 -28.47 -11.38 91.46
CA ASP SA 489 -29.15 -10.66 92.53
C ASP SA 489 -30.65 -10.97 92.52
N ASN SA 490 -31.24 -11.15 91.34
CA ASN SA 490 -32.62 -11.62 91.29
C ASN SA 490 -32.75 -12.98 91.96
N LEU SA 491 -31.79 -13.87 91.70
CA LEU SA 491 -31.78 -15.17 92.35
C LEU SA 491 -31.66 -15.03 93.85
N ARG SA 492 -30.80 -14.12 94.32
CA ARG SA 492 -30.64 -13.92 95.76
C ARG SA 492 -31.94 -13.42 96.39
N PHE SA 493 -32.61 -12.47 95.74
CA PHE SA 493 -33.88 -11.97 96.25
C PHE SA 493 -34.92 -13.06 96.32
N ALA SA 494 -35.02 -13.88 95.26
CA ALA SA 494 -35.98 -14.96 95.25
C ALA SA 494 -35.63 -16.03 96.29
N VAL SA 495 -34.34 -16.23 96.54
CA VAL SA 495 -33.92 -17.16 97.58
C VAL SA 495 -34.36 -16.66 98.96
N GLN SA 496 -34.22 -15.36 99.20
CA GLN SA 496 -34.70 -14.80 100.46
C GLN SA 496 -36.22 -14.96 100.58
N MET SA 497 -36.93 -14.71 99.48
CA MET SA 497 -38.38 -14.95 99.46
C MET SA 497 -38.71 -16.39 99.85
N GLN SA 498 -38.06 -17.35 99.20
CA GLN SA 498 -38.36 -18.75 99.45
C GLN SA 498 -37.98 -19.15 100.87
N GLY SA 499 -36.86 -18.65 101.37
CA GLY SA 499 -36.48 -18.95 102.74
C GLY SA 499 -37.48 -18.43 103.74
N GLU SA 500 -37.97 -17.21 103.53
CA GLU SA 500 -38.95 -16.65 104.46
C GLU SA 500 -40.26 -17.43 104.38
N ILE SA 501 -40.69 -17.80 103.17
CA ILE SA 501 -41.92 -18.57 103.02
C ILE SA 501 -41.79 -19.93 103.69
N GLN SA 502 -40.67 -20.62 103.46
CA GLN SA 502 -40.46 -21.92 104.08
C GLN SA 502 -40.41 -21.80 105.60
N LEU SA 503 -39.79 -20.74 106.11
CA LEU SA 503 -39.77 -20.50 107.56
C LEU SA 503 -41.19 -20.31 108.08
N SER SA 504 -42.02 -19.59 107.33
CA SER SA 504 -43.41 -19.38 107.76
C SER SA 504 -44.17 -20.70 107.82
N LEU SA 505 -44.03 -21.54 106.80
CA LEU SA 505 -44.71 -22.83 106.84
C LEU SA 505 -44.15 -23.74 107.93
N ILE SA 506 -42.85 -23.62 108.23
CA ILE SA 506 -42.32 -24.36 109.37
C ILE SA 506 -42.98 -23.91 110.65
N GLU SA 507 -43.02 -22.59 110.88
CA GLU SA 507 -43.61 -22.07 112.11
C GLU SA 507 -45.07 -22.47 112.23
N GLN SA 508 -45.77 -22.56 111.10
CA GLN SA 508 -47.20 -22.83 111.16
C GLN SA 508 -47.50 -24.32 111.30
N PHE SA 509 -46.73 -25.18 110.61
CA PHE SA 509 -47.17 -26.54 110.34
C PHE SA 509 -46.30 -27.64 110.93
N VAL SA 510 -45.29 -27.33 111.73
CA VAL SA 510 -44.46 -28.35 112.37
C VAL SA 510 -44.82 -28.41 113.85
N THR SA 511 -44.82 -29.60 114.40
CA THR SA 511 -45.07 -29.78 115.83
C THR SA 511 -43.75 -29.78 116.60
N GLU SA 512 -43.84 -29.44 117.89
CA GLU SA 512 -42.64 -29.39 118.72
C GLU SA 512 -42.00 -30.76 118.86
N GLU SA 513 -42.82 -31.81 118.97
CA GLU SA 513 -42.27 -33.16 119.04
C GLU SA 513 -41.52 -33.52 117.77
N LYS SA 514 -42.02 -33.07 116.61
CA LYS SA 514 -41.31 -33.33 115.36
C LYS SA 514 -39.98 -32.59 115.32
N THR SA 515 -39.95 -31.36 115.83
CA THR SA 515 -38.69 -30.62 115.89
C THR SA 515 -37.70 -31.31 116.81
N PHE SA 516 -38.16 -31.81 117.95
CA PHE SA 516 -37.27 -32.52 118.86
C PHE SA 516 -36.82 -33.86 118.27
N ARG SA 517 -37.64 -34.46 117.41
CA ARG SA 517 -37.23 -35.70 116.75
C ARG SA 517 -36.19 -35.43 115.66
N ILE SA 518 -36.40 -34.39 114.86
CA ILE SA 518 -35.45 -34.06 113.81
C ILE SA 518 -34.17 -33.49 114.39
N THR SA 519 -34.27 -32.62 115.38
CA THR SA 519 -33.13 -31.93 115.95
C THR SA 519 -33.07 -32.15 117.45
N ASN SA 520 -31.86 -32.12 118.00
CA ASN SA 520 -31.68 -32.38 119.43
C ASN SA 520 -32.41 -31.37 120.30
N GLU SA 521 -32.73 -30.20 119.74
CA GLU SA 521 -33.51 -29.19 120.44
C GLU SA 521 -34.91 -29.71 120.77
N LEU SA 534 -45.46 -5.38 118.64
CA LEU SA 534 -44.98 -6.25 117.57
C LEU SA 534 -45.98 -6.30 116.41
N PRO SA 535 -45.47 -6.41 115.19
CA PRO SA 535 -46.36 -6.40 114.02
C PRO SA 535 -47.26 -7.63 113.99
N GLU SA 536 -48.43 -7.46 113.35
CA GLU SA 536 -49.41 -8.53 113.32
C GLU SA 536 -49.02 -9.63 112.33
N ASN SA 537 -48.39 -9.25 111.22
CA ASN SA 537 -48.07 -10.23 110.17
C ASN SA 537 -47.08 -11.26 110.68
N ASP SA 538 -47.27 -12.51 110.23
CA ASP SA 538 -46.27 -13.55 110.50
C ASP SA 538 -45.02 -13.32 109.66
N ILE SA 539 -45.17 -12.58 108.55
CA ILE SA 539 -44.02 -12.26 107.71
C ILE SA 539 -43.02 -11.39 108.47
N VAL SA 540 -43.50 -10.31 109.09
CA VAL SA 540 -42.60 -9.38 109.77
C VAL SA 540 -42.22 -9.89 111.15
N ARG SA 541 -43.11 -10.68 111.78
CA ARG SA 541 -42.81 -11.21 113.11
C ARG SA 541 -41.57 -12.08 113.07
N THR SA 542 -41.45 -12.93 112.05
CA THR SA 542 -40.28 -13.79 111.94
C THR SA 542 -39.02 -12.98 111.64
N LYS SA 543 -39.14 -11.99 110.76
CA LYS SA 543 -37.98 -11.16 110.41
C LYS SA 543 -37.52 -10.34 111.61
N ALA SA 544 -38.41 -10.06 112.54
CA ALA SA 544 -38.08 -9.26 113.72
C ALA SA 544 -37.02 -9.94 114.57
N ASP SA 545 -37.13 -11.26 114.75
CA ASP SA 545 -36.22 -11.95 115.64
C ASP SA 545 -35.15 -12.72 114.87
N PHE SA 546 -35.52 -13.31 113.74
CA PHE SA 546 -34.63 -14.14 112.94
C PHE SA 546 -34.44 -13.54 111.56
N ILE SA 547 -33.21 -13.58 111.05
CA ILE SA 547 -32.90 -13.14 109.70
C ILE SA 547 -32.44 -14.36 108.91
N ILE SA 548 -32.48 -14.25 107.58
CA ILE SA 548 -32.07 -15.35 106.73
C ILE SA 548 -30.71 -15.07 106.14
N GLY SA 549 -29.78 -16.01 106.33
CA GLY SA 549 -28.45 -15.87 105.78
C GLY SA 549 -28.11 -17.07 104.92
N GLU SA 550 -27.27 -16.80 103.91
CA GLU SA 550 -26.88 -17.82 102.94
C GLU SA 550 -25.44 -18.24 103.19
N SER SA 551 -25.21 -19.55 103.21
CA SER SA 551 -23.88 -20.12 103.35
C SER SA 551 -23.75 -21.29 102.38
N ASP SA 552 -22.51 -21.69 102.11
CA ASP SA 552 -22.27 -22.77 101.17
C ASP SA 552 -22.99 -24.04 101.61
N TRP SA 553 -23.18 -24.96 100.66
CA TRP SA 553 -23.98 -26.15 100.90
C TRP SA 553 -23.43 -26.95 102.07
N ARG SA 554 -22.15 -27.32 102.00
CA ARG SA 554 -21.43 -27.94 103.12
C ARG SA 554 -22.15 -29.18 103.66
N ALA SA 555 -23.01 -29.79 102.84
CA ALA SA 555 -23.80 -30.97 103.23
C ALA SA 555 -24.55 -30.62 104.51
N THR SA 556 -24.43 -31.42 105.58
CA THR SA 556 -25.22 -31.21 106.78
C THR SA 556 -24.82 -29.91 107.49
N TYR SA 557 -25.72 -29.45 108.37
CA TYR SA 557 -25.44 -28.25 109.16
C TYR SA 557 -24.21 -28.43 110.04
N ARG SA 558 -23.98 -29.66 110.53
CA ARG SA 558 -22.87 -29.92 111.42
C ARG SA 558 -21.53 -29.61 110.76
N GLN SA 559 -21.44 -29.80 109.43
CA GLN SA 559 -20.19 -29.50 108.74
C GLN SA 559 -19.96 -28.00 108.66
N ALA SA 560 -21.03 -27.22 108.45
CA ALA SA 560 -20.89 -25.77 108.48
C ALA SA 560 -20.49 -25.30 109.88
N ALA SA 561 -21.07 -25.90 110.92
CA ALA SA 561 -20.66 -25.59 112.28
C ALA SA 561 -19.20 -25.93 112.51
N SER SA 562 -18.75 -27.07 111.98
CA SER SA 562 -17.35 -27.45 112.10
C SER SA 562 -16.43 -26.47 111.40
N GLU SA 563 -16.83 -26.00 110.21
CA GLU SA 563 -16.02 -25.00 109.51
C GLU SA 563 -15.92 -23.71 110.30
N GLN SA 564 -17.05 -23.24 110.85
CA GLN SA 564 -17.01 -22.03 111.67
C GLN SA 564 -16.13 -22.21 112.89
N LEU SA 565 -16.24 -23.37 113.55
CA LEU SA 565 -15.41 -23.65 114.72
C LEU SA 565 -13.93 -23.70 114.34
N SER SA 566 -13.61 -24.32 113.20
CA SER SA 566 -12.22 -24.40 112.78
C SER SA 566 -11.64 -23.02 112.51
N GLN SA 567 -12.38 -22.17 111.79
CA GLN SA 567 -11.89 -20.82 111.55
C GLN SA 567 -11.73 -20.04 112.85
N MET SA 568 -12.69 -20.21 113.77
CA MET SA 568 -12.59 -19.55 115.07
C MET SA 568 -11.36 -20.01 115.83
N ILE SA 569 -11.05 -21.31 115.79
CA ILE SA 569 -9.86 -21.82 116.47
C ILE SA 569 -8.60 -21.26 115.85
N MET SA 570 -8.53 -21.21 114.52
CA MET SA 570 -7.38 -20.62 113.87
C MET SA 570 -7.20 -19.16 114.26
N LYS SA 571 -8.31 -18.45 114.48
CA LYS SA 571 -8.20 -17.09 114.98
C LYS SA 571 -7.74 -17.04 116.43
N MET SA 572 -8.09 -18.05 117.23
CA MET SA 572 -7.73 -18.05 118.64
C MET SA 572 -6.22 -18.29 118.81
N PRO SA 573 -5.65 -17.85 119.92
CA PRO SA 573 -4.22 -18.06 120.15
C PRO SA 573 -3.94 -19.51 120.47
N PRO SA 574 -2.67 -19.90 120.55
CA PRO SA 574 -2.36 -21.29 120.95
C PRO SA 574 -2.93 -21.66 122.31
N GLN SA 575 -2.90 -20.75 123.27
CA GLN SA 575 -3.65 -20.95 124.51
C GLN SA 575 -5.12 -20.71 124.24
N VAL SA 576 -5.98 -21.42 124.97
CA VAL SA 576 -7.44 -21.36 125.06
C VAL SA 576 -8.03 -22.04 123.84
N GLY SA 577 -7.19 -22.35 122.85
CA GLY SA 577 -7.64 -23.04 121.66
C GLY SA 577 -7.96 -24.50 121.88
N LEU SA 578 -7.39 -25.12 122.93
CA LEU SA 578 -7.54 -26.55 123.12
C LEU SA 578 -8.99 -26.94 123.43
N VAL SA 579 -9.68 -26.14 124.24
CA VAL SA 579 -11.07 -26.45 124.56
C VAL SA 579 -11.95 -26.30 123.32
N MET SA 580 -11.63 -25.32 122.47
CA MET SA 580 -12.41 -25.16 121.25
C MET SA 580 -12.12 -26.28 120.27
N LEU SA 581 -10.89 -26.81 120.30
CA LEU SA 581 -10.58 -28.04 119.57
C LEU SA 581 -11.42 -29.20 120.09
N ASP SA 582 -11.58 -29.27 121.41
CA ASP SA 582 -12.45 -30.30 122.00
C ASP SA 582 -13.85 -30.22 121.41
N LEU SA 583 -14.45 -29.03 121.41
CA LEU SA 583 -15.81 -28.89 120.91
C LEU SA 583 -15.88 -29.13 119.40
N TRP SA 584 -14.86 -28.70 118.66
CA TRP SA 584 -14.82 -28.97 117.23
C TRP SA 584 -14.82 -30.47 116.96
N ALA SA 585 -13.96 -31.22 117.66
CA ALA SA 585 -13.94 -32.67 117.49
C ALA SA 585 -15.24 -33.29 117.95
N ASP SA 586 -15.89 -32.68 118.96
CA ASP SA 586 -17.20 -33.17 119.39
C ASP SA 586 -18.23 -33.04 118.28
N SER SA 587 -18.19 -31.93 117.53
CA SER SA 587 -19.17 -31.75 116.46
C SER SA 587 -18.71 -32.40 115.16
N THR SA 588 -17.40 -32.51 114.96
CA THR SA 588 -16.89 -33.04 113.70
C THR SA 588 -17.18 -34.54 113.59
N ASP SA 589 -17.52 -34.97 112.38
CA ASP SA 589 -17.89 -36.36 112.11
C ASP SA 589 -16.61 -37.17 111.88
N LEU SA 590 -15.95 -37.53 112.97
CA LEU SA 590 -14.84 -38.46 112.89
C LEU SA 590 -15.36 -39.89 112.74
N PRO SA 591 -14.57 -40.79 112.14
CA PRO SA 591 -15.00 -42.20 112.10
C PRO SA 591 -15.24 -42.78 113.47
N ASN SA 592 -14.41 -42.42 114.45
CA ASN SA 592 -14.63 -42.76 115.85
C ASN SA 592 -14.58 -41.48 116.65
N ARG SA 593 -15.75 -41.01 117.10
CA ARG SA 593 -15.89 -39.68 117.67
C ARG SA 593 -15.88 -39.67 119.19
N ASP SA 594 -16.59 -40.59 119.84
CA ASP SA 594 -16.74 -40.53 121.29
C ASP SA 594 -15.40 -40.68 122.00
N GLU SA 595 -14.54 -41.58 121.51
CA GLU SA 595 -13.24 -41.77 122.13
C GLU SA 595 -12.40 -40.50 122.05
N ILE SA 596 -12.36 -39.89 120.87
CA ILE SA 596 -11.62 -38.64 120.70
C ILE SA 596 -12.19 -37.56 121.60
N VAL SA 597 -13.52 -37.47 121.68
CA VAL SA 597 -14.15 -36.46 122.53
C VAL SA 597 -13.73 -36.65 123.98
N LYS SA 598 -13.84 -37.86 124.50
CA LYS SA 598 -13.52 -38.07 125.91
C LYS SA 598 -12.04 -37.85 126.19
N ARG SA 599 -11.17 -38.18 125.23
CA ARG SA 599 -9.74 -37.94 125.47
C ARG SA 599 -9.40 -36.46 125.46
N ILE SA 600 -10.02 -35.69 124.56
CA ILE SA 600 -9.76 -34.24 124.58
C ILE SA 600 -10.37 -33.61 125.83
N ARG SA 601 -11.49 -34.18 126.32
CA ARG SA 601 -12.00 -33.74 127.61
C ARG SA 601 -11.01 -34.06 128.73
N GLN SA 602 -10.35 -35.20 128.64
CA GLN SA 602 -9.33 -35.55 129.62
C GLN SA 602 -8.19 -34.53 129.61
N ILE SA 603 -7.66 -34.23 128.43
CA ILE SA 603 -6.51 -33.33 128.34
C ILE SA 603 -6.92 -31.91 128.70
N ASN SA 604 -8.18 -31.55 128.45
CA ASN SA 604 -8.63 -30.19 128.74
C ASN SA 604 -9.23 -30.09 130.14
N GLY SA 605 -10.08 -31.04 130.51
CA GLY SA 605 -10.76 -30.99 131.79
C GLY SA 605 -12.13 -30.35 131.76
N MET SA 606 -12.73 -30.18 130.58
CA MET SA 606 -14.02 -29.51 130.48
C MET SA 606 -15.16 -30.52 130.43
N ARG SA 607 -16.38 -29.99 130.50
CA ARG SA 607 -17.59 -30.81 130.51
C ARG SA 607 -18.58 -30.24 129.51
N ASP SA 608 -19.32 -31.12 128.84
CA ASP SA 608 -20.35 -30.74 127.88
C ASP SA 608 -19.79 -29.84 126.78
N PRO SA 614 -19.43 -40.07 132.40
CA PRO SA 614 -18.87 -38.74 132.70
C PRO SA 614 -18.86 -38.48 134.20
N THR SA 615 -19.75 -39.17 134.93
CA THR SA 615 -19.81 -39.00 136.37
C THR SA 615 -18.53 -39.48 137.04
N PRO SA 616 -18.00 -40.63 136.58
CA PRO SA 616 -16.77 -41.15 137.17
C PRO SA 616 -15.60 -40.20 136.95
N GLU SA 617 -15.48 -39.65 135.73
CA GLU SA 617 -14.43 -38.68 135.47
C GLU SA 617 -14.62 -37.42 136.30
N GLU SA 618 -15.87 -36.96 136.42
CA GLU SA 618 -16.16 -35.80 137.26
C GLU SA 618 -15.81 -36.08 138.72
N LEU SA 619 -16.16 -37.27 139.22
CA LEU SA 619 -15.83 -37.61 140.60
C LEU SA 619 -14.33 -37.65 140.82
N GLN SA 620 -13.59 -38.25 139.88
CA GLN SA 620 -12.14 -38.30 140.01
C GLN SA 620 -11.52 -36.91 140.00
N GLN SA 621 -11.97 -36.06 139.08
CA GLN SA 621 -11.44 -34.70 139.00
C GLN SA 621 -11.75 -33.91 140.26
N GLN SA 622 -12.98 -34.03 140.77
CA GLN SA 622 -13.35 -33.31 141.98
C GLN SA 622 -12.54 -33.80 143.17
N GLN SA 623 -12.33 -35.12 143.28
CA GLN SA 623 -11.53 -35.65 144.37
C GLN SA 623 -10.10 -35.15 144.29
N ALA SA 624 -9.51 -35.15 143.08
CA ALA SA 624 -8.14 -34.68 142.92
C ALA SA 624 -8.03 -33.21 143.29
N ALA SA 625 -8.97 -32.38 142.83
CA ALA SA 625 -8.93 -30.96 143.15
C ALA SA 625 -9.08 -30.72 144.64
N ALA SA 626 -10.00 -31.43 145.28
CA ALA SA 626 -10.20 -31.27 146.71
C ALA SA 626 -8.97 -31.69 147.50
N GLU SA 627 -8.35 -32.82 147.10
CA GLU SA 627 -7.14 -33.26 147.78
C GLU SA 627 -6.00 -32.26 147.61
N GLN SA 628 -5.83 -31.74 146.40
CA GLN SA 628 -4.78 -30.76 146.16
C GLN SA 628 -5.01 -29.50 146.98
N ALA SA 629 -6.25 -29.02 147.02
CA ALA SA 629 -6.56 -27.82 147.80
C ALA SA 629 -6.31 -28.05 149.28
N GLN SA 630 -6.73 -29.22 149.80
CA GLN SA 630 -6.51 -29.52 151.20
C GLN SA 630 -5.02 -29.60 151.52
N ALA SA 631 -4.23 -30.24 150.65
CA ALA SA 631 -2.80 -30.34 150.89
C ALA SA 631 -2.14 -28.97 150.87
N GLN SA 632 -2.51 -28.12 149.90
CA GLN SA 632 -1.94 -26.78 149.84
C GLN SA 632 -2.29 -25.96 151.07
N LYS SA 633 -3.56 -26.03 151.50
CA LYS SA 633 -3.97 -25.28 152.68
C LYS SA 633 -3.25 -25.77 153.92
N ALA SA 634 -3.11 -27.09 154.07
CA ALA SA 634 -2.40 -27.63 155.22
C ALA SA 634 -0.94 -27.21 155.23
N MET SA 635 -0.29 -27.26 154.05
CA MET SA 635 1.11 -26.84 153.98
C MET SA 635 1.27 -25.37 154.31
N PHE SA 636 0.39 -24.52 153.79
CA PHE SA 636 0.47 -23.09 154.09
C PHE SA 636 0.25 -22.84 155.58
N MET SA 637 -0.73 -23.53 156.18
CA MET SA 637 -0.97 -23.37 157.61
C MET SA 637 0.23 -23.83 158.43
N ALA SA 638 0.85 -24.95 158.03
CA ALA SA 638 2.03 -25.43 158.74
C ALA SA 638 3.18 -24.44 158.63
N GLU SA 639 3.39 -23.86 157.45
CA GLU SA 639 4.46 -22.89 157.28
C GLU SA 639 4.20 -21.64 158.12
N LEU SA 640 2.96 -21.16 158.13
CA LEU SA 640 2.63 -19.99 158.94
C LEU SA 640 2.82 -20.27 160.42
N SER SA 641 2.39 -21.46 160.87
CA SER SA 641 2.58 -21.84 162.26
C SER SA 641 4.06 -21.92 162.62
N GLU SA 642 4.87 -22.48 161.72
CA GLU SA 642 6.31 -22.55 161.96
C GLU SA 642 6.92 -21.17 162.07
N LYS SA 643 6.52 -20.25 161.18
CA LYS SA 643 7.06 -18.89 161.24
C LYS SA 643 6.66 -18.19 162.53
N GLN SA 644 5.39 -18.32 162.93
CA GLN SA 644 4.93 -17.70 164.16
C GLN SA 644 5.64 -18.29 165.37
N GLY SA 645 5.84 -19.61 165.38
CA GLY SA 645 6.55 -20.26 166.47
C GLY SA 645 8.00 -19.82 166.53
N LYS SA 646 8.65 -19.64 165.38
CA LYS SA 646 10.01 -19.14 165.36
C LYS SA 646 10.08 -17.72 165.91
N ALA SA 647 9.11 -16.88 165.55
CA ALA SA 647 9.06 -15.53 166.11
C ALA SA 647 8.87 -15.55 167.62
N ASP SA 648 7.97 -16.40 168.10
CA ASP SA 648 7.77 -16.52 169.54
C ASP SA 648 9.02 -17.02 170.25
N LYS SA 649 9.72 -17.97 169.63
CA LYS SA 649 10.96 -18.48 170.22
C LYS SA 649 12.01 -17.39 170.28
N ALA SA 650 12.14 -16.57 169.23
CA ALA SA 650 13.11 -15.48 169.25
C ALA SA 650 12.76 -14.46 170.32
N GLN SA 651 11.49 -14.11 170.45
CA GLN SA 651 11.08 -13.14 171.47
C GLN SA 651 11.35 -13.68 172.87
N ALA SA 652 11.03 -14.95 173.11
CA ALA SA 652 11.28 -15.52 174.43
C ALA SA 652 12.77 -15.67 174.71
N ASP SA 653 13.56 -15.93 173.66
CA ASP SA 653 15.01 -15.94 173.82
C ASP SA 653 15.52 -14.56 174.20
N ALA SA 654 14.93 -13.51 173.61
CA ALA SA 654 15.27 -12.16 174.02
C ALA SA 654 14.94 -11.93 175.49
N VAL SA 655 13.75 -12.38 175.93
CA VAL SA 655 13.38 -12.24 177.33
C VAL SA 655 14.36 -12.98 178.24
N ALA SA 656 14.74 -14.20 177.84
CA ALA SA 656 15.69 -14.99 178.62
C ALA SA 656 17.05 -14.30 178.69
N ALA SA 657 17.51 -13.73 177.57
CA ALA SA 657 18.78 -13.02 177.57
C ALA SA 657 18.73 -11.80 178.49
N GLN SA 658 17.61 -11.06 178.46
CA GLN SA 658 17.48 -9.90 179.35
C GLN SA 658 17.49 -10.32 180.82
N ALA SA 659 16.78 -11.40 181.15
CA ALA SA 659 16.76 -11.88 182.53
C ALA SA 659 18.14 -12.38 182.96
N ASN SA 660 18.85 -13.07 182.06
CA ASN SA 660 20.21 -13.50 182.37
C ASN SA 660 21.13 -12.30 182.57
N ALA SA 661 20.93 -11.24 181.79
CA ALA SA 661 21.68 -10.01 182.00
C ALA SA 661 21.40 -9.42 183.38
N ASP SA 662 20.14 -9.39 183.78
CA ASP SA 662 19.80 -8.89 185.11
C ASP SA 662 20.42 -9.74 186.20
N LEU SA 663 20.40 -11.07 186.03
CA LEU SA 663 21.02 -11.96 187.02
C LEU SA 663 22.52 -11.74 187.11
N ARG SA 664 23.18 -11.59 185.97
CA ARG SA 664 24.62 -11.35 185.97
C ARG SA 664 24.95 -10.01 186.62
N ALA SA 665 24.15 -8.98 186.33
CA ALA SA 665 24.37 -7.68 186.96
C ALA SA 665 24.20 -7.76 188.47
N ALA SA 666 23.16 -8.47 188.94
CA ALA SA 666 22.95 -8.62 190.37
C ALA SA 666 24.10 -9.38 191.01
N GLN SA 667 24.58 -10.44 190.36
CA GLN SA 667 25.70 -11.20 190.90
C GLN SA 667 26.95 -10.34 190.98
N ALA SA 668 27.21 -9.55 189.94
CA ALA SA 668 28.37 -8.66 189.96
C ALA SA 668 28.27 -7.62 191.07
N GLU SA 669 27.08 -7.05 191.25
CA GLU SA 669 26.88 -6.06 192.31
C GLU SA 669 27.08 -6.68 193.68
N GLN SA 670 26.57 -7.89 193.88
CA GLN SA 670 26.77 -8.57 195.16
C GLN SA 670 28.24 -8.89 195.40
N VAL SA 671 28.93 -9.37 194.37
CA VAL SA 671 30.34 -9.73 194.51
C VAL SA 671 31.20 -8.50 194.81
N ARG SA 672 30.91 -7.37 194.16
CA ARG SA 672 31.71 -6.17 194.37
C ARG SA 672 31.57 -5.66 195.80
N ARG SA 673 30.35 -5.70 196.35
CA ARG SA 673 30.12 -5.26 197.72
C ARG SA 673 30.64 -6.29 198.72
N VAL TA 4 -12.86 76.36 -65.05
CA VAL TA 4 -12.42 75.87 -66.35
C VAL TA 4 -10.91 76.04 -66.51
N GLN TA 5 -10.19 74.92 -66.39
CA GLN TA 5 -8.73 74.97 -66.41
C GLN TA 5 -8.25 75.12 -67.85
N PHE TA 6 -7.10 75.76 -68.03
CA PHE TA 6 -6.61 76.05 -69.37
C PHE TA 6 -5.28 75.35 -69.65
N ALA TA 7 -5.10 74.97 -70.92
CA ALA TA 7 -3.95 74.21 -71.37
C ALA TA 7 -2.95 75.12 -72.06
N ASN TA 8 -1.73 74.62 -72.25
CA ASN TA 8 -0.65 75.39 -72.85
C ASN TA 8 0.19 74.50 -73.76
N ASN TA 9 0.22 74.85 -75.05
CA ASN TA 9 1.13 74.24 -76.02
C ASN TA 9 1.00 72.72 -76.05
N ALA TA 10 -0.24 72.23 -76.16
CA ALA TA 10 -0.54 70.81 -76.12
C ALA TA 10 -1.21 70.40 -77.42
N ALA TA 11 -0.44 69.80 -78.33
CA ALA TA 11 -0.95 69.30 -79.60
C ALA TA 11 -0.75 67.78 -79.62
N SER TA 12 -1.82 67.06 -79.92
CA SER TA 12 -1.81 65.60 -79.81
C SER TA 12 -2.60 64.97 -80.94
N ARG TA 13 -2.21 63.76 -81.32
CA ARG TA 13 -2.96 62.99 -82.32
C ARG TA 13 -3.96 62.07 -81.63
N LEU TA 14 -5.15 61.96 -82.22
CA LEU TA 14 -6.21 61.11 -81.69
C LEU TA 14 -5.99 59.69 -82.21
N VAL TA 15 -5.35 58.85 -81.38
CA VAL TA 15 -4.99 57.51 -81.84
C VAL TA 15 -6.23 56.66 -82.03
N GLY TA 16 -7.31 56.98 -81.32
CA GLY TA 16 -8.53 56.21 -81.41
C GLY TA 16 -9.56 56.86 -82.30
N PRO TA 17 -10.19 56.07 -83.16
CA PRO TA 17 -11.28 56.61 -83.99
C PRO TA 17 -12.46 57.03 -83.13
N LEU TA 18 -12.75 58.32 -83.12
CA LEU TA 18 -13.77 58.89 -82.26
C LEU TA 18 -15.06 59.04 -83.05
N ALA TA 19 -16.07 58.25 -82.69
CA ALA TA 19 -17.36 58.36 -83.33
C ALA TA 19 -18.04 59.67 -82.93
N PRO TA 20 -18.93 60.19 -83.78
CA PRO TA 20 -19.63 61.44 -83.42
C PRO TA 20 -20.35 61.35 -82.09
N SER TA 21 -20.94 60.19 -81.77
CA SER TA 21 -21.50 59.92 -80.45
C SER TA 21 -20.46 59.10 -79.68
N GLY TA 22 -19.39 59.78 -79.23
CA GLY TA 22 -18.31 59.10 -78.55
C GLY TA 22 -18.10 59.63 -77.14
N THR TA 23 -18.00 58.71 -76.17
CA THR TA 23 -17.87 59.11 -74.78
C THR TA 23 -16.45 59.59 -74.45
N SER TA 24 -15.44 58.94 -75.04
CA SER TA 24 -14.06 59.19 -74.65
C SER TA 24 -13.14 59.06 -75.85
N LEU TA 25 -11.95 59.65 -75.72
CA LEU TA 25 -10.95 59.68 -76.76
C LEU TA 25 -9.56 59.53 -76.16
N THR TA 26 -8.61 59.08 -76.97
CA THR TA 26 -7.27 58.72 -76.50
C THR TA 26 -6.22 59.33 -77.42
N VAL TA 27 -5.36 60.17 -76.86
CA VAL TA 27 -4.21 60.76 -77.55
C VAL TA 27 -2.99 59.85 -77.49
N THR TA 28 -1.95 60.23 -78.24
CA THR TA 28 -0.69 59.50 -78.22
C THR TA 28 -0.12 59.42 -76.81
N PRO TA 29 0.60 58.33 -76.48
CA PRO TA 29 1.10 58.19 -75.10
C PRO TA 29 2.00 59.32 -74.64
N GLY TA 30 2.85 59.83 -75.52
CA GLY TA 30 3.76 60.89 -75.11
C GLY TA 30 3.05 62.18 -74.78
N ASP TA 31 1.99 62.50 -75.52
CA ASP TA 31 1.29 63.76 -75.35
C ASP TA 31 0.22 63.72 -74.26
N GLY TA 32 0.02 62.57 -73.62
CA GLY TA 32 -1.03 62.48 -72.61
C GLY TA 32 -0.79 63.37 -71.41
N ALA TA 33 0.44 63.35 -70.87
CA ALA TA 33 0.74 64.18 -69.72
C ALA TA 33 0.84 65.65 -70.10
N LEU TA 34 1.00 65.93 -71.39
CA LEU TA 34 1.11 67.31 -71.84
C LEU TA 34 -0.20 68.06 -71.62
N PHE TA 35 -1.33 67.36 -71.71
CA PHE TA 35 -2.61 67.96 -71.37
C PHE TA 35 -2.68 68.23 -69.87
N PRO TA 36 -3.44 69.23 -69.44
CA PRO TA 36 -3.56 69.49 -68.00
C PRO TA 36 -4.19 68.31 -67.27
N THR TA 37 -3.71 68.07 -66.05
CA THR TA 37 -4.13 66.88 -65.31
C THR TA 37 -5.61 66.94 -64.95
N LEU TA 38 -6.16 68.14 -64.80
CA LEU TA 38 -7.57 68.34 -64.46
C LEU TA 38 -7.88 67.79 -63.07
N GLY TA 39 -9.16 67.81 -62.71
CA GLY TA 39 -9.59 67.31 -61.42
C GLY TA 39 -11.10 67.16 -61.38
N ALA TA 40 -11.60 66.77 -60.21
CA ALA TA 40 -13.04 66.65 -60.03
C ALA TA 40 -13.71 68.02 -60.19
N GLY TA 41 -14.73 68.07 -61.04
CA GLY TA 41 -15.41 69.32 -61.31
C GLY TA 41 -14.64 70.29 -62.18
N ASP TA 42 -13.57 69.83 -62.84
CA ASP TA 42 -12.69 70.70 -63.62
C ASP TA 42 -12.62 70.20 -65.06
N TRP TA 43 -12.63 71.13 -66.01
CA TRP TA 43 -12.61 70.82 -67.42
C TRP TA 43 -11.73 71.82 -68.16
N PHE TA 44 -11.25 71.43 -69.34
CA PHE TA 44 -10.50 72.32 -70.22
C PHE TA 44 -11.03 72.21 -71.65
N MET TA 45 -11.02 73.33 -72.37
CA MET TA 45 -11.45 73.36 -73.76
C MET TA 45 -10.43 72.65 -74.64
N ALA TA 46 -10.94 71.89 -75.61
CA ALA TA 46 -10.10 71.18 -76.57
C ALA TA 46 -10.70 71.27 -77.97
N THR TA 47 -9.89 71.74 -78.92
CA THR TA 47 -10.34 71.82 -80.31
C THR TA 47 -9.84 70.65 -81.10
N LEU TA 48 -10.75 69.88 -81.67
CA LEU TA 48 -10.41 68.72 -82.48
C LEU TA 48 -10.34 69.13 -83.94
N ILE TA 49 -9.12 69.35 -84.43
CA ILE TA 49 -8.88 69.75 -85.81
C ILE TA 49 -8.54 68.49 -86.59
N ARG TA 50 -9.49 67.96 -87.34
CA ARG TA 50 -9.21 66.77 -88.12
C ARG TA 50 -8.47 67.14 -89.40
N SER TA 51 -8.36 66.16 -90.30
CA SER TA 51 -7.86 66.44 -91.63
C SER TA 51 -8.80 67.41 -92.33
N ASP TA 52 -8.23 68.26 -93.19
CA ASP TA 52 -8.96 69.29 -93.93
C ASP TA 52 -9.37 70.41 -93.00
N GLY TA 53 -10.35 71.21 -93.41
CA GLY TA 53 -10.71 72.40 -92.64
C GLY TA 53 -11.73 72.14 -91.55
N ALA TA 54 -12.42 71.00 -91.62
CA ALA TA 54 -13.47 70.70 -90.66
C ALA TA 54 -12.91 70.59 -89.25
N ARG TA 55 -13.66 71.08 -88.27
CA ARG TA 55 -13.23 71.14 -86.88
C ARG TA 55 -14.44 71.09 -85.96
N GLU TA 56 -14.25 70.58 -84.75
CA GLU TA 56 -15.30 70.53 -83.75
C GLU TA 56 -14.72 70.87 -82.38
N ILE TA 57 -15.53 71.44 -81.52
CA ILE TA 57 -15.10 71.92 -80.20
C ILE TA 57 -15.89 71.25 -79.09
N VAL TA 58 -15.17 70.82 -78.04
CA VAL TA 58 -15.75 70.13 -76.90
C VAL TA 58 -14.90 70.48 -75.68
N LYS TA 59 -15.36 70.02 -74.51
CA LYS TA 59 -14.58 70.12 -73.28
C LYS TA 59 -14.33 68.73 -72.72
N VAL TA 60 -13.18 68.56 -72.06
CA VAL TA 60 -12.82 67.30 -71.43
C VAL TA 60 -13.30 67.36 -69.98
N THR TA 61 -14.29 66.53 -69.65
CA THR TA 61 -14.80 66.50 -68.28
C THR TA 61 -13.76 65.95 -67.32
N SER TA 62 -13.11 64.85 -67.68
CA SER TA 62 -12.10 64.24 -66.83
C SER TA 62 -11.15 63.41 -67.68
N ARG TA 63 -9.93 63.25 -67.21
CA ARG TA 63 -8.93 62.47 -67.92
C ARG TA 63 -8.17 61.58 -66.93
N THR TA 64 -7.84 60.38 -67.39
CA THR TA 64 -7.02 59.44 -66.61
C THR TA 64 -5.95 58.88 -67.53
N VAL TA 65 -4.69 59.06 -67.14
CA VAL TA 65 -3.54 58.54 -67.87
C VAL TA 65 -3.59 59.08 -69.30
N ASP TA 66 -3.97 58.23 -70.25
CA ASP TA 66 -3.93 58.56 -71.67
C ASP TA 66 -5.31 58.83 -72.26
N ALA TA 67 -6.38 58.55 -71.52
CA ALA TA 67 -7.74 58.64 -72.04
C ALA TA 67 -8.49 59.77 -71.35
N MET TA 68 -9.21 60.56 -72.14
CA MET TA 68 -10.00 61.67 -71.63
C MET TA 68 -11.48 61.43 -71.92
N SER TA 69 -12.31 61.63 -70.90
CA SER TA 69 -13.75 61.68 -71.11
C SER TA 69 -14.13 63.00 -71.77
N ILE TA 70 -15.19 62.96 -72.58
CA ILE TA 70 -15.56 64.09 -73.42
C ILE TA 70 -17.05 64.35 -73.30
N THR TA 71 -17.45 65.59 -73.62
CA THR TA 71 -18.84 65.98 -73.76
C THR TA 71 -19.01 66.66 -75.11
N ARG TA 72 -19.87 66.09 -75.95
CA ARG TA 72 -19.86 66.43 -77.37
C ARG TA 72 -20.81 67.58 -77.69
N ALA TA 73 -20.44 68.35 -78.72
CA ALA TA 73 -21.30 69.36 -79.34
C ALA TA 73 -21.77 70.40 -78.33
N GLN TA 74 -20.86 70.87 -77.49
CA GLN TA 74 -21.26 71.71 -76.37
C GLN TA 74 -21.29 73.19 -76.75
N GLU TA 75 -20.35 73.63 -77.57
CA GLU TA 75 -20.27 75.03 -77.99
C GLU TA 75 -21.02 75.32 -79.29
N GLY TA 76 -21.80 74.37 -79.79
CA GLY TA 76 -22.59 74.57 -80.98
C GLY TA 76 -22.09 73.87 -82.23
N SER TA 77 -20.90 73.28 -82.19
CA SER TA 77 -20.40 72.55 -83.34
C SER TA 77 -21.13 71.22 -83.50
N SER TA 78 -21.44 70.88 -84.74
CA SER TA 78 -22.15 69.63 -85.01
C SER TA 78 -21.25 68.43 -84.79
N ALA TA 79 -21.86 67.29 -84.47
CA ALA TA 79 -21.09 66.08 -84.21
C ALA TA 79 -20.66 65.44 -85.52
N LEU TA 80 -19.34 65.26 -85.68
CA LEU TA 80 -18.77 64.75 -86.91
C LEU TA 80 -17.76 63.66 -86.61
N SER TA 81 -17.60 62.75 -87.56
CA SER TA 81 -16.70 61.60 -87.37
C SER TA 81 -15.25 62.05 -87.36
N PHE TA 82 -14.39 61.22 -86.76
CA PHE TA 82 -12.99 61.57 -86.58
C PHE TA 82 -12.09 60.40 -86.99
N ASN TA 83 -11.04 60.73 -87.73
CA ASN TA 83 -10.05 59.79 -88.22
C ASN TA 83 -9.02 59.54 -87.12
N PRO TA 84 -8.52 58.32 -86.98
CA PRO TA 84 -7.42 58.10 -86.02
C PRO TA 84 -6.15 58.86 -86.32
N ASN TA 85 -6.15 59.73 -87.34
CA ASN TA 85 -5.11 60.74 -87.53
C ASN TA 85 -5.75 62.11 -87.44
N ASP TA 86 -5.74 62.70 -86.24
CA ASP TA 86 -6.37 63.99 -86.03
C ASP TA 86 -5.45 64.87 -85.19
N ARG TA 87 -5.92 66.08 -84.90
CA ARG TA 87 -5.21 67.01 -84.03
C ARG TA 87 -6.18 67.51 -82.96
N ILE TA 88 -5.77 67.37 -81.71
CA ILE TA 88 -6.46 67.98 -80.58
C ILE TA 88 -5.48 68.92 -79.89
N GLU TA 89 -5.84 70.20 -79.86
CA GLU TA 89 -4.90 71.24 -79.44
C GLU TA 89 -5.66 72.56 -79.36
N ALA TA 90 -4.94 73.61 -78.94
CA ALA TA 90 -5.46 74.97 -78.91
C ALA TA 90 -6.59 75.11 -77.91
N ARG TA 91 -7.20 76.28 -77.90
CA ARG TA 91 -8.29 76.61 -77.00
C ARG TA 91 -9.24 77.57 -77.72
N LEU TA 92 -10.53 77.25 -77.70
CA LEU TA 92 -11.52 78.00 -78.46
C LEU TA 92 -11.82 79.30 -77.72
N THR TA 93 -11.85 80.42 -78.46
CA THR TA 93 -11.94 81.73 -77.84
C THR TA 93 -13.29 81.98 -77.16
N ALA TA 94 -14.39 81.59 -77.82
CA ALA TA 94 -15.70 82.14 -77.48
C ALA TA 94 -16.12 81.83 -76.05
N GLY TA 95 -16.03 80.57 -75.64
CA GLY TA 95 -16.69 80.15 -74.41
C GLY TA 95 -16.11 80.79 -73.17
N GLU TA 96 -14.81 80.60 -72.93
CA GLU TA 96 -14.21 81.08 -71.69
C GLU TA 96 -14.24 82.59 -71.63
N LEU TA 97 -14.14 83.25 -72.79
CA LEU TA 97 -14.07 84.71 -72.81
C LEU TA 97 -15.44 85.32 -72.59
N GLY TA 98 -16.49 84.69 -73.12
CA GLY TA 98 -17.84 85.05 -72.70
C GLY TA 98 -18.03 84.85 -71.21
N ASP TA 99 -17.52 83.74 -70.68
CA ASP TA 99 -17.61 83.49 -69.25
C ASP TA 99 -16.88 84.56 -68.44
N PHE TA 100 -15.71 84.99 -68.92
CA PHE TA 100 -14.94 86.02 -68.22
C PHE TA 100 -15.62 87.37 -68.27
N ARG TA 101 -16.11 87.77 -69.45
CA ARG TA 101 -16.83 89.03 -69.54
C ARG TA 101 -18.12 89.03 -68.74
N ASP TA 102 -18.74 87.85 -68.57
CA ASP TA 102 -19.90 87.75 -67.71
C ASP TA 102 -19.52 87.75 -66.23
N GLY TA 103 -18.39 87.12 -65.89
CA GLY TA 103 -17.94 87.10 -64.51
C GLY TA 103 -17.51 88.46 -64.01
N ILE TA 104 -16.87 89.24 -64.87
CA ILE TA 104 -16.49 90.60 -64.49
C ILE TA 104 -17.74 91.42 -64.18
N ALA TA 105 -18.74 91.35 -65.05
CA ALA TA 105 -20.00 92.06 -64.81
C ALA TA 105 -20.69 91.55 -63.56
N SER TA 106 -20.68 90.24 -63.34
CA SER TA 106 -21.30 89.67 -62.15
C SER TA 106 -20.61 90.16 -60.89
N ALA TA 107 -19.28 90.19 -60.89
CA ALA TA 107 -18.54 90.66 -59.73
C ALA TA 107 -18.83 92.13 -59.46
N GLN TA 108 -18.85 92.95 -60.51
CA GLN TA 108 -19.15 94.37 -60.33
C GLN TA 108 -20.56 94.58 -59.80
N SER TA 109 -21.53 93.85 -60.36
CA SER TA 109 -22.91 93.98 -59.91
C SER TA 109 -23.07 93.53 -58.47
N ALA TA 110 -22.43 92.41 -58.10
CA ALA TA 110 -22.51 91.93 -56.74
C ALA TA 110 -21.88 92.91 -55.77
N ALA TA 111 -20.73 93.49 -56.14
CA ALA TA 111 -20.12 94.51 -55.29
C ALA TA 111 -21.02 95.72 -55.14
N SER TA 112 -21.63 96.18 -56.24
CA SER TA 112 -22.51 97.33 -56.18
C SER TA 112 -23.71 97.05 -55.26
N ALA TA 113 -24.27 95.86 -55.36
CA ALA TA 113 -25.32 95.46 -54.44
C ALA TA 113 -24.80 95.41 -53.01
N ALA TA 114 -23.52 95.09 -52.84
CA ALA TA 114 -22.93 95.09 -51.50
C ALA TA 114 -22.89 96.48 -50.89
N GLN TA 115 -22.41 97.49 -51.64
CA GLN TA 115 -22.49 98.85 -51.11
C GLN TA 115 -23.94 99.29 -50.93
N GLY TA 116 -24.84 98.85 -51.82
CA GLY TA 116 -26.23 99.20 -51.67
C GLY TA 116 -26.83 98.69 -50.37
N THR TA 117 -26.53 97.43 -50.02
CA THR TA 117 -26.99 96.89 -48.75
C THR TA 117 -26.28 97.57 -47.58
N ALA TA 118 -25.00 97.91 -47.74
CA ALA TA 118 -24.27 98.57 -46.67
C ALA TA 118 -24.89 99.92 -46.34
N ASP TA 119 -25.28 100.68 -47.36
CA ASP TA 119 -25.89 102.00 -47.16
C ASP TA 119 -27.28 101.87 -46.55
N LYS UA 2 4.50 52.98 12.34
CA LYS UA 2 3.13 53.06 12.82
C LYS UA 2 2.08 52.63 11.77
N PRO UA 3 2.15 53.15 10.55
CA PRO UA 3 1.20 52.69 9.52
C PRO UA 3 1.48 51.25 9.11
N LEU UA 4 0.47 50.63 8.52
CA LEU UA 4 0.56 49.23 8.09
C LEU UA 4 1.35 49.07 6.80
N ASP UA 5 1.73 50.16 6.15
CA ASP UA 5 2.55 50.09 4.96
C ASP UA 5 3.92 49.52 5.22
N VAL UA 6 4.35 49.43 6.49
CA VAL UA 6 5.60 48.74 6.80
C VAL UA 6 5.38 47.24 6.83
N PHE UA 7 4.22 46.80 7.31
CA PHE UA 7 3.88 45.38 7.26
C PHE UA 7 3.68 44.91 5.83
N MET UA 8 3.16 45.78 4.97
CA MET UA 8 2.70 45.34 3.65
C MET UA 8 3.80 44.69 2.80
N PRO UA 9 5.06 45.16 2.79
CA PRO UA 9 6.07 44.52 1.91
C PRO UA 9 6.24 43.03 2.12
N ILE UA 10 6.26 42.56 3.36
CA ILE UA 10 6.42 41.12 3.60
C ILE UA 10 5.24 40.36 3.03
N ILE UA 11 4.04 40.90 3.21
CA ILE UA 11 2.84 40.27 2.64
C ILE UA 11 2.94 40.21 1.12
N HIS UA 12 3.38 41.30 0.49
CA HIS UA 12 3.60 41.26 -0.96
C HIS UA 12 4.60 40.17 -1.33
N ARG UA 13 5.68 40.03 -0.56
CA ARG UA 13 6.70 39.05 -0.91
C ARG UA 13 6.15 37.63 -0.83
N PHE UA 14 5.39 37.31 0.21
CA PHE UA 14 4.88 35.95 0.36
C PHE UA 14 3.49 35.78 -0.24
N ALA UA 15 2.67 36.83 -0.23
CA ALA UA 15 1.36 36.79 -0.87
C ALA UA 15 1.35 37.80 -2.00
N PRO UA 16 1.57 37.40 -3.25
CA PRO UA 16 1.84 38.37 -4.31
C PRO UA 16 0.63 39.23 -4.63
N GLY UA 17 0.81 40.54 -4.52
CA GLY UA 17 -0.20 41.49 -4.96
C GLY UA 17 -1.50 41.41 -4.18
N CYS UA 18 -1.41 41.11 -2.89
CA CYS UA 18 -2.61 41.04 -2.07
C CYS UA 18 -3.25 42.42 -1.95
N PRO UA 19 -4.58 42.52 -2.03
CA PRO UA 19 -5.23 43.81 -1.88
C PRO UA 19 -4.90 44.44 -0.54
N GLU UA 20 -4.68 45.76 -0.55
CA GLU UA 20 -4.26 46.44 0.67
C GLU UA 20 -5.27 46.36 1.80
N PRO UA 21 -6.58 46.57 1.59
CA PRO UA 21 -7.51 46.35 2.71
C PRO UA 21 -7.49 44.94 3.26
N THR UA 22 -7.31 43.93 2.40
CA THR UA 22 -7.31 42.55 2.88
C THR UA 22 -6.06 42.26 3.70
N ALA UA 23 -4.90 42.68 3.20
CA ALA UA 23 -3.67 42.51 3.95
C ALA UA 23 -3.72 43.29 5.25
N PHE UA 24 -4.34 44.47 5.23
CA PHE UA 24 -4.43 45.29 6.44
C PHE UA 24 -5.34 44.65 7.47
N ALA UA 25 -6.46 44.06 7.03
CA ALA UA 25 -7.32 43.34 7.96
C ALA UA 25 -6.60 42.13 8.54
N ALA UA 26 -5.82 41.44 7.71
CA ALA UA 26 -5.01 40.33 8.21
C ALA UA 26 -3.99 40.81 9.25
N ILE UA 27 -3.35 41.94 8.99
CA ILE UA 27 -2.41 42.51 9.96
C ILE UA 27 -3.11 42.82 11.27
N ARG UA 28 -4.28 43.46 11.20
CA ARG UA 28 -5.01 43.80 12.42
C ARG UA 28 -5.38 42.56 13.20
N GLU UA 29 -5.90 41.54 12.52
CA GLU UA 29 -6.30 40.32 13.22
C GLU UA 29 -5.10 39.60 13.83
N ALA UA 30 -3.99 39.50 13.09
CA ALA UA 30 -2.80 38.84 13.59
C ALA UA 30 -2.22 39.60 14.78
N ALA UA 31 -2.21 40.92 14.73
CA ALA UA 31 -1.71 41.71 15.85
C ALA UA 31 -2.65 41.62 17.04
N ILE UA 32 -3.95 41.50 16.81
CA ILE UA 32 -4.89 41.27 17.89
C ILE UA 32 -4.55 39.98 18.62
N LYS UA 33 -4.36 38.90 17.86
CA LYS UA 33 -3.97 37.64 18.48
C LYS UA 33 -2.62 37.75 19.17
N PHE UA 34 -1.69 38.51 18.58
CA PHE UA 34 -0.39 38.70 19.18
C PHE UA 34 -0.49 39.37 20.54
N CYS UA 35 -1.34 40.40 20.64
CA CYS UA 35 -1.52 41.08 21.91
C CYS UA 35 -2.32 40.21 22.89
N GLU UA 36 -3.17 39.32 22.37
CA GLU UA 36 -3.83 38.36 23.24
C GLU UA 36 -2.81 37.45 23.90
N ARG UA 37 -1.82 37.00 23.13
CA ARG UA 37 -0.84 36.05 23.66
C ARG UA 37 0.29 36.77 24.39
N THR UA 38 0.92 37.75 23.75
CA THR UA 38 2.07 38.42 24.34
C THR UA 38 1.70 39.38 25.45
N ARG UA 39 0.56 40.06 25.34
CA ARG UA 39 0.09 41.02 26.35
C ARG UA 39 1.12 42.12 26.61
N LEU UA 40 1.83 42.58 25.59
CA LEU UA 40 2.91 43.55 25.81
C LEU UA 40 2.41 44.98 25.84
N TRP UA 41 1.39 45.31 25.04
CA TRP UA 41 0.92 46.68 24.98
C TRP UA 41 0.29 47.11 26.29
N ARG UA 42 0.78 48.20 26.85
CA ARG UA 42 0.28 48.74 28.11
C ARG UA 42 0.09 50.24 27.98
N CYS UA 43 -1.01 50.74 28.54
CA CYS UA 43 -1.25 52.17 28.60
C CYS UA 43 -1.96 52.50 29.90
N ASP UA 44 -1.83 53.75 30.34
CA ASP UA 44 -2.27 54.18 31.65
C ASP UA 44 -3.39 55.19 31.51
N ASP UA 45 -4.51 54.95 32.19
CA ASP UA 45 -5.70 55.77 32.06
C ASP UA 45 -6.26 56.12 33.43
N GLU UA 46 -6.82 57.32 33.55
CA GLU UA 46 -7.38 57.83 34.79
C GLU UA 46 -8.71 58.50 34.49
N PHE UA 47 -9.68 58.31 35.39
CA PHE UA 47 -10.97 58.96 35.27
C PHE UA 47 -11.60 59.05 36.66
N ASN UA 48 -12.67 59.82 36.75
CA ASN UA 48 -13.36 60.05 38.02
C ASN UA 48 -14.65 59.25 38.06
N VAL UA 49 -14.83 58.46 39.12
CA VAL UA 49 -16.00 57.62 39.32
C VAL UA 49 -16.61 57.94 40.67
N GLY UA 50 -17.92 58.14 40.70
CA GLY UA 50 -18.58 58.43 41.95
C GLY UA 50 -20.09 58.36 41.85
N ALA UA 51 -20.69 57.88 42.93
CA ALA UA 51 -22.15 57.80 43.08
C ALA UA 51 -22.80 56.85 42.07
N ASP UA 52 -22.29 55.61 42.05
CA ASP UA 52 -23.00 54.48 41.45
C ASP UA 52 -23.25 54.66 39.95
N GLU UA 53 -22.17 54.74 39.16
CA GLU UA 53 -22.25 54.55 37.72
C GLU UA 53 -21.21 53.54 37.29
N CYS UA 54 -21.60 52.61 36.42
CA CYS UA 54 -20.68 51.64 35.85
C CYS UA 54 -19.87 52.33 34.78
N ALA UA 55 -18.86 53.09 35.20
CA ALA UA 55 -18.09 53.90 34.27
C ALA UA 55 -17.27 53.01 33.34
N GLU UA 56 -17.16 53.47 32.09
CA GLU UA 56 -16.45 52.74 31.05
C GLU UA 56 -15.03 53.29 30.93
N VAL UA 57 -14.07 52.39 30.74
CA VAL UA 57 -12.68 52.81 30.63
C VAL UA 57 -12.46 53.53 29.32
N ALA UA 58 -11.75 54.65 29.37
CA ALA UA 58 -11.31 55.37 28.18
C ALA UA 58 -10.09 54.68 27.60
N VAL UA 59 -10.09 54.53 26.28
CA VAL UA 59 -8.97 53.87 25.60
C VAL UA 59 -8.61 54.68 24.36
N PRO UA 60 -7.39 54.55 23.84
CA PRO UA 60 -7.07 55.19 22.56
C PRO UA 60 -8.00 54.69 21.46
N TYR UA 61 -8.20 55.54 20.45
CA TYR UA 61 -9.17 55.24 19.41
C TYR UA 61 -8.84 53.92 18.71
N GLY UA 62 -7.57 53.68 18.41
CA GLY UA 62 -7.17 52.44 17.79
C GLY UA 62 -6.76 51.38 18.79
N ALA UA 63 -7.58 51.17 19.81
CA ALA UA 63 -7.26 50.21 20.87
C ALA UA 63 -8.53 49.83 21.61
N ALA UA 64 -8.45 48.71 22.32
CA ALA UA 64 -9.50 48.28 23.22
C ALA UA 64 -8.87 47.61 24.43
N LEU UA 65 -9.49 47.79 25.59
CA LEU UA 65 -8.96 47.28 26.85
C LEU UA 65 -9.23 45.78 26.91
N TYR UA 66 -8.20 44.98 26.66
CA TYR UA 66 -8.37 43.53 26.71
C TYR UA 66 -8.25 43.00 28.14
N GLU UA 67 -7.33 43.55 28.93
CA GLU UA 67 -7.01 42.94 30.22
C GLU UA 67 -6.43 44.03 31.12
N MET UA 68 -6.94 44.08 32.35
CA MET UA 68 -6.50 45.08 33.31
C MET UA 68 -5.44 44.49 34.21
N GLU UA 69 -4.22 45.03 34.14
CA GLU UA 69 -3.15 44.57 35.02
C GLU UA 69 -3.49 44.86 36.48
N LEU UA 70 -3.97 46.06 36.76
CA LEU UA 70 -4.45 46.42 38.09
C LEU UA 70 -5.23 47.73 37.99
N VAL UA 71 -5.95 48.04 39.06
CA VAL UA 71 -6.70 49.29 39.17
C VAL UA 71 -6.40 49.92 40.52
N GLN UA 72 -6.20 51.23 40.53
CA GLN UA 72 -5.94 51.98 41.75
C GLN UA 72 -7.02 53.03 41.93
N PHE UA 73 -7.48 53.19 43.16
CA PHE UA 73 -8.59 54.08 43.50
C PHE UA 73 -8.16 54.96 44.66
N ASN UA 74 -7.93 56.24 44.38
CA ASN UA 74 -7.41 57.18 45.38
C ASN UA 74 -6.13 56.64 46.01
N GLY UA 75 -5.26 56.08 45.19
CA GLY UA 75 -3.98 55.58 45.66
C GLY UA 75 -4.02 54.23 46.33
N ARG UA 76 -5.12 53.49 46.24
CA ARG UA 76 -5.26 52.20 46.87
C ARG UA 76 -5.20 51.09 45.84
N ASN UA 77 -4.35 50.09 46.09
CA ASN UA 77 -4.29 48.90 45.24
C ASN UA 77 -5.53 48.06 45.50
N MET UA 78 -6.36 47.90 44.48
CA MET UA 78 -7.60 47.16 44.66
C MET UA 78 -7.43 45.69 44.28
N ARG UA 79 -8.27 44.84 44.86
CA ARG UA 79 -8.23 43.42 44.62
C ARG UA 79 -9.31 43.02 43.64
N PRO UA 80 -8.97 42.59 42.42
CA PRO UA 80 -10.01 42.16 41.47
C PRO UA 80 -10.52 40.78 41.82
N VAL UA 81 -11.86 40.64 41.85
CA VAL UA 81 -12.51 39.40 42.21
C VAL UA 81 -13.67 39.16 41.26
N SER UA 82 -14.09 37.90 41.15
CA SER UA 82 -15.23 37.55 40.32
C SER UA 82 -16.54 37.99 40.97
N THR UA 83 -17.59 38.06 40.15
CA THR UA 83 -18.88 38.48 40.67
C THR UA 83 -19.48 37.45 41.61
N GLN UA 84 -19.27 36.16 41.34
CA GLN UA 84 -19.81 35.13 42.24
C GLN UA 84 -19.13 35.16 43.58
N TRP UA 85 -17.87 35.60 43.62
CA TRP UA 85 -17.19 35.73 44.91
C TRP UA 85 -17.91 36.75 45.79
N LEU UA 86 -18.32 37.88 45.21
CA LEU UA 86 -19.18 38.80 45.95
C LEU UA 86 -20.52 38.16 46.26
N ASP UA 87 -21.07 37.39 45.33
CA ASP UA 87 -22.39 36.78 45.55
C ASP UA 87 -22.40 35.89 46.79
N GLU UA 88 -21.30 35.18 47.03
CA GLU UA 88 -21.29 34.24 48.15
C GLU UA 88 -20.67 34.85 49.41
N GLN UA 89 -19.71 35.77 49.25
CA GLN UA 89 -19.01 36.31 50.42
C GLN UA 89 -19.64 37.61 50.89
N VAL UA 90 -20.06 38.48 49.98
CA VAL UA 90 -20.58 39.80 50.32
C VAL UA 90 -22.03 39.86 49.83
N PRO UA 91 -23.00 39.39 50.60
CA PRO UA 91 -24.39 39.43 50.15
C PRO UA 91 -24.92 40.87 50.11
N ASP UA 92 -26.05 41.02 49.41
CA ASP UA 92 -26.67 42.32 49.18
C ASP UA 92 -25.75 43.27 48.45
N TRP UA 93 -24.84 42.72 47.64
CA TRP UA 93 -23.98 43.56 46.81
C TRP UA 93 -24.79 44.43 45.85
N ARG UA 94 -25.64 43.80 45.05
CA ARG UA 94 -26.39 44.55 44.04
C ARG UA 94 -27.43 45.47 44.68
N THR UA 95 -28.07 45.01 45.75
CA THR UA 95 -29.16 45.78 46.34
C THR UA 95 -28.66 47.01 47.09
N THR UA 96 -27.61 46.85 47.90
CA THR UA 96 -27.20 47.91 48.81
C THR UA 96 -26.69 49.13 48.05
N THR UA 97 -27.02 50.31 48.56
CA THR UA 97 -26.56 51.58 48.02
C THR UA 97 -25.65 52.34 48.96
N GLN UA 98 -25.28 51.74 50.10
CA GLN UA 98 -24.44 52.43 51.07
C GLN UA 98 -23.05 52.70 50.49
N SER UA 99 -22.55 53.91 50.72
CA SER UA 99 -21.24 54.28 50.21
C SER UA 99 -20.15 53.94 51.22
N GLY UA 100 -18.96 53.66 50.71
CA GLY UA 100 -17.84 53.32 51.55
C GLY UA 100 -16.55 53.26 50.76
N GLN UA 101 -15.45 53.06 51.49
CA GLN UA 101 -14.15 52.91 50.85
C GLN UA 101 -14.07 51.59 50.10
N ALA UA 102 -13.62 51.65 48.85
CA ALA UA 102 -13.70 50.50 47.96
C ALA UA 102 -12.62 49.47 48.26
N GLN UA 103 -12.98 48.19 48.15
CA GLN UA 103 -12.04 47.09 48.38
C GLN UA 103 -11.87 46.16 47.20
N TYR UA 104 -12.94 45.80 46.50
CA TYR UA 104 -12.87 44.78 45.45
C TYR UA 104 -13.54 45.27 44.18
N VAL UA 105 -13.06 44.78 43.03
CA VAL UA 105 -13.56 45.16 41.72
C VAL UA 105 -14.13 43.95 41.02
N THR UA 106 -15.30 44.11 40.39
CA THR UA 106 -15.87 43.11 39.50
C THR UA 106 -16.25 43.79 38.20
N GLN UA 107 -16.17 43.04 37.10
CA GLN UA 107 -16.45 43.58 35.77
C GLN UA 107 -17.71 42.91 35.23
N GLN UA 108 -18.85 43.53 35.54
CA GLN UA 108 -20.13 42.94 35.13
C GLN UA 108 -20.34 43.05 33.62
N SER UA 109 -19.99 44.19 33.04
CA SER UA 109 -20.10 44.42 31.61
C SER UA 109 -18.76 44.16 30.92
N GLU UA 110 -18.70 44.54 29.63
CA GLU UA 110 -17.50 44.29 28.85
C GLU UA 110 -16.34 45.16 29.31
N ASP UA 111 -16.59 46.45 29.57
CA ASP UA 111 -15.53 47.41 29.89
C ASP UA 111 -15.82 48.22 31.15
N THR UA 112 -16.90 47.92 31.86
CA THR UA 112 -17.31 48.72 33.00
C THR UA 112 -16.85 48.07 34.29
N LEU UA 113 -16.30 48.90 35.18
CA LEU UA 113 -15.76 48.44 36.45
C LEU UA 113 -16.71 48.86 37.57
N THR UA 114 -17.07 47.92 38.42
CA THR UA 114 -17.96 48.17 39.54
C THR UA 114 -17.21 47.91 40.84
N PHE UA 115 -17.29 48.86 41.76
CA PHE UA 115 -16.56 48.80 43.03
C PHE UA 115 -17.53 48.43 44.13
N VAL UA 116 -17.17 47.46 44.96
CA VAL UA 116 -18.14 46.88 45.90
C VAL UA 116 -18.72 47.89 46.88
N PRO UA 117 -17.96 48.85 47.46
CA PRO UA 117 -18.61 50.10 47.90
C PRO UA 117 -18.49 51.19 46.86
N ALA UA 118 -19.60 51.83 46.49
CA ALA UA 118 -19.52 52.99 45.63
C ALA UA 118 -19.00 54.20 46.40
N GLU UA 119 -18.08 54.94 45.79
CA GLU UA 119 -17.57 56.18 46.37
C GLU UA 119 -17.07 57.08 45.26
N ALA UA 120 -17.09 58.39 45.54
CA ALA UA 120 -16.63 59.41 44.61
C ALA UA 120 -15.12 59.62 44.80
N GLY UA 121 -14.34 59.14 43.84
CA GLY UA 121 -12.90 59.34 43.88
C GLY UA 121 -12.30 59.06 42.53
N SER UA 122 -11.04 59.47 42.38
CA SER UA 122 -10.31 59.21 41.14
C SER UA 122 -9.99 57.74 41.01
N VAL UA 123 -10.06 57.23 39.79
CA VAL UA 123 -9.80 55.83 39.49
C VAL UA 123 -8.73 55.78 38.41
N ARG UA 124 -7.65 55.04 38.67
CA ARG UA 124 -6.59 54.83 37.70
C ARG UA 124 -6.57 53.36 37.32
N VAL UA 125 -6.71 53.09 36.02
CA VAL UA 125 -6.75 51.73 35.51
C VAL UA 125 -5.47 51.46 34.74
N TYR UA 126 -4.65 50.55 35.25
CA TYR UA 126 -3.43 50.14 34.59
C TYR UA 126 -3.68 48.81 33.92
N GLY UA 127 -3.91 48.83 32.60
CA GLY UA 127 -4.37 47.66 31.90
C GLY UA 127 -3.70 47.50 30.55
N LEU UA 128 -3.69 46.27 30.08
CA LEU UA 128 -3.17 45.96 28.75
C LEU UA 128 -4.16 46.42 27.68
N LEU UA 129 -3.66 46.62 26.47
CA LEU UA 129 -4.50 47.06 25.36
C LEU UA 129 -4.45 46.03 24.23
N LYS UA 130 -5.46 46.12 23.38
CA LYS UA 130 -5.63 45.29 22.20
C LYS UA 130 -6.08 46.16 21.03
N PRO UA 131 -5.40 46.08 19.89
CA PRO UA 131 -5.84 46.84 18.72
C PRO UA 131 -7.28 46.49 18.35
N THR UA 132 -8.01 47.51 17.90
CA THR UA 132 -9.37 47.29 17.44
C THR UA 132 -9.37 46.66 16.05
N LEU UA 133 -10.51 46.07 15.70
CA LEU UA 133 -10.60 45.34 14.42
C LEU UA 133 -10.45 46.29 13.23
N ASP UA 134 -10.64 47.59 13.45
CA ASP UA 134 -10.44 48.60 12.42
C ASP UA 134 -9.53 49.72 12.94
N ALA UA 135 -8.23 49.49 12.85
CA ALA UA 135 -7.21 50.43 13.30
C ALA UA 135 -6.29 50.77 12.14
N ASP UA 136 -6.14 52.06 11.86
CA ASP UA 136 -5.30 52.48 10.76
C ASP UA 136 -3.82 52.30 11.09
N SER UA 137 -3.43 52.63 12.31
CA SER UA 137 -2.02 52.62 12.72
C SER UA 137 -1.85 51.67 13.90
N LEU UA 138 -0.96 50.70 13.74
CA LEU UA 138 -0.60 49.85 14.87
C LEU UA 138 0.47 50.53 15.72
N PRO UA 139 0.54 50.17 17.01
CA PRO UA 139 1.51 50.80 17.90
C PRO UA 139 2.94 50.57 17.45
N ASP UA 140 3.85 51.32 18.07
CA ASP UA 140 5.28 51.18 17.75
C ASP UA 140 5.80 49.80 18.12
N LEU UA 141 5.28 49.23 19.22
CA LEU UA 141 5.74 47.92 19.66
C LEU UA 141 5.43 46.85 18.61
N LEU UA 142 4.25 46.92 18.01
CA LEU UA 142 3.85 45.89 17.06
C LEU UA 142 4.54 46.06 15.72
N ALA UA 143 4.90 47.30 15.37
CA ALA UA 143 5.41 47.57 14.03
C ALA UA 143 6.93 47.51 13.99
N ASP UA 144 7.61 48.22 14.89
CA ASP UA 144 9.04 48.42 14.75
C ASP UA 144 9.83 47.13 15.01
N THR UA 145 9.51 46.43 16.09
CA THR UA 145 10.36 45.33 16.54
C THR UA 145 9.76 43.95 16.33
N TYR UA 146 8.44 43.82 16.26
CA TYR UA 146 7.79 42.53 16.10
C TYR UA 146 6.94 42.49 14.84
N ARG UA 147 7.44 43.10 13.77
CA ARG UA 147 6.73 43.09 12.50
C ARG UA 147 6.68 41.69 11.90
N LYS UA 148 7.74 40.91 12.09
CA LYS UA 148 7.84 39.62 11.41
C LYS UA 148 6.80 38.63 11.92
N THR UA 149 6.54 38.61 13.23
CA THR UA 149 5.57 37.67 13.77
C THR UA 149 4.15 38.00 13.31
N ILE UA 150 3.78 39.28 13.37
CA ILE UA 150 2.47 39.70 12.89
C ILE UA 150 2.35 39.42 11.40
N ALA UA 151 3.44 39.64 10.66
CA ALA UA 151 3.44 39.32 9.23
C ALA UA 151 3.21 37.84 8.99
N ASP UA 152 3.84 36.98 9.81
CA ASP UA 152 3.64 35.55 9.65
C ASP UA 152 2.19 35.16 9.90
N GLY UA 153 1.59 35.70 10.96
CA GLY UA 153 0.19 35.43 11.20
C GLY UA 153 -0.72 35.89 10.07
N ALA UA 154 -0.48 37.11 9.59
CA ALA UA 154 -1.29 37.65 8.50
C ALA UA 154 -1.10 36.84 7.22
N LEU UA 155 0.13 36.37 6.97
CA LEU UA 155 0.36 35.51 5.82
C LEU UA 155 -0.37 34.19 5.95
N SER UA 156 -0.43 33.63 7.16
CA SER UA 156 -1.28 32.47 7.36
C SER UA 156 -2.71 32.77 6.93
N GLU UA 157 -3.28 33.84 7.48
CA GLU UA 157 -4.68 34.17 7.17
C GLU UA 157 -4.88 34.39 5.67
N LEU UA 158 -3.94 35.06 5.02
CA LEU UA 158 -4.11 35.42 3.61
C LEU UA 158 -3.93 34.21 2.70
N LEU UA 159 -2.92 33.38 2.98
CA LEU UA 159 -2.69 32.21 2.14
C LEU UA 159 -3.81 31.20 2.30
N ILE UA 160 -4.53 31.25 3.42
CA ILE UA 160 -5.68 30.35 3.58
C ILE UA 160 -6.83 30.74 2.66
N ILE UA 161 -6.83 31.96 2.13
CA ILE UA 161 -7.90 32.42 1.24
C ILE UA 161 -8.02 31.50 0.03
N PRO UA 162 -9.20 30.97 -0.26
CA PRO UA 162 -9.33 29.99 -1.34
C PRO UA 162 -9.64 30.64 -2.69
N GLY UA 163 -9.48 29.84 -3.73
CA GLY UA 163 -9.86 30.26 -5.08
C GLY UA 163 -9.10 31.44 -5.61
N LYS UA 164 -7.85 31.63 -5.16
CA LYS UA 164 -7.05 32.78 -5.56
C LYS UA 164 -5.61 32.34 -5.80
N ALA UA 165 -4.87 33.19 -6.51
CA ALA UA 165 -3.46 32.90 -6.79
C ALA UA 165 -2.64 32.88 -5.51
N TRP UA 166 -3.16 33.46 -4.43
CA TRP UA 166 -2.43 33.44 -3.17
C TRP UA 166 -2.47 32.07 -2.52
N MET UA 167 -3.49 31.27 -2.84
CA MET UA 167 -3.76 30.05 -2.11
C MET UA 167 -2.60 29.08 -2.19
N SER UA 168 -2.09 28.68 -1.03
CA SER UA 168 -1.10 27.61 -0.92
C SER UA 168 -1.14 27.07 0.50
N ALA UA 169 -1.64 25.84 0.65
CA ALA UA 169 -1.82 25.27 1.98
C ALA UA 169 -0.50 25.07 2.70
N ASP UA 170 0.54 24.66 1.97
CA ASP UA 170 1.83 24.40 2.60
C ASP UA 170 2.37 25.63 3.31
N LEU UA 171 2.42 26.76 2.61
CA LEU UA 171 2.93 27.98 3.21
C LEU UA 171 2.01 28.46 4.33
N ALA UA 172 0.69 28.27 4.18
CA ALA UA 172 -0.23 28.66 5.24
C ALA UA 172 0.08 27.91 6.53
N VAL UA 173 0.23 26.58 6.44
CA VAL UA 173 0.51 25.78 7.63
C VAL UA 173 1.87 26.14 8.20
N PHE UA 174 2.87 26.33 7.33
CA PHE UA 174 4.21 26.67 7.79
C PHE UA 174 4.23 27.99 8.56
N PHE UA 175 3.59 29.01 8.01
CA PHE UA 175 3.56 30.31 8.67
C PHE UA 175 2.70 30.27 9.93
N GLY UA 176 1.64 29.46 9.93
CA GLY UA 176 0.88 29.29 11.16
C GLY UA 176 1.72 28.70 12.27
N THR UA 177 2.51 27.67 11.95
CA THR UA 177 3.37 27.06 12.96
C THR UA 177 4.43 28.06 13.45
N ARG UA 178 5.04 28.81 12.53
CA ARG UA 178 6.04 29.78 12.96
C ARG UA 178 5.42 30.88 13.82
N PHE UA 179 4.23 31.35 13.44
CA PHE UA 179 3.54 32.37 14.24
C PHE UA 179 3.23 31.84 15.63
N ASP UA 180 2.75 30.61 15.72
CA ASP UA 180 2.45 30.04 17.03
C ASP UA 180 3.72 29.91 17.86
N ARG UA 181 4.81 29.46 17.26
CA ARG UA 181 6.05 29.29 18.02
C ARG UA 181 6.60 30.61 18.51
N GLU UA 182 6.56 31.65 17.66
CA GLU UA 182 7.08 32.95 18.07
C GLU UA 182 6.20 33.57 19.16
N LEU UA 183 4.87 33.52 18.99
CA LEU UA 183 3.97 33.95 20.06
C LEU UA 183 4.25 33.20 21.34
N ASP UA 184 4.48 31.90 21.23
CA ASP UA 184 4.65 31.06 22.39
C ASP UA 184 5.93 31.45 23.14
N ARG UA 185 7.01 31.69 22.40
CA ARG UA 185 8.24 32.18 23.00
C ARG UA 185 8.03 33.53 23.68
N LEU UA 186 7.31 34.44 23.04
CA LEU UA 186 7.11 35.78 23.58
C LEU UA 186 6.09 35.82 24.71
N SER UA 187 5.39 34.72 24.97
CA SER UA 187 4.36 34.72 26.02
C SER UA 187 4.90 35.18 27.37
N THR UA 188 6.17 34.89 27.67
CA THR UA 188 6.72 35.21 28.98
C THR UA 188 7.26 36.63 29.08
N LYS UA 189 7.09 37.44 28.03
CA LYS UA 189 7.76 38.72 27.99
C LYS UA 189 7.09 39.73 28.92
N THR UA 190 5.84 39.48 29.32
CA THR UA 190 5.20 40.35 30.30
C THR UA 190 5.95 40.33 31.63
N ILE UA 191 6.33 39.14 32.09
CA ILE UA 191 7.04 39.06 33.37
C ILE UA 191 8.51 39.33 33.17
N LYS UA 192 9.13 38.67 32.19
CA LYS UA 192 10.57 38.83 32.03
C LYS UA 192 10.93 40.21 31.50
N GLY UA 193 10.24 40.66 30.46
CA GLY UA 193 10.54 41.94 29.87
C GLY UA 193 11.91 41.94 29.21
N GLN UA 194 12.35 43.14 28.83
CA GLN UA 194 13.70 43.32 28.33
C GLN UA 194 14.71 43.44 29.46
N GLN UA 195 14.24 43.55 30.70
CA GLN UA 195 15.09 43.71 31.86
C GLN UA 195 15.50 42.39 32.48
N ARG UA 196 15.04 41.26 31.92
CA ARG UA 196 15.34 39.92 32.43
C ARG UA 196 14.84 39.73 33.86
N ALA UA 197 13.65 40.23 34.16
CA ALA UA 197 13.06 40.00 35.47
C ALA UA 197 12.72 38.51 35.61
N PRO UA 198 13.17 37.87 36.67
CA PRO UA 198 12.92 36.42 36.82
C PRO UA 198 11.47 36.13 37.14
N VAL UA 199 11.08 34.89 36.86
CA VAL UA 199 9.73 34.40 37.11
C VAL UA 199 9.79 33.44 38.29
N ARG UA 200 9.12 33.80 39.39
CA ARG UA 200 9.14 33.00 40.60
C ARG UA 200 7.73 32.80 41.12
N THR UA 201 7.37 31.54 41.36
CA THR UA 201 6.04 31.19 41.83
C THR UA 201 5.79 31.74 43.22
N ARG UA 202 4.59 32.27 43.44
CA ARG UA 202 4.20 32.72 44.77
C ARG UA 202 4.08 31.53 45.72
N ALA UA 203 4.52 31.72 46.95
CA ALA UA 203 4.48 30.70 47.98
C ALA UA 203 3.46 31.05 49.04
N GLN UA 204 2.56 30.12 49.34
CA GLN UA 204 1.62 30.24 50.44
C GLN UA 204 1.97 29.22 51.52
N PHE UA 205 2.09 29.69 52.76
CA PHE UA 205 2.47 28.84 53.88
C PHE UA 205 1.26 28.55 54.76
N ALA VA 2 10.91 50.46 -36.85
CA ALA VA 2 10.82 51.88 -37.16
C ALA VA 2 10.95 52.10 -38.66
N PHE VA 3 10.55 51.11 -39.45
CA PHE VA 3 10.68 51.20 -40.89
C PHE VA 3 9.57 52.09 -41.46
N PRO VA 4 9.84 52.81 -42.55
CA PRO VA 4 8.76 53.56 -43.21
C PRO VA 4 7.87 52.64 -44.01
N ALA VA 5 6.70 53.15 -44.38
CA ALA VA 5 5.79 52.42 -45.25
C ALA VA 5 6.34 52.27 -46.67
N SER VA 6 7.30 53.12 -47.06
CA SER VA 6 7.81 53.08 -48.42
C SER VA 6 8.43 51.73 -48.74
N VAL VA 7 9.20 51.17 -47.81
CA VAL VA 7 9.79 49.86 -48.07
C VAL VA 7 8.70 48.83 -48.30
N VAL VA 8 7.73 48.73 -47.39
CA VAL VA 8 6.71 47.69 -47.48
C VAL VA 8 5.94 47.81 -48.78
N LEU VA 9 5.64 49.04 -49.20
CA LEU VA 9 4.97 49.22 -50.47
C LEU VA 9 5.85 48.76 -51.62
N SER VA 10 7.16 49.03 -51.55
CA SER VA 10 8.06 48.53 -52.58
C SER VA 10 8.07 47.01 -52.63
N ARG VA 11 8.12 46.35 -51.47
CA ARG VA 11 8.08 44.89 -51.42
C ARG VA 11 6.82 44.38 -52.07
N ALA VA 12 5.66 44.85 -51.61
CA ALA VA 12 4.39 44.32 -52.11
C ALA VA 12 4.19 44.65 -53.58
N ALA VA 13 4.79 45.75 -54.05
CA ALA VA 13 4.69 46.09 -55.46
C ALA VA 13 5.72 45.32 -56.28
N THR VA 14 6.67 44.67 -55.62
CA THR VA 14 7.61 43.81 -56.31
C THR VA 14 7.17 42.35 -56.33
N LEU VA 15 6.43 41.88 -55.32
CA LEU VA 15 5.88 40.53 -55.38
C LEU VA 15 4.84 40.43 -56.49
N LEU VA 16 3.76 41.20 -56.35
CA LEU VA 16 2.84 41.41 -57.44
C LEU VA 16 3.51 42.27 -58.50
N GLN VA 17 3.40 41.84 -59.76
CA GLN VA 17 4.15 42.49 -60.83
C GLN VA 17 3.46 43.82 -61.20
N ASP VA 18 3.28 44.66 -60.16
CA ASP VA 18 2.67 45.96 -60.27
C ASP VA 18 3.58 46.97 -59.55
N GLU VA 19 4.60 47.45 -60.25
CA GLU VA 19 5.55 48.36 -59.63
C GLU VA 19 5.04 49.79 -59.65
N ASP VA 20 4.35 50.20 -60.70
CA ASP VA 20 3.82 51.55 -60.78
C ASP VA 20 2.47 51.70 -60.08
N HIS VA 21 1.95 50.61 -59.50
CA HIS VA 21 0.80 50.61 -58.60
C HIS VA 21 -0.52 50.88 -59.30
N GLU VA 22 -0.79 50.25 -60.43
CA GLU VA 22 -2.01 50.56 -61.17
C GLU VA 22 -3.20 49.67 -60.80
N ARG VA 23 -3.03 48.35 -60.69
CA ARG VA 23 -4.11 47.55 -60.11
C ARG VA 23 -4.26 47.86 -58.62
N TRP VA 24 -3.15 47.80 -57.89
CA TRP VA 24 -3.16 48.05 -56.46
C TRP VA 24 -2.52 49.42 -56.21
N THR VA 25 -3.35 50.44 -56.04
CA THR VA 25 -2.84 51.79 -55.83
C THR VA 25 -2.13 51.88 -54.48
N VAL VA 26 -1.37 52.96 -54.32
CA VAL VA 26 -0.59 53.14 -53.09
C VAL VA 26 -1.51 53.30 -51.90
N ASP VA 27 -2.68 53.92 -52.08
CA ASP VA 27 -3.59 54.14 -50.96
C ASP VA 27 -4.13 52.83 -50.41
N GLU VA 28 -4.55 51.91 -51.28
CA GLU VA 28 -5.11 50.66 -50.81
C GLU VA 28 -4.02 49.73 -50.26
N LEU VA 29 -2.82 49.78 -50.84
CA LEU VA 29 -1.73 49.02 -50.27
C LEU VA 29 -1.35 49.55 -48.89
N LEU VA 30 -1.40 50.87 -48.71
CA LEU VA 30 -1.17 51.47 -47.39
C LEU VA 30 -2.26 51.03 -46.43
N GLU VA 31 -3.50 50.96 -46.90
CA GLU VA 31 -4.60 50.46 -46.09
C GLU VA 31 -4.35 49.03 -45.65
N TRP VA 32 -3.87 48.19 -46.56
CA TRP VA 32 -3.59 46.81 -46.18
C TRP VA 32 -2.42 46.74 -45.21
N LEU VA 33 -1.45 47.63 -45.36
CA LEU VA 33 -0.34 47.70 -44.41
C LEU VA 33 -0.84 48.04 -43.01
N THR VA 34 -1.72 49.04 -42.88
CA THR VA 34 -2.17 49.42 -41.55
C THR VA 34 -3.09 48.35 -40.95
N ASP VA 35 -3.93 47.72 -41.77
CA ASP VA 35 -4.75 46.63 -41.27
C ASP VA 35 -3.89 45.47 -40.80
N GLY VA 36 -2.84 45.15 -41.56
CA GLY VA 36 -1.94 44.09 -41.13
C GLY VA 36 -1.19 44.43 -39.86
N THR VA 37 -0.82 45.71 -39.69
CA THR VA 37 -0.16 46.11 -38.45
C THR VA 37 -1.09 45.90 -37.26
N ARG VA 38 -2.35 46.33 -37.38
CA ARG VA 38 -3.28 46.09 -36.29
C ARG VA 38 -3.45 44.60 -36.02
N GLU VA 39 -3.60 43.81 -37.08
CA GLU VA 39 -3.82 42.38 -36.92
C GLU VA 39 -2.61 41.69 -36.27
N ILE VA 40 -1.40 42.09 -36.66
CA ILE VA 40 -0.20 41.46 -36.12
C ILE VA 40 0.02 41.88 -34.67
N VAL VA 41 -0.32 43.12 -34.32
CA VAL VA 41 -0.26 43.51 -32.91
C VAL VA 41 -1.24 42.66 -32.10
N VAL VA 42 -2.43 42.43 -32.65
CA VAL VA 42 -3.39 41.58 -31.95
C VAL VA 42 -2.86 40.16 -31.79
N ARG VA 43 -2.33 39.59 -32.88
CA ARG VA 43 -1.85 38.21 -32.85
C ARG VA 43 -0.69 38.04 -31.87
N LYS VA 44 0.30 38.92 -31.97
CA LYS VA 44 1.46 38.90 -31.08
C LYS VA 44 1.62 40.26 -30.43
N PRO VA 45 1.20 40.43 -29.17
CA PRO VA 45 1.36 41.74 -28.52
C PRO VA 45 2.80 42.17 -28.37
N SER VA 46 3.76 41.25 -28.39
CA SER VA 46 5.15 41.63 -28.20
C SER VA 46 5.69 42.48 -29.35
N ALA VA 47 4.95 42.55 -30.46
CA ALA VA 47 5.47 43.30 -31.61
C ALA VA 47 5.57 44.79 -31.33
N TYR VA 48 4.54 45.39 -30.73
CA TYR VA 48 4.46 46.85 -30.68
C TYR VA 48 3.97 47.29 -29.30
N MET VA 49 4.91 47.44 -28.37
CA MET VA 49 4.67 47.93 -27.01
C MET VA 49 5.47 49.20 -26.80
N LYS VA 50 4.82 50.23 -26.29
CA LYS VA 50 5.50 51.41 -25.78
C LYS VA 50 4.84 51.83 -24.48
N THR VA 51 5.61 52.51 -23.62
CA THR VA 51 5.08 53.01 -22.35
C THR VA 51 4.66 54.46 -22.55
N THR VA 52 3.42 54.76 -22.17
CA THR VA 52 2.82 56.07 -22.41
C THR VA 52 2.47 56.73 -21.10
N THR VA 53 2.80 58.02 -20.99
CA THR VA 53 2.43 58.79 -19.81
C THR VA 53 0.97 59.22 -19.92
N ALA VA 54 0.13 58.67 -19.04
CA ALA VA 54 -1.30 58.92 -19.08
C ALA VA 54 -1.77 59.44 -17.72
N ALA VA 55 -2.37 60.62 -17.72
CA ALA VA 55 -2.98 61.16 -16.51
C ALA VA 55 -4.31 60.48 -16.24
N LEU VA 56 -4.68 60.42 -14.98
CA LEU VA 56 -5.88 59.72 -14.54
C LEU VA 56 -6.90 60.71 -14.01
N VAL VA 57 -8.12 60.66 -14.56
CA VAL VA 57 -9.19 61.52 -14.08
C VAL VA 57 -9.56 61.13 -12.65
N ALA VA 58 -10.10 62.08 -11.91
CA ALA VA 58 -10.45 61.83 -10.52
C ALA VA 58 -11.45 60.70 -10.40
N GLY VA 59 -11.22 59.82 -9.42
CA GLY VA 59 -12.09 58.68 -9.20
C GLY VA 59 -11.40 57.35 -9.42
N SER VA 60 -11.95 56.29 -8.83
CA SER VA 60 -11.35 54.97 -9.00
C SER VA 60 -11.44 54.51 -10.45
N LYS VA 61 -12.56 54.77 -11.11
CA LYS VA 61 -12.76 54.29 -12.47
C LYS VA 61 -11.86 55.05 -13.43
N GLN VA 62 -11.14 54.28 -14.26
CA GLN VA 62 -10.23 54.86 -15.24
C GLN VA 62 -10.48 54.23 -16.60
N ALA VA 63 -10.16 54.98 -17.64
CA ALA VA 63 -10.22 54.51 -19.02
C ALA VA 63 -8.86 54.67 -19.67
N LEU VA 64 -8.35 53.58 -20.23
CA LEU VA 64 -7.07 53.62 -20.91
C LEU VA 64 -7.19 54.40 -22.22
N PRO VA 65 -6.06 54.85 -22.77
CA PRO VA 65 -6.11 55.65 -24.01
C PRO VA 65 -6.86 54.92 -25.11
N GLU VA 66 -7.66 55.68 -25.87
CA GLU VA 66 -8.68 55.09 -26.73
C GLU VA 66 -8.07 54.13 -27.75
N ASP VA 67 -6.91 54.46 -28.30
CA ASP VA 67 -6.31 53.63 -29.35
C ASP VA 67 -5.32 52.62 -28.76
N ALA VA 68 -5.78 51.89 -27.74
CA ALA VA 68 -4.99 50.85 -27.13
C ALA VA 68 -5.85 49.61 -26.95
N ILE VA 69 -5.35 48.46 -27.41
CA ILE VA 69 -6.14 47.23 -27.36
C ILE VA 69 -6.25 46.72 -25.93
N GLN VA 70 -5.14 46.72 -25.20
CA GLN VA 70 -5.10 46.12 -23.87
C GLN VA 70 -3.81 46.53 -23.17
N LEU VA 71 -3.90 46.87 -21.89
CA LEU VA 71 -2.73 47.19 -21.08
C LEU VA 71 -2.24 45.91 -20.43
N ILE VA 72 -0.93 45.66 -20.52
CA ILE VA 72 -0.37 44.44 -19.95
C ILE VA 72 0.18 44.72 -18.56
N ASP VA 73 0.93 45.81 -18.41
CA ASP VA 73 1.56 46.13 -17.14
C ASP VA 73 1.43 47.61 -16.88
N VAL VA 74 1.42 47.96 -15.59
CA VAL VA 74 1.44 49.35 -15.15
C VAL VA 74 2.61 49.44 -14.16
N PRO VA 75 3.85 49.47 -14.64
CA PRO VA 75 4.99 49.25 -13.73
C PRO VA 75 5.19 50.39 -12.73
N ARG VA 76 5.24 51.63 -13.21
CA ARG VA 76 5.71 52.75 -12.41
C ARG VA 76 4.68 53.87 -12.42
N ASN VA 77 4.40 54.41 -11.23
CA ASN VA 77 3.52 55.55 -11.07
C ASN VA 77 4.37 56.82 -11.11
N LEU VA 78 4.27 57.55 -12.21
CA LEU VA 78 5.14 58.71 -12.40
C LEU VA 78 4.74 59.83 -11.47
N LYS VA 79 5.67 60.24 -10.61
CA LYS VA 79 5.47 61.36 -9.72
C LYS VA 79 5.48 62.65 -10.54
N THR VA 80 5.04 63.75 -9.91
CA THR VA 80 5.10 65.06 -10.53
C THR VA 80 6.44 65.28 -11.24
N ASP VA 81 6.37 65.94 -12.39
CA ASP VA 81 7.46 66.26 -13.34
C ASP VA 81 8.36 65.02 -13.46
N GLY VA 82 9.68 65.15 -13.37
CA GLY VA 82 10.56 64.10 -13.86
C GLY VA 82 10.69 62.92 -12.91
N SER VA 83 10.29 63.10 -11.66
CA SER VA 83 10.54 62.08 -10.65
C SER VA 83 9.81 60.79 -11.01
N PRO VA 84 10.52 59.66 -11.14
CA PRO VA 84 9.85 58.40 -11.49
C PRO VA 84 8.79 57.98 -10.49
N GLY VA 85 9.01 58.20 -9.21
CA GLY VA 85 8.00 57.93 -8.21
C GLY VA 85 7.80 56.46 -7.90
N ARG VA 86 6.71 56.20 -7.18
CA ARG VA 86 6.37 54.88 -6.69
C ARG VA 86 5.97 53.97 -7.86
N ALA VA 87 6.09 52.67 -7.63
CA ALA VA 87 5.65 51.68 -8.61
C ALA VA 87 4.33 51.05 -8.17
N VAL VA 88 3.66 50.38 -9.11
CA VAL VA 88 2.32 49.86 -8.92
C VAL VA 88 2.31 48.37 -9.22
N THR VA 89 1.54 47.61 -8.44
CA THR VA 89 1.35 46.19 -8.65
C THR VA 89 -0.13 45.89 -8.83
N ALA VA 90 -0.43 44.87 -9.63
CA ALA VA 90 -1.80 44.49 -9.92
C ALA VA 90 -2.44 43.81 -8.71
N THR VA 91 -3.77 43.87 -8.66
CA THR VA 91 -4.53 43.19 -7.63
C THR VA 91 -5.91 42.84 -8.19
N ASP VA 92 -6.73 42.19 -7.36
CA ASP VA 92 -8.03 41.68 -7.77
C ASP VA 92 -9.13 42.59 -7.25
N ARG VA 93 -10.08 42.92 -8.13
CA ARG VA 93 -11.14 43.87 -7.77
C ARG VA 93 -12.12 43.26 -6.79
N ARG VA 94 -12.38 41.96 -6.90
CA ARG VA 94 -13.46 41.36 -6.11
C ARG VA 94 -13.18 41.44 -4.61
N LEU VA 95 -11.92 41.19 -4.21
CA LEU VA 95 -11.56 41.35 -2.81
C LEU VA 95 -11.67 42.81 -2.37
N LEU VA 96 -11.28 43.73 -3.25
CA LEU VA 96 -11.44 45.15 -2.96
C LEU VA 96 -12.91 45.51 -2.81
N ASP VA 97 -13.80 44.72 -3.40
CA ASP VA 97 -15.23 45.03 -3.36
C ASP VA 97 -15.90 44.42 -2.13
N THR VA 98 -15.54 43.19 -1.79
CA THR VA 98 -16.22 42.49 -0.70
C THR VA 98 -16.05 43.23 0.62
N GLU VA 99 -14.81 43.54 0.99
CA GLU VA 99 -14.54 44.37 2.14
C GLU VA 99 -14.35 45.81 1.70
N ASN VA 100 -14.62 46.74 2.62
CA ASN VA 100 -14.60 48.17 2.32
C ASN VA 100 -15.39 48.44 1.05
N PRO VA 101 -16.68 48.12 1.02
CA PRO VA 101 -17.43 48.17 -0.25
C PRO VA 101 -17.42 49.55 -0.88
N ASP VA 102 -17.34 50.61 -0.08
CA ASP VA 102 -17.25 51.97 -0.59
C ASP VA 102 -15.79 52.39 -0.75
N TRP VA 103 -15.02 51.55 -1.45
CA TRP VA 103 -13.62 51.88 -1.68
C TRP VA 103 -13.48 52.90 -2.81
N HIS VA 104 -14.54 53.10 -3.59
CA HIS VA 104 -14.53 54.18 -4.56
C HIS VA 104 -14.67 55.54 -3.87
N SER VA 105 -15.39 55.58 -2.75
CA SER VA 105 -15.60 56.82 -2.02
C SER VA 105 -14.45 57.16 -1.09
N MET VA 106 -13.42 56.32 -1.03
CA MET VA 106 -12.27 56.58 -0.19
C MET VA 106 -11.54 57.84 -0.69
N LYS VA 107 -10.90 58.53 0.26
CA LYS VA 107 -10.23 59.79 -0.07
C LYS VA 107 -9.21 59.57 -1.18
N PRO VA 108 -9.20 60.42 -2.20
CA PRO VA 108 -8.23 60.25 -3.29
C PRO VA 108 -6.80 60.40 -2.80
N ALA VA 109 -5.89 59.68 -3.45
CA ALA VA 109 -4.50 59.61 -3.03
C ALA VA 109 -3.63 60.36 -4.03
N GLY VA 110 -2.52 60.93 -3.53
CA GLY VA 110 -1.58 61.59 -4.40
C GLY VA 110 -0.95 60.65 -5.41
N GLN VA 111 -0.73 59.40 -5.02
CA GLN VA 111 -0.17 58.38 -5.89
C GLN VA 111 -0.96 57.10 -5.73
N ILE VA 112 -1.38 56.51 -6.86
CA ILE VA 112 -2.10 55.25 -6.83
C ILE VA 112 -1.14 54.14 -6.40
N ARG VA 113 -1.67 53.15 -5.69
CA ARG VA 113 -0.86 52.06 -5.17
C ARG VA 113 -1.09 50.75 -5.89
N HIS VA 114 -2.34 50.40 -6.20
CA HIS VA 114 -2.65 49.17 -6.91
C HIS VA 114 -3.67 49.45 -7.98
N TYR VA 115 -3.60 48.68 -9.06
CA TYR VA 115 -4.55 48.77 -10.16
C TYR VA 115 -5.17 47.40 -10.40
N THR VA 116 -6.43 47.39 -10.82
CA THR VA 116 -7.14 46.16 -11.16
C THR VA 116 -7.49 46.19 -12.64
N TYR VA 117 -7.20 45.09 -13.33
CA TYR VA 117 -7.51 44.99 -14.74
C TYR VA 117 -8.13 43.63 -15.03
N ASP VA 118 -9.12 43.61 -15.92
CA ASP VA 118 -9.77 42.38 -16.35
C ASP VA 118 -9.68 42.28 -17.86
N SER VA 119 -9.28 41.11 -18.36
CA SER VA 119 -9.15 40.93 -19.80
C SER VA 119 -10.50 41.03 -20.49
N ASN VA 120 -11.58 40.68 -19.79
CA ASN VA 120 -12.91 40.80 -20.37
C ASN VA 120 -13.25 42.25 -20.70
N VAL VA 121 -13.07 43.16 -19.74
CA VAL VA 121 -13.36 44.57 -19.96
C VAL VA 121 -12.06 45.26 -20.36
N PRO VA 122 -11.82 45.48 -21.65
CA PRO VA 122 -10.50 45.94 -22.09
C PRO VA 122 -10.23 47.39 -21.71
N THR VA 123 -11.21 48.26 -21.92
CA THR VA 123 -10.99 49.70 -21.86
C THR VA 123 -10.98 50.26 -20.44
N VAL VA 124 -11.42 49.50 -19.44
CA VAL VA 124 -11.60 50.02 -18.09
C VAL VA 124 -10.68 49.28 -17.13
N PHE VA 125 -9.91 50.04 -16.35
CA PHE VA 125 -9.10 49.50 -15.27
C PHE VA 125 -9.23 50.41 -14.06
N TYR VA 126 -9.38 49.82 -12.89
CA TYR VA 126 -9.61 50.57 -11.66
C TYR VA 126 -8.29 50.76 -10.91
N THR VA 127 -8.17 51.89 -10.23
CA THR VA 127 -6.96 52.21 -9.48
C THR VA 127 -7.28 52.37 -8.00
N TYR VA 128 -6.47 51.73 -7.15
CA TYR VA 128 -6.59 51.81 -5.72
C TYR VA 128 -5.31 52.39 -5.13
N PRO VA 129 -5.39 53.51 -4.38
CA PRO VA 129 -6.59 54.30 -4.07
C PRO VA 129 -7.07 55.09 -5.27
N PRO VA 130 -8.26 55.70 -5.18
CA PRO VA 130 -8.73 56.54 -6.29
C PRO VA 130 -7.75 57.66 -6.61
N ALA VA 131 -7.58 57.93 -7.89
CA ALA VA 131 -6.64 58.94 -8.34
C ALA VA 131 -7.14 60.34 -8.01
N ALA VA 132 -6.21 61.30 -7.99
CA ALA VA 132 -6.52 62.68 -7.63
C ALA VA 132 -5.82 63.64 -8.56
N ALA VA 133 -6.56 64.59 -9.11
CA ALA VA 133 -6.02 65.75 -9.82
C ALA VA 133 -5.08 65.34 -10.96
N GLY VA 134 -5.49 64.31 -11.70
CA GLY VA 134 -4.79 63.96 -12.93
C GLY VA 134 -3.36 63.50 -12.76
N VAL VA 135 -3.10 62.60 -11.82
CA VAL VA 135 -1.75 62.06 -11.66
C VAL VA 135 -1.43 61.18 -12.86
N GLN VA 136 -0.24 61.36 -13.42
CA GLN VA 136 0.15 60.62 -14.61
C GLN VA 136 0.89 59.33 -14.25
N VAL VA 137 0.63 58.28 -15.04
CA VAL VA 137 1.22 56.97 -14.82
C VAL VA 137 1.64 56.41 -16.17
N GLU VA 138 2.84 55.83 -16.24
CA GLU VA 138 3.23 55.11 -17.44
C GLU VA 138 2.43 53.83 -17.57
N LEU VA 139 1.88 53.60 -18.77
CA LEU VA 139 1.06 52.44 -19.07
C LEU VA 139 1.72 51.64 -20.18
N VAL VA 140 1.87 50.34 -19.95
CA VAL VA 140 2.34 49.41 -20.98
C VAL VA 140 1.10 48.78 -21.59
N CYS VA 141 0.69 49.29 -22.76
CA CYS VA 141 -0.58 48.93 -23.35
C CYS VA 141 -0.41 48.50 -24.79
N ALA VA 142 -1.32 47.63 -25.25
CA ALA VA 142 -1.32 47.19 -26.63
C ALA VA 142 -1.82 48.29 -27.54
N TRP VA 143 -0.92 49.20 -27.92
CA TRP VA 143 -1.30 50.30 -28.78
C TRP VA 143 -1.54 49.81 -30.20
N ARG VA 144 -2.51 50.40 -30.86
CA ARG VA 144 -2.84 50.06 -32.25
C ARG VA 144 -2.27 51.13 -33.16
N HIS VA 145 -1.61 50.70 -34.24
CA HIS VA 145 -1.00 51.66 -35.14
C HIS VA 145 -2.08 52.53 -35.78
N PRO VA 146 -1.92 53.86 -35.79
CA PRO VA 146 -3.05 54.72 -36.17
C PRO VA 146 -3.53 54.51 -37.60
N ALA VA 147 -2.64 54.68 -38.58
CA ALA VA 147 -2.97 54.56 -40.00
C ALA VA 147 -1.70 54.80 -40.79
N LEU VA 148 -1.75 54.46 -42.08
CA LEU VA 148 -0.66 54.73 -43.02
C LEU VA 148 -1.25 55.56 -44.16
N THR VA 149 -1.17 56.89 -44.01
CA THR VA 149 -1.82 57.76 -44.99
C THR VA 149 -0.89 58.07 -46.16
N THR VA 150 0.43 58.01 -45.95
CA THR VA 150 1.39 58.37 -46.97
C THR VA 150 2.48 57.31 -47.07
N GLN VA 151 3.12 57.26 -48.24
CA GLN VA 151 4.19 56.30 -48.48
C GLN VA 151 5.35 56.52 -47.53
N ASN VA 152 5.75 57.78 -47.33
CA ASN VA 152 6.88 58.09 -46.47
C ASN VA 152 6.57 57.95 -44.99
N ASP VA 153 5.30 57.74 -44.62
CA ASP VA 153 4.93 57.62 -43.22
C ASP VA 153 5.64 56.42 -42.61
N VAL VA 154 6.03 56.55 -41.36
CA VAL VA 154 6.88 55.58 -40.68
C VAL VA 154 6.02 54.64 -39.84
N VAL VA 155 6.32 53.35 -39.91
CA VAL VA 155 5.69 52.35 -39.05
C VAL VA 155 6.63 52.09 -37.89
N GLN VA 156 6.12 52.27 -36.67
CA GLN VA 156 6.96 52.15 -35.48
C GLN VA 156 7.15 50.70 -35.03
N MET VA 157 6.93 49.74 -35.91
CA MET VA 157 6.93 48.33 -35.54
C MET VA 157 8.31 47.72 -35.83
N GLY VA 158 8.52 46.52 -35.26
CA GLY VA 158 9.78 45.82 -35.44
C GLY VA 158 10.04 45.47 -36.90
N ALA VA 159 11.33 45.28 -37.20
CA ALA VA 159 11.76 45.17 -38.58
C ALA VA 159 11.82 43.74 -39.10
N GLU VA 160 10.97 42.85 -38.56
CA GLU VA 160 10.76 41.54 -39.19
C GLU VA 160 9.27 41.30 -39.37
N PHE VA 161 8.48 41.81 -38.42
CA PHE VA 161 7.08 42.01 -38.68
C PHE VA 161 6.86 42.81 -39.96
N VAL VA 162 7.90 43.46 -40.48
CA VAL VA 162 7.78 44.10 -41.79
C VAL VA 162 7.57 43.03 -42.86
N SER VA 163 8.34 41.95 -42.80
CA SER VA 163 8.11 40.84 -43.74
C SER VA 163 6.77 40.17 -43.46
N ALA VA 164 6.38 40.12 -42.19
CA ALA VA 164 5.05 39.60 -41.88
C ALA VA 164 3.95 40.45 -42.52
N LEU VA 165 4.08 41.77 -42.46
CA LEU VA 165 3.18 42.67 -43.18
C LEU VA 165 3.24 42.45 -44.67
N VAL VA 166 4.42 42.16 -45.22
CA VAL VA 166 4.50 41.85 -46.65
C VAL VA 166 3.62 40.67 -46.97
N SER VA 167 3.72 39.60 -46.18
CA SER VA 167 2.92 38.41 -46.44
C SER VA 167 1.43 38.68 -46.25
N TRP VA 168 1.07 39.46 -45.22
CA TRP VA 168 -0.34 39.77 -45.00
C TRP VA 168 -0.91 40.61 -46.13
N CYS VA 169 -0.13 41.57 -46.63
CA CYS VA 169 -0.56 42.36 -47.78
C CYS VA 169 -0.69 41.48 -49.02
N LEU VA 170 0.18 40.48 -49.14
CA LEU VA 170 0.00 39.51 -50.23
C LEU VA 170 -1.33 38.79 -50.10
N TYR VA 171 -1.69 38.38 -48.89
CA TYR VA 171 -3.01 37.81 -48.66
C TYR VA 171 -4.12 38.77 -49.08
N ARG VA 172 -4.07 40.01 -48.61
CA ARG VA 172 -5.20 40.90 -48.80
C ARG VA 172 -5.28 41.39 -50.25
N ALA VA 173 -4.18 41.27 -51.00
CA ALA VA 173 -4.20 41.67 -52.40
C ALA VA 173 -4.57 40.49 -53.30
N SER VA 174 -4.11 39.28 -52.96
CA SER VA 174 -4.37 38.12 -53.79
C SER VA 174 -5.75 37.52 -53.57
N SER VA 175 -6.49 37.99 -52.56
CA SER VA 175 -7.88 37.60 -52.44
C SER VA 175 -8.76 38.40 -53.39
N LYS VA 176 -8.20 39.46 -53.99
CA LYS VA 176 -8.94 40.23 -54.98
C LYS VA 176 -9.20 39.40 -56.23
N ASP VA 177 -8.16 38.76 -56.77
CA ASP VA 177 -8.31 37.87 -57.92
C ASP VA 177 -8.53 36.43 -57.43
N SER VA 178 -9.64 36.25 -56.70
CA SER VA 178 -9.93 34.96 -56.09
C SER VA 178 -10.35 33.93 -57.11
N GLU VA 179 -10.65 34.36 -58.34
CA GLU VA 179 -11.08 33.42 -59.36
C GLU VA 179 -9.99 32.39 -59.66
N PHE VA 180 -8.73 32.84 -59.71
CA PHE VA 180 -7.64 31.93 -59.99
C PHE VA 180 -7.45 30.94 -58.85
N ALA VA 181 -7.57 29.65 -59.16
CA ALA VA 181 -7.34 28.56 -58.21
C ALA VA 181 -8.28 28.62 -57.01
N ASN VA 182 -9.39 29.33 -57.13
CA ASN VA 182 -10.38 29.45 -56.05
C ASN VA 182 -9.73 30.00 -54.78
N GLY VA 183 -8.83 30.97 -54.96
CA GLY VA 183 -8.14 31.57 -53.83
C GLY VA 183 -7.08 30.70 -53.19
N ALA VA 184 -6.59 29.68 -53.89
CA ALA VA 184 -5.57 28.81 -53.32
C ALA VA 184 -4.28 29.59 -53.04
N VAL VA 185 -3.91 30.51 -53.93
CA VAL VA 185 -2.70 31.31 -53.72
C VAL VA 185 -2.88 32.23 -52.51
N ALA VA 186 -4.08 32.82 -52.36
CA ALA VA 186 -4.33 33.66 -51.20
C ALA VA 186 -4.27 32.85 -49.91
N ALA VA 187 -4.85 31.65 -49.91
CA ALA VA 187 -4.75 30.80 -48.73
C ALA VA 187 -3.30 30.41 -48.45
N ALA VA 188 -2.50 30.21 -49.50
CA ALA VA 188 -1.10 29.88 -49.33
C ALA VA 188 -0.35 31.04 -48.66
N HIS VA 189 -0.61 32.27 -49.11
CA HIS VA 189 0.02 33.42 -48.46
C HIS VA 189 -0.44 33.56 -47.02
N TYR VA 190 -1.72 33.29 -46.75
CA TYR VA 190 -2.20 33.35 -45.36
C TYR VA 190 -1.48 32.32 -44.50
N SER VA 191 -1.33 31.10 -45.02
CA SER VA 191 -0.62 30.07 -44.26
C SER VA 191 0.83 30.46 -44.04
N ALA VA 192 1.47 31.06 -45.04
CA ALA VA 192 2.85 31.52 -44.89
C ALA VA 192 2.94 32.59 -43.82
N PHE VA 193 1.98 33.53 -43.79
CA PHE VA 193 1.97 34.58 -42.79
C PHE VA 193 1.77 34.02 -41.38
N SER VA 194 0.83 33.09 -41.25
CA SER VA 194 0.58 32.49 -39.95
C SER VA 194 1.78 31.70 -39.46
N ASP VA 195 2.47 30.99 -40.37
CA ASP VA 195 3.69 30.29 -39.99
C ASP VA 195 4.79 31.26 -39.62
N ALA VA 196 4.88 32.39 -40.34
CA ALA VA 196 5.90 33.39 -40.04
C ALA VA 196 5.75 33.92 -38.63
N LEU VA 197 4.51 34.21 -38.23
CA LEU VA 197 4.32 34.64 -36.84
C LEU VA 197 4.38 33.49 -35.85
N GLY VA 198 4.09 32.26 -36.28
CA GLY VA 198 4.16 31.14 -35.36
C GLY VA 198 5.58 30.83 -34.92
N ALA VA 199 6.53 30.89 -35.85
CA ALA VA 199 7.92 30.56 -35.57
C ALA VA 199 8.71 31.76 -35.07
N GLN VA 200 8.03 32.81 -34.61
CA GLN VA 200 8.67 33.96 -33.98
C GLN VA 200 9.14 33.52 -32.59
N ALA VA 201 10.40 33.10 -32.49
CA ALA VA 201 10.90 32.59 -31.23
C ALA VA 201 11.16 33.69 -30.22
N THR VA 202 11.24 34.95 -30.68
CA THR VA 202 11.65 36.03 -29.80
C THR VA 202 10.48 36.54 -28.96
N GLY VA 203 9.44 37.05 -29.62
CA GLY VA 203 8.35 37.70 -28.93
C GLY VA 203 7.43 36.72 -28.23
N THR VA 204 6.22 37.18 -27.97
CA THR VA 204 5.21 36.35 -27.33
C THR VA 204 4.88 35.15 -28.23
N PRO VA 205 4.94 33.93 -27.71
CA PRO VA 205 4.68 32.75 -28.54
C PRO VA 205 3.20 32.67 -28.91
N THR VA 206 2.91 32.78 -30.21
CA THR VA 206 1.53 32.67 -30.67
C THR VA 206 1.11 31.22 -30.80
N THR VA 207 2.08 30.30 -30.96
CA THR VA 207 1.74 28.88 -31.08
C THR VA 207 1.15 28.35 -29.79
N GLN VA 208 1.68 28.78 -28.65
CA GLN VA 208 1.23 28.25 -27.36
C GLN VA 208 -0.13 28.82 -27.00
N ALA VA 209 -0.56 28.54 -25.76
CA ALA VA 209 -1.90 28.91 -25.31
C ALA VA 209 -2.12 30.41 -25.43
N ALA VA 210 -3.31 30.77 -25.91
CA ALA VA 210 -3.66 32.18 -26.09
C ALA VA 210 -3.70 32.88 -24.74
N ALA VA 211 -3.06 34.06 -24.68
CA ALA VA 211 -2.99 34.89 -23.49
C ALA VA 211 -2.34 34.21 -22.31
N ALA VA 212 -1.65 33.09 -22.53
CA ALA VA 212 -0.93 32.43 -21.43
C ALA VA 212 0.19 33.32 -20.90
N ALA VA 213 0.95 33.94 -21.80
CA ALA VA 213 2.00 34.86 -21.39
C ALA VA 213 1.38 36.07 -20.70
N ALA VA 214 1.95 36.45 -19.56
CA ALA VA 214 1.43 37.55 -18.77
C ALA VA 214 1.53 38.88 -19.51
N LEU WA 37 -66.56 19.61 102.60
CA LEU WA 37 -65.45 20.54 102.49
C LEU WA 37 -64.90 20.56 101.07
N ASP WA 38 -65.31 19.57 100.26
CA ASP WA 38 -64.77 19.43 98.93
C ASP WA 38 -65.29 20.52 97.99
N SER WA 39 -66.52 20.97 98.20
CA SER WA 39 -67.17 21.86 97.24
C SER WA 39 -66.59 23.26 97.27
N GLU WA 40 -66.36 23.81 98.47
CA GLU WA 40 -66.09 25.24 98.59
C GLU WA 40 -64.78 25.64 97.95
N GLU WA 41 -63.69 24.94 98.27
CA GLU WA 41 -62.36 25.30 97.79
C GLU WA 41 -61.57 24.15 97.21
N MET WA 42 -61.90 22.90 97.55
CA MET WA 42 -61.12 21.78 97.07
C MET WA 42 -61.28 21.58 95.57
N LYS WA 43 -62.40 22.01 94.98
CA LYS WA 43 -62.51 21.97 93.53
C LYS WA 43 -61.52 22.92 92.88
N GLU WA 44 -61.39 24.14 93.44
CA GLU WA 44 -60.38 25.06 92.92
C GLU WA 44 -58.98 24.52 93.11
N LEU WA 45 -58.71 23.91 94.26
CA LEU WA 45 -57.39 23.32 94.49
C LEU WA 45 -57.11 22.19 93.51
N HIS WA 46 -58.11 21.36 93.22
CA HIS WA 46 -57.95 20.26 92.26
C HIS WA 46 -57.69 20.80 90.87
N ARG WA 47 -58.40 21.87 90.48
CA ARG WA 47 -58.16 22.47 89.17
C ARG WA 47 -56.74 23.02 89.09
N ARG WA 48 -56.29 23.69 90.15
CA ARG WA 48 -54.93 24.21 90.18
C ARG WA 48 -53.90 23.08 90.07
N LEU WA 49 -54.12 21.99 90.80
CA LEU WA 49 -53.20 20.86 90.75
C LEU WA 49 -53.18 20.23 89.37
N ARG WA 50 -54.35 20.11 88.74
CA ARG WA 50 -54.40 19.54 87.39
C ARG WA 50 -53.67 20.43 86.40
N SER WA 51 -53.81 21.75 86.53
CA SER WA 51 -53.07 22.66 85.66
C SER WA 51 -51.57 22.52 85.87
N TYR WA 52 -51.14 22.41 87.13
CA TYR WA 52 -49.71 22.24 87.41
C TYR WA 52 -49.20 20.92 86.83
N LEU WA 53 -49.99 19.86 86.96
CA LEU WA 53 -49.58 18.56 86.42
C LEU WA 53 -49.47 18.62 84.90
N HIS WA 54 -50.42 19.30 84.25
CA HIS WA 54 -50.34 19.44 82.79
C HIS WA 54 -49.10 20.22 82.39
N GLN WA 55 -48.79 21.30 83.10
CA GLN WA 55 -47.60 22.08 82.79
C GLN WA 55 -46.33 21.25 82.97
N GLU WA 56 -46.27 20.47 84.05
CA GLU WA 56 -45.10 19.61 84.25
C GLU WA 56 -45.00 18.56 83.16
N LEU WA 57 -46.12 17.96 82.77
CA LEU WA 57 -46.08 16.91 81.75
C LEU WA 57 -45.63 17.46 80.41
N ASP WA 58 -46.15 18.63 80.02
CA ASP WA 58 -45.80 19.16 78.70
C ASP WA 58 -44.41 19.78 78.71
N ARG WA 59 -43.92 20.21 79.87
CA ARG WA 59 -42.55 20.71 79.93
C ARG WA 59 -41.54 19.57 79.94
N GLN WA 60 -41.87 18.46 80.60
CA GLN WA 60 -40.96 17.32 80.71
C GLN WA 60 -41.07 16.36 79.53
N ALA WA 61 -41.91 16.68 78.55
CA ALA WA 61 -42.22 15.72 77.49
C ALA WA 61 -40.98 15.33 76.69
N GLU WA 62 -40.13 16.30 76.36
CA GLU WA 62 -38.96 16.02 75.55
C GLU WA 62 -38.01 15.05 76.24
N ASN WA 63 -37.62 15.37 77.48
CA ASN WA 63 -36.68 14.50 78.19
C ASN WA 63 -37.36 13.21 78.66
N ARG WA 64 -38.67 13.26 78.92
CA ARG WA 64 -39.38 12.02 79.23
C ARG WA 64 -39.32 11.05 78.04
N PHE WA 65 -39.57 11.57 76.84
CA PHE WA 65 -39.47 10.75 75.65
C PHE WA 65 -38.04 10.28 75.43
N GLN WA 66 -37.05 11.16 75.66
CA GLN WA 66 -35.66 10.76 75.51
C GLN WA 66 -35.29 9.63 76.45
N MET WA 67 -35.73 9.72 77.72
CA MET WA 67 -35.41 8.68 78.68
C MET WA 67 -36.14 7.38 78.36
N ALA WA 68 -37.37 7.46 77.86
CA ALA WA 68 -38.06 6.27 77.41
C ALA WA 68 -37.31 5.61 76.26
N VAL WA 69 -36.82 6.41 75.31
CA VAL WA 69 -36.05 5.86 74.20
C VAL WA 69 -34.74 5.27 74.68
N ASP WA 70 -34.14 5.86 75.71
CA ASP WA 70 -32.91 5.30 76.27
C ASP WA 70 -33.16 3.92 76.88
N GLU WA 71 -34.20 3.81 77.71
CA GLU WA 71 -34.53 2.51 78.29
C GLU WA 71 -34.90 1.51 77.20
N ASP WA 72 -35.53 1.96 76.12
CA ASP WA 72 -35.82 1.09 75.00
C ASP WA 72 -34.53 0.65 74.30
N TYR WA 73 -33.55 1.53 74.22
CA TYR WA 73 -32.25 1.17 73.65
C TYR WA 73 -31.54 0.14 74.52
N TYR WA 74 -31.75 0.19 75.83
CA TYR WA 74 -31.04 -0.72 76.72
C TYR WA 74 -31.35 -2.18 76.41
N ASP WA 75 -32.63 -2.50 76.19
CA ASP WA 75 -33.03 -3.89 75.98
C ASP WA 75 -33.08 -4.24 74.49
N SER WA 76 -32.00 -3.96 73.78
CA SER WA 76 -31.79 -4.44 72.40
C SER WA 76 -32.94 -4.06 71.48
N ILE WA 77 -33.45 -2.85 71.63
CA ILE WA 77 -34.40 -2.29 70.67
C ILE WA 77 -33.82 -0.98 70.17
N GLN WA 78 -33.26 -1.00 68.96
CA GLN WA 78 -32.43 0.10 68.48
C GLN WA 78 -32.78 0.53 67.06
N TRP WA 79 -33.85 0.00 66.48
CA TRP WA 79 -34.21 0.30 65.10
C TRP WA 79 -35.46 1.16 65.05
N THR WA 80 -35.37 2.28 64.35
CA THR WA 80 -36.56 3.09 64.09
C THR WA 80 -37.49 2.33 63.16
N GLU WA 81 -38.80 2.55 63.33
CA GLU WA 81 -39.79 1.83 62.53
C GLU WA 81 -39.60 2.10 61.04
N ALA WA 82 -39.35 3.35 60.67
CA ALA WA 82 -39.12 3.68 59.27
C ALA WA 82 -37.88 2.97 58.73
N ASP WA 83 -36.78 3.02 59.48
CA ASP WA 83 -35.56 2.39 59.00
C ASP WA 83 -35.68 0.87 59.06
N ALA WA 84 -36.44 0.35 60.01
CA ALA WA 84 -36.72 -1.08 60.03
C ALA WA 84 -37.49 -1.50 58.79
N GLN WA 85 -38.46 -0.69 58.37
CA GLN WA 85 -39.16 -0.97 57.12
C GLN WA 85 -38.21 -0.90 55.93
N VAL WA 86 -37.30 0.07 55.94
CA VAL WA 86 -36.30 0.18 54.87
C VAL WA 86 -35.47 -1.09 54.80
N LEU WA 87 -35.03 -1.60 55.96
CA LEU WA 87 -34.28 -2.85 55.99
C LEU WA 87 -35.13 -4.01 55.49
N LYS WA 88 -36.40 -4.04 55.88
CA LYS WA 88 -37.28 -5.13 55.46
C LYS WA 88 -37.45 -5.16 53.95
N GLU WA 89 -37.63 -4.00 53.32
CA GLU WA 89 -37.74 -3.97 51.87
C GLU WA 89 -36.43 -4.40 51.22
N ARG WA 90 -35.31 -4.20 51.91
CA ARG WA 90 -34.04 -4.70 51.40
C ARG WA 90 -33.95 -6.22 51.41
N GLY WA 91 -34.83 -6.89 52.15
CA GLY WA 91 -34.71 -8.32 52.37
C GLY WA 91 -33.75 -8.68 53.48
N GLN WA 92 -33.27 -7.71 54.25
CA GLN WA 92 -32.29 -7.91 55.30
C GLN WA 92 -32.98 -7.87 56.67
N ALA WA 93 -32.69 -8.86 57.50
CA ALA WA 93 -33.26 -8.88 58.83
C ALA WA 93 -32.54 -7.85 59.71
N PRO WA 94 -33.29 -6.99 60.41
CA PRO WA 94 -32.65 -6.00 61.28
C PRO WA 94 -31.87 -6.68 62.41
N LEU WA 95 -30.72 -6.09 62.74
CA LEU WA 95 -29.84 -6.61 63.78
C LEU WA 95 -29.50 -5.49 64.76
N VAL WA 96 -29.37 -5.84 66.03
CA VAL WA 96 -28.91 -4.91 67.06
C VAL WA 96 -27.69 -5.51 67.73
N PHE WA 97 -26.61 -4.75 67.82
CA PHE WA 97 -25.40 -5.24 68.46
C PHE WA 97 -25.43 -5.00 69.97
N ASN WA 98 -26.03 -3.89 70.39
CA ASN WA 98 -26.33 -3.61 71.79
C ASN WA 98 -25.06 -3.60 72.64
N VAL WA 99 -24.18 -2.64 72.35
CA VAL WA 99 -23.06 -2.37 73.23
C VAL WA 99 -23.52 -1.66 74.50
N ILE WA 100 -24.75 -1.12 74.49
CA ILE WA 100 -25.29 -0.43 75.65
C ILE WA 100 -25.33 -1.36 76.86
N ALA WA 101 -25.78 -2.61 76.63
CA ALA WA 101 -26.03 -3.53 77.73
C ALA WA 101 -24.77 -3.81 78.52
N GLN WA 102 -23.63 -3.99 77.83
CA GLN WA 102 -22.39 -4.29 78.53
C GLN WA 102 -22.04 -3.20 79.53
N SER WA 103 -22.01 -1.94 79.07
CA SER WA 103 -21.61 -0.85 79.95
C SER WA 103 -22.62 -0.64 81.08
N VAL WA 104 -23.92 -0.68 80.77
CA VAL WA 104 -24.91 -0.45 81.81
C VAL WA 104 -24.86 -1.56 82.85
N ASN WA 105 -24.73 -2.81 82.40
CA ASN WA 105 -24.62 -3.93 83.32
C ASN WA 105 -23.36 -3.82 84.16
N TRP WA 106 -22.26 -3.35 83.57
CA TRP WA 106 -21.04 -3.18 84.34
C TRP WA 106 -21.23 -2.15 85.44
N ILE WA 107 -21.88 -1.02 85.12
CA ILE WA 107 -22.08 0.01 86.14
C ILE WA 107 -22.99 -0.49 87.25
N ILE WA 108 -24.10 -1.16 86.89
CA ILE WA 108 -25.03 -1.59 87.92
C ILE WA 108 -24.41 -2.70 88.77
N GLY WA 109 -23.62 -3.58 88.16
CA GLY WA 109 -22.92 -4.58 88.94
C GLY WA 109 -21.87 -3.98 89.86
N SER WA 110 -21.18 -2.93 89.39
CA SER WA 110 -20.21 -2.25 90.23
C SER WA 110 -20.87 -1.63 91.45
N GLU WA 111 -22.06 -1.05 91.27
CA GLU WA 111 -22.75 -0.49 92.43
C GLU WA 111 -23.33 -1.60 93.32
N LYS WA 112 -23.73 -2.73 92.71
CA LYS WA 112 -24.30 -3.82 93.49
C LYS WA 112 -23.24 -4.47 94.38
N ARG WA 113 -22.01 -4.59 93.89
CA ARG WA 113 -20.94 -5.11 94.73
C ARG WA 113 -20.59 -4.12 95.84
N GLY WA 114 -21.07 -2.88 95.72
CA GLY WA 114 -20.81 -1.86 96.71
C GLY WA 114 -22.00 -1.49 97.56
N ARG WA 115 -22.91 -2.43 97.79
CA ARG WA 115 -24.04 -2.18 98.66
C ARG WA 115 -23.58 -1.82 100.07
N THR WA 116 -24.24 -0.85 100.67
CA THR WA 116 -23.90 -0.36 102.00
C THR WA 116 -25.14 -0.32 102.88
N ASP WA 117 -24.93 -0.42 104.18
CA ASP WA 117 -25.99 -0.28 105.17
C ASP WA 117 -25.67 0.89 106.09
N PHE WA 118 -26.72 1.54 106.58
CA PHE WA 118 -26.54 2.68 107.47
C PHE WA 118 -25.90 2.23 108.78
N ASN WA 119 -24.88 2.97 109.20
CA ASN WA 119 -24.26 2.79 110.51
C ASN WA 119 -24.28 4.14 111.21
N ILE WA 120 -25.25 4.34 112.09
CA ILE WA 120 -25.44 5.60 112.78
C ILE WA 120 -24.29 5.82 113.75
N LEU WA 121 -23.63 6.95 113.63
CA LEU WA 121 -22.55 7.33 114.49
C LEU WA 121 -22.96 8.51 115.36
N PRO WA 122 -22.76 8.42 116.68
CA PRO WA 122 -23.05 9.56 117.55
C PRO WA 122 -21.90 10.55 117.55
N ARG WA 123 -22.20 11.82 117.31
CA ARG WA 123 -21.18 12.84 117.31
C ARG WA 123 -20.61 13.06 118.71
N LYS WA 124 -21.48 13.07 119.71
CA LYS WA 124 -21.03 13.31 121.08
C LYS WA 124 -20.41 12.05 121.67
N LYS WA 125 -21.01 10.89 121.43
CA LYS WA 125 -20.72 9.58 122.00
C LYS WA 125 -20.82 9.57 123.52
N ALA WA 126 -21.40 10.59 124.13
CA ALA WA 126 -22.06 10.43 125.42
C ALA WA 126 -23.37 9.68 125.26
N ASP WA 127 -23.82 9.47 124.02
CA ASP WA 127 -25.02 8.71 123.69
C ASP WA 127 -24.74 7.62 122.66
N ALA WA 128 -23.69 6.82 122.88
CA ALA WA 128 -23.35 5.76 121.94
C ALA WA 128 -24.46 4.71 121.87
N LYS WA 129 -25.03 4.34 123.01
CA LYS WA 129 -26.09 3.35 123.01
C LYS WA 129 -27.33 3.77 122.22
N PRO WA 130 -27.85 4.99 122.33
CA PRO WA 130 -28.97 5.38 121.45
C PRO WA 130 -28.63 5.27 119.97
N ALA WA 131 -27.42 5.66 119.57
CA ALA WA 131 -27.03 5.54 118.17
C ALA WA 131 -26.99 4.09 117.73
N GLU WA 132 -26.48 3.21 118.60
CA GLU WA 132 -26.39 1.79 118.27
C GLU WA 132 -27.78 1.16 118.18
N ALA WA 133 -28.69 1.58 119.07
CA ALA WA 133 -30.08 1.12 118.98
C ALA WA 133 -30.72 1.59 117.67
N LYS WA 134 -30.48 2.83 117.29
CA LYS WA 134 -31.01 3.34 116.03
C LYS WA 134 -30.40 2.59 114.86
N THR WA 135 -29.14 2.19 114.98
CA THR WA 135 -28.51 1.38 113.94
C THR WA 135 -29.22 0.05 113.77
N LYS WA 136 -29.52 -0.64 114.88
CA LYS WA 136 -30.30 -1.86 114.77
C LYS WA 136 -31.69 -1.59 114.19
N LEU WA 137 -32.30 -0.48 114.57
CA LEU WA 137 -33.64 -0.18 114.07
C LEU WA 137 -33.62 0.00 112.56
N LEU WA 138 -32.65 0.76 112.05
CA LEU WA 138 -32.54 0.94 110.61
C LEU WA 138 -32.23 -0.37 109.90
N LYS WA 139 -31.36 -1.20 110.50
CA LYS WA 139 -31.04 -2.47 109.87
C LYS WA 139 -32.26 -3.39 109.83
N TYR WA 140 -33.06 -3.38 110.90
CA TYR WA 140 -34.29 -4.16 110.92
C TYR WA 140 -35.27 -3.67 109.86
N LEU WA 141 -35.40 -2.35 109.71
CA LEU WA 141 -36.29 -1.81 108.69
C LEU WA 141 -35.79 -2.17 107.29
N SER WA 142 -34.48 -2.12 107.07
CA SER WA 142 -33.92 -2.50 105.78
C SER WA 142 -34.15 -3.97 105.49
N ASP WA 143 -34.02 -4.82 106.50
CA ASP WA 143 -34.27 -6.25 106.32
C ASP WA 143 -35.73 -6.51 105.99
N VAL WA 144 -36.64 -5.87 106.71
CA VAL WA 144 -38.07 -6.11 106.49
C VAL WA 144 -38.49 -5.58 105.12
N ASN WA 145 -38.09 -4.37 104.78
CA ASN WA 145 -38.52 -3.73 103.55
C ASN WA 145 -37.70 -4.12 102.34
N ARG WA 146 -36.65 -4.93 102.52
CA ARG WA 146 -35.75 -5.30 101.42
C ARG WA 146 -35.19 -4.06 100.72
N LEU WA 147 -34.78 -3.08 101.54
CA LEU WA 147 -34.29 -1.81 100.98
C LEU WA 147 -33.09 -1.97 100.04
N PRO WA 148 -32.08 -2.78 100.33
CA PRO WA 148 -30.92 -2.83 99.41
C PRO WA 148 -31.29 -3.17 97.98
N PHE WA 149 -32.25 -4.08 97.77
CA PHE WA 149 -32.70 -4.38 96.41
C PHE WA 149 -33.38 -3.18 95.78
N HIS WA 150 -34.20 -2.46 96.55
CA HIS WA 150 -34.84 -1.26 96.03
C HIS WA 150 -33.81 -0.21 95.65
N ARG WA 151 -32.80 0.00 96.49
CA ARG WA 151 -31.76 0.98 96.19
C ARG WA 151 -30.96 0.56 94.96
N SER WA 152 -30.65 -0.73 94.84
CA SER WA 152 -29.90 -1.20 93.68
C SER WA 152 -30.70 -1.00 92.40
N ARG WA 153 -32.00 -1.33 92.42
CA ARG WA 153 -32.83 -1.12 91.25
C ARG WA 153 -32.94 0.37 90.93
N SER WA 154 -33.04 1.21 91.95
CA SER WA 154 -33.14 2.64 91.73
C SER WA 154 -31.88 3.18 91.06
N PHE WA 155 -30.70 2.78 91.54
CA PHE WA 155 -29.48 3.23 90.88
C PHE WA 155 -29.36 2.65 89.48
N GLU WA 156 -29.83 1.42 89.28
CA GLU WA 156 -29.84 0.85 87.93
C GLU WA 156 -30.66 1.72 86.99
N ASP WA 157 -31.76 2.27 87.48
CA ASP WA 157 -32.54 3.16 86.64
C ASP WA 157 -31.84 4.49 86.44
N THR WA 158 -31.20 4.99 87.49
CA THR WA 158 -30.47 6.25 87.35
C THR WA 158 -29.31 6.12 86.37
N VAL WA 159 -28.83 4.89 86.14
CA VAL WA 159 -27.80 4.69 85.12
C VAL WA 159 -28.43 4.75 83.73
N LYS WA 160 -29.51 4.00 83.53
CA LYS WA 160 -30.14 3.95 82.21
C LYS WA 160 -30.79 5.27 81.85
N VAL WA 161 -31.59 5.83 82.77
CA VAL WA 161 -32.33 7.05 82.52
C VAL WA 161 -31.86 8.11 83.51
N GLY WA 162 -32.49 9.28 83.43
CA GLY WA 162 -31.97 10.44 84.15
C GLY WA 162 -31.92 10.25 85.65
N LEU WA 163 -32.99 9.72 86.25
CA LEU WA 163 -33.11 9.72 87.69
C LEU WA 163 -33.95 8.55 88.17
N GLY WA 164 -33.86 8.29 89.47
CA GLY WA 164 -34.69 7.29 90.11
C GLY WA 164 -35.20 7.81 91.44
N TRP WA 165 -36.29 7.21 91.89
CA TRP WA 165 -37.00 7.68 93.08
C TRP WA 165 -37.12 6.55 94.10
N ILE WA 166 -36.86 6.85 95.36
CA ILE WA 166 -37.05 5.92 96.47
C ILE WA 166 -37.91 6.61 97.52
N GLU WA 167 -38.84 5.87 98.10
CA GLU WA 167 -39.76 6.37 99.12
C GLU WA 167 -39.34 5.92 100.49
N ASP WA 168 -39.46 6.81 101.47
CA ASP WA 168 -39.37 6.46 102.89
C ASP WA 168 -40.52 7.15 103.61
N SER WA 169 -41.59 6.41 103.84
CA SER WA 169 -42.81 6.99 104.39
C SER WA 169 -43.40 6.00 105.39
N TYR WA 170 -44.45 6.44 106.09
CA TYR WA 170 -45.11 5.66 107.11
C TYR WA 170 -46.57 5.45 106.70
N ASP WA 171 -47.00 4.19 106.67
CA ASP WA 171 -48.33 3.85 106.19
C ASP WA 171 -49.02 2.94 107.20
N ASP WA 172 -50.34 3.09 107.29
CA ASP WA 172 -51.17 2.31 108.20
C ASP WA 172 -51.97 1.29 107.42
N SER WA 173 -51.79 0.02 107.76
CA SER WA 173 -52.52 -1.07 107.14
C SER WA 173 -52.29 -2.32 107.96
N THR WA 174 -52.91 -3.42 107.54
CA THR WA 174 -52.66 -4.70 108.19
C THR WA 174 -51.24 -5.19 107.96
N ASP WA 175 -50.52 -4.59 107.02
CA ASP WA 175 -49.11 -4.91 106.83
C ASP WA 175 -48.34 -4.64 108.11
N GLY WA 176 -47.48 -5.59 108.49
CA GLY WA 176 -46.79 -5.49 109.76
C GLY WA 176 -45.85 -4.32 109.84
N GLU WA 177 -45.13 -4.04 108.75
CA GLU WA 177 -44.15 -2.96 108.74
C GLU WA 177 -44.84 -1.61 108.72
N PRO WA 178 -44.56 -0.74 109.71
CA PRO WA 178 -45.13 0.61 109.66
C PRO WA 178 -44.42 1.54 108.69
N ILE WA 179 -43.10 1.50 108.66
CA ILE WA 179 -42.30 2.35 107.79
C ILE WA 179 -41.90 1.56 106.56
N TYR WA 180 -42.33 2.00 105.39
CA TYR WA 180 -42.11 1.29 104.15
C TYR WA 180 -41.14 2.06 103.26
N SER WA 181 -40.17 1.35 102.71
CA SER WA 181 -39.23 1.89 101.74
C SER WA 181 -39.38 1.11 100.43
N ARG WA 182 -39.96 1.75 99.43
CA ARG WA 182 -40.26 1.09 98.17
C ARG WA 182 -39.77 1.94 97.02
N TYR WA 183 -39.48 1.28 95.91
CA TYR WA 183 -39.07 1.92 94.67
C TYR WA 183 -40.27 2.38 93.85
N GLU WA 184 -40.16 3.58 93.28
CA GLU WA 184 -41.08 4.08 92.27
C GLU WA 184 -40.28 4.39 91.02
N SER WA 185 -40.78 3.96 89.87
CA SER WA 185 -40.04 4.12 88.63
C SER WA 185 -39.94 5.59 88.24
N TRP WA 186 -38.94 5.89 87.42
CA TRP WA 186 -38.82 7.25 86.89
C TRP WA 186 -40.05 7.64 86.08
N ARG WA 187 -40.75 6.65 85.52
CA ARG WA 187 -41.94 6.94 84.74
C ARG WA 187 -43.05 7.52 85.61
N ASN WA 188 -43.35 6.85 86.72
CA ASN WA 188 -44.53 7.15 87.51
C ASN WA 188 -44.35 8.33 88.45
N VAL WA 189 -43.33 9.16 88.23
CA VAL WA 189 -43.06 10.31 89.08
C VAL WA 189 -43.03 11.57 88.22
N ILE WA 190 -43.73 12.60 88.68
CA ILE WA 190 -43.69 13.93 88.06
C ILE WA 190 -43.15 14.91 89.10
N PHE WA 191 -42.03 15.54 88.79
CA PHE WA 191 -41.35 16.42 89.74
C PHE WA 191 -41.22 17.82 89.16
N ASP WA 192 -41.29 18.81 90.05
CA ASP WA 192 -41.15 20.21 89.65
C ASP WA 192 -39.77 20.46 89.07
N SER WA 193 -39.73 21.16 87.94
CA SER WA 193 -38.48 21.47 87.25
C SER WA 193 -37.86 22.79 87.67
N ALA WA 194 -38.54 23.57 88.51
CA ALA WA 194 -38.02 24.87 88.91
C ALA WA 194 -36.91 24.76 89.94
N SER WA 195 -36.70 23.58 90.50
CA SER WA 195 -35.73 23.43 91.59
C SER WA 195 -34.31 23.55 91.06
N THR WA 196 -33.49 24.32 91.77
CA THR WA 196 -32.07 24.41 91.50
C THR WA 196 -31.21 23.81 92.62
N GLU WA 197 -31.79 23.67 93.80
CA GLU WA 197 -31.04 23.09 94.93
C GLU WA 197 -30.76 21.62 94.69
N LEU WA 198 -29.59 21.16 95.15
CA LEU WA 198 -29.27 19.74 95.09
C LEU WA 198 -30.10 18.94 96.07
N ASP WA 199 -30.41 19.53 97.23
CA ASP WA 199 -31.16 18.81 98.26
C ASP WA 199 -32.58 18.49 97.79
N GLY WA 200 -33.12 19.31 96.90
CA GLY WA 200 -34.51 19.19 96.52
C GLY WA 200 -35.47 20.02 97.35
N THR WA 201 -34.96 20.94 98.17
CA THR WA 201 -35.83 21.79 98.97
C THR WA 201 -36.66 22.71 98.09
N ASP WA 202 -36.06 23.26 97.04
CA ASP WA 202 -36.77 24.16 96.14
C ASP WA 202 -37.84 23.46 95.32
N MET WA 203 -37.85 22.13 95.31
CA MET WA 203 -38.90 21.36 94.66
C MET WA 203 -40.24 21.69 95.30
N ARG WA 204 -41.09 22.42 94.59
CA ARG WA 204 -42.32 22.91 95.19
C ARG WA 204 -43.36 21.80 95.34
N TYR WA 205 -43.47 20.94 94.33
CA TYR WA 205 -44.56 19.97 94.30
C TYR WA 205 -44.12 18.74 93.50
N ILE WA 206 -44.56 17.57 93.96
CA ILE WA 206 -44.27 16.31 93.30
C ILE WA 206 -45.58 15.57 93.06
N PHE WA 207 -45.76 15.05 91.86
CA PHE WA 207 -46.95 14.32 91.47
C PHE WA 207 -46.58 12.85 91.24
N ARG WA 208 -47.42 11.95 91.75
CA ARG WA 208 -47.18 10.50 91.63
C ARG WA 208 -48.39 9.85 90.98
N PRO WA 209 -48.46 9.78 89.65
CA PRO WA 209 -49.55 9.05 89.00
C PRO WA 209 -49.36 7.55 89.17
N LYS WA 210 -50.38 6.89 89.72
CA LYS WA 210 -50.34 5.45 89.96
C LYS WA 210 -51.56 4.81 89.32
N TRP WA 211 -51.38 3.62 88.76
CA TRP WA 211 -52.46 2.86 88.16
C TRP WA 211 -52.87 1.74 89.11
N LEU WA 212 -54.13 1.73 89.52
CA LEU WA 212 -54.65 0.78 90.49
C LEU WA 212 -55.96 0.19 90.01
N ASP WA 213 -56.25 -1.03 90.46
CA ASP WA 213 -57.55 -1.62 90.20
C ASP WA 213 -58.63 -0.91 91.02
N VAL WA 214 -59.87 -0.99 90.53
CA VAL WA 214 -60.97 -0.29 91.18
C VAL WA 214 -61.21 -0.83 92.58
N ASP WA 215 -61.12 -2.15 92.75
CA ASP WA 215 -61.32 -2.73 94.08
C ASP WA 215 -60.24 -2.25 95.06
N VAL WA 216 -58.98 -2.24 94.62
CA VAL WA 216 -57.90 -1.76 95.48
C VAL WA 216 -58.05 -0.28 95.77
N ALA WA 217 -58.35 0.52 94.74
CA ALA WA 217 -58.47 1.96 94.93
C ALA WA 217 -59.63 2.29 95.88
N CYS WA 218 -60.77 1.63 95.71
CA CYS WA 218 -61.89 1.83 96.62
C CYS WA 218 -61.54 1.38 98.03
N ALA WA 219 -60.81 0.26 98.15
CA ALA WA 219 -60.39 -0.19 99.47
C ALA WA 219 -59.35 0.75 100.07
N LEU WA 220 -58.60 1.47 99.22
CA LEU WA 220 -57.58 2.36 99.72
C LEU WA 220 -58.17 3.56 100.46
N VAL WA 221 -59.13 4.23 99.85
CA VAL WA 221 -59.71 5.45 100.43
C VAL WA 221 -61.22 5.30 100.56
N PRO WA 222 -61.75 5.27 101.77
CA PRO WA 222 -63.19 5.09 101.95
C PRO WA 222 -63.94 6.42 101.87
N ASP WA 223 -65.27 6.32 102.02
CA ASP WA 223 -66.18 7.47 102.12
C ASP WA 223 -66.29 8.22 100.81
N ARG WA 224 -65.55 7.80 99.79
CA ARG WA 224 -65.61 8.43 98.48
C ARG WA 224 -65.48 7.37 97.39
N ALA WA 225 -66.21 6.26 97.55
CA ALA WA 225 -66.11 5.17 96.59
C ALA WA 225 -66.83 5.49 95.29
N ASP WA 226 -67.87 6.33 95.35
CA ASP WA 226 -68.64 6.66 94.15
C ASP WA 226 -67.78 7.40 93.13
N GLU WA 227 -66.95 8.35 93.59
CA GLU WA 227 -66.08 9.07 92.69
C GLU WA 227 -65.06 8.14 92.03
N ILE WA 228 -64.53 7.17 92.79
CA ILE WA 228 -63.63 6.19 92.22
C ILE WA 228 -64.35 5.35 91.17
N LYS WA 229 -65.57 4.93 91.47
CA LYS WA 229 -66.34 4.11 90.52
C LYS WA 229 -66.61 4.87 89.24
N LYS WA 230 -66.97 6.16 89.35
CA LYS WA 230 -67.28 6.95 88.16
C LYS WA 230 -66.02 7.19 87.33
N ALA WA 231 -64.86 7.16 87.95
CA ALA WA 231 -63.60 7.39 87.25
C ALA WA 231 -62.91 6.08 86.90
N ASP WA 245 -53.20 14.67 83.12
CA ASP WA 245 -53.42 13.31 82.64
C ASP WA 245 -52.17 12.45 82.84
N GLY WA 246 -51.56 12.06 81.74
CA GLY WA 246 -50.37 11.22 81.80
C GLY WA 246 -49.49 11.44 80.60
N ASP WA 247 -48.22 11.05 80.75
CA ASP WA 247 -47.24 11.12 79.68
C ASP WA 247 -47.33 9.84 78.83
N GLU WA 248 -46.50 9.76 77.78
CA GLU WA 248 -46.58 8.61 76.89
C GLU WA 248 -46.12 7.33 77.59
N ALA WA 249 -45.20 7.44 78.55
CA ALA WA 249 -44.64 6.24 79.18
C ALA WA 249 -45.67 5.41 79.94
N MET WA 250 -46.21 5.97 81.02
CA MET WA 250 -47.11 5.20 81.88
C MET WA 250 -48.42 4.92 81.15
N ASP WA 251 -48.91 5.89 80.37
CA ASP WA 251 -50.11 5.67 79.59
C ASP WA 251 -49.91 4.57 78.56
N TRP WA 252 -48.74 4.54 77.93
CA TRP WA 252 -48.46 3.49 76.96
C TRP WA 252 -48.43 2.13 77.61
N ALA WA 253 -47.80 2.02 78.79
CA ALA WA 253 -47.78 0.75 79.49
C ALA WA 253 -49.20 0.28 79.82
N GLU WA 254 -49.99 1.17 80.40
CA GLU WA 254 -51.35 0.81 80.80
C GLU WA 254 -52.22 0.47 79.60
N PHE WA 255 -52.07 1.22 78.50
CA PHE WA 255 -52.91 0.99 77.33
C PHE WA 255 -52.48 -0.25 76.57
N ASP WA 256 -51.18 -0.59 76.63
CA ASP WA 256 -50.74 -1.87 76.08
C ASP WA 256 -51.31 -3.03 76.88
N ARG WA 257 -51.37 -2.88 78.20
CA ARG WA 257 -52.01 -3.92 79.02
C ARG WA 257 -53.50 -4.02 78.69
N ASP WA 258 -54.17 -2.89 78.51
CA ASP WA 258 -55.60 -2.90 78.21
C ASP WA 258 -55.88 -3.45 76.82
N THR WA 259 -54.98 -3.22 75.87
CA THR WA 259 -55.23 -3.59 74.49
C THR WA 259 -55.24 -5.10 74.30
N TYR WA 260 -54.43 -5.81 75.08
CA TYR WA 260 -54.26 -7.26 74.97
C TYR WA 260 -53.65 -7.62 73.62
N SER WA 261 -54.48 -7.59 72.58
CA SER WA 261 -54.05 -7.86 71.22
C SER WA 261 -54.61 -6.78 70.28
N GLN WA 262 -54.15 -6.82 69.03
CA GLN WA 262 -54.60 -5.84 68.05
C GLN WA 262 -56.11 -5.91 67.85
N SER WA 263 -56.64 -7.10 67.63
CA SER WA 263 -58.08 -7.33 67.50
C SER WA 263 -58.46 -8.48 68.40
N ARG WA 264 -59.16 -8.18 69.50
CA ARG WA 264 -59.49 -9.17 70.50
C ARG WA 264 -60.94 -9.03 70.92
N THR WA 265 -61.60 -10.17 71.10
CA THR WA 265 -63.00 -10.21 71.54
C THR WA 265 -63.02 -10.26 73.07
N VAL WA 266 -63.02 -9.09 73.70
CA VAL WA 266 -63.00 -9.03 75.16
C VAL WA 266 -64.37 -9.43 75.70
N SER WA 267 -64.36 -10.29 76.71
CA SER WA 267 -65.60 -10.74 77.33
C SER WA 267 -66.22 -9.62 78.16
N THR WA 268 -67.38 -9.93 78.76
CA THR WA 268 -68.05 -8.95 79.60
C THR WA 268 -67.22 -8.60 80.82
N HIS WA 269 -66.57 -9.58 81.42
CA HIS WA 269 -65.78 -9.33 82.63
C HIS WA 269 -64.43 -8.74 82.24
N LYS WA 270 -64.23 -7.47 82.62
CA LYS WA 270 -63.01 -6.75 82.30
C LYS WA 270 -62.49 -6.07 83.55
N ARG WA 271 -61.20 -6.25 83.84
CA ARG WA 271 -60.60 -5.57 84.97
C ARG WA 271 -60.53 -4.07 84.69
N GLN WA 272 -61.05 -3.28 85.63
CA GLN WA 272 -61.14 -1.84 85.48
C GLN WA 272 -60.03 -1.19 86.30
N ARG WA 273 -59.25 -0.34 85.66
CA ARG WA 273 -58.12 0.32 86.30
C ARG WA 273 -58.33 1.82 86.28
N VAL WA 274 -58.10 2.46 87.42
CA VAL WA 274 -58.28 3.90 87.57
C VAL WA 274 -56.93 4.53 87.90
N ARG WA 275 -56.81 5.82 87.61
CA ARG WA 275 -55.59 6.57 87.87
C ARG WA 275 -55.80 7.49 89.06
N LEU WA 276 -54.97 7.32 90.09
CA LEU WA 276 -54.94 8.20 91.25
C LEU WA 276 -53.61 8.92 91.27
N ILE WA 277 -53.65 10.23 91.49
CA ILE WA 277 -52.45 11.05 91.51
C ILE WA 277 -52.24 11.57 92.92
N GLU WA 278 -51.11 11.24 93.52
CA GLU WA 278 -50.74 11.71 94.85
C GLU WA 278 -49.80 12.89 94.70
N CYS WA 279 -50.19 14.04 95.26
CA CYS WA 279 -49.44 15.28 95.10
C CYS WA 279 -48.99 15.77 96.47
N TRP WA 280 -47.70 16.08 96.59
CA TRP WA 280 -47.14 16.70 97.78
C TRP WA 280 -46.63 18.07 97.39
N TYR WA 281 -47.17 19.12 98.03
CA TYR WA 281 -46.83 20.49 97.68
C TYR WA 281 -46.44 21.26 98.92
N ARG WA 282 -45.65 22.31 98.72
CA ARG WA 282 -45.13 23.15 99.79
C ARG WA 282 -45.66 24.56 99.63
N LYS WA 283 -46.19 25.12 100.71
CA LYS WA 283 -46.72 26.47 100.69
C LYS WA 283 -46.16 27.28 101.85
N PRO WA 284 -45.66 28.49 101.59
CA PRO WA 284 -45.08 29.30 102.68
C PRO WA 284 -46.13 29.69 103.70
N MET WA 285 -45.69 29.81 104.95
CA MET WA 285 -46.57 30.18 106.05
C MET WA 285 -46.16 31.45 106.77
N ARG WA 286 -44.88 31.60 107.13
CA ARG WA 286 -44.38 32.77 107.86
C ARG WA 286 -45.14 32.94 109.17
N ALA WA 287 -44.95 31.99 110.08
CA ALA WA 287 -45.56 32.09 111.39
C ALA WA 287 -44.97 33.26 112.17
N THR WA 288 -45.78 33.85 113.05
CA THR WA 288 -45.31 34.99 113.84
C THR WA 288 -44.15 34.59 114.76
N LYS WA 289 -44.26 33.44 115.41
CA LYS WA 289 -43.23 32.93 116.30
C LYS WA 289 -42.86 33.93 117.39
N THR WA 323 -41.61 27.30 108.18
CA THR WA 323 -42.22 28.19 107.19
C THR WA 323 -42.81 27.40 106.04
N MET WA 324 -42.08 26.40 105.56
CA MET WA 324 -42.50 25.54 104.47
C MET WA 324 -43.10 24.26 105.03
N ARG WA 325 -44.42 24.14 104.96
CA ARG WA 325 -45.12 22.96 105.44
C ARG WA 325 -45.64 22.14 104.28
N VAL WA 326 -45.37 20.85 104.29
CA VAL WA 326 -45.74 19.96 103.20
C VAL WA 326 -47.17 19.49 103.41
N ARG WA 327 -47.96 19.48 102.34
CA ARG WA 327 -49.33 18.99 102.37
C ARG WA 327 -49.51 17.91 101.32
N VAL WA 328 -50.19 16.83 101.71
CA VAL WA 328 -50.46 15.70 100.82
C VAL WA 328 -51.77 15.98 100.10
N ALA WA 329 -51.82 15.63 98.82
CA ALA WA 329 -53.00 15.84 97.99
C ALA WA 329 -53.17 14.65 97.06
N ILE WA 330 -54.23 13.87 97.29
CA ILE WA 330 -54.56 12.74 96.43
C ILE WA 330 -55.82 13.10 95.65
N PHE WA 331 -55.73 13.11 94.33
CA PHE WA 331 -56.84 13.50 93.48
C PHE WA 331 -56.93 12.60 92.26
N THR WA 332 -58.15 12.26 91.87
CA THR WA 332 -58.39 11.55 90.63
C THR WA 332 -58.48 12.53 89.47
N SER WA 333 -58.95 12.04 88.32
CA SER WA 333 -59.06 12.89 87.14
C SER WA 333 -60.05 14.04 87.36
N ARG WA 334 -61.17 13.76 88.04
CA ARG WA 334 -62.25 14.72 88.14
C ARG WA 334 -62.47 15.26 89.55
N ASP WA 335 -61.80 14.71 90.56
CA ASP WA 335 -62.01 15.15 91.93
C ASP WA 335 -60.83 14.73 92.78
N LEU WA 336 -60.76 15.27 93.99
CA LEU WA 336 -59.72 14.91 94.96
C LEU WA 336 -60.31 14.04 96.05
N LEU WA 337 -59.64 12.93 96.35
CA LEU WA 337 -60.14 12.02 97.36
C LEU WA 337 -59.93 12.55 98.77
N PHE WA 338 -58.75 13.13 99.04
CA PHE WA 338 -58.44 13.57 100.39
C PHE WA 338 -57.40 14.68 100.34
N GLU WA 339 -57.58 15.71 101.18
CA GLU WA 339 -56.66 16.83 101.26
C GLU WA 339 -56.28 17.02 102.73
N GLY WA 340 -54.97 17.13 102.99
CA GLY WA 340 -54.51 17.32 104.35
C GLY WA 340 -53.04 17.62 104.41
N ALA WA 341 -52.59 18.00 105.60
CA ALA WA 341 -51.18 18.30 105.83
C ALA WA 341 -50.38 17.02 106.05
N SER WA 342 -49.08 17.13 105.92
CA SER WA 342 -48.21 15.97 106.11
C SER WA 342 -48.09 15.65 107.60
N PRO WA 343 -48.49 14.45 108.04
CA PRO WA 343 -48.35 14.13 109.47
C PRO WA 343 -46.91 13.99 109.92
N PHE WA 344 -45.99 13.71 109.00
CA PHE WA 344 -44.61 13.47 109.37
C PHE WA 344 -43.91 14.74 109.84
N ARG WA 345 -43.05 14.61 110.84
CA ARG WA 345 -42.35 15.77 111.40
C ARG WA 345 -41.42 16.39 110.37
N HIS WA 346 -40.71 15.55 109.61
CA HIS WA 346 -39.78 16.08 108.62
C HIS WA 346 -40.54 16.83 107.52
N ASN WA 347 -40.04 18.02 107.18
CA ASN WA 347 -40.72 18.89 106.23
C ASN WA 347 -40.13 18.72 104.83
N ARG WA 348 -40.20 17.49 104.33
CA ARG WA 348 -39.78 17.19 102.98
C ARG WA 348 -40.57 15.99 102.46
N PHE WA 349 -40.67 15.89 101.14
CA PHE WA 349 -41.42 14.82 100.53
C PHE WA 349 -40.71 13.48 100.72
N SER WA 350 -41.51 12.42 100.81
CA SER WA 350 -40.94 11.08 100.88
C SER WA 350 -40.12 10.77 99.64
N LEU WA 351 -40.51 11.34 98.50
CA LEU WA 351 -39.80 11.10 97.25
C LEU WA 351 -38.45 11.81 97.25
N THR WA 352 -37.38 11.02 97.26
CA THR WA 352 -36.02 11.55 97.15
C THR WA 352 -35.42 11.11 95.83
N PRO WA 353 -35.05 12.05 94.97
CA PRO WA 353 -34.54 11.67 93.66
C PRO WA 353 -33.05 11.38 93.68
N ILE WA 354 -32.67 10.17 93.26
CA ILE WA 354 -31.27 9.84 93.05
C ILE WA 354 -30.90 10.39 91.68
N TRP WA 355 -30.14 11.48 91.67
CA TRP WA 355 -29.86 12.20 90.44
C TRP WA 355 -28.81 11.45 89.62
N GLY WA 356 -28.56 11.95 88.42
CA GLY WA 356 -27.50 11.45 87.57
C GLY WA 356 -26.86 12.62 86.85
N PHE WA 357 -26.47 12.45 85.60
CA PHE WA 357 -25.99 13.59 84.83
C PHE WA 357 -27.14 14.54 84.56
N ARG WA 358 -26.92 15.82 84.85
CA ARG WA 358 -27.95 16.85 84.72
C ARG WA 358 -27.55 17.83 83.64
N ARG WA 359 -28.45 18.07 82.70
CA ARG WA 359 -28.19 19.00 81.62
C ARG WA 359 -27.95 20.40 82.15
N GLY WA 360 -26.90 21.05 81.66
CA GLY WA 360 -26.55 22.37 82.17
C GLY WA 360 -27.57 23.44 81.85
N ARG WA 361 -28.08 23.45 80.61
CA ARG WA 361 -28.93 24.54 80.16
C ARG WA 361 -30.29 24.52 80.85
N ASP WA 362 -30.96 23.36 80.86
CA ASP WA 362 -32.34 23.29 81.31
C ASP WA 362 -32.49 22.55 82.62
N ASN WA 363 -31.41 21.95 83.14
CA ASN WA 363 -31.41 21.32 84.45
C ASN WA 363 -32.43 20.18 84.55
N LEU WA 364 -32.39 19.29 83.56
CA LEU WA 364 -33.18 18.06 83.64
C LEU WA 364 -32.26 16.85 83.49
N PRO WA 365 -32.43 15.85 84.34
CA PRO WA 365 -31.47 14.73 84.35
C PRO WA 365 -31.52 13.91 83.07
N TYR WA 366 -30.38 13.36 82.70
CA TYR WA 366 -30.26 12.41 81.60
C TYR WA 366 -29.32 11.30 82.02
N GLY WA 367 -29.55 10.10 81.47
CA GLY WA 367 -28.79 8.94 81.86
C GLY WA 367 -27.44 8.87 81.19
N VAL WA 368 -26.73 7.79 81.49
CA VAL WA 368 -25.41 7.56 80.89
C VAL WA 368 -25.55 7.33 79.39
N ILE WA 369 -26.72 6.91 78.94
CA ILE WA 369 -26.89 6.27 77.64
C ILE WA 369 -26.57 7.20 76.47
N ARG WA 370 -27.10 8.42 76.49
CA ARG WA 370 -27.27 9.25 75.29
C ARG WA 370 -26.15 9.13 74.23
N TRP WA 371 -24.91 9.39 74.64
CA TRP WA 371 -23.81 9.35 73.68
C TRP WA 371 -23.49 7.92 73.26
N MET WA 372 -23.48 6.98 74.21
CA MET WA 372 -23.45 5.57 73.83
C MET WA 372 -24.57 5.25 72.85
N ARG WA 373 -25.74 5.89 73.01
CA ARG WA 373 -26.90 5.57 72.20
C ARG WA 373 -26.71 6.00 70.75
N ASP WA 374 -26.28 7.25 70.54
CA ASP WA 374 -26.16 7.69 69.15
C ASP WA 374 -24.98 7.02 68.47
N ILE WA 375 -23.88 6.78 69.20
CA ILE WA 375 -22.82 6.00 68.58
C ILE WA 375 -23.30 4.57 68.30
N GLN WA 376 -24.19 4.04 69.14
CA GLN WA 376 -24.73 2.71 68.92
C GLN WA 376 -25.59 2.64 67.66
N ASP WA 377 -26.44 3.64 67.45
CA ASP WA 377 -27.28 3.61 66.26
C ASP WA 377 -26.43 3.80 65.00
N ASP WA 378 -25.37 4.60 65.11
CA ASP WA 378 -24.41 4.70 64.01
C ASP WA 378 -23.75 3.34 63.74
N ILE WA 379 -23.40 2.61 64.79
CA ILE WA 379 -22.79 1.29 64.61
C ILE WA 379 -23.77 0.34 63.92
N ASN WA 380 -25.03 0.38 64.32
CA ASN WA 380 -26.03 -0.47 63.70
C ASN WA 380 -26.18 -0.14 62.22
N LYS WA 381 -26.21 1.16 61.88
CA LYS WA 381 -26.28 1.54 60.48
C LYS WA 381 -25.06 1.05 59.71
N ARG WA 382 -23.87 1.18 60.29
CA ARG WA 382 -22.66 0.72 59.62
C ARG WA 382 -22.71 -0.77 59.37
N ALA WA 383 -23.12 -1.55 60.37
CA ALA WA 383 -23.16 -3.00 60.22
C ALA WA 383 -24.18 -3.41 59.16
N SER WA 384 -25.37 -2.81 59.19
CA SER WA 384 -26.39 -3.14 58.18
C SER WA 384 -25.91 -2.79 56.79
N LYS WA 385 -25.29 -1.62 56.63
CA LYS WA 385 -24.80 -1.21 55.31
C LYS WA 385 -23.72 -2.17 54.81
N ALA WA 386 -22.78 -2.54 55.68
CA ALA WA 386 -21.71 -3.45 55.27
C ALA WA 386 -22.28 -4.81 54.88
N LEU WA 387 -23.22 -5.34 55.68
CA LEU WA 387 -23.81 -6.63 55.36
C LEU WA 387 -24.54 -6.57 54.02
N TYR WA 388 -25.27 -5.47 53.77
CA TYR WA 388 -25.98 -5.35 52.50
C TYR WA 388 -25.01 -5.27 51.33
N ILE WA 389 -23.95 -4.48 51.46
CA ILE WA 389 -22.98 -4.35 50.38
C ILE WA 389 -22.35 -5.71 50.08
N LEU WA 390 -22.05 -6.48 51.12
CA LEU WA 390 -21.51 -7.81 50.89
C LEU WA 390 -22.52 -8.71 50.21
N SER WA 391 -23.80 -8.61 50.61
CA SER WA 391 -24.78 -9.58 50.13
C SER WA 391 -25.13 -9.38 48.66
N SER WA 392 -25.42 -8.15 48.24
CA SER WA 392 -25.98 -7.89 46.93
C SER WA 392 -24.98 -7.13 46.06
N ASN WA 393 -24.82 -7.59 44.82
CA ASN WA 393 -23.90 -6.94 43.90
C ASN WA 393 -24.50 -5.67 43.32
N LYS WA 394 -23.65 -4.67 43.10
CA LYS WA 394 -24.00 -3.49 42.31
C LYS WA 394 -23.44 -3.68 40.91
N VAL WA 395 -24.26 -3.43 39.90
CA VAL WA 395 -23.90 -3.72 38.52
C VAL WA 395 -23.96 -2.43 37.73
N VAL WA 396 -22.83 -2.04 37.14
CA VAL WA 396 -22.81 -1.06 36.06
C VAL WA 396 -22.37 -1.81 34.81
N MET WA 397 -23.14 -1.64 33.74
CA MET WA 397 -22.94 -2.45 32.54
C MET WA 397 -22.97 -1.56 31.31
N ASP WA 398 -22.40 -2.09 30.23
CA ASP WA 398 -22.67 -1.52 28.92
C ASP WA 398 -24.16 -1.65 28.62
N GLU WA 399 -24.68 -0.67 27.88
CA GLU WA 399 -26.13 -0.53 27.74
C GLU WA 399 -26.77 -1.79 27.17
N GLY WA 400 -26.02 -2.55 26.37
CA GLY WA 400 -26.56 -3.78 25.81
C GLY WA 400 -25.91 -5.03 26.36
N ALA WA 401 -25.63 -5.02 27.66
CA ALA WA 401 -24.90 -6.13 28.26
C ALA WA 401 -25.73 -7.41 28.29
N VAL WA 402 -26.97 -7.33 28.74
CA VAL WA 402 -27.77 -8.51 29.02
C VAL WA 402 -29.02 -8.50 28.14
N GLU WA 403 -29.40 -9.69 27.67
CA GLU WA 403 -30.60 -9.81 26.84
C GLU WA 403 -31.87 -9.64 27.68
N ASP WA 404 -31.94 -10.31 28.81
CA ASP WA 404 -33.11 -10.30 29.69
C ASP WA 404 -32.72 -9.64 31.00
N ILE WA 405 -33.36 -8.50 31.30
CA ILE WA 405 -32.95 -7.73 32.47
C ILE WA 405 -33.67 -8.24 33.72
N GLU WA 406 -34.86 -8.83 33.55
CA GLU WA 406 -35.57 -9.38 34.71
C GLU WA 406 -34.79 -10.53 35.34
N GLU WA 407 -34.43 -11.52 34.53
CA GLU WA 407 -33.69 -12.68 35.05
C GLU WA 407 -32.31 -12.26 35.54
N PHE WA 408 -31.65 -11.37 34.81
CA PHE WA 408 -30.37 -10.87 35.28
C PHE WA 408 -30.50 -10.22 36.65
N ARG WA 409 -31.47 -9.32 36.79
CA ARG WA 409 -31.65 -8.62 38.06
C ARG WA 409 -31.94 -9.59 39.20
N GLU WA 410 -32.78 -10.60 38.94
CA GLU WA 410 -33.09 -11.55 39.99
C GLU WA 410 -31.89 -12.40 40.37
N GLU WA 411 -31.11 -12.84 39.39
CA GLU WA 411 -30.07 -13.83 39.63
C GLU WA 411 -28.65 -13.29 39.60
N VAL WA 412 -28.41 -12.02 39.92
CA VAL WA 412 -27.04 -11.58 40.13
C VAL WA 412 -26.49 -12.16 41.43
N ALA WA 413 -27.28 -12.09 42.50
CA ALA WA 413 -26.77 -12.42 43.82
C ALA WA 413 -26.64 -13.93 44.03
N ARG WA 414 -27.44 -14.71 43.33
CA ARG WA 414 -27.47 -16.15 43.58
C ARG WA 414 -26.12 -16.77 43.24
N PRO WA 415 -25.48 -17.48 44.18
CA PRO WA 415 -24.16 -18.05 43.90
C PRO WA 415 -24.16 -19.11 42.81
N ASP WA 416 -25.31 -19.73 42.53
CA ASP WA 416 -25.39 -20.78 41.53
C ASP WA 416 -25.90 -20.29 40.18
N ALA WA 417 -26.19 -19.00 40.05
CA ALA WA 417 -26.83 -18.50 38.85
C ALA WA 417 -25.88 -18.55 37.66
N VAL WA 418 -26.46 -18.76 36.48
CA VAL WA 418 -25.75 -18.72 35.22
C VAL WA 418 -26.16 -17.45 34.49
N LEU WA 419 -25.20 -16.58 34.23
CA LEU WA 419 -25.46 -15.27 33.64
C LEU WA 419 -25.02 -15.28 32.19
N VAL WA 420 -25.91 -14.88 31.30
CA VAL WA 420 -25.64 -14.85 29.86
C VAL WA 420 -25.49 -13.41 29.42
N LYS WA 421 -24.35 -13.09 28.82
CA LYS WA 421 -23.99 -11.73 28.47
C LYS WA 421 -23.66 -11.63 26.99
N LYS WA 422 -23.93 -10.47 26.41
CA LYS WA 422 -23.65 -10.23 25.00
C LYS WA 422 -22.15 -10.16 24.77
N PRO WA 423 -21.68 -10.52 23.57
CA PRO WA 423 -20.23 -10.64 23.36
C PRO WA 423 -19.45 -9.35 23.60
N GLY WA 424 -19.77 -8.28 22.89
CA GLY WA 424 -18.97 -7.08 22.92
C GLY WA 424 -19.34 -6.04 23.96
N LYS WA 425 -20.27 -6.34 24.85
CA LYS WA 425 -20.73 -5.38 25.85
C LYS WA 425 -20.22 -5.83 27.21
N GLN WA 426 -19.42 -4.98 27.86
CA GLN WA 426 -18.80 -5.35 29.12
C GLN WA 426 -19.79 -5.25 30.27
N ILE WA 427 -19.65 -6.16 31.23
CA ILE WA 427 -20.39 -6.12 32.48
C ILE WA 427 -19.40 -5.96 33.62
N GLU WA 428 -19.64 -4.98 34.48
CA GLU WA 428 -18.82 -4.77 35.67
C GLU WA 428 -19.65 -5.14 36.90
N LEU WA 429 -19.41 -6.33 37.43
CA LEU WA 429 -20.03 -6.79 38.66
C LEU WA 429 -19.11 -6.46 39.84
N ASN WA 430 -19.71 -6.40 41.03
CA ASN WA 430 -18.98 -6.05 42.24
C ASN WA 430 -18.29 -4.69 42.09
N VAL WA 431 -19.09 -3.68 41.72
CA VAL WA 431 -18.54 -2.37 41.42
C VAL WA 431 -17.93 -1.74 42.67
N ASP WA 432 -18.68 -1.72 43.76
CA ASP WA 432 -18.22 -1.15 45.02
C ASP WA 432 -18.39 -2.20 46.10
N ARG WA 433 -17.28 -2.82 46.48
CA ARG WA 433 -17.31 -3.84 47.50
C ARG WA 433 -16.36 -3.48 48.64
N GLU WA 434 -15.20 -2.89 48.34
CA GLU WA 434 -14.32 -2.46 49.40
C GLU WA 434 -15.03 -1.56 50.39
N LEU WA 435 -16.17 -1.00 50.01
CA LEU WA 435 -16.98 -0.23 50.95
C LEU WA 435 -17.42 -1.08 52.13
N ALA WA 436 -17.58 -2.39 51.93
CA ALA WA 436 -17.89 -3.26 53.05
C ALA WA 436 -16.78 -3.24 54.09
N ALA WA 437 -15.53 -3.37 53.64
CA ALA WA 437 -14.40 -3.31 54.57
C ALA WA 437 -14.30 -1.93 55.20
N ALA WA 438 -14.55 -0.87 54.43
CA ALA WA 438 -14.49 0.48 54.99
C ALA WA 438 -15.53 0.67 56.09
N HIS WA 439 -16.76 0.18 55.86
CA HIS WA 439 -17.80 0.30 56.87
C HIS WA 439 -17.50 -0.56 58.09
N MET WA 440 -16.89 -1.73 57.88
CA MET WA 440 -16.47 -2.54 59.02
C MET WA 440 -15.42 -1.82 59.85
N ASP WA 441 -14.46 -1.17 59.19
CA ASP WA 441 -13.47 -0.39 59.92
C ASP WA 441 -14.11 0.77 60.67
N MET WA 442 -15.11 1.42 60.05
CA MET WA 442 -15.81 2.50 60.73
C MET WA 442 -16.54 2.00 61.97
N MET WA 443 -17.17 0.82 61.87
CA MET WA 443 -17.84 0.23 63.02
C MET WA 443 -16.84 -0.08 64.13
N SER WA 444 -15.69 -0.64 63.78
CA SER WA 444 -14.66 -0.92 64.78
C SER WA 444 -14.19 0.37 65.46
N ARG WA 445 -14.00 1.42 64.66
CA ARG WA 445 -13.57 2.70 65.21
C ARG WA 445 -14.61 3.28 66.15
N ASP WA 446 -15.89 3.13 65.80
CA ASP WA 446 -16.95 3.59 66.69
C ASP WA 446 -16.96 2.80 67.99
N ILE WA 447 -16.69 1.50 67.92
CA ILE WA 447 -16.55 0.70 69.12
C ILE WA 447 -15.42 1.23 69.99
N GLN WA 448 -14.29 1.55 69.36
CA GLN WA 448 -13.15 2.10 70.10
C GLN WA 448 -13.53 3.41 70.79
N MET WA 449 -14.26 4.28 70.09
CA MET WA 449 -14.68 5.53 70.71
C MET WA 449 -15.67 5.30 71.85
N LEU WA 450 -16.52 4.28 71.74
CA LEU WA 450 -17.33 3.90 72.90
C LEU WA 450 -16.47 3.49 74.07
N GLN WA 451 -15.37 2.76 73.81
CA GLN WA 451 -14.47 2.40 74.89
C GLN WA 451 -13.89 3.64 75.56
N GLN WA 452 -13.50 4.64 74.75
CA GLN WA 452 -12.88 5.83 75.33
C GLN WA 452 -13.88 6.67 76.10
N VAL WA 453 -15.06 6.90 75.53
CA VAL WA 453 -16.06 7.75 76.18
C VAL WA 453 -16.79 6.97 77.27
N THR WA 481 -14.50 4.19 86.22
CA THR WA 481 -14.62 4.35 87.66
C THR WA 481 -14.60 5.83 88.05
N VAL WA 482 -13.48 6.48 87.77
CA VAL WA 482 -13.35 7.90 88.09
C VAL WA 482 -14.28 8.74 87.22
N ALA WA 483 -14.45 8.34 85.96
CA ALA WA 483 -15.35 9.07 85.08
C ALA WA 483 -16.81 8.95 85.53
N THR WA 484 -17.17 7.81 86.11
CA THR WA 484 -18.52 7.52 86.54
C THR WA 484 -18.79 8.00 87.97
N ASN WA 485 -17.77 8.57 88.63
CA ASN WA 485 -17.87 8.90 90.05
C ASN WA 485 -19.01 9.86 90.36
N LYS WA 486 -19.46 10.66 89.39
CA LYS WA 486 -20.55 11.59 89.67
C LYS WA 486 -21.84 10.85 90.02
N LEU WA 487 -22.14 9.77 89.30
CA LEU WA 487 -23.33 8.99 89.60
C LEU WA 487 -23.24 8.37 90.99
N PHE WA 488 -22.07 7.84 91.35
CA PHE WA 488 -21.92 7.23 92.66
C PHE WA 488 -22.06 8.27 93.78
N ASP WA 489 -21.52 9.47 93.57
CA ASP WA 489 -21.67 10.51 94.58
C ASP WA 489 -23.11 11.00 94.68
N ASN WA 490 -23.82 11.07 93.55
CA ASN WA 490 -25.24 11.40 93.61
C ASN WA 490 -26.01 10.35 94.38
N LEU WA 491 -25.70 9.07 94.14
CA LEU WA 491 -26.31 8.00 94.91
C LEU WA 491 -26.00 8.14 96.39
N ARG WA 492 -24.77 8.49 96.72
CA ARG WA 492 -24.39 8.69 98.12
C ARG WA 492 -25.21 9.81 98.76
N PHE WA 493 -25.35 10.92 98.04
CA PHE WA 493 -26.11 12.07 98.53
C PHE WA 493 -27.57 11.68 98.79
N ALA WA 494 -28.18 10.97 97.84
CA ALA WA 494 -29.58 10.58 98.02
C ALA WA 494 -29.72 9.51 99.10
N VAL WA 495 -28.70 8.68 99.29
CA VAL WA 495 -28.72 7.70 100.37
C VAL WA 495 -28.70 8.40 101.71
N GLN WA 496 -27.89 9.45 101.84
CA GLN WA 496 -27.91 10.24 103.08
C GLN WA 496 -29.28 10.89 103.29
N MET WA 497 -29.88 11.39 102.22
CA MET WA 497 -31.25 11.90 102.32
C MET WA 497 -32.21 10.84 102.86
N GLN WA 498 -32.22 9.65 102.25
CA GLN WA 498 -33.17 8.63 102.67
C GLN WA 498 -32.88 8.17 104.09
N GLY WA 499 -31.61 8.15 104.49
CA GLY WA 499 -31.29 7.81 105.86
C GLY WA 499 -31.83 8.82 106.85
N GLU WA 500 -31.67 10.12 106.55
CA GLU WA 500 -32.21 11.14 107.43
C GLU WA 500 -33.73 11.03 107.53
N ILE WA 501 -34.40 10.85 106.39
CA ILE WA 501 -35.86 10.76 106.40
C ILE WA 501 -36.31 9.55 107.21
N GLN WA 502 -35.66 8.40 106.98
CA GLN WA 502 -36.04 7.21 107.73
C GLN WA 502 -35.83 7.41 109.22
N LEU WA 503 -34.68 7.95 109.62
CA LEU WA 503 -34.39 8.12 111.05
C LEU WA 503 -35.43 9.02 111.70
N SER WA 504 -35.84 10.08 111.00
CA SER WA 504 -36.94 10.90 111.51
C SER WA 504 -38.20 10.06 111.65
N LEU WA 505 -38.47 9.18 110.68
CA LEU WA 505 -39.67 8.35 110.75
C LEU WA 505 -39.64 7.42 111.96
N ILE WA 506 -38.51 6.77 112.23
CA ILE WA 506 -38.41 5.96 113.44
C ILE WA 506 -38.65 6.81 114.68
N GLU WA 507 -37.95 7.94 114.81
CA GLU WA 507 -38.12 8.73 116.03
C GLU WA 507 -39.56 9.21 116.19
N GLN WA 508 -40.28 9.32 115.07
CA GLN WA 508 -41.67 9.79 115.17
C GLN WA 508 -42.62 8.66 115.53
N PHE WA 509 -42.47 7.49 114.89
CA PHE WA 509 -43.54 6.51 114.84
C PHE WA 509 -43.24 5.19 115.55
N VAL WA 510 -42.18 5.10 116.35
CA VAL WA 510 -41.88 3.87 117.09
C VAL WA 510 -42.06 4.15 118.58
N THR WA 511 -42.63 3.19 119.28
CA THR WA 511 -42.67 3.24 120.74
C THR WA 511 -41.44 2.55 121.30
N GLU WA 512 -41.13 2.87 122.56
CA GLU WA 512 -39.97 2.27 123.21
C GLU WA 512 -40.14 0.76 123.37
N GLU WA 513 -41.39 0.31 123.48
CA GLU WA 513 -41.64 -1.12 123.56
C GLU WA 513 -41.24 -1.83 122.27
N LYS WA 514 -41.53 -1.22 121.12
CA LYS WA 514 -41.14 -1.81 119.85
C LYS WA 514 -39.63 -1.92 119.74
N THR WA 515 -38.91 -0.87 120.15
CA THR WA 515 -37.45 -0.93 120.14
C THR WA 515 -36.94 -1.99 121.10
N PHE WA 516 -37.55 -2.10 122.28
CA PHE WA 516 -37.11 -3.09 123.26
C PHE WA 516 -37.35 -4.51 122.76
N ARG WA 517 -38.41 -4.70 121.96
CA ARG WA 517 -38.63 -6.01 121.36
C ARG WA 517 -37.64 -6.28 120.24
N ILE WA 518 -37.42 -5.29 119.38
CA ILE WA 518 -36.47 -5.44 118.28
C ILE WA 518 -35.04 -5.48 118.81
N THR WA 519 -34.71 -4.58 119.72
CA THR WA 519 -33.35 -4.42 120.22
C THR WA 519 -33.32 -4.73 121.72
N ASN WA 520 -32.26 -5.40 122.15
CA ASN WA 520 -32.17 -5.82 123.55
C ASN WA 520 -32.18 -4.63 124.50
N GLU WA 521 -31.73 -3.47 124.04
CA GLU WA 521 -31.72 -2.28 124.88
C GLU WA 521 -33.12 -1.86 125.29
N LEU WA 534 -30.81 24.94 120.58
CA LEU WA 534 -30.69 23.95 119.52
C LEU WA 534 -31.74 24.19 118.44
N PRO WA 535 -31.43 23.79 117.21
CA PRO WA 535 -32.33 24.05 116.08
C PRO WA 535 -33.70 23.41 116.29
N GLU WA 536 -34.71 24.01 115.65
CA GLU WA 536 -36.08 23.53 115.82
C GLU WA 536 -36.36 22.29 114.99
N ASN WA 537 -35.74 22.19 113.81
CA ASN WA 537 -36.07 21.12 112.88
C ASN WA 537 -35.71 19.75 113.46
N ASP WA 538 -36.54 18.75 113.17
CA ASP WA 538 -36.26 17.39 113.59
C ASP WA 538 -34.98 16.87 112.94
N ILE WA 539 -34.82 17.13 111.64
CA ILE WA 539 -33.67 16.61 110.91
C ILE WA 539 -32.37 17.16 111.49
N VAL WA 540 -32.33 18.48 111.71
CA VAL WA 540 -31.12 19.10 112.26
C VAL WA 540 -30.89 18.65 113.69
N ARG WA 541 -31.97 18.54 114.48
CA ARG WA 541 -31.83 18.08 115.86
C ARG WA 541 -31.19 16.70 115.93
N THR WA 542 -31.68 15.76 115.12
CA THR WA 542 -31.11 14.42 115.12
C THR WA 542 -29.70 14.44 114.53
N LYS WA 543 -29.50 15.20 113.46
CA LYS WA 543 -28.23 15.14 112.75
C LYS WA 543 -27.13 15.84 113.54
N ALA WA 544 -27.51 16.59 114.57
CA ALA WA 544 -26.55 17.14 115.50
C ALA WA 544 -25.91 16.04 116.34
N ASP WA 545 -26.72 15.31 117.11
CA ASP WA 545 -26.17 14.29 118.00
C ASP WA 545 -25.72 13.06 117.23
N PHE WA 546 -26.52 12.60 116.27
CA PHE WA 546 -26.24 11.37 115.53
C PHE WA 546 -26.01 11.71 114.07
N ILE WA 547 -24.97 11.13 113.48
CA ILE WA 547 -24.67 11.30 112.06
C ILE WA 547 -24.78 9.95 111.39
N ILE WA 548 -25.09 9.96 110.10
CA ILE WA 548 -25.28 8.71 109.37
C ILE WA 548 -23.96 8.29 108.73
N GLY WA 549 -23.51 7.09 109.06
CA GLY WA 549 -22.32 6.52 108.45
C GLY WA 549 -22.68 5.23 107.74
N GLU WA 550 -21.76 4.78 106.89
CA GLU WA 550 -21.99 3.63 106.03
C GLU WA 550 -20.94 2.56 106.26
N SER WA 551 -21.38 1.31 106.30
CA SER WA 551 -20.52 0.15 106.26
C SER WA 551 -21.13 -0.83 105.26
N ASP WA 552 -20.38 -1.88 104.94
CA ASP WA 552 -20.90 -2.87 104.00
C ASP WA 552 -22.08 -3.60 104.62
N TRP WA 553 -22.78 -4.36 103.77
CA TRP WA 553 -24.06 -4.94 104.16
C TRP WA 553 -23.89 -5.88 105.34
N ARG WA 554 -22.97 -6.85 105.24
CA ARG WA 554 -22.48 -7.62 106.38
C ARG WA 554 -23.61 -8.32 107.16
N ALA WA 555 -24.67 -8.71 106.46
CA ALA WA 555 -25.82 -9.41 107.05
C ALA WA 555 -26.32 -8.60 108.24
N THR WA 556 -26.51 -9.20 109.41
CA THR WA 556 -27.02 -8.47 110.55
C THR WA 556 -25.99 -7.48 111.08
N TYR WA 557 -26.45 -6.55 111.92
CA TYR WA 557 -25.55 -5.60 112.55
C TYR WA 557 -24.51 -6.32 113.40
N ARG WA 558 -24.88 -7.43 114.03
CA ARG WA 558 -23.99 -8.12 114.94
C ARG WA 558 -22.75 -8.64 114.22
N GLN WA 559 -22.91 -9.06 112.96
CA GLN WA 559 -21.75 -9.51 112.20
C GLN WA 559 -20.77 -8.36 111.96
N ALA WA 560 -21.27 -7.19 111.61
CA ALA WA 560 -20.39 -6.03 111.43
C ALA WA 560 -19.73 -5.64 112.75
N ALA WA 561 -20.48 -5.73 113.85
CA ALA WA 561 -19.89 -5.46 115.17
C ALA WA 561 -18.75 -6.43 115.45
N SER WA 562 -18.96 -7.71 115.17
CA SER WA 562 -17.90 -8.70 115.39
C SER WA 562 -16.71 -8.44 114.49
N GLU WA 563 -16.95 -8.01 113.24
CA GLU WA 563 -15.84 -7.71 112.34
C GLU WA 563 -15.00 -6.56 112.87
N GLN WA 564 -15.65 -5.46 113.29
CA GLN WA 564 -14.90 -4.35 113.86
C GLN WA 564 -14.16 -4.76 115.12
N LEU WA 565 -14.81 -5.58 115.96
CA LEU WA 565 -14.19 -6.01 117.20
C LEU WA 565 -12.97 -6.88 116.93
N SER WA 566 -13.05 -7.77 115.94
CA SER WA 566 -11.91 -8.60 115.59
C SER WA 566 -10.77 -7.77 115.00
N GLN WA 567 -11.11 -6.76 114.20
CA GLN WA 567 -10.07 -5.85 113.71
C GLN WA 567 -9.37 -5.14 114.85
N MET WA 568 -10.14 -4.68 115.83
CA MET WA 568 -9.55 -4.02 116.99
C MET WA 568 -8.65 -4.99 117.76
N ILE WA 569 -9.08 -6.25 117.89
CA ILE WA 569 -8.24 -7.27 118.51
C ILE WA 569 -6.93 -7.40 117.75
N MET WA 570 -6.99 -7.51 116.42
CA MET WA 570 -5.79 -7.64 115.62
C MET WA 570 -4.86 -6.45 115.83
N LYS WA 571 -5.43 -5.26 116.06
CA LYS WA 571 -4.59 -4.11 116.38
C LYS WA 571 -4.04 -4.21 117.80
N MET WA 572 -4.76 -4.85 118.71
CA MET WA 572 -4.30 -4.96 120.10
C MET WA 572 -3.05 -5.83 120.18
N PRO WA 573 -2.21 -5.59 121.18
CA PRO WA 573 -1.10 -6.51 121.43
C PRO WA 573 -1.62 -7.83 121.96
N PRO WA 574 -0.78 -8.86 122.01
CA PRO WA 574 -1.22 -10.13 122.60
C PRO WA 574 -1.70 -9.98 124.04
N GLN WA 575 -1.07 -9.11 124.81
CA GLN WA 575 -1.53 -8.86 126.17
C GLN WA 575 -2.51 -7.68 126.19
N VAL WA 576 -3.75 -7.97 126.61
CA VAL WA 576 -5.00 -7.19 126.57
C VAL WA 576 -5.87 -7.86 125.51
N GLY WA 577 -5.26 -8.75 124.72
CA GLY WA 577 -6.00 -9.37 123.63
C GLY WA 577 -7.08 -10.34 124.07
N LEU WA 578 -6.94 -10.94 125.25
CA LEU WA 578 -7.84 -12.02 125.65
C LEU WA 578 -9.23 -11.50 126.03
N VAL WA 579 -9.29 -10.33 126.67
CA VAL WA 579 -10.60 -9.78 127.04
C VAL WA 579 -11.34 -9.31 125.79
N MET WA 580 -10.64 -8.63 124.89
CA MET WA 580 -11.22 -8.35 123.58
C MET WA 580 -11.65 -9.63 122.89
N LEU WA 581 -10.92 -10.72 123.14
CA LEU WA 581 -11.26 -11.99 122.52
C LEU WA 581 -12.57 -12.56 123.06
N ASP WA 582 -12.80 -12.43 124.38
CA ASP WA 582 -14.04 -12.98 124.91
C ASP WA 582 -15.23 -12.12 124.48
N LEU WA 583 -15.03 -10.80 124.34
CA LEU WA 583 -16.06 -9.99 123.67
C LEU WA 583 -16.32 -10.45 122.24
N TRP WA 584 -15.27 -10.75 121.49
CA TRP WA 584 -15.47 -11.18 120.11
C TRP WA 584 -16.21 -12.50 120.05
N ALA WA 585 -15.88 -13.43 120.95
CA ALA WA 585 -16.62 -14.68 121.02
C ALA WA 585 -18.07 -14.44 121.36
N ASP WA 586 -18.33 -13.49 122.27
CA ASP WA 586 -19.71 -13.15 122.61
C ASP WA 586 -20.47 -12.59 121.40
N SER WA 587 -19.83 -11.71 120.64
CA SER WA 587 -20.51 -11.09 119.50
C SER WA 587 -20.63 -12.06 118.33
N THR WA 588 -19.58 -12.82 118.03
CA THR WA 588 -19.57 -13.68 116.86
C THR WA 588 -20.61 -14.79 117.03
N ASP WA 589 -21.29 -15.10 115.92
CA ASP WA 589 -22.36 -16.10 115.92
C ASP WA 589 -21.73 -17.49 115.76
N LEU WA 590 -21.15 -17.98 116.85
CA LEU WA 590 -20.65 -19.35 116.87
C LEU WA 590 -21.83 -20.33 116.88
N PRO WA 591 -21.64 -21.52 116.31
CA PRO WA 591 -22.72 -22.53 116.38
C PRO WA 591 -23.10 -22.89 117.80
N ASN WA 592 -22.12 -22.97 118.69
CA ASN WA 592 -22.36 -23.13 120.12
C ASN WA 592 -21.70 -21.96 120.84
N ARG WA 593 -22.52 -21.01 121.29
CA ARG WA 593 -22.03 -19.71 121.73
C ARG WA 593 -21.94 -19.56 123.24
N ASP WA 594 -22.88 -20.12 123.99
CA ASP WA 594 -22.85 -19.97 125.44
C ASP WA 594 -21.61 -20.61 126.04
N GLU WA 595 -21.23 -21.79 125.55
CA GLU WA 595 -20.15 -22.53 126.18
C GLU WA 595 -18.79 -21.92 125.87
N ILE WA 596 -18.58 -21.48 124.62
CA ILE WA 596 -17.33 -20.80 124.29
C ILE WA 596 -17.18 -19.52 125.12
N VAL WA 597 -18.27 -18.75 125.22
CA VAL WA 597 -18.21 -17.52 126.03
C VAL WA 597 -17.87 -17.86 127.47
N LYS WA 598 -18.50 -18.91 128.01
CA LYS WA 598 -18.24 -19.29 129.40
C LYS WA 598 -16.78 -19.66 129.60
N ARG WA 599 -16.20 -20.42 128.65
CA ARG WA 599 -14.82 -20.86 128.81
C ARG WA 599 -13.82 -19.70 128.66
N ILE WA 600 -14.05 -18.84 127.67
CA ILE WA 600 -13.14 -17.71 127.49
C ILE WA 600 -13.21 -16.80 128.70
N ARG WA 601 -14.41 -16.66 129.29
CA ARG WA 601 -14.54 -15.91 130.54
C ARG WA 601 -13.80 -16.62 131.68
N GLN WA 602 -13.90 -17.94 131.75
CA GLN WA 602 -13.22 -18.69 132.81
C GLN WA 602 -11.73 -18.42 132.79
N ILE WA 603 -11.13 -18.50 131.60
CA ILE WA 603 -9.69 -18.26 131.50
C ILE WA 603 -9.37 -16.78 131.66
N ASN WA 604 -10.30 -15.90 131.27
CA ASN WA 604 -10.05 -14.47 131.40
C ASN WA 604 -10.47 -13.95 132.76
N GLY WA 605 -11.58 -14.47 133.30
CA GLY WA 605 -12.13 -13.96 134.55
C GLY WA 605 -13.05 -12.79 134.42
N MET WA 606 -13.45 -12.42 133.20
CA MET WA 606 -14.23 -11.21 132.99
C MET WA 606 -15.71 -11.47 133.19
N ARG WA 607 -16.46 -10.38 133.39
CA ARG WA 607 -17.89 -10.43 133.64
C ARG WA 607 -18.60 -9.43 132.73
N ASP WA 608 -19.69 -9.87 132.12
CA ASP WA 608 -20.51 -9.03 131.26
C ASP WA 608 -19.70 -8.35 130.15
N PRO WA 614 -23.56 -17.32 136.34
CA PRO WA 614 -22.27 -16.77 136.70
C PRO WA 614 -22.18 -16.52 138.20
N THR WA 615 -23.28 -16.78 138.91
CA THR WA 615 -23.30 -16.58 140.35
C THR WA 615 -22.34 -17.53 141.05
N PRO WA 616 -22.31 -18.79 140.63
CA PRO WA 616 -21.37 -19.75 141.21
C PRO WA 616 -19.94 -19.37 140.87
N GLU WA 617 -19.68 -18.97 139.63
CA GLU WA 617 -18.34 -18.56 139.23
C GLU WA 617 -17.91 -17.29 139.99
N GLU WA 618 -18.84 -16.35 140.16
CA GLU WA 618 -18.52 -15.14 140.91
C GLU WA 618 -18.16 -15.46 142.36
N LEU WA 619 -18.95 -16.33 143.00
CA LEU WA 619 -18.66 -16.71 144.38
C LEU WA 619 -17.32 -17.43 144.49
N GLN WA 620 -17.04 -18.35 143.54
CA GLN WA 620 -15.78 -19.07 143.57
C GLN WA 620 -14.60 -18.12 143.39
N GLN WA 621 -14.71 -17.18 142.45
CA GLN WA 621 -13.62 -16.24 142.22
C GLN WA 621 -13.40 -15.34 143.44
N GLN WA 622 -14.50 -14.85 144.03
CA GLN WA 622 -14.38 -13.99 145.21
C GLN WA 622 -13.75 -14.75 146.37
N GLN WA 623 -14.18 -15.99 146.60
CA GLN WA 623 -13.62 -16.79 147.68
C GLN WA 623 -12.13 -17.05 147.45
N ALA WA 624 -11.75 -17.40 146.22
CA ALA WA 624 -10.34 -17.66 145.92
C ALA WA 624 -9.50 -16.40 146.13
N ALA WA 625 -9.98 -15.26 145.65
CA ALA WA 625 -9.24 -14.01 145.81
C ALA WA 625 -9.09 -13.65 147.28
N ALA WA 626 -10.18 -13.76 148.04
CA ALA WA 626 -10.13 -13.42 149.46
C ALA WA 626 -9.18 -14.34 150.22
N GLU WA 627 -9.26 -15.65 149.94
CA GLU WA 627 -8.38 -16.59 150.61
C GLU WA 627 -6.91 -16.33 150.29
N GLN WA 628 -6.61 -16.09 149.01
CA GLN WA 628 -5.23 -15.83 148.62
C GLN WA 628 -4.71 -14.55 149.26
N ALA WA 629 -5.52 -13.49 149.26
CA ALA WA 629 -5.10 -12.23 149.84
C ALA WA 629 -4.88 -12.35 151.35
N GLN WA 630 -5.80 -13.05 152.03
CA GLN WA 630 -5.65 -13.24 153.47
C GLN WA 630 -4.41 -14.07 153.79
N ALA WA 631 -4.16 -15.12 153.01
CA ALA WA 631 -2.96 -15.93 153.23
C ALA WA 631 -1.70 -15.11 153.01
N GLN WA 632 -1.66 -14.29 151.96
CA GLN WA 632 -0.49 -13.46 151.71
C GLN WA 632 -0.27 -12.46 152.84
N LYS WA 633 -1.35 -11.83 153.31
CA LYS WA 633 -1.22 -10.88 154.40
C LYS WA 633 -0.74 -11.56 155.68
N ALA WA 634 -1.27 -12.75 155.97
CA ALA WA 634 -0.83 -13.49 157.16
C ALA WA 634 0.63 -13.89 157.05
N MET WA 635 1.06 -14.31 155.87
CA MET WA 635 2.47 -14.68 155.69
C MET WA 635 3.38 -13.46 155.85
N PHE WA 636 2.96 -12.31 155.31
CA PHE WA 636 3.75 -11.09 155.47
C PHE WA 636 3.83 -10.68 156.93
N MET WA 637 2.70 -10.78 157.65
CA MET WA 637 2.71 -10.45 159.07
C MET WA 637 3.61 -11.39 159.86
N ALA WA 638 3.58 -12.68 159.53
CA ALA WA 638 4.44 -13.64 160.21
C ALA WA 638 5.92 -13.35 159.94
N GLU WA 639 6.25 -13.00 158.69
CA GLU WA 639 7.63 -12.67 158.35
C GLU WA 639 8.08 -11.41 159.10
N LEU WA 640 7.23 -10.40 159.15
CA LEU WA 640 7.58 -9.18 159.89
C LEU WA 640 7.77 -9.47 161.37
N SER WA 641 6.89 -10.28 161.95
CA SER WA 641 7.03 -10.65 163.36
C SER WA 641 8.32 -11.41 163.60
N GLU WA 642 8.67 -12.32 162.68
CA GLU WA 642 9.91 -13.07 162.82
C GLU WA 642 11.12 -12.15 162.76
N LYS WA 643 11.12 -11.20 161.83
CA LYS WA 643 12.24 -10.27 161.73
C LYS WA 643 12.36 -9.40 162.98
N GLN WA 644 11.23 -8.87 163.47
CA GLN WA 644 11.26 -8.04 164.67
C GLN WA 644 11.72 -8.85 165.88
N GLY WA 645 11.25 -10.10 166.00
CA GLY WA 645 11.66 -10.94 167.12
C GLY WA 645 13.14 -11.29 167.04
N LYS WA 646 13.66 -11.51 165.83
CA LYS WA 646 15.09 -11.75 165.67
C LYS WA 646 15.90 -10.53 166.09
N ALA WA 647 15.43 -9.33 165.70
CA ALA WA 647 16.10 -8.11 166.14
C ALA WA 647 16.09 -7.97 167.65
N ASP WA 648 14.94 -8.25 168.27
CA ASP WA 648 14.85 -8.17 169.73
C ASP WA 648 15.78 -9.19 170.39
N LYS WA 649 15.85 -10.40 169.82
CA LYS WA 649 16.73 -11.43 170.36
C LYS WA 649 18.19 -11.00 170.27
N ALA WA 650 18.59 -10.41 169.14
CA ALA WA 650 19.97 -9.96 168.99
C ALA WA 650 20.27 -8.83 169.98
N GLN WA 651 19.34 -7.88 170.15
CA GLN WA 651 19.57 -6.79 171.09
C GLN WA 651 19.67 -7.29 172.52
N ALA WA 652 18.82 -8.25 172.90
CA ALA WA 652 18.87 -8.78 174.26
C ALA WA 652 20.11 -9.64 174.46
N ASP WA 653 20.57 -10.32 173.40
CA ASP WA 653 21.84 -11.03 173.48
C ASP WA 653 22.98 -10.04 173.70
N ALA WA 654 22.92 -8.88 173.06
CA ALA WA 654 23.91 -7.84 173.31
C ALA WA 654 23.86 -7.39 174.77
N VAL WA 655 22.66 -7.18 175.30
CA VAL WA 655 22.54 -6.78 176.71
C VAL WA 655 23.11 -7.86 177.64
N ALA WA 656 22.81 -9.12 177.35
CA ALA WA 656 23.31 -10.22 178.17
C ALA WA 656 24.84 -10.31 178.08
N ALA WA 657 25.39 -10.11 176.89
CA ALA WA 657 26.85 -10.12 176.74
C ALA WA 657 27.49 -8.99 177.53
N GLN WA 658 26.90 -7.80 177.50
CA GLN WA 658 27.43 -6.68 178.27
C GLN WA 658 27.37 -6.97 179.76
N ALA WA 659 26.26 -7.53 180.24
CA ALA WA 659 26.14 -7.85 181.66
C ALA WA 659 27.12 -8.94 182.08
N ASN WA 660 27.30 -9.95 181.22
CA ASN WA 660 28.29 -10.99 181.51
C ASN WA 660 29.70 -10.41 181.54
N ALA WA 661 29.98 -9.46 180.64
CA ALA WA 661 31.26 -8.76 180.68
C ALA WA 661 31.45 -8.03 182.00
N ASP WA 662 30.42 -7.33 182.46
CA ASP WA 662 30.50 -6.63 183.75
C ASP WA 662 30.74 -7.62 184.89
N LEU WA 663 30.03 -8.75 184.87
CA LEU WA 663 30.21 -9.75 185.92
C LEU WA 663 31.62 -10.33 185.91
N ARG WA 664 32.15 -10.62 184.72
CA ARG WA 664 33.51 -11.15 184.62
C ARG WA 664 34.53 -10.13 185.11
N ALA WA 665 34.33 -8.86 184.76
CA ALA WA 665 35.24 -7.82 185.23
C ALA WA 665 35.19 -7.69 186.75
N ALA WA 666 33.99 -7.76 187.33
CA ALA WA 666 33.86 -7.71 188.78
C ALA WA 666 34.54 -8.89 189.44
N GLN WA 667 34.38 -10.09 188.88
CA GLN WA 667 35.04 -11.27 189.42
C GLN WA 667 36.55 -11.14 189.35
N ALA WA 668 37.07 -10.62 188.23
CA ALA WA 668 38.50 -10.41 188.10
C ALA WA 668 39.00 -9.40 189.13
N GLU WA 669 38.25 -8.31 189.32
CA GLU WA 669 38.65 -7.31 190.31
C GLU WA 669 38.66 -7.90 191.72
N GLN WA 670 37.66 -8.72 192.04
CA GLN WA 670 37.64 -9.36 193.35
C GLN WA 670 38.81 -10.32 193.52
N VAL WA 671 39.12 -11.10 192.49
CA VAL WA 671 40.22 -12.06 192.57
C VAL WA 671 41.56 -11.35 192.71
N ARG WA 672 41.75 -10.23 192.01
CA ARG WA 672 43.02 -9.52 192.05
C ARG WA 672 43.33 -9.02 193.45
N ARG WA 673 42.33 -8.48 194.14
CA ARG WA 673 42.53 -7.97 195.50
C ARG WA 673 42.66 -9.12 196.49
N VAL XA 4 -18.82 93.02 -74.53
CA VAL XA 4 -17.89 92.88 -75.64
C VAL XA 4 -17.86 91.44 -76.12
N GLN XA 5 -18.61 91.17 -77.19
CA GLN XA 5 -18.67 89.81 -77.73
C GLN XA 5 -17.38 89.44 -78.42
N PHE XA 6 -17.21 88.14 -78.66
CA PHE XA 6 -15.97 87.62 -79.20
C PHE XA 6 -16.25 86.67 -80.38
N ALA XA 7 -15.26 86.50 -81.24
CA ALA XA 7 -15.39 85.70 -82.45
C ALA XA 7 -14.52 84.46 -82.34
N ASN XA 8 -14.86 83.44 -83.13
CA ASN XA 8 -14.16 82.17 -83.11
C ASN XA 8 -13.86 81.68 -84.53
N ASN XA 9 -12.60 81.79 -84.94
CA ASN XA 9 -12.13 81.25 -86.21
C ASN XA 9 -12.93 81.78 -87.38
N ALA XA 10 -12.88 83.10 -87.59
CA ALA XA 10 -13.60 83.75 -88.68
C ALA XA 10 -12.63 84.59 -89.48
N ALA XA 11 -12.37 84.18 -90.72
CA ALA XA 11 -11.52 84.92 -91.65
C ALA XA 11 -12.36 85.29 -92.86
N SER XA 12 -12.41 86.59 -93.19
CA SER XA 12 -13.27 87.10 -94.24
C SER XA 12 -12.44 87.86 -95.25
N ARG XA 13 -12.73 87.66 -96.54
CA ARG XA 13 -12.12 88.47 -97.59
C ARG XA 13 -12.86 89.80 -97.69
N LEU XA 14 -12.10 90.89 -97.60
CA LEU XA 14 -12.68 92.24 -97.65
C LEU XA 14 -12.94 92.58 -99.10
N VAL XA 15 -14.13 92.23 -99.59
CA VAL XA 15 -14.42 92.31 -101.02
C VAL XA 15 -14.52 93.76 -101.47
N GLY XA 16 -15.18 94.61 -100.69
CA GLY XA 16 -15.38 95.99 -101.06
C GLY XA 16 -14.25 96.87 -100.59
N PRO XA 17 -13.61 97.58 -101.52
CA PRO XA 17 -12.44 98.40 -101.15
C PRO XA 17 -12.81 99.45 -100.11
N LEU XA 18 -11.92 99.61 -99.14
CA LEU XA 18 -12.16 100.46 -97.98
C LEU XA 18 -11.20 101.64 -97.99
N ALA XA 19 -11.75 102.84 -97.97
CA ALA XA 19 -10.94 104.06 -97.95
C ALA XA 19 -10.27 104.22 -96.58
N PRO XA 20 -9.17 104.98 -96.50
CA PRO XA 20 -8.55 105.20 -95.19
C PRO XA 20 -9.47 105.85 -94.18
N SER XA 21 -10.43 106.65 -94.64
CA SER XA 21 -11.53 107.13 -93.82
C SER XA 21 -12.80 106.45 -94.33
N GLY XA 22 -13.05 105.24 -93.82
CA GLY XA 22 -14.19 104.46 -94.26
C GLY XA 22 -15.13 104.10 -93.13
N THR XA 23 -16.44 104.32 -93.35
CA THR XA 23 -17.41 104.05 -92.29
C THR XA 23 -17.77 102.58 -92.23
N SER XA 24 -17.63 101.85 -93.34
CA SER XA 24 -18.06 100.46 -93.40
C SER XA 24 -17.20 99.68 -94.38
N LEU XA 25 -17.19 98.36 -94.19
CA LEU XA 25 -16.56 97.43 -95.11
C LEU XA 25 -17.52 96.26 -95.36
N THR XA 26 -17.19 95.45 -96.36
CA THR XA 26 -18.05 94.33 -96.76
C THR XA 26 -17.25 93.04 -96.72
N VAL XA 27 -17.72 92.09 -95.92
CA VAL XA 27 -17.18 90.74 -95.90
C VAL XA 27 -17.82 89.91 -97.00
N THR XA 28 -17.27 88.74 -97.28
CA THR XA 28 -17.87 87.85 -98.26
C THR XA 28 -19.25 87.38 -97.80
N PRO XA 29 -20.14 87.06 -98.74
CA PRO XA 29 -21.48 86.58 -98.33
C PRO XA 29 -21.42 85.32 -97.47
N GLY XA 30 -20.50 84.40 -97.76
CA GLY XA 30 -20.42 83.18 -96.98
C GLY XA 30 -19.94 83.42 -95.56
N ASP XA 31 -18.96 84.31 -95.40
CA ASP XA 31 -18.33 84.51 -94.10
C ASP XA 31 -19.07 85.49 -93.22
N GLY XA 32 -20.16 86.09 -93.70
CA GLY XA 32 -20.89 87.04 -92.88
C GLY XA 32 -21.48 86.42 -91.63
N ALA XA 33 -22.10 85.23 -91.78
CA ALA XA 33 -22.72 84.58 -90.64
C ALA XA 33 -21.68 83.93 -89.73
N LEU XA 34 -20.47 83.72 -90.25
CA LEU XA 34 -19.43 83.07 -89.46
C LEU XA 34 -19.01 83.95 -88.29
N PHE XA 35 -18.96 85.27 -88.50
CA PHE XA 35 -18.65 86.17 -87.40
C PHE XA 35 -19.82 86.19 -86.41
N PRO XA 36 -19.61 86.65 -85.18
CA PRO XA 36 -20.71 86.68 -84.21
C PRO XA 36 -21.88 87.56 -84.68
N THR XA 37 -22.99 87.41 -83.97
CA THR XA 37 -24.23 88.08 -84.37
C THR XA 37 -24.19 89.56 -84.04
N LEU XA 38 -23.71 89.91 -82.85
CA LEU XA 38 -23.70 91.28 -82.33
C LEU XA 38 -25.11 91.82 -82.11
N GLY XA 39 -25.18 93.07 -81.66
CA GLY XA 39 -26.43 93.76 -81.35
C GLY XA 39 -26.12 95.20 -81.01
N ALA XA 40 -27.15 95.94 -80.63
CA ALA XA 40 -26.94 97.32 -80.22
C ALA XA 40 -26.14 97.41 -78.93
N GLY XA 41 -25.05 98.19 -78.95
CA GLY XA 41 -24.20 98.35 -77.78
C GLY XA 41 -23.23 97.22 -77.51
N ASP XA 42 -23.18 96.21 -78.37
CA ASP XA 42 -22.26 95.08 -78.19
C ASP XA 42 -21.36 95.00 -79.42
N TRP XA 43 -20.06 94.81 -79.18
CA TRP XA 43 -19.07 94.93 -80.24
C TRP XA 43 -17.94 93.92 -80.06
N PHE XA 44 -17.25 93.64 -81.15
CA PHE XA 44 -16.03 92.84 -81.14
C PHE XA 44 -14.98 93.52 -82.01
N MET XA 45 -13.74 93.53 -81.54
CA MET XA 45 -12.65 94.11 -82.31
C MET XA 45 -12.06 93.07 -83.25
N ALA XA 46 -11.64 93.52 -84.44
CA ALA XA 46 -11.06 92.66 -85.45
C ALA XA 46 -9.78 93.29 -85.97
N THR XA 47 -8.84 92.44 -86.38
CA THR XA 47 -7.57 92.88 -86.93
C THR XA 47 -7.63 92.77 -88.45
N LEU XA 48 -7.48 93.90 -89.13
CA LEU XA 48 -7.49 93.95 -90.58
C LEU XA 48 -6.07 93.73 -91.09
N ILE XA 49 -5.83 92.59 -91.72
CA ILE XA 49 -4.52 92.24 -92.24
C ILE XA 49 -4.51 92.47 -93.74
N ARG XA 50 -3.80 93.50 -94.18
CA ARG XA 50 -3.63 93.76 -95.59
C ARG XA 50 -2.62 92.80 -96.20
N SER XA 51 -2.41 92.93 -97.50
CA SER XA 51 -1.29 92.25 -98.14
C SER XA 51 0.01 92.75 -97.53
N ASP XA 52 0.99 91.86 -97.42
CA ASP XA 52 2.26 92.12 -96.75
C ASP XA 52 2.03 92.24 -95.25
N GLY XA 53 2.94 92.90 -94.54
CA GLY XA 53 2.88 92.89 -93.08
C GLY XA 53 1.91 93.90 -92.51
N ALA XA 54 1.24 94.66 -93.36
CA ALA XA 54 0.32 95.70 -92.89
C ALA XA 54 -0.86 95.10 -92.13
N ARG XA 55 -1.00 95.49 -90.87
CA ARG XA 55 -2.12 95.07 -90.03
C ARG XA 55 -2.67 96.27 -89.29
N GLU XA 56 -4.00 96.40 -89.27
CA GLU XA 56 -4.70 97.46 -88.58
C GLU XA 56 -5.85 96.86 -87.78
N ILE XA 57 -6.23 97.53 -86.69
CA ILE XA 57 -7.24 97.01 -85.78
C ILE XA 57 -8.43 97.97 -85.77
N VAL XA 58 -9.64 97.40 -85.77
CA VAL XA 58 -10.87 98.16 -85.89
C VAL XA 58 -11.88 97.71 -84.86
N LYS XA 59 -12.98 98.47 -84.78
CA LYS XA 59 -14.08 98.21 -83.85
C LYS XA 59 -15.37 98.04 -84.66
N VAL XA 60 -16.05 96.92 -84.43
CA VAL XA 60 -17.29 96.60 -85.13
C VAL XA 60 -18.45 97.07 -84.27
N THR XA 61 -19.04 98.22 -84.63
CA THR XA 61 -20.23 98.68 -83.93
C THR XA 61 -21.39 97.69 -84.13
N SER XA 62 -21.61 97.25 -85.36
CA SER XA 62 -22.65 96.27 -85.64
C SER XA 62 -22.47 95.72 -87.05
N ARG XA 63 -23.16 94.60 -87.32
CA ARG XA 63 -23.22 94.00 -88.65
C ARG XA 63 -24.67 93.95 -89.11
N THR XA 64 -24.90 94.21 -90.40
CA THR XA 64 -26.18 93.93 -91.05
C THR XA 64 -25.93 92.98 -92.21
N VAL XA 65 -26.40 91.74 -92.07
CA VAL XA 65 -26.25 90.68 -93.07
C VAL XA 65 -24.77 90.53 -93.38
N ASP XA 66 -24.34 90.93 -94.57
CA ASP XA 66 -22.95 90.82 -94.99
C ASP XA 66 -22.24 92.17 -95.03
N ALA XA 67 -22.91 93.24 -94.61
CA ALA XA 67 -22.34 94.57 -94.55
C ALA XA 67 -21.82 94.79 -93.14
N MET XA 68 -20.64 95.40 -93.03
CA MET XA 68 -19.91 95.47 -91.77
C MET XA 68 -19.69 96.93 -91.38
N SER XA 69 -20.37 97.38 -90.34
CA SER XA 69 -20.16 98.72 -89.84
C SER XA 69 -18.89 98.76 -88.99
N ILE XA 70 -18.03 99.73 -89.28
CA ILE XA 70 -16.68 99.74 -88.74
C ILE XA 70 -16.30 101.13 -88.27
N THR XA 71 -15.34 101.19 -87.34
CA THR XA 71 -14.69 102.41 -86.89
C THR XA 71 -13.19 102.16 -86.82
N ARG XA 72 -12.40 103.21 -87.01
CA ARG XA 72 -10.96 103.06 -87.17
C ARG XA 72 -10.20 103.53 -85.93
N ALA XA 73 -8.94 103.10 -85.84
CA ALA XA 73 -7.98 103.61 -84.86
C ALA XA 73 -8.45 103.41 -83.42
N GLN XA 74 -8.57 102.15 -83.00
CA GLN XA 74 -8.98 101.88 -81.63
C GLN XA 74 -7.78 101.68 -80.72
N GLU XA 75 -6.86 100.80 -81.12
CA GLU XA 75 -5.61 100.60 -80.38
C GLU XA 75 -4.61 101.72 -80.64
N GLY XA 76 -4.82 102.51 -81.69
CA GLY XA 76 -3.87 103.53 -82.10
C GLY XA 76 -3.22 103.28 -83.44
N SER XA 77 -3.61 102.21 -84.14
CA SER XA 77 -3.07 101.96 -85.46
C SER XA 77 -3.52 103.03 -86.45
N SER XA 78 -2.58 103.48 -87.27
CA SER XA 78 -2.88 104.52 -88.24
C SER XA 78 -3.81 103.99 -89.33
N ALA XA 79 -4.71 104.86 -89.79
CA ALA XA 79 -5.64 104.48 -90.86
C ALA XA 79 -4.90 104.40 -92.19
N LEU XA 80 -5.20 103.34 -92.96
CA LEU XA 80 -4.58 103.12 -94.25
C LEU XA 80 -5.66 102.78 -95.27
N SER XA 81 -5.32 102.97 -96.55
CA SER XA 81 -6.22 102.56 -97.62
C SER XA 81 -6.16 101.04 -97.78
N PHE XA 82 -7.29 100.45 -98.15
CA PHE XA 82 -7.43 99.01 -98.24
C PHE XA 82 -7.82 98.58 -99.64
N ASN XA 83 -7.05 97.66 -100.21
CA ASN XA 83 -7.35 97.03 -101.49
C ASN XA 83 -8.51 96.05 -101.32
N PRO XA 84 -9.17 95.65 -102.41
CA PRO XA 84 -10.36 94.80 -102.26
C PRO XA 84 -10.03 93.34 -101.98
N ASN XA 85 -8.80 93.02 -101.59
CA ASN XA 85 -8.44 91.70 -101.11
C ASN XA 85 -7.72 91.84 -99.78
N ASP XA 86 -8.41 91.51 -98.68
CA ASP XA 86 -7.86 91.71 -97.35
C ASP XA 86 -8.43 90.63 -96.43
N ARG XA 87 -7.93 90.60 -95.19
CA ARG XA 87 -8.31 89.60 -94.22
C ARG XA 87 -8.90 90.26 -92.99
N ILE XA 88 -10.04 89.75 -92.53
CA ILE XA 88 -10.66 90.17 -91.28
C ILE XA 88 -10.71 88.96 -90.37
N GLU XA 89 -9.77 88.89 -89.43
CA GLU XA 89 -9.66 87.73 -88.56
C GLU XA 89 -8.89 88.12 -87.30
N ALA XA 90 -8.86 87.18 -86.35
CA ALA XA 90 -8.10 87.26 -85.12
C ALA XA 90 -8.66 88.31 -84.17
N ARG XA 91 -8.27 88.22 -82.90
CA ARG XA 91 -8.74 89.10 -81.85
C ARG XA 91 -7.53 89.76 -81.21
N LEU XA 92 -7.60 91.07 -81.01
CA LEU XA 92 -6.47 91.84 -80.51
C LEU XA 92 -6.34 91.63 -79.00
N THR XA 93 -5.27 90.94 -78.60
CA THR XA 93 -5.08 90.57 -77.21
C THR XA 93 -4.88 91.80 -76.32
N ALA XA 94 -4.22 92.82 -76.87
CA ALA XA 94 -3.88 94.00 -76.07
C ALA XA 94 -5.10 94.59 -75.39
N GLY XA 95 -6.07 95.04 -76.18
CA GLY XA 95 -7.23 95.71 -75.61
C GLY XA 95 -8.06 94.80 -74.71
N GLU XA 96 -8.33 93.57 -75.18
CA GLU XA 96 -9.21 92.68 -74.45
C GLU XA 96 -8.61 92.25 -73.12
N LEU XA 97 -7.36 91.79 -73.12
CA LEU XA 97 -6.74 91.36 -71.86
C LEU XA 97 -6.42 92.55 -70.96
N GLY XA 98 -6.12 93.71 -71.54
CA GLY XA 98 -5.98 94.90 -70.72
C GLY XA 98 -7.27 95.24 -70.00
N ASP XA 99 -8.39 95.19 -70.72
CA ASP XA 99 -9.69 95.39 -70.09
C ASP XA 99 -9.97 94.33 -69.03
N PHE XA 100 -9.57 93.09 -69.29
CA PHE XA 100 -9.78 92.02 -68.31
C PHE XA 100 -9.01 92.29 -67.03
N ARG XA 101 -7.73 92.65 -67.15
CA ARG XA 101 -6.91 92.99 -66.00
C ARG XA 101 -7.46 94.19 -65.24
N ASP XA 102 -7.89 95.22 -65.95
CA ASP XA 102 -8.50 96.37 -65.28
C ASP XA 102 -9.79 95.98 -64.57
N GLY XA 103 -10.62 95.14 -65.20
CA GLY XA 103 -11.89 94.77 -64.60
C GLY XA 103 -11.75 93.92 -63.36
N ILE XA 104 -10.82 92.97 -63.37
CA ILE XA 104 -10.64 92.13 -62.18
C ILE XA 104 -10.15 92.97 -61.00
N ALA XA 105 -9.21 93.89 -61.26
CA ALA XA 105 -8.74 94.79 -60.20
C ALA XA 105 -9.85 95.71 -59.72
N SER XA 106 -10.68 96.21 -60.64
CA SER XA 106 -11.80 97.06 -60.24
C SER XA 106 -12.79 96.29 -59.37
N ALA XA 107 -13.07 95.04 -59.73
CA ALA XA 107 -13.98 94.22 -58.94
C ALA XA 107 -13.41 93.98 -57.55
N GLN XA 108 -12.11 93.67 -57.46
CA GLN XA 108 -11.49 93.46 -56.16
C GLN XA 108 -11.54 94.72 -55.31
N SER XA 109 -11.25 95.87 -55.92
CA SER XA 109 -11.29 97.13 -55.18
C SER XA 109 -12.71 97.46 -54.72
N ALA XA 110 -13.70 97.21 -55.57
CA ALA XA 110 -15.09 97.45 -55.19
C ALA XA 110 -15.51 96.55 -54.04
N ALA XA 111 -15.09 95.28 -54.09
CA ALA XA 111 -15.40 94.37 -52.99
C ALA XA 111 -14.74 94.81 -51.69
N SER XA 112 -13.49 95.28 -51.77
CA SER XA 112 -12.81 95.79 -50.59
C SER XA 112 -13.51 97.02 -50.02
N ALA XA 113 -13.96 97.92 -50.91
CA ALA XA 113 -14.70 99.09 -50.46
C ALA XA 113 -16.02 98.69 -49.81
N ALA XA 114 -16.68 97.67 -50.37
CA ALA XA 114 -17.92 97.17 -49.77
C ALA XA 114 -17.66 96.60 -48.38
N GLN XA 115 -16.57 95.85 -48.23
CA GLN XA 115 -16.20 95.33 -46.92
C GLN XA 115 -15.96 96.47 -45.93
N GLY XA 116 -15.25 97.51 -46.37
CA GLY XA 116 -15.00 98.64 -45.50
C GLY XA 116 -16.28 99.36 -45.08
N THR XA 117 -17.20 99.55 -46.03
CA THR XA 117 -18.47 100.19 -45.71
C THR XA 117 -19.30 99.33 -44.76
N ALA XA 118 -19.28 98.01 -44.96
CA ALA XA 118 -20.00 97.12 -44.06
C ALA XA 118 -19.43 97.16 -42.66
N ASP XA 119 -18.10 97.21 -42.54
CA ASP XA 119 -17.45 97.31 -41.23
C ASP XA 119 -17.64 98.70 -40.63
N ALA YA 2 30.67 36.52 -42.44
CA ALA YA 2 31.43 37.64 -42.96
C ALA YA 2 31.43 37.63 -44.49
N PHE YA 3 30.56 36.82 -45.05
CA PHE YA 3 30.47 36.74 -46.51
C PHE YA 3 29.77 37.98 -47.06
N PRO YA 4 30.21 38.49 -48.22
CA PRO YA 4 29.50 39.59 -48.85
C PRO YA 4 28.19 39.13 -49.47
N ALA YA 5 27.32 40.10 -49.77
CA ALA YA 5 26.07 39.79 -50.44
C ALA YA 5 26.25 39.30 -51.86
N SER YA 6 27.40 39.61 -52.48
CA SER YA 6 27.61 39.28 -53.89
C SER YA 6 27.49 37.78 -54.13
N VAL YA 7 28.04 36.97 -53.22
CA VAL YA 7 28.00 35.53 -53.41
C VAL YA 7 26.56 35.02 -53.39
N VAL YA 8 25.76 35.52 -52.46
CA VAL YA 8 24.37 35.06 -52.36
C VAL YA 8 23.56 35.53 -53.56
N LEU YA 9 23.83 36.74 -54.04
CA LEU YA 9 23.18 37.17 -55.28
C LEU YA 9 23.57 36.27 -56.44
N SER YA 10 24.84 35.84 -56.49
CA SER YA 10 25.25 34.89 -57.52
C SER YA 10 24.48 33.58 -57.42
N ARG YA 11 24.32 33.07 -56.19
CA ARG YA 11 23.54 31.85 -56.01
C ARG YA 11 22.11 32.04 -56.52
N ALA YA 12 21.45 33.11 -56.08
CA ALA YA 12 20.07 33.35 -56.47
C ALA YA 12 19.94 33.52 -57.98
N ALA YA 13 20.94 34.12 -58.61
CA ALA YA 13 20.93 34.26 -60.06
C ALA YA 13 21.18 32.92 -60.73
N THR YA 14 21.83 32.00 -60.04
CA THR YA 14 22.04 30.66 -60.55
C THR YA 14 20.80 29.76 -60.43
N LEU YA 15 20.06 29.84 -59.33
CA LEU YA 15 18.91 28.96 -59.14
C LEU YA 15 17.77 29.34 -60.08
N LEU YA 16 17.22 30.53 -59.89
CA LEU YA 16 16.37 31.10 -60.92
C LEU YA 16 17.19 31.23 -62.20
N GLN YA 17 16.60 30.82 -63.31
CA GLN YA 17 17.36 30.76 -64.56
C GLN YA 17 17.49 32.15 -65.17
N ASP YA 18 17.96 33.08 -64.31
CA ASP YA 18 18.18 34.47 -64.65
C ASP YA 18 19.54 34.88 -64.05
N GLU YA 19 20.61 34.69 -64.83
CA GLU YA 19 21.93 35.11 -64.37
C GLU YA 19 22.18 36.58 -64.65
N ASP YA 20 21.49 37.16 -65.63
CA ASP YA 20 21.75 38.53 -66.01
C ASP YA 20 21.07 39.54 -65.09
N HIS YA 21 20.24 39.05 -64.16
CA HIS YA 21 19.49 39.88 -63.20
C HIS YA 21 18.53 40.83 -63.90
N GLU YA 22 18.11 40.52 -65.13
CA GLU YA 22 17.26 41.41 -65.90
C GLU YA 22 15.82 41.42 -65.38
N ARG YA 23 15.33 40.28 -64.92
CA ARG YA 23 13.95 40.22 -64.43
C ARG YA 23 13.90 40.40 -62.92
N TRP YA 24 14.59 39.54 -62.18
CA TRP YA 24 14.77 39.71 -60.75
C TRP YA 24 15.94 40.65 -60.55
N THR YA 25 15.64 41.94 -60.39
CA THR YA 25 16.67 42.96 -60.32
C THR YA 25 17.56 42.77 -59.10
N VAL YA 26 18.80 43.26 -59.23
CA VAL YA 26 19.78 43.08 -58.16
C VAL YA 26 19.31 43.77 -56.89
N ASP YA 27 18.60 44.89 -57.02
CA ASP YA 27 18.02 45.53 -55.85
C ASP YA 27 16.99 44.61 -55.19
N GLU YA 28 16.17 43.93 -56.00
CA GLU YA 28 15.17 43.03 -55.44
C GLU YA 28 15.83 41.84 -54.75
N LEU YA 29 16.90 41.31 -55.33
CA LEU YA 29 17.60 40.19 -54.69
C LEU YA 29 18.29 40.61 -53.42
N LEU YA 30 18.87 41.82 -53.40
CA LEU YA 30 19.44 42.35 -52.16
C LEU YA 30 18.36 42.52 -51.10
N GLU YA 31 17.18 42.97 -51.50
CA GLU YA 31 16.05 43.05 -50.59
C GLU YA 31 15.69 41.68 -50.03
N TRP YA 32 15.63 40.67 -50.89
CA TRP YA 32 15.29 39.34 -50.37
C TRP YA 32 16.39 38.85 -49.45
N LEU YA 33 17.64 39.20 -49.73
CA LEU YA 33 18.74 38.83 -48.85
C LEU YA 33 18.56 39.46 -47.47
N THR YA 34 18.23 40.75 -47.40
CA THR YA 34 18.10 41.38 -46.10
C THR YA 34 16.88 40.84 -45.35
N ASP YA 35 15.78 40.60 -46.06
CA ASP YA 35 14.61 39.99 -45.41
C ASP YA 35 14.96 38.62 -44.87
N GLY YA 36 15.72 37.84 -45.63
CA GLY YA 36 16.14 36.53 -45.16
C GLY YA 36 17.03 36.61 -43.94
N THR YA 37 17.95 37.60 -43.93
CA THR YA 37 18.80 37.76 -42.75
C THR YA 37 17.95 38.04 -41.51
N ARG YA 38 16.99 38.97 -41.62
CA ARG YA 38 16.08 39.21 -40.51
C ARG YA 38 15.33 37.95 -40.10
N GLU YA 39 14.85 37.20 -41.09
CA GLU YA 39 14.01 36.03 -40.79
C GLU YA 39 14.81 34.94 -40.09
N ILE YA 40 16.02 34.67 -40.55
CA ILE YA 40 16.84 33.66 -39.87
C ILE YA 40 17.25 34.13 -38.49
N VAL YA 41 17.50 35.43 -38.33
CA VAL YA 41 17.83 35.93 -37.00
C VAL YA 41 16.66 35.71 -36.05
N VAL YA 42 15.43 35.91 -36.53
CA VAL YA 42 14.27 35.68 -35.69
C VAL YA 42 14.09 34.19 -35.40
N ARG YA 43 14.11 33.36 -36.45
CA ARG YA 43 13.84 31.94 -36.26
C ARG YA 43 14.87 31.31 -35.34
N LYS YA 44 16.15 31.58 -35.57
CA LYS YA 44 17.24 31.11 -34.72
C LYS YA 44 18.02 32.30 -34.23
N PRO YA 45 17.81 32.75 -32.99
CA PRO YA 45 18.53 33.93 -32.48
C PRO YA 45 20.02 33.76 -32.48
N SER YA 46 20.54 32.53 -32.43
CA SER YA 46 21.97 32.31 -32.40
C SER YA 46 22.65 32.70 -33.71
N ALA YA 47 21.87 32.97 -34.76
CA ALA YA 47 22.46 33.29 -36.06
C ALA YA 47 23.28 34.57 -36.00
N TYR YA 48 22.77 35.61 -35.31
CA TYR YA 48 23.42 36.93 -35.27
C TYR YA 48 23.20 37.53 -33.88
N MET YA 49 24.20 37.38 -33.02
CA MET YA 49 24.21 37.99 -31.70
C MET YA 49 25.49 38.80 -31.55
N LYS YA 50 25.36 40.12 -31.50
CA LYS YA 50 26.51 41.00 -31.44
C LYS YA 50 26.56 41.66 -30.05
N THR YA 51 27.69 41.52 -29.38
CA THR YA 51 27.88 42.12 -28.06
C THR YA 51 28.20 43.60 -28.25
N THR YA 52 27.25 44.45 -27.91
CA THR YA 52 27.38 45.89 -28.10
C THR YA 52 27.45 46.59 -26.75
N THR YA 53 28.38 47.51 -26.62
CA THR YA 53 28.44 48.35 -25.43
C THR YA 53 27.54 49.57 -25.62
N ALA YA 54 26.64 49.78 -24.67
CA ALA YA 54 25.63 50.82 -24.79
C ALA YA 54 25.58 51.64 -23.52
N ALA YA 55 25.58 52.96 -23.67
CA ALA YA 55 25.38 53.85 -22.54
C ALA YA 55 23.94 53.76 -22.05
N LEU YA 56 23.77 53.93 -20.75
CA LEU YA 56 22.46 53.80 -20.11
C LEU YA 56 22.02 55.16 -19.57
N VAL YA 57 20.83 55.60 -19.99
CA VAL YA 57 20.28 56.84 -19.48
C VAL YA 57 20.09 56.74 -17.98
N ALA YA 58 20.41 57.81 -17.26
CA ALA YA 58 20.28 57.82 -15.82
C ALA YA 58 18.84 57.51 -15.41
N GLY YA 59 18.70 56.59 -14.46
CA GLY YA 59 17.38 56.15 -14.04
C GLY YA 59 17.21 54.64 -14.15
N SER YA 60 16.19 54.11 -13.47
CA SER YA 60 15.95 52.67 -13.52
C SER YA 60 15.55 52.21 -14.92
N LYS YA 61 14.71 52.99 -15.59
CA LYS YA 61 14.21 52.59 -16.90
C LYS YA 61 15.32 52.72 -17.95
N GLN YA 62 15.41 51.70 -18.79
CA GLN YA 62 16.35 51.79 -19.89
C GLN YA 62 15.68 51.26 -21.14
N ALA YA 63 16.24 51.55 -22.29
CA ALA YA 63 15.74 51.11 -23.58
C ALA YA 63 16.83 50.36 -24.33
N LEU YA 64 16.47 49.20 -24.86
CA LEU YA 64 17.37 48.44 -25.70
C LEU YA 64 17.72 49.24 -26.95
N PRO YA 65 18.91 49.06 -27.50
CA PRO YA 65 19.22 49.68 -28.80
C PRO YA 65 18.17 49.34 -29.83
N GLU YA 66 17.76 50.36 -30.59
CA GLU YA 66 16.59 50.23 -31.47
C GLU YA 66 16.81 49.16 -32.53
N ASP YA 67 18.06 48.90 -32.90
CA ASP YA 67 18.36 47.88 -33.90
C ASP YA 67 18.69 46.55 -33.24
N ALA YA 68 17.78 46.12 -32.35
CA ALA YA 68 17.95 44.86 -31.63
C ALA YA 68 16.58 44.28 -31.34
N ILE YA 69 16.37 43.02 -31.75
CA ILE YA 69 15.08 42.38 -31.55
C ILE YA 69 14.84 42.09 -30.08
N GLN YA 70 15.85 41.55 -29.40
CA GLN YA 70 15.69 41.11 -28.03
C GLN YA 70 17.06 40.86 -27.42
N LEU YA 71 17.23 41.30 -26.18
CA LEU YA 71 18.48 41.10 -25.46
C LEU YA 71 18.40 39.77 -24.72
N ILE YA 72 19.45 38.96 -24.83
CA ILE YA 72 19.47 37.66 -24.17
C ILE YA 72 20.19 37.76 -22.82
N ASP YA 73 21.40 38.32 -22.84
CA ASP YA 73 22.24 38.36 -21.65
C ASP YA 73 22.89 39.74 -21.54
N VAL YA 74 23.25 40.10 -20.33
CA VAL YA 74 24.01 41.32 -20.04
C VAL YA 74 25.22 40.90 -19.22
N PRO YA 75 26.27 40.37 -19.85
CA PRO YA 75 27.32 39.71 -19.06
C PRO YA 75 28.12 40.63 -18.17
N ARG YA 76 28.66 41.73 -18.71
CA ARG YA 76 29.59 42.57 -17.98
C ARG YA 76 29.05 43.98 -17.87
N ASN YA 77 29.29 44.61 -16.73
CA ASN YA 77 29.02 46.04 -16.54
C ASN YA 77 30.34 46.78 -16.77
N LEU YA 78 30.47 47.39 -17.94
CA LEU YA 78 31.75 47.96 -18.33
C LEU YA 78 32.10 49.15 -17.44
N LYS YA 79 33.21 49.00 -16.71
CA LYS YA 79 33.75 50.10 -15.94
C LYS YA 79 34.32 51.14 -16.90
N THR YA 80 34.54 52.35 -16.38
CA THR YA 80 35.05 53.44 -17.21
C THR YA 80 36.27 53.00 -18.00
N ASP YA 81 36.42 53.59 -19.19
CA ASP YA 81 37.45 53.26 -20.20
C ASP YA 81 37.43 51.74 -20.43
N GLY YA 82 38.57 51.06 -20.40
CA GLY YA 82 38.62 49.71 -20.94
C GLY YA 82 38.34 48.62 -19.92
N SER YA 83 38.30 48.98 -18.64
CA SER YA 83 38.18 47.96 -17.60
C SER YA 83 36.84 47.24 -17.70
N PRO YA 84 36.83 45.90 -17.74
CA PRO YA 84 35.55 45.18 -17.90
C PRO YA 84 34.55 45.43 -16.79
N GLY YA 85 35.00 45.60 -15.55
CA GLY YA 85 34.10 45.90 -14.46
C GLY YA 85 33.30 44.72 -13.96
N ARG YA 86 32.26 45.04 -13.21
CA ARG YA 86 31.42 44.06 -12.52
C ARG YA 86 30.55 43.31 -13.52
N ALA YA 87 30.07 42.14 -13.11
CA ALA YA 87 29.08 41.38 -13.86
C ALA YA 87 27.68 41.69 -13.35
N VAL YA 88 26.69 41.42 -14.20
CA VAL YA 88 25.29 41.71 -13.91
C VAL YA 88 24.48 40.43 -14.05
N THR YA 89 23.58 40.19 -13.10
CA THR YA 89 22.73 39.02 -13.09
C THR YA 89 21.26 39.42 -13.08
N ALA YA 90 20.45 38.64 -13.78
CA ALA YA 90 19.03 38.97 -13.91
C ALA YA 90 18.28 38.71 -12.61
N THR YA 91 17.22 39.49 -12.39
CA THR YA 91 16.37 39.34 -11.22
C THR YA 91 14.91 39.47 -11.65
N ASP YA 92 14.03 39.57 -10.65
CA ASP YA 92 12.59 39.67 -10.88
C ASP YA 92 12.15 41.11 -10.63
N ARG YA 93 11.37 41.65 -11.56
CA ARG YA 93 10.93 43.04 -11.46
C ARG YA 93 9.84 43.21 -10.42
N ARG YA 94 8.94 42.23 -10.30
CA ARG YA 94 7.79 42.39 -9.41
C ARG YA 94 8.22 42.44 -7.95
N LEU YA 95 9.23 41.65 -7.57
CA LEU YA 95 9.72 41.72 -6.20
C LEU YA 95 10.57 42.96 -5.96
N LEU YA 96 11.25 43.44 -7.00
CA LEU YA 96 11.90 44.74 -6.91
C LEU YA 96 10.88 45.84 -6.72
N ASP YA 97 9.64 45.59 -7.15
CA ASP YA 97 8.56 46.54 -6.92
C ASP YA 97 8.01 46.41 -5.50
N THR YA 98 7.72 45.19 -5.06
CA THR YA 98 7.05 44.99 -3.78
C THR YA 98 7.93 45.48 -2.63
N GLU YA 99 9.16 44.99 -2.56
CA GLU YA 99 10.12 45.51 -1.59
C GLU YA 99 10.81 46.75 -2.15
N ASN YA 100 10.95 47.75 -1.28
CA ASN YA 100 11.46 49.06 -1.66
C ASN YA 100 10.66 49.61 -2.84
N PRO YA 101 9.38 49.95 -2.64
CA PRO YA 101 8.55 50.38 -3.77
C PRO YA 101 9.07 51.60 -4.48
N ASP YA 102 9.81 52.46 -3.78
CA ASP YA 102 10.45 53.62 -4.40
C ASP YA 102 11.87 53.27 -4.82
N TRP YA 103 12.00 52.15 -5.55
CA TRP YA 103 13.32 51.74 -6.00
C TRP YA 103 13.77 52.56 -7.20
N HIS YA 104 12.83 53.12 -7.95
CA HIS YA 104 13.19 54.07 -9.00
C HIS YA 104 13.81 55.32 -8.43
N SER YA 105 13.31 55.78 -7.28
CA SER YA 105 13.80 57.02 -6.67
C SER YA 105 15.08 56.81 -5.87
N MET YA 106 15.57 55.58 -5.76
CA MET YA 106 16.79 55.31 -5.03
C MET YA 106 17.98 55.97 -5.73
N LYS YA 107 18.99 56.32 -4.94
CA LYS YA 107 20.14 57.05 -5.46
C LYS YA 107 20.84 56.25 -6.56
N PRO YA 108 21.21 56.88 -7.67
CA PRO YA 108 21.89 56.14 -8.74
C PRO YA 108 23.24 55.62 -8.30
N ALA YA 109 23.66 54.54 -8.93
CA ALA YA 109 24.95 53.90 -8.65
C ALA YA 109 25.85 54.01 -9.86
N GLY YA 110 27.15 54.12 -9.61
CA GLY YA 110 28.11 54.19 -10.70
C GLY YA 110 28.09 52.94 -11.56
N GLN YA 111 27.85 51.78 -10.96
CA GLN YA 111 27.74 50.51 -11.66
C GLN YA 111 26.44 49.84 -11.29
N ILE YA 112 25.63 49.51 -12.30
CA ILE YA 112 24.40 48.74 -12.05
C ILE YA 112 24.77 47.36 -11.56
N ARG YA 113 23.86 46.74 -10.81
CA ARG YA 113 24.12 45.45 -10.19
C ARG YA 113 23.17 44.34 -10.64
N HIS YA 114 21.97 44.70 -11.08
CA HIS YA 114 21.01 43.73 -11.59
C HIS YA 114 20.19 44.35 -12.70
N TYR YA 115 19.68 43.50 -13.58
CA TYR YA 115 18.83 43.93 -14.68
C TYR YA 115 17.61 43.01 -14.77
N THR YA 116 16.47 43.59 -15.10
CA THR YA 116 15.23 42.84 -15.26
C THR YA 116 14.72 43.04 -16.68
N TYR YA 117 14.44 41.94 -17.37
CA TYR YA 117 13.96 41.98 -18.74
C TYR YA 117 12.76 41.05 -18.89
N ASP YA 118 11.70 41.55 -19.52
CA ASP YA 118 10.49 40.79 -19.77
C ASP YA 118 10.37 40.55 -21.27
N SER YA 119 10.11 39.29 -21.65
CA SER YA 119 10.01 38.96 -23.06
C SER YA 119 8.84 39.67 -23.72
N ASN YA 120 7.78 39.93 -22.96
CA ASN YA 120 6.59 40.58 -23.53
C ASN YA 120 6.91 41.99 -24.02
N VAL YA 121 7.74 42.72 -23.28
CA VAL YA 121 8.15 44.06 -23.70
C VAL YA 121 9.60 44.00 -24.16
N PRO YA 122 9.87 43.99 -25.45
CA PRO YA 122 11.25 43.78 -25.92
C PRO YA 122 12.12 45.02 -25.83
N THR YA 123 11.51 46.20 -25.94
CA THR YA 123 12.28 47.43 -26.05
C THR YA 123 12.65 48.03 -24.70
N VAL YA 124 12.19 47.47 -23.59
CA VAL YA 124 12.41 48.02 -22.26
C VAL YA 124 13.05 46.95 -21.39
N PHE YA 125 14.17 47.30 -20.76
CA PHE YA 125 14.77 46.48 -19.71
C PHE YA 125 15.18 47.40 -18.57
N TYR YA 126 14.89 46.99 -17.35
CA TYR YA 126 15.12 47.81 -16.16
C TYR YA 126 16.41 47.39 -15.48
N THR YA 127 17.11 48.38 -14.92
CA THR YA 127 18.39 48.17 -14.28
C THR YA 127 18.31 48.52 -12.80
N TYR YA 128 19.12 47.83 -12.00
CA TYR YA 128 19.18 48.01 -10.57
C TYR YA 128 20.64 48.07 -10.12
N PRO YA 129 21.08 49.15 -9.47
CA PRO YA 129 20.38 50.41 -9.19
C PRO YA 129 20.23 51.26 -10.44
N PRO YA 130 19.47 52.35 -10.36
CA PRO YA 130 19.39 53.26 -11.51
C PRO YA 130 20.77 53.71 -11.94
N ALA YA 131 20.99 53.76 -13.25
CA ALA YA 131 22.29 54.08 -13.79
C ALA YA 131 22.64 55.54 -13.52
N ALA YA 132 23.94 55.84 -13.53
CA ALA YA 132 24.44 57.16 -13.22
C ALA YA 132 25.44 57.59 -14.27
N ALA YA 133 25.26 58.80 -14.81
CA ALA YA 133 26.20 59.42 -15.73
C ALA YA 133 26.49 58.54 -16.95
N GLY YA 134 25.44 57.88 -17.43
CA GLY YA 134 25.56 57.10 -18.66
C GLY YA 134 26.55 55.96 -18.60
N VAL YA 135 26.52 55.15 -17.54
CA VAL YA 135 27.44 54.02 -17.43
C VAL YA 135 27.12 53.01 -18.53
N GLN YA 136 28.16 52.52 -19.19
CA GLN YA 136 27.98 51.59 -20.29
C GLN YA 136 28.07 50.15 -19.82
N VAL YA 137 27.27 49.28 -20.44
CA VAL YA 137 27.23 47.86 -20.12
C VAL YA 137 27.25 47.06 -21.41
N GLU YA 138 27.91 45.91 -21.40
CA GLU YA 138 27.86 45.01 -22.54
C GLU YA 138 26.47 44.41 -22.67
N LEU YA 139 25.92 44.49 -23.87
CA LEU YA 139 24.61 43.92 -24.18
C LEU YA 139 24.77 42.86 -25.25
N VAL YA 140 24.28 41.66 -24.95
CA VAL YA 140 24.27 40.56 -25.91
C VAL YA 140 22.83 40.41 -26.37
N CYS YA 141 22.54 40.85 -27.59
CA CYS YA 141 21.18 40.91 -28.08
C CYS YA 141 21.13 40.38 -29.51
N ALA YA 142 19.96 39.91 -29.90
CA ALA YA 142 19.75 39.42 -31.26
C ALA YA 142 19.70 40.57 -32.24
N TRP YA 143 20.87 41.02 -32.71
CA TRP YA 143 20.94 42.16 -33.60
C TRP YA 143 20.30 41.85 -34.95
N ARG YA 144 19.68 42.85 -35.54
CA ARG YA 144 19.05 42.74 -36.85
C ARG YA 144 19.95 43.39 -37.90
N HIS YA 145 20.17 42.68 -38.99
CA HIS YA 145 21.00 43.22 -40.07
C HIS YA 145 20.31 44.45 -40.67
N PRO YA 146 20.96 45.61 -40.67
CA PRO YA 146 20.26 46.83 -41.13
C PRO YA 146 19.75 46.76 -42.56
N ALA YA 147 20.64 46.55 -43.53
CA ALA YA 147 20.22 46.57 -44.93
C ALA YA 147 21.37 46.06 -45.80
N LEU YA 148 21.04 45.73 -47.05
CA LEU YA 148 22.02 45.32 -48.06
C LEU YA 148 21.81 46.24 -49.27
N THR YA 149 22.52 47.37 -49.27
CA THR YA 149 22.28 48.37 -50.31
C THR YA 149 22.88 47.95 -51.65
N THR YA 150 24.10 47.42 -51.64
CA THR YA 150 24.82 47.11 -52.87
C THR YA 150 25.27 45.66 -52.86
N GLN YA 151 25.80 45.23 -54.02
CA GLN YA 151 26.31 43.87 -54.14
C GLN YA 151 27.46 43.63 -53.19
N ASN YA 152 28.41 44.58 -53.12
CA ASN YA 152 29.61 44.42 -52.32
C ASN YA 152 29.34 44.53 -50.82
N ASP YA 153 28.14 44.93 -50.42
CA ASP YA 153 27.80 45.00 -49.01
C ASP YA 153 27.99 43.62 -48.36
N VAL YA 154 28.59 43.63 -47.17
CA VAL YA 154 28.97 42.41 -46.48
C VAL YA 154 27.83 42.00 -45.56
N VAL YA 155 27.70 40.70 -45.31
CA VAL YA 155 26.72 40.17 -44.38
C VAL YA 155 27.44 39.69 -43.12
N GLN YA 156 27.10 40.29 -41.98
CA GLN YA 156 27.76 39.96 -40.73
C GLN YA 156 27.38 38.58 -40.20
N MET YA 157 26.36 37.95 -40.75
CA MET YA 157 26.00 36.61 -40.33
C MET YA 157 27.07 35.60 -40.77
N GLY YA 158 27.03 34.42 -40.17
CA GLY YA 158 27.95 33.37 -40.54
C GLY YA 158 27.64 32.81 -41.92
N ALA YA 159 28.67 32.23 -42.52
CA ALA YA 159 28.51 31.62 -43.84
C ALA YA 159 27.66 30.37 -43.81
N GLU YA 160 27.31 29.88 -42.62
CA GLU YA 160 26.47 28.69 -42.52
C GLU YA 160 25.13 28.91 -43.21
N PHE YA 161 24.48 30.04 -42.91
CA PHE YA 161 23.12 30.30 -43.35
C PHE YA 161 23.03 30.82 -44.78
N VAL YA 162 24.09 30.67 -45.57
CA VAL YA 162 24.01 31.07 -46.98
C VAL YA 162 22.98 30.23 -47.70
N SER YA 163 22.88 28.95 -47.35
CA SER YA 163 21.85 28.09 -47.95
C SER YA 163 20.46 28.56 -47.56
N ALA YA 164 20.26 28.93 -46.29
CA ALA YA 164 18.96 29.43 -45.86
C ALA YA 164 18.61 30.73 -46.55
N LEU YA 165 19.59 31.63 -46.72
CA LEU YA 165 19.35 32.86 -47.44
C LEU YA 165 18.98 32.59 -48.89
N VAL YA 166 19.66 31.63 -49.52
CA VAL YA 166 19.36 31.29 -50.91
C VAL YA 166 17.94 30.75 -51.01
N SER YA 167 17.56 29.87 -50.09
CA SER YA 167 16.22 29.30 -50.12
C SER YA 167 15.16 30.37 -49.88
N TRP YA 168 15.42 31.30 -48.97
CA TRP YA 168 14.45 32.38 -48.71
C TRP YA 168 14.33 33.31 -49.90
N CYS YA 169 15.45 33.65 -50.53
CA CYS YA 169 15.42 34.49 -51.72
C CYS YA 169 14.65 33.80 -52.83
N LEU YA 170 14.87 32.49 -53.01
CA LEU YA 170 14.11 31.73 -54.00
C LEU YA 170 12.63 31.73 -53.67
N TYR YA 171 12.27 31.54 -52.40
CA TYR YA 171 10.86 31.54 -52.02
C TYR YA 171 10.21 32.88 -52.30
N ARG YA 172 10.87 33.98 -51.97
CA ARG YA 172 10.24 35.29 -52.15
C ARG YA 172 10.35 35.79 -53.58
N ALA YA 173 11.21 35.19 -54.40
CA ALA YA 173 11.33 35.61 -55.79
C ALA YA 173 10.40 34.80 -56.69
N SER YA 174 10.37 33.48 -56.50
CA SER YA 174 9.50 32.63 -57.31
C SER YA 174 8.03 32.82 -56.95
N SER YA 175 7.76 33.54 -55.85
CA SER YA 175 6.38 33.85 -55.51
C SER YA 175 5.85 35.05 -56.30
N LYS YA 176 6.66 35.63 -57.18
CA LYS YA 176 6.20 36.76 -57.99
C LYS YA 176 5.10 36.33 -58.94
N ASP YA 177 4.22 37.27 -59.28
CA ASP YA 177 3.09 37.00 -60.17
C ASP YA 177 3.48 37.32 -61.62
N SER YA 178 4.32 36.45 -62.17
CA SER YA 178 4.73 36.54 -63.56
C SER YA 178 4.85 35.14 -64.15
N GLU YA 179 4.94 35.08 -65.47
CA GLU YA 179 5.18 33.80 -66.14
C GLU YA 179 6.48 33.17 -65.68
N PHE YA 180 7.49 33.99 -65.39
CA PHE YA 180 8.83 33.47 -65.13
C PHE YA 180 8.96 32.91 -63.72
N ALA YA 181 7.96 33.10 -62.88
CA ALA YA 181 7.99 32.57 -61.52
C ALA YA 181 7.06 31.37 -61.40
N ASN YA 182 7.41 30.44 -60.51
CA ASN YA 182 6.64 29.22 -60.31
C ASN YA 182 6.20 29.14 -58.85
N GLY YA 183 5.00 28.60 -58.63
CA GLY YA 183 4.40 28.59 -57.31
C GLY YA 183 4.73 27.38 -56.47
N ALA YA 184 4.54 26.18 -57.03
CA ALA YA 184 4.93 24.97 -56.32
C ALA YA 184 6.41 24.98 -55.99
N VAL YA 185 7.22 25.58 -56.88
CA VAL YA 185 8.63 25.78 -56.58
C VAL YA 185 8.78 26.65 -55.35
N ALA YA 186 7.97 27.70 -55.23
CA ALA YA 186 8.04 28.58 -54.06
C ALA YA 186 7.69 27.83 -52.79
N ALA YA 187 6.64 27.02 -52.83
CA ALA YA 187 6.26 26.25 -51.64
C ALA YA 187 7.36 25.27 -51.25
N ALA YA 188 7.92 24.56 -52.23
CA ALA YA 188 9.00 23.63 -51.94
C ALA YA 188 10.21 24.35 -51.38
N HIS YA 189 10.49 25.56 -51.89
CA HIS YA 189 11.64 26.32 -51.40
C HIS YA 189 11.42 26.79 -49.97
N TYR YA 190 10.20 27.21 -49.64
CA TYR YA 190 9.90 27.56 -48.26
C TYR YA 190 10.08 26.36 -47.33
N SER YA 191 9.59 25.19 -47.76
CA SER YA 191 9.78 23.99 -46.97
C SER YA 191 11.26 23.65 -46.82
N ALA YA 192 12.04 23.85 -47.89
CA ALA YA 192 13.47 23.58 -47.83
C ALA YA 192 14.17 24.52 -46.87
N PHE YA 193 13.78 25.80 -46.88
CA PHE YA 193 14.34 26.76 -45.93
C PHE YA 193 14.03 26.36 -44.50
N SER YA 194 12.77 25.96 -44.24
CA SER YA 194 12.39 25.55 -42.89
C SER YA 194 13.17 24.31 -42.46
N ASP YA 195 13.35 23.36 -43.37
CA ASP YA 195 14.10 22.14 -43.02
C ASP YA 195 15.57 22.45 -42.80
N ALA YA 196 16.15 23.34 -43.62
CA ALA YA 196 17.56 23.69 -43.46
C ALA YA 196 17.79 24.36 -42.13
N LEU YA 197 16.89 25.25 -41.72
CA LEU YA 197 16.97 25.78 -40.36
C LEU YA 197 16.70 24.72 -39.30
N GLY YA 198 15.90 23.71 -39.62
CA GLY YA 198 15.58 22.70 -38.64
C GLY YA 198 16.76 21.82 -38.27
N ALA YA 199 17.58 21.46 -39.26
CA ALA YA 199 18.71 20.56 -39.05
C ALA YA 199 19.97 21.28 -38.61
N GLN YA 200 19.84 22.52 -38.15
CA GLN YA 200 20.98 23.27 -37.61
C GLN YA 200 21.29 22.73 -36.23
N ALA YA 201 22.09 21.66 -36.16
CA ALA YA 201 22.35 21.01 -34.89
C ALA YA 201 23.27 21.84 -34.00
N THR YA 202 23.90 22.88 -34.56
CA THR YA 202 24.91 23.62 -33.81
C THR YA 202 24.28 24.74 -33.00
N GLY YA 203 23.56 25.65 -33.67
CA GLY YA 203 23.01 26.82 -33.03
C GLY YA 203 21.83 26.50 -32.13
N THR YA 204 21.00 27.53 -31.91
CA THR YA 204 19.81 27.36 -31.09
C THR YA 204 18.84 26.39 -31.76
N PRO YA 205 18.35 25.38 -31.05
CA PRO YA 205 17.39 24.46 -31.66
C PRO YA 205 16.10 25.19 -32.03
N THR YA 206 15.47 24.72 -33.11
CA THR YA 206 14.25 25.34 -33.62
C THR YA 206 13.08 24.36 -33.69
N THR YA 207 13.35 23.08 -33.98
CA THR YA 207 12.27 22.11 -34.10
C THR YA 207 11.83 21.60 -32.74
N GLN YA 208 12.77 21.04 -31.97
CA GLN YA 208 12.41 20.39 -30.71
C GLN YA 208 12.09 21.41 -29.63
N ALA YA 209 13.05 22.26 -29.29
CA ALA YA 209 12.82 23.28 -28.27
C ALA YA 209 12.74 24.65 -28.91
N ALA YA 210 11.70 25.41 -28.55
CA ALA YA 210 11.47 26.74 -29.10
C ALA YA 210 11.33 27.74 -27.98
N ALA YA 211 12.07 28.85 -28.08
CA ALA YA 211 12.02 29.99 -27.16
C ALA YA 211 12.45 29.63 -25.75
N ALA YA 212 12.89 28.40 -25.51
CA ALA YA 212 13.30 27.97 -24.17
C ALA YA 212 14.80 28.13 -23.95
N ALA YA 213 15.55 28.60 -24.94
CA ALA YA 213 16.97 28.78 -24.77
C ALA YA 213 17.26 29.92 -23.80
N ALA YA 214 18.13 29.66 -22.83
CA ALA YA 214 18.45 30.64 -21.81
C ALA YA 214 19.18 31.85 -22.39
N LEU ZA 37 -38.55 56.68 103.49
CA LEU ZA 37 -37.14 56.48 103.22
C LEU ZA 37 -36.88 56.12 101.77
N ASP ZA 38 -37.74 55.26 101.21
CA ASP ZA 38 -37.49 54.71 99.88
C ASP ZA 38 -37.58 55.78 98.80
N SER ZA 39 -38.46 56.77 98.98
CA SER ZA 39 -38.72 57.73 97.91
C SER ZA 39 -37.59 58.74 97.77
N GLU ZA 40 -36.99 59.16 98.89
CA GLU ZA 40 -36.12 60.34 98.87
C GLU ZA 40 -34.84 60.09 98.08
N GLU ZA 41 -34.00 59.15 98.51
CA GLU ZA 41 -32.75 58.86 97.83
C GLU ZA 41 -32.57 57.41 97.46
N MET ZA 42 -33.32 56.49 98.06
CA MET ZA 42 -33.21 55.08 97.69
C MET ZA 42 -33.62 54.86 96.23
N LYS ZA 43 -34.45 55.74 95.68
CA LYS ZA 43 -34.73 55.68 94.25
C LYS ZA 43 -33.47 55.91 93.43
N GLU ZA 44 -32.70 56.95 93.77
CA GLU ZA 44 -31.45 57.21 93.07
C GLU ZA 44 -30.47 56.07 93.26
N LEU ZA 45 -30.42 55.50 94.47
CA LEU ZA 45 -29.56 54.34 94.69
C LEU ZA 45 -29.98 53.17 93.83
N HIS ZA 46 -31.29 52.97 93.67
CA HIS ZA 46 -31.79 51.88 92.82
C HIS ZA 46 -31.39 52.09 91.37
N ARG ZA 47 -31.50 53.33 90.88
CA ARG ZA 47 -31.08 53.61 89.51
C ARG ZA 47 -29.59 53.35 89.33
N ARG ZA 48 -28.78 53.77 90.31
CA ARG ZA 48 -27.34 53.55 90.24
C ARG ZA 48 -27.03 52.05 90.22
N LEU ZA 49 -27.70 51.28 91.08
CA LEU ZA 49 -27.47 49.84 91.12
C LEU ZA 49 -27.89 49.18 89.83
N ARG ZA 50 -29.01 49.60 89.25
CA ARG ZA 50 -29.45 49.02 87.99
C ARG ZA 50 -28.47 49.33 86.87
N SER ZA 51 -27.94 50.56 86.83
CA SER ZA 51 -26.94 50.91 85.83
C SER ZA 51 -25.67 50.09 86.01
N TYR ZA 52 -25.24 49.89 87.27
CA TYR ZA 52 -24.07 49.06 87.53
C TYR ZA 52 -24.30 47.63 87.07
N LEU ZA 53 -25.49 47.09 87.33
CA LEU ZA 53 -25.80 45.73 86.90
C LEU ZA 53 -25.79 45.64 85.38
N HIS ZA 54 -26.36 46.63 84.69
CA HIS ZA 54 -26.34 46.61 83.23
C HIS ZA 54 -24.91 46.66 82.70
N GLN ZA 55 -24.06 47.49 83.28
CA GLN ZA 55 -22.68 47.58 82.84
C GLN ZA 55 -21.93 46.28 83.08
N GLU ZA 56 -22.13 45.67 84.25
CA GLU ZA 56 -21.41 44.43 84.55
C GLU ZA 56 -21.97 43.27 83.76
N LEU ZA 57 -23.21 43.39 83.29
CA LEU ZA 57 -23.79 42.33 82.46
C LEU ZA 57 -23.29 42.43 81.02
N ASP ZA 58 -23.41 43.61 80.41
CA ASP ZA 58 -23.01 43.74 79.02
C ASP ZA 58 -21.49 43.71 78.87
N ARG ZA 59 -20.76 43.96 79.97
CA ARG ZA 59 -19.31 43.85 79.92
C ARG ZA 59 -18.86 42.39 79.83
N GLN ZA 60 -19.59 41.49 80.48
CA GLN ZA 60 -19.26 40.08 80.49
C GLN ZA 60 -20.11 39.27 79.54
N ALA ZA 61 -20.80 39.92 78.59
CA ALA ZA 61 -21.70 39.20 77.71
C ALA ZA 61 -20.95 38.16 76.88
N GLU ZA 62 -19.79 38.52 76.34
CA GLU ZA 62 -19.02 37.57 75.54
C GLU ZA 62 -18.59 36.38 76.38
N ASN ZA 63 -18.01 36.62 77.56
CA ASN ZA 63 -17.56 35.52 78.40
C ASN ZA 63 -18.73 34.68 78.89
N ARG ZA 64 -19.85 35.33 79.22
CA ARG ZA 64 -21.03 34.59 79.66
C ARG ZA 64 -21.53 33.66 78.56
N PHE ZA 65 -21.58 34.17 77.33
CA PHE ZA 65 -21.94 33.34 76.18
C PHE ZA 65 -20.97 32.18 76.02
N GLN ZA 66 -19.67 32.46 76.16
CA GLN ZA 66 -18.66 31.41 75.98
C GLN ZA 66 -18.81 30.32 77.02
N MET ZA 67 -19.03 30.70 78.28
CA MET ZA 67 -19.17 29.69 79.33
C MET ZA 67 -20.45 28.87 79.14
N ALA ZA 68 -21.53 29.53 78.70
CA ALA ZA 68 -22.74 28.78 78.39
C ALA ZA 68 -22.51 27.78 77.28
N VAL ZA 69 -21.77 28.20 76.25
CA VAL ZA 69 -21.48 27.31 75.13
C VAL ZA 69 -20.58 26.16 75.56
N ASP ZA 70 -19.64 26.43 76.47
CA ASP ZA 70 -18.80 25.36 77.00
C ASP ZA 70 -19.62 24.34 77.77
N GLU ZA 71 -20.55 24.79 78.60
CA GLU ZA 71 -21.42 23.85 79.30
C GLU ZA 71 -22.30 23.08 78.31
N ASP ZA 72 -22.67 23.73 77.20
CA ASP ZA 72 -23.41 23.06 76.14
C ASP ZA 72 -22.61 21.92 75.51
N TYR ZA 73 -21.33 22.18 75.20
CA TYR ZA 73 -20.46 21.11 74.72
C TYR ZA 73 -20.17 20.04 75.78
N TYR ZA 74 -20.32 20.36 77.06
CA TYR ZA 74 -20.04 19.31 78.05
C TYR ZA 74 -21.02 18.15 77.92
N ASP ZA 75 -22.32 18.45 77.88
CA ASP ZA 75 -23.34 17.40 77.89
C ASP ZA 75 -23.80 17.00 76.49
N SER ZA 76 -22.85 16.68 75.62
CA SER ZA 76 -23.12 16.05 74.33
C SER ZA 76 -24.06 16.88 73.45
N ILE ZA 77 -23.86 18.19 73.42
CA ILE ZA 77 -24.44 19.02 72.38
C ILE ZA 77 -23.31 19.82 71.74
N GLN ZA 78 -22.87 19.40 70.56
CA GLN ZA 78 -21.68 19.97 69.94
C GLN ZA 78 -21.86 20.38 68.50
N TRP ZA 79 -23.09 20.58 68.05
CA TRP ZA 79 -23.38 20.89 66.65
C TRP ZA 79 -24.02 22.26 66.53
N THR ZA 80 -23.47 23.10 65.65
CA THR ZA 80 -24.12 24.35 65.31
C THR ZA 80 -25.39 24.07 64.53
N GLU ZA 81 -26.42 24.89 64.76
CA GLU ZA 81 -27.70 24.67 64.09
C GLU ZA 81 -27.56 24.73 62.57
N ALA ZA 82 -26.70 25.62 62.08
CA ALA ZA 82 -26.47 25.70 60.64
C ALA ZA 82 -25.81 24.43 60.11
N ASP ZA 83 -24.78 23.94 60.81
CA ASP ZA 83 -24.11 22.73 60.36
C ASP ZA 83 -25.01 21.51 60.54
N ALA ZA 84 -25.85 21.52 61.58
CA ALA ZA 84 -26.82 20.45 61.73
C ALA ZA 84 -27.81 20.44 60.56
N GLN ZA 85 -28.25 21.63 60.13
CA GLN ZA 85 -29.12 21.70 58.96
C GLN ZA 85 -28.40 21.20 57.71
N VAL ZA 86 -27.12 21.55 57.56
CA VAL ZA 86 -26.36 21.10 56.41
C VAL ZA 86 -26.26 19.58 56.41
N LEU ZA 87 -25.99 18.98 57.56
CA LEU ZA 87 -25.95 17.53 57.66
C LEU ZA 87 -27.31 16.91 57.38
N LYS ZA 88 -28.38 17.59 57.78
CA LYS ZA 88 -29.73 17.10 57.50
C LYS ZA 88 -30.00 17.08 56.00
N GLU ZA 89 -29.55 18.11 55.29
CA GLU ZA 89 -29.72 18.13 53.83
C GLU ZA 89 -28.96 16.98 53.18
N ARG ZA 90 -27.81 16.62 53.74
CA ARG ZA 90 -27.05 15.46 53.25
C ARG ZA 90 -27.78 14.14 53.50
N GLY ZA 91 -28.84 14.15 54.31
CA GLY ZA 91 -29.46 12.92 54.73
C GLY ZA 91 -28.72 12.19 55.83
N GLN ZA 92 -27.77 12.84 56.49
CA GLN ZA 92 -26.92 12.22 57.48
C GLN ZA 92 -27.30 12.70 58.87
N ALA ZA 93 -27.49 11.75 59.79
CA ALA ZA 93 -27.80 12.11 61.16
C ALA ZA 93 -26.54 12.62 61.86
N PRO ZA 94 -26.57 13.82 62.43
CA PRO ZA 94 -25.39 14.33 63.15
C PRO ZA 94 -25.06 13.45 64.33
N LEU ZA 95 -23.77 13.32 64.61
CA LEU ZA 95 -23.29 12.49 65.69
C LEU ZA 95 -22.23 13.25 66.48
N VAL ZA 96 -22.23 13.04 67.80
CA VAL ZA 96 -21.33 13.74 68.72
C VAL ZA 96 -20.47 12.72 69.42
N PHE ZA 97 -19.15 12.87 69.31
CA PHE ZA 97 -18.25 11.92 69.96
C PHE ZA 97 -18.03 12.28 71.42
N ASN ZA 98 -18.03 13.58 71.73
CA ASN ZA 98 -18.02 14.06 73.12
C ASN ZA 98 -16.81 13.56 73.89
N VAL ZA 99 -15.63 14.01 73.45
CA VAL ZA 99 -14.41 13.72 74.18
C VAL ZA 99 -14.29 14.59 75.44
N ILE ZA 100 -14.99 15.72 75.48
CA ILE ZA 100 -14.90 16.63 76.62
C ILE ZA 100 -15.39 15.95 77.89
N ALA ZA 101 -16.42 15.11 77.76
CA ALA ZA 101 -17.04 14.50 78.93
C ALA ZA 101 -16.04 13.65 79.70
N GLN ZA 102 -15.20 12.89 78.98
CA GLN ZA 102 -14.25 12.01 79.65
C GLN ZA 102 -13.27 12.80 80.51
N SER ZA 103 -12.64 13.82 79.94
CA SER ZA 103 -11.64 14.59 80.69
C SER ZA 103 -12.28 15.35 81.84
N VAL ZA 104 -13.44 15.97 81.59
CA VAL ZA 104 -14.09 16.72 82.67
C VAL ZA 104 -14.49 15.78 83.80
N ASN ZA 105 -15.01 14.59 83.46
CA ASN ZA 105 -15.37 13.61 84.47
C ASN ZA 105 -14.14 13.15 85.24
N TRP ZA 106 -13.02 12.96 84.55
CA TRP ZA 106 -11.80 12.56 85.24
C TRP ZA 106 -11.38 13.62 86.25
N ILE ZA 107 -11.40 14.89 85.85
CA ILE ZA 107 -10.98 15.95 86.78
C ILE ZA 107 -11.93 16.04 87.97
N ILE ZA 108 -13.24 16.01 87.71
CA ILE ZA 108 -14.19 16.16 88.82
C ILE ZA 108 -14.13 14.96 89.74
N GLY ZA 109 -13.92 13.75 89.19
CA GLY ZA 109 -13.78 12.58 90.03
C GLY ZA 109 -12.51 12.61 90.87
N SER ZA 110 -11.41 13.08 90.27
CA SER ZA 110 -10.18 13.21 91.04
C SER ZA 110 -10.35 14.19 92.18
N GLU ZA 111 -11.09 15.28 91.96
CA GLU ZA 111 -11.37 16.20 93.04
C GLU ZA 111 -12.25 15.55 94.10
N LYS ZA 112 -13.34 14.90 93.67
CA LYS ZA 112 -14.31 14.37 94.62
C LYS ZA 112 -13.71 13.26 95.47
N ARG ZA 113 -12.76 12.50 94.93
CA ARG ZA 113 -12.05 11.53 95.74
C ARG ZA 113 -11.25 12.20 96.84
N GLY ZA 114 -10.81 13.44 96.60
CA GLY ZA 114 -10.01 14.16 97.56
C GLY ZA 114 -10.80 15.11 98.43
N ARG ZA 115 -12.00 14.69 98.84
CA ARG ZA 115 -12.84 15.51 99.70
C ARG ZA 115 -12.16 15.73 101.05
N THR ZA 116 -12.22 16.97 101.53
CA THR ZA 116 -11.50 17.35 102.74
C THR ZA 116 -12.41 18.14 103.67
N ASP ZA 117 -12.00 18.18 104.94
CA ASP ZA 117 -12.72 18.89 105.99
C ASP ZA 117 -11.79 19.86 106.69
N PHE ZA 118 -12.35 20.92 107.26
CA PHE ZA 118 -11.55 21.87 108.01
C PHE ZA 118 -11.12 21.27 109.34
N ASN ZA 119 -9.83 21.37 109.64
CA ASN ZA 119 -9.27 20.94 110.91
C ASN ZA 119 -8.51 22.11 111.51
N ILE ZA 120 -9.15 22.82 112.44
CA ILE ZA 120 -8.60 24.04 113.02
C ILE ZA 120 -7.44 23.67 113.93
N LEU ZA 121 -6.28 24.28 113.69
CA LEU ZA 121 -5.08 24.01 114.47
C LEU ZA 121 -4.65 25.27 115.22
N PRO ZA 122 -4.36 25.17 116.52
CA PRO ZA 122 -3.99 26.35 117.30
C PRO ZA 122 -2.54 26.75 117.04
N ARG ZA 123 -2.28 28.05 117.04
CA ARG ZA 123 -0.92 28.54 116.88
C ARG ZA 123 -0.23 28.73 118.22
N LYS ZA 124 -0.90 29.42 119.15
CA LYS ZA 124 -0.29 29.71 120.45
C LYS ZA 124 -0.09 28.44 121.27
N LYS ZA 125 -0.86 27.41 120.97
CA LYS ZA 125 -0.83 26.07 121.58
C LYS ZA 125 -1.45 26.09 122.98
N ALA ZA 126 -1.79 27.26 123.51
CA ALA ZA 126 -2.45 27.37 124.80
C ALA ZA 126 -3.97 27.29 124.68
N ASP ZA 127 -4.49 27.16 123.47
CA ASP ZA 127 -5.94 27.11 123.22
C ASP ZA 127 -6.31 25.93 122.33
N ALA ZA 128 -5.77 24.75 122.63
CA ALA ZA 128 -6.10 23.55 121.85
C ALA ZA 128 -7.57 23.19 121.99
N LYS ZA 129 -8.09 23.28 123.22
CA LYS ZA 129 -9.50 22.96 123.44
C LYS ZA 129 -10.45 23.88 122.67
N PRO ZA 130 -10.28 25.20 122.66
CA PRO ZA 130 -11.10 26.03 121.76
C PRO ZA 130 -10.94 25.63 120.31
N ALA ZA 131 -9.74 25.25 119.89
CA ALA ZA 131 -9.54 24.80 118.51
C ALA ZA 131 -10.32 23.54 118.23
N GLU ZA 132 -10.33 22.59 119.17
CA GLU ZA 132 -11.12 21.38 119.00
C GLU ZA 132 -12.61 21.70 118.94
N ALA ZA 133 -13.08 22.61 119.79
CA ALA ZA 133 -14.48 22.98 119.76
C ALA ZA 133 -14.86 23.61 118.44
N LYS ZA 134 -14.02 24.52 117.92
CA LYS ZA 134 -14.30 25.12 116.62
C LYS ZA 134 -14.27 24.10 115.51
N THR ZA 135 -13.35 23.13 115.58
CA THR ZA 135 -13.29 22.08 114.57
C THR ZA 135 -14.56 21.24 114.58
N LYS ZA 136 -15.03 20.87 115.77
CA LYS ZA 136 -16.26 20.08 115.86
C LYS ZA 136 -17.46 20.88 115.37
N LEU ZA 137 -17.52 22.17 115.70
CA LEU ZA 137 -18.62 23.01 115.22
C LEU ZA 137 -18.59 23.13 113.70
N LEU ZA 138 -17.40 23.30 113.12
CA LEU ZA 138 -17.27 23.36 111.68
C LEU ZA 138 -17.69 22.05 111.03
N LYS ZA 139 -17.31 20.93 111.63
CA LYS ZA 139 -17.76 19.63 111.12
C LYS ZA 139 -19.28 19.51 111.19
N TYR ZA 140 -19.88 19.96 112.29
CA TYR ZA 140 -21.33 19.92 112.42
C TYR ZA 140 -22.00 20.75 111.33
N LEU ZA 141 -21.52 21.97 111.11
CA LEU ZA 141 -22.11 22.83 110.09
C LEU ZA 141 -21.92 22.24 108.70
N SER ZA 142 -20.73 21.72 108.40
CA SER ZA 142 -20.48 21.14 107.09
C SER ZA 142 -21.35 19.91 106.85
N ASP ZA 143 -21.57 19.11 107.90
CA ASP ZA 143 -22.40 17.93 107.75
C ASP ZA 143 -23.86 18.32 107.53
N VAL ZA 144 -24.39 19.22 108.37
CA VAL ZA 144 -25.79 19.62 108.25
C VAL ZA 144 -26.05 20.30 106.91
N ASN ZA 145 -25.18 21.22 106.51
CA ASN ZA 145 -25.29 21.88 105.23
C ASN ZA 145 -24.90 20.97 104.07
N ARG ZA 146 -24.35 19.80 104.35
CA ARG ZA 146 -23.86 18.88 103.32
C ARG ZA 146 -22.87 19.57 102.41
N LEU ZA 147 -21.95 20.32 103.02
CA LEU ZA 147 -21.01 21.15 102.27
C LEU ZA 147 -20.16 20.39 101.26
N PRO ZA 148 -19.60 19.20 101.56
CA PRO ZA 148 -18.75 18.54 100.56
C PRO ZA 148 -19.43 18.33 99.22
N PHE ZA 149 -20.73 18.05 99.21
CA PHE ZA 149 -21.45 17.95 97.94
C PHE ZA 149 -21.51 19.29 97.23
N HIS ZA 150 -21.81 20.37 97.98
CA HIS ZA 150 -21.85 21.69 97.38
C HIS ZA 150 -20.48 22.11 96.85
N ARG ZA 151 -19.42 21.84 97.63
CA ARG ZA 151 -18.08 22.17 97.18
C ARG ZA 151 -17.69 21.37 95.95
N SER ZA 152 -18.06 20.09 95.91
CA SER ZA 152 -17.78 19.26 94.75
C SER ZA 152 -18.51 19.78 93.52
N ARG ZA 153 -19.78 20.18 93.67
CA ARG ZA 153 -20.51 20.73 92.53
C ARG ZA 153 -19.89 22.04 92.07
N SER ZA 154 -19.45 22.88 93.00
CA SER ZA 154 -18.81 24.13 92.62
C SER ZA 154 -17.52 23.87 91.86
N PHE ZA 155 -16.71 22.91 92.30
CA PHE ZA 155 -15.50 22.62 91.56
C PHE ZA 155 -15.80 22.01 90.20
N GLU ZA 156 -16.82 21.16 90.11
CA GLU ZA 156 -17.23 20.65 88.81
C GLU ZA 156 -17.62 21.80 87.89
N ASP ZA 157 -18.28 22.82 88.43
CA ASP ZA 157 -18.54 24.03 87.67
C ASP ZA 157 -17.25 24.70 87.21
N THR ZA 158 -16.28 24.83 88.12
CA THR ZA 158 -15.02 25.49 87.76
C THR ZA 158 -14.26 24.71 86.70
N VAL ZA 159 -14.53 23.41 86.58
CA VAL ZA 159 -13.90 22.62 85.53
C VAL ZA 159 -14.56 22.91 84.18
N LYS ZA 160 -15.89 22.81 84.14
CA LYS ZA 160 -16.59 23.05 82.88
C LYS ZA 160 -16.55 24.51 82.47
N VAL ZA 161 -16.86 25.42 83.40
CA VAL ZA 161 -16.91 26.85 83.10
C VAL ZA 161 -15.82 27.55 83.90
N GLY ZA 162 -15.75 28.87 83.72
CA GLY ZA 162 -14.62 29.63 84.26
C GLY ZA 162 -14.52 29.57 85.77
N LEU ZA 163 -15.64 29.76 86.47
CA LEU ZA 163 -15.61 29.86 87.92
C LEU ZA 163 -16.87 29.24 88.52
N GLY ZA 164 -16.78 28.91 89.80
CA GLY ZA 164 -17.92 28.46 90.56
C GLY ZA 164 -18.02 29.22 91.86
N TRP ZA 165 -19.24 29.29 92.37
CA TRP ZA 165 -19.54 30.15 93.52
C TRP ZA 165 -19.97 29.30 94.71
N ILE ZA 166 -19.51 29.70 95.90
CA ILE ZA 166 -19.93 29.11 97.16
C ILE ZA 166 -20.42 30.23 98.06
N GLU ZA 167 -21.64 30.08 98.59
CA GLU ZA 167 -22.26 31.09 99.43
C GLU ZA 167 -22.22 30.64 100.88
N ASP ZA 168 -21.71 31.51 101.75
CA ASP ZA 168 -21.76 31.29 103.19
C ASP ZA 168 -22.42 32.50 103.84
N SER ZA 169 -23.52 32.28 104.54
CA SER ZA 169 -24.28 33.38 105.11
C SER ZA 169 -25.10 32.85 106.29
N TYR ZA 170 -25.63 33.78 107.07
CA TYR ZA 170 -26.48 33.48 108.23
C TYR ZA 170 -27.88 33.99 107.95
N ASP ZA 171 -28.86 33.10 108.11
CA ASP ZA 171 -30.26 33.44 107.82
C ASP ZA 171 -31.13 33.11 109.03
N ASP ZA 172 -32.21 33.86 109.17
CA ASP ZA 172 -33.18 33.64 110.23
C ASP ZA 172 -34.46 33.10 109.62
N SER ZA 173 -34.81 31.86 109.97
CA SER ZA 173 -36.00 31.22 109.45
C SER ZA 173 -36.31 30.01 110.34
N THR ZA 174 -37.46 29.40 110.08
CA THR ZA 174 -37.84 28.20 110.82
C THR ZA 174 -36.90 27.03 110.52
N ASP ZA 175 -36.13 27.11 109.44
CA ASP ZA 175 -35.11 26.11 109.16
C ASP ZA 175 -34.10 26.06 110.29
N GLY ZA 176 -33.77 24.85 110.73
CA GLY ZA 176 -33.00 24.70 111.96
C GLY ZA 176 -31.61 25.27 111.88
N GLU ZA 177 -30.89 24.98 110.80
CA GLU ZA 177 -29.49 25.37 110.70
C GLU ZA 177 -29.36 26.86 110.42
N PRO ZA 178 -28.67 27.60 111.30
CA PRO ZA 178 -28.55 29.06 111.08
C PRO ZA 178 -27.54 29.42 110.00
N ILE ZA 179 -26.39 28.77 109.96
CA ILE ZA 179 -25.33 29.13 109.03
C ILE ZA 179 -25.44 28.24 107.79
N TYR ZA 180 -26.12 28.74 106.78
CA TYR ZA 180 -26.35 28.00 105.55
C TYR ZA 180 -25.23 28.26 104.55
N SER ZA 181 -24.63 27.19 104.05
CA SER ZA 181 -23.67 27.23 102.96
C SER ZA 181 -24.27 26.50 101.77
N ARG ZA 182 -24.39 27.20 100.64
CA ARG ZA 182 -25.13 26.68 99.50
C ARG ZA 182 -24.31 26.88 98.24
N TYR ZA 183 -24.57 26.02 97.26
CA TYR ZA 183 -23.96 26.10 95.94
C TYR ZA 183 -24.79 27.01 95.04
N GLU ZA 184 -24.12 27.96 94.41
CA GLU ZA 184 -24.72 28.86 93.43
C GLU ZA 184 -24.05 28.65 92.08
N SER ZA 185 -24.86 28.52 91.04
CA SER ZA 185 -24.33 28.33 89.70
C SER ZA 185 -23.60 29.59 89.25
N TRP ZA 186 -22.66 29.41 88.32
CA TRP ZA 186 -22.00 30.53 87.68
C TRP ZA 186 -22.99 31.43 86.95
N ARG ZA 187 -24.15 30.90 86.57
CA ARG ZA 187 -25.13 31.69 85.85
C ARG ZA 187 -25.75 32.77 86.74
N ASN ZA 188 -26.17 32.39 87.93
CA ASN ZA 188 -26.99 33.26 88.78
C ASN ZA 188 -26.19 34.28 89.59
N VAL ZA 189 -24.92 34.48 89.25
CA VAL ZA 189 -24.08 35.45 89.96
C VAL ZA 189 -23.48 36.41 88.95
N ILE ZA 190 -23.58 37.70 89.23
CA ILE ZA 190 -22.90 38.74 88.46
C ILE ZA 190 -21.86 39.39 89.35
N PHE ZA 191 -20.60 39.29 88.96
CA PHE ZA 191 -19.49 39.75 89.79
C PHE ZA 191 -18.77 40.89 89.08
N ASP ZA 192 -18.28 41.84 89.87
CA ASP ZA 192 -17.49 42.93 89.32
C ASP ZA 192 -16.19 42.40 88.72
N SER ZA 193 -16.01 42.64 87.42
CA SER ZA 193 -14.82 42.18 86.71
C SER ZA 193 -13.64 43.14 86.87
N ALA ZA 194 -13.84 44.28 87.51
CA ALA ZA 194 -12.74 45.23 87.69
C ALA ZA 194 -11.72 44.76 88.71
N SER ZA 195 -12.07 43.74 89.50
CA SER ZA 195 -11.18 43.29 90.56
C SER ZA 195 -9.91 42.67 89.98
N THR ZA 196 -8.78 42.99 90.61
CA THR ZA 196 -7.50 42.39 90.27
C THR ZA 196 -6.91 41.56 91.40
N GLU ZA 197 -7.38 41.78 92.64
CA GLU ZA 197 -6.84 41.06 93.78
C GLU ZA 197 -7.15 39.57 93.69
N LEU ZA 198 -6.16 38.75 94.06
CA LEU ZA 198 -6.41 37.32 94.19
C LEU ZA 198 -7.41 37.04 95.30
N ASP ZA 199 -7.27 37.74 96.43
CA ASP ZA 199 -8.18 37.53 97.56
C ASP ZA 199 -9.60 37.92 97.19
N GLY ZA 200 -9.77 39.06 96.52
CA GLY ZA 200 -11.07 39.51 96.09
C GLY ZA 200 -11.62 40.72 96.81
N THR ZA 201 -10.77 41.51 97.48
CA THR ZA 201 -11.26 42.70 98.15
C THR ZA 201 -11.61 43.79 97.16
N ASP ZA 202 -10.92 43.84 96.02
CA ASP ZA 202 -11.17 44.87 95.03
C ASP ZA 202 -12.53 44.74 94.37
N MET ZA 203 -13.22 43.61 94.55
CA MET ZA 203 -14.57 43.44 94.02
C MET ZA 203 -15.48 44.47 94.69
N ARG ZA 204 -15.93 45.46 93.92
CA ARG ZA 204 -16.76 46.51 94.49
C ARG ZA 204 -18.17 46.01 94.76
N TYR ZA 205 -18.72 45.19 93.86
CA TYR ZA 205 -20.11 44.77 93.99
C TYR ZA 205 -20.28 43.37 93.40
N ILE ZA 206 -21.30 42.66 93.89
CA ILE ZA 206 -21.74 41.39 93.34
C ILE ZA 206 -23.26 41.43 93.21
N PHE ZA 207 -23.78 40.91 92.11
CA PHE ZA 207 -25.20 40.93 91.84
C PHE ZA 207 -25.75 39.51 91.77
N ARG ZA 208 -26.91 39.30 92.39
CA ARG ZA 208 -27.46 37.97 92.61
C ARG ZA 208 -28.87 37.87 92.05
N PRO ZA 209 -29.04 37.72 90.73
CA PRO ZA 209 -30.37 37.50 90.17
C PRO ZA 209 -30.87 36.11 90.52
N LYS ZA 210 -31.95 36.05 91.29
CA LYS ZA 210 -32.58 34.79 91.66
C LYS ZA 210 -34.04 34.81 91.23
N TRP ZA 211 -34.49 33.71 90.63
CA TRP ZA 211 -35.86 33.58 90.15
C TRP ZA 211 -36.69 32.88 91.21
N LEU ZA 212 -37.69 33.58 91.74
CA LEU ZA 212 -38.51 33.06 92.82
C LEU ZA 212 -39.98 33.19 92.46
N ASP ZA 213 -40.79 32.29 93.02
CA ASP ZA 213 -42.23 32.38 92.87
C ASP ZA 213 -42.76 33.61 93.58
N VAL ZA 214 -43.95 34.06 93.16
CA VAL ZA 214 -44.55 35.24 93.78
C VAL ZA 214 -44.83 34.99 95.25
N ASP ZA 215 -45.37 33.81 95.57
CA ASP ZA 215 -45.71 33.50 96.97
C ASP ZA 215 -44.47 33.53 97.86
N VAL ZA 216 -43.41 32.85 97.45
CA VAL ZA 216 -42.21 32.79 98.28
C VAL ZA 216 -41.54 34.16 98.34
N ALA ZA 217 -41.55 34.91 97.24
CA ALA ZA 217 -40.91 36.22 97.23
C ALA ZA 217 -41.63 37.19 98.15
N CYS ZA 218 -42.96 37.25 98.08
CA CYS ZA 218 -43.70 38.16 98.95
C CYS ZA 218 -43.63 37.69 100.40
N ALA ZA 219 -43.65 36.38 100.63
CA ALA ZA 219 -43.55 35.87 101.99
C ALA ZA 219 -42.16 36.10 102.57
N LEU ZA 220 -41.12 36.01 101.72
CA LEU ZA 220 -39.75 36.17 102.21
C LEU ZA 220 -39.50 37.58 102.74
N VAL ZA 221 -40.01 38.58 102.04
CA VAL ZA 221 -39.86 39.97 102.46
C VAL ZA 221 -41.24 40.60 102.68
N PRO ZA 222 -41.72 40.63 103.92
CA PRO ZA 222 -43.06 41.18 104.18
C PRO ZA 222 -43.05 42.70 104.17
N ASP ZA 223 -44.25 43.26 104.33
CA ASP ZA 223 -44.49 44.69 104.46
C ASP ZA 223 -44.29 45.41 103.12
N ARG ZA 224 -43.83 44.68 102.11
CA ARG ZA 224 -43.66 45.22 100.76
C ARG ZA 224 -44.13 44.20 99.74
N ALA ZA 225 -45.26 43.55 100.01
CA ALA ZA 225 -45.74 42.48 99.13
C ALA ZA 225 -46.34 43.05 97.85
N ASP ZA 226 -46.83 44.30 97.89
CA ASP ZA 226 -47.52 44.86 96.74
C ASP ZA 226 -46.57 45.07 95.56
N GLU ZA 227 -45.36 45.57 95.82
CA GLU ZA 227 -44.39 45.75 94.74
C GLU ZA 227 -43.95 44.41 94.17
N ILE ZA 228 -43.87 43.38 95.00
CA ILE ZA 228 -43.59 42.03 94.50
C ILE ZA 228 -44.73 41.56 93.61
N LYS ZA 229 -45.97 41.79 94.04
CA LYS ZA 229 -47.13 41.34 93.28
C LYS ZA 229 -47.20 42.02 91.92
N LYS ZA 230 -46.95 43.33 91.87
CA LYS ZA 230 -47.00 44.05 90.61
C LYS ZA 230 -45.84 43.65 89.71
N ALA ZA 231 -44.80 43.06 90.28
CA ALA ZA 231 -43.64 42.62 89.50
C ALA ZA 231 -43.89 41.25 88.89
N ASP ZA 245 -30.74 43.93 84.17
CA ASP ZA 245 -31.79 43.00 83.76
C ASP ZA 245 -31.34 41.56 83.96
N GLY ZA 246 -31.12 40.85 82.88
CA GLY ZA 246 -30.64 39.48 82.94
C GLY ZA 246 -29.96 39.08 81.66
N ASP ZA 247 -29.08 38.10 81.75
CA ASP ZA 247 -28.37 37.61 80.58
C ASP ZA 247 -29.13 36.45 79.96
N GLU ZA 248 -28.60 35.94 78.85
CA GLU ZA 248 -29.30 34.91 78.10
C GLU ZA 248 -29.39 33.61 78.89
N ALA ZA 249 -28.45 33.35 79.79
CA ALA ZA 249 -28.41 32.07 80.49
C ALA ZA 249 -29.62 31.85 81.40
N MET ZA 250 -29.74 32.66 82.45
CA MET ZA 250 -30.79 32.43 83.44
C MET ZA 250 -32.16 32.77 82.87
N ASP ZA 251 -32.25 33.84 82.09
CA ASP ZA 251 -33.52 34.15 81.43
C ASP ZA 251 -33.90 33.07 80.44
N TRP ZA 252 -32.91 32.48 79.76
CA TRP ZA 252 -33.20 31.40 78.83
C TRP ZA 252 -33.78 30.20 79.57
N ALA ZA 253 -33.17 29.84 80.70
CA ALA ZA 253 -33.70 28.74 81.50
C ALA ZA 253 -35.13 29.02 81.97
N GLU ZA 254 -35.35 30.23 82.50
CA GLU ZA 254 -36.68 30.58 83.01
C GLU ZA 254 -37.71 30.63 81.90
N PHE ZA 255 -37.35 31.16 80.73
CA PHE ZA 255 -38.30 31.29 79.64
C PHE ZA 255 -38.54 29.96 78.95
N ASP ZA 256 -37.56 29.05 79.00
CA ASP ZA 256 -37.80 27.69 78.55
C ASP ZA 256 -38.77 26.97 79.48
N ARG ZA 257 -38.64 27.21 80.79
CA ARG ZA 257 -39.63 26.69 81.73
C ARG ZA 257 -41.00 27.27 81.45
N ASP ZA 258 -41.08 28.57 81.18
CA ASP ZA 258 -42.37 29.24 81.01
C ASP ZA 258 -43.01 28.87 79.67
N THR ZA 259 -42.20 28.61 78.65
CA THR ZA 259 -42.74 28.38 77.31
C THR ZA 259 -43.44 27.03 77.22
N TYR ZA 260 -42.98 26.05 78.00
CA TYR ZA 260 -43.50 24.68 77.98
C TYR ZA 260 -43.18 24.04 76.64
N SER ZA 261 -43.97 24.38 75.61
CA SER ZA 261 -43.71 23.94 74.25
C SER ZA 261 -43.95 25.09 73.30
N GLN ZA 262 -43.76 24.83 72.00
CA GLN ZA 262 -43.91 25.89 71.01
C GLN ZA 262 -45.34 26.44 70.98
N SER ZA 263 -46.33 25.55 71.03
CA SER ZA 263 -47.73 25.94 71.03
C SER ZA 263 -48.47 25.11 72.08
N ARG ZA 264 -48.93 25.79 73.14
CA ARG ZA 264 -49.67 25.13 74.21
C ARG ZA 264 -50.84 26.01 74.63
N THR ZA 265 -51.91 25.36 75.10
CA THR ZA 265 -53.08 26.07 75.62
C THR ZA 265 -52.89 26.25 77.12
N VAL ZA 266 -52.31 27.38 77.51
CA VAL ZA 266 -52.06 27.65 78.91
C VAL ZA 266 -53.37 27.96 79.61
N SER ZA 267 -53.61 27.29 80.74
CA SER ZA 267 -54.82 27.50 81.51
C SER ZA 267 -54.77 28.84 82.23
N THR ZA 268 -55.88 29.19 82.89
CA THR ZA 268 -55.93 30.41 83.67
C THR ZA 268 -54.93 30.36 84.83
N HIS ZA 269 -54.84 29.21 85.49
CA HIS ZA 269 -53.89 29.05 86.58
C HIS ZA 269 -52.48 28.90 86.02
N LYS ZA 270 -51.58 29.79 86.43
CA LYS ZA 270 -50.21 29.77 85.97
C LYS ZA 270 -49.28 30.16 87.10
N ARG ZA 271 -48.14 29.47 87.19
CA ARG ZA 271 -47.12 29.84 88.15
C ARG ZA 271 -46.51 31.18 87.79
N GLN ZA 272 -46.49 32.11 88.74
CA GLN ZA 272 -45.95 33.43 88.53
C GLN ZA 272 -44.60 33.53 89.23
N ARG ZA 273 -43.56 33.82 88.47
CA ARG ZA 273 -42.19 33.90 88.97
C ARG ZA 273 -41.66 35.32 88.77
N VAL ZA 274 -40.96 35.83 89.78
CA VAL ZA 274 -40.39 37.16 89.74
C VAL ZA 274 -38.90 37.07 90.02
N ARG ZA 275 -38.16 38.09 89.57
CA ARG ZA 275 -36.72 38.15 89.73
C ARG ZA 275 -36.37 39.14 90.84
N LEU ZA 276 -35.58 38.69 91.80
CA LEU ZA 276 -35.05 39.54 92.85
C LEU ZA 276 -33.53 39.52 92.77
N ILE ZA 277 -32.91 40.68 92.95
CA ILE ZA 277 -31.46 40.82 92.84
C ILE ZA 277 -30.91 41.21 94.20
N GLU ZA 278 -29.98 40.40 94.70
CA GLU ZA 278 -29.29 40.69 95.95
C GLU ZA 278 -27.93 41.28 95.61
N CYS ZA 279 -27.76 42.58 95.88
CA CYS ZA 279 -26.54 43.29 95.51
C CYS ZA 279 -25.76 43.62 96.78
N TRP ZA 280 -24.56 43.06 96.88
CA TRP ZA 280 -23.63 43.38 97.96
C TRP ZA 280 -22.57 44.31 97.41
N TYR ZA 281 -22.51 45.53 97.94
CA TYR ZA 281 -21.59 46.55 97.44
C TYR ZA 281 -20.70 47.04 98.57
N ARG ZA 282 -19.55 47.59 98.19
CA ARG ZA 282 -18.55 48.08 99.12
C ARG ZA 282 -18.35 49.58 98.93
N LYS ZA 283 -18.43 50.33 100.02
CA LYS ZA 283 -18.16 51.75 99.99
C LYS ZA 283 -17.16 52.12 101.09
N PRO ZA 284 -16.12 52.89 100.78
CA PRO ZA 284 -15.21 53.33 101.84
C PRO ZA 284 -15.93 54.21 102.86
N MET ZA 285 -15.47 54.15 104.11
CA MET ZA 285 -16.10 54.89 105.19
C MET ZA 285 -15.27 56.07 105.67
N ARG ZA 286 -13.94 56.01 105.55
CA ARG ZA 286 -13.06 57.08 105.99
C ARG ZA 286 -13.28 57.43 107.46
N ALA ZA 287 -13.24 56.41 108.32
CA ALA ZA 287 -13.33 56.65 109.75
C ALA ZA 287 -12.07 57.34 110.25
N THR ZA 288 -12.27 58.41 111.04
CA THR ZA 288 -11.14 59.16 111.56
C THR ZA 288 -10.31 58.30 112.52
N LYS ZA 289 -10.97 57.52 113.36
CA LYS ZA 289 -10.31 56.67 114.35
C LYS ZA 289 -9.37 57.46 115.25
N THR ZA 323 -12.42 50.44 106.87
CA THR ZA 323 -12.51 51.55 105.94
C THR ZA 323 -13.58 51.25 104.90
N MET ZA 324 -13.52 50.05 104.34
CA MET ZA 324 -14.47 49.60 103.33
C MET ZA 324 -15.57 48.80 104.02
N ARG ZA 325 -16.81 49.27 103.90
CA ARG ZA 325 -17.95 48.67 104.56
C ARG ZA 325 -18.82 47.95 103.54
N VAL ZA 326 -19.15 46.70 103.83
CA VAL ZA 326 -20.01 45.91 102.96
C VAL ZA 326 -21.46 46.14 103.34
N ARG ZA 327 -22.31 46.33 102.34
CA ARG ZA 327 -23.74 46.57 102.54
C ARG ZA 327 -24.54 45.64 101.65
N VAL ZA 328 -25.75 45.30 102.09
CA VAL ZA 328 -26.63 44.40 101.36
C VAL ZA 328 -27.75 45.21 100.73
N ALA ZA 329 -28.08 44.89 99.48
CA ALA ZA 329 -29.11 45.60 98.74
C ALA ZA 329 -29.95 44.59 97.97
N ILE ZA 330 -31.26 44.56 98.26
CA ILE ZA 330 -32.20 43.71 97.54
C ILE ZA 330 -33.17 44.62 96.80
N PHE ZA 331 -33.22 44.48 95.48
CA PHE ZA 331 -34.09 45.31 94.65
C PHE ZA 331 -34.63 44.49 93.48
N THR ZA 332 -35.89 44.73 93.14
CA THR ZA 332 -36.51 44.12 91.98
C THR ZA 332 -36.34 45.01 90.75
N SER ZA 333 -37.11 44.71 89.71
CA SER ZA 333 -36.95 45.39 88.43
C SER ZA 333 -37.19 46.90 88.56
N ARG ZA 334 -38.25 47.29 89.27
CA ARG ZA 334 -38.64 48.70 89.32
C ARG ZA 334 -38.55 49.31 90.71
N ASP ZA 335 -38.28 48.51 91.74
CA ASP ZA 335 -38.25 49.05 93.10
C ASP ZA 335 -37.20 48.30 93.90
N LEU ZA 336 -36.83 48.89 95.03
CA LEU ZA 336 -35.82 48.33 95.92
C LEU ZA 336 -36.47 47.96 97.25
N LEU ZA 337 -36.08 46.79 97.79
CA LEU ZA 337 -36.80 46.25 98.93
C LEU ZA 337 -36.13 46.61 100.24
N PHE ZA 338 -34.89 46.17 100.45
CA PHE ZA 338 -34.22 46.37 101.73
C PHE ZA 338 -32.74 46.65 101.50
N GLU ZA 339 -32.22 47.68 102.17
CA GLU ZA 339 -30.81 48.04 102.11
C GLU ZA 339 -30.36 48.46 103.49
N GLY ZA 340 -29.20 47.97 103.90
CA GLY ZA 340 -28.63 48.32 105.19
C GLY ZA 340 -27.27 47.71 105.35
N ALA ZA 341 -26.60 48.09 106.43
CA ALA ZA 341 -25.30 47.52 106.73
C ALA ZA 341 -25.45 46.04 107.08
N SER ZA 342 -24.52 45.23 106.58
CA SER ZA 342 -24.57 43.81 106.82
C SER ZA 342 -24.32 43.51 108.29
N PRO ZA 343 -25.12 42.65 108.92
CA PRO ZA 343 -24.88 42.36 110.35
C PRO ZA 343 -23.55 41.66 110.60
N PHE ZA 344 -22.98 41.04 109.57
CA PHE ZA 344 -21.75 40.28 109.74
C PHE ZA 344 -20.59 41.20 110.09
N ARG ZA 345 -19.74 40.74 111.03
CA ARG ZA 345 -18.54 41.51 111.35
C ARG ZA 345 -17.53 41.48 110.20
N HIS ZA 346 -17.42 40.34 109.52
CA HIS ZA 346 -16.46 40.23 108.42
C HIS ZA 346 -16.86 41.16 107.29
N ASN ZA 347 -15.90 41.94 106.80
CA ASN ZA 347 -16.17 42.94 105.76
C ASN ZA 347 -15.90 42.36 104.37
N ARG ZA 348 -16.51 41.21 104.11
CA ARG ZA 348 -16.39 40.58 102.80
C ARG ZA 348 -17.72 39.94 102.43
N PHE ZA 349 -17.90 39.73 101.13
CA PHE ZA 349 -19.16 39.24 100.60
C PHE ZA 349 -19.41 37.79 101.01
N SER ZA 350 -20.70 37.44 101.08
CA SER ZA 350 -21.07 36.05 101.36
C SER ZA 350 -20.62 35.13 100.23
N LEU ZA 351 -20.76 35.57 98.99
CA LEU ZA 351 -20.36 34.76 97.85
C LEU ZA 351 -18.85 34.69 97.76
N THR ZA 352 -18.32 33.48 97.59
CA THR ZA 352 -16.90 33.26 97.45
C THR ZA 352 -16.62 32.61 96.10
N PRO ZA 353 -15.77 33.21 95.27
CA PRO ZA 353 -15.53 32.64 93.94
C PRO ZA 353 -14.42 31.60 93.94
N ILE ZA 354 -14.72 30.40 93.46
CA ILE ZA 354 -13.70 29.39 93.22
C ILE ZA 354 -13.18 29.62 91.81
N TRP ZA 355 -12.02 30.26 91.70
CA TRP ZA 355 -11.54 30.72 90.41
C TRP ZA 355 -11.03 29.54 89.59
N GLY ZA 356 -10.75 29.80 88.31
CA GLY ZA 356 -10.15 28.82 87.43
C GLY ZA 356 -9.05 29.47 86.63
N PHE ZA 357 -8.84 29.02 85.39
CA PHE ZA 357 -7.92 29.73 84.52
C PHE ZA 357 -8.46 31.12 84.21
N ARG ZA 358 -7.64 32.13 84.45
CA ARG ZA 358 -8.03 33.52 84.24
C ARG ZA 358 -7.30 34.06 83.03
N ARG ZA 359 -8.05 34.63 82.09
CA ARG ZA 359 -7.46 35.16 80.87
C ARG ZA 359 -6.55 36.33 81.20
N GLY ZA 360 -5.36 36.33 80.59
CA GLY ZA 360 -4.36 37.34 80.93
C GLY ZA 360 -4.76 38.74 80.51
N ARG ZA 361 -5.43 38.86 79.36
CA ARG ZA 361 -5.72 40.18 78.81
C ARG ZA 361 -6.74 40.93 79.65
N ASP ZA 362 -7.84 40.26 80.01
CA ASP ZA 362 -8.96 40.93 80.67
C ASP ZA 362 -9.33 40.36 82.02
N ASN ZA 363 -8.58 39.39 82.54
CA ASN ZA 363 -8.87 38.76 83.83
C ASN ZA 363 -10.28 38.15 83.84
N LEU ZA 364 -10.69 37.59 82.72
CA LEU ZA 364 -11.98 36.95 82.59
C LEU ZA 364 -11.84 35.45 82.77
N PRO ZA 365 -12.56 34.84 83.71
CA PRO ZA 365 -12.39 33.40 83.96
C PRO ZA 365 -12.84 32.56 82.78
N TYR ZA 366 -12.06 31.52 82.48
CA TYR ZA 366 -12.39 30.55 81.46
C TYR ZA 366 -11.99 29.17 81.94
N GLY ZA 367 -12.83 28.18 81.68
CA GLY ZA 367 -12.61 26.84 82.17
C GLY ZA 367 -11.63 26.06 81.33
N VAL ZA 368 -11.52 24.76 81.65
CA VAL ZA 368 -10.62 23.87 80.94
C VAL ZA 368 -11.04 23.70 79.50
N ILE ZA 369 -12.34 23.83 79.24
CA ILE ZA 369 -12.96 23.33 78.01
C ILE ZA 369 -12.40 23.96 76.75
N ARG ZA 370 -12.23 25.29 76.73
CA ARG ZA 370 -12.14 26.06 75.49
C ARG ZA 370 -11.33 25.40 74.35
N TRP ZA 371 -10.04 25.15 74.60
CA TRP ZA 371 -9.16 24.71 73.52
C TRP ZA 371 -9.53 23.30 73.04
N MET ZA 372 -9.81 22.40 73.98
CA MET ZA 372 -10.13 21.03 73.59
C MET ZA 372 -11.55 20.96 73.04
N ARG ZA 373 -12.38 21.96 73.35
CA ARG ZA 373 -13.66 22.15 72.67
C ARG ZA 373 -13.45 22.45 71.19
N ASP ZA 374 -12.52 23.36 70.90
CA ASP ZA 374 -12.21 23.66 69.50
C ASP ZA 374 -11.72 22.41 68.78
N ILE ZA 375 -10.78 21.70 69.40
CA ILE ZA 375 -10.33 20.45 68.78
C ILE ZA 375 -11.46 19.45 68.67
N GLN ZA 376 -12.43 19.50 69.60
CA GLN ZA 376 -13.52 18.54 69.60
C GLN ZA 376 -14.48 18.76 68.44
N ASP ZA 377 -14.90 20.00 68.21
CA ASP ZA 377 -15.82 20.19 67.09
C ASP ZA 377 -15.08 20.05 65.76
N ASP ZA 378 -13.77 20.29 65.75
CA ASP ZA 378 -12.98 19.88 64.59
C ASP ZA 378 -13.08 18.37 64.38
N ILE ZA 379 -12.97 17.58 65.45
CA ILE ZA 379 -13.09 16.13 65.35
C ILE ZA 379 -14.46 15.75 64.78
N ASN ZA 380 -15.51 16.42 65.27
CA ASN ZA 380 -16.85 16.14 64.78
C ASN ZA 380 -16.95 16.41 63.28
N LYS ZA 381 -16.40 17.54 62.82
CA LYS ZA 381 -16.42 17.83 61.39
C LYS ZA 381 -15.67 16.75 60.60
N ARG ZA 382 -14.50 16.34 61.08
CA ARG ZA 382 -13.72 15.34 60.35
C ARG ZA 382 -14.46 14.01 60.27
N ALA ZA 383 -15.06 13.58 61.38
CA ALA ZA 383 -15.79 12.31 61.37
C ALA ZA 383 -16.99 12.37 60.44
N SER ZA 384 -17.74 13.46 60.49
CA SER ZA 384 -18.89 13.60 59.59
C SER ZA 384 -18.47 13.60 58.14
N LYS ZA 385 -17.38 14.31 57.82
CA LYS ZA 385 -16.89 14.34 56.45
C LYS ZA 385 -16.44 12.95 55.99
N ALA ZA 386 -15.73 12.22 56.85
CA ALA ZA 386 -15.28 10.89 56.47
C ALA ZA 386 -16.46 9.96 56.22
N LEU ZA 387 -17.46 9.99 57.09
CA LEU ZA 387 -18.63 9.15 56.90
C LEU ZA 387 -19.37 9.53 55.62
N TYR ZA 388 -19.48 10.83 55.35
CA TYR ZA 388 -20.18 11.26 54.13
C TYR ZA 388 -19.44 10.82 52.89
N ILE ZA 389 -18.11 10.92 52.88
CA ILE ZA 389 -17.33 10.48 51.73
C ILE ZA 389 -17.49 8.98 51.53
N LEU ZA 390 -17.43 8.21 52.61
CA LEU ZA 390 -17.57 6.76 52.48
C LEU ZA 390 -18.95 6.38 51.95
N SER ZA 391 -20.00 6.99 52.44
CA SER ZA 391 -21.32 6.53 52.03
C SER ZA 391 -21.76 6.92 50.64
N SER ZA 392 -21.44 8.13 50.22
CA SER ZA 392 -21.92 8.62 48.94
C SER ZA 392 -20.78 8.63 47.93
N ASN ZA 393 -21.09 8.23 46.68
CA ASN ZA 393 -20.08 8.23 45.63
C ASN ZA 393 -20.06 9.57 44.90
N LYS ZA 394 -18.87 9.99 44.49
CA LYS ZA 394 -18.70 11.11 43.59
C LYS ZA 394 -18.43 10.57 42.19
N VAL ZA 395 -18.96 11.23 41.18
CA VAL ZA 395 -18.92 10.74 39.81
C VAL ZA 395 -18.31 11.80 38.91
N VAL ZA 396 -17.23 11.44 38.23
CA VAL ZA 396 -16.71 12.20 37.09
C VAL ZA 396 -16.86 11.32 35.88
N MET ZA 397 -17.45 11.86 34.81
CA MET ZA 397 -17.93 11.05 33.70
C MET ZA 397 -17.87 11.83 32.41
N ASP ZA 398 -17.83 11.11 31.30
CA ASP ZA 398 -18.02 11.73 30.00
C ASP ZA 398 -19.42 12.31 29.91
N GLU ZA 399 -19.56 13.38 29.13
CA GLU ZA 399 -20.82 14.12 29.10
C GLU ZA 399 -21.97 13.22 28.67
N GLY ZA 400 -21.70 12.19 27.88
CA GLY ZA 400 -22.74 11.28 27.41
C GLY ZA 400 -22.70 9.93 28.07
N ALA ZA 401 -22.36 9.92 29.36
CA ALA ZA 401 -22.15 8.65 30.05
C ALA ZA 401 -23.45 7.88 30.21
N VAL ZA 402 -24.50 8.55 30.70
CA VAL ZA 402 -25.76 7.89 31.05
C VAL ZA 402 -26.89 8.57 30.31
N GLU ZA 403 -27.87 7.78 29.86
CA GLU ZA 403 -29.02 8.33 29.14
C GLU ZA 403 -29.90 9.18 30.05
N ASP ZA 404 -30.25 8.64 31.22
CA ASP ZA 404 -31.08 9.36 32.19
C ASP ZA 404 -30.20 9.70 33.38
N ILE ZA 405 -30.00 10.99 33.61
CA ILE ZA 405 -29.07 11.41 34.67
C ILE ZA 405 -29.77 11.41 36.02
N GLU ZA 406 -31.11 11.43 36.04
CA GLU ZA 406 -31.81 11.43 37.32
C GLU ZA 406 -31.77 10.06 38.00
N GLU ZA 407 -32.02 9.00 37.23
CA GLU ZA 407 -31.90 7.66 37.79
C GLU ZA 407 -30.47 7.37 38.21
N PHE ZA 408 -29.50 7.80 37.38
CA PHE ZA 408 -28.11 7.69 37.78
C PHE ZA 408 -27.86 8.41 39.09
N ARG ZA 409 -28.32 9.66 39.18
CA ARG ZA 409 -28.07 10.47 40.37
C ARG ZA 409 -28.64 9.80 41.62
N GLU ZA 410 -29.83 9.23 41.52
CA GLU ZA 410 -30.44 8.62 42.69
C GLU ZA 410 -29.78 7.29 43.04
N GLU ZA 411 -29.45 6.47 42.03
CA GLU ZA 411 -29.08 5.08 42.27
C GLU ZA 411 -27.59 4.82 42.37
N VAL ZA 412 -26.72 5.83 42.27
CA VAL ZA 412 -25.29 5.56 42.39
C VAL ZA 412 -24.95 5.01 43.76
N ALA ZA 413 -25.49 5.62 44.81
CA ALA ZA 413 -25.13 5.21 46.17
C ALA ZA 413 -25.75 3.85 46.52
N ARG ZA 414 -26.77 3.43 45.79
CA ARG ZA 414 -27.46 2.20 46.12
C ARG ZA 414 -26.54 1.00 45.89
N PRO ZA 415 -26.33 0.15 46.90
CA PRO ZA 415 -25.47 -1.04 46.69
C PRO ZA 415 -26.07 -2.07 45.76
N ASP ZA 416 -27.37 -1.97 45.46
CA ASP ZA 416 -28.04 -2.96 44.63
C ASP ZA 416 -28.45 -2.43 43.27
N ALA ZA 417 -28.15 -1.17 42.97
CA ALA ZA 417 -28.69 -0.55 41.77
C ALA ZA 417 -28.05 -1.12 40.52
N VAL ZA 418 -28.83 -1.20 39.45
CA VAL ZA 418 -28.37 -1.60 38.14
C VAL ZA 418 -28.19 -0.33 37.32
N LEU ZA 419 -26.94 -0.03 36.97
CA LEU ZA 419 -26.59 1.19 36.24
C LEU ZA 419 -26.22 0.82 34.82
N VAL ZA 420 -26.68 1.63 33.87
CA VAL ZA 420 -26.40 1.41 32.46
C VAL ZA 420 -25.67 2.62 31.90
N LYS ZA 421 -24.66 2.37 31.07
CA LYS ZA 421 -23.84 3.41 30.49
C LYS ZA 421 -23.69 3.18 28.99
N LYS ZA 422 -23.42 4.25 28.26
CA LYS ZA 422 -23.17 4.15 26.83
C LYS ZA 422 -21.81 3.49 26.60
N PRO ZA 423 -21.62 2.84 25.43
CA PRO ZA 423 -20.38 2.07 25.22
C PRO ZA 423 -19.11 2.90 25.31
N GLY ZA 424 -18.97 3.94 24.49
CA GLY ZA 424 -17.73 4.67 24.37
C GLY ZA 424 -17.50 5.77 25.38
N LYS ZA 425 -18.37 5.94 26.37
CA LYS ZA 425 -18.26 7.00 27.35
C LYS ZA 425 -17.92 6.37 28.70
N GLN ZA 426 -16.77 6.73 29.26
CA GLN ZA 426 -16.29 6.05 30.45
C GLN ZA 426 -17.03 6.53 31.70
N ILE ZA 427 -17.09 5.68 32.72
CA ILE ZA 427 -17.57 6.02 34.04
C ILE ZA 427 -16.39 5.93 35.01
N GLU ZA 428 -16.22 6.96 35.83
CA GLU ZA 428 -15.27 6.94 36.92
C GLU ZA 428 -16.01 7.29 38.21
N LEU ZA 429 -16.63 6.28 38.81
CA LEU ZA 429 -17.16 6.39 40.16
C LEU ZA 429 -16.01 6.35 41.14
N ASN ZA 430 -16.31 6.62 42.41
CA ASN ZA 430 -15.32 6.54 43.47
C ASN ZA 430 -14.14 7.47 43.18
N VAL ZA 431 -14.45 8.70 42.79
CA VAL ZA 431 -13.42 9.64 42.38
C VAL ZA 431 -12.46 9.92 43.53
N ASP ZA 432 -13.00 10.20 44.71
CA ASP ZA 432 -12.19 10.45 45.90
C ASP ZA 432 -12.72 9.64 47.07
N ARG ZA 433 -11.95 8.64 47.50
CA ARG ZA 433 -12.30 7.83 48.65
C ARG ZA 433 -11.16 7.67 49.64
N GLU ZA 434 -9.91 7.80 49.23
CA GLU ZA 434 -8.80 7.88 50.18
C GLU ZA 434 -8.91 9.10 51.07
N LEU ZA 435 -9.70 10.10 50.65
CA LEU ZA 435 -9.95 11.24 51.52
C LEU ZA 435 -10.65 10.83 52.81
N ALA ZA 436 -11.48 9.78 52.76
CA ALA ZA 436 -12.10 9.30 53.99
C ALA ZA 436 -11.05 8.78 54.97
N ALA ZA 437 -10.09 8.01 54.48
CA ALA ZA 437 -9.01 7.54 55.34
C ALA ZA 437 -8.17 8.71 55.85
N ALA ZA 438 -7.94 9.70 54.99
CA ALA ZA 438 -7.18 10.87 55.41
C ALA ZA 438 -7.91 11.62 56.53
N HIS ZA 439 -9.23 11.78 56.40
CA HIS ZA 439 -9.99 12.49 57.43
C HIS ZA 439 -10.05 11.69 58.72
N MET ZA 440 -10.13 10.36 58.63
CA MET ZA 440 -10.08 9.55 59.84
C MET ZA 440 -8.72 9.66 60.50
N ASP ZA 441 -7.65 9.75 59.71
CA ASP ZA 441 -6.33 10.00 60.29
C ASP ZA 441 -6.26 11.36 60.97
N MET ZA 442 -6.88 12.38 60.34
CA MET ZA 442 -7.01 13.67 61.00
C MET ZA 442 -7.68 13.55 62.35
N MET ZA 443 -8.78 12.78 62.41
CA MET ZA 443 -9.49 12.63 63.67
C MET ZA 443 -8.65 11.92 64.71
N SER ZA 444 -7.93 10.87 64.30
CA SER ZA 444 -7.07 10.16 65.23
C SER ZA 444 -5.95 11.05 65.77
N ARG ZA 445 -5.35 11.85 64.90
CA ARG ZA 445 -4.29 12.75 65.33
C ARG ZA 445 -4.83 13.85 66.24
N ASP ZA 446 -6.06 14.30 65.97
CA ASP ZA 446 -6.70 15.28 66.85
C ASP ZA 446 -6.96 14.69 68.22
N ILE ZA 447 -7.40 13.44 68.27
CA ILE ZA 447 -7.56 12.75 69.56
C ILE ZA 447 -6.22 12.69 70.29
N GLN ZA 448 -5.14 12.37 69.56
CA GLN ZA 448 -3.82 12.34 70.16
C GLN ZA 448 -3.44 13.71 70.72
N MET ZA 449 -3.74 14.78 69.99
CA MET ZA 449 -3.47 16.12 70.49
C MET ZA 449 -4.27 16.41 71.76
N LEU ZA 450 -5.53 15.98 71.80
CA LEU ZA 450 -6.32 16.14 73.01
C LEU ZA 450 -5.68 15.42 74.19
N GLN ZA 451 -5.14 14.23 73.95
CA GLN ZA 451 -4.44 13.53 75.02
C GLN ZA 451 -3.23 14.32 75.51
N GLN ZA 452 -2.50 14.94 74.58
CA GLN ZA 452 -1.32 15.71 74.97
C GLN ZA 452 -1.70 16.97 75.72
N VAL ZA 453 -2.71 17.69 75.26
CA VAL ZA 453 -3.12 18.93 75.89
C VAL ZA 453 -3.87 18.64 77.19
N THR ZA 481 -2.29 15.60 86.14
CA THR ZA 481 -2.15 15.95 87.55
C THR ZA 481 -1.43 17.28 87.70
N VAL ZA 482 -0.18 17.35 87.23
CA VAL ZA 482 0.59 18.57 87.33
C VAL ZA 482 0.00 19.64 86.42
N ALA ZA 483 -0.52 19.24 85.26
CA ALA ZA 483 -1.09 20.21 84.32
C ALA ZA 483 -2.35 20.87 84.90
N THR ZA 484 -2.98 20.22 85.88
CA THR ZA 484 -4.22 20.72 86.46
C THR ZA 484 -4.04 21.30 87.86
N ASN ZA 485 -2.80 21.59 88.28
CA ASN ZA 485 -2.59 22.10 89.62
C ASN ZA 485 -3.17 23.49 89.83
N LYS ZA 486 -3.39 24.25 88.75
CA LYS ZA 486 -3.98 25.58 88.90
C LYS ZA 486 -5.38 25.48 89.48
N LEU ZA 487 -6.19 24.57 88.95
CA LEU ZA 487 -7.56 24.42 89.43
C LEU ZA 487 -7.61 23.96 90.87
N PHE ZA 488 -6.78 22.97 91.22
CA PHE ZA 488 -6.76 22.48 92.60
C PHE ZA 488 -6.24 23.54 93.56
N ASP ZA 489 -5.27 24.35 93.10
CA ASP ZA 489 -4.77 25.44 93.94
C ASP ZA 489 -5.86 26.48 94.19
N ASN ZA 490 -6.60 26.84 93.13
CA ASN ZA 490 -7.71 27.77 93.32
C ASN ZA 490 -8.76 27.18 94.26
N LEU ZA 491 -9.03 25.88 94.13
CA LEU ZA 491 -9.96 25.23 95.03
C LEU ZA 491 -9.48 25.30 96.47
N ARG ZA 492 -8.18 25.08 96.70
CA ARG ZA 492 -7.63 25.16 98.05
C ARG ZA 492 -7.77 26.56 98.61
N PHE ZA 493 -7.47 27.57 97.80
CA PHE ZA 493 -7.58 28.95 98.25
C PHE ZA 493 -9.02 29.30 98.61
N ALA ZA 494 -9.98 28.89 97.77
CA ALA ZA 494 -11.38 29.19 98.05
C ALA ZA 494 -11.88 28.39 99.25
N VAL ZA 495 -11.33 27.20 99.46
CA VAL ZA 495 -11.67 26.43 100.65
C VAL ZA 495 -11.21 27.16 101.90
N GLN ZA 496 -10.00 27.73 101.86
CA GLN ZA 496 -9.53 28.52 103.00
C GLN ZA 496 -10.43 29.75 103.21
N MET ZA 497 -10.82 30.41 102.13
CA MET ZA 497 -11.76 31.53 102.23
C MET ZA 497 -13.04 31.11 102.93
N GLN ZA 498 -13.66 30.02 102.45
CA GLN ZA 498 -14.94 29.59 103.00
C GLN ZA 498 -14.79 29.15 104.45
N GLY ZA 499 -13.69 28.46 104.77
CA GLY ZA 499 -13.47 28.05 106.15
C GLY ZA 499 -13.33 29.23 107.08
N GLU ZA 500 -12.59 30.26 106.65
CA GLU ZA 500 -12.43 31.44 107.50
C GLU ZA 500 -13.76 32.17 107.67
N ILE ZA 501 -14.54 32.28 106.60
CA ILE ZA 501 -15.84 32.94 106.69
C ILE ZA 501 -16.77 32.17 107.62
N GLN ZA 502 -16.78 30.84 107.50
CA GLN ZA 502 -17.63 30.03 108.38
C GLN ZA 502 -17.18 30.12 109.82
N LEU ZA 503 -15.87 30.17 110.06
CA LEU ZA 503 -15.38 30.31 111.43
C LEU ZA 503 -15.79 31.66 112.02
N SER ZA 504 -15.72 32.73 111.22
CA SER ZA 504 -16.18 34.03 111.68
C SER ZA 504 -17.68 34.00 111.99
N LEU ZA 505 -18.46 33.36 111.12
CA LEU ZA 505 -19.90 33.27 111.35
C LEU ZA 505 -20.22 32.47 112.61
N ILE ZA 506 -19.45 31.41 112.87
CA ILE ZA 506 -19.61 30.67 114.12
C ILE ZA 506 -19.32 31.57 115.31
N GLU ZA 507 -18.17 32.26 115.27
CA GLU ZA 507 -17.80 33.13 116.37
C GLU ZA 507 -18.85 34.20 116.62
N GLN ZA 508 -19.54 34.63 115.56
CA GLN ZA 508 -20.50 35.71 115.70
C GLN ZA 508 -21.87 35.22 116.16
N PHE ZA 509 -22.33 34.07 115.65
CA PHE ZA 509 -23.75 33.73 115.69
C PHE ZA 509 -24.08 32.45 116.45
N VAL ZA 510 -23.16 31.88 117.23
CA VAL ZA 510 -23.47 30.71 118.04
C VAL ZA 510 -23.33 31.10 119.51
N THR ZA 511 -24.23 30.57 120.34
CA THR ZA 511 -24.16 30.78 121.77
C THR ZA 511 -23.30 29.69 122.42
N GLU ZA 512 -22.74 30.00 123.58
CA GLU ZA 512 -21.93 29.02 124.30
C GLU ZA 512 -22.76 27.81 124.70
N GLU ZA 513 -24.06 28.02 124.98
CA GLU ZA 513 -24.94 26.89 125.26
C GLU ZA 513 -25.04 25.96 124.05
N LYS ZA 514 -25.16 26.53 122.86
CA LYS ZA 514 -25.21 25.70 121.66
C LYS ZA 514 -23.90 24.95 121.44
N THR ZA 515 -22.77 25.60 121.72
CA THR ZA 515 -21.49 24.92 121.58
C THR ZA 515 -21.37 23.76 122.57
N PHE ZA 516 -21.82 23.96 123.81
CA PHE ZA 516 -21.77 22.88 124.79
C PHE ZA 516 -22.76 21.77 124.44
N ARG ZA 517 -23.86 22.11 123.76
CA ARG ZA 517 -24.81 21.09 123.35
C ARG ZA 517 -24.25 20.26 122.20
N ILE ZA 518 -23.66 20.92 121.20
CA ILE ZA 518 -23.09 20.20 120.06
C ILE ZA 518 -21.83 19.46 120.47
N THR ZA 519 -20.95 20.10 121.23
CA THR ZA 519 -19.65 19.57 121.57
C THR ZA 519 -19.53 19.42 123.08
N ASN ZA 520 -18.77 18.41 123.50
CA ASN ZA 520 -18.58 18.15 124.93
C ASN ZA 520 -18.00 19.37 125.65
N GLU ZA 521 -17.26 20.20 124.92
CA GLU ZA 521 -16.69 21.42 125.49
C GLU ZA 521 -17.79 22.38 125.95
N LEU ZA 534 -3.48 43.73 119.09
CA LEU ZA 534 -4.35 42.82 118.36
C LEU ZA 534 -5.16 43.61 117.32
N PRO ZA 535 -5.17 43.14 116.08
CA PRO ZA 535 -5.87 43.86 115.02
C PRO ZA 535 -7.38 43.91 115.26
N GLU ZA 536 -8.01 44.95 114.73
CA GLU ZA 536 -9.43 45.16 114.97
C GLU ZA 536 -10.28 44.20 114.14
N ASN ZA 537 -9.79 43.77 112.99
CA ASN ZA 537 -10.58 42.91 112.11
C ASN ZA 537 -10.86 41.57 112.76
N ASP ZA 538 -12.08 41.06 112.56
CA ASP ZA 538 -12.39 39.70 113.01
C ASP ZA 538 -11.72 38.67 112.11
N ILE ZA 539 -11.37 39.08 110.88
CA ILE ZA 539 -10.66 38.17 109.98
C ILE ZA 539 -9.28 37.84 110.53
N VAL ZA 540 -8.53 38.86 110.95
CA VAL ZA 540 -7.15 38.63 111.38
C VAL ZA 540 -7.11 38.16 112.82
N ARG ZA 541 -8.10 38.56 113.62
CA ARG ZA 541 -8.15 38.12 115.01
C ARG ZA 541 -8.23 36.60 115.11
N THR ZA 542 -9.05 35.98 114.28
CA THR ZA 542 -9.16 34.53 114.29
C THR ZA 542 -7.88 33.88 113.77
N LYS ZA 543 -7.31 34.43 112.70
CA LYS ZA 543 -6.10 33.84 112.12
C LYS ZA 543 -4.92 33.95 113.08
N ALA ZA 544 -4.96 34.92 113.99
CA ALA ZA 544 -3.88 35.12 114.94
C ALA ZA 544 -3.69 33.91 115.85
N ASP ZA 545 -4.81 33.33 116.32
CA ASP ZA 545 -4.71 32.24 117.28
C ASP ZA 545 -4.97 30.88 116.62
N PHE ZA 546 -5.94 30.82 115.72
CA PHE ZA 546 -6.35 29.57 115.09
C PHE ZA 546 -6.09 29.64 113.59
N ILE ZA 547 -5.51 28.57 113.04
CA ILE ZA 547 -5.26 28.45 111.61
C ILE ZA 547 -6.19 27.37 111.07
N ILE ZA 548 -6.42 27.38 109.76
CA ILE ZA 548 -7.30 26.40 109.15
C ILE ZA 548 -6.47 25.33 108.45
N GLY ZA 549 -6.73 24.07 108.80
CA GLY ZA 549 -6.06 22.97 108.17
C GLY ZA 549 -7.07 22.04 107.52
N GLU ZA 550 -6.63 21.41 106.43
CA GLU ZA 550 -7.47 20.52 105.65
C GLU ZA 550 -7.05 19.08 105.89
N SER ZA 551 -8.03 18.21 106.13
CA SER ZA 551 -7.80 16.79 106.33
C SER ZA 551 -8.92 16.02 105.64
N ASP ZA 552 -8.68 14.73 105.42
CA ASP ZA 552 -9.65 13.90 104.71
C ASP ZA 552 -10.98 13.88 105.46
N TRP ZA 553 -12.03 13.43 104.75
CA TRP ZA 553 -13.38 13.50 105.30
C TRP ZA 553 -13.49 12.72 106.61
N ARG ZA 554 -13.30 11.40 106.55
CA ARG ZA 554 -13.18 10.56 107.75
C ARG ZA 554 -14.42 10.63 108.63
N ALA ZA 555 -15.56 11.01 108.05
CA ALA ZA 555 -16.86 11.05 108.75
C ALA ZA 555 -16.71 11.93 109.99
N THR ZA 556 -17.04 11.44 111.18
CA THR ZA 556 -17.03 12.27 112.37
C THR ZA 556 -15.62 12.73 112.74
N TYR ZA 557 -15.56 13.77 113.56
CA TYR ZA 557 -14.27 14.34 113.97
C TYR ZA 557 -13.42 13.33 114.72
N ARG ZA 558 -14.00 12.62 115.69
CA ARG ZA 558 -13.13 11.85 116.57
C ARG ZA 558 -12.75 10.53 115.92
N GLN ZA 559 -13.35 10.20 114.78
CA GLN ZA 559 -12.73 9.17 113.93
C GLN ZA 559 -11.37 9.65 113.40
N ALA ZA 560 -11.29 10.91 112.98
CA ALA ZA 560 -9.99 11.46 112.62
C ALA ZA 560 -9.07 11.51 113.82
N ALA ZA 561 -9.62 11.85 114.99
CA ALA ZA 561 -8.83 11.81 116.22
C ALA ZA 561 -8.30 10.39 116.48
N SER ZA 562 -9.15 9.38 116.28
CA SER ZA 562 -8.74 8.00 116.49
C SER ZA 562 -7.66 7.58 115.50
N GLU ZA 563 -7.77 8.04 114.25
CA GLU ZA 563 -6.73 7.74 113.28
C GLU ZA 563 -5.40 8.38 113.67
N GLN ZA 564 -5.44 9.64 114.14
CA GLN ZA 564 -4.22 10.28 114.61
C GLN ZA 564 -3.64 9.54 115.81
N LEU ZA 565 -4.50 9.10 116.73
CA LEU ZA 565 -4.04 8.33 117.88
C LEU ZA 565 -3.43 7.02 117.45
N SER ZA 566 -4.04 6.35 116.46
CA SER ZA 566 -3.50 5.08 115.97
C SER ZA 566 -2.12 5.27 115.36
N GLN ZA 567 -1.94 6.30 114.53
CA GLN ZA 567 -0.63 6.57 113.95
C GLN ZA 567 0.39 6.90 115.05
N MET ZA 568 -0.02 7.69 116.03
CA MET ZA 568 0.85 8.01 117.16
C MET ZA 568 1.27 6.76 117.90
N ILE ZA 569 0.34 5.83 118.15
CA ILE ZA 569 0.67 4.59 118.85
C ILE ZA 569 1.63 3.75 118.02
N MET ZA 570 1.40 3.66 116.72
CA MET ZA 570 2.32 2.94 115.85
C MET ZA 570 3.71 3.55 115.90
N LYS ZA 571 3.79 4.87 116.08
CA LYS ZA 571 5.09 5.52 116.22
C LYS ZA 571 5.69 5.27 117.60
N MET ZA 572 4.86 5.13 118.64
CA MET ZA 572 5.35 4.94 119.98
C MET ZA 572 6.00 3.56 120.14
N PRO ZA 573 6.92 3.42 121.10
CA PRO ZA 573 7.52 2.11 121.33
C PRO ZA 573 6.52 1.17 121.96
N PRO ZA 574 6.83 -0.13 122.03
CA PRO ZA 574 5.90 -1.08 122.65
C PRO ZA 574 5.55 -0.71 124.09
N GLN ZA 575 6.51 -0.22 124.86
CA GLN ZA 575 6.19 0.35 126.16
C GLN ZA 575 5.67 1.77 125.97
N VAL ZA 576 4.67 2.13 126.78
CA VAL ZA 576 3.90 3.39 126.91
C VAL ZA 576 2.77 3.33 125.90
N GLY ZA 577 2.83 2.37 124.98
CA GLY ZA 577 1.80 2.26 123.97
C GLY ZA 577 0.45 1.84 124.50
N LEU ZA 578 0.40 1.20 125.67
CA LEU ZA 578 -0.85 0.63 126.15
C LEU ZA 578 -1.85 1.69 126.57
N VAL ZA 579 -1.37 2.75 127.23
CA VAL ZA 579 -2.29 3.80 127.68
C VAL ZA 579 -2.80 4.64 126.51
N MET ZA 580 -1.92 4.96 125.56
CA MET ZA 580 -2.40 5.54 124.31
C MET ZA 580 -3.37 4.62 123.59
N LEU ZA 581 -3.18 3.30 123.71
CA LEU ZA 581 -4.13 2.35 123.15
C LEU ZA 581 -5.48 2.46 123.85
N ASP ZA 582 -5.45 2.65 125.17
CA ASP ZA 582 -6.68 2.89 125.92
C ASP ZA 582 -7.41 4.12 125.39
N LEU ZA 583 -6.67 5.21 125.18
CA LEU ZA 583 -7.31 6.43 124.69
C LEU ZA 583 -7.80 6.27 123.26
N TRP ZA 584 -7.08 5.50 122.44
CA TRP ZA 584 -7.56 5.22 121.10
C TRP ZA 584 -8.86 4.43 121.13
N ALA ZA 585 -8.95 3.44 122.02
CA ALA ZA 585 -10.19 2.69 122.18
C ALA ZA 585 -11.32 3.60 122.67
N ASP ZA 586 -10.99 4.55 123.54
CA ASP ZA 586 -11.99 5.52 123.98
C ASP ZA 586 -12.48 6.37 122.82
N SER ZA 587 -11.57 6.78 121.93
CA SER ZA 587 -11.96 7.66 120.82
C SER ZA 587 -12.72 6.90 119.74
N THR ZA 588 -12.30 5.67 119.45
CA THR ZA 588 -12.88 4.93 118.32
C THR ZA 588 -14.32 4.53 118.63
N ASP ZA 589 -15.08 4.28 117.57
CA ASP ZA 589 -16.48 3.86 117.69
C ASP ZA 589 -16.55 2.34 117.59
N LEU ZA 590 -16.18 1.68 118.69
CA LEU ZA 590 -16.31 0.24 118.77
C LEU ZA 590 -17.76 -0.13 119.07
N PRO ZA 591 -18.20 -1.33 118.69
CA PRO ZA 591 -19.58 -1.73 118.99
C PRO ZA 591 -19.92 -1.67 120.46
N ASN ZA 592 -18.99 -2.05 121.33
CA ASN ZA 592 -19.11 -1.86 122.76
C ASN ZA 592 -17.87 -1.12 123.24
N ARG ZA 593 -18.07 0.03 123.88
CA ARG ZA 593 -16.96 0.92 124.20
C ARG ZA 593 -16.69 1.02 125.69
N ASP ZA 594 -17.71 1.21 126.52
CA ASP ZA 594 -17.49 1.42 127.95
C ASP ZA 594 -16.82 0.22 128.59
N GLU ZA 595 -17.26 -1.00 128.25
CA GLU ZA 595 -16.66 -2.19 128.81
C GLU ZA 595 -15.20 -2.33 128.39
N ILE ZA 596 -14.93 -2.17 127.09
CA ILE ZA 596 -13.56 -2.26 126.59
C ILE ZA 596 -12.69 -1.16 127.20
N VAL ZA 597 -13.23 0.06 127.26
CA VAL ZA 597 -12.45 1.17 127.83
C VAL ZA 597 -12.10 0.89 129.28
N LYS ZA 598 -13.06 0.44 130.08
CA LYS ZA 598 -12.79 0.21 131.49
C LYS ZA 598 -11.83 -0.97 131.66
N ARG ZA 599 -11.87 -1.96 130.77
CA ARG ZA 599 -10.93 -3.07 130.87
C ARG ZA 599 -9.50 -2.62 130.54
N ILE ZA 600 -9.36 -1.77 129.52
CA ILE ZA 600 -8.01 -1.28 129.20
C ILE ZA 600 -7.51 -0.34 130.30
N ARG ZA 601 -8.44 0.36 130.96
CA ARG ZA 601 -8.05 1.11 132.16
C ARG ZA 601 -7.58 0.17 133.25
N GLN ZA 602 -8.25 -0.97 133.41
CA GLN ZA 602 -7.84 -1.96 134.41
C GLN ZA 602 -6.44 -2.48 134.12
N ILE ZA 603 -6.17 -2.82 132.86
CA ILE ZA 603 -4.86 -3.37 132.50
C ILE ZA 603 -3.80 -2.27 132.55
N ASN ZA 604 -4.22 -1.01 132.40
CA ASN ZA 604 -3.27 0.09 132.48
C ASN ZA 604 -3.18 0.67 133.88
N GLY ZA 605 -4.33 0.85 134.55
CA GLY ZA 605 -4.35 1.34 135.90
C GLY ZA 605 -4.53 2.83 136.04
N MET ZA 606 -4.87 3.56 134.97
CA MET ZA 606 -4.98 5.00 135.08
C MET ZA 606 -6.42 5.47 134.89
N ARG ZA 607 -6.60 6.79 134.84
CA ARG ZA 607 -7.90 7.43 134.95
C ARG ZA 607 -8.06 8.46 133.85
N ASP ZA 608 -9.31 8.69 133.43
CA ASP ZA 608 -9.65 9.72 132.44
C ASP ZA 608 -8.84 9.60 131.16
N PRO ZA 614 -16.24 4.67 138.70
CA PRO ZA 614 -14.79 4.83 138.68
C PRO ZA 614 -14.25 5.04 140.09
N THR ZA 615 -15.11 5.48 140.99
CA THR ZA 615 -14.70 5.71 142.37
C THR ZA 615 -14.29 4.39 143.05
N PRO ZA 616 -15.06 3.32 142.80
CA PRO ZA 616 -14.73 2.04 143.41
C PRO ZA 616 -13.39 1.52 142.93
N GLU ZA 617 -13.12 1.61 141.64
CA GLU ZA 617 -11.82 1.19 141.11
C GLU ZA 617 -10.70 2.05 141.68
N GLU ZA 618 -10.93 3.36 141.77
CA GLU ZA 618 -9.93 4.25 142.36
C GLU ZA 618 -9.68 3.90 143.82
N LEU ZA 619 -10.76 3.63 144.57
CA LEU ZA 619 -10.60 3.25 145.98
C LEU ZA 619 -9.82 1.96 146.12
N GLN ZA 620 -10.13 0.96 145.30
CA GLN ZA 620 -9.42 -0.31 145.37
C GLN ZA 620 -7.94 -0.14 145.02
N GLN ZA 621 -7.65 0.63 143.97
CA GLN ZA 621 -6.25 0.86 143.58
C GLN ZA 621 -5.49 1.61 144.67
N GLN ZA 622 -6.12 2.64 145.25
CA GLN ZA 622 -5.46 3.39 146.31
C GLN ZA 622 -5.20 2.50 147.53
N GLN ZA 623 -6.18 1.67 147.89
CA GLN ZA 623 -5.99 0.77 149.03
C GLN ZA 623 -4.86 -0.22 148.77
N ALA ZA 624 -4.81 -0.78 147.56
CA ALA ZA 624 -3.74 -1.72 147.23
C ALA ZA 624 -2.37 -1.04 147.28
N ALA ZA 625 -2.27 0.16 146.71
CA ALA ZA 625 -0.99 0.86 146.71
C ALA ZA 625 -0.56 1.22 148.13
N ALA ZA 626 -1.50 1.69 148.96
CA ALA ZA 626 -1.16 2.03 150.34
C ALA ZA 626 -0.73 0.80 151.12
N GLU ZA 627 -1.43 -0.33 150.94
CA GLU ZA 627 -1.05 -1.55 151.64
C GLU ZA 627 0.33 -2.03 151.20
N GLN ZA 628 0.61 -1.98 149.89
CA GLN ZA 628 1.92 -2.40 149.40
C GLN ZA 628 3.03 -1.51 149.96
N ALA ZA 629 2.79 -0.19 149.96
CA ALA ZA 629 3.78 0.74 150.49
C ALA ZA 629 4.03 0.50 151.98
N GLN ZA 630 2.95 0.30 152.73
CA GLN ZA 630 3.10 0.04 154.17
C GLN ZA 630 3.86 -1.25 154.42
N ALA ZA 631 3.54 -2.31 153.66
CA ALA ZA 631 4.25 -3.57 153.84
C ALA ZA 631 5.72 -3.44 153.50
N GLN ZA 632 6.04 -2.74 152.40
CA GLN ZA 632 7.44 -2.56 152.03
C GLN ZA 632 8.19 -1.75 153.07
N LYS ZA 633 7.57 -0.67 153.58
CA LYS ZA 633 8.23 0.13 154.61
C LYS ZA 633 8.44 -0.67 155.88
N ALA ZA 634 7.45 -1.45 156.29
CA ALA ZA 634 7.59 -2.27 157.49
C ALA ZA 634 8.69 -3.31 157.33
N MET ZA 635 8.75 -3.95 156.15
CA MET ZA 635 9.79 -4.95 155.92
C MET ZA 635 11.18 -4.32 155.93
N PHE ZA 636 11.32 -3.15 155.30
CA PHE ZA 636 12.62 -2.47 155.30
C PHE ZA 636 13.02 -2.05 156.71
N MET ZA 637 12.06 -1.54 157.49
CA MET ZA 637 12.36 -1.17 158.86
C MET ZA 637 12.77 -2.37 159.70
N ALA ZA 638 12.08 -3.50 159.51
CA ALA ZA 638 12.43 -4.72 160.24
C ALA ZA 638 13.81 -5.20 159.86
N GLU ZA 639 14.15 -5.16 158.57
CA GLU ZA 639 15.48 -5.59 158.15
C GLU ZA 639 16.57 -4.68 158.72
N LEU ZA 640 16.33 -3.37 158.69
CA LEU ZA 640 17.31 -2.44 159.26
C LEU ZA 640 17.47 -2.66 160.76
N SER ZA 641 16.36 -2.88 161.47
CA SER ZA 641 16.44 -3.14 162.90
C SER ZA 641 17.19 -4.43 163.17
N GLU ZA 642 16.97 -5.46 162.37
CA GLU ZA 642 17.69 -6.72 162.54
C GLU ZA 642 19.19 -6.53 162.32
N LYS ZA 643 19.56 -5.77 161.28
CA LYS ZA 643 20.98 -5.52 161.03
C LYS ZA 643 21.63 -4.74 162.17
N GLN ZA 644 20.95 -3.69 162.65
CA GLN ZA 644 21.49 -2.91 163.75
C GLN ZA 644 21.61 -3.75 165.02
N GLY ZA 645 20.62 -4.60 165.27
CA GLY ZA 645 20.66 -5.47 166.44
C GLY ZA 645 21.79 -6.48 166.33
N LYS ZA 646 22.03 -7.02 165.14
CA LYS ZA 646 23.15 -7.92 164.94
C LYS ZA 646 24.48 -7.22 165.18
N ALA ZA 647 24.60 -5.98 164.71
CA ALA ZA 647 25.82 -5.20 164.97
C ALA ZA 647 26.01 -4.97 166.46
N ASP ZA 648 24.94 -4.61 167.17
CA ASP ZA 648 25.02 -4.41 168.61
C ASP ZA 648 25.41 -5.69 169.32
N LYS ZA 649 24.85 -6.82 168.89
CA LYS ZA 649 25.18 -8.11 169.49
C LYS ZA 649 26.65 -8.44 169.28
N ALA ZA 650 27.17 -8.19 168.08
CA ALA ZA 650 28.58 -8.46 167.81
C ALA ZA 650 29.48 -7.57 168.67
N GLN ZA 651 29.14 -6.29 168.79
CA GLN ZA 651 29.94 -5.39 169.61
C GLN ZA 651 29.93 -5.80 171.07
N ALA ZA 652 28.75 -6.17 171.59
CA ALA ZA 652 28.67 -6.60 172.98
C ALA ZA 652 29.37 -7.94 173.20
N ASP ZA 653 29.35 -8.81 172.18
CA ASP ZA 653 30.12 -10.04 172.27
C ASP ZA 653 31.61 -9.75 172.32
N ALA ZA 654 32.06 -8.73 171.57
CA ALA ZA 654 33.45 -8.29 171.68
C ALA ZA 654 33.77 -7.80 173.09
N VAL ZA 655 32.87 -7.00 173.66
CA VAL ZA 655 33.08 -6.52 175.03
C VAL ZA 655 33.15 -7.69 176.02
N ALA ZA 656 32.25 -8.67 175.86
CA ALA ZA 656 32.24 -9.83 176.74
C ALA ZA 656 33.52 -10.64 176.59
N ALA ZA 657 34.01 -10.81 175.36
CA ALA ZA 657 35.25 -11.53 175.14
C ALA ZA 657 36.43 -10.80 175.79
N GLN ZA 658 36.46 -9.47 175.68
CA GLN ZA 658 37.54 -8.71 176.31
C GLN ZA 658 37.50 -8.84 177.82
N ALA ZA 659 36.29 -8.77 178.40
CA ALA ZA 659 36.18 -8.90 179.86
C ALA ZA 659 36.55 -10.31 180.31
N ASN ZA 660 36.16 -11.33 179.54
CA ASN ZA 660 36.56 -12.69 179.85
C ASN ZA 660 38.07 -12.86 179.76
N ALA ZA 661 38.70 -12.19 178.79
CA ALA ZA 661 40.15 -12.20 178.70
C ALA ZA 661 40.78 -11.57 179.93
N ASP ZA 662 40.23 -10.45 180.39
CA ASP ZA 662 40.74 -9.81 181.61
C ASP ZA 662 40.58 -10.73 182.81
N LEU ZA 663 39.43 -11.40 182.92
CA LEU ZA 663 39.20 -12.32 184.03
C LEU ZA 663 40.18 -13.48 184.00
N ARG ZA 664 40.41 -14.05 182.82
CA ARG ZA 664 41.36 -15.16 182.69
C ARG ZA 664 42.77 -14.71 183.03
N ALA ZA 665 43.16 -13.51 182.59
CA ALA ZA 665 44.48 -13.00 182.93
C ALA ZA 665 44.63 -12.79 184.43
N ALA ZA 666 43.60 -12.25 185.08
CA ALA ZA 666 43.65 -12.06 186.52
C ALA ZA 666 43.75 -13.39 187.26
N GLN ZA 667 42.97 -14.38 186.81
CA GLN ZA 667 43.02 -15.70 187.43
C GLN ZA 667 44.39 -16.33 187.27
N ALA ZA 668 44.99 -16.21 186.07
CA ALA ZA 668 46.31 -16.76 185.85
C ALA ZA 668 47.35 -16.07 186.72
N GLU ZA 669 47.26 -14.73 186.84
CA GLU ZA 669 48.21 -14.00 187.67
C GLU ZA 669 48.08 -14.40 189.13
N GLN ZA 670 46.85 -14.57 189.61
CA GLN ZA 670 46.64 -15.00 190.99
C GLN ZA 670 47.18 -16.40 191.22
N VAL ZA 671 46.93 -17.31 190.28
CA VAL ZA 671 47.38 -18.69 190.42
C VAL ZA 671 48.91 -18.77 190.41
N ARG ZA 672 49.56 -17.99 189.54
CA ARG ZA 672 51.01 -18.04 189.47
C ARG ZA 672 51.65 -17.57 190.77
N ARG ZA 673 51.11 -16.51 191.38
CA ARG ZA 673 51.63 -15.99 192.63
C ARG ZA 673 51.27 -16.91 193.80
N VAL AB 4 65.04 42.98 -82.51
CA VAL AB 4 64.37 42.08 -83.43
C VAL AB 4 64.34 42.70 -84.83
N GLN AB 5 65.30 42.30 -85.66
CA GLN AB 5 65.40 42.89 -86.99
C GLN AB 5 64.32 42.32 -87.90
N PHE AB 6 63.99 43.06 -88.95
CA PHE AB 6 62.84 42.74 -89.78
C PHE AB 6 63.27 42.52 -91.23
N ALA AB 7 62.50 41.69 -91.93
CA ALA AB 7 62.84 41.21 -93.26
C ALA AB 7 61.93 41.82 -94.32
N ASN AB 8 62.44 41.92 -95.55
CA ASN AB 8 61.69 42.46 -96.67
C ASN AB 8 61.92 41.60 -97.91
N ASN AB 9 60.85 41.05 -98.48
CA ASN AB 9 60.89 40.31 -99.72
C ASN AB 9 61.95 39.20 -99.69
N ALA AB 10 61.98 38.46 -98.59
CA ALA AB 10 62.94 37.38 -98.40
C ALA AB 10 62.21 36.04 -98.45
N ALA AB 11 62.52 35.24 -99.47
CA ALA AB 11 61.94 33.92 -99.64
C ALA AB 11 63.04 32.97 -100.09
N SER AB 12 63.10 31.78 -99.49
CA SER AB 12 64.17 30.83 -99.76
C SER AB 12 63.67 29.40 -99.64
N ARG AB 13 64.38 28.47 -100.28
CA ARG AB 13 64.05 27.06 -100.16
C ARG AB 13 64.83 26.41 -99.02
N LEU AB 14 64.16 25.52 -98.30
CA LEU AB 14 64.79 24.74 -97.23
C LEU AB 14 65.34 23.47 -97.87
N VAL AB 15 66.54 23.57 -98.45
CA VAL AB 15 67.10 22.47 -99.23
C VAL AB 15 67.49 21.31 -98.32
N GLY AB 16 68.02 21.61 -97.14
CA GLY AB 16 68.44 20.59 -96.22
C GLY AB 16 67.32 20.18 -95.28
N PRO AB 17 66.84 18.95 -95.42
CA PRO AB 17 65.66 18.52 -94.64
C PRO AB 17 65.90 18.66 -93.15
N LEU AB 18 64.87 19.14 -92.46
CA LEU AB 18 64.94 19.40 -91.03
C LEU AB 18 64.15 18.33 -90.27
N ALA AB 19 64.77 17.76 -89.25
CA ALA AB 19 64.06 16.84 -88.38
C ALA AB 19 63.06 17.61 -87.51
N PRO AB 20 62.06 16.92 -86.96
CA PRO AB 20 61.14 17.61 -86.03
C PRO AB 20 61.85 18.23 -84.84
N SER AB 21 63.07 17.79 -84.54
CA SER AB 21 63.93 18.44 -83.54
C SER AB 21 65.22 18.84 -84.25
N GLY AB 22 65.33 20.12 -84.60
CA GLY AB 22 66.46 20.59 -85.37
C GLY AB 22 67.08 21.88 -84.86
N THR AB 23 68.33 22.15 -85.25
CA THR AB 23 69.04 23.29 -84.72
C THR AB 23 69.30 24.36 -85.78
N SER AB 24 69.51 23.96 -87.03
CA SER AB 24 69.90 24.90 -88.06
C SER AB 24 69.25 24.54 -89.40
N LEU AB 25 69.19 25.53 -90.29
CA LEU AB 25 68.59 25.39 -91.61
C LEU AB 25 69.59 25.81 -92.67
N THR AB 26 69.38 25.31 -93.89
CA THR AB 26 70.20 25.66 -95.04
C THR AB 26 69.28 26.12 -96.17
N VAL AB 27 69.34 27.42 -96.47
CA VAL AB 27 68.60 28.00 -97.59
C VAL AB 27 69.40 27.77 -98.87
N THR AB 28 68.80 28.09 -100.02
CA THR AB 28 69.55 28.06 -101.27
C THR AB 28 70.70 29.07 -101.21
N PRO AB 29 71.84 28.75 -101.83
CA PRO AB 29 73.01 29.64 -101.72
C PRO AB 29 72.77 31.04 -102.27
N GLY AB 30 71.95 31.18 -103.31
CA GLY AB 30 71.82 32.47 -103.96
C GLY AB 30 71.16 33.53 -103.09
N ASP AB 31 70.08 33.17 -102.40
CA ASP AB 31 69.28 34.16 -101.70
C ASP AB 31 69.53 34.22 -100.21
N GLY AB 32 70.67 33.71 -99.73
CA GLY AB 32 70.98 33.82 -98.31
C GLY AB 32 71.17 35.26 -97.85
N ALA AB 33 71.70 36.11 -98.74
CA ALA AB 33 71.96 37.50 -98.36
C ALA AB 33 70.68 38.31 -98.28
N LEU AB 34 69.60 37.82 -98.90
CA LEU AB 34 68.34 38.56 -98.88
C LEU AB 34 67.80 38.70 -97.46
N PHE AB 35 67.92 37.65 -96.66
CA PHE AB 35 67.45 37.72 -95.28
C PHE AB 35 68.33 38.68 -94.49
N PRO AB 36 67.80 39.32 -93.45
CA PRO AB 36 68.60 40.30 -92.70
C PRO AB 36 69.84 39.66 -92.09
N THR AB 37 70.94 40.42 -92.11
CA THR AB 37 72.23 39.88 -91.68
C THR AB 37 72.25 39.61 -90.18
N LEU AB 38 71.43 40.34 -89.42
CA LEU AB 38 71.28 40.14 -87.98
C LEU AB 38 72.53 40.52 -87.21
N GLY AB 39 72.51 40.28 -85.90
CA GLY AB 39 73.64 40.54 -85.03
C GLY AB 39 73.50 39.73 -83.76
N ALA AB 40 74.47 39.91 -82.87
CA ALA AB 40 74.43 39.22 -81.59
C ALA AB 40 73.22 39.68 -80.77
N GLY AB 41 72.44 38.72 -80.29
CA GLY AB 41 71.24 39.01 -79.54
C GLY AB 41 70.08 39.52 -80.37
N ASP AB 42 70.17 39.43 -81.70
CA ASP AB 42 69.17 39.99 -82.59
C ASP AB 42 68.65 38.88 -83.51
N TRP AB 43 67.33 38.84 -83.69
CA TRP AB 43 66.68 37.78 -84.46
C TRP AB 43 65.57 38.35 -85.33
N PHE AB 44 65.25 37.65 -86.41
CA PHE AB 44 64.08 37.95 -87.22
C PHE AB 44 63.13 36.76 -87.16
N MET AB 45 61.83 37.05 -87.13
CA MET AB 45 60.84 35.99 -87.07
C MET AB 45 60.60 35.44 -88.47
N ALA AB 46 60.45 34.11 -88.55
CA ALA AB 46 60.31 33.44 -89.83
C ALA AB 46 59.09 32.54 -89.82
N THR AB 47 58.35 32.55 -90.93
CA THR AB 47 57.21 31.66 -91.13
C THR AB 47 57.57 30.65 -92.20
N LEU AB 48 57.56 29.37 -91.83
CA LEU AB 48 57.97 28.31 -92.76
C LEU AB 48 56.73 27.70 -93.40
N ILE AB 49 56.69 27.70 -94.72
CA ILE AB 49 55.52 27.26 -95.48
C ILE AB 49 55.91 25.97 -96.20
N ARG AB 50 55.63 24.83 -95.58
CA ARG AB 50 55.98 23.56 -96.20
C ARG AB 50 54.91 23.16 -97.22
N SER AB 51 55.08 21.97 -97.79
CA SER AB 51 54.10 21.44 -98.72
C SER AB 51 52.75 21.26 -98.02
N ASP AB 52 51.68 21.47 -98.79
CA ASP AB 52 50.30 21.39 -98.31
C ASP AB 52 50.03 22.55 -97.35
N GLY AB 53 48.93 22.47 -96.59
CA GLY AB 53 48.53 23.60 -95.78
C GLY AB 53 49.32 23.74 -94.48
N ALA AB 54 50.10 22.72 -94.14
CA ALA AB 54 50.84 22.74 -92.88
C ALA AB 54 51.85 23.88 -92.88
N ARG AB 55 51.96 24.56 -91.73
CA ARG AB 55 52.91 25.65 -91.54
C ARG AB 55 53.45 25.59 -90.12
N GLU AB 56 54.77 25.79 -89.98
CA GLU AB 56 55.42 25.84 -88.68
C GLU AB 56 56.20 27.14 -88.58
N ILE AB 57 56.25 27.70 -87.37
CA ILE AB 57 56.81 29.03 -87.14
C ILE AB 57 58.14 28.88 -86.41
N VAL AB 58 59.20 29.46 -86.99
CA VAL AB 58 60.54 29.33 -86.45
C VAL AB 58 61.20 30.70 -86.36
N LYS AB 59 62.09 30.83 -85.38
CA LYS AB 59 62.84 32.07 -85.15
C LYS AB 59 64.32 31.82 -85.42
N VAL AB 60 64.94 32.73 -86.16
CA VAL AB 60 66.35 32.62 -86.52
C VAL AB 60 67.15 33.46 -85.54
N THR AB 61 67.88 32.80 -84.63
CA THR AB 61 68.68 33.51 -83.66
C THR AB 61 69.87 34.21 -84.31
N SER AB 62 70.42 33.61 -85.37
CA SER AB 62 71.55 34.18 -86.09
C SER AB 62 71.74 33.42 -87.40
N ARG AB 63 72.26 34.11 -88.41
CA ARG AB 63 72.55 33.51 -89.71
C ARG AB 63 74.00 33.77 -90.06
N THR AB 64 74.70 32.72 -90.49
CA THR AB 64 76.08 32.80 -90.91
C THR AB 64 76.20 32.33 -92.36
N VAL AB 65 76.73 33.18 -93.22
CA VAL AB 65 76.87 32.90 -94.65
C VAL AB 65 75.48 32.56 -95.18
N ASP AB 66 75.22 31.26 -95.42
CA ASP AB 66 73.97 30.82 -96.02
C ASP AB 66 73.21 29.86 -95.12
N ALA AB 67 73.67 29.63 -93.90
CA ALA AB 67 73.01 28.72 -92.96
C ALA AB 67 72.79 29.45 -91.63
N MET AB 68 71.63 29.22 -91.02
CA MET AB 68 71.23 29.92 -89.81
C MET AB 68 70.79 28.93 -88.74
N SER AB 69 71.14 29.22 -87.49
CA SER AB 69 70.65 28.46 -86.36
C SER AB 69 69.17 28.76 -86.12
N ILE AB 70 68.44 27.76 -85.65
CA ILE AB 70 67.00 27.87 -85.54
C ILE AB 70 66.55 27.49 -84.13
N THR AB 71 65.41 28.03 -83.73
CA THR AB 71 64.71 27.63 -82.51
C THR AB 71 63.26 27.38 -82.88
N ARG AB 72 62.73 26.23 -82.45
CA ARG AB 72 61.42 25.79 -82.90
C ARG AB 72 60.32 26.27 -81.93
N ALA AB 73 59.09 26.26 -82.45
CA ALA AB 73 57.88 26.45 -81.64
C ALA AB 73 57.87 27.78 -80.89
N GLN AB 74 57.83 28.88 -81.63
CA GLN AB 74 57.74 30.19 -80.99
C GLN AB 74 56.29 30.55 -80.68
N GLU AB 75 55.41 30.48 -81.68
CA GLU AB 75 54.02 30.86 -81.51
C GLU AB 75 53.10 29.68 -81.26
N GLY AB 76 53.64 28.55 -80.77
CA GLY AB 76 52.83 27.39 -80.49
C GLY AB 76 52.69 26.42 -81.64
N SER AB 77 53.26 26.71 -82.80
CA SER AB 77 53.21 25.80 -83.93
C SER AB 77 53.91 24.49 -83.58
N SER AB 78 53.24 23.38 -83.88
CA SER AB 78 53.78 22.07 -83.54
C SER AB 78 55.01 21.75 -84.38
N ALA AB 79 55.95 21.03 -83.78
CA ALA AB 79 57.13 20.58 -84.51
C ALA AB 79 56.72 19.57 -85.58
N LEU AB 80 57.23 19.76 -86.79
CA LEU AB 80 56.83 18.95 -87.93
C LEU AB 80 58.05 18.55 -88.74
N SER AB 81 57.95 17.41 -89.43
CA SER AB 81 59.00 16.98 -90.34
C SER AB 81 58.91 17.75 -91.64
N PHE AB 82 60.08 18.08 -92.21
CA PHE AB 82 60.18 18.96 -93.36
C PHE AB 82 60.92 18.26 -94.49
N ASN AB 83 60.42 18.41 -95.70
CA ASN AB 83 60.98 17.73 -96.87
C ASN AB 83 62.02 18.62 -97.54
N PRO AB 84 62.87 18.04 -98.41
CA PRO AB 84 63.95 18.83 -99.02
C PRO AB 84 63.48 20.02 -99.83
N ASN AB 85 62.23 20.06 -100.27
CA ASN AB 85 61.69 21.19 -101.02
C ASN AB 85 60.68 21.93 -100.16
N ASP AB 86 60.99 23.18 -99.81
CA ASP AB 86 60.22 23.89 -98.81
C ASP AB 86 60.43 25.39 -99.01
N ARG AB 87 59.75 26.20 -98.20
CA ARG AB 87 59.73 27.65 -98.36
C ARG AB 87 59.91 28.36 -97.02
N ILE AB 88 61.02 29.07 -96.89
CA ILE AB 88 61.28 29.98 -95.77
C ILE AB 88 61.01 31.39 -96.27
N GLU AB 89 60.06 32.08 -95.64
CA GLU AB 89 59.69 33.42 -96.09
C GLU AB 89 58.82 34.08 -95.02
N ALA AB 90 58.32 35.27 -95.38
CA ALA AB 90 57.25 35.96 -94.66
C ALA AB 90 57.70 36.50 -93.31
N ARG AB 91 56.85 37.30 -92.68
CA ARG AB 91 57.08 37.83 -91.34
C ARG AB 91 55.88 37.50 -90.47
N LEU AB 92 56.14 37.19 -89.20
CA LEU AB 92 55.09 36.79 -88.27
C LEU AB 92 54.46 38.04 -87.67
N THR AB 93 53.13 38.12 -87.73
CA THR AB 93 52.43 39.28 -87.19
C THR AB 93 52.15 39.12 -85.71
N ALA AB 94 51.64 37.94 -85.31
CA ALA AB 94 51.09 37.78 -83.97
C ALA AB 94 52.11 38.12 -82.89
N GLY AB 95 53.29 37.51 -82.97
CA GLY AB 95 54.33 37.81 -81.99
C GLY AB 95 54.79 39.25 -82.04
N GLU AB 96 55.11 39.73 -83.25
CA GLU AB 96 55.57 41.11 -83.38
C GLU AB 96 54.48 42.12 -83.03
N LEU AB 97 53.27 41.95 -83.57
CA LEU AB 97 52.22 42.92 -83.29
C LEU AB 97 51.86 42.92 -81.81
N GLY AB 98 51.90 41.75 -81.16
CA GLY AB 98 51.78 41.71 -79.71
C GLY AB 98 52.87 42.50 -79.02
N ASP AB 99 54.11 42.37 -79.52
CA ASP AB 99 55.21 43.14 -78.96
C ASP AB 99 54.96 44.63 -79.09
N PHE AB 100 54.48 45.07 -80.26
CA PHE AB 100 54.27 46.51 -80.47
C PHE AB 100 53.11 47.04 -79.63
N ARG AB 101 52.00 46.30 -79.53
CA ARG AB 101 50.93 46.79 -78.68
C ARG AB 101 51.35 46.83 -77.21
N ASP AB 102 52.14 45.86 -76.76
CA ASP AB 102 52.67 45.91 -75.41
C ASP AB 102 53.62 47.08 -75.21
N GLY AB 103 54.44 47.37 -76.22
CA GLY AB 103 55.38 48.49 -76.12
C GLY AB 103 54.68 49.83 -76.05
N ILE AB 104 53.61 50.01 -76.83
CA ILE AB 104 52.85 51.25 -76.75
C ILE AB 104 52.27 51.46 -75.37
N ALA AB 105 51.66 50.40 -74.80
CA ALA AB 105 51.09 50.49 -73.46
C ALA AB 105 52.17 50.76 -72.41
N SER AB 106 53.33 50.10 -72.56
CA SER AB 106 54.42 50.32 -71.62
C SER AB 106 54.92 51.76 -71.70
N ALA AB 107 55.03 52.31 -72.91
CA ALA AB 107 55.45 53.70 -73.06
C ALA AB 107 54.45 54.65 -72.43
N GLN AB 108 53.16 54.40 -72.65
CA GLN AB 108 52.13 55.24 -72.04
C GLN AB 108 52.22 55.20 -70.53
N SER AB 109 52.34 53.99 -69.96
CA SER AB 109 52.42 53.85 -68.51
C SER AB 109 53.67 54.51 -67.95
N ALA AB 110 54.80 54.37 -68.65
CA ALA AB 110 56.04 54.97 -68.17
C ALA AB 110 55.97 56.49 -68.23
N ALA AB 111 55.36 57.05 -69.28
CA ALA AB 111 55.18 58.50 -69.35
C ALA AB 111 54.28 59.00 -68.24
N SER AB 112 53.18 58.27 -67.98
CA SER AB 112 52.29 58.66 -66.89
C SER AB 112 53.00 58.59 -65.54
N ALA AB 113 53.80 57.55 -65.32
CA ALA AB 113 54.55 57.42 -64.08
C ALA AB 113 55.57 58.54 -63.94
N ALA AB 114 56.24 58.90 -65.04
CA ALA AB 114 57.19 60.01 -65.01
C ALA AB 114 56.51 61.31 -64.64
N GLN AB 115 55.33 61.58 -65.22
CA GLN AB 115 54.58 62.78 -64.88
C GLN AB 115 54.15 62.75 -63.42
N GLY AB 116 53.72 61.59 -62.92
CA GLY AB 116 53.34 61.49 -61.52
C GLY AB 116 54.50 61.74 -60.57
N THR AB 117 55.68 61.20 -60.91
CA THR AB 117 56.86 61.47 -60.09
C THR AB 117 57.28 62.92 -60.17
N ALA AB 118 57.08 63.55 -61.34
CA ALA AB 118 57.34 64.99 -61.45
C ALA AB 118 56.42 65.78 -60.54
N ASP AB 119 55.14 65.39 -60.48
CA ASP AB 119 54.20 66.05 -59.58
C ASP AB 119 54.50 65.71 -58.12
N ALA BB 2 0.00 -40.36 -49.26
CA ALA BB 2 0.58 -41.45 -50.04
C ALA BB 2 0.06 -41.44 -51.47
N PHE BB 3 -0.39 -40.28 -51.91
CA PHE BB 3 -0.92 -40.17 -53.27
C PHE BB 3 0.22 -40.15 -54.29
N PRO BB 4 -0.01 -40.63 -55.51
CA PRO BB 4 0.99 -40.44 -56.56
C PRO BB 4 0.96 -39.02 -57.10
N ALA BB 5 2.04 -38.65 -57.79
CA ALA BB 5 2.09 -37.34 -58.42
C ALA BB 5 1.11 -37.21 -59.58
N SER BB 6 0.59 -38.33 -60.08
CA SER BB 6 -0.31 -38.28 -61.23
C SER BB 6 -1.55 -37.46 -60.93
N VAL BB 7 -2.13 -37.64 -59.73
CA VAL BB 7 -3.35 -36.93 -59.40
C VAL BB 7 -3.10 -35.43 -59.32
N VAL BB 8 -1.99 -35.03 -58.70
CA VAL BB 8 -1.70 -33.60 -58.55
C VAL BB 8 -1.39 -32.97 -59.90
N LEU BB 9 -0.71 -33.71 -60.78
CA LEU BB 9 -0.48 -33.20 -62.12
C LEU BB 9 -1.79 -33.08 -62.89
N SER BB 10 -2.72 -34.01 -62.67
CA SER BB 10 -4.04 -33.88 -63.28
C SER BB 10 -4.74 -32.63 -62.80
N ARG BB 11 -4.66 -32.34 -61.50
CA ARG BB 11 -5.21 -31.08 -61.00
C ARG BB 11 -4.59 -29.90 -61.73
N ALA BB 12 -3.26 -29.78 -61.65
CA ALA BB 12 -2.57 -28.63 -62.23
C ALA BB 12 -2.85 -28.50 -63.72
N ALA BB 13 -3.08 -29.62 -64.41
CA ALA BB 13 -3.43 -29.57 -65.82
C ALA BB 13 -4.87 -29.12 -66.01
N THR BB 14 -5.72 -29.35 -65.02
CA THR BB 14 -7.09 -28.86 -65.08
C THR BB 14 -7.21 -27.38 -64.72
N LEU BB 15 -6.40 -26.89 -63.77
CA LEU BB 15 -6.48 -25.50 -63.33
C LEU BB 15 -5.97 -24.56 -64.41
N LEU BB 16 -4.68 -24.65 -64.72
CA LEU BB 16 -4.19 -24.05 -65.94
C LEU BB 16 -4.93 -24.69 -67.11
N GLN BB 17 -5.36 -23.85 -68.05
CA GLN BB 17 -6.23 -24.34 -69.11
C GLN BB 17 -5.40 -25.06 -70.17
N ASP BB 18 -4.57 -25.99 -69.67
CA ASP BB 18 -3.65 -26.81 -70.46
C ASP BB 18 -3.74 -28.24 -69.94
N GLU BB 19 -4.65 -29.03 -70.52
CA GLU BB 19 -4.80 -30.42 -70.11
C GLU BB 19 -3.82 -31.33 -70.84
N ASP BB 20 -3.33 -30.92 -72.01
CA ASP BB 20 -2.45 -31.78 -72.78
C ASP BB 20 -1.00 -31.68 -72.31
N HIS BB 21 -0.73 -30.82 -71.32
CA HIS BB 21 0.60 -30.57 -70.79
C HIS BB 21 1.57 -30.06 -71.85
N GLU BB 22 1.05 -29.41 -72.89
CA GLU BB 22 1.88 -28.93 -73.98
C GLU BB 22 2.80 -27.79 -73.55
N ARG BB 23 2.21 -26.68 -73.11
CA ARG BB 23 3.00 -25.52 -72.73
C ARG BB 23 3.71 -25.75 -71.41
N TRP BB 24 3.00 -26.29 -70.41
CA TRP BB 24 3.60 -26.69 -69.14
C TRP BB 24 3.87 -28.19 -69.21
N THR BB 25 5.12 -28.55 -69.48
CA THR BB 25 5.48 -29.94 -69.66
C THR BB 25 5.32 -30.72 -68.35
N VAL BB 26 5.12 -32.03 -68.50
CA VAL BB 26 4.89 -32.88 -67.33
C VAL BB 26 6.11 -32.89 -66.43
N ASP BB 27 7.31 -32.82 -67.02
CA ASP BB 27 8.52 -32.70 -66.21
C ASP BB 27 8.52 -31.39 -65.42
N GLU BB 28 8.05 -30.32 -66.04
CA GLU BB 28 8.06 -29.02 -65.37
C GLU BB 28 7.06 -29.02 -64.22
N LEU BB 29 5.89 -29.60 -64.43
CA LEU BB 29 4.91 -29.69 -63.35
C LEU BB 29 5.39 -30.60 -62.23
N LEU BB 30 6.08 -31.70 -62.57
CA LEU BB 30 6.69 -32.54 -61.56
C LEU BB 30 7.73 -31.76 -60.76
N GLU BB 31 8.49 -30.92 -61.45
CA GLU BB 31 9.54 -30.14 -60.80
C GLU BB 31 8.90 -29.18 -59.79
N TRP BB 32 7.79 -28.56 -60.19
CA TRP BB 32 7.06 -27.71 -59.25
C TRP BB 32 6.44 -28.52 -58.13
N LEU BB 33 6.04 -29.76 -58.41
CA LEU BB 33 5.47 -30.60 -57.36
C LEU BB 33 6.52 -30.88 -56.28
N THR BB 34 7.74 -31.19 -56.69
CA THR BB 34 8.77 -31.44 -55.68
C THR BB 34 9.14 -30.15 -54.94
N ASP BB 35 9.16 -29.01 -55.64
CA ASP BB 35 9.34 -27.74 -54.94
C ASP BB 35 8.25 -27.53 -53.90
N GLY BB 36 7.00 -27.82 -54.25
CA GLY BB 36 5.91 -27.65 -53.31
C GLY BB 36 6.03 -28.57 -52.11
N THR BB 37 6.47 -29.81 -52.35
CA THR BB 37 6.67 -30.73 -51.23
C THR BB 37 7.73 -30.19 -50.27
N ARG BB 38 8.87 -29.73 -50.80
CA ARG BB 38 9.90 -29.17 -49.94
C ARG BB 38 9.37 -27.95 -49.18
N GLU BB 39 8.65 -27.08 -49.89
CA GLU BB 39 8.16 -25.86 -49.25
C GLU BB 39 7.16 -26.15 -48.15
N ILE BB 40 6.26 -27.13 -48.38
CA ILE BB 40 5.29 -27.47 -47.35
C ILE BB 40 5.98 -28.11 -46.14
N VAL BB 41 6.98 -28.95 -46.39
CA VAL BB 41 7.73 -29.51 -45.27
C VAL BB 41 8.38 -28.41 -44.46
N VAL BB 42 8.93 -27.39 -45.14
CA VAL BB 42 9.62 -26.32 -44.42
C VAL BB 42 8.63 -25.46 -43.66
N ARG BB 43 7.54 -25.05 -44.31
CA ARG BB 43 6.56 -24.18 -43.65
C ARG BB 43 5.93 -24.88 -42.46
N LYS BB 44 5.43 -26.10 -42.67
CA LYS BB 44 4.82 -26.89 -41.59
C LYS BB 44 5.58 -28.20 -41.46
N PRO BB 45 6.51 -28.32 -40.52
CA PRO BB 45 7.30 -29.55 -40.40
C PRO BB 45 6.46 -30.78 -40.16
N SER BB 46 5.25 -30.63 -39.59
CA SER BB 46 4.39 -31.78 -39.34
C SER BB 46 3.92 -32.45 -40.62
N ALA BB 47 4.09 -31.80 -41.78
CA ALA BB 47 3.65 -32.38 -43.03
C ALA BB 47 4.37 -33.68 -43.35
N TYR BB 48 5.69 -33.72 -43.14
CA TYR BB 48 6.51 -34.88 -43.48
C TYR BB 48 7.59 -35.06 -42.41
N MET BB 49 7.32 -35.94 -41.46
CA MET BB 49 8.29 -36.32 -40.43
C MET BB 49 8.44 -37.84 -40.45
N LYS BB 50 9.61 -38.31 -40.87
CA LYS BB 50 9.85 -39.73 -41.05
C LYS BB 50 10.78 -40.25 -39.97
N THR BB 51 10.35 -41.28 -39.26
CA THR BB 51 11.16 -41.90 -38.21
C THR BB 51 12.17 -42.83 -38.87
N THR BB 52 13.42 -42.39 -38.95
CA THR BB 52 14.47 -43.14 -39.61
C THR BB 52 15.47 -43.66 -38.58
N THR BB 53 15.83 -44.93 -38.71
CA THR BB 53 16.89 -45.51 -37.90
C THR BB 53 18.23 -45.28 -38.59
N ALA BB 54 19.18 -44.68 -37.89
CA ALA BB 54 20.45 -44.29 -38.47
C ALA BB 54 21.59 -44.72 -37.57
N ALA BB 55 22.59 -45.36 -38.17
CA ALA BB 55 23.81 -45.69 -37.44
C ALA BB 55 24.57 -44.41 -37.09
N LEU BB 56 25.24 -44.44 -35.94
CA LEU BB 56 25.96 -43.29 -35.42
C LEU BB 56 27.45 -43.55 -35.49
N VAL BB 57 28.19 -42.63 -36.10
CA VAL BB 57 29.65 -42.75 -36.15
C VAL BB 57 30.20 -42.70 -34.73
N ALA BB 58 31.22 -43.50 -34.47
CA ALA BB 58 31.83 -43.50 -33.14
C ALA BB 58 32.36 -42.12 -32.80
N GLY BB 59 32.04 -41.66 -31.59
CA GLY BB 59 32.43 -40.33 -31.18
C GLY BB 59 31.26 -39.46 -30.76
N SER BB 60 31.54 -38.33 -30.11
CA SER BB 60 30.47 -37.46 -29.65
C SER BB 60 29.78 -36.77 -30.82
N LYS BB 61 30.54 -36.28 -31.79
CA LYS BB 61 29.96 -35.55 -32.91
C LYS BB 61 29.24 -36.49 -33.86
N GLN BB 62 28.04 -36.10 -34.25
CA GLN BB 62 27.32 -36.88 -35.23
C GLN BB 62 26.73 -35.95 -36.26
N ALA BB 63 26.36 -36.48 -37.41
CA ALA BB 63 25.76 -35.73 -38.50
C ALA BB 63 24.37 -36.28 -38.79
N LEU BB 64 23.39 -35.37 -38.86
CA LEU BB 64 22.05 -35.74 -39.24
C LEU BB 64 22.05 -36.31 -40.66
N PRO BB 65 21.17 -37.26 -40.94
CA PRO BB 65 21.05 -37.75 -42.33
C PRO BB 65 20.85 -36.58 -43.29
N GLU BB 66 21.58 -36.63 -44.41
CA GLU BB 66 21.68 -35.48 -45.29
C GLU BB 66 20.33 -35.08 -45.87
N ASP BB 67 19.41 -36.04 -46.00
CA ASP BB 67 18.09 -35.76 -46.56
C ASP BB 67 17.08 -35.47 -45.44
N ALA BB 68 17.43 -34.50 -44.59
CA ALA BB 68 16.57 -34.10 -43.49
C ALA BB 68 16.73 -32.61 -43.24
N ILE BB 69 15.61 -31.90 -43.13
CA ILE BB 69 15.68 -30.47 -42.85
C ILE BB 69 16.20 -30.22 -41.44
N GLN BB 70 15.63 -30.91 -40.45
CA GLN BB 70 15.99 -30.70 -39.05
C GLN BB 70 15.36 -31.80 -38.22
N LEU BB 71 16.13 -32.33 -37.27
CA LEU BB 71 15.66 -33.39 -36.39
C LEU BB 71 14.80 -32.75 -35.31
N ILE BB 72 13.72 -33.44 -34.92
CA ILE BB 72 12.81 -32.87 -33.93
C ILE BB 72 12.91 -33.60 -32.61
N ASP BB 73 12.89 -34.93 -32.65
CA ASP BB 73 13.10 -35.74 -31.45
C ASP BB 73 13.95 -36.95 -31.80
N VAL BB 74 14.53 -37.55 -30.76
CA VAL BB 74 15.25 -38.81 -30.85
C VAL BB 74 14.64 -39.75 -29.82
N PRO BB 75 13.48 -40.35 -30.11
CA PRO BB 75 12.72 -41.02 -29.04
C PRO BB 75 13.40 -42.24 -28.46
N ARG BB 76 13.82 -43.20 -29.30
CA ARG BB 76 14.33 -44.47 -28.83
C ARG BB 76 15.76 -44.68 -29.30
N ASN BB 77 16.60 -45.17 -28.39
CA ASN BB 77 17.93 -45.65 -28.74
C ASN BB 77 17.82 -47.13 -29.06
N LEU BB 78 17.83 -47.46 -30.35
CA LEU BB 78 17.56 -48.82 -30.76
C LEU BB 78 18.68 -49.75 -30.31
N LYS BB 79 18.30 -50.74 -29.50
CA LYS BB 79 19.20 -51.80 -29.11
C LYS BB 79 19.48 -52.69 -30.34
N THR BB 80 20.52 -53.52 -30.23
CA THR BB 80 20.89 -54.40 -31.33
C THR BB 80 19.68 -55.19 -31.81
N ASP BB 81 19.68 -55.50 -33.10
CA ASP BB 81 18.59 -56.16 -33.85
C ASP BB 81 17.28 -55.43 -33.54
N GLY BB 82 16.20 -56.13 -33.17
CA GLY BB 82 14.89 -55.50 -33.19
C GLY BB 82 14.49 -54.85 -31.89
N SER BB 83 15.26 -55.08 -30.82
CA SER BB 83 14.86 -54.59 -29.52
C SER BB 83 14.85 -53.07 -29.48
N PRO BB 84 13.76 -52.45 -29.02
CA PRO BB 84 13.68 -50.98 -29.03
C PRO BB 84 14.76 -50.30 -28.21
N GLY BB 85 15.16 -50.89 -27.08
CA GLY BB 85 16.23 -50.31 -26.29
C GLY BB 85 15.80 -49.10 -25.48
N ARG BB 86 16.81 -48.38 -25.00
CA ARG BB 86 16.63 -47.25 -24.11
C ARG BB 86 16.06 -46.05 -24.86
N ALA BB 87 15.52 -45.09 -24.10
CA ALA BB 87 15.10 -43.82 -24.63
C ALA BB 87 16.17 -42.76 -24.40
N VAL BB 88 16.10 -41.69 -25.19
CA VAL BB 88 17.09 -40.61 -25.15
C VAL BB 88 16.35 -39.30 -24.90
N THR BB 89 16.92 -38.47 -24.02
CA THR BB 89 16.34 -37.18 -23.67
C THR BB 89 17.35 -36.08 -23.93
N ALA BB 90 16.86 -34.93 -24.40
CA ALA BB 90 17.72 -33.83 -24.78
C ALA BB 90 18.37 -33.18 -23.57
N THR BB 91 19.56 -32.63 -23.77
CA THR BB 91 20.28 -31.93 -22.71
C THR BB 91 20.89 -30.66 -23.29
N ASP BB 92 21.72 -30.01 -22.48
CA ASP BB 92 22.37 -28.75 -22.85
C ASP BB 92 23.83 -29.03 -23.20
N ARG BB 93 24.26 -28.53 -24.36
CA ARG BB 93 25.63 -28.80 -24.80
C ARG BB 93 26.64 -27.98 -24.00
N ARG BB 94 26.29 -26.73 -23.66
CA ARG BB 94 27.26 -25.88 -22.98
C ARG BB 94 27.61 -26.40 -21.60
N LEU BB 95 26.63 -26.90 -20.85
CA LEU BB 95 26.93 -27.48 -19.55
C LEU BB 95 27.69 -28.79 -19.68
N LEU BB 96 27.39 -29.56 -20.73
CA LEU BB 96 28.18 -30.76 -21.01
C LEU BB 96 29.62 -30.39 -21.30
N ASP BB 97 29.84 -29.18 -21.84
CA ASP BB 97 31.19 -28.69 -22.05
C ASP BB 97 31.84 -28.27 -20.74
N THR BB 98 31.13 -27.50 -19.93
CA THR BB 98 31.72 -26.90 -18.74
C THR BB 98 32.18 -27.97 -17.75
N GLU BB 99 31.27 -28.87 -17.37
CA GLU BB 99 31.64 -30.00 -16.55
C GLU BB 99 32.13 -31.15 -17.42
N ASN BB 100 33.21 -31.78 -16.97
CA ASN BB 100 33.91 -32.80 -17.74
C ASN BB 100 34.28 -32.26 -19.12
N PRO BB 101 35.22 -31.31 -19.20
CA PRO BB 101 35.52 -30.70 -20.50
C PRO BB 101 36.00 -31.69 -21.54
N ASP BB 102 36.62 -32.79 -21.11
CA ASP BB 102 37.03 -33.85 -22.03
C ASP BB 102 35.95 -34.92 -22.14
N TRP BB 103 34.72 -34.46 -22.40
CA TRP BB 103 33.61 -35.39 -22.52
C TRP BB 103 33.60 -36.06 -23.88
N HIS BB 104 34.28 -35.48 -24.86
CA HIS BB 104 34.44 -36.16 -26.15
C HIS BB 104 35.41 -37.31 -26.03
N SER BB 105 36.39 -37.21 -25.13
CA SER BB 105 37.50 -38.15 -25.08
C SER BB 105 37.25 -39.36 -24.19
N MET BB 106 36.11 -39.42 -23.50
CA MET BB 106 35.90 -40.52 -22.56
C MET BB 106 35.53 -41.80 -23.31
N LYS BB 107 35.36 -42.87 -22.53
CA LYS BB 107 35.03 -44.16 -23.10
C LYS BB 107 33.68 -44.10 -23.80
N PRO BB 108 33.56 -44.60 -25.02
CA PRO BB 108 32.25 -44.65 -25.68
C PRO BB 108 31.33 -45.62 -24.98
N ALA BB 109 30.03 -45.45 -25.23
CA ALA BB 109 29.00 -46.27 -24.61
C ALA BB 109 28.28 -47.09 -25.67
N GLY BB 110 27.86 -48.29 -25.30
CA GLY BB 110 27.09 -49.12 -26.22
C GLY BB 110 25.76 -48.48 -26.60
N GLN BB 111 25.14 -47.77 -25.66
CA GLN BB 111 23.91 -47.04 -25.91
C GLN BB 111 24.09 -45.61 -25.44
N ILE BB 112 23.85 -44.65 -26.34
CA ILE BB 112 23.89 -43.24 -25.97
C ILE BB 112 22.77 -42.95 -24.98
N ARG BB 113 22.96 -41.93 -24.15
CA ARG BB 113 22.02 -41.60 -23.09
C ARG BB 113 21.41 -40.22 -23.25
N HIS BB 114 22.09 -39.28 -23.90
CA HIS BB 114 21.55 -37.96 -24.13
C HIS BB 114 22.05 -37.42 -25.46
N TYR BB 115 21.28 -36.51 -26.04
CA TYR BB 115 21.63 -35.86 -27.30
C TYR BB 115 21.39 -34.37 -27.16
N THR BB 116 22.26 -33.59 -27.81
CA THR BB 116 22.15 -32.14 -27.82
C THR BB 116 22.04 -31.66 -29.25
N TYR BB 117 21.03 -30.82 -29.51
CA TYR BB 117 20.78 -30.31 -30.85
C TYR BB 117 20.62 -28.80 -30.79
N ASP BB 118 21.26 -28.10 -31.72
CA ASP BB 118 21.16 -26.65 -31.83
C ASP BB 118 20.50 -26.30 -33.14
N SER BB 119 19.50 -25.41 -33.09
CA SER BB 119 18.77 -25.04 -34.30
C SER BB 119 19.68 -24.31 -35.28
N ASN BB 120 20.62 -23.52 -34.78
CA ASN BB 120 21.49 -22.75 -35.65
C ASN BB 120 22.35 -23.65 -36.52
N VAL BB 121 22.71 -24.83 -36.02
CA VAL BB 121 23.50 -25.78 -36.78
C VAL BB 121 22.63 -27.01 -37.03
N PRO BB 122 21.98 -27.11 -38.19
CA PRO BB 122 21.00 -28.19 -38.40
C PRO BB 122 21.64 -29.55 -38.67
N THR BB 123 22.81 -29.56 -39.28
CA THR BB 123 23.41 -30.80 -39.75
C THR BB 123 24.22 -31.54 -38.69
N VAL BB 124 24.37 -30.97 -37.50
CA VAL BB 124 25.21 -31.56 -36.45
C VAL BB 124 24.37 -31.69 -35.18
N PHE BB 125 24.38 -32.88 -34.59
CA PHE BB 125 23.81 -33.11 -33.27
C PHE BB 125 24.76 -33.99 -32.48
N TYR BB 126 25.00 -33.63 -31.22
CA TYR BB 126 25.96 -34.32 -30.38
C TYR BB 126 25.26 -35.34 -29.49
N THR BB 127 25.94 -36.45 -29.25
CA THR BB 127 25.42 -37.53 -28.44
C THR BB 127 26.27 -37.71 -27.19
N TYR BB 128 25.61 -38.03 -26.08
CA TYR BB 128 26.26 -38.25 -24.80
C TYR BB 128 25.77 -39.55 -24.19
N PRO BB 129 26.66 -40.53 -23.92
CA PRO BB 129 28.09 -40.56 -24.21
C PRO BB 129 28.37 -40.76 -25.68
N PRO BB 130 29.62 -40.65 -26.11
CA PRO BB 130 29.94 -40.94 -27.52
C PRO BB 130 29.51 -42.35 -27.90
N ALA BB 131 28.99 -42.48 -29.11
CA ALA BB 131 28.48 -43.76 -29.59
C ALA BB 131 29.63 -44.72 -29.86
N ALA BB 132 29.32 -46.02 -29.83
CA ALA BB 132 30.31 -47.06 -30.02
C ALA BB 132 29.81 -48.09 -31.03
N ALA BB 133 30.68 -48.47 -31.95
CA ALA BB 133 30.41 -49.54 -32.91
C ALA BB 133 29.15 -49.29 -33.71
N GLY BB 134 28.93 -48.02 -34.05
CA GLY BB 134 27.81 -47.67 -34.92
C GLY BB 134 26.44 -48.03 -34.40
N VAL BB 135 26.16 -47.71 -33.13
CA VAL BB 135 24.85 -48.01 -32.56
C VAL BB 135 23.80 -47.14 -33.24
N GLN BB 136 22.67 -47.74 -33.59
CA GLN BB 136 21.63 -47.02 -34.30
C GLN BB 136 20.56 -46.51 -33.35
N VAL BB 137 19.95 -45.39 -33.70
CA VAL BB 137 18.91 -44.75 -32.90
C VAL BB 137 17.79 -44.29 -33.82
N GLU BB 138 16.56 -44.33 -33.33
CA GLU BB 138 15.45 -43.75 -34.07
C GLU BB 138 15.58 -42.24 -34.13
N LEU BB 139 15.48 -41.68 -35.33
CA LEU BB 139 15.53 -40.25 -35.54
C LEU BB 139 14.21 -39.78 -36.13
N VAL BB 140 13.56 -38.84 -35.46
CA VAL BB 140 12.34 -38.21 -35.93
C VAL BB 140 12.73 -36.84 -36.46
N CYS BB 141 12.78 -36.70 -37.78
CA CYS BB 141 13.26 -35.50 -38.42
C CYS BB 141 12.34 -35.11 -39.57
N ALA BB 142 12.34 -33.82 -39.89
CA ALA BB 142 11.54 -33.33 -41.01
C ALA BB 142 12.21 -33.75 -42.32
N TRP BB 143 11.80 -34.89 -42.87
CA TRP BB 143 12.41 -35.38 -44.09
C TRP BB 143 12.01 -34.53 -45.29
N ARG BB 144 12.93 -34.41 -46.23
CA ARG BB 144 12.69 -33.70 -47.48
C ARG BB 144 12.40 -34.72 -48.57
N HIS BB 145 11.30 -34.53 -49.28
CA HIS BB 145 10.92 -35.48 -50.31
C HIS BB 145 11.93 -35.37 -51.46
N PRO BB 146 12.62 -36.45 -51.80
CA PRO BB 146 13.78 -36.31 -52.71
C PRO BB 146 13.46 -35.71 -54.08
N ALA BB 147 12.58 -36.33 -54.85
CA ALA BB 147 12.32 -35.85 -56.20
C ALA BB 147 11.07 -36.52 -56.75
N LEU BB 148 10.57 -35.96 -57.85
CA LEU BB 148 9.43 -36.53 -58.59
C LEU BB 148 9.91 -36.72 -60.03
N THR BB 149 10.52 -37.87 -60.30
CA THR BB 149 11.09 -38.11 -61.62
C THR BB 149 10.01 -38.35 -62.66
N THR BB 150 9.01 -39.17 -62.34
CA THR BB 150 7.99 -39.58 -63.29
C THR BB 150 6.61 -39.23 -62.75
N GLN BB 151 5.63 -39.24 -63.66
CA GLN BB 151 4.27 -38.90 -63.30
C GLN BB 151 3.69 -39.87 -62.28
N ASN BB 152 3.97 -41.17 -62.46
CA ASN BB 152 3.41 -42.18 -61.56
C ASN BB 152 4.16 -42.26 -60.24
N ASP BB 153 5.21 -41.46 -60.05
CA ASP BB 153 5.92 -41.45 -58.78
C ASP BB 153 4.98 -41.04 -57.65
N VAL BB 154 5.13 -41.70 -56.51
CA VAL BB 154 4.27 -41.52 -55.36
C VAL BB 154 4.88 -40.45 -54.45
N VAL BB 155 4.02 -39.66 -53.81
CA VAL BB 155 4.46 -38.66 -52.84
C VAL BB 155 4.10 -39.16 -51.45
N GLN BB 156 5.13 -39.33 -50.61
CA GLN BB 156 4.92 -39.85 -49.26
C GLN BB 156 4.23 -38.85 -48.34
N MET BB 157 4.07 -37.60 -48.77
CA MET BB 157 3.38 -36.60 -47.95
C MET BB 157 1.90 -36.96 -47.83
N GLY BB 158 1.27 -36.41 -46.80
CA GLY BB 158 -0.14 -36.65 -46.58
C GLY BB 158 -1.01 -36.13 -47.70
N ALA BB 159 -2.17 -36.78 -47.85
CA ALA BB 159 -3.06 -36.46 -48.96
C ALA BB 159 -3.78 -35.13 -48.78
N GLU BB 160 -3.85 -34.60 -47.56
CA GLU BB 160 -4.62 -33.37 -47.36
C GLU BB 160 -3.91 -32.14 -47.91
N PHE BB 161 -2.58 -32.18 -47.98
CA PHE BB 161 -1.84 -31.05 -48.54
C PHE BB 161 -1.86 -31.02 -50.07
N VAL BB 162 -2.74 -31.80 -50.71
CA VAL BB 162 -2.83 -31.78 -52.15
C VAL BB 162 -3.31 -30.42 -52.64
N SER BB 163 -4.20 -29.78 -51.88
CA SER BB 163 -4.65 -28.44 -52.25
C SER BB 163 -3.50 -27.44 -52.20
N ALA BB 164 -2.68 -27.50 -51.15
CA ALA BB 164 -1.53 -26.61 -51.06
C ALA BB 164 -0.53 -26.87 -52.17
N LEU BB 165 -0.30 -28.14 -52.50
CA LEU BB 165 0.60 -28.47 -53.59
C LEU BB 165 0.07 -27.93 -54.92
N VAL BB 166 -1.23 -28.06 -55.15
CA VAL BB 166 -1.83 -27.53 -56.38
C VAL BB 166 -1.68 -26.03 -56.44
N SER BB 167 -1.95 -25.35 -55.32
CA SER BB 167 -1.81 -23.89 -55.30
C SER BB 167 -0.38 -23.46 -55.56
N TRP BB 168 0.59 -24.19 -54.98
CA TRP BB 168 1.99 -23.86 -55.22
C TRP BB 168 2.38 -24.09 -56.67
N CYS BB 169 1.93 -25.19 -57.26
CA CYS BB 169 2.24 -25.46 -58.66
C CYS BB 169 1.63 -24.39 -59.56
N LEU BB 170 0.40 -23.97 -59.26
CA LEU BB 170 -0.23 -22.90 -60.02
C LEU BB 170 0.54 -21.59 -59.87
N TYR BB 171 0.96 -21.27 -58.64
CA TYR BB 171 1.71 -20.04 -58.41
C TYR BB 171 3.02 -20.04 -59.21
N ARG BB 172 3.72 -21.16 -59.22
CA ARG BB 172 5.01 -21.18 -59.92
C ARG BB 172 4.85 -21.27 -61.43
N ALA BB 173 3.83 -21.97 -61.92
CA ALA BB 173 3.65 -22.10 -63.36
C ALA BB 173 3.08 -20.82 -63.97
N SER BB 174 2.14 -20.18 -63.27
CA SER BB 174 1.55 -18.94 -63.77
C SER BB 174 2.51 -17.77 -63.67
N SER BB 175 3.63 -17.95 -62.96
CA SER BB 175 4.67 -16.93 -62.92
C SER BB 175 5.56 -16.97 -64.15
N LYS BB 176 5.30 -17.86 -65.09
CA LYS BB 176 6.08 -17.92 -66.32
C LYS BB 176 5.94 -16.63 -67.12
N ASP BB 177 7.01 -16.25 -67.80
CA ASP BB 177 7.01 -15.04 -68.62
C ASP BB 177 6.53 -15.37 -70.03
N SER BB 178 5.25 -15.74 -70.12
CA SER BB 178 4.63 -16.07 -71.39
C SER BB 178 3.24 -15.44 -71.46
N GLU BB 179 2.70 -15.40 -72.68
CA GLU BB 179 1.32 -14.94 -72.85
C GLU BB 179 0.35 -15.80 -72.08
N PHE BB 180 0.59 -17.12 -72.06
CA PHE BB 180 -0.39 -18.03 -71.49
C PHE BB 180 -0.39 -18.03 -69.98
N ALA BB 181 0.57 -17.34 -69.36
CA ALA BB 181 0.62 -17.21 -67.92
C ALA BB 181 0.14 -15.83 -67.49
N ASN BB 182 -0.44 -15.76 -66.31
CA ASN BB 182 -1.01 -14.53 -65.77
C ASN BB 182 -0.36 -14.21 -64.42
N GLY BB 183 -0.17 -12.92 -64.14
CA GLY BB 183 0.57 -12.50 -62.97
C GLY BB 183 -0.27 -12.30 -61.72
N ALA BB 184 -1.36 -11.53 -61.85
CA ALA BB 184 -2.26 -11.36 -60.72
C ALA BB 184 -2.82 -12.69 -60.25
N VAL BB 185 -3.05 -13.60 -61.19
CA VAL BB 185 -3.43 -14.97 -60.85
C VAL BB 185 -2.35 -15.62 -60.00
N ALA BB 186 -1.08 -15.39 -60.35
CA ALA BB 186 0.02 -15.96 -59.58
C ALA BB 186 0.05 -15.40 -58.16
N ALA BB 187 -0.13 -14.09 -58.01
CA ALA BB 187 -0.14 -13.50 -56.68
C ALA BB 187 -1.29 -14.04 -55.85
N ALA BB 188 -2.48 -14.13 -56.45
CA ALA BB 188 -3.63 -14.66 -55.74
C ALA BB 188 -3.41 -16.13 -55.36
N HIS BB 189 -2.73 -16.88 -56.22
CA HIS BB 189 -2.47 -18.28 -55.91
C HIS BB 189 -1.46 -18.43 -54.78
N TYR BB 190 -0.45 -17.57 -54.74
CA TYR BB 190 0.46 -17.58 -53.61
C TYR BB 190 -0.26 -17.26 -52.32
N SER BB 191 -1.14 -16.26 -52.35
CA SER BB 191 -1.95 -15.93 -51.18
C SER BB 191 -2.83 -17.11 -50.78
N ALA BB 192 -3.41 -17.80 -51.75
CA ALA BB 192 -4.27 -18.94 -51.46
C ALA BB 192 -3.47 -20.07 -50.83
N PHE BB 193 -2.25 -20.32 -51.32
CA PHE BB 193 -1.40 -21.34 -50.73
C PHE BB 193 -1.06 -20.99 -49.29
N SER BB 194 -0.70 -19.73 -49.04
CA SER BB 194 -0.38 -19.31 -47.67
C SER BB 194 -1.58 -19.45 -46.75
N ASP BB 195 -2.77 -19.09 -47.24
CA ASP BB 195 -3.97 -19.22 -46.41
C ASP BB 195 -4.32 -20.68 -46.16
N ALA BB 196 -4.17 -21.53 -47.18
CA ALA BB 196 -4.47 -22.95 -47.02
C ALA BB 196 -3.55 -23.59 -45.98
N LEU BB 197 -2.26 -23.24 -46.02
CA LEU BB 197 -1.38 -23.69 -44.95
C LEU BB 197 -1.72 -23.04 -43.61
N GLY BB 198 -2.29 -21.84 -43.63
CA GLY BB 198 -2.60 -21.15 -42.39
C GLY BB 198 -3.72 -21.82 -41.60
N ALA BB 199 -4.74 -22.31 -42.30
CA ALA BB 199 -5.92 -22.88 -41.64
C ALA BB 199 -5.78 -24.38 -41.38
N GLN BB 200 -4.55 -24.90 -41.41
CA GLN BB 200 -4.31 -26.30 -41.08
C GLN BB 200 -4.40 -26.45 -39.57
N ALA BB 201 -5.62 -26.63 -39.07
CA ALA BB 201 -5.82 -26.71 -37.63
C ALA BB 201 -5.23 -27.99 -37.04
N THR BB 202 -4.94 -28.97 -37.90
CA THR BB 202 -4.48 -30.27 -37.40
C THR BB 202 -3.00 -30.25 -37.05
N GLY BB 203 -2.15 -29.99 -38.04
CA GLY BB 203 -0.72 -30.09 -37.87
C GLY BB 203 -0.13 -28.96 -37.06
N THR BB 204 1.16 -28.73 -37.27
CA THR BB 204 1.87 -27.67 -36.57
C THR BB 204 1.30 -26.32 -36.96
N PRO BB 205 0.94 -25.46 -36.00
CA PRO BB 205 0.43 -24.13 -36.34
C PRO BB 205 1.48 -23.30 -37.07
N THR BB 206 1.01 -22.46 -37.98
CA THR BB 206 1.90 -21.61 -38.78
C THR BB 206 1.61 -20.13 -38.62
N THR BB 207 0.35 -19.76 -38.42
CA THR BB 207 0.01 -18.33 -38.30
C THR BB 207 0.29 -17.83 -36.88
N GLN BB 208 -0.34 -18.44 -35.88
CA GLN BB 208 -0.26 -17.94 -34.52
C GLN BB 208 1.11 -18.21 -33.91
N ALA BB 209 1.48 -19.49 -33.79
CA ALA BB 209 2.78 -19.82 -33.23
C ALA BB 209 3.70 -20.35 -34.32
N ALA BB 210 4.92 -19.82 -34.36
CA ALA BB 210 5.91 -20.19 -35.37
C ALA BB 210 7.19 -20.63 -34.68
N ALA BB 211 7.70 -21.79 -35.09
CA ALA BB 211 8.97 -22.36 -34.63
C ALA BB 211 8.99 -22.67 -33.15
N ALA BB 212 7.87 -22.49 -32.45
CA ALA BB 212 7.80 -22.77 -31.02
C ALA BB 212 7.32 -24.18 -30.70
N ALA BB 213 6.99 -24.97 -31.72
CA ALA BB 213 6.54 -26.33 -31.48
C ALA BB 213 7.70 -27.19 -30.98
N ALA BB 214 7.45 -27.92 -29.89
CA ALA BB 214 8.48 -28.76 -29.28
C ALA BB 214 8.89 -29.90 -30.21
N LEU CB 37 3.18 73.45 99.69
CA LEU CB 37 4.52 73.03 99.31
C LEU CB 37 4.55 72.49 97.89
N ASP CB 38 3.35 72.34 97.30
CA ASP CB 38 3.25 71.74 95.97
C ASP CB 38 3.69 72.70 94.88
N SER CB 39 3.51 74.01 95.11
CA SER CB 39 3.67 74.98 94.02
C SER CB 39 5.14 75.15 93.63
N GLU CB 40 6.02 75.31 94.60
CA GLU CB 40 7.36 75.83 94.31
C GLU CB 40 8.20 74.84 93.51
N GLU CB 41 8.26 73.58 93.95
CA GLU CB 41 9.15 72.60 93.33
C GLU CB 41 8.55 71.21 93.15
N MET CB 42 7.44 70.89 93.82
CA MET CB 42 6.75 69.64 93.51
C MET CB 42 6.27 69.60 92.07
N LYS CB 43 5.95 70.75 91.47
CA LYS CB 43 5.58 70.75 90.06
C LYS CB 43 6.75 70.33 89.17
N GLU CB 44 7.94 70.85 89.46
CA GLU CB 44 9.12 70.44 88.71
C GLU CB 44 9.40 68.95 88.90
N LEU CB 45 9.27 68.47 90.14
CA LEU CB 45 9.48 67.05 90.39
C LEU CB 45 8.46 66.19 89.66
N HIS CB 46 7.20 66.63 89.62
CA HIS CB 46 6.17 65.89 88.91
C HIS CB 46 6.46 65.86 87.41
N ARG CB 47 6.91 66.97 86.85
CA ARG CB 47 7.27 66.98 85.43
C ARG CB 47 8.43 66.04 85.16
N ARG CB 48 9.44 66.04 86.05
CA ARG CB 48 10.57 65.14 85.89
C ARG CB 48 10.14 63.69 85.97
N LEU CB 49 9.26 63.37 86.92
CA LEU CB 49 8.78 62.00 87.06
C LEU CB 49 7.97 61.58 85.85
N ARG CB 50 7.13 62.47 85.31
CA ARG CB 50 6.37 62.14 84.12
C ARG CB 50 7.28 61.90 82.92
N SER CB 51 8.34 62.71 82.79
CA SER CB 51 9.31 62.48 81.73
C SER CB 51 10.00 61.13 81.88
N TYR CB 52 10.39 60.79 83.12
CA TYR CB 52 11.03 59.50 83.36
C TYR CB 52 10.08 58.35 83.04
N LEU CB 53 8.80 58.49 83.41
CA LEU CB 53 7.83 57.45 83.12
C LEU CB 53 7.63 57.29 81.62
N HIS CB 54 7.58 58.40 80.89
CA HIS CB 54 7.46 58.31 79.43
C HIS CB 54 8.68 57.62 78.82
N GLN CB 55 9.87 57.96 79.30
CA GLN CB 55 11.08 57.32 78.77
C GLN CB 55 11.07 55.82 79.08
N GLU CB 56 10.66 55.44 80.28
CA GLU CB 56 10.56 54.02 80.59
C GLU CB 56 9.54 53.33 79.71
N LEU CB 57 8.39 53.97 79.49
CA LEU CB 57 7.34 53.33 78.70
C LEU CB 57 7.77 53.13 77.26
N ASP CB 58 8.43 54.13 76.66
CA ASP CB 58 8.81 53.97 75.26
C ASP CB 58 10.04 53.09 75.11
N ARG CB 59 10.88 53.01 76.15
CA ARG CB 59 12.02 52.11 76.09
C ARG CB 59 11.60 50.66 76.30
N GLN CB 60 10.50 50.43 76.99
CA GLN CB 60 10.02 49.07 77.26
C GLN CB 60 8.91 48.63 76.33
N ALA CB 61 8.56 49.44 75.33
CA ALA CB 61 7.38 49.16 74.51
C ALA CB 61 7.50 47.83 73.78
N GLU CB 62 8.69 47.56 73.20
CA GLU CB 62 8.86 46.34 72.42
C GLU CB 62 8.69 45.10 73.29
N ASN CB 63 9.42 45.04 74.42
CA ASN CB 63 9.36 43.85 75.26
C ASN CB 63 8.04 43.77 76.02
N ARG CB 64 7.44 44.93 76.34
CA ARG CB 64 6.10 44.89 76.94
C ARG CB 64 5.10 44.28 75.98
N PHE CB 65 5.17 44.67 74.71
CA PHE CB 65 4.30 44.10 73.69
C PHE CB 65 4.57 42.60 73.53
N GLN CB 66 5.84 42.22 73.55
CA GLN CB 66 6.17 40.80 73.40
C GLN CB 66 5.64 39.99 74.57
N MET CB 67 5.77 40.50 75.80
CA MET CB 67 5.25 39.80 76.95
C MET CB 67 3.73 39.70 76.90
N ALA CB 68 3.06 40.77 76.45
CA ALA CB 68 1.61 40.71 76.28
C ALA CB 68 1.22 39.63 75.28
N VAL CB 69 1.95 39.56 74.16
CA VAL CB 69 1.64 38.55 73.14
C VAL CB 69 1.91 37.15 73.68
N ASP CB 70 2.94 37.01 74.52
CA ASP CB 70 3.21 35.71 75.13
C ASP CB 70 2.08 35.27 76.04
N GLU CB 71 1.62 36.17 76.92
CA GLU CB 71 0.48 35.84 77.78
C GLU CB 71 -0.76 35.58 76.95
N ASP CB 72 -0.88 36.22 75.79
CA ASP CB 72 -2.03 35.99 74.93
C ASP CB 72 -1.97 34.63 74.25
N TYR CB 73 -0.77 34.19 73.85
CA TYR CB 73 -0.64 32.85 73.27
C TYR CB 73 -0.78 31.77 74.33
N TYR CB 74 -0.55 32.09 75.60
CA TYR CB 74 -0.72 31.08 76.64
C TYR CB 74 -2.17 30.60 76.70
N ASP CB 75 -3.13 31.52 76.65
CA ASP CB 75 -4.54 31.15 76.79
C ASP CB 75 -5.22 30.89 75.45
N SER CB 76 -4.60 30.04 74.63
CA SER CB 76 -5.25 29.46 73.46
C SER CB 76 -5.76 30.53 72.48
N ILE CB 77 -5.00 31.61 72.35
CA ILE CB 77 -5.26 32.63 71.34
C ILE CB 77 -3.97 32.83 70.56
N GLN CB 78 -3.87 32.24 69.37
CA GLN CB 78 -2.60 32.18 68.66
C GLN CB 78 -2.69 32.58 67.20
N TRP CB 79 -3.79 33.19 66.77
CA TRP CB 79 -3.98 33.57 65.38
C TRP CB 79 -3.97 35.08 65.25
N THR CB 80 -3.11 35.60 64.37
CA THR CB 80 -3.13 37.03 64.07
C THR CB 80 -4.38 37.38 63.27
N GLU CB 81 -4.77 38.65 63.31
CA GLU CB 81 -6.01 39.07 62.67
C GLU CB 81 -5.98 38.86 61.17
N ALA CB 82 -4.86 39.21 60.53
CA ALA CB 82 -4.77 39.11 59.08
C ALA CB 82 -4.88 37.66 58.62
N ASP CB 83 -4.11 36.76 59.23
CA ASP CB 83 -4.15 35.37 58.79
C ASP CB 83 -5.44 34.70 59.23
N ALA CB 84 -6.05 35.19 60.31
CA ALA CB 84 -7.38 34.72 60.68
C ALA CB 84 -8.40 35.07 59.60
N GLN CB 85 -8.33 36.30 59.07
CA GLN CB 85 -9.18 36.66 57.95
C GLN CB 85 -8.90 35.79 56.74
N VAL CB 86 -7.61 35.52 56.47
CA VAL CB 86 -7.23 34.66 55.35
C VAL CB 86 -7.88 33.29 55.49
N LEU CB 87 -7.81 32.71 56.70
CA LEU CB 87 -8.44 31.42 56.93
C LEU CB 87 -9.95 31.50 56.78
N LYS CB 88 -10.55 32.60 57.24
CA LYS CB 88 -11.99 32.76 57.13
C LYS CB 88 -12.44 32.78 55.67
N GLU CB 89 -11.67 33.46 54.81
CA GLU CB 89 -12.01 33.47 53.39
C GLU CB 89 -11.94 32.07 52.78
N ARG CB 90 -11.06 31.22 53.32
CA ARG CB 90 -11.01 29.82 52.91
C ARG CB 90 -12.27 29.06 53.28
N GLY CB 91 -13.06 29.57 54.21
CA GLY CB 91 -14.13 28.79 54.81
C GLY CB 91 -13.67 27.86 55.90
N GLN CB 92 -12.40 27.96 56.31
CA GLN CB 92 -11.83 27.09 57.32
C GLN CB 92 -11.84 27.79 58.67
N ALA CB 93 -12.40 27.12 59.67
CA ALA CB 93 -12.38 27.67 61.01
C ALA CB 93 -10.96 27.65 61.58
N PRO CB 94 -10.51 28.73 62.21
CA PRO CB 94 -9.16 28.73 62.79
C PRO CB 94 -9.03 27.67 63.88
N LEU CB 95 -7.85 27.08 63.95
CA LEU CB 95 -7.56 26.03 64.93
C LEU CB 95 -6.35 26.42 65.74
N VAL CB 96 -6.41 26.20 67.05
CA VAL CB 96 -5.29 26.44 67.95
C VAL CB 96 -4.99 25.13 68.70
N PHE CB 97 -3.72 24.72 68.69
CA PHE CB 97 -3.37 23.48 69.34
C PHE CB 97 -2.86 23.73 70.76
N ASN CB 98 -2.11 24.82 70.95
CA ASN CB 98 -1.73 25.30 72.28
C ASN CB 98 -0.93 24.25 73.05
N VAL CB 99 0.27 23.95 72.53
CA VAL CB 99 1.22 23.16 73.30
C VAL CB 99 1.87 24.01 74.38
N ILE CB 100 1.70 25.33 74.31
CA ILE CB 100 2.26 26.22 75.32
C ILE CB 100 1.70 25.89 76.70
N ALA CB 101 0.38 25.63 76.75
CA ALA CB 101 -0.30 25.44 78.03
C ALA CB 101 0.28 24.25 78.78
N GLN CB 102 0.57 23.15 78.06
CA GLN CB 102 1.11 21.97 78.72
C GLN CB 102 2.40 22.29 79.46
N SER CB 103 3.37 22.89 78.76
CA SER CB 103 4.67 23.16 79.37
C SER CB 103 4.55 24.18 80.49
N VAL CB 104 3.79 25.26 80.27
CA VAL CB 104 3.68 26.29 81.30
C VAL CB 104 3.00 25.74 82.54
N ASN CB 105 1.93 24.96 82.35
CA ASN CB 105 1.25 24.36 83.49
C ASN CB 105 2.16 23.39 84.21
N TRP CB 106 2.97 22.63 83.48
CA TRP CB 106 3.91 21.72 84.13
C TRP CB 106 4.90 22.48 85.00
N ILE CB 107 5.44 23.59 84.48
CA ILE CB 107 6.42 24.36 85.25
C ILE CB 107 5.77 24.95 86.49
N ILE CB 108 4.58 25.54 86.35
CA ILE CB 108 3.95 26.19 87.50
C ILE CB 108 3.53 25.15 88.52
N GLY CB 109 3.11 23.96 88.07
CA GLY CB 109 2.78 22.90 89.01
C GLY CB 109 3.99 22.37 89.74
N SER CB 110 5.11 22.24 89.02
CA SER CB 110 6.35 21.82 89.67
C SER CB 110 6.77 22.82 90.73
N GLU CB 111 6.58 24.11 90.46
CA GLU CB 111 6.82 25.12 91.49
C GLU CB 111 5.85 24.95 92.66
N LYS CB 112 4.57 24.75 92.36
CA LYS CB 112 3.56 24.73 93.41
C LYS CB 112 3.76 23.55 94.36
N ARG CB 113 4.16 22.39 93.82
CA ARG CB 113 4.46 21.26 94.68
C ARG CB 113 5.70 21.53 95.54
N GLY CB 114 6.46 22.56 95.21
CA GLY CB 114 7.67 22.89 95.93
C GLY CB 114 7.60 24.17 96.73
N ARG CB 115 6.42 24.50 97.25
CA ARG CB 115 6.27 25.70 98.08
C ARG CB 115 7.09 25.57 99.36
N THR CB 116 7.67 26.70 99.77
CA THR CB 116 8.51 26.75 100.96
C THR CB 116 8.09 27.91 101.86
N ASP CB 117 8.37 27.76 103.14
CA ASP CB 117 8.14 28.81 104.12
C ASP CB 117 9.47 29.19 104.77
N PHE CB 118 9.58 30.45 105.17
CA PHE CB 118 10.81 30.93 105.80
C PHE CB 118 11.02 30.23 107.15
N ASN CB 119 12.25 29.77 107.36
CA ASN CB 119 12.66 29.19 108.64
C ASN CB 119 13.92 29.92 109.07
N ILE CB 120 13.76 30.95 109.89
CA ILE CB 120 14.87 31.80 110.31
C ILE CB 120 15.78 30.99 111.22
N LEU CB 121 17.06 30.96 110.88
CA LEU CB 121 18.03 30.22 111.65
C LEU CB 121 19.04 31.17 112.29
N PRO CB 122 19.44 30.92 113.54
CA PRO CB 122 20.38 31.81 114.22
C PRO CB 122 21.81 31.45 113.88
N ARG CB 123 22.59 32.45 113.44
CA ARG CB 123 24.00 32.23 113.13
C ARG CB 123 24.83 32.15 114.40
N LYS CB 124 24.69 33.14 115.28
CA LYS CB 124 25.35 33.06 116.59
C LYS CB 124 24.79 31.88 117.39
N LYS CB 125 23.47 31.68 117.30
CA LYS CB 125 22.71 30.52 117.78
C LYS CB 125 22.60 30.55 119.31
N ALA CB 126 23.24 31.52 119.98
CA ALA CB 126 22.91 31.84 121.36
C ALA CB 126 21.61 32.61 121.45
N ASP CB 127 21.05 33.01 120.31
CA ASP CB 127 19.76 33.67 120.23
C ASP CB 127 18.73 32.83 119.47
N ALA CB 128 18.66 31.53 119.77
CA ALA CB 128 17.72 30.66 119.08
C ALA CB 128 16.28 31.09 119.36
N LYS CB 129 15.99 31.49 120.59
CA LYS CB 129 14.64 31.93 120.92
C LYS CB 129 14.18 33.13 120.10
N PRO CB 130 14.98 34.20 119.92
CA PRO CB 130 14.57 35.24 118.95
C PRO CB 130 14.37 34.69 117.55
N ALA CB 131 15.20 33.74 117.12
CA ALA CB 131 15.06 33.18 115.78
C ALA CB 131 13.73 32.45 115.62
N GLU CB 132 13.37 31.61 116.61
CA GLU CB 132 12.10 30.88 116.52
C GLU CB 132 10.91 31.82 116.66
N ALA CB 133 11.04 32.87 117.48
CA ALA CB 133 9.97 33.85 117.59
C ALA CB 133 9.75 34.56 116.26
N LYS CB 134 10.84 34.96 115.60
CA LYS CB 134 10.72 35.62 114.30
C LYS CB 134 10.16 34.66 113.26
N THR CB 135 10.55 33.39 113.32
CA THR CB 135 10.00 32.41 112.39
C THR CB 135 8.49 32.26 112.57
N LYS CB 136 8.04 32.16 113.83
CA LYS CB 136 6.61 32.05 114.08
C LYS CB 136 5.87 33.29 113.60
N LEU CB 137 6.42 34.47 113.85
CA LEU CB 137 5.74 35.69 113.44
C LEU CB 137 5.69 35.81 111.92
N LEU CB 138 6.77 35.40 111.24
CA LEU CB 138 6.77 35.39 109.78
C LEU CB 138 5.72 34.41 109.25
N LYS CB 139 5.60 33.24 109.88
CA LYS CB 139 4.57 32.29 109.45
C LYS CB 139 3.18 32.85 109.69
N TYR CB 140 2.98 33.55 110.80
CA TYR CB 140 1.70 34.20 111.05
C TYR CB 140 1.38 35.22 109.97
N LEU CB 141 2.37 36.02 109.58
CA LEU CB 141 2.16 37.00 108.51
C LEU CB 141 1.82 36.29 107.20
N SER CB 142 2.52 35.18 106.91
CA SER CB 142 2.25 34.45 105.67
C SER CB 142 0.84 33.87 105.67
N ASP CB 143 0.39 33.34 106.81
CA ASP CB 143 -0.96 32.80 106.88
C ASP CB 143 -2.01 33.89 106.70
N VAL CB 144 -1.81 35.04 107.35
CA VAL CB 144 -2.82 36.10 107.27
C VAL CB 144 -2.86 36.71 105.88
N ASN CB 145 -1.69 36.98 105.30
CA ASN CB 145 -1.63 37.60 103.98
C ASN CB 145 -1.78 36.62 102.83
N ARG CB 146 -1.93 35.33 103.12
CA ARG CB 146 -2.03 34.30 102.08
C ARG CB 146 -0.83 34.36 101.15
N LEU CB 147 0.36 34.47 101.74
CA LEU CB 147 1.58 34.69 100.98
C LEU CB 147 1.88 33.60 99.95
N PRO CB 148 1.81 32.30 100.26
CA PRO CB 148 2.21 31.30 99.26
C PRO CB 148 1.45 31.39 97.95
N PHE CB 149 0.17 31.72 97.99
CA PHE CB 149 -0.59 31.87 96.76
C PHE CB 149 -0.07 33.02 95.93
N HIS CB 150 0.27 34.14 96.57
CA HIS CB 150 0.84 35.28 95.85
C HIS CB 150 2.17 34.91 95.20
N ARG CB 151 3.03 34.20 95.93
CA ARG CB 151 4.31 33.79 95.36
C ARG CB 151 4.11 32.82 94.20
N SER CB 152 3.16 31.89 94.32
CA SER CB 152 2.90 30.95 93.24
C SER CB 152 2.40 31.67 91.99
N ARG CB 153 1.48 32.61 92.16
CA ARG CB 153 0.99 33.38 91.03
C ARG CB 153 2.11 34.21 90.41
N SER CB 154 2.97 34.79 91.24
CA SER CB 154 4.08 35.58 90.72
C SER CB 154 5.03 34.72 89.90
N PHE CB 155 5.36 33.53 90.39
CA PHE CB 155 6.20 32.64 89.60
C PHE CB 155 5.51 32.19 88.32
N GLU CB 156 4.20 31.96 88.38
CA GLU CB 156 3.46 31.63 87.17
C GLU CB 156 3.60 32.75 86.14
N ASP CB 157 3.60 33.99 86.58
CA ASP CB 157 3.78 35.07 85.64
C ASP CB 157 5.22 35.12 85.14
N THR CB 158 6.18 34.88 86.02
CA THR CB 158 7.58 34.87 85.58
C THR CB 158 7.84 33.75 84.58
N VAL CB 159 7.01 32.71 84.57
CA VAL CB 159 7.15 31.67 83.56
C VAL CB 159 6.55 32.13 82.24
N LYS CB 160 5.32 32.64 82.27
CA LYS CB 160 4.67 33.07 81.04
C LYS CB 160 5.34 34.29 80.44
N VAL CB 161 5.65 35.30 81.26
CA VAL CB 161 6.25 36.54 80.79
C VAL CB 161 7.58 36.74 81.50
N GLY CB 162 8.23 37.87 81.21
CA GLY CB 162 9.60 38.05 81.62
C GLY CB 162 9.80 38.01 83.13
N LEU CB 163 8.96 38.71 83.87
CA LEU CB 163 9.22 38.94 85.29
C LEU CB 163 7.93 39.09 86.07
N GLY CB 164 8.04 38.95 87.38
CA GLY CB 164 6.91 39.13 88.27
C GLY CB 164 7.32 39.88 89.52
N TRP CB 165 6.36 40.58 90.09
CA TRP CB 165 6.61 41.49 91.21
C TRP CB 165 5.78 41.09 92.42
N ILE CB 166 6.42 41.08 93.58
CA ILE CB 166 5.75 40.82 94.85
C ILE CB 166 5.94 42.03 95.76
N GLU CB 167 4.89 42.39 96.49
CA GLU CB 167 4.89 43.54 97.38
C GLU CB 167 5.17 43.12 98.82
N ASP CB 168 6.02 43.89 99.49
CA ASP CB 168 6.19 43.82 100.94
C ASP CB 168 6.27 45.24 101.46
N SER CB 169 5.27 45.65 102.23
CA SER CB 169 5.23 47.02 102.73
C SER CB 169 4.32 47.06 103.96
N TYR CB 170 4.33 48.21 104.62
CA TYR CB 170 3.53 48.43 105.83
C TYR CB 170 2.52 49.52 105.55
N ASP CB 171 1.25 49.22 105.78
CA ASP CB 171 0.15 50.13 105.45
C ASP CB 171 -0.72 50.36 106.66
N ASP CB 172 -1.20 51.59 106.81
CA ASP CB 172 -2.06 51.98 107.91
C ASP CB 172 -3.50 52.10 107.40
N SER CB 173 -4.40 51.28 107.97
CA SER CB 173 -5.81 51.30 107.61
C SER CB 173 -6.57 50.49 108.64
N THR CB 174 -7.89 50.48 108.50
CA THR CB 174 -8.71 49.62 109.35
C THR CB 174 -8.49 48.14 109.05
N ASP CB 175 -7.82 47.84 107.94
CA ASP CB 175 -7.38 46.46 107.71
C ASP CB 175 -6.48 46.02 108.85
N GLY CB 176 -6.71 44.82 109.36
CA GLY CB 176 -6.06 44.40 110.59
C GLY CB 176 -4.57 44.22 110.46
N GLU CB 177 -4.13 43.46 109.47
CA GLU CB 177 -2.74 43.03 109.42
C GLU CB 177 -1.85 44.16 108.92
N PRO CB 178 -0.78 44.53 109.63
CA PRO CB 178 -0.07 45.76 109.25
C PRO CB 178 0.86 45.60 108.06
N ILE CB 179 1.63 44.53 107.98
CA ILE CB 179 2.68 44.38 106.95
C ILE CB 179 2.15 43.51 105.81
N TYR CB 180 1.74 44.14 104.71
CA TYR CB 180 0.96 43.48 103.69
C TYR CB 180 1.84 42.99 102.56
N SER CB 181 1.63 41.73 102.18
CA SER CB 181 2.32 41.10 101.07
C SER CB 181 1.29 40.76 100.00
N ARG CB 182 1.35 41.45 98.87
CA ARG CB 182 0.41 41.28 97.78
C ARG CB 182 1.16 41.12 96.47
N TYR CB 183 0.45 40.60 95.47
CA TYR CB 183 0.98 40.50 94.12
C TYR CB 183 0.66 41.73 93.30
N GLU CB 184 1.64 42.20 92.53
CA GLU CB 184 1.46 43.23 91.51
C GLU CB 184 1.82 42.62 90.16
N SER CB 185 0.93 42.81 89.19
CA SER CB 185 1.13 42.20 87.87
C SER CB 185 2.32 42.82 87.16
N TRP CB 186 2.92 42.04 86.26
CA TRP CB 186 4.00 42.57 85.43
C TRP CB 186 3.52 43.73 84.58
N ARG CB 187 2.22 43.77 84.26
CA ARG CB 187 1.67 44.89 83.51
C ARG CB 187 1.76 46.18 84.29
N ASN CB 188 1.31 46.17 85.55
CA ASN CB 188 1.14 47.38 86.35
C ASN CB 188 2.43 47.86 86.99
N VAL CB 189 3.59 47.38 86.56
CA VAL CB 189 4.87 47.79 87.12
C VAL CB 189 5.75 48.34 86.01
N ILE CB 190 6.34 49.50 86.26
CA ILE CB 190 7.32 50.11 85.36
C ILE CB 190 8.63 50.24 86.14
N PHE CB 191 9.68 49.56 85.67
CA PHE CB 191 10.94 49.50 86.38
C PHE CB 191 12.06 50.05 85.51
N ASP CB 192 13.02 50.70 86.17
CA ASP CB 192 14.18 51.24 85.47
C ASP CB 192 14.96 50.12 84.80
N SER CB 193 15.31 50.32 83.54
CA SER CB 193 16.05 49.33 82.76
C SER CB 193 17.56 49.50 82.85
N ALA CB 194 18.03 50.58 83.46
CA ALA CB 194 19.47 50.79 83.57
C ALA CB 194 20.11 49.89 84.62
N SER CB 195 19.30 49.17 85.39
CA SER CB 195 19.84 48.32 86.45
C SER CB 195 20.59 47.14 85.86
N THR CB 196 21.80 46.92 86.38
CA THR CB 196 22.62 45.78 85.99
C THR CB 196 22.88 44.82 87.15
N GLU CB 197 22.69 45.28 88.38
CA GLU CB 197 22.92 44.43 89.54
C GLU CB 197 21.85 43.34 89.64
N LEU CB 198 22.27 42.16 90.10
CA LEU CB 198 21.32 41.08 90.33
C LEU CB 198 20.38 41.41 91.47
N ASP CB 199 20.89 42.11 92.49
CA ASP CB 199 20.07 42.43 93.65
C ASP CB 199 18.92 43.36 93.29
N GLY CB 200 19.15 44.28 92.38
CA GLY CB 200 18.17 45.30 92.05
C GLY CB 200 18.43 46.64 92.70
N THR CB 201 19.55 46.81 93.40
CA THR CB 201 19.87 48.08 94.02
C THR CB 201 20.15 49.15 92.97
N ASP CB 202 20.61 48.73 91.79
CA ASP CB 202 20.94 49.67 90.72
C ASP CB 202 19.70 50.40 90.20
N MET CB 203 18.52 49.81 90.34
CA MET CB 203 17.28 50.43 89.88
C MET CB 203 17.11 51.80 90.54
N ARG CB 204 17.11 52.86 89.74
CA ARG CB 204 16.98 54.19 90.29
C ARG CB 204 15.55 54.49 90.71
N TYR CB 205 14.57 53.99 89.95
CA TYR CB 205 13.17 54.31 90.19
C TYR CB 205 12.28 53.20 89.66
N ILE CB 206 11.15 53.00 90.32
CA ILE CB 206 10.12 52.06 89.87
C ILE CB 206 8.77 52.74 89.96
N PHE CB 207 7.98 52.61 88.91
CA PHE CB 207 6.65 53.22 88.83
C PHE CB 207 5.59 52.12 88.89
N ARG CB 208 4.51 52.38 89.61
CA ARG CB 208 3.41 51.42 89.74
C ARG CB 208 2.09 52.09 89.38
N PRO CB 209 1.76 52.18 88.09
CA PRO CB 209 0.46 52.75 87.70
C PRO CB 209 -0.68 51.83 88.12
N LYS CB 210 -1.62 52.38 88.86
CA LYS CB 210 -2.77 51.63 89.37
C LYS CB 210 -4.06 52.31 88.94
N TRP CB 211 -5.08 51.51 88.65
CA TRP CB 211 -6.39 52.01 88.27
C TRP CB 211 -7.33 51.86 89.47
N LEU CB 212 -7.86 52.97 89.95
CA LEU CB 212 -8.72 52.98 91.12
C LEU CB 212 -9.99 53.76 90.82
N ASP CB 213 -11.07 53.39 91.51
CA ASP CB 213 -12.30 54.16 91.42
C ASP CB 213 -12.13 55.51 92.10
N VAL CB 214 -12.98 56.47 91.72
CA VAL CB 214 -12.85 57.82 92.23
C VAL CB 214 -13.09 57.85 93.74
N ASP CB 215 -14.11 57.12 94.21
CA ASP CB 215 -14.40 57.12 95.65
C ASP CB 215 -13.24 56.51 96.44
N VAL CB 216 -12.68 55.40 95.95
CA VAL CB 216 -11.56 54.77 96.64
C VAL CB 216 -10.34 55.68 96.61
N ALA CB 217 -10.05 56.27 95.46
CA ALA CB 217 -8.89 57.14 95.34
C ALA CB 217 -9.00 58.35 96.27
N CYS CB 218 -10.19 58.97 96.32
CA CYS CB 218 -10.40 60.08 97.24
C CYS CB 218 -10.28 59.62 98.69
N ALA CB 219 -10.80 58.43 98.99
CA ALA CB 219 -10.70 57.90 100.35
C ALA CB 219 -9.26 57.54 100.70
N LEU CB 220 -8.45 57.21 99.68
CA LEU CB 220 -7.07 56.81 99.94
C LEU CB 220 -6.24 57.98 100.45
N VAL CB 221 -6.30 59.11 99.76
CA VAL CB 221 -5.47 60.28 100.10
C VAL CB 221 -6.36 61.49 100.32
N PRO CB 222 -6.43 62.01 101.55
CA PRO CB 222 -7.27 63.18 101.81
C PRO CB 222 -6.55 64.49 101.52
N ASP CB 223 -7.27 65.58 101.75
CA ASP CB 223 -6.76 66.94 101.70
C ASP CB 223 -6.45 67.39 100.28
N ARG CB 224 -6.61 66.49 99.31
CA ARG CB 224 -6.37 66.81 97.90
C ARG CB 224 -7.40 66.10 97.04
N ALA CB 225 -8.67 66.15 97.45
CA ALA CB 225 -9.72 65.44 96.72
C ALA CB 225 -10.07 66.14 95.42
N ASP CB 226 -9.86 67.46 95.36
CA ASP CB 226 -10.23 68.22 94.17
C ASP CB 226 -9.40 67.79 92.96
N GLU CB 227 -8.09 67.57 93.17
CA GLU CB 227 -7.24 67.15 92.07
C GLU CB 227 -7.65 65.76 91.57
N ILE CB 228 -8.01 64.87 92.49
CA ILE CB 228 -8.49 63.54 92.10
C ILE CB 228 -9.78 63.67 91.30
N LYS CB 229 -10.70 64.53 91.75
CA LYS CB 229 -11.95 64.71 91.04
C LYS CB 229 -11.73 65.25 89.63
N LYS CB 230 -10.82 66.22 89.49
CA LYS CB 230 -10.56 66.79 88.17
C LYS CB 230 -9.90 65.77 87.25
N ALA CB 231 -9.22 64.79 87.82
CA ALA CB 231 -8.55 63.76 87.02
C ALA CB 231 -9.42 62.52 86.88
N ASP CB 245 1.97 58.49 80.95
CA ASP CB 245 0.64 57.92 80.73
C ASP CB 245 0.64 56.42 81.01
N GLY CB 246 0.31 55.63 80.01
CA GLY CB 246 0.24 54.19 80.17
C GLY CB 246 0.62 53.47 78.89
N ASP CB 247 1.04 52.22 79.06
CA ASP CB 247 1.38 51.32 77.98
C ASP CB 247 0.13 50.61 77.48
N GLU CB 248 0.24 49.92 76.34
CA GLU CB 248 -0.96 49.36 75.72
C GLU CB 248 -1.60 48.28 76.58
N ALA CB 249 -0.83 47.62 77.45
CA ALA CB 249 -1.38 46.52 78.24
C ALA CB 249 -2.46 46.96 79.22
N MET CB 250 -2.08 47.74 80.23
CA MET CB 250 -3.04 48.12 81.26
C MET CB 250 -4.05 49.12 80.72
N ASP CB 251 -3.60 50.00 79.82
CA ASP CB 251 -4.53 50.92 79.17
C ASP CB 251 -5.57 50.15 78.37
N TRP CB 252 -5.15 49.10 77.66
CA TRP CB 252 -6.08 48.29 76.89
C TRP CB 252 -7.09 47.60 77.81
N ALA CB 253 -6.60 47.05 78.93
CA ALA CB 253 -7.52 46.39 79.85
C ALA CB 253 -8.56 47.38 80.38
N GLU CB 254 -8.11 48.55 80.84
CA GLU CB 254 -9.03 49.54 81.39
C GLU CB 254 -10.01 50.05 80.33
N PHE CB 255 -9.52 50.28 79.11
CA PHE CB 255 -10.40 50.82 78.07
C PHE CB 255 -11.37 49.77 77.56
N ASP CB 256 -10.97 48.50 77.56
CA ASP CB 256 -11.92 47.44 77.24
C ASP CB 256 -13.01 47.35 78.28
N ARG CB 257 -12.65 47.53 79.56
CA ARG CB 257 -13.67 47.59 80.59
C ARG CB 257 -14.60 48.78 80.39
N ASP CB 258 -14.04 49.93 80.03
CA ASP CB 258 -14.85 51.14 79.85
C ASP CB 258 -15.79 51.01 78.66
N THR CB 259 -15.33 50.40 77.56
CA THR CB 259 -16.11 50.37 76.33
C THR CB 259 -17.37 49.52 76.48
N TYR CB 260 -17.32 48.49 77.34
CA TYR CB 260 -18.41 47.55 77.55
C TYR CB 260 -18.66 46.75 76.27
N SER CB 261 -19.27 47.40 75.28
CA SER CB 261 -19.53 46.79 73.99
C SER CB 261 -19.10 47.74 72.89
N GLN CB 262 -19.22 47.28 71.64
CA GLN CB 262 -18.84 48.12 70.50
C GLN CB 262 -19.71 49.37 70.43
N SER CB 263 -21.03 49.20 70.51
CA SER CB 263 -21.97 50.31 70.51
C SER CB 263 -22.97 50.09 71.64
N ARG CB 264 -22.88 50.92 72.68
CA ARG CB 264 -23.70 50.75 73.87
C ARG CB 264 -24.24 52.09 74.32
N THR CB 265 -25.50 52.10 74.75
CA THR CB 265 -26.16 53.31 75.26
C THR CB 265 -25.94 53.36 76.77
N VAL CB 266 -24.87 54.03 77.19
CA VAL CB 266 -24.56 54.11 78.62
C VAL CB 266 -25.46 55.14 79.28
N SER CB 267 -25.97 54.79 80.46
CA SER CB 267 -26.82 55.69 81.22
C SER CB 267 -26.00 56.82 81.84
N THR CB 268 -26.69 57.68 82.58
CA THR CB 268 -26.01 58.78 83.25
C THR CB 268 -25.04 58.29 84.32
N HIS CB 269 -25.43 57.26 85.06
CA HIS CB 269 -24.58 56.73 86.12
C HIS CB 269 -23.48 55.87 85.52
N LYS CB 270 -22.24 56.36 85.60
CA LYS CB 270 -21.07 55.67 85.08
C LYS CB 270 -19.99 55.67 86.15
N ARG CB 271 -19.32 54.54 86.30
CA ARG CB 271 -18.21 54.46 87.24
C ARG CB 271 -16.99 55.17 86.66
N GLN CB 272 -16.40 56.06 87.46
CA GLN CB 272 -15.24 56.84 87.05
C GLN CB 272 -13.98 56.25 87.69
N ARG CB 273 -12.98 55.98 86.86
CA ARG CB 273 -11.72 55.41 87.31
C ARG CB 273 -10.58 56.36 86.98
N VAL CB 274 -9.66 56.52 87.92
CA VAL CB 274 -8.53 57.42 87.76
C VAL CB 274 -7.25 56.62 87.88
N ARG CB 275 -6.17 57.14 87.31
CA ARG CB 275 -4.87 56.49 87.34
C ARG CB 275 -3.97 57.23 88.32
N LEU CB 276 -3.51 56.51 89.35
CA LEU CB 276 -2.56 57.01 90.31
C LEU CB 276 -1.26 56.25 90.16
N ILE CB 277 -0.14 56.96 90.09
CA ILE CB 277 1.16 56.36 89.88
C ILE CB 277 2.01 56.61 91.12
N GLU CB 278 2.51 55.54 91.72
CA GLU CB 278 3.41 55.63 92.86
C GLU CB 278 4.83 55.35 92.39
N CYS CB 279 5.75 56.25 92.71
CA CYS CB 279 7.12 56.15 92.27
C CYS CB 279 8.04 56.11 93.47
N TRP CB 280 8.94 55.14 93.51
CA TRP CB 280 9.97 55.04 94.53
C TRP CB 280 11.32 55.28 93.87
N TYR CB 281 12.02 56.32 94.29
CA TYR CB 281 13.27 56.72 93.65
C TYR CB 281 14.36 56.89 94.69
N ARG CB 282 15.60 56.70 94.23
CA ARG CB 282 16.79 56.80 95.07
C ARG CB 282 17.62 57.99 94.62
N LYS CB 283 18.07 58.80 95.58
CA LYS CB 283 18.87 59.98 95.30
C LYS CB 283 20.13 59.98 96.15
N PRO CB 284 21.30 60.27 95.56
CA PRO CB 284 22.53 60.30 96.36
C PRO CB 284 22.50 61.43 97.39
N MET CB 285 23.19 61.21 98.51
CA MET CB 285 23.13 62.12 99.64
C MET CB 285 24.47 62.67 100.08
N ARG CB 286 25.56 61.92 99.90
CA ARG CB 286 26.89 62.33 100.36
C ARG CB 286 26.90 62.58 101.87
N ALA CB 287 26.60 61.54 102.64
CA ALA CB 287 26.55 61.68 104.09
C ALA CB 287 27.92 62.07 104.64
N THR CB 288 27.93 63.09 105.50
CA THR CB 288 29.18 63.56 106.08
C THR CB 288 29.77 62.55 107.05
N LYS CB 289 28.93 61.96 107.89
CA LYS CB 289 29.36 60.97 108.89
C LYS CB 289 30.49 61.50 109.77
N THR CB 323 23.73 56.72 101.99
CA THR CB 323 24.03 57.52 100.81
C THR CB 323 22.82 57.59 99.89
N MET CB 324 22.06 56.49 99.83
CA MET CB 324 20.87 56.40 99.01
C MET CB 324 19.65 56.21 99.89
N ARG CB 325 18.79 57.23 99.96
CA ARG CB 325 17.52 57.14 100.67
C ARG CB 325 16.39 57.03 99.67
N VAL CB 326 15.51 56.05 99.89
CA VAL CB 326 14.38 55.85 99.00
C VAL CB 326 13.28 56.84 99.38
N ARG CB 327 12.65 57.44 98.37
CA ARG CB 327 11.56 58.37 98.58
C ARG CB 327 10.34 57.92 97.79
N VAL CB 328 9.18 58.00 98.42
CA VAL CB 328 7.91 57.63 97.80
C VAL CB 328 7.36 58.84 97.07
N ALA CB 329 6.79 58.61 95.89
CA ALA CB 329 6.25 59.68 95.06
C ALA CB 329 4.96 59.19 94.41
N ILE CB 330 3.83 59.66 94.92
CA ILE CB 330 2.52 59.32 94.34
C ILE CB 330 2.02 60.55 93.60
N PHE CB 331 1.78 60.41 92.30
CA PHE CB 331 1.36 61.52 91.46
C PHE CB 331 0.31 61.07 90.47
N THR CB 332 -0.68 61.92 90.23
CA THR CB 332 -1.67 61.70 89.20
C THR CB 332 -1.13 62.19 87.85
N SER CB 333 -2.02 62.28 86.86
CA SER CB 333 -1.61 62.72 85.53
C SER CB 333 -1.13 64.16 85.54
N ARG CB 334 -1.78 65.02 86.32
CA ARG CB 334 -1.50 66.46 86.27
C ARG CB 334 -0.88 67.01 87.53
N ASP CB 335 -0.77 66.23 88.61
CA ASP CB 335 -0.23 66.72 89.86
C ASP CB 335 0.20 65.53 90.71
N LEU CB 336 0.95 65.83 91.77
CA LEU CB 336 1.37 64.82 92.74
C LEU CB 336 0.56 64.97 94.02
N LEU CB 337 0.03 63.84 94.51
CA LEU CB 337 -0.78 63.88 95.73
C LEU CB 337 0.07 64.06 96.97
N PHE CB 338 1.20 63.37 97.06
CA PHE CB 338 2.00 63.39 98.28
C PHE CB 338 3.45 63.06 97.95
N GLU CB 339 4.37 63.77 98.60
CA GLU CB 339 5.81 63.55 98.42
C GLU CB 339 6.45 63.41 99.79
N GLY CB 340 7.28 62.38 99.95
CA GLY CB 340 7.96 62.17 101.21
C GLY CB 340 8.99 61.08 101.13
N ALA CB 341 9.79 60.97 102.18
CA ALA CB 341 10.80 59.93 102.26
C ALA CB 341 10.18 58.61 102.71
N SER CB 342 10.91 57.53 102.48
CA SER CB 342 10.42 56.22 102.89
C SER CB 342 10.52 56.06 104.40
N PRO CB 343 9.41 55.82 105.09
CA PRO CB 343 9.49 55.60 106.54
C PRO CB 343 10.30 54.38 106.91
N PHE CB 344 10.31 53.35 106.07
CA PHE CB 344 11.01 52.12 106.38
C PHE CB 344 12.52 52.33 106.38
N ARG CB 345 13.20 51.70 107.34
CA ARG CB 345 14.65 51.89 107.43
C ARG CB 345 15.38 51.14 106.33
N HIS CB 346 14.83 50.01 105.87
CA HIS CB 346 15.46 49.27 104.79
C HIS CB 346 15.51 50.14 103.53
N ASN CB 347 16.71 50.39 103.03
CA ASN CB 347 16.92 51.32 101.93
C ASN CB 347 16.82 50.61 100.59
N ARG CB 348 15.65 50.01 100.36
CA ARG CB 348 15.35 49.38 99.08
C ARG CB 348 13.85 49.43 98.85
N PHE CB 349 13.47 49.34 97.58
CA PHE CB 349 12.07 49.44 97.20
C PHE CB 349 11.29 48.22 97.64
N SER CB 350 10.01 48.43 97.94
CA SER CB 350 9.14 47.30 98.27
C SER CB 350 9.02 46.33 97.10
N LEU CB 351 8.97 46.87 95.89
CA LEU CB 351 8.87 46.02 94.69
C LEU CB 351 10.16 45.26 94.46
N THR CB 352 10.08 43.93 94.59
CA THR CB 352 11.19 43.04 94.30
C THR CB 352 10.84 42.15 93.12
N PRO CB 353 11.59 42.20 92.03
CA PRO CB 353 11.22 41.44 90.85
C PRO CB 353 11.75 40.02 90.87
N ILE CB 354 10.88 39.03 90.69
CA ILE CB 354 11.29 37.66 90.48
C ILE CB 354 11.70 37.56 89.01
N TRP CB 355 12.99 37.46 88.76
CA TRP CB 355 13.52 37.51 87.40
C TRP CB 355 13.26 36.19 86.69
N GLY CB 356 13.64 36.14 85.41
CA GLY CB 356 13.57 34.93 84.61
C GLY CB 356 14.69 34.95 83.62
N PHE CB 357 14.45 34.44 82.41
CA PHE CB 357 15.45 34.58 81.36
C PHE CB 357 15.59 36.04 80.97
N ARG CB 358 16.82 36.54 80.99
CA ARG CB 358 17.11 37.93 80.70
C ARG CB 358 17.92 38.03 79.42
N ARG CB 359 17.46 38.88 78.50
CA ARG CB 359 18.14 39.04 77.23
C ARG CB 359 19.54 39.61 77.44
N GLY CB 360 20.52 39.02 76.76
CA GLY CB 360 21.90 39.44 76.95
C GLY CB 360 22.17 40.85 76.45
N ARG CB 361 21.62 41.20 75.28
CA ARG CB 361 21.95 42.48 74.67
C ARG CB 361 21.39 43.65 75.45
N ASP CB 362 20.11 43.61 75.79
CA ASP CB 362 19.43 44.77 76.37
C ASP CB 362 19.02 44.56 77.82
N ASN CB 363 19.30 43.39 78.40
CA ASN CB 363 19.05 43.12 79.81
C ASN CB 363 17.58 43.32 80.17
N LEU CB 364 16.69 42.88 79.28
CA LEU CB 364 15.27 42.94 79.58
C LEU CB 364 14.71 41.54 79.67
N PRO CB 365 13.96 41.23 80.74
CA PRO CB 365 13.51 39.86 80.96
C PRO CB 365 12.54 39.40 79.89
N TYR CB 366 12.60 38.11 79.57
CA TYR CB 366 11.65 37.46 78.68
C TYR CB 366 11.29 36.11 79.26
N GLY CB 367 10.04 35.69 79.03
CA GLY CB 367 9.54 34.47 79.61
C GLY CB 367 10.05 33.23 78.91
N VAL CB 368 9.58 32.08 79.40
CA VAL CB 368 9.96 30.79 78.82
C VAL CB 368 9.44 30.69 77.39
N ILE CB 369 8.37 31.42 77.08
CA ILE CB 369 7.53 31.14 75.92
C ILE CB 369 8.27 31.27 74.58
N ARG CB 370 9.02 32.35 74.39
CA ARG CB 370 9.38 32.86 73.06
C ARG CB 370 9.63 31.79 71.99
N TRP CB 371 10.58 30.88 72.27
CA TRP CB 371 10.88 29.81 71.32
C TRP CB 371 9.70 28.85 71.20
N MET CB 372 9.09 28.49 72.33
CA MET CB 372 7.87 27.71 72.28
C MET CB 372 6.84 28.42 71.43
N ARG CB 373 6.82 29.75 71.48
CA ARG CB 373 5.82 30.57 70.80
C ARG CB 373 5.96 30.48 69.29
N ASP CB 374 7.18 30.69 68.77
CA ASP CB 374 7.31 30.70 67.32
C ASP CB 374 7.16 29.29 66.77
N ILE CB 375 7.65 28.28 67.50
CA ILE CB 375 7.40 26.92 67.01
C ILE CB 375 5.91 26.59 67.07
N GLN CB 376 5.19 27.11 68.06
CA GLN CB 376 3.75 26.87 68.15
C GLN CB 376 3.00 27.52 67.00
N ASP CB 377 3.38 28.74 66.63
CA ASP CB 377 2.68 29.40 65.53
C ASP CB 377 2.98 28.69 64.21
N ASP CB 378 4.21 28.18 64.06
CA ASP CB 378 4.52 27.36 62.90
C ASP CB 378 3.68 26.09 62.88
N ILE CB 379 3.49 25.46 64.05
CA ILE CB 379 2.67 24.25 64.12
C ILE CB 379 1.24 24.56 63.69
N ASN CB 380 0.71 25.69 64.15
CA ASN CB 380 -0.64 26.08 63.76
C ASN CB 380 -0.74 26.29 62.25
N LYS CB 381 0.28 26.94 61.67
CA LYS CB 381 0.29 27.12 60.22
C LYS CB 381 0.29 25.79 59.49
N ARG CB 382 1.12 24.84 59.96
CA ARG CB 382 1.16 23.53 59.31
C ARG CB 382 -0.19 22.82 59.41
N ALA CB 383 -0.84 22.90 60.57
CA ALA CB 383 -2.14 22.26 60.73
C ALA CB 383 -3.17 22.86 59.78
N SER CB 384 -3.21 24.19 59.71
CA SER CB 384 -4.18 24.84 58.81
C SER CB 384 -3.91 24.46 57.36
N LYS CB 385 -2.64 24.47 56.95
CA LYS CB 385 -2.30 24.12 55.57
C LYS CB 385 -2.69 22.69 55.25
N ALA CB 386 -2.38 21.75 56.15
CA ALA CB 386 -2.70 20.35 55.88
C ALA CB 386 -4.20 20.14 55.80
N LEU CB 387 -4.96 20.73 56.72
CA LEU CB 387 -6.41 20.59 56.67
C LEU CB 387 -6.98 21.18 55.39
N TYR CB 388 -6.49 22.33 54.97
CA TYR CB 388 -6.97 22.92 53.74
C TYR CB 388 -6.70 22.00 52.58
N ILE CB 389 -5.46 21.56 52.47
CA ILE CB 389 -5.09 20.71 51.34
C ILE CB 389 -5.97 19.47 51.29
N LEU CB 390 -6.20 18.85 52.44
CA LEU CB 390 -7.03 17.64 52.45
C LEU CB 390 -8.48 17.96 52.10
N SER CB 391 -8.95 19.16 52.47
CA SER CB 391 -10.36 19.48 52.25
C SER CB 391 -10.62 19.95 50.83
N SER CB 392 -9.88 20.94 50.35
CA SER CB 392 -10.16 21.59 49.08
C SER CB 392 -9.32 20.96 47.99
N ASN CB 393 -9.96 20.63 46.87
CA ASN CB 393 -9.27 19.96 45.78
C ASN CB 393 -8.70 20.98 44.79
N LYS CB 394 -7.47 20.74 44.36
CA LYS CB 394 -6.83 21.54 43.32
C LYS CB 394 -6.92 20.79 42.00
N VAL CB 395 -7.26 21.49 40.94
CA VAL CB 395 -7.48 20.89 39.63
C VAL CB 395 -6.55 21.54 38.62
N VAL CB 396 -5.89 20.72 37.82
CA VAL CB 396 -5.21 21.16 36.61
C VAL CB 396 -5.79 20.35 35.47
N MET CB 397 -6.23 21.04 34.41
CA MET CB 397 -7.03 20.42 33.38
C MET CB 397 -6.57 20.86 32.01
N ASP CB 398 -6.94 20.06 31.02
CA ASP CB 398 -6.89 20.54 29.65
C ASP CB 398 -7.87 21.70 29.50
N GLU CB 399 -7.56 22.61 28.58
CA GLU CB 399 -8.25 23.89 28.53
C GLU CB 399 -9.75 23.73 28.38
N GLY CB 400 -10.20 22.76 27.59
CA GLY CB 400 -11.63 22.57 27.39
C GLY CB 400 -12.19 21.40 28.15
N ALA CB 401 -11.72 21.21 29.38
CA ALA CB 401 -12.12 20.04 30.16
C ALA CB 401 -13.62 20.07 30.48
N VAL CB 402 -14.12 21.19 30.97
CA VAL CB 402 -15.49 21.29 31.47
C VAL CB 402 -16.23 22.34 30.68
N GLU CB 403 -17.51 22.07 30.39
CA GLU CB 403 -18.34 23.03 29.67
C GLU CB 403 -18.67 24.22 30.57
N ASP CB 404 -19.09 23.96 31.80
CA ASP CB 404 -19.50 25.00 32.74
C ASP CB 404 -18.45 25.10 33.83
N ILE CB 405 -17.68 26.18 33.82
CA ILE CB 405 -16.64 26.37 34.83
C ILE CB 405 -17.27 26.69 36.18
N GLU CB 406 -18.47 27.26 36.17
CA GLU CB 406 -19.13 27.65 37.42
C GLU CB 406 -19.44 26.43 38.30
N GLU CB 407 -20.26 25.53 37.78
CA GLU CB 407 -20.68 24.38 38.57
C GLU CB 407 -19.50 23.48 38.89
N PHE CB 408 -18.57 23.34 37.95
CA PHE CB 408 -17.35 22.60 38.25
C PHE CB 408 -16.62 23.21 39.43
N ARG CB 409 -16.34 24.51 39.37
CA ARG CB 409 -15.61 25.17 40.45
C ARG CB 409 -16.32 25.02 41.78
N GLU CB 410 -17.65 25.09 41.77
CA GLU CB 410 -18.38 25.03 43.04
C GLU CB 410 -18.42 23.62 43.60
N GLU CB 411 -18.60 22.62 42.76
CA GLU CB 411 -18.87 21.27 43.24
C GLU CB 411 -17.71 20.28 43.05
N VAL CB 412 -16.46 20.74 42.93
CA VAL CB 412 -15.36 19.77 42.94
C VAL CB 412 -15.25 19.10 44.29
N ALA CB 413 -15.32 19.88 45.37
CA ALA CB 413 -15.00 19.35 46.70
C ALA CB 413 -16.13 18.47 47.24
N ARG CB 414 -17.37 18.74 46.82
CA ARG CB 414 -18.50 18.04 47.41
C ARG CB 414 -18.43 16.54 47.13
N PRO CB 415 -18.54 15.69 48.15
CA PRO CB 415 -18.39 14.24 47.92
C PRO CB 415 -19.51 13.62 47.10
N ASP CB 416 -20.64 14.32 46.94
CA ASP CB 416 -21.78 13.77 46.23
C ASP CB 416 -21.94 14.32 44.82
N ALA CB 417 -21.07 15.24 44.40
CA ALA CB 417 -21.28 15.95 43.15
C ALA CB 417 -21.07 15.04 41.95
N VAL CB 418 -21.73 15.38 40.85
CA VAL CB 418 -21.55 14.71 39.57
C VAL CB 418 -20.89 15.70 38.63
N LEU CB 419 -19.72 15.34 38.12
CA LEU CB 419 -18.92 16.22 37.27
C LEU CB 419 -19.03 15.78 35.82
N VAL CB 420 -19.35 16.72 34.94
CA VAL CB 420 -19.51 16.45 33.52
C VAL CB 420 -18.31 17.03 32.78
N LYS CB 421 -17.62 16.19 32.01
CA LYS CB 421 -16.38 16.57 31.35
C LYS CB 421 -16.44 16.21 29.87
N LYS CB 422 -15.65 16.94 29.08
CA LYS CB 422 -15.57 16.70 27.65
C LYS CB 422 -14.75 15.42 27.39
N PRO CB 423 -14.97 14.77 26.24
CA PRO CB 423 -14.35 13.45 26.03
C PRO CB 423 -12.83 13.45 26.06
N GLY CB 424 -12.18 14.22 25.18
CA GLY CB 424 -10.75 14.13 25.01
C GLY CB 424 -9.90 15.04 25.85
N LYS CB 425 -10.50 15.88 26.69
CA LYS CB 425 -9.77 16.85 27.50
C LYS CB 425 -9.62 16.28 28.90
N GLN CB 426 -8.39 15.91 29.26
CA GLN CB 426 -8.13 15.26 30.54
C GLN CB 426 -8.32 16.25 31.69
N ILE CB 427 -8.84 15.74 32.81
CA ILE CB 427 -8.93 16.49 34.05
C ILE CB 427 -8.08 15.77 35.08
N GLU CB 428 -7.21 16.51 35.75
CA GLU CB 428 -6.37 15.94 36.80
C GLU CB 428 -6.82 16.50 38.14
N LEU CB 429 -7.77 15.82 38.77
CA LEU CB 429 -8.12 16.07 40.16
C LEU CB 429 -7.07 15.43 41.05
N ASN CB 430 -7.02 15.84 42.31
CA ASN CB 430 -6.02 15.34 43.25
C ASN CB 430 -4.62 15.59 42.72
N VAL CB 431 -4.31 16.87 42.46
CA VAL CB 431 -2.99 17.23 41.94
C VAL CB 431 -1.93 17.00 42.99
N ASP CB 432 -2.18 17.47 44.22
CA ASP CB 432 -1.23 17.33 45.30
C ASP CB 432 -1.94 17.11 46.63
N ARG CB 433 -1.80 15.91 47.18
CA ARG CB 433 -2.21 15.63 48.55
C ARG CB 433 -1.15 14.95 49.38
N GLU CB 434 -0.06 14.48 48.77
CA GLU CB 434 1.11 14.09 49.56
C GLU CB 434 1.67 15.28 50.32
N LEU CB 435 1.38 16.50 49.88
CA LEU CB 435 1.74 17.68 50.65
C LEU CB 435 1.07 17.68 52.00
N ALA CB 436 -0.16 17.16 52.10
CA ALA CB 436 -0.81 17.07 53.40
C ALA CB 436 -0.02 16.17 54.34
N ALA CB 437 0.41 15.00 53.86
CA ALA CB 437 1.20 14.11 54.70
C ALA CB 437 2.53 14.75 55.07
N ALA CB 438 3.15 15.46 54.13
CA ALA CB 438 4.41 16.14 54.42
C ALA CB 438 4.21 17.20 55.49
N HIS CB 439 3.10 17.94 55.42
CA HIS CB 439 2.86 18.98 56.42
C HIS CB 439 2.57 18.38 57.79
N MET CB 440 1.87 17.24 57.84
CA MET CB 440 1.68 16.58 59.12
C MET CB 440 3.00 16.05 59.68
N ASP CB 441 3.88 15.56 58.80
CA ASP CB 441 5.20 15.13 59.26
C ASP CB 441 5.99 16.32 59.79
N MET CB 442 5.87 17.47 59.15
CA MET CB 442 6.51 18.68 59.66
C MET CB 442 5.94 19.09 61.01
N MET CB 443 4.62 18.95 61.18
CA MET CB 443 4.01 19.23 62.48
C MET CB 443 4.57 18.31 63.56
N SER CB 444 4.66 17.01 63.26
CA SER CB 444 5.19 16.07 64.23
C SER CB 444 6.65 16.38 64.55
N ARG CB 445 7.43 16.73 63.54
CA ARG CB 445 8.83 17.07 63.77
C ARG CB 445 8.96 18.33 64.62
N ASP CB 446 8.09 19.32 64.38
CA ASP CB 446 8.08 20.52 65.21
C ASP CB 446 7.71 20.20 66.64
N ILE CB 447 6.77 19.28 66.84
CA ILE CB 447 6.43 18.85 68.20
C ILE CB 447 7.64 18.20 68.87
N GLN CB 448 8.35 17.34 68.13
CA GLN CB 448 9.54 16.69 68.69
C GLN CB 448 10.60 17.71 69.07
N MET CB 449 10.83 18.71 68.21
CA MET CB 449 11.79 19.76 68.55
C MET CB 449 11.32 20.57 69.75
N LEU CB 450 10.01 20.81 69.85
CA LEU CB 450 9.47 21.52 71.00
C LEU CB 450 9.71 20.75 72.29
N GLN CB 451 9.60 19.43 72.25
CA GLN CB 451 9.92 18.62 73.41
C GLN CB 451 11.39 18.76 73.78
N GLN CB 452 12.27 18.78 72.78
CA GLN CB 452 13.70 18.88 73.06
C GLN CB 452 14.06 20.22 73.69
N VAL CB 453 13.52 21.32 73.16
CA VAL CB 453 13.84 22.64 73.68
C VAL CB 453 13.02 22.91 74.94
N THR CB 481 13.81 20.04 84.11
CA THR CB 481 14.19 20.30 85.49
C THR CB 481 15.49 21.09 85.57
N VAL CB 482 16.58 20.46 85.13
CA VAL CB 482 17.88 21.11 85.14
C VAL CB 482 17.91 22.27 84.15
N ALA CB 483 17.23 22.11 83.00
CA ALA CB 483 17.18 23.18 82.02
C ALA CB 483 16.44 24.40 82.56
N THR CB 484 15.39 24.17 83.35
CA THR CB 484 14.55 25.22 83.89
C THR CB 484 15.13 25.80 85.18
N ASN CB 485 16.25 25.25 85.66
CA ASN CB 485 16.78 25.60 86.98
C ASN CB 485 17.07 27.09 87.14
N LYS CB 486 17.31 27.82 86.04
CA LYS CB 486 17.57 29.25 86.16
C LYS CB 486 16.37 29.98 86.74
N LEU CB 487 15.16 29.64 86.28
CA LEU CB 487 13.96 30.27 86.81
C LEU CB 487 13.78 29.96 88.29
N PHE CB 488 14.03 28.71 88.68
CA PHE CB 488 13.88 28.33 90.08
C PHE CB 488 14.88 29.06 90.96
N ASP CB 489 16.12 29.21 90.48
CA ASP CB 489 17.12 29.93 91.27
C ASP CB 489 16.81 31.42 91.34
N ASN CB 490 16.28 32.00 90.27
CA ASN CB 490 15.82 33.38 90.34
C ASN CB 490 14.69 33.54 91.35
N LEU CB 491 13.76 32.58 91.36
CA LEU CB 491 12.70 32.60 92.35
C LEU CB 491 13.25 32.50 93.76
N ARG CB 492 14.25 31.62 93.97
CA ARG CB 492 14.85 31.49 95.29
C ARG CB 492 15.54 32.78 95.72
N PHE CB 493 16.25 33.42 94.79
CA PHE CB 493 16.88 34.70 95.07
C PHE CB 493 15.85 35.75 95.49
N ALA CB 494 14.76 35.86 94.72
CA ALA CB 494 13.76 36.86 95.06
C ALA CB 494 13.02 36.49 96.34
N VAL CB 495 12.93 35.20 96.66
CA VAL CB 495 12.34 34.78 97.93
C VAL CB 495 13.23 35.21 99.09
N GLN CB 496 14.55 35.09 98.93
CA GLN CB 496 15.44 35.61 99.96
C GLN CB 496 15.30 37.11 100.11
N MET CB 497 15.19 37.83 98.99
CA MET CB 497 14.95 39.27 99.06
C MET CB 497 13.66 39.58 99.81
N GLN CB 498 12.59 38.84 99.50
CA GLN CB 498 11.30 39.02 100.15
C GLN CB 498 11.40 38.76 101.65
N GLY CB 499 12.11 37.71 102.03
CA GLY CB 499 12.29 37.41 103.44
C GLY CB 499 13.05 38.50 104.16
N GLU CB 500 14.11 39.03 103.53
CA GLU CB 500 14.87 40.12 104.13
C GLU CB 500 13.99 41.34 104.37
N ILE CB 501 13.25 41.75 103.33
CA ILE CB 501 12.40 42.94 103.48
C ILE CB 501 11.34 42.72 104.54
N GLN CB 502 10.69 41.55 104.52
CA GLN CB 502 9.65 41.29 105.51
C GLN CB 502 10.23 41.30 106.91
N LEU CB 503 11.34 40.61 107.14
CA LEU CB 503 11.91 40.53 108.48
C LEU CB 503 12.30 41.91 108.99
N SER CB 504 12.83 42.76 108.10
CA SER CB 504 13.07 44.15 108.49
C SER CB 504 11.77 44.84 108.88
N LEU CB 505 10.69 44.56 108.16
CA LEU CB 505 9.42 45.19 108.47
C LEU CB 505 8.86 44.73 109.82
N ILE CB 506 9.02 43.46 110.16
CA ILE CB 506 8.71 43.02 111.52
C ILE CB 506 9.56 43.77 112.54
N GLU CB 507 10.88 43.79 112.33
CA GLU CB 507 11.74 44.42 113.32
C GLU CB 507 11.43 45.91 113.48
N GLN CB 508 10.78 46.49 112.47
CA GLN CB 508 10.44 47.92 112.57
C GLN CB 508 9.07 48.14 113.18
N PHE CB 509 8.06 47.39 112.76
CA PHE CB 509 6.67 47.75 113.02
C PHE CB 509 5.91 46.80 113.94
N VAL CB 510 6.58 45.98 114.74
CA VAL CB 510 5.89 45.12 115.70
C VAL CB 510 6.35 45.53 117.10
N THR CB 511 5.39 45.57 118.03
CA THR CB 511 5.73 45.75 119.43
C THR CB 511 5.89 44.40 120.11
N GLU CB 512 6.55 44.41 121.26
CA GLU CB 512 6.78 43.15 121.98
C GLU CB 512 5.47 42.54 122.45
N GLU CB 513 4.47 43.37 122.73
CA GLU CB 513 3.16 42.85 123.09
C GLU CB 513 2.53 42.10 121.91
N LYS CB 514 2.71 42.62 120.69
CA LYS CB 514 2.19 41.92 119.52
C LYS CB 514 2.81 40.54 119.38
N THR CB 515 4.13 40.44 119.55
CA THR CB 515 4.79 39.14 119.48
C THR CB 515 4.33 38.24 120.62
N PHE CB 516 4.17 38.79 121.82
CA PHE CB 516 3.78 37.99 122.96
C PHE CB 516 2.36 37.43 122.79
N ARG CB 517 1.50 38.19 122.12
CA ARG CB 517 0.16 37.67 121.83
C ARG CB 517 0.20 36.65 120.70
N ILE CB 518 0.98 36.93 119.64
CA ILE CB 518 1.08 36.00 118.52
C ILE CB 518 1.86 34.75 118.93
N THR CB 519 2.97 34.94 119.62
CA THR CB 519 3.85 33.84 120.00
C THR CB 519 3.97 33.79 121.52
N ASN CB 520 4.09 32.58 122.06
CA ASN CB 520 4.17 32.42 123.50
C ASN CB 520 5.41 33.08 124.07
N GLU CB 521 6.42 33.32 123.23
CA GLU CB 521 7.64 34.01 123.65
C GLU CB 521 7.31 35.41 124.15
N LEU CB 534 29.90 46.81 114.06
CA LEU CB 534 28.84 46.14 113.32
C LEU CB 534 28.23 47.08 112.28
N PRO CB 535 27.81 46.52 111.14
CA PRO CB 535 27.28 47.35 110.06
C PRO CB 535 26.06 48.16 110.48
N GLU CB 536 25.91 49.33 109.84
CA GLU CB 536 24.81 50.23 110.20
C GLU CB 536 23.49 49.78 109.61
N ASN CB 537 23.52 49.12 108.46
CA ASN CB 537 22.28 48.77 107.77
C ASN CB 537 21.46 47.78 108.57
N ASP CB 538 20.13 47.93 108.51
CA ASP CB 538 19.23 47.00 109.17
C ASP CB 538 19.36 45.60 108.58
N ILE CB 539 19.40 45.52 107.25
CA ILE CB 539 19.44 44.21 106.60
C ILE CB 539 20.71 43.46 106.95
N VAL CB 540 21.85 44.14 106.90
CA VAL CB 540 23.12 43.49 107.25
C VAL CB 540 23.15 43.14 108.72
N ARG CB 541 22.58 44.01 109.57
CA ARG CB 541 22.50 43.70 110.99
C ARG CB 541 21.67 42.44 111.24
N THR CB 542 20.56 42.29 110.53
CA THR CB 542 19.75 41.08 110.66
C THR CB 542 20.53 39.86 110.15
N LYS CB 543 21.24 40.02 109.04
CA LYS CB 543 22.03 38.90 108.50
C LYS CB 543 23.14 38.49 109.47
N ALA CB 544 23.62 39.43 110.28
CA ALA CB 544 24.70 39.16 111.21
C ALA CB 544 24.32 38.07 112.21
N ASP CB 545 23.08 38.13 112.72
CA ASP CB 545 22.68 37.18 113.75
C ASP CB 545 21.78 36.08 113.19
N PHE CB 546 20.89 36.44 112.28
CA PHE CB 546 19.88 35.52 111.76
C PHE CB 546 20.08 35.30 110.28
N ILE CB 547 19.97 34.04 109.85
CA ILE CB 547 20.02 33.66 108.45
C ILE CB 547 18.65 33.12 108.05
N ILE CB 548 18.19 33.50 106.86
CA ILE CB 548 16.88 33.04 106.39
C ILE CB 548 17.03 31.66 105.77
N GLY CB 549 16.26 30.71 106.30
CA GLY CB 549 16.25 29.36 105.74
C GLY CB 549 14.86 29.02 105.26
N GLU CB 550 14.81 28.01 104.40
CA GLU CB 550 13.58 27.61 103.73
C GLU CB 550 13.29 26.13 104.00
N SER CB 551 12.06 25.85 104.43
CA SER CB 551 11.57 24.51 104.66
C SER CB 551 10.18 24.40 104.08
N ASP CB 552 9.63 23.19 104.08
CA ASP CB 552 8.32 23.00 103.49
C ASP CB 552 7.23 23.73 104.27
N TRP CB 553 6.07 23.87 103.63
CA TRP CB 553 5.03 24.76 104.12
C TRP CB 553 4.45 24.26 105.45
N ARG CB 554 4.14 22.95 105.53
CA ARG CB 554 4.05 22.23 106.81
C ARG CB 554 3.07 22.85 107.81
N ALA CB 555 2.08 23.58 107.31
CA ALA CB 555 1.04 24.22 108.14
C ALA CB 555 1.71 25.05 109.23
N THR CB 556 1.33 24.92 110.49
CA THR CB 556 1.87 25.77 111.54
C THR CB 556 3.33 25.41 111.82
N TYR CB 557 4.03 26.34 112.46
CA TYR CB 557 5.42 26.09 112.83
C TYR CB 557 5.53 24.93 113.81
N ARG CB 558 4.55 24.78 114.69
CA ARG CB 558 4.61 23.72 115.69
C ARG CB 558 4.63 22.34 115.03
N GLN CB 559 3.88 22.18 113.94
CA GLN CB 559 3.92 20.92 113.22
C GLN CB 559 5.33 20.65 112.67
N ALA CB 560 5.95 21.66 112.07
CA ALA CB 560 7.31 21.49 111.56
C ALA CB 560 8.27 21.11 112.67
N ALA CB 561 8.11 21.74 113.84
CA ALA CB 561 8.85 21.31 115.03
C ALA CB 561 8.60 19.84 115.31
N SER CB 562 7.36 19.39 115.14
CA SER CB 562 7.03 17.99 115.39
C SER CB 562 7.78 17.06 114.44
N GLU CB 563 7.82 17.38 113.14
CA GLU CB 563 8.57 16.50 112.24
C GLU CB 563 10.07 16.55 112.51
N GLN CB 564 10.60 17.72 112.86
CA GLN CB 564 12.02 17.78 113.20
C GLN CB 564 12.32 16.90 114.41
N LEU CB 565 11.49 16.99 115.45
CA LEU CB 565 11.68 16.14 116.62
C LEU CB 565 11.52 14.67 116.29
N SER CB 566 10.58 14.34 115.41
CA SER CB 566 10.36 12.94 115.05
C SER CB 566 11.57 12.36 114.32
N GLN CB 567 12.11 13.10 113.35
CA GLN CB 567 13.31 12.64 112.67
C GLN CB 567 14.49 12.54 113.63
N MET CB 568 14.61 13.51 114.54
CA MET CB 568 15.66 13.46 115.55
C MET CB 568 15.53 12.21 116.43
N ILE CB 569 14.31 11.89 116.84
CA ILE CB 569 14.08 10.67 117.62
C ILE CB 569 14.47 9.44 116.81
N MET CB 570 14.05 9.39 115.55
CA MET CB 570 14.41 8.26 114.70
C MET CB 570 15.92 8.10 114.60
N LYS CB 571 16.64 9.22 114.67
CA LYS CB 571 18.10 9.14 114.75
C LYS CB 571 18.56 8.71 116.13
N MET CB 572 17.84 9.10 117.18
CA MET CB 572 18.23 8.76 118.54
C MET CB 572 18.15 7.25 118.76
N PRO CB 573 18.99 6.71 119.64
CA PRO CB 573 18.86 5.31 120.01
C PRO CB 573 17.61 5.10 120.85
N PRO CB 574 17.21 3.84 121.06
CA PRO CB 574 16.07 3.60 121.96
C PRO CB 574 16.27 4.17 123.35
N GLN CB 575 17.50 4.16 123.85
CA GLN CB 575 17.79 4.76 125.15
C GLN CB 575 18.23 6.21 124.97
N VAL CB 576 17.45 7.13 125.55
CA VAL CB 576 17.41 8.61 125.44
C VAL CB 576 16.16 8.91 124.62
N GLY CB 577 15.57 7.87 124.02
CA GLY CB 577 14.46 8.07 123.12
C GLY CB 577 13.20 8.61 123.77
N LEU CB 578 12.91 8.20 125.00
CA LEU CB 578 11.59 8.47 125.58
C LEU CB 578 11.41 9.95 125.93
N VAL CB 579 12.46 10.61 126.39
CA VAL CB 579 12.34 12.03 126.71
C VAL CB 579 12.20 12.87 125.44
N MET CB 580 12.99 12.55 124.41
CA MET CB 580 12.73 13.13 123.10
C MET CB 580 11.29 12.85 122.65
N LEU CB 581 10.75 11.69 123.04
CA LEU CB 581 9.37 11.37 122.70
C LEU CB 581 8.39 12.29 123.41
N ASP CB 582 8.64 12.64 124.68
CA ASP CB 582 7.67 13.49 125.36
C ASP CB 582 7.71 14.90 124.79
N LEU CB 583 8.91 15.37 124.40
CA LEU CB 583 8.96 16.63 123.64
C LEU CB 583 8.19 16.52 122.32
N TRP CB 584 8.36 15.41 121.59
CA TRP CB 584 7.66 15.31 120.30
C TRP CB 584 6.16 15.27 120.49
N ALA CB 585 5.69 14.59 121.53
CA ALA CB 585 4.26 14.59 121.84
C ALA CB 585 3.79 15.98 122.21
N ASP CB 586 4.59 16.73 122.97
CA ASP CB 586 4.23 18.11 123.29
C ASP CB 586 4.20 18.98 122.03
N SER CB 587 4.97 18.61 121.00
CA SER CB 587 5.00 19.41 119.79
C SER CB 587 3.98 18.91 118.76
N THR CB 588 3.56 17.65 118.87
CA THR CB 588 2.62 17.10 117.90
C THR CB 588 1.19 17.46 118.29
N ASP CB 589 0.36 17.73 117.28
CA ASP CB 589 -1.04 18.10 117.50
C ASP CB 589 -1.87 16.84 117.66
N LEU CB 590 -1.76 16.23 118.84
CA LEU CB 590 -2.65 15.15 119.21
C LEU CB 590 -4.05 15.69 119.48
N PRO CB 591 -5.08 14.86 119.29
CA PRO CB 591 -6.42 15.31 119.67
C PRO CB 591 -6.55 15.63 121.14
N ASN CB 592 -6.23 14.67 122.01
CA ASN CB 592 -6.13 14.91 123.44
C ASN CB 592 -4.65 15.01 123.79
N ARG CB 593 -4.19 16.22 124.09
CA ARG CB 593 -2.77 16.52 124.16
C ARG CB 593 -2.23 16.60 125.58
N ASP CB 594 -2.98 17.20 126.50
CA ASP CB 594 -2.48 17.33 127.87
C ASP CB 594 -2.29 15.98 128.52
N GLU CB 595 -3.22 15.04 128.29
CA GLU CB 595 -3.18 13.77 129.00
C GLU CB 595 -2.05 12.88 128.49
N ILE CB 596 -1.85 12.82 127.17
CA ILE CB 596 -0.75 12.04 126.63
C ILE CB 596 0.59 12.60 127.11
N VAL CB 597 0.74 13.92 127.10
CA VAL CB 597 1.97 14.52 127.59
C VAL CB 597 2.18 14.17 129.05
N LYS CB 598 1.12 14.24 129.86
CA LYS CB 598 1.24 13.91 131.27
C LYS CB 598 1.67 12.47 131.46
N ARG CB 599 1.14 11.55 130.65
CA ARG CB 599 1.51 10.14 130.78
C ARG CB 599 2.95 9.91 130.36
N ILE CB 600 3.39 10.51 129.26
CA ILE CB 600 4.76 10.31 128.81
C ILE CB 600 5.72 10.87 129.86
N ARG CB 601 5.35 12.00 130.47
CA ARG CB 601 6.16 12.55 131.55
C ARG CB 601 6.17 11.62 132.77
N GLN CB 602 5.02 11.03 133.10
CA GLN CB 602 4.96 10.14 134.25
C GLN CB 602 5.93 8.97 134.08
N ILE CB 603 5.94 8.37 132.89
CA ILE CB 603 6.86 7.26 132.64
C ILE CB 603 8.30 7.76 132.54
N ASN CB 604 8.47 9.00 132.06
CA ASN CB 604 9.82 9.55 131.93
C ASN CB 604 10.29 10.22 133.21
N GLY CB 605 9.43 11.04 133.82
CA GLY CB 605 9.81 11.81 134.99
C GLY CB 605 10.33 13.20 134.70
N MET CB 606 10.20 13.68 133.47
CA MET CB 606 10.78 14.96 133.10
C MET CB 606 9.82 16.11 133.40
N ARG CB 607 10.37 17.32 133.40
CA ARG CB 607 9.63 18.55 133.70
C ARG CB 607 9.88 19.57 132.61
N ASP CB 608 8.83 20.27 132.21
CA ASP CB 608 8.91 21.30 131.17
C ASP CB 608 9.52 20.76 129.88
N PRO CB 614 1.52 19.97 137.93
CA PRO CB 614 2.68 19.10 138.15
C PRO CB 614 3.21 19.28 139.57
N THR CB 615 2.55 20.13 140.36
CA THR CB 615 2.98 20.34 141.73
C THR CB 615 2.85 19.07 142.57
N PRO CB 616 1.72 18.36 142.41
CA PRO CB 616 1.56 17.10 143.12
C PRO CB 616 2.56 16.06 142.63
N GLU CB 617 2.77 15.98 141.32
CA GLU CB 617 3.75 15.03 140.77
C GLU CB 617 5.15 15.37 141.24
N GLU CB 618 5.51 16.65 141.27
CA GLU CB 618 6.83 17.05 141.73
C GLU CB 618 7.04 16.66 143.19
N LEU CB 619 6.04 16.94 144.04
CA LEU CB 619 6.15 16.59 145.45
C LEU CB 619 6.25 15.08 145.64
N GLN CB 620 5.44 14.31 144.90
CA GLN CB 620 5.50 12.86 145.01
C GLN CB 620 6.86 12.32 144.59
N GLN CB 621 7.39 12.82 143.46
CA GLN CB 621 8.69 12.36 142.99
C GLN CB 621 9.79 12.72 143.97
N GLN CB 622 9.77 13.95 144.50
CA GLN CB 622 10.79 14.36 145.47
C GLN CB 622 10.72 13.51 146.73
N GLN CB 623 9.51 13.26 147.24
CA GLN CB 623 9.36 12.43 148.43
C GLN CB 623 9.85 11.02 148.19
N ALA CB 624 9.50 10.44 147.04
CA ALA CB 624 9.95 9.08 146.73
C ALA CB 624 11.46 9.00 146.64
N ALA CB 625 12.08 9.97 145.94
CA ALA CB 625 13.53 9.98 145.80
C ALA CB 625 14.21 10.14 147.15
N ALA CB 626 13.72 11.07 147.98
CA ALA CB 626 14.32 11.29 149.29
C ALA CB 626 14.19 10.06 150.17
N GLU CB 627 13.01 9.43 150.18
CA GLU CB 627 12.81 8.24 151.00
C GLU CB 627 13.71 7.10 150.54
N GLN CB 628 13.80 6.87 149.23
CA GLN CB 628 14.65 5.79 148.72
C GLN CB 628 16.10 6.04 149.05
N ALA CB 629 16.58 7.28 148.87
CA ALA CB 629 17.97 7.60 149.16
C ALA CB 629 18.28 7.43 150.64
N GLN CB 630 17.37 7.91 151.50
CA GLN CB 630 17.59 7.78 152.94
C GLN CB 630 17.59 6.32 153.36
N ALA CB 631 16.69 5.51 152.80
CA ALA CB 631 16.67 4.08 153.12
C ALA CB 631 17.95 3.39 152.67
N GLN CB 632 18.43 3.72 151.47
CA GLN CB 632 19.67 3.13 150.99
C GLN CB 632 20.85 3.52 151.88
N LYS CB 633 20.93 4.81 152.25
CA LYS CB 633 22.00 5.25 153.12
C LYS CB 633 21.95 4.56 154.48
N ALA CB 634 20.75 4.43 155.05
CA ALA CB 634 20.60 3.76 156.34
C ALA CB 634 21.00 2.29 156.24
N MET CB 635 20.61 1.62 155.15
CA MET CB 635 21.00 0.22 154.98
C MET CB 635 22.51 0.07 154.83
N PHE CB 636 23.15 0.98 154.08
CA PHE CB 636 24.60 0.93 153.94
C PHE CB 636 25.28 1.17 155.28
N MET CB 637 24.77 2.13 156.06
CA MET CB 637 25.34 2.39 157.39
C MET CB 637 25.18 1.18 158.30
N ALA CB 638 24.02 0.53 158.27
CA ALA CB 638 23.81 -0.66 159.08
C ALA CB 638 24.74 -1.79 158.67
N GLU CB 639 24.94 -1.98 157.36
CA GLU CB 639 25.86 -3.01 156.89
C GLU CB 639 27.29 -2.72 157.33
N LEU CB 640 27.73 -1.46 157.21
CA LEU CB 640 29.06 -1.10 157.65
C LEU CB 640 29.23 -1.31 159.16
N SER CB 641 28.21 -0.93 159.93
CA SER CB 641 28.28 -1.14 161.37
C SER CB 641 28.34 -2.63 161.71
N GLU CB 642 27.57 -3.45 160.99
CA GLU CB 642 27.62 -4.89 161.23
C GLU CB 642 28.99 -5.47 160.91
N LYS CB 643 29.59 -5.04 159.80
CA LYS CB 643 30.92 -5.53 159.44
C LYS CB 643 31.96 -5.11 160.47
N GLN CB 644 31.92 -3.84 160.90
CA GLN CB 644 32.88 -3.37 161.89
C GLN CB 644 32.70 -4.09 163.23
N GLY CB 645 31.44 -4.32 163.63
CA GLY CB 645 31.18 -5.02 164.87
C GLY CB 645 31.63 -6.48 164.79
N LYS CB 646 31.46 -7.11 163.64
CA LYS CB 646 31.96 -8.48 163.46
C LYS CB 646 33.47 -8.51 163.57
N ALA CB 647 34.15 -7.53 162.97
CA ALA CB 647 35.61 -7.46 163.08
C ALA CB 647 36.03 -7.27 164.54
N ASP CB 648 35.35 -6.38 165.27
CA ASP CB 648 35.66 -6.17 166.67
C ASP CB 648 35.43 -7.44 167.49
N LYS CB 649 34.34 -8.16 167.19
CA LYS CB 649 34.04 -9.40 167.89
C LYS CB 649 35.12 -10.43 167.63
N ALA CB 650 35.59 -10.56 166.39
CA ALA CB 650 36.64 -11.51 166.08
C ALA CB 650 37.95 -11.14 166.79
N GLN CB 651 38.29 -9.84 166.80
CA GLN CB 651 39.52 -9.41 167.47
C GLN CB 651 39.44 -9.67 168.97
N ALA CB 652 38.29 -9.39 169.59
CA ALA CB 652 38.16 -9.62 171.02
C ALA CB 652 38.11 -11.11 171.33
N ASP CB 653 37.57 -11.92 170.43
CA ASP CB 653 37.65 -13.37 170.57
C ASP CB 653 39.10 -13.83 170.52
N ALA CB 654 39.91 -13.22 169.66
CA ALA CB 654 41.33 -13.52 169.64
C ALA CB 654 41.98 -13.17 170.97
N VAL CB 655 41.66 -11.99 171.52
CA VAL CB 655 42.21 -11.60 172.81
C VAL CB 655 41.80 -12.58 173.91
N ALA CB 656 40.53 -12.98 173.91
CA ALA CB 656 40.04 -13.93 174.90
C ALA CB 656 40.74 -15.28 174.76
N ALA CB 657 40.94 -15.73 173.52
CA ALA CB 657 41.64 -16.99 173.30
C ALA CB 657 43.08 -16.92 173.81
N GLN CB 658 43.76 -15.80 173.55
CA GLN CB 658 45.13 -15.64 174.05
C GLN CB 658 45.16 -15.64 175.57
N ALA CB 659 44.22 -14.95 176.21
CA ALA CB 659 44.18 -14.93 177.67
C ALA CB 659 43.86 -16.31 178.25
N ASN CB 660 42.94 -17.03 177.61
CA ASN CB 660 42.64 -18.40 178.06
C ASN CB 660 43.85 -19.31 177.88
N ALA CB 661 44.61 -19.10 176.80
CA ALA CB 661 45.86 -19.85 176.62
C ALA CB 661 46.83 -19.56 177.75
N ASP CB 662 46.97 -18.27 178.12
CA ASP CB 662 47.86 -17.92 179.23
C ASP CB 662 47.39 -18.56 180.53
N LEU CB 663 46.08 -18.54 180.78
CA LEU CB 663 45.54 -19.14 181.99
C LEU CB 663 45.79 -20.65 182.03
N ARG CB 664 45.58 -21.33 180.90
CA ARG CB 664 45.82 -22.76 180.84
C ARG CB 664 47.30 -23.08 181.05
N ALA CB 665 48.19 -22.28 180.46
CA ALA CB 665 49.61 -22.48 180.67
C ALA CB 665 50.00 -22.29 182.13
N ALA CB 666 49.43 -21.26 182.78
CA ALA CB 666 49.70 -21.04 184.19
C ALA CB 666 49.19 -22.19 185.05
N GLN CB 667 48.00 -22.70 184.73
CA GLN CB 667 47.46 -23.85 185.47
C GLN CB 667 48.34 -25.08 185.29
N ALA CB 668 48.82 -25.32 184.07
CA ALA CB 668 49.72 -26.44 183.84
C ALA CB 668 51.02 -26.28 184.61
N GLU CB 669 51.57 -25.06 184.63
CA GLU CB 669 52.80 -24.83 185.38
C GLU CB 669 52.58 -25.05 186.87
N GLN CB 670 51.45 -24.61 187.40
CA GLN CB 670 51.16 -24.84 188.81
C GLN CB 670 50.99 -26.32 189.12
N VAL CB 671 50.31 -27.06 188.24
CA VAL CB 671 50.10 -28.48 188.46
C VAL CB 671 51.40 -29.26 188.39
N ARG CB 672 52.28 -28.90 187.45
CA ARG CB 672 53.52 -29.63 187.29
C ARG CB 672 54.40 -29.54 188.52
N ARG CB 673 54.48 -28.37 189.13
CA ARG CB 673 55.30 -28.18 190.33
C ARG CB 673 54.64 -28.82 191.54
N VAL DB 4 43.92 46.37 -78.99
CA VAL DB 4 43.53 45.45 -80.04
C VAL DB 4 44.48 44.24 -80.08
N GLN DB 5 43.89 43.05 -80.14
CA GLN DB 5 44.68 41.84 -80.19
C GLN DB 5 44.71 41.31 -81.63
N PHE DB 6 45.76 40.55 -81.95
CA PHE DB 6 45.92 40.10 -83.33
C PHE DB 6 45.83 38.57 -83.44
N ALA DB 7 45.36 38.13 -84.59
CA ALA DB 7 45.15 36.71 -84.88
C ALA DB 7 46.31 36.18 -85.71
N ASN DB 8 46.38 34.85 -85.83
CA ASN DB 8 47.47 34.20 -86.56
C ASN DB 8 46.93 33.08 -87.43
N ASN DB 9 47.04 33.25 -88.75
CA ASN DB 9 46.74 32.21 -89.72
C ASN DB 9 45.34 31.61 -89.51
N ALA DB 10 44.35 32.47 -89.33
CA ALA DB 10 42.99 32.05 -89.02
C ALA DB 10 42.08 32.34 -90.22
N ALA DB 11 41.84 31.32 -91.05
CA ALA DB 11 40.92 31.44 -92.17
C ALA DB 11 39.82 30.40 -91.99
N SER DB 12 38.57 30.86 -92.00
CA SER DB 12 37.44 30.01 -91.66
C SER DB 12 36.23 30.36 -92.52
N ARG DB 13 35.30 29.41 -92.64
CA ARG DB 13 34.08 29.62 -93.41
C ARG DB 13 32.94 30.04 -92.50
N LEU DB 14 32.11 30.95 -92.99
CA LEU DB 14 30.95 31.45 -92.23
C LEU DB 14 29.80 30.48 -92.41
N VAL DB 15 29.62 29.57 -91.45
CA VAL DB 15 28.61 28.52 -91.60
C VAL DB 15 27.21 29.11 -91.55
N GLY DB 16 27.04 30.22 -90.84
CA GLY DB 16 25.75 30.85 -90.72
C GLY DB 16 25.61 32.06 -91.62
N PRO DB 17 24.44 32.19 -92.26
CA PRO DB 17 24.22 33.36 -93.11
C PRO DB 17 24.18 34.63 -92.27
N LEU DB 18 25.13 35.51 -92.52
CA LEU DB 18 25.24 36.77 -91.78
C LEU DB 18 24.31 37.80 -92.42
N ALA DB 19 23.30 38.21 -91.67
CA ALA DB 19 22.43 39.27 -92.12
C ALA DB 19 23.22 40.58 -92.22
N PRO DB 20 22.91 41.41 -93.22
CA PRO DB 20 23.60 42.71 -93.31
C PRO DB 20 23.50 43.51 -92.03
N SER DB 21 22.35 43.47 -91.35
CA SER DB 21 22.22 44.00 -90.00
C SER DB 21 22.31 42.80 -89.06
N GLY DB 22 23.51 42.29 -88.87
CA GLY DB 22 23.72 41.08 -88.10
C GLY DB 22 24.51 41.29 -86.82
N THR DB 23 24.04 40.70 -85.73
CA THR DB 23 24.69 40.92 -84.44
C THR DB 23 25.79 39.90 -84.19
N SER DB 24 25.70 38.72 -84.79
CA SER DB 24 26.66 37.65 -84.53
C SER DB 24 26.76 36.73 -85.74
N LEU DB 25 27.86 35.98 -85.79
CA LEU DB 25 28.17 35.09 -86.89
C LEU DB 25 29.00 33.92 -86.37
N THR DB 26 28.98 32.81 -87.12
CA THR DB 26 29.52 31.53 -86.65
C THR DB 26 30.41 30.90 -87.71
N VAL DB 27 31.66 30.63 -87.34
CA VAL DB 27 32.64 29.93 -88.18
C VAL DB 27 32.51 28.42 -88.03
N THR DB 28 33.25 27.69 -88.86
CA THR DB 28 33.29 26.23 -88.78
C THR DB 28 33.80 25.77 -87.42
N PRO DB 29 33.30 24.63 -86.92
CA PRO DB 29 33.69 24.20 -85.55
C PRO DB 29 35.18 23.97 -85.38
N GLY DB 30 35.83 23.32 -86.34
CA GLY DB 30 37.24 23.00 -86.19
C GLY DB 30 38.12 24.24 -86.16
N ASP DB 31 37.77 25.24 -86.97
CA ASP DB 31 38.56 26.46 -87.07
C ASP DB 31 38.24 27.47 -85.98
N GLY DB 32 37.27 27.18 -85.11
CA GLY DB 32 36.87 28.16 -84.11
C GLY DB 32 37.96 28.49 -83.12
N ALA DB 33 38.64 27.46 -82.59
CA ALA DB 33 39.72 27.70 -81.63
C ALA DB 33 40.92 28.36 -82.30
N LEU DB 34 41.00 28.26 -83.63
CA LEU DB 34 42.14 28.86 -84.34
C LEU DB 34 42.11 30.38 -84.25
N PHE DB 35 40.92 30.97 -84.18
CA PHE DB 35 40.81 32.39 -83.86
C PHE DB 35 41.28 32.63 -82.42
N PRO DB 36 41.71 33.85 -82.10
CA PRO DB 36 42.09 34.15 -80.71
C PRO DB 36 40.89 34.06 -79.79
N THR DB 37 41.17 33.70 -78.53
CA THR DB 37 40.08 33.52 -77.57
C THR DB 37 39.43 34.85 -77.20
N LEU DB 38 40.20 35.94 -77.25
CA LEU DB 38 39.74 37.27 -76.87
C LEU DB 38 39.43 37.35 -75.38
N GLY DB 39 38.90 38.48 -74.95
CA GLY DB 39 38.56 38.68 -73.56
C GLY DB 39 37.67 39.90 -73.39
N ALA DB 40 37.39 40.22 -72.13
CA ALA DB 40 36.58 41.39 -71.83
C ALA DB 40 37.32 42.67 -72.21
N GLY DB 41 36.67 43.49 -73.03
CA GLY DB 41 37.28 44.70 -73.52
C GLY DB 41 38.36 44.50 -74.57
N ASP DB 42 38.40 43.34 -75.22
CA ASP DB 42 39.43 43.01 -76.18
C ASP DB 42 38.78 42.61 -77.50
N TRP DB 43 39.38 43.02 -78.61
CA TRP DB 43 38.86 42.75 -79.94
C TRP DB 43 40.01 42.42 -80.87
N PHE DB 44 39.69 41.75 -81.97
CA PHE DB 44 40.62 41.52 -83.06
C PHE DB 44 39.95 41.86 -84.39
N MET DB 45 40.73 42.32 -85.35
CA MET DB 45 40.20 42.69 -86.66
C MET DB 45 39.81 41.44 -87.45
N ALA DB 46 38.65 41.50 -88.09
CA ALA DB 46 38.15 40.42 -88.91
C ALA DB 46 37.77 40.93 -90.28
N THR DB 47 38.29 40.29 -91.32
CA THR DB 47 38.01 40.64 -92.71
C THR DB 47 37.15 39.55 -93.33
N LEU DB 48 35.93 39.89 -93.70
CA LEU DB 48 34.99 38.93 -94.27
C LEU DB 48 35.08 38.98 -95.79
N ILE DB 49 35.74 37.98 -96.37
CA ILE DB 49 35.92 37.87 -97.81
C ILE DB 49 34.82 36.95 -98.33
N ARG DB 50 33.79 37.53 -98.95
CA ARG DB 50 32.80 36.71 -99.63
C ARG DB 50 33.30 36.29 -101.02
N SER DB 51 32.55 35.39 -101.65
CA SER DB 51 32.85 34.98 -103.01
C SER DB 51 32.83 36.17 -103.95
N ASP DB 52 33.71 36.15 -104.95
CA ASP DB 52 34.03 37.28 -105.81
C ASP DB 52 34.89 38.28 -105.03
N GLY DB 53 34.95 39.53 -105.50
CA GLY DB 53 35.88 40.48 -104.92
C GLY DB 53 35.32 41.26 -103.75
N ALA DB 54 33.99 41.22 -103.56
CA ALA DB 54 33.36 42.01 -102.52
C ALA DB 54 33.83 41.56 -101.14
N ARG DB 55 33.98 42.54 -100.24
CA ARG DB 55 34.55 42.29 -98.92
C ARG DB 55 34.08 43.35 -97.93
N GLU DB 56 33.97 42.97 -96.67
CA GLU DB 56 33.67 43.87 -95.57
C GLU DB 56 34.53 43.47 -94.37
N ILE DB 57 35.17 44.46 -93.75
CA ILE DB 57 36.09 44.20 -92.65
C ILE DB 57 35.51 44.81 -91.38
N VAL DB 58 35.51 44.01 -90.30
CA VAL DB 58 34.81 44.37 -89.07
C VAL DB 58 35.65 43.99 -87.86
N LYS DB 59 35.14 44.35 -86.68
CA LYS DB 59 35.79 44.08 -85.40
C LYS DB 59 34.95 43.08 -84.61
N VAL DB 60 35.61 42.09 -84.01
CA VAL DB 60 34.94 41.07 -83.21
C VAL DB 60 35.02 41.50 -81.75
N THR DB 61 33.86 41.83 -81.16
CA THR DB 61 33.85 42.30 -79.79
C THR DB 61 34.15 41.18 -78.80
N SER DB 62 33.54 40.01 -78.98
CA SER DB 62 33.71 38.92 -78.03
C SER DB 62 33.56 37.58 -78.75
N ARG DB 63 34.20 36.56 -78.18
CA ARG DB 63 34.19 35.22 -78.74
C ARG DB 63 33.73 34.23 -77.69
N THR DB 64 32.77 33.37 -78.07
CA THR DB 64 32.30 32.29 -77.20
C THR DB 64 32.15 31.03 -78.03
N VAL DB 65 32.86 29.98 -77.61
CA VAL DB 65 32.70 28.64 -78.18
C VAL DB 65 32.96 28.73 -79.68
N ASP DB 66 31.90 28.72 -80.49
CA ASP DB 66 32.00 28.64 -81.94
C ASP DB 66 31.52 29.92 -82.62
N ALA DB 67 30.85 30.80 -81.90
CA ALA DB 67 30.22 31.99 -82.48
C ALA DB 67 30.80 33.24 -81.82
N MET DB 68 30.88 34.32 -82.60
CA MET DB 68 31.45 35.58 -82.12
C MET DB 68 30.44 36.70 -82.32
N SER DB 69 30.27 37.52 -81.28
CA SER DB 69 29.52 38.76 -81.44
C SER DB 69 30.32 39.72 -82.32
N ILE DB 70 29.60 40.52 -83.10
CA ILE DB 70 30.24 41.30 -84.15
C ILE DB 70 29.68 42.72 -84.16
N THR DB 71 30.52 43.65 -84.63
CA THR DB 71 30.11 45.03 -84.92
C THR DB 71 30.57 45.35 -86.33
N ARG DB 72 29.69 45.97 -87.12
CA ARG DB 72 29.94 46.04 -88.54
C ARG DB 72 29.93 47.47 -89.06
N ALA DB 73 30.42 47.63 -90.29
CA ALA DB 73 30.54 48.93 -90.95
C ALA DB 73 31.35 49.91 -90.11
N GLN DB 74 32.40 49.39 -89.45
CA GLN DB 74 33.10 50.16 -88.43
C GLN DB 74 34.04 51.18 -89.05
N GLU DB 75 34.82 50.78 -90.05
CA GLU DB 75 35.79 51.67 -90.67
C GLU DB 75 35.33 52.18 -92.04
N GLY DB 76 34.04 52.10 -92.33
CA GLY DB 76 33.51 52.59 -93.59
C GLY DB 76 33.15 51.53 -94.61
N SER DB 77 33.48 50.28 -94.35
CA SER DB 77 33.06 49.21 -95.26
C SER DB 77 31.55 49.05 -95.22
N SER DB 78 30.94 49.00 -96.39
CA SER DB 78 29.49 48.93 -96.49
C SER DB 78 28.98 47.59 -95.97
N ALA DB 79 27.86 47.64 -95.25
CA ALA DB 79 27.24 46.43 -94.75
C ALA DB 79 26.64 45.63 -95.90
N LEU DB 80 26.98 44.34 -95.98
CA LEU DB 80 26.61 43.53 -97.12
C LEU DB 80 26.17 42.15 -96.64
N SER DB 81 25.31 41.52 -97.44
CA SER DB 81 24.90 40.14 -97.16
C SER DB 81 26.06 39.19 -97.33
N PHE DB 82 26.03 38.08 -96.60
CA PHE DB 82 27.08 37.07 -96.64
C PHE DB 82 26.47 35.67 -96.71
N ASN DB 83 26.96 34.87 -97.64
CA ASN DB 83 26.44 33.52 -97.87
C ASN DB 83 27.08 32.51 -96.94
N PRO DB 84 26.42 31.36 -96.75
CA PRO DB 84 26.92 30.35 -95.82
C PRO DB 84 28.27 29.76 -96.15
N ASN DB 85 28.97 30.23 -97.17
CA ASN DB 85 30.31 29.73 -97.49
C ASN DB 85 31.21 30.92 -97.83
N ASP DB 86 31.88 31.46 -96.83
CA ASP DB 86 32.60 32.71 -97.00
C ASP DB 86 33.98 32.55 -96.38
N ARG DB 87 34.72 33.67 -96.33
CA ARG DB 87 36.05 33.68 -95.74
C ARG DB 87 36.17 34.83 -94.75
N ILE DB 88 36.45 34.49 -93.50
CA ILE DB 88 36.79 35.45 -92.46
C ILE DB 88 38.21 35.15 -92.00
N GLU DB 89 39.11 36.13 -92.17
CA GLU DB 89 40.53 35.86 -92.00
C GLU DB 89 41.31 37.16 -92.02
N ALA DB 90 42.51 37.11 -91.43
CA ALA DB 90 43.52 38.15 -91.54
C ALA DB 90 43.14 39.44 -90.82
N ARG DB 91 43.89 40.50 -91.12
CA ARG DB 91 43.85 41.77 -90.41
C ARG DB 91 43.83 42.90 -91.44
N LEU DB 92 43.20 44.02 -91.08
CA LEU DB 92 43.12 45.17 -91.97
C LEU DB 92 44.03 46.28 -91.43
N THR DB 93 44.93 46.77 -92.28
CA THR DB 93 46.07 47.55 -91.81
C THR DB 93 45.68 48.96 -91.37
N ALA DB 94 44.67 49.55 -92.01
CA ALA DB 94 44.42 50.98 -91.82
C ALA DB 94 44.16 51.32 -90.36
N GLY DB 95 43.11 50.74 -89.77
CA GLY DB 95 42.76 51.09 -88.41
C GLY DB 95 43.83 50.72 -87.41
N GLU DB 96 44.35 49.49 -87.50
CA GLU DB 96 45.27 48.99 -86.48
C GLU DB 96 46.63 49.68 -86.56
N LEU DB 97 47.22 49.80 -87.75
CA LEU DB 97 48.50 50.48 -87.87
C LEU DB 97 48.35 51.99 -87.68
N GLY DB 98 47.17 52.54 -88.01
CA GLY DB 98 46.91 53.93 -87.70
C GLY DB 98 46.85 54.19 -86.21
N ASP DB 99 46.22 53.27 -85.46
CA ASP DB 99 46.24 53.37 -84.01
C ASP DB 99 47.66 53.24 -83.48
N PHE DB 100 48.47 52.38 -84.10
CA PHE DB 100 49.86 52.25 -83.68
C PHE DB 100 50.65 53.54 -83.90
N ARG DB 101 50.51 54.15 -85.09
CA ARG DB 101 51.18 55.42 -85.33
C ARG DB 101 50.70 56.51 -84.39
N ASP DB 102 49.39 56.60 -84.15
CA ASP DB 102 48.87 57.56 -83.18
C ASP DB 102 49.40 57.29 -81.78
N GLY DB 103 49.57 56.03 -81.41
CA GLY DB 103 50.13 55.70 -80.11
C GLY DB 103 51.59 56.12 -79.98
N ILE DB 104 52.36 55.95 -81.06
CA ILE DB 104 53.75 56.39 -81.03
C ILE DB 104 53.82 57.91 -80.85
N ALA DB 105 53.00 58.64 -81.61
CA ALA DB 105 52.98 60.09 -81.46
C ALA DB 105 52.51 60.51 -80.08
N SER DB 106 51.50 59.82 -79.55
CA SER DB 106 51.00 60.12 -78.20
C SER DB 106 52.06 59.87 -77.15
N ALA DB 107 52.80 58.76 -77.28
CA ALA DB 107 53.85 58.44 -76.33
C ALA DB 107 54.96 59.49 -76.39
N GLN DB 108 55.36 59.88 -77.60
CA GLN DB 108 56.41 60.88 -77.75
C GLN DB 108 55.98 62.21 -77.16
N SER DB 109 54.75 62.65 -77.47
CA SER DB 109 54.27 63.93 -76.96
C SER DB 109 54.12 63.90 -75.44
N ALA DB 110 53.61 62.79 -74.90
CA ALA DB 110 53.45 62.69 -73.45
C ALA DB 110 54.80 62.70 -72.76
N ALA DB 111 55.79 62.00 -73.31
CA ALA DB 111 57.13 62.05 -72.74
C ALA DB 111 57.71 63.45 -72.79
N SER DB 112 57.54 64.15 -73.93
CA SER DB 112 58.06 65.51 -74.05
C SER DB 112 57.41 66.42 -73.03
N ALA DB 113 56.09 66.30 -72.85
CA ALA DB 113 55.41 67.05 -71.79
C ALA DB 113 55.94 66.66 -70.42
N ALA DB 114 56.37 65.40 -70.26
CA ALA DB 114 56.94 64.98 -68.98
C ALA DB 114 58.25 65.70 -68.68
N GLN DB 115 59.18 65.76 -69.65
CA GLN DB 115 60.38 66.57 -69.40
C GLN DB 115 60.03 68.04 -69.23
N GLY DB 116 59.01 68.53 -69.95
CA GLY DB 116 58.61 69.91 -69.80
C GLY DB 116 58.14 70.23 -68.40
N THR DB 117 57.32 69.35 -67.82
CA THR DB 117 56.90 69.52 -66.42
C THR DB 117 58.07 69.34 -65.47
N ALA DB 118 58.99 68.42 -65.78
CA ALA DB 118 60.14 68.19 -64.91
C ALA DB 118 61.02 69.44 -64.82
N ASP DB 119 61.23 70.11 -65.95
CA ASP DB 119 62.03 71.33 -65.97
C ASP DB 119 61.31 72.48 -65.27
N ALA EB 2 -43.66 -23.46 -39.71
CA ALA EB 2 -44.39 -24.61 -40.20
C ALA EB 2 -44.99 -24.34 -41.56
N PHE EB 3 -44.38 -23.42 -42.30
CA PHE EB 3 -44.91 -23.04 -43.60
C PHE EB 3 -44.53 -24.08 -44.65
N PRO EB 4 -45.33 -24.25 -45.70
CA PRO EB 4 -44.91 -25.10 -46.82
C PRO EB 4 -43.85 -24.41 -47.66
N ALA EB 5 -43.12 -25.21 -48.44
CA ALA EB 5 -42.12 -24.64 -49.33
C ALA EB 5 -42.72 -23.77 -50.42
N SER EB 6 -44.01 -23.94 -50.71
CA SER EB 6 -44.64 -23.21 -51.81
C SER EB 6 -44.54 -21.71 -51.63
N VAL EB 7 -44.74 -21.23 -50.41
CA VAL EB 7 -44.70 -19.78 -50.17
C VAL EB 7 -43.30 -19.23 -50.44
N VAL EB 8 -42.26 -19.94 -49.98
CA VAL EB 8 -40.90 -19.45 -50.15
C VAL EB 8 -40.51 -19.51 -51.63
N LEU EB 9 -40.95 -20.54 -52.34
CA LEU EB 9 -40.72 -20.57 -53.78
C LEU EB 9 -41.42 -19.41 -54.47
N SER EB 10 -42.62 -19.06 -54.01
CA SER EB 10 -43.30 -17.89 -54.58
C SER EB 10 -42.50 -16.62 -54.33
N ARG EB 11 -41.97 -16.45 -53.12
CA ARG EB 11 -41.10 -15.30 -52.86
C ARG EB 11 -39.94 -15.30 -53.84
N ALA EB 12 -39.11 -16.35 -53.82
CA ALA EB 12 -37.90 -16.38 -54.64
C ALA EB 12 -38.22 -16.19 -56.12
N ALA EB 13 -39.42 -16.62 -56.54
CA ALA EB 13 -39.82 -16.40 -57.93
C ALA EB 13 -40.23 -14.95 -58.16
N THR EB 14 -40.65 -14.26 -57.09
CA THR EB 14 -40.97 -12.85 -57.21
C THR EB 14 -39.77 -11.93 -57.09
N LEU EB 15 -38.74 -12.32 -56.32
CA LEU EB 15 -37.56 -11.47 -56.16
C LEU EB 15 -36.74 -11.44 -57.44
N LEU EB 16 -36.20 -12.59 -57.83
CA LEU EB 16 -35.71 -12.74 -59.19
C LEU EB 16 -36.87 -12.54 -60.14
N GLN EB 17 -36.62 -11.84 -61.24
CA GLN EB 17 -37.70 -11.45 -62.14
C GLN EB 17 -38.06 -12.63 -63.05
N ASP EB 18 -38.30 -13.77 -62.38
CA ASP EB 18 -38.69 -15.03 -63.02
C ASP EB 18 -39.83 -15.64 -62.20
N GLU EB 19 -41.06 -15.26 -62.53
CA GLU EB 19 -42.21 -15.81 -61.81
C GLU EB 19 -42.64 -17.15 -62.40
N ASP EB 20 -42.29 -17.42 -63.65
CA ASP EB 20 -42.75 -18.65 -64.29
C ASP EB 20 -41.89 -19.85 -63.91
N HIS EB 21 -40.83 -19.62 -63.12
CA HIS EB 21 -39.86 -20.63 -62.73
C HIS EB 21 -39.14 -21.25 -63.92
N GLU EB 22 -39.13 -20.56 -65.06
CA GLU EB 22 -38.53 -21.08 -66.28
C GLU EB 22 -37.02 -21.27 -66.15
N ARG EB 23 -36.30 -20.16 -65.97
CA ARG EB 23 -34.84 -20.24 -65.93
C ARG EB 23 -34.35 -20.86 -64.63
N TRP EB 24 -34.87 -20.39 -63.50
CA TRP EB 24 -34.60 -20.99 -62.20
C TRP EB 24 -35.67 -22.03 -61.94
N THR EB 25 -35.34 -23.29 -62.21
CA THR EB 25 -36.31 -24.36 -62.11
C THR EB 25 -36.78 -24.54 -60.67
N VAL EB 26 -38.01 -25.04 -60.53
CA VAL EB 26 -38.59 -25.21 -59.21
C VAL EB 26 -37.80 -26.21 -58.39
N ASP EB 27 -37.22 -27.22 -59.05
CA ASP EB 27 -36.34 -28.15 -58.34
C ASP EB 27 -35.12 -27.42 -57.80
N GLU EB 28 -34.54 -26.51 -58.59
CA GLU EB 28 -33.37 -25.77 -58.14
C GLU EB 28 -33.72 -24.86 -56.96
N LEU EB 29 -34.88 -24.22 -57.01
CA LEU EB 29 -35.29 -23.35 -55.91
C LEU EB 29 -35.60 -24.17 -54.65
N LEU EB 30 -36.20 -25.34 -54.81
CA LEU EB 30 -36.40 -26.23 -53.66
C LEU EB 30 -35.06 -26.66 -53.07
N GLU EB 31 -34.07 -26.91 -53.93
CA GLU EB 31 -32.73 -27.20 -53.45
C GLU EB 31 -32.15 -26.03 -52.67
N TRP EB 32 -32.32 -24.81 -53.17
CA TRP EB 32 -31.81 -23.66 -52.43
C TRP EB 32 -32.53 -23.52 -51.10
N LEU EB 33 -33.82 -23.84 -51.09
CA LEU EB 33 -34.58 -23.79 -49.84
C LEU EB 33 -34.03 -24.78 -48.82
N THR EB 34 -33.74 -26.01 -49.25
CA THR EB 34 -33.25 -26.99 -48.28
C THR EB 34 -31.84 -26.63 -47.82
N ASP EB 35 -30.99 -26.14 -48.73
CA ASP EB 35 -29.66 -25.68 -48.32
C ASP EB 35 -29.78 -24.55 -47.32
N GLY EB 36 -30.69 -23.62 -47.55
CA GLY EB 36 -30.90 -22.53 -46.60
C GLY EB 36 -31.38 -23.02 -45.26
N THR EB 37 -32.28 -24.00 -45.24
CA THR EB 37 -32.73 -24.55 -43.98
C THR EB 37 -31.55 -25.12 -43.19
N ARG EB 38 -30.72 -25.93 -43.85
CA ARG EB 38 -29.53 -26.46 -43.19
C ARG EB 38 -28.64 -25.33 -42.69
N GLU EB 39 -28.44 -24.30 -43.51
CA GLU EB 39 -27.50 -23.24 -43.16
C GLU EB 39 -27.99 -22.43 -41.97
N ILE EB 40 -29.27 -22.07 -41.94
CA ILE EB 40 -29.80 -21.34 -40.78
C ILE EB 40 -29.79 -22.21 -39.54
N VAL EB 41 -30.04 -23.52 -39.70
CA VAL EB 41 -29.98 -24.39 -38.53
C VAL EB 41 -28.57 -24.39 -37.95
N VAL EB 42 -27.55 -24.41 -38.82
CA VAL EB 42 -26.17 -24.39 -38.35
C VAL EB 42 -25.84 -23.05 -37.71
N ARG EB 43 -26.13 -21.96 -38.41
CA ARG EB 43 -25.76 -20.63 -37.92
C ARG EB 43 -26.42 -20.35 -36.58
N LYS EB 44 -27.72 -20.63 -36.48
CA LYS EB 44 -28.48 -20.45 -35.24
C LYS EB 44 -29.13 -21.78 -34.88
N PRO EB 45 -28.56 -22.55 -33.95
CA PRO EB 45 -29.14 -23.85 -33.62
C PRO EB 45 -30.57 -23.77 -33.10
N SER EB 46 -30.97 -22.62 -32.55
CA SER EB 46 -32.33 -22.48 -32.03
C SER EB 46 -33.39 -22.51 -33.12
N ALA EB 47 -32.98 -22.44 -34.39
CA ALA EB 47 -33.94 -22.40 -35.48
C ALA EB 47 -34.77 -23.69 -35.55
N TYR EB 48 -34.12 -24.85 -35.39
CA TYR EB 48 -34.79 -26.15 -35.53
C TYR EB 48 -34.19 -27.11 -34.51
N MET EB 49 -34.86 -27.25 -33.37
CA MET EB 49 -34.50 -28.23 -32.35
C MET EB 49 -35.71 -29.10 -32.04
N LYS EB 50 -35.64 -30.37 -32.45
CA LYS EB 50 -36.74 -31.29 -32.30
C LYS EB 50 -36.39 -32.32 -31.24
N THR EB 51 -37.26 -32.44 -30.23
CA THR EB 51 -37.07 -33.40 -29.15
C THR EB 51 -37.50 -34.77 -29.65
N THR EB 52 -36.52 -35.65 -29.89
CA THR EB 52 -36.79 -36.97 -30.44
C THR EB 52 -36.47 -38.03 -29.39
N THR EB 53 -37.36 -39.01 -29.25
CA THR EB 53 -37.10 -40.15 -28.41
C THR EB 53 -36.34 -41.22 -29.20
N ALA EB 54 -35.21 -41.66 -28.68
CA ALA EB 54 -34.33 -42.57 -29.40
C ALA EB 54 -33.93 -43.73 -28.51
N ALA EB 55 -34.04 -44.94 -29.03
CA ALA EB 55 -33.54 -46.11 -28.32
C ALA EB 55 -32.02 -46.10 -28.29
N LEU EB 56 -31.46 -46.62 -27.20
CA LEU EB 56 -30.02 -46.64 -26.99
C LEU EB 56 -29.51 -48.06 -27.04
N VAL EB 57 -28.52 -48.31 -27.91
CA VAL EB 57 -27.91 -49.62 -27.98
C VAL EB 57 -27.25 -49.94 -26.65
N ALA EB 58 -27.39 -51.20 -26.22
CA ALA EB 58 -26.81 -51.61 -24.94
C ALA EB 58 -25.31 -51.36 -24.94
N GLY EB 59 -24.83 -50.75 -23.86
CA GLY EB 59 -23.43 -50.38 -23.75
C GLY EB 59 -23.23 -48.91 -23.45
N SER EB 60 -22.04 -48.55 -22.99
CA SER EB 60 -21.77 -47.15 -22.68
C SER EB 60 -21.78 -46.28 -23.93
N LYS EB 61 -21.22 -46.79 -25.03
CA LYS EB 61 -21.14 -46.01 -26.26
C LYS EB 61 -22.50 -45.87 -26.91
N GLN EB 62 -22.82 -44.66 -27.35
CA GLN EB 62 -24.05 -44.47 -28.08
C GLN EB 62 -23.76 -43.58 -29.26
N ALA EB 63 -24.67 -43.55 -30.21
CA ALA EB 63 -24.57 -42.73 -31.41
C ALA EB 63 -25.79 -41.84 -31.54
N LEU EB 64 -25.56 -40.57 -31.81
CA LEU EB 64 -26.64 -39.63 -32.06
C LEU EB 64 -27.39 -40.07 -33.32
N PRO EB 65 -28.69 -39.78 -33.40
CA PRO EB 65 -29.41 -40.02 -34.66
C PRO EB 65 -28.70 -39.34 -35.83
N GLU EB 66 -28.60 -40.08 -36.93
CA GLU EB 66 -27.76 -39.64 -38.04
C GLU EB 66 -28.24 -38.32 -38.63
N ASP EB 67 -29.53 -38.03 -38.51
CA ASP EB 67 -30.07 -36.77 -39.03
C ASP EB 67 -30.11 -35.71 -37.93
N ALA EB 68 -28.98 -35.52 -37.29
CA ALA EB 68 -28.84 -34.54 -36.22
C ALA EB 68 -27.43 -34.00 -36.20
N ILE EB 69 -27.30 -32.67 -36.27
CA ILE EB 69 -25.97 -32.06 -36.31
C ILE EB 69 -25.29 -32.18 -34.95
N GLN EB 70 -26.02 -31.90 -33.88
CA GLN EB 70 -25.42 -31.86 -32.56
C GLN EB 70 -26.52 -31.88 -31.51
N LEU EB 71 -26.34 -32.68 -30.47
CA LEU EB 71 -27.29 -32.76 -29.37
C LEU EB 71 -26.93 -31.69 -28.35
N ILE EB 72 -27.93 -30.96 -27.88
CA ILE EB 72 -27.68 -29.91 -26.91
C ILE EB 72 -27.96 -30.40 -25.50
N ASP EB 73 -29.14 -31.00 -25.30
CA ASP EB 73 -29.57 -31.41 -23.97
C ASP EB 73 -30.22 -32.79 -24.07
N VAL EB 74 -30.21 -33.51 -22.96
CA VAL EB 74 -30.89 -34.79 -22.83
C VAL EB 74 -31.77 -34.69 -21.59
N PRO EB 75 -32.93 -34.05 -21.68
CA PRO EB 75 -33.66 -33.68 -20.45
C PRO EB 75 -34.20 -34.87 -19.67
N ARG EB 76 -34.92 -35.78 -20.32
CA ARG EB 76 -35.62 -36.85 -19.62
C ARG EB 76 -35.15 -38.20 -20.11
N ASN EB 77 -35.06 -39.16 -19.19
CA ASN EB 77 -34.82 -40.56 -19.52
C ASN EB 77 -36.17 -41.25 -19.53
N LEU EB 78 -36.70 -41.50 -20.74
CA LEU EB 78 -38.06 -42.00 -20.86
C LEU EB 78 -38.18 -43.40 -20.28
N LYS EB 79 -38.98 -43.53 -19.24
CA LYS EB 79 -39.32 -44.82 -18.68
C LYS EB 79 -40.20 -45.57 -19.68
N THR EB 80 -40.30 -46.90 -19.50
CA THR EB 80 -41.09 -47.73 -20.40
C THR EB 80 -42.48 -47.13 -20.62
N ASP EB 81 -43.02 -47.36 -21.81
CA ASP EB 81 -44.28 -46.80 -22.31
C ASP EB 81 -44.26 -45.28 -22.11
N GLY EB 82 -45.30 -44.67 -21.53
CA GLY EB 82 -45.44 -43.23 -21.63
C GLY EB 82 -44.83 -42.47 -20.46
N SER EB 83 -44.40 -43.18 -19.42
CA SER EB 83 -43.93 -42.51 -18.22
C SER EB 83 -42.66 -41.72 -18.51
N PRO EB 84 -42.60 -40.43 -18.15
CA PRO EB 84 -41.42 -39.63 -18.48
C PRO EB 84 -40.13 -40.15 -17.86
N GLY EB 85 -40.18 -40.69 -16.65
CA GLY EB 85 -39.00 -41.26 -16.04
C GLY EB 85 -38.03 -40.23 -15.47
N ARG EB 86 -36.82 -40.72 -15.21
CA ARG EB 86 -35.78 -39.96 -14.54
C ARG EB 86 -35.20 -38.90 -15.49
N ALA EB 87 -34.61 -37.87 -14.91
CA ALA EB 87 -33.86 -36.86 -15.65
C ALA EB 87 -32.38 -37.23 -15.72
N VAL EB 88 -31.70 -36.68 -16.72
CA VAL EB 88 -30.29 -36.98 -16.98
C VAL EB 88 -29.52 -35.67 -17.00
N THR EB 89 -28.33 -35.69 -16.37
CA THR EB 89 -27.47 -34.52 -16.29
C THR EB 89 -26.09 -34.86 -16.84
N ALA EB 90 -25.47 -33.87 -17.47
CA ALA EB 90 -24.17 -34.08 -18.11
C ALA EB 90 -23.05 -34.19 -17.08
N THR EB 91 -22.02 -34.95 -17.45
CA THR EB 91 -20.84 -35.11 -16.59
C THR EB 91 -19.59 -35.04 -17.47
N ASP EB 92 -18.46 -35.39 -16.87
CA ASP EB 92 -17.16 -35.36 -17.53
C ASP EB 92 -16.73 -36.79 -17.87
N ARG EB 93 -16.31 -37.00 -19.11
CA ARG EB 93 -15.93 -38.33 -19.55
C ARG EB 93 -14.58 -38.76 -18.99
N ARG EB 94 -13.64 -37.81 -18.89
CA ARG EB 94 -12.29 -38.18 -18.48
C ARG EB 94 -12.26 -38.65 -17.03
N LEU EB 95 -13.09 -38.06 -16.16
CA LEU EB 95 -13.15 -38.54 -14.78
C LEU EB 95 -13.92 -39.84 -14.67
N LEU EB 96 -14.92 -40.03 -15.52
CA LEU EB 96 -15.56 -41.34 -15.62
C LEU EB 96 -14.56 -42.39 -16.09
N ASP EB 97 -13.50 -41.95 -16.77
CA ASP EB 97 -12.43 -42.86 -17.17
C ASP EB 97 -11.47 -43.13 -16.01
N THR EB 98 -11.00 -42.07 -15.35
CA THR EB 98 -9.97 -42.23 -14.33
C THR EB 98 -10.47 -43.06 -13.16
N GLU EB 99 -11.60 -42.69 -12.58
CA GLU EB 99 -12.23 -43.51 -11.58
C GLU EB 99 -13.11 -44.56 -12.23
N ASN EB 100 -13.04 -45.78 -11.69
CA ASN EB 100 -13.70 -46.95 -12.26
C ASN EB 100 -13.32 -47.09 -13.74
N PRO EB 101 -12.06 -47.40 -14.04
CA PRO EB 101 -11.62 -47.44 -15.45
C PRO EB 101 -12.40 -48.43 -16.28
N ASP EB 102 -12.92 -49.49 -15.67
CA ASP EB 102 -13.78 -50.45 -16.37
C ASP EB 102 -15.25 -50.07 -16.22
N TRP EB 103 -15.53 -48.80 -16.51
CA TRP EB 103 -16.91 -48.33 -16.39
C TRP EB 103 -17.76 -48.79 -17.58
N HIS EB 104 -17.11 -49.05 -18.71
CA HIS EB 104 -17.83 -49.66 -19.84
C HIS EB 104 -18.30 -51.06 -19.48
N SER EB 105 -17.47 -51.82 -18.75
CA SER EB 105 -17.80 -53.19 -18.38
C SER EB 105 -18.78 -53.27 -17.23
N MET EB 106 -19.15 -52.15 -16.62
CA MET EB 106 -20.07 -52.16 -15.50
C MET EB 106 -21.46 -52.63 -15.95
N LYS EB 107 -22.18 -53.24 -15.02
CA LYS EB 107 -23.46 -53.84 -15.33
C LYS EB 107 -24.42 -52.79 -15.89
N PRO EB 108 -25.14 -53.08 -16.96
CA PRO EB 108 -26.08 -52.10 -17.52
C PRO EB 108 -27.22 -51.81 -16.57
N ALA EB 109 -27.79 -50.62 -16.72
CA ALA EB 109 -28.89 -50.17 -15.88
C ALA EB 109 -30.13 -49.97 -16.72
N GLY EB 110 -31.30 -50.20 -16.12
CA GLY EB 110 -32.55 -49.98 -16.84
C GLY EB 110 -32.73 -48.55 -17.28
N GLN EB 111 -32.28 -47.60 -16.46
CA GLN EB 111 -32.33 -46.18 -16.78
C GLN EB 111 -30.93 -45.58 -16.63
N ILE EB 112 -30.46 -44.93 -17.69
CA ILE EB 112 -29.18 -44.23 -17.63
C ILE EB 112 -29.30 -43.07 -16.65
N ARG EB 113 -28.16 -42.67 -16.08
CA ARG EB 113 -28.13 -41.66 -15.04
C ARG EB 113 -27.35 -40.42 -15.44
N HIS EB 114 -26.38 -40.54 -16.34
CA HIS EB 114 -25.61 -39.40 -16.82
C HIS EB 114 -25.19 -39.64 -18.25
N TYR EB 115 -24.92 -38.55 -18.96
CA TYR EB 115 -24.47 -38.59 -20.34
C TYR EB 115 -23.29 -37.64 -20.51
N THR EB 116 -22.32 -38.05 -21.32
CA THR EB 116 -21.16 -37.22 -21.63
C THR EB 116 -21.11 -36.98 -23.13
N TYR EB 117 -21.00 -35.72 -23.52
CA TYR EB 117 -20.97 -35.33 -24.92
C TYR EB 117 -19.83 -34.35 -25.15
N ASP EB 118 -19.04 -34.59 -26.20
CA ASP EB 118 -17.93 -33.73 -26.57
C ASP EB 118 -18.26 -33.07 -27.90
N SER EB 119 -18.06 -31.75 -27.97
CA SER EB 119 -18.39 -31.02 -29.19
C SER EB 119 -17.50 -31.45 -30.35
N ASN EB 120 -16.28 -31.87 -30.05
CA ASN EB 120 -15.34 -32.27 -31.12
C ASN EB 120 -15.85 -33.49 -31.87
N VAL EB 121 -16.49 -34.42 -31.17
CA VAL EB 121 -17.06 -35.61 -31.80
C VAL EB 121 -18.58 -35.49 -31.74
N PRO EB 122 -19.23 -35.09 -32.83
CA PRO EB 122 -20.67 -34.82 -32.77
C PRO EB 122 -21.52 -36.08 -32.77
N THR EB 123 -21.05 -37.14 -33.43
CA THR EB 123 -21.87 -38.32 -33.64
C THR EB 123 -21.83 -39.31 -32.49
N VAL EB 124 -21.02 -39.06 -31.47
CA VAL EB 124 -20.86 -39.99 -30.35
C VAL EB 124 -21.14 -39.26 -29.05
N PHE EB 125 -22.03 -39.83 -28.24
CA PHE EB 125 -22.25 -39.38 -26.86
C PHE EB 125 -22.32 -40.62 -25.97
N TYR EB 126 -21.65 -40.56 -24.83
CA TYR EB 126 -21.55 -41.70 -23.94
C TYR EB 126 -22.56 -41.58 -22.80
N THR EB 127 -23.06 -42.72 -22.35
CA THR EB 127 -24.08 -42.77 -21.32
C THR EB 127 -23.54 -43.51 -20.09
N TYR EB 128 -24.03 -43.11 -18.92
CA TYR EB 128 -23.64 -43.69 -17.66
C TYR EB 128 -24.87 -43.94 -16.79
N PRO EB 129 -25.12 -45.19 -16.37
CA PRO EB 129 -24.41 -46.43 -16.71
C PRO EB 129 -24.73 -46.87 -18.13
N PRO EB 130 -24.07 -47.91 -18.63
CA PRO EB 130 -24.42 -48.42 -19.96
C PRO EB 130 -25.89 -48.79 -20.03
N ALA EB 131 -26.51 -48.47 -21.16
CA ALA EB 131 -27.94 -48.69 -21.34
C ALA EB 131 -28.24 -50.19 -21.43
N ALA EB 132 -29.49 -50.53 -21.13
CA ALA EB 132 -29.93 -51.92 -21.12
C ALA EB 132 -31.23 -52.06 -21.89
N ALA EB 133 -31.28 -53.05 -22.79
CA ALA EB 133 -32.48 -53.42 -23.52
C ALA EB 133 -33.09 -52.24 -24.28
N GLY EB 134 -32.22 -51.41 -24.84
CA GLY EB 134 -32.68 -50.33 -25.70
C GLY EB 134 -33.56 -49.31 -25.01
N VAL EB 135 -33.15 -48.84 -23.83
CA VAL EB 135 -33.95 -47.84 -23.12
C VAL EB 135 -33.94 -46.54 -23.90
N GLN EB 136 -35.11 -45.93 -24.04
CA GLN EB 136 -35.24 -44.71 -24.83
C GLN EB 136 -35.10 -43.48 -23.96
N VAL EB 137 -34.50 -42.43 -24.51
CA VAL EB 137 -34.28 -41.17 -23.82
C VAL EB 137 -34.65 -40.02 -24.75
N GLU EB 138 -35.24 -38.96 -24.20
CA GLU EB 138 -35.49 -37.76 -24.98
C GLU EB 138 -34.18 -37.09 -25.36
N LEU EB 139 -34.02 -36.78 -26.64
CA LEU EB 139 -32.85 -36.10 -27.15
C LEU EB 139 -33.27 -34.77 -27.76
N VAL EB 140 -32.66 -33.69 -27.29
CA VAL EB 140 -32.89 -32.36 -27.84
C VAL EB 140 -31.65 -32.01 -28.65
N CYS EB 141 -31.78 -32.10 -29.98
CA CYS EB 141 -30.65 -31.95 -30.87
C CYS EB 141 -31.01 -31.01 -32.01
N ALA EB 142 -29.99 -30.39 -32.60
CA ALA EB 142 -30.20 -29.51 -33.74
C ALA EB 142 -30.49 -30.34 -34.98
N TRP EB 143 -31.77 -30.67 -35.18
CA TRP EB 143 -32.16 -31.51 -36.30
C TRP EB 143 -31.96 -30.78 -37.62
N ARG EB 144 -31.58 -31.55 -38.64
CA ARG EB 144 -31.38 -31.03 -39.99
C ARG EB 144 -32.57 -31.39 -40.84
N HIS EB 145 -33.09 -30.41 -41.57
CA HIS EB 145 -34.23 -30.67 -42.44
C HIS EB 145 -33.82 -31.63 -43.56
N PRO EB 146 -34.48 -32.77 -43.70
CA PRO EB 146 -34.01 -33.77 -44.69
C PRO EB 146 -33.97 -33.24 -46.12
N ALA EB 147 -35.11 -32.81 -46.68
CA ALA EB 147 -35.15 -32.39 -48.07
C ALA EB 147 -36.49 -31.71 -48.35
N LEU EB 148 -36.54 -31.02 -49.49
CA LEU EB 148 -37.76 -30.38 -50.00
C LEU EB 148 -37.97 -30.89 -51.41
N THR EB 149 -38.70 -32.01 -51.54
CA THR EB 149 -38.85 -32.65 -52.84
C THR EB 149 -39.80 -31.88 -53.75
N THR EB 150 -40.94 -31.43 -53.21
CA THR EB 150 -41.98 -30.81 -54.01
C THR EB 150 -42.33 -29.44 -53.45
N GLN EB 151 -43.16 -28.71 -54.21
CA GLN EB 151 -43.63 -27.40 -53.76
C GLN EB 151 -44.43 -27.51 -52.47
N ASN EB 152 -45.35 -28.48 -52.42
CA ASN EB 152 -46.25 -28.62 -51.27
C ASN EB 152 -45.55 -29.16 -50.03
N ASP EB 153 -44.30 -29.60 -50.15
CA ASP EB 153 -43.56 -30.05 -48.98
C ASP EB 153 -43.47 -28.95 -47.94
N VAL EB 154 -43.70 -29.32 -46.69
CA VAL EB 154 -43.78 -28.36 -45.58
C VAL EB 154 -42.40 -28.23 -44.96
N VAL EB 155 -42.10 -27.06 -44.42
CA VAL EB 155 -40.84 -26.80 -43.74
C VAL EB 155 -41.11 -26.70 -42.25
N GLN EB 156 -40.49 -27.61 -41.49
CA GLN EB 156 -40.71 -27.67 -40.05
C GLN EB 156 -40.14 -26.48 -39.29
N MET EB 157 -39.31 -25.66 -39.92
CA MET EB 157 -38.79 -24.48 -39.25
C MET EB 157 -39.90 -23.45 -39.03
N GLY EB 158 -39.63 -22.50 -38.15
CA GLY EB 158 -40.58 -21.45 -37.88
C GLY EB 158 -40.71 -20.48 -39.04
N ALA EB 159 -41.82 -19.74 -39.02
CA ALA EB 159 -42.06 -18.74 -40.05
C ALA EB 159 -41.13 -17.54 -39.93
N GLU EB 160 -40.36 -17.44 -38.85
CA GLU EB 160 -39.45 -16.32 -38.67
C GLU EB 160 -38.43 -16.26 -39.81
N PHE EB 161 -37.79 -17.39 -40.10
CA PHE EB 161 -36.66 -17.44 -41.01
C PHE EB 161 -37.05 -17.52 -42.48
N VAL EB 162 -38.30 -17.20 -42.81
CA VAL EB 162 -38.69 -17.18 -44.22
C VAL EB 162 -37.89 -16.12 -44.96
N SER EB 163 -37.63 -14.98 -44.31
CA SER EB 163 -36.81 -13.95 -44.93
C SER EB 163 -35.38 -14.43 -45.14
N ALA EB 164 -34.82 -15.14 -44.16
CA ALA EB 164 -33.48 -15.68 -44.30
C ALA EB 164 -33.41 -16.71 -45.42
N LEU EB 165 -34.43 -17.57 -45.53
CA LEU EB 165 -34.48 -18.53 -46.63
C LEU EB 165 -34.57 -17.82 -47.97
N VAL EB 166 -35.38 -16.76 -48.05
CA VAL EB 166 -35.49 -16.01 -49.30
C VAL EB 166 -34.15 -15.41 -49.67
N SER EB 167 -33.46 -14.81 -48.69
CA SER EB 167 -32.17 -14.19 -48.98
C SER EB 167 -31.14 -15.24 -49.41
N TRP EB 168 -31.14 -16.41 -48.76
CA TRP EB 168 -30.19 -17.45 -49.13
C TRP EB 168 -30.48 -18.00 -50.52
N CYS EB 169 -31.77 -18.20 -50.83
CA CYS EB 169 -32.13 -18.66 -52.16
C CYS EB 169 -31.72 -17.65 -53.21
N LEU EB 170 -31.92 -16.36 -52.92
CA LEU EB 170 -31.48 -15.31 -53.85
C LEU EB 170 -29.96 -15.32 -54.01
N TYR EB 171 -29.23 -15.49 -52.92
CA TYR EB 171 -27.78 -15.52 -52.99
C TYR EB 171 -27.30 -16.68 -53.85
N ARG EB 172 -27.87 -17.87 -53.66
CA ARG EB 172 -27.39 -19.03 -54.39
C ARG EB 172 -27.96 -19.12 -55.79
N ALA EB 173 -29.02 -18.36 -56.09
CA ALA EB 173 -29.58 -18.39 -57.44
C ALA EB 173 -28.95 -17.30 -58.32
N SER EB 174 -28.79 -16.09 -57.77
CA SER EB 174 -28.19 -15.01 -58.54
C SER EB 174 -26.70 -15.18 -58.69
N SER EB 175 -26.11 -16.16 -58.01
CA SER EB 175 -24.71 -16.49 -58.21
C SER EB 175 -24.49 -17.38 -59.43
N LYS EB 176 -25.55 -17.74 -60.15
CA LYS EB 176 -25.42 -18.57 -61.34
C LYS EB 176 -24.64 -17.84 -62.42
N ASP EB 177 -23.91 -18.60 -63.24
CA ASP EB 177 -23.10 -18.05 -64.31
C ASP EB 177 -23.92 -17.95 -65.59
N SER EB 178 -24.85 -16.99 -65.59
CA SER EB 178 -25.66 -16.68 -66.74
C SER EB 178 -25.89 -15.18 -66.83
N GLU EB 179 -26.36 -14.74 -68.00
CA GLU EB 179 -26.70 -13.32 -68.17
C GLU EB 179 -27.77 -12.90 -67.19
N PHE EB 180 -28.69 -13.80 -66.85
CA PHE EB 180 -29.87 -13.44 -66.07
C PHE EB 180 -29.54 -13.29 -64.59
N ALA EB 181 -28.37 -13.73 -64.15
CA ALA EB 181 -27.97 -13.61 -62.77
C ALA EB 181 -26.96 -12.47 -62.60
N ASN EB 182 -26.98 -11.84 -61.43
CA ASN EB 182 -26.13 -10.70 -61.13
C ASN EB 182 -25.26 -11.02 -59.92
N GLY EB 183 -24.03 -10.52 -59.93
CA GLY EB 183 -23.06 -10.85 -58.89
C GLY EB 183 -23.06 -9.94 -57.69
N ALA EB 184 -23.04 -8.63 -57.92
CA ALA EB 184 -23.14 -7.68 -56.82
C ALA EB 184 -24.44 -7.89 -56.06
N VAL EB 185 -25.50 -8.25 -56.78
CA VAL EB 185 -26.76 -8.63 -56.13
C VAL EB 185 -26.54 -9.83 -55.22
N ALA EB 186 -25.74 -10.80 -55.67
CA ALA EB 186 -25.46 -11.98 -54.84
C ALA EB 186 -24.72 -11.59 -53.57
N ALA EB 187 -23.71 -10.73 -53.69
CA ALA EB 187 -22.97 -10.31 -52.51
C ALA EB 187 -23.86 -9.55 -51.54
N ALA EB 188 -24.68 -8.64 -52.06
CA ALA EB 188 -25.59 -7.89 -51.20
C ALA EB 188 -26.60 -8.81 -50.53
N HIS EB 189 -27.07 -9.83 -51.24
CA HIS EB 189 -28.04 -10.76 -50.68
C HIS EB 189 -27.41 -11.61 -49.59
N TYR EB 190 -26.16 -12.04 -49.78
CA TYR EB 190 -25.46 -12.76 -48.72
C TYR EB 190 -25.29 -11.89 -47.49
N SER EB 191 -24.92 -10.63 -47.68
CA SER EB 191 -24.82 -9.70 -46.56
C SER EB 191 -26.16 -9.52 -45.87
N ALA EB 192 -27.24 -9.43 -46.65
CA ALA EB 192 -28.58 -9.26 -46.08
C ALA EB 192 -28.98 -10.48 -45.27
N PHE EB 193 -28.66 -11.68 -45.76
CA PHE EB 193 -28.95 -12.90 -45.02
C PHE EB 193 -28.19 -12.92 -43.70
N SER EB 194 -26.90 -12.56 -43.74
CA SER EB 194 -26.10 -12.54 -42.52
C SER EB 194 -26.64 -11.52 -41.52
N ASP EB 195 -27.06 -10.35 -42.01
CA ASP EB 195 -27.60 -9.34 -41.11
C ASP EB 195 -28.94 -9.76 -40.54
N ALA EB 196 -29.79 -10.39 -41.36
CA ALA EB 196 -31.09 -10.85 -40.89
C ALA EB 196 -30.94 -11.90 -39.80
N LEU EB 197 -29.98 -12.82 -39.97
CA LEU EB 197 -29.70 -13.74 -38.89
C LEU EB 197 -29.04 -13.06 -37.70
N GLY EB 198 -28.31 -11.96 -37.94
CA GLY EB 198 -27.62 -11.30 -36.84
C GLY EB 198 -28.54 -10.64 -35.86
N ALA EB 199 -29.62 -10.02 -36.34
CA ALA EB 199 -30.54 -9.26 -35.49
C ALA EB 199 -31.69 -10.11 -34.99
N GLN EB 200 -31.54 -11.44 -34.98
CA GLN EB 200 -32.55 -12.33 -34.41
C GLN EB 200 -32.42 -12.24 -32.89
N ALA EB 201 -33.08 -11.24 -32.29
CA ALA EB 201 -32.92 -11.00 -30.87
C ALA EB 201 -33.58 -12.09 -30.03
N THR EB 202 -34.39 -12.94 -30.64
CA THR EB 202 -35.15 -13.92 -29.88
C THR EB 202 -34.35 -15.21 -29.66
N GLY EB 203 -33.92 -15.83 -30.75
CA GLY EB 203 -33.25 -17.12 -30.67
C GLY EB 203 -31.83 -17.01 -30.15
N THR EB 204 -31.03 -18.01 -30.50
CA THR EB 204 -29.64 -18.04 -30.07
C THR EB 204 -28.87 -16.87 -30.69
N PRO EB 205 -28.14 -16.08 -29.91
CA PRO EB 205 -27.36 -14.98 -30.49
C PRO EB 205 -26.29 -15.50 -31.43
N THR EB 206 -26.00 -14.73 -32.47
CA THR EB 206 -25.03 -15.11 -33.48
C THR EB 206 -23.89 -14.10 -33.61
N THR EB 207 -24.16 -12.81 -33.43
CA THR EB 207 -23.13 -11.80 -33.58
C THR EB 207 -22.27 -11.69 -32.32
N GLN EB 208 -22.89 -11.40 -31.19
CA GLN EB 208 -22.15 -11.13 -29.95
C GLN EB 208 -21.55 -12.41 -29.37
N ALA EB 209 -22.42 -13.37 -29.02
CA ALA EB 209 -21.93 -14.63 -28.46
C ALA EB 209 -22.11 -15.75 -29.48
N ALA EB 210 -21.06 -16.53 -29.68
CA ALA EB 210 -21.07 -17.63 -30.65
C ALA EB 210 -20.63 -18.91 -29.96
N ALA EB 211 -21.42 -19.97 -30.15
CA ALA EB 211 -21.15 -21.32 -29.66
C ALA EB 211 -21.10 -21.41 -28.15
N ALA EB 212 -21.38 -20.33 -27.43
CA ALA EB 212 -21.36 -20.32 -25.97
C ALA EB 212 -22.71 -20.62 -25.36
N ALA EB 213 -23.75 -20.81 -26.16
CA ALA EB 213 -25.07 -21.11 -25.63
C ALA EB 213 -25.09 -22.49 -25.00
N ALA EB 214 -25.60 -22.56 -23.77
CA ALA EB 214 -25.65 -23.82 -23.03
C ALA EB 214 -26.57 -24.82 -23.70
N LEU FB 37 48.91 68.39 91.11
CA LEU FB 37 49.34 67.01 90.88
C LEU FB 37 48.77 66.48 89.57
N ASP FB 38 47.54 66.85 89.26
CA ASP FB 38 46.87 66.34 88.06
C ASP FB 38 47.51 66.89 86.79
N SER FB 39 47.91 68.15 86.80
CA SER FB 39 48.39 68.79 85.58
C SER FB 39 49.81 68.33 85.21
N GLU FB 40 50.67 68.18 86.22
CA GLU FB 40 52.11 68.05 85.94
C GLU FB 40 52.43 66.76 85.19
N GLU FB 41 51.96 65.62 85.70
CA GLU FB 41 52.25 64.32 85.08
C GLU FB 41 51.03 63.42 84.95
N MET FB 42 49.98 63.64 85.75
CA MET FB 42 48.79 62.81 85.63
C MET FB 42 48.15 62.96 84.27
N LYS FB 43 48.36 64.09 83.59
CA LYS FB 43 47.90 64.20 82.20
C LYS FB 43 48.57 63.18 81.31
N GLU FB 44 49.90 63.08 81.38
CA GLU FB 44 50.61 62.09 80.58
C GLU FB 44 50.22 60.67 80.97
N LEU FB 45 50.03 60.44 82.26
CA LEU FB 45 49.56 59.13 82.70
C LEU FB 45 48.18 58.81 82.10
N HIS FB 46 47.30 59.80 82.07
CA HIS FB 46 45.97 59.60 81.49
C HIS FB 46 46.06 59.29 80.01
N ARG FB 47 46.93 59.99 79.28
CA ARG FB 47 47.10 59.69 77.86
C ARG FB 47 47.63 58.27 77.67
N ARG FB 48 48.60 57.86 78.48
CA ARG FB 48 49.14 56.51 78.38
C ARG FB 48 48.05 55.47 78.66
N LEU FB 49 47.24 55.70 79.69
CA LEU FB 49 46.18 54.76 80.02
C LEU FB 49 45.13 54.70 78.91
N ARG FB 50 44.79 55.85 78.32
CA ARG FB 50 43.83 55.86 77.23
C ARG FB 50 44.37 55.10 76.02
N SER FB 51 45.66 55.28 75.71
CA SER FB 51 46.25 54.53 74.60
C SER FB 51 46.24 53.04 74.88
N TYR FB 52 46.56 52.65 76.11
CA TYR FB 52 46.51 51.23 76.47
C TYR FB 52 45.09 50.67 76.33
N LEU FB 53 44.10 51.44 76.77
CA LEU FB 53 42.72 50.99 76.65
C LEU FB 53 42.32 50.85 75.19
N HIS FB 54 42.72 51.80 74.34
CA HIS FB 54 42.42 51.69 72.92
C HIS FB 54 43.05 50.45 72.31
N GLN FB 55 44.32 50.18 72.67
CA GLN FB 55 44.99 49.00 72.15
C GLN FB 55 44.30 47.72 72.62
N GLU FB 56 43.85 47.69 73.87
CA GLU FB 56 43.22 46.48 74.37
C GLU FB 56 41.84 46.28 73.77
N LEU FB 57 41.13 47.38 73.49
CA LEU FB 57 39.83 47.27 72.85
C LEU FB 57 39.96 46.79 71.41
N ASP FB 58 40.85 47.42 70.63
CA ASP FB 58 40.92 47.09 69.21
C ASP FB 58 41.64 45.76 69.00
N ARG FB 59 42.42 45.31 69.98
CA ARG FB 59 43.05 43.99 69.87
C ARG FB 59 42.02 42.88 70.04
N GLN FB 60 41.06 43.06 70.95
CA GLN FB 60 40.06 42.05 71.25
C GLN FB 60 38.73 42.32 70.57
N ALA FB 61 38.71 43.18 69.54
CA ALA FB 61 37.44 43.52 68.89
C ALA FB 61 36.81 42.29 68.25
N GLU FB 62 37.60 41.46 67.59
CA GLU FB 62 37.05 40.27 66.93
C GLU FB 62 36.46 39.30 67.94
N ASN FB 63 37.20 38.99 69.02
CA ASN FB 63 36.70 38.08 70.02
C ASN FB 63 35.51 38.68 70.77
N ARG FB 64 35.53 40.00 70.98
CA ARG FB 64 34.40 40.66 71.60
C ARG FB 64 33.14 40.50 70.76
N PHE FB 65 33.28 40.71 69.45
CA PHE FB 65 32.15 40.52 68.54
C PHE FB 65 31.69 39.07 68.54
N GLN FB 66 32.63 38.12 68.56
CA GLN FB 66 32.26 36.71 68.56
C GLN FB 66 31.49 36.33 69.82
N MET FB 67 31.94 36.82 70.98
CA MET FB 67 31.24 36.52 72.23
C MET FB 67 29.86 37.19 72.24
N ALA FB 68 29.76 38.41 71.71
CA ALA FB 68 28.47 39.06 71.61
C ALA FB 68 27.53 38.25 70.72
N VAL FB 69 28.04 37.72 69.61
CA VAL FB 69 27.23 36.90 68.72
C VAL FB 69 26.82 35.61 69.42
N ASP FB 70 27.71 35.04 70.24
CA ASP FB 70 27.35 33.84 70.99
C ASP FB 70 26.20 34.10 71.96
N GLU FB 71 26.32 35.17 72.75
CA GLU FB 71 25.24 35.52 73.67
C GLU FB 71 23.96 35.86 72.92
N ASP FB 72 24.11 36.43 71.71
CA ASP FB 72 22.97 36.66 70.83
C ASP FB 72 22.31 35.34 70.43
N TYR FB 73 23.13 34.33 70.12
CA TYR FB 73 22.60 33.04 69.69
C TYR FB 73 21.91 32.32 70.84
N TYR FB 74 22.37 32.56 72.08
CA TYR FB 74 21.79 31.84 73.22
C TYR FB 74 20.30 32.13 73.36
N ASP FB 75 19.91 33.41 73.31
CA ASP FB 75 18.53 33.79 73.58
C ASP FB 75 17.68 33.86 72.31
N SER FB 76 17.71 32.79 71.52
CA SER FB 76 16.79 32.58 70.39
C SER FB 76 16.81 33.73 69.40
N ILE FB 77 18.01 34.25 69.12
CA ILE FB 77 18.18 35.21 68.03
C ILE FB 77 19.34 34.73 67.17
N GLN FB 78 19.02 34.00 66.09
CA GLN FB 78 20.01 33.24 65.36
C GLN FB 78 20.01 33.53 63.86
N TRP FB 79 19.34 34.58 63.43
CA TRP FB 79 19.18 34.88 62.01
C TRP FB 79 19.96 36.12 61.63
N THR FB 80 20.75 36.00 60.57
CA THR FB 80 21.41 37.17 59.99
C THR FB 80 20.37 38.08 59.36
N GLU FB 81 20.58 39.39 59.45
CA GLU FB 81 19.62 40.35 58.91
C GLU FB 81 19.43 40.16 57.42
N ALA FB 82 20.50 39.79 56.70
CA ALA FB 82 20.38 39.53 55.27
C ALA FB 82 19.53 38.30 54.99
N ASP FB 83 19.78 37.22 55.73
CA ASP FB 83 18.99 35.99 55.53
C ASP FB 83 17.55 36.19 56.00
N ALA FB 84 17.36 36.99 57.06
CA ALA FB 84 15.99 37.32 57.47
C ALA FB 84 15.27 38.11 56.38
N GLN FB 85 15.97 39.04 55.74
CA GLN FB 85 15.38 39.77 54.61
C GLN FB 85 15.04 38.82 53.47
N VAL FB 86 15.93 37.88 53.18
CA VAL FB 86 15.67 36.90 52.11
C VAL FB 86 14.42 36.09 52.43
N LEU FB 87 14.29 35.64 53.69
CA LEU FB 87 13.09 34.91 54.09
C LEU FB 87 11.85 35.78 53.98
N LYS FB 88 11.98 37.07 54.33
CA LYS FB 88 10.83 37.98 54.22
C LYS FB 88 10.38 38.13 52.78
N GLU FB 89 11.33 38.24 51.84
CA GLU FB 89 10.96 38.27 50.42
C GLU FB 89 10.33 36.96 50.00
N ARG FB 90 10.77 35.84 50.56
CA ARG FB 90 10.18 34.54 50.28
C ARG FB 90 8.77 34.41 50.80
N GLY FB 91 8.32 35.34 51.64
CA GLY FB 91 7.02 35.22 52.28
C GLY FB 91 7.00 34.28 53.45
N GLN FB 92 8.15 33.88 53.97
CA GLN FB 92 8.25 32.87 55.02
C GLN FB 92 8.70 33.52 56.32
N ALA FB 93 8.00 33.21 57.41
CA ALA FB 93 8.38 33.75 58.70
C ALA FB 93 9.61 33.01 59.23
N PRO FB 94 10.69 33.73 59.54
CA PRO FB 94 11.88 33.06 60.08
C PRO FB 94 11.59 32.40 61.41
N LEU FB 95 12.26 31.27 61.65
CA LEU FB 95 12.08 30.50 62.87
C LEU FB 95 13.44 30.00 63.35
N VAL FB 96 13.58 29.87 64.67
CA VAL FB 96 14.83 29.41 65.29
C VAL FB 96 14.51 28.20 66.15
N PHE FB 97 15.35 27.17 66.06
CA PHE FB 97 15.11 25.96 66.84
C PHE FB 97 15.83 26.00 68.17
N ASN FB 98 16.99 26.67 68.22
CA ASN FB 98 17.67 27.00 69.47
C ASN FB 98 18.04 25.75 70.27
N VAL FB 99 18.93 24.95 69.69
CA VAL FB 99 19.46 23.79 70.42
C VAL FB 99 20.56 24.17 71.38
N ILE FB 100 21.22 25.32 71.15
CA ILE FB 100 22.27 25.78 72.06
C ILE FB 100 21.69 26.02 73.45
N ALA FB 101 20.46 26.53 73.51
CA ALA FB 101 19.86 26.88 74.79
C ALA FB 101 19.75 25.67 75.71
N GLN FB 102 19.40 24.51 75.15
CA GLN FB 102 19.25 23.32 75.96
C GLN FB 102 20.56 22.92 76.61
N SER FB 103 21.64 22.86 75.82
CA SER FB 103 22.93 22.45 76.37
C SER FB 103 23.46 23.47 77.39
N VAL FB 104 23.32 24.76 77.07
CA VAL FB 104 23.78 25.79 78.01
C VAL FB 104 22.99 25.70 79.31
N ASN FB 105 21.67 25.51 79.21
CA ASN FB 105 20.84 25.37 80.40
C ASN FB 105 21.23 24.16 81.21
N TRP FB 106 21.54 23.04 80.54
CA TRP FB 106 21.96 21.85 81.26
C TRP FB 106 23.25 22.10 82.02
N ILE FB 107 24.22 22.74 81.38
CA ILE FB 107 25.50 22.99 82.06
C ILE FB 107 25.31 23.93 83.24
N ILE FB 108 24.57 25.03 83.05
CA ILE FB 108 24.39 25.98 84.13
C ILE FB 108 23.60 25.36 85.27
N GLY FB 109 22.62 24.51 84.95
CA GLY FB 109 21.89 23.83 86.00
C GLY FB 109 22.76 22.85 86.78
N SER FB 110 23.60 22.11 86.06
CA SER FB 110 24.51 21.18 86.73
C SER FB 110 25.44 21.93 87.67
N GLU FB 111 25.91 23.11 87.25
CA GLU FB 111 26.74 23.91 88.15
C GLU FB 111 25.94 24.42 89.34
N LYS FB 112 24.73 24.95 89.08
CA LYS FB 112 23.96 25.58 90.14
C LYS FB 112 23.51 24.58 91.19
N ARG FB 113 23.33 23.32 90.79
CA ARG FB 113 23.07 22.28 91.79
C ARG FB 113 24.31 22.04 92.66
N GLY FB 114 25.49 22.38 92.16
CA GLY FB 114 26.72 22.14 92.87
C GLY FB 114 27.30 23.36 93.57
N ARG FB 115 26.43 24.23 94.10
CA ARG FB 115 26.90 25.39 94.84
C ARG FB 115 27.68 24.97 96.07
N THR FB 116 28.80 25.64 96.30
CA THR FB 116 29.72 25.28 97.37
C THR FB 116 30.10 26.50 98.19
N ASP FB 117 30.54 26.24 99.42
CA ASP FB 117 30.95 27.28 100.35
C ASP FB 117 32.38 27.01 100.79
N PHE FB 118 33.11 28.09 101.09
CA PHE FB 118 34.47 27.93 101.59
C PHE FB 118 34.46 27.34 102.99
N ASN FB 119 35.25 26.30 103.19
CA ASN FB 119 35.44 25.68 104.50
C ASN FB 119 36.93 25.65 104.80
N ILE FB 120 37.40 26.64 105.55
CA ILE FB 120 38.82 26.83 105.80
C ILE FB 120 39.31 25.73 106.73
N LEU FB 121 40.36 25.04 106.31
CA LEU FB 121 40.95 23.97 107.10
C LEU FB 121 42.37 24.33 107.51
N PRO FB 122 42.78 23.99 108.74
CA PRO FB 122 44.13 24.34 109.21
C PRO FB 122 45.15 23.33 108.75
N ARG FB 123 46.38 23.78 108.48
CA ARG FB 123 47.45 22.87 108.11
C ARG FB 123 48.24 22.43 109.33
N LYS FB 124 48.82 23.39 110.07
CA LYS FB 124 49.48 23.06 111.33
C LYS FB 124 48.49 22.43 112.30
N LYS FB 125 47.22 22.81 112.22
CA LYS FB 125 46.06 22.23 112.88
C LYS FB 125 46.07 22.48 114.38
N ALA FB 126 47.03 23.24 114.89
CA ALA FB 126 46.95 23.79 116.24
C ALA FB 126 46.15 25.08 116.27
N ASP FB 127 45.67 25.55 115.12
CA ASP FB 127 44.86 26.75 115.00
C ASP FB 127 43.48 26.44 114.42
N ALA FB 128 42.84 25.38 114.91
CA ALA FB 128 41.53 25.00 114.40
C ALA FB 128 40.50 26.09 114.69
N LYS FB 129 40.55 26.67 115.88
CA LYS FB 129 39.61 27.73 116.23
C LYS FB 129 39.72 28.94 115.32
N PRO FB 130 40.91 29.49 115.02
CA PRO FB 130 40.98 30.55 114.00
C PRO FB 130 40.43 30.12 112.65
N ALA FB 131 40.66 28.86 112.25
CA ALA FB 131 40.12 28.38 110.98
C ALA FB 131 38.60 28.37 111.00
N GLU FB 132 38.01 27.92 112.11
CA GLU FB 132 36.56 27.91 112.22
C GLU FB 132 36.00 29.33 112.22
N ALA FB 133 36.68 30.25 112.90
CA ALA FB 133 36.23 31.63 112.91
C ALA FB 133 36.29 32.23 111.51
N LYS FB 134 37.37 31.95 110.77
CA LYS FB 134 37.48 32.46 109.41
C LYS FB 134 36.41 31.84 108.51
N THR FB 135 36.10 30.56 108.70
CA THR FB 135 35.05 29.93 107.92
C THR FB 135 33.70 30.58 108.20
N LYS FB 136 33.40 30.85 109.47
CA LYS FB 136 32.15 31.51 109.80
C LYS FB 136 32.09 32.92 109.22
N LEU FB 137 33.21 33.65 109.28
CA LEU FB 137 33.25 34.98 108.69
C LEU FB 137 33.02 34.94 107.19
N LEU FB 138 33.64 33.97 106.51
CA LEU FB 138 33.44 33.83 105.07
C LEU FB 138 31.99 33.49 104.76
N LYS FB 139 31.37 32.62 105.56
CA LYS FB 139 29.96 32.31 105.36
C LYS FB 139 29.09 33.54 105.57
N TYR FB 140 29.41 34.34 106.58
CA TYR FB 140 28.67 35.57 106.82
C TYR FB 140 28.78 36.53 105.64
N LEU FB 141 29.99 36.68 105.11
CA LEU FB 141 30.17 37.57 103.95
C LEU FB 141 29.44 37.04 102.73
N SER FB 142 29.47 35.72 102.51
CA SER FB 142 28.75 35.15 101.38
C SER FB 142 27.24 35.33 101.55
N ASP FB 143 26.75 35.24 102.78
CA ASP FB 143 25.34 35.49 103.05
C ASP FB 143 24.96 36.92 102.74
N VAL FB 144 25.74 37.89 103.26
CA VAL FB 144 25.38 39.29 103.10
C VAL FB 144 25.49 39.70 101.64
N ASN FB 145 26.58 39.32 100.97
CA ASN FB 145 26.79 39.63 99.58
C ASN FB 145 25.98 38.74 98.64
N ARG FB 146 25.30 37.72 99.17
CA ARG FB 146 24.54 36.77 98.35
C ARG FB 146 25.44 36.15 97.28
N LEU FB 147 26.63 35.73 97.72
CA LEU FB 147 27.67 35.34 96.78
C LEU FB 147 27.32 34.18 95.85
N PRO FB 148 26.72 33.07 96.31
CA PRO FB 148 26.51 31.94 95.40
C PRO FB 148 25.72 32.31 94.14
N PHE FB 149 24.80 33.26 94.24
CA PHE FB 149 24.08 33.72 93.06
C PHE FB 149 25.02 34.39 92.08
N HIS FB 150 25.93 35.23 92.58
CA HIS FB 150 26.89 35.90 91.70
C HIS FB 150 27.82 34.91 91.04
N ARG FB 151 28.30 33.92 91.79
CA ARG FB 151 29.18 32.89 91.23
C ARG FB 151 28.43 32.05 90.19
N SER FB 152 27.18 31.72 90.46
CA SER FB 152 26.38 30.97 89.50
C SER FB 152 26.18 31.76 88.22
N ARG FB 153 25.89 33.06 88.35
CA ARG FB 153 25.76 33.91 87.17
C ARG FB 153 27.06 33.98 86.39
N SER FB 154 28.19 34.08 87.10
CA SER FB 154 29.48 34.13 86.41
C SER FB 154 29.75 32.85 85.65
N PHE FB 155 29.45 31.69 86.25
CA PHE FB 155 29.67 30.45 85.50
C PHE FB 155 28.70 30.33 84.34
N GLU FB 156 27.45 30.77 84.52
CA GLU FB 156 26.54 30.88 83.39
C GLU FB 156 27.18 31.66 82.26
N ASP FB 157 27.81 32.79 82.59
CA ASP FB 157 28.44 33.60 81.56
C ASP FB 157 29.61 32.87 80.92
N THR FB 158 30.42 32.18 81.71
CA THR FB 158 31.55 31.44 81.16
C THR FB 158 31.10 30.29 80.28
N VAL FB 159 29.86 29.82 80.46
CA VAL FB 159 29.33 28.81 79.55
C VAL FB 159 28.96 29.45 78.21
N LYS FB 160 28.20 30.54 78.26
CA LYS FB 160 27.78 31.19 77.02
C LYS FB 160 28.96 31.85 76.31
N VAL FB 161 29.74 32.65 77.03
CA VAL FB 161 30.86 33.38 76.44
C VAL FB 161 32.15 32.91 77.09
N GLY FB 162 33.26 33.49 76.63
CA GLY FB 162 34.57 32.95 76.97
C GLY FB 162 34.88 32.95 78.45
N LEU FB 163 34.65 34.07 79.13
CA LEU FB 163 35.06 34.20 80.52
C LEU FB 163 34.06 35.05 81.29
N GLY FB 164 34.05 34.85 82.60
CA GLY FB 164 33.24 35.64 83.50
C GLY FB 164 34.07 36.14 84.65
N TRP FB 165 33.56 37.18 85.31
CA TRP FB 165 34.36 37.95 86.25
C TRP FB 165 33.72 37.96 87.64
N ILE FB 166 34.56 37.87 88.67
CA ILE FB 166 34.16 38.11 90.06
C ILE FB 166 35.04 39.22 90.61
N GLU FB 167 34.41 40.21 91.23
CA GLU FB 167 35.12 41.34 91.81
C GLU FB 167 35.09 41.25 93.33
N ASP FB 168 36.25 41.34 93.95
CA ASP FB 168 36.38 41.36 95.40
C ASP FB 168 37.14 42.61 95.80
N SER FB 169 36.52 43.42 96.67
CA SER FB 169 37.13 44.68 97.09
C SER FB 169 36.55 45.10 98.42
N TYR FB 170 37.16 46.13 99.00
CA TYR FB 170 36.66 46.80 100.19
C TYR FB 170 36.20 48.20 99.79
N ASP FB 171 34.94 48.53 100.06
CA ASP FB 171 34.40 49.83 99.74
C ASP FB 171 33.84 50.48 101.00
N ASP FB 172 34.10 51.77 101.14
CA ASP FB 172 33.63 52.54 102.28
C ASP FB 172 32.42 53.35 101.85
N SER FB 173 31.27 53.06 102.47
CA SER FB 173 30.03 53.74 102.15
C SER FB 173 29.03 53.46 103.26
N THR FB 174 27.87 54.10 103.17
CA THR FB 174 26.80 53.86 104.14
C THR FB 174 26.25 52.44 104.05
N ASP FB 175 26.55 51.73 102.97
CA ASP FB 175 26.24 50.30 102.93
C ASP FB 175 26.99 49.59 104.04
N GLY FB 176 26.26 48.78 104.81
CA GLY FB 176 26.82 48.24 106.05
C GLY FB 176 27.98 47.28 105.80
N GLU FB 177 27.86 46.40 104.83
CA GLU FB 177 28.85 45.38 104.58
C GLU FB 177 30.11 45.95 103.96
N PRO FB 178 31.27 45.68 104.57
CA PRO FB 178 32.52 46.29 104.07
C PRO FB 178 33.06 45.65 102.80
N ILE FB 179 33.13 44.33 102.76
CA ILE FB 179 33.78 43.61 101.66
C ILE FB 179 32.74 43.16 100.65
N TYR FB 180 32.59 43.93 99.58
CA TYR FB 180 31.58 43.65 98.57
C TYR FB 180 32.13 42.77 97.47
N SER FB 181 31.41 41.70 97.18
CA SER FB 181 31.66 40.81 96.04
C SER FB 181 30.46 40.87 95.13
N ARG FB 182 30.68 41.16 93.86
CA ARG FB 182 29.58 41.39 92.93
C ARG FB 182 29.90 40.78 91.58
N TYR FB 183 28.88 40.74 90.73
CA TYR FB 183 29.00 40.28 89.36
C TYR FB 183 29.31 41.45 88.44
N GLU FB 184 30.40 41.32 87.68
CA GLU FB 184 30.72 42.23 86.60
C GLU FB 184 30.68 41.45 85.29
N SER FB 185 29.90 41.94 84.34
CA SER FB 185 29.70 41.21 83.09
C SER FB 185 30.98 41.19 82.28
N TRP FB 186 31.07 40.21 81.38
CA TRP FB 186 32.21 40.13 80.48
C TRP FB 186 32.33 41.38 79.63
N ARG FB 187 31.21 42.06 79.39
CA ARG FB 187 31.23 43.28 78.60
C ARG FB 187 32.00 44.40 79.31
N ASN FB 188 31.67 44.64 80.58
CA ASN FB 188 32.11 45.82 81.29
C ASN FB 188 33.53 45.71 81.83
N VAL FB 189 34.25 44.63 81.51
CA VAL FB 189 35.62 44.42 81.98
C VAL FB 189 36.52 44.25 80.76
N ILE FB 190 37.62 44.98 80.75
CA ILE FB 190 38.64 44.87 79.71
C ILE FB 190 39.92 44.38 80.36
N PHE FB 191 40.41 43.23 79.91
CA PHE FB 191 41.57 42.59 80.51
C PHE FB 191 42.73 42.58 79.52
N ASP FB 192 43.94 42.71 80.05
CA ASP FB 192 45.13 42.60 79.22
C ASP FB 192 45.23 41.21 78.61
N SER FB 193 45.42 41.15 77.30
CA SER FB 193 45.49 39.89 76.59
C SER FB 193 46.90 39.30 76.56
N ALA FB 194 47.91 40.05 77.00
CA ALA FB 194 49.28 39.57 76.95
C ALA FB 194 49.57 38.52 78.01
N SER FB 195 48.67 38.35 78.99
CA SER FB 195 48.93 37.42 80.07
C SER FB 195 48.96 35.99 79.56
N THR FB 196 49.97 35.24 80.03
CA THR FB 196 50.08 33.82 79.73
C THR FB 196 49.95 32.95 80.96
N GLU FB 197 50.13 33.51 82.14
CA GLU FB 197 50.04 32.75 83.38
C GLU FB 197 48.62 32.23 83.60
N LEU FB 198 48.53 30.98 84.07
CA LEU FB 198 47.24 30.46 84.52
C LEU FB 198 46.72 31.25 85.72
N ASP FB 199 47.63 31.59 86.64
CA ASP FB 199 47.23 32.31 87.84
C ASP FB 199 46.70 33.70 87.49
N GLY FB 200 47.35 34.38 86.55
CA GLY FB 200 46.92 35.69 86.11
C GLY FB 200 47.76 36.85 86.59
N THR FB 201 48.98 36.59 87.07
CA THR FB 201 49.83 37.70 87.51
C THR FB 201 50.37 38.48 86.33
N ASP FB 202 50.58 37.83 85.20
CA ASP FB 202 51.17 38.47 84.02
C ASP FB 202 50.27 39.59 83.49
N MET FB 203 48.99 39.59 83.84
CA MET FB 203 48.08 40.67 83.46
C MET FB 203 48.64 41.99 83.97
N ARG FB 204 49.05 42.87 83.05
CA ARG FB 204 49.60 44.15 83.45
C ARG FB 204 48.51 45.11 83.92
N TYR FB 205 47.37 45.11 83.23
CA TYR FB 205 46.31 46.07 83.50
C TYR FB 205 44.95 45.45 83.24
N ILE FB 206 43.94 45.96 83.95
CA ILE FB 206 42.54 45.63 83.71
C ILE FB 206 41.75 46.92 83.69
N PHE FB 207 40.79 47.01 82.77
CA PHE FB 207 39.98 48.21 82.59
C PHE FB 207 38.51 47.86 82.82
N ARG FB 208 37.83 48.66 83.61
CA ARG FB 208 36.43 48.43 83.96
C ARG FB 208 35.60 49.67 83.62
N PRO FB 209 35.16 49.82 82.37
CA PRO FB 209 34.26 50.93 82.04
C PRO FB 209 32.87 50.68 82.61
N LYS FB 210 32.38 51.61 83.42
CA LYS FB 210 31.05 51.52 83.99
C LYS FB 210 30.23 52.74 83.57
N TRP FB 211 29.00 52.50 83.15
CA TRP FB 211 28.09 53.56 82.76
C TRP FB 211 27.29 53.99 83.99
N LEU FB 212 27.51 55.22 84.44
CA LEU FB 212 26.90 55.73 85.67
C LEU FB 212 26.19 57.04 85.40
N ASP FB 213 25.14 57.28 86.17
CA ASP FB 213 24.45 58.57 86.10
C ASP FB 213 25.36 59.66 86.67
N VAL FB 214 25.09 60.90 86.25
CA VAL FB 214 25.92 62.02 86.70
C VAL FB 214 25.81 62.19 88.21
N ASP FB 215 24.60 62.05 88.76
CA ASP FB 215 24.40 62.24 90.19
C ASP FB 215 25.22 61.25 91.01
N VAL FB 216 25.10 59.95 90.70
CA VAL FB 216 25.84 58.94 91.45
C VAL FB 216 27.34 59.06 91.19
N ALA FB 217 27.72 59.43 89.96
CA ALA FB 217 29.13 59.54 89.65
C ALA FB 217 29.79 60.67 90.43
N CYS FB 218 29.18 61.86 90.42
CA CYS FB 218 29.74 62.98 91.18
C CYS FB 218 29.65 62.72 92.68
N ALA FB 219 28.61 62.01 93.12
CA ALA FB 219 28.51 61.63 94.52
C ALA FB 219 29.60 60.62 94.90
N LEU FB 220 29.95 59.73 93.97
CA LEU FB 220 30.96 58.72 94.27
C LEU FB 220 32.32 59.34 94.51
N VAL FB 221 32.73 60.28 93.66
CA VAL FB 221 34.03 60.93 93.80
C VAL FB 221 33.82 62.43 94.06
N PRO FB 222 34.20 62.92 95.22
CA PRO FB 222 33.98 64.35 95.53
C PRO FB 222 35.13 65.21 95.06
N ASP FB 223 34.94 66.52 95.23
CA ASP FB 223 35.97 67.54 95.03
C ASP FB 223 36.34 67.73 93.57
N ARG FB 224 35.79 66.90 92.68
CA ARG FB 224 36.02 67.01 91.25
C ARG FB 224 34.73 66.80 90.48
N ALA FB 225 33.64 67.39 90.98
CA ALA FB 225 32.34 67.18 90.35
C ALA FB 225 32.23 67.93 89.03
N ASP FB 226 33.06 68.97 88.84
CA ASP FB 226 32.99 69.76 87.62
C ASP FB 226 33.40 68.93 86.40
N GLU FB 227 34.45 68.12 86.54
CA GLU FB 227 34.87 67.26 85.44
C GLU FB 227 33.79 66.24 85.09
N ILE FB 228 33.12 65.70 86.11
CA ILE FB 228 32.02 64.77 85.85
C ILE FB 228 30.88 65.47 85.13
N LYS FB 229 30.54 66.68 85.57
CA LYS FB 229 29.44 67.42 84.97
C LYS FB 229 29.73 67.76 83.51
N LYS FB 230 30.96 68.21 83.22
CA LYS FB 230 31.29 68.55 81.84
C LYS FB 230 31.40 67.31 80.97
N ALA FB 231 31.53 66.14 81.59
CA ALA FB 231 31.62 64.88 80.86
C ALA FB 231 30.23 64.32 80.57
N ASP FB 245 38.19 54.13 74.58
CA ASP FB 245 36.78 54.51 74.46
C ASP FB 245 35.88 53.40 74.96
N GLY FB 246 35.12 52.81 74.05
CA GLY FB 246 34.26 51.69 74.39
C GLY FB 246 33.99 50.82 73.18
N ASP FB 247 33.78 49.54 73.43
CA ASP FB 247 33.50 48.61 72.35
C ASP FB 247 32.01 48.65 72.02
N GLU FB 248 31.61 47.76 71.09
CA GLU FB 248 30.24 47.82 70.59
C GLU FB 248 29.23 47.29 71.60
N ALA FB 249 29.67 46.42 72.51
CA ALA FB 249 28.74 45.81 73.46
C ALA FB 249 28.13 46.83 74.43
N MET FB 250 28.99 47.40 75.29
CA MET FB 250 28.50 48.30 76.32
C MET FB 250 27.92 49.57 75.70
N ASP FB 251 28.60 50.10 74.68
CA ASP FB 251 28.09 51.29 74.00
C ASP FB 251 26.77 51.01 73.31
N TRP FB 252 26.62 49.81 72.73
CA TRP FB 252 25.38 49.47 72.07
C TRP FB 252 24.24 49.41 73.07
N ALA FB 253 24.47 48.79 74.23
CA ALA FB 253 23.44 48.74 75.25
C ALA FB 253 23.06 50.13 75.73
N GLU FB 254 24.06 50.96 76.04
CA GLU FB 254 23.78 52.30 76.55
C GLU FB 254 23.09 53.16 75.50
N PHE FB 255 23.50 53.04 74.24
CA PHE FB 255 22.92 53.87 73.20
C PHE FB 255 21.54 53.36 72.80
N ASP FB 256 21.28 52.07 72.98
CA ASP FB 256 19.91 51.57 72.81
C ASP FB 256 19.00 52.12 73.89
N ARG FB 257 19.50 52.21 75.12
CA ARG FB 257 18.73 52.88 76.16
C ARG FB 257 18.52 54.36 75.83
N ASP FB 258 19.56 55.03 75.36
CA ASP FB 258 19.47 56.46 75.09
C ASP FB 258 18.56 56.74 73.90
N THR FB 259 18.48 55.81 72.95
CA THR FB 259 17.72 56.04 71.73
C THR FB 259 16.22 56.00 71.99
N TYR FB 260 15.79 55.22 72.98
CA TYR FB 260 14.38 54.99 73.29
C TYR FB 260 13.72 54.28 72.12
N SER FB 261 13.38 55.02 71.07
CA SER FB 261 12.87 54.46 69.82
C SER FB 261 13.49 55.20 68.65
N GLN FB 262 13.10 54.79 67.44
CA GLN FB 262 13.69 55.39 66.24
C GLN FB 262 13.42 56.89 66.16
N SER FB 263 12.18 57.30 66.41
CA SER FB 263 11.80 58.70 66.40
C SER FB 263 10.91 58.98 67.61
N ARG FB 264 11.44 59.74 68.57
CA ARG FB 264 10.73 60.09 69.79
C ARG FB 264 10.94 61.56 70.11
N THR FB 265 9.95 62.17 70.75
CA THR FB 265 10.04 63.56 71.19
C THR FB 265 10.60 63.56 72.61
N VAL FB 266 11.93 63.76 72.70
CA VAL FB 266 12.58 63.78 74.00
C VAL FB 266 12.29 65.09 74.71
N SER FB 267 11.84 65.00 75.97
CA SER FB 267 11.55 66.19 76.75
C SER FB 267 12.83 66.88 77.18
N THR FB 268 12.67 68.05 77.79
CA THR FB 268 13.84 68.77 78.31
C THR FB 268 14.54 67.97 79.41
N HIS FB 269 13.77 67.33 80.28
CA HIS FB 269 14.35 66.51 81.34
C HIS FB 269 14.82 65.18 80.76
N LYS FB 270 16.11 64.89 80.94
CA LYS FB 270 16.69 63.65 80.43
C LYS FB 270 17.78 63.18 81.38
N ARG FB 271 17.78 61.89 81.68
CA ARG FB 271 18.85 61.33 82.50
C ARG FB 271 20.17 61.41 81.76
N GLN FB 272 21.19 61.89 82.46
CA GLN FB 272 22.53 62.06 81.90
C GLN FB 272 23.44 60.99 82.49
N ARG FB 273 24.12 60.26 81.61
CA ARG FB 273 24.99 59.16 82.01
C ARG FB 273 26.40 59.43 81.54
N VAL FB 274 27.37 59.19 82.42
CA VAL FB 274 28.78 59.40 82.11
C VAL FB 274 29.52 58.08 82.32
N ARG FB 275 30.66 57.95 81.65
CA ARG FB 275 31.48 56.74 81.71
C ARG FB 275 32.71 57.01 82.55
N LEU FB 276 32.93 56.17 83.56
CA LEU FB 276 34.13 56.18 84.37
C LEU FB 276 34.83 54.83 84.19
N ILE FB 277 36.15 54.87 84.08
CA ILE FB 277 36.95 53.66 83.86
C ILE FB 277 37.87 53.47 85.04
N GLU FB 278 37.77 52.32 85.69
CA GLU FB 278 38.67 51.93 86.77
C GLU FB 278 39.78 51.07 86.20
N CYS FB 279 41.01 51.57 86.23
CA CYS FB 279 42.15 50.89 85.65
C CYS FB 279 43.08 50.46 86.77
N TRP FB 280 43.23 49.14 86.94
CA TRP FB 280 44.19 48.58 87.89
C TRP FB 280 45.41 48.12 87.12
N TYR FB 281 46.55 48.77 87.35
CA TYR FB 281 47.76 48.48 86.61
C TYR FB 281 48.87 48.07 87.58
N ARG FB 282 49.79 47.26 87.07
CA ARG FB 282 50.90 46.71 87.84
C ARG FB 282 52.21 47.25 87.32
N LYS FB 283 53.02 47.82 88.20
CA LYS FB 283 54.33 48.32 87.83
C LYS FB 283 55.39 47.74 88.75
N PRO FB 284 56.53 47.29 88.23
CA PRO FB 284 57.61 46.80 89.09
C PRO FB 284 58.15 47.91 89.97
N MET FB 285 58.62 47.53 91.16
CA MET FB 285 59.14 48.49 92.13
C MET FB 285 60.65 48.43 92.29
N ARG FB 286 61.26 47.24 92.12
CA ARG FB 286 62.71 47.07 92.29
C ARG FB 286 63.17 47.54 93.67
N ALA FB 287 62.52 47.04 94.71
CA ALA FB 287 62.96 47.35 96.07
C ALA FB 287 64.29 46.66 96.35
N THR FB 288 65.23 47.42 96.93
CA THR FB 288 66.54 46.86 97.22
C THR FB 288 66.45 45.76 98.28
N LYS FB 289 65.61 45.97 99.30
CA LYS FB 289 65.43 45.01 100.39
C LYS FB 289 66.74 44.67 101.08
N THR FB 323 57.84 43.27 94.62
CA THR FB 323 58.46 43.78 93.41
C THR FB 323 57.42 44.42 92.51
N MET FB 324 56.31 43.71 92.30
CA MET FB 324 55.24 44.17 91.43
C MET FB 324 54.15 44.79 92.28
N ARG FB 325 53.91 46.09 92.10
CA ARG FB 325 52.98 46.84 92.94
C ARG FB 325 51.73 47.18 92.13
N VAL FB 326 50.57 46.94 92.73
CA VAL FB 326 49.30 47.23 92.09
C VAL FB 326 48.87 48.64 92.44
N ARG FB 327 48.28 49.34 91.47
CA ARG FB 327 47.79 50.70 91.66
C ARG FB 327 46.40 50.82 91.05
N VAL FB 328 45.59 51.72 91.60
CA VAL FB 328 44.24 51.97 91.11
C VAL FB 328 44.23 53.35 90.44
N ALA FB 329 43.56 53.43 89.29
CA ALA FB 329 43.44 54.68 88.54
C ALA FB 329 42.04 54.78 87.98
N ILE FB 330 41.34 55.85 88.33
CA ILE FB 330 39.99 56.12 87.82
C ILE FB 330 40.06 57.36 86.95
N PHE FB 331 39.70 57.22 85.68
CA PHE FB 331 39.77 58.31 84.72
C PHE FB 331 38.54 58.31 83.82
N THR FB 332 38.04 59.50 83.51
CA THR FB 332 36.95 59.65 82.56
C THR FB 332 37.51 59.89 81.16
N SER FB 333 36.63 60.33 80.26
CA SER FB 333 37.01 60.47 78.86
C SER FB 333 38.16 61.46 78.66
N ARG FB 334 38.09 62.62 79.33
CA ARG FB 334 39.06 63.67 79.09
C ARG FB 334 39.96 63.96 80.28
N ASP FB 335 39.72 63.33 81.43
CA ASP FB 335 40.51 63.63 82.61
C ASP FB 335 40.56 62.40 83.50
N LEU FB 336 41.40 62.47 84.53
CA LEU FB 336 41.60 61.38 85.47
C LEU FB 336 41.30 61.87 86.88
N LEU FB 337 40.62 61.03 87.67
CA LEU FB 337 40.07 61.48 88.94
C LEU FB 337 40.99 61.19 90.10
N PHE FB 338 41.27 59.90 90.37
CA PHE FB 338 42.05 59.53 91.54
C PHE FB 338 42.98 58.38 91.17
N GLU FB 339 44.23 58.49 91.60
CA GLU FB 339 45.27 57.51 91.27
C GLU FB 339 46.14 57.31 92.50
N GLY FB 340 46.29 56.07 92.93
CA GLY FB 340 47.11 55.77 94.08
C GLY FB 340 47.35 54.29 94.22
N ALA FB 341 48.24 53.95 95.14
CA ALA FB 341 48.53 52.54 95.41
C ALA FB 341 47.31 51.87 96.04
N SER FB 342 47.11 50.61 95.71
CA SER FB 342 45.97 49.87 96.22
C SER FB 342 46.11 49.67 97.73
N PRO FB 343 45.11 50.05 98.53
CA PRO FB 343 45.25 49.89 99.99
C PRO FB 343 45.40 48.44 100.42
N PHE FB 344 44.86 47.50 99.65
CA PHE FB 344 44.88 46.10 100.05
C PHE FB 344 46.30 45.56 100.06
N ARG FB 345 46.60 44.70 101.05
CA ARG FB 345 47.91 44.06 101.09
C ARG FB 345 48.13 43.15 99.90
N HIS FB 346 47.10 42.41 99.50
CA HIS FB 346 47.25 41.47 98.39
C HIS FB 346 47.56 42.23 97.11
N ASN FB 347 48.62 41.80 96.42
CA ASN FB 347 49.09 42.47 95.21
C ASN FB 347 48.49 41.82 93.96
N ARG FB 348 47.16 41.77 93.93
CA ARG FB 348 46.45 41.25 92.77
C ARG FB 348 45.19 42.07 92.55
N PHE FB 349 44.71 42.04 91.30
CA PHE FB 349 43.56 42.87 90.93
C PHE FB 349 42.29 42.39 91.62
N SER FB 350 41.36 43.33 91.79
CA SER FB 350 40.08 43.00 92.40
C SER FB 350 39.29 42.01 91.57
N LEU FB 351 39.26 42.21 90.25
CA LEU FB 351 38.48 41.35 89.39
C LEU FB 351 39.22 40.03 89.15
N THR FB 352 38.52 38.92 89.38
CA THR FB 352 39.08 37.60 89.19
C THR FB 352 38.42 36.92 88.00
N PRO FB 353 39.18 36.50 87.00
CA PRO FB 353 38.56 35.93 85.79
C PRO FB 353 38.27 34.46 85.92
N ILE FB 354 37.02 34.07 85.73
CA ILE FB 354 36.65 32.65 85.65
C ILE FB 354 36.82 32.25 84.19
N TRP FB 355 37.92 31.57 83.89
CA TRP FB 355 38.27 31.28 82.51
C TRP FB 355 37.37 30.18 81.95
N GLY FB 356 37.45 29.99 80.64
CA GLY FB 356 36.76 28.92 79.96
C GLY FB 356 37.71 28.25 78.98
N PHE FB 357 37.20 27.81 77.84
CA PHE FB 357 38.09 27.32 76.80
C PHE FB 357 38.91 28.49 76.24
N ARG FB 358 40.22 28.30 76.19
CA ARG FB 358 41.14 29.32 75.72
C ARG FB 358 41.70 28.89 74.36
N ARG FB 359 41.56 29.76 73.37
CA ARG FB 359 42.06 29.45 72.03
C ARG FB 359 43.57 29.28 72.05
N GLY FB 360 44.04 28.21 71.41
CA GLY FB 360 45.45 27.88 71.49
C GLY FB 360 46.34 28.90 70.79
N ARG FB 361 45.86 29.46 69.69
CA ARG FB 361 46.71 30.33 68.87
C ARG FB 361 46.99 31.65 69.57
N ASP FB 362 45.97 32.29 70.13
CA ASP FB 362 46.12 33.64 70.68
C ASP FB 362 45.77 33.76 72.16
N ASN FB 363 45.36 32.67 72.80
CA ASN FB 363 44.96 32.69 74.21
C ASN FB 363 43.81 33.65 74.45
N LEU FB 364 42.90 33.75 73.48
CA LEU FB 364 41.69 34.53 73.62
C LEU FB 364 40.54 33.62 74.01
N PRO FB 365 39.88 33.89 75.14
CA PRO FB 365 38.87 32.96 75.63
C PRO FB 365 37.67 32.87 74.68
N TYR FB 366 37.13 31.65 74.58
CA TYR FB 366 35.93 31.41 73.80
C TYR FB 366 35.05 30.40 74.53
N GLY FB 367 33.75 30.61 74.48
CA GLY FB 367 32.81 29.81 75.23
C GLY FB 367 32.48 28.49 74.57
N VAL FB 368 31.51 27.80 75.18
CA VAL FB 368 31.08 26.50 74.67
C VAL FB 368 30.37 26.66 73.33
N ILE FB 369 29.75 27.82 73.11
CA ILE FB 369 28.72 27.98 72.09
C ILE FB 369 29.22 27.70 70.68
N ARG FB 370 30.40 28.21 70.32
CA ARG FB 370 30.80 28.38 68.92
C ARG FB 370 30.34 27.29 67.96
N TRP FB 371 30.64 26.03 68.29
CA TRP FB 371 30.25 24.95 67.39
C TRP FB 371 28.75 24.66 67.46
N MET FB 372 28.14 24.76 68.65
CA MET FB 372 26.68 24.82 68.67
C MET FB 372 26.17 25.92 67.73
N ARG FB 373 26.85 27.06 67.70
CA ARG FB 373 26.35 28.21 66.94
C ARG FB 373 26.37 27.93 65.44
N ASP FB 374 27.50 27.42 64.93
CA ASP FB 374 27.57 27.19 63.49
C ASP FB 374 26.69 26.02 63.06
N ILE FB 375 26.68 24.94 63.84
CA ILE FB 375 25.78 23.84 63.50
C ILE FB 375 24.33 24.30 63.60
N GLN FB 376 24.02 25.19 64.53
CA GLN FB 376 22.67 25.68 64.69
C GLN FB 376 22.23 26.55 63.52
N ASP FB 377 23.13 27.40 63.02
CA ASP FB 377 22.77 28.20 61.86
C ASP FB 377 22.55 27.30 60.65
N ASP FB 378 23.37 26.26 60.52
CA ASP FB 378 23.12 25.28 59.46
C ASP FB 378 21.76 24.61 59.62
N ILE FB 379 21.41 24.26 60.86
CA ILE FB 379 20.12 23.62 61.13
C ILE FB 379 18.97 24.54 60.73
N ASN FB 380 19.08 25.83 61.08
CA ASN FB 380 18.05 26.79 60.71
C ASN FB 380 17.94 26.91 59.19
N LYS FB 381 19.07 26.97 58.49
CA LYS FB 381 19.03 27.04 57.03
C LYS FB 381 18.33 25.81 56.45
N ARG FB 382 18.67 24.63 56.95
CA ARG FB 382 18.07 23.41 56.41
C ARG FB 382 16.57 23.36 56.67
N ALA FB 383 16.15 23.73 57.88
CA ALA FB 383 14.73 23.71 58.20
C ALA FB 383 13.96 24.70 57.33
N SER FB 384 14.49 25.91 57.17
CA SER FB 384 13.83 26.90 56.33
C SER FB 384 13.75 26.43 54.88
N LYS FB 385 14.84 25.84 54.37
CA LYS FB 385 14.84 25.35 53.00
C LYS FB 385 13.81 24.25 52.80
N ALA FB 386 13.75 23.30 53.74
CA ALA FB 386 12.79 22.22 53.62
C ALA FB 386 11.36 22.75 53.67
N LEU FB 387 11.08 23.67 54.57
CA LEU FB 387 9.74 24.25 54.64
C LEU FB 387 9.38 24.97 53.36
N TYR FB 388 10.34 25.73 52.80
CA TYR FB 388 10.05 26.45 51.56
C TYR FB 388 9.80 25.50 50.41
N ILE FB 389 10.60 24.43 50.31
CA ILE FB 389 10.39 23.47 49.23
C ILE FB 389 9.04 22.81 49.36
N LEU FB 390 8.64 22.44 50.57
CA LEU FB 390 7.33 21.82 50.76
C LEU FB 390 6.21 22.79 50.40
N SER FB 391 6.34 24.06 50.79
CA SER FB 391 5.24 25.00 50.62
C SER FB 391 5.00 25.35 49.15
N SER FB 392 6.05 25.67 48.42
CA SER FB 392 5.93 26.20 47.06
C SER FB 392 6.34 25.14 46.05
N ASN FB 393 5.63 25.11 44.92
CA ASN FB 393 5.96 24.17 43.85
C ASN FB 393 6.92 24.79 42.86
N LYS FB 394 7.76 23.96 42.27
CA LYS FB 394 8.62 24.34 41.15
C LYS FB 394 8.03 23.77 39.88
N VAL FB 395 8.11 24.54 38.79
CA VAL FB 395 7.44 24.19 37.54
C VAL FB 395 8.45 24.17 36.42
N VAL FB 396 8.54 23.04 35.74
CA VAL FB 396 9.24 22.94 34.45
C VAL FB 396 8.19 22.51 33.43
N MET FB 397 8.16 23.21 32.30
CA MET FB 397 7.05 23.09 31.37
C MET FB 397 7.47 23.52 29.98
N ASP FB 398 6.69 23.08 28.98
CA ASP FB 398 6.88 23.59 27.64
C ASP FB 398 6.50 25.07 27.58
N GLU FB 399 6.91 25.73 26.49
CA GLU FB 399 6.65 27.15 26.37
C GLU FB 399 5.16 27.45 26.41
N GLY FB 400 4.36 26.69 25.68
CA GLY FB 400 2.94 26.97 25.56
C GLY FB 400 2.11 26.27 26.60
N ALA FB 401 2.69 26.09 27.79
CA ALA FB 401 2.03 25.35 28.85
C ALA FB 401 0.75 26.06 29.31
N VAL FB 402 0.84 27.36 29.55
CA VAL FB 402 -0.26 28.13 30.13
C VAL FB 402 -0.43 29.41 29.34
N GLU FB 403 -1.69 29.82 29.13
CA GLU FB 403 -1.95 31.06 28.41
C GLU FB 403 -1.57 32.28 29.25
N ASP FB 404 -1.95 32.28 30.52
CA ASP FB 404 -1.67 33.39 31.44
C ASP FB 404 -0.57 32.94 32.40
N ILE FB 405 0.64 33.43 32.19
CA ILE FB 405 1.77 32.98 32.99
C ILE FB 405 1.77 33.67 34.36
N GLU FB 406 1.22 34.87 34.44
CA GLU FB 406 1.17 35.57 35.73
C GLU FB 406 0.21 34.88 36.69
N GLU FB 407 -1.00 34.58 36.22
CA GLU FB 407 -1.96 33.90 37.08
C GLU FB 407 -1.52 32.49 37.39
N PHE FB 408 -0.88 31.82 36.43
CA PHE FB 408 -0.25 30.54 36.72
C PHE FB 408 0.75 30.69 37.86
N ARG FB 409 1.66 31.67 37.73
CA ARG FB 409 2.68 31.90 38.74
C ARG FB 409 2.06 32.10 40.11
N GLU FB 410 0.96 32.83 40.18
CA GLU FB 410 0.35 33.11 41.49
C GLU FB 410 -0.40 31.91 42.04
N GLU FB 411 -1.11 31.16 41.19
CA GLU FB 411 -2.01 30.11 41.65
C GLU FB 411 -1.39 28.73 41.78
N VAL FB 412 -0.12 28.53 41.41
CA VAL FB 412 0.42 27.16 41.45
C VAL FB 412 0.38 26.59 42.86
N ALA FB 413 0.87 27.35 43.84
CA ALA FB 413 0.99 26.78 45.18
C ALA FB 413 -0.37 26.77 45.90
N ARG FB 414 -1.35 27.46 45.35
CA ARG FB 414 -2.66 27.53 45.99
C ARG FB 414 -3.31 26.15 46.01
N PRO FB 415 -3.70 25.64 47.18
CA PRO FB 415 -4.33 24.31 47.23
C PRO FB 415 -5.72 24.27 46.60
N ASP FB 416 -6.33 25.42 46.33
CA ASP FB 416 -7.68 25.47 45.80
C ASP FB 416 -7.74 26.01 44.37
N ALA FB 417 -6.60 26.22 43.73
CA ALA FB 417 -6.59 26.90 42.45
C ALA FB 417 -7.11 26.01 41.33
N VAL FB 418 -7.67 26.64 40.31
CA VAL FB 418 -8.07 25.97 39.08
C VAL FB 418 -7.12 26.40 37.98
N LEU FB 419 -6.40 25.43 37.41
CA LEU FB 419 -5.38 25.70 36.42
C LEU FB 419 -5.79 25.09 35.09
N VAL FB 420 -5.60 25.85 34.02
CA VAL FB 420 -5.89 25.39 32.67
C VAL FB 420 -4.59 25.36 31.88
N LYS FB 421 -4.41 24.29 31.10
CA LYS FB 421 -3.21 24.10 30.31
C LYS FB 421 -3.59 23.72 28.88
N LYS FB 422 -2.68 23.99 27.94
CA LYS FB 422 -2.93 23.63 26.55
C LYS FB 422 -2.81 22.12 26.39
N PRO FB 423 -3.49 21.55 25.39
CA PRO FB 423 -3.51 20.08 25.26
C PRO FB 423 -2.14 19.45 25.09
N GLY FB 424 -1.38 19.86 24.08
CA GLY FB 424 -0.13 19.19 23.74
C GLY FB 424 1.09 19.64 24.49
N LYS FB 425 0.96 20.51 25.50
CA LYS FB 425 2.10 21.03 26.23
C LYS FB 425 2.05 20.47 27.65
N GLN FB 426 3.11 19.78 28.05
CA GLN FB 426 3.09 19.03 29.31
C GLN FB 426 3.39 19.95 30.49
N ILE FB 427 2.93 19.55 31.67
CA ILE FB 427 3.20 20.24 32.93
C ILE FB 427 3.90 19.27 33.86
N GLU FB 428 5.00 19.71 34.46
CA GLU FB 428 5.64 18.98 35.54
C GLU FB 428 5.69 19.88 36.77
N LEU FB 429 4.64 19.85 37.58
CA LEU FB 429 4.63 20.48 38.88
C LEU FB 429 5.40 19.59 39.85
N ASN FB 430 5.87 20.20 40.93
CA ASN FB 430 6.63 19.48 41.96
C ASN FB 430 7.87 18.84 41.36
N VAL FB 431 8.69 19.67 40.70
CA VAL FB 431 9.86 19.15 39.98
C VAL FB 431 10.84 18.50 40.95
N ASP FB 432 11.19 19.20 42.02
CA ASP FB 432 12.12 18.70 43.02
C ASP FB 432 11.47 18.83 44.38
N ARG FB 433 11.05 17.70 44.96
CA ARG FB 433 10.34 17.71 46.23
C ARG FB 433 10.93 16.75 47.26
N GLU FB 434 11.62 15.68 46.84
CA GLU FB 434 12.36 14.85 47.78
C GLU FB 434 13.51 15.62 48.42
N LEU FB 435 13.87 16.77 47.85
CA LEU FB 435 14.87 17.63 48.48
C LEU FB 435 14.45 18.05 49.88
N ALA FB 436 13.16 18.25 50.11
CA ALA FB 436 12.69 18.60 51.46
C ALA FB 436 12.98 17.46 52.44
N ALA FB 437 12.72 16.22 52.04
CA ALA FB 437 13.04 15.09 52.90
C ALA FB 437 14.54 14.99 53.13
N ALA FB 438 15.34 15.22 52.08
CA ALA FB 438 16.79 15.19 52.24
C ALA FB 438 17.26 16.26 53.21
N HIS FB 439 16.70 17.46 53.14
CA HIS FB 439 17.11 18.54 54.04
C HIS FB 439 16.67 18.27 55.47
N MET FB 440 15.49 17.67 55.65
CA MET FB 440 15.07 17.29 56.99
C MET FB 440 15.99 16.21 57.56
N ASP FB 441 16.42 15.26 56.72
CA ASP FB 441 17.39 14.27 57.17
C ASP FB 441 18.71 14.94 57.53
N MET FB 442 19.14 15.92 56.74
CA MET FB 442 20.32 16.69 57.08
C MET FB 442 20.18 17.36 58.45
N MET FB 443 19.03 17.94 58.73
CA MET FB 443 18.81 18.59 60.02
C MET FB 443 18.84 17.58 61.16
N SER FB 444 18.24 16.40 60.94
CA SER FB 444 18.29 15.35 61.96
C SER FB 444 19.73 14.89 62.21
N ARG FB 445 20.51 14.73 61.13
CA ARG FB 445 21.92 14.36 61.27
C ARG FB 445 22.69 15.42 62.03
N ASP FB 446 22.39 16.70 61.75
CA ASP FB 446 23.07 17.78 62.45
C ASP FB 446 22.71 17.80 63.92
N ILE FB 447 21.45 17.50 64.25
CA ILE FB 447 21.06 17.35 65.64
C ILE FB 447 21.85 16.23 66.31
N GLN FB 448 21.99 15.10 65.60
CA GLN FB 448 22.78 13.99 66.14
C GLN FB 448 24.23 14.41 66.38
N MET FB 449 24.80 15.17 65.45
CA MET FB 449 26.17 15.65 65.63
C MET FB 449 26.27 16.57 66.84
N LEU FB 450 25.30 17.46 67.03
CA LEU FB 450 25.32 18.33 68.20
C LEU FB 450 25.23 17.52 69.49
N GLN FB 451 24.41 16.47 69.49
CA GLN FB 451 24.42 15.54 70.61
C GLN FB 451 25.76 14.84 70.73
N GLN FB 452 26.35 14.45 69.60
CA GLN FB 452 27.64 13.78 69.62
C GLN FB 452 28.75 14.68 70.15
N VAL FB 453 28.73 15.95 69.75
CA VAL FB 453 29.76 16.89 70.20
C VAL FB 453 29.39 17.43 71.58
N THR FB 481 29.51 15.45 81.04
CA THR FB 481 30.19 15.54 82.33
C THR FB 481 31.70 15.62 82.14
N VAL FB 482 32.27 14.54 81.59
CA VAL FB 482 33.72 14.50 81.37
C VAL FB 482 34.12 15.50 80.30
N ALA FB 483 33.27 15.67 79.28
CA ALA FB 483 33.59 16.60 78.20
C ALA FB 483 33.65 18.04 78.70
N THR FB 484 32.98 18.33 79.82
CA THR FB 484 32.90 19.68 80.34
C THR FB 484 33.73 19.90 81.60
N ASN FB 485 34.66 18.99 81.93
CA ASN FB 485 35.45 19.16 83.14
C ASN FB 485 36.41 20.34 83.05
N LYS FB 486 36.74 20.80 81.84
CA LYS FB 486 37.61 21.97 81.74
C LYS FB 486 36.96 23.19 82.38
N LEU FB 487 35.69 23.43 82.07
CA LEU FB 487 34.98 24.58 82.63
C LEU FB 487 34.83 24.46 84.14
N PHE FB 488 34.49 23.26 84.63
CA PHE FB 488 34.32 23.08 86.06
C PHE FB 488 35.65 23.25 86.80
N ASP FB 489 36.75 22.77 86.20
CA ASP FB 489 38.05 22.95 86.83
C ASP FB 489 38.47 24.41 86.83
N ASN FB 490 38.17 25.15 85.75
CA ASN FB 490 38.42 26.59 85.74
C ASN FB 490 37.61 27.28 86.83
N LEU FB 491 36.35 26.86 87.00
CA LEU FB 491 35.52 27.41 88.06
C LEU FB 491 36.12 27.13 89.42
N ARG FB 492 36.63 25.91 89.63
CA ARG FB 492 37.25 25.56 90.91
C ARG FB 492 38.47 26.43 91.18
N PHE FB 493 39.31 26.63 90.15
CA PHE FB 493 40.49 27.47 90.31
C PHE FB 493 40.09 28.91 90.65
N ALA FB 494 39.10 29.45 89.95
CA ALA FB 494 38.67 30.81 90.22
C ALA FB 494 38.01 30.92 91.59
N VAL FB 495 37.33 29.87 92.04
CA VAL FB 495 36.77 29.85 93.38
C VAL FB 495 37.87 29.89 94.42
N GLN FB 496 38.96 29.15 94.20
CA GLN FB 496 40.08 29.21 95.12
C GLN FB 496 40.68 30.62 95.14
N MET FB 497 40.83 31.23 93.96
CA MET FB 497 41.28 32.62 93.91
C MET FB 497 40.38 33.55 94.70
N GLN FB 498 39.07 33.43 94.50
CA GLN FB 498 38.11 34.30 95.17
C GLN FB 498 38.15 34.11 96.67
N GLY FB 499 38.22 32.85 97.13
CA GLY FB 499 38.32 32.59 98.55
C GLY FB 499 39.60 33.16 99.15
N GLU FB 500 40.72 33.03 98.43
CA GLU FB 500 41.97 33.57 98.94
C GLU FB 500 41.90 35.09 99.06
N ILE FB 501 41.35 35.76 98.04
CA ILE FB 501 41.26 37.21 98.08
C ILE FB 501 40.32 37.65 99.19
N GLN FB 502 39.17 36.97 99.34
CA GLN FB 502 38.24 37.33 100.41
C GLN FB 502 38.86 37.11 101.78
N LEU FB 503 39.63 36.03 101.94
CA LEU FB 503 40.27 35.77 103.22
C LEU FB 503 41.31 36.85 103.54
N SER FB 504 42.08 37.27 102.54
CA SER FB 504 43.03 38.34 102.75
C SER FB 504 42.32 39.64 103.12
N LEU FB 505 41.21 39.93 102.44
CA LEU FB 505 40.45 41.14 102.76
C LEU FB 505 39.88 41.09 104.18
N ILE FB 506 39.43 39.91 104.61
CA ILE FB 506 38.96 39.75 105.99
C ILE FB 506 40.12 40.01 106.96
N GLU FB 507 41.26 39.36 106.74
CA GLU FB 507 42.40 39.53 107.62
C GLU FB 507 42.83 40.99 107.70
N GLN FB 508 42.63 41.74 106.61
CA GLN FB 508 43.00 43.15 106.61
C GLN FB 508 41.98 44.00 107.35
N PHE FB 509 40.70 43.86 107.01
CA PHE FB 509 39.73 44.91 107.30
C PHE FB 509 38.60 44.51 108.25
N VAL FB 510 38.79 43.52 109.10
CA VAL FB 510 37.82 43.20 110.14
C VAL FB 510 38.48 43.38 111.49
N THR FB 511 37.75 43.97 112.44
CA THR FB 511 38.24 44.11 113.79
C THR FB 511 37.92 42.86 114.61
N GLU FB 512 38.72 42.63 115.64
CA GLU FB 512 38.48 41.49 116.52
C GLU FB 512 37.14 41.61 117.22
N GLU FB 513 36.71 42.84 117.51
CA GLU FB 513 35.37 43.05 118.06
C GLU FB 513 34.30 42.61 117.06
N LYS FB 514 34.48 42.93 115.78
CA LYS FB 514 33.52 42.50 114.77
C LYS FB 514 33.50 40.99 114.63
N THR FB 515 34.66 40.34 114.71
CA THR FB 515 34.69 38.89 114.64
C THR FB 515 34.00 38.26 115.84
N PHE FB 516 34.21 38.82 117.03
CA PHE FB 516 33.54 38.29 118.22
C PHE FB 516 32.04 38.55 118.17
N ARG FB 517 31.62 39.61 117.49
CA ARG FB 517 30.20 39.86 117.32
C ARG FB 517 29.58 38.88 116.34
N ILE FB 518 30.24 38.65 115.21
CA ILE FB 518 29.73 37.71 114.22
C ILE FB 518 29.83 36.28 114.71
N THR FB 519 30.97 35.92 115.30
CA THR FB 519 31.24 34.56 115.71
C THR FB 519 31.54 34.54 117.21
N ASN FB 520 31.17 33.43 117.86
CA ASN FB 520 31.37 33.31 119.30
C ASN FB 520 32.84 33.40 119.66
N GLU FB 521 33.73 33.13 118.71
CA GLU FB 521 35.17 33.27 118.94
C GLU FB 521 35.55 34.72 119.25
N LEU FB 534 59.07 33.08 107.82
CA LEU FB 534 57.76 33.14 107.16
C LEU FB 534 57.78 34.13 106.00
N PRO FB 535 57.05 33.82 104.93
CA PRO FB 535 57.11 34.65 103.73
C PRO FB 535 56.51 36.04 103.97
N GLU FB 536 56.98 37.00 103.17
CA GLU FB 536 56.54 38.38 103.34
C GLU FB 536 55.13 38.60 102.82
N ASN FB 537 54.74 37.87 101.77
CA ASN FB 537 53.43 38.06 101.17
C ASN FB 537 52.32 37.70 102.15
N ASP FB 538 51.23 38.48 102.11
CA ASP FB 538 50.04 38.11 102.87
C ASP FB 538 49.33 36.95 102.22
N ILE FB 539 49.55 36.76 100.91
CA ILE FB 539 48.92 35.65 100.19
C ILE FB 539 49.46 34.33 100.70
N VAL FB 540 50.79 34.18 100.76
CA VAL FB 540 51.38 32.89 101.12
C VAL FB 540 51.33 32.70 102.63
N ARG FB 541 51.36 33.80 103.40
CA ARG FB 541 51.29 33.69 104.85
C ARG FB 541 50.01 32.98 105.29
N THR FB 542 48.87 33.34 104.70
CA THR FB 542 47.61 32.72 105.06
C THR FB 542 47.56 31.27 104.60
N LYS FB 543 48.02 30.99 103.38
CA LYS FB 543 47.95 29.62 102.87
C LYS FB 543 48.93 28.71 103.59
N ALA FB 544 49.91 29.27 104.28
CA ALA FB 544 50.85 28.49 105.07
C ALA FB 544 50.14 27.78 106.21
N ASP FB 545 49.22 28.48 106.88
CA ASP FB 545 48.58 27.90 108.06
C ASP FB 545 47.18 27.39 107.74
N PHE FB 546 46.44 28.09 106.88
CA PHE FB 546 45.07 27.75 106.57
C PHE FB 546 44.92 27.52 105.07
N ILE FB 547 44.17 26.48 104.69
CA ILE FB 547 43.89 26.17 103.30
C ILE FB 547 42.39 26.36 103.07
N ILE FB 548 42.02 26.62 101.82
CA ILE FB 548 40.62 26.81 101.48
C ILE FB 548 40.02 25.49 101.00
N GLY FB 549 38.92 25.09 101.63
CA GLY FB 549 38.24 23.88 101.22
C GLY FB 549 36.81 24.18 100.82
N GLU FB 550 36.33 23.41 99.85
CA GLU FB 550 35.00 23.60 99.31
C GLU FB 550 34.07 22.51 99.83
N SER FB 551 32.91 22.91 100.33
CA SER FB 551 31.87 22.01 100.80
C SER FB 551 30.53 22.54 100.33
N ASP FB 552 29.52 21.67 100.36
CA ASP FB 552 28.20 22.04 99.88
C ASP FB 552 27.64 23.22 100.67
N TRP FB 553 26.60 23.84 100.13
CA TRP FB 553 26.08 25.07 100.71
C TRP FB 553 25.63 24.87 102.15
N ARG FB 554 24.62 24.03 102.36
CA ARG FB 554 24.19 23.60 103.69
C ARG FB 554 23.77 24.77 104.58
N ALA FB 555 23.42 25.89 103.96
CA ALA FB 555 22.91 27.09 104.66
C ALA FB 555 23.92 27.49 105.74
N THR FB 556 23.51 27.60 107.00
CA THR FB 556 24.39 28.11 108.05
C THR FB 556 25.52 27.12 108.33
N TYR FB 557 26.55 27.61 109.04
CA TYR FB 557 27.77 26.83 109.22
C TYR FB 557 27.54 25.59 110.06
N ARG FB 558 26.90 25.72 111.22
CA ARG FB 558 26.89 24.57 112.10
C ARG FB 558 25.81 23.57 111.71
N GLN FB 559 25.01 23.88 110.68
CA GLN FB 559 24.30 22.81 110.00
C GLN FB 559 25.28 21.84 109.33
N ALA FB 560 26.29 22.39 108.65
CA ALA FB 560 27.36 21.55 108.11
C ALA FB 560 28.15 20.88 109.22
N ALA FB 561 28.36 21.60 110.33
CA ALA FB 561 29.02 20.99 111.47
C ALA FB 561 28.22 19.81 112.00
N SER FB 562 26.90 19.96 112.08
CA SER FB 562 26.04 18.87 112.54
C SER FB 562 26.07 17.70 111.57
N GLU FB 563 26.13 17.98 110.27
CA GLU FB 563 26.25 16.90 109.30
C GLU FB 563 27.55 16.12 109.49
N GLN FB 564 28.67 16.84 109.68
CA GLN FB 564 29.93 16.16 109.92
C GLN FB 564 29.88 15.35 111.20
N LEU FB 565 29.28 15.91 112.25
CA LEU FB 565 29.13 15.19 113.51
C LEU FB 565 28.28 13.94 113.32
N SER FB 566 27.20 14.04 112.56
CA SER FB 566 26.32 12.89 112.34
C SER FB 566 27.06 11.78 111.60
N GLN FB 567 27.81 12.12 110.56
CA GLN FB 567 28.58 11.10 109.85
C GLN FB 567 29.62 10.46 110.77
N MET FB 568 30.31 11.30 111.56
CA MET FB 568 31.28 10.79 112.52
C MET FB 568 30.64 9.83 113.51
N ILE FB 569 29.47 10.17 114.02
CA ILE FB 569 28.77 9.31 114.97
C ILE FB 569 28.39 7.99 114.32
N MET FB 570 27.84 8.06 113.11
CA MET FB 570 27.47 6.84 112.40
C MET FB 570 28.71 5.96 112.18
N LYS FB 571 29.89 6.57 112.10
CA LYS FB 571 31.11 5.78 112.07
C LYS FB 571 31.45 5.20 113.45
N MET FB 572 31.06 5.89 114.52
CA MET FB 572 31.41 5.44 115.86
C MET FB 572 30.62 4.20 116.25
N PRO FB 573 31.14 3.40 117.19
CA PRO FB 573 30.39 2.24 117.66
C PRO FB 573 29.23 2.67 118.52
N PRO FB 574 28.33 1.74 118.87
CA PRO FB 574 27.22 2.11 119.76
C PRO FB 574 27.66 2.70 121.08
N GLN FB 575 28.72 2.16 121.68
CA GLN FB 575 29.33 2.81 122.83
C GLN FB 575 30.16 4.00 122.35
N VAL FB 576 30.21 5.05 123.17
CA VAL FB 576 30.94 6.32 123.07
C VAL FB 576 30.13 7.25 122.16
N GLY FB 577 29.14 6.68 121.47
CA GLY FB 577 28.34 7.48 120.56
C GLY FB 577 27.39 8.44 121.23
N LEU FB 578 27.03 8.19 122.50
CA LEU FB 578 25.99 8.98 123.16
C LEU FB 578 26.44 10.41 123.42
N VAL FB 579 27.68 10.59 123.88
CA VAL FB 579 28.20 11.94 124.09
C VAL FB 579 28.28 12.69 122.77
N MET FB 580 28.63 11.98 121.69
CA MET FB 580 28.69 12.62 120.39
C MET FB 580 27.29 12.99 119.91
N LEU FB 581 26.29 12.18 120.29
CA LEU FB 581 24.90 12.55 120.05
C LEU FB 581 24.53 13.82 120.81
N ASP FB 582 25.01 13.95 122.04
CA ASP FB 582 24.81 15.18 122.79
C ASP FB 582 25.36 16.37 122.02
N LEU FB 583 26.59 16.25 121.52
CA LEU FB 583 27.20 17.38 120.82
C LEU FB 583 26.51 17.67 119.50
N TRP FB 584 26.05 16.62 118.81
CA TRP FB 584 25.28 16.82 117.58
C TRP FB 584 23.98 17.55 117.86
N ALA FB 585 23.29 17.16 118.94
CA ALA FB 585 22.07 17.87 119.32
C ALA FB 585 22.37 19.32 119.67
N ASP FB 586 23.52 19.57 120.30
CA ASP FB 586 23.94 20.94 120.57
C ASP FB 586 24.14 21.72 119.27
N SER FB 587 24.77 21.10 118.28
CA SER FB 587 25.05 21.81 117.04
C SER FB 587 23.80 21.97 116.18
N THR FB 588 22.96 20.94 116.12
CA THR FB 588 21.83 20.94 115.19
C THR FB 588 20.80 21.99 115.60
N ASP FB 589 19.94 22.35 114.64
CA ASP FB 589 18.90 23.35 114.86
C ASP FB 589 17.58 22.66 115.16
N LEU FB 590 17.48 22.15 116.38
CA LEU FB 590 16.22 21.60 116.84
C LEU FB 590 15.28 22.71 117.30
N PRO FB 591 13.97 22.51 117.19
CA PRO FB 591 13.03 23.57 117.64
C PRO FB 591 13.21 23.95 119.09
N ASN FB 592 13.46 22.98 119.96
CA ASN FB 592 13.78 23.23 121.36
C ASN FB 592 15.10 22.55 121.68
N ARG FB 593 16.15 23.35 121.80
CA ARG FB 593 17.51 22.81 121.86
C ARG FB 593 18.07 22.73 123.28
N ASP FB 594 17.86 23.77 124.10
CA ASP FB 594 18.47 23.79 125.42
C ASP FB 594 17.98 22.64 126.30
N GLU FB 595 16.67 22.38 126.31
CA GLU FB 595 16.13 21.32 127.13
C GLU FB 595 16.62 19.95 126.66
N ILE FB 596 16.61 19.72 125.35
CA ILE FB 596 17.11 18.47 124.80
C ILE FB 596 18.59 18.31 125.10
N VAL FB 597 19.37 19.38 124.93
CA VAL FB 597 20.80 19.31 125.20
C VAL FB 597 21.05 18.95 126.66
N LYS FB 598 20.35 19.61 127.59
CA LYS FB 598 20.59 19.32 129.00
C LYS FB 598 20.14 17.92 129.38
N ARG FB 599 19.08 17.40 128.74
CA ARG FB 599 18.69 16.03 129.03
C ARG FB 599 19.72 15.03 128.51
N ILE FB 600 20.30 15.28 127.33
CA ILE FB 600 21.33 14.37 126.85
C ILE FB 600 22.58 14.49 127.69
N ARG FB 601 22.83 15.68 128.25
CA ARG FB 601 23.90 15.81 129.24
C ARG FB 601 23.59 14.98 130.48
N GLN FB 602 22.33 14.97 130.90
CA GLN FB 602 21.94 14.16 132.05
C GLN FB 602 22.19 12.67 131.80
N ILE FB 603 21.76 12.18 130.63
CA ILE FB 603 21.91 10.77 130.34
C ILE FB 603 23.38 10.43 130.10
N ASN FB 604 24.18 11.42 129.68
CA ASN FB 604 25.60 11.20 129.49
C ASN FB 604 26.39 11.50 130.75
N GLY FB 605 26.04 12.59 131.44
CA GLY FB 605 26.69 12.95 132.68
C GLY FB 605 27.84 13.91 132.57
N MET FB 606 28.16 14.39 131.37
CA MET FB 606 29.32 15.27 131.27
C MET FB 606 28.89 16.69 130.91
N ARG FB 607 29.89 17.54 130.69
CA ARG FB 607 29.72 18.99 130.66
C ARG FB 607 30.29 19.57 129.38
N ASP FB 608 29.74 20.71 128.95
CA ASP FB 608 30.25 21.49 127.82
C ASP FB 608 30.36 20.65 126.54
N PRO FB 614 24.16 25.11 135.23
CA PRO FB 614 24.93 23.87 135.15
C PRO FB 614 25.68 23.62 136.45
N THR FB 615 25.80 24.66 137.27
CA THR FB 615 26.48 24.51 138.55
C THR FB 615 25.74 23.56 139.48
N PRO FB 616 24.40 23.65 139.52
CA PRO FB 616 23.63 22.76 140.37
C PRO FB 616 23.77 21.31 139.96
N GLU FB 617 23.72 21.04 138.65
CA GLU FB 617 23.92 19.68 138.17
C GLU FB 617 25.34 19.19 138.49
N GLU FB 618 26.33 20.07 138.31
CA GLU FB 618 27.70 19.70 138.65
C GLU FB 618 27.84 19.40 140.14
N LEU FB 619 27.21 20.23 140.99
CA LEU FB 619 27.28 19.99 142.43
C LEU FB 619 26.63 18.67 142.80
N GLN FB 620 25.46 18.38 142.22
CA GLN FB 620 24.78 17.13 142.52
C GLN FB 620 25.60 15.93 142.08
N GLN FB 621 26.17 15.99 140.87
CA GLN FB 621 26.98 14.88 140.37
C GLN FB 621 28.23 14.69 141.23
N GLN FB 622 28.89 15.78 141.60
CA GLN FB 622 30.08 15.67 142.45
C GLN FB 622 29.74 15.09 143.80
N GLN FB 623 28.63 15.53 144.40
CA GLN FB 623 28.22 14.98 145.69
C GLN FB 623 27.91 13.50 145.60
N ALA FB 624 27.21 13.09 144.53
CA ALA FB 624 26.89 11.67 144.37
C ALA FB 624 28.16 10.84 144.20
N ALA FB 625 29.09 11.33 143.38
CA ALA FB 625 30.33 10.59 143.16
C ALA FB 625 31.15 10.48 144.44
N ALA FB 626 31.24 11.58 145.19
CA ALA FB 626 31.99 11.57 146.45
C ALA FB 626 31.35 10.62 147.45
N GLU FB 627 30.03 10.64 147.56
CA GLU FB 627 29.35 9.73 148.48
C GLU FB 627 29.56 8.28 148.08
N GLN FB 628 29.46 7.97 146.79
CA GLN FB 628 29.67 6.60 146.33
C GLN FB 628 31.09 6.14 146.62
N ALA FB 629 32.08 7.02 146.36
CA ALA FB 629 33.47 6.67 146.61
C ALA FB 629 33.70 6.43 148.11
N GLN FB 630 33.14 7.30 148.95
CA GLN FB 630 33.30 7.13 150.39
C GLN FB 630 32.66 5.84 150.87
N ALA FB 631 31.47 5.52 150.36
CA ALA FB 631 30.80 4.28 150.76
C ALA FB 631 31.59 3.06 150.33
N GLN FB 632 32.11 3.07 149.09
CA GLN FB 632 32.90 1.95 148.61
C GLN FB 632 34.17 1.77 149.43
N LYS FB 633 34.86 2.88 149.73
CA LYS FB 633 36.08 2.79 150.53
C LYS FB 633 35.77 2.27 151.93
N ALA FB 634 34.70 2.75 152.55
CA ALA FB 634 34.33 2.29 153.88
C ALA FB 634 33.99 0.81 153.87
N MET FB 635 33.25 0.35 152.85
CA MET FB 635 32.90 -1.07 152.78
C MET FB 635 34.13 -1.94 152.59
N PHE FB 636 35.06 -1.51 151.72
CA PHE FB 636 36.29 -2.26 151.51
C PHE FB 636 37.13 -2.31 152.78
N MET FB 637 37.23 -1.19 153.49
CA MET FB 637 37.97 -1.17 154.74
C MET FB 637 37.34 -2.08 155.78
N ALA FB 638 36.00 -2.07 155.86
CA ALA FB 638 35.31 -2.94 156.81
C ALA FB 638 35.55 -4.41 156.47
N GLU FB 639 35.49 -4.77 155.19
CA GLU FB 639 35.73 -6.15 154.79
C GLU FB 639 37.16 -6.58 155.10
N LEU FB 640 38.13 -5.70 154.81
CA LEU FB 640 39.52 -6.03 155.12
C LEU FB 640 39.73 -6.18 156.63
N SER FB 641 39.13 -5.30 157.42
CA SER FB 641 39.23 -5.41 158.87
C SER FB 641 38.61 -6.70 159.37
N GLU FB 642 37.47 -7.08 158.81
CA GLU FB 642 36.82 -8.34 159.20
C GLU FB 642 37.71 -9.54 158.87
N LYS FB 643 38.32 -9.53 157.68
CA LYS FB 643 39.20 -10.63 157.30
C LYS FB 643 40.41 -10.72 158.22
N GLN FB 644 41.05 -9.57 158.51
CA GLN FB 644 42.20 -9.56 159.40
C GLN FB 644 41.83 -10.00 160.81
N GLY FB 645 40.66 -9.58 161.28
CA GLY FB 645 40.19 -9.99 162.60
C GLY FB 645 39.91 -11.49 162.65
N LYS FB 646 39.34 -12.03 161.58
CA LYS FB 646 39.12 -13.47 161.52
C LYS FB 646 40.45 -14.23 161.55
N ALA FB 647 41.45 -13.73 160.81
CA ALA FB 647 42.77 -14.36 160.84
C ALA FB 647 43.37 -14.30 162.25
N ASP FB 648 43.26 -13.16 162.91
CA ASP FB 648 43.78 -13.03 164.27
C ASP FB 648 43.05 -13.98 165.22
N LYS FB 649 41.73 -14.09 165.06
CA LYS FB 649 40.95 -15.00 165.90
C LYS FB 649 41.38 -16.45 165.69
N ALA FB 650 41.62 -16.85 164.44
CA ALA FB 650 42.06 -18.20 164.16
C ALA FB 650 43.44 -18.47 164.76
N GLN FB 651 44.35 -17.51 164.63
CA GLN FB 651 45.69 -17.68 165.20
C GLN FB 651 45.64 -17.80 166.72
N ALA FB 652 44.83 -16.95 167.37
CA ALA FB 652 44.73 -17.01 168.82
C ALA FB 652 44.01 -18.27 169.26
N ASP FB 653 43.07 -18.77 168.46
CA ASP FB 653 42.45 -20.06 168.75
C ASP FB 653 43.47 -21.18 168.67
N ALA FB 654 44.39 -21.09 167.71
CA ALA FB 654 45.49 -22.06 167.65
C ALA FB 654 46.34 -21.98 168.91
N VAL FB 655 46.67 -20.76 169.35
CA VAL FB 655 47.46 -20.63 170.57
C VAL FB 655 46.72 -21.21 171.77
N ALA FB 656 45.42 -20.94 171.87
CA ALA FB 656 44.62 -21.48 172.97
C ALA FB 656 44.57 -23.00 172.93
N ALA FB 657 44.43 -23.58 171.74
CA ALA FB 657 44.41 -25.03 171.61
C ALA FB 657 45.75 -25.62 172.03
N GLN FB 658 46.86 -24.99 171.63
CA GLN FB 658 48.18 -25.49 172.03
C GLN FB 658 48.35 -25.42 173.54
N ALA FB 659 47.92 -24.32 174.17
CA ALA FB 659 48.05 -24.19 175.61
C ALA FB 659 47.15 -25.20 176.34
N ASN FB 660 45.95 -25.43 175.81
CA ASN FB 660 45.08 -26.44 176.39
C ASN FB 660 45.70 -27.83 176.25
N ALA FB 661 46.37 -28.09 175.13
CA ALA FB 661 47.10 -29.35 174.96
C ALA FB 661 48.19 -29.49 176.02
N ASP FB 662 48.94 -28.41 176.26
CA ASP FB 662 49.98 -28.46 177.28
C ASP FB 662 49.38 -28.70 178.66
N LEU FB 663 48.26 -28.05 178.97
CA LEU FB 663 47.61 -28.25 180.26
C LEU FB 663 47.13 -29.69 180.42
N ARG FB 664 46.52 -30.24 179.37
CA ARG FB 664 46.05 -31.62 179.44
C ARG FB 664 47.22 -32.59 179.60
N ALA FB 665 48.33 -32.35 178.90
CA ALA FB 665 49.50 -33.20 179.04
C ALA FB 665 50.06 -33.14 180.46
N ALA FB 666 50.13 -31.93 181.03
CA ALA FB 666 50.61 -31.78 182.40
C ALA FB 666 49.69 -32.49 183.39
N GLN FB 667 48.38 -32.36 183.20
CA GLN FB 667 47.44 -33.04 184.09
C GLN FB 667 47.57 -34.55 183.98
N ALA FB 668 47.73 -35.07 182.76
CA ALA FB 668 47.91 -36.51 182.58
C ALA FB 668 49.20 -36.99 183.24
N GLU FB 669 50.29 -36.23 183.08
CA GLU FB 669 51.55 -36.61 183.70
C GLU FB 669 51.45 -36.60 185.21
N GLN FB 670 50.78 -35.60 185.78
CA GLN FB 670 50.60 -35.56 187.23
C GLN FB 670 49.73 -36.72 187.72
N VAL FB 671 48.66 -37.04 186.99
CA VAL FB 671 47.78 -38.11 187.40
C VAL FB 671 48.47 -39.47 187.32
N ARG FB 672 49.28 -39.68 186.28
CA ARG FB 672 49.98 -40.96 186.14
C ARG FB 672 50.96 -41.18 187.28
N ARG FB 673 51.69 -40.14 187.68
CA ARG FB 673 52.64 -40.26 188.78
C ARG FB 673 51.93 -40.29 190.13
N VAL GB 4 52.34 59.41 -92.09
CA VAL GB 4 52.73 58.15 -92.70
C VAL GB 4 51.48 57.30 -92.89
N GLN GB 5 50.64 57.68 -93.85
CA GLN GB 5 49.35 57.02 -94.03
C GLN GB 5 49.54 55.63 -94.63
N PHE GB 6 48.48 54.83 -94.56
CA PHE GB 6 48.54 53.45 -95.06
C PHE GB 6 47.40 53.19 -96.03
N ALA GB 7 47.60 52.18 -96.88
CA ALA GB 7 46.65 51.80 -97.93
C ALA GB 7 46.12 50.40 -97.65
N ASN GB 8 44.93 50.11 -98.18
CA ASN GB 8 44.31 48.80 -98.00
C ASN GB 8 43.70 48.27 -99.28
N ASN GB 9 44.32 47.21 -99.81
CA ASN GB 9 43.69 46.33 -100.79
C ASN GB 9 43.30 47.08 -102.06
N ALA GB 10 44.30 47.67 -102.72
CA ALA GB 10 44.08 48.36 -103.98
C ALA GB 10 45.29 48.11 -104.88
N ALA GB 11 45.06 47.42 -105.99
CA ALA GB 11 46.11 47.11 -106.96
C ALA GB 11 45.78 47.83 -108.26
N SER GB 12 46.61 48.79 -108.64
CA SER GB 12 46.33 49.68 -109.76
C SER GB 12 47.32 49.41 -110.88
N ARG GB 13 46.80 49.33 -112.11
CA ARG GB 13 47.66 49.29 -113.28
C ARG GB 13 48.28 50.67 -113.51
N LEU GB 14 49.59 50.70 -113.72
CA LEU GB 14 50.30 51.95 -113.99
C LEU GB 14 50.13 52.25 -115.47
N VAL GB 15 49.10 53.04 -115.81
CA VAL GB 15 48.75 53.25 -117.21
C VAL GB 15 49.84 54.03 -117.93
N GLY GB 16 50.46 55.00 -117.25
CA GLY GB 16 51.49 55.79 -117.85
C GLY GB 16 52.86 55.16 -117.69
N PRO GB 17 53.61 55.05 -118.79
CA PRO GB 17 54.97 54.51 -118.69
C PRO GB 17 55.83 55.38 -117.78
N LEU GB 18 56.67 54.72 -116.98
CA LEU GB 18 57.48 55.40 -115.99
C LEU GB 18 58.95 55.26 -116.35
N ALA GB 19 59.62 56.40 -116.49
CA ALA GB 19 61.06 56.41 -116.74
C ALA GB 19 61.80 55.95 -115.49
N PRO GB 20 63.04 55.47 -115.64
CA PRO GB 20 63.81 55.11 -114.43
C PRO GB 20 64.02 56.28 -113.50
N SER GB 21 64.09 57.49 -114.04
CA SER GB 21 64.03 58.72 -113.25
C SER GB 21 62.63 59.30 -113.43
N GLY GB 22 61.68 58.80 -112.64
CA GLY GB 22 60.29 59.20 -112.79
C GLY GB 22 59.78 60.02 -111.63
N THR GB 23 59.26 61.22 -111.95
CA THR GB 23 58.78 62.12 -110.90
C THR GB 23 57.40 61.71 -110.41
N SER GB 24 56.56 61.16 -111.28
CA SER GB 24 55.18 60.87 -110.93
C SER GB 24 54.68 59.66 -111.73
N LEU GB 25 53.62 59.05 -111.21
CA LEU GB 25 52.95 57.93 -111.87
C LEU GB 25 51.47 58.24 -112.02
N THR GB 26 50.82 57.47 -112.88
CA THR GB 26 49.38 57.62 -113.14
C THR GB 26 48.71 56.26 -112.96
N VAL GB 27 47.81 56.17 -111.98
CA VAL GB 27 47.03 54.96 -111.75
C VAL GB 27 45.83 54.95 -112.69
N THR GB 28 45.14 53.81 -112.75
CA THR GB 28 43.89 53.75 -113.51
C THR GB 28 42.86 54.70 -112.92
N PRO GB 29 42.01 55.30 -113.75
CA PRO GB 29 41.08 56.33 -113.23
C PRO GB 29 40.16 55.83 -112.13
N GLY GB 30 39.67 54.59 -112.25
CA GLY GB 30 38.78 54.07 -111.22
C GLY GB 30 39.48 53.82 -109.90
N ASP GB 31 40.72 53.31 -109.95
CA ASP GB 31 41.40 52.85 -108.74
C ASP GB 31 42.11 53.98 -107.99
N GLY GB 32 42.06 55.21 -108.49
CA GLY GB 32 42.74 56.30 -107.81
C GLY GB 32 42.18 56.58 -106.43
N ALA GB 33 40.87 56.41 -106.26
CA ALA GB 33 40.23 56.73 -104.98
C ALA GB 33 40.57 55.69 -103.93
N LEU GB 34 40.85 54.45 -104.33
CA LEU GB 34 41.07 53.39 -103.35
C LEU GB 34 42.35 53.60 -102.56
N PHE GB 35 43.37 54.20 -103.18
CA PHE GB 35 44.52 54.63 -102.40
C PHE GB 35 44.12 55.77 -101.45
N PRO GB 36 44.78 55.89 -100.30
CA PRO GB 36 44.40 56.94 -99.35
C PRO GB 36 44.59 58.33 -99.95
N THR GB 37 43.80 59.29 -99.44
CA THR GB 37 43.82 60.64 -99.99
C THR GB 37 45.16 61.32 -99.75
N LEU GB 38 45.77 61.10 -98.58
CA LEU GB 38 47.03 61.72 -98.19
C LEU GB 38 46.89 63.22 -98.02
N GLY GB 39 48.00 63.89 -97.70
CA GLY GB 39 48.03 65.33 -97.54
C GLY GB 39 49.47 65.80 -97.53
N ALA GB 40 49.65 67.09 -97.30
CA ALA GB 40 50.98 67.66 -97.21
C ALA GB 40 51.70 67.10 -95.99
N GLY GB 41 52.93 66.63 -96.20
CA GLY GB 41 53.72 66.05 -95.14
C GLY GB 41 53.39 64.61 -94.80
N ASP GB 42 52.49 63.97 -95.55
CA ASP GB 42 52.09 62.59 -95.31
C ASP GB 42 52.41 61.77 -96.55
N TRP GB 43 52.99 60.59 -96.35
CA TRP GB 43 53.39 59.72 -97.44
C TRP GB 43 53.09 58.27 -97.11
N PHE GB 44 52.90 57.47 -98.16
CA PHE GB 44 52.79 56.03 -98.04
C PHE GB 44 53.66 55.38 -99.11
N MET GB 45 54.39 54.33 -98.73
CA MET GB 45 55.21 53.60 -99.67
C MET GB 45 54.41 52.48 -100.33
N ALA GB 46 54.61 52.30 -101.63
CA ALA GB 46 53.94 51.28 -102.40
C ALA GB 46 54.96 50.47 -103.17
N THR GB 47 54.65 49.21 -103.44
CA THR GB 47 55.55 48.29 -104.12
C THR GB 47 55.24 48.32 -105.60
N LEU GB 48 56.23 48.67 -106.42
CA LEU GB 48 56.08 48.73 -107.86
C LEU GB 48 56.40 47.36 -108.46
N ILE GB 49 55.39 46.54 -108.66
CA ILE GB 49 55.56 45.19 -109.16
C ILE GB 49 55.42 45.21 -110.68
N ARG GB 50 56.54 45.08 -111.39
CA ARG GB 50 56.52 44.96 -112.84
C ARG GB 50 56.09 43.55 -113.24
N SER GB 51 56.07 43.32 -114.55
CA SER GB 51 55.97 41.96 -115.05
C SER GB 51 57.19 41.17 -114.61
N ASP GB 52 56.99 39.87 -114.37
CA ASP GB 52 58.03 38.98 -113.86
C ASP GB 52 58.33 39.34 -112.41
N GLY GB 53 59.50 38.96 -111.90
CA GLY GB 53 59.79 39.14 -110.49
C GLY GB 53 60.22 40.54 -110.13
N ALA GB 54 60.28 41.44 -111.12
CA ALA GB 54 60.75 42.79 -110.87
C ALA GB 54 59.80 43.55 -109.96
N ARG GB 55 60.27 43.92 -108.77
CA ARG GB 55 59.53 44.76 -107.84
C ARG GB 55 60.45 45.88 -107.36
N GLU GB 56 59.91 47.09 -107.26
CA GLU GB 56 60.67 48.26 -106.86
C GLU GB 56 59.91 49.05 -105.80
N ILE GB 57 60.63 49.90 -105.08
CA ILE GB 57 60.10 50.59 -103.91
C ILE GB 57 60.08 52.09 -104.17
N VAL GB 58 58.94 52.74 -103.92
CA VAL GB 58 58.81 54.18 -104.05
C VAL GB 58 57.99 54.74 -102.90
N LYS GB 59 57.96 56.07 -102.84
CA LYS GB 59 57.22 56.82 -101.82
C LYS GB 59 56.29 57.82 -102.50
N VAL GB 60 55.01 57.79 -102.14
CA VAL GB 60 54.02 58.69 -102.71
C VAL GB 60 53.87 59.87 -101.76
N THR GB 61 54.56 60.97 -102.07
CA THR GB 61 54.49 62.15 -101.21
C THR GB 61 53.12 62.81 -101.25
N SER GB 62 52.50 62.87 -102.42
CA SER GB 62 51.22 63.55 -102.57
C SER GB 62 50.42 62.87 -103.68
N ARG GB 63 49.10 62.89 -103.52
CA ARG GB 63 48.18 62.29 -104.48
C ARG GB 63 47.17 63.33 -104.94
N THR GB 64 47.05 63.49 -106.26
CA THR GB 64 46.08 64.40 -106.85
C THR GB 64 45.27 63.65 -107.89
N VAL GB 65 43.97 63.50 -107.62
CA VAL GB 65 43.03 62.82 -108.52
C VAL GB 65 43.60 61.44 -108.82
N ASP GB 66 44.08 61.23 -110.05
CA ASP GB 66 44.64 59.95 -110.47
C ASP GB 66 46.13 60.03 -110.75
N ALA GB 67 46.77 61.16 -110.47
CA ALA GB 67 48.19 61.37 -110.70
C ALA GB 67 48.90 61.44 -109.36
N MET GB 68 50.03 60.73 -109.23
CA MET GB 68 50.65 60.48 -107.94
C MET GB 68 52.15 60.76 -108.03
N SER GB 69 52.66 61.60 -107.14
CA SER GB 69 54.06 61.98 -107.15
C SER GB 69 54.93 60.85 -106.60
N ILE GB 70 56.19 60.82 -107.06
CA ILE GB 70 57.12 59.75 -106.72
C ILE GB 70 58.44 60.32 -106.22
N THR GB 71 58.91 59.76 -105.10
CA THR GB 71 60.32 59.84 -104.71
C THR GB 71 60.84 58.41 -104.64
N ARG GB 72 61.97 58.16 -105.30
CA ARG GB 72 62.38 56.79 -105.53
C ARG GB 72 63.51 56.38 -104.59
N ALA GB 73 63.70 55.06 -104.47
CA ALA GB 73 64.86 54.46 -103.79
C ALA GB 73 64.97 54.91 -102.34
N GLN GB 74 64.02 54.50 -101.51
CA GLN GB 74 64.12 54.81 -100.08
C GLN GB 74 64.80 53.66 -99.39
N GLU GB 75 64.32 52.44 -99.67
CA GLU GB 75 64.90 51.26 -99.05
C GLU GB 75 66.18 50.83 -99.74
N GLY GB 76 66.61 51.54 -100.78
CA GLY GB 76 67.80 51.19 -101.53
C GLY GB 76 67.55 50.46 -102.84
N SER GB 77 66.29 50.31 -103.24
CA SER GB 77 65.99 49.65 -104.52
C SER GB 77 66.49 50.49 -105.69
N SER GB 78 67.06 49.80 -106.68
CA SER GB 78 67.59 50.50 -107.85
C SER GB 78 66.45 51.02 -108.72
N ALA GB 79 66.74 52.10 -109.45
CA ALA GB 79 65.74 52.70 -110.33
C ALA GB 79 65.67 51.95 -111.65
N LEU GB 80 64.46 51.61 -112.07
CA LEU GB 80 64.22 50.87 -113.30
C LEU GB 80 63.16 51.57 -114.12
N SER GB 81 63.22 51.36 -115.44
CA SER GB 81 62.15 51.84 -116.32
C SER GB 81 60.94 50.91 -116.21
N PHE GB 82 59.75 51.46 -116.43
CA PHE GB 82 58.50 50.75 -116.18
C PHE GB 82 57.62 50.79 -117.42
N ASN GB 83 57.10 49.62 -117.81
CA ASN GB 83 56.16 49.49 -118.91
C ASN GB 83 54.80 50.02 -118.49
N PRO GB 84 53.91 50.33 -119.44
CA PRO GB 84 52.61 50.90 -119.06
C PRO GB 84 51.63 49.87 -118.52
N ASN GB 85 52.08 48.67 -118.17
CA ASN GB 85 51.27 47.70 -117.44
C ASN GB 85 52.06 47.24 -116.22
N ASP GB 86 51.54 47.56 -115.03
CA ASP GB 86 52.27 47.32 -113.79
C ASP GB 86 51.26 47.07 -112.68
N ARG GB 87 51.78 46.80 -111.48
CA ARG GB 87 50.97 46.61 -110.30
C ARG GB 87 51.40 47.61 -109.23
N ILE GB 88 50.43 48.32 -108.67
CA ILE GB 88 50.69 49.35 -107.68
C ILE GB 88 49.92 48.97 -106.42
N GLU GB 89 50.59 48.34 -105.47
CA GLU GB 89 49.88 47.77 -104.33
C GLU GB 89 50.87 47.41 -103.23
N ALA GB 90 50.33 46.82 -102.16
CA ALA GB 90 51.06 46.24 -101.03
C ALA GB 90 51.60 47.31 -100.08
N ARG GB 91 52.09 46.85 -98.93
CA ARG GB 91 52.74 47.70 -97.94
C ARG GB 91 54.08 47.05 -97.60
N LEU GB 92 55.08 47.86 -97.35
CA LEU GB 92 56.46 47.39 -97.30
C LEU GB 92 56.87 47.18 -95.84
N THR GB 93 57.31 45.95 -95.54
CA THR GB 93 57.55 45.55 -94.16
C THR GB 93 58.74 46.28 -93.55
N ALA GB 94 59.81 46.45 -94.34
CA ALA GB 94 61.07 46.91 -93.78
C ALA GB 94 60.95 48.30 -93.17
N GLY GB 95 60.73 49.32 -94.01
CA GLY GB 95 60.82 50.69 -93.53
C GLY GB 95 59.76 51.03 -92.50
N GLU GB 96 58.51 50.69 -92.79
CA GLU GB 96 57.40 51.10 -91.93
C GLU GB 96 57.49 50.43 -90.56
N LEU GB 97 57.66 49.11 -90.55
CA LEU GB 97 57.61 48.37 -89.29
C LEU GB 97 58.91 48.54 -88.51
N GLY GB 98 60.04 48.72 -89.22
CA GLY GB 98 61.27 49.10 -88.55
C GLY GB 98 61.17 50.47 -87.89
N ASP GB 99 60.50 51.41 -88.57
CA ASP GB 99 60.22 52.69 -87.95
C ASP GB 99 59.34 52.52 -86.72
N PHE GB 100 58.38 51.60 -86.79
CA PHE GB 100 57.55 51.28 -85.63
C PHE GB 100 58.41 50.86 -84.45
N ARG GB 101 59.31 49.89 -84.69
CA ARG GB 101 60.21 49.39 -83.65
C ARG GB 101 61.10 50.48 -83.09
N ASP GB 102 61.69 51.31 -83.95
CA ASP GB 102 62.55 52.38 -83.48
C ASP GB 102 61.79 53.43 -82.68
N GLY GB 103 60.57 53.77 -83.11
CA GLY GB 103 59.79 54.77 -82.40
C GLY GB 103 59.37 54.31 -81.01
N ILE GB 104 59.00 53.03 -80.88
CA ILE GB 104 58.63 52.54 -79.55
C ILE GB 104 59.83 52.56 -78.61
N ALA GB 105 61.00 52.16 -79.12
CA ALA GB 105 62.21 52.20 -78.29
C ALA GB 105 62.55 53.63 -77.89
N SER GB 106 62.40 54.58 -78.82
CA SER GB 106 62.60 55.99 -78.47
C SER GB 106 61.60 56.43 -77.42
N ALA GB 107 60.38 55.89 -77.47
CA ALA GB 107 59.38 56.22 -76.46
C ALA GB 107 59.81 55.76 -75.07
N GLN GB 108 60.28 54.51 -74.97
CA GLN GB 108 60.77 54.04 -73.67
C GLN GB 108 61.96 54.85 -73.20
N SER GB 109 62.88 55.18 -74.10
CA SER GB 109 64.04 55.97 -73.70
C SER GB 109 63.64 57.35 -73.19
N ALA GB 110 62.70 58.00 -73.89
CA ALA GB 110 62.25 59.32 -73.47
C ALA GB 110 61.52 59.26 -72.14
N ALA GB 111 60.70 58.23 -71.94
CA ALA GB 111 60.00 58.09 -70.67
C ALA GB 111 60.98 57.85 -69.52
N SER GB 112 62.00 57.03 -69.75
CA SER GB 112 63.02 56.82 -68.73
C SER GB 112 63.78 58.10 -68.42
N ALA GB 113 64.11 58.87 -69.45
CA ALA GB 113 64.78 60.16 -69.23
C ALA GB 113 63.88 61.10 -68.43
N ALA GB 114 62.59 61.12 -68.73
CA ALA GB 114 61.66 61.94 -67.97
C ALA GB 114 61.60 61.50 -66.51
N GLN GB 115 61.59 60.20 -66.26
CA GLN GB 115 61.60 59.70 -64.88
C GLN GB 115 62.88 60.12 -64.16
N GLY GB 116 64.01 60.04 -64.85
CA GLY GB 116 65.26 60.47 -64.24
C GLY GB 116 65.28 61.94 -63.91
N THR GB 117 64.77 62.78 -64.83
CA THR GB 117 64.70 64.21 -64.57
C THR GB 117 63.75 64.53 -63.42
N ALA GB 118 62.63 63.81 -63.35
CA ALA GB 118 61.69 64.02 -62.24
C ALA GB 118 62.31 63.63 -60.91
N ASP GB 119 63.05 62.53 -60.88
CA ASP GB 119 63.73 62.10 -59.67
C ASP GB 119 64.89 63.03 -59.31
N ALA HB 2 -50.57 22.79 -31.42
CA ALA HB 2 -51.97 23.05 -31.73
C ALA HB 2 -52.11 23.59 -33.14
N PHE HB 3 -51.04 23.50 -33.92
CA PHE HB 3 -51.07 23.98 -35.29
C PHE HB 3 -51.94 23.06 -36.15
N PRO HB 4 -52.71 23.62 -37.09
CA PRO HB 4 -53.43 22.77 -38.04
C PRO HB 4 -52.49 22.15 -39.06
N ALA HB 5 -52.97 21.10 -39.71
CA ALA HB 5 -52.17 20.45 -40.74
C ALA HB 5 -51.96 21.33 -41.96
N SER HB 6 -52.84 22.32 -42.18
CA SER HB 6 -52.77 23.13 -43.39
C SER HB 6 -51.42 23.82 -43.53
N VAL HB 7 -50.88 24.33 -42.44
CA VAL HB 7 -49.60 25.04 -42.51
C VAL HB 7 -48.48 24.10 -42.95
N VAL HB 8 -48.44 22.90 -42.37
CA VAL HB 8 -47.37 21.95 -42.72
C VAL HB 8 -47.53 21.48 -44.16
N LEU HB 9 -48.77 21.29 -44.60
CA LEU HB 9 -48.99 20.95 -46.00
C LEU HB 9 -48.52 22.06 -46.92
N SER HB 10 -48.72 23.31 -46.51
CA SER HB 10 -48.19 24.44 -47.29
C SER HB 10 -46.67 24.39 -47.34
N ARG HB 11 -46.01 24.10 -46.21
CA ARG HB 11 -44.55 23.99 -46.22
C ARG HB 11 -44.11 22.90 -47.19
N ALA HB 12 -44.72 21.73 -47.11
CA ALA HB 12 -44.33 20.62 -47.98
C ALA HB 12 -44.58 20.95 -49.44
N ALA HB 13 -45.67 21.65 -49.73
CA ALA HB 13 -45.94 22.06 -51.10
C ALA HB 13 -44.97 23.15 -51.55
N THR HB 14 -44.34 23.82 -50.61
CA THR HB 14 -43.31 24.81 -50.93
C THR HB 14 -41.94 24.20 -51.15
N LEU HB 15 -41.54 23.19 -50.37
CA LEU HB 15 -40.23 22.58 -50.56
C LEU HB 15 -40.18 21.79 -51.86
N LEU HB 16 -40.99 20.75 -51.99
CA LEU HB 16 -41.24 20.22 -53.32
C LEU HB 16 -41.83 21.32 -54.18
N GLN HB 17 -41.32 21.42 -55.40
CA GLN HB 17 -41.69 22.53 -56.28
C GLN HB 17 -43.06 22.24 -56.91
N ASP HB 18 -44.02 21.94 -56.02
CA ASP HB 18 -45.38 21.57 -56.37
C ASP HB 18 -46.34 22.29 -55.42
N GLU HB 19 -46.73 23.52 -55.78
CA GLU HB 19 -47.70 24.25 -54.99
C GLU HB 19 -49.12 23.74 -55.21
N ASP HB 20 -49.41 23.23 -56.40
CA ASP HB 20 -50.79 22.89 -56.74
C ASP HB 20 -51.20 21.54 -56.18
N HIS HB 21 -50.28 20.81 -55.56
CA HIS HB 21 -50.50 19.48 -54.99
C HIS HB 21 -50.94 18.48 -56.05
N GLU HB 22 -50.63 18.74 -57.32
CA GLU HB 22 -51.06 17.88 -58.42
C GLU HB 22 -50.34 16.52 -58.38
N ARG HB 23 -49.02 16.54 -58.21
CA ARG HB 23 -48.27 15.29 -58.26
C ARG HB 23 -48.25 14.60 -56.90
N TRP HB 24 -47.91 15.35 -55.85
CA TRP HB 24 -48.04 14.87 -54.47
C TRP HB 24 -49.40 15.32 -53.96
N THR HB 25 -50.38 14.41 -54.03
CA THR HB 25 -51.74 14.75 -53.67
C THR HB 25 -51.85 15.13 -52.21
N VAL HB 26 -52.84 15.97 -51.90
CA VAL HB 26 -52.99 16.47 -50.54
C VAL HB 26 -53.26 15.31 -49.57
N ASP HB 27 -53.94 14.26 -50.05
CA ASP HB 27 -54.13 13.08 -49.21
C ASP HB 27 -52.80 12.42 -48.87
N GLU HB 28 -51.90 12.33 -49.86
CA GLU HB 28 -50.58 11.75 -49.61
C GLU HB 28 -49.81 12.57 -48.59
N LEU HB 29 -49.88 13.90 -48.69
CA LEU HB 29 -49.15 14.74 -47.75
C LEU HB 29 -49.78 14.68 -46.36
N LEU HB 30 -51.10 14.56 -46.28
CA LEU HB 30 -51.74 14.32 -44.98
C LEU HB 30 -51.24 13.03 -44.36
N GLU HB 31 -51.13 11.97 -45.17
CA GLU HB 31 -50.63 10.72 -44.64
C GLU HB 31 -49.18 10.86 -44.19
N TRP HB 32 -48.36 11.58 -44.95
CA TRP HB 32 -46.98 11.76 -44.52
C TRP HB 32 -46.91 12.58 -43.25
N LEU HB 33 -47.83 13.53 -43.09
CA LEU HB 33 -47.88 14.30 -41.85
C LEU HB 33 -48.21 13.41 -40.66
N THR HB 34 -49.20 12.52 -40.81
CA THR HB 34 -49.56 11.69 -39.67
C THR HB 34 -48.46 10.67 -39.37
N ASP HB 35 -47.82 10.12 -40.39
CA ASP HB 35 -46.68 9.24 -40.16
C ASP HB 35 -45.55 9.97 -39.47
N GLY HB 36 -45.30 11.23 -39.86
CA GLY HB 36 -44.29 12.02 -39.18
C GLY HB 36 -44.63 12.26 -37.73
N THR HB 37 -45.91 12.50 -37.44
CA THR HB 37 -46.31 12.66 -36.04
C THR HB 37 -46.04 11.40 -35.24
N ARG HB 38 -46.41 10.23 -35.78
CA ARG HB 38 -46.13 8.97 -35.09
C ARG HB 38 -44.62 8.80 -34.87
N GLU HB 39 -43.83 9.04 -35.91
CA GLU HB 39 -42.40 8.83 -35.81
C GLU HB 39 -41.75 9.80 -34.82
N ILE HB 40 -42.22 11.05 -34.80
CA ILE HB 40 -41.66 12.02 -33.87
C ILE HB 40 -42.00 11.65 -32.44
N VAL HB 41 -43.23 11.20 -32.20
CA VAL HB 41 -43.59 10.75 -30.86
C VAL HB 41 -42.73 9.56 -30.45
N VAL HB 42 -42.45 8.65 -31.38
CA VAL HB 42 -41.65 7.48 -31.05
C VAL HB 42 -40.21 7.88 -30.74
N ARG HB 43 -39.60 8.70 -31.61
CA ARG HB 43 -38.21 9.10 -31.39
C ARG HB 43 -38.07 9.87 -30.09
N LYS HB 44 -38.91 10.88 -29.90
CA LYS HB 44 -38.90 11.70 -28.69
C LYS HB 44 -40.27 11.63 -28.04
N PRO HB 45 -40.45 10.81 -26.99
CA PRO HB 45 -41.77 10.69 -26.36
C PRO HB 45 -42.31 11.99 -25.80
N SER HB 46 -41.44 12.95 -25.49
CA SER HB 46 -41.90 14.22 -24.91
C SER HB 46 -42.71 15.05 -25.91
N ALA HB 47 -42.70 14.68 -27.18
CA ALA HB 47 -43.43 15.46 -28.18
C ALA HB 47 -44.92 15.45 -27.93
N TYR HB 48 -45.49 14.28 -27.60
CA TYR HB 48 -46.93 14.13 -27.41
C TYR HB 48 -47.18 13.15 -26.26
N MET HB 49 -47.35 13.69 -25.06
CA MET HB 49 -47.74 12.90 -23.89
C MET HB 49 -49.07 13.43 -23.37
N LYS HB 50 -50.11 12.60 -23.45
CA LYS HB 50 -51.47 13.01 -23.16
C LYS HB 50 -51.91 12.42 -21.83
N THR HB 51 -52.32 13.27 -20.91
CA THR HB 51 -52.83 12.83 -19.61
C THR HB 51 -54.30 12.51 -19.76
N THR HB 52 -54.62 11.21 -19.86
CA THR HB 52 -55.98 10.76 -20.08
C THR HB 52 -56.48 10.01 -18.84
N THR HB 53 -57.73 10.27 -18.47
CA THR HB 53 -58.37 9.51 -17.41
C THR HB 53 -58.99 8.25 -18.00
N ALA HB 54 -58.64 7.10 -17.44
CA ALA HB 54 -59.04 5.80 -17.99
C ALA HB 54 -59.68 4.95 -16.91
N ALA HB 55 -60.85 4.39 -17.22
CA ALA HB 55 -61.45 3.41 -16.34
C ALA HB 55 -60.66 2.11 -16.40
N LEU HB 56 -60.61 1.41 -15.26
CA LEU HB 56 -59.83 0.19 -15.13
C LEU HB 56 -60.75 -1.00 -14.92
N VAL HB 57 -60.60 -2.03 -15.75
CA VAL HB 57 -61.39 -3.24 -15.57
C VAL HB 57 -61.03 -3.88 -14.24
N ALA HB 58 -62.05 -4.34 -13.51
CA ALA HB 58 -61.82 -4.93 -12.20
C ALA HB 58 -60.86 -6.11 -12.30
N GLY HB 59 -59.87 -6.11 -11.42
CA GLY HB 59 -58.83 -7.13 -11.45
C GLY HB 59 -57.44 -6.53 -11.51
N SER HB 60 -56.42 -7.35 -11.25
CA SER HB 60 -55.05 -6.86 -11.26
C SER HB 60 -54.61 -6.50 -12.68
N LYS HB 61 -54.97 -7.32 -13.66
CA LYS HB 61 -54.52 -7.09 -15.02
C LYS HB 61 -55.27 -5.90 -15.63
N GLN HB 62 -54.50 -5.03 -16.29
CA GLN HB 62 -55.12 -3.92 -16.98
C GLN HB 62 -54.41 -3.69 -18.28
N ALA HB 63 -55.04 -2.94 -19.17
CA ALA HB 63 -54.48 -2.57 -20.46
C ALA HB 63 -54.62 -1.07 -20.66
N LEU HB 64 -53.52 -0.42 -21.03
CA LEU HB 64 -53.55 1.00 -21.29
C LEU HB 64 -54.37 1.29 -22.55
N PRO HB 65 -54.86 2.52 -22.70
CA PRO HB 65 -55.71 2.84 -23.85
C PRO HB 65 -55.04 2.48 -25.17
N GLU HB 66 -55.84 1.92 -26.09
CA GLU HB 66 -55.30 1.31 -27.29
C GLU HB 66 -54.49 2.30 -28.12
N ASP HB 67 -54.86 3.58 -28.09
CA ASP HB 67 -54.18 4.60 -28.89
C ASP HB 67 -53.06 5.26 -28.07
N ALA HB 68 -52.20 4.42 -27.50
CA ALA HB 68 -51.09 4.91 -26.70
C ALA HB 68 -49.89 3.98 -26.90
N ILE HB 69 -48.74 4.57 -27.23
CA ILE HB 69 -47.56 3.78 -27.51
C ILE HB 69 -47.02 3.15 -26.23
N GLN HB 70 -46.94 3.94 -25.16
CA GLN HB 70 -46.34 3.49 -23.91
C GLN HB 70 -46.70 4.47 -22.81
N LEU HB 71 -47.06 3.94 -21.65
CA LEU HB 71 -47.39 4.77 -20.49
C LEU HB 71 -46.09 5.12 -19.78
N ILE HB 72 -45.96 6.37 -19.38
CA ILE HB 72 -44.73 6.81 -18.72
C ILE HB 72 -44.95 6.94 -17.22
N ASP HB 73 -46.00 7.64 -16.82
CA ASP HB 73 -46.26 7.86 -15.40
C ASP HB 73 -47.75 7.70 -15.15
N VAL HB 74 -48.08 7.35 -13.91
CA VAL HB 74 -49.47 7.22 -13.45
C VAL HB 74 -49.61 8.09 -12.21
N PRO HB 75 -49.67 9.41 -12.35
CA PRO HB 75 -49.52 10.28 -11.18
C PRO HB 75 -50.63 10.18 -10.17
N ARG HB 76 -51.89 10.37 -10.58
CA ARG HB 76 -53.00 10.49 -9.65
C ARG HB 76 -54.02 9.40 -9.89
N ASN HB 77 -54.47 8.78 -8.80
CA ASN HB 77 -55.63 7.89 -8.82
C ASN HB 77 -56.86 8.75 -8.58
N LEU HB 78 -57.61 9.03 -9.63
CA LEU HB 78 -58.74 9.94 -9.52
C LEU HB 78 -59.83 9.34 -8.63
N LYS HB 79 -60.19 10.08 -7.59
CA LYS HB 79 -61.35 9.72 -6.78
C LYS HB 79 -62.62 9.90 -7.60
N THR HB 80 -63.74 9.50 -7.02
CA THR HB 80 -65.02 9.66 -7.69
C THR HB 80 -65.26 11.13 -8.02
N ASP HB 81 -65.94 11.36 -9.15
CA ASP HB 81 -66.24 12.68 -9.72
C ASP HB 81 -64.93 13.48 -9.80
N GLY HB 82 -64.88 14.73 -9.34
CA GLY HB 82 -63.77 15.59 -9.67
C GLY HB 82 -62.61 15.51 -8.69
N SER HB 83 -62.79 14.79 -7.60
CA SER HB 83 -61.77 14.77 -6.55
C SER HB 83 -60.49 14.10 -7.07
N PRO HB 84 -59.33 14.77 -6.97
CA PRO HB 84 -58.10 14.19 -7.52
C PRO HB 84 -57.72 12.85 -6.90
N GLY HB 85 -57.97 12.65 -5.61
CA GLY HB 85 -57.71 11.38 -4.99
C GLY HB 85 -56.25 11.10 -4.71
N ARG HB 86 -55.98 9.83 -4.40
CA ARG HB 86 -54.67 9.35 -4.00
C ARG HB 86 -53.72 9.35 -5.19
N ALA HB 87 -52.42 9.38 -4.89
CA ALA HB 87 -51.38 9.21 -5.89
C ALA HB 87 -50.89 7.78 -5.91
N VAL HB 88 -50.30 7.38 -7.03
CA VAL HB 88 -49.86 6.01 -7.26
C VAL HB 88 -48.36 6.01 -7.56
N THR HB 89 -47.65 5.04 -7.00
CA THR HB 89 -46.22 4.90 -7.20
C THR HB 89 -45.90 3.52 -7.75
N ALA HB 90 -44.92 3.47 -8.66
CA ALA HB 90 -44.56 2.22 -9.32
C ALA HB 90 -43.87 1.27 -8.35
N THR HB 91 -44.02 -0.03 -8.61
CA THR HB 91 -43.40 -1.07 -7.81
C THR HB 91 -42.84 -2.14 -8.74
N ASP HB 92 -42.39 -3.24 -8.14
CA ASP HB 92 -41.83 -4.37 -8.86
C ASP HB 92 -42.86 -5.50 -8.88
N ARG HB 93 -43.13 -6.03 -10.07
CA ARG HB 93 -44.15 -7.07 -10.20
C ARG HB 93 -43.66 -8.40 -9.62
N ARG HB 94 -42.39 -8.72 -9.83
CA ARG HB 94 -41.89 -10.04 -9.42
C ARG HB 94 -41.99 -10.23 -7.92
N LEU HB 95 -41.64 -9.20 -7.13
CA LEU HB 95 -41.78 -9.30 -5.69
C LEU HB 95 -43.25 -9.32 -5.28
N LEU HB 96 -44.10 -8.59 -6.01
CA LEU HB 96 -45.54 -8.67 -5.76
C LEU HB 96 -46.07 -10.06 -6.01
N ASP HB 97 -45.41 -10.83 -6.87
CA ASP HB 97 -45.86 -12.20 -7.14
C ASP HB 97 -45.27 -13.18 -6.13
N THR HB 98 -44.01 -12.98 -5.73
CA THR HB 98 -43.38 -13.92 -4.81
C THR HB 98 -44.07 -13.89 -3.44
N GLU HB 99 -44.21 -12.71 -2.86
CA GLU HB 99 -44.97 -12.57 -1.63
C GLU HB 99 -46.44 -12.39 -1.94
N ASN HB 100 -47.28 -13.09 -1.18
CA ASN HB 100 -48.71 -13.18 -1.44
C ASN HB 100 -48.96 -13.59 -2.89
N PRO HB 101 -48.63 -14.84 -3.25
CA PRO HB 101 -48.76 -15.24 -4.66
C PRO HB 101 -50.17 -15.12 -5.20
N ASP HB 102 -51.18 -15.20 -4.33
CA ASP HB 102 -52.56 -14.99 -4.75
C ASP HB 102 -52.94 -13.52 -4.56
N TRP HB 103 -52.08 -12.64 -5.09
CA TRP HB 103 -52.37 -11.21 -4.99
C TRP HB 103 -53.42 -10.80 -6.01
N HIS HB 104 -53.53 -11.55 -7.11
CA HIS HB 104 -54.64 -11.33 -8.03
C HIS HB 104 -55.98 -11.66 -7.38
N SER HB 105 -55.99 -12.66 -6.49
CA SER HB 105 -57.23 -13.08 -5.84
C SER HB 105 -57.60 -12.21 -4.65
N MET HB 106 -56.77 -11.23 -4.30
CA MET HB 106 -57.08 -10.35 -3.18
C MET HB 106 -58.31 -9.50 -3.50
N LYS HB 107 -59.01 -9.11 -2.45
CA LYS HB 107 -60.24 -8.33 -2.62
C LYS HB 107 -59.93 -7.03 -3.35
N PRO HB 108 -60.79 -6.62 -4.28
CA PRO HB 108 -60.55 -5.36 -4.99
C PRO HB 108 -60.62 -4.17 -4.05
N ALA HB 109 -59.88 -3.11 -4.42
CA ALA HB 109 -59.81 -1.89 -3.64
C ALA HB 109 -60.46 -0.75 -4.41
N GLY HB 110 -61.14 0.13 -3.68
CA GLY HB 110 -61.77 1.27 -4.32
C GLY HB 110 -60.77 2.17 -5.02
N GLN HB 111 -59.58 2.31 -4.44
CA GLN HB 111 -58.50 3.07 -5.04
C GLN HB 111 -57.25 2.20 -5.10
N ILE HB 112 -56.68 2.06 -6.31
CA ILE HB 112 -55.43 1.33 -6.46
C ILE HB 112 -54.33 2.05 -5.71
N ARG HB 113 -53.34 1.30 -5.23
CA ARG HB 113 -52.27 1.84 -4.42
C ARG HB 113 -50.91 1.75 -5.08
N HIS HB 114 -50.71 0.81 -6.00
CA HIS HB 114 -49.48 0.71 -6.76
C HIS HB 114 -49.77 0.15 -8.14
N TYR HB 115 -48.86 0.43 -9.08
CA TYR HB 115 -48.95 -0.09 -10.44
C TYR HB 115 -47.59 -0.60 -10.87
N THR HB 116 -47.59 -1.62 -11.72
CA THR HB 116 -46.36 -2.19 -12.27
C THR HB 116 -46.44 -2.15 -13.79
N TYR HB 117 -45.37 -1.69 -14.42
CA TYR HB 117 -45.29 -1.60 -15.87
C TYR HB 117 -43.97 -2.16 -16.36
N ASP HB 118 -44.03 -2.97 -17.41
CA ASP HB 118 -42.84 -3.56 -18.02
C ASP HB 118 -42.71 -3.04 -19.45
N SER HB 119 -41.51 -2.58 -19.81
CA SER HB 119 -41.29 -2.02 -21.14
C SER HB 119 -41.45 -3.09 -22.21
N ASN HB 120 -41.04 -4.33 -21.90
CA ASN HB 120 -41.09 -5.39 -22.89
C ASN HB 120 -42.54 -5.69 -23.32
N VAL HB 121 -43.47 -5.61 -22.38
CA VAL HB 121 -44.88 -5.80 -22.69
C VAL HB 121 -45.57 -4.44 -22.57
N PRO HB 122 -45.71 -3.70 -23.67
CA PRO HB 122 -46.21 -2.32 -23.56
C PRO HB 122 -47.69 -2.24 -23.27
N THR HB 123 -48.48 -3.17 -23.81
CA THR HB 123 -49.93 -3.05 -23.76
C THR HB 123 -50.54 -3.46 -22.43
N VAL HB 124 -49.75 -3.99 -21.50
CA VAL HB 124 -50.27 -4.49 -20.23
C VAL HB 124 -49.56 -3.79 -19.10
N PHE HB 125 -50.32 -3.27 -18.15
CA PHE HB 125 -49.80 -2.77 -16.89
C PHE HB 125 -50.68 -3.28 -15.76
N TYR HB 126 -50.06 -3.71 -14.66
CA TYR HB 126 -50.78 -4.31 -13.55
C TYR HB 126 -50.95 -3.30 -12.43
N THR HB 127 -52.07 -3.42 -11.72
CA THR HB 127 -52.41 -2.52 -10.63
C THR HB 127 -52.51 -3.29 -9.33
N TYR HB 128 -52.06 -2.66 -8.24
CA TYR HB 128 -52.11 -3.24 -6.92
C TYR HB 128 -52.71 -2.24 -5.94
N PRO HB 129 -53.79 -2.59 -5.23
CA PRO HB 129 -54.56 -3.84 -5.31
C PRO HB 129 -55.40 -3.88 -6.58
N PRO HB 130 -56.02 -5.02 -6.88
CA PRO HB 130 -56.90 -5.08 -8.05
C PRO HB 130 -57.98 -4.02 -7.97
N ALA HB 131 -58.28 -3.40 -9.12
CA ALA HB 131 -59.22 -2.29 -9.18
C ALA HB 131 -60.64 -2.79 -8.93
N ALA HB 132 -61.50 -1.86 -8.52
CA ALA HB 132 -62.88 -2.17 -8.17
C ALA HB 132 -63.83 -1.21 -8.89
N ALA HB 133 -64.85 -1.77 -9.52
CA ALA HB 133 -65.96 -1.01 -10.09
C ALA HB 133 -65.48 0.06 -11.07
N GLY HB 134 -64.46 -0.28 -11.85
CA GLY HB 134 -63.99 0.61 -12.89
C GLY HB 134 -63.50 1.95 -12.40
N VAL HB 135 -62.64 1.96 -11.38
CA VAL HB 135 -62.13 3.22 -10.85
C VAL HB 135 -61.23 3.88 -11.89
N GLN HB 136 -61.43 5.17 -12.11
CA GLN HB 136 -60.69 5.89 -13.13
C GLN HB 136 -59.40 6.47 -12.55
N VAL HB 137 -58.34 6.45 -13.35
CA VAL HB 137 -57.02 6.90 -12.94
C VAL HB 137 -56.38 7.67 -14.09
N GLU HB 138 -55.70 8.78 -13.78
CA GLU HB 138 -54.94 9.49 -14.78
C GLU HB 138 -53.78 8.64 -15.30
N LEU HB 139 -53.61 8.61 -16.61
CA LEU HB 139 -52.48 7.95 -17.24
C LEU HB 139 -51.72 8.99 -18.06
N VAL HB 140 -50.41 9.05 -17.85
CA VAL HB 140 -49.53 9.91 -18.64
C VAL HB 140 -48.77 9.00 -19.59
N CYS HB 141 -49.18 9.00 -20.85
CA CYS HB 141 -48.67 8.07 -21.85
C CYS HB 141 -48.33 8.81 -23.13
N ALA HB 142 -47.42 8.23 -23.91
CA ALA HB 142 -47.05 8.81 -25.19
C ALA HB 142 -48.14 8.53 -26.21
N TRP HB 143 -49.09 9.44 -26.33
CA TRP HB 143 -50.21 9.27 -27.24
C TRP HB 143 -49.75 9.32 -28.69
N ARG HB 144 -50.42 8.56 -29.54
CA ARG HB 144 -50.16 8.56 -30.98
C ARG HB 144 -51.25 9.35 -31.67
N HIS HB 145 -50.85 10.27 -32.54
CA HIS HB 145 -51.82 11.07 -33.27
C HIS HB 145 -52.66 10.17 -34.16
N PRO HB 146 -53.99 10.17 -34.02
CA PRO HB 146 -54.80 9.18 -34.77
C PRO HB 146 -54.64 9.27 -36.27
N ALA HB 147 -54.95 10.41 -36.88
CA ALA HB 147 -54.91 10.53 -38.33
C ALA HB 147 -55.07 11.99 -38.72
N LEU HB 148 -54.75 12.29 -39.97
CA LEU HB 148 -54.95 13.60 -40.57
C LEU HB 148 -55.80 13.39 -41.83
N THR HB 149 -57.12 13.44 -41.66
CA THR HB 149 -58.01 13.11 -42.77
C THR HB 149 -58.17 14.27 -43.74
N THR HB 150 -58.09 15.50 -43.26
CA THR HB 150 -58.38 16.67 -44.08
C THR HB 150 -57.27 17.71 -43.93
N GLN HB 151 -57.25 18.65 -44.87
CA GLN HB 151 -56.29 19.74 -44.84
C GLN HB 151 -56.45 20.59 -43.58
N ASN HB 152 -57.70 20.87 -43.19
CA ASN HB 152 -57.97 21.72 -42.04
C ASN HB 152 -57.84 21.00 -40.71
N ASP HB 153 -57.55 19.71 -40.72
CA ASP HB 153 -57.37 18.97 -39.48
C ASP HB 153 -56.25 19.57 -38.65
N VAL HB 154 -56.44 19.59 -37.34
CA VAL HB 154 -55.50 20.20 -36.40
C VAL HB 154 -54.59 19.12 -35.85
N VAL HB 155 -53.34 19.51 -35.57
CA VAL HB 155 -52.35 18.60 -34.98
C VAL HB 155 -52.12 19.01 -33.54
N GLN HB 156 -52.39 18.09 -32.61
CA GLN HB 156 -52.20 18.37 -31.19
C GLN HB 156 -50.73 18.49 -30.80
N MET HB 157 -49.81 18.10 -31.68
CA MET HB 157 -48.39 18.17 -31.37
C MET HB 157 -47.93 19.62 -31.31
N GLY HB 158 -46.81 19.83 -30.64
CA GLY HB 158 -46.26 21.16 -30.50
C GLY HB 158 -45.82 21.76 -31.82
N ALA HB 159 -45.91 23.08 -31.89
CA ALA HB 159 -45.56 23.80 -33.12
C ALA HB 159 -44.07 23.81 -33.38
N GLU HB 160 -43.24 23.45 -32.39
CA GLU HB 160 -41.80 23.45 -32.59
C GLU HB 160 -41.37 22.35 -33.54
N PHE HB 161 -42.01 21.18 -33.49
CA PHE HB 161 -41.65 20.07 -34.36
C PHE HB 161 -42.19 20.22 -35.77
N VAL HB 162 -42.65 21.42 -36.16
CA VAL HB 162 -43.12 21.61 -37.52
C VAL HB 162 -41.98 21.41 -38.51
N SER HB 163 -40.78 21.83 -38.15
CA SER HB 163 -39.63 21.61 -39.02
C SER HB 163 -39.33 20.13 -39.19
N ALA HB 164 -39.38 19.37 -38.10
CA ALA HB 164 -39.15 17.92 -38.21
C ALA HB 164 -40.23 17.25 -39.05
N LEU HB 165 -41.50 17.66 -38.86
CA LEU HB 165 -42.56 17.10 -39.68
C LEU HB 165 -42.37 17.44 -41.16
N VAL HB 166 -41.95 18.66 -41.45
CA VAL HB 166 -41.70 19.04 -42.83
C VAL HB 166 -40.56 18.22 -43.41
N SER HB 167 -39.49 18.03 -42.64
CA SER HB 167 -38.36 17.24 -43.13
C SER HB 167 -38.78 15.80 -43.38
N TRP HB 168 -39.62 15.23 -42.51
CA TRP HB 168 -40.10 13.87 -42.72
C TRP HB 168 -40.98 13.78 -43.95
N CYS HB 169 -41.85 14.77 -44.16
CA CYS HB 169 -42.70 14.77 -45.35
C CYS HB 169 -41.85 14.86 -46.62
N LEU HB 170 -40.82 15.70 -46.61
CA LEU HB 170 -39.90 15.75 -47.74
C LEU HB 170 -39.17 14.43 -47.94
N TYR HB 171 -38.73 13.80 -46.85
CA TYR HB 171 -38.03 12.52 -46.99
C TYR HB 171 -38.93 11.49 -47.64
N ARG HB 172 -40.18 11.40 -47.21
CA ARG HB 172 -41.07 10.37 -47.74
C ARG HB 172 -41.59 10.70 -49.14
N ALA HB 173 -41.78 11.99 -49.44
CA ALA HB 173 -42.30 12.36 -50.76
C ALA HB 173 -41.20 12.29 -51.82
N SER HB 174 -39.98 12.71 -51.47
CA SER HB 174 -38.89 12.70 -52.43
C SER HB 174 -38.35 11.30 -52.67
N SER HB 175 -38.72 10.34 -51.83
CA SER HB 175 -38.33 8.95 -52.06
C SER HB 175 -39.23 8.27 -53.08
N LYS HB 176 -40.25 8.96 -53.58
CA LYS HB 176 -41.12 8.40 -54.61
C LYS HB 176 -40.34 8.10 -55.88
N ASP HB 177 -40.72 7.01 -56.56
CA ASP HB 177 -40.04 6.57 -57.77
C ASP HB 177 -40.68 7.21 -59.01
N SER HB 178 -40.40 8.51 -59.16
CA SER HB 178 -40.82 9.25 -60.33
C SER HB 178 -39.70 10.21 -60.75
N GLU HB 179 -39.84 10.73 -61.97
CA GLU HB 179 -38.90 11.75 -62.44
C GLU HB 179 -38.90 12.96 -61.53
N PHE HB 180 -40.05 13.28 -60.95
CA PHE HB 180 -40.20 14.53 -60.22
C PHE HB 180 -39.62 14.46 -58.82
N ALA HB 181 -39.17 13.29 -58.39
CA ALA HB 181 -38.57 13.13 -57.08
C ALA HB 181 -37.09 12.80 -57.20
N ASN HB 182 -36.32 13.20 -56.20
CA ASN HB 182 -34.87 13.00 -56.19
C ASN HB 182 -34.48 12.23 -54.92
N GLY HB 183 -33.43 11.41 -55.03
CA GLY HB 183 -33.03 10.54 -53.95
C GLY HB 183 -31.96 11.11 -53.03
N ALA HB 184 -30.97 11.79 -53.60
CA ALA HB 184 -29.94 12.40 -52.77
C ALA HB 184 -30.53 13.43 -51.82
N VAL HB 185 -31.46 14.24 -52.32
CA VAL HB 185 -32.15 15.19 -51.45
C VAL HB 185 -32.98 14.45 -50.41
N ALA HB 186 -33.47 13.26 -50.75
CA ALA HB 186 -34.22 12.46 -49.78
C ALA HB 186 -33.32 12.02 -48.63
N ALA HB 187 -32.13 11.53 -48.95
CA ALA HB 187 -31.18 11.15 -47.90
C ALA HB 187 -30.78 12.36 -47.06
N ALA HB 188 -30.52 13.49 -47.72
CA ALA HB 188 -30.17 14.70 -46.98
C ALA HB 188 -31.31 15.14 -46.08
N HIS HB 189 -32.55 14.98 -46.53
CA HIS HB 189 -33.71 15.37 -45.72
C HIS HB 189 -33.88 14.45 -44.53
N TYR HB 190 -33.63 13.15 -44.71
CA TYR HB 190 -33.66 12.23 -43.57
C TYR HB 190 -32.60 12.61 -42.55
N SER HB 191 -31.39 12.94 -43.02
CA SER HB 191 -30.34 13.38 -42.11
C SER HB 191 -30.74 14.67 -41.41
N ALA HB 192 -31.36 15.60 -42.13
CA ALA HB 192 -31.79 16.86 -41.53
C ALA HB 192 -32.85 16.63 -40.47
N PHE HB 193 -33.80 15.72 -40.73
CA PHE HB 193 -34.81 15.38 -39.73
C PHE HB 193 -34.17 14.79 -38.48
N SER HB 194 -33.22 13.87 -38.67
CA SER HB 194 -32.54 13.27 -37.53
C SER HB 194 -31.78 14.31 -36.73
N ASP HB 195 -31.11 15.24 -37.41
CA ASP HB 195 -30.37 16.29 -36.70
C ASP HB 195 -31.31 17.24 -35.99
N ALA HB 196 -32.43 17.61 -36.62
CA ALA HB 196 -33.37 18.53 -36.00
C ALA HB 196 -33.97 17.93 -34.75
N LEU HB 197 -34.32 16.63 -34.79
CA LEU HB 197 -34.74 15.97 -33.56
C LEU HB 197 -33.60 15.83 -32.57
N GLY HB 198 -32.36 15.71 -33.04
CA GLY HB 198 -31.25 15.50 -32.14
C GLY HB 198 -30.94 16.70 -31.27
N ALA HB 199 -31.02 17.91 -31.85
CA ALA HB 199 -30.67 19.13 -31.14
C ALA HB 199 -31.86 19.74 -30.42
N GLN HB 200 -32.88 18.95 -30.13
CA GLN HB 200 -34.04 19.41 -29.37
C GLN HB 200 -33.61 19.48 -27.90
N ALA HB 201 -32.97 20.58 -27.52
CA ALA HB 201 -32.40 20.68 -26.18
C ALA HB 201 -33.47 20.73 -25.10
N THR HB 202 -34.71 21.01 -25.47
CA THR HB 202 -35.77 21.19 -24.48
C THR HB 202 -36.34 19.85 -24.03
N GLY HB 203 -36.90 19.09 -24.95
CA GLY HB 203 -37.60 17.87 -24.62
C GLY HB 203 -36.68 16.74 -24.22
N THR HB 204 -37.18 15.51 -24.39
CA THR HB 204 -36.41 14.33 -24.05
C THR HB 204 -35.18 14.22 -24.95
N PRO HB 205 -33.99 14.03 -24.39
CA PRO HB 205 -32.81 13.88 -25.24
C PRO HB 205 -32.89 12.63 -26.10
N THR HB 206 -32.31 12.70 -27.29
CA THR HB 206 -32.32 11.60 -28.24
C THR HB 206 -30.92 11.14 -28.63
N THR HB 207 -29.95 12.06 -28.67
CA THR HB 207 -28.60 11.68 -29.06
C THR HB 207 -27.84 11.06 -27.90
N GLN HB 208 -27.72 11.79 -26.79
CA GLN HB 208 -26.86 11.35 -25.69
C GLN HB 208 -27.51 10.23 -24.89
N ALA HB 209 -28.69 10.49 -24.32
CA ALA HB 209 -29.37 9.47 -23.55
C ALA HB 209 -30.61 8.97 -24.31
N ALA HB 210 -30.73 7.66 -24.43
CA ALA HB 210 -31.83 7.05 -25.16
C ALA HB 210 -32.56 6.07 -24.25
N ALA HB 211 -33.88 6.22 -24.17
CA ALA HB 211 -34.78 5.36 -23.40
C ALA HB 211 -34.49 5.36 -21.90
N ALA HB 212 -33.59 6.21 -21.44
CA ALA HB 212 -33.24 6.29 -20.03
C ALA HB 212 -34.06 7.33 -19.26
N ALA HB 213 -34.92 8.08 -19.96
CA ALA HB 213 -35.72 9.09 -19.28
C ALA HB 213 -36.76 8.43 -18.40
N ALA HB 214 -36.85 8.89 -17.16
CA ALA HB 214 -37.77 8.33 -16.18
C ALA HB 214 -39.22 8.58 -16.58
#